data_9PKG
#
_entry.id   9PKG
#
_cell.length_a   1.00
_cell.length_b   1.00
_cell.length_c   1.00
_cell.angle_alpha   90.00
_cell.angle_beta   90.00
_cell.angle_gamma   90.00
#
_symmetry.space_group_name_H-M   'P 1'
#
loop_
_entity.id
_entity.type
_entity.pdbx_description
1 polymer 'Transcription factor BTF3'
2 polymer 'P site tRNA'
3 polymer '28S rRNA'
4 polymer '5S rRNA'
5 polymer '5.8S rRNA'
6 polymer '60S ribosomal protein L8'
7 polymer 'Large ribosomal subunit protein uL3'
8 polymer '60S ribosomal protein L4'
9 polymer 'Large ribosomal subunit protein uL18'
10 polymer 'Large ribosomal subunit protein eL6'
11 polymer '60S ribosomal protein L7'
12 polymer '60S ribosomal protein L7a'
13 polymer '60S ribosomal protein L9'
14 polymer 'Ribosomal protein uL16-like'
15 polymer '60S ribosomal protein L11'
16 polymer 'Large ribosomal subunit protein eL13'
17 polymer '60S ribosomal protein L14'
18 polymer '60S ribosomal protein L15'
19 polymer '60S ribosomal protein L13a'
20 polymer '60S ribosomal protein L17'
21 polymer '60S ribosomal protein L18'
22 polymer '60S ribosomal protein L19'
23 polymer '60S ribosomal protein L18a'
24 polymer '60S ribosomal protein L21'
25 polymer 'Heparin-binding protein HBp15'
26 polymer '60S ribosomal protein L23'
27 polymer 'Ribosomal protein L24'
28 polymer '60S ribosomal protein L23a'
29 polymer '60S ribosomal protein L26'
30 polymer '60S ribosomal protein L27'
31 polymer '60S ribosomal protein L27a'
32 polymer 'Large ribosomal subunit protein eL29'
33 polymer '60S ribosomal protein L30'
34 polymer '60S ribosomal protein L31'
35 polymer '60S ribosomal protein L32'
36 polymer '60S ribosomal protein L35a'
37 polymer '60S ribosomal protein L34'
38 polymer '60S ribosomal protein L35'
39 polymer '60S ribosomal protein L36'
40 polymer '60S ribosomal protein L37'
41 polymer '60S ribosomal protein L38'
42 polymer '60S ribosomal protein L39'
43 polymer 'Large ribosomal subunit protein eL40'
44 polymer '60S ribosomal protein L41'
45 polymer '60S ribosomal protein L36a'
46 polymer '60S ribosomal protein L37a'
47 polymer '60S ribosomal protein L28'
48 polymer '60S acidic ribosomal protein P0'
49 polymer 'Large ribosomal subunit protein uL11'
50 polymer 'Small ribosomal subunit protein uS3'
51 polymer '40S ribosomal protein S5'
52 polymer '40S ribosomal protein S10'
53 polymer 'Small ribosomal subunit protein eS12'
54 polymer 'Small ribosomal subunit protein uS19'
55 polymer 'Small ribosomal subunit protein uS9'
56 polymer 'Small ribosomal subunit protein eS17'
57 polymer '40S ribosomal protein S18'
58 polymer '40S ribosomal protein S19'
59 polymer '40S ribosomal protein S20'
60 polymer 'Small ribosomal subunit protein eS25'
61 polymer '40S ribosomal protein S28'
62 polymer '40S ribosomal protein S29'
63 polymer 'Ubiquitin-40S ribosomal protein S27a'
64 polymer 'Receptor of activated protein C kinase 1'
65 polymer '40S ribosomal protein SA'
66 polymer '40S ribosomal protein S3a'
67 polymer '40S ribosomal protein S2'
68 polymer 'Small ribosomal subunit protein eS4, X isoform'
69 polymer '40S ribosomal protein S6'
70 polymer 'Small ribosomal subunit protein eS7'
71 polymer '40S ribosomal protein S8'
72 polymer '40S ribosomal protein S9'
73 polymer '40S ribosomal protein S11'
74 polymer '40S ribosomal protein S13'
75 polymer 'Small ribosomal subunit protein uS11'
76 polymer 'Small ribosomal subunit protein eS21'
77 polymer '40S ribosomal protein S15a'
78 polymer '40S ribosomal protein S23'
79 polymer '40S ribosomal protein S24'
80 polymer '40S ribosomal protein S26'
81 polymer 'Small ribosomal subunit protein eS27'
82 polymer 'Small ribosomal subunit protein eS30'
83 polymer '18S rRNA'
84 non-polymer 'MAGNESIUM ION'
85 non-polymer SPERMINE
86 non-polymer SPERMIDINE
87 non-polymer 'ZINC ION'
#
loop_
_entity_poly.entity_id
_entity_poly.type
_entity_poly.pdbx_seq_one_letter_code
_entity_poly.pdbx_strand_id
1 'polypeptide(L)' IMNQEKLAKLQAQVRIGGKGTARRKKKVVHR CI
2 'polyribonucleotide' GUCUCCGUAGUGUAGGGUAUCACGUUCGCCUAACACGCGAAAGGUCCUCGGUUCGAAACCGGGCGGAAACACCA Pt
3 'polyribonucleotide'
;CGCGACCUCAGAUCAGACGUGGCGACCCGCUGAAUUUAAGCAUAUUAGUCAGCGGAGGAGAAGAAACUAACCAGGAUUCC
CUCAGUAACGGCGAGUGAACAGGGAAGAGCCCAGCGCCGAAUCCCCGCCCCGCGGCGGGGCGCGGGACAUGUGGCGUACG
GAAGACCCGCUCCCCGGCGCCGCUCGUGGGGGGCCCAAGUCCUUCUGAUCGAGGCCCAGCCCGUGGACGGUGUGAGGCCG
GUAGCGGCCCCCGGCGCGCCGGGCCCGGGUCUUCCCGGAGUCGGGUUGCUUGGGAAUGCAGCCCAAAGCGGGUGGUAAAC
UCCAUCUAAGGCUAAAUACCGGCACGAGACCGAUAGUCAACAAGUACCGUAAGGGAAAGUUGAAAAGAACUUUGAAG
(A2M)G(A2M)GAGUUCAAGAGGGCGUGAAACCGUUAAGAGGUAAACGGGUGGGGUCCGCGCAGUCCGCCCGGAGGAUUC
AACCCGGCGGCGGGUCCGGCCGUGUCGGCGGCCCGGCGGAUCUUUCCCGCGCGGGGGACCGUCCCCCGACCGGCGACCGG
CCGCCGCCGGGCGCAUUUCCACCGCGGCGGUGCGCCGCGACCGGCUCCGGGACGGCUGGGAAGGCCCGGCGGGGAAGGUG
GCUCGGGGGCCCCCGAGUGUUACAGCCCCCCCGGCAGCAGCACUCGCCGAAUCCCGGGGCCGAGGGAGCGAGACCCGUCG
CCGCGCUCUCCCCCCUCGGGGGGGCCGGGCCACCCCUCCCACGGCGCGACCGCUCGGGGCGGACUGUCCCCAGUGCGCCC
CGGGCGGGUCGCGCCGUCGGGCCCGGGGGAGGCCACGCGCGCGUCCCCCGAAGAGGGGGACGGCGGAGCGAGCGCACGGG
GUCGGCGGCGACGUCGGCUACCCACCCGACCC(OMG)UCUUG(1MA)(A2M)AC(A2M)CGGACCAAGGAGU(OMC)UAA
CACGUGCGCGAGUCGGGGGCUCGCACGAAAGCCGCCGUGGCGCAAUGAAGGUGAAGGCCGGCGCGCUCGCCGGCCGAGGU
GGGAUCCCGAGGCCUCUCCAGUCCGCCGAGGGCGCACCACCGGCCCGUCUCGCCCGCCGCGCCGGGGAGGUGGAGCACGA
GCGCACGUGUUAGGACCC(OMG)A(A2M)AGAUGGUGA(A2M)C(PSU)AUGCCUGGGCAGGGCGAAGCCAGAGGAAACU
CUGGUGGAGGUCCG(PSU)AGCGGUCCUGACGUGCAAAUCGGUCGUCCGACCUGGGUAUAG(OMG)GGCGAAAGACUAAU
CGAACCAUCUAGUAGCUGGUUCCCUCCGAAGUUUCCC(PSU)CAGGA(PSU)AGCUGGCGCUCUCGCAGACCCGAGCCAC
GCAGUUUUAUCCGGUAAAGCGAA(PSU)GAUUAGAGGUCUUGGGGCCGAAACGAUCUCAACCUA(PSU)(PSU)CUCAAA
CUU(PSU)AAAUGGGUAAGAAGCCCGGCUCGCUGGCGUGGAGCCGGGCGUGGAAUGCGAGUGCCUAGUGGGCCAC(PSU)
U(PSU)UGGUAAGC(A2M)GAACUGGCGCUGCGGGAUGAACCGAACGCCGGGUUAAGGCGCCCGAUGCCGACGCUCAUCA
GACCCCAGAAAAGGUGUUGGUUGAUAUAGACAGCAGGACGGUGGCCAUGGAAGUCGGAAUCCGCUAAGGAGUGUGUAACA
ACUCACCUGCCGAAUCAACUAGCCCUGAAAAUGGAUGGCGCUGGAGCGUCGGGCCCAUACCCGGCCGUCGCCGGCAGUCG
AGAGUGGACGGGAGCGGCGGCCGGAGCCCCGCGGACGCUACGCCGCGACGAGUAGGAGGGCCGCUGCGGUGAGCCUUGAA
GCCUAGGGCGCGGGCCCGGGUGGAGCCGCCGCAGGUGCAGAU(OMC)UUGGUGGUAGU(A2M)(OMG)(OMC)AAAUAUU
CAAACGAGAACUUUGAAGGCCGAAGUGG(A2M)GAAGGGUUCCAUGUGAACAG(OMC)A(OMG)UUGAACAUGGGUCAGU
CGGUCCUGAGAGAUGGGCGAGCGCCGUUCCGAAGGGACGGGCGAUGGCCUCCGUUGCCCUCGGCCGAUCGAAAGGGAGUC
GGGUUCAGAUCCCCGAAUCCGGAGUGGCGGAGAUGGGCGCCGCGAGGCGUCCAGUGCGGUAACGCGACCGAUCCCGGAGA
AGCCGGCGGGAGCCCCGGGGAGAGUUCUCUU(PSU)UCUUUGUGAAGGGCAGGGCGCCCUGGAAUGGGUUCGCCCCGAGA
GAGGGGCCCGUGCCUUGGAAAGCGUCGCGGUUCCGGCGGCGUCCGGUGAGCUCUCGCUGGCCCUUGAAAAUCCGGGGGAG
AGGGUGUAAAUCUCGCGCCGGGCCGUACCC(A2M)UAUCCGCAGCAGGUCU(OMC)CAAGGUGAAC(A2M)GCCUCUGG
(OMC)AUGUUGGAACAA(OMU)G(PSU)AGGUAAGGGAAGUCGGCAAGC(OMC)GGAUCCGUAACUUC(OMG)GGAUAAG
GAUUGGCUCUAAGGGCUGGGUCGGUCGCGGCCGGCGCCUAGCAGCCGACUUAGAACUGGUGCGGACCAGG(OMG)GAAUC
CGAC(PSU)G(PSU)UUAAUUAAAACAAAGCAUCGCGAAGGCCCGCGGCGGGUGUUGACGCGAUGUGAUU(PSU)CUGCC
(OMC)AGUGCUCUGAAUGUCA(A2M)AGUGAAGAAAUUCAAUGAAGCGCGG(OMG)UAAACGGCGGGAGUAACUAUGACU
CUCUUAAGGUAGC(5MC)AA(A2M)UGCCUC(OMG)UCAUCUAAUUAGUGA(OMC)GCGCAUGAA(UY1)GGA(PSU)GA
(A2M)CGAG(A2M)UUCCCACUGU(OMC)CC(PSU)ACCUAC(PSU)A(PSU)CCAGCGAAACCAC(A2M)G(OMC)CAA
GGGAACGGGCU(PSU)GG(OMC)GGAAUCAGCGG(OMG)GAAAGAAGACCCUGUUGAGC(PSU)UGAC(OMU)CUAGUCU
GGCACGGUGAAGAGACAUGAGAACUCUGAUCGUUUUUUCACUGACCCGGUGAGGCGGGGGGGCGAGCCCCGAGGGGCUCU
CGCUUCUGGCGCCAAGCGCCCGGCCGCGCGCCGGCCGGGCGCGACCCGCUCCGGGGACAGUGCCAGGUGGGGAGUUUGAC
UG(OMG)GGCGGUACACCUGUCAAACGGUA(6MZ)CGCAGG(OMU)(OMG)UCCUAAGGCGAGCUCAGGGAGGACAGAAA
CCUCCCGUGGAGCAGAAGGGCAAAAGCUCGCUUGA(PSU)CU(PSU)GA(PSU)UUUCAG(OMU)ACGAA(PSU)ACAGA
CCGUGAAAGCGGGGCCUCACGAUCCUUCUGACCUU(PSU)UGGGUUU(PSU)AAGCAGGA(OMG)GUGUCAGAAAAGUUA
CCACAG(OMG)GAUAACUGGC(PSU)UGUGGCGGCCAAGCGUUCAUAGCGACG(PSU)CGCUUUUUGA(PSU)CCUU
(5MC)GAUGUCGG(OMC)(PSU)CUUCCUAUCAUUG(PSU)GAAGCAGAAUUCACCAAGCGU(PSU)(OMG)GAU(OMU)
(OMG)(PSU)UCACCCACUAAUAGGGAACG(PSU)G(A2M)GCUGGG(UR3)U(PSU)AGA(OMC)CGUCGUGAGACAGG
U(PSU)AGUUUUACCCUACUGAUG(A2M)UGUG(PSU)UG(PSU)UGCCAUGGUA(A2M)UCCUGCUCAGUACGAGAGGA
ACCGCAG(OMG)U(OMU)CA(OMG)ACAU(PSU)UGGUGUA(PSU)(OMG)UGCUUGGCUGAGGAGCCAAUGGGGCGAAG
CUACCA(PSU)CUGUGGGAUUAUGAC(PSU)GAACGCCUCUAAGUCAGAAUCCCGCCCAGGCGGAACGAUACGGCAGCGC
CGCGGAGCCUCGGUUGGCCUCGGAUAGCCGGUCCCCCGCCGGGGUCCGGUGCGGAGUGCCCUUCGUCCUGGGAAACGGGG
CGCGGCCGGAGAGGCGGCCGCCCCCUCGCCCGUCACGCACCGCACGUUCGUGGGGAACCUGGCGCUAAACCA(PSU)
(PSU)CGUAGACGACCUGCUUCUGGGUCGGGG(PSU)UUCGUACG(PSU)AGCAGAGCAGCUCCCUCGCUGCGAUCUAUU
GAAAGUCAGCCCUCGACACAAGGGUUUGU
;
L5
4 'polyribonucleotide'
;GUCUACGGCCAUACCACCCUGAACGCGCCCGAUCUCGUCUGAUCUCGGAAGCUAAGCAGGGUCGGGCCUGGUUAGUACUU
GGAUGGGAGACCGCCUGGGAAUACCGGGUGCUGUAGGCUU
;
L7
5 'polyribonucleotide'
;CGACUCUUAGCGGUGGAUCACUCGGCUCGUGCGUCGAUGAAGAACGCAGCUAGC(PSU)GCGAGAAUUAAUG(PSU)GAA
UU(OMG)CAGGACACAUUGAUCAUCGACACUUCGAACGCACUUGCGGCCCCGGGUUCCUCCCGGGGCUACGCCUGUCUGA
GCGUCGCU
;
L8
6 'polypeptide(L)'
;GRVIRGQRKGAGSVFRAHVKHRKGAARLRAVDFAERHGYIKGIVKDIIHDPGRGAPLAKVVFRDPYRFKKRTELFIAAEG
IHTGQFVYCGKKAQLNIGNVLPVGTMPEGTIVCCLEEKPGDRGKLARASGNYATVISHNPETKKTRVKLPSGSKKVISSA
NRAVVGVVAGGGRIDKPILKAGRAYHKYKAKRNCWPRVRGVAMNPVEHPFGGGNHQHIGKPSTIRRDAPAGRKVGLIAAR
RTGRLRGT
;
LA
7 'polypeptide(L)'
;SHRKFSAPRHGSLGFLPRKRSSRHRGKVKSFPKDDPSKPVHLTAFLGYKAGMTHIVREVDRPGSKVNKKEVVEAVTIVET
PPMVVVGIVGYVETPRGLRTFKTVFAEHISDECKRRFYKNWHKSKKKAFTKYCKKWQDEDGKKQLEKDFSSMKKYCQVIR
VIAHTQMRLLPLRQKKAHLMEIQVNGGTVAEKLDWARERLEQQVPVNQVFGQDEMIDVIGVTKGKGYKGVTSRWHTKKLP
RKTHRGLRKVACIGAWHPARVAFSVARAGQKGYHHRTEINKKIYKIGQGYLIKDGKLIKNNASTDYDLSDKSINPLGGFV
HYGEVTNDFVMLKGCVVGTKKRVLTLRKSLLVQTKRRALEKIDLKFIDTTSKFGHGRFQTMEEKKAFMGPLKKDRIAKEE
GA
;
LB
8 'polypeptide(L)'
;MACARPLISVYSEKGESSGKNVTLPAVFKAPIRPDIVNFVHTNLRKNNRQPYAVSELAGHQTSAESWGTGRAVARIPRVR
GGGTHRSGQGAFGNMCRGGRMFAPTKTWRRWHRRVNTTQKRYAICSALAASALPALVMSKGHRIEEVPELPLVVEDKVEG
YKKTKEAVLLLKKLKAWNDIKKVYASQRMRAGKGKMRNRRRIQRRGPCIIYNEDNGIIKAFRNIPGITLLNVSKLNILKL
APGGHVGRFCIWTESAFRKLDELYGTWRKAASLKSNYNLPMHKMINTDLSRILKSPEIQRALRAPRKKIHRRVLKKNPLK
NLRIMLKLNPYAKTMRRNTILRQARNHKLRVDKAAAAAAALQAKSDEK
;
LC
9 'polypeptide(L)'
;GFVKVVKNKAYFKRYQVKFRRRREGKTDYYARKRLVIQDKNKYNTPKYRMIVRVTNRDIICQIAYARIEGDMIVCAAYAH
ELPKYGVKVGLTNYAAAYCTGLLLARRLLNRFGMDKIYEGQVEVTGDEYNVESIDGQPGAFTCYLDAGLARTTTGNKVFG
ALKGAVDGGLSIPHSTKRFPGYDSESKEFNAEVHRKHIMGQNVADYMRYLMEEDEDAYKKQFSQYIKNSVTPDMMEEMYK
KAHAAIRENPVYEKKPKKEVKKKRWNRPKMSLAQKKDRVAQKKASFLRAQERA
;
LD
10 'polypeptide(L)'
;KGKPHCSRNPVLVRGIGRYSRSAMYSRKAMYKRKYSAAKSKVEKKKKEKVLATVTKPVGGDKNGGTRVVKLRKMPRYYPT
EDVPRKLLSHGKKPFSQHVRKLRASITPGTILIILTGRHRGKRVVFLKQLASGLLLVTGPLVLNRVPLRRTHQKFVIATS
TKIDISNVKIPKHLTDAYFKKKKLRKPRHQEGEIFDTEKEKYEITEQRKIDQKAVDSQILPKIKAIPQLQGYLRSVFALT
NGIYPHKLVF
;
LE
11 'polypeptide(L)'
;NFAELKIKRLRKKFAQKMLRKARRKLIYEKAKHYHKEYRQMYRTEIRMARMARKAGNFYVPAEPKLAFVIRIRGINGVSP
KVRKVLQLLRLRQIFNGTFVKLNKASINMLRIVEPYIAWGYPNLKSVNELIYKRGYGKINKKRIALTDNALIARSLGKYG
IICMEDLIHEIYTVGKRFKEANNFLWPFKLSSPRGGMKKKTTHFVEGGDAGNREDQINRLIRRMN
;
LF
12 'polypeptide(L)'
;KVVNPLFEKRPKNFGIGQDIQPKRDLTRFVKWPRYIRLQRQRAILYKRLKVPPAINQFTQALDRQTATQLLKLAHKYRPE
TKQEKKQRLLARAEKKAAGKGDVPTKRPPVLRAGVNTVTTLVENKKAQLVVIAHDVDPIELVVFLPALCRKMGVPYCIIK
GKARLGRLVHRKTCTTVAFTQVNSEDKGALAKLVEAIRTNYNDRYDEIRRHWGGNVLGPKSVARIAKLEKAKAKELATKL
G
;
LG
13 'polypeptide(L)'
;MKTILSNQTVDIPENVDITLKGRTVIVKGPRGTLRRDFNHINVELSLLGKKKKRLRVDKWWGNRKELATVRTICSHVQNM
IKGVTLGFRYKMRSVYAHFPINVVIQENGSLVEIRNFLGEKYIRRVRMRPGVACSVSQAQKDELILEGNDIELVSNSAAL
IQQATTVKNKDIRKFLDGIYVSEKGTVQQA
;
LH
14 'polypeptide(L)'
;GRRPARCYRYCKNKPYPKSRFCRGVPDAKIRIFDLGRKKAKVDEFPLGGHMVSDEYEQLSSEALEAARICANKYMVKSCG
RDGFHMRVRLHPFHVIRINKMLSCAGADRLQTGMRGAFGKPQGTVARVHIGQVIMSIRTKLQNEEHVIEALRRAKFKFPG
RQKIHISKKWGFTKFNADEFEDMVAKKCLIPDGCGVKYVPSHGPLDKWRVLHS
;
LI
15 'polypeptide(L)'
;QDQGEKENPMRELRIRKLCLNICVGESGDRLTRAAKVLEQLTGQTPVFSKARYTVRSFGIRRNEKIAVHCTVRGAKAEEI
LEKGLKVREYELRKNNFSDTGNFGFGIQEHIDLGIKYDPSIGIYGLDFYVVLGRPGFSIADKKRRTGCIGAKHRISKEEA
MRWFQQKYDGIILPGK
;
LJ
16 'polypeptide(L)'
;APSRNGMVLKPHFHKDWQRRVATWFNQPARKIRRRKARQAKARRIAPRPASGPIRPIVRCPTVRYHTKVRAGRGFSLEEL
RVAGIHKKVARTIGISVDPRRRNKSTESLQANVQRLKEYRSKLILFPRKPSAPKKGDSSAEELKLATQLTGPVMPVRNVY
KKEKARVITEEEKNFKAFASLRMARANARLFGIRAKRAKEAAEQDVEKKK
;
LL
17 'polypeptide(L)'
;VFRRFVEVGRVAYVSFGPHAGKLVAIVDVIDQNRALVDGPCTQVRRQAMPFKCMQLTDFILKFPHSAHQKYVRQAWQKAD
INTKWAATRWAKKIEARERKAKMTDFDRFKVMKAKKMRNRIIKNEVKKLQKAALLKASP
;
LM
18 'polypeptide(L)'
;GAYKYIQELWRKKQSDVMRFLLRVRCWQYRQLSALHRAPRPTRPDKARRLGYKAKQGYVIYRIRVRRGGRKRPVPKGATY
GKPVHHGVNQLKFARSLQSVAEERAGRHCGALRVLNSYWVGEDSTYKFFEVILIDPFHKAIRRNPDTQWITKPVHKHREM
RGLTSAGRKSRGLGKGHKFHHTIGGSRRAAWRRRNTLQLHRYR
;
LN
19 'polypeptide(L)'
;EVQVLVLDGRGHLLGRLAAIVAKQVLLGRKVVVVRCEGINISGNFYRNKLKYLAFLRKRMNTNPSRGPYHFRAPSRIFWR
TVRGMLPHKTKRGQAALDRLKVFDGIPPPYDKKKRMVVPAALKVVRLKPTRKFAYLGRLAHEVGWKYQAVTATLEEKRKE
KAKIHYRKKKQLMRLRKQAEKNVEKKIDKYTEVLKTHGLLV
;
LO
20 'polypeptide(L)'
;VRYSLDPENPTKSCKSRGSNLRVHFKNTRETAQAIKGMHIRKATKYLKDVTLQKQCVPFRRYNGGVGRCAQAKQWGWTQG
RWPKKSAEFLLHMLKNAESNAELKGLDVDSLVIEHIQVNKAPKMRRRTYRAHGRINPYMSSPCHIEMILTEKE
;
LP
21 'polypeptide(L)'
;GVDIRHNKDRKVRRKEPKSQDIYLRLLVKLYRFLARRTNSTFNQVVLKRLFMSRTNRPPLSLSRMIRKMKLPGRENKTAV
VVGTITDDVRVQEVPKLKVCALRVTSRARSRILRAGGKILTFDQLALDSPKGCGTVLLSGPRKGREVYRHFGKAPGTPHS
HTKPYVRSKGRKFERARGRRASRGYKN
;
LQ
22 'polypeptide(L)'
;SMLRLQKRLASSVLRCGKKKVWLDPNETNEIANANSRQQIRKLIKDGLIIRKPVTVHSRARCRKNTLARRKGRHMGIGKR
KGTANARMPEKVTWMRRMRILRRLLRRYRESKKIDRHMYHSLYLKVKGNVFKNKRILMEHIHKLKADKARKKLLADQAEA
RRSKTKEARKRREERLQAKKEEIIKTL
;
LR
23 'polypeptide(L)'
;KASGTLREYKVVGRCLPTPKCHTPPLYRMRIFAPNHVVAKSRFWYFVSQLKKMKKSSGEIVYCGQVFEKSPLRVKNFGIW
LRYDSRSGTHNMYREYRDLTTAGAVTQCYRDMGARHRARAHSIQIMKVEEIAASKCRRPAVKQFHDSKIKFPLPHRVLRR
QHKPRFTTKRPNTFF
;
LS
24 'polypeptide(L)'
;TNTKGKRRGTRYMFSRPFRKHGVVPLATYMRIYKKGDIVDIKGMGTVQKGMPHKCYHGKTGRVYNVTQHAVGIVVNKQVK
GKILAKRINVRIEHIKHSKSRDSFLKRVKENDQKKKEAKEKGTWVQLKRQPAPPREAHFVRTNGKEPELLEPIPYEFMA
;
LT
25 'polypeptide(L)'
;QVLKFTLDCTHPVEDGIMDAANFEQFLQERIKVNGKAGNLGGGVVTIERSKSKITVTSEVPFSKRYLKYLTKKYLKKNNL
RDWLRVVANSKESYELRYFQI
;
LU
26 'polypeptide(L)'
;SGAKFRISLGLPVGAVINCADNTGAKNLYIISVKGIKGRLNRLPAAGVGDMVMATVKKGKPELRKKVHPAVVIRQRKSYR
RKDGVFLYFEDNAGVIVNNKGEMKGSAITGPVAKECADLWPRIASNAGSIA
;
LV
27 'polypeptide(L)'
;MKVELCSFSGYKIYPGHGRRYARTDGKVFQFLNAKCESAFLSKRNPRQINWTVLYRRKHKKGQSEEIQKKRTRRAVKFQR
AITGASLADIMAKRNQKPEVRKAQREQAIRAAKEAKKAKQASKK
;
LW
28 'polypeptide(L)'
;KKKIRTSPTFRRPKTLRLRRQPKYPRKSAPRRNKLDHYAIIKFPLTTESAMKKIEDNNTLVFIVDVKANKHQIKQAVKKL
YDIDVAKVNTLIRPDGEKKAYVRLAPDYDALDVANKIGII
;
LX
29 'polypeptide(L)'
;MKFNPFVTSDRSKNRKRHFNAPSHIRRKIMSSPLSKELRQKYNVRSMPIRKDDEVQVVRGHYKGQQIGKVVQVYRKKYVI
YIERVQREKANGTTVHVGIHPSKVVITRLKLDKDRKKILERKAKSRQVGKEKGK
;
LY
30 'polypeptide(L)'
;GKFMKPGKVVLVLAGRYSGRKAVIVKNIDDGTSDRPYSHALVAGIDRYPRKVTAAMGKKKIAKRSKIKSFVKVYNYNHLM
PTRYSVDIPLDKTVVNKDVFRDPALKRKARREAKVKFEERYKTGKNKWFFQKLRF
;
LZ
31 'polypeptide(L)'
;PSRLRKTRKLRGHVSHGHGRIGKHRKHPGGRGNAGGLHHHRINFDKYHPGYFGKVGMKHYHLKRNQSFCPTVNLDKLWTL
VSEQTRVNAAKNKTGAAPIIDVVRSGYYKVLGKGKLPKQPVIVKAKFFSRRAEEKIKSVGGACVLVA
;
La
32 'polypeptide(L)'
;AKSKNHTTHNQSRKWHRNGIKKPRSQRYESLKGVDPKFLRNMRFAKKHNKKGLKKMQANNAKAMSARAEAIKALVKPKEV
KPKIPKGVSRKLDRLAYIAHPKLGKRARARIAKGLRLCRPK
;
Lb
33 'polypeptide(L)'
;KSLESINSRLQLVMKSGKYVLGYKQTLKMIRQGKAKLVILANNCPALRKSEIEYYAMLAKTGVHHYSGNNIELGTACGKY
YRVCTLAIIDPGDSDIIR
;
Lc
34 'polypeptide(L)'
;NEVVTREYTINIHKRIHGVGFKKRAPRALKEIRKFAMKEMGTPDVRIDTRLNKAVWAKGIRNVPYRIRVRLSRKRNEDED
SPNKLYTLVTYVPVTTFKNLQTVNVDE
;
Ld
35 'polypeptide(L)'
;AALRPLVKPKIVKKRTKKFIRHQSDRYVKIKRNWRKPRGIDNRVRRRFKGQILMPNIGYGSNKKTKHMLPSGFRKFLVHN
VKELEVLLMCNKSYCAEIAHNVSSKNRKAIVERAAQLAIRVTNPNARL
;
Le
36 'polypeptide(L)'
;SGRLWSKAIFAGYKRGLRNQREHTALLKIEGVYARDETEFYLGKRCAYVYKAKNNTVTPGGKPNKTRVIWGKVTRAHGNS
GMVRAKFRSNLPAKAIGHRIRVMLYPSRI
;
Lf
37 'polypeptide(L)'
;VQRLTYRRRLSYNTASNKTRLSRTPGNRIVYLYTKKVGKAPKSACGVCPGRLRGVRAVRPKVLMRLSKTKKHVSRAYGGS
MCAKCVRDRIKRAFLIEEQKIVVKVLKAQAQSQK
;
Lg
38 'polypeptide(L)'
;AKIKARDLRGKKKEELLKQLDDLKVELSQLRVAKVTGGAASKLSKIRVVRKSIARVLTVINQTQKENLRKFYKGKKYKPL
DLRPKKTRAMRRRLNKHEENLKTKKQQRKERLYPLRKYAVKA
;
Lh
39 'polypeptide(L)'
;ALRYPMAVGLNKGHKVTKNVSKPRHSRRRGRLTKHTKFVRDMIREVCGFAPYERRAMELLKVSKDKRALKFIKKRVGTHI
RAKRKREELSNVLAAMRKAAAK
;
Li
40 'polypeptide(L)'
;TKGTSSFGKRRNKTHTLCRRCGSKAYHLQKSTCGKCGYPAKRKRKYNWSAKAKRRNTTGTGRMRHLKIVYRRFRHGFREG
TTPKPK
;
Lj
41 'polypeptide(L)' PRKIEEIKDFLLTARRKDAKSVKIKKNKDNVKFKVRCSRYLYTLVITDKEKAEKLKQSLPPGLAVKELK Lk
42 'polypeptide(L)' SSHKTFRIKRFLAKKQKQNRPIPQWIRMKTGNKIRYNSKRRHWRRTKLGL Ll
43 'polypeptide(L)' IIEPSLRQLAQKYNCDKMICRKCYARLHPRAVNCRKKKCGHTNNLRPKKKVK Lm
44 'polypeptide(L)' MRAKWRKKRMRRLKRKRRKMRQRS Ln
45 'polypeptide(L)'
;VNVPKTRRTFCKKCGKHQPHKVTQYKKGKDSLYAQGKRRYDRKQSGYGGQTKPIFRKKAKTTKKIVLRLECVEPNCRSKR
MLAIKRCKHFELGGDKKRKGQVIQF
;
Lo
46 'polypeptide(L)'
;AKRTKKVGIVGKYGTRYGASLRKMVKKIEISQHAKYTCSFCGKTKMKRRAVGIWHCGSCMKTVAGGAWTYNTTSAVTVKS
AIRRLKELKDQ
;
Lp
47 'polypeptide(L)'
;SAHLQWMVVRNCSSFLIKRNKQTYSTEPNNLKARNSFRYNGLIHRKTVGVEPAADGKGVVVVIKRRSGQRKPATSYVRTT
INKNARATLSSIRHMIRKNKYRPDLRMAAIRRASAILRSQKPVMV
;
Lr
48 'polypeptide(L)'
;DRATWKSNYFLKIIQLLDDYPKCFIVGADNVGSKQMQQIRMSLRGKAVVLMGKNTMMRKAIRGHLENNPALEKLLPHIRG
NVGFVFTKEDLTEIRDMLLANKVPAAARAGAIAPCEVTVPAQNTGLGPEKTSFFQALGITTKISRGTIEILSDVQLIKTG
DKVGASEATLLNMLNISPFSFGLVIQQVFDNGSIYN
;
Ls
49 'polypeptide(L)'
;PNEIKVVYLRCTGGEVGATSALAPKIGPLGLSPKKVGDDIAKATGDWKGLRITVKLTIQNRQAQIEVVPSASALIIKALK
EPPRDRKKQKNIKHSGNITFDEIVNIARQMRHRSLARELSGTIKEILGTAQSVGCNVDGRHPHDIIDDINSGAVECP
;
Lt
50 'polypeptide(L)'
;MAVQISKKRKFVADGIFKAELNEFLTRELAEDGYSGVEVRVTPTRTEIIILATRTQNVLGEKGRRIRELTAVVQKRFGFP
EGSVELYAEKVATRGLCAIAQAESLRYKLLGGLAVRRACYGVLRFIMESGAKGCEVVVSGKLRGQRAKSMKFVDGLMIHS
GDPVNYYVDTAVRHVLLRQGVLGIKVKIMLPWDPTGKIGPKKPLPDHVSIVEPKDEILPTTPISEQK
;
SD
51 'polypeptide(L)'
;DIKLFGKWSTDDVQINDISLQDYIAVKEKYAKYLPHSAGRYAAKRFRKAQCPIVERLTNSMMMHGRNNGKKLMTVRIVKH
AFEIIHLLTGENPLQVLVNAIINSGPREDSTRIGRAGTVRRQAVDVSPLRRVNQAIWLLCTGAREAAFRNIKTIAECLAD
ELINAAKGSSNSYAIKKKDELERVAKSNR
;
SF
52 'polypeptide(L)'
;MLMPKKNRIAIYELLFKEGVMVAKKDVHMPKHPELADKNVPNLHVMKAMQSLKSRGYVKEQFAWRHFYWYLTNEGIQYLR
DYLHLPPEIVPATLRRSR
;
SK
53 'polypeptide(L)'
;VMDVNTALQEVLKTALIHDGLARGIREAAKALDKRQAHLCVLASNCDEPMYVKLVEALCAEHQINLIKVDDNKKLGEWVG
LCKIDREGKPRKVVGCSCVVVKDYGKESQAKDVIEEYFKCKK
;
SM
54 'polypeptide(L)'
;TYRGVDLDQLLDMSYEQLMQLYSARQRRRLNRGLRRKQHSLLKRLRKAKKEAPPMEKPEVVKTHLRDMIILPEMVGSMVG
VYNGKTFNQVEIKPEMIGHYLGEFSITYKPVKHGRPGIGAT
;
SP
55 'polypeptide(L)'
;SKGPLQSVQVFGRKKTATAVAHCKRGNGLIKVNGRPLEMIEPRTLQYKLLEPVLLLGKERFAGVDIRVRVKGGGHVAQIY
AIRQSISKALVAYYQKYVDEASKKEIKDILIQYDRTLLVADPRRCESKKFGGPGARARYQKSYR
;
SQ
56 'polypeptide(L)'
;MGRVRTKTVKKAARVIIEKYYTRLGNDFHTNKRVCEEIAIIPSKKLRNKIAGYVTHLMKRIQRGPVRGISIKLQEEERER
RDNYVPEVSALDQEIIEVDPDTKEMLKLLDFGSLSNLQVTQPTVGMNFKTPRGPV
;
SR
57 'polypeptide(L)'
;MSLVIPEKFQHILRVLNTNIDGRRKIAFAITAIKGVGRRYAHVVLRKADIDLTKRAGELTEDEVERVITIMQNPRQYKIP
DWFLNRQKDVKDGKYSQVLANGLDNKLREDLERLKKIRAHRGLRHFWGLRVRGQHTKTTGRRGRT
;
SS
58 'polypeptide(L)'
;PGVTVKDVNQQEFVRALAAFLKKSGKLKVPEWVDTVKLAKHKELAPYDENWFYTRAASTARHLYLRGGAGVGSMTKIYGG
RQRNGVMPSHFSRGSKSVARRVLQALEGLKMVEKDQDGGRKLTPQGQRDLDRIAGQVAAANKK
;
ST
59 'polypeptide(L)'
;AIHRIRITLTSRNVKSLEKVCADLIRGAKEKNLKVKGPVRMPTKTLRITTRKTPCGEGSKTWDRFQMRIHKRLIDLHSPS
EIVKQITSISIEPGVEVEVTIADA
;
SU
60 'polypeptide(L)' RDKLNNLVLFDKATYDKLCKEVPNYKLITPAVVSERLKIRGSLARAALQELLSKGLIKLVSKHRAQVIYTRNTKG SZ
61 'polypeptide(L)' RVQPIKLARVTKVLGRTGSQGQCTQVRVEFMDDTSRSIIRNVKGPVREGDVLTLLESEREARRL Sc
62 'polypeptide(L)' GHQQLYWSHPRKFGQGSRSCRVCSNRHGLIRKYGLNMCRQCFRQYAKDIGFIKLD Sd
63 'polypeptide(L)' YTTPKKNKHKRKKVKLAVLKYYKVDENGKISRLRRECPSDECGAGVFMASHFDRHYCGKCCLTYCFN Sf
64 'polypeptide(L)'
;TEQMTLRGTLKGHNGWVTQIATTPQFPDMILSASRDKTIIMWKLTRDETNYGIPQRALRGHSHFVSDVVISSDGQFALSG
SWDGTLRLWDLTTGTTTRRFVGHTKDVLSVAFSSDNRQIVSGSRDKTIKLWNTLGVCKYTVQDESHSEWVSCVRFSPNSS
NPIIVSCGWDKLVKVWNLANCKLKTNHIGHTGYLNTVTVSPDGSLCASGGKDGQAMLWDLNEGKHLYTLDGGDIINALCF
SPNRYWLCAATGPSIKIWDLEGKIIVDELKQEVISTSSKAEPPQCTSLAWSADGQTLFAGYTDNLVRVWQVTI
;
Sg
65 'polypeptide(L)'
;GALDVLQMKEEDVLKFLAAGTHLGGTNLDFQMEQYIYKRKSDGIYIINLKRTWEKLLLAARAIVAIENPADVSVISSRNT
GQRAVLKFAAATGATPIAGRFTPGTFTNQIQAAFREPRLLVVTDPRADHQPLTEASYVNLPTIALCNTDSPLRYVDIAIP
CNNKGAHSVGLMWWMLAREVLRMRGTISREHPWEVMPDLYFYRDPEEIEKEEQAAAEKAVT
;
SA
66 'polypeptide(L)'
;VVDPFSKKDWYDVKAPAMFNIRNIGKTLVTRTQGTKIASDGLKGRVFEVSLADLQNDEVAFRKFKLITEDVQGKNCLTNF
HGMDLTRDKMCSMVKKWQTMIEAHVDVKTTDGYLLRLFCVGFTKKRNNQIRKTSYAQHQQVRQIRKKMMEIMTREVQTND
LKEVVNKLIPDSIGKDIEKACQSIYPLHDVFVRKVKMLKKPKFELGKLMELHGE
;
SB
67 'polypeptide(L)'
;EWMPVTKLGRLVKDMKIKSLEEIYLFSLPIKESEIIDFFLGASLKDEVLKIMPVQKQTRAGQRTRFKAFVAIGDYNGHVG
LGVKCSKEVATAIRGAIILAKLSIVPVRRGYWGNKIGKPHTVPCKVTGRCGSVLVRLIPAPRGTGIVSAPVPKKLLMMAG
IDDCYTSARGCTATLGNFAKATFDAISKTYSYLTPDLWKETVFTKSPYQEFTDHLVKTHTRV
;
SC
68 'polypeptide(L)'
;ARGPKKHLKRVAAPKHWMLDKLTGVFAPRPSTGPHKLRECLPLIIFLRNRLKYALTGDEVKKICMQRFIKIDGKVRTDIT
YPAGFMDVISIDKTGENFRLIYDTKGRFAVHRITPEEAKYKLCKVRKIFVGTKGIPHLVTHDARTIRYPDPLIKVNDTIQ
IDLETGKITDFIKFDTGNLCMVTGGANLGRIGVITNRERHPGSFDVVHVKDANGNSFATRLSNIFVIGKGNKPWISLPRG
KGIRLTIAEERDKRLAAKQSSG
;
SE
69 'polypeptide(L)'
;MKLNISFPATGCQKLIEVDDERKLRTFYEKRMATEVAADALGEEWKGYVVRISGGNDKQGFPMKQGVLTHGRVRLLLSKG
HSCYRPRRTGERKRKSVRGCIVDANLSVLNLVIVKKGEKDIPGLTDTTVPRRLGPKRASRIRKLFNLSKEDDVRQYVVRK
PLNKEGKKPRTKAPKIQRLVTPRVLQHKRRRIALKKQRTKKNKEEAAEYAKLLAKRMKEAKEKRQEQIAKRRRLSSL
;
SG
70 'polypeptide(L)'
;SAKIVKPNGEKPDEFESGISQALLELEMNSDLKAQLRELNITAAKEIEVGGGRKAIIIFVPVPQLKSFQKIQVRLVRELE
KKFSGKHVVFIAQRRILPKPTRKSRTKNKQKRPRSRTLTAVHDAILEDLVFPSEIVGKRIRVKLDGSRLIKVHLDKAQQN
NVEHKVETFSGVYKKLTGKDVNFEFPEFQ
;
SH
71 'polypeptide(L)'
;GISRDNWHKRRKTGGKRKPYHKKRKYELGRPAANTKIGPRRIHTVRVRGGNKKYRALRLDVGNFSWGSECCTRKTRIIDV
VYNASNNELVRTKTLVKNCIVLIDSTPYRQWYESHYALPLGRKKGAKLTPEEEEILNKKRSKKIQKKYDERKKNAKISSL
LEEQFQQGKLLACIASRPGQCGRADGYVLEGKELEFYLRKIKARKG
;
SI
72 'polypeptide(L)'
;PVARSWVCRKTYVTPRRPFEKSRLDQELKLIGEYGLRNKREVWRVKFTLAKIRKAARELLTLDEKDPRRLFEGNALLRRL
VRIGVLDEGKMKLDYILGLKIEDFLERRLQTQVFKLGLAKSIHHARVLIRQRHIRVRKQVVNIPSFIVRLDSQKHIDFSL
RSPYGGGRPGRVKRKNAKKGQGGAG
;
SJ
73 'polypeptide(L)'
;ADIQTERAYQKQPTIFQNKKRVLLGETGKEKLPRYYKNIGLGFKTPKEAIEGTYIDKKCPFTGNVSIRGRILSGVVTKMK
MQRTIVIRRDYLHYIRKYNRFEKRHKNMSVHLSPCFRDVQIGDIVTVGECRPLSKTVRFNVLKVTKAAGTKKQ
;
SL
74 'polypeptide(L)'
;GRMHAPGKGLSQSALPYRRSVPTWLKLTSDDVKEQIYKLAKKGLTPSQIGVILRDSHGVAQVRFVTGNKILRILKSKGLA
PDLPEDLYHLIKKAVAVRKHLERNRKDKDAKFRLILIESRIHRLARYYKTKRVLPPNWKYESSTASALVA
;
SN
75 'polypeptide(L)'
;EQVISLGPQVAEGENVFGVCHIFASFNDTFVHVTDLSGKETICRVTGGMKVKADRDESSPYAAMLAAQDVAQRCKELGIT
ALHIKLRATGGNRTKTPGPGAQSALRALARSGMKIGRIEDVTPIPSDSTRRKGGRRGRRL
;
SO
76 'polypeptide(L)'
;MQNDAGEFVDLYVPRKCSASNRIIGAKDHASIQMNVAEVDKVTGRFNGQFKTYAICGAIRRMGESDDSILRLAKADGIVS
KNF
;
SV
77 'polypeptide(L)'
;VRMNVLADALKSINNAEKRGKRQVLIRPCSKVIVRFLTVMMKHGYIGEFEIIDDHRAGKIVVNLTGRLNKCGVISPRFDV
QLKDLEKWQNNLLPSRQFGFIVLTTSAGIMDHEEARRKHTGGKILGFFF
;
SW
78 'polypeptide(L)'
;GKCRGLRTARKLRSHRRDQKWHDKQYKKAHLGTALKANPFGGASHAKGIVLEKVGVEAKQPNSAIRKCVRVQLIKNGKKI
TAFVPNDGCLNFIEENDEVLVAGFGRKGHAVGDIPGVRFKVVKVANVSLLALYKGKKERPR
;
SX
79 'polypeptide(L)'
;NDTVTIRTRKFMTNRLLQRKQMVIDVLHPGKATVPKTEIREKLAKMYKTTPDVIFVFGFRTHFGGGKTTGFGMIYDSLDY
AKKNEPKHRLARHGLYEKKKTSRKQRKERKNRMKKVRGTAKANVGAGKKPK
;
SY
80 'polypeptide(L)'
;TKKRRNNGRAKKGRGHVQPIRCTNCARCVPKDKAIKKFVIRNIVEAAAVRDISEASVFDAYVLPKLYVKLHYCVSCAIHS
KVVRNRSREARKDRTPPPRFRP
;
Sa
81 'polypeptide(L)'
;PLAKDLLHPSPEEEKRKHKKKRLVQSPNSYFMDVKCPGCYKITTVFSHAQTVVLCVGCSTVLCQPTGGKARLTEGCSFRR
KQH
;
Sb
82 'polypeptide(L)' VHGSLARAGKVRGQTPKVAKQEKKKKKTGRAKRRMQYNRRFVNVVPTFGKKKGPNANS Se
83 'polyribonucleotide'
;UACCUGGUUGAUCCUGCCAGUAGCAU(A2M)UGCUUGUCUCAAAGAUUAAGCCAUGCAUGUCUAAGUACGCACGGCCGGU
ACAGUGAAACUGCGAA(PSU)GGCUC(A2M)UUAAA(PSU)CAG(PSU)UAUGGU(OMU)CCUU(OMU)GGUCGCUCGCU
CCUCUCCCACUUGGAUAACUGUGGUA(A2M)UUCUAG(A2M)GCUAA(OMU)A(OMC)AUGCCGACGGGCGCUGACCCCC
UUCGCGGGGGGGAUGCGUGCAUUUAUCAGUGGUGACUCUAGAUAACCUCGGGCCGAUCGCACGCCCCCCGUGGCGGCGAC
GACCCAUUCGAACGUC(OMU)GCCCUAUCAACUUUCGAUGGUAGUCGCCGUGCCUACCAUGGUGACCACGGG(PSU)GAC
GGGGAAUCAGGGUUCGAU(OMU)CCGGAGA(OMG)GGAGCCUGAGAAACGGCUACCACAU(OMC)CAAGG(A2M)AGGCA
GCAGGCGCGC(A2M)AAUUACCCACUCCCGACCCGGGGA(OMG)GUAGUGA(OMC)GAAAAAUAACAAUACAGGACUCUU
UCGAGGCCCUGUAAUUGGAAUGAGUCCACUUUAA(A2M)UCCUUUAACGAGGAUCCAUUGGAG(OMG)GCAAGUCUGGUG
CCAGCAGCCGCGG(OMU)AAUUCCAGCUCCAAUA(OMG)CGUA(PSU)A(PSU)UAAAGUUGCUGCAGUU(A2M)AAAAG
CUCGUAG(PSU)U(OMG)GA(PSU)CUUGGGAGCGGGCGUCCCCGCCCUCUCGGCCGGGGCCCGAAGCG(OMU)U(PSU)
ACUUUGAAAAAA(PSU)UAGAGUGUUCAAAGCAGGCCCGAGCCGCCUGGAUACCGCAGCUAGGAA(PSU)AA(PSU)
(OMG)GAAUAGGACCGCGGUUCUAUUUUGUUGGUUUUCGGAACUGAGGCCAUGAUUAAGAGGGACGGCCGGGGGCAUUCG
UAUUGCGCCGCUAGAGGUGAAAU(PSU)CUUGGACCGGCGCAAGACGGACCAGAGCGAAAGCAUU(PSU)GCCAAGAAUG
UUUUCAUUAAUCAAGA(A2M)CGAAAGUCGGAGG(PSU)(PSU)CGAAGACGA(PSU)CAGAUACCGUCGUAGUUCCGAC
CA(PSU)AAACGAUGCCGACCGGCGAUGCGGCGGCGUUAUUCCCAUGACCCGCCGGGCAGCUUCCGGGAAACCAAAGUCU
UUGGGUUCCGGGGGGAGUA(PSU)GG(PSU)UGCAAAGCUGAAACUUAAAGGAAUUGACGGAAGGGCACCACCAGGAGUG
GAGCC(PSU)GCGGCUUAAUU(PSU)GAC(B8N)CAACACGGGAAACCUCACCCGGC(OMC)CGGACACGGACAGGA
(OMU)UGACAGAUUGAUAGCUCUUUCUCGAUUCCGUGGGUGG(OMU)G(OMG)UGCAUGGC(4AC)GUUCUUAGUUGGUG
GAGCGAUUUGUCUGG(PSU)UAAUUCCGAUAACGA(A2M)CGAGACU(OMC)UGGCAUGCUAACUAGUUACGCGACCCCC
GAGCGGUCGGCGUCCCCCAACU(OMU)CUUAGAGGGACAAGUGGCGUUCAGCCACCCGAGAUUGAGCAAUAACA(OMG)G
UCUGUGAUGCCCUUAGAUGUCCGGGGCUGCACGCGCGCUACACUGACUGGCUCAGCGUGUGCCUACCCUACGCCGGCAGG
CGCGGGUAACCCGUUGAACCCCAUUCGUGAUGGGGAUCGGGGAUUGCAAUUAUUCCCCAUGAACGAG(G7M)AAUUCCCA
GUAAGUGCGGGUCAUAAGCUUGCGUUGAUUAAGUCCCUGCCCUUUGUACACACCG(OMC)CCGUCGCUACUACCGAUUGG
AUGGUUUAGUGAGGCCCUCGGAUCGGCCCCGCCGGGGUCGGCCCACGGCCCUGGCGGAGCGCUGAGAAGACGGUCGAACU
UGACUAUCUAGAGGAAGUAAAAGUCGUA(6MZ)CAAGGUUUC(4AC)GUAGGUG(MA6)(MA6)CCUGCGGAAGGAUCAU
UA
;
S2
#
# COMPACT_ATOMS: atom_id res chain seq x y z
N ILE A 1 97.83 -29.65 -57.79
CA ILE A 1 97.71 -31.09 -57.70
C ILE A 1 97.43 -31.49 -56.26
N MET A 2 96.82 -32.65 -56.06
CA MET A 2 96.42 -33.13 -54.75
C MET A 2 97.11 -34.46 -54.45
N ASN A 3 97.57 -34.61 -53.22
CA ASN A 3 98.00 -35.89 -52.69
C ASN A 3 97.12 -36.26 -51.50
N GLN A 4 97.45 -37.38 -50.84
CA GLN A 4 96.63 -37.84 -49.72
C GLN A 4 96.65 -36.85 -48.57
N GLU A 5 97.82 -36.27 -48.27
CA GLU A 5 97.93 -35.33 -47.18
C GLU A 5 97.08 -34.08 -47.41
N LYS A 6 97.07 -33.57 -48.65
CA LYS A 6 96.32 -32.35 -48.92
C LYS A 6 94.82 -32.59 -48.87
N LEU A 7 94.34 -33.67 -49.47
CA LEU A 7 92.91 -33.95 -49.46
C LEU A 7 92.41 -34.29 -48.06
N ALA A 8 93.25 -35.00 -47.28
CA ALA A 8 92.86 -35.40 -45.94
C ALA A 8 92.62 -34.19 -45.03
N LYS A 9 93.41 -33.12 -45.20
CA LYS A 9 93.13 -31.91 -44.45
C LYS A 9 92.05 -31.05 -45.10
N LEU A 10 91.97 -31.04 -46.43
CA LEU A 10 91.00 -30.21 -47.14
C LEU A 10 89.56 -30.62 -46.78
N GLN A 11 89.33 -31.92 -46.57
CA GLN A 11 88.02 -32.38 -46.14
C GLN A 11 87.56 -31.66 -44.87
N ALA A 12 88.47 -31.40 -43.94
CA ALA A 12 88.10 -30.77 -42.68
C ALA A 12 87.72 -29.32 -42.88
N GLN A 13 88.53 -28.56 -43.63
CA GLN A 13 88.27 -27.13 -43.74
C GLN A 13 87.11 -26.83 -44.67
N VAL A 14 86.85 -27.68 -45.67
CA VAL A 14 85.74 -27.38 -46.58
C VAL A 14 84.40 -27.50 -45.87
N ARG A 15 84.27 -28.40 -44.90
CA ARG A 15 83.03 -28.57 -44.13
C ARG A 15 83.02 -27.53 -43.01
N ILE A 16 82.06 -26.61 -43.07
CA ILE A 16 81.98 -25.52 -42.11
C ILE A 16 80.75 -25.64 -41.22
N GLY A 17 80.13 -26.81 -41.17
CA GLY A 17 78.96 -26.97 -40.34
C GLY A 17 78.44 -28.39 -40.40
N GLY A 18 77.23 -28.57 -39.88
CA GLY A 18 76.60 -29.86 -39.85
C GLY A 18 76.07 -30.27 -41.21
N LYS A 19 75.45 -31.45 -41.24
CA LYS A 19 74.85 -31.96 -42.46
C LYS A 19 73.73 -31.03 -42.90
N GLY A 20 73.73 -30.66 -44.18
CA GLY A 20 72.76 -29.74 -44.72
C GLY A 20 73.22 -28.30 -44.81
N THR A 21 74.51 -28.02 -44.64
CA THR A 21 75.05 -26.68 -44.77
C THR A 21 75.94 -26.60 -46.00
N ALA A 22 76.04 -25.39 -46.56
CA ALA A 22 76.84 -25.18 -47.75
C ALA A 22 78.31 -25.41 -47.47
N ARG A 23 78.99 -26.04 -48.42
CA ARG A 23 80.42 -26.24 -48.31
C ARG A 23 81.16 -24.96 -48.68
N ARG A 24 82.34 -24.79 -48.11
CA ARG A 24 83.14 -23.60 -48.42
C ARG A 24 83.67 -23.68 -49.83
N LYS A 25 83.53 -22.58 -50.57
CA LYS A 25 83.91 -22.56 -51.97
C LYS A 25 85.38 -22.18 -52.17
N LYS A 26 85.88 -21.19 -51.43
CA LYS A 26 87.30 -20.86 -51.52
C LYS A 26 87.75 -20.10 -50.29
N LYS A 27 89.06 -20.21 -50.01
CA LYS A 27 89.73 -19.44 -48.96
C LYS A 27 91.07 -19.00 -49.54
N VAL A 28 91.08 -17.85 -50.21
CA VAL A 28 92.24 -17.35 -50.93
C VAL A 28 92.69 -16.06 -50.26
N VAL A 29 93.99 -15.93 -50.04
CA VAL A 29 94.57 -14.72 -49.47
C VAL A 29 95.35 -13.99 -50.56
N HIS A 30 95.20 -12.67 -50.61
CA HIS A 30 95.88 -11.85 -51.60
C HIS A 30 96.51 -10.66 -50.88
N ARG A 31 97.59 -10.14 -51.46
CA ARG A 31 98.19 -8.91 -50.96
C ARG A 31 98.27 -7.89 -52.08
N GLY F 1 23.96 26.76 -7.17
CA GLY F 1 24.89 27.85 -7.32
C GLY F 1 25.65 27.82 -8.62
N ARG F 2 25.20 26.98 -9.55
CA ARG F 2 25.85 26.81 -10.83
C ARG F 2 24.93 27.30 -11.94
N VAL F 3 25.51 27.93 -12.96
CA VAL F 3 24.76 28.36 -14.12
C VAL F 3 24.15 27.15 -14.80
N ILE F 4 22.84 27.21 -15.05
CA ILE F 4 22.10 26.06 -15.55
C ILE F 4 22.27 25.92 -17.06
N ARG F 5 21.88 24.78 -17.60
CA ARG F 5 21.80 24.62 -19.05
C ARG F 5 20.71 25.52 -19.60
N GLY F 6 20.98 26.15 -20.74
CA GLY F 6 20.04 27.08 -21.30
C GLY F 6 20.49 28.51 -21.07
N GLN F 7 20.96 28.80 -19.85
CA GLN F 7 21.72 30.02 -19.64
C GLN F 7 23.04 29.97 -20.39
N ARG F 8 23.62 28.79 -20.50
CA ARG F 8 24.86 28.61 -21.25
C ARG F 8 24.62 28.71 -22.76
N LYS F 9 23.38 28.74 -23.20
CA LYS F 9 23.07 28.89 -24.62
C LYS F 9 23.05 30.35 -25.06
N GLY F 10 23.27 31.29 -24.14
CA GLY F 10 23.27 32.70 -24.52
C GLY F 10 24.65 33.16 -24.95
N ALA F 11 25.68 32.80 -24.20
CA ALA F 11 27.03 32.96 -24.69
C ALA F 11 27.23 32.09 -25.93
N GLY F 12 26.69 30.88 -25.90
CA GLY F 12 26.49 30.09 -27.08
C GLY F 12 27.73 29.44 -27.65
N SER F 13 28.86 29.54 -26.97
CA SER F 13 30.17 29.11 -27.48
C SER F 13 30.13 27.77 -28.18
N VAL F 14 29.69 26.73 -27.47
CA VAL F 14 29.51 25.42 -28.08
C VAL F 14 28.23 25.36 -28.90
N PHE F 15 27.19 26.07 -28.46
CA PHE F 15 25.86 25.98 -29.05
C PHE F 15 25.64 26.87 -30.26
N ARG F 16 26.71 27.32 -30.91
CA ARG F 16 26.54 28.07 -32.15
C ARG F 16 25.91 27.19 -33.21
N ALA F 17 25.17 27.82 -34.11
CA ALA F 17 24.58 27.08 -35.22
C ALA F 17 25.66 26.54 -36.13
N HIS F 18 25.52 25.28 -36.52
CA HIS F 18 26.49 24.62 -37.40
C HIS F 18 26.26 25.14 -38.82
N VAL F 19 27.04 26.15 -39.21
CA VAL F 19 26.81 26.87 -40.44
C VAL F 19 27.93 26.62 -41.46
N LYS F 20 28.64 25.50 -41.33
CA LYS F 20 29.77 25.25 -42.22
C LYS F 20 29.30 25.00 -43.65
N HIS F 21 28.32 24.13 -43.83
CA HIS F 21 27.89 23.72 -45.16
C HIS F 21 26.61 24.38 -45.62
N ARG F 22 26.13 25.41 -44.92
CA ARG F 22 24.97 26.13 -45.39
C ARG F 22 25.26 26.82 -46.71
N LYS F 23 24.36 26.65 -47.68
CA LYS F 23 24.56 27.12 -49.04
C LYS F 23 24.50 28.63 -49.17
N GLY F 24 24.10 29.35 -48.13
CA GLY F 24 23.88 30.78 -48.22
C GLY F 24 22.57 31.14 -47.58
N ALA F 25 22.41 32.41 -47.19
CA ALA F 25 21.16 32.82 -46.55
C ALA F 25 20.05 32.88 -47.57
N ALA F 26 18.95 32.22 -47.27
CA ALA F 26 17.77 32.22 -48.13
C ALA F 26 17.08 33.57 -48.03
N ARG F 27 16.97 34.27 -49.14
CA ARG F 27 16.37 35.60 -49.10
C ARG F 27 15.93 35.98 -50.51
N LEU F 28 14.90 36.81 -50.59
CA LEU F 28 14.43 37.28 -51.87
C LEU F 28 15.44 38.26 -52.48
N ARG F 29 15.23 38.59 -53.75
CA ARG F 29 16.08 39.57 -54.39
C ARG F 29 15.75 40.97 -53.88
N ALA F 30 16.73 41.86 -53.98
CA ALA F 30 16.56 43.21 -53.47
C ALA F 30 15.54 43.98 -54.31
N VAL F 31 14.68 44.74 -53.64
CA VAL F 31 13.67 45.54 -54.33
C VAL F 31 14.34 46.70 -55.04
N ASP F 32 13.85 47.02 -56.24
CA ASP F 32 14.46 48.05 -57.07
C ASP F 32 13.36 48.67 -57.94
N PHE F 33 13.78 49.44 -58.95
CA PHE F 33 12.83 50.12 -59.82
C PHE F 33 11.99 49.12 -60.61
N ALA F 34 12.63 48.07 -61.13
CA ALA F 34 11.92 47.09 -61.93
C ALA F 34 10.97 46.26 -61.09
N GLU F 35 11.35 45.99 -59.83
CA GLU F 35 10.40 45.40 -58.89
C GLU F 35 9.25 46.35 -58.60
N ARG F 36 9.53 47.65 -58.57
CA ARG F 36 8.55 48.64 -58.16
C ARG F 36 7.54 48.93 -59.24
N HIS F 37 7.92 48.82 -60.51
CA HIS F 37 7.05 49.24 -61.60
C HIS F 37 6.71 48.13 -62.58
N GLY F 38 7.66 47.28 -62.93
CA GLY F 38 7.39 46.24 -63.91
C GLY F 38 7.58 44.83 -63.36
N TYR F 39 8.30 44.01 -64.10
CA TYR F 39 8.64 42.66 -63.65
C TYR F 39 9.95 42.26 -64.28
N ILE F 40 10.64 41.31 -63.64
CA ILE F 40 11.93 40.83 -64.12
C ILE F 40 11.87 39.32 -64.25
N LYS F 41 12.30 38.83 -65.42
CA LYS F 41 12.24 37.42 -65.76
C LYS F 41 13.53 36.72 -65.39
N GLY F 42 13.44 35.78 -64.46
CA GLY F 42 14.58 34.97 -64.09
C GLY F 42 14.29 33.51 -64.38
N ILE F 43 15.34 32.70 -64.31
CA ILE F 43 15.26 31.28 -64.62
C ILE F 43 15.83 30.48 -63.46
N VAL F 44 15.10 29.46 -63.03
CA VAL F 44 15.54 28.60 -61.95
C VAL F 44 16.60 27.65 -62.48
N LYS F 45 17.86 27.92 -62.17
CA LYS F 45 18.95 27.12 -62.72
C LYS F 45 19.03 25.75 -62.04
N ASP F 46 18.88 25.71 -60.73
CA ASP F 46 19.08 24.46 -60.01
C ASP F 46 18.40 24.56 -58.65
N ILE F 47 17.70 23.48 -58.28
CA ILE F 47 17.12 23.33 -56.96
C ILE F 47 18.08 22.52 -56.10
N ILE F 48 18.50 23.10 -54.98
CA ILE F 48 19.55 22.55 -54.14
C ILE F 48 19.03 22.40 -52.71
N HIS F 49 19.18 21.21 -52.15
CA HIS F 49 18.85 20.98 -50.75
C HIS F 49 19.83 21.75 -49.86
N ASP F 50 19.33 22.32 -48.77
CA ASP F 50 20.16 23.06 -47.86
C ASP F 50 20.24 22.35 -46.52
N PRO F 51 21.43 22.03 -46.03
CA PRO F 51 21.54 21.38 -44.72
C PRO F 51 20.99 22.26 -43.62
N GLY F 52 20.37 21.62 -42.64
CA GLY F 52 19.85 22.29 -41.47
C GLY F 52 18.42 22.77 -41.58
N ARG F 53 17.81 22.65 -42.76
CA ARG F 53 16.41 23.01 -42.91
C ARG F 53 15.73 21.99 -43.80
N GLY F 54 14.42 21.90 -43.67
CA GLY F 54 13.66 20.95 -44.45
C GLY F 54 13.24 21.49 -45.80
N ALA F 55 13.25 22.80 -45.95
CA ALA F 55 12.82 23.41 -47.21
C ALA F 55 13.93 23.30 -48.25
N PRO F 56 13.60 23.04 -49.50
CA PRO F 56 14.60 23.14 -50.56
C PRO F 56 14.92 24.61 -50.86
N LEU F 57 16.05 24.82 -51.51
CA LEU F 57 16.47 26.16 -51.91
C LEU F 57 16.59 26.22 -53.43
N ALA F 58 16.04 27.28 -54.02
CA ALA F 58 16.08 27.47 -55.46
C ALA F 58 17.13 28.51 -55.80
N LYS F 59 18.06 28.16 -56.68
CA LYS F 59 19.03 29.09 -57.20
C LYS F 59 18.53 29.62 -58.54
N VAL F 60 18.35 30.93 -58.63
CA VAL F 60 17.76 31.57 -59.80
C VAL F 60 18.76 32.57 -60.36
N VAL F 61 18.87 32.64 -61.67
CA VAL F 61 19.76 33.57 -62.35
C VAL F 61 18.92 34.61 -63.05
N PHE F 62 19.04 35.86 -62.62
CA PHE F 62 18.37 37.01 -63.21
C PHE F 62 19.35 37.76 -64.10
N ARG F 63 18.89 38.88 -64.65
CA ARG F 63 19.73 39.81 -65.37
C ARG F 63 19.76 41.15 -64.66
N ASP F 64 20.95 41.67 -64.43
CA ASP F 64 21.07 42.97 -63.79
C ASP F 64 20.76 44.07 -64.80
N PRO F 65 19.83 44.97 -64.51
CA PRO F 65 19.38 45.93 -65.52
C PRO F 65 20.26 47.15 -65.67
N TYR F 66 21.24 47.37 -64.80
CA TYR F 66 22.06 48.57 -64.86
C TYR F 66 23.47 48.33 -65.38
N ARG F 67 23.98 47.11 -65.29
CA ARG F 67 25.27 46.78 -65.84
C ARG F 67 25.23 45.37 -66.40
N PHE F 68 26.22 45.05 -67.22
CA PHE F 68 26.28 43.78 -67.91
C PHE F 68 26.78 42.72 -66.95
N LYS F 69 25.85 41.96 -66.36
CA LYS F 69 26.20 40.94 -65.39
C LYS F 69 25.00 40.01 -65.19
N LYS F 70 25.26 38.86 -64.59
CA LYS F 70 24.21 37.90 -64.23
C LYS F 70 24.17 37.76 -62.72
N ARG F 71 22.98 37.95 -62.14
CA ARG F 71 22.78 37.91 -60.70
C ARG F 71 22.19 36.57 -60.30
N THR F 72 22.85 35.89 -59.37
CA THR F 72 22.42 34.58 -58.89
C THR F 72 22.01 34.71 -57.42
N GLU F 73 20.78 34.30 -57.11
CA GLU F 73 20.27 34.42 -55.74
C GLU F 73 19.52 33.15 -55.36
N LEU F 74 18.93 33.17 -54.16
CA LEU F 74 18.63 31.95 -53.42
C LEU F 74 17.21 31.96 -52.84
N PHE F 75 16.21 32.18 -53.69
CA PHE F 75 14.82 32.07 -53.26
C PHE F 75 14.56 30.77 -52.53
N ILE F 76 13.64 30.82 -51.56
CA ILE F 76 13.10 29.59 -50.99
C ILE F 76 12.25 28.89 -52.05
N ALA F 77 12.52 27.60 -52.24
CA ALA F 77 11.93 26.85 -53.35
C ALA F 77 10.48 26.51 -53.03
N ALA F 78 9.56 27.16 -53.74
CA ALA F 78 8.15 26.80 -53.64
C ALA F 78 7.90 25.47 -54.35
N GLU F 79 6.88 24.75 -53.90
CA GLU F 79 6.60 23.44 -54.45
C GLU F 79 6.00 23.57 -55.84
N GLY F 80 6.49 22.76 -56.78
CA GLY F 80 6.13 22.87 -58.18
C GLY F 80 7.19 23.55 -59.02
N ILE F 81 8.15 24.22 -58.41
CA ILE F 81 9.22 24.87 -59.13
C ILE F 81 10.17 23.83 -59.68
N HIS F 82 10.48 23.94 -60.97
CA HIS F 82 11.42 23.05 -61.63
C HIS F 82 12.47 23.87 -62.35
N THR F 83 13.59 23.21 -62.68
CA THR F 83 14.64 23.90 -63.41
C THR F 83 14.15 24.30 -64.80
N GLY F 84 14.63 25.44 -65.26
CA GLY F 84 14.22 25.98 -66.53
C GLY F 84 12.91 26.73 -66.52
N GLN F 85 12.16 26.68 -65.42
CA GLN F 85 10.92 27.42 -65.33
C GLN F 85 11.21 28.91 -65.21
N PHE F 86 10.56 29.70 -66.05
CA PHE F 86 10.75 31.15 -66.05
C PHE F 86 9.87 31.77 -64.97
N VAL F 87 10.49 32.20 -63.89
CA VAL F 87 9.79 32.85 -62.78
C VAL F 87 9.94 34.36 -62.94
N TYR F 88 8.90 35.09 -62.57
CA TYR F 88 8.85 36.54 -62.74
C TYR F 88 8.63 37.18 -61.38
N CYS F 89 9.33 38.26 -61.11
CA CYS F 89 9.20 39.00 -59.86
C CYS F 89 8.97 40.47 -60.17
N GLY F 90 7.88 41.02 -59.66
CA GLY F 90 7.61 42.43 -59.85
C GLY F 90 6.17 42.76 -59.54
N LYS F 91 5.89 44.07 -59.60
CA LYS F 91 4.51 44.52 -59.40
C LYS F 91 3.60 44.00 -60.50
N LYS F 92 4.09 43.92 -61.73
CA LYS F 92 3.32 43.40 -62.84
C LYS F 92 3.47 41.89 -63.04
N ALA F 93 3.89 41.16 -62.01
CA ALA F 93 3.93 39.72 -62.12
C ALA F 93 2.51 39.14 -62.15
N GLN F 94 2.41 37.89 -62.59
CA GLN F 94 1.14 37.19 -62.64
C GLN F 94 1.04 36.21 -61.48
N LEU F 95 -0.19 35.74 -61.23
CA LEU F 95 -0.44 34.76 -60.16
C LEU F 95 -0.05 33.37 -60.64
N ASN F 96 1.24 33.09 -60.55
CA ASN F 96 1.79 31.78 -60.86
C ASN F 96 2.57 31.27 -59.65
N ILE F 97 2.65 29.94 -59.54
CA ILE F 97 3.44 29.35 -58.47
C ILE F 97 4.91 29.70 -58.68
N GLY F 98 5.50 30.35 -57.70
CA GLY F 98 6.85 30.85 -57.76
C GLY F 98 6.94 32.34 -58.02
N ASN F 99 5.99 32.91 -58.75
CA ASN F 99 6.03 34.33 -59.05
C ASN F 99 5.92 35.16 -57.77
N VAL F 100 6.69 36.24 -57.74
CA VAL F 100 6.79 37.11 -56.58
C VAL F 100 6.19 38.45 -56.96
N LEU F 101 5.35 38.99 -56.09
CA LEU F 101 4.65 40.24 -56.36
C LEU F 101 4.09 40.75 -55.04
N PRO F 102 3.88 42.07 -54.93
CA PRO F 102 3.36 42.61 -53.66
C PRO F 102 1.97 42.09 -53.34
N VAL F 103 1.71 41.94 -52.05
CA VAL F 103 0.45 41.34 -51.61
C VAL F 103 -0.73 42.24 -51.91
N GLY F 104 -0.48 43.51 -52.25
CA GLY F 104 -1.58 44.37 -52.63
C GLY F 104 -2.21 44.01 -53.95
N THR F 105 -1.47 43.35 -54.83
CA THR F 105 -1.93 43.06 -56.18
C THR F 105 -2.51 41.66 -56.33
N MET F 106 -2.59 40.88 -55.26
CA MET F 106 -3.15 39.54 -55.35
C MET F 106 -4.55 39.50 -54.74
N PRO F 107 -5.42 38.59 -55.19
CA PRO F 107 -6.80 38.55 -54.70
C PRO F 107 -6.92 38.11 -53.26
N GLU F 108 -8.15 38.01 -52.77
CA GLU F 108 -8.40 37.81 -51.34
C GLU F 108 -8.40 36.35 -50.93
N GLY F 109 -8.13 35.42 -51.84
CA GLY F 109 -8.12 34.03 -51.45
C GLY F 109 -6.76 33.38 -51.63
N THR F 110 -5.81 34.13 -52.17
CA THR F 110 -4.50 33.59 -52.49
C THR F 110 -3.71 33.31 -51.22
N ILE F 111 -2.68 32.47 -51.36
CA ILE F 111 -1.76 32.17 -50.27
C ILE F 111 -0.34 32.27 -50.80
N VAL F 112 0.58 32.59 -49.90
CA VAL F 112 1.95 32.91 -50.25
C VAL F 112 2.90 32.10 -49.38
N CYS F 113 4.17 32.13 -49.72
CA CYS F 113 5.19 31.26 -49.15
C CYS F 113 6.24 32.01 -48.35
N CYS F 114 6.93 32.96 -48.97
CA CYS F 114 8.08 33.62 -48.36
C CYS F 114 7.75 35.11 -48.31
N LEU F 115 7.05 35.51 -47.25
CA LEU F 115 6.49 36.85 -47.15
C LEU F 115 7.38 37.73 -46.29
N GLU F 116 7.81 38.86 -46.85
CA GLU F 116 8.59 39.81 -46.08
C GLU F 116 7.68 40.55 -45.11
N GLU F 117 8.10 40.65 -43.85
CA GLU F 117 7.28 41.34 -42.87
C GLU F 117 7.31 42.85 -43.08
N LYS F 118 8.48 43.40 -43.38
CA LYS F 118 8.61 44.82 -43.64
C LYS F 118 8.64 45.05 -45.14
N PRO F 119 8.06 46.13 -45.62
CA PRO F 119 8.14 46.41 -47.07
C PRO F 119 9.50 46.94 -47.46
N GLY F 120 10.42 46.03 -47.80
CA GLY F 120 11.76 46.44 -48.15
C GLY F 120 12.85 45.48 -47.73
N ASP F 121 12.54 44.54 -46.84
CA ASP F 121 13.48 43.48 -46.54
C ASP F 121 13.13 42.26 -47.40
N ARG F 122 13.92 41.21 -47.28
CA ARG F 122 13.68 39.99 -48.02
C ARG F 122 12.74 39.11 -47.20
N GLY F 123 12.56 37.86 -47.63
CA GLY F 123 11.52 37.04 -47.06
C GLY F 123 11.80 36.69 -45.61
N LYS F 124 10.76 36.74 -44.79
CA LYS F 124 10.85 36.46 -43.36
C LYS F 124 9.77 35.54 -42.82
N LEU F 125 8.66 35.35 -43.52
CA LEU F 125 7.48 34.69 -42.98
C LEU F 125 7.18 33.40 -43.73
N ALA F 126 6.70 32.41 -42.98
CA ALA F 126 6.22 31.15 -43.54
C ALA F 126 7.28 30.43 -44.37
N ARG F 127 8.53 30.50 -43.91
CA ARG F 127 9.64 29.94 -44.67
C ARG F 127 9.84 28.46 -44.42
N ALA F 128 9.45 27.96 -43.24
CA ALA F 128 9.66 26.57 -42.91
C ALA F 128 8.81 25.67 -43.79
N SER F 129 9.30 24.44 -43.99
CA SER F 129 8.78 23.55 -45.03
C SER F 129 7.30 23.25 -44.85
N GLY F 130 6.57 23.26 -45.97
CA GLY F 130 5.16 22.95 -45.99
C GLY F 130 4.24 24.09 -45.59
N ASN F 131 4.77 25.19 -45.09
CA ASN F 131 3.97 26.27 -44.53
C ASN F 131 3.60 27.29 -45.58
N TYR F 132 2.65 28.15 -45.22
CA TYR F 132 2.20 29.23 -46.09
C TYR F 132 1.43 30.24 -45.25
N ALA F 133 1.38 31.46 -45.76
CA ALA F 133 0.54 32.51 -45.20
C ALA F 133 -0.67 32.68 -46.11
N THR F 134 -1.71 33.32 -45.58
CA THR F 134 -2.97 33.47 -46.30
C THR F 134 -3.39 34.92 -46.31
N VAL F 135 -3.73 35.43 -47.48
CA VAL F 135 -4.20 36.81 -47.62
C VAL F 135 -5.70 36.83 -47.38
N ILE F 136 -6.15 37.66 -46.44
CA ILE F 136 -7.58 37.72 -46.12
C ILE F 136 -8.22 38.96 -46.72
N SER F 137 -7.78 40.15 -46.31
CA SER F 137 -8.50 41.37 -46.62
C SER F 137 -7.54 42.47 -47.04
N HIS F 138 -8.07 43.41 -47.83
CA HIS F 138 -7.36 44.60 -48.24
C HIS F 138 -8.22 45.82 -48.01
N ASN F 139 -7.57 46.91 -47.63
CA ASN F 139 -8.13 48.24 -47.84
C ASN F 139 -7.11 49.03 -48.64
N PRO F 140 -7.48 49.52 -49.83
CA PRO F 140 -6.50 50.28 -50.62
C PRO F 140 -5.98 51.51 -49.89
N GLU F 141 -6.84 52.16 -49.11
CA GLU F 141 -6.39 53.25 -48.26
C GLU F 141 -5.47 52.71 -47.17
N THR F 142 -4.53 53.54 -46.74
CA THR F 142 -3.52 53.28 -45.71
C THR F 142 -2.57 52.14 -46.10
N LYS F 143 -2.73 51.58 -47.29
CA LYS F 143 -1.84 50.54 -47.84
C LYS F 143 -1.62 49.40 -46.85
N LYS F 144 -2.70 48.89 -46.29
CA LYS F 144 -2.62 47.84 -45.29
C LYS F 144 -3.29 46.57 -45.79
N THR F 145 -2.77 45.44 -45.33
CA THR F 145 -3.18 44.13 -45.80
C THR F 145 -3.24 43.19 -44.62
N ARG F 146 -4.32 42.42 -44.51
CA ARG F 146 -4.48 41.47 -43.44
C ARG F 146 -4.06 40.08 -43.90
N VAL F 147 -3.27 39.41 -43.08
CA VAL F 147 -2.67 38.12 -43.43
C VAL F 147 -2.86 37.16 -42.26
N LYS F 148 -2.87 35.88 -42.58
CA LYS F 148 -2.89 34.80 -41.59
C LYS F 148 -1.55 34.09 -41.62
N LEU F 149 -1.09 33.69 -40.47
CA LEU F 149 0.23 33.11 -40.34
C LEU F 149 0.13 31.61 -40.10
N PRO F 150 1.23 30.87 -40.21
CA PRO F 150 1.18 29.44 -39.93
C PRO F 150 0.69 29.10 -38.53
N SER F 151 0.90 29.98 -37.55
CA SER F 151 0.38 29.73 -36.22
C SER F 151 -1.09 30.08 -36.08
N GLY F 152 -1.71 30.66 -37.12
CA GLY F 152 -3.09 31.06 -37.06
C GLY F 152 -3.32 32.50 -36.66
N SER F 153 -2.28 33.22 -36.28
CA SER F 153 -2.44 34.60 -35.86
C SER F 153 -2.76 35.50 -37.05
N LYS F 154 -3.47 36.59 -36.77
CA LYS F 154 -3.80 37.60 -37.76
C LYS F 154 -2.82 38.75 -37.63
N LYS F 155 -2.37 39.28 -38.76
CA LYS F 155 -1.36 40.33 -38.77
C LYS F 155 -1.66 41.30 -39.90
N VAL F 156 -1.46 42.59 -39.64
CA VAL F 156 -1.55 43.63 -40.66
C VAL F 156 -0.14 43.99 -41.11
N ILE F 157 0.09 43.95 -42.42
CA ILE F 157 1.37 44.35 -43.01
C ILE F 157 1.07 45.30 -44.16
N SER F 158 2.12 45.88 -44.71
CA SER F 158 1.95 46.83 -45.80
C SER F 158 1.52 46.12 -47.08
N SER F 159 0.87 46.88 -47.96
CA SER F 159 0.47 46.35 -49.26
C SER F 159 1.65 46.17 -50.20
N ALA F 160 2.82 46.68 -49.85
CA ALA F 160 4.00 46.60 -50.70
C ALA F 160 4.90 45.45 -50.34
N ASN F 161 4.44 44.50 -49.52
CA ASN F 161 5.26 43.36 -49.17
C ASN F 161 5.24 42.31 -50.26
N ARG F 162 6.40 41.98 -50.80
CA ARG F 162 6.50 40.94 -51.81
C ARG F 162 6.49 39.57 -51.15
N ALA F 163 6.01 38.59 -51.91
CA ALA F 163 5.96 37.22 -51.41
C ALA F 163 5.92 36.26 -52.58
N VAL F 164 6.37 35.04 -52.34
CA VAL F 164 6.34 33.98 -53.35
C VAL F 164 4.98 33.34 -53.31
N VAL F 165 4.32 33.24 -54.46
CA VAL F 165 3.00 32.63 -54.52
C VAL F 165 3.14 31.12 -54.49
N GLY F 166 2.45 30.49 -53.56
CA GLY F 166 2.49 29.05 -53.40
C GLY F 166 2.87 28.65 -51.99
N VAL F 167 3.04 27.34 -51.82
CA VAL F 167 3.52 26.76 -50.57
C VAL F 167 4.97 26.37 -50.74
N VAL F 168 5.72 26.41 -49.64
CA VAL F 168 7.11 25.98 -49.68
C VAL F 168 7.17 24.46 -49.78
N ALA F 169 8.10 23.98 -50.59
CA ALA F 169 8.23 22.55 -50.84
C ALA F 169 8.75 21.83 -49.61
N GLY F 170 8.95 20.53 -49.74
CA GLY F 170 9.28 19.69 -48.62
C GLY F 170 8.09 19.15 -47.88
N GLY F 171 6.87 19.56 -48.25
CA GLY F 171 5.63 19.00 -47.76
C GLY F 171 5.53 18.76 -46.27
N GLY F 172 4.89 17.66 -45.90
CA GLY F 172 4.77 17.28 -44.50
C GLY F 172 5.92 16.41 -44.04
N ARG F 173 7.10 17.01 -43.87
CA ARG F 173 8.27 16.25 -43.44
C ARG F 173 8.06 15.64 -42.07
N ILE F 174 7.44 16.38 -41.15
CA ILE F 174 7.29 15.93 -39.77
C ILE F 174 6.34 14.76 -39.62
N ASP F 175 5.72 14.30 -40.70
CA ASP F 175 4.76 13.21 -40.59
C ASP F 175 5.45 11.87 -40.36
N LYS F 176 6.64 11.69 -40.91
CA LYS F 176 7.36 10.44 -40.70
C LYS F 176 7.97 10.41 -39.31
N PRO F 177 7.61 9.45 -38.46
CA PRO F 177 8.24 9.38 -37.14
C PRO F 177 9.70 8.97 -37.23
N ILE F 178 10.48 9.48 -36.29
CA ILE F 178 11.94 9.37 -36.36
C ILE F 178 12.38 7.92 -36.18
N LEU F 179 11.83 7.25 -35.16
CA LEU F 179 12.04 5.84 -34.83
C LEU F 179 13.41 5.51 -34.27
N LYS F 180 14.34 6.44 -34.27
CA LYS F 180 15.71 6.10 -33.89
C LYS F 180 16.40 7.30 -33.26
N ALA F 181 17.05 7.07 -32.13
CA ALA F 181 17.88 8.12 -31.56
C ALA F 181 19.03 8.49 -32.47
N GLY F 182 19.50 7.54 -33.28
CA GLY F 182 20.64 7.81 -34.14
C GLY F 182 20.31 8.75 -35.27
N ARG F 183 19.19 8.52 -35.94
CA ARG F 183 18.85 9.39 -37.05
C ARG F 183 18.35 10.74 -36.56
N ALA F 184 17.80 10.79 -35.34
CA ALA F 184 17.52 12.09 -34.72
C ALA F 184 18.82 12.79 -34.35
N TYR F 185 19.82 12.03 -33.90
CA TYR F 185 21.14 12.58 -33.64
C TYR F 185 21.72 13.20 -34.89
N HIS F 186 21.63 12.50 -36.00
CA HIS F 186 22.09 13.02 -37.27
C HIS F 186 21.26 14.21 -37.73
N LYS F 187 19.97 14.24 -37.38
CA LYS F 187 19.12 15.36 -37.72
C LYS F 187 19.59 16.65 -37.05
N TYR F 188 19.92 16.57 -35.76
CA TYR F 188 20.38 17.73 -35.02
C TYR F 188 21.87 17.94 -35.13
N LYS F 189 22.60 16.99 -35.70
CA LYS F 189 24.04 17.16 -35.92
C LYS F 189 24.30 18.27 -36.92
N ALA F 190 23.35 18.53 -37.81
CA ALA F 190 23.48 19.57 -38.80
C ALA F 190 22.89 20.90 -38.37
N LYS F 191 22.31 20.99 -37.18
CA LYS F 191 21.68 22.22 -36.73
C LYS F 191 22.46 22.88 -35.60
N ARG F 192 22.64 22.20 -34.47
CA ARG F 192 23.30 22.78 -33.30
C ARG F 192 23.43 21.69 -32.25
N ASN F 193 24.16 22.01 -31.18
CA ASN F 193 24.34 21.12 -30.04
C ASN F 193 23.18 21.32 -29.07
N CYS F 194 22.06 20.65 -29.38
CA CYS F 194 20.92 20.70 -28.49
C CYS F 194 20.15 19.39 -28.36
N TRP F 195 20.61 18.29 -28.96
CA TRP F 195 19.74 17.12 -29.06
C TRP F 195 19.57 16.38 -27.74
N PRO F 196 20.62 15.82 -27.11
CA PRO F 196 20.36 14.98 -25.94
C PRO F 196 19.91 15.83 -24.77
N ARG F 197 18.63 15.73 -24.44
CA ARG F 197 17.99 16.64 -23.50
C ARG F 197 17.82 15.94 -22.18
N VAL F 198 18.67 16.26 -21.23
CA VAL F 198 18.59 15.69 -19.89
C VAL F 198 17.52 16.41 -19.10
N ARG F 199 16.67 15.63 -18.43
CA ARG F 199 15.58 16.19 -17.66
C ARG F 199 16.11 16.87 -16.40
N GLY F 200 15.52 18.01 -16.06
CA GLY F 200 15.95 18.73 -14.87
C GLY F 200 15.75 17.95 -13.59
N VAL F 201 14.73 17.09 -13.56
CA VAL F 201 14.44 16.32 -12.35
C VAL F 201 15.55 15.33 -12.05
N ALA F 202 16.26 14.86 -13.08
CA ALA F 202 17.39 13.96 -12.86
C ALA F 202 18.64 14.69 -12.45
N MET F 203 18.66 16.01 -12.52
CA MET F 203 19.85 16.77 -12.18
C MET F 203 20.00 16.92 -10.68
N ASN F 204 21.17 17.37 -10.26
CA ASN F 204 21.39 17.79 -8.89
C ASN F 204 20.88 19.22 -8.71
N PRO F 205 20.49 19.60 -7.50
CA PRO F 205 19.88 20.92 -7.29
C PRO F 205 20.79 22.08 -7.64
N VAL F 206 22.11 21.87 -7.67
CA VAL F 206 23.01 22.97 -7.96
C VAL F 206 22.89 23.45 -9.40
N GLU F 207 22.50 22.58 -10.34
CA GLU F 207 22.46 22.96 -11.74
C GLU F 207 21.04 23.04 -12.32
N HIS F 208 20.01 22.92 -11.48
CA HIS F 208 18.65 23.06 -11.99
C HIS F 208 17.70 23.41 -10.87
N PRO F 209 16.68 24.23 -11.13
CA PRO F 209 15.64 24.44 -10.09
C PRO F 209 14.89 23.18 -9.74
N PHE F 210 14.74 22.25 -10.68
CA PHE F 210 13.94 21.05 -10.47
C PHE F 210 14.73 19.91 -9.87
N GLY F 211 16.05 20.02 -9.79
CA GLY F 211 16.86 18.88 -9.42
C GLY F 211 16.80 18.55 -7.94
N GLY F 212 17.16 17.32 -7.63
CA GLY F 212 17.31 16.86 -6.26
C GLY F 212 16.08 16.14 -5.74
N GLY F 213 16.21 15.65 -4.52
CA GLY F 213 15.18 14.90 -3.85
C GLY F 213 15.39 13.40 -4.04
N ASN F 214 15.05 12.64 -2.98
CA ASN F 214 15.23 11.20 -3.04
C ASN F 214 14.32 10.53 -4.05
N HIS F 215 13.27 11.21 -4.48
CA HIS F 215 12.45 10.78 -5.61
C HIS F 215 12.63 11.77 -6.74
N GLN F 216 12.64 11.27 -7.97
CA GLN F 216 12.67 12.18 -9.11
C GLN F 216 11.31 12.88 -9.18
N HIS F 217 11.33 14.18 -8.91
CA HIS F 217 10.11 14.98 -8.86
C HIS F 217 10.48 16.45 -8.79
N ILE F 218 9.60 17.29 -9.31
CA ILE F 218 9.86 18.73 -9.33
C ILE F 218 9.78 19.30 -7.92
N GLY F 219 8.64 19.10 -7.25
CA GLY F 219 8.45 19.58 -5.91
C GLY F 219 7.99 21.01 -5.78
N LYS F 220 8.05 21.78 -6.85
CA LYS F 220 7.58 23.16 -6.88
C LYS F 220 6.65 23.31 -8.08
N PRO F 221 5.75 24.29 -8.05
CA PRO F 221 4.84 24.47 -9.19
C PRO F 221 5.61 24.77 -10.47
N SER F 222 5.33 23.98 -11.51
CA SER F 222 6.11 24.10 -12.74
C SER F 222 5.76 25.33 -13.54
N THR F 223 4.54 25.85 -13.42
CA THR F 223 4.18 27.08 -14.10
C THR F 223 4.90 28.25 -13.45
N ILE F 224 5.90 28.79 -14.15
CA ILE F 224 6.77 29.84 -13.62
C ILE F 224 6.42 31.15 -14.30
N ARG F 225 6.36 32.22 -13.51
CA ARG F 225 5.91 33.52 -13.98
C ARG F 225 6.83 34.06 -15.07
N ARG F 226 6.31 35.04 -15.81
CA ARG F 226 7.06 35.63 -16.90
C ARG F 226 8.29 36.36 -16.40
N ASP F 227 8.18 37.08 -15.29
CA ASP F 227 9.27 37.91 -14.79
C ASP F 227 10.16 37.19 -13.79
N ALA F 228 10.28 35.88 -13.89
CA ALA F 228 11.29 35.17 -13.12
C ALA F 228 12.67 35.52 -13.65
N PRO F 229 13.69 35.49 -12.80
CA PRO F 229 15.05 35.72 -13.28
C PRO F 229 15.50 34.59 -14.18
N ALA F 230 16.44 34.91 -15.08
CA ALA F 230 17.06 33.89 -15.90
C ALA F 230 17.80 32.88 -15.02
N GLY F 231 17.62 31.61 -15.31
CA GLY F 231 18.08 30.56 -14.43
C GLY F 231 17.05 30.07 -13.44
N ARG F 232 15.88 30.69 -13.42
CA ARG F 232 14.75 30.26 -12.60
C ARG F 232 13.54 29.89 -13.42
N LYS F 233 13.28 30.59 -14.52
CA LYS F 233 12.10 30.32 -15.34
C LYS F 233 12.36 29.10 -16.21
N VAL F 234 11.96 27.95 -15.69
CA VAL F 234 12.01 26.69 -16.41
C VAL F 234 10.64 26.04 -16.34
N GLY F 235 10.54 24.85 -16.88
CA GLY F 235 9.25 24.17 -16.95
C GLY F 235 8.35 24.84 -17.98
N LEU F 236 7.25 25.42 -17.52
CA LEU F 236 6.30 26.10 -18.38
C LEU F 236 6.35 27.59 -18.08
N ILE F 237 6.63 28.40 -19.10
CA ILE F 237 6.90 29.82 -18.93
C ILE F 237 5.62 30.60 -19.23
N ALA F 238 5.13 31.34 -18.23
CA ALA F 238 3.98 32.22 -18.39
C ALA F 238 2.77 31.48 -18.93
N ALA F 239 2.54 30.29 -18.41
CA ALA F 239 1.51 29.41 -18.96
C ALA F 239 0.13 29.98 -18.72
N ARG F 240 -0.57 30.32 -19.80
CA ARG F 240 -1.97 30.72 -19.69
C ARG F 240 -2.80 29.61 -19.07
N ARG F 241 -2.55 28.38 -19.49
CA ARG F 241 -3.27 27.21 -19.01
C ARG F 241 -2.32 26.04 -19.04
N THR F 242 -2.84 24.87 -18.69
CA THR F 242 -2.10 23.62 -18.83
C THR F 242 -3.10 22.48 -18.79
N GLY F 243 -2.68 21.32 -19.27
CA GLY F 243 -3.57 20.19 -19.28
C GLY F 243 -3.59 19.41 -20.57
N ARG F 244 -4.74 19.37 -21.23
CA ARG F 244 -4.93 18.50 -22.39
C ARG F 244 -5.46 19.20 -23.62
N LEU F 245 -5.95 20.45 -23.50
CA LEU F 245 -6.54 21.19 -24.61
C LEU F 245 -7.73 20.43 -25.20
N ARG F 246 -8.77 20.27 -24.40
CA ARG F 246 -9.99 19.59 -24.79
C ARG F 246 -11.00 20.61 -25.28
N GLY F 247 -11.24 20.64 -26.59
CA GLY F 247 -12.25 21.52 -27.15
C GLY F 247 -11.70 22.55 -28.11
N THR F 248 -10.39 22.76 -28.09
CA THR F 248 -9.76 23.74 -28.98
C THR F 248 -8.32 23.36 -29.28
N SER G 1 32.52 -17.40 22.82
CA SER G 1 31.36 -18.28 22.94
C SER G 1 31.72 -19.70 22.55
N HIS G 2 30.83 -20.63 22.87
CA HIS G 2 31.06 -22.03 22.56
C HIS G 2 30.98 -22.26 21.06
N ARG G 3 31.71 -23.27 20.60
CA ARG G 3 31.61 -23.67 19.20
C ARG G 3 30.22 -24.24 18.94
N LYS G 4 29.63 -23.84 17.81
CA LYS G 4 28.23 -24.12 17.55
C LYS G 4 27.94 -25.61 17.39
N PHE G 5 28.92 -26.41 16.99
CA PHE G 5 28.75 -27.84 16.86
C PHE G 5 29.98 -28.54 17.42
N SER G 6 29.74 -29.59 18.20
CA SER G 6 30.81 -30.34 18.84
C SER G 6 31.50 -31.22 17.81
N ALA G 7 32.77 -31.54 18.06
CA ALA G 7 33.56 -32.36 17.16
C ALA G 7 34.75 -32.95 17.91
N PRO G 8 35.17 -34.17 17.58
CA PRO G 8 36.38 -34.72 18.18
C PRO G 8 37.61 -33.98 17.70
N ARG G 9 38.68 -34.05 18.49
CA ARG G 9 39.91 -33.36 18.15
C ARG G 9 40.74 -34.19 17.17
N HIS G 10 41.18 -33.54 16.09
CA HIS G 10 42.04 -34.21 15.12
C HIS G 10 43.40 -34.50 15.72
N GLY G 11 43.89 -35.71 15.51
CA GLY G 11 45.20 -36.10 16.00
C GLY G 11 45.17 -36.50 17.46
N SER G 12 46.18 -37.26 17.85
CA SER G 12 46.31 -37.77 19.21
C SER G 12 47.33 -36.94 19.99
N LEU G 13 47.07 -36.76 21.27
CA LEU G 13 47.99 -36.05 22.14
C LEU G 13 49.00 -37.01 22.77
N GLY G 14 48.84 -38.31 22.57
CA GLY G 14 49.74 -39.30 23.11
C GLY G 14 51.03 -39.48 22.35
N PHE G 15 51.21 -38.72 21.28
CA PHE G 15 52.46 -38.70 20.52
C PHE G 15 52.88 -37.25 20.26
N LEU G 16 52.83 -36.42 21.30
CA LEU G 16 52.91 -34.97 21.09
C LEU G 16 54.20 -34.47 20.48
N PRO G 17 55.39 -34.90 20.88
CA PRO G 17 56.59 -34.43 20.16
C PRO G 17 56.70 -35.12 18.81
N ARG G 18 56.00 -34.59 17.81
CA ARG G 18 55.98 -35.16 16.48
C ARG G 18 57.26 -34.81 15.74
N LYS G 19 58.39 -35.32 16.22
CA LYS G 19 59.68 -35.01 15.66
C LYS G 19 60.38 -36.29 15.28
N ARG G 20 61.50 -36.15 14.58
CA ARG G 20 62.30 -37.31 14.20
C ARG G 20 62.79 -38.03 15.44
N SER G 21 62.62 -39.34 15.46
CA SER G 21 63.11 -40.14 16.57
C SER G 21 64.62 -40.01 16.68
N SER G 22 65.10 -39.77 17.91
CA SER G 22 66.52 -39.57 18.14
C SER G 22 67.33 -40.81 17.80
N ARG G 23 66.69 -41.97 17.68
CA ARG G 23 67.36 -43.22 17.37
C ARG G 23 66.75 -43.81 16.12
N HIS G 24 67.60 -44.28 15.22
CA HIS G 24 67.13 -44.96 14.02
C HIS G 24 66.66 -46.38 14.30
N ARG G 25 67.11 -46.97 15.41
CA ARG G 25 66.83 -48.37 15.67
C ARG G 25 65.44 -48.58 16.24
N GLY G 26 65.15 -47.99 17.39
CA GLY G 26 63.88 -48.25 18.04
C GLY G 26 64.03 -49.17 19.23
N LYS G 27 63.76 -48.67 20.43
CA LYS G 27 64.04 -49.38 21.65
C LYS G 27 62.76 -49.91 22.28
N VAL G 28 62.92 -50.96 23.07
CA VAL G 28 61.77 -51.72 23.57
C VAL G 28 60.97 -50.89 24.58
N LYS G 29 61.66 -50.28 25.54
CA LYS G 29 61.14 -49.38 26.56
C LYS G 29 60.32 -50.09 27.64
N SER G 30 59.95 -51.35 27.41
CA SER G 30 59.19 -52.11 28.40
C SER G 30 59.31 -53.59 28.03
N PHE G 31 60.02 -54.33 28.83
CA PHE G 31 60.12 -55.76 28.59
C PHE G 31 59.00 -56.47 29.34
N PRO G 32 58.69 -57.72 28.96
CA PRO G 32 57.68 -58.46 29.71
C PRO G 32 58.08 -58.62 31.18
N LYS G 33 57.07 -58.59 32.05
CA LYS G 33 57.31 -58.66 33.48
C LYS G 33 57.94 -60.00 33.85
N ASP G 34 59.01 -59.94 34.63
CA ASP G 34 59.80 -61.12 34.93
C ASP G 34 59.05 -62.07 35.86
N ASP G 35 59.18 -63.37 35.60
CA ASP G 35 58.63 -64.41 36.47
C ASP G 35 59.63 -65.56 36.58
N PRO G 36 60.08 -65.88 37.80
CA PRO G 36 61.02 -67.01 37.95
C PRO G 36 60.44 -68.36 37.57
N SER G 37 59.12 -68.51 37.58
CA SER G 37 58.52 -69.82 37.31
C SER G 37 58.74 -70.25 35.87
N LYS G 38 58.75 -69.28 34.94
CA LYS G 38 59.01 -69.59 33.54
C LYS G 38 60.46 -70.05 33.37
N PRO G 39 60.75 -70.86 32.36
CA PRO G 39 62.14 -71.13 32.00
C PRO G 39 62.81 -69.90 31.41
N VAL G 40 64.15 -69.92 31.42
CA VAL G 40 64.92 -68.80 30.88
C VAL G 40 64.69 -68.71 29.37
N HIS G 41 64.36 -67.51 28.91
CA HIS G 41 64.09 -67.31 27.49
C HIS G 41 64.40 -65.88 27.10
N LEU G 42 64.70 -65.70 25.82
CA LEU G 42 64.88 -64.38 25.24
C LEU G 42 63.52 -63.71 25.08
N THR G 43 63.52 -62.38 25.07
CA THR G 43 62.28 -61.62 24.98
C THR G 43 62.14 -60.80 23.71
N ALA G 44 63.22 -60.56 22.96
CA ALA G 44 63.15 -59.67 21.82
C ALA G 44 64.02 -60.23 20.69
N PHE G 45 63.95 -59.55 19.55
CA PHE G 45 64.73 -59.94 18.38
C PHE G 45 64.77 -58.74 17.42
N LEU G 46 65.70 -58.80 16.47
CA LEU G 46 65.83 -57.77 15.44
C LEU G 46 65.54 -58.35 14.06
N GLY G 47 64.73 -57.63 13.28
CA GLY G 47 64.45 -58.01 11.92
C GLY G 47 64.55 -56.81 11.00
N TYR G 48 64.38 -57.08 9.70
CA TYR G 48 64.48 -56.06 8.68
C TYR G 48 63.32 -56.22 7.71
N LYS G 49 62.59 -55.14 7.47
CA LYS G 49 61.34 -55.19 6.71
C LYS G 49 61.65 -55.48 5.25
N ALA G 50 61.52 -56.74 4.86
CA ALA G 50 61.84 -57.15 3.50
C ALA G 50 60.76 -56.69 2.52
N GLY G 51 59.51 -56.82 2.92
CA GLY G 51 58.42 -56.50 2.02
C GLY G 51 57.11 -56.98 2.61
N MET G 52 56.15 -57.19 1.72
CA MET G 52 54.85 -57.70 2.14
C MET G 52 54.16 -58.35 0.96
N THR G 53 53.16 -59.17 1.27
CA THR G 53 52.41 -59.93 0.26
C THR G 53 51.07 -60.29 0.88
N HIS G 54 50.31 -61.19 0.25
CA HIS G 54 49.03 -61.63 0.79
C HIS G 54 48.98 -63.14 0.82
N ILE G 55 48.12 -63.66 1.69
CA ILE G 55 48.08 -65.08 2.01
C ILE G 55 46.64 -65.57 1.93
N VAL G 56 46.44 -66.72 1.28
CA VAL G 56 45.16 -67.41 1.30
C VAL G 56 45.23 -68.46 2.40
N ARG G 57 44.24 -68.47 3.29
CA ARG G 57 44.21 -69.39 4.41
C ARG G 57 42.76 -69.66 4.81
N GLU G 58 42.60 -70.57 5.77
CA GLU G 58 41.29 -71.03 6.21
C GLU G 58 41.00 -70.47 7.60
N VAL G 59 39.72 -70.29 7.90
CA VAL G 59 39.28 -69.65 9.14
C VAL G 59 38.62 -70.70 10.03
N ASP G 60 38.93 -70.65 11.33
CA ASP G 60 38.32 -71.54 12.31
C ASP G 60 37.69 -70.74 13.43
N ARG G 61 36.88 -69.74 13.07
CA ARG G 61 36.30 -68.81 14.02
C ARG G 61 34.82 -69.10 14.18
N PRO G 62 34.39 -69.74 15.27
CA PRO G 62 32.97 -70.08 15.42
C PRO G 62 32.12 -68.84 15.64
N GLY G 63 30.88 -68.91 15.18
CA GLY G 63 29.95 -67.81 15.29
C GLY G 63 30.14 -66.71 14.27
N SER G 64 31.06 -66.86 13.34
CA SER G 64 31.36 -65.84 12.34
C SER G 64 30.73 -66.18 11.00
N LYS G 65 30.54 -65.14 10.18
CA LYS G 65 30.11 -65.35 8.80
C LYS G 65 31.19 -66.08 8.00
N VAL G 66 32.44 -65.96 8.41
CA VAL G 66 33.56 -66.50 7.68
C VAL G 66 34.08 -67.80 8.30
N ASN G 67 33.30 -68.41 9.18
CA ASN G 67 33.68 -69.70 9.75
C ASN G 67 33.85 -70.73 8.66
N LYS G 68 35.00 -71.42 8.67
CA LYS G 68 35.35 -72.45 7.70
C LYS G 68 35.31 -71.91 6.28
N LYS G 69 35.69 -70.65 6.12
CA LYS G 69 35.73 -70.01 4.81
C LYS G 69 37.11 -69.43 4.57
N GLU G 70 37.48 -69.36 3.30
CA GLU G 70 38.78 -68.84 2.91
C GLU G 70 38.85 -67.34 3.11
N VAL G 71 40.04 -66.85 3.42
CA VAL G 71 40.32 -65.42 3.47
C VAL G 71 41.64 -65.15 2.78
N VAL G 72 41.73 -63.96 2.19
CA VAL G 72 42.98 -63.44 1.65
C VAL G 72 43.38 -62.26 2.53
N GLU G 73 44.49 -62.39 3.23
CA GLU G 73 44.87 -61.44 4.26
C GLU G 73 46.26 -60.89 3.97
N ALA G 74 46.40 -59.57 4.11
CA ALA G 74 47.70 -58.95 3.92
C ALA G 74 48.65 -59.37 5.03
N VAL G 75 49.88 -59.69 4.64
CA VAL G 75 50.94 -60.10 5.56
C VAL G 75 52.20 -59.34 5.17
N THR G 76 53.18 -59.39 6.05
CA THR G 76 54.47 -58.76 5.80
C THR G 76 55.60 -59.73 6.11
N ILE G 77 56.70 -59.55 5.39
CA ILE G 77 57.89 -60.38 5.54
C ILE G 77 58.96 -59.52 6.21
N VAL G 78 59.52 -60.03 7.29
CA VAL G 78 60.62 -59.38 7.99
C VAL G 78 61.75 -60.40 8.13
N GLU G 79 62.87 -60.13 7.47
CA GLU G 79 64.01 -61.05 7.49
C GLU G 79 64.66 -61.02 8.85
N THR G 80 64.85 -62.19 9.44
CA THR G 80 65.34 -62.34 10.81
C THR G 80 66.51 -63.31 10.83
N PRO G 81 67.69 -62.88 10.40
CA PRO G 81 68.86 -63.75 10.49
C PRO G 81 69.25 -63.95 11.95
N PRO G 82 69.92 -65.06 12.27
CA PRO G 82 70.19 -65.38 13.67
C PRO G 82 71.06 -64.34 14.35
N MET G 83 70.87 -64.19 15.65
CA MET G 83 71.61 -63.24 16.45
C MET G 83 73.03 -63.74 16.70
N VAL G 84 73.83 -62.87 17.30
CA VAL G 84 75.15 -63.22 17.83
C VAL G 84 75.26 -62.59 19.21
N VAL G 85 75.15 -63.41 20.25
CA VAL G 85 75.28 -62.93 21.62
C VAL G 85 76.75 -62.61 21.87
N VAL G 86 77.02 -61.39 22.32
CA VAL G 86 78.39 -60.96 22.49
C VAL G 86 78.59 -60.26 23.84
N GLY G 87 77.56 -60.24 24.67
CA GLY G 87 77.69 -59.54 25.94
C GLY G 87 76.60 -59.87 26.92
N ILE G 88 76.89 -59.58 28.19
CA ILE G 88 75.94 -59.67 29.28
C ILE G 88 76.04 -58.41 30.11
N VAL G 89 74.91 -57.79 30.39
CA VAL G 89 74.87 -56.56 31.17
C VAL G 89 73.92 -56.76 32.34
N GLY G 90 74.27 -56.17 33.48
CA GLY G 90 73.47 -56.33 34.66
C GLY G 90 72.90 -55.04 35.19
N TYR G 91 71.66 -55.07 35.66
CA TYR G 91 70.96 -53.90 36.17
C TYR G 91 70.54 -54.16 37.61
N VAL G 92 70.84 -53.21 38.49
CA VAL G 92 70.51 -53.32 39.90
C VAL G 92 69.45 -52.27 40.23
N GLU G 93 68.44 -52.68 40.99
CA GLU G 93 67.33 -51.80 41.32
C GLU G 93 67.77 -50.76 42.35
N THR G 94 67.45 -49.50 42.07
CA THR G 94 67.80 -48.37 42.92
C THR G 94 66.54 -47.58 43.23
N PRO G 95 66.55 -46.79 44.30
CA PRO G 95 65.43 -45.87 44.53
C PRO G 95 65.26 -44.87 43.41
N ARG G 96 66.35 -44.48 42.76
CA ARG G 96 66.31 -43.48 41.70
C ARG G 96 65.97 -44.06 40.34
N GLY G 97 65.76 -45.37 40.25
CA GLY G 97 65.48 -46.00 38.98
C GLY G 97 66.16 -47.34 38.90
N LEU G 98 66.79 -47.59 37.76
CA LEU G 98 67.45 -48.86 37.49
C LEU G 98 68.79 -48.60 36.84
N ARG G 99 69.85 -48.57 37.63
CA ARG G 99 71.16 -48.20 37.13
C ARG G 99 71.89 -49.44 36.63
N THR G 100 72.93 -49.20 35.84
CA THR G 100 73.73 -50.28 35.29
C THR G 100 74.83 -50.65 36.28
N PHE G 101 74.85 -51.92 36.68
CA PHE G 101 75.82 -52.39 37.65
C PHE G 101 77.16 -52.73 37.01
N LYS G 102 77.15 -53.63 36.03
CA LYS G 102 78.39 -54.08 35.41
C LYS G 102 78.06 -54.65 34.04
N THR G 103 79.03 -54.57 33.14
CA THR G 103 78.91 -55.09 31.77
C THR G 103 80.11 -55.95 31.45
N VAL G 104 79.86 -57.14 30.92
CA VAL G 104 80.92 -58.05 30.50
C VAL G 104 80.73 -58.34 29.02
N PHE G 105 81.75 -58.04 28.22
CA PHE G 105 81.75 -58.32 26.80
C PHE G 105 82.50 -59.63 26.55
N ALA G 106 81.94 -60.48 25.71
CA ALA G 106 82.55 -61.75 25.43
C ALA G 106 83.81 -61.57 24.60
N GLU G 107 84.67 -62.58 24.66
CA GLU G 107 85.84 -62.62 23.79
C GLU G 107 85.42 -62.80 22.34
N HIS G 108 86.31 -62.40 21.44
CA HIS G 108 86.21 -62.74 20.01
C HIS G 108 84.91 -62.22 19.40
N ILE G 109 84.70 -60.91 19.50
CA ILE G 109 83.52 -60.31 18.90
C ILE G 109 83.76 -60.12 17.41
N SER G 110 82.68 -60.22 16.65
CA SER G 110 82.77 -60.21 15.19
C SER G 110 83.18 -58.84 14.68
N ASP G 111 83.72 -58.84 13.46
CA ASP G 111 84.17 -57.59 12.85
C ASP G 111 82.98 -56.67 12.57
N GLU G 112 81.84 -57.24 12.18
CA GLU G 112 80.65 -56.43 11.99
C GLU G 112 80.14 -55.87 13.31
N CYS G 113 80.48 -56.50 14.42
CA CYS G 113 80.16 -55.92 15.72
C CYS G 113 81.11 -54.78 16.05
N LYS G 114 82.38 -54.90 15.67
CA LYS G 114 83.34 -53.82 15.87
C LYS G 114 83.02 -52.62 15.00
N ARG G 115 82.38 -52.82 13.85
CA ARG G 115 82.03 -51.70 12.99
C ARG G 115 81.03 -50.76 13.63
N ARG G 116 80.23 -51.24 14.60
CA ARG G 116 79.22 -50.39 15.22
C ARG G 116 79.83 -49.24 16.00
N PHE G 117 80.93 -49.48 16.71
CA PHE G 117 81.47 -48.46 17.60
C PHE G 117 82.16 -47.32 16.87
N TYR G 118 82.23 -47.35 15.54
CA TYR G 118 82.97 -46.37 14.77
C TYR G 118 82.04 -45.60 13.85
N LYS G 119 82.14 -44.28 13.89
CA LYS G 119 81.48 -43.45 12.89
C LYS G 119 82.11 -43.64 11.52
N ASN G 120 83.43 -43.70 11.45
CA ASN G 120 84.16 -43.81 10.19
C ASN G 120 85.05 -45.04 10.28
N TRP G 121 84.58 -46.16 9.73
CA TRP G 121 85.31 -47.41 9.81
C TRP G 121 86.50 -47.44 8.85
N HIS G 122 86.40 -46.72 7.73
CA HIS G 122 87.41 -46.84 6.67
C HIS G 122 88.76 -46.31 7.13
N LYS G 123 88.78 -45.18 7.81
CA LYS G 123 90.00 -44.62 8.39
C LYS G 123 90.32 -45.19 9.76
N SER G 124 89.47 -46.04 10.31
CA SER G 124 89.69 -46.55 11.65
C SER G 124 90.89 -47.50 11.68
N LYS G 125 91.52 -47.57 12.85
CA LYS G 125 92.57 -48.55 13.10
C LYS G 125 92.03 -49.88 13.60
N LYS G 126 90.70 -50.01 13.70
CA LYS G 126 90.04 -51.27 14.07
C LYS G 126 90.50 -51.76 15.43
N LYS G 127 90.66 -50.83 16.37
CA LYS G 127 91.30 -51.11 17.65
C LYS G 127 90.33 -51.36 18.79
N ALA G 128 89.03 -51.39 18.53
CA ALA G 128 88.06 -51.52 19.61
C ALA G 128 88.15 -52.90 20.25
N PHE G 129 88.16 -52.92 21.59
CA PHE G 129 88.14 -54.13 22.40
C PHE G 129 89.35 -55.03 22.19
N THR G 130 90.41 -54.53 21.54
CA THR G 130 91.58 -55.36 21.30
C THR G 130 92.29 -55.67 22.61
N LYS G 131 92.47 -54.66 23.46
CA LYS G 131 93.07 -54.90 24.77
C LYS G 131 92.09 -55.57 25.72
N TYR G 132 90.80 -55.36 25.52
CA TYR G 132 89.79 -55.98 26.38
C TYR G 132 89.80 -57.50 26.24
N CYS G 133 89.95 -58.00 25.01
CA CYS G 133 89.94 -59.45 24.83
C CYS G 133 91.21 -60.09 25.36
N LYS G 134 92.25 -59.30 25.62
CA LYS G 134 93.50 -59.85 26.14
C LYS G 134 93.28 -60.45 27.52
N LYS G 135 92.45 -59.82 28.34
CA LYS G 135 92.24 -60.31 29.70
C LYS G 135 91.29 -61.49 29.77
N TRP G 136 90.77 -61.97 28.65
CA TRP G 136 90.14 -63.27 28.63
C TRP G 136 91.13 -64.42 28.71
N GLN G 137 92.42 -64.14 28.60
CA GLN G 137 93.43 -65.19 28.56
C GLN G 137 94.34 -65.21 29.76
N ASP G 138 94.77 -64.06 30.26
CA ASP G 138 95.62 -64.05 31.44
C ASP G 138 94.83 -64.44 32.68
N GLU G 139 95.57 -64.85 33.72
CA GLU G 139 94.93 -65.25 34.96
C GLU G 139 94.30 -64.06 35.68
N ASP G 140 94.89 -62.87 35.56
CA ASP G 140 94.38 -61.70 36.26
C ASP G 140 93.02 -61.30 35.71
N GLY G 141 92.91 -61.17 34.39
CA GLY G 141 91.64 -60.81 33.79
C GLY G 141 90.58 -61.87 34.00
N LYS G 142 90.98 -63.14 33.95
CA LYS G 142 90.03 -64.21 34.21
C LYS G 142 89.49 -64.15 35.63
N LYS G 143 90.38 -63.90 36.59
CA LYS G 143 89.95 -63.78 37.98
C LYS G 143 89.06 -62.56 38.19
N GLN G 144 89.39 -61.45 37.52
CA GLN G 144 88.53 -60.27 37.60
C GLN G 144 87.17 -60.53 36.98
N LEU G 145 87.14 -61.28 35.87
CA LEU G 145 85.87 -61.67 35.26
C LEU G 145 85.06 -62.54 36.22
N GLU G 146 85.72 -63.45 36.91
CA GLU G 146 85.04 -64.28 37.90
C GLU G 146 84.47 -63.45 39.04
N LYS G 147 85.24 -62.47 39.53
CA LYS G 147 84.73 -61.59 40.57
C LYS G 147 83.53 -60.80 40.08
N ASP G 148 83.59 -60.30 38.85
CA ASP G 148 82.47 -59.52 38.31
C ASP G 148 81.24 -60.40 38.10
N PHE G 149 81.44 -61.64 37.67
CA PHE G 149 80.31 -62.55 37.52
C PHE G 149 79.69 -62.87 38.86
N SER G 150 80.50 -63.08 39.89
CA SER G 150 79.96 -63.29 41.23
C SER G 150 79.23 -62.05 41.72
N SER G 151 79.75 -60.87 41.39
CA SER G 151 79.06 -59.63 41.76
C SER G 151 77.71 -59.53 41.10
N MET G 152 77.61 -59.90 39.81
CA MET G 152 76.32 -59.95 39.14
C MET G 152 75.41 -60.98 39.80
N LYS G 153 75.96 -62.14 40.15
CA LYS G 153 75.16 -63.21 40.73
C LYS G 153 74.54 -62.76 42.05
N LYS G 154 75.33 -62.09 42.90
CA LYS G 154 74.87 -61.71 44.22
C LYS G 154 74.27 -60.31 44.29
N TYR G 155 74.31 -59.55 43.21
CA TYR G 155 73.83 -58.16 43.31
C TYR G 155 72.81 -57.78 42.26
N CYS G 156 72.96 -58.28 41.03
CA CYS G 156 72.07 -57.88 39.95
C CYS G 156 70.66 -58.43 40.16
N GLN G 157 69.67 -57.68 39.69
CA GLN G 157 68.28 -58.14 39.70
C GLN G 157 67.80 -58.56 38.32
N VAL G 158 67.98 -57.71 37.31
CA VAL G 158 67.56 -58.02 35.94
C VAL G 158 68.77 -57.94 35.03
N ILE G 159 68.99 -59.00 34.26
CA ILE G 159 70.13 -59.09 33.34
C ILE G 159 69.61 -59.00 31.92
N ARG G 160 70.44 -58.45 31.04
CA ARG G 160 70.15 -58.38 29.62
C ARG G 160 71.38 -58.84 28.87
N VAL G 161 71.17 -59.37 27.67
CA VAL G 161 72.24 -59.87 26.83
C VAL G 161 72.38 -58.96 25.62
N ILE G 162 73.60 -58.55 25.34
CA ILE G 162 73.87 -57.68 24.19
C ILE G 162 74.11 -58.57 22.98
N ALA G 163 73.31 -58.37 21.93
CA ALA G 163 73.40 -59.18 20.73
C ALA G 163 73.40 -58.28 19.49
N HIS G 164 74.10 -58.72 18.46
CA HIS G 164 74.15 -58.02 17.19
C HIS G 164 73.77 -58.97 16.07
N THR G 165 73.12 -58.42 15.05
CA THR G 165 72.66 -59.21 13.92
C THR G 165 73.85 -59.52 13.00
N GLN G 166 73.56 -60.07 11.83
CA GLN G 166 74.61 -60.46 10.89
C GLN G 166 74.39 -59.73 9.58
N MET G 167 75.10 -58.62 9.39
CA MET G 167 75.03 -57.84 8.16
C MET G 167 75.60 -58.55 6.96
N ARG G 168 76.56 -59.46 7.16
CA ARG G 168 77.17 -60.17 6.05
C ARG G 168 76.22 -61.15 5.38
N LEU G 169 75.07 -61.44 6.01
CA LEU G 169 74.07 -62.31 5.42
C LEU G 169 72.92 -61.56 4.76
N LEU G 170 72.91 -60.24 4.83
CA LEU G 170 71.82 -59.48 4.26
C LEU G 170 72.24 -58.82 2.96
N PRO G 171 71.33 -58.62 2.02
CA PRO G 171 71.68 -57.98 0.75
C PRO G 171 71.77 -56.45 0.83
N LEU G 172 71.71 -55.88 2.02
CA LEU G 172 71.73 -54.43 2.16
C LEU G 172 73.15 -53.91 1.98
N ARG G 173 73.25 -52.60 1.74
CA ARG G 173 74.56 -51.98 1.63
C ARG G 173 75.27 -51.96 2.97
N GLN G 174 74.52 -51.83 4.05
CA GLN G 174 75.10 -51.54 5.36
C GLN G 174 75.76 -52.80 5.92
N LYS G 175 77.04 -52.69 6.28
CA LYS G 175 77.76 -53.76 6.96
C LYS G 175 77.84 -53.55 8.46
N LYS G 176 77.20 -52.51 8.99
CA LYS G 176 77.30 -52.18 10.40
C LYS G 176 76.20 -52.91 11.17
N ALA G 177 76.60 -53.80 12.08
CA ALA G 177 75.63 -54.58 12.84
C ALA G 177 74.90 -53.69 13.84
N HIS G 178 73.69 -54.12 14.20
CA HIS G 178 72.86 -53.42 15.17
C HIS G 178 72.91 -54.14 16.50
N LEU G 179 73.34 -53.43 17.55
CA LEU G 179 73.41 -53.98 18.89
C LEU G 179 72.12 -53.67 19.65
N MET G 180 71.69 -54.62 20.46
CA MET G 180 70.51 -54.42 21.29
C MET G 180 70.61 -55.28 22.55
N GLU G 181 70.25 -54.67 23.68
CA GLU G 181 70.09 -55.42 24.92
C GLU G 181 68.74 -56.12 24.92
N ILE G 182 68.74 -57.44 25.01
CA ILE G 182 67.53 -58.22 25.13
C ILE G 182 67.43 -58.71 26.56
N GLN G 183 66.33 -58.39 27.22
CA GLN G 183 66.14 -58.81 28.60
C GLN G 183 66.00 -60.33 28.67
N VAL G 184 66.50 -60.90 29.76
CA VAL G 184 66.42 -62.33 30.01
C VAL G 184 65.50 -62.53 31.19
N ASN G 185 64.34 -63.14 30.95
CA ASN G 185 63.39 -63.45 32.00
C ASN G 185 63.33 -64.96 32.21
N GLY G 186 62.60 -65.35 33.25
CA GLY G 186 62.32 -66.75 33.47
C GLY G 186 63.27 -67.50 34.37
N GLY G 187 63.47 -67.03 35.58
CA GLY G 187 64.24 -67.79 36.56
C GLY G 187 64.92 -66.88 37.56
N THR G 188 65.88 -67.45 38.27
CA THR G 188 66.70 -66.71 39.20
C THR G 188 67.92 -66.13 38.48
N VAL G 189 68.55 -65.16 39.13
CA VAL G 189 69.66 -64.44 38.52
C VAL G 189 70.82 -65.40 38.21
N ALA G 190 71.04 -66.38 39.08
CA ALA G 190 72.15 -67.30 38.88
C ALA G 190 71.95 -68.15 37.63
N GLU G 191 70.75 -68.72 37.47
CA GLU G 191 70.54 -69.60 36.32
C GLU G 191 70.42 -68.78 35.03
N LYS G 192 69.87 -67.58 35.10
CA LYS G 192 69.87 -66.71 33.93
C LYS G 192 71.29 -66.36 33.51
N LEU G 193 72.14 -66.04 34.48
CA LEU G 193 73.53 -65.74 34.18
C LEU G 193 74.24 -66.95 33.61
N ASP G 194 73.93 -68.15 34.12
CA ASP G 194 74.52 -69.37 33.56
C ASP G 194 74.07 -69.60 32.12
N TRP G 195 72.79 -69.38 31.84
CA TRP G 195 72.29 -69.40 30.47
C TRP G 195 73.07 -68.45 29.59
N ALA G 196 73.22 -67.21 30.05
CA ALA G 196 73.87 -66.19 29.24
C ALA G 196 75.34 -66.51 28.99
N ARG G 197 76.05 -67.00 30.01
CA ARG G 197 77.45 -67.33 29.82
C ARG G 197 77.61 -68.59 28.97
N GLU G 198 76.59 -69.43 28.92
CA GLU G 198 76.62 -70.54 27.96
C GLU G 198 76.51 -70.04 26.54
N ARG G 199 75.76 -68.97 26.32
CA ARG G 199 75.45 -68.53 24.96
C ARG G 199 76.33 -67.39 24.46
N LEU G 200 77.40 -67.05 25.18
CA LEU G 200 78.32 -66.04 24.67
C LEU G 200 79.00 -66.54 23.40
N GLU G 201 79.16 -65.64 22.44
CA GLU G 201 79.76 -65.84 21.12
C GLU G 201 78.92 -66.74 20.22
N GLN G 202 77.81 -67.27 20.70
CA GLN G 202 77.00 -68.22 19.97
C GLN G 202 76.03 -67.50 19.04
N GLN G 203 75.23 -68.28 18.32
CA GLN G 203 74.13 -67.77 17.52
C GLN G 203 72.83 -68.39 18.01
N VAL G 204 71.75 -67.62 17.93
CA VAL G 204 70.42 -68.09 18.32
C VAL G 204 69.48 -67.81 17.16
N PRO G 205 68.79 -68.82 16.62
CA PRO G 205 67.79 -68.57 15.59
C PRO G 205 66.51 -68.01 16.19
N VAL G 206 65.69 -67.43 15.32
CA VAL G 206 64.51 -66.71 15.81
C VAL G 206 63.43 -67.68 16.27
N ASN G 207 63.45 -68.93 15.78
CA ASN G 207 62.45 -69.89 16.22
C ASN G 207 62.69 -70.34 17.65
N GLN G 208 63.86 -70.06 18.21
CA GLN G 208 64.05 -70.25 19.65
C GLN G 208 63.39 -69.17 20.48
N VAL G 209 63.30 -67.95 19.95
CA VAL G 209 62.72 -66.84 20.69
C VAL G 209 61.22 -66.83 20.50
N PHE G 210 60.78 -66.65 19.26
CA PHE G 210 59.36 -66.51 18.96
C PHE G 210 58.82 -67.83 18.40
N GLY G 211 57.66 -68.22 18.93
CA GLY G 211 57.01 -69.45 18.52
C GLY G 211 55.97 -69.22 17.43
N GLN G 212 55.42 -70.33 16.97
CA GLN G 212 54.39 -70.29 15.95
C GLN G 212 53.11 -69.66 16.50
N ASP G 213 52.44 -68.91 15.61
CA ASP G 213 51.10 -68.34 15.79
C ASP G 213 50.81 -67.87 17.21
N GLU G 214 51.74 -67.08 17.74
CA GLU G 214 51.58 -66.44 19.03
C GLU G 214 51.77 -64.94 18.90
N MET G 215 50.88 -64.20 19.53
CA MET G 215 50.75 -62.76 19.32
C MET G 215 51.98 -62.05 19.87
N ILE G 216 52.55 -61.13 19.08
CA ILE G 216 53.77 -60.44 19.44
C ILE G 216 53.61 -58.95 19.12
N ASP G 217 54.68 -58.19 19.37
CA ASP G 217 54.70 -56.74 19.21
C ASP G 217 55.89 -56.32 18.36
N VAL G 218 55.78 -55.16 17.73
CA VAL G 218 56.83 -54.62 16.87
C VAL G 218 57.12 -53.19 17.31
N ILE G 219 58.39 -52.81 17.36
CA ILE G 219 58.79 -51.44 17.65
C ILE G 219 59.75 -51.00 16.56
N GLY G 220 59.48 -49.83 15.98
CA GLY G 220 60.36 -49.33 14.93
C GLY G 220 60.09 -47.87 14.67
N VAL G 221 60.84 -47.33 13.71
CA VAL G 221 60.68 -45.96 13.26
C VAL G 221 59.87 -46.00 11.96
N THR G 222 58.98 -45.03 11.79
CA THR G 222 58.10 -45.01 10.64
C THR G 222 58.78 -44.31 9.46
N LYS G 223 58.10 -44.31 8.32
CA LYS G 223 58.63 -43.64 7.14
C LYS G 223 58.55 -42.13 7.32
N GLY G 224 59.68 -41.46 7.10
CA GLY G 224 59.71 -40.02 7.18
C GLY G 224 59.09 -39.39 5.94
N LYS G 225 58.31 -38.33 6.16
CA LYS G 225 57.67 -37.62 5.07
C LYS G 225 58.00 -36.13 5.06
N GLY G 226 59.03 -35.71 5.80
CA GLY G 226 59.50 -34.35 5.72
C GLY G 226 58.54 -33.35 6.34
N TYR G 227 58.75 -32.09 5.98
CA TYR G 227 57.98 -30.97 6.50
C TYR G 227 56.59 -31.00 5.85
N LYS G 228 55.56 -31.13 6.67
CA LYS G 228 54.20 -31.25 6.14
C LYS G 228 53.30 -30.22 6.80
N GLY G 229 52.32 -29.73 6.03
CA GLY G 229 51.34 -28.83 6.55
C GLY G 229 50.36 -29.54 7.45
N VAL G 230 49.50 -28.74 8.10
CA VAL G 230 48.57 -29.29 9.09
C VAL G 230 47.56 -30.23 8.44
N THR G 231 47.30 -30.06 7.15
CA THR G 231 46.29 -30.87 6.49
C THR G 231 46.72 -32.32 6.35
N SER G 232 48.01 -32.57 6.17
CA SER G 232 48.51 -33.94 6.07
C SER G 232 49.23 -34.41 7.32
N ARG G 233 49.63 -33.48 8.20
CA ARG G 233 50.24 -33.86 9.46
C ARG G 233 49.18 -34.19 10.51
N TRP G 234 48.19 -33.32 10.66
CA TRP G 234 47.15 -33.49 11.66
C TRP G 234 45.78 -33.79 11.06
N HIS G 235 45.68 -33.88 9.74
CA HIS G 235 44.42 -34.18 9.05
C HIS G 235 43.34 -33.16 9.39
N THR G 236 43.73 -31.89 9.39
CA THR G 236 42.76 -30.82 9.63
C THR G 236 41.87 -30.64 8.41
N LYS G 237 40.77 -29.93 8.60
CA LYS G 237 39.83 -29.71 7.50
C LYS G 237 40.37 -28.67 6.53
N LYS G 238 40.34 -28.99 5.25
CA LYS G 238 40.77 -28.03 4.24
C LYS G 238 39.77 -26.88 4.15
N LEU G 239 40.29 -25.67 4.06
CA LEU G 239 39.45 -24.49 3.96
C LEU G 239 38.79 -24.42 2.59
N PRO G 240 37.72 -23.63 2.45
CA PRO G 240 37.04 -23.51 1.15
C PRO G 240 37.96 -22.95 0.07
N ARG G 241 37.51 -23.09 -1.16
CA ARG G 241 38.29 -22.64 -2.31
C ARG G 241 38.52 -21.14 -2.28
N LYS G 242 37.56 -20.38 -1.76
CA LYS G 242 37.58 -18.92 -1.83
C LYS G 242 38.65 -18.28 -0.96
N THR G 243 39.37 -19.04 -0.15
CA THR G 243 40.27 -18.46 0.83
C THR G 243 41.38 -17.67 0.15
N HIS G 244 41.71 -16.52 0.74
CA HIS G 244 42.68 -15.60 0.14
C HIS G 244 44.11 -16.03 0.42
N ARG G 245 44.48 -16.11 1.70
CA ARG G 245 45.85 -16.46 2.06
C ARG G 245 46.17 -17.92 1.82
N GLY G 246 45.18 -18.77 1.63
CA GLY G 246 45.42 -20.18 1.35
C GLY G 246 44.53 -21.10 2.17
N LEU G 247 44.27 -22.28 1.61
CA LEU G 247 43.30 -23.20 2.19
C LEU G 247 43.92 -24.41 2.86
N ARG G 248 45.21 -24.66 2.67
CA ARG G 248 45.84 -25.81 3.31
C ARG G 248 46.46 -25.42 4.66
N LYS G 249 45.67 -24.77 5.50
CA LYS G 249 46.13 -24.33 6.81
C LYS G 249 45.02 -24.56 7.82
N VAL G 250 45.26 -24.13 9.06
CA VAL G 250 44.25 -24.07 10.10
C VAL G 250 43.87 -22.61 10.31
N ALA G 251 42.56 -22.35 10.40
CA ALA G 251 42.08 -20.98 10.32
C ALA G 251 42.36 -20.20 11.59
N CYS G 252 41.80 -20.64 12.71
CA CYS G 252 42.00 -19.99 14.00
C CYS G 252 42.88 -20.87 14.88
N ILE G 253 43.96 -20.29 15.39
CA ILE G 253 44.90 -21.03 16.21
C ILE G 253 44.73 -20.72 17.70
N GLY G 254 43.55 -20.28 18.10
CA GLY G 254 43.25 -20.04 19.50
C GLY G 254 42.51 -18.73 19.71
N ALA G 255 41.82 -18.64 20.84
CA ALA G 255 41.11 -17.43 21.19
C ALA G 255 42.09 -16.35 21.61
N TRP G 256 41.56 -15.16 21.89
CA TRP G 256 42.38 -14.03 22.30
C TRP G 256 42.88 -14.17 23.72
N HIS G 257 42.21 -14.95 24.56
CA HIS G 257 42.82 -15.35 25.80
C HIS G 257 42.77 -16.88 25.82
N PRO G 258 43.83 -17.56 26.26
CA PRO G 258 45.01 -17.10 27.03
C PRO G 258 46.11 -16.33 26.32
N ALA G 259 45.89 -15.72 25.15
CA ALA G 259 46.85 -14.84 24.48
C ALA G 259 48.15 -15.54 24.15
N ARG G 260 48.13 -16.87 24.05
CA ARG G 260 49.29 -17.64 23.64
C ARG G 260 48.81 -18.82 22.82
N VAL G 261 49.65 -19.22 21.86
CA VAL G 261 49.35 -20.40 21.05
C VAL G 261 49.61 -21.61 21.93
N ALA G 262 48.58 -22.41 22.17
CA ALA G 262 48.73 -23.56 23.04
C ALA G 262 49.34 -24.74 22.28
N PHE G 263 49.94 -25.65 23.04
CA PHE G 263 50.50 -26.88 22.51
C PHE G 263 49.46 -27.79 21.89
N SER G 264 48.21 -27.70 22.31
CA SER G 264 47.16 -28.61 21.88
C SER G 264 46.53 -28.21 20.56
N VAL G 265 47.21 -27.41 19.76
CA VAL G 265 46.69 -26.99 18.46
C VAL G 265 47.57 -27.59 17.38
N ALA G 266 47.03 -27.65 16.16
CA ALA G 266 47.73 -28.30 15.07
C ALA G 266 48.58 -27.30 14.31
N ARG G 267 49.90 -27.53 14.29
CA ARG G 267 50.82 -26.64 13.60
C ARG G 267 51.80 -27.46 12.79
N ALA G 268 52.11 -26.96 11.59
CA ALA G 268 52.86 -27.70 10.60
C ALA G 268 54.29 -27.96 11.05
N GLY G 269 54.82 -29.11 10.64
CA GLY G 269 56.16 -29.49 11.00
C GLY G 269 56.47 -30.90 10.50
N GLN G 270 57.52 -31.47 11.07
CA GLN G 270 57.97 -32.80 10.68
C GLN G 270 56.88 -33.83 10.93
N LYS G 271 56.58 -34.65 9.93
CA LYS G 271 55.74 -35.82 10.14
C LYS G 271 56.44 -37.03 9.55
N GLY G 272 56.13 -38.19 10.14
CA GLY G 272 56.84 -39.40 9.79
C GLY G 272 58.18 -39.49 10.48
N TYR G 273 58.86 -40.62 10.32
CA TYR G 273 60.12 -40.90 11.02
C TYR G 273 59.94 -40.76 12.52
N HIS G 274 58.81 -41.24 13.02
CA HIS G 274 58.51 -41.24 14.44
C HIS G 274 58.69 -42.63 15.02
N HIS G 275 59.09 -42.68 16.28
CA HIS G 275 59.24 -43.95 16.97
C HIS G 275 57.87 -44.44 17.43
N ARG G 276 57.51 -45.66 17.04
CA ARG G 276 56.18 -46.20 17.31
C ARG G 276 56.28 -47.64 17.77
N THR G 277 55.26 -48.07 18.50
CA THR G 277 55.17 -49.43 19.02
C THR G 277 53.81 -50.01 18.66
N GLU G 278 53.81 -51.00 17.77
CA GLU G 278 52.59 -51.71 17.41
C GLU G 278 52.46 -52.95 18.29
N ILE G 279 51.31 -53.11 18.92
CA ILE G 279 51.05 -54.27 19.76
C ILE G 279 50.08 -55.18 19.03
N ASN G 280 50.12 -56.46 19.39
CA ASN G 280 49.17 -57.47 18.95
C ASN G 280 49.18 -57.63 17.43
N LYS G 281 50.35 -58.01 16.93
CA LYS G 281 50.55 -58.40 15.54
C LYS G 281 50.86 -59.89 15.53
N LYS G 282 50.09 -60.66 14.76
CA LYS G 282 50.14 -62.10 14.86
C LYS G 282 51.12 -62.71 13.86
N ILE G 283 51.99 -63.57 14.35
CA ILE G 283 52.84 -64.37 13.48
C ILE G 283 52.01 -65.47 12.84
N TYR G 284 52.18 -65.65 11.53
CA TYR G 284 51.55 -66.74 10.81
C TYR G 284 52.51 -67.87 10.44
N LYS G 285 53.80 -67.60 10.31
CA LYS G 285 54.74 -68.63 9.88
C LYS G 285 56.17 -68.23 10.16
N ILE G 286 56.97 -69.19 10.59
CA ILE G 286 58.40 -69.01 10.80
C ILE G 286 59.14 -69.64 9.63
N GLY G 287 59.97 -68.85 8.95
CA GLY G 287 60.68 -69.35 7.79
C GLY G 287 61.79 -70.31 8.19
N GLN G 288 62.35 -70.97 7.18
CA GLN G 288 63.50 -71.84 7.40
C GLN G 288 64.77 -71.33 6.75
N GLY G 289 64.68 -70.31 5.91
CA GLY G 289 65.85 -69.82 5.22
C GLY G 289 66.28 -70.76 4.12
N TYR G 290 67.54 -70.61 3.71
CA TYR G 290 68.11 -71.42 2.65
C TYR G 290 69.09 -72.42 3.26
N LEU G 291 69.02 -73.66 2.78
CA LEU G 291 69.88 -74.73 3.27
C LEU G 291 70.58 -75.37 2.10
N ILE G 292 71.80 -75.84 2.35
CA ILE G 292 72.60 -76.55 1.34
C ILE G 292 72.97 -77.90 1.96
N LYS G 293 72.12 -78.90 1.74
CA LYS G 293 72.46 -80.28 2.09
C LYS G 293 73.04 -81.01 0.89
N ASP G 294 72.27 -81.09 -0.20
CA ASP G 294 72.77 -81.60 -1.47
C ASP G 294 72.60 -80.52 -2.51
N GLY G 295 71.59 -79.65 -2.31
CA GLY G 295 71.35 -78.54 -3.19
C GLY G 295 70.76 -77.37 -2.44
N LYS G 296 70.24 -76.41 -3.20
CA LYS G 296 69.64 -75.22 -2.61
C LYS G 296 68.16 -75.47 -2.36
N LEU G 297 67.78 -75.57 -1.08
CA LEU G 297 66.41 -75.87 -0.71
C LEU G 297 65.62 -74.58 -0.60
N ILE G 298 64.79 -74.32 -1.61
CA ILE G 298 63.89 -73.18 -1.59
C ILE G 298 62.43 -73.59 -1.38
N LYS G 299 62.13 -74.89 -1.37
CA LYS G 299 60.75 -75.34 -1.25
C LYS G 299 60.14 -74.91 0.07
N ASN G 300 60.85 -75.12 1.17
CA ASN G 300 60.28 -75.03 2.51
C ASN G 300 59.88 -73.60 2.89
N ASN G 301 60.33 -72.58 2.17
CA ASN G 301 60.03 -71.20 2.50
C ASN G 301 58.59 -70.81 2.21
N ALA G 302 58.02 -71.25 1.09
CA ALA G 302 56.67 -70.85 0.71
C ALA G 302 55.75 -72.01 0.38
N SER G 303 56.22 -73.25 0.41
CA SER G 303 55.35 -74.39 0.18
C SER G 303 54.61 -74.72 1.46
N THR G 304 53.30 -74.93 1.34
CA THR G 304 52.44 -75.27 2.45
C THR G 304 52.00 -76.73 2.33
N ASP G 305 51.08 -77.13 3.20
CA ASP G 305 50.51 -78.46 3.12
C ASP G 305 49.67 -78.67 1.87
N TYR G 306 49.25 -77.59 1.21
CA TYR G 306 48.40 -77.69 0.04
C TYR G 306 49.09 -77.29 -1.25
N ASP G 307 50.08 -76.40 -1.22
CA ASP G 307 50.78 -76.02 -2.43
C ASP G 307 51.75 -77.10 -2.90
N LEU G 308 52.74 -77.42 -2.06
CA LEU G 308 53.81 -78.37 -2.38
C LEU G 308 54.52 -78.00 -3.67
N SER G 309 54.76 -76.71 -3.88
CA SER G 309 55.55 -76.22 -5.00
C SER G 309 56.95 -75.89 -4.49
N ASP G 310 57.95 -76.14 -5.33
CA ASP G 310 59.35 -75.89 -4.97
C ASP G 310 59.65 -74.41 -5.21
N LYS G 311 59.04 -73.56 -4.38
CA LYS G 311 59.21 -72.12 -4.51
C LYS G 311 59.48 -71.52 -3.14
N SER G 312 60.27 -70.45 -3.14
CA SER G 312 60.61 -69.73 -1.93
C SER G 312 59.66 -68.57 -1.70
N ILE G 313 59.86 -67.89 -0.57
CA ILE G 313 59.04 -66.74 -0.23
C ILE G 313 59.29 -65.54 -1.13
N ASN G 314 60.40 -65.54 -1.86
CA ASN G 314 60.75 -64.38 -2.67
C ASN G 314 59.75 -64.19 -3.81
N PRO G 315 59.28 -62.97 -4.05
CA PRO G 315 58.45 -62.72 -5.22
C PRO G 315 59.27 -62.83 -6.49
N LEU G 316 58.57 -62.97 -7.61
CA LEU G 316 59.24 -63.00 -8.90
C LEU G 316 59.89 -61.65 -9.16
N GLY G 317 61.17 -61.67 -9.50
CA GLY G 317 61.92 -60.44 -9.64
C GLY G 317 62.43 -59.86 -8.35
N GLY G 318 62.32 -60.58 -7.24
CA GLY G 318 62.84 -60.13 -5.97
C GLY G 318 61.93 -59.13 -5.29
N PHE G 319 62.19 -58.95 -4.00
CA PHE G 319 61.45 -57.96 -3.22
C PHE G 319 61.83 -56.57 -3.71
N VAL G 320 60.82 -55.71 -3.88
CA VAL G 320 61.06 -54.39 -4.44
C VAL G 320 61.83 -53.54 -3.45
N HIS G 321 62.92 -52.93 -3.91
CA HIS G 321 63.78 -52.05 -3.12
C HIS G 321 64.40 -52.72 -1.90
N TYR G 322 64.35 -54.04 -1.80
CA TYR G 322 65.02 -54.72 -0.71
C TYR G 322 66.13 -55.64 -1.21
N GLY G 323 65.81 -56.59 -2.07
CA GLY G 323 66.74 -57.62 -2.46
C GLY G 323 66.09 -58.98 -2.38
N GLU G 324 66.90 -60.00 -2.24
CA GLU G 324 66.44 -61.38 -2.10
C GLU G 324 66.73 -61.87 -0.69
N VAL G 325 65.75 -62.48 -0.07
CA VAL G 325 65.88 -62.97 1.30
C VAL G 325 66.33 -64.41 1.29
N THR G 326 67.39 -64.69 2.05
CA THR G 326 67.93 -66.03 2.15
C THR G 326 67.95 -66.61 3.55
N ASN G 327 67.97 -65.78 4.58
CA ASN G 327 68.02 -66.28 5.95
C ASN G 327 66.61 -66.61 6.45
N ASP G 328 66.53 -66.99 7.72
CA ASP G 328 65.24 -67.27 8.34
C ASP G 328 64.42 -65.99 8.40
N PHE G 329 63.14 -66.09 8.04
CA PHE G 329 62.26 -64.93 8.02
C PHE G 329 61.08 -65.16 8.96
N VAL G 330 60.19 -64.18 8.98
CA VAL G 330 59.05 -64.15 9.90
C VAL G 330 57.85 -63.60 9.14
N MET G 331 56.71 -64.29 9.25
CA MET G 331 55.51 -64.02 8.47
C MET G 331 54.52 -63.25 9.35
N LEU G 332 54.77 -61.96 9.53
CA LEU G 332 53.85 -61.20 10.34
C LEU G 332 52.57 -60.89 9.57
N LYS G 333 51.55 -60.45 10.29
CA LYS G 333 50.23 -60.19 9.71
C LYS G 333 49.95 -58.69 9.67
N GLY G 334 49.60 -58.19 8.49
CA GLY G 334 49.23 -56.80 8.36
C GLY G 334 50.43 -55.91 8.14
N CYS G 335 50.18 -54.61 8.17
CA CYS G 335 51.20 -53.60 7.95
C CYS G 335 52.06 -53.42 9.19
N VAL G 336 53.32 -53.05 8.97
CA VAL G 336 54.27 -52.81 10.04
C VAL G 336 55.03 -51.53 9.73
N VAL G 337 55.28 -50.72 10.76
CA VAL G 337 55.92 -49.43 10.57
C VAL G 337 57.28 -49.59 9.89
N GLY G 338 57.69 -48.52 9.21
CA GLY G 338 59.01 -48.47 8.61
C GLY G 338 58.97 -48.67 7.10
N THR G 339 60.10 -48.38 6.48
CA THR G 339 60.27 -48.59 5.05
C THR G 339 60.74 -50.01 4.78
N LYS G 340 61.03 -50.30 3.52
CA LYS G 340 61.79 -51.50 3.22
C LYS G 340 63.18 -51.36 3.82
N LYS G 341 63.81 -52.51 4.09
CA LYS G 341 65.10 -52.61 4.79
C LYS G 341 65.20 -51.67 5.98
N ARG G 342 64.11 -51.53 6.73
CA ARG G 342 64.07 -50.73 7.95
C ARG G 342 64.24 -51.66 9.15
N VAL G 343 65.06 -51.23 10.12
CA VAL G 343 65.31 -52.07 11.28
C VAL G 343 64.08 -52.12 12.16
N LEU G 344 63.60 -53.33 12.42
CA LEU G 344 62.43 -53.56 13.25
C LEU G 344 62.84 -54.40 14.44
N THR G 345 62.15 -54.20 15.55
CA THR G 345 62.37 -55.02 16.74
C THR G 345 61.09 -55.77 17.03
N LEU G 346 61.22 -57.03 17.42
CA LEU G 346 60.09 -57.89 17.72
C LEU G 346 60.16 -58.22 19.21
N ARG G 347 59.06 -58.06 19.92
CA ARG G 347 59.04 -58.27 21.36
C ARG G 347 57.90 -59.18 21.75
N LYS G 348 58.12 -60.01 22.76
CA LYS G 348 57.04 -60.77 23.37
C LYS G 348 55.98 -59.82 23.90
N SER G 349 54.72 -60.22 23.78
CA SER G 349 53.62 -59.40 24.25
C SER G 349 53.70 -59.21 25.76
N LEU G 350 53.54 -57.96 26.20
CA LEU G 350 53.52 -57.69 27.63
C LEU G 350 52.26 -58.20 28.31
N LEU G 351 51.19 -58.44 27.55
CA LEU G 351 49.93 -58.90 28.10
C LEU G 351 49.87 -60.42 28.09
N VAL G 352 48.78 -60.95 28.63
CA VAL G 352 48.52 -62.38 28.65
C VAL G 352 47.36 -62.64 27.69
N GLN G 353 47.59 -63.49 26.70
CA GLN G 353 46.59 -63.73 25.67
C GLN G 353 45.49 -64.63 26.19
N THR G 354 44.25 -64.17 26.11
CA THR G 354 43.09 -64.97 26.49
C THR G 354 41.96 -64.92 25.48
N LYS G 355 41.93 -63.94 24.58
CA LYS G 355 40.84 -63.84 23.62
C LYS G 355 40.96 -64.90 22.53
N ARG G 356 39.84 -65.17 21.88
CA ARG G 356 39.84 -66.10 20.76
C ARG G 356 40.56 -65.54 19.54
N ARG G 357 40.82 -64.23 19.50
CA ARG G 357 41.64 -63.68 18.43
C ARG G 357 43.07 -64.18 18.52
N ALA G 358 43.61 -64.25 19.73
CA ALA G 358 44.85 -64.96 19.97
C ALA G 358 44.55 -66.44 20.09
N LEU G 359 45.54 -67.23 20.52
CA LEU G 359 45.42 -68.69 20.66
C LEU G 359 44.80 -69.34 19.42
N GLU G 360 45.12 -68.81 18.24
CA GLU G 360 44.62 -69.35 16.99
C GLU G 360 45.69 -70.15 16.28
N LYS G 361 45.36 -71.39 15.94
CA LYS G 361 46.25 -72.17 15.09
C LYS G 361 46.17 -71.65 13.66
N ILE G 362 47.32 -71.42 13.05
CA ILE G 362 47.39 -70.85 11.72
C ILE G 362 47.89 -71.94 10.77
N ASP G 363 47.09 -72.22 9.73
CA ASP G 363 47.39 -73.25 8.76
C ASP G 363 47.19 -72.66 7.37
N LEU G 364 48.30 -72.33 6.71
CA LEU G 364 48.25 -71.60 5.45
C LEU G 364 48.00 -72.55 4.28
N LYS G 365 47.16 -72.11 3.35
CA LYS G 365 46.88 -72.87 2.15
C LYS G 365 47.72 -72.41 0.96
N PHE G 366 47.88 -71.11 0.78
CA PHE G 366 48.52 -70.55 -0.40
C PHE G 366 49.35 -69.33 0.00
N ILE G 367 50.52 -69.20 -0.61
CA ILE G 367 51.40 -68.06 -0.36
C ILE G 367 51.71 -67.41 -1.70
N ASP G 368 51.34 -66.15 -1.85
CA ASP G 368 51.49 -65.46 -3.12
C ASP G 368 52.94 -65.07 -3.34
N THR G 369 53.45 -65.37 -4.53
CA THR G 369 54.82 -65.05 -4.91
C THR G 369 54.90 -64.44 -6.30
N THR G 370 53.86 -63.70 -6.70
CA THR G 370 53.91 -63.00 -7.97
C THR G 370 54.77 -61.75 -7.84
N SER G 371 55.07 -61.13 -8.98
CA SER G 371 55.93 -59.97 -8.97
C SER G 371 55.24 -58.79 -8.31
N LYS G 372 55.91 -58.17 -7.36
CA LYS G 372 55.39 -56.94 -6.76
C LYS G 372 55.86 -55.71 -7.51
N PHE G 373 56.82 -55.87 -8.44
CA PHE G 373 57.32 -54.79 -9.26
C PHE G 373 56.42 -54.60 -10.49
N GLY G 374 55.16 -54.29 -10.23
CA GLY G 374 54.14 -54.20 -11.24
C GLY G 374 53.11 -55.30 -11.07
N HIS G 375 52.19 -55.36 -12.03
CA HIS G 375 51.09 -56.32 -11.97
C HIS G 375 51.60 -57.67 -12.44
N GLY G 376 52.15 -58.44 -11.51
CA GLY G 376 52.55 -59.79 -11.82
C GLY G 376 51.35 -60.72 -11.91
N ARG G 377 51.48 -61.73 -12.77
CA ARG G 377 50.44 -62.71 -12.95
C ARG G 377 50.96 -64.15 -12.96
N PHE G 378 52.23 -64.36 -12.62
CA PHE G 378 52.82 -65.69 -12.56
C PHE G 378 53.40 -65.88 -11.17
N GLN G 379 53.24 -67.08 -10.61
CA GLN G 379 53.81 -67.37 -9.31
C GLN G 379 55.31 -67.58 -9.39
N THR G 380 55.77 -68.30 -10.41
CA THR G 380 57.16 -68.72 -10.48
C THR G 380 57.60 -68.76 -11.94
N MET G 381 58.91 -68.83 -12.13
CA MET G 381 59.47 -68.80 -13.49
C MET G 381 59.06 -70.02 -14.29
N GLU G 382 58.98 -71.19 -13.64
CA GLU G 382 58.59 -72.40 -14.36
C GLU G 382 57.18 -72.28 -14.91
N GLU G 383 56.24 -71.80 -14.10
CA GLU G 383 54.88 -71.61 -14.57
C GLU G 383 54.83 -70.62 -15.72
N LYS G 384 55.58 -69.52 -15.61
CA LYS G 384 55.62 -68.54 -16.68
C LYS G 384 56.15 -69.14 -17.97
N LYS G 385 57.27 -69.86 -17.89
CA LYS G 385 57.88 -70.44 -19.08
C LYS G 385 56.96 -71.47 -19.73
N ALA G 386 56.30 -72.29 -18.91
CA ALA G 386 55.34 -73.24 -19.47
C ALA G 386 54.16 -72.51 -20.10
N PHE G 387 53.72 -71.41 -19.50
CA PHE G 387 52.54 -70.71 -19.97
C PHE G 387 52.79 -70.04 -21.31
N MET G 388 53.94 -69.38 -21.47
CA MET G 388 54.16 -68.56 -22.66
C MET G 388 55.13 -69.18 -23.66
N GLY G 389 55.70 -70.35 -23.36
CA GLY G 389 56.47 -71.08 -24.32
C GLY G 389 57.78 -70.41 -24.69
N PRO G 390 58.41 -70.92 -25.75
CA PRO G 390 59.67 -70.32 -26.21
C PRO G 390 59.45 -68.94 -26.81
N LEU G 391 60.47 -68.10 -26.69
CA LEU G 391 60.42 -66.73 -27.14
C LEU G 391 61.54 -66.49 -28.15
N LYS G 392 61.70 -65.23 -28.56
CA LYS G 392 62.74 -64.92 -29.54
C LYS G 392 64.13 -65.00 -28.91
N LYS G 393 64.29 -64.46 -27.70
CA LYS G 393 65.58 -64.54 -27.03
C LYS G 393 65.94 -65.98 -26.72
N ASP G 394 64.96 -66.78 -26.31
CA ASP G 394 65.21 -68.20 -26.11
C ASP G 394 65.50 -68.90 -27.43
N ARG G 395 64.85 -68.46 -28.51
CA ARG G 395 65.10 -69.05 -29.83
C ARG G 395 66.54 -68.82 -30.26
N ILE G 396 67.02 -67.58 -30.16
CA ILE G 396 68.38 -67.29 -30.58
C ILE G 396 69.39 -67.89 -29.59
N ALA G 397 69.04 -67.98 -28.31
CA ALA G 397 69.93 -68.61 -27.35
C ALA G 397 70.10 -70.08 -27.66
N LYS G 398 69.01 -70.78 -27.99
CA LYS G 398 69.10 -72.18 -28.38
C LYS G 398 69.71 -72.32 -29.77
N GLU G 399 69.70 -71.24 -30.56
CA GLU G 399 70.46 -71.24 -31.81
C GLU G 399 71.96 -71.21 -31.54
N GLU G 400 72.39 -70.37 -30.59
CA GLU G 400 73.81 -70.29 -30.27
C GLU G 400 74.34 -71.61 -29.73
N GLY G 401 73.59 -72.24 -28.82
CA GLY G 401 73.97 -73.53 -28.27
C GLY G 401 73.53 -74.72 -29.08
N ALA G 402 72.88 -74.50 -30.22
CA ALA G 402 72.38 -75.56 -31.10
C ALA G 402 71.48 -76.55 -30.36
N MET H 1 85.99 70.74 56.23
CA MET H 1 86.30 70.35 54.86
C MET H 1 85.37 71.05 53.87
N ALA H 2 84.10 71.15 54.23
CA ALA H 2 83.13 71.80 53.36
C ALA H 2 83.38 73.30 53.26
N CYS H 3 83.61 73.95 54.40
CA CYS H 3 83.84 75.38 54.45
C CYS H 3 85.32 75.74 54.34
N ALA H 4 86.21 74.75 54.26
CA ALA H 4 87.63 75.00 54.16
C ALA H 4 88.07 74.66 52.73
N ARG H 5 88.43 75.70 51.98
CA ARG H 5 88.87 75.54 50.60
C ARG H 5 90.33 75.95 50.48
N PRO H 6 91.25 75.00 50.31
CA PRO H 6 92.67 75.36 50.31
C PRO H 6 93.10 76.07 49.04
N LEU H 7 94.39 76.33 48.93
CA LEU H 7 94.96 76.94 47.73
C LEU H 7 95.94 75.97 47.08
N ILE H 8 95.70 75.68 45.81
CA ILE H 8 96.52 74.75 45.03
C ILE H 8 97.56 75.56 44.27
N SER H 9 98.82 75.15 44.38
CA SER H 9 99.89 75.83 43.68
C SER H 9 99.89 75.45 42.21
N VAL H 10 99.90 76.45 41.34
CA VAL H 10 99.99 76.21 39.90
C VAL H 10 101.42 75.81 39.57
N TYR H 11 101.57 74.82 38.71
CA TYR H 11 102.86 74.22 38.42
C TYR H 11 103.30 74.61 37.02
N SER H 12 104.57 74.99 36.89
CA SER H 12 105.09 75.42 35.60
C SER H 12 105.28 74.22 34.68
N GLU H 13 105.82 74.49 33.49
CA GLU H 13 106.12 73.42 32.55
C GLU H 13 107.30 72.58 32.98
N LYS H 14 108.03 73.01 34.01
CA LYS H 14 109.16 72.23 34.51
C LYS H 14 108.78 71.28 35.63
N GLY H 15 107.51 71.27 36.06
CA GLY H 15 107.08 70.41 37.13
C GLY H 15 107.31 70.95 38.52
N GLU H 16 107.76 72.19 38.65
CA GLU H 16 107.96 72.83 39.94
C GLU H 16 107.03 74.02 40.09
N SER H 17 106.73 74.36 41.35
CA SER H 17 105.71 75.37 41.63
C SER H 17 106.15 76.74 41.14
N SER H 18 105.30 77.36 40.32
CA SER H 18 105.59 78.67 39.76
C SER H 18 105.47 79.79 40.78
N GLY H 19 104.82 79.53 41.92
CA GLY H 19 104.58 80.55 42.91
C GLY H 19 103.17 81.10 42.91
N LYS H 20 102.34 80.71 41.93
CA LYS H 20 100.95 81.14 41.89
C LYS H 20 100.08 80.18 42.67
N ASN H 21 99.00 80.68 43.24
CA ASN H 21 98.07 79.89 44.03
C ASN H 21 96.65 80.17 43.58
N VAL H 22 95.85 79.12 43.45
CA VAL H 22 94.45 79.24 43.07
C VAL H 22 93.61 78.60 44.15
N THR H 23 92.59 79.32 44.62
CA THR H 23 91.63 78.74 45.55
C THR H 23 90.95 77.54 44.90
N LEU H 24 90.80 76.47 45.67
CA LEU H 24 90.08 75.31 45.22
C LEU H 24 88.66 75.69 44.83
N PRO H 25 88.22 75.40 43.61
CA PRO H 25 86.81 75.67 43.27
C PRO H 25 85.88 74.85 44.14
N ALA H 26 84.75 75.47 44.49
CA ALA H 26 83.83 74.84 45.43
C ALA H 26 83.21 73.57 44.86
N VAL H 27 83.31 73.34 43.55
CA VAL H 27 82.80 72.11 42.95
C VAL H 27 83.56 70.89 43.47
N PHE H 28 84.75 71.08 44.01
CA PHE H 28 85.58 69.95 44.43
C PHE H 28 85.26 69.46 45.82
N LYS H 29 84.41 70.16 46.57
CA LYS H 29 83.91 69.67 47.85
C LYS H 29 82.47 69.19 47.75
N ALA H 30 81.96 69.01 46.53
CA ALA H 30 80.59 68.59 46.32
C ALA H 30 80.41 67.15 46.81
N PRO H 31 79.17 66.75 47.09
CA PRO H 31 78.92 65.36 47.50
C PRO H 31 79.39 64.37 46.43
N ILE H 32 80.29 63.48 46.83
CA ILE H 32 80.75 62.41 45.95
C ILE H 32 79.65 61.37 45.87
N ARG H 33 79.19 61.09 44.66
CA ARG H 33 77.98 60.30 44.45
C ARG H 33 78.23 59.21 43.42
N PRO H 34 78.77 58.07 43.84
CA PRO H 34 79.01 56.97 42.88
C PRO H 34 77.75 56.45 42.22
N ASP H 35 76.63 56.40 42.93
CA ASP H 35 75.41 55.84 42.35
C ASP H 35 74.82 56.75 41.27
N ILE H 36 74.84 58.06 41.50
CA ILE H 36 74.26 58.97 40.52
C ILE H 36 75.15 59.05 39.29
N VAL H 37 76.47 59.08 39.47
CA VAL H 37 77.33 59.09 38.30
C VAL H 37 77.24 57.76 37.57
N ASN H 38 77.01 56.66 38.28
CA ASN H 38 76.79 55.38 37.62
C ASN H 38 75.51 55.40 36.80
N PHE H 39 74.43 55.95 37.36
CA PHE H 39 73.16 56.04 36.65
C PHE H 39 73.29 56.91 35.40
N VAL H 40 73.95 58.06 35.54
CA VAL H 40 74.14 58.96 34.42
C VAL H 40 75.02 58.32 33.36
N HIS H 41 76.07 57.61 33.77
CA HIS H 41 76.93 56.95 32.81
C HIS H 41 76.19 55.83 32.09
N THR H 42 75.35 55.10 32.82
CA THR H 42 74.56 54.03 32.21
C THR H 42 73.63 54.59 31.14
N ASN H 43 72.86 55.62 31.49
CA ASN H 43 71.88 56.14 30.54
C ASN H 43 72.51 56.99 29.44
N LEU H 44 73.68 57.55 29.68
CA LEU H 44 74.32 58.41 28.68
C LEU H 44 75.15 57.64 27.67
N ARG H 45 75.66 56.46 28.04
CA ARG H 45 76.25 55.59 27.03
C ARG H 45 75.23 55.06 26.04
N LYS H 46 73.95 55.20 26.32
CA LYS H 46 72.93 54.75 25.40
C LYS H 46 72.55 55.79 24.37
N ASN H 47 73.02 57.01 24.50
CA ASN H 47 72.59 58.07 23.60
C ASN H 47 73.46 58.17 22.35
N ASN H 48 74.51 57.36 22.26
CA ASN H 48 75.36 57.32 21.08
C ASN H 48 75.22 56.02 20.32
N ARG H 49 74.28 55.15 20.70
CA ARG H 49 74.14 53.88 20.03
C ARG H 49 73.59 54.05 18.62
N GLN H 50 73.73 53.00 17.83
CA GLN H 50 73.31 52.95 16.45
C GLN H 50 72.33 51.80 16.29
N PRO H 51 71.18 52.02 15.67
CA PRO H 51 70.15 50.98 15.62
C PRO H 51 70.59 49.78 14.81
N TYR H 52 70.33 48.61 15.36
CA TYR H 52 70.54 47.36 14.63
C TYR H 52 69.25 46.58 14.61
N ALA H 53 69.01 45.89 13.50
CA ALA H 53 67.77 45.14 13.34
C ALA H 53 68.01 44.04 12.31
N VAL H 54 66.92 43.37 11.95
CA VAL H 54 66.95 42.36 10.91
C VAL H 54 65.92 42.75 9.86
N SER H 55 66.10 42.21 8.66
CA SER H 55 65.19 42.50 7.56
C SER H 55 63.79 42.03 7.91
N GLU H 56 62.80 42.90 7.65
CA GLU H 56 61.42 42.50 7.86
C GLU H 56 60.96 41.46 6.84
N LEU H 57 61.73 41.28 5.77
CA LEU H 57 61.46 40.26 4.79
C LEU H 57 62.09 38.92 5.15
N ALA H 58 62.93 38.89 6.18
CA ALA H 58 63.70 37.70 6.51
C ALA H 58 62.76 36.59 6.98
N GLY H 59 62.84 35.44 6.33
CA GLY H 59 62.04 34.29 6.69
C GLY H 59 60.62 34.33 6.19
N HIS H 60 60.22 35.38 5.46
CA HIS H 60 58.85 35.53 4.98
C HIS H 60 58.81 35.83 3.49
N GLN H 61 59.58 35.10 2.71
CA GLN H 61 59.52 35.21 1.26
C GLN H 61 59.56 33.82 0.64
N THR H 62 58.78 32.90 1.20
CA THR H 62 58.81 31.50 0.82
C THR H 62 57.48 30.96 0.31
N SER H 63 56.37 31.67 0.55
CA SER H 63 55.03 31.23 0.13
C SER H 63 54.69 29.84 0.65
N ALA H 64 55.25 29.49 1.81
CA ALA H 64 55.04 28.18 2.39
C ALA H 64 53.60 28.03 2.87
N GLU H 65 53.19 26.77 3.04
CA GLU H 65 51.85 26.47 3.53
C GLU H 65 51.89 25.10 4.20
N SER H 66 51.15 24.97 5.29
CA SER H 66 51.11 23.72 6.02
C SER H 66 50.47 22.62 5.18
N TRP H 67 51.08 21.45 5.18
CA TRP H 67 50.55 20.32 4.43
C TRP H 67 49.19 19.90 4.94
N GLY H 68 48.99 19.91 6.25
CA GLY H 68 47.77 19.41 6.84
C GLY H 68 48.05 18.54 8.05
N THR H 69 47.15 17.59 8.34
CA THR H 69 47.26 16.77 9.52
C THR H 69 47.32 15.28 9.24
N GLY H 70 46.95 14.84 8.04
CA GLY H 70 46.92 13.42 7.77
C GLY H 70 48.07 12.92 6.92
N ARG H 71 49.29 13.41 7.20
CA ARG H 71 50.45 12.97 6.44
C ARG H 71 51.61 12.55 7.32
N ALA H 72 51.36 12.28 8.61
CA ALA H 72 52.36 11.77 9.54
C ALA H 72 53.58 12.69 9.65
N VAL H 73 53.38 13.98 9.45
CA VAL H 73 54.42 14.98 9.64
C VAL H 73 53.84 16.13 10.46
N ALA H 74 54.73 16.91 11.06
CA ALA H 74 54.31 18.01 11.89
C ALA H 74 53.55 19.05 11.08
N ARG H 75 52.68 19.80 11.75
CA ARG H 75 51.80 20.75 11.09
C ARG H 75 52.46 22.09 10.81
N ILE H 76 53.79 22.14 10.79
CA ILE H 76 54.55 23.34 10.51
C ILE H 76 54.31 23.73 9.05
N PRO H 77 54.36 25.02 8.69
CA PRO H 77 54.32 25.39 7.27
C PRO H 77 55.49 24.78 6.51
N ARG H 78 55.22 24.36 5.29
CA ARG H 78 56.20 23.66 4.48
C ARG H 78 56.38 24.37 3.14
N VAL H 79 57.61 24.36 2.64
CA VAL H 79 57.91 24.99 1.36
C VAL H 79 57.29 24.18 0.23
N ARG H 80 56.64 24.88 -0.71
CA ARG H 80 55.90 24.22 -1.77
C ARG H 80 56.84 23.85 -2.90
N GLY H 81 56.32 23.14 -3.89
CA GLY H 81 57.09 22.79 -5.06
C GLY H 81 57.78 21.43 -4.93
N GLY H 82 58.73 21.21 -5.82
CA GLY H 82 59.47 19.98 -5.84
C GLY H 82 60.71 20.12 -6.70
N GLY H 83 61.49 19.04 -6.75
CA GLY H 83 62.69 19.02 -7.55
C GLY H 83 63.90 19.63 -6.89
N THR H 84 63.74 20.26 -5.73
CA THR H 84 64.87 20.82 -5.01
C THR H 84 64.85 20.25 -3.60
N HIS H 85 65.99 20.37 -2.93
CA HIS H 85 66.07 19.96 -1.54
C HIS H 85 65.12 20.78 -0.68
N ARG H 86 65.00 22.08 -0.97
CA ARG H 86 64.19 23.01 -0.18
C ARG H 86 62.73 22.63 -0.11
N SER H 87 62.20 21.95 -1.13
CA SER H 87 60.78 21.66 -1.18
C SER H 87 60.40 20.66 -0.09
N GLY H 88 59.60 21.13 0.87
CA GLY H 88 59.09 20.29 1.92
C GLY H 88 59.64 20.57 3.30
N GLN H 89 60.50 21.56 3.47
CA GLN H 89 61.02 21.90 4.78
C GLN H 89 60.18 22.95 5.47
N GLY H 90 60.38 23.06 6.78
CA GLY H 90 59.64 24.02 7.56
C GLY H 90 60.01 25.44 7.22
N ALA H 91 59.05 26.35 7.38
CA ALA H 91 59.26 27.76 7.12
C ALA H 91 58.36 28.56 8.06
N PHE H 92 58.68 29.85 8.19
CA PHE H 92 58.02 30.85 9.03
C PHE H 92 58.16 30.57 10.52
N GLY H 93 58.81 29.49 10.92
CA GLY H 93 58.93 29.14 12.32
C GLY H 93 60.27 29.58 12.87
N ASN H 94 60.27 29.99 14.14
CA ASN H 94 61.52 30.32 14.79
C ASN H 94 62.35 29.07 15.06
N MET H 95 61.68 27.93 15.23
CA MET H 95 62.36 26.66 15.40
C MET H 95 62.81 26.05 14.09
N CYS H 96 62.36 26.58 12.96
CA CYS H 96 62.70 26.04 11.65
C CYS H 96 64.00 26.64 11.14
N ARG H 97 64.81 25.82 10.50
CA ARG H 97 65.98 26.33 9.81
C ARG H 97 65.54 27.13 8.60
N GLY H 98 66.04 28.35 8.48
CA GLY H 98 65.70 29.21 7.38
C GLY H 98 64.47 30.06 7.58
N GLY H 99 63.72 29.85 8.66
CA GLY H 99 62.61 30.72 8.98
C GLY H 99 63.08 31.92 9.78
N ARG H 100 62.14 32.80 10.07
CA ARG H 100 62.44 33.98 10.87
C ARG H 100 62.76 33.54 12.29
N MET H 101 63.58 34.31 13.00
CA MET H 101 63.74 34.09 14.42
C MET H 101 62.56 34.69 15.17
N PHE H 102 62.40 34.25 16.42
CA PHE H 102 61.31 34.73 17.26
C PHE H 102 61.42 36.23 17.48
N ALA H 103 60.31 36.93 17.24
CA ALA H 103 60.16 38.35 17.53
C ALA H 103 61.30 39.16 16.93
N PRO H 104 61.29 39.38 15.61
CA PRO H 104 62.43 40.03 14.95
C PRO H 104 62.73 41.39 15.56
N THR H 105 64.03 41.68 15.69
CA THR H 105 64.46 42.93 16.28
C THR H 105 63.98 44.09 15.43
N LYS H 106 63.44 45.11 16.08
CA LYS H 106 62.84 46.23 15.39
C LYS H 106 63.71 47.46 15.53
N THR H 107 63.67 48.33 14.53
CA THR H 107 64.50 49.52 14.54
C THR H 107 64.06 50.50 15.63
N TRP H 108 62.78 50.47 16.00
CA TRP H 108 62.26 51.35 17.05
C TRP H 108 62.36 50.68 18.42
N ARG H 109 63.60 50.49 18.88
CA ARG H 109 63.85 49.88 20.17
C ARG H 109 63.95 50.92 21.29
N ARG H 110 63.88 52.21 20.97
CA ARG H 110 64.17 53.30 21.91
C ARG H 110 65.58 53.15 22.47
N TRP H 111 66.55 53.25 21.56
CA TRP H 111 67.95 53.17 21.94
C TRP H 111 68.39 54.34 22.80
N HIS H 112 67.67 55.46 22.71
CA HIS H 112 68.09 56.71 23.33
C HIS H 112 67.27 56.97 24.58
N ARG H 113 67.97 57.29 25.67
CA ARG H 113 67.33 57.61 26.94
C ARG H 113 67.66 59.03 27.33
N ARG H 114 66.64 59.79 27.69
CA ARG H 114 66.85 61.14 28.17
C ARG H 114 66.87 61.16 29.69
N VAL H 115 67.67 62.06 30.24
CA VAL H 115 67.82 62.20 31.68
C VAL H 115 67.81 63.69 31.99
N ASN H 116 67.49 64.03 33.23
CA ASN H 116 67.34 65.42 33.60
C ASN H 116 68.69 66.14 33.61
N THR H 117 68.66 67.42 33.27
CA THR H 117 69.88 68.22 33.25
C THR H 117 70.46 68.34 34.65
N THR H 118 69.59 68.37 35.66
CA THR H 118 70.06 68.57 37.02
C THR H 118 70.84 67.35 37.53
N GLN H 119 70.39 66.14 37.22
CA GLN H 119 71.19 64.99 37.62
C GLN H 119 72.50 64.90 36.83
N LYS H 120 72.50 65.36 35.57
CA LYS H 120 73.75 65.37 34.82
C LYS H 120 74.76 66.33 35.45
N ARG H 121 74.30 67.54 35.77
CA ARG H 121 75.19 68.49 36.44
C ARG H 121 75.64 67.96 37.79
N TYR H 122 74.74 67.29 38.51
CA TYR H 122 75.12 66.61 39.74
C TYR H 122 76.22 65.59 39.47
N ALA H 123 76.11 64.85 38.38
CA ALA H 123 77.09 63.82 38.08
C ALA H 123 78.46 64.43 37.81
N ILE H 124 78.51 65.52 37.05
CA ILE H 124 79.80 66.19 36.83
C ILE H 124 80.34 66.76 38.14
N CYS H 125 79.48 67.36 38.97
CA CYS H 125 79.97 67.91 40.23
C CYS H 125 80.54 66.82 41.13
N SER H 126 79.86 65.67 41.18
CA SER H 126 80.34 64.54 41.96
C SER H 126 81.65 64.00 41.39
N ALA H 127 81.75 63.92 40.08
CA ALA H 127 82.95 63.38 39.45
C ALA H 127 84.16 64.27 39.70
N LEU H 128 83.98 65.59 39.53
CA LEU H 128 85.06 66.51 39.79
C LEU H 128 85.44 66.51 41.27
N ALA H 129 84.44 66.48 42.15
CA ALA H 129 84.72 66.50 43.59
C ALA H 129 85.49 65.25 44.00
N ALA H 130 85.21 64.12 43.35
CA ALA H 130 85.88 62.88 43.68
C ALA H 130 87.22 62.72 42.98
N SER H 131 87.49 63.51 41.95
CA SER H 131 88.79 63.45 41.30
C SER H 131 89.86 64.16 42.08
N ALA H 132 89.50 64.84 43.17
CA ALA H 132 90.45 65.54 44.03
C ALA H 132 90.85 64.72 45.24
N LEU H 133 90.44 63.46 45.31
CA LEU H 133 90.81 62.58 46.42
C LEU H 133 91.82 61.55 45.94
N PRO H 134 93.04 61.54 46.48
CA PRO H 134 94.07 60.63 45.94
C PRO H 134 93.71 59.17 46.01
N ALA H 135 92.98 58.75 47.04
CA ALA H 135 92.59 57.35 47.14
C ALA H 135 91.67 56.95 46.00
N LEU H 136 90.72 57.82 45.65
CA LEU H 136 89.74 57.49 44.62
C LEU H 136 90.36 57.46 43.23
N VAL H 137 91.29 58.37 42.97
CA VAL H 137 91.98 58.35 41.69
C VAL H 137 92.95 57.17 41.62
N MET H 138 93.59 56.84 42.74
CA MET H 138 94.52 55.73 42.76
C MET H 138 93.81 54.39 42.66
N SER H 139 92.56 54.31 43.14
CA SER H 139 91.82 53.06 43.04
C SER H 139 91.43 52.77 41.60
N LYS H 140 91.35 53.80 40.76
CA LYS H 140 91.19 53.57 39.33
C LYS H 140 92.52 53.22 38.67
N GLY H 141 93.61 53.19 39.44
CA GLY H 141 94.90 52.76 38.95
C GLY H 141 95.56 53.75 38.02
N HIS H 142 95.55 55.03 38.36
CA HIS H 142 96.10 56.05 37.48
C HIS H 142 97.52 56.44 37.83
N ARG H 143 98.21 55.65 38.65
CA ARG H 143 99.65 55.76 38.89
C ARG H 143 100.05 57.17 39.35
N ILE H 144 99.24 57.75 40.22
CA ILE H 144 99.57 59.05 40.83
C ILE H 144 100.36 58.75 42.09
N GLU H 145 101.67 58.58 41.93
CA GLU H 145 102.53 58.38 43.08
C GLU H 145 103.63 59.42 43.21
N GLU H 146 103.86 60.22 42.17
CA GLU H 146 104.86 61.28 42.21
C GLU H 146 104.29 62.59 41.72
N VAL H 147 102.99 62.67 41.53
CA VAL H 147 102.35 63.94 41.20
C VAL H 147 102.40 64.85 42.43
N PRO H 148 102.88 66.09 42.30
CA PRO H 148 103.07 66.92 43.49
C PRO H 148 101.77 67.40 44.12
N GLU H 149 100.81 67.82 43.31
CA GLU H 149 99.50 68.24 43.80
C GLU H 149 98.43 67.50 43.01
N LEU H 150 97.51 66.85 43.70
CA LEU H 150 96.51 66.05 42.99
C LEU H 150 95.61 66.89 42.09
N PRO H 151 95.07 68.04 42.51
CA PRO H 151 94.49 68.93 41.51
C PRO H 151 95.61 69.58 40.71
N LEU H 152 96.19 68.84 39.79
CA LEU H 152 97.43 69.23 39.14
C LEU H 152 97.14 70.32 38.13
N VAL H 153 97.53 71.55 38.46
CA VAL H 153 97.27 72.70 37.63
C VAL H 153 98.57 73.08 36.94
N VAL H 154 98.48 73.47 35.68
CA VAL H 154 99.63 73.90 34.91
C VAL H 154 99.34 75.28 34.34
N GLU H 155 100.40 76.04 34.11
CA GLU H 155 100.25 77.40 33.62
C GLU H 155 99.64 77.41 32.23
N ASP H 156 99.08 78.57 31.86
CA ASP H 156 98.36 78.71 30.61
C ASP H 156 99.24 78.54 29.38
N LYS H 157 100.56 78.56 29.53
CA LYS H 157 101.46 78.48 28.38
C LYS H 157 101.38 77.13 27.69
N VAL H 158 100.94 76.08 28.39
CA VAL H 158 100.90 74.74 27.81
C VAL H 158 99.92 74.67 26.65
N GLU H 159 98.89 75.53 26.66
CA GLU H 159 97.91 75.51 25.58
C GLU H 159 98.52 75.91 24.24
N GLY H 160 99.60 76.66 24.25
CA GLY H 160 100.28 77.05 23.04
C GLY H 160 101.24 76.01 22.49
N TYR H 161 101.20 74.80 23.02
CA TYR H 161 102.07 73.74 22.52
C TYR H 161 101.69 73.39 21.08
N LYS H 162 102.70 73.03 20.30
CA LYS H 162 102.53 72.67 18.90
C LYS H 162 103.08 71.30 18.58
N LYS H 163 104.17 70.88 19.22
CA LYS H 163 104.80 69.60 18.95
C LYS H 163 104.47 68.60 20.04
N THR H 164 104.65 67.32 19.70
CA THR H 164 104.39 66.27 20.67
C THR H 164 105.58 66.03 21.59
N LYS H 165 106.79 66.38 21.15
CA LYS H 165 107.97 66.17 21.98
C LYS H 165 107.89 67.00 23.25
N GLU H 166 107.45 68.25 23.14
CA GLU H 166 107.28 69.07 24.33
C GLU H 166 106.12 68.58 25.18
N ALA H 167 105.11 67.97 24.57
CA ALA H 167 104.06 67.32 25.33
C ALA H 167 104.62 66.18 26.17
N VAL H 168 105.49 65.37 25.57
CA VAL H 168 106.14 64.28 26.30
C VAL H 168 107.00 64.84 27.43
N LEU H 169 107.73 65.91 27.16
CA LEU H 169 108.53 66.54 28.20
C LEU H 169 107.66 67.04 29.35
N LEU H 170 106.52 67.65 29.03
CA LEU H 170 105.62 68.11 30.09
C LEU H 170 105.08 66.95 30.90
N LEU H 171 104.64 65.88 30.23
CA LEU H 171 104.09 64.75 30.96
C LEU H 171 105.16 64.00 31.73
N LYS H 172 106.42 64.15 31.35
CA LYS H 172 107.50 63.51 32.09
C LYS H 172 107.89 64.34 33.31
N LYS H 173 108.01 65.67 33.14
CA LYS H 173 108.39 66.53 34.25
C LYS H 173 107.29 66.64 35.28
N LEU H 174 106.04 66.41 34.89
CA LEU H 174 104.95 66.34 35.85
C LEU H 174 104.84 64.96 36.50
N LYS H 175 105.80 64.08 36.24
CA LYS H 175 105.82 62.70 36.75
C LYS H 175 104.56 61.95 36.37
N ALA H 176 103.90 62.35 35.29
CA ALA H 176 102.69 61.70 34.80
C ALA H 176 102.97 60.67 33.73
N TRP H 177 104.22 60.50 33.31
CA TRP H 177 104.54 59.57 32.24
C TRP H 177 104.32 58.11 32.62
N ASN H 178 104.33 57.81 33.92
CA ASN H 178 104.15 56.42 34.35
C ASN H 178 102.77 55.90 33.95
N ASP H 179 101.75 56.76 34.02
CA ASP H 179 100.41 56.35 33.62
C ASP H 179 100.36 56.02 32.13
N ILE H 180 101.02 56.83 31.30
CA ILE H 180 101.04 56.55 29.87
C ILE H 180 101.83 55.28 29.58
N LYS H 181 102.91 55.04 30.32
CA LYS H 181 103.63 53.78 30.16
C LYS H 181 102.76 52.61 30.56
N LYS H 182 101.89 52.81 31.55
CA LYS H 182 100.91 51.78 31.88
C LYS H 182 99.92 51.57 30.73
N VAL H 183 99.52 52.66 30.07
CA VAL H 183 98.65 52.56 28.90
C VAL H 183 99.34 51.75 27.80
N TYR H 184 100.62 52.02 27.57
CA TYR H 184 101.38 51.24 26.60
C TYR H 184 101.49 49.77 27.01
N ALA H 185 101.48 49.52 28.32
CA ALA H 185 101.59 48.15 28.81
C ALA H 185 100.33 47.34 28.56
N SER H 186 99.25 47.98 28.13
CA SER H 186 97.97 47.30 27.94
C SER H 186 97.53 47.23 26.49
N GLN H 187 98.38 47.61 25.54
CA GLN H 187 97.99 47.54 24.14
C GLN H 187 97.85 46.09 23.74
N ARG H 188 96.62 45.59 23.68
CA ARG H 188 96.36 44.18 23.48
C ARG H 188 95.13 44.01 22.60
N MET H 189 95.04 42.84 21.97
CA MET H 189 93.89 42.53 21.14
C MET H 189 92.67 42.27 22.00
N ARG H 190 91.49 42.48 21.42
CA ARG H 190 90.26 42.29 22.15
C ARG H 190 89.90 40.81 22.21
N ALA H 191 88.98 40.47 23.11
CA ALA H 191 88.45 39.12 23.22
C ALA H 191 87.03 39.10 22.70
N GLY H 192 86.82 38.47 21.55
CA GLY H 192 85.49 38.19 21.07
C GLY H 192 85.25 38.72 19.69
N LYS H 193 83.97 38.90 19.36
CA LYS H 193 83.55 39.33 18.03
C LYS H 193 83.92 40.78 17.74
N GLY H 194 84.30 41.56 18.75
CA GLY H 194 84.62 42.96 18.52
C GLY H 194 85.83 43.17 17.63
N LYS H 195 86.73 42.18 17.55
CA LYS H 195 87.90 42.32 16.70
C LYS H 195 87.50 42.45 15.24
N MET H 196 86.52 41.66 14.81
CA MET H 196 86.06 41.68 13.43
C MET H 196 84.93 42.68 13.21
N ARG H 197 84.79 43.65 14.11
CA ARG H 197 83.78 44.70 13.99
C ARG H 197 84.37 46.06 14.31
N ASN H 198 85.60 46.29 13.84
CA ASN H 198 86.24 47.60 13.77
C ASN H 198 86.69 48.14 15.13
N ARG H 199 86.34 47.46 16.21
CA ARG H 199 86.94 47.75 17.52
C ARG H 199 88.01 46.70 17.86
N ARG H 200 88.95 46.58 16.92
CA ARG H 200 89.93 45.51 16.96
C ARG H 200 90.86 45.62 18.16
N ARG H 201 91.33 46.82 18.48
CA ARG H 201 92.32 47.04 19.51
C ARG H 201 91.72 47.77 20.70
N ILE H 202 92.09 47.33 21.91
CA ILE H 202 91.63 47.94 23.14
C ILE H 202 92.85 48.40 23.92
N GLN H 203 92.63 49.36 24.82
CA GLN H 203 93.74 49.94 25.57
C GLN H 203 93.23 50.49 26.88
N ARG H 204 94.18 50.91 27.72
CA ARG H 204 93.89 51.46 29.02
C ARG H 204 93.68 52.96 28.95
N ARG H 205 92.74 53.47 29.75
CA ARG H 205 92.51 54.90 29.79
C ARG H 205 93.67 55.62 30.46
N GLY H 206 94.15 56.68 29.83
CA GLY H 206 95.22 57.48 30.38
C GLY H 206 94.68 58.68 31.13
N PRO H 207 95.51 59.68 31.35
CA PRO H 207 95.05 60.90 32.01
C PRO H 207 94.14 61.71 31.13
N CYS H 208 93.36 62.58 31.76
CA CYS H 208 92.50 63.52 31.05
C CYS H 208 93.04 64.92 31.26
N ILE H 209 93.12 65.69 30.18
CA ILE H 209 93.73 67.02 30.22
C ILE H 209 92.66 68.04 29.85
N ILE H 210 92.43 69.00 30.74
CA ILE H 210 91.38 69.99 30.57
C ILE H 210 92.02 71.31 30.22
N TYR H 211 91.62 71.86 29.07
CA TYR H 211 92.12 73.14 28.60
C TYR H 211 90.96 74.13 28.51
N ASN H 212 91.29 75.42 28.58
CA ASN H 212 90.28 76.45 28.38
C ASN H 212 90.12 76.78 26.91
N GLU H 213 91.20 77.24 26.28
CA GLU H 213 91.17 77.70 24.90
C GLU H 213 92.17 76.88 24.10
N ASP H 214 91.77 76.46 22.91
CA ASP H 214 92.64 75.67 22.06
C ASP H 214 93.61 76.58 21.31
N ASN H 215 94.90 76.33 21.50
CA ASN H 215 95.95 77.04 20.79
C ASN H 215 96.96 76.05 20.21
N GLY H 216 96.46 75.00 19.56
CA GLY H 216 97.28 73.90 19.10
C GLY H 216 97.52 72.84 20.13
N ILE H 217 96.91 72.95 21.32
CA ILE H 217 97.19 72.01 22.40
C ILE H 217 96.67 70.62 22.06
N ILE H 218 95.49 70.54 21.42
CA ILE H 218 94.99 69.22 21.04
C ILE H 218 95.87 68.62 19.97
N LYS H 219 96.38 69.43 19.04
CA LYS H 219 97.29 68.92 18.02
C LYS H 219 98.57 68.39 18.64
N ALA H 220 99.17 69.16 19.55
CA ALA H 220 100.40 68.72 20.20
C ALA H 220 100.15 67.47 21.04
N PHE H 221 99.00 67.42 21.71
CA PHE H 221 98.55 66.21 22.39
C PHE H 221 97.89 65.31 21.37
N ARG H 222 97.11 64.34 21.83
CA ARG H 222 96.21 63.46 21.09
C ARG H 222 96.96 62.41 20.28
N ASN H 223 98.28 62.50 20.17
CA ASN H 223 99.04 61.39 19.63
C ASN H 223 99.66 60.54 20.72
N ILE H 224 99.51 60.93 21.97
CA ILE H 224 99.85 60.07 23.10
C ILE H 224 98.64 59.17 23.35
N PRO H 225 98.80 57.85 23.31
CA PRO H 225 97.66 56.97 23.55
C PRO H 225 97.16 57.12 24.98
N GLY H 226 95.86 56.91 25.15
CA GLY H 226 95.27 56.96 26.47
C GLY H 226 94.73 58.33 26.85
N ILE H 227 95.49 59.39 26.58
CA ILE H 227 95.07 60.71 27.01
C ILE H 227 93.87 61.17 26.18
N THR H 228 92.97 61.89 26.82
CA THR H 228 91.86 62.55 26.15
C THR H 228 91.81 64.00 26.63
N LEU H 229 91.57 64.92 25.71
CA LEU H 229 91.50 66.35 26.03
C LEU H 229 90.04 66.77 26.08
N LEU H 230 89.76 67.80 26.87
CA LEU H 230 88.37 68.18 27.11
C LEU H 230 88.31 69.65 27.45
N ASN H 231 87.43 70.38 26.78
CA ASN H 231 87.20 71.78 27.11
C ASN H 231 86.52 71.89 28.46
N VAL H 232 86.90 72.91 29.23
CA VAL H 232 86.32 73.08 30.56
C VAL H 232 84.85 73.45 30.47
N SER H 233 84.43 74.15 29.41
CA SER H 233 83.04 74.56 29.28
C SER H 233 82.13 73.45 28.79
N LYS H 234 82.68 72.32 28.36
CA LYS H 234 81.92 71.23 27.77
C LYS H 234 82.36 69.89 28.35
N LEU H 235 82.43 69.83 29.68
CA LEU H 235 82.85 68.61 30.36
C LEU H 235 81.92 67.45 30.02
N ASN H 236 82.50 66.27 29.87
CA ASN H 236 81.78 65.06 29.48
C ASN H 236 81.90 64.05 30.61
N ILE H 237 80.76 63.63 31.16
CA ILE H 237 80.77 62.64 32.23
C ILE H 237 81.25 61.29 31.71
N LEU H 238 81.06 61.01 30.42
CA LEU H 238 81.57 59.77 29.85
C LEU H 238 83.09 59.74 29.87
N LYS H 239 83.74 60.91 29.94
CA LYS H 239 85.18 61.00 30.06
C LYS H 239 85.63 61.10 31.50
N LEU H 240 85.01 61.97 32.30
CA LEU H 240 85.42 62.12 33.69
C LEU H 240 85.10 60.88 34.52
N ALA H 241 84.06 60.13 34.13
CA ALA H 241 83.75 58.84 34.71
C ALA H 241 83.93 57.82 33.60
N PRO H 242 85.09 57.18 33.51
CA PRO H 242 85.38 56.34 32.34
C PRO H 242 84.42 55.17 32.18
N GLY H 243 84.29 54.34 33.20
CA GLY H 243 83.38 53.21 33.10
C GLY H 243 82.29 53.29 34.15
N GLY H 244 81.86 54.50 34.45
CA GLY H 244 80.98 54.74 35.57
C GLY H 244 81.68 54.79 36.91
N HIS H 245 82.98 54.49 36.94
CA HIS H 245 83.77 54.53 38.16
C HIS H 245 84.50 55.86 38.22
N VAL H 246 84.28 56.61 39.28
CA VAL H 246 84.91 57.92 39.41
C VAL H 246 86.38 57.73 39.80
N GLY H 247 87.18 58.75 39.51
CA GLY H 247 88.60 58.69 39.84
C GLY H 247 89.51 58.91 38.65
N ARG H 248 89.03 59.62 37.65
CA ARG H 248 89.86 59.92 36.48
C ARG H 248 90.94 60.92 36.86
N PHE H 249 92.19 60.60 36.53
CA PHE H 249 93.28 61.54 36.69
C PHE H 249 93.05 62.72 35.76
N CYS H 250 93.21 63.94 36.26
CA CYS H 250 92.93 65.13 35.48
C CYS H 250 94.00 66.18 35.71
N ILE H 251 94.39 66.86 34.63
CA ILE H 251 95.37 67.94 34.67
C ILE H 251 94.71 69.19 34.13
N TRP H 252 94.61 70.22 34.97
CA TRP H 252 93.89 71.43 34.63
C TRP H 252 94.85 72.50 34.15
N THR H 253 94.49 73.18 33.08
CA THR H 253 95.11 74.46 32.78
C THR H 253 94.59 75.50 33.76
N GLU H 254 95.44 76.47 34.09
CA GLU H 254 95.13 77.41 35.17
C GLU H 254 93.86 78.19 34.87
N SER H 255 93.70 78.65 33.63
CA SER H 255 92.51 79.42 33.27
C SER H 255 91.24 78.59 33.42
N ALA H 256 91.28 77.33 32.99
CA ALA H 256 90.13 76.44 33.16
C ALA H 256 89.84 76.18 34.64
N PHE H 257 90.89 75.93 35.42
CA PHE H 257 90.75 75.69 36.84
C PHE H 257 90.14 76.89 37.56
N ARG H 258 90.43 78.10 37.09
CA ARG H 258 89.75 79.27 37.63
C ARG H 258 88.32 79.37 37.11
N LYS H 259 88.10 79.03 35.84
CA LYS H 259 86.77 79.15 35.25
C LYS H 259 85.74 78.25 35.92
N LEU H 260 86.19 77.14 36.52
CA LEU H 260 85.26 76.23 37.18
C LEU H 260 84.36 76.94 38.20
N ASP H 261 84.91 77.94 38.89
CA ASP H 261 84.16 78.67 39.90
C ASP H 261 82.90 79.30 39.32
N GLU H 262 83.04 80.01 38.19
CA GLU H 262 81.86 80.60 37.58
C GLU H 262 81.07 79.61 36.74
N LEU H 263 81.67 78.49 36.36
CA LEU H 263 80.91 77.49 35.61
C LEU H 263 79.88 76.80 36.48
N TYR H 264 80.28 76.36 37.67
CA TYR H 264 79.36 75.61 38.52
C TYR H 264 78.92 76.35 39.76
N GLY H 265 79.45 77.53 40.01
CA GLY H 265 79.05 78.33 41.15
C GLY H 265 79.54 77.78 42.47
N THR H 266 79.73 78.68 43.42
CA THR H 266 80.04 78.33 44.79
C THR H 266 78.72 78.01 45.50
N TRP H 267 78.80 77.41 46.69
CA TRP H 267 77.59 77.32 47.50
C TRP H 267 77.08 78.69 47.91
N ARG H 268 77.92 79.73 47.84
CA ARG H 268 77.51 81.09 48.10
C ARG H 268 77.07 81.84 46.84
N LYS H 269 77.67 81.55 45.69
CA LYS H 269 77.38 82.26 44.45
C LYS H 269 76.71 81.32 43.46
N ALA H 270 75.58 81.76 42.91
CA ALA H 270 74.93 81.01 41.85
C ALA H 270 75.81 80.99 40.61
N ALA H 271 75.67 79.93 39.83
CA ALA H 271 76.52 79.75 38.65
C ALA H 271 76.24 80.85 37.64
N SER H 272 77.29 81.60 37.27
CA SER H 272 77.14 82.73 36.38
C SER H 272 77.19 82.34 34.91
N LEU H 273 77.46 81.08 34.59
CA LEU H 273 77.46 80.62 33.21
C LEU H 273 76.39 79.58 32.95
N LYS H 274 75.46 79.40 33.89
CA LYS H 274 74.39 78.42 33.73
C LYS H 274 73.01 78.95 34.08
N SER H 275 72.91 80.16 34.64
CA SER H 275 71.72 81.00 34.69
C SER H 275 70.63 80.49 35.63
N ASN H 276 70.74 79.26 36.11
CA ASN H 276 69.89 78.79 37.19
C ASN H 276 70.62 77.89 38.18
N TYR H 277 71.80 77.38 37.84
CA TYR H 277 72.39 76.28 38.57
C TYR H 277 73.08 76.76 39.84
N ASN H 278 73.16 75.87 40.82
CA ASN H 278 73.93 76.06 42.03
C ASN H 278 74.44 74.70 42.47
N LEU H 279 75.45 74.70 43.33
CA LEU H 279 75.97 73.45 43.83
C LEU H 279 74.93 72.74 44.70
N PRO H 280 74.87 71.42 44.63
CA PRO H 280 73.92 70.70 45.48
C PRO H 280 74.32 70.70 46.95
N MET H 281 73.36 70.48 47.83
CA MET H 281 73.59 70.52 49.26
C MET H 281 74.17 69.18 49.74
N HIS H 282 74.64 69.18 50.99
CA HIS H 282 75.08 67.96 51.65
C HIS H 282 74.00 67.49 52.60
N LYS H 283 73.77 66.19 52.64
CA LYS H 283 72.96 65.61 53.71
C LYS H 283 73.82 65.00 54.81
N MET H 284 75.13 65.16 54.74
CA MET H 284 76.07 64.65 55.75
C MET H 284 77.28 65.58 55.74
N ILE H 285 77.28 66.55 56.64
CA ILE H 285 78.35 67.55 56.64
C ILE H 285 79.68 66.92 57.02
N ASN H 286 79.77 66.36 58.22
CA ASN H 286 81.02 65.78 58.71
C ASN H 286 80.92 64.26 58.53
N THR H 287 81.44 63.78 57.40
CA THR H 287 81.35 62.37 57.05
C THR H 287 82.35 61.50 57.81
N ASP H 288 83.16 62.07 58.70
CA ASP H 288 84.14 61.30 59.45
C ASP H 288 83.44 60.72 60.68
N LEU H 289 82.97 59.47 60.54
CA LEU H 289 82.22 58.84 61.63
C LEU H 289 83.07 58.63 62.87
N SER H 290 84.37 58.37 62.68
CA SER H 290 85.23 58.12 63.83
C SER H 290 85.29 59.34 64.75
N ARG H 291 85.47 60.53 64.20
CA ARG H 291 85.56 61.71 65.04
C ARG H 291 84.20 62.09 65.60
N ILE H 292 83.12 61.57 65.02
CA ILE H 292 81.80 61.79 65.60
C ILE H 292 81.62 60.90 66.83
N LEU H 293 81.79 59.58 66.66
CA LEU H 293 81.49 58.67 67.75
C LEU H 293 82.49 58.79 68.88
N LYS H 294 83.73 59.14 68.58
CA LYS H 294 84.74 59.30 69.62
C LYS H 294 84.62 60.63 70.36
N SER H 295 83.71 61.50 69.94
CA SER H 295 83.52 62.76 70.64
C SER H 295 82.93 62.49 72.02
N PRO H 296 83.35 63.23 73.05
CA PRO H 296 82.88 62.95 74.42
C PRO H 296 81.39 63.08 74.59
N GLU H 297 80.74 63.97 73.83
CA GLU H 297 79.29 64.11 73.95
C GLU H 297 78.57 62.84 73.50
N ILE H 298 79.07 62.18 72.46
CA ILE H 298 78.52 60.88 72.10
C ILE H 298 78.80 59.86 73.19
N GLN H 299 80.04 59.83 73.68
CA GLN H 299 80.45 58.79 74.62
C GLN H 299 79.72 58.88 75.95
N ARG H 300 79.30 60.09 76.34
CA ARG H 300 78.63 60.25 77.62
C ARG H 300 77.24 59.64 77.59
N ALA H 301 76.58 59.67 76.44
CA ALA H 301 75.20 59.20 76.33
C ALA H 301 75.08 57.70 76.13
N LEU H 302 76.19 56.99 75.98
CA LEU H 302 76.15 55.57 75.69
C LEU H 302 76.12 54.73 76.95
N ARG H 303 75.34 53.66 76.92
CA ARG H 303 75.39 52.67 77.99
C ARG H 303 76.65 51.81 77.84
N ALA H 304 76.96 51.08 78.90
CA ALA H 304 78.17 50.27 78.91
C ALA H 304 78.06 49.15 77.88
N PRO H 305 79.15 48.84 77.18
CA PRO H 305 79.10 47.75 76.20
C PRO H 305 79.09 46.40 76.88
N ARG H 306 78.29 45.49 76.33
CA ARG H 306 78.22 44.12 76.85
C ARG H 306 79.11 43.24 75.98
N LYS H 307 80.42 43.34 76.22
CA LYS H 307 81.42 42.73 75.37
C LYS H 307 81.70 41.27 75.73
N LYS H 308 81.05 40.74 76.75
CA LYS H 308 81.19 39.33 77.11
C LYS H 308 80.05 38.54 76.47
N ILE H 309 80.38 37.39 75.93
CA ILE H 309 79.42 36.57 75.20
C ILE H 309 79.01 35.38 76.05
N HIS H 310 77.72 35.04 75.99
CA HIS H 310 77.15 33.90 76.69
C HIS H 310 76.83 32.82 75.66
N ARG H 311 77.64 31.77 75.63
CA ARG H 311 77.34 30.66 74.73
C ARG H 311 76.34 29.72 75.40
N ARG H 312 76.00 28.64 74.70
CA ARG H 312 74.97 27.73 75.20
C ARG H 312 75.47 26.96 76.40
N VAL H 313 74.69 26.97 77.48
CA VAL H 313 75.03 26.23 78.69
C VAL H 313 74.51 24.81 78.53
N LEU H 314 75.42 23.85 78.57
CA LEU H 314 75.04 22.44 78.48
C LEU H 314 74.30 22.05 79.75
N LYS H 315 73.12 21.45 79.60
CA LYS H 315 72.30 21.13 80.75
C LYS H 315 72.74 19.79 81.33
N LYS H 316 73.65 19.83 82.29
CA LYS H 316 73.98 18.64 83.05
C LYS H 316 72.79 18.27 83.93
N ASN H 317 72.48 16.98 83.97
CA ASN H 317 71.21 16.52 84.50
C ASN H 317 71.15 16.65 86.02
N PRO H 318 70.19 17.36 86.58
CA PRO H 318 69.82 17.13 87.97
C PRO H 318 69.24 15.73 88.10
N LEU H 319 69.30 15.19 89.32
CA LEU H 319 69.04 13.79 89.66
C LEU H 319 70.14 12.86 89.19
N LYS H 320 71.11 13.38 88.45
CA LYS H 320 72.29 12.64 88.05
C LYS H 320 73.59 13.37 88.36
N ASN H 321 73.55 14.67 88.66
CA ASN H 321 74.72 15.48 88.94
C ASN H 321 74.49 16.13 90.31
N LEU H 322 75.37 15.84 91.26
CA LEU H 322 75.13 16.30 92.63
C LEU H 322 75.44 17.78 92.79
N ARG H 323 76.40 18.30 92.04
CA ARG H 323 76.67 19.72 92.16
C ARG H 323 75.59 20.55 91.47
N ILE H 324 74.91 20.00 90.47
CA ILE H 324 73.73 20.67 89.93
C ILE H 324 72.60 20.61 90.94
N MET H 325 72.44 19.48 91.62
CA MET H 325 71.56 19.40 92.78
C MET H 325 71.83 20.55 93.74
N LEU H 326 73.10 20.78 94.05
CA LEU H 326 73.46 21.77 95.04
C LEU H 326 73.28 23.19 94.52
N LYS H 327 73.62 23.43 93.25
CA LYS H 327 73.49 24.77 92.69
C LYS H 327 72.03 25.18 92.58
N LEU H 328 71.18 24.28 92.08
CA LEU H 328 69.77 24.62 91.98
C LEU H 328 69.04 24.55 93.31
N ASN H 329 69.53 23.72 94.24
CA ASN H 329 68.81 23.48 95.50
C ASN H 329 69.80 23.07 96.58
N PRO H 330 70.37 24.04 97.31
CA PRO H 330 71.36 23.69 98.33
C PRO H 330 70.82 22.86 99.48
N TYR H 331 69.50 22.84 99.69
CA TYR H 331 68.93 22.01 100.75
C TYR H 331 69.04 20.53 100.45
N ALA H 332 69.32 20.16 99.20
CA ALA H 332 69.39 18.75 98.84
C ALA H 332 70.58 18.06 99.51
N LYS H 333 71.58 18.82 99.94
CA LYS H 333 72.71 18.20 100.61
C LYS H 333 72.30 17.65 101.97
N THR H 334 71.59 18.44 102.76
CA THR H 334 71.18 17.97 104.07
C THR H 334 70.08 16.92 103.95
N MET H 335 69.19 17.08 102.97
CA MET H 335 68.17 16.06 102.73
C MET H 335 68.80 14.73 102.37
N ARG H 336 69.78 14.74 101.47
CA ARG H 336 70.43 13.50 101.06
C ARG H 336 71.27 12.91 102.20
N ARG H 337 71.96 13.78 102.95
CA ARG H 337 72.75 13.30 104.07
C ARG H 337 71.87 12.65 105.13
N ASN H 338 70.75 13.29 105.46
CA ASN H 338 69.82 12.71 106.41
C ASN H 338 69.26 11.40 105.88
N THR H 339 68.95 11.34 104.59
CA THR H 339 68.40 10.11 104.02
C THR H 339 69.40 8.96 104.10
N ILE H 340 70.66 9.22 103.73
CA ILE H 340 71.64 8.13 103.75
C ILE H 340 71.94 7.71 105.18
N LEU H 341 72.03 8.66 106.11
CA LEU H 341 72.30 8.31 107.49
C LEU H 341 71.12 7.53 108.10
N ARG H 342 69.90 7.96 107.80
CA ARG H 342 68.72 7.26 108.30
C ARG H 342 68.63 5.85 107.73
N GLN H 343 68.91 5.69 106.44
CA GLN H 343 68.84 4.38 105.83
C GLN H 343 69.92 3.46 106.40
N ALA H 344 71.13 3.98 106.61
CA ALA H 344 72.17 3.18 107.25
C ALA H 344 71.79 2.80 108.67
N ARG H 345 71.20 3.73 109.42
CA ARG H 345 70.79 3.44 110.79
C ARG H 345 69.72 2.36 110.81
N ASN H 346 68.72 2.48 109.94
CA ASN H 346 67.64 1.50 109.89
C ASN H 346 68.16 0.15 109.44
N HIS H 347 69.09 0.13 108.48
CA HIS H 347 69.69 -1.13 108.05
C HIS H 347 70.43 -1.80 109.20
N LYS H 348 71.21 -1.03 109.95
CA LYS H 348 71.91 -1.59 111.10
C LYS H 348 70.93 -2.11 112.14
N LEU H 349 69.85 -1.37 112.38
CA LEU H 349 68.86 -1.81 113.36
C LEU H 349 68.18 -3.11 112.93
N ARG H 350 67.81 -3.21 111.66
CA ARG H 350 67.15 -4.42 111.19
C ARG H 350 68.11 -5.61 111.21
N VAL H 351 69.37 -5.40 110.83
CA VAL H 351 70.34 -6.48 110.88
C VAL H 351 70.59 -6.91 112.32
N ASP H 352 70.68 -5.96 113.25
CA ASP H 352 70.90 -6.31 114.65
C ASP H 352 69.72 -7.08 115.21
N LYS H 353 68.49 -6.66 114.89
CA LYS H 353 67.32 -7.37 115.38
C LYS H 353 67.24 -8.77 114.78
N ALA H 354 67.58 -8.91 113.50
CA ALA H 354 67.60 -10.23 112.87
C ALA H 354 68.66 -11.13 113.51
N ALA H 355 69.84 -10.57 113.81
CA ALA H 355 70.89 -11.35 114.45
C ALA H 355 70.47 -11.74 115.87
N ALA H 356 69.78 -10.84 116.57
CA ALA H 356 69.27 -11.17 117.89
C ALA H 356 68.23 -12.27 117.81
N ALA H 357 67.38 -12.24 116.78
CA ALA H 357 66.41 -13.31 116.58
C ALA H 357 67.11 -14.64 116.30
N ALA H 358 68.16 -14.60 115.48
CA ALA H 358 68.92 -15.81 115.21
C ALA H 358 69.58 -16.36 116.47
N ALA H 359 70.13 -15.46 117.29
CA ALA H 359 70.74 -15.88 118.55
C ALA H 359 69.71 -16.45 119.51
N ALA H 360 68.51 -15.88 119.52
CA ALA H 360 67.42 -16.42 120.34
C ALA H 360 67.02 -17.81 119.84
N LEU H 361 66.97 -17.99 118.52
CA LEU H 361 66.70 -19.31 117.96
C LEU H 361 67.77 -20.31 118.38
N GLN H 362 69.03 -19.90 118.35
CA GLN H 362 70.11 -20.83 118.70
C GLN H 362 70.12 -21.13 120.19
N ALA H 363 69.78 -20.15 121.02
CA ALA H 363 69.73 -20.36 122.45
C ALA H 363 68.55 -21.25 122.84
N LYS H 364 67.41 -21.10 122.16
CA LYS H 364 66.26 -21.95 122.43
C LYS H 364 66.30 -23.28 121.69
N SER H 365 67.27 -23.47 120.78
CA SER H 365 67.46 -24.76 120.15
C SER H 365 68.52 -25.60 120.86
N ASP H 366 69.56 -24.97 121.37
CA ASP H 366 70.64 -25.63 122.11
C ASP H 366 70.65 -25.17 123.55
N GLU H 367 69.47 -25.10 124.16
CA GLU H 367 69.35 -24.73 125.57
C GLU H 367 70.03 -25.73 126.50
N LYS H 368 70.19 -26.99 126.05
CA LYS H 368 70.81 -28.06 126.82
C LYS H 368 70.11 -28.27 128.18
N GLY I 1 -27.72 11.46 73.29
CA GLY I 1 -27.35 12.50 72.34
C GLY I 1 -26.88 11.93 71.01
N PHE I 2 -27.10 12.69 69.94
CA PHE I 2 -26.78 12.24 68.60
C PHE I 2 -25.93 13.23 67.81
N VAL I 3 -25.76 14.44 68.30
CA VAL I 3 -24.89 15.43 67.67
C VAL I 3 -23.55 15.38 68.37
N LYS I 4 -22.47 15.50 67.59
CA LYS I 4 -21.13 15.57 68.16
C LYS I 4 -21.04 16.72 69.15
N VAL I 5 -20.77 16.38 70.41
CA VAL I 5 -20.77 17.39 71.47
C VAL I 5 -19.58 18.32 71.24
N VAL I 6 -19.89 19.61 71.03
CA VAL I 6 -18.87 20.57 70.62
C VAL I 6 -17.91 20.86 71.76
N LYS I 7 -18.40 20.93 72.99
CA LYS I 7 -17.56 21.28 74.13
C LYS I 7 -17.08 20.03 74.86
N ASN I 8 -16.32 19.21 74.12
CA ASN I 8 -15.73 18.01 74.69
C ASN I 8 -14.40 18.36 75.33
N LYS I 9 -13.62 17.32 75.68
CA LYS I 9 -12.31 17.53 76.28
C LYS I 9 -11.36 18.24 75.31
N ALA I 10 -11.39 17.85 74.03
CA ALA I 10 -10.45 18.41 73.07
C ALA I 10 -10.70 19.90 72.87
N TYR I 11 -11.97 20.31 72.85
CA TYR I 11 -12.29 21.73 72.70
C TYR I 11 -11.71 22.56 73.85
N PHE I 12 -11.82 22.05 75.08
CA PHE I 12 -11.26 22.77 76.21
C PHE I 12 -9.75 22.66 76.28
N LYS I 13 -9.15 21.66 75.64
CA LYS I 13 -7.70 21.62 75.59
C LYS I 13 -7.15 22.69 74.65
N ARG I 14 -7.87 22.98 73.57
CA ARG I 14 -7.44 23.95 72.59
C ARG I 14 -8.17 25.28 72.70
N TYR I 15 -8.80 25.55 73.83
CA TYR I 15 -9.47 26.83 74.01
C TYR I 15 -8.51 27.83 74.64
N GLN I 16 -8.32 28.95 73.97
CA GLN I 16 -7.55 30.05 74.52
C GLN I 16 -8.52 31.09 75.04
N VAL I 17 -8.47 31.36 76.35
CA VAL I 17 -9.29 32.41 76.90
C VAL I 17 -8.76 33.76 76.45
N LYS I 18 -9.59 34.78 76.55
CA LYS I 18 -9.18 36.14 76.25
C LYS I 18 -8.78 36.85 77.53
N PHE I 19 -8.33 38.09 77.40
CA PHE I 19 -7.96 38.89 78.56
C PHE I 19 -9.19 39.07 79.45
N ARG I 20 -8.97 39.14 80.76
CA ARG I 20 -10.10 39.17 81.68
C ARG I 20 -10.94 40.43 81.49
N ARG I 21 -10.29 41.52 81.07
CA ARG I 21 -11.05 42.74 80.82
C ARG I 21 -11.62 42.76 79.41
N ARG I 22 -11.36 41.71 78.62
CA ARG I 22 -12.12 41.49 77.40
C ARG I 22 -13.27 40.54 77.63
N ARG I 23 -13.04 39.47 78.39
CA ARG I 23 -14.12 38.54 78.72
C ARG I 23 -15.18 39.23 79.55
N GLU I 24 -14.78 40.10 80.47
CA GLU I 24 -15.74 40.90 81.20
C GLU I 24 -16.47 41.88 80.29
N GLY I 25 -15.84 42.30 79.20
CA GLY I 25 -16.48 43.25 78.29
C GLY I 25 -16.30 44.69 78.69
N LYS I 26 -15.21 45.02 79.36
CA LYS I 26 -14.95 46.38 79.84
C LYS I 26 -13.96 47.14 78.99
N THR I 27 -12.85 46.51 78.58
CA THR I 27 -11.76 47.18 77.91
C THR I 27 -11.79 46.87 76.42
N ASP I 28 -11.68 47.90 75.59
CA ASP I 28 -11.53 47.75 74.14
C ASP I 28 -10.05 47.85 73.83
N TYR I 29 -9.40 46.70 73.66
CA TYR I 29 -7.95 46.70 73.49
C TYR I 29 -7.52 47.27 72.15
N TYR I 30 -8.35 47.15 71.11
CA TYR I 30 -7.98 47.68 69.82
C TYR I 30 -7.78 49.19 69.88
N ALA I 31 -8.68 49.90 70.53
CA ALA I 31 -8.51 51.34 70.71
C ALA I 31 -7.49 51.67 71.78
N ARG I 32 -7.38 50.84 72.82
CA ARG I 32 -6.43 51.12 73.89
C ARG I 32 -4.99 51.07 73.37
N LYS I 33 -4.71 50.11 72.48
CA LYS I 33 -3.39 50.03 71.85
C LYS I 33 -2.98 51.36 71.25
N ARG I 34 -3.90 52.00 70.55
CA ARG I 34 -3.61 53.29 69.94
C ARG I 34 -3.61 54.42 70.95
N LEU I 35 -4.43 54.31 71.99
CA LEU I 35 -4.75 55.49 72.78
C LEU I 35 -3.87 55.65 74.01
N VAL I 36 -3.30 54.58 74.56
CA VAL I 36 -2.50 54.73 75.77
C VAL I 36 -1.00 54.79 75.50
N ILE I 37 -0.55 54.34 74.34
CA ILE I 37 0.88 54.17 74.08
C ILE I 37 1.47 55.46 73.58
N GLN I 38 2.52 55.92 74.25
CA GLN I 38 3.29 57.07 73.81
C GLN I 38 4.31 56.65 72.77
N ASP I 39 4.73 57.60 71.93
CA ASP I 39 5.78 57.30 70.96
C ASP I 39 7.08 56.97 71.68
N LYS I 40 7.88 56.08 71.06
CA LYS I 40 9.10 55.64 71.71
C LYS I 40 10.18 56.71 71.68
N ASN I 41 10.19 57.56 70.65
CA ASN I 41 11.19 58.62 70.63
C ASN I 41 10.89 59.72 71.65
N LYS I 42 9.70 59.72 72.24
CA LYS I 42 9.39 60.57 73.38
C LYS I 42 9.67 59.88 74.70
N TYR I 43 10.06 58.61 74.66
CA TYR I 43 10.53 57.85 75.82
C TYR I 43 9.41 57.76 76.86
N ASN I 44 9.64 58.14 78.11
CA ASN I 44 8.70 57.90 79.19
C ASN I 44 7.91 59.14 79.59
N THR I 45 7.68 60.04 78.65
CA THR I 45 6.77 61.15 78.93
C THR I 45 5.36 60.60 79.11
N PRO I 46 4.68 60.92 80.20
CA PRO I 46 3.35 60.34 80.43
C PRO I 46 2.34 60.85 79.41
N LYS I 47 1.56 59.91 78.89
CA LYS I 47 0.46 60.21 77.98
C LYS I 47 -0.83 60.16 78.79
N TYR I 48 -1.31 61.33 79.21
CA TYR I 48 -2.49 61.41 80.05
C TYR I 48 -3.75 61.27 79.22
N ARG I 49 -4.82 60.83 79.88
CA ARG I 49 -6.12 60.65 79.25
C ARG I 49 -7.17 60.72 80.35
N MET I 50 -8.30 61.37 80.08
CA MET I 50 -9.36 61.38 81.08
C MET I 50 -10.37 60.30 80.73
N ILE I 51 -10.78 59.56 81.74
CA ILE I 51 -11.60 58.36 81.58
C ILE I 51 -13.00 58.70 82.04
N VAL I 52 -13.95 58.73 81.11
CA VAL I 52 -15.32 59.08 81.41
C VAL I 52 -16.17 57.82 81.30
N ARG I 53 -16.85 57.47 82.37
CA ARG I 53 -17.72 56.30 82.40
C ARG I 53 -19.03 56.67 83.08
N VAL I 54 -20.08 56.80 82.28
CA VAL I 54 -21.41 57.02 82.83
C VAL I 54 -21.91 55.71 83.41
N THR I 55 -22.52 55.80 84.58
CA THR I 55 -23.00 54.65 85.35
C THR I 55 -24.45 54.92 85.72
N ASN I 56 -25.19 53.84 86.02
CA ASN I 56 -26.64 53.98 86.23
C ASN I 56 -26.96 54.95 87.37
N ARG I 57 -26.06 55.12 88.34
CA ARG I 57 -26.29 56.11 89.37
C ARG I 57 -25.02 56.91 89.71
N ASP I 58 -24.08 57.02 88.78
CA ASP I 58 -22.89 57.81 89.02
C ASP I 58 -22.30 58.22 87.68
N ILE I 59 -21.39 59.19 87.73
CA ILE I 59 -20.49 59.50 86.63
C ILE I 59 -19.08 59.54 87.21
N ILE I 60 -18.23 58.62 86.76
CA ILE I 60 -16.88 58.48 87.30
C ILE I 60 -15.89 58.96 86.25
N CYS I 61 -15.00 59.87 86.65
CA CYS I 61 -14.11 60.53 85.72
C CYS I 61 -12.72 60.62 86.33
N GLN I 62 -11.73 60.07 85.64
CA GLN I 62 -10.36 60.01 86.12
C GLN I 62 -9.44 60.75 85.16
N ILE I 63 -8.16 60.76 85.52
CA ILE I 63 -7.07 61.09 84.62
C ILE I 63 -5.95 60.09 84.90
N ALA I 64 -5.41 59.50 83.85
CA ALA I 64 -4.47 58.41 84.06
C ALA I 64 -3.47 58.37 82.92
N TYR I 65 -2.31 57.78 83.21
CA TYR I 65 -1.29 57.51 82.21
C TYR I 65 -0.81 56.09 82.40
N ALA I 66 -0.73 55.35 81.30
CA ALA I 66 -0.49 53.92 81.35
C ALA I 66 0.94 53.60 81.78
N ARG I 67 1.07 52.71 82.75
CA ARG I 67 2.37 52.20 83.17
C ARG I 67 2.30 50.68 83.20
N ILE I 68 3.48 50.06 83.17
CA ILE I 68 3.56 48.60 83.06
C ILE I 68 2.93 47.94 84.28
N GLU I 69 3.22 48.48 85.47
CA GLU I 69 2.63 47.94 86.69
C GLU I 69 1.13 48.16 86.73
N GLY I 70 0.66 49.23 86.11
CA GLY I 70 -0.77 49.48 86.03
C GLY I 70 -1.02 50.90 85.57
N ASP I 71 -2.29 51.22 85.40
CA ASP I 71 -2.67 52.57 85.01
C ASP I 71 -2.61 53.49 86.23
N MET I 72 -1.79 54.52 86.14
CA MET I 72 -1.53 55.42 87.25
C MET I 72 -2.53 56.57 87.20
N ILE I 73 -3.52 56.52 88.09
CA ILE I 73 -4.53 57.56 88.18
C ILE I 73 -4.06 58.61 89.19
N VAL I 74 -4.05 59.87 88.77
CA VAL I 74 -3.54 60.94 89.60
C VAL I 74 -4.64 61.89 90.10
N CYS I 75 -5.83 61.87 89.50
CA CYS I 75 -6.91 62.74 89.95
C CYS I 75 -8.22 62.15 89.47
N ALA I 76 -9.25 62.22 90.31
CA ALA I 76 -10.53 61.61 90.00
C ALA I 76 -11.66 62.39 90.66
N ALA I 77 -12.68 62.73 89.88
CA ALA I 77 -13.86 63.40 90.37
C ALA I 77 -15.09 62.59 89.98
N TYR I 78 -16.05 62.53 90.90
CA TYR I 78 -17.25 61.71 90.74
C TYR I 78 -18.48 62.59 90.69
N ALA I 79 -19.58 62.01 90.23
CA ALA I 79 -20.86 62.68 90.30
C ALA I 79 -21.56 62.47 91.64
N HIS I 80 -21.14 61.48 92.41
CA HIS I 80 -21.78 61.25 93.71
C HIS I 80 -21.31 62.21 94.77
N GLU I 81 -20.22 62.93 94.54
CA GLU I 81 -19.76 63.98 95.43
C GLU I 81 -20.30 65.35 95.05
N LEU I 82 -21.12 65.42 93.99
CA LEU I 82 -21.83 66.66 93.70
C LEU I 82 -22.74 67.13 94.82
N PRO I 83 -23.49 66.27 95.53
CA PRO I 83 -24.31 66.78 96.65
C PRO I 83 -23.54 67.45 97.77
N LYS I 84 -22.20 67.37 97.76
CA LYS I 84 -21.40 68.15 98.71
C LYS I 84 -21.69 69.64 98.55
N TYR I 85 -21.95 70.08 97.32
CA TYR I 85 -22.23 71.48 97.08
C TYR I 85 -22.97 71.62 95.76
N GLY I 86 -24.00 72.45 95.76
CA GLY I 86 -24.75 72.66 94.54
C GLY I 86 -25.79 71.57 94.34
N VAL I 87 -25.84 71.04 93.12
CA VAL I 87 -26.89 70.11 92.74
C VAL I 87 -26.78 68.85 93.57
N LYS I 88 -27.93 68.25 93.90
CA LYS I 88 -27.98 67.11 94.79
C LYS I 88 -28.74 65.96 94.16
N VAL I 89 -29.68 66.27 93.27
CA VAL I 89 -30.54 65.27 92.66
C VAL I 89 -30.39 65.40 91.15
N GLY I 90 -30.88 64.39 90.44
CA GLY I 90 -30.79 64.42 89.00
C GLY I 90 -29.38 64.31 88.48
N LEU I 91 -28.59 63.41 89.03
CA LEU I 91 -27.23 63.16 88.55
C LEU I 91 -27.32 62.39 87.23
N THR I 92 -26.15 61.97 86.73
CA THR I 92 -25.98 61.12 85.54
C THR I 92 -26.64 61.71 84.30
N ASN I 93 -26.95 62.99 84.30
CA ASN I 93 -27.46 63.66 83.11
C ASN I 93 -26.34 64.51 82.49
N TYR I 94 -26.69 65.28 81.47
CA TYR I 94 -25.67 66.05 80.76
C TYR I 94 -25.09 67.15 81.64
N ALA I 95 -25.93 67.83 82.41
CA ALA I 95 -25.46 68.93 83.24
C ALA I 95 -24.51 68.45 84.32
N ALA I 96 -24.82 67.32 84.96
CA ALA I 96 -23.90 66.76 85.94
C ALA I 96 -22.61 66.31 85.30
N ALA I 97 -22.67 65.83 84.06
CA ALA I 97 -21.45 65.45 83.35
C ALA I 97 -20.56 66.66 83.10
N TYR I 98 -21.15 67.78 82.66
CA TYR I 98 -20.38 69.00 82.50
C TYR I 98 -19.80 69.44 83.84
N CYS I 99 -20.59 69.36 84.91
CA CYS I 99 -20.13 69.79 86.22
C CYS I 99 -18.95 68.94 86.70
N THR I 100 -19.02 67.62 86.49
CA THR I 100 -17.93 66.78 86.96
C THR I 100 -16.70 66.91 86.08
N GLY I 101 -16.88 67.20 84.79
CA GLY I 101 -15.72 67.53 83.98
C GLY I 101 -15.03 68.80 84.45
N LEU I 102 -15.82 69.83 84.78
CA LEU I 102 -15.26 71.05 85.34
C LEU I 102 -14.57 70.78 86.66
N LEU I 103 -15.16 69.94 87.51
CA LEU I 103 -14.57 69.63 88.79
C LEU I 103 -13.24 68.91 88.62
N LEU I 104 -13.18 67.95 87.70
CA LEU I 104 -11.93 67.25 87.45
C LEU I 104 -10.85 68.20 86.95
N ALA I 105 -11.21 69.07 86.00
CA ALA I 105 -10.23 70.02 85.48
C ALA I 105 -9.70 70.92 86.59
N ARG I 106 -10.60 71.49 87.39
CA ARG I 106 -10.18 72.40 88.45
C ARG I 106 -9.36 71.68 89.51
N ARG I 107 -9.75 70.44 89.86
CA ARG I 107 -9.01 69.71 90.87
C ARG I 107 -7.60 69.37 90.42
N LEU I 108 -7.45 68.93 89.16
CA LEU I 108 -6.11 68.66 88.64
C LEU I 108 -5.29 69.93 88.56
N LEU I 109 -5.92 71.03 88.15
CA LEU I 109 -5.19 72.29 88.05
C LEU I 109 -4.72 72.79 89.41
N ASN I 110 -5.56 72.63 90.44
CA ASN I 110 -5.18 73.08 91.77
C ASN I 110 -4.16 72.15 92.41
N ARG I 111 -4.23 70.86 92.09
CA ARG I 111 -3.23 69.93 92.60
C ARG I 111 -1.83 70.27 92.10
N PHE I 112 -1.74 70.90 90.93
CA PHE I 112 -0.46 71.30 90.37
C PHE I 112 -0.03 72.68 90.81
N GLY I 113 -0.83 73.37 91.61
CA GLY I 113 -0.52 74.73 91.98
C GLY I 113 -0.69 75.74 90.87
N MET I 114 -1.47 75.39 89.86
CA MET I 114 -1.66 76.21 88.65
C MET I 114 -3.15 76.43 88.44
N ASP I 115 -3.65 77.54 88.96
CA ASP I 115 -5.04 77.96 88.75
C ASP I 115 -5.14 79.39 88.24
N LYS I 116 -4.21 80.25 88.65
CA LYS I 116 -4.30 81.66 88.29
C LYS I 116 -4.18 81.84 86.77
N ILE I 117 -3.24 81.14 86.16
CA ILE I 117 -3.19 81.03 84.71
C ILE I 117 -4.10 79.89 84.29
N TYR I 118 -4.50 79.91 83.02
CA TYR I 118 -5.45 78.93 82.47
C TYR I 118 -6.73 78.89 83.29
N GLU I 119 -7.27 80.08 83.59
CA GLU I 119 -8.54 80.17 84.30
C GLU I 119 -9.68 79.55 83.51
N GLY I 120 -9.58 79.53 82.19
CA GLY I 120 -10.57 78.89 81.37
C GLY I 120 -11.78 79.77 81.15
N GLN I 121 -12.80 79.15 80.53
CA GLN I 121 -14.05 79.83 80.21
C GLN I 121 -14.88 79.95 81.47
N VAL I 122 -14.70 81.07 82.18
CA VAL I 122 -15.46 81.29 83.41
C VAL I 122 -16.92 81.54 83.09
N GLU I 123 -17.19 82.41 82.12
CA GLU I 123 -18.56 82.66 81.68
C GLU I 123 -18.95 81.52 80.74
N VAL I 124 -19.77 80.60 81.26
CA VAL I 124 -20.02 79.34 80.57
C VAL I 124 -20.89 79.59 79.36
N THR I 125 -20.47 79.07 78.21
CA THR I 125 -21.27 79.07 77.00
C THR I 125 -20.90 77.85 76.16
N GLY I 126 -21.79 77.50 75.24
CA GLY I 126 -21.62 76.30 74.44
C GLY I 126 -20.70 76.44 73.26
N ASP I 127 -20.11 77.60 73.05
CA ASP I 127 -19.26 77.80 71.90
C ASP I 127 -17.95 77.05 72.05
N GLU I 128 -17.16 77.02 70.97
CA GLU I 128 -15.85 76.40 71.01
C GLU I 128 -14.95 77.11 72.01
N TYR I 129 -14.17 76.33 72.74
CA TYR I 129 -13.13 76.91 73.59
C TYR I 129 -11.99 75.93 73.73
N ASN I 130 -10.85 76.28 73.14
CA ASN I 130 -9.60 75.55 73.31
C ASN I 130 -8.65 76.46 74.05
N VAL I 131 -8.18 76.02 75.22
CA VAL I 131 -7.29 76.84 76.02
C VAL I 131 -5.90 76.85 75.37
N GLU I 132 -5.23 77.99 75.44
CA GLU I 132 -3.96 78.21 74.78
C GLU I 132 -2.86 78.41 75.80
N SER I 133 -1.68 77.86 75.52
CA SER I 133 -0.56 77.97 76.44
C SER I 133 0.00 79.39 76.44
N ILE I 134 0.32 79.88 77.62
CA ILE I 134 0.84 81.24 77.79
C ILE I 134 2.36 81.19 77.67
N ASP I 135 2.91 82.07 76.83
CA ASP I 135 4.34 82.11 76.62
C ASP I 135 5.07 82.42 77.92
N GLY I 136 6.09 81.61 78.22
CA GLY I 136 6.87 81.79 79.43
C GLY I 136 6.24 81.21 80.67
N GLN I 137 5.14 80.49 80.55
CA GLN I 137 4.43 79.88 81.66
C GLN I 137 4.53 78.37 81.54
N PRO I 138 4.38 77.64 82.65
CA PRO I 138 4.28 76.18 82.54
C PRO I 138 3.13 75.79 81.64
N GLY I 139 3.37 74.79 80.80
CA GLY I 139 2.46 74.52 79.69
C GLY I 139 1.11 74.02 80.15
N ALA I 140 0.14 74.10 79.25
CA ALA I 140 -1.19 73.61 79.56
C ALA I 140 -1.20 72.10 79.68
N PHE I 141 -1.94 71.60 80.67
CA PHE I 141 -2.06 70.16 80.85
C PHE I 141 -2.91 69.58 79.73
N THR I 142 -2.31 68.73 78.91
CA THR I 142 -2.98 68.13 77.78
C THR I 142 -3.25 66.65 78.02
N CYS I 143 -4.43 66.21 77.56
CA CYS I 143 -4.80 64.80 77.66
C CYS I 143 -5.90 64.54 76.64
N TYR I 144 -6.26 63.26 76.52
CA TYR I 144 -7.11 62.80 75.45
C TYR I 144 -8.36 62.16 76.03
N LEU I 145 -9.39 62.02 75.21
CA LEU I 145 -10.65 61.47 75.67
C LEU I 145 -10.64 59.95 75.58
N ASP I 146 -11.10 59.30 76.65
CA ASP I 146 -11.24 57.85 76.71
C ASP I 146 -12.73 57.56 76.82
N ALA I 147 -13.41 57.50 75.68
CA ALA I 147 -14.84 57.23 75.65
C ALA I 147 -15.17 55.79 76.00
N GLY I 148 -14.19 54.88 75.93
CA GLY I 148 -14.48 53.49 76.21
C GLY I 148 -15.37 52.88 75.15
N LEU I 149 -16.23 51.98 75.58
CA LEU I 149 -17.13 51.26 74.68
C LEU I 149 -18.35 52.07 74.29
N ALA I 150 -18.49 53.29 74.79
CA ALA I 150 -19.68 54.09 74.53
C ALA I 150 -19.76 54.46 73.05
N ARG I 151 -20.94 54.22 72.47
CA ARG I 151 -21.21 54.61 71.09
C ARG I 151 -21.21 56.14 70.99
N THR I 152 -20.16 56.68 70.38
CA THR I 152 -19.94 58.12 70.35
C THR I 152 -20.82 58.76 69.28
N THR I 153 -22.03 59.13 69.69
CA THR I 153 -22.95 59.88 68.86
C THR I 153 -23.08 61.30 69.40
N THR I 154 -23.77 62.14 68.64
CA THR I 154 -24.01 63.51 69.06
C THR I 154 -24.90 63.52 70.30
N GLY I 155 -24.58 64.39 71.25
CA GLY I 155 -25.33 64.49 72.48
C GLY I 155 -24.95 63.53 73.56
N ASN I 156 -23.85 62.79 73.39
CA ASN I 156 -23.41 61.87 74.42
C ASN I 156 -22.87 62.64 75.62
N LYS I 157 -23.06 62.07 76.81
CA LYS I 157 -22.65 62.74 78.05
C LYS I 157 -21.13 62.78 78.20
N VAL I 158 -20.41 61.91 77.50
CA VAL I 158 -18.96 61.95 77.55
C VAL I 158 -18.43 63.26 76.99
N PHE I 159 -19.06 63.77 75.93
CA PHE I 159 -18.68 65.07 75.41
C PHE I 159 -19.13 66.20 76.34
N GLY I 160 -20.18 65.98 77.14
CA GLY I 160 -20.50 66.95 78.17
C GLY I 160 -19.40 67.05 79.22
N ALA I 161 -18.89 65.91 79.66
CA ALA I 161 -17.75 65.92 80.58
C ALA I 161 -16.53 66.54 79.93
N LEU I 162 -16.34 66.29 78.63
CA LEU I 162 -15.22 66.91 77.92
C LEU I 162 -15.37 68.43 77.88
N LYS I 163 -16.57 68.93 77.62
CA LYS I 163 -16.79 70.37 77.58
C LYS I 163 -16.58 70.99 78.95
N GLY I 164 -17.03 70.30 80.01
CA GLY I 164 -16.71 70.75 81.34
C GLY I 164 -15.22 70.85 81.59
N ALA I 165 -14.47 69.83 81.15
CA ALA I 165 -13.03 69.84 81.34
C ALA I 165 -12.36 70.97 80.58
N VAL I 166 -12.75 71.17 79.31
CA VAL I 166 -12.09 72.20 78.52
C VAL I 166 -12.46 73.60 78.99
N ASP I 167 -13.70 73.78 79.49
CA ASP I 167 -14.02 75.06 80.11
C ASP I 167 -13.33 75.22 81.44
N GLY I 168 -12.94 74.12 82.07
CA GLY I 168 -12.05 74.22 83.22
C GLY I 168 -10.67 74.73 82.85
N GLY I 169 -10.19 74.38 81.67
CA GLY I 169 -8.89 74.84 81.22
C GLY I 169 -7.94 73.73 80.83
N LEU I 170 -8.49 72.59 80.42
CA LEU I 170 -7.67 71.49 79.93
C LEU I 170 -7.62 71.53 78.42
N SER I 171 -6.41 71.48 77.86
CA SER I 171 -6.23 71.54 76.41
C SER I 171 -6.51 70.16 75.83
N ILE I 172 -7.69 70.00 75.25
CA ILE I 172 -8.14 68.69 74.77
C ILE I 172 -8.45 68.79 73.28
N PRO I 173 -7.87 67.94 72.44
CA PRO I 173 -8.26 67.92 71.03
C PRO I 173 -9.65 67.30 70.86
N HIS I 174 -10.55 68.06 70.24
CA HIS I 174 -11.90 67.59 69.99
C HIS I 174 -12.52 68.46 68.91
N SER I 175 -13.79 68.20 68.62
CA SER I 175 -14.52 69.01 67.67
C SER I 175 -15.99 69.03 68.08
N THR I 176 -16.73 70.00 67.54
CA THR I 176 -18.13 70.19 67.88
C THR I 176 -19.07 69.45 66.94
N LYS I 177 -18.62 68.33 66.36
CA LYS I 177 -19.50 67.49 65.59
C LYS I 177 -20.27 66.51 66.46
N ARG I 178 -20.08 66.56 67.77
CA ARG I 178 -20.76 65.67 68.70
C ARG I 178 -21.48 66.39 69.83
N PHE I 179 -21.40 67.71 69.91
CA PHE I 179 -22.13 68.43 70.94
C PHE I 179 -23.61 68.52 70.57
N PRO I 180 -24.49 68.62 71.58
CA PRO I 180 -25.94 68.63 71.29
C PRO I 180 -26.38 69.75 70.37
N GLY I 181 -25.69 70.90 70.39
CA GLY I 181 -26.07 71.97 69.49
C GLY I 181 -25.85 71.68 68.02
N TYR I 182 -25.05 70.66 67.70
CA TYR I 182 -24.73 70.38 66.31
C TYR I 182 -25.92 69.77 65.57
N ASP I 183 -26.22 70.33 64.41
CA ASP I 183 -27.31 69.88 63.56
C ASP I 183 -26.73 69.04 62.42
N SER I 184 -27.24 67.81 62.28
CA SER I 184 -26.69 66.90 61.29
C SER I 184 -26.94 67.37 59.87
N GLU I 185 -28.14 67.90 59.59
CA GLU I 185 -28.48 68.29 58.22
C GLU I 185 -27.62 69.44 57.73
N SER I 186 -27.71 70.58 58.41
CA SER I 186 -26.97 71.77 58.03
C SER I 186 -25.47 71.65 58.29
N LYS I 187 -25.04 70.63 59.04
CA LYS I 187 -23.63 70.49 59.45
C LYS I 187 -23.15 71.76 60.13
N GLU I 188 -23.99 72.32 61.00
CA GLU I 188 -23.70 73.57 61.68
C GLU I 188 -23.89 73.41 63.18
N PHE I 189 -23.16 74.20 63.94
CA PHE I 189 -23.21 74.19 65.39
C PHE I 189 -24.07 75.35 65.87
N ASN I 190 -25.17 75.03 66.56
CA ASN I 190 -26.00 76.09 67.12
C ASN I 190 -25.27 76.80 68.26
N ALA I 191 -24.71 76.02 69.19
CA ALA I 191 -24.05 76.49 70.42
C ALA I 191 -25.01 77.23 71.35
N GLU I 192 -26.29 77.32 71.00
CA GLU I 192 -27.32 77.87 71.87
C GLU I 192 -28.08 76.77 72.61
N VAL I 193 -28.60 75.78 71.88
CA VAL I 193 -29.20 74.63 72.54
C VAL I 193 -28.14 73.78 73.21
N HIS I 194 -26.87 73.89 72.79
CA HIS I 194 -25.80 73.25 73.54
C HIS I 194 -25.66 73.88 74.93
N ARG I 195 -25.81 75.20 75.03
CA ARG I 195 -25.94 75.83 76.34
C ARG I 195 -27.13 75.27 77.08
N LYS I 196 -28.24 75.06 76.38
CA LYS I 196 -29.45 74.56 77.02
C LYS I 196 -29.24 73.17 77.61
N HIS I 197 -28.46 72.32 76.92
CA HIS I 197 -28.18 71.00 77.45
C HIS I 197 -27.16 71.05 78.57
N ILE I 198 -26.14 71.90 78.46
CA ILE I 198 -25.11 71.99 79.50
C ILE I 198 -25.72 72.51 80.79
N MET I 199 -26.47 73.60 80.70
CA MET I 199 -27.08 74.18 81.88
C MET I 199 -28.27 73.35 82.35
N GLY I 200 -28.88 72.57 81.45
CA GLY I 200 -29.90 71.63 81.84
C GLY I 200 -31.30 72.16 81.79
N GLN I 201 -31.62 72.98 80.79
CA GLN I 201 -32.98 73.46 80.64
C GLN I 201 -33.88 72.48 79.91
N ASN I 202 -33.31 71.46 79.27
CA ASN I 202 -34.13 70.44 78.63
C ASN I 202 -34.90 69.62 79.66
N VAL I 203 -34.25 69.29 80.79
CA VAL I 203 -34.97 68.54 81.82
C VAL I 203 -36.00 69.43 82.49
N ALA I 204 -35.73 70.73 82.63
CA ALA I 204 -36.74 71.63 83.17
C ALA I 204 -37.93 71.74 82.22
N ASP I 205 -37.67 71.74 80.92
CA ASP I 205 -38.76 71.71 79.95
C ASP I 205 -39.55 70.42 80.07
N TYR I 206 -38.87 69.30 80.30
CA TYR I 206 -39.60 68.06 80.52
C TYR I 206 -40.44 68.14 81.79
N MET I 207 -39.91 68.78 82.83
CA MET I 207 -40.67 69.01 84.06
C MET I 207 -41.98 69.72 83.75
N ARG I 208 -41.87 70.91 83.15
CA ARG I 208 -43.07 71.70 82.88
C ARG I 208 -43.96 71.06 81.84
N TYR I 209 -43.41 70.16 81.01
CA TYR I 209 -44.23 69.42 80.07
C TYR I 209 -45.08 68.38 80.78
N LEU I 210 -44.47 67.64 81.71
CA LEU I 210 -45.22 66.61 82.42
C LEU I 210 -46.16 67.20 83.45
N MET I 211 -45.88 68.41 83.93
CA MET I 211 -46.76 69.01 84.92
C MET I 211 -48.10 69.40 84.32
N GLU I 212 -48.09 69.94 83.11
CA GLU I 212 -49.30 70.50 82.52
C GLU I 212 -50.11 69.47 81.73
N GLU I 213 -49.66 68.23 81.66
CA GLU I 213 -50.45 67.16 81.04
C GLU I 213 -50.88 66.12 82.06
N ASP I 214 -49.94 65.48 82.75
CA ASP I 214 -50.25 64.39 83.67
C ASP I 214 -49.32 64.51 84.87
N GLU I 215 -49.81 65.20 85.92
CA GLU I 215 -49.00 65.41 87.11
C GLU I 215 -48.67 64.09 87.80
N ASP I 216 -49.53 63.09 87.67
CA ASP I 216 -49.24 61.78 88.25
C ASP I 216 -48.01 61.16 87.60
N ALA I 217 -47.89 61.27 86.28
CA ALA I 217 -46.67 60.79 85.62
C ALA I 217 -45.46 61.62 86.00
N TYR I 218 -45.65 62.93 86.18
CA TYR I 218 -44.54 63.79 86.58
C TYR I 218 -44.01 63.39 87.94
N LYS I 219 -44.89 63.11 88.89
CA LYS I 219 -44.43 62.68 90.20
C LYS I 219 -43.94 61.24 90.18
N LYS I 220 -44.41 60.44 89.21
CA LYS I 220 -43.86 59.09 89.02
C LYS I 220 -42.39 59.16 88.63
N GLN I 221 -42.09 59.97 87.61
CA GLN I 221 -40.71 60.00 87.10
C GLN I 221 -39.79 60.72 88.08
N PHE I 222 -40.03 62.00 88.33
CA PHE I 222 -39.15 62.80 89.16
C PHE I 222 -39.64 62.83 90.61
N SER I 223 -39.67 61.63 91.20
CA SER I 223 -40.12 61.50 92.58
C SER I 223 -39.17 62.24 93.54
N GLN I 224 -37.87 62.00 93.41
CA GLN I 224 -36.92 62.63 94.30
C GLN I 224 -36.72 64.11 93.99
N TYR I 225 -37.17 64.56 92.82
CA TYR I 225 -37.20 65.99 92.56
C TYR I 225 -38.22 66.69 93.45
N ILE I 226 -39.35 66.04 93.71
CA ILE I 226 -40.31 66.57 94.66
C ILE I 226 -39.67 66.67 96.04
N LYS I 227 -38.83 65.71 96.39
CA LYS I 227 -38.03 65.82 97.59
C LYS I 227 -37.06 66.99 97.45
N ASN I 228 -37.02 67.83 98.48
CA ASN I 228 -36.28 69.09 98.56
C ASN I 228 -36.80 70.14 97.57
N SER I 229 -37.90 69.84 96.88
CA SER I 229 -38.71 70.83 96.16
C SER I 229 -37.90 71.63 95.13
N VAL I 230 -37.02 70.94 94.43
CA VAL I 230 -36.31 71.55 93.31
C VAL I 230 -37.30 71.74 92.17
N THR I 231 -37.30 72.93 91.59
CA THR I 231 -38.28 73.33 90.58
C THR I 231 -37.58 73.54 89.25
N PRO I 232 -38.31 73.48 88.13
CA PRO I 232 -37.67 73.74 86.82
C PRO I 232 -37.02 75.10 86.75
N ASP I 233 -37.62 76.11 87.38
CA ASP I 233 -37.12 77.47 87.25
C ASP I 233 -35.78 77.64 87.93
N MET I 234 -35.57 76.96 89.06
CA MET I 234 -34.37 77.18 89.86
C MET I 234 -33.19 76.30 89.43
N MET I 235 -33.35 75.49 88.37
CA MET I 235 -32.27 74.57 88.01
C MET I 235 -31.06 75.31 87.46
N GLU I 236 -31.29 76.29 86.59
CA GLU I 236 -30.17 77.01 85.99
C GLU I 236 -29.35 77.75 87.03
N GLU I 237 -30.03 78.39 87.98
CA GLU I 237 -29.32 79.09 89.03
C GLU I 237 -28.60 78.10 89.95
N MET I 238 -29.19 76.94 90.16
CA MET I 238 -28.52 75.90 90.94
C MET I 238 -27.24 75.45 90.27
N TYR I 239 -27.27 75.29 88.95
CA TYR I 239 -26.07 74.87 88.24
C TYR I 239 -25.03 75.99 88.16
N LYS I 240 -25.48 77.24 88.10
CA LYS I 240 -24.54 78.35 88.18
C LYS I 240 -23.84 78.39 89.52
N LYS I 241 -24.61 78.20 90.61
CA LYS I 241 -23.98 78.10 91.93
C LYS I 241 -23.05 76.90 92.01
N ALA I 242 -23.42 75.79 91.39
CA ALA I 242 -22.56 74.61 91.39
C ALA I 242 -21.24 74.91 90.71
N HIS I 243 -21.28 75.57 89.56
CA HIS I 243 -20.05 75.94 88.87
C HIS I 243 -19.21 76.92 89.70
N ALA I 244 -19.87 77.91 90.31
CA ALA I 244 -19.15 78.87 91.13
C ALA I 244 -18.46 78.19 92.31
N ALA I 245 -19.14 77.22 92.94
CA ALA I 245 -18.57 76.49 94.05
C ALA I 245 -17.50 75.49 93.61
N ILE I 246 -17.61 74.94 92.40
CA ILE I 246 -16.53 74.11 91.86
C ILE I 246 -15.27 74.94 91.71
N ARG I 247 -15.40 76.12 91.12
CA ARG I 247 -14.23 76.99 90.98
C ARG I 247 -13.73 77.49 92.33
N GLU I 248 -14.64 77.69 93.29
CA GLU I 248 -14.24 78.19 94.60
C GLU I 248 -13.39 77.17 95.35
N ASN I 249 -13.86 75.93 95.46
CA ASN I 249 -13.13 74.87 96.14
C ASN I 249 -13.23 73.59 95.33
N PRO I 250 -12.20 73.27 94.54
CA PRO I 250 -12.13 71.96 93.89
C PRO I 250 -11.29 70.93 94.64
N VAL I 251 -10.73 71.27 95.79
CA VAL I 251 -9.85 70.36 96.50
C VAL I 251 -10.66 69.23 97.10
N TYR I 252 -10.21 67.99 96.88
CA TYR I 252 -10.88 66.81 97.39
C TYR I 252 -10.21 66.34 98.68
N GLU I 253 -11.02 66.00 99.66
CA GLU I 253 -10.56 65.41 100.90
C GLU I 253 -11.28 64.10 101.14
N LYS I 254 -10.64 63.19 101.87
CA LYS I 254 -11.18 61.87 102.08
C LYS I 254 -11.84 61.76 103.45
N LYS I 255 -12.77 60.82 103.56
CA LYS I 255 -13.58 60.55 104.73
C LYS I 255 -12.90 59.53 105.63
N PRO I 256 -12.80 59.78 106.94
CA PRO I 256 -12.11 58.85 107.83
C PRO I 256 -13.01 57.74 108.37
N LYS I 257 -12.49 56.52 108.34
CA LYS I 257 -13.17 55.36 108.92
C LYS I 257 -12.13 54.27 109.17
N LYS I 258 -11.86 53.98 110.44
CA LYS I 258 -10.88 52.97 110.80
C LYS I 258 -11.28 52.02 111.93
N GLU I 259 -12.41 52.24 112.58
CA GLU I 259 -12.83 51.41 113.72
C GLU I 259 -13.62 50.18 113.27
N VAL I 260 -13.09 49.47 112.29
CA VAL I 260 -13.80 48.38 111.63
C VAL I 260 -13.22 47.05 112.09
N LYS I 261 -14.06 46.22 112.70
CA LYS I 261 -13.67 44.86 112.99
C LYS I 261 -13.57 44.07 111.71
N LYS I 262 -12.61 43.15 111.66
CA LYS I 262 -12.33 42.41 110.43
C LYS I 262 -13.27 41.22 110.35
N LYS I 263 -14.51 41.49 109.96
CA LYS I 263 -15.51 40.46 109.72
C LYS I 263 -15.45 40.04 108.25
N ARG I 264 -15.52 38.73 108.03
CA ARG I 264 -15.40 38.17 106.69
C ARG I 264 -16.77 37.72 106.23
N TRP I 265 -17.27 38.33 105.15
CA TRP I 265 -18.61 38.06 104.65
C TRP I 265 -18.65 36.96 103.62
N ASN I 266 -17.51 36.36 103.29
CA ASN I 266 -17.43 35.30 102.29
C ASN I 266 -17.03 33.99 102.95
N ARG I 267 -17.66 32.91 102.54
CA ARG I 267 -17.27 31.60 103.04
C ARG I 267 -15.85 31.29 102.59
N PRO I 268 -14.97 30.84 103.48
CA PRO I 268 -13.59 30.58 103.10
C PRO I 268 -13.50 29.33 102.23
N LYS I 269 -12.34 29.17 101.60
CA LYS I 269 -12.09 27.98 100.81
C LYS I 269 -11.87 26.79 101.74
N MET I 270 -12.47 25.65 101.40
CA MET I 270 -12.30 24.44 102.19
C MET I 270 -10.89 23.88 102.01
N SER I 271 -10.51 23.02 102.95
CA SER I 271 -9.19 22.40 102.92
C SER I 271 -9.25 21.05 102.21
N LEU I 272 -8.07 20.51 101.92
CA LEU I 272 -7.97 19.17 101.35
C LEU I 272 -8.56 18.13 102.29
N ALA I 273 -8.25 18.24 103.57
CA ALA I 273 -8.77 17.29 104.55
C ALA I 273 -10.29 17.34 104.60
N GLN I 274 -10.86 18.54 104.54
CA GLN I 274 -12.32 18.67 104.57
C GLN I 274 -12.96 17.98 103.37
N LYS I 275 -12.40 18.21 102.17
CA LYS I 275 -12.96 17.59 100.97
C LYS I 275 -12.84 16.07 101.03
N LYS I 276 -11.68 15.56 101.46
CA LYS I 276 -11.49 14.12 101.51
C LYS I 276 -12.41 13.47 102.53
N ASP I 277 -12.56 14.09 103.71
CA ASP I 277 -13.49 13.59 104.70
C ASP I 277 -14.92 13.62 104.18
N ARG I 278 -15.28 14.68 103.46
CA ARG I 278 -16.61 14.77 102.87
C ARG I 278 -16.85 13.63 101.88
N VAL I 279 -15.85 13.34 101.05
CA VAL I 279 -15.99 12.26 100.07
C VAL I 279 -16.17 10.91 100.77
N ALA I 280 -15.34 10.66 101.78
CA ALA I 280 -15.43 9.39 102.50
C ALA I 280 -16.78 9.25 103.20
N GLN I 281 -17.25 10.31 103.84
CA GLN I 281 -18.54 10.27 104.52
C GLN I 281 -19.67 10.05 103.53
N LYS I 282 -19.59 10.69 102.36
CA LYS I 282 -20.61 10.49 101.34
C LYS I 282 -20.66 9.03 100.89
N LYS I 283 -19.48 8.44 100.64
CA LYS I 283 -19.44 7.05 100.22
C LYS I 283 -19.99 6.12 101.29
N ALA I 284 -19.61 6.35 102.54
CA ALA I 284 -20.08 5.51 103.62
C ALA I 284 -21.59 5.62 103.80
N SER I 285 -22.13 6.83 103.67
CA SER I 285 -23.58 7.01 103.81
C SER I 285 -24.33 6.35 102.67
N PHE I 286 -23.80 6.43 101.46
CA PHE I 286 -24.39 5.71 100.33
C PHE I 286 -24.43 4.22 100.60
N LEU I 287 -23.31 3.66 101.07
CA LEU I 287 -23.24 2.23 101.37
C LEU I 287 -24.22 1.86 102.45
N ARG I 288 -24.33 2.68 103.49
CA ARG I 288 -25.33 2.47 104.53
C ARG I 288 -26.72 2.46 103.95
N ALA I 289 -26.98 3.36 103.00
CA ALA I 289 -28.30 3.44 102.38
C ALA I 289 -28.64 2.16 101.64
N GLN I 290 -27.70 1.61 100.85
CA GLN I 290 -28.13 0.40 100.17
C GLN I 290 -28.10 -0.81 101.09
N GLU I 291 -27.23 -0.84 102.10
CA GLU I 291 -27.19 -2.03 102.94
C GLU I 291 -28.42 -2.10 103.86
N ARG I 292 -29.04 -0.95 104.15
CA ARG I 292 -30.34 -1.00 104.82
C ARG I 292 -31.42 -1.51 103.89
N ALA I 293 -31.23 -1.37 102.58
CA ALA I 293 -32.11 -1.92 101.55
C ALA I 293 -33.54 -1.40 101.68
N LYS J 1 102.43 29.90 110.52
CA LYS J 1 101.53 28.83 110.08
C LYS J 1 101.25 27.85 111.21
N GLY J 2 100.61 26.73 110.87
CA GLY J 2 100.40 25.65 111.79
C GLY J 2 100.40 24.32 111.05
N LYS J 3 100.48 23.25 111.83
CA LYS J 3 100.49 21.92 111.24
C LYS J 3 99.10 21.58 110.72
N PRO J 4 98.96 21.22 109.44
CA PRO J 4 97.65 20.80 108.93
C PRO J 4 97.13 19.57 109.65
N HIS J 5 95.84 19.58 109.98
CA HIS J 5 95.18 18.47 110.64
C HIS J 5 94.51 17.58 109.62
N CYS J 6 94.05 16.42 110.08
CA CYS J 6 93.31 15.50 109.24
C CYS J 6 91.99 16.13 108.80
N SER J 7 91.26 15.38 107.96
CA SER J 7 90.13 15.95 107.26
C SER J 7 89.02 16.40 108.20
N ARG J 8 88.79 15.68 109.29
CA ARG J 8 87.69 15.91 110.22
C ARG J 8 86.32 15.87 109.55
N ASN J 9 86.25 15.39 108.31
CA ASN J 9 85.01 15.25 107.56
C ASN J 9 84.99 13.86 106.94
N PRO J 10 84.60 12.85 107.70
CA PRO J 10 84.53 11.50 107.14
C PRO J 10 83.49 11.43 106.03
N VAL J 11 83.96 11.26 104.79
CA VAL J 11 83.05 11.20 103.65
C VAL J 11 82.45 9.82 103.58
N LEU J 12 81.13 9.73 103.71
CA LEU J 12 80.42 8.47 103.62
C LEU J 12 79.91 8.15 102.22
N VAL J 13 79.55 9.17 101.45
CA VAL J 13 79.24 9.03 100.04
C VAL J 13 79.97 10.16 99.32
N ARG J 14 80.51 9.85 98.14
CA ARG J 14 81.29 10.83 97.39
C ARG J 14 80.49 12.10 97.16
N GLY J 15 81.11 13.24 97.44
CA GLY J 15 80.47 14.52 97.27
C GLY J 15 79.55 14.95 98.38
N ILE J 16 79.49 14.21 99.49
CA ILE J 16 78.68 14.61 100.63
C ILE J 16 79.44 14.27 101.91
N GLY J 17 79.29 15.11 102.93
CA GLY J 17 79.97 14.94 104.18
C GLY J 17 79.05 14.45 105.28
N ARG J 18 79.63 13.73 106.24
CA ARG J 18 78.82 13.14 107.30
C ARG J 18 78.24 14.18 108.25
N TYR J 19 78.98 15.24 108.55
CA TYR J 19 78.51 16.27 109.46
C TYR J 19 78.10 17.51 108.66
N SER J 20 77.27 18.33 109.31
CA SER J 20 76.65 19.48 108.66
C SER J 20 77.53 20.72 108.80
N ARG J 21 76.99 21.87 108.40
CA ARG J 21 77.77 23.09 108.43
C ARG J 21 77.94 23.61 109.85
N SER J 22 76.87 23.56 110.65
CA SER J 22 77.00 23.94 112.05
C SER J 22 77.90 22.97 112.82
N ALA J 23 77.77 21.67 112.52
CA ALA J 23 78.63 20.68 113.16
C ALA J 23 80.09 20.91 112.79
N MET J 24 80.36 21.32 111.55
CA MET J 24 81.74 21.60 111.17
C MET J 24 82.23 22.92 111.75
N TYR J 25 81.35 23.90 111.92
CA TYR J 25 81.72 25.12 112.61
C TYR J 25 82.14 24.82 114.05
N SER J 26 81.38 23.96 114.73
CA SER J 26 81.70 23.60 116.10
C SER J 26 82.95 22.74 116.17
N ARG J 27 83.09 21.79 115.23
CA ARG J 27 84.23 20.89 115.25
C ARG J 27 85.53 21.62 114.97
N LYS J 28 85.50 22.56 114.03
CA LYS J 28 86.70 23.33 113.72
C LYS J 28 86.99 24.39 114.76
N ALA J 29 86.10 24.59 115.74
CA ALA J 29 86.17 25.69 116.70
C ALA J 29 86.29 27.02 115.98
N MET J 30 85.46 27.20 114.94
CA MET J 30 85.45 28.45 114.20
C MET J 30 84.98 29.63 115.06
N TYR J 31 84.37 29.35 116.21
CA TYR J 31 83.91 30.41 117.09
C TYR J 31 85.06 31.19 117.72
N LYS J 32 86.26 30.61 117.79
CA LYS J 32 87.42 31.33 118.31
C LYS J 32 88.47 31.63 117.24
N ARG J 33 88.37 31.01 116.07
CA ARG J 33 89.32 31.28 114.99
C ARG J 33 88.71 32.27 114.01
N LYS J 34 88.77 33.54 114.40
CA LYS J 34 88.24 34.64 113.60
C LYS J 34 89.34 35.66 113.39
N TYR J 35 89.62 35.98 112.13
CA TYR J 35 90.72 36.85 111.76
C TYR J 35 90.17 38.02 110.95
N SER J 36 90.51 39.24 111.37
CA SER J 36 89.97 40.45 110.76
C SER J 36 90.95 41.15 109.84
N ALA J 37 92.15 41.45 110.32
CA ALA J 37 93.13 42.19 109.53
C ALA J 37 94.52 41.70 109.89
N ALA J 38 95.54 42.46 109.48
CA ALA J 38 96.92 42.11 109.76
C ALA J 38 97.55 43.08 110.77
N LYS J 49 108.50 40.00 91.82
CA LYS J 49 109.38 39.17 92.64
C LYS J 49 110.58 38.68 91.83
N VAL J 50 110.31 38.12 90.66
CA VAL J 50 111.35 37.57 89.81
C VAL J 50 112.16 38.71 89.21
N LEU J 51 113.49 38.60 89.27
CA LEU J 51 114.38 39.56 88.63
C LEU J 51 114.39 39.26 87.13
N ALA J 52 113.45 39.87 86.40
CA ALA J 52 113.34 39.64 84.97
C ALA J 52 114.58 40.14 84.22
N THR J 53 115.25 41.15 84.77
CA THR J 53 116.53 41.61 84.24
C THR J 53 117.59 41.45 85.31
N VAL J 54 118.81 41.12 84.88
CA VAL J 54 119.95 40.97 85.77
C VAL J 54 120.99 42.00 85.38
N THR J 55 121.59 42.63 86.38
CA THR J 55 122.66 43.59 86.15
C THR J 55 124.00 42.85 86.15
N LYS J 56 124.58 42.68 84.96
CA LYS J 56 125.84 41.96 84.86
C LYS J 56 126.95 42.90 84.43
N PRO J 57 128.13 42.77 85.03
CA PRO J 57 129.27 43.56 84.57
C PRO J 57 129.75 43.12 83.20
N VAL J 58 129.60 44.00 82.20
CA VAL J 58 130.08 43.69 80.87
C VAL J 58 131.60 43.58 80.85
N GLY J 59 132.27 44.37 81.68
CA GLY J 59 133.72 44.42 81.61
C GLY J 59 134.17 45.24 80.43
N GLY J 60 135.48 45.36 80.30
CA GLY J 60 136.05 46.18 79.25
C GLY J 60 135.97 47.65 79.58
N ASP J 61 137.02 48.39 79.23
CA ASP J 61 137.06 49.81 79.49
C ASP J 61 136.03 50.55 78.65
N LYS J 62 135.59 51.71 79.17
CA LYS J 62 134.66 52.66 78.55
C LYS J 62 133.49 51.99 77.81
N ASN J 63 132.94 50.94 78.41
CA ASN J 63 131.67 50.36 77.98
C ASN J 63 130.52 50.79 78.87
N GLY J 64 130.71 51.80 79.71
CA GLY J 64 129.79 52.07 80.77
C GLY J 64 129.99 51.09 81.91
N GLY J 65 129.14 51.22 82.93
CA GLY J 65 129.27 50.40 84.11
C GLY J 65 128.93 48.94 83.89
N THR J 66 127.65 48.65 83.66
CA THR J 66 127.16 47.29 83.52
C THR J 66 126.15 47.25 82.38
N ARG J 67 125.44 46.13 82.26
CA ARG J 67 124.43 45.94 81.25
C ARG J 67 123.14 45.46 81.92
N VAL J 68 122.01 46.02 81.50
CA VAL J 68 120.70 45.58 81.97
C VAL J 68 120.26 44.45 81.04
N VAL J 69 120.74 43.26 81.32
CA VAL J 69 120.48 42.10 80.48
C VAL J 69 119.22 41.42 80.99
N LYS J 70 118.18 41.41 80.16
CA LYS J 70 116.92 40.80 80.53
C LYS J 70 116.95 39.30 80.23
N LEU J 71 116.02 38.59 80.83
CA LEU J 71 115.81 37.18 80.53
C LEU J 71 114.61 37.03 79.60
N ARG J 72 114.52 35.86 78.98
CA ARG J 72 113.41 35.51 78.10
C ARG J 72 113.24 36.55 77.00
N LYS J 73 114.26 36.62 76.14
CA LYS J 73 114.28 37.61 75.08
C LYS J 73 113.07 37.46 74.17
N MET J 74 112.60 38.59 73.65
CA MET J 74 111.34 38.62 72.92
C MET J 74 111.50 37.84 71.62
N PRO J 75 110.44 37.16 71.16
CA PRO J 75 110.57 36.31 69.97
C PRO J 75 111.07 37.07 68.75
N ARG J 76 111.95 36.43 67.99
CA ARG J 76 112.50 37.02 66.78
C ARG J 76 111.60 36.80 65.58
N TYR J 77 110.53 36.04 65.74
CA TYR J 77 109.63 35.76 64.63
C TYR J 77 108.27 35.34 65.18
N TYR J 78 107.22 35.88 64.57
CA TYR J 78 105.87 35.45 64.83
C TYR J 78 105.29 34.96 63.50
N PRO J 79 104.60 33.82 63.50
CA PRO J 79 103.99 33.35 62.25
C PRO J 79 102.92 34.31 61.78
N THR J 80 102.51 34.14 60.51
CA THR J 80 101.61 35.10 59.89
C THR J 80 100.26 35.14 60.59
N GLU J 81 99.91 34.10 61.35
CA GLU J 81 98.70 34.11 62.16
C GLU J 81 98.81 33.02 63.21
N ASP J 82 98.01 33.16 64.27
CA ASP J 82 98.05 32.28 65.44
C ASP J 82 96.68 31.69 65.71
N VAL J 83 96.63 30.77 66.67
CA VAL J 83 95.40 30.10 67.06
C VAL J 83 94.92 30.68 68.38
N PRO J 84 93.64 30.99 68.52
CA PRO J 84 93.13 31.42 69.83
C PRO J 84 93.22 30.28 70.84
N ARG J 85 93.43 30.65 72.09
CA ARG J 85 93.60 29.65 73.13
C ARG J 85 92.27 29.01 73.50
N LYS J 86 92.34 27.81 74.07
CA LYS J 86 91.16 27.02 74.38
C LYS J 86 90.43 27.61 75.58
N LEU J 87 89.38 26.90 76.00
CA LEU J 87 88.65 27.24 77.21
C LEU J 87 89.21 26.40 78.36
N LEU J 88 88.56 26.45 79.52
CA LEU J 88 88.98 25.71 80.69
C LEU J 88 87.99 24.59 80.99
N SER J 89 88.47 23.54 81.65
CA SER J 89 87.78 22.26 81.64
C SER J 89 87.28 21.79 83.01
N HIS J 90 87.73 22.42 84.10
CA HIS J 90 87.37 22.05 85.48
C HIS J 90 87.56 20.55 85.76
N GLY J 91 88.42 19.90 84.99
CA GLY J 91 88.61 18.47 85.11
C GLY J 91 89.47 17.94 83.99
N LYS J 92 89.10 16.77 83.47
CA LYS J 92 89.84 16.09 82.40
C LYS J 92 91.32 15.94 82.79
N LYS J 93 91.54 15.24 83.89
CA LYS J 93 92.87 15.10 84.45
C LYS J 93 93.74 14.26 83.52
N PRO J 94 95.06 14.39 83.59
CA PRO J 94 95.93 13.53 82.78
C PRO J 94 96.02 12.12 83.36
N PHE J 95 96.65 11.25 82.57
CA PHE J 95 96.62 9.81 82.85
C PHE J 95 97.27 9.47 84.18
N SER J 96 98.36 10.14 84.53
CA SER J 96 99.06 9.80 85.77
C SER J 96 98.28 10.26 87.00
N GLN J 97 97.25 11.10 86.81
CA GLN J 97 96.43 11.60 87.90
C GLN J 97 95.10 10.85 88.00
N HIS J 98 94.91 9.81 87.21
CA HIS J 98 93.64 9.09 87.20
C HIS J 98 93.54 8.10 88.36
N VAL J 99 92.31 7.72 88.68
CA VAL J 99 92.08 6.69 89.68
C VAL J 99 92.31 5.32 89.05
N ARG J 100 92.94 4.42 89.79
CA ARG J 100 93.22 3.09 89.32
C ARG J 100 92.19 2.12 89.88
N LYS J 101 91.56 1.36 88.99
CA LYS J 101 90.50 0.45 89.36
C LYS J 101 90.89 -0.99 89.05
N LEU J 102 90.71 -1.87 90.03
CA LEU J 102 90.98 -3.30 89.88
C LEU J 102 89.69 -4.05 90.12
N ARG J 103 89.40 -5.04 89.27
CA ARG J 103 88.20 -5.83 89.43
C ARG J 103 88.29 -6.68 90.69
N ALA J 104 87.13 -6.97 91.27
CA ALA J 104 87.08 -7.78 92.48
C ALA J 104 87.55 -9.20 92.25
N SER J 105 87.48 -9.68 91.00
CA SER J 105 87.90 -11.03 90.69
C SER J 105 89.41 -11.20 90.65
N ILE J 106 90.17 -10.11 90.63
CA ILE J 106 91.63 -10.16 90.61
C ILE J 106 92.14 -9.78 91.99
N THR J 107 92.78 -10.75 92.65
CA THR J 107 93.50 -10.58 93.89
C THR J 107 94.90 -11.13 93.73
N PRO J 108 95.88 -10.64 94.50
CA PRO J 108 97.24 -11.17 94.37
C PRO J 108 97.30 -12.67 94.65
N GLY J 109 97.79 -13.41 93.66
CA GLY J 109 97.86 -14.85 93.71
C GLY J 109 96.87 -15.55 92.80
N THR J 110 95.88 -14.84 92.27
CA THR J 110 94.89 -15.47 91.42
C THR J 110 95.51 -15.89 90.09
N ILE J 111 95.12 -17.07 89.62
CA ILE J 111 95.51 -17.54 88.30
C ILE J 111 94.74 -16.74 87.26
N LEU J 112 95.44 -16.24 86.25
CA LEU J 112 94.86 -15.43 85.20
C LEU J 112 95.02 -16.13 83.86
N ILE J 113 94.27 -15.67 82.88
CA ILE J 113 94.31 -16.21 81.52
C ILE J 113 94.53 -15.06 80.56
N ILE J 114 95.65 -15.09 79.86
CA ILE J 114 95.99 -14.05 78.89
C ILE J 114 95.21 -14.29 77.60
N LEU J 115 94.72 -13.21 77.00
CA LEU J 115 93.88 -13.31 75.82
C LEU J 115 94.53 -12.74 74.57
N THR J 116 95.64 -12.02 74.69
CA THR J 116 96.33 -11.44 73.55
C THR J 116 97.83 -11.66 73.69
N GLY J 117 98.57 -11.18 72.70
CA GLY J 117 100.01 -11.25 72.75
C GLY J 117 100.52 -12.64 72.42
N ARG J 118 101.84 -12.76 72.46
CA ARG J 118 102.49 -14.03 72.18
C ARG J 118 102.20 -15.07 73.24
N HIS J 119 101.93 -14.65 74.48
CA HIS J 119 101.62 -15.56 75.57
C HIS J 119 100.12 -15.83 75.69
N ARG J 120 99.39 -15.75 74.58
CA ARG J 120 97.95 -15.98 74.64
C ARG J 120 97.66 -17.40 75.10
N GLY J 121 96.58 -17.56 75.86
CA GLY J 121 96.18 -18.85 76.34
C GLY J 121 96.96 -19.39 77.51
N LYS J 122 97.91 -18.63 78.05
CA LYS J 122 98.73 -19.13 79.15
C LYS J 122 98.11 -18.74 80.48
N ARG J 123 98.23 -19.66 81.45
CA ARG J 123 97.70 -19.48 82.78
C ARG J 123 98.82 -19.00 83.69
N VAL J 124 98.75 -17.73 84.09
CA VAL J 124 99.84 -17.08 84.78
C VAL J 124 99.41 -16.71 86.20
N VAL J 125 100.39 -16.39 87.04
CA VAL J 125 100.17 -16.06 88.44
C VAL J 125 100.27 -14.56 88.60
N PHE J 126 99.24 -13.95 89.16
CA PHE J 126 99.20 -12.51 89.37
C PHE J 126 99.89 -12.15 90.68
N LEU J 127 100.61 -11.02 90.68
CA LEU J 127 101.34 -10.58 91.86
C LEU J 127 100.80 -9.29 92.45
N LYS J 128 100.74 -8.21 91.69
CA LYS J 128 100.28 -6.94 92.24
C LYS J 128 99.89 -6.02 91.09
N GLN J 129 99.08 -5.02 91.41
CA GLN J 129 98.63 -4.05 90.43
C GLN J 129 99.51 -2.81 90.48
N LEU J 130 100.10 -2.47 89.35
CA LEU J 130 101.15 -1.47 89.27
C LEU J 130 100.56 -0.06 89.27
N ALA J 131 101.41 0.92 89.01
CA ALA J 131 101.02 2.32 89.15
C ALA J 131 100.08 2.76 88.03
N SER J 132 100.39 2.41 86.78
CA SER J 132 99.54 2.78 85.65
C SER J 132 98.29 1.92 85.54
N GLY J 133 98.15 0.90 86.40
CA GLY J 133 97.02 0.02 86.35
C GLY J 133 97.28 -1.31 85.69
N LEU J 134 98.40 -1.44 84.96
CA LEU J 134 98.74 -2.72 84.36
C LEU J 134 99.09 -3.72 85.44
N LEU J 135 98.47 -4.89 85.39
CA LEU J 135 98.77 -5.96 86.32
C LEU J 135 100.20 -6.43 86.13
N LEU J 136 100.85 -6.79 87.23
CA LEU J 136 102.16 -7.41 87.19
C LEU J 136 101.99 -8.89 87.48
N VAL J 137 102.32 -9.73 86.51
CA VAL J 137 102.12 -11.16 86.62
C VAL J 137 103.40 -11.87 86.18
N THR J 138 103.54 -13.11 86.64
CA THR J 138 104.51 -14.03 86.06
C THR J 138 104.05 -15.46 86.36
N GLY J 139 103.46 -16.10 85.37
CA GLY J 139 103.37 -17.54 85.37
C GLY J 139 104.79 -18.03 85.22
N PRO J 140 105.28 -18.82 86.18
CA PRO J 140 106.73 -18.96 86.35
C PRO J 140 107.42 -19.44 85.09
N LEU J 141 108.63 -18.91 84.86
CA LEU J 141 109.35 -19.21 83.63
C LEU J 141 109.67 -20.69 83.52
N VAL J 142 109.97 -21.33 84.66
CA VAL J 142 110.22 -22.76 84.67
C VAL J 142 108.96 -23.56 84.36
N LEU J 143 107.79 -22.91 84.39
CA LEU J 143 106.52 -23.58 84.18
C LEU J 143 105.96 -23.34 82.77
N ASN J 144 105.84 -22.07 82.37
CA ASN J 144 105.23 -21.78 81.07
C ASN J 144 105.90 -20.61 80.36
N ARG J 145 107.16 -20.33 80.67
CA ARG J 145 107.98 -19.38 79.90
C ARG J 145 107.36 -17.98 79.85
N VAL J 146 106.80 -17.53 80.96
CA VAL J 146 106.22 -16.20 81.07
C VAL J 146 107.01 -15.41 82.10
N PRO J 147 107.83 -14.47 81.68
CA PRO J 147 108.64 -13.73 82.64
C PRO J 147 107.81 -12.71 83.39
N LEU J 148 108.47 -11.90 84.22
CA LEU J 148 107.80 -10.76 84.83
C LEU J 148 107.35 -9.82 83.72
N ARG J 149 106.04 -9.75 83.51
CA ARG J 149 105.51 -9.08 82.33
C ARG J 149 104.22 -8.40 82.70
N ARG J 150 104.16 -7.09 82.46
CA ARG J 150 102.93 -6.35 82.68
C ARG J 150 101.85 -6.85 81.71
N THR J 151 100.63 -6.93 82.20
CA THR J 151 99.47 -7.23 81.36
C THR J 151 98.37 -6.23 81.71
N HIS J 152 97.29 -6.27 80.93
CA HIS J 152 96.17 -5.38 81.15
C HIS J 152 95.03 -6.13 81.81
N GLN J 153 94.39 -5.48 82.79
CA GLN J 153 93.28 -6.09 83.51
C GLN J 153 92.11 -6.40 82.59
N LYS J 154 91.92 -5.63 81.52
CA LYS J 154 90.82 -5.90 80.61
C LYS J 154 91.08 -7.15 79.78
N PHE J 155 92.33 -7.39 79.40
CA PHE J 155 92.68 -8.47 78.51
C PHE J 155 93.06 -9.75 79.24
N VAL J 156 92.56 -9.94 80.46
CA VAL J 156 92.82 -11.17 81.22
C VAL J 156 91.51 -11.62 81.86
N ILE J 157 91.34 -12.94 81.89
CA ILE J 157 90.17 -13.57 82.50
C ILE J 157 90.59 -14.16 83.82
N ALA J 158 89.92 -13.73 84.89
CA ALA J 158 90.29 -14.13 86.24
C ALA J 158 89.56 -15.42 86.59
N THR J 159 90.32 -16.44 86.97
CA THR J 159 89.73 -17.71 87.37
C THR J 159 89.44 -17.71 88.86
N SER J 160 88.78 -18.79 89.31
CA SER J 160 88.44 -18.90 90.73
C SER J 160 89.66 -19.24 91.57
N THR J 161 90.59 -20.01 91.04
CA THR J 161 91.70 -20.50 91.84
C THR J 161 92.69 -19.39 92.14
N LYS J 162 93.31 -19.47 93.31
CA LYS J 162 94.29 -18.49 93.76
C LYS J 162 95.26 -19.19 94.69
N ILE J 163 96.37 -18.52 94.98
CA ILE J 163 97.38 -19.02 95.91
C ILE J 163 97.72 -17.92 96.89
N ASP J 164 98.19 -18.31 98.07
CA ASP J 164 98.47 -17.37 99.15
C ASP J 164 99.82 -16.69 98.98
N ILE J 165 99.90 -15.70 98.09
CA ILE J 165 101.18 -15.05 97.84
C ILE J 165 101.31 -13.85 98.77
N SER J 166 100.53 -13.83 99.84
CA SER J 166 100.83 -12.94 100.94
C SER J 166 102.17 -13.30 101.55
N ASN J 167 102.63 -12.44 102.45
CA ASN J 167 103.95 -12.50 103.09
C ASN J 167 105.07 -12.85 102.11
N VAL J 168 104.98 -12.35 100.88
CA VAL J 168 106.10 -12.35 99.97
C VAL J 168 106.47 -10.89 99.70
N LYS J 169 107.67 -10.69 99.18
CA LYS J 169 108.24 -9.36 99.03
C LYS J 169 108.53 -9.13 97.54
N ILE J 170 107.66 -8.39 96.87
CA ILE J 170 107.96 -7.95 95.51
C ILE J 170 109.02 -6.86 95.59
N PRO J 171 110.09 -6.95 94.81
CA PRO J 171 111.13 -5.91 94.87
C PRO J 171 110.58 -4.55 94.49
N LYS J 172 111.05 -3.51 95.19
CA LYS J 172 110.49 -2.18 95.01
C LYS J 172 110.84 -1.59 93.66
N HIS J 173 111.89 -2.09 93.01
CA HIS J 173 112.29 -1.51 91.73
C HIS J 173 111.54 -2.13 90.55
N LEU J 174 110.63 -3.08 90.80
CA LEU J 174 109.79 -3.59 89.72
C LEU J 174 108.68 -2.60 89.44
N THR J 175 108.99 -1.54 88.71
CA THR J 175 108.08 -0.43 88.48
C THR J 175 107.64 -0.41 87.03
N ASP J 176 106.81 0.57 86.70
CA ASP J 176 106.47 0.81 85.31
C ASP J 176 107.71 1.22 84.51
N ALA J 177 108.55 2.06 85.11
CA ALA J 177 109.80 2.45 84.47
C ALA J 177 110.74 1.26 84.32
N TYR J 178 110.57 0.24 85.15
CA TYR J 178 111.37 -0.98 85.00
C TYR J 178 110.98 -1.73 83.73
N PHE J 179 109.68 -1.86 83.47
CA PHE J 179 109.18 -2.66 82.36
C PHE J 179 108.91 -1.86 81.10
N LYS J 180 109.22 -0.57 81.10
CA LYS J 180 108.96 0.24 79.91
C LYS J 180 109.85 -0.22 78.76
N LYS J 181 109.28 -0.21 77.56
CA LYS J 181 110.02 -0.63 76.38
C LYS J 181 111.19 0.32 76.12
N LYS J 182 112.27 -0.24 75.60
CA LYS J 182 113.44 0.52 75.20
C LYS J 182 113.52 0.55 73.68
N LYS J 183 114.21 1.57 73.16
CA LYS J 183 114.38 1.69 71.72
C LYS J 183 115.71 2.38 71.44
N LEU J 184 116.23 2.15 70.23
CA LEU J 184 117.49 2.74 69.81
C LEU J 184 117.31 3.86 68.80
N ARG J 185 116.50 3.63 67.77
CA ARG J 185 116.27 4.64 66.74
C ARG J 185 115.49 5.83 67.31
N LYS J 186 115.80 7.03 66.83
CA LYS J 186 116.76 7.27 65.76
C LYS J 186 117.61 8.52 65.98
N PRO J 187 118.82 8.34 66.52
CA PRO J 187 119.76 9.45 66.64
C PRO J 187 120.74 9.47 65.46
N ARG J 188 121.38 10.63 65.29
CA ARG J 188 122.50 10.87 64.34
C ARG J 188 122.26 10.29 62.95
N HIS J 189 121.00 10.20 62.53
CA HIS J 189 120.65 9.53 61.28
C HIS J 189 119.26 9.98 60.88
N GLN J 190 119.13 10.55 59.68
CA GLN J 190 117.87 11.12 59.24
C GLN J 190 117.24 10.36 58.08
N GLU J 191 118.01 10.05 57.04
CA GLU J 191 117.51 9.31 55.90
C GLU J 191 118.10 7.90 55.90
N GLY J 192 117.25 6.90 55.72
CA GLY J 192 117.70 5.52 55.73
C GLY J 192 118.40 5.09 54.46
N GLU J 193 119.72 4.95 54.53
CA GLU J 193 120.53 4.44 53.42
C GLU J 193 121.22 3.13 53.75
N ILE J 194 121.95 3.06 54.85
CA ILE J 194 122.53 1.82 55.35
C ILE J 194 121.64 1.33 56.49
N PHE J 195 121.33 0.03 56.48
CA PHE J 195 120.31 -0.50 57.38
C PHE J 195 120.66 -0.30 58.85
N ASP J 196 119.67 0.19 59.61
CA ASP J 196 119.80 0.43 61.04
C ASP J 196 119.08 -0.65 61.85
N THR J 197 119.11 -1.90 61.38
CA THR J 197 118.36 -2.99 61.99
C THR J 197 118.96 -3.47 63.30
N GLU J 198 120.05 -2.86 63.78
CA GLU J 198 120.70 -3.30 65.00
C GLU J 198 119.82 -3.02 66.21
N LYS J 199 120.12 -3.72 67.31
CA LYS J 199 119.40 -3.70 68.59
C LYS J 199 118.03 -4.35 68.49
N GLU J 200 117.61 -4.80 67.31
CA GLU J 200 116.31 -5.43 67.16
C GLU J 200 116.20 -6.71 67.99
N LYS J 201 117.30 -7.43 68.15
CA LYS J 201 117.30 -8.61 69.00
C LYS J 201 117.34 -8.15 70.45
N TYR J 202 116.17 -8.09 71.08
CA TYR J 202 116.08 -7.66 72.47
C TYR J 202 116.89 -8.57 73.37
N GLU J 203 117.66 -7.97 74.26
CA GLU J 203 118.60 -8.70 75.09
C GLU J 203 118.15 -8.69 76.55
N ILE J 204 118.15 -9.87 77.15
CA ILE J 204 117.63 -10.06 78.51
C ILE J 204 118.72 -9.63 79.48
N THR J 205 118.50 -8.52 80.18
CA THR J 205 119.44 -8.10 81.20
C THR J 205 119.54 -9.15 82.29
N GLU J 206 120.77 -9.39 82.75
CA GLU J 206 121.00 -10.35 83.82
C GLU J 206 120.27 -9.94 85.09
N GLN J 207 120.07 -8.64 85.30
CA GLN J 207 119.32 -8.16 86.46
C GLN J 207 117.85 -8.56 86.35
N ARG J 208 117.31 -8.57 85.13
CA ARG J 208 115.95 -9.10 84.93
C ARG J 208 115.89 -10.58 85.32
N LYS J 209 116.91 -11.34 84.95
CA LYS J 209 116.99 -12.74 85.34
C LYS J 209 117.04 -12.88 86.86
N ILE J 210 117.81 -12.01 87.52
CA ILE J 210 117.92 -12.05 88.97
C ILE J 210 116.57 -11.78 89.62
N ASP J 211 115.84 -10.76 89.12
CA ASP J 211 114.54 -10.47 89.69
C ASP J 211 113.55 -11.61 89.47
N GLN J 212 113.57 -12.18 88.26
CA GLN J 212 112.72 -13.34 87.97
C GLN J 212 113.01 -14.47 88.93
N LYS J 213 114.29 -14.76 89.17
CA LYS J 213 114.66 -15.81 90.11
C LYS J 213 114.20 -15.48 91.52
N ALA J 214 114.43 -14.24 91.96
CA ALA J 214 114.12 -13.86 93.33
C ALA J 214 112.63 -13.90 93.60
N VAL J 215 111.81 -13.71 92.57
CA VAL J 215 110.38 -13.82 92.76
C VAL J 215 109.92 -15.28 92.69
N ASP J 216 110.28 -15.99 91.62
CA ASP J 216 109.71 -17.32 91.44
C ASP J 216 110.28 -18.33 92.42
N SER J 217 111.43 -18.06 93.03
CA SER J 217 112.00 -18.99 94.00
C SER J 217 111.12 -19.12 95.23
N GLN J 218 110.39 -18.06 95.57
CA GLN J 218 109.41 -18.14 96.64
C GLN J 218 107.99 -18.29 96.15
N ILE J 219 107.72 -18.00 94.86
CA ILE J 219 106.40 -18.29 94.33
C ILE J 219 106.18 -19.79 94.17
N LEU J 220 107.17 -20.51 93.66
CA LEU J 220 106.98 -21.93 93.34
C LEU J 220 106.65 -22.83 94.53
N PRO J 221 107.24 -22.69 95.72
CA PRO J 221 106.84 -23.57 96.82
C PRO J 221 105.36 -23.48 97.15
N LYS J 222 104.75 -22.31 97.00
CA LYS J 222 103.32 -22.19 97.19
C LYS J 222 102.55 -22.89 96.08
N ILE J 223 103.08 -22.88 94.86
CA ILE J 223 102.43 -23.56 93.75
C ILE J 223 102.44 -25.06 93.95
N LYS J 224 103.60 -25.62 94.30
CA LYS J 224 103.73 -27.06 94.49
C LYS J 224 102.92 -27.54 95.70
N ALA J 225 102.59 -26.64 96.62
CA ALA J 225 101.98 -27.05 97.89
C ALA J 225 100.66 -27.78 97.70
N ILE J 226 99.94 -27.52 96.62
CA ILE J 226 98.68 -28.22 96.38
C ILE J 226 98.81 -29.03 95.09
N PRO J 227 98.08 -30.13 94.92
CA PRO J 227 98.36 -31.03 93.81
C PRO J 227 98.10 -30.42 92.44
N GLN J 228 98.96 -30.80 91.50
CA GLN J 228 98.84 -30.58 90.05
C GLN J 228 98.40 -29.16 89.70
N LEU J 229 98.85 -28.17 90.46
CA LEU J 229 98.67 -26.79 90.03
C LEU J 229 99.71 -26.43 88.98
N GLN J 230 100.92 -26.98 89.09
CA GLN J 230 101.94 -26.71 88.09
C GLN J 230 101.56 -27.28 86.73
N GLY J 231 100.97 -28.48 86.71
CA GLY J 231 100.44 -29.00 85.47
C GLY J 231 99.29 -28.19 84.92
N TYR J 232 98.49 -27.60 85.81
CA TYR J 232 97.44 -26.69 85.39
C TYR J 232 98.01 -25.46 84.72
N LEU J 233 99.11 -24.92 85.26
CA LEU J 233 99.70 -23.71 84.70
C LEU J 233 100.44 -24.01 83.41
N ARG J 234 101.06 -25.19 83.31
CA ARG J 234 101.77 -25.54 82.09
C ARG J 234 100.83 -25.65 80.90
N SER J 235 99.60 -26.07 81.13
CA SER J 235 98.65 -26.23 80.04
C SER J 235 98.21 -24.87 79.50
N VAL J 236 97.61 -24.89 78.32
CA VAL J 236 97.11 -23.69 77.67
C VAL J 236 95.59 -23.79 77.55
N PHE J 237 94.92 -22.69 77.89
CA PHE J 237 93.47 -22.63 77.79
C PHE J 237 93.04 -22.66 76.33
N ALA J 238 92.05 -23.50 76.04
CA ALA J 238 91.51 -23.61 74.70
C ALA J 238 90.00 -23.73 74.80
N LEU J 239 89.33 -23.48 73.68
CA LEU J 239 87.87 -23.52 73.63
C LEU J 239 87.46 -24.76 72.85
N THR J 240 87.10 -25.82 73.56
CA THR J 240 86.59 -27.02 72.94
C THR J 240 85.23 -26.75 72.31
N ASN J 241 84.88 -27.55 71.30
CA ASN J 241 83.61 -27.32 70.61
C ASN J 241 82.40 -27.56 71.51
N GLY J 242 82.59 -28.24 72.63
CA GLY J 242 81.48 -28.52 73.51
C GLY J 242 81.23 -27.49 74.58
N ILE J 243 82.20 -26.61 74.82
CA ILE J 243 82.11 -25.66 75.93
C ILE J 243 81.90 -24.26 75.38
N TYR J 244 81.14 -23.46 76.12
CA TYR J 244 80.83 -22.09 75.75
C TYR J 244 81.10 -21.18 76.94
N PRO J 245 81.73 -20.03 76.73
CA PRO J 245 82.15 -19.21 77.88
C PRO J 245 81.01 -18.66 78.71
N HIS J 246 79.84 -18.44 78.12
CA HIS J 246 78.74 -17.84 78.86
C HIS J 246 78.23 -18.76 79.97
N LYS J 247 78.48 -20.06 79.86
CA LYS J 247 78.12 -20.99 80.92
C LYS J 247 79.33 -21.54 81.66
N LEU J 248 80.54 -21.20 81.25
CA LEU J 248 81.73 -21.64 81.98
C LEU J 248 81.90 -20.82 83.24
N VAL J 249 81.97 -21.50 84.38
CA VAL J 249 82.29 -20.84 85.64
C VAL J 249 83.80 -20.82 85.77
N PHE J 250 84.42 -19.73 85.32
CA PHE J 250 85.86 -19.63 85.29
C PHE J 250 86.43 -19.59 86.69
N ASN K 1 94.92 58.04 92.08
CA ASN K 1 93.60 57.57 92.52
C ASN K 1 93.46 56.07 92.38
N PHE K 2 94.59 55.36 92.40
CA PHE K 2 94.55 53.90 92.27
C PHE K 2 94.03 53.24 93.54
N ALA K 3 94.53 53.68 94.70
CA ALA K 3 94.24 53.00 95.96
C ALA K 3 92.77 53.10 96.33
N GLU K 4 92.20 54.31 96.30
CA GLU K 4 90.81 54.44 96.70
C GLU K 4 89.88 53.74 95.72
N LEU K 5 90.26 53.65 94.45
CA LEU K 5 89.47 52.85 93.51
C LEU K 5 89.60 51.36 93.81
N LYS K 6 90.76 50.92 94.30
CA LYS K 6 90.87 49.52 94.74
C LYS K 6 89.94 49.23 95.90
N ILE K 7 89.90 50.14 96.89
CA ILE K 7 88.94 49.98 97.99
C ILE K 7 87.51 49.99 97.46
N LYS K 8 87.19 50.89 96.54
CA LYS K 8 85.83 50.95 96.00
C LYS K 8 85.44 49.63 95.33
N ARG K 9 86.32 49.10 94.48
CA ARG K 9 86.02 47.84 93.80
C ARG K 9 85.88 46.69 94.78
N LEU K 10 86.76 46.61 95.78
CA LEU K 10 86.67 45.49 96.71
C LEU K 10 85.42 45.61 97.59
N ARG K 11 85.03 46.83 97.95
CA ARG K 11 83.78 47.01 98.70
C ARG K 11 82.58 46.59 97.87
N LYS K 12 82.55 46.96 96.59
CA LYS K 12 81.46 46.55 95.71
C LYS K 12 81.38 45.02 95.61
N LYS K 13 82.53 44.38 95.40
CA LYS K 13 82.57 42.93 95.27
C LYS K 13 82.16 42.25 96.57
N PHE K 14 82.59 42.78 97.71
CA PHE K 14 82.22 42.20 98.99
C PHE K 14 80.72 42.32 99.23
N ALA K 15 80.14 43.47 98.93
CA ALA K 15 78.70 43.64 99.11
C ALA K 15 77.93 42.68 98.22
N GLN K 16 78.38 42.53 96.97
CA GLN K 16 77.75 41.59 96.06
C GLN K 16 77.86 40.15 96.56
N LYS K 17 79.04 39.77 97.07
CA LYS K 17 79.23 38.41 97.55
C LYS K 17 78.38 38.14 98.79
N MET K 18 78.28 39.11 99.70
CA MET K 18 77.47 38.89 100.89
C MET K 18 75.99 38.87 100.56
N LEU K 19 75.56 39.64 99.56
CA LEU K 19 74.18 39.50 99.07
C LEU K 19 73.94 38.10 98.53
N ARG K 20 74.90 37.57 97.77
CA ARG K 20 74.77 36.21 97.27
C ARG K 20 74.65 35.21 98.40
N LYS K 21 75.47 35.37 99.44
CA LYS K 21 75.39 34.48 100.60
C LYS K 21 74.03 34.57 101.28
N ALA K 22 73.52 35.79 101.44
CA ALA K 22 72.23 35.97 102.11
C ALA K 22 71.11 35.29 101.32
N ARG K 23 71.11 35.45 100.00
CA ARG K 23 70.10 34.80 99.20
C ARG K 23 70.24 33.28 99.21
N ARG K 24 71.48 32.77 99.25
CA ARG K 24 71.66 31.34 99.33
C ARG K 24 71.07 30.77 100.62
N LYS K 25 71.35 31.43 101.74
CA LYS K 25 70.78 30.97 103.01
C LYS K 25 69.25 31.07 103.00
N LEU K 26 68.72 32.17 102.45
CA LEU K 26 67.30 32.30 102.26
C LEU K 26 66.72 31.10 101.50
N ILE K 27 67.37 30.72 100.40
CA ILE K 27 66.73 29.77 99.52
C ILE K 27 66.83 28.36 100.12
N TYR K 28 67.90 28.12 100.89
CA TYR K 28 68.01 26.89 101.66
C TYR K 28 66.88 26.79 102.68
N GLU K 29 66.63 27.89 103.41
CA GLU K 29 65.56 27.86 104.40
C GLU K 29 64.20 27.66 103.73
N LYS K 30 63.98 28.29 102.57
CA LYS K 30 62.71 28.12 101.88
C LYS K 30 62.50 26.67 101.47
N ALA K 31 63.55 26.02 100.94
CA ALA K 31 63.42 24.62 100.56
C ALA K 31 63.15 23.74 101.77
N LYS K 32 63.80 24.04 102.90
CA LYS K 32 63.53 23.28 104.12
C LYS K 32 62.08 23.43 104.57
N HIS K 33 61.56 24.65 104.52
CA HIS K 33 60.17 24.88 104.90
C HIS K 33 59.21 24.16 103.98
N TYR K 34 59.49 24.16 102.67
CA TYR K 34 58.65 23.42 101.75
C TYR K 34 58.64 21.94 102.04
N HIS K 35 59.82 21.37 102.34
CA HIS K 35 59.89 19.97 102.71
C HIS K 35 59.03 19.69 103.93
N LYS K 36 59.14 20.54 104.95
CA LYS K 36 58.34 20.38 106.16
C LYS K 36 56.85 20.38 105.84
N GLU K 37 56.40 21.36 105.05
CA GLU K 37 54.96 21.49 104.85
C GLU K 37 54.41 20.42 103.90
N TYR K 38 55.20 19.95 102.93
CA TYR K 38 54.78 18.77 102.19
C TYR K 38 54.60 17.59 103.13
N ARG K 39 55.51 17.43 104.10
CA ARG K 39 55.36 16.32 105.03
C ARG K 39 54.10 16.46 105.87
N GLN K 40 53.78 17.67 106.34
CA GLN K 40 52.56 17.83 107.11
C GLN K 40 51.32 17.56 106.26
N MET K 41 51.30 18.01 105.01
CA MET K 41 50.12 17.79 104.19
C MET K 41 49.92 16.29 103.90
N TYR K 42 51.00 15.60 103.54
CA TYR K 42 50.90 14.18 103.28
C TYR K 42 50.45 13.41 104.51
N ARG K 43 51.01 13.75 105.68
CA ARG K 43 50.59 13.04 106.88
C ARG K 43 49.17 13.36 107.28
N THR K 44 48.71 14.60 107.09
CA THR K 44 47.36 14.95 107.52
C THR K 44 46.31 14.29 106.64
N GLU K 45 46.62 14.05 105.36
CA GLU K 45 45.70 13.29 104.53
C GLU K 45 45.39 11.93 105.14
N ILE K 46 46.43 11.15 105.45
CA ILE K 46 46.22 9.82 105.97
C ILE K 46 45.69 9.89 107.40
N ARG K 47 46.01 10.95 108.13
CA ARG K 47 45.45 11.11 109.47
C ARG K 47 43.94 11.29 109.43
N MET K 48 43.45 12.14 108.51
CA MET K 48 42.02 12.32 108.38
C MET K 48 41.35 11.03 107.94
N ALA K 49 41.95 10.31 106.99
CA ALA K 49 41.38 9.03 106.59
C ALA K 49 41.33 8.05 107.75
N ARG K 50 42.39 8.00 108.56
CA ARG K 50 42.44 7.08 109.69
C ARG K 50 41.39 7.43 110.72
N MET K 51 41.22 8.71 111.04
CA MET K 51 40.24 9.06 112.06
C MET K 51 38.82 8.83 111.57
N ALA K 52 38.57 9.02 110.27
CA ALA K 52 37.26 8.70 109.74
C ALA K 52 36.99 7.20 109.80
N ARG K 53 37.99 6.38 109.49
CA ARG K 53 37.77 4.94 109.51
C ARG K 53 37.66 4.40 110.95
N LYS K 54 38.36 5.02 111.89
CA LYS K 54 38.18 4.66 113.29
C LYS K 54 36.79 5.03 113.78
N ALA K 55 36.30 6.21 113.40
CA ALA K 55 34.94 6.58 113.77
C ALA K 55 33.90 5.80 112.98
N GLY K 56 34.30 5.04 111.97
CA GLY K 56 33.38 4.29 111.16
C GLY K 56 32.77 5.05 110.01
N ASN K 57 33.04 6.35 109.90
CA ASN K 57 32.52 7.15 108.81
C ASN K 57 33.41 6.97 107.57
N PHE K 58 33.16 7.79 106.56
CA PHE K 58 33.93 7.77 105.33
C PHE K 58 34.57 9.14 105.11
N TYR K 59 35.84 9.14 104.73
CA TYR K 59 36.54 10.37 104.38
C TYR K 59 36.65 10.46 102.87
N VAL K 60 36.07 11.50 102.29
CA VAL K 60 36.27 11.83 100.88
C VAL K 60 37.42 12.84 100.81
N PRO K 61 38.55 12.51 100.20
CA PRO K 61 39.64 13.46 100.11
C PRO K 61 39.28 14.65 99.24
N ALA K 62 40.00 15.74 99.44
CA ALA K 62 39.82 16.91 98.60
C ALA K 62 40.13 16.55 97.15
N GLU K 63 39.30 17.04 96.25
CA GLU K 63 39.45 16.74 94.83
C GLU K 63 40.79 17.28 94.34
N PRO K 64 41.54 16.53 93.53
CA PRO K 64 42.80 17.04 93.01
C PRO K 64 42.60 18.29 92.17
N LYS K 65 43.39 19.31 92.47
CA LYS K 65 43.27 20.61 91.82
C LYS K 65 44.30 20.80 90.71
N LEU K 66 45.13 19.80 90.46
CA LEU K 66 46.19 19.88 89.47
C LEU K 66 46.12 18.65 88.58
N ALA K 67 46.56 18.80 87.33
CA ALA K 67 46.58 17.68 86.41
C ALA K 67 47.77 17.83 85.48
N PHE K 68 48.29 16.70 85.01
CA PHE K 68 49.29 16.68 83.96
C PHE K 68 48.68 16.10 82.70
N VAL K 69 48.79 16.85 81.60
CA VAL K 69 48.17 16.48 80.34
C VAL K 69 49.25 16.21 79.31
N ILE K 70 49.17 15.04 78.68
CA ILE K 70 50.08 14.65 77.61
C ILE K 70 49.27 14.42 76.35
N ARG K 71 49.77 14.93 75.22
CA ARG K 71 49.16 14.66 73.93
C ARG K 71 49.70 13.34 73.42
N ILE K 72 48.80 12.46 72.96
CA ILE K 72 49.22 11.13 72.54
C ILE K 72 49.05 10.90 71.05
N ARG K 73 48.13 11.58 70.38
CA ARG K 73 47.92 11.37 68.96
C ARG K 73 48.48 12.54 68.16
N GLY K 74 48.74 12.27 66.89
CA GLY K 74 49.48 13.18 66.04
C GLY K 74 48.64 14.32 65.51
N ILE K 75 49.23 15.03 64.55
CA ILE K 75 48.65 16.26 64.02
C ILE K 75 48.00 16.03 62.66
N ASN K 76 47.63 14.79 62.36
CA ASN K 76 47.04 14.46 61.07
C ASN K 76 45.54 14.23 61.25
N GLY K 77 44.73 14.92 60.45
CA GLY K 77 43.30 14.74 60.47
C GLY K 77 42.63 15.11 61.78
N VAL K 78 42.99 16.26 62.33
CA VAL K 78 42.43 16.74 63.59
C VAL K 78 41.27 17.68 63.31
N SER K 79 40.19 17.52 64.07
CA SER K 79 39.03 18.37 63.91
C SER K 79 39.36 19.80 64.35
N PRO K 80 38.70 20.82 63.78
CA PRO K 80 39.10 22.21 64.06
C PRO K 80 38.95 22.62 65.51
N LYS K 81 37.92 22.15 66.21
CA LYS K 81 37.77 22.52 67.61
C LYS K 81 38.83 21.86 68.48
N VAL K 82 39.08 20.57 68.25
CA VAL K 82 40.12 19.86 68.98
C VAL K 82 41.47 20.51 68.74
N ARG K 83 41.76 20.84 67.47
CA ARG K 83 43.01 21.52 67.15
C ARG K 83 43.10 22.87 67.84
N LYS K 84 41.97 23.59 67.91
CA LYS K 84 42.00 24.92 68.51
C LYS K 84 42.29 24.84 70.00
N VAL K 85 41.65 23.93 70.72
CA VAL K 85 41.89 23.86 72.15
C VAL K 85 43.21 23.17 72.50
N LEU K 86 43.74 22.33 71.61
CA LEU K 86 45.10 21.84 71.83
C LEU K 86 46.11 22.96 71.65
N GLN K 87 45.84 23.91 70.77
CA GLN K 87 46.64 25.11 70.73
C GLN K 87 46.53 25.92 72.01
N LEU K 88 45.34 25.99 72.60
CA LEU K 88 45.17 26.67 73.87
C LEU K 88 45.85 25.90 75.01
N LEU K 89 46.08 24.61 74.84
CA LEU K 89 46.81 23.82 75.81
C LEU K 89 48.30 23.80 75.52
N ARG K 90 48.75 24.52 74.51
CA ARG K 90 50.15 24.59 74.12
C ARG K 90 50.70 23.21 73.74
N LEU K 91 49.83 22.32 73.29
CA LEU K 91 50.21 20.97 72.90
C LEU K 91 50.33 20.94 71.38
N ARG K 92 51.40 21.53 70.87
CA ARG K 92 51.71 21.46 69.46
C ARG K 92 52.15 20.08 69.03
N GLN K 93 53.07 19.48 69.77
CA GLN K 93 53.74 18.25 69.39
C GLN K 93 53.05 17.05 70.02
N ILE K 94 53.13 15.91 69.36
CA ILE K 94 52.83 14.65 70.03
C ILE K 94 53.81 14.46 71.16
N PHE K 95 53.34 13.88 72.26
CA PHE K 95 54.14 13.61 73.45
C PHE K 95 54.68 14.92 74.05
N ASN K 96 53.78 15.87 74.28
CA ASN K 96 54.09 17.12 74.95
C ASN K 96 53.26 17.22 76.23
N GLY K 97 53.87 17.71 77.29
CA GLY K 97 53.25 17.73 78.61
C GLY K 97 53.08 19.14 79.14
N THR K 98 51.91 19.41 79.72
CA THR K 98 51.60 20.71 80.27
C THR K 98 50.69 20.54 81.47
N PHE K 99 51.05 21.19 82.58
CA PHE K 99 50.19 21.14 83.76
C PHE K 99 48.96 22.00 83.56
N VAL K 100 47.83 21.51 84.06
CA VAL K 100 46.56 22.21 83.94
C VAL K 100 45.88 22.23 85.30
N LYS K 101 45.65 23.42 85.84
CA LYS K 101 44.86 23.54 87.05
C LYS K 101 43.41 23.19 86.74
N LEU K 102 42.70 22.70 87.75
CA LEU K 102 41.42 22.07 87.53
C LEU K 102 40.28 22.94 88.06
N ASN K 103 39.32 23.21 87.18
CA ASN K 103 38.06 23.85 87.51
C ASN K 103 37.08 23.38 86.45
N LYS K 104 35.86 23.92 86.46
CA LYS K 104 34.85 23.47 85.50
C LYS K 104 35.29 23.75 84.08
N ALA K 105 35.86 24.94 83.84
CA ALA K 105 36.29 25.29 82.49
C ALA K 105 37.34 24.30 81.98
N SER K 106 38.35 24.00 82.79
CA SER K 106 39.43 23.15 82.33
C SER K 106 38.98 21.71 82.16
N ILE K 107 38.11 21.22 83.05
CA ILE K 107 37.67 19.84 82.88
C ILE K 107 36.80 19.70 81.64
N ASN K 108 36.00 20.73 81.31
CA ASN K 108 35.28 20.67 80.04
C ASN K 108 36.23 20.75 78.87
N MET K 109 37.29 21.57 78.98
CA MET K 109 38.35 21.56 77.97
C MET K 109 38.87 20.16 77.75
N LEU K 110 39.19 19.45 78.82
CA LEU K 110 39.79 18.13 78.70
C LEU K 110 38.81 17.13 78.12
N ARG K 111 37.53 17.24 78.47
CA ARG K 111 36.58 16.28 77.90
C ARG K 111 36.29 16.57 76.44
N ILE K 112 36.54 17.79 75.97
CA ILE K 112 36.41 18.05 74.54
C ILE K 112 37.43 17.25 73.75
N VAL K 113 38.64 17.10 74.28
CA VAL K 113 39.73 16.46 73.55
C VAL K 113 40.17 15.17 74.22
N GLU K 114 39.22 14.49 74.85
CA GLU K 114 39.49 13.17 75.42
C GLU K 114 40.17 12.19 74.46
N PRO K 115 39.74 12.02 73.21
CA PRO K 115 40.42 11.00 72.38
C PRO K 115 41.85 11.35 72.03
N TYR K 116 42.27 12.61 72.17
CA TYR K 116 43.58 13.02 71.71
C TYR K 116 44.62 13.14 72.81
N ILE K 117 44.22 13.08 74.09
CA ILE K 117 45.15 13.30 75.19
C ILE K 117 44.97 12.21 76.23
N ALA K 118 45.91 12.17 77.16
CA ALA K 118 45.82 11.38 78.38
C ALA K 118 46.24 12.27 79.54
N TRP K 119 45.48 12.24 80.62
CA TRP K 119 45.81 13.11 81.74
C TRP K 119 45.49 12.43 83.05
N GLY K 120 46.15 12.90 84.10
CA GLY K 120 45.95 12.35 85.42
C GLY K 120 46.40 13.32 86.47
N TYR K 121 46.50 12.84 87.70
CA TYR K 121 46.89 13.68 88.83
C TYR K 121 48.28 13.27 89.28
N PRO K 122 49.31 14.01 88.89
CA PRO K 122 50.67 13.65 89.27
C PRO K 122 50.94 13.91 90.75
N ASN K 123 51.87 13.13 91.29
CA ASN K 123 52.32 13.29 92.66
C ASN K 123 53.51 14.23 92.69
N LEU K 124 54.17 14.31 93.85
CA LEU K 124 55.26 15.27 94.00
C LEU K 124 56.50 14.83 93.24
N LYS K 125 56.79 13.53 93.20
CA LYS K 125 57.97 13.06 92.46
C LYS K 125 57.84 13.39 90.98
N SER K 126 56.63 13.28 90.43
CA SER K 126 56.44 13.60 89.02
C SER K 126 56.78 15.04 88.74
N VAL K 127 56.26 15.96 89.56
CA VAL K 127 56.56 17.38 89.39
C VAL K 127 58.05 17.64 89.52
N ASN K 128 58.67 17.02 90.54
CA ASN K 128 60.10 17.21 90.75
C ASN K 128 60.91 16.80 89.53
N GLU K 129 60.71 15.58 89.04
CA GLU K 129 61.58 15.10 87.98
C GLU K 129 61.23 15.74 86.65
N LEU K 130 59.99 16.17 86.47
CA LEU K 130 59.64 16.94 85.28
C LEU K 130 60.37 18.28 85.26
N ILE K 131 60.11 19.13 86.25
CA ILE K 131 60.75 20.44 86.28
C ILE K 131 62.27 20.34 86.43
N TYR K 132 62.81 19.22 86.89
CA TYR K 132 64.26 19.16 86.99
C TYR K 132 64.90 18.62 85.72
N LYS K 133 64.52 17.40 85.31
CA LYS K 133 65.15 16.81 84.14
C LYS K 133 64.81 17.56 82.87
N ARG K 134 63.54 17.93 82.69
CA ARG K 134 63.10 18.60 81.48
C ARG K 134 62.62 20.02 81.74
N GLY K 135 63.14 20.68 82.77
CA GLY K 135 62.77 22.05 83.05
C GLY K 135 63.28 23.03 82.04
N TYR K 136 62.36 23.60 81.27
CA TYR K 136 62.67 24.57 80.24
C TYR K 136 61.78 25.79 80.45
N GLY K 137 62.40 26.96 80.47
CA GLY K 137 61.68 28.20 80.70
C GLY K 137 61.49 28.97 79.42
N LYS K 138 60.48 29.86 79.42
CA LYS K 138 60.19 30.69 78.26
C LYS K 138 60.61 32.12 78.61
N ILE K 139 61.88 32.43 78.37
CA ILE K 139 62.45 33.73 78.64
C ILE K 139 62.62 34.47 77.32
N ASN K 140 62.01 35.64 77.20
CA ASN K 140 62.07 36.45 75.99
C ASN K 140 61.65 35.63 74.77
N LYS K 141 60.58 34.86 74.92
CA LYS K 141 60.01 34.01 73.86
C LYS K 141 60.99 32.94 73.41
N LYS K 142 61.98 32.62 74.23
CA LYS K 142 62.99 31.61 73.92
C LYS K 142 62.96 30.52 74.98
N ARG K 143 63.35 29.31 74.58
CA ARG K 143 63.43 28.20 75.51
C ARG K 143 64.84 28.13 76.08
N ILE K 144 64.97 28.35 77.39
CA ILE K 144 66.24 28.28 78.08
C ILE K 144 66.16 27.22 79.16
N ALA K 145 67.13 26.31 79.17
CA ALA K 145 67.19 25.30 80.21
C ALA K 145 67.36 25.94 81.57
N LEU K 146 66.59 25.46 82.55
CA LEU K 146 66.68 25.96 83.92
C LEU K 146 67.89 25.35 84.61
N THR K 147 69.07 25.83 84.22
CA THR K 147 70.31 25.38 84.83
C THR K 147 70.77 26.29 85.96
N ASP K 148 70.01 27.35 86.26
CA ASP K 148 70.42 28.33 87.24
C ASP K 148 69.17 28.99 87.81
N ASN K 149 69.22 29.31 89.11
CA ASN K 149 68.11 30.02 89.74
C ASN K 149 68.04 31.48 89.30
N ALA K 150 69.08 32.00 88.65
CA ALA K 150 69.06 33.38 88.21
C ALA K 150 68.03 33.60 87.10
N LEU K 151 67.92 32.65 86.18
CA LEU K 151 66.98 32.79 85.07
C LEU K 151 65.54 32.88 85.56
N ILE K 152 65.16 31.98 86.47
CA ILE K 152 63.82 32.04 87.02
C ILE K 152 63.65 33.24 87.94
N ALA K 153 64.69 33.61 88.68
CA ALA K 153 64.58 34.74 89.59
C ALA K 153 64.33 36.05 88.83
N ARG K 154 64.98 36.22 87.68
CA ARG K 154 64.78 37.44 86.90
C ARG K 154 63.38 37.52 86.32
N SER K 155 62.77 36.39 85.97
CA SER K 155 61.49 36.39 85.28
C SER K 155 60.29 36.27 86.23
N LEU K 156 60.46 35.66 87.38
CA LEU K 156 59.38 35.40 88.32
C LEU K 156 59.63 36.01 89.69
N GLY K 157 60.67 36.84 89.83
CA GLY K 157 60.93 37.46 91.11
C GLY K 157 59.79 38.36 91.56
N LYS K 158 59.13 39.03 90.62
CA LYS K 158 58.02 39.90 90.99
C LYS K 158 56.83 39.13 91.53
N TYR K 159 56.78 37.82 91.29
CA TYR K 159 55.70 36.99 91.81
C TYR K 159 56.12 36.15 93.01
N GLY K 160 57.30 36.39 93.57
CA GLY K 160 57.76 35.67 94.73
C GLY K 160 58.51 34.38 94.43
N ILE K 161 58.44 33.88 93.21
CA ILE K 161 59.11 32.64 92.86
C ILE K 161 60.56 32.96 92.53
N ILE K 162 61.49 32.31 93.24
CA ILE K 162 62.90 32.63 93.12
C ILE K 162 63.73 31.46 92.65
N CYS K 163 63.36 30.21 92.95
CA CYS K 163 64.18 29.07 92.59
C CYS K 163 63.27 27.96 92.09
N MET K 164 63.90 26.84 91.73
CA MET K 164 63.16 25.65 91.30
C MET K 164 62.23 25.14 92.38
N GLU K 165 62.65 25.19 93.65
CA GLU K 165 61.78 24.77 94.74
C GLU K 165 60.56 25.67 94.84
N ASP K 166 60.74 26.97 94.68
CA ASP K 166 59.60 27.88 94.70
C ASP K 166 58.63 27.57 93.57
N LEU K 167 59.16 27.31 92.38
CA LEU K 167 58.32 27.00 91.23
C LEU K 167 57.56 25.70 91.45
N ILE K 168 58.25 24.66 91.93
CA ILE K 168 57.62 23.37 92.17
C ILE K 168 56.54 23.51 93.23
N HIS K 169 56.79 24.30 94.27
CA HIS K 169 55.77 24.55 95.27
C HIS K 169 54.59 25.30 94.66
N GLU K 170 54.86 26.24 93.76
CA GLU K 170 53.78 27.03 93.16
C GLU K 170 52.88 26.18 92.31
N ILE K 171 53.44 25.27 91.51
CA ILE K 171 52.59 24.37 90.74
C ILE K 171 51.90 23.36 91.66
N TYR K 172 52.65 22.70 92.54
CA TYR K 172 52.09 21.61 93.33
C TYR K 172 50.98 22.09 94.25
N THR K 173 51.30 22.95 95.21
CA THR K 173 50.25 23.63 95.95
C THR K 173 49.93 24.87 95.14
N VAL K 174 48.84 24.79 94.38
CA VAL K 174 48.54 25.83 93.40
C VAL K 174 48.34 27.16 94.13
N GLY K 175 49.25 28.10 93.87
CA GLY K 175 49.24 29.38 94.53
C GLY K 175 48.45 30.40 93.74
N LYS K 176 48.35 31.60 94.32
CA LYS K 176 47.61 32.68 93.69
C LYS K 176 48.28 33.20 92.44
N ARG K 177 49.52 32.80 92.16
CA ARG K 177 50.24 33.17 90.97
C ARG K 177 50.53 31.96 90.10
N PHE K 178 49.60 30.99 90.09
CA PHE K 178 49.85 29.74 89.39
C PHE K 178 49.93 29.95 87.89
N LYS K 179 49.09 30.82 87.33
CA LYS K 179 49.06 31.01 85.90
C LYS K 179 50.40 31.48 85.37
N GLU K 180 51.04 32.42 86.08
CA GLU K 180 52.27 33.01 85.60
C GLU K 180 53.40 31.99 85.59
N ALA K 181 53.53 31.22 86.66
CA ALA K 181 54.54 30.17 86.71
C ALA K 181 54.26 29.10 85.66
N ASN K 182 52.99 28.74 85.50
CA ASN K 182 52.62 27.71 84.55
C ASN K 182 52.95 28.12 83.11
N ASN K 183 52.63 29.37 82.75
CA ASN K 183 52.94 29.85 81.40
C ASN K 183 54.42 30.12 81.23
N PHE K 184 55.14 30.36 82.32
CA PHE K 184 56.59 30.48 82.24
C PHE K 184 57.21 29.17 81.76
N LEU K 185 56.71 28.04 82.25
CA LEU K 185 57.23 26.75 81.85
C LEU K 185 56.99 26.54 80.37
N TRP K 186 58.07 26.46 79.61
CA TRP K 186 57.96 26.04 78.23
C TRP K 186 57.40 24.62 78.19
N PRO K 187 56.48 24.33 77.27
CA PRO K 187 55.81 23.03 77.28
C PRO K 187 56.81 21.88 77.21
N PHE K 188 56.59 20.89 78.07
CA PHE K 188 57.54 19.80 78.21
C PHE K 188 57.57 18.96 76.95
N LYS K 189 58.77 18.62 76.49
CA LYS K 189 58.94 17.76 75.32
C LYS K 189 59.32 16.37 75.82
N LEU K 190 58.32 15.58 76.18
CA LEU K 190 58.53 14.26 76.72
C LEU K 190 58.89 13.30 75.60
N SER K 191 59.52 12.19 75.97
CA SER K 191 59.96 11.19 75.02
C SER K 191 58.85 10.14 74.85
N SER K 192 59.03 9.26 73.94
CA SER K 192 58.13 8.16 73.69
C SER K 192 58.15 7.19 74.86
N PRO K 193 57.04 6.48 75.08
CA PRO K 193 56.99 5.49 76.15
C PRO K 193 58.01 4.38 76.01
N ARG K 194 58.96 4.33 76.94
CA ARG K 194 59.79 3.14 77.09
C ARG K 194 58.95 2.05 77.72
N GLY K 195 58.89 0.90 77.07
CA GLY K 195 57.97 -0.14 77.46
C GLY K 195 56.66 -0.16 76.70
N GLY K 196 56.38 0.90 75.94
CA GLY K 196 55.28 0.88 74.99
C GLY K 196 53.92 1.10 75.63
N MET K 197 52.96 1.40 74.76
CA MET K 197 51.58 1.60 75.14
C MET K 197 50.76 0.38 74.74
N LYS K 198 49.67 0.17 75.46
CA LYS K 198 48.83 -0.97 75.09
C LYS K 198 47.85 -0.63 73.98
N LYS K 199 47.24 0.56 74.02
CA LYS K 199 46.51 1.06 72.85
C LYS K 199 46.34 2.56 73.04
N LYS K 200 46.98 3.35 72.17
CA LYS K 200 46.80 4.79 72.23
C LYS K 200 45.47 5.24 71.68
N THR K 201 44.74 4.34 71.03
CA THR K 201 43.62 4.72 70.18
C THR K 201 42.30 4.80 70.94
N THR K 202 42.16 4.12 72.07
CA THR K 202 40.91 4.10 72.80
C THR K 202 41.14 4.63 74.22
N HIS K 203 40.06 4.68 75.00
CA HIS K 203 40.09 5.18 76.36
C HIS K 203 40.78 4.18 77.27
N PHE K 204 41.56 4.70 78.21
CA PHE K 204 42.20 3.90 79.25
C PHE K 204 41.22 2.97 79.95
N VAL K 205 39.96 3.36 80.06
CA VAL K 205 38.99 2.56 80.81
C VAL K 205 38.52 1.31 80.09
N GLU K 206 38.75 1.19 78.78
CA GLU K 206 38.44 -0.05 78.08
C GLU K 206 39.69 -0.68 77.47
N GLY K 207 40.84 -0.50 78.11
CA GLY K 207 42.07 -1.11 77.63
C GLY K 207 42.88 -0.26 76.69
N GLY K 208 42.55 1.01 76.56
CA GLY K 208 43.31 1.97 75.80
C GLY K 208 44.18 2.83 76.68
N ASP K 209 44.43 4.05 76.23
CA ASP K 209 45.30 4.96 76.94
C ASP K 209 44.79 6.39 77.04
N ALA K 210 43.88 6.80 76.16
CA ALA K 210 43.38 8.16 76.18
C ALA K 210 42.52 8.40 77.41
N GLY K 211 42.32 9.67 77.73
CA GLY K 211 41.43 10.04 78.80
C GLY K 211 42.07 10.01 80.17
N ASN K 212 41.23 10.32 81.16
CA ASN K 212 41.69 10.47 82.53
C ASN K 212 41.94 9.12 83.18
N ARG K 213 43.21 8.82 83.45
CA ARG K 213 43.57 7.84 84.46
C ARG K 213 43.83 8.60 85.75
N GLU K 214 43.25 8.10 86.85
CA GLU K 214 43.22 8.84 88.11
C GLU K 214 44.62 9.23 88.58
N ASP K 215 45.42 8.24 88.94
CA ASP K 215 46.80 8.51 89.31
C ASP K 215 47.75 7.46 88.76
N GLN K 216 47.32 6.70 87.74
CA GLN K 216 48.23 5.81 87.04
C GLN K 216 49.13 6.57 86.08
N ILE K 217 48.91 7.88 85.93
CA ILE K 217 49.77 8.67 85.06
C ILE K 217 51.17 8.78 85.64
N ASN K 218 51.31 8.59 86.95
CA ASN K 218 52.63 8.59 87.55
C ASN K 218 53.48 7.44 87.01
N ARG K 219 52.82 6.35 86.59
CA ARG K 219 53.55 5.31 85.87
C ARG K 219 53.98 5.81 84.50
N LEU K 220 53.19 6.68 83.90
CA LEU K 220 53.45 7.13 82.54
C LEU K 220 54.68 8.02 82.46
N ILE K 221 54.78 8.99 83.38
CA ILE K 221 55.91 9.92 83.33
C ILE K 221 57.23 9.20 83.52
N ARG K 222 57.27 8.19 84.39
CA ARG K 222 58.52 7.45 84.58
C ARG K 222 58.99 6.80 83.29
N ARG K 223 58.06 6.50 82.39
CA ARG K 223 58.41 5.95 81.09
C ARG K 223 58.53 7.01 80.01
N MET K 224 58.11 8.24 80.29
CA MET K 224 58.32 9.36 79.37
C MET K 224 59.72 9.91 79.50
N ASN K 225 60.06 10.42 80.68
CA ASN K 225 61.39 10.96 80.92
C ASN K 225 62.23 10.01 81.77
N LYS L 1 22.61 61.32 -100.11
CA LYS L 1 22.57 60.67 -101.42
C LYS L 1 23.79 59.76 -101.60
N VAL L 2 24.87 60.12 -100.93
CA VAL L 2 26.11 59.34 -100.97
C VAL L 2 26.18 58.40 -99.75
N VAL L 3 25.08 58.23 -99.04
CA VAL L 3 25.07 57.45 -97.81
C VAL L 3 25.30 55.97 -98.13
N ASN L 4 26.12 55.33 -97.31
CA ASN L 4 26.29 53.88 -97.39
C ASN L 4 24.97 53.22 -97.02
N PRO L 5 24.41 52.37 -97.88
CA PRO L 5 23.14 51.71 -97.54
C PRO L 5 23.22 50.82 -96.32
N LEU L 6 24.42 50.35 -95.95
CA LEU L 6 24.55 49.52 -94.77
C LEU L 6 24.30 50.29 -93.48
N PHE L 7 24.51 51.61 -93.48
CA PHE L 7 24.31 52.38 -92.27
C PHE L 7 22.85 52.36 -91.86
N GLU L 8 22.61 51.99 -90.62
CA GLU L 8 21.25 51.90 -90.12
C GLU L 8 21.24 52.32 -88.65
N LYS L 9 20.16 52.95 -88.24
CA LYS L 9 19.96 53.26 -86.83
C LYS L 9 19.72 51.97 -86.06
N ARG L 10 20.33 51.87 -84.88
CA ARG L 10 20.19 50.70 -84.02
C ARG L 10 19.76 51.17 -82.63
N PRO L 11 18.52 51.64 -82.50
CA PRO L 11 18.07 52.17 -81.21
C PRO L 11 17.88 51.04 -80.21
N LYS L 12 18.05 51.37 -78.94
CA LYS L 12 17.86 50.43 -77.85
C LYS L 12 16.85 51.02 -76.88
N ASN L 13 15.64 50.47 -76.88
CA ASN L 13 14.64 50.90 -75.91
C ASN L 13 15.04 50.43 -74.51
N PHE L 14 14.76 51.25 -73.52
CA PHE L 14 15.19 51.00 -72.14
C PHE L 14 14.02 50.67 -71.24
N GLY L 15 13.08 49.86 -71.71
CA GLY L 15 12.00 49.40 -70.88
C GLY L 15 12.47 48.40 -69.84
N ILE L 16 11.54 48.05 -68.95
CA ILE L 16 11.86 47.13 -67.87
C ILE L 16 12.22 45.76 -68.44
N GLY L 17 13.34 45.21 -67.98
CA GLY L 17 13.78 43.90 -68.39
C GLY L 17 14.38 43.83 -69.78
N GLN L 18 14.42 44.94 -70.50
CA GLN L 18 14.99 45.00 -71.83
C GLN L 18 16.46 45.38 -71.73
N ASP L 19 17.06 45.80 -72.84
CA ASP L 19 18.48 46.11 -72.89
C ASP L 19 18.85 47.13 -71.81
N ILE L 20 20.03 46.95 -71.23
CA ILE L 20 20.33 47.56 -69.93
C ILE L 20 20.32 49.09 -70.03
N GLN L 21 20.04 49.73 -68.90
CA GLN L 21 19.81 51.16 -68.87
C GLN L 21 21.11 51.91 -69.15
N PRO L 22 21.04 53.06 -69.80
CA PRO L 22 22.24 53.86 -70.04
C PRO L 22 22.70 54.51 -68.75
N LYS L 23 23.97 54.91 -68.75
CA LYS L 23 24.58 55.54 -67.60
C LYS L 23 24.06 56.96 -67.43
N ARG L 24 23.01 57.14 -66.63
CA ARG L 24 22.39 58.45 -66.45
C ARG L 24 22.84 59.09 -65.15
N ASP L 25 22.57 60.40 -65.04
CA ASP L 25 23.00 61.17 -63.88
C ASP L 25 22.35 60.60 -62.62
N LEU L 26 23.17 60.45 -61.57
CA LEU L 26 22.77 59.72 -60.39
C LEU L 26 23.23 60.42 -59.12
N THR L 27 23.37 61.75 -59.17
CA THR L 27 23.91 62.49 -58.04
C THR L 27 23.01 62.38 -56.81
N ARG L 28 21.69 62.41 -57.03
CA ARG L 28 20.75 62.40 -55.92
C ARG L 28 20.76 61.08 -55.14
N PHE L 29 21.36 60.03 -55.69
CA PHE L 29 21.28 58.69 -55.14
C PHE L 29 22.66 58.16 -54.79
N VAL L 30 23.46 58.97 -54.10
CA VAL L 30 24.86 58.66 -53.82
C VAL L 30 25.06 58.56 -52.32
N LYS L 31 25.80 57.54 -51.86
CA LYS L 31 26.28 57.55 -50.50
C LYS L 31 27.39 58.58 -50.36
N TRP L 32 27.02 59.79 -50.00
CA TRP L 32 27.97 60.87 -49.86
C TRP L 32 28.82 60.67 -48.62
N PRO L 33 29.96 61.36 -48.53
CA PRO L 33 30.74 61.31 -47.28
C PRO L 33 29.95 61.91 -46.13
N ARG L 34 30.33 61.51 -44.91
CA ARG L 34 29.57 61.88 -43.73
C ARG L 34 29.49 63.39 -43.54
N TYR L 35 30.55 64.13 -43.85
CA TYR L 35 30.52 65.56 -43.61
C TYR L 35 29.65 66.29 -44.63
N ILE L 36 29.64 65.82 -45.88
CA ILE L 36 28.77 66.42 -46.89
C ILE L 36 27.32 66.20 -46.52
N ARG L 37 26.99 64.97 -46.12
CA ARG L 37 25.63 64.67 -45.67
C ARG L 37 25.28 65.51 -44.45
N LEU L 38 26.22 65.65 -43.52
CA LEU L 38 25.95 66.40 -42.30
C LEU L 38 25.68 67.86 -42.59
N GLN L 39 26.45 68.47 -43.48
CA GLN L 39 26.19 69.88 -43.80
C GLN L 39 24.89 70.04 -44.57
N ARG L 40 24.53 69.05 -45.40
CA ARG L 40 23.26 69.14 -46.09
C ARG L 40 22.08 69.05 -45.12
N GLN L 41 22.13 68.13 -44.16
CA GLN L 41 21.07 68.10 -43.16
C GLN L 41 21.11 69.30 -42.23
N ARG L 42 22.28 69.92 -42.02
CA ARG L 42 22.29 71.17 -41.28
C ARG L 42 21.53 72.26 -42.03
N ALA L 43 21.76 72.37 -43.33
CA ALA L 43 21.04 73.36 -44.13
C ALA L 43 19.54 73.08 -44.12
N ILE L 44 19.15 71.80 -44.17
CA ILE L 44 17.73 71.47 -44.12
C ILE L 44 17.14 71.79 -42.75
N LEU L 45 17.88 71.47 -41.68
CA LEU L 45 17.37 71.70 -40.33
C LEU L 45 17.24 73.18 -40.03
N TYR L 46 18.04 74.02 -40.67
CA TYR L 46 17.85 75.46 -40.51
C TYR L 46 16.61 75.97 -41.20
N LYS L 47 15.94 75.14 -42.01
CA LYS L 47 14.64 75.47 -42.58
C LYS L 47 13.48 74.78 -41.90
N ARG L 48 13.71 73.59 -41.34
CA ARG L 48 12.63 72.88 -40.65
C ARG L 48 12.30 73.56 -39.32
N LEU L 49 13.30 73.72 -38.46
CA LEU L 49 13.07 74.19 -37.10
C LEU L 49 12.71 75.66 -37.10
N LYS L 50 11.97 76.07 -36.07
CA LYS L 50 11.53 77.46 -35.93
C LYS L 50 12.71 78.30 -35.51
N VAL L 51 13.35 78.96 -36.46
CA VAL L 51 14.49 79.82 -36.16
C VAL L 51 13.99 81.05 -35.42
N PRO L 52 14.57 81.40 -34.27
CA PRO L 52 14.15 82.63 -33.59
C PRO L 52 14.50 83.84 -34.41
N PRO L 53 13.76 84.94 -34.26
CA PRO L 53 13.99 86.12 -35.10
C PRO L 53 15.36 86.75 -34.92
N ALA L 54 16.03 86.50 -33.80
CA ALA L 54 17.38 87.04 -33.63
C ALA L 54 18.37 86.34 -34.56
N ILE L 55 18.12 85.09 -34.93
CA ILE L 55 18.98 84.42 -35.89
C ILE L 55 18.48 84.60 -37.30
N ASN L 56 17.16 84.56 -37.50
CA ASN L 56 16.59 84.74 -38.81
C ASN L 56 16.75 86.16 -39.32
N GLN L 57 17.09 87.11 -38.46
CA GLN L 57 17.32 88.47 -38.94
C GLN L 57 18.53 88.56 -39.86
N PHE L 58 19.42 87.56 -39.81
CA PHE L 58 20.60 87.58 -40.66
C PHE L 58 20.32 87.10 -42.07
N THR L 59 19.16 86.46 -42.31
CA THR L 59 18.85 85.99 -43.65
C THR L 59 18.41 87.14 -44.55
N GLN L 60 17.97 88.25 -43.98
CA GLN L 60 17.55 89.41 -44.76
C GLN L 60 18.78 90.26 -45.05
N ALA L 61 19.52 89.86 -46.07
CA ALA L 61 20.75 90.54 -46.44
C ALA L 61 20.50 91.56 -47.55
N LEU L 62 21.55 92.28 -47.91
CA LEU L 62 21.45 93.28 -48.96
C LEU L 62 21.32 92.63 -50.33
N ASP L 63 20.67 93.34 -51.25
CA ASP L 63 20.64 92.90 -52.63
C ASP L 63 22.02 93.09 -53.26
N ARG L 64 22.21 92.51 -54.44
CA ARG L 64 23.51 92.54 -55.09
C ARG L 64 23.93 93.96 -55.44
N GLN L 65 23.00 94.79 -55.89
CA GLN L 65 23.35 96.11 -56.40
C GLN L 65 23.92 97.01 -55.30
N THR L 66 23.15 97.23 -54.23
CA THR L 66 23.63 98.11 -53.18
C THR L 66 24.77 97.50 -52.39
N ALA L 67 24.86 96.16 -52.37
CA ALA L 67 26.03 95.53 -51.78
C ALA L 67 27.28 95.85 -52.58
N THR L 68 27.17 95.84 -53.91
CA THR L 68 28.31 96.25 -54.74
C THR L 68 28.62 97.73 -54.54
N GLN L 69 27.60 98.57 -54.37
CA GLN L 69 27.83 99.98 -54.06
C GLN L 69 28.61 100.13 -52.77
N LEU L 70 28.19 99.43 -51.72
CA LEU L 70 28.88 99.46 -50.45
C LEU L 70 30.32 98.94 -50.58
N LEU L 71 30.49 97.89 -51.36
CA LEU L 71 31.82 97.30 -51.53
C LEU L 71 32.76 98.25 -52.26
N LYS L 72 32.27 98.94 -53.30
CA LYS L 72 33.15 99.83 -54.04
C LYS L 72 33.41 101.11 -53.27
N LEU L 73 32.48 101.53 -52.41
CA LEU L 73 32.78 102.63 -51.50
C LEU L 73 33.81 102.22 -50.47
N ALA L 74 33.71 101.00 -49.95
CA ALA L 74 34.64 100.53 -48.93
C ALA L 74 36.03 100.27 -49.51
N HIS L 75 36.11 99.99 -50.81
CA HIS L 75 37.40 99.70 -51.44
C HIS L 75 38.36 100.88 -51.35
N LYS L 76 37.85 102.10 -51.21
CA LYS L 76 38.71 103.27 -51.12
C LYS L 76 39.27 103.47 -49.72
N TYR L 77 38.87 102.65 -48.75
CA TYR L 77 39.35 102.80 -47.37
C TYR L 77 39.82 101.47 -46.82
N ARG L 78 40.39 100.62 -47.66
CA ARG L 78 40.96 99.37 -47.19
C ARG L 78 42.17 99.64 -46.32
N PRO L 79 42.41 98.81 -45.31
CA PRO L 79 43.53 99.05 -44.39
C PRO L 79 44.88 98.94 -45.09
N GLU L 80 45.87 99.58 -44.48
CA GLU L 80 47.22 99.61 -45.03
C GLU L 80 47.87 98.26 -44.84
N THR L 81 48.18 97.57 -45.94
CA THR L 81 48.84 96.29 -45.88
C THR L 81 50.29 96.47 -45.43
N LYS L 82 50.99 95.35 -45.26
CA LYS L 82 52.30 95.37 -44.63
C LYS L 82 53.31 96.17 -45.44
N GLN L 83 53.32 96.00 -46.78
CA GLN L 83 54.37 96.63 -47.58
C GLN L 83 54.12 98.12 -47.73
N GLU L 84 52.86 98.54 -47.89
CA GLU L 84 52.61 99.97 -47.97
C GLU L 84 52.81 100.64 -46.63
N LYS L 85 52.48 99.95 -45.53
CA LYS L 85 52.77 100.51 -44.23
C LYS L 85 54.27 100.65 -44.00
N LYS L 86 55.06 99.66 -44.43
CA LYS L 86 56.50 99.79 -44.23
C LYS L 86 57.09 100.85 -45.17
N GLN L 87 56.48 101.06 -46.34
CA GLN L 87 56.88 102.19 -47.18
C GLN L 87 56.61 103.51 -46.48
N ARG L 88 55.44 103.63 -45.86
CA ARG L 88 55.11 104.85 -45.11
C ARG L 88 56.06 105.03 -43.92
N LEU L 89 56.42 103.94 -43.26
CA LEU L 89 57.35 104.00 -42.14
C LEU L 89 58.74 104.48 -42.58
N LEU L 90 59.24 103.91 -43.69
CA LEU L 90 60.50 104.38 -44.23
C LEU L 90 60.41 105.84 -44.64
N ALA L 91 59.28 106.25 -45.22
CA ALA L 91 59.12 107.64 -45.66
C ALA L 91 59.13 108.60 -44.47
N ARG L 92 58.40 108.27 -43.40
CA ARG L 92 58.47 109.10 -42.20
C ARG L 92 59.86 109.08 -41.60
N ALA L 93 60.60 107.98 -41.75
CA ALA L 93 61.98 107.94 -41.31
C ALA L 93 62.83 108.96 -42.04
N GLU L 94 62.81 108.92 -43.39
CA GLU L 94 63.66 109.86 -44.13
C GLU L 94 63.21 111.30 -43.91
N LYS L 95 61.90 111.56 -43.86
CA LYS L 95 61.47 112.94 -43.69
C LYS L 95 61.73 113.44 -42.28
N LYS L 96 61.87 112.55 -41.29
CA LYS L 96 62.34 112.99 -39.99
C LYS L 96 63.85 113.22 -40.01
N ALA L 97 64.57 112.43 -40.81
CA ALA L 97 66.01 112.65 -40.95
C ALA L 97 66.32 114.00 -41.59
N ALA L 98 65.55 114.38 -42.61
CA ALA L 98 65.71 115.69 -43.25
C ALA L 98 64.42 116.01 -44.01
N GLY L 99 63.67 117.00 -43.53
CA GLY L 99 63.96 117.70 -42.29
C GLY L 99 62.69 118.09 -41.56
N LYS L 100 61.58 117.46 -41.95
CA LYS L 100 60.28 117.79 -41.37
C LYS L 100 60.22 117.39 -39.89
N GLY L 101 60.59 116.16 -39.57
CA GLY L 101 60.49 115.67 -38.21
C GLY L 101 59.33 114.71 -38.01
N ASP L 102 58.45 115.02 -37.06
CA ASP L 102 57.30 114.18 -36.78
C ASP L 102 56.37 114.08 -37.98
N VAL L 103 55.79 115.21 -38.38
CA VAL L 103 54.91 115.32 -39.55
C VAL L 103 53.78 114.30 -39.50
N PRO L 104 52.78 114.49 -38.63
CA PRO L 104 51.63 113.55 -38.63
C PRO L 104 50.89 113.50 -39.96
N THR L 105 50.82 114.64 -40.66
CA THR L 105 50.32 114.74 -42.03
C THR L 105 48.95 114.10 -42.21
N LYS L 106 48.05 114.34 -41.25
CA LYS L 106 46.63 113.98 -41.36
C LYS L 106 46.45 112.48 -41.61
N ARG L 107 46.77 111.71 -40.58
CA ARG L 107 46.58 110.27 -40.56
C ARG L 107 45.20 109.89 -41.09
N PRO L 108 45.13 109.05 -42.13
CA PRO L 108 43.93 109.00 -42.97
C PRO L 108 42.81 108.22 -42.34
N PRO L 109 41.56 108.43 -42.78
CA PRO L 109 40.47 107.56 -42.36
C PRO L 109 40.67 106.15 -42.89
N VAL L 110 40.24 105.16 -42.12
CA VAL L 110 40.46 103.76 -42.47
C VAL L 110 39.25 102.96 -42.02
N LEU L 111 39.08 101.80 -42.64
CA LEU L 111 38.01 100.88 -42.26
C LEU L 111 38.43 100.13 -41.01
N ARG L 112 37.56 100.13 -40.00
CA ARG L 112 37.87 99.48 -38.73
C ARG L 112 37.24 98.09 -38.67
N ALA L 113 38.07 97.07 -38.52
CA ALA L 113 37.66 95.68 -38.60
C ALA L 113 37.61 95.07 -37.21
N GLY L 114 37.09 93.85 -37.14
CA GLY L 114 37.01 93.12 -35.89
C GLY L 114 35.73 93.41 -35.14
N VAL L 115 35.16 92.39 -34.50
CA VAL L 115 33.89 92.57 -33.81
C VAL L 115 34.06 93.44 -32.58
N ASN L 116 35.14 93.24 -31.82
CA ASN L 116 35.31 93.98 -30.58
C ASN L 116 35.62 95.45 -30.84
N THR L 117 36.46 95.72 -31.85
CA THR L 117 36.74 97.10 -32.21
C THR L 117 35.47 97.81 -32.67
N VAL L 118 34.65 97.12 -33.46
CA VAL L 118 33.39 97.69 -33.92
C VAL L 118 32.47 97.97 -32.75
N THR L 119 32.39 97.04 -31.80
CA THR L 119 31.53 97.23 -30.64
C THR L 119 31.99 98.42 -29.80
N THR L 120 33.30 98.54 -29.59
CA THR L 120 33.79 99.68 -28.81
C THR L 120 33.55 100.99 -29.54
N LEU L 121 33.76 101.01 -30.86
CA LEU L 121 33.55 102.24 -31.61
C LEU L 121 32.08 102.62 -31.66
N VAL L 122 31.20 101.62 -31.68
CA VAL L 122 29.77 101.93 -31.78
C VAL L 122 29.21 102.33 -30.42
N GLU L 123 29.75 101.77 -29.33
CA GLU L 123 29.27 102.16 -28.00
C GLU L 123 29.67 103.59 -27.66
N ASN L 124 30.65 104.14 -28.36
CA ASN L 124 31.03 105.53 -28.22
C ASN L 124 30.30 106.45 -29.19
N LYS L 125 29.36 105.89 -29.97
CA LYS L 125 28.62 106.63 -30.99
C LYS L 125 29.57 107.31 -31.98
N LYS L 126 30.60 106.58 -32.39
CA LYS L 126 31.62 107.13 -33.28
C LYS L 126 31.53 106.60 -34.70
N ALA L 127 30.90 105.46 -34.91
CA ALA L 127 30.82 104.85 -36.23
C ALA L 127 29.59 105.35 -36.98
N GLN L 128 29.73 105.49 -38.30
CA GLN L 128 28.65 105.98 -39.14
C GLN L 128 27.96 104.89 -39.94
N LEU L 129 28.60 103.74 -40.13
CA LEU L 129 27.99 102.63 -40.85
C LEU L 129 28.65 101.34 -40.42
N VAL L 130 27.84 100.32 -40.16
CA VAL L 130 28.30 99.02 -39.68
C VAL L 130 27.86 97.95 -40.66
N VAL L 131 28.78 97.07 -41.03
CA VAL L 131 28.55 96.00 -42.00
C VAL L 131 28.75 94.67 -41.27
N ILE L 132 27.79 93.76 -41.41
CA ILE L 132 27.82 92.49 -40.70
C ILE L 132 27.69 91.35 -41.70
N ALA L 133 28.65 90.44 -41.69
CA ALA L 133 28.54 89.23 -42.49
C ALA L 133 27.45 88.33 -41.94
N HIS L 134 26.64 87.76 -42.82
CA HIS L 134 25.45 87.02 -42.41
C HIS L 134 25.75 85.59 -42.00
N ASP L 135 26.89 85.04 -42.40
CA ASP L 135 27.14 83.61 -42.27
C ASP L 135 28.27 83.34 -41.28
N VAL L 136 28.28 84.05 -40.17
CA VAL L 136 29.19 83.72 -39.08
C VAL L 136 28.76 82.37 -38.51
N ASP L 137 29.61 81.35 -38.68
CA ASP L 137 29.23 80.01 -38.25
C ASP L 137 29.01 79.90 -36.75
N PRO L 138 29.89 80.44 -35.88
CA PRO L 138 29.44 80.59 -34.48
C PRO L 138 28.62 81.87 -34.36
N ILE L 139 27.33 81.78 -34.64
CA ILE L 139 26.47 82.97 -34.72
C ILE L 139 26.00 83.25 -33.30
N GLU L 140 26.91 83.81 -32.52
CA GLU L 140 26.65 84.46 -31.24
C GLU L 140 27.50 85.69 -31.06
N LEU L 141 28.50 85.92 -31.91
CA LEU L 141 29.40 87.04 -31.76
C LEU L 141 28.86 88.32 -32.37
N VAL L 142 27.83 88.23 -33.20
CA VAL L 142 27.26 89.40 -33.86
C VAL L 142 25.75 89.39 -33.71
N VAL L 143 25.23 88.57 -32.82
CA VAL L 143 23.78 88.50 -32.62
C VAL L 143 23.27 89.76 -31.92
N PHE L 144 23.96 90.20 -30.87
CA PHE L 144 23.56 91.39 -30.13
C PHE L 144 23.77 92.66 -30.92
N LEU L 145 24.67 92.64 -31.89
CA LEU L 145 25.10 93.87 -32.54
C LEU L 145 24.00 94.58 -33.34
N PRO L 146 23.10 93.90 -34.07
CA PRO L 146 21.99 94.64 -34.68
C PRO L 146 21.12 95.38 -33.68
N ALA L 147 20.78 94.74 -32.56
CA ALA L 147 19.99 95.42 -31.54
C ALA L 147 20.76 96.59 -30.95
N LEU L 148 22.06 96.41 -30.76
CA LEU L 148 22.90 97.48 -30.23
C LEU L 148 22.88 98.69 -31.15
N CYS L 149 23.17 98.45 -32.43
CA CYS L 149 23.22 99.52 -33.42
C CYS L 149 21.85 100.19 -33.57
N ARG L 150 20.78 99.41 -33.49
CA ARG L 150 19.45 100.01 -33.56
C ARG L 150 19.20 100.92 -32.38
N LYS L 151 19.39 100.42 -31.16
CA LYS L 151 18.88 101.16 -30.03
C LYS L 151 19.75 102.38 -29.71
N MET L 152 20.99 102.40 -30.17
CA MET L 152 21.71 103.67 -30.13
C MET L 152 21.89 104.29 -31.50
N GLY L 153 21.03 103.97 -32.45
CA GLY L 153 20.79 104.79 -33.61
C GLY L 153 21.92 104.96 -34.59
N VAL L 154 22.66 103.90 -34.91
CA VAL L 154 23.56 103.96 -36.06
C VAL L 154 23.03 102.98 -37.10
N PRO L 155 23.16 103.27 -38.39
CA PRO L 155 22.71 102.31 -39.40
C PRO L 155 23.58 101.05 -39.39
N TYR L 156 22.95 99.94 -39.71
CA TYR L 156 23.66 98.67 -39.77
C TYR L 156 23.08 97.83 -40.90
N CYS L 157 23.94 97.10 -41.59
CA CYS L 157 23.56 96.36 -42.78
C CYS L 157 24.11 94.96 -42.69
N ILE L 158 23.44 94.02 -43.35
CA ILE L 158 23.81 92.62 -43.37
C ILE L 158 24.31 92.28 -44.77
N ILE L 159 25.62 92.18 -44.91
CA ILE L 159 26.26 91.91 -46.19
C ILE L 159 26.26 90.41 -46.43
N LYS L 160 26.54 90.02 -47.67
CA LYS L 160 26.65 88.61 -48.03
C LYS L 160 28.11 88.19 -47.97
N GLY L 161 28.41 87.20 -47.15
CA GLY L 161 29.73 86.59 -47.15
C GLY L 161 30.76 87.26 -46.27
N LYS L 162 31.38 86.46 -45.39
CA LYS L 162 32.51 86.95 -44.62
C LYS L 162 33.81 86.92 -45.41
N ALA L 163 33.85 86.17 -46.51
CA ALA L 163 35.04 86.17 -47.37
C ALA L 163 35.24 87.54 -48.01
N ARG L 164 34.15 88.20 -48.38
CA ARG L 164 34.26 89.53 -48.96
C ARG L 164 34.80 90.53 -47.95
N LEU L 165 34.26 90.50 -46.73
CA LEU L 165 34.76 91.38 -45.67
C LEU L 165 36.22 91.09 -45.38
N GLY L 166 36.62 89.82 -45.44
CA GLY L 166 38.03 89.51 -45.29
C GLY L 166 38.86 90.08 -46.41
N ARG L 167 38.39 89.96 -47.65
CA ARG L 167 39.16 90.44 -48.80
C ARG L 167 39.33 91.96 -48.74
N LEU L 168 38.33 92.66 -48.22
CA LEU L 168 38.48 94.10 -48.04
C LEU L 168 39.59 94.44 -47.07
N VAL L 169 39.77 93.62 -46.03
CA VAL L 169 40.68 93.95 -44.94
C VAL L 169 41.98 93.16 -45.11
N HIS L 170 42.14 92.54 -46.29
CA HIS L 170 43.33 91.75 -46.62
C HIS L 170 43.56 90.60 -45.65
N ARG L 171 42.49 89.91 -45.27
CA ARG L 171 42.54 88.70 -44.47
C ARG L 171 41.58 87.68 -45.05
N LYS L 172 41.53 86.51 -44.43
CA LYS L 172 40.64 85.46 -44.91
C LYS L 172 39.19 85.76 -44.55
N THR L 173 38.93 86.24 -43.35
CA THR L 173 37.57 86.38 -42.85
C THR L 173 37.50 87.49 -41.81
N CYS L 174 36.51 88.37 -41.95
CA CYS L 174 36.21 89.38 -40.95
C CYS L 174 34.70 89.41 -40.74
N THR L 175 34.27 89.58 -39.48
CA THR L 175 32.85 89.53 -39.19
C THR L 175 32.18 90.88 -39.43
N THR L 176 32.74 91.94 -38.87
CA THR L 176 32.16 93.27 -39.01
C THR L 176 33.25 94.28 -39.34
N VAL L 177 32.89 95.24 -40.19
CA VAL L 177 33.73 96.38 -40.49
C VAL L 177 32.86 97.64 -40.41
N ALA L 178 33.43 98.71 -39.87
CA ALA L 178 32.67 99.91 -39.59
C ALA L 178 33.39 101.13 -40.16
N PHE L 179 32.62 102.05 -40.71
CA PHE L 179 33.14 103.30 -41.27
C PHE L 179 33.17 104.35 -40.17
N THR L 180 34.36 104.85 -39.85
CA THR L 180 34.49 106.06 -39.05
C THR L 180 34.30 107.26 -39.96
N GLN L 181 34.70 108.44 -39.51
CA GLN L 181 34.58 109.65 -40.33
C GLN L 181 35.21 109.43 -41.69
N VAL L 182 34.66 110.12 -42.69
CA VAL L 182 34.99 109.86 -44.09
C VAL L 182 35.46 111.16 -44.73
N ASN L 183 36.15 111.02 -45.86
CA ASN L 183 36.64 112.17 -46.59
C ASN L 183 35.49 112.94 -47.23
N SER L 184 35.81 114.15 -47.70
CA SER L 184 34.77 115.10 -48.09
C SER L 184 34.02 114.66 -49.34
N GLU L 185 34.75 114.20 -50.37
CA GLU L 185 34.11 113.98 -51.67
C GLU L 185 33.19 112.78 -51.68
N ASP L 186 33.36 111.83 -50.76
CA ASP L 186 32.51 110.65 -50.70
C ASP L 186 31.43 110.76 -49.64
N LYS L 187 31.20 111.96 -49.09
CA LYS L 187 30.13 112.12 -48.13
C LYS L 187 28.76 111.91 -48.76
N GLY L 188 28.60 112.30 -50.03
CA GLY L 188 27.30 112.16 -50.68
C GLY L 188 26.90 110.70 -50.86
N ALA L 189 27.83 109.88 -51.37
CA ALA L 189 27.53 108.47 -51.56
C ALA L 189 27.32 107.77 -50.22
N LEU L 190 28.14 108.11 -49.23
CA LEU L 190 27.95 107.57 -47.89
C LEU L 190 26.57 107.94 -47.35
N ALA L 191 26.15 109.18 -47.59
CA ALA L 191 24.83 109.62 -47.11
C ALA L 191 23.72 108.86 -47.80
N LYS L 192 23.84 108.65 -49.11
CA LYS L 192 22.82 107.88 -49.83
C LYS L 192 22.74 106.46 -49.28
N LEU L 193 23.90 105.82 -49.12
CA LEU L 193 23.91 104.45 -48.60
C LEU L 193 23.39 104.39 -47.17
N VAL L 194 23.72 105.39 -46.35
CA VAL L 194 23.27 105.42 -44.97
C VAL L 194 21.75 105.57 -44.92
N GLU L 195 21.18 106.43 -45.74
CA GLU L 195 19.73 106.59 -45.70
C GLU L 195 19.03 105.33 -46.21
N ALA L 196 19.61 104.67 -47.22
CA ALA L 196 19.01 103.44 -47.71
C ALA L 196 19.08 102.33 -46.66
N ILE L 197 20.22 102.20 -46.00
CA ILE L 197 20.40 101.17 -44.98
C ILE L 197 19.51 101.47 -43.77
N ARG L 198 19.40 102.73 -43.38
CA ARG L 198 18.51 103.11 -42.31
C ARG L 198 17.07 102.72 -42.64
N THR L 199 16.65 102.99 -43.87
CA THR L 199 15.30 102.63 -44.29
C THR L 199 15.10 101.11 -44.27
N ASN L 200 16.09 100.36 -44.75
CA ASN L 200 15.90 98.92 -44.89
C ASN L 200 16.01 98.19 -43.55
N TYR L 201 16.79 98.70 -42.60
CA TYR L 201 17.02 98.00 -41.35
C TYR L 201 16.50 98.74 -40.13
N ASN L 202 16.93 99.98 -39.91
CA ASN L 202 16.70 100.61 -38.62
C ASN L 202 15.25 101.02 -38.45
N ASP L 203 14.63 101.54 -39.50
CA ASP L 203 13.25 102.02 -39.39
C ASP L 203 12.29 100.89 -39.07
N ARG L 204 12.48 99.73 -39.69
CA ARG L 204 11.55 98.62 -39.57
C ARG L 204 11.99 97.61 -38.53
N TYR L 205 12.66 98.07 -37.47
CA TYR L 205 13.19 97.14 -36.47
C TYR L 205 12.09 96.46 -35.66
N ASP L 206 10.96 97.11 -35.43
CA ASP L 206 10.00 96.58 -34.48
C ASP L 206 9.32 95.31 -35.01
N GLU L 207 9.33 95.09 -36.32
CA GLU L 207 8.73 93.87 -36.83
C GLU L 207 9.77 92.82 -37.22
N ILE L 208 11.06 93.11 -37.08
CA ILE L 208 12.05 92.06 -37.28
C ILE L 208 12.24 91.24 -36.02
N ARG L 209 11.87 91.79 -34.85
CA ARG L 209 12.01 91.05 -33.59
C ARG L 209 10.99 89.92 -33.48
N ARG L 210 9.90 90.00 -34.24
CA ARG L 210 8.88 88.97 -34.23
C ARG L 210 8.96 88.05 -35.43
N HIS L 211 9.91 88.27 -36.33
CA HIS L 211 9.90 87.65 -37.65
C HIS L 211 10.65 86.32 -37.58
N TRP L 212 9.95 85.30 -37.11
CA TRP L 212 10.55 83.97 -36.97
C TRP L 212 10.85 83.37 -38.34
N GLY L 213 11.95 82.61 -38.40
CA GLY L 213 12.34 81.93 -39.61
C GLY L 213 12.14 80.42 -39.49
N GLY L 214 12.56 79.72 -40.53
CA GLY L 214 12.38 78.28 -40.55
C GLY L 214 10.91 77.94 -40.72
N ASN L 215 10.44 76.97 -39.92
CA ASN L 215 9.13 76.34 -40.03
C ASN L 215 8.69 76.16 -41.48
N VAL L 216 9.52 75.48 -42.27
CA VAL L 216 9.22 75.19 -43.67
C VAL L 216 9.26 73.68 -43.84
N LEU L 217 8.17 73.11 -44.35
CA LEU L 217 8.15 71.69 -44.65
C LEU L 217 8.84 71.40 -45.98
N GLY L 218 9.19 70.14 -46.18
CA GLY L 218 9.88 69.72 -47.36
C GLY L 218 8.98 69.69 -48.58
N PRO L 219 9.59 69.57 -49.76
CA PRO L 219 8.79 69.46 -50.99
C PRO L 219 7.86 68.27 -50.99
N LYS L 220 8.30 67.13 -50.44
CA LYS L 220 7.45 65.93 -50.45
C LYS L 220 6.21 66.14 -49.58
N SER L 221 6.40 66.62 -48.35
CA SER L 221 5.26 66.83 -47.45
C SER L 221 4.33 67.90 -47.99
N VAL L 222 4.89 68.97 -48.58
CA VAL L 222 4.08 70.01 -49.18
C VAL L 222 3.26 69.45 -50.34
N ALA L 223 3.88 68.64 -51.19
CA ALA L 223 3.16 68.05 -52.31
C ALA L 223 2.05 67.14 -51.82
N ARG L 224 2.31 66.36 -50.77
CA ARG L 224 1.26 65.49 -50.22
C ARG L 224 0.10 66.28 -49.66
N ILE L 225 0.41 67.35 -48.93
CA ILE L 225 -0.65 68.11 -48.28
C ILE L 225 -1.47 68.87 -49.33
N ALA L 226 -0.80 69.36 -50.38
CA ALA L 226 -1.47 69.97 -51.52
C ALA L 226 -2.39 68.97 -52.20
N LYS L 227 -1.92 67.74 -52.41
CA LYS L 227 -2.76 66.71 -52.99
C LYS L 227 -3.97 66.44 -52.11
N LEU L 228 -3.78 66.43 -50.79
CA LEU L 228 -4.91 66.10 -49.91
C LEU L 228 -5.96 67.19 -49.90
N GLU L 229 -5.56 68.45 -49.70
CA GLU L 229 -6.58 69.49 -49.77
C GLU L 229 -7.09 69.72 -51.20
N LYS L 230 -6.36 69.30 -52.23
CA LYS L 230 -6.95 69.36 -53.57
C LYS L 230 -8.02 68.29 -53.74
N ALA L 231 -7.80 67.10 -53.19
CA ALA L 231 -8.84 66.08 -53.17
C ALA L 231 -10.05 66.52 -52.37
N LYS L 232 -9.83 67.32 -51.32
CA LYS L 232 -10.95 67.87 -50.57
C LYS L 232 -11.67 68.96 -51.36
N ALA L 233 -10.93 69.85 -52.01
CA ALA L 233 -11.53 70.99 -52.68
C ALA L 233 -12.21 70.59 -53.98
N LYS L 234 -11.79 69.50 -54.61
CA LYS L 234 -12.44 69.09 -55.85
C LYS L 234 -13.88 68.65 -55.59
N GLU L 235 -14.14 67.99 -54.46
CA GLU L 235 -15.51 67.67 -54.11
C GLU L 235 -16.20 68.80 -53.36
N LEU L 236 -15.43 69.73 -52.77
CA LEU L 236 -16.04 70.97 -52.29
C LEU L 236 -16.64 71.76 -53.44
N ALA L 237 -15.97 71.76 -54.60
CA ALA L 237 -16.50 72.43 -55.78
C ALA L 237 -17.80 71.78 -56.26
N THR L 238 -17.90 70.46 -56.16
CA THR L 238 -19.15 69.80 -56.51
C THR L 238 -20.21 69.99 -55.43
N LYS L 239 -19.78 70.25 -54.19
CA LYS L 239 -20.74 70.54 -53.12
C LYS L 239 -21.39 71.90 -53.33
N LEU L 240 -20.58 72.93 -53.60
CA LEU L 240 -21.10 74.28 -53.74
C LEU L 240 -21.56 74.53 -55.17
N GLY L 241 -22.75 75.09 -55.31
CA GLY L 241 -23.30 75.39 -56.62
C GLY L 241 -24.14 74.29 -57.22
N MET M 1 34.17 -30.46 78.74
CA MET M 1 34.03 -31.59 79.65
C MET M 1 35.18 -32.57 79.50
N LYS M 2 35.97 -32.70 80.57
CA LYS M 2 37.04 -33.70 80.65
C LYS M 2 36.81 -34.47 81.93
N THR M 3 36.17 -35.63 81.82
CA THR M 3 35.89 -36.45 82.99
C THR M 3 37.17 -37.10 83.51
N ILE M 4 37.21 -37.32 84.82
CA ILE M 4 38.38 -37.94 85.43
C ILE M 4 38.51 -39.39 85.00
N LEU M 5 37.44 -40.17 85.17
CA LEU M 5 37.50 -41.61 85.00
C LEU M 5 36.29 -42.09 84.23
N SER M 6 36.49 -43.10 83.40
CA SER M 6 35.43 -43.77 82.68
C SER M 6 35.86 -45.21 82.42
N ASN M 7 35.41 -46.14 83.26
CA ASN M 7 35.89 -47.51 83.20
C ASN M 7 34.73 -48.49 83.10
N GLN M 8 34.98 -49.59 82.41
CA GLN M 8 34.06 -50.72 82.38
C GLN M 8 34.90 -51.99 82.44
N THR M 9 34.46 -52.95 83.24
CA THR M 9 35.21 -54.17 83.51
C THR M 9 34.50 -55.36 82.87
N VAL M 10 35.28 -56.27 82.28
CA VAL M 10 34.78 -57.46 81.61
C VAL M 10 35.30 -58.68 82.34
N ASP M 11 34.38 -59.55 82.76
CA ASP M 11 34.78 -60.79 83.41
C ASP M 11 35.28 -61.80 82.38
N ILE M 12 36.09 -62.74 82.84
CA ILE M 12 36.66 -63.76 81.97
C ILE M 12 36.35 -65.15 82.49
N PRO M 13 35.85 -66.06 81.65
CA PRO M 13 35.59 -67.42 82.10
C PRO M 13 36.87 -68.17 82.44
N GLU M 14 36.71 -69.22 83.24
CA GLU M 14 37.86 -70.01 83.68
C GLU M 14 38.54 -70.70 82.51
N ASN M 15 37.75 -71.21 81.57
CA ASN M 15 38.29 -72.02 80.47
C ASN M 15 39.25 -71.21 79.61
N VAL M 16 38.93 -69.94 79.37
CA VAL M 16 39.74 -69.09 78.50
C VAL M 16 40.64 -68.20 79.37
N ASP M 17 41.88 -68.04 78.94
CA ASP M 17 42.80 -67.12 79.57
C ASP M 17 43.05 -65.93 78.65
N ILE M 18 43.73 -64.93 79.18
CA ILE M 18 44.00 -63.69 78.46
C ILE M 18 45.46 -63.33 78.67
N THR M 19 45.99 -62.57 77.72
CA THR M 19 47.34 -62.04 77.82
C THR M 19 47.36 -60.68 77.14
N LEU M 20 48.18 -59.78 77.65
CA LEU M 20 48.25 -58.42 77.14
C LEU M 20 49.70 -58.05 76.89
N LYS M 21 49.96 -57.39 75.77
CA LYS M 21 51.28 -56.82 75.46
C LYS M 21 51.02 -55.38 75.04
N GLY M 22 50.92 -54.49 76.02
CA GLY M 22 50.53 -53.12 75.74
C GLY M 22 49.03 -53.02 75.55
N ARG M 23 48.61 -52.85 74.30
CA ARG M 23 47.20 -52.78 73.95
C ARG M 23 46.82 -53.86 72.96
N THR M 24 47.59 -54.94 72.91
CA THR M 24 47.27 -56.10 72.09
C THR M 24 46.59 -57.13 72.98
N VAL M 25 45.41 -57.57 72.57
CA VAL M 25 44.66 -58.57 73.32
C VAL M 25 44.97 -59.95 72.77
N ILE M 26 45.49 -60.81 73.63
CA ILE M 26 45.84 -62.18 73.28
C ILE M 26 44.81 -63.08 73.94
N VAL M 27 43.85 -63.55 73.16
CA VAL M 27 42.79 -64.41 73.66
C VAL M 27 43.13 -65.82 73.22
N LYS M 28 43.18 -66.74 74.17
CA LYS M 28 43.50 -68.15 73.91
C LYS M 28 42.44 -69.02 74.56
N GLY M 29 41.67 -69.71 73.74
CA GLY M 29 40.62 -70.58 74.22
C GLY M 29 40.72 -71.96 73.60
N PRO M 30 39.79 -72.85 73.99
CA PRO M 30 39.80 -74.21 73.42
C PRO M 30 39.61 -74.24 71.92
N ARG M 31 38.90 -73.27 71.35
CA ARG M 31 38.63 -73.28 69.92
C ARG M 31 39.75 -72.67 69.08
N GLY M 32 40.71 -72.02 69.71
CA GLY M 32 41.82 -71.44 68.97
C GLY M 32 42.34 -70.19 69.68
N THR M 33 42.90 -69.28 68.89
CA THR M 33 43.50 -68.06 69.39
C THR M 33 43.00 -66.88 68.58
N LEU M 34 42.60 -65.82 69.26
CA LEU M 34 42.20 -64.58 68.61
C LEU M 34 43.11 -63.45 69.07
N ARG M 35 43.40 -62.53 68.15
CA ARG M 35 44.40 -61.49 68.36
C ARG M 35 43.88 -60.20 67.75
N ARG M 36 43.78 -59.14 68.55
CA ARG M 36 43.40 -57.83 68.04
C ARG M 36 44.32 -56.79 68.63
N ASP M 37 44.39 -55.64 67.96
CA ASP M 37 45.30 -54.57 68.32
C ASP M 37 44.52 -53.27 68.53
N PHE M 38 44.94 -52.52 69.55
CA PHE M 38 44.20 -51.33 69.98
C PHE M 38 45.12 -50.15 70.22
N ASN M 39 46.12 -49.97 69.35
CA ASN M 39 46.95 -48.79 69.44
C ASN M 39 46.19 -47.53 69.04
N HIS M 40 45.04 -47.70 68.40
CA HIS M 40 44.16 -46.62 67.97
C HIS M 40 43.28 -46.06 69.08
N ILE M 41 43.35 -46.62 70.29
CA ILE M 41 42.63 -46.10 71.44
C ILE M 41 43.64 -45.80 72.55
N ASN M 42 43.53 -44.61 73.13
CA ASN M 42 44.40 -44.22 74.24
C ASN M 42 43.80 -44.60 75.59
N VAL M 43 43.81 -45.91 75.86
CA VAL M 43 43.32 -46.45 77.12
C VAL M 43 44.36 -47.43 77.66
N GLU M 44 44.30 -47.67 78.96
CA GLU M 44 45.15 -48.65 79.61
C GLU M 44 44.41 -49.97 79.75
N LEU M 45 45.14 -51.06 79.58
CA LEU M 45 44.60 -52.41 79.70
C LEU M 45 45.21 -53.02 80.95
N SER M 46 44.36 -53.52 81.85
CA SER M 46 44.82 -54.01 83.14
C SER M 46 44.15 -55.33 83.47
N LEU M 47 44.95 -56.29 83.90
CA LEU M 47 44.47 -57.56 84.43
C LEU M 47 44.49 -57.49 85.94
N LEU M 48 43.38 -57.86 86.58
CA LEU M 48 43.20 -57.58 87.99
C LEU M 48 43.31 -58.82 88.88
N GLY M 49 42.62 -59.89 88.52
CA GLY M 49 42.54 -61.00 89.44
C GLY M 49 43.32 -62.25 89.06
N LYS M 50 43.73 -63.01 90.06
CA LYS M 50 44.17 -64.39 89.90
C LYS M 50 43.07 -65.36 90.30
N LYS M 51 41.85 -64.85 90.46
CA LYS M 51 40.69 -65.62 90.88
C LYS M 51 39.63 -65.69 89.79
N LYS M 52 39.20 -64.53 89.26
CA LYS M 52 38.27 -64.45 88.15
C LYS M 52 38.88 -63.74 86.96
N LYS M 53 40.13 -63.28 87.09
CA LYS M 53 40.94 -62.65 86.03
C LYS M 53 40.12 -61.71 85.17
N ARG M 54 39.39 -60.80 85.83
CA ARG M 54 38.64 -59.81 85.09
C ARG M 54 39.57 -58.77 84.50
N LEU M 55 39.14 -58.17 83.39
CA LEU M 55 39.92 -57.19 82.65
C LEU M 55 39.26 -55.83 82.79
N ARG M 56 40.07 -54.81 83.06
CA ARG M 56 39.59 -53.45 83.29
C ARG M 56 40.24 -52.52 82.28
N VAL M 57 39.44 -51.60 81.73
CA VAL M 57 39.92 -50.60 80.80
C VAL M 57 39.59 -49.23 81.36
N ASP M 58 40.55 -48.31 81.27
CA ASP M 58 40.42 -46.97 81.83
C ASP M 58 40.74 -45.93 80.78
N LYS M 59 39.83 -44.99 80.58
CA LYS M 59 40.08 -43.82 79.74
C LYS M 59 39.98 -42.60 80.65
N TRP M 60 41.05 -41.82 80.72
CA TRP M 60 41.16 -40.74 81.69
C TRP M 60 41.38 -39.42 80.98
N TRP M 61 40.61 -38.40 81.38
CA TRP M 61 40.62 -37.08 80.75
C TRP M 61 40.28 -37.16 79.27
N GLY M 62 39.07 -37.61 79.00
CA GLY M 62 38.57 -37.68 77.64
C GLY M 62 37.13 -37.23 77.56
N ASN M 63 36.80 -36.50 76.50
CA ASN M 63 35.43 -36.09 76.26
C ASN M 63 34.67 -37.24 75.60
N ARG M 64 33.37 -37.02 75.33
CA ARG M 64 32.46 -38.12 75.04
C ARG M 64 32.87 -38.94 73.82
N LYS M 65 33.53 -38.30 72.84
CA LYS M 65 33.87 -39.00 71.61
C LYS M 65 34.81 -40.16 71.87
N GLU M 66 35.81 -39.98 72.73
CA GLU M 66 36.63 -41.10 73.16
C GLU M 66 36.11 -41.77 74.43
N LEU M 67 35.09 -41.21 75.08
CA LEU M 67 34.42 -41.95 76.13
C LEU M 67 33.62 -43.12 75.54
N ALA M 68 33.23 -43.00 74.28
CA ALA M 68 32.49 -44.10 73.65
C ALA M 68 33.39 -45.29 73.33
N THR M 69 34.71 -45.12 73.33
CA THR M 69 35.59 -46.22 72.91
C THR M 69 35.71 -47.31 73.97
N VAL M 70 35.43 -46.99 75.23
CA VAL M 70 35.63 -47.96 76.31
C VAL M 70 34.70 -49.16 76.13
N ARG M 71 33.41 -48.90 75.95
CA ARG M 71 32.49 -50.01 75.79
C ARG M 71 32.70 -50.70 74.45
N THR M 72 33.20 -49.98 73.45
CA THR M 72 33.53 -50.62 72.18
C THR M 72 34.63 -51.65 72.37
N ILE M 73 35.68 -51.29 73.12
CA ILE M 73 36.75 -52.24 73.38
C ILE M 73 36.26 -53.40 74.23
N CYS M 74 35.44 -53.11 75.23
CA CYS M 74 34.89 -54.18 76.06
C CYS M 74 34.05 -55.15 75.24
N SER M 75 33.22 -54.61 74.33
CA SER M 75 32.41 -55.44 73.47
C SER M 75 33.28 -56.30 72.55
N HIS M 76 34.33 -55.69 72.00
CA HIS M 76 35.22 -56.45 71.12
C HIS M 76 35.90 -57.58 71.85
N VAL M 77 36.36 -57.32 73.08
CA VAL M 77 37.00 -58.36 73.87
C VAL M 77 36.01 -59.45 74.23
N GLN M 78 34.78 -59.07 74.57
CA GLN M 78 33.76 -60.06 74.86
C GLN M 78 33.47 -60.91 73.62
N ASN M 79 33.49 -60.30 72.44
CA ASN M 79 33.31 -61.06 71.21
C ASN M 79 34.46 -62.04 70.99
N MET M 80 35.67 -61.63 71.33
CA MET M 80 36.80 -62.55 71.24
C MET M 80 36.62 -63.74 72.18
N ILE M 81 36.19 -63.47 73.42
CA ILE M 81 35.93 -64.55 74.36
C ILE M 81 34.85 -65.48 73.82
N LYS M 82 33.81 -64.90 73.25
CA LYS M 82 32.72 -65.68 72.67
C LYS M 82 33.21 -66.55 71.52
N GLY M 83 34.08 -66.02 70.68
CA GLY M 83 34.59 -66.77 69.56
C GLY M 83 35.58 -67.86 69.94
N VAL M 84 36.26 -67.69 71.07
CA VAL M 84 37.21 -68.72 71.45
C VAL M 84 36.56 -69.77 72.34
N THR M 85 35.46 -69.45 73.02
CA THR M 85 34.82 -70.44 73.86
C THR M 85 33.71 -71.18 73.11
N LEU M 86 32.87 -70.45 72.40
CA LEU M 86 31.73 -71.03 71.71
C LEU M 86 31.83 -71.00 70.21
N GLY M 87 32.41 -69.95 69.62
CA GLY M 87 32.47 -69.83 68.18
C GLY M 87 31.23 -69.19 67.61
N PHE M 88 31.29 -68.75 66.36
CA PHE M 88 30.19 -68.05 65.71
C PHE M 88 29.65 -68.88 64.57
N ARG M 89 28.32 -68.98 64.50
CA ARG M 89 27.64 -69.73 63.45
C ARG M 89 26.55 -68.85 62.85
N TYR M 90 26.84 -68.26 61.70
CA TYR M 90 25.90 -67.39 61.01
C TYR M 90 25.06 -68.22 60.06
N LYS M 91 23.86 -68.59 60.50
CA LYS M 91 22.92 -69.32 59.66
C LYS M 91 22.46 -68.43 58.52
N MET M 92 22.35 -69.01 57.34
CA MET M 92 22.15 -68.30 56.09
C MET M 92 21.01 -68.95 55.32
N ARG M 93 20.11 -68.14 54.78
CA ARG M 93 18.97 -68.65 54.02
C ARG M 93 18.93 -68.01 52.65
N SER M 94 18.69 -68.84 51.64
CA SER M 94 18.57 -68.37 50.27
C SER M 94 17.10 -68.37 49.87
N VAL M 95 16.62 -67.21 49.41
CA VAL M 95 15.25 -67.05 48.99
C VAL M 95 15.23 -66.90 47.47
N TYR M 96 14.13 -67.34 46.86
CA TYR M 96 13.95 -67.24 45.41
C TYR M 96 12.50 -67.51 45.09
N ALA M 97 12.10 -67.17 43.87
CA ALA M 97 10.76 -67.44 43.40
C ALA M 97 10.71 -68.46 42.28
N HIS M 98 11.39 -68.19 41.17
CA HIS M 98 11.34 -69.07 40.00
C HIS M 98 12.62 -69.87 39.83
N PHE M 99 13.76 -69.20 39.75
CA PHE M 99 15.01 -69.88 39.45
C PHE M 99 15.63 -70.40 40.73
N PRO M 100 15.73 -71.70 40.92
CA PRO M 100 16.33 -72.23 42.15
C PRO M 100 17.80 -71.87 42.23
N ILE M 101 18.22 -71.44 43.41
CA ILE M 101 19.61 -71.12 43.62
C ILE M 101 20.41 -72.40 43.66
N ASN M 102 21.59 -72.39 43.05
CA ASN M 102 22.48 -73.54 43.02
C ASN M 102 23.81 -73.11 43.59
N VAL M 103 23.98 -73.25 44.90
CA VAL M 103 25.22 -72.93 45.58
C VAL M 103 26.06 -74.21 45.64
N VAL M 104 27.32 -74.09 45.24
CA VAL M 104 28.26 -75.20 45.30
C VAL M 104 29.47 -74.72 46.08
N ILE M 105 29.80 -75.43 47.15
CA ILE M 105 30.86 -75.02 48.05
C ILE M 105 32.07 -75.91 47.81
N GLN M 106 33.16 -75.32 47.33
CA GLN M 106 34.35 -76.09 47.03
C GLN M 106 35.26 -76.11 48.26
N GLU M 107 36.53 -76.48 48.03
CA GLU M 107 37.48 -76.95 49.04
C GLU M 107 37.43 -76.18 50.34
N ASN M 108 37.21 -76.93 51.43
CA ASN M 108 37.34 -76.45 52.82
C ASN M 108 36.44 -75.26 53.13
N GLY M 109 35.44 -75.00 52.30
CA GLY M 109 34.54 -73.89 52.54
C GLY M 109 35.16 -72.52 52.41
N SER M 110 36.36 -72.40 51.86
CA SER M 110 37.02 -71.11 51.74
C SER M 110 36.73 -70.42 50.41
N LEU M 111 35.91 -71.03 49.56
CA LEU M 111 35.56 -70.45 48.27
C LEU M 111 34.20 -71.01 47.87
N VAL M 112 33.28 -70.13 47.47
CA VAL M 112 31.91 -70.53 47.22
C VAL M 112 31.48 -70.03 45.85
N GLU M 113 30.71 -70.86 45.15
CA GLU M 113 30.22 -70.54 43.82
C GLU M 113 28.70 -70.48 43.84
N ILE M 114 28.15 -69.50 43.13
CA ILE M 114 26.71 -69.33 42.98
C ILE M 114 26.40 -69.47 41.50
N ARG M 115 25.54 -70.44 41.17
CA ARG M 115 25.30 -70.80 39.78
C ARG M 115 24.11 -70.07 39.18
N ASN M 116 22.93 -70.22 39.79
CA ASN M 116 21.67 -70.02 39.11
C ASN M 116 20.84 -68.91 39.76
N PHE M 117 21.47 -67.79 40.07
CA PHE M 117 20.75 -66.65 40.64
C PHE M 117 19.99 -65.94 39.53
N LEU M 118 18.66 -65.98 39.58
CA LEU M 118 17.79 -65.35 38.59
C LEU M 118 18.06 -65.88 37.18
N GLY M 119 18.61 -67.08 37.07
CA GLY M 119 18.78 -67.74 35.80
C GLY M 119 19.89 -67.20 34.92
N GLU M 120 20.56 -66.12 35.33
CA GLU M 120 21.62 -65.55 34.51
C GLU M 120 22.87 -66.41 34.61
N LYS M 121 23.69 -66.35 33.56
CA LYS M 121 24.72 -67.35 33.34
C LYS M 121 25.99 -67.11 34.15
N TYR M 122 26.26 -65.88 34.55
CA TYR M 122 27.48 -65.58 35.27
C TYR M 122 27.51 -66.29 36.61
N ILE M 123 28.69 -66.75 37.00
CA ILE M 123 28.89 -67.49 38.24
C ILE M 123 29.53 -66.55 39.24
N ARG M 124 29.04 -66.62 40.48
CA ARG M 124 29.50 -65.74 41.55
C ARG M 124 30.51 -66.49 42.40
N ARG M 125 31.79 -66.16 42.26
CA ARG M 125 32.85 -66.75 43.08
C ARG M 125 33.18 -65.76 44.19
N VAL M 126 32.99 -66.19 45.43
CA VAL M 126 33.26 -65.37 46.61
C VAL M 126 34.35 -66.04 47.42
N ARG M 127 35.41 -65.29 47.72
CA ARG M 127 36.52 -65.82 48.49
C ARG M 127 36.28 -65.57 49.97
N MET M 128 36.23 -66.65 50.73
CA MET M 128 35.95 -66.57 52.16
C MET M 128 37.18 -66.04 52.89
N ARG M 129 36.93 -65.32 53.98
CA ARG M 129 38.03 -64.80 54.78
C ARG M 129 38.76 -65.94 55.49
N PRO M 130 40.06 -65.81 55.72
CA PRO M 130 40.80 -66.86 56.43
C PRO M 130 40.25 -67.05 57.83
N GLY M 131 40.24 -68.30 58.28
CA GLY M 131 39.65 -68.64 59.55
C GLY M 131 38.14 -68.77 59.53
N VAL M 132 37.52 -68.66 58.35
CA VAL M 132 36.08 -68.84 58.20
C VAL M 132 35.85 -69.93 57.17
N ALA M 133 35.01 -70.89 57.51
CA ALA M 133 34.64 -71.98 56.62
C ALA M 133 33.15 -71.91 56.30
N CYS M 134 32.78 -72.40 55.13
CA CYS M 134 31.40 -72.45 54.70
C CYS M 134 30.96 -73.88 54.47
N SER M 135 29.76 -74.21 54.93
CA SER M 135 29.27 -75.57 54.83
C SER M 135 27.76 -75.53 54.66
N VAL M 136 27.27 -76.24 53.64
CA VAL M 136 25.83 -76.31 53.41
C VAL M 136 25.21 -77.21 54.47
N SER M 137 24.00 -76.87 54.89
CA SER M 137 23.38 -77.52 56.03
C SER M 137 22.67 -78.81 55.62
N GLN M 138 22.55 -79.72 56.59
CA GLN M 138 21.79 -80.95 56.40
C GLN M 138 20.46 -80.95 57.15
N ALA M 139 19.97 -79.78 57.55
CA ALA M 139 18.66 -79.67 58.18
C ALA M 139 17.65 -78.94 57.30
N GLN M 140 18.03 -77.81 56.72
CA GLN M 140 17.16 -77.02 55.87
C GLN M 140 17.60 -77.17 54.42
N LYS M 141 16.63 -77.22 53.51
CA LYS M 141 16.92 -77.50 52.10
C LYS M 141 17.84 -76.44 51.50
N ASP M 142 17.48 -75.17 51.64
CA ASP M 142 18.24 -74.06 51.08
C ASP M 142 18.80 -73.26 52.24
N GLU M 143 19.98 -73.66 52.72
CA GLU M 143 20.55 -73.01 53.89
C GLU M 143 22.06 -73.20 53.88
N LEU M 144 22.79 -72.15 54.26
CA LEU M 144 24.23 -72.17 54.40
C LEU M 144 24.59 -71.96 55.86
N ILE M 145 25.64 -72.65 56.32
CA ILE M 145 26.14 -72.54 57.68
C ILE M 145 27.57 -72.05 57.63
N LEU M 146 27.84 -70.97 58.38
CA LEU M 146 29.16 -70.36 58.41
C LEU M 146 29.78 -70.64 59.76
N GLU M 147 31.07 -70.99 59.76
CA GLU M 147 31.80 -71.29 60.98
C GLU M 147 33.04 -70.43 61.05
N GLY M 148 33.39 -69.98 62.25
CA GLY M 148 34.59 -69.18 62.41
C GLY M 148 34.76 -68.76 63.85
N ASN M 149 35.96 -68.25 64.14
CA ASN M 149 36.30 -67.78 65.48
C ASN M 149 36.15 -66.29 65.65
N ASP M 150 36.35 -65.50 64.60
CA ASP M 150 36.28 -64.05 64.70
C ASP M 150 34.90 -63.59 64.25
N ILE M 151 34.25 -62.78 65.09
CA ILE M 151 32.94 -62.24 64.74
C ILE M 151 33.00 -61.44 63.45
N GLU M 152 33.97 -60.53 63.34
CA GLU M 152 34.02 -59.61 62.22
C GLU M 152 34.23 -60.33 60.90
N LEU M 153 35.13 -61.32 60.88
CA LEU M 153 35.41 -62.03 59.65
C LEU M 153 34.19 -62.79 59.16
N VAL M 154 33.52 -63.50 60.05
CA VAL M 154 32.35 -64.29 59.67
C VAL M 154 31.23 -63.39 59.19
N SER M 155 30.97 -62.30 59.92
CA SER M 155 29.87 -61.42 59.53
C SER M 155 30.17 -60.68 58.24
N ASN M 156 31.43 -60.25 58.03
CA ASN M 156 31.79 -59.60 56.79
C ASN M 156 31.71 -60.57 55.62
N SER M 157 32.07 -61.84 55.85
CA SER M 157 31.91 -62.83 54.81
C SER M 157 30.44 -63.04 54.48
N ALA M 158 29.58 -63.04 55.51
CA ALA M 158 28.15 -63.13 55.25
C ALA M 158 27.67 -61.93 54.44
N ALA M 159 28.20 -60.76 54.74
CA ALA M 159 27.86 -59.56 53.97
C ALA M 159 28.32 -59.69 52.52
N LEU M 160 29.50 -60.27 52.31
CA LEU M 160 29.97 -60.53 50.95
C LEU M 160 29.05 -61.49 50.23
N ILE M 161 28.58 -62.51 50.92
CA ILE M 161 27.63 -63.45 50.33
C ILE M 161 26.34 -62.72 49.95
N GLN M 162 25.87 -61.83 50.82
CA GLN M 162 24.73 -60.97 50.50
C GLN M 162 24.97 -60.19 49.23
N GLN M 163 26.10 -59.47 49.17
CA GLN M 163 26.36 -58.57 48.06
C GLN M 163 26.71 -59.31 46.78
N ALA M 164 26.96 -60.61 46.87
CA ALA M 164 27.11 -61.40 45.66
C ALA M 164 25.81 -61.40 44.86
N THR M 165 24.69 -61.59 45.53
CA THR M 165 23.37 -61.56 44.88
C THR M 165 22.76 -60.18 45.12
N THR M 166 22.79 -59.34 44.10
CA THR M 166 22.23 -57.99 44.16
C THR M 166 21.57 -57.70 42.83
N VAL M 167 20.24 -57.66 42.82
CA VAL M 167 19.51 -57.45 41.57
C VAL M 167 19.65 -55.98 41.16
N LYS M 168 19.74 -55.76 39.85
CA LYS M 168 19.98 -54.44 39.29
C LYS M 168 18.89 -54.11 38.27
N ASN M 169 18.55 -52.83 38.20
CA ASN M 169 17.51 -52.32 37.29
C ASN M 169 16.19 -53.08 37.49
N LYS M 170 15.83 -53.30 38.75
CA LYS M 170 14.59 -53.99 39.08
C LYS M 170 13.98 -53.38 40.32
N ASP M 171 12.70 -53.69 40.52
CA ASP M 171 12.00 -53.34 41.75
C ASP M 171 12.59 -54.18 42.88
N ILE M 172 13.33 -53.54 43.79
CA ILE M 172 13.89 -54.25 44.92
C ILE M 172 12.78 -54.70 45.87
N ARG M 173 11.62 -54.07 45.80
CA ARG M 173 10.48 -54.44 46.63
C ARG M 173 9.68 -55.59 46.03
N LYS M 174 10.02 -56.05 44.83
CA LYS M 174 9.37 -57.21 44.24
C LYS M 174 10.33 -58.35 43.98
N PHE M 175 11.51 -58.06 43.42
CA PHE M 175 12.55 -59.06 43.21
C PHE M 175 13.33 -59.22 44.51
N LEU M 176 12.72 -59.93 45.46
CA LEU M 176 13.32 -60.13 46.78
C LEU M 176 14.36 -61.23 46.80
N ASP M 177 14.77 -61.74 45.65
CA ASP M 177 15.55 -62.96 45.60
C ASP M 177 17.00 -62.71 46.01
N GLY M 178 17.63 -63.70 46.62
CA GLY M 178 19.03 -63.61 46.98
C GLY M 178 19.33 -64.44 48.22
N ILE M 179 20.63 -64.50 48.52
CA ILE M 179 21.12 -65.21 49.71
C ILE M 179 21.31 -64.21 50.84
N TYR M 180 20.53 -64.37 51.91
CA TYR M 180 20.40 -63.40 52.97
C TYR M 180 20.69 -64.05 54.32
N VAL M 181 21.27 -63.26 55.23
CA VAL M 181 21.57 -63.75 56.57
C VAL M 181 20.28 -63.95 57.34
N SER M 182 20.16 -65.09 58.02
CA SER M 182 18.94 -65.36 58.77
C SER M 182 19.17 -65.29 60.28
N GLU M 183 20.25 -65.88 60.77
CA GLU M 183 20.46 -65.95 62.21
C GLU M 183 21.93 -65.77 62.54
N LYS M 184 22.21 -65.00 63.58
CA LYS M 184 23.55 -64.79 64.08
C LYS M 184 23.65 -65.51 65.42
N GLY M 185 24.29 -66.67 65.44
CA GLY M 185 24.32 -67.49 66.64
C GLY M 185 25.69 -68.00 67.03
N THR M 186 25.72 -68.94 67.98
CA THR M 186 26.94 -69.51 68.49
C THR M 186 27.14 -70.90 67.88
N VAL M 187 28.23 -71.55 68.29
CA VAL M 187 28.44 -72.96 67.99
C VAL M 187 28.43 -73.71 69.29
N GLN M 188 27.80 -74.89 69.27
CA GLN M 188 27.56 -75.83 70.37
C GLN M 188 26.74 -75.23 71.51
N GLN M 189 26.32 -73.97 71.37
CA GLN M 189 25.22 -73.37 72.14
C GLN M 189 25.44 -73.44 73.65
N ALA M 190 26.69 -73.52 74.09
CA ALA M 190 26.94 -73.71 75.51
C ALA M 190 27.11 -72.37 76.23
N GLY N 1 3.83 -8.79 38.11
CA GLY N 1 5.28 -8.80 38.09
C GLY N 1 5.88 -8.04 39.25
N ARG N 2 5.34 -8.28 40.45
CA ARG N 2 5.82 -7.62 41.65
C ARG N 2 7.28 -7.97 41.91
N ARG N 3 8.04 -6.98 42.35
CA ARG N 3 9.46 -7.13 42.53
C ARG N 3 9.77 -8.10 43.67
N PRO N 4 10.95 -8.73 43.64
CA PRO N 4 11.38 -9.51 44.81
C PRO N 4 11.44 -8.65 46.05
N ALA N 5 10.95 -9.21 47.16
CA ALA N 5 10.84 -8.43 48.39
C ALA N 5 12.19 -8.04 48.95
N ARG N 6 13.27 -8.67 48.49
CA ARG N 6 14.60 -8.29 48.93
C ARG N 6 14.97 -6.88 48.51
N CYS N 7 14.27 -6.32 47.52
CA CYS N 7 14.53 -4.95 47.12
C CYS N 7 13.98 -3.94 48.11
N TYR N 8 12.96 -4.32 48.87
CA TYR N 8 12.30 -3.41 49.80
C TYR N 8 12.32 -3.90 51.23
N ARG N 9 13.41 -4.55 51.64
CA ARG N 9 13.49 -5.00 53.02
C ARG N 9 13.78 -3.84 53.98
N TYR N 10 14.72 -2.98 53.61
CA TYR N 10 15.24 -2.02 54.57
C TYR N 10 14.46 -0.72 54.55
N CYS N 11 14.31 -0.13 55.74
CA CYS N 11 13.71 1.19 55.88
C CYS N 11 14.75 2.25 55.52
N LYS N 12 14.88 2.49 54.22
CA LYS N 12 15.95 3.32 53.71
C LYS N 12 15.50 4.76 53.47
N ASN N 13 14.29 4.93 52.94
CA ASN N 13 13.77 6.25 52.65
C ASN N 13 13.10 6.84 53.88
N LYS N 14 12.40 7.94 53.68
CA LYS N 14 11.55 8.51 54.71
C LYS N 14 10.17 7.88 54.64
N PRO N 15 9.39 7.95 55.71
CA PRO N 15 7.99 7.49 55.62
C PRO N 15 7.25 8.24 54.53
N TYR N 16 6.53 7.49 53.70
CA TYR N 16 5.88 8.01 52.50
C TYR N 16 4.42 7.63 52.54
N PRO N 17 3.63 8.28 53.39
CA PRO N 17 2.22 7.91 53.53
C PRO N 17 1.41 8.31 52.30
N LYS N 18 0.32 7.59 52.09
CA LYS N 18 -0.65 7.96 51.07
C LYS N 18 -1.47 9.13 51.59
N SER N 19 -1.46 10.25 50.85
CA SER N 19 -2.13 11.45 51.30
C SER N 19 -2.41 12.33 50.08
N ARG N 20 -2.73 13.60 50.33
CA ARG N 20 -2.96 14.57 49.28
C ARG N 20 -1.77 14.71 48.35
N PHE N 21 -0.56 14.41 48.82
CA PHE N 21 0.61 14.50 47.98
C PHE N 21 0.88 13.19 47.25
N CYS N 22 0.48 12.08 47.86
CA CYS N 22 0.75 10.75 47.32
C CYS N 22 -0.58 10.10 46.95
N ARG N 23 -0.97 10.25 45.69
CA ARG N 23 -2.15 9.60 45.15
C ARG N 23 -1.75 8.43 44.26
N GLY N 24 -2.74 7.80 43.66
CA GLY N 24 -2.49 6.71 42.72
C GLY N 24 -1.94 5.45 43.35
N VAL N 25 -1.96 5.36 44.67
CA VAL N 25 -1.43 4.17 45.34
C VAL N 25 -2.40 3.00 45.12
N PRO N 26 -1.93 1.86 44.63
CA PRO N 26 -2.78 0.66 44.64
C PRO N 26 -3.18 0.33 46.06
N ASP N 27 -4.44 -0.07 46.22
CA ASP N 27 -5.03 -0.23 47.54
C ASP N 27 -4.24 -1.25 48.37
N ALA N 28 -4.10 -0.95 49.65
CA ALA N 28 -3.44 -1.88 50.56
C ALA N 28 -4.16 -3.21 50.55
N LYS N 29 -3.42 -4.27 50.19
CA LYS N 29 -4.07 -5.54 49.93
C LYS N 29 -4.59 -6.19 51.21
N ILE N 30 -3.87 -6.02 52.32
CA ILE N 30 -4.34 -6.56 53.59
C ILE N 30 -5.49 -5.70 54.09
N ARG N 31 -6.63 -6.33 54.34
CA ARG N 31 -7.84 -5.59 54.68
C ARG N 31 -8.53 -6.07 55.95
N ILE N 32 -8.54 -7.35 56.25
CA ILE N 32 -9.17 -7.88 57.45
C ILE N 32 -8.08 -8.06 58.49
N PHE N 33 -8.16 -7.29 59.57
CA PHE N 33 -7.07 -7.19 60.53
C PHE N 33 -7.30 -8.00 61.79
N ASP N 34 -8.43 -8.68 61.89
CA ASP N 34 -8.79 -9.40 63.11
C ASP N 34 -9.73 -10.53 62.71
N LEU N 35 -9.40 -11.75 63.10
CA LEU N 35 -10.19 -12.91 62.75
C LEU N 35 -10.42 -13.75 64.00
N GLY N 36 -11.28 -14.75 63.87
CA GLY N 36 -11.71 -15.54 65.00
C GLY N 36 -12.93 -14.93 65.66
N ARG N 37 -13.25 -15.45 66.83
CA ARG N 37 -14.36 -14.92 67.62
C ARG N 37 -13.94 -13.60 68.24
N LYS N 38 -14.21 -12.50 67.54
CA LYS N 38 -13.90 -11.19 68.09
C LYS N 38 -14.80 -10.86 69.28
N LYS N 39 -16.07 -11.24 69.22
CA LYS N 39 -17.04 -10.89 70.24
C LYS N 39 -16.71 -11.48 71.61
N ALA N 40 -15.66 -12.28 71.72
CA ALA N 40 -15.31 -12.92 72.99
C ALA N 40 -15.02 -11.90 74.08
N LYS N 41 -15.51 -12.20 75.28
CA LYS N 41 -15.35 -11.35 76.45
C LYS N 41 -13.91 -11.41 76.94
N VAL N 42 -13.55 -10.45 77.79
CA VAL N 42 -12.17 -10.28 78.22
C VAL N 42 -11.66 -11.50 78.97
N ASP N 43 -12.47 -12.01 79.91
CA ASP N 43 -12.03 -13.14 80.70
C ASP N 43 -12.07 -14.45 79.93
N GLU N 44 -12.66 -14.46 78.74
CA GLU N 44 -12.74 -15.70 77.97
C GLU N 44 -11.38 -16.12 77.45
N PHE N 45 -10.57 -15.16 77.01
CA PHE N 45 -9.27 -15.45 76.40
C PHE N 45 -8.18 -14.82 77.26
N PRO N 46 -7.63 -15.57 78.22
CA PRO N 46 -6.57 -14.99 79.05
C PRO N 46 -5.18 -15.13 78.45
N LEU N 47 -4.96 -16.14 77.61
CA LEU N 47 -3.62 -16.45 77.12
C LEU N 47 -3.25 -15.50 76.00
N GLY N 48 -2.44 -14.49 76.32
CA GLY N 48 -1.95 -13.59 75.31
C GLY N 48 -0.58 -14.00 74.81
N GLY N 49 -0.46 -14.20 73.50
CA GLY N 49 0.82 -14.58 72.91
C GLY N 49 1.19 -13.68 71.75
N HIS N 50 2.39 -13.13 71.78
CA HIS N 50 2.83 -12.17 70.79
C HIS N 50 3.85 -12.79 69.85
N MET N 51 3.99 -12.16 68.69
CA MET N 51 4.99 -12.50 67.69
C MET N 51 5.79 -11.23 67.43
N VAL N 52 7.02 -11.18 67.92
CA VAL N 52 7.77 -9.94 68.06
C VAL N 52 8.97 -9.97 67.13
N SER N 53 9.19 -8.88 66.40
CA SER N 53 10.30 -8.81 65.46
C SER N 53 11.61 -8.51 66.18
N ASP N 54 12.72 -8.62 65.44
CA ASP N 54 14.05 -8.37 65.95
C ASP N 54 14.86 -7.41 65.11
N GLU N 55 14.35 -6.96 63.98
CA GLU N 55 15.12 -6.16 63.05
C GLU N 55 14.33 -4.95 62.61
N TYR N 56 15.04 -3.86 62.35
CA TYR N 56 14.46 -2.65 61.80
C TYR N 56 14.32 -2.85 60.30
N GLU N 57 13.12 -3.19 59.86
CA GLU N 57 12.85 -3.43 58.45
C GLU N 57 11.40 -3.11 58.18
N GLN N 58 11.05 -3.02 56.90
CA GLN N 58 9.68 -2.79 56.51
C GLN N 58 9.10 -4.06 55.90
N LEU N 59 8.01 -4.54 56.49
CA LEU N 59 7.38 -5.79 56.12
C LEU N 59 6.24 -5.51 55.15
N SER N 60 6.26 -6.20 54.01
CA SER N 60 5.27 -5.99 52.98
C SER N 60 3.91 -6.51 53.42
N SER N 61 2.86 -6.01 52.77
CA SER N 61 1.50 -6.40 53.13
C SER N 61 1.19 -7.83 52.67
N GLU N 62 1.83 -8.27 51.58
CA GLU N 62 1.61 -9.65 51.14
C GLU N 62 2.12 -10.65 52.17
N ALA N 63 3.25 -10.34 52.82
CA ALA N 63 3.67 -11.13 53.97
C ALA N 63 2.62 -11.13 55.06
N LEU N 64 1.90 -10.02 55.23
CA LEU N 64 0.90 -9.95 56.29
C LEU N 64 -0.30 -10.84 55.99
N GLU N 65 -0.81 -10.84 54.76
CA GLU N 65 -1.91 -11.76 54.46
C GLU N 65 -1.42 -13.20 54.59
N ALA N 66 -0.20 -13.48 54.13
CA ALA N 66 0.30 -14.84 54.21
C ALA N 66 0.37 -15.31 55.66
N ALA N 67 0.91 -14.47 56.54
CA ALA N 67 0.99 -14.83 57.95
C ALA N 67 -0.38 -15.02 58.56
N ARG N 68 -1.29 -14.06 58.35
CA ARG N 68 -2.60 -14.19 58.97
C ARG N 68 -3.37 -15.38 58.40
N ILE N 69 -3.16 -15.70 57.11
CA ILE N 69 -3.93 -16.77 56.51
C ILE N 69 -3.43 -18.13 56.97
N CYS N 70 -2.11 -18.28 57.15
CA CYS N 70 -1.62 -19.55 57.66
C CYS N 70 -1.95 -19.71 59.14
N ALA N 71 -1.96 -18.61 59.89
CA ALA N 71 -2.45 -18.67 61.27
C ALA N 71 -3.92 -19.07 61.31
N ASN N 72 -4.73 -18.52 60.40
CA ASN N 72 -6.12 -18.95 60.28
C ASN N 72 -6.22 -20.44 60.03
N LYS N 73 -5.49 -20.93 59.02
CA LYS N 73 -5.56 -22.35 58.66
C LYS N 73 -5.24 -23.22 59.86
N TYR N 74 -4.08 -23.00 60.48
CA TYR N 74 -3.67 -23.91 61.55
C TYR N 74 -4.55 -23.74 62.78
N MET N 75 -4.96 -22.51 63.10
CA MET N 75 -5.66 -22.28 64.35
C MET N 75 -7.09 -22.78 64.27
N VAL N 76 -7.73 -22.70 63.10
CA VAL N 76 -9.02 -23.36 62.96
C VAL N 76 -8.85 -24.86 62.89
N LYS N 77 -7.70 -25.34 62.40
CA LYS N 77 -7.45 -26.78 62.38
C LYS N 77 -7.29 -27.34 63.78
N SER N 78 -6.70 -26.56 64.68
CA SER N 78 -6.34 -27.07 66.00
C SER N 78 -7.43 -26.80 67.04
N CYS N 79 -7.85 -25.54 67.16
CA CYS N 79 -8.74 -25.13 68.23
C CYS N 79 -10.18 -24.93 67.77
N GLY N 80 -10.42 -24.85 66.47
CA GLY N 80 -11.74 -24.50 65.98
C GLY N 80 -11.90 -23.00 65.86
N ARG N 81 -12.83 -22.60 64.98
CA ARG N 81 -12.91 -21.20 64.58
C ARG N 81 -13.27 -20.27 65.72
N ASP N 82 -14.15 -20.70 66.64
CA ASP N 82 -14.57 -19.85 67.74
C ASP N 82 -13.72 -20.03 68.99
N GLY N 83 -12.63 -20.78 68.91
CA GLY N 83 -11.83 -21.01 70.08
C GLY N 83 -10.65 -20.08 70.24
N PHE N 84 -10.56 -19.04 69.42
CA PHE N 84 -9.38 -18.18 69.43
C PHE N 84 -9.74 -16.80 68.91
N HIS N 85 -8.72 -15.93 68.87
CA HIS N 85 -8.85 -14.55 68.46
C HIS N 85 -7.47 -13.99 68.18
N MET N 86 -7.26 -13.44 67.00
CA MET N 86 -5.96 -12.89 66.67
C MET N 86 -6.11 -11.55 65.96
N ARG N 87 -5.22 -10.63 66.32
CA ARG N 87 -5.19 -9.29 65.76
C ARG N 87 -3.80 -9.01 65.21
N VAL N 88 -3.73 -8.53 63.97
CA VAL N 88 -2.47 -8.05 63.44
C VAL N 88 -2.21 -6.64 63.94
N ARG N 89 -0.97 -6.38 64.33
CA ARG N 89 -0.57 -5.11 64.91
C ARG N 89 0.22 -4.24 63.93
N LEU N 90 0.14 -4.54 62.64
CA LEU N 90 0.77 -3.71 61.62
C LEU N 90 -0.27 -3.23 60.62
N HIS N 91 -0.08 -2.01 60.16
CA HIS N 91 -0.93 -1.38 59.16
C HIS N 91 -0.02 -0.77 58.11
N PRO N 92 -0.07 -1.22 56.87
CA PRO N 92 0.89 -0.75 55.84
C PRO N 92 0.60 0.65 55.30
N PHE N 93 1.05 1.65 56.04
CA PHE N 93 0.86 3.03 55.61
C PHE N 93 1.99 3.54 54.74
N HIS N 94 3.19 3.00 54.87
CA HIS N 94 4.31 3.39 54.01
C HIS N 94 4.03 2.89 52.60
N VAL N 95 4.38 3.68 51.61
CA VAL N 95 4.13 3.34 50.21
C VAL N 95 5.46 3.31 49.48
N ILE N 96 5.70 2.23 48.74
CA ILE N 96 6.93 2.05 47.98
C ILE N 96 6.71 2.58 46.57
N ARG N 97 7.82 2.85 45.88
CA ARG N 97 7.76 3.38 44.52
C ARG N 97 8.65 2.55 43.60
N ILE N 98 8.31 2.59 42.32
CA ILE N 98 8.97 1.79 41.29
C ILE N 98 9.30 2.67 40.09
N ASN N 99 10.53 2.56 39.60
CA ASN N 99 10.94 3.19 38.35
C ASN N 99 10.82 2.14 37.25
N LYS N 100 9.65 2.07 36.64
CA LYS N 100 9.37 1.01 35.67
C LYS N 100 10.17 1.23 34.41
N MET N 101 11.02 0.27 34.08
CA MET N 101 11.82 0.29 32.85
C MET N 101 11.22 -0.67 31.85
N LEU N 102 11.25 -0.29 30.57
CA LEU N 102 10.71 -1.14 29.52
C LEU N 102 11.58 -2.37 29.33
N SER N 103 10.95 -3.54 29.33
CA SER N 103 11.67 -4.81 29.19
C SER N 103 11.73 -5.28 27.74
N CYS N 104 12.22 -4.41 26.86
CA CYS N 104 12.44 -4.76 25.46
C CYS N 104 13.88 -4.46 25.11
N ALA N 105 14.34 -5.00 23.98
CA ALA N 105 15.71 -4.80 23.52
C ALA N 105 15.81 -3.45 22.80
N GLY N 106 15.83 -2.39 23.61
CA GLY N 106 15.99 -1.05 23.09
C GLY N 106 16.24 -0.02 24.17
N ALA N 107 17.26 0.81 23.98
CA ALA N 107 17.52 1.96 24.84
C ALA N 107 17.14 3.28 24.19
N ASP N 108 16.82 3.27 22.89
CA ASP N 108 16.32 4.47 22.22
C ASP N 108 14.82 4.65 22.42
N ARG N 109 14.14 3.67 23.02
CA ARG N 109 12.69 3.71 23.18
C ARG N 109 12.35 4.36 24.52
N LEU N 110 12.69 5.66 24.60
CA LEU N 110 12.21 6.58 25.63
C LEU N 110 12.40 6.04 27.04
N GLN N 111 13.45 5.25 27.25
CA GLN N 111 13.70 4.72 28.58
C GLN N 111 14.26 5.80 29.50
N THR N 112 14.97 6.77 28.94
CA THR N 112 15.46 7.98 29.59
C THR N 112 16.42 7.70 30.74
N GLY N 113 16.77 6.43 30.96
CA GLY N 113 17.68 6.08 32.03
C GLY N 113 17.13 6.50 33.38
N MET N 114 17.84 7.41 34.04
CA MET N 114 17.45 7.91 35.34
C MET N 114 16.98 9.37 35.30
N ARG N 115 16.62 9.88 34.13
CA ARG N 115 16.07 11.22 34.04
C ARG N 115 14.63 11.21 34.51
N GLY N 116 14.30 12.08 35.47
CA GLY N 116 12.97 12.12 36.05
C GLY N 116 12.63 10.80 36.71
N ALA N 117 13.58 10.24 37.43
CA ALA N 117 13.50 8.86 37.88
C ALA N 117 12.62 8.65 39.09
N PHE N 118 11.91 9.67 39.57
CA PHE N 118 11.04 9.48 40.72
C PHE N 118 9.94 8.49 40.37
N GLY N 119 9.77 7.49 41.20
CA GLY N 119 8.90 6.38 40.87
C GLY N 119 7.45 6.62 41.22
N LYS N 120 6.61 5.81 40.64
CA LYS N 120 5.18 5.74 40.88
C LYS N 120 4.88 4.68 41.93
N PRO N 121 3.80 4.83 42.70
CA PRO N 121 3.53 3.89 43.79
C PRO N 121 3.33 2.46 43.30
N GLN N 122 4.05 1.53 43.93
CA GLN N 122 3.97 0.13 43.59
C GLN N 122 3.10 -0.64 44.58
N GLY N 123 3.29 -0.40 45.86
CA GLY N 123 2.56 -1.12 46.87
C GLY N 123 2.74 -0.48 48.23
N THR N 124 2.27 -1.17 49.24
CA THR N 124 2.30 -0.67 50.61
C THR N 124 3.03 -1.65 51.51
N VAL N 125 3.87 -1.12 52.40
CA VAL N 125 4.55 -1.89 53.41
C VAL N 125 4.35 -1.19 54.75
N ALA N 126 4.64 -1.91 55.83
CA ALA N 126 4.54 -1.37 57.18
C ALA N 126 5.88 -1.49 57.87
N ARG N 127 6.39 -0.37 58.37
CA ARG N 127 7.67 -0.35 59.05
C ARG N 127 7.54 -0.95 60.44
N VAL N 128 8.44 -1.86 60.79
CA VAL N 128 8.49 -2.45 62.12
C VAL N 128 9.89 -2.26 62.69
N HIS N 129 9.95 -1.86 63.96
CA HIS N 129 11.22 -1.59 64.60
C HIS N 129 11.68 -2.83 65.35
N ILE N 130 12.72 -2.68 66.17
CA ILE N 130 13.26 -3.81 66.93
C ILE N 130 12.46 -3.93 68.22
N GLY N 131 11.77 -5.04 68.38
CA GLY N 131 11.07 -5.34 69.61
C GLY N 131 9.58 -5.05 69.63
N GLN N 132 8.95 -4.86 68.47
CA GLN N 132 7.52 -4.59 68.40
C GLN N 132 6.76 -5.83 67.95
N VAL N 133 5.47 -5.86 68.29
CA VAL N 133 4.66 -7.02 68.00
C VAL N 133 4.04 -6.90 66.61
N ILE N 134 3.80 -8.05 65.99
CA ILE N 134 3.16 -8.13 64.67
C ILE N 134 1.89 -8.95 64.73
N MET N 135 2.00 -10.22 65.11
CA MET N 135 0.86 -11.06 65.37
C MET N 135 0.56 -11.04 66.86
N SER N 136 -0.71 -11.01 67.22
CA SER N 136 -1.13 -11.10 68.61
C SER N 136 -2.27 -12.09 68.71
N ILE N 137 -2.21 -12.98 69.69
CA ILE N 137 -3.19 -14.04 69.86
C ILE N 137 -3.73 -13.97 71.28
N ARG N 138 -5.03 -14.18 71.43
CA ARG N 138 -5.62 -14.44 72.74
C ARG N 138 -6.55 -15.64 72.60
N THR N 139 -6.50 -16.54 73.58
CA THR N 139 -7.21 -17.81 73.50
C THR N 139 -7.27 -18.41 74.90
N LYS N 140 -7.92 -19.57 75.02
CA LYS N 140 -7.92 -20.29 76.28
C LYS N 140 -6.50 -20.71 76.63
N LEU N 141 -6.24 -20.82 77.94
CA LEU N 141 -4.86 -20.95 78.40
C LEU N 141 -4.27 -22.31 78.04
N GLN N 142 -5.10 -23.30 77.76
CA GLN N 142 -4.63 -24.66 77.50
C GLN N 142 -4.15 -24.86 76.07
N ASN N 143 -4.05 -23.80 75.27
CA ASN N 143 -3.64 -23.90 73.86
C ASN N 143 -2.27 -23.30 73.61
N GLU N 144 -1.38 -23.30 74.61
CA GLU N 144 -0.14 -22.54 74.49
C GLU N 144 0.76 -23.10 73.40
N GLU N 145 0.85 -24.43 73.29
CA GLU N 145 1.69 -25.01 72.24
C GLU N 145 1.10 -24.71 70.87
N HIS N 146 -0.22 -24.71 70.76
CA HIS N 146 -0.87 -24.37 69.50
C HIS N 146 -0.54 -22.95 69.09
N VAL N 147 -0.62 -22.01 70.04
CA VAL N 147 -0.31 -20.62 69.73
C VAL N 147 1.14 -20.47 69.32
N ILE N 148 2.05 -21.09 70.08
CA ILE N 148 3.48 -20.92 69.81
C ILE N 148 3.85 -21.47 68.44
N GLU N 149 3.40 -22.69 68.13
CA GLU N 149 3.88 -23.24 66.88
C GLU N 149 3.06 -22.72 65.70
N ALA N 150 1.84 -22.21 65.93
CA ALA N 150 1.15 -21.45 64.91
C ALA N 150 1.90 -20.17 64.57
N LEU N 151 2.41 -19.47 65.59
CA LEU N 151 3.21 -18.29 65.34
C LEU N 151 4.50 -18.62 64.61
N ARG N 152 5.16 -19.73 64.95
CA ARG N 152 6.38 -20.06 64.21
C ARG N 152 6.05 -20.51 62.79
N ARG N 153 4.86 -21.05 62.57
CA ARG N 153 4.39 -21.27 61.20
C ARG N 153 4.21 -19.95 60.47
N ALA N 154 3.66 -18.94 61.14
CA ALA N 154 3.52 -17.63 60.53
C ALA N 154 4.84 -16.90 60.42
N LYS N 155 5.89 -17.42 61.04
CA LYS N 155 7.18 -16.74 61.03
C LYS N 155 7.87 -16.86 59.68
N PHE N 156 7.55 -17.92 58.92
CA PHE N 156 8.29 -18.21 57.71
C PHE N 156 7.93 -17.29 56.55
N LYS N 157 6.90 -16.49 56.69
CA LYS N 157 6.52 -15.55 55.64
C LYS N 157 7.15 -14.18 55.86
N PHE N 158 7.98 -14.02 56.90
CA PHE N 158 8.61 -12.77 57.27
C PHE N 158 10.13 -12.88 57.17
N PRO N 159 10.79 -11.93 56.52
CA PRO N 159 12.22 -12.08 56.21
C PRO N 159 13.12 -12.08 57.43
N GLY N 160 12.92 -11.14 58.34
CA GLY N 160 13.81 -10.96 59.47
C GLY N 160 13.65 -12.03 60.53
N ARG N 161 14.27 -11.79 61.68
CA ARG N 161 14.19 -12.71 62.81
C ARG N 161 13.06 -12.26 63.72
N GLN N 162 12.29 -13.23 64.20
CA GLN N 162 11.17 -12.95 65.07
C GLN N 162 11.15 -13.92 66.24
N LYS N 163 11.07 -13.36 67.44
CA LYS N 163 10.90 -14.14 68.65
C LYS N 163 9.43 -14.48 68.85
N ILE N 164 9.19 -15.47 69.71
CA ILE N 164 7.85 -15.80 70.17
C ILE N 164 7.84 -15.61 71.68
N HIS N 165 7.00 -14.71 72.16
CA HIS N 165 6.93 -14.42 73.59
C HIS N 165 5.47 -14.42 74.03
N ILE N 166 5.14 -15.30 74.96
CA ILE N 166 3.82 -15.33 75.58
C ILE N 166 3.79 -14.19 76.59
N SER N 167 2.97 -13.18 76.31
CA SER N 167 2.95 -11.98 77.12
C SER N 167 2.44 -12.27 78.52
N LYS N 168 2.96 -11.53 79.50
CA LYS N 168 2.48 -11.63 80.86
C LYS N 168 1.13 -10.95 81.03
N LYS N 169 0.78 -10.02 80.14
CA LYS N 169 -0.48 -9.32 80.22
C LYS N 169 -1.65 -10.27 80.01
N TRP N 170 -2.80 -9.89 80.58
CA TRP N 170 -4.01 -10.70 80.52
C TRP N 170 -4.64 -10.58 79.13
N GLY N 171 -4.33 -11.51 78.25
CA GLY N 171 -4.93 -11.47 76.93
C GLY N 171 -4.44 -10.26 76.15
N PHE N 172 -5.38 -9.44 75.69
CA PHE N 172 -5.06 -8.26 74.91
C PHE N 172 -5.10 -6.96 75.71
N THR N 173 -5.15 -7.04 77.03
CA THR N 173 -5.19 -5.83 77.82
C THR N 173 -3.80 -5.42 78.28
N LYS N 174 -3.71 -4.23 78.86
CA LYS N 174 -2.45 -3.64 79.27
C LYS N 174 -2.13 -3.90 80.73
N PHE N 175 -2.78 -4.90 81.34
CA PHE N 175 -2.67 -5.14 82.77
C PHE N 175 -2.16 -6.56 83.03
N ASN N 176 -1.48 -6.74 84.16
CA ASN N 176 -0.87 -8.02 84.48
C ASN N 176 -1.92 -9.10 84.69
N ALA N 177 -1.57 -10.32 84.31
CA ALA N 177 -2.51 -11.43 84.42
C ALA N 177 -2.80 -11.78 85.87
N ASP N 178 -1.78 -11.68 86.74
CA ASP N 178 -1.98 -12.09 88.13
C ASP N 178 -2.74 -11.06 88.94
N GLU N 179 -2.87 -9.83 88.42
CA GLU N 179 -3.62 -8.80 89.11
C GLU N 179 -4.90 -8.41 88.39
N PHE N 180 -5.14 -8.97 87.20
CA PHE N 180 -6.36 -8.63 86.46
C PHE N 180 -7.60 -9.07 87.23
N GLU N 181 -7.58 -10.28 87.78
CA GLU N 181 -8.76 -10.83 88.41
C GLU N 181 -9.18 -10.02 89.64
N ASP N 182 -8.22 -9.59 90.45
CA ASP N 182 -8.58 -8.84 91.65
C ASP N 182 -8.62 -7.34 91.44
N MET N 183 -8.15 -6.85 90.29
CA MET N 183 -8.52 -5.48 89.91
C MET N 183 -9.94 -5.44 89.37
N VAL N 184 -10.40 -6.53 88.77
CA VAL N 184 -11.82 -6.67 88.46
C VAL N 184 -12.62 -6.83 89.75
N ALA N 185 -12.07 -7.55 90.73
CA ALA N 185 -12.81 -7.82 91.96
C ALA N 185 -13.16 -6.53 92.69
N LYS N 186 -12.18 -5.66 92.92
CA LYS N 186 -12.49 -4.39 93.56
C LYS N 186 -13.01 -3.35 92.57
N LYS N 187 -13.30 -3.77 91.33
CA LYS N 187 -13.95 -2.93 90.33
C LYS N 187 -13.17 -1.65 90.06
N CYS N 188 -11.85 -1.79 89.98
CA CYS N 188 -11.02 -0.78 89.35
C CYS N 188 -10.95 -0.96 87.84
N LEU N 189 -11.77 -1.87 87.30
CA LEU N 189 -11.66 -2.30 85.91
C LEU N 189 -12.98 -2.95 85.50
N ILE N 190 -13.54 -2.52 84.37
CA ILE N 190 -14.84 -3.01 83.94
C ILE N 190 -14.73 -3.62 82.54
N PRO N 191 -15.08 -4.90 82.37
CA PRO N 191 -15.02 -5.50 81.03
C PRO N 191 -16.06 -4.89 80.09
N ASP N 192 -15.67 -4.81 78.82
CA ASP N 192 -16.57 -4.34 77.76
C ASP N 192 -16.06 -4.86 76.43
N GLY N 193 -16.79 -5.78 75.82
CA GLY N 193 -16.33 -6.35 74.56
C GLY N 193 -15.08 -7.19 74.76
N CYS N 194 -14.00 -6.81 74.09
CA CYS N 194 -12.74 -7.52 74.22
C CYS N 194 -11.80 -6.87 75.22
N GLY N 195 -11.90 -5.55 75.44
CA GLY N 195 -11.02 -4.85 76.35
C GLY N 195 -11.75 -4.45 77.62
N VAL N 196 -11.01 -3.77 78.49
CA VAL N 196 -11.52 -3.35 79.78
C VAL N 196 -11.33 -1.85 79.93
N LYS N 197 -12.12 -1.27 80.83
CA LYS N 197 -12.13 0.16 81.08
C LYS N 197 -11.47 0.41 82.43
N TYR N 198 -10.38 1.16 82.45
CA TYR N 198 -9.75 1.53 83.70
C TYR N 198 -10.50 2.69 84.32
N VAL N 199 -11.25 2.41 85.38
CA VAL N 199 -12.04 3.45 86.05
C VAL N 199 -11.21 4.00 87.20
N PRO N 200 -10.60 5.16 87.04
CA PRO N 200 -9.71 5.67 88.08
C PRO N 200 -10.49 6.18 89.27
N SER N 201 -9.80 6.29 90.40
CA SER N 201 -10.41 6.77 91.63
C SER N 201 -10.44 8.30 91.67
N HIS N 202 -10.92 8.90 90.59
CA HIS N 202 -11.17 10.33 90.54
C HIS N 202 -12.21 10.58 89.46
N GLY N 203 -12.88 11.72 89.57
CA GLY N 203 -13.97 12.04 88.68
C GLY N 203 -15.24 12.29 89.45
N PRO N 204 -16.36 12.42 88.75
CA PRO N 204 -17.64 12.61 89.44
C PRO N 204 -18.01 11.40 90.26
N LEU N 205 -18.69 11.64 91.38
CA LEU N 205 -19.07 10.55 92.27
C LEU N 205 -20.30 9.80 91.80
N ASP N 206 -21.11 10.40 90.92
CA ASP N 206 -22.31 9.70 90.45
C ASP N 206 -21.93 8.48 89.61
N LYS N 207 -20.85 8.58 88.83
CA LYS N 207 -20.38 7.42 88.09
C LYS N 207 -19.76 6.39 89.01
N TRP N 208 -19.51 6.74 90.27
CA TRP N 208 -19.09 5.75 91.25
C TRP N 208 -20.29 5.09 91.92
N ARG N 209 -21.27 5.90 92.35
CA ARG N 209 -22.44 5.34 93.01
C ARG N 209 -23.38 4.62 92.05
N VAL N 210 -23.22 4.81 90.74
CA VAL N 210 -23.93 3.94 89.80
C VAL N 210 -23.34 2.53 89.88
N LEU N 211 -22.04 2.43 90.12
CA LEU N 211 -21.45 1.17 90.54
C LEU N 211 -21.71 0.95 92.02
N HIS N 212 -21.34 -0.23 92.50
CA HIS N 212 -21.58 -0.64 93.89
C HIS N 212 -23.06 -0.54 94.25
N SER N 213 -23.93 -0.71 93.26
CA SER N 213 -25.36 -0.49 93.46
C SER N 213 -26.18 -1.23 92.42
N LYS O 6 -44.20 34.03 96.85
CA LYS O 6 -43.49 32.77 96.80
C LYS O 6 -42.56 32.75 95.60
N GLU O 7 -42.89 33.56 94.60
CA GLU O 7 -42.08 33.72 93.41
C GLU O 7 -41.48 35.12 93.38
N ASN O 8 -40.20 35.20 93.06
CA ASN O 8 -39.55 36.49 92.93
C ASN O 8 -40.18 37.27 91.79
N PRO O 9 -40.62 38.52 92.02
CA PRO O 9 -41.24 39.29 90.93
C PRO O 9 -40.31 39.62 89.78
N MET O 10 -39.03 39.27 89.85
CA MET O 10 -38.12 39.44 88.73
C MET O 10 -38.03 38.19 87.85
N ARG O 11 -38.69 37.10 88.24
CA ARG O 11 -38.70 35.87 87.46
C ARG O 11 -39.97 35.71 86.62
N GLU O 12 -40.81 36.73 86.55
CA GLU O 12 -42.04 36.61 85.79
C GLU O 12 -41.75 36.55 84.29
N LEU O 13 -42.65 35.93 83.55
CA LEU O 13 -42.52 35.76 82.11
C LEU O 13 -43.32 36.82 81.39
N ARG O 14 -42.89 37.17 80.18
CA ARG O 14 -43.52 38.22 79.40
C ARG O 14 -43.06 38.08 77.95
N ILE O 15 -43.68 38.88 77.09
CA ILE O 15 -43.40 38.85 75.66
C ILE O 15 -42.21 39.75 75.37
N ARG O 16 -41.25 39.25 74.58
CA ARG O 16 -40.15 40.09 74.14
C ARG O 16 -40.41 40.68 72.76
N LYS O 17 -40.69 39.83 71.77
CA LYS O 17 -41.04 40.28 70.44
C LYS O 17 -41.82 39.17 69.75
N LEU O 18 -42.52 39.54 68.67
CA LEU O 18 -43.30 38.60 67.88
C LEU O 18 -42.61 38.05 66.64
N CYS O 19 -41.77 38.83 65.99
CA CYS O 19 -40.95 38.35 64.87
C CYS O 19 -41.81 37.79 63.74
N LEU O 20 -42.95 38.41 63.51
CA LEU O 20 -43.87 37.95 62.48
C LEU O 20 -43.23 38.00 61.10
N ASN O 21 -43.34 36.90 60.37
CA ASN O 21 -42.72 36.77 59.06
C ASN O 21 -43.70 36.23 58.04
N ILE O 22 -43.79 36.91 56.90
CA ILE O 22 -44.52 36.43 55.74
C ILE O 22 -43.51 36.14 54.66
N CYS O 23 -43.54 34.92 54.12
CA CYS O 23 -42.58 34.51 53.09
C CYS O 23 -43.32 34.43 51.76
N VAL O 24 -43.19 35.48 50.96
CA VAL O 24 -43.70 35.45 49.59
C VAL O 24 -42.72 34.65 48.73
N GLY O 25 -43.25 33.98 47.71
CA GLY O 25 -42.37 33.22 46.82
C GLY O 25 -41.40 34.09 46.06
N GLU O 26 -41.89 35.17 45.47
CA GLU O 26 -41.09 36.02 44.60
C GLU O 26 -41.29 37.49 44.96
N SER O 27 -40.38 38.33 44.48
CA SER O 27 -40.43 39.76 44.69
C SER O 27 -41.50 40.38 43.80
N GLY O 28 -41.65 41.69 43.92
CA GLY O 28 -42.53 42.44 43.04
C GLY O 28 -43.86 42.77 43.70
N ASP O 29 -44.94 42.61 42.94
CA ASP O 29 -46.26 43.04 43.41
C ASP O 29 -46.72 42.25 44.63
N ARG O 30 -46.47 40.94 44.65
CA ARG O 30 -46.89 40.15 45.80
C ARG O 30 -46.11 40.53 47.05
N LEU O 31 -44.81 40.81 46.90
CA LEU O 31 -44.00 41.20 48.05
C LEU O 31 -44.44 42.54 48.63
N THR O 32 -44.67 43.53 47.76
CA THR O 32 -45.09 44.83 48.27
C THR O 32 -46.52 44.79 48.79
N ARG O 33 -47.36 43.91 48.25
CA ARG O 33 -48.70 43.76 48.81
C ARG O 33 -48.66 43.10 50.17
N ALA O 34 -47.76 42.13 50.38
CA ALA O 34 -47.58 41.56 51.71
C ALA O 34 -47.03 42.59 52.69
N ALA O 35 -46.11 43.44 52.21
CA ALA O 35 -45.60 44.52 53.06
C ALA O 35 -46.73 45.48 53.44
N LYS O 36 -47.63 45.78 52.49
CA LYS O 36 -48.78 46.62 52.79
C LYS O 36 -49.72 45.94 53.78
N VAL O 37 -49.86 44.62 53.68
CA VAL O 37 -50.62 43.87 54.67
C VAL O 37 -50.01 44.05 56.06
N LEU O 38 -48.69 43.97 56.16
CA LEU O 38 -48.04 44.20 57.44
C LEU O 38 -48.23 45.63 57.92
N GLU O 39 -48.22 46.60 57.01
CA GLU O 39 -48.51 47.98 57.39
C GLU O 39 -49.90 48.10 58.00
N GLN O 40 -50.90 47.53 57.33
CA GLN O 40 -52.28 47.69 57.82
C GLN O 40 -52.54 46.84 59.05
N LEU O 41 -51.72 45.82 59.29
CA LEU O 41 -51.92 44.97 60.46
C LEU O 41 -51.21 45.52 61.69
N THR O 42 -49.91 45.78 61.58
CA THR O 42 -49.11 46.20 62.72
C THR O 42 -49.05 47.70 62.89
N GLY O 43 -49.40 48.47 61.86
CA GLY O 43 -49.18 49.91 61.91
C GLY O 43 -47.71 50.24 62.01
N GLN O 44 -46.87 49.46 61.32
CA GLN O 44 -45.44 49.52 61.55
C GLN O 44 -44.74 48.96 60.32
N THR O 45 -43.85 49.75 59.73
CA THR O 45 -43.22 49.37 58.47
C THR O 45 -42.31 48.16 58.66
N PRO O 46 -42.48 47.12 57.84
CA PRO O 46 -41.58 45.97 57.93
C PRO O 46 -40.33 46.14 57.10
N VAL O 47 -39.47 45.12 57.08
CA VAL O 47 -38.26 45.13 56.28
C VAL O 47 -38.28 43.89 55.40
N PHE O 48 -37.54 43.95 54.30
CA PHE O 48 -37.51 42.88 53.33
C PHE O 48 -36.31 41.96 53.59
N SER O 49 -36.43 40.72 53.14
CA SER O 49 -35.37 39.73 53.29
C SER O 49 -34.92 39.29 51.91
N LYS O 50 -33.62 39.42 51.65
CA LYS O 50 -33.07 38.89 50.40
C LYS O 50 -32.67 37.43 50.59
N ALA O 51 -32.80 36.66 49.51
CA ALA O 51 -32.47 35.25 49.55
C ALA O 51 -30.97 35.06 49.65
N ARG O 52 -30.54 34.22 50.59
CA ARG O 52 -29.11 34.01 50.80
C ARG O 52 -28.51 33.17 49.67
N TYR O 53 -29.32 32.34 49.02
CA TYR O 53 -28.85 31.49 47.94
C TYR O 53 -29.78 31.57 46.74
N THR O 54 -29.38 30.87 45.68
CA THR O 54 -30.17 30.74 44.47
C THR O 54 -30.59 29.28 44.34
N VAL O 55 -31.89 29.05 44.13
CA VAL O 55 -32.40 27.71 43.86
C VAL O 55 -33.32 27.78 42.65
N ARG O 56 -33.15 26.84 41.73
CA ARG O 56 -34.00 26.75 40.56
C ARG O 56 -35.36 26.15 40.88
N SER O 57 -35.46 25.36 41.95
CA SER O 57 -36.72 24.69 42.26
C SER O 57 -37.80 25.70 42.63
N PHE O 58 -37.47 26.68 43.45
CA PHE O 58 -38.46 27.67 43.89
C PHE O 58 -38.48 28.89 43.00
N GLY O 59 -37.56 29.00 42.05
CA GLY O 59 -37.48 30.18 41.21
C GLY O 59 -37.08 31.45 41.94
N ILE O 60 -36.09 31.36 42.82
CA ILE O 60 -35.60 32.54 43.53
C ILE O 60 -34.11 32.69 43.26
N ARG O 61 -33.64 33.93 43.40
CA ARG O 61 -32.28 34.32 43.07
C ARG O 61 -31.60 34.90 44.30
N ARG O 62 -30.29 34.76 44.37
CA ARG O 62 -29.54 35.31 45.48
C ARG O 62 -29.62 36.83 45.46
N ASN O 63 -29.74 37.43 46.65
CA ASN O 63 -29.96 38.84 46.86
C ASN O 63 -31.27 39.34 46.26
N GLU O 64 -32.19 38.44 45.93
CA GLU O 64 -33.52 38.83 45.47
C GLU O 64 -34.45 38.91 46.67
N LYS O 65 -35.24 39.98 46.71
CA LYS O 65 -36.22 40.14 47.78
C LYS O 65 -37.21 38.98 47.74
N ILE O 66 -37.40 38.33 48.89
CA ILE O 66 -38.25 37.16 48.94
C ILE O 66 -39.35 37.34 49.98
N ALA O 67 -38.96 37.53 51.23
CA ALA O 67 -39.91 37.59 52.31
C ALA O 67 -40.00 39.02 52.85
N VAL O 68 -41.01 39.23 53.69
CA VAL O 68 -41.19 40.49 54.39
C VAL O 68 -41.54 40.15 55.84
N HIS O 69 -40.89 40.83 56.78
CA HIS O 69 -41.03 40.46 58.17
C HIS O 69 -40.83 41.68 59.05
N CYS O 70 -41.29 41.56 60.29
CA CYS O 70 -41.21 42.65 61.27
C CYS O 70 -41.19 42.05 62.67
N THR O 71 -40.81 42.88 63.63
CA THR O 71 -40.79 42.51 65.04
C THR O 71 -41.53 43.58 65.85
N VAL O 72 -42.46 43.15 66.69
CA VAL O 72 -43.31 44.05 67.46
C VAL O 72 -43.16 43.73 68.94
N ARG O 73 -43.03 44.77 69.75
CA ARG O 73 -42.86 44.61 71.19
C ARG O 73 -43.88 45.45 71.93
N GLY O 74 -44.30 44.96 73.10
CA GLY O 74 -45.13 45.74 73.98
C GLY O 74 -46.61 45.50 73.89
N ALA O 75 -47.40 46.58 74.00
CA ALA O 75 -48.85 46.46 73.99
C ALA O 75 -49.37 45.95 72.66
N LYS O 76 -48.82 46.47 71.56
CA LYS O 76 -49.26 46.00 70.25
C LYS O 76 -48.95 44.53 70.08
N ALA O 77 -47.81 44.09 70.62
CA ALA O 77 -47.51 42.66 70.65
C ALA O 77 -48.58 41.90 71.41
N GLU O 78 -49.04 42.46 72.53
CA GLU O 78 -50.07 41.80 73.33
C GLU O 78 -51.36 41.62 72.54
N GLU O 79 -51.87 42.70 71.93
CA GLU O 79 -53.13 42.54 71.21
C GLU O 79 -52.97 41.76 69.91
N ILE O 80 -51.81 41.82 69.26
CA ILE O 80 -51.64 41.01 68.06
C ILE O 80 -51.59 39.52 68.42
N LEU O 81 -50.99 39.19 69.57
CA LEU O 81 -51.06 37.81 70.05
C LEU O 81 -52.48 37.43 70.41
N GLU O 82 -53.23 38.36 71.03
CA GLU O 82 -54.62 38.08 71.36
C GLU O 82 -55.41 37.71 70.11
N LYS O 83 -55.30 38.52 69.06
CA LYS O 83 -56.04 38.24 67.83
C LYS O 83 -55.55 36.96 67.16
N GLY O 84 -54.23 36.74 67.12
CA GLY O 84 -53.71 35.55 66.49
C GLY O 84 -54.14 34.28 67.19
N LEU O 85 -54.12 34.28 68.52
CA LEU O 85 -54.59 33.13 69.28
C LEU O 85 -56.09 32.98 69.19
N LYS O 86 -56.82 34.09 69.02
CA LYS O 86 -58.26 34.01 68.80
C LYS O 86 -58.57 33.28 67.49
N VAL O 87 -57.82 33.60 66.43
CA VAL O 87 -57.97 32.87 65.17
C VAL O 87 -57.57 31.42 65.36
N ARG O 88 -56.57 31.18 66.19
CA ARG O 88 -56.11 29.84 66.56
C ARG O 88 -57.02 29.18 67.59
N GLU O 89 -58.11 29.85 67.97
CA GLU O 89 -59.09 29.45 68.98
C GLU O 89 -58.44 28.92 70.25
N TYR O 90 -57.28 29.48 70.63
CA TYR O 90 -56.61 29.22 71.90
C TYR O 90 -56.27 27.74 72.07
N GLU O 91 -55.46 27.23 71.15
CA GLU O 91 -54.95 25.87 71.23
C GLU O 91 -53.64 25.80 70.45
N LEU O 92 -52.65 25.12 71.03
CA LEU O 92 -51.37 24.89 70.39
C LEU O 92 -50.97 23.44 70.58
N ARG O 93 -50.24 22.92 69.59
CA ARG O 93 -49.76 21.56 69.64
C ARG O 93 -48.56 21.45 70.58
N LYS O 94 -48.10 20.21 70.78
CA LYS O 94 -46.94 19.98 71.62
C LYS O 94 -45.65 20.39 70.91
N ASN O 95 -45.58 20.14 69.60
CA ASN O 95 -44.36 20.38 68.84
C ASN O 95 -44.18 21.83 68.42
N ASN O 96 -45.15 22.70 68.67
CA ASN O 96 -44.99 24.12 68.32
C ASN O 96 -44.04 24.83 69.26
N PHE O 97 -43.73 24.24 70.42
CA PHE O 97 -42.88 24.86 71.42
C PHE O 97 -41.46 24.31 71.28
N SER O 98 -40.50 25.21 71.12
CA SER O 98 -39.11 24.79 71.05
C SER O 98 -38.53 24.67 72.46
N ASP O 99 -37.35 24.05 72.55
CA ASP O 99 -36.76 23.75 73.85
C ASP O 99 -36.27 25.00 74.58
N THR O 100 -36.09 26.12 73.87
CA THR O 100 -35.60 27.33 74.51
C THR O 100 -36.71 28.17 75.12
N GLY O 101 -37.93 27.65 75.17
CA GLY O 101 -38.99 28.31 75.91
C GLY O 101 -39.87 29.23 75.12
N ASN O 102 -39.81 29.20 73.78
CA ASN O 102 -40.66 30.02 72.95
C ASN O 102 -41.26 29.19 71.83
N PHE O 103 -42.38 29.67 71.30
CA PHE O 103 -43.19 28.89 70.38
C PHE O 103 -43.60 29.76 69.20
N GLY O 104 -44.51 29.25 68.40
CA GLY O 104 -45.09 30.00 67.31
C GLY O 104 -46.19 29.17 66.67
N PHE O 105 -46.81 29.77 65.65
CA PHE O 105 -47.87 29.11 64.89
C PHE O 105 -48.01 29.83 63.56
N GLY O 106 -48.95 29.36 62.74
CA GLY O 106 -49.20 29.99 61.46
C GLY O 106 -50.67 30.17 61.19
N ILE O 107 -51.04 31.28 60.56
CA ILE O 107 -52.43 31.61 60.28
C ILE O 107 -52.61 31.65 58.77
N GLN O 108 -53.64 30.93 58.29
CA GLN O 108 -53.82 30.79 56.85
C GLN O 108 -54.22 32.09 56.17
N GLU O 109 -54.99 32.93 56.85
CA GLU O 109 -55.49 34.16 56.25
C GLU O 109 -55.17 35.34 57.15
N HIS O 110 -54.92 36.49 56.53
CA HIS O 110 -54.62 37.69 57.28
C HIS O 110 -55.85 38.56 57.53
N ILE O 111 -56.98 38.27 56.89
CA ILE O 111 -58.18 39.07 57.07
C ILE O 111 -59.16 38.48 58.08
N ASP O 112 -58.78 37.40 58.74
CA ASP O 112 -59.63 36.86 59.80
C ASP O 112 -59.25 37.39 61.17
N LEU O 113 -58.29 38.30 61.26
CA LEU O 113 -57.90 38.92 62.53
C LEU O 113 -57.89 40.44 62.36
N GLY O 114 -59.05 41.06 62.52
CA GLY O 114 -59.18 42.50 62.43
C GLY O 114 -59.20 43.06 61.03
N ILE O 115 -58.25 42.60 60.19
CA ILE O 115 -58.08 43.16 58.86
C ILE O 115 -59.30 42.85 58.00
N LYS O 116 -59.73 43.84 57.22
CA LYS O 116 -60.73 43.64 56.18
C LYS O 116 -60.05 43.54 54.82
N TYR O 117 -60.67 42.76 53.93
CA TYR O 117 -60.10 42.53 52.62
C TYR O 117 -60.17 43.79 51.76
N ASP O 118 -59.13 44.00 50.96
CA ASP O 118 -59.10 45.03 49.93
C ASP O 118 -58.76 44.39 48.60
N PRO O 119 -59.31 44.91 47.50
CA PRO O 119 -59.04 44.29 46.18
C PRO O 119 -57.57 44.27 45.82
N SER O 120 -56.82 45.32 46.17
CA SER O 120 -55.39 45.40 45.92
C SER O 120 -54.58 44.70 46.99
N ILE O 121 -55.20 43.77 47.72
CA ILE O 121 -54.56 43.04 48.79
C ILE O 121 -54.81 41.56 48.57
N GLY O 122 -53.76 40.75 48.69
CA GLY O 122 -53.84 39.33 48.42
C GLY O 122 -54.61 38.54 49.45
N ILE O 123 -54.37 37.24 49.46
CA ILE O 123 -55.11 36.30 50.30
C ILE O 123 -54.09 35.66 51.24
N TYR O 124 -53.08 36.44 51.63
CA TYR O 124 -51.86 35.88 52.20
C TYR O 124 -52.06 35.33 53.60
N GLY O 125 -51.18 34.40 53.97
CA GLY O 125 -51.01 33.99 55.33
C GLY O 125 -49.76 34.60 55.95
N LEU O 126 -49.31 34.00 57.04
CA LEU O 126 -48.30 34.63 57.87
C LEU O 126 -47.86 33.66 58.96
N ASP O 127 -46.67 33.91 59.50
CA ASP O 127 -46.04 33.07 60.51
C ASP O 127 -45.77 33.87 61.78
N PHE O 128 -46.43 33.48 62.85
CA PHE O 128 -46.14 34.01 64.18
C PHE O 128 -45.08 33.14 64.84
N TYR O 129 -44.13 33.79 65.52
CA TYR O 129 -43.18 33.04 66.35
C TYR O 129 -42.78 33.94 67.52
N VAL O 130 -43.52 33.82 68.62
CA VAL O 130 -43.29 34.66 69.78
C VAL O 130 -42.04 34.19 70.49
N VAL O 131 -41.41 35.08 71.25
CA VAL O 131 -40.33 34.73 72.16
C VAL O 131 -40.70 35.19 73.56
N LEU O 132 -40.58 34.27 74.51
CA LEU O 132 -40.85 34.60 75.90
C LEU O 132 -39.56 35.08 76.57
N GLY O 133 -39.72 35.87 77.61
CA GLY O 133 -38.57 36.44 78.29
C GLY O 133 -38.89 36.85 79.71
N ARG O 134 -37.84 36.99 80.50
CA ARG O 134 -37.89 37.47 81.87
C ARG O 134 -37.10 38.76 81.95
N PRO O 135 -37.38 39.61 82.94
CA PRO O 135 -36.53 40.77 83.16
C PRO O 135 -35.12 40.33 83.55
N GLY O 136 -34.16 40.58 82.66
CA GLY O 136 -32.82 40.08 82.88
C GLY O 136 -32.14 39.65 81.60
N PHE O 137 -32.90 39.47 80.52
CA PHE O 137 -32.29 39.11 79.24
C PHE O 137 -31.75 40.30 78.47
N SER O 138 -31.84 41.51 79.02
CA SER O 138 -31.12 42.63 78.42
C SER O 138 -29.61 42.47 78.54
N ILE O 139 -29.13 41.56 79.39
CA ILE O 139 -27.70 41.36 79.57
C ILE O 139 -27.08 40.52 78.47
N ALA O 140 -27.90 39.87 77.64
CA ALA O 140 -27.36 39.04 76.57
C ALA O 140 -27.18 39.83 75.28
N ASP O 141 -27.63 41.08 75.24
CA ASP O 141 -27.58 41.88 74.04
C ASP O 141 -27.16 43.32 74.28
N LYS O 142 -26.81 43.69 75.51
CA LYS O 142 -26.17 44.98 75.72
C LYS O 142 -24.73 44.92 75.22
N LYS O 143 -24.13 46.10 75.03
CA LYS O 143 -22.80 46.15 74.43
C LYS O 143 -21.72 45.98 75.49
N ARG O 144 -21.65 46.88 76.45
CA ARG O 144 -20.61 46.82 77.48
C ARG O 144 -21.06 45.88 78.60
N ARG O 145 -20.14 45.03 79.02
CA ARG O 145 -20.38 44.00 80.04
C ARG O 145 -21.62 43.17 79.69
N THR O 146 -21.51 42.45 78.59
CA THR O 146 -22.51 41.45 78.28
C THR O 146 -22.25 40.21 79.12
N GLY O 147 -23.22 39.30 79.15
CA GLY O 147 -23.09 38.12 79.97
C GLY O 147 -24.06 37.05 79.57
N CYS O 148 -23.80 35.84 80.08
CA CYS O 148 -24.71 34.72 79.90
C CYS O 148 -25.82 34.76 80.94
N ILE O 149 -26.92 34.08 80.62
CA ILE O 149 -28.12 34.14 81.47
C ILE O 149 -27.92 33.36 82.76
N GLY O 150 -27.44 32.12 82.67
CA GLY O 150 -27.46 31.24 83.81
C GLY O 150 -28.56 30.20 83.69
N ALA O 151 -28.32 29.00 84.23
CA ALA O 151 -29.25 27.89 84.02
C ALA O 151 -30.62 28.18 84.61
N LYS O 152 -30.66 28.69 85.84
CA LYS O 152 -31.94 28.90 86.51
C LYS O 152 -32.79 29.95 85.79
N HIS O 153 -32.16 31.03 85.33
CA HIS O 153 -32.92 32.12 84.76
C HIS O 153 -33.31 31.88 83.31
N ARG O 154 -32.91 30.76 82.73
CA ARG O 154 -33.41 30.39 81.41
C ARG O 154 -34.88 29.98 81.52
N ILE O 155 -35.55 29.94 80.37
CA ILE O 155 -36.94 29.51 80.28
C ILE O 155 -36.97 28.19 79.53
N SER O 156 -37.81 27.27 79.99
CA SER O 156 -37.90 25.95 79.43
C SER O 156 -39.16 25.81 78.58
N LYS O 157 -39.21 24.71 77.82
CA LYS O 157 -40.38 24.43 77.01
C LYS O 157 -41.62 24.21 77.87
N GLU O 158 -41.49 23.44 78.95
CA GLU O 158 -42.63 23.17 79.81
C GLU O 158 -43.12 24.45 80.50
N GLU O 159 -42.19 25.33 80.87
CA GLU O 159 -42.60 26.61 81.42
C GLU O 159 -43.32 27.45 80.39
N ALA O 160 -42.94 27.32 79.12
CA ALA O 160 -43.68 28.00 78.06
C ALA O 160 -45.09 27.47 77.94
N MET O 161 -45.27 26.15 78.02
CA MET O 161 -46.62 25.60 78.02
C MET O 161 -47.41 26.10 79.23
N ARG O 162 -46.76 26.14 80.40
CA ARG O 162 -47.44 26.61 81.60
C ARG O 162 -47.88 28.06 81.44
N TRP O 163 -47.00 28.92 80.92
CA TRP O 163 -47.37 30.31 80.71
C TRP O 163 -48.52 30.42 79.73
N PHE O 164 -48.47 29.65 78.64
CA PHE O 164 -49.53 29.71 77.64
C PHE O 164 -50.87 29.28 78.24
N GLN O 165 -50.87 28.23 79.05
CA GLN O 165 -52.14 27.72 79.56
C GLN O 165 -52.68 28.52 80.73
N GLN O 166 -51.81 29.25 81.45
CA GLN O 166 -52.34 30.02 82.59
C GLN O 166 -52.63 31.46 82.21
N LYS O 167 -51.87 32.05 81.29
CA LYS O 167 -52.14 33.42 80.87
C LYS O 167 -53.34 33.49 79.93
N TYR O 168 -53.36 32.62 78.91
CA TYR O 168 -54.37 32.70 77.85
C TYR O 168 -55.50 31.71 78.03
N ASP O 169 -55.35 30.71 78.92
CA ASP O 169 -56.28 29.59 79.01
C ASP O 169 -56.41 28.88 77.67
N GLY O 170 -55.28 28.50 77.09
CA GLY O 170 -55.25 27.74 75.86
C GLY O 170 -55.33 26.25 76.11
N ILE O 171 -55.23 25.50 75.01
CA ILE O 171 -55.30 24.04 75.04
C ILE O 171 -54.01 23.49 74.47
N ILE O 172 -53.39 22.55 75.17
CA ILE O 172 -52.16 21.93 74.71
C ILE O 172 -52.55 20.58 74.09
N LEU O 173 -52.78 20.56 72.79
CA LEU O 173 -53.06 19.31 72.11
C LEU O 173 -51.78 18.51 71.97
N PRO O 174 -51.71 17.30 72.50
CA PRO O 174 -50.50 16.46 72.33
C PRO O 174 -50.44 15.79 70.96
N GLY O 175 -49.98 16.55 69.97
CA GLY O 175 -49.89 16.05 68.62
C GLY O 175 -48.48 16.13 68.03
N ALA P 1 40.71 41.38 28.22
CA ALA P 1 40.14 41.08 29.53
C ALA P 1 40.74 41.98 30.61
N PRO P 2 39.89 42.75 31.28
CA PRO P 2 40.38 43.62 32.35
C PRO P 2 40.80 42.82 33.56
N SER P 3 41.46 43.50 34.49
CA SER P 3 41.89 42.88 35.74
C SER P 3 41.80 43.93 36.85
N ARG P 4 40.85 43.75 37.76
CA ARG P 4 40.69 44.61 38.92
C ARG P 4 40.56 46.08 38.55
N ASN P 5 40.84 46.96 39.49
CA ASN P 5 40.69 48.39 39.22
C ASN P 5 41.81 48.87 38.32
N GLY P 6 41.47 49.83 37.47
CA GLY P 6 42.45 50.41 36.59
C GLY P 6 41.76 51.20 35.50
N MET P 7 42.58 51.97 34.78
CA MET P 7 42.09 52.77 33.67
C MET P 7 41.42 51.91 32.62
N VAL P 8 40.62 52.56 31.78
CA VAL P 8 40.11 51.94 30.56
C VAL P 8 40.80 52.58 29.37
N LEU P 9 41.35 51.75 28.49
CA LEU P 9 42.23 52.22 27.44
C LEU P 9 41.65 51.93 26.06
N LYS P 10 41.96 52.82 25.12
CA LYS P 10 41.55 52.67 23.72
C LYS P 10 42.76 52.92 22.83
N PRO P 11 43.67 51.95 22.74
CA PRO P 11 44.85 52.14 21.89
C PRO P 11 44.45 52.14 20.42
N HIS P 12 45.05 53.05 19.66
CA HIS P 12 44.72 53.17 18.24
C HIS P 12 45.70 52.38 17.39
N PHE P 13 45.85 51.10 17.70
CA PHE P 13 46.85 50.25 17.08
C PHE P 13 46.20 49.12 16.30
N HIS P 14 45.00 49.38 15.77
CA HIS P 14 44.26 48.38 15.02
C HIS P 14 44.36 48.59 13.51
N LYS P 15 45.26 49.45 13.06
CA LYS P 15 45.23 49.91 11.67
C LYS P 15 46.55 49.65 10.93
N ASP P 16 47.24 48.57 11.28
CA ASP P 16 48.49 48.16 10.63
C ASP P 16 49.51 49.29 10.64
N TRP P 17 49.75 49.80 11.85
CA TRP P 17 50.55 51.00 12.04
C TRP P 17 52.02 50.76 11.77
N GLN P 18 52.51 49.54 11.97
CA GLN P 18 53.94 49.28 11.87
C GLN P 18 54.48 49.48 10.46
N ARG P 19 53.61 49.44 9.45
CA ARG P 19 54.06 49.74 8.09
C ARG P 19 54.41 51.21 7.94
N ARG P 20 53.69 52.10 8.63
CA ARG P 20 53.93 53.54 8.58
C ARG P 20 54.40 53.98 9.95
N VAL P 21 55.69 53.87 10.20
CA VAL P 21 56.31 54.29 11.45
C VAL P 21 57.52 55.13 11.11
N ALA P 22 57.48 56.41 11.43
CA ALA P 22 58.57 57.34 11.12
C ALA P 22 59.45 57.47 12.34
N THR P 23 60.73 57.18 12.16
CA THR P 23 61.71 57.31 13.22
C THR P 23 62.41 58.65 13.10
N TRP P 24 63.37 58.92 14.00
CA TRP P 24 64.08 60.19 14.03
C TRP P 24 65.58 59.99 14.11
N PHE P 25 66.10 58.90 13.58
CA PHE P 25 67.54 58.66 13.69
C PHE P 25 68.35 59.59 12.79
N ASN P 26 67.74 60.15 11.76
CA ASN P 26 68.42 61.12 10.92
C ASN P 26 68.32 62.53 11.49
N GLN P 27 67.65 62.71 12.62
CA GLN P 27 67.40 64.05 13.16
C GLN P 27 68.67 64.82 13.49
N PRO P 28 69.71 64.25 14.11
CA PRO P 28 70.95 65.03 14.25
C PRO P 28 71.56 65.42 12.92
N ALA P 29 71.47 64.53 11.93
CA ALA P 29 71.96 64.87 10.60
C ALA P 29 71.12 65.97 9.97
N ARG P 30 69.82 65.97 10.25
CA ARG P 30 68.95 67.03 9.75
C ARG P 30 69.30 68.37 10.38
N LYS P 31 69.58 68.37 11.69
CA LYS P 31 70.02 69.61 12.33
C LYS P 31 71.33 70.08 11.74
N ILE P 32 72.26 69.17 11.48
CA ILE P 32 73.52 69.53 10.84
C ILE P 32 73.26 70.14 9.47
N ARG P 33 72.36 69.53 8.70
CA ARG P 33 72.09 70.03 7.35
C ARG P 33 71.45 71.42 7.38
N ARG P 34 70.49 71.62 8.27
CA ARG P 34 69.84 72.93 8.32
C ARG P 34 70.79 73.99 8.87
N ARG P 35 71.66 73.62 9.81
CA ARG P 35 72.68 74.55 10.29
C ARG P 35 73.64 74.95 9.18
N LYS P 36 74.10 73.96 8.39
CA LYS P 36 74.97 74.26 7.27
C LYS P 36 74.27 75.14 6.25
N ALA P 37 72.99 74.88 5.99
CA ALA P 37 72.25 75.70 5.05
C ALA P 37 72.09 77.12 5.56
N ARG P 38 71.84 77.28 6.87
CA ARG P 38 71.75 78.60 7.46
C ARG P 38 73.04 79.37 7.28
N GLN P 39 74.16 78.72 7.59
CA GLN P 39 75.45 79.40 7.47
C GLN P 39 75.77 79.74 6.02
N ALA P 40 75.44 78.85 5.10
CA ALA P 40 75.67 79.13 3.68
C ALA P 40 74.82 80.30 3.21
N LYS P 41 73.55 80.33 3.60
CA LYS P 41 72.68 81.43 3.20
C LYS P 41 73.15 82.75 3.78
N ALA P 42 73.61 82.72 5.04
CA ALA P 42 74.15 83.94 5.64
C ALA P 42 75.40 84.39 4.91
N ARG P 43 76.27 83.46 4.52
CA ARG P 43 77.46 83.83 3.76
C ARG P 43 77.09 84.40 2.40
N ARG P 44 76.00 83.92 1.80
CA ARG P 44 75.61 84.35 0.47
C ARG P 44 75.24 85.83 0.44
N ILE P 45 74.47 86.28 1.43
CA ILE P 45 74.09 87.69 1.55
C ILE P 45 75.09 88.35 2.49
N ALA P 46 76.01 89.12 1.93
CA ALA P 46 77.17 89.54 2.71
C ALA P 46 76.82 90.55 3.79
N PRO P 47 76.21 91.72 3.50
CA PRO P 47 75.92 92.65 4.60
C PRO P 47 74.50 92.50 5.14
N ARG P 48 73.68 91.72 4.46
CA ARG P 48 72.28 91.62 4.82
C ARG P 48 72.12 90.78 6.09
N PRO P 49 71.07 91.04 6.86
CA PRO P 49 70.85 90.27 8.09
C PRO P 49 70.64 88.79 7.78
N ALA P 50 71.17 87.95 8.66
CA ALA P 50 70.99 86.51 8.50
C ALA P 50 69.52 86.12 8.66
N SER P 51 68.82 86.77 9.59
CA SER P 51 67.42 86.43 9.81
C SER P 51 66.53 86.98 8.71
N GLY P 52 66.98 88.00 7.99
CA GLY P 52 66.25 88.49 6.84
C GLY P 52 65.43 89.73 7.13
N PRO P 53 64.26 89.82 6.50
CA PRO P 53 63.46 91.04 6.59
C PRO P 53 62.88 91.26 7.97
N ILE P 54 62.61 92.52 8.28
CA ILE P 54 62.00 92.91 9.54
C ILE P 54 60.50 92.63 9.49
N ARG P 55 60.00 91.98 10.54
CA ARG P 55 58.58 91.63 10.64
C ARG P 55 57.86 92.62 11.54
N PRO P 56 56.59 92.89 11.27
CA PRO P 56 55.87 93.90 12.06
C PRO P 56 55.47 93.41 13.44
N ILE P 57 55.18 94.38 14.30
CA ILE P 57 54.61 94.13 15.62
C ILE P 57 53.15 93.74 15.46
N VAL P 58 52.76 92.61 16.05
CA VAL P 58 51.54 91.91 15.71
C VAL P 58 50.92 91.27 16.94
N ARG P 59 49.68 91.61 17.26
CA ARG P 59 48.97 91.08 18.42
C ARG P 59 48.19 89.84 18.05
N CYS P 60 48.17 88.87 18.97
CA CYS P 60 47.54 87.58 18.71
C CYS P 60 46.02 87.69 18.78
N PRO P 61 45.29 86.99 17.89
CA PRO P 61 43.82 87.10 17.87
C PRO P 61 43.07 86.69 19.12
N THR P 62 43.15 85.43 19.50
CA THR P 62 42.10 84.86 20.34
C THR P 62 42.20 85.38 21.77
N VAL P 63 41.13 85.17 22.53
CA VAL P 63 41.06 85.71 23.89
C VAL P 63 42.04 85.00 24.82
N ARG P 64 42.58 83.86 24.40
CA ARG P 64 43.59 83.19 25.21
C ARG P 64 44.92 83.95 25.20
N TYR P 65 45.33 84.43 24.02
CA TYR P 65 46.66 84.98 23.85
C TYR P 65 46.65 86.45 23.45
N HIS P 66 45.51 87.13 23.58
CA HIS P 66 45.44 88.51 23.13
C HIS P 66 46.21 89.45 24.03
N THR P 67 46.70 88.96 25.17
CA THR P 67 47.46 89.82 26.08
C THR P 67 48.88 90.04 25.58
N LYS P 68 49.34 89.23 24.63
CA LYS P 68 50.73 89.28 24.22
C LYS P 68 50.86 89.87 22.82
N VAL P 69 52.10 90.03 22.37
CA VAL P 69 52.40 90.53 21.04
C VAL P 69 53.61 89.77 20.51
N ARG P 70 53.67 89.58 19.20
CA ARG P 70 54.67 88.73 18.56
C ARG P 70 55.05 89.35 17.22
N ALA P 71 55.76 88.59 16.40
CA ALA P 71 56.19 89.03 15.09
C ALA P 71 55.34 88.40 14.01
N GLY P 72 54.77 89.22 13.14
CA GLY P 72 53.86 88.77 12.12
C GLY P 72 54.55 88.52 10.79
N ARG P 73 53.73 88.44 9.74
CA ARG P 73 54.25 88.10 8.42
C ARG P 73 54.86 89.32 7.73
N GLY P 74 54.08 90.37 7.53
CA GLY P 74 54.57 91.53 6.82
C GLY P 74 53.83 92.77 7.23
N PHE P 75 54.47 93.91 7.00
CA PHE P 75 53.85 95.19 7.32
C PHE P 75 52.67 95.44 6.39
N SER P 76 51.61 96.01 6.94
CA SER P 76 50.44 96.32 6.15
C SER P 76 50.74 97.45 5.17
N LEU P 77 49.92 97.53 4.12
CA LEU P 77 50.12 98.56 3.12
C LEU P 77 49.80 99.95 3.67
N GLU P 78 48.89 100.04 4.64
CA GLU P 78 48.59 101.32 5.27
C GLU P 78 49.80 101.85 6.02
N GLU P 79 50.50 100.98 6.74
CA GLU P 79 51.70 101.38 7.47
C GLU P 79 52.77 101.90 6.51
N LEU P 80 52.95 101.23 5.38
CA LEU P 80 53.91 101.68 4.38
C LEU P 80 53.49 103.02 3.77
N ARG P 81 52.20 103.19 3.49
CA ARG P 81 51.73 104.43 2.90
C ARG P 81 51.94 105.60 3.85
N VAL P 82 51.62 105.42 5.13
CA VAL P 82 51.80 106.52 6.06
C VAL P 82 53.26 106.68 6.46
N ALA P 83 54.09 105.67 6.22
CA ALA P 83 55.52 105.77 6.49
C ALA P 83 56.31 106.37 5.33
N GLY P 84 55.64 106.69 4.22
CA GLY P 84 56.33 107.23 3.07
C GLY P 84 57.29 106.26 2.40
N ILE P 85 56.88 105.00 2.24
CA ILE P 85 57.69 103.96 1.63
C ILE P 85 56.89 103.37 0.47
N HIS P 86 57.53 103.27 -0.70
CA HIS P 86 56.88 102.63 -1.83
C HIS P 86 56.74 101.14 -1.58
N LYS P 87 55.55 100.61 -1.83
CA LYS P 87 55.26 99.23 -1.46
C LYS P 87 55.98 98.22 -2.33
N LYS P 88 56.61 98.64 -3.42
CA LYS P 88 57.43 97.75 -4.21
C LYS P 88 58.92 97.85 -3.88
N VAL P 89 59.37 99.01 -3.40
CA VAL P 89 60.76 99.13 -2.95
C VAL P 89 60.93 98.62 -1.53
N ALA P 90 59.86 98.27 -0.84
CA ALA P 90 59.98 97.72 0.50
C ALA P 90 60.71 96.39 0.47
N ARG P 91 60.41 95.55 -0.51
CA ARG P 91 61.10 94.27 -0.63
C ARG P 91 62.56 94.44 -1.00
N THR P 92 62.88 95.46 -1.80
CA THR P 92 64.26 95.62 -2.27
C THR P 92 65.17 96.11 -1.17
N ILE P 93 64.61 96.61 -0.06
CA ILE P 93 65.41 97.04 1.07
C ILE P 93 65.30 96.13 2.27
N GLY P 94 64.53 95.06 2.18
CA GLY P 94 64.44 94.10 3.25
C GLY P 94 63.38 94.40 4.28
N ILE P 95 62.21 94.85 3.83
CA ILE P 95 61.07 95.11 4.69
C ILE P 95 59.93 94.21 4.24
N SER P 96 59.36 93.45 5.17
CA SER P 96 58.30 92.52 4.82
C SER P 96 57.00 93.27 4.58
N VAL P 97 56.16 92.70 3.73
CA VAL P 97 54.86 93.29 3.38
C VAL P 97 53.79 92.22 3.54
N ASP P 98 52.55 92.66 3.67
CA ASP P 98 51.40 91.77 3.83
C ASP P 98 50.16 92.51 3.36
N PRO P 99 49.91 92.51 2.05
CA PRO P 99 48.82 93.35 1.51
C PRO P 99 47.44 92.95 1.99
N ARG P 100 47.27 91.72 2.48
CA ARG P 100 45.98 91.26 2.97
C ARG P 100 45.76 91.58 4.44
N ARG P 101 46.71 92.24 5.11
CA ARG P 101 46.56 92.59 6.51
C ARG P 101 46.03 94.01 6.64
N ARG P 102 44.99 94.17 7.44
CA ARG P 102 44.39 95.47 7.70
C ARG P 102 44.78 95.98 9.08
N ASN P 103 44.43 97.24 9.35
CA ASN P 103 44.81 97.91 10.58
C ASN P 103 43.53 98.40 11.24
N LYS P 104 43.06 97.65 12.24
CA LYS P 104 41.77 97.97 12.85
C LYS P 104 41.87 99.18 13.78
N SER P 105 42.97 99.30 14.51
CA SER P 105 43.14 100.39 15.46
C SER P 105 44.33 101.25 15.07
N THR P 106 44.34 102.49 15.57
CA THR P 106 45.44 103.39 15.27
C THR P 106 46.68 103.06 16.08
N GLU P 107 46.51 102.45 17.25
CA GLU P 107 47.67 102.18 18.10
C GLU P 107 48.63 101.21 17.44
N SER P 108 48.10 100.13 16.87
CA SER P 108 48.96 99.19 16.16
C SER P 108 49.61 99.84 14.94
N LEU P 109 48.84 100.65 14.21
CA LEU P 109 49.37 101.36 13.06
C LEU P 109 50.55 102.25 13.46
N GLN P 110 50.38 103.05 14.49
CA GLN P 110 51.43 103.98 14.91
C GLN P 110 52.63 103.23 15.46
N ALA P 111 52.41 102.16 16.22
CA ALA P 111 53.53 101.38 16.73
C ALA P 111 54.34 100.78 15.59
N ASN P 112 53.66 100.22 14.60
CA ASN P 112 54.38 99.63 13.47
C ASN P 112 55.09 100.70 12.64
N VAL P 113 54.55 101.92 12.55
CA VAL P 113 55.27 102.89 11.75
C VAL P 113 56.43 103.51 12.54
N GLN P 114 56.34 103.56 13.86
CA GLN P 114 57.54 103.89 14.64
C GLN P 114 58.61 102.83 14.43
N ARG P 115 58.20 101.56 14.41
CA ARG P 115 59.13 100.48 14.10
C ARG P 115 59.75 100.66 12.71
N LEU P 116 58.93 101.04 11.74
CA LEU P 116 59.42 101.22 10.37
C LEU P 116 60.40 102.37 10.27
N LYS P 117 60.11 103.50 10.93
CA LYS P 117 61.06 104.61 10.87
C LYS P 117 62.33 104.27 11.62
N GLU P 118 62.26 103.48 12.69
CA GLU P 118 63.47 103.01 13.34
C GLU P 118 64.32 102.16 12.39
N TYR P 119 63.68 101.20 11.70
CA TYR P 119 64.42 100.36 10.78
C TYR P 119 65.02 101.19 9.64
N ARG P 120 64.25 102.15 9.15
CA ARG P 120 64.75 103.05 8.12
C ARG P 120 65.95 103.84 8.60
N SER P 121 65.93 104.30 9.85
CA SER P 121 67.02 105.12 10.37
C SER P 121 68.27 104.30 10.62
N LYS P 122 68.13 103.08 11.14
CA LYS P 122 69.31 102.30 11.52
C LYS P 122 69.85 101.42 10.41
N LEU P 123 69.34 101.54 9.19
CA LEU P 123 69.88 100.68 8.14
C LEU P 123 71.02 101.38 7.40
N ILE P 124 71.67 100.60 6.53
CA ILE P 124 72.74 101.08 5.66
C ILE P 124 72.38 100.66 4.25
N LEU P 125 72.41 101.61 3.32
CA LEU P 125 72.06 101.33 1.92
C LEU P 125 73.31 101.51 1.07
N PHE P 126 73.85 100.41 0.60
CA PHE P 126 75.05 100.45 -0.23
C PHE P 126 74.68 100.78 -1.68
N PRO P 127 75.31 101.78 -2.30
CA PRO P 127 74.95 102.15 -3.66
C PRO P 127 75.28 101.06 -4.67
N ARG P 128 74.52 101.04 -5.76
CA ARG P 128 74.60 99.94 -6.73
C ARG P 128 76.00 99.86 -7.32
N LYS P 129 76.58 101.00 -7.70
CA LYS P 129 77.97 101.03 -8.14
C LYS P 129 78.81 101.59 -7.01
N PRO P 130 79.75 100.81 -6.47
CA PRO P 130 80.56 101.31 -5.34
C PRO P 130 81.35 102.56 -5.70
N SER P 131 81.83 102.67 -6.93
CA SER P 131 82.56 103.85 -7.36
C SER P 131 81.65 105.02 -7.72
N ALA P 132 80.33 104.82 -7.73
CA ALA P 132 79.37 105.86 -8.07
C ALA P 132 78.26 105.90 -7.02
N PRO P 133 78.49 106.60 -5.92
CA PRO P 133 77.43 106.77 -4.91
C PRO P 133 76.38 107.77 -5.39
N LYS P 134 75.16 107.29 -5.57
CA LYS P 134 74.09 108.14 -6.10
C LYS P 134 73.27 108.78 -4.99
N LYS P 135 72.58 107.97 -4.19
CA LYS P 135 71.81 108.50 -3.07
C LYS P 135 71.82 107.58 -1.85
N GLY P 136 72.63 106.52 -1.83
CA GLY P 136 72.54 105.55 -0.76
C GLY P 136 72.96 106.10 0.59
N ASP P 137 74.26 106.32 0.76
CA ASP P 137 74.85 106.93 1.96
C ASP P 137 76.35 107.04 1.75
N SER P 138 76.99 107.85 2.57
CA SER P 138 78.43 108.02 2.47
C SER P 138 79.15 106.79 3.01
N SER P 139 80.40 106.62 2.58
CA SER P 139 81.17 105.46 2.98
C SER P 139 81.91 105.66 4.28
N ALA P 140 81.80 106.83 4.90
CA ALA P 140 82.44 107.05 6.20
C ALA P 140 81.80 106.19 7.29
N GLU P 141 80.57 105.73 7.07
CA GLU P 141 79.91 104.82 7.98
C GLU P 141 79.75 103.42 7.41
N GLU P 142 80.33 103.15 6.25
CA GLU P 142 80.13 101.86 5.59
C GLU P 142 81.37 100.99 5.63
N LEU P 143 82.56 101.59 5.76
CA LEU P 143 83.80 100.84 5.66
C LEU P 143 83.91 99.77 6.74
N LYS P 144 83.54 100.11 7.96
CA LYS P 144 83.78 99.23 9.10
C LYS P 144 82.50 98.95 9.87
N LEU P 145 81.59 99.93 9.91
CA LEU P 145 80.35 99.75 10.64
C LEU P 145 79.44 98.72 9.99
N ALA P 146 79.66 98.40 8.72
CA ALA P 146 78.84 97.41 8.05
C ALA P 146 79.14 96.01 8.58
N THR P 147 78.09 95.32 9.04
CA THR P 147 78.20 93.95 9.52
C THR P 147 76.81 93.34 9.55
N GLN P 148 76.76 92.01 9.54
CA GLN P 148 75.48 91.33 9.67
C GLN P 148 74.95 91.45 11.10
N LEU P 149 73.64 91.33 11.23
CA LEU P 149 73.01 91.29 12.54
C LEU P 149 72.42 89.91 12.78
N THR P 150 72.88 89.24 13.82
CA THR P 150 72.38 87.93 14.21
C THR P 150 71.10 88.07 14.99
N GLY P 151 70.20 87.10 14.83
CA GLY P 151 68.91 87.16 15.47
C GLY P 151 67.95 88.00 14.67
N PRO P 152 66.66 87.94 15.01
CA PRO P 152 65.66 88.73 14.28
C PRO P 152 65.92 90.22 14.41
N VAL P 153 65.71 90.93 13.30
CA VAL P 153 66.01 92.36 13.22
C VAL P 153 65.04 93.11 14.12
N MET P 154 65.55 93.82 15.12
CA MET P 154 64.78 94.59 16.08
C MET P 154 63.70 93.70 16.72
N PRO P 155 64.08 92.80 17.61
CA PRO P 155 63.16 91.74 18.03
C PRO P 155 61.88 92.28 18.67
N VAL P 156 60.78 91.57 18.43
CA VAL P 156 59.49 91.96 19.01
C VAL P 156 59.45 91.50 20.46
N ARG P 157 59.27 92.44 21.37
CA ARG P 157 59.37 92.17 22.80
C ARG P 157 58.09 92.61 23.50
N ASN P 158 57.55 91.76 24.35
CA ASN P 158 56.46 92.16 25.21
C ASN P 158 56.94 93.19 26.21
N VAL P 159 56.15 94.23 26.44
CA VAL P 159 56.52 95.33 27.32
C VAL P 159 55.44 95.49 28.37
N TYR P 160 55.84 95.61 29.63
CA TYR P 160 54.94 95.78 30.74
C TYR P 160 55.14 97.16 31.34
N LYS P 161 54.07 97.94 31.43
CA LYS P 161 54.15 99.30 31.95
C LYS P 161 54.00 99.24 33.46
N LYS P 162 55.11 99.41 34.18
CA LYS P 162 55.08 99.31 35.63
C LYS P 162 54.37 100.53 36.22
N GLU P 163 53.47 100.28 37.16
CA GLU P 163 52.66 101.30 37.79
C GLU P 163 53.11 101.50 39.23
N LYS P 164 53.06 102.74 39.69
CA LYS P 164 53.53 103.09 41.02
C LYS P 164 52.41 102.94 42.04
N ALA P 165 52.78 102.54 43.25
CA ALA P 165 51.81 102.40 44.33
C ALA P 165 51.17 103.74 44.63
N ARG P 166 49.84 103.74 44.75
CA ARG P 166 49.07 104.96 44.89
C ARG P 166 48.03 104.81 45.99
N VAL P 167 47.57 105.96 46.49
CA VAL P 167 46.54 105.97 47.52
C VAL P 167 45.20 105.64 46.87
N ILE P 168 44.43 104.78 47.52
CA ILE P 168 43.13 104.37 47.01
C ILE P 168 42.09 105.42 47.40
N THR P 169 41.35 105.93 46.42
CA THR P 169 40.25 106.82 46.70
C THR P 169 38.99 106.01 47.03
N GLU P 170 38.06 106.66 47.74
CA GLU P 170 36.92 105.94 48.27
C GLU P 170 35.97 105.45 47.18
N GLU P 171 35.96 106.09 46.02
CA GLU P 171 35.14 105.56 44.93
C GLU P 171 35.72 104.28 44.35
N GLU P 172 37.03 104.07 44.46
CA GLU P 172 37.59 102.76 44.22
C GLU P 172 37.03 101.75 45.22
N LYS P 173 36.94 102.15 46.50
CA LYS P 173 36.60 101.22 47.56
C LYS P 173 35.14 100.78 47.48
N ASN P 174 34.23 101.72 47.29
CA ASN P 174 32.81 101.38 47.30
C ASN P 174 32.33 100.76 45.99
N PHE P 175 33.19 100.69 44.98
CA PHE P 175 32.81 100.07 43.72
C PHE P 175 32.73 98.56 43.86
N LYS P 176 31.55 98.01 43.61
CA LYS P 176 31.30 96.58 43.78
C LYS P 176 31.62 95.87 42.47
N ALA P 177 32.75 95.18 42.45
CA ALA P 177 33.21 94.56 41.21
C ALA P 177 32.34 93.36 40.82
N PHE P 178 32.07 92.47 41.77
CA PHE P 178 31.32 91.27 41.42
C PHE P 178 29.86 91.59 41.11
N ALA P 179 29.26 92.51 41.87
CA ALA P 179 27.88 92.89 41.58
C ALA P 179 27.77 93.55 40.22
N SER P 180 28.70 94.45 39.88
CA SER P 180 28.67 95.09 38.58
C SER P 180 28.91 94.08 37.47
N LEU P 181 29.81 93.12 37.69
CA LEU P 181 30.06 92.11 36.67
C LEU P 181 28.84 91.22 36.45
N ARG P 182 28.18 90.81 37.53
CA ARG P 182 26.99 89.98 37.41
C ARG P 182 25.87 90.75 36.72
N MET P 183 25.67 92.01 37.08
CA MET P 183 24.59 92.76 36.46
C MET P 183 24.92 93.10 35.01
N ALA P 184 26.21 93.23 34.67
CA ALA P 184 26.60 93.38 33.28
C ALA P 184 26.29 92.13 32.48
N ARG P 185 26.56 90.96 33.07
CA ARG P 185 26.18 89.71 32.42
C ARG P 185 24.67 89.64 32.22
N ALA P 186 23.91 90.07 33.23
CA ALA P 186 22.45 90.06 33.11
C ALA P 186 21.99 91.00 32.00
N ASN P 187 22.59 92.19 31.91
CA ASN P 187 22.22 93.13 30.85
C ASN P 187 22.52 92.55 29.48
N ALA P 188 23.70 91.93 29.34
CA ALA P 188 24.07 91.32 28.07
C ALA P 188 23.13 90.20 27.70
N ARG P 189 22.73 89.40 28.69
CA ARG P 189 21.85 88.27 28.41
C ARG P 189 20.44 88.72 28.03
N LEU P 190 19.89 89.70 28.75
CA LEU P 190 18.49 90.08 28.57
C LEU P 190 18.29 91.38 27.82
N PHE P 191 19.32 91.85 27.09
CA PHE P 191 19.18 93.11 26.38
C PHE P 191 18.16 93.03 25.25
N GLY P 192 18.14 91.91 24.53
CA GLY P 192 17.23 91.80 23.40
C GLY P 192 15.78 91.73 23.81
N ILE P 193 15.46 90.86 24.76
CA ILE P 193 14.07 90.65 25.15
C ILE P 193 13.53 91.86 25.89
N ARG P 194 14.38 92.54 26.68
CA ARG P 194 13.92 93.75 27.33
C ARG P 194 13.57 94.82 26.30
N ALA P 195 14.33 94.89 25.21
CA ALA P 195 14.00 95.81 24.13
C ALA P 195 12.70 95.40 23.45
N LYS P 196 12.49 94.09 23.27
CA LYS P 196 11.25 93.62 22.67
C LYS P 196 10.04 93.95 23.53
N ARG P 197 10.17 93.80 24.85
CA ARG P 197 9.06 94.10 25.75
C ARG P 197 8.79 95.60 25.81
N ALA P 198 9.85 96.41 25.80
CA ALA P 198 9.66 97.85 25.70
C ALA P 198 9.00 98.22 24.37
N LYS P 199 9.35 97.51 23.30
CA LYS P 199 8.76 97.77 22.00
C LYS P 199 7.27 97.48 22.01
N GLU P 200 6.86 96.34 22.57
CA GLU P 200 5.44 96.02 22.59
C GLU P 200 4.68 96.95 23.54
N ALA P 201 5.31 97.37 24.64
CA ALA P 201 4.67 98.36 25.50
C ALA P 201 4.47 99.68 24.77
N ALA P 202 5.46 100.09 23.97
CA ALA P 202 5.28 101.26 23.12
C ALA P 202 4.18 101.04 22.08
N GLU P 203 4.05 99.81 21.58
CA GLU P 203 2.94 99.48 20.70
C GLU P 203 1.61 99.69 21.41
N GLN P 204 1.57 99.45 22.73
CA GLN P 204 0.33 99.66 23.46
C GLN P 204 0.09 101.13 23.80
N ASP P 205 1.15 101.92 23.99
CA ASP P 205 0.97 103.33 24.32
C ASP P 205 0.36 104.11 23.15
N VAL P 206 0.77 103.79 21.92
CA VAL P 206 0.33 104.58 20.75
C VAL P 206 -1.09 104.26 20.34
N GLU P 207 -1.79 103.40 21.06
CA GLU P 207 -3.19 103.10 20.76
C GLU P 207 -4.06 103.01 22.01
N LYS P 208 -3.54 103.41 23.18
CA LYS P 208 -4.24 103.14 24.44
C LYS P 208 -5.52 103.95 24.58
N LYS P 209 -5.63 105.06 23.84
CA LYS P 209 -6.83 105.89 23.84
C LYS P 209 -7.55 105.69 22.51
N LYS P 210 -8.64 104.92 22.53
CA LYS P 210 -9.43 104.66 21.34
C LYS P 210 -10.82 104.19 21.72
N VAL Q 1 49.17 -49.52 84.14
CA VAL Q 1 50.28 -48.94 83.42
C VAL Q 1 50.84 -47.75 84.20
N PHE Q 2 49.98 -46.78 84.48
CA PHE Q 2 50.36 -45.65 85.30
C PHE Q 2 50.59 -46.11 86.74
N ARG Q 3 51.57 -45.51 87.40
CA ARG Q 3 51.88 -45.84 88.78
C ARG Q 3 51.86 -44.65 89.71
N ARG Q 4 52.29 -43.48 89.25
CA ARG Q 4 52.27 -42.29 90.07
C ARG Q 4 51.02 -41.46 89.79
N PHE Q 5 50.27 -41.17 90.85
CA PHE Q 5 48.96 -40.55 90.74
C PHE Q 5 48.95 -39.30 91.59
N VAL Q 6 48.68 -38.16 90.98
CA VAL Q 6 48.47 -36.94 91.77
C VAL Q 6 47.22 -37.14 92.62
N GLU Q 7 47.36 -36.88 93.91
CA GLU Q 7 46.34 -37.17 94.90
C GLU Q 7 46.76 -36.46 96.18
N VAL Q 8 45.95 -36.64 97.22
CA VAL Q 8 46.29 -36.05 98.51
C VAL Q 8 47.53 -36.75 99.06
N GLY Q 9 48.53 -35.96 99.44
CA GLY Q 9 49.75 -36.48 100.01
C GLY Q 9 50.86 -36.77 99.03
N ARG Q 10 50.56 -36.89 97.75
CA ARG Q 10 51.59 -37.22 96.77
C ARG Q 10 52.60 -36.08 96.67
N VAL Q 11 53.88 -36.44 96.61
CA VAL Q 11 54.97 -35.47 96.57
C VAL Q 11 55.33 -35.21 95.12
N ALA Q 12 55.53 -33.94 94.79
CA ALA Q 12 55.89 -33.53 93.44
C ALA Q 12 57.19 -32.73 93.48
N TYR Q 13 57.91 -32.75 92.36
CA TYR Q 13 59.15 -32.02 92.20
C TYR Q 13 58.92 -30.85 91.25
N VAL Q 14 59.02 -29.63 91.76
CA VAL Q 14 58.74 -28.45 90.97
C VAL Q 14 59.86 -28.27 89.96
N SER Q 15 59.54 -28.44 88.68
CA SER Q 15 60.54 -28.30 87.63
C SER Q 15 60.87 -26.84 87.35
N PHE Q 16 59.89 -26.02 86.99
CA PHE Q 16 60.13 -24.62 86.71
C PHE Q 16 59.12 -23.79 87.47
N GLY Q 17 59.36 -22.48 87.49
CA GLY Q 17 58.55 -21.56 88.25
C GLY Q 17 59.36 -20.91 89.34
N PRO Q 18 58.71 -20.09 90.17
CA PRO Q 18 59.43 -19.43 91.26
C PRO Q 18 59.96 -20.38 92.31
N HIS Q 19 59.46 -21.61 92.37
CA HIS Q 19 59.87 -22.59 93.36
C HIS Q 19 60.60 -23.77 92.72
N ALA Q 20 61.40 -23.51 91.70
CA ALA Q 20 62.07 -24.58 90.97
C ALA Q 20 63.07 -25.31 91.86
N GLY Q 21 63.14 -26.62 91.70
CA GLY Q 21 64.07 -27.45 92.44
C GLY Q 21 63.61 -27.89 93.82
N LYS Q 22 62.39 -27.58 94.20
CA LYS Q 22 61.89 -27.89 95.54
C LYS Q 22 60.83 -28.97 95.47
N LEU Q 23 60.83 -29.82 96.49
CA LEU Q 23 59.74 -30.77 96.71
C LEU Q 23 58.54 -30.06 97.30
N VAL Q 24 57.35 -30.56 96.94
CA VAL Q 24 56.09 -30.05 97.48
C VAL Q 24 55.16 -31.22 97.72
N ALA Q 25 54.13 -30.96 98.52
CA ALA Q 25 53.07 -31.93 98.77
C ALA Q 25 51.76 -31.41 98.20
N ILE Q 26 50.93 -32.33 97.74
CA ILE Q 26 49.67 -32.00 97.07
C ILE Q 26 48.55 -32.13 98.09
N VAL Q 27 48.03 -31.00 98.54
CA VAL Q 27 47.00 -31.00 99.56
C VAL Q 27 45.64 -31.22 98.91
N ASP Q 28 45.24 -30.31 98.03
CA ASP Q 28 44.00 -30.45 97.27
C ASP Q 28 44.30 -30.34 95.79
N VAL Q 29 43.24 -30.39 94.99
CA VAL Q 29 43.32 -30.28 93.55
C VAL Q 29 42.22 -29.35 93.07
N ILE Q 30 42.53 -28.48 92.12
CA ILE Q 30 41.58 -27.52 91.58
C ILE Q 30 41.48 -27.74 90.07
N ASP Q 31 40.25 -27.92 89.60
CA ASP Q 31 39.82 -27.88 88.19
C ASP Q 31 40.82 -28.41 87.17
N GLN Q 32 41.37 -29.60 87.42
CA GLN Q 32 42.10 -30.45 86.49
C GLN Q 32 43.28 -29.78 85.79
N ASN Q 33 43.76 -28.64 86.29
CA ASN Q 33 44.96 -28.02 85.78
C ASN Q 33 45.89 -27.52 86.88
N ARG Q 34 45.36 -27.27 88.06
CA ARG Q 34 46.15 -26.80 89.19
C ARG Q 34 45.89 -27.73 90.37
N ALA Q 35 46.63 -27.51 91.44
CA ALA Q 35 46.44 -28.25 92.66
C ALA Q 35 46.94 -27.43 93.83
N LEU Q 36 46.24 -27.52 94.94
CA LEU Q 36 46.72 -26.92 96.17
C LEU Q 36 48.02 -27.61 96.55
N VAL Q 37 49.05 -26.83 96.83
CA VAL Q 37 50.42 -27.31 96.91
C VAL Q 37 51.09 -26.68 98.12
N ASP Q 38 51.89 -27.47 98.84
CA ASP Q 38 52.45 -27.04 100.12
C ASP Q 38 53.69 -27.84 100.44
N GLY Q 39 54.83 -27.16 100.53
CA GLY Q 39 55.97 -27.74 101.19
C GLY Q 39 56.23 -27.06 102.51
N PRO Q 40 55.82 -27.70 103.60
CA PRO Q 40 55.94 -27.06 104.92
C PRO Q 40 57.38 -27.01 105.39
N CYS Q 41 58.18 -27.98 104.98
CA CYS Q 41 59.58 -28.04 105.38
C CYS Q 41 60.53 -27.61 104.27
N THR Q 42 60.09 -27.63 103.03
CA THR Q 42 60.93 -27.30 101.88
C THR Q 42 60.85 -25.85 101.48
N GLN Q 43 60.40 -24.97 102.38
CA GLN Q 43 60.29 -23.54 102.10
C GLN Q 43 59.34 -23.28 100.94
N VAL Q 44 58.13 -23.83 101.03
CA VAL Q 44 57.07 -23.60 100.07
C VAL Q 44 55.79 -23.38 100.86
N ARG Q 45 55.41 -22.13 101.04
CA ARG Q 45 54.12 -21.84 101.66
C ARG Q 45 52.99 -22.30 100.74
N ARG Q 46 51.81 -22.47 101.31
CA ARG Q 46 50.69 -23.01 100.55
C ARG Q 46 50.31 -22.06 99.42
N GLN Q 47 49.99 -22.64 98.26
CA GLN Q 47 49.62 -21.87 97.09
C GLN Q 47 49.02 -22.82 96.07
N ALA Q 48 48.52 -22.25 94.98
CA ALA Q 48 48.10 -23.04 93.83
C ALA Q 48 49.27 -23.18 92.86
N MET Q 49 49.30 -24.29 92.15
CA MET Q 49 50.39 -24.53 91.22
C MET Q 49 49.96 -25.47 90.11
N PRO Q 50 50.18 -25.12 88.85
CA PRO Q 50 49.76 -25.98 87.75
C PRO Q 50 50.58 -27.26 87.68
N PHE Q 51 49.94 -28.32 87.17
CA PHE Q 51 50.61 -29.61 87.04
C PHE Q 51 51.77 -29.57 86.07
N LYS Q 52 51.75 -28.64 85.12
CA LYS Q 52 52.75 -28.63 84.06
C LYS Q 52 54.15 -28.40 84.60
N CYS Q 53 54.27 -27.76 85.76
CA CYS Q 53 55.55 -27.47 86.36
C CYS Q 53 55.85 -28.33 87.57
N MET Q 54 55.18 -29.47 87.72
CA MET Q 54 55.50 -30.41 88.77
C MET Q 54 55.69 -31.79 88.16
N GLN Q 55 56.58 -32.58 88.75
CA GLN Q 55 56.91 -33.92 88.28
C GLN Q 55 56.75 -34.89 89.43
N LEU Q 56 55.78 -35.78 89.32
CA LEU Q 56 55.39 -36.61 90.45
C LEU Q 56 56.52 -37.55 90.87
N THR Q 57 56.75 -37.63 92.17
CA THR Q 57 57.70 -38.55 92.75
C THR Q 57 56.97 -39.81 93.19
N ASP Q 58 57.71 -40.74 93.77
CA ASP Q 58 57.13 -41.99 94.27
C ASP Q 58 56.75 -41.91 95.74
N PHE Q 59 56.81 -40.73 96.35
CA PHE Q 59 56.49 -40.55 97.76
C PHE Q 59 55.06 -40.05 97.90
N ILE Q 60 54.32 -40.64 98.83
CA ILE Q 60 52.97 -40.21 99.17
C ILE Q 60 52.86 -40.14 100.69
N LEU Q 61 52.23 -39.08 101.19
CA LEU Q 61 52.00 -38.91 102.62
C LEU Q 61 50.55 -39.20 102.96
N LYS Q 62 50.29 -39.26 104.27
CA LYS Q 62 48.94 -39.50 104.78
C LYS Q 62 48.57 -38.32 105.69
N PHE Q 63 47.76 -37.42 105.15
CA PHE Q 63 47.10 -36.37 105.91
C PHE Q 63 45.81 -36.02 105.17
N PRO Q 64 44.77 -35.63 105.91
CA PRO Q 64 43.48 -35.35 105.25
C PRO Q 64 43.58 -34.16 104.31
N HIS Q 65 42.73 -34.17 103.29
CA HIS Q 65 42.73 -33.09 102.32
C HIS Q 65 42.31 -31.79 102.99
N SER Q 66 42.89 -30.69 102.50
CA SER Q 66 42.71 -29.34 103.06
C SER Q 66 42.91 -29.31 104.57
N ALA Q 67 43.96 -29.98 105.03
CA ALA Q 67 44.34 -29.85 106.44
C ALA Q 67 45.16 -28.58 106.64
N HIS Q 68 45.75 -28.47 107.83
CA HIS Q 68 46.59 -27.32 108.12
C HIS Q 68 48.07 -27.66 107.94
N GLN Q 69 48.91 -26.64 108.12
CA GLN Q 69 50.36 -26.83 108.02
C GLN Q 69 50.87 -27.78 109.09
N LYS Q 70 50.24 -27.80 110.25
CA LYS Q 70 50.68 -28.68 111.33
C LYS Q 70 50.66 -30.13 110.88
N TYR Q 71 49.57 -30.55 110.24
CA TYR Q 71 49.41 -31.96 109.95
C TYR Q 71 50.30 -32.39 108.80
N VAL Q 72 50.40 -31.58 107.74
CA VAL Q 72 51.30 -31.93 106.65
C VAL Q 72 52.75 -31.89 107.13
N ARG Q 73 53.06 -30.96 108.03
CA ARG Q 73 54.42 -30.89 108.57
C ARG Q 73 54.74 -32.14 109.38
N GLN Q 74 53.82 -32.54 110.27
CA GLN Q 74 54.03 -33.75 111.06
C GLN Q 74 54.15 -34.98 110.19
N ALA Q 75 53.29 -35.09 109.16
CA ALA Q 75 53.42 -36.19 108.22
C ALA Q 75 54.73 -36.12 107.45
N TRP Q 76 55.30 -34.93 107.32
CA TRP Q 76 56.55 -34.79 106.58
C TRP Q 76 57.74 -35.23 107.42
N GLN Q 77 57.86 -34.73 108.65
CA GLN Q 77 59.07 -35.03 109.41
C GLN Q 77 59.18 -36.51 109.75
N LYS Q 78 58.08 -37.17 110.08
CA LYS Q 78 58.09 -38.62 110.13
C LYS Q 78 58.09 -39.15 108.71
N ALA Q 79 58.83 -40.23 108.48
CA ALA Q 79 59.13 -40.71 107.12
C ALA Q 79 59.67 -39.55 106.28
N ASP Q 80 60.84 -39.07 106.70
CA ASP Q 80 61.36 -37.79 106.22
C ASP Q 80 61.64 -37.82 104.73
N ILE Q 81 60.79 -37.15 103.96
CA ILE Q 81 60.94 -37.12 102.52
C ILE Q 81 62.20 -36.36 102.12
N ASN Q 82 62.74 -35.53 103.01
CA ASN Q 82 64.03 -34.91 102.72
C ASN Q 82 65.12 -35.96 102.57
N THR Q 83 65.25 -36.84 103.55
CA THR Q 83 66.31 -37.86 103.52
C THR Q 83 66.01 -38.92 102.48
N LYS Q 84 64.75 -39.38 102.42
CA LYS Q 84 64.39 -40.36 101.40
C LYS Q 84 64.63 -39.81 100.00
N TRP Q 85 64.26 -38.55 99.79
CA TRP Q 85 64.52 -37.88 98.52
C TRP Q 85 66.01 -37.85 98.21
N ALA Q 86 66.81 -37.40 99.17
CA ALA Q 86 68.26 -37.33 98.95
C ALA Q 86 68.87 -38.71 98.73
N ALA Q 87 68.19 -39.78 99.13
CA ALA Q 87 68.67 -41.12 98.83
C ALA Q 87 68.43 -41.53 97.38
N THR Q 88 67.41 -40.98 96.73
CA THR Q 88 66.99 -41.49 95.43
C THR Q 88 68.01 -41.20 94.34
N ARG Q 89 67.89 -41.95 93.25
CA ARG Q 89 68.72 -41.72 92.08
C ARG Q 89 68.41 -40.38 91.42
N TRP Q 90 67.14 -39.97 91.44
CA TRP Q 90 66.75 -38.69 90.86
C TRP Q 90 67.50 -37.54 91.54
N ALA Q 91 67.50 -37.54 92.88
CA ALA Q 91 68.11 -36.41 93.58
C ALA Q 91 69.62 -36.42 93.47
N LYS Q 92 70.24 -37.59 93.49
CA LYS Q 92 71.69 -37.60 93.31
C LYS Q 92 72.07 -37.21 91.89
N LYS Q 93 71.23 -37.55 90.90
CA LYS Q 93 71.45 -37.05 89.54
C LYS Q 93 71.35 -35.54 89.49
N ILE Q 94 70.36 -34.97 90.18
CA ILE Q 94 70.19 -33.53 90.22
C ILE Q 94 71.38 -32.87 90.89
N GLU Q 95 71.86 -33.45 91.99
CA GLU Q 95 73.03 -32.91 92.68
C GLU Q 95 74.26 -32.99 91.79
N ALA Q 96 74.41 -34.08 91.03
CA ALA Q 96 75.51 -34.19 90.09
C ALA Q 96 75.45 -33.10 89.03
N ARG Q 97 74.26 -32.84 88.49
CA ARG Q 97 74.10 -31.76 87.52
C ARG Q 97 74.44 -30.41 88.15
N GLU Q 98 73.97 -30.17 89.38
CA GLU Q 98 74.21 -28.90 90.04
C GLU Q 98 75.69 -28.67 90.29
N ARG Q 99 76.40 -29.68 90.77
CA ARG Q 99 77.83 -29.49 91.03
C ARG Q 99 78.65 -29.46 89.74
N LYS Q 100 78.18 -30.12 88.68
CA LYS Q 100 78.84 -30.00 87.39
C LYS Q 100 78.68 -28.60 86.80
N ALA Q 101 77.56 -27.93 87.07
CA ALA Q 101 77.36 -26.57 86.57
C ALA Q 101 78.40 -25.61 87.14
N LYS Q 102 78.73 -25.76 88.43
CA LYS Q 102 79.66 -24.87 89.10
C LYS Q 102 81.12 -25.34 89.01
N MET Q 103 81.46 -26.09 87.96
CA MET Q 103 82.83 -26.55 87.79
C MET Q 103 83.74 -25.39 87.44
N THR Q 104 84.99 -25.43 87.91
CA THR Q 104 85.96 -24.40 87.61
C THR Q 104 86.96 -24.91 86.56
N ASP Q 105 87.91 -24.03 86.21
CA ASP Q 105 88.89 -24.39 85.19
C ASP Q 105 89.90 -25.40 85.70
N PHE Q 106 90.45 -25.15 86.89
CA PHE Q 106 91.39 -26.09 87.48
C PHE Q 106 90.70 -27.41 87.77
N ASP Q 107 89.46 -27.35 88.22
CA ASP Q 107 88.68 -28.56 88.45
C ASP Q 107 88.46 -29.33 87.15
N ARG Q 108 88.21 -28.60 86.07
CA ARG Q 108 88.05 -29.24 84.76
C ARG Q 108 89.35 -29.91 84.33
N PHE Q 109 90.48 -29.25 84.54
CA PHE Q 109 91.77 -29.84 84.19
C PHE Q 109 92.01 -31.12 84.97
N LYS Q 110 91.72 -31.09 86.27
CA LYS Q 110 91.93 -32.27 87.11
C LYS Q 110 91.03 -33.42 86.68
N VAL Q 111 89.75 -33.13 86.41
CA VAL Q 111 88.85 -34.21 86.03
C VAL Q 111 89.20 -34.72 84.64
N MET Q 112 89.73 -33.85 83.76
CA MET Q 112 90.15 -34.31 82.44
C MET Q 112 91.34 -35.26 82.55
N LYS Q 113 92.30 -34.95 83.42
CA LYS Q 113 93.41 -35.88 83.63
C LYS Q 113 92.93 -37.19 84.22
N ALA Q 114 92.00 -37.12 85.17
CA ALA Q 114 91.42 -38.32 85.74
C ALA Q 114 90.75 -39.17 84.66
N LYS Q 115 89.99 -38.53 83.77
CA LYS Q 115 89.33 -39.25 82.68
C LYS Q 115 90.35 -39.86 81.73
N LYS Q 116 91.44 -39.13 81.46
CA LYS Q 116 92.48 -39.66 80.58
C LYS Q 116 93.04 -40.97 81.13
N MET Q 117 93.45 -40.95 82.41
CA MET Q 117 94.00 -42.17 83.01
C MET Q 117 92.96 -43.28 83.09
N ARG Q 118 91.73 -42.94 83.48
CA ARG Q 118 90.67 -43.94 83.58
C ARG Q 118 90.41 -44.61 82.26
N ASN Q 119 90.27 -43.81 81.19
CA ASN Q 119 89.93 -44.38 79.90
C ASN Q 119 91.06 -45.23 79.36
N ARG Q 120 92.31 -44.82 79.57
CA ARG Q 120 93.40 -45.63 79.05
C ARG Q 120 93.52 -46.95 79.81
N ILE Q 121 93.35 -46.93 81.14
CA ILE Q 121 93.39 -48.17 81.91
C ILE Q 121 92.23 -49.08 81.50
N ILE Q 122 91.04 -48.52 81.38
CA ILE Q 122 89.87 -49.34 81.07
C ILE Q 122 89.97 -49.88 79.65
N LYS Q 123 90.62 -49.15 78.73
CA LYS Q 123 90.80 -49.67 77.39
C LYS Q 123 91.83 -50.78 77.35
N ASN Q 124 92.88 -50.69 78.18
CA ASN Q 124 93.82 -51.81 78.30
C ASN Q 124 93.10 -53.05 78.78
N GLU Q 125 92.27 -52.90 79.82
CA GLU Q 125 91.49 -54.02 80.33
C GLU Q 125 90.55 -54.59 79.27
N VAL Q 126 89.88 -53.71 78.51
CA VAL Q 126 88.95 -54.14 77.49
C VAL Q 126 89.67 -54.91 76.40
N LYS Q 127 90.83 -54.43 75.96
CA LYS Q 127 91.55 -55.12 74.90
C LYS Q 127 92.07 -56.47 75.38
N LYS Q 128 92.50 -56.57 76.65
CA LYS Q 128 92.93 -57.88 77.15
C LYS Q 128 91.75 -58.83 77.28
N LEU Q 129 90.59 -58.33 77.67
CA LEU Q 129 89.38 -59.16 77.68
C LEU Q 129 89.02 -59.61 76.27
N GLN Q 130 89.19 -58.74 75.29
CA GLN Q 130 88.93 -59.11 73.90
C GLN Q 130 89.84 -60.23 73.45
N LYS Q 131 91.14 -60.10 73.71
CA LYS Q 131 92.09 -61.14 73.33
C LYS Q 131 91.80 -62.45 74.06
N ALA Q 132 91.43 -62.38 75.34
CA ALA Q 132 91.05 -63.58 76.07
C ALA Q 132 89.81 -64.22 75.45
N ALA Q 133 88.85 -63.40 75.03
CA ALA Q 133 87.64 -63.90 74.40
C ALA Q 133 87.90 -64.52 73.04
N LEU Q 134 88.96 -64.11 72.36
CA LEU Q 134 89.26 -64.68 71.05
C LEU Q 134 89.75 -66.11 71.13
N LEU Q 135 90.05 -66.62 72.33
CA LEU Q 135 90.62 -67.97 72.44
C LEU Q 135 89.48 -68.97 72.63
N LYS Q 136 88.71 -69.10 71.56
CA LYS Q 136 87.62 -70.07 71.43
C LYS Q 136 87.90 -70.95 70.22
N ALA Q 137 87.89 -72.27 70.42
CA ALA Q 137 88.08 -73.21 69.31
C ALA Q 137 87.45 -74.54 69.70
N SER Q 138 86.25 -74.81 69.15
CA SER Q 138 85.53 -76.04 69.46
C SER Q 138 84.44 -76.29 68.40
N PRO Q 139 84.37 -77.49 67.84
CA PRO Q 139 83.34 -77.85 66.86
C PRO Q 139 81.93 -77.82 67.44
N GLY R 1 35.23 94.85 -26.15
CA GLY R 1 33.85 95.21 -25.84
C GLY R 1 32.87 94.07 -26.00
N ALA R 2 32.92 93.42 -27.17
CA ALA R 2 31.97 92.38 -27.51
C ALA R 2 32.06 91.15 -26.61
N TYR R 3 33.20 90.94 -25.95
CA TYR R 3 33.37 89.76 -25.13
C TYR R 3 32.43 89.78 -23.93
N LYS R 4 32.19 90.95 -23.33
CA LYS R 4 31.18 91.06 -22.30
C LYS R 4 29.81 90.68 -22.82
N TYR R 5 29.47 91.12 -24.03
CA TYR R 5 28.17 90.83 -24.61
C TYR R 5 27.98 89.33 -24.84
N ILE R 6 28.99 88.68 -25.43
CA ILE R 6 28.86 87.24 -25.68
C ILE R 6 28.88 86.46 -24.38
N GLN R 7 29.68 86.89 -23.39
CA GLN R 7 29.68 86.24 -22.09
C GLN R 7 28.30 86.30 -21.44
N GLU R 8 27.64 87.45 -21.52
CA GLU R 8 26.30 87.56 -20.95
C GLU R 8 25.30 86.71 -21.70
N LEU R 9 25.46 86.57 -23.02
CA LEU R 9 24.54 85.75 -23.81
C LEU R 9 24.57 84.30 -23.36
N TRP R 10 25.77 83.77 -23.11
CA TRP R 10 25.92 82.38 -22.71
C TRP R 10 25.70 82.16 -21.23
N ARG R 11 25.26 83.20 -20.52
CA ARG R 11 24.78 83.09 -19.16
C ARG R 11 23.27 83.00 -19.10
N LYS R 12 22.62 82.90 -20.24
CA LYS R 12 21.16 82.94 -20.36
C LYS R 12 20.68 81.76 -21.20
N LYS R 13 21.12 80.56 -20.82
CA LYS R 13 21.04 79.40 -21.70
C LYS R 13 19.61 78.93 -21.96
N GLN R 14 18.63 79.39 -21.19
CA GLN R 14 17.26 78.95 -21.41
C GLN R 14 16.45 79.90 -22.29
N SER R 15 17.08 80.93 -22.84
CA SER R 15 16.41 81.78 -23.82
C SER R 15 16.16 80.99 -25.10
N ASP R 16 15.21 81.46 -25.89
CA ASP R 16 14.84 80.75 -27.12
C ASP R 16 16.01 80.66 -28.08
N VAL R 17 16.74 81.76 -28.25
CA VAL R 17 17.88 81.75 -29.17
C VAL R 17 18.95 80.79 -28.67
N MET R 18 19.22 80.81 -27.36
CA MET R 18 20.22 79.91 -26.81
C MET R 18 19.78 78.47 -26.93
N ARG R 19 18.51 78.19 -26.64
CA ARG R 19 18.00 76.83 -26.74
C ARG R 19 18.12 76.31 -28.17
N PHE R 20 17.75 77.13 -29.14
CA PHE R 20 17.84 76.71 -30.53
C PHE R 20 19.29 76.44 -30.93
N LEU R 21 20.19 77.36 -30.57
CA LEU R 21 21.59 77.18 -30.96
C LEU R 21 22.20 75.95 -30.32
N LEU R 22 21.97 75.76 -29.01
CA LEU R 22 22.53 74.60 -28.34
C LEU R 22 21.93 73.30 -28.87
N ARG R 23 20.63 73.31 -29.20
CA ARG R 23 20.00 72.09 -29.70
C ARG R 23 20.55 71.71 -31.06
N VAL R 24 20.67 72.68 -31.97
CA VAL R 24 21.18 72.34 -33.30
C VAL R 24 22.67 71.97 -33.22
N ARG R 25 23.42 72.59 -32.31
CA ARG R 25 24.82 72.23 -32.19
C ARG R 25 24.98 70.86 -31.55
N CYS R 26 24.10 70.50 -30.61
CA CYS R 26 24.08 69.16 -30.06
C CYS R 26 23.77 68.14 -31.15
N TRP R 27 22.86 68.49 -32.05
CA TRP R 27 22.61 67.62 -33.20
C TRP R 27 23.87 67.45 -34.03
N GLN R 28 24.60 68.55 -34.27
CA GLN R 28 25.83 68.46 -35.04
C GLN R 28 26.85 67.55 -34.38
N TYR R 29 27.04 67.69 -33.07
CA TYR R 29 28.05 66.87 -32.40
C TYR R 29 27.60 65.43 -32.23
N ARG R 30 26.29 65.16 -32.28
CA ARG R 30 25.82 63.79 -32.08
C ARG R 30 26.29 62.86 -33.18
N GLN R 31 26.20 63.28 -34.45
CA GLN R 31 26.60 62.41 -35.53
C GLN R 31 28.11 62.28 -35.69
N LEU R 32 28.86 63.24 -35.18
CA LEU R 32 30.29 63.29 -35.44
C LEU R 32 31.01 62.27 -34.56
N SER R 33 32.33 62.20 -34.67
CA SER R 33 33.10 61.20 -33.95
C SER R 33 33.11 61.51 -32.45
N ALA R 34 33.51 60.49 -31.67
CA ALA R 34 33.58 60.66 -30.23
C ALA R 34 34.70 61.61 -29.83
N LEU R 35 35.87 61.44 -30.42
CA LEU R 35 37.00 62.33 -30.22
C LEU R 35 37.28 63.02 -31.54
N HIS R 36 37.31 64.36 -31.52
CA HIS R 36 37.28 65.12 -32.75
C HIS R 36 38.26 66.27 -32.68
N ARG R 37 38.71 66.71 -33.85
CA ARG R 37 39.52 67.91 -34.01
C ARG R 37 38.61 69.07 -34.39
N ALA R 38 38.34 69.94 -33.46
CA ALA R 38 37.56 71.11 -33.84
C ALA R 38 38.50 72.21 -34.33
N PRO R 39 38.31 72.71 -35.55
CA PRO R 39 39.30 73.65 -36.12
C PRO R 39 39.42 74.95 -35.35
N ARG R 40 38.32 75.47 -34.82
CA ARG R 40 38.33 76.72 -34.10
C ARG R 40 37.53 76.55 -32.82
N PRO R 41 37.85 77.31 -31.77
CA PRO R 41 37.06 77.24 -30.55
C PRO R 41 35.67 77.80 -30.79
N THR R 42 34.67 76.97 -30.54
CA THR R 42 33.27 77.35 -30.71
C THR R 42 32.81 78.36 -29.67
N ARG R 43 33.54 78.51 -28.56
CA ARG R 43 33.26 79.53 -27.55
C ARG R 43 34.54 80.32 -27.36
N PRO R 44 34.83 81.26 -28.25
CA PRO R 44 36.12 81.98 -28.18
C PRO R 44 36.34 82.71 -26.86
N ASP R 45 35.30 83.35 -26.32
CA ASP R 45 35.49 84.15 -25.10
C ASP R 45 35.79 83.28 -23.90
N LYS R 46 35.01 82.21 -23.71
CA LYS R 46 35.26 81.29 -22.61
C LYS R 46 36.62 80.64 -22.75
N ALA R 47 36.99 80.30 -23.99
CA ALA R 47 38.29 79.69 -24.24
C ALA R 47 39.43 80.61 -23.82
N ARG R 48 39.43 81.84 -24.33
CA ARG R 48 40.50 82.77 -23.95
C ARG R 48 40.43 83.18 -22.49
N ARG R 49 39.25 83.05 -21.87
CA ARG R 49 39.15 83.19 -20.43
C ARG R 49 39.88 82.07 -19.70
N LEU R 50 39.78 80.84 -20.19
CA LEU R 50 40.43 79.70 -19.56
C LEU R 50 41.88 79.51 -19.97
N GLY R 51 42.43 80.40 -20.79
CA GLY R 51 43.84 80.34 -21.14
C GLY R 51 44.11 80.05 -22.60
N TYR R 52 43.09 79.77 -23.40
CA TYR R 52 43.29 79.58 -24.83
C TYR R 52 43.80 80.87 -25.46
N LYS R 53 44.50 80.71 -26.58
CA LYS R 53 45.09 81.84 -27.28
C LYS R 53 45.03 81.54 -28.77
N ALA R 54 45.01 82.60 -29.57
CA ALA R 54 44.84 82.46 -31.01
C ALA R 54 46.19 82.59 -31.68
N LYS R 55 46.94 81.49 -31.69
CA LYS R 55 48.21 81.44 -32.42
C LYS R 55 48.55 79.99 -32.67
N GLN R 56 49.54 79.78 -33.54
CA GLN R 56 49.98 78.43 -33.85
C GLN R 56 50.46 77.73 -32.58
N GLY R 57 49.99 76.50 -32.39
CA GLY R 57 50.29 75.73 -31.21
C GLY R 57 49.11 75.52 -30.28
N TYR R 58 48.07 76.35 -30.39
CA TYR R 58 46.87 76.18 -29.58
C TYR R 58 45.84 75.43 -30.41
N VAL R 59 45.57 74.19 -30.02
CA VAL R 59 44.67 73.33 -30.77
C VAL R 59 43.44 73.07 -29.92
N ILE R 60 42.38 72.59 -30.58
CA ILE R 60 41.06 72.48 -30.01
C ILE R 60 40.52 71.09 -30.34
N TYR R 61 40.25 70.29 -29.31
CA TYR R 61 39.66 68.96 -29.47
C TYR R 61 38.37 68.89 -28.69
N ARG R 62 37.27 68.54 -29.36
CA ARG R 62 36.00 68.33 -28.67
C ARG R 62 35.83 66.86 -28.36
N ILE R 63 35.31 66.57 -27.16
CA ILE R 63 35.18 65.22 -26.65
C ILE R 63 33.72 64.96 -26.34
N ARG R 64 33.24 63.77 -26.68
CA ARG R 64 31.87 63.36 -26.37
C ARG R 64 31.91 62.19 -25.40
N VAL R 65 31.26 62.36 -24.25
CA VAL R 65 31.27 61.37 -23.20
C VAL R 65 29.84 60.91 -22.93
N ARG R 66 29.72 59.71 -22.39
CA ARG R 66 28.42 59.19 -22.02
C ARG R 66 28.08 59.58 -20.59
N ARG R 67 26.83 60.00 -20.37
CA ARG R 67 26.39 60.55 -19.11
C ARG R 67 26.13 59.44 -18.10
N GLY R 68 25.48 59.78 -17.00
CA GLY R 68 25.07 58.81 -16.01
C GLY R 68 26.15 58.50 -15.01
N GLY R 69 25.83 57.59 -14.10
CA GLY R 69 26.74 57.16 -13.07
C GLY R 69 27.63 56.03 -13.52
N ARG R 70 28.33 55.46 -12.56
CA ARG R 70 29.31 54.40 -12.80
C ARG R 70 28.75 53.09 -12.29
N LYS R 71 28.17 52.30 -13.19
CA LYS R 71 27.73 50.96 -12.82
C LYS R 71 28.91 50.09 -12.48
N ARG R 72 28.84 49.41 -11.35
CA ARG R 72 29.96 48.62 -10.87
C ARG R 72 30.23 47.47 -11.82
N PRO R 73 31.46 47.30 -12.28
CA PRO R 73 31.77 46.24 -13.27
C PRO R 73 32.10 44.90 -12.63
N VAL R 74 31.11 44.34 -11.94
CA VAL R 74 31.24 43.02 -11.33
C VAL R 74 30.33 42.08 -12.11
N PRO R 75 30.80 40.88 -12.47
CA PRO R 75 29.98 39.98 -13.30
C PRO R 75 28.64 39.66 -12.65
N LYS R 76 27.58 39.84 -13.43
CA LYS R 76 26.19 39.59 -13.04
C LYS R 76 25.75 40.40 -11.83
N GLY R 77 26.51 41.41 -11.43
CA GLY R 77 26.18 42.15 -10.23
C GLY R 77 26.41 41.41 -8.94
N ALA R 78 27.07 40.24 -9.00
CA ALA R 78 27.29 39.42 -7.81
C ALA R 78 28.59 39.86 -7.15
N THR R 79 28.54 41.03 -6.51
CA THR R 79 29.66 41.53 -5.73
C THR R 79 29.71 40.74 -4.42
N TYR R 80 30.84 40.09 -4.17
CA TYR R 80 30.97 39.17 -3.05
C TYR R 80 31.45 39.94 -1.83
N GLY R 81 30.62 39.99 -0.80
CA GLY R 81 30.99 40.68 0.42
C GLY R 81 29.76 40.98 1.25
N LYS R 82 29.99 41.75 2.31
CA LYS R 82 28.92 42.16 3.20
C LYS R 82 27.95 43.08 2.46
N PRO R 83 26.69 43.13 2.92
CA PRO R 83 25.68 43.91 2.18
C PRO R 83 25.95 45.40 2.11
N VAL R 84 26.93 45.93 2.86
CA VAL R 84 27.28 47.34 2.69
C VAL R 84 27.88 47.58 1.33
N HIS R 85 28.57 46.58 0.78
CA HIS R 85 29.20 46.68 -0.53
C HIS R 85 28.47 45.86 -1.58
N HIS R 86 27.14 45.76 -1.47
CA HIS R 86 26.31 45.11 -2.46
C HIS R 86 25.82 46.06 -3.53
N GLY R 87 26.29 47.29 -3.53
CA GLY R 87 25.77 48.29 -4.44
C GLY R 87 26.30 48.11 -5.84
N VAL R 88 25.42 47.81 -6.79
CA VAL R 88 25.75 47.76 -8.21
C VAL R 88 25.36 49.05 -8.92
N ASN R 89 24.07 49.38 -8.89
CA ASN R 89 23.59 50.63 -9.45
C ASN R 89 23.70 51.71 -8.39
N GLN R 90 23.09 52.88 -8.65
CA GLN R 90 23.03 54.03 -7.75
C GLN R 90 24.41 54.61 -7.43
N LEU R 91 25.48 54.11 -8.06
CA LEU R 91 26.82 54.52 -7.72
C LEU R 91 27.23 55.74 -8.51
N LYS R 92 28.26 56.44 -8.01
CA LYS R 92 28.74 57.64 -8.65
C LYS R 92 30.26 57.62 -8.72
N PHE R 93 30.79 58.21 -9.78
CA PHE R 93 32.24 58.28 -9.97
C PHE R 93 32.81 59.45 -9.19
N ALA R 94 34.05 59.31 -8.73
CA ALA R 94 34.66 60.37 -7.95
C ALA R 94 35.02 61.57 -8.83
N ARG R 95 35.62 61.33 -9.98
CA ARG R 95 36.01 62.42 -10.86
C ARG R 95 34.84 62.84 -11.73
N SER R 96 34.81 64.12 -12.08
CA SER R 96 33.73 64.65 -12.89
C SER R 96 33.79 64.07 -14.29
N LEU R 97 32.69 64.25 -15.02
CA LEU R 97 32.69 63.86 -16.43
C LEU R 97 33.66 64.71 -17.24
N GLN R 98 33.89 65.96 -16.82
CA GLN R 98 34.81 66.83 -17.52
C GLN R 98 36.23 66.34 -17.44
N SER R 99 36.67 65.92 -16.25
CA SER R 99 38.02 65.41 -16.12
C SER R 99 38.18 64.12 -16.90
N VAL R 100 37.13 63.31 -16.96
CA VAL R 100 37.13 62.15 -17.86
C VAL R 100 37.28 62.59 -19.31
N ALA R 101 36.64 63.69 -19.69
CA ALA R 101 36.73 64.16 -21.06
C ALA R 101 38.15 64.56 -21.42
N GLU R 102 38.77 65.41 -20.62
CA GLU R 102 40.15 65.76 -20.97
C GLU R 102 41.11 64.61 -20.70
N GLU R 103 40.74 63.66 -19.85
CA GLU R 103 41.52 62.45 -19.69
C GLU R 103 41.64 61.71 -21.01
N ARG R 104 40.49 61.45 -21.63
CA ARG R 104 40.50 60.80 -22.94
C ARG R 104 41.21 61.66 -23.99
N ALA R 105 40.98 62.98 -23.94
CA ALA R 105 41.59 63.88 -24.91
C ALA R 105 43.12 63.81 -24.83
N GLY R 106 43.67 63.97 -23.63
CA GLY R 106 45.11 63.89 -23.47
C GLY R 106 45.65 62.51 -23.75
N ARG R 107 44.88 61.47 -23.43
CA ARG R 107 45.35 60.11 -23.65
C ARG R 107 45.47 59.81 -25.13
N HIS R 108 44.59 60.37 -25.96
CA HIS R 108 44.71 60.16 -27.40
C HIS R 108 46.02 60.73 -27.92
N CYS R 109 46.38 61.93 -27.49
CA CYS R 109 47.58 62.60 -27.98
C CYS R 109 48.44 62.99 -26.78
N GLY R 110 49.43 62.16 -26.47
CA GLY R 110 50.29 62.44 -25.33
C GLY R 110 51.29 63.55 -25.59
N ALA R 111 51.61 63.81 -26.86
CA ALA R 111 52.53 64.88 -27.20
C ALA R 111 51.96 66.26 -26.87
N LEU R 112 50.65 66.35 -26.69
CA LEU R 112 49.95 67.59 -26.44
C LEU R 112 49.54 67.67 -24.98
N ARG R 113 49.65 68.87 -24.41
CA ARG R 113 49.41 69.08 -22.99
C ARG R 113 48.05 69.72 -22.78
N VAL R 114 47.25 69.14 -21.90
CA VAL R 114 45.90 69.63 -21.65
C VAL R 114 45.96 70.86 -20.75
N LEU R 115 45.35 71.95 -21.20
CA LEU R 115 45.30 73.18 -20.41
C LEU R 115 44.01 73.28 -19.60
N ASN R 116 42.86 73.25 -20.28
CA ASN R 116 41.57 73.38 -19.63
C ASN R 116 40.51 72.80 -20.54
N SER R 117 39.25 72.95 -20.12
CA SER R 117 38.11 72.46 -20.88
C SER R 117 36.88 73.21 -20.42
N TYR R 118 35.81 73.12 -21.21
CA TYR R 118 34.59 73.81 -20.83
C TYR R 118 33.40 73.17 -21.52
N TRP R 119 32.23 73.36 -20.93
CA TRP R 119 30.98 72.79 -21.43
C TRP R 119 30.51 73.53 -22.68
N VAL R 120 30.12 72.78 -23.70
CA VAL R 120 29.64 73.39 -24.92
C VAL R 120 28.25 72.86 -25.29
N GLY R 121 27.96 71.62 -24.91
CA GLY R 121 26.70 71.02 -25.28
C GLY R 121 26.30 69.97 -24.27
N GLU R 122 25.04 69.54 -24.35
CA GLU R 122 24.50 68.61 -23.37
C GLU R 122 23.32 67.88 -23.95
N ASP R 123 23.48 66.59 -24.19
CA ASP R 123 22.41 65.68 -24.52
C ASP R 123 21.89 65.05 -23.24
N SER R 124 20.81 64.28 -23.35
CA SER R 124 20.38 63.47 -22.23
C SER R 124 21.24 62.24 -22.04
N THR R 125 21.83 61.71 -23.11
CA THR R 125 22.69 60.54 -23.02
C THR R 125 24.14 60.82 -23.38
N TYR R 126 24.49 62.06 -23.74
CA TYR R 126 25.88 62.43 -23.93
C TYR R 126 26.12 63.81 -23.34
N LYS R 127 27.38 64.12 -23.09
CA LYS R 127 27.84 65.47 -22.83
C LYS R 127 28.98 65.81 -23.79
N PHE R 128 28.97 67.03 -24.30
CA PHE R 128 29.98 67.50 -25.24
C PHE R 128 30.83 68.53 -24.53
N PHE R 129 32.12 68.24 -24.43
CA PHE R 129 33.07 69.07 -23.71
C PHE R 129 34.20 69.48 -24.63
N GLU R 130 34.55 70.75 -24.57
CA GLU R 130 35.53 71.32 -25.47
C GLU R 130 36.84 71.51 -24.74
N VAL R 131 37.85 70.74 -25.12
CA VAL R 131 39.13 70.68 -24.41
C VAL R 131 40.16 71.48 -25.20
N ILE R 132 40.93 72.30 -24.49
CA ILE R 132 41.98 73.11 -25.08
C ILE R 132 43.33 72.47 -24.80
N LEU R 133 44.09 72.21 -25.85
CA LEU R 133 45.39 71.56 -25.73
C LEU R 133 46.47 72.53 -26.22
N ILE R 134 47.71 72.30 -25.76
CA ILE R 134 48.84 73.15 -26.08
C ILE R 134 49.94 72.27 -26.67
N ASP R 135 50.52 72.71 -27.78
CA ASP R 135 51.66 72.00 -28.35
C ASP R 135 52.94 72.57 -27.73
N PRO R 136 53.55 71.88 -26.78
CA PRO R 136 54.68 72.49 -26.06
C PRO R 136 55.91 72.67 -26.91
N PHE R 137 56.07 71.85 -27.94
CA PHE R 137 57.28 71.82 -28.75
C PHE R 137 57.20 72.74 -29.95
N HIS R 138 56.07 73.40 -30.16
CA HIS R 138 56.00 74.44 -31.17
C HIS R 138 56.83 75.64 -30.72
N LYS R 139 57.49 76.27 -31.69
CA LYS R 139 58.46 77.31 -31.34
C LYS R 139 57.77 78.57 -30.85
N ALA R 140 56.56 78.85 -31.35
CA ALA R 140 55.81 80.00 -30.86
C ALA R 140 55.44 79.84 -29.39
N ILE R 141 55.04 78.63 -29.00
CA ILE R 141 54.79 78.35 -27.59
C ILE R 141 56.08 78.41 -26.79
N ARG R 142 57.15 77.86 -27.35
CA ARG R 142 58.40 77.62 -26.63
C ARG R 142 59.18 78.89 -26.37
N ARG R 143 59.04 79.90 -27.22
CA ARG R 143 59.72 81.18 -27.06
C ARG R 143 58.92 82.19 -26.27
N ASN R 144 57.77 81.79 -25.72
CA ASN R 144 56.86 82.72 -25.06
C ASN R 144 56.95 82.54 -23.55
N PRO R 145 57.49 83.51 -22.81
CA PRO R 145 57.37 83.47 -21.36
C PRO R 145 55.90 83.58 -20.96
N ASP R 146 55.63 83.13 -19.73
CA ASP R 146 54.29 82.86 -19.18
C ASP R 146 53.65 81.65 -19.87
N THR R 147 54.34 81.04 -20.83
CA THR R 147 53.88 79.82 -21.48
C THR R 147 54.95 78.76 -21.52
N GLN R 148 56.21 79.09 -21.22
CA GLN R 148 57.25 78.07 -21.12
C GLN R 148 57.04 77.15 -19.94
N TRP R 149 56.12 77.48 -19.03
CA TRP R 149 55.87 76.61 -17.88
C TRP R 149 55.20 75.31 -18.31
N ILE R 150 54.32 75.36 -19.31
CA ILE R 150 53.64 74.15 -19.76
C ILE R 150 54.60 73.20 -20.46
N THR R 151 55.72 73.71 -20.98
CA THR R 151 56.67 72.86 -21.66
C THR R 151 57.64 72.18 -20.69
N LYS R 152 57.66 72.61 -19.44
CA LYS R 152 58.50 72.00 -18.41
C LYS R 152 58.04 70.58 -18.16
N PRO R 153 58.93 69.59 -18.06
CA PRO R 153 58.51 68.19 -17.99
C PRO R 153 57.63 67.82 -16.81
N VAL R 154 57.65 68.59 -15.73
CA VAL R 154 56.82 68.23 -14.57
C VAL R 154 55.33 68.35 -14.90
N HIS R 155 54.98 69.12 -15.93
CA HIS R 155 53.60 69.46 -16.21
C HIS R 155 52.98 68.61 -17.31
N LYS R 156 53.49 67.39 -17.51
CA LYS R 156 52.92 66.51 -18.52
C LYS R 156 51.82 65.65 -17.92
N HIS R 157 50.75 65.47 -18.70
CA HIS R 157 49.55 64.76 -18.28
C HIS R 157 48.97 65.37 -17.00
N ARG R 158 48.75 66.68 -17.03
CA ARG R 158 47.98 67.31 -15.98
C ARG R 158 46.57 66.75 -15.90
N GLU R 159 46.03 66.30 -17.02
CA GLU R 159 44.69 65.71 -17.04
C GLU R 159 44.67 64.37 -16.32
N MET R 160 45.81 63.73 -16.17
CA MET R 160 45.87 62.40 -15.58
C MET R 160 46.25 62.41 -14.11
N ARG R 161 46.88 63.48 -13.64
CA ARG R 161 47.17 63.64 -12.22
C ARG R 161 46.14 64.51 -11.53
N GLY R 162 45.10 64.95 -12.25
CA GLY R 162 44.10 65.84 -11.69
C GLY R 162 44.62 67.21 -11.36
N LEU R 163 45.40 67.81 -12.27
CA LEU R 163 45.90 69.16 -12.07
C LEU R 163 45.16 70.20 -12.92
N THR R 164 44.30 69.80 -13.83
CA THR R 164 43.49 70.76 -14.54
C THR R 164 42.45 71.36 -13.61
N SER R 165 41.80 72.43 -14.06
CA SER R 165 40.75 73.03 -13.24
C SER R 165 39.56 72.10 -13.10
N ALA R 166 39.33 71.23 -14.09
CA ALA R 166 38.22 70.29 -14.00
C ALA R 166 38.57 69.12 -13.09
N GLY R 167 39.82 68.63 -13.15
CA GLY R 167 40.21 67.52 -12.31
C GLY R 167 40.47 67.92 -10.88
N ARG R 168 40.92 69.15 -10.66
CA ARG R 168 41.18 69.65 -9.32
C ARG R 168 39.91 69.70 -8.49
N LYS R 169 38.77 69.97 -9.12
CA LYS R 169 37.53 70.19 -8.39
C LYS R 169 37.13 68.97 -7.58
N SER R 170 37.42 67.77 -8.09
CA SER R 170 37.04 66.55 -7.39
C SER R 170 37.98 66.18 -6.26
N ARG R 171 39.12 66.87 -6.12
CA ARG R 171 40.10 66.48 -5.13
C ARG R 171 39.81 67.04 -3.74
N GLY R 172 38.87 67.98 -3.62
CA GLY R 172 38.61 68.55 -2.31
C GLY R 172 39.63 69.55 -1.85
N LEU R 173 40.47 70.05 -2.75
CA LEU R 173 41.47 71.04 -2.39
C LEU R 173 40.81 72.37 -2.06
N GLY R 174 41.50 73.16 -1.26
CA GLY R 174 41.07 74.51 -0.99
C GLY R 174 41.52 74.96 0.38
N LYS R 175 40.93 76.07 0.82
CA LYS R 175 41.23 76.66 2.12
C LYS R 175 39.94 76.78 2.92
N GLY R 176 40.01 76.43 4.19
CA GLY R 176 38.90 76.65 5.09
C GLY R 176 38.65 75.49 6.01
N HIS R 177 37.58 75.59 6.78
CA HIS R 177 37.22 74.54 7.71
C HIS R 177 36.55 73.38 7.01
N LYS R 178 36.06 73.58 5.79
CA LYS R 178 35.37 72.53 5.07
C LYS R 178 36.33 71.61 4.33
N PHE R 179 37.63 71.92 4.34
CA PHE R 179 38.61 71.21 3.52
C PHE R 179 39.70 70.59 4.39
N HIS R 180 39.30 70.05 5.54
CA HIS R 180 40.26 69.40 6.43
C HIS R 180 40.64 68.01 5.93
N HIS R 181 39.90 67.47 4.96
CA HIS R 181 40.31 66.22 4.34
C HIS R 181 41.61 66.37 3.56
N THR R 182 41.98 67.59 3.19
CA THR R 182 43.05 67.84 2.23
C THR R 182 43.99 68.92 2.75
N ILE R 183 44.38 68.80 4.02
CA ILE R 183 45.41 69.66 4.60
C ILE R 183 46.73 68.90 4.47
N GLY R 184 47.66 69.45 3.72
CA GLY R 184 48.91 68.77 3.42
C GLY R 184 49.12 68.46 1.96
N GLY R 185 48.23 68.88 1.06
CA GLY R 185 48.45 68.70 -0.36
C GLY R 185 47.45 67.78 -1.01
N SER R 186 47.07 66.70 -0.32
CA SER R 186 46.10 65.75 -0.85
C SER R 186 45.46 65.02 0.32
N ARG R 187 44.35 64.33 0.03
CA ARG R 187 43.73 63.50 1.05
C ARG R 187 44.67 62.39 1.50
N ARG R 188 45.46 61.86 0.56
CA ARG R 188 46.44 60.82 0.91
C ARG R 188 47.54 61.38 1.80
N ALA R 189 48.02 62.58 1.50
CA ALA R 189 49.06 63.19 2.33
C ALA R 189 48.57 63.42 3.74
N ALA R 190 47.35 63.95 3.87
CA ALA R 190 46.77 64.18 5.18
C ALA R 190 46.58 62.86 5.92
N TRP R 191 46.10 61.84 5.21
CA TRP R 191 45.90 60.54 5.84
C TRP R 191 47.22 59.97 6.34
N ARG R 192 48.26 60.07 5.52
CA ARG R 192 49.56 59.53 5.92
C ARG R 192 50.11 60.28 7.11
N ARG R 193 49.98 61.61 7.13
CA ARG R 193 50.44 62.38 8.27
C ARG R 193 49.69 62.01 9.54
N ARG R 194 48.39 61.81 9.44
CA ARG R 194 47.59 61.52 10.63
C ARG R 194 47.70 60.07 11.08
N ASN R 195 48.13 59.15 10.21
CA ASN R 195 48.22 57.75 10.58
C ASN R 195 49.66 57.23 10.62
N THR R 196 50.64 58.12 10.65
CA THR R 196 52.02 57.72 10.89
C THR R 196 52.34 57.92 12.36
N LEU R 197 52.77 56.85 13.02
CA LEU R 197 53.21 56.92 14.39
C LEU R 197 54.57 57.60 14.42
N GLN R 198 54.65 58.74 15.11
CA GLN R 198 55.84 59.57 15.08
C GLN R 198 56.70 59.21 16.28
N LEU R 199 57.72 58.38 16.07
CA LEU R 199 58.55 57.88 17.15
C LEU R 199 59.86 58.64 17.13
N HIS R 200 60.08 59.45 18.16
CA HIS R 200 61.28 60.27 18.25
C HIS R 200 62.48 59.41 18.62
N ARG R 201 63.61 60.07 18.85
CA ARG R 201 64.75 59.38 19.44
C ARG R 201 64.62 59.32 20.95
N TYR R 202 64.35 60.47 21.57
CA TYR R 202 64.23 60.59 23.02
C TYR R 202 62.75 60.53 23.38
N ARG R 203 62.18 59.33 23.35
CA ARG R 203 60.83 59.14 23.88
C ARG R 203 60.86 59.31 25.38
N GLU S 1 78.05 -24.57 63.17
CA GLU S 1 78.70 -25.87 63.20
C GLU S 1 79.19 -26.26 61.81
N VAL S 2 80.41 -26.79 61.74
CA VAL S 2 81.04 -27.03 60.44
C VAL S 2 80.64 -28.39 59.87
N GLN S 3 80.25 -29.34 60.71
CA GLN S 3 79.91 -30.66 60.20
C GLN S 3 78.50 -30.65 59.62
N VAL S 4 78.11 -31.77 59.03
CA VAL S 4 76.79 -31.90 58.42
C VAL S 4 75.79 -32.33 59.47
N LEU S 5 74.66 -31.63 59.52
CA LEU S 5 73.53 -32.02 60.37
C LEU S 5 72.65 -32.99 59.60
N VAL S 6 72.65 -34.24 60.02
CA VAL S 6 71.86 -35.29 59.38
C VAL S 6 70.58 -35.45 60.19
N LEU S 7 69.45 -35.53 59.51
CA LEU S 7 68.15 -35.59 60.15
C LEU S 7 67.38 -36.82 59.69
N ASP S 8 66.92 -37.62 60.64
CA ASP S 8 65.94 -38.64 60.32
C ASP S 8 64.59 -37.98 60.07
N GLY S 9 63.88 -38.47 59.06
CA GLY S 9 62.63 -37.85 58.68
C GLY S 9 61.41 -38.53 59.28
N ARG S 10 61.59 -39.73 59.80
CA ARG S 10 60.47 -40.51 60.31
C ARG S 10 59.88 -39.84 61.55
N GLY S 11 58.56 -39.79 61.60
CA GLY S 11 57.87 -39.25 62.76
C GLY S 11 57.90 -37.75 62.88
N HIS S 12 58.35 -37.04 61.86
CA HIS S 12 58.37 -35.59 61.89
C HIS S 12 57.20 -35.02 61.11
N LEU S 13 57.00 -33.72 61.24
CA LEU S 13 55.95 -33.00 60.52
C LEU S 13 56.55 -32.19 59.39
N LEU S 14 55.84 -32.17 58.26
CA LEU S 14 56.40 -31.62 57.03
C LEU S 14 56.74 -30.15 57.19
N GLY S 15 55.76 -29.32 57.55
CA GLY S 15 55.99 -27.88 57.61
C GLY S 15 56.95 -27.48 58.71
N ARG S 16 56.85 -28.13 59.87
CA ARG S 16 57.72 -27.78 60.99
C ARG S 16 59.18 -28.07 60.66
N LEU S 17 59.46 -29.28 60.20
CA LEU S 17 60.83 -29.61 59.83
C LEU S 17 61.29 -28.81 58.64
N ALA S 18 60.38 -28.47 57.72
CA ALA S 18 60.74 -27.64 56.58
C ALA S 18 61.17 -26.26 57.01
N ALA S 19 60.44 -25.66 57.96
CA ALA S 19 60.83 -24.35 58.47
C ALA S 19 62.17 -24.44 59.20
N ILE S 20 62.36 -25.49 59.99
CA ILE S 20 63.61 -25.66 60.72
C ILE S 20 64.79 -25.73 59.75
N VAL S 21 64.67 -26.58 58.72
CA VAL S 21 65.80 -26.74 57.81
C VAL S 21 65.97 -25.53 56.91
N ALA S 22 64.89 -24.81 56.60
CA ALA S 22 65.03 -23.57 55.85
C ALA S 22 65.83 -22.55 56.64
N LYS S 23 65.52 -22.42 57.93
CA LYS S 23 66.31 -21.52 58.76
C LYS S 23 67.76 -21.99 58.87
N GLN S 24 67.98 -23.30 58.95
CA GLN S 24 69.35 -23.81 59.06
C GLN S 24 70.15 -23.54 57.80
N VAL S 25 69.57 -23.80 56.62
CA VAL S 25 70.32 -23.52 55.40
C VAL S 25 70.48 -22.03 55.20
N LEU S 26 69.58 -21.23 55.74
CA LEU S 26 69.77 -19.79 55.68
C LEU S 26 70.92 -19.32 56.54
N LEU S 27 71.22 -20.04 57.62
CA LEU S 27 72.36 -19.74 58.48
C LEU S 27 73.61 -20.49 58.04
N GLY S 28 73.67 -20.92 56.79
CA GLY S 28 74.85 -21.57 56.26
C GLY S 28 75.19 -22.90 56.90
N ARG S 29 74.19 -23.72 57.18
CA ARG S 29 74.40 -25.02 57.81
C ARG S 29 74.09 -26.13 56.82
N LYS S 30 75.07 -26.99 56.57
CA LYS S 30 74.90 -28.11 55.66
C LYS S 30 74.02 -29.14 56.34
N VAL S 31 72.80 -29.31 55.86
CA VAL S 31 71.85 -30.25 56.44
C VAL S 31 71.45 -31.26 55.37
N VAL S 32 71.38 -32.52 55.76
CA VAL S 32 70.92 -33.59 54.89
C VAL S 32 69.83 -34.36 55.62
N VAL S 33 68.63 -34.33 55.08
CA VAL S 33 67.50 -35.06 55.65
C VAL S 33 67.36 -36.39 54.91
N VAL S 34 67.23 -37.46 55.68
CA VAL S 34 67.12 -38.82 55.14
C VAL S 34 65.80 -39.41 55.60
N ARG S 35 65.39 -40.48 54.93
CA ARG S 35 64.13 -41.18 55.17
C ARG S 35 62.95 -40.21 55.08
N CYS S 36 62.79 -39.64 53.89
CA CYS S 36 61.67 -38.74 53.66
C CYS S 36 60.38 -39.47 53.35
N GLU S 37 60.41 -40.80 53.23
CA GLU S 37 59.17 -41.55 53.17
C GLU S 37 58.49 -41.62 54.53
N GLY S 38 59.23 -41.46 55.61
CA GLY S 38 58.69 -41.46 56.94
C GLY S 38 58.16 -40.14 57.41
N ILE S 39 58.18 -39.11 56.55
CA ILE S 39 57.64 -37.81 56.91
C ILE S 39 56.15 -37.97 57.17
N ASN S 40 55.68 -37.38 58.26
CA ASN S 40 54.27 -37.40 58.60
C ASN S 40 53.67 -36.03 58.36
N ILE S 41 52.41 -36.02 57.92
CA ILE S 41 51.69 -34.80 57.61
C ILE S 41 50.34 -34.84 58.32
N SER S 42 49.93 -33.70 58.86
CA SER S 42 48.73 -33.66 59.68
C SER S 42 47.47 -33.84 58.84
N GLY S 43 46.42 -34.33 59.48
CA GLY S 43 45.16 -34.56 58.80
C GLY S 43 45.09 -35.94 58.19
N ASN S 44 43.86 -36.44 58.07
CA ASN S 44 43.64 -37.78 57.56
C ASN S 44 44.07 -37.88 56.10
N PHE S 45 44.31 -39.12 55.66
CA PHE S 45 45.06 -39.32 54.43
C PHE S 45 44.32 -38.80 53.21
N TYR S 46 43.00 -38.99 53.15
CA TYR S 46 42.26 -38.59 51.97
C TYR S 46 42.31 -37.09 51.77
N ARG S 47 42.32 -36.32 52.85
CA ARG S 47 42.41 -34.87 52.74
C ARG S 47 43.71 -34.44 52.10
N ASN S 48 44.84 -35.01 52.54
CA ASN S 48 46.12 -34.64 51.97
C ASN S 48 46.27 -35.15 50.55
N LYS S 49 45.70 -36.32 50.25
CA LYS S 49 45.71 -36.78 48.86
C LYS S 49 44.91 -35.85 47.97
N LEU S 50 43.76 -35.37 48.46
CA LEU S 50 43.00 -34.38 47.69
C LEU S 50 43.81 -33.11 47.51
N LYS S 51 44.53 -32.69 48.56
CA LYS S 51 45.37 -31.51 48.47
C LYS S 51 46.43 -31.67 47.38
N TYR S 52 47.11 -32.81 47.36
CA TYR S 52 48.17 -32.97 46.36
C TYR S 52 47.62 -33.22 44.97
N LEU S 53 46.44 -33.83 44.85
CA LEU S 53 45.83 -33.94 43.53
C LEU S 53 45.38 -32.58 43.01
N ALA S 54 44.90 -31.72 43.89
CA ALA S 54 44.61 -30.34 43.48
C ALA S 54 45.88 -29.63 43.04
N PHE S 55 46.99 -29.87 43.75
CA PHE S 55 48.27 -29.33 43.28
C PHE S 55 48.62 -29.86 41.90
N LEU S 56 48.41 -31.15 41.68
CA LEU S 56 48.63 -31.75 40.37
C LEU S 56 47.76 -31.11 39.31
N ARG S 57 46.58 -30.62 39.70
CA ARG S 57 45.69 -30.00 38.72
C ARG S 57 46.21 -28.67 38.22
N LYS S 58 47.00 -27.95 39.03
CA LYS S 58 47.47 -26.61 38.66
C LYS S 58 48.60 -26.73 37.64
N ARG S 59 48.27 -26.58 36.36
CA ARG S 59 49.27 -26.67 35.31
C ARG S 59 49.10 -25.50 34.35
N MET S 60 50.10 -25.32 33.49
CA MET S 60 50.09 -24.24 32.52
C MET S 60 49.44 -24.74 31.24
N ASN S 61 48.30 -24.15 30.87
CA ASN S 61 47.51 -24.66 29.75
C ASN S 61 48.27 -24.58 28.44
N THR S 62 48.91 -23.43 28.19
CA THR S 62 49.55 -23.20 26.91
C THR S 62 50.65 -24.22 26.64
N ASN S 63 51.45 -24.51 27.66
CA ASN S 63 52.47 -25.54 27.51
C ASN S 63 52.80 -26.10 28.88
N PRO S 64 52.22 -27.25 29.25
CA PRO S 64 52.49 -27.81 30.58
C PRO S 64 53.93 -28.20 30.80
N SER S 65 54.71 -28.35 29.72
CA SER S 65 56.12 -28.68 29.87
C SER S 65 56.89 -27.59 30.59
N ARG S 66 56.48 -26.34 30.45
CA ARG S 66 57.05 -25.25 31.23
C ARG S 66 56.37 -25.07 32.57
N GLY S 67 55.26 -25.73 32.81
CA GLY S 67 54.40 -25.44 33.93
C GLY S 67 54.97 -25.92 35.25
N PRO S 68 54.14 -25.90 36.30
CA PRO S 68 54.60 -26.31 37.62
C PRO S 68 55.04 -27.77 37.61
N TYR S 69 56.32 -28.00 37.91
CA TYR S 69 56.89 -29.33 37.89
C TYR S 69 56.46 -30.06 39.15
N HIS S 70 55.37 -30.81 39.05
CA HIS S 70 54.84 -31.55 40.19
C HIS S 70 55.71 -32.79 40.40
N PHE S 71 56.54 -32.75 41.44
CA PHE S 71 57.33 -33.91 41.75
C PHE S 71 56.48 -34.95 42.48
N ARG S 72 57.00 -36.17 42.54
CA ARG S 72 56.28 -37.27 43.17
C ARG S 72 57.05 -37.91 44.32
N ALA S 73 58.35 -38.14 44.16
CA ALA S 73 59.12 -38.81 45.21
C ALA S 73 59.16 -37.94 46.46
N PRO S 74 59.04 -38.54 47.64
CA PRO S 74 58.92 -37.73 48.88
C PRO S 74 60.09 -36.79 49.10
N SER S 75 61.30 -37.17 48.68
CA SER S 75 62.43 -36.27 48.80
C SER S 75 62.19 -34.98 48.05
N ARG S 76 61.73 -35.07 46.79
CA ARG S 76 61.49 -33.86 46.03
C ARG S 76 60.25 -33.13 46.52
N ILE S 77 59.29 -33.84 47.12
CA ILE S 77 58.17 -33.17 47.77
C ILE S 77 58.68 -32.25 48.86
N PHE S 78 59.52 -32.78 49.74
CA PHE S 78 60.06 -31.97 50.82
C PHE S 78 60.96 -30.87 50.30
N TRP S 79 61.73 -31.15 49.25
CA TRP S 79 62.60 -30.13 48.69
C TRP S 79 61.80 -28.97 48.13
N ARG S 80 60.72 -29.26 47.41
CA ARG S 80 59.85 -28.20 46.92
C ARG S 80 59.19 -27.46 48.07
N THR S 81 58.79 -28.19 49.11
CA THR S 81 58.18 -27.56 50.28
C THR S 81 59.11 -26.55 50.91
N VAL S 82 60.35 -26.97 51.20
CA VAL S 82 61.30 -26.06 51.83
C VAL S 82 61.73 -24.97 50.85
N ARG S 83 61.66 -25.23 49.54
CA ARG S 83 61.93 -24.19 48.57
C ARG S 83 60.88 -23.09 48.66
N GLY S 84 59.62 -23.48 48.89
CA GLY S 84 58.61 -22.49 49.16
C GLY S 84 58.86 -21.69 50.42
N MET S 85 59.63 -22.24 51.35
CA MET S 85 60.02 -21.53 52.57
C MET S 85 61.18 -20.58 52.34
N LEU S 86 61.92 -20.76 51.26
CA LEU S 86 63.14 -20.02 51.00
C LEU S 86 62.94 -18.98 49.92
N PRO S 87 63.68 -17.88 49.96
CA PRO S 87 63.63 -16.91 48.86
C PRO S 87 64.51 -17.35 47.69
N HIS S 88 64.18 -18.50 47.12
CA HIS S 88 65.01 -19.16 46.11
C HIS S 88 65.17 -18.33 44.85
N LYS S 89 64.34 -17.32 44.64
CA LYS S 89 64.38 -16.50 43.45
C LYS S 89 65.48 -15.45 43.51
N THR S 90 66.23 -15.39 44.62
CA THR S 90 67.41 -14.55 44.76
C THR S 90 68.64 -15.43 44.87
N LYS S 91 69.81 -14.82 44.66
CA LYS S 91 71.07 -15.57 44.69
C LYS S 91 71.32 -16.19 46.06
N ARG S 92 71.07 -15.43 47.12
CA ARG S 92 71.20 -15.96 48.47
C ARG S 92 70.24 -17.12 48.69
N GLY S 93 69.08 -17.09 48.05
CA GLY S 93 68.10 -18.16 48.13
C GLY S 93 68.62 -19.51 47.70
N GLN S 94 68.98 -19.65 46.42
CA GLN S 94 69.52 -20.94 45.99
C GLN S 94 70.91 -21.18 46.55
N ALA S 95 71.62 -20.15 46.99
CA ALA S 95 72.85 -20.37 47.75
C ALA S 95 72.56 -21.11 49.04
N ALA S 96 71.41 -20.85 49.64
CA ALA S 96 71.01 -21.64 50.80
C ALA S 96 70.48 -23.01 50.39
N LEU S 97 69.78 -23.09 49.25
CA LEU S 97 69.10 -24.33 48.87
C LEU S 97 70.07 -25.42 48.48
N ASP S 98 71.22 -25.07 47.90
CA ASP S 98 72.19 -26.09 47.55
C ASP S 98 72.85 -26.70 48.77
N ARG S 99 72.69 -26.10 49.95
CA ARG S 99 73.24 -26.68 51.15
C ARG S 99 72.38 -27.80 51.71
N LEU S 100 71.19 -28.01 51.18
CA LEU S 100 70.31 -29.08 51.61
C LEU S 100 70.32 -30.20 50.58
N LYS S 101 70.63 -31.41 51.04
CA LYS S 101 70.56 -32.59 50.19
C LYS S 101 69.51 -33.51 50.80
N VAL S 102 68.53 -33.90 50.00
CA VAL S 102 67.34 -34.59 50.49
C VAL S 102 67.31 -36.00 49.90
N PHE S 103 66.94 -36.97 50.73
CA PHE S 103 67.13 -38.37 50.37
C PHE S 103 65.94 -39.22 50.77
N ASP S 104 65.52 -40.09 49.85
CA ASP S 104 64.58 -41.17 50.12
C ASP S 104 65.36 -42.38 50.61
N GLY S 105 64.79 -43.09 51.59
CA GLY S 105 65.58 -44.12 52.22
C GLY S 105 66.76 -43.48 52.93
N ILE S 106 67.80 -44.28 53.15
CA ILE S 106 69.02 -43.71 53.72
C ILE S 106 70.22 -44.19 52.91
N PRO S 107 70.86 -43.34 52.13
CA PRO S 107 71.95 -43.77 51.26
C PRO S 107 73.18 -44.17 52.07
N PRO S 108 74.09 -44.93 51.45
CA PRO S 108 75.28 -45.44 52.16
C PRO S 108 76.17 -44.36 52.75
N PRO S 109 76.31 -43.17 52.14
CA PRO S 109 77.16 -42.16 52.79
C PRO S 109 76.72 -41.76 54.19
N TYR S 110 75.42 -41.87 54.50
CA TYR S 110 74.93 -41.45 55.80
C TYR S 110 74.31 -42.56 56.64
N ASP S 111 74.13 -43.76 56.08
CA ASP S 111 73.47 -44.80 56.86
C ASP S 111 74.33 -45.31 58.01
N LYS S 112 75.62 -45.00 58.03
CA LYS S 112 76.50 -45.35 59.14
C LYS S 112 76.66 -44.20 60.13
N LYS S 113 75.92 -43.11 59.95
CA LYS S 113 76.04 -41.94 60.80
C LYS S 113 74.83 -41.83 61.72
N LYS S 114 75.06 -41.27 62.90
CA LYS S 114 73.96 -40.93 63.80
C LYS S 114 73.05 -39.91 63.16
N ARG S 115 71.75 -40.16 63.25
CA ARG S 115 70.74 -39.25 62.72
C ARG S 115 70.19 -38.41 63.87
N MET S 116 70.30 -37.10 63.73
CA MET S 116 69.75 -36.14 64.67
C MET S 116 68.25 -36.04 64.44
N VAL S 117 67.52 -35.67 65.48
CA VAL S 117 66.07 -35.56 65.41
C VAL S 117 65.66 -34.23 66.01
N VAL S 118 64.73 -33.54 65.35
CA VAL S 118 64.23 -32.24 65.82
C VAL S 118 62.99 -32.50 66.67
N PRO S 119 63.08 -32.43 68.00
CA PRO S 119 61.88 -32.62 68.83
C PRO S 119 60.87 -31.53 68.68
N ALA S 120 61.25 -30.35 68.19
CA ALA S 120 60.28 -29.29 68.00
C ALA S 120 59.35 -29.57 66.82
N ALA S 121 59.68 -30.57 66.00
CA ALA S 121 58.91 -30.87 64.81
C ALA S 121 58.27 -32.26 64.83
N LEU S 122 58.39 -33.00 65.93
CA LEU S 122 57.91 -34.37 65.94
C LEU S 122 56.39 -34.43 66.03
N LYS S 123 55.82 -35.47 65.43
CA LYS S 123 54.38 -35.67 65.49
C LYS S 123 53.90 -35.96 66.91
N VAL S 124 54.71 -36.69 67.68
CA VAL S 124 54.29 -37.14 69.01
C VAL S 124 54.06 -35.96 69.93
N VAL S 125 54.81 -34.87 69.75
CA VAL S 125 54.72 -33.71 70.63
C VAL S 125 53.94 -32.56 70.00
N ARG S 126 53.68 -32.59 68.71
CA ARG S 126 53.00 -31.49 68.04
C ARG S 126 51.56 -31.82 67.66
N LEU S 127 51.16 -33.08 67.75
CA LEU S 127 49.82 -33.49 67.37
C LEU S 127 49.14 -34.17 68.54
N LYS S 128 47.87 -33.86 68.75
CA LYS S 128 47.10 -34.53 69.79
C LYS S 128 46.96 -36.00 69.45
N PRO S 129 46.99 -36.89 70.45
CA PRO S 129 46.99 -38.33 70.13
C PRO S 129 45.75 -38.80 69.40
N THR S 130 44.63 -38.11 69.54
CA THR S 130 43.40 -38.53 68.90
C THR S 130 43.31 -38.09 67.44
N ARG S 131 44.15 -37.16 67.01
CA ARG S 131 44.06 -36.65 65.64
C ARG S 131 44.70 -37.61 64.66
N LYS S 132 44.18 -37.61 63.43
CA LYS S 132 44.69 -38.46 62.38
C LYS S 132 45.82 -37.76 61.63
N PHE S 133 46.59 -38.55 60.90
CA PHE S 133 47.70 -38.06 60.11
C PHE S 133 47.86 -38.95 58.89
N ALA S 134 48.77 -38.56 58.00
CA ALA S 134 49.05 -39.29 56.78
C ALA S 134 50.55 -39.47 56.61
N TYR S 135 50.94 -40.61 56.05
CA TYR S 135 52.34 -40.90 55.79
C TYR S 135 52.70 -40.38 54.39
N LEU S 136 53.82 -39.68 54.30
CA LEU S 136 54.21 -39.10 53.03
C LEU S 136 54.56 -40.18 52.01
N GLY S 137 55.05 -41.33 52.47
CA GLY S 137 55.40 -42.40 51.53
C GLY S 137 54.20 -42.94 50.78
N ARG S 138 53.11 -43.22 51.51
CA ARG S 138 51.91 -43.74 50.87
C ARG S 138 51.31 -42.70 49.93
N LEU S 139 51.29 -41.44 50.35
CA LEU S 139 50.78 -40.37 49.49
C LEU S 139 51.60 -40.25 48.22
N ALA S 140 52.93 -40.31 48.34
CA ALA S 140 53.80 -40.24 47.17
C ALA S 140 53.55 -41.41 46.23
N HIS S 141 53.45 -42.62 46.79
CA HIS S 141 53.22 -43.79 45.95
C HIS S 141 51.90 -43.68 45.21
N GLU S 142 50.86 -43.24 45.89
CA GLU S 142 49.56 -43.15 45.25
C GLU S 142 49.38 -41.88 44.43
N VAL S 143 50.38 -40.99 44.43
CA VAL S 143 50.32 -39.82 43.55
C VAL S 143 51.30 -39.93 42.39
N GLY S 144 52.08 -41.01 42.31
CA GLY S 144 52.89 -41.23 41.12
C GLY S 144 54.27 -41.83 41.35
N TRP S 145 54.71 -41.86 42.60
CA TRP S 145 56.03 -42.39 42.90
C TRP S 145 56.08 -43.89 42.67
N LYS S 146 57.17 -44.34 42.05
CA LYS S 146 57.28 -45.71 41.57
C LYS S 146 58.06 -46.63 42.50
N TYR S 147 58.56 -46.12 43.61
CA TYR S 147 59.68 -46.77 44.28
C TYR S 147 59.41 -46.98 45.75
N GLN S 148 58.25 -47.55 46.10
CA GLN S 148 58.13 -48.02 47.47
C GLN S 148 58.77 -49.38 47.66
N ALA S 149 58.71 -50.26 46.66
CA ALA S 149 59.22 -51.61 46.82
C ALA S 149 60.73 -51.62 47.01
N VAL S 150 61.44 -50.93 46.11
CA VAL S 150 62.89 -50.94 46.16
C VAL S 150 63.40 -50.24 47.42
N THR S 151 62.79 -49.12 47.78
CA THR S 151 63.21 -48.43 49.00
C THR S 151 62.85 -49.24 50.25
N ALA S 152 61.73 -49.96 50.22
CA ALA S 152 61.36 -50.78 51.36
C ALA S 152 62.35 -51.92 51.56
N THR S 153 62.71 -52.60 50.47
CA THR S 153 63.68 -53.70 50.58
C THR S 153 65.05 -53.18 51.01
N LEU S 154 65.49 -52.08 50.41
CA LEU S 154 66.77 -51.50 50.82
C LEU S 154 66.73 -51.08 52.28
N GLU S 155 65.61 -50.50 52.70
CA GLU S 155 65.47 -50.05 54.08
C GLU S 155 65.54 -51.23 55.03
N GLU S 156 64.84 -52.34 54.72
CA GLU S 156 64.87 -53.48 55.64
C GLU S 156 66.25 -54.12 55.69
N LYS S 157 66.97 -54.14 54.57
CA LYS S 157 68.36 -54.61 54.62
C LYS S 157 69.20 -53.72 55.52
N ARG S 158 69.01 -52.41 55.41
CA ARG S 158 69.72 -51.50 56.29
C ARG S 158 69.34 -51.73 57.75
N LYS S 159 68.06 -52.03 57.99
CA LYS S 159 67.60 -52.27 59.36
C LYS S 159 68.27 -53.50 59.95
N GLU S 160 68.38 -54.58 59.17
CA GLU S 160 68.98 -55.79 59.73
C GLU S 160 70.48 -55.64 59.92
N LYS S 161 71.14 -54.90 59.01
CA LYS S 161 72.56 -54.62 59.22
C LYS S 161 72.77 -53.76 60.46
N ALA S 162 71.92 -52.76 60.67
CA ALA S 162 71.99 -51.95 61.88
C ALA S 162 71.68 -52.77 63.13
N LYS S 163 70.77 -53.73 63.02
CA LYS S 163 70.48 -54.62 64.14
C LYS S 163 71.69 -55.44 64.54
N ILE S 164 72.40 -56.01 63.56
CA ILE S 164 73.57 -56.82 63.91
C ILE S 164 74.69 -55.93 64.44
N HIS S 165 74.82 -54.72 63.89
CA HIS S 165 75.78 -53.76 64.45
C HIS S 165 75.44 -53.40 65.88
N TYR S 166 74.15 -53.23 66.17
CA TYR S 166 73.74 -52.88 67.52
C TYR S 166 73.93 -54.03 68.48
N ARG S 167 73.79 -55.28 68.00
CA ARG S 167 74.13 -56.42 68.84
C ARG S 167 75.62 -56.42 69.16
N LYS S 168 76.45 -56.10 68.18
CA LYS S 168 77.88 -55.97 68.43
C LYS S 168 78.16 -54.87 69.45
N LYS S 169 77.47 -53.74 69.34
CA LYS S 169 77.66 -52.65 70.28
C LYS S 169 77.17 -53.00 71.67
N LYS S 170 76.07 -53.75 71.78
CA LYS S 170 75.59 -54.20 73.09
C LYS S 170 76.60 -55.12 73.73
N GLN S 171 77.18 -56.03 72.95
CA GLN S 171 78.20 -56.92 73.50
C GLN S 171 79.43 -56.12 73.93
N LEU S 172 79.80 -55.10 73.15
CA LEU S 172 80.93 -54.25 73.55
C LEU S 172 80.63 -53.48 74.83
N MET S 173 79.40 -52.99 74.99
CA MET S 173 79.03 -52.31 76.21
C MET S 173 79.04 -53.27 77.40
N ARG S 174 78.58 -54.50 77.19
CA ARG S 174 78.66 -55.51 78.23
C ARG S 174 80.11 -55.77 78.63
N LEU S 175 80.99 -55.85 77.64
CA LEU S 175 82.41 -56.04 77.92
C LEU S 175 82.98 -54.85 78.67
N ARG S 176 82.56 -53.64 78.33
CA ARG S 176 83.04 -52.46 79.04
C ARG S 176 82.58 -52.46 80.50
N LYS S 177 81.32 -52.84 80.75
CA LYS S 177 80.84 -52.93 82.12
C LYS S 177 81.60 -54.01 82.89
N GLN S 178 81.87 -55.14 82.24
CA GLN S 178 82.66 -56.19 82.87
C GLN S 178 84.05 -55.70 83.17
N ALA S 179 84.63 -54.89 82.28
CA ALA S 179 85.96 -54.36 82.52
C ALA S 179 85.96 -53.38 83.69
N GLU S 180 84.95 -52.51 83.76
CA GLU S 180 84.93 -51.56 84.86
C GLU S 180 84.64 -52.24 86.19
N LYS S 181 84.09 -53.47 86.17
CA LYS S 181 84.06 -54.20 87.44
C LYS S 181 85.29 -55.07 87.63
N ASN S 182 86.09 -55.33 86.58
CA ASN S 182 87.37 -55.99 86.81
C ASN S 182 88.35 -55.06 87.52
N VAL S 183 88.50 -53.84 87.03
CA VAL S 183 89.47 -52.90 87.59
C VAL S 183 88.70 -51.83 88.37
N GLU S 184 88.85 -51.87 89.67
CA GLU S 184 88.45 -50.76 90.52
C GLU S 184 89.50 -50.39 91.55
N LYS S 185 90.45 -51.27 91.86
CA LYS S 185 91.50 -50.91 92.82
C LYS S 185 92.41 -49.83 92.23
N LYS S 186 92.79 -49.97 90.97
CA LYS S 186 93.60 -48.98 90.29
C LYS S 186 92.76 -47.92 89.60
N ILE S 187 91.47 -47.88 89.86
CA ILE S 187 90.53 -47.03 89.14
C ILE S 187 89.80 -46.08 90.07
N ASP S 188 89.37 -46.54 91.24
CA ASP S 188 88.47 -45.74 92.08
C ASP S 188 89.13 -44.46 92.58
N LYS S 189 90.46 -44.37 92.51
CA LYS S 189 91.15 -43.14 92.87
C LYS S 189 90.70 -41.97 92.00
N TYR S 190 90.14 -42.27 90.84
CA TYR S 190 89.63 -41.26 89.93
C TYR S 190 88.12 -41.24 89.84
N THR S 191 87.46 -42.38 90.08
CA THR S 191 86.02 -42.35 90.22
C THR S 191 85.60 -41.53 91.42
N GLU S 192 86.43 -41.49 92.47
CA GLU S 192 86.15 -40.57 93.56
C GLU S 192 86.21 -39.13 93.09
N VAL S 193 87.18 -38.79 92.25
CA VAL S 193 87.26 -37.44 91.69
C VAL S 193 86.01 -37.13 90.87
N LEU S 194 85.60 -38.07 90.02
CA LEU S 194 84.43 -37.87 89.18
C LEU S 194 83.17 -37.72 90.01
N LYS S 195 83.00 -38.55 91.04
CA LYS S 195 81.85 -38.42 91.92
C LYS S 195 81.89 -37.10 92.69
N THR S 196 83.09 -36.60 92.97
CA THR S 196 83.21 -35.27 93.55
C THR S 196 82.74 -34.20 92.58
N HIS S 197 83.03 -34.35 91.30
CA HIS S 197 82.85 -33.26 90.34
C HIS S 197 81.74 -33.55 89.33
N GLY S 198 80.62 -34.10 89.77
CA GLY S 198 79.44 -34.16 88.94
C GLY S 198 79.32 -35.37 88.03
N LEU S 199 80.36 -35.64 87.25
CA LEU S 199 80.29 -36.70 86.26
C LEU S 199 80.23 -38.07 86.95
N LEU S 200 79.66 -39.05 86.24
CA LEU S 200 79.67 -40.44 86.65
C LEU S 200 78.96 -40.63 88.00
N VAL S 201 77.65 -40.39 87.97
CA VAL S 201 76.77 -40.70 89.10
C VAL S 201 76.99 -42.13 89.61
N VAL T 1 101.38 5.78 8.00
CA VAL T 1 100.06 6.24 8.40
C VAL T 1 99.77 5.62 9.76
N ARG T 2 98.75 6.13 10.45
CA ARG T 2 98.45 5.69 11.81
C ARG T 2 97.66 4.40 11.76
N TYR T 3 98.35 3.28 11.96
CA TYR T 3 97.69 2.00 12.16
C TYR T 3 97.21 1.89 13.60
N SER T 4 96.14 1.15 13.80
CA SER T 4 95.74 0.74 15.13
C SER T 4 96.54 -0.50 15.52
N LEU T 5 96.95 -0.56 16.78
CA LEU T 5 97.74 -1.68 17.31
C LEU T 5 99.04 -1.86 16.53
N ASP T 6 99.89 -0.85 16.64
CA ASP T 6 101.19 -0.91 15.99
C ASP T 6 101.97 -2.10 16.52
N PRO T 7 102.66 -2.85 15.65
CA PRO T 7 103.37 -4.05 16.10
C PRO T 7 104.48 -3.69 17.09
N GLU T 8 104.73 -4.60 18.02
CA GLU T 8 105.68 -4.32 19.09
C GLU T 8 107.09 -4.13 18.54
N ASN T 9 107.47 -4.93 17.55
CA ASN T 9 108.76 -4.77 16.87
C ASN T 9 108.55 -4.53 15.38
N PRO T 10 108.63 -3.29 14.92
CA PRO T 10 108.49 -3.03 13.49
C PRO T 10 109.78 -3.29 12.73
N THR T 11 110.42 -4.42 13.02
CA THR T 11 111.63 -4.85 12.34
C THR T 11 111.37 -6.22 11.72
N LYS T 12 110.51 -6.99 12.38
CA LYS T 12 110.08 -8.29 11.88
C LYS T 12 108.62 -8.27 11.44
N SER T 13 108.09 -7.10 11.13
CA SER T 13 106.67 -6.94 10.82
C SER T 13 106.49 -6.25 9.48
N CYS T 14 105.42 -6.61 8.79
CA CYS T 14 105.03 -5.96 7.54
C CYS T 14 103.55 -5.62 7.62
N LYS T 15 103.15 -4.57 6.93
CA LYS T 15 101.79 -4.04 7.03
C LYS T 15 101.13 -4.01 5.66
N SER T 16 99.80 -4.03 5.67
CA SER T 16 99.01 -3.81 4.47
C SER T 16 97.76 -3.03 4.82
N ARG T 17 97.19 -2.40 3.81
CA ARG T 17 95.99 -1.60 4.01
C ARG T 17 95.27 -1.44 2.69
N GLY T 18 94.04 -0.97 2.78
CA GLY T 18 93.26 -0.63 1.60
C GLY T 18 92.07 0.20 2.01
N SER T 19 91.63 1.07 1.11
CA SER T 19 90.54 1.98 1.39
C SER T 19 89.42 1.78 0.38
N ASN T 20 88.19 1.86 0.87
CA ASN T 20 86.99 1.83 0.04
C ASN T 20 86.93 0.55 -0.81
N LEU T 21 87.24 -0.57 -0.19
CA LEU T 21 87.18 -1.85 -0.88
C LEU T 21 85.73 -2.21 -1.20
N ARG T 22 85.53 -2.86 -2.33
CA ARG T 22 84.19 -3.06 -2.87
C ARG T 22 83.60 -4.41 -2.46
N VAL T 23 83.58 -4.64 -1.15
CA VAL T 23 82.90 -5.80 -0.58
C VAL T 23 82.05 -5.39 0.61
N HIS T 24 81.12 -6.27 0.95
CA HIS T 24 80.22 -6.09 2.07
C HIS T 24 81.00 -6.07 3.38
N PHE T 25 80.69 -5.11 4.24
CA PHE T 25 81.43 -4.98 5.50
C PHE T 25 81.23 -6.20 6.38
N LYS T 26 80.01 -6.73 6.45
CA LYS T 26 79.72 -7.84 7.36
C LYS T 26 80.43 -9.11 6.94
N ASN T 27 80.33 -9.47 5.65
CA ASN T 27 80.96 -10.68 5.17
C ASN T 27 82.47 -10.63 5.35
N THR T 28 83.09 -9.50 4.98
CA THR T 28 84.54 -9.41 5.10
C THR T 28 84.98 -9.30 6.55
N ARG T 29 84.15 -8.73 7.42
CA ARG T 29 84.47 -8.73 8.85
C ARG T 29 84.50 -10.15 9.38
N GLU T 30 83.51 -10.95 9.01
CA GLU T 30 83.48 -12.33 9.50
C GLU T 30 84.66 -13.13 8.96
N THR T 31 84.99 -12.95 7.68
CA THR T 31 86.15 -13.66 7.13
C THR T 31 87.44 -13.22 7.79
N ALA T 32 87.58 -11.91 8.06
CA ALA T 32 88.77 -11.42 8.75
C ALA T 32 88.88 -11.99 10.16
N GLN T 33 87.76 -12.06 10.88
CA GLN T 33 87.79 -12.67 12.20
C GLN T 33 88.19 -14.14 12.11
N ALA T 34 87.71 -14.84 11.09
CA ALA T 34 88.12 -16.22 10.90
C ALA T 34 89.61 -16.32 10.64
N ILE T 35 90.18 -15.36 9.92
CA ILE T 35 91.54 -15.51 9.45
C ILE T 35 92.59 -15.06 10.48
N LYS T 36 92.17 -14.37 11.54
CA LYS T 36 93.13 -13.81 12.48
C LYS T 36 93.80 -14.91 13.30
N GLY T 37 95.09 -14.72 13.58
CA GLY T 37 95.79 -15.54 14.55
C GLY T 37 96.34 -16.83 14.03
N MET T 38 96.52 -16.97 12.73
CA MET T 38 96.97 -18.21 12.15
C MET T 38 97.83 -17.92 10.92
N HIS T 39 98.66 -18.89 10.57
CA HIS T 39 99.81 -18.67 9.70
C HIS T 39 99.37 -18.29 8.29
N ILE T 40 100.32 -17.76 7.52
CA ILE T 40 99.97 -17.20 6.21
C ILE T 40 99.66 -18.27 5.19
N ARG T 41 100.42 -19.36 5.15
CA ARG T 41 100.14 -20.35 4.12
C ARG T 41 98.86 -21.10 4.43
N LYS T 42 98.60 -21.37 5.71
CA LYS T 42 97.30 -21.89 6.10
C LYS T 42 96.20 -20.89 5.77
N ALA T 43 96.47 -19.60 5.96
CA ALA T 43 95.50 -18.57 5.60
C ALA T 43 95.14 -18.65 4.13
N THR T 44 96.15 -18.69 3.25
CA THR T 44 95.87 -18.60 1.83
C THR T 44 95.25 -19.90 1.31
N LYS T 45 95.65 -21.06 1.85
CA LYS T 45 94.97 -22.28 1.45
C LYS T 45 93.54 -22.32 1.99
N TYR T 46 93.31 -21.75 3.17
CA TYR T 46 91.96 -21.59 3.68
C TYR T 46 91.13 -20.72 2.76
N LEU T 47 91.70 -19.63 2.27
CA LEU T 47 90.93 -18.74 1.39
C LEU T 47 90.60 -19.43 0.07
N LYS T 48 91.55 -20.17 -0.50
CA LYS T 48 91.22 -20.94 -1.70
C LYS T 48 90.14 -21.97 -1.41
N ASP T 49 90.17 -22.58 -0.23
CA ASP T 49 89.10 -23.50 0.12
C ASP T 49 87.76 -22.79 0.23
N VAL T 50 87.75 -21.58 0.79
CA VAL T 50 86.51 -20.83 0.93
C VAL T 50 85.93 -20.52 -0.45
N THR T 51 86.79 -20.12 -1.39
CA THR T 51 86.28 -19.91 -2.75
C THR T 51 85.85 -21.22 -3.39
N LEU T 52 86.51 -22.32 -3.03
CA LEU T 52 86.19 -23.64 -3.58
C LEU T 52 85.06 -24.34 -2.83
N GLN T 53 84.38 -23.65 -1.90
CA GLN T 53 83.29 -24.16 -1.08
C GLN T 53 83.74 -25.24 -0.11
N LYS T 54 85.03 -25.59 -0.08
CA LYS T 54 85.51 -26.70 0.75
C LYS T 54 85.41 -26.38 2.24
N GLN T 55 85.71 -25.15 2.64
CA GLN T 55 85.64 -24.73 4.03
C GLN T 55 84.91 -23.41 4.11
N CYS T 56 84.04 -23.28 5.10
CA CYS T 56 83.20 -22.10 5.25
C CYS T 56 83.76 -21.18 6.33
N VAL T 57 83.32 -19.92 6.28
CA VAL T 57 83.65 -18.97 7.34
C VAL T 57 82.52 -18.99 8.37
N PRO T 58 82.84 -19.15 9.66
CA PRO T 58 81.78 -19.18 10.68
C PRO T 58 81.20 -17.78 10.92
N PHE T 59 79.94 -17.61 10.56
CA PHE T 59 79.27 -16.31 10.68
C PHE T 59 78.77 -16.14 12.10
N ARG T 60 79.53 -15.43 12.91
CA ARG T 60 79.28 -15.34 14.35
C ARG T 60 78.41 -14.16 14.75
N ARG T 61 78.72 -12.96 14.28
CA ARG T 61 78.01 -11.77 14.72
C ARG T 61 76.91 -11.34 13.76
N TYR T 62 77.25 -11.09 12.50
CA TYR T 62 76.28 -10.67 11.49
C TYR T 62 75.65 -11.89 10.82
N ASN T 63 74.90 -12.64 11.62
CA ASN T 63 74.43 -13.96 11.23
C ASN T 63 72.92 -14.04 11.07
N GLY T 64 72.23 -12.90 11.04
CA GLY T 64 70.79 -12.93 10.94
C GLY T 64 70.30 -13.47 9.62
N GLY T 65 69.74 -14.67 9.64
CA GLY T 65 69.27 -15.32 8.44
C GLY T 65 70.30 -16.15 7.72
N VAL T 66 71.54 -16.20 8.21
CA VAL T 66 72.58 -16.99 7.55
C VAL T 66 72.30 -18.47 7.76
N GLY T 67 72.22 -19.21 6.66
CA GLY T 67 71.86 -20.61 6.74
C GLY T 67 72.94 -21.45 7.38
N ARG T 68 72.52 -22.59 7.92
CA ARG T 68 73.43 -23.53 8.54
C ARG T 68 74.22 -24.28 7.48
N CYS T 69 75.32 -24.90 7.90
CA CYS T 69 76.13 -25.68 6.99
C CYS T 69 76.89 -26.74 7.77
N ALA T 70 77.31 -27.78 7.04
CA ALA T 70 78.04 -28.87 7.67
C ALA T 70 79.48 -28.48 7.99
N GLN T 71 80.07 -27.58 7.21
CA GLN T 71 81.46 -27.24 7.39
C GLN T 71 81.71 -26.28 8.55
N ALA T 72 80.65 -25.69 9.11
CA ALA T 72 80.83 -24.83 10.27
C ALA T 72 81.06 -25.64 11.54
N LYS T 73 80.82 -26.95 11.50
CA LYS T 73 81.06 -27.78 12.68
C LYS T 73 82.55 -27.90 13.00
N GLN T 74 83.43 -27.52 12.07
CA GLN T 74 84.85 -27.48 12.39
C GLN T 74 85.12 -26.49 13.52
N TRP T 75 84.48 -25.33 13.45
CA TRP T 75 84.44 -24.41 14.58
C TRP T 75 83.33 -24.83 15.53
N GLY T 76 83.28 -24.17 16.68
CA GLY T 76 82.21 -24.44 17.62
C GLY T 76 80.95 -23.68 17.26
N TRP T 77 80.60 -23.69 15.99
CA TRP T 77 79.53 -22.85 15.48
C TRP T 77 78.71 -23.64 14.48
N THR T 78 77.66 -23.03 14.01
CA THR T 78 76.76 -23.74 13.12
C THR T 78 76.50 -23.00 11.82
N GLN T 79 76.42 -21.68 11.85
CA GLN T 79 76.15 -20.90 10.65
C GLN T 79 77.44 -20.62 9.89
N GLY T 80 77.33 -20.51 8.57
CA GLY T 80 78.48 -20.19 7.76
C GLY T 80 78.11 -20.01 6.31
N ARG T 81 78.95 -19.24 5.61
CA ARG T 81 78.82 -19.04 4.17
C ARG T 81 80.21 -19.12 3.56
N TRP T 82 80.27 -18.91 2.25
CA TRP T 82 81.53 -18.95 1.49
C TRP T 82 81.62 -17.71 0.61
N PRO T 83 81.86 -16.54 1.20
CA PRO T 83 81.97 -15.34 0.37
C PRO T 83 83.19 -15.39 -0.52
N LYS T 84 83.01 -15.16 -1.83
CA LYS T 84 84.13 -15.23 -2.75
C LYS T 84 84.81 -13.86 -2.90
N LYS T 85 84.02 -12.78 -2.91
CA LYS T 85 84.60 -11.47 -3.20
C LYS T 85 85.48 -10.99 -2.05
N SER T 86 84.98 -11.11 -0.81
CA SER T 86 85.80 -10.77 0.34
C SER T 86 87.00 -11.70 0.43
N ALA T 87 86.82 -12.96 0.07
CA ALA T 87 87.92 -13.91 0.06
C ALA T 87 89.03 -13.46 -0.89
N GLU T 88 88.67 -13.08 -2.11
CA GLU T 88 89.71 -12.72 -3.06
C GLU T 88 90.33 -11.38 -2.72
N PHE T 89 89.57 -10.45 -2.14
CA PHE T 89 90.18 -9.19 -1.71
C PHE T 89 91.20 -9.42 -0.61
N LEU T 90 90.83 -10.21 0.41
CA LEU T 90 91.76 -10.49 1.49
C LEU T 90 92.98 -11.26 0.98
N LEU T 91 92.77 -12.19 0.05
CA LEU T 91 93.90 -12.92 -0.51
C LEU T 91 94.82 -12.00 -1.29
N HIS T 92 94.25 -11.06 -2.05
CA HIS T 92 95.06 -10.14 -2.82
C HIS T 92 95.91 -9.26 -1.91
N MET T 93 95.32 -8.75 -0.83
CA MET T 93 96.14 -7.95 0.06
C MET T 93 97.06 -8.82 0.92
N LEU T 94 96.80 -10.12 1.01
CA LEU T 94 97.81 -11.03 1.58
C LEU T 94 99.03 -11.14 0.67
N LYS T 95 98.80 -11.22 -0.65
CA LYS T 95 99.92 -11.20 -1.58
C LYS T 95 100.69 -9.88 -1.46
N ASN T 96 99.96 -8.78 -1.33
CA ASN T 96 100.61 -7.50 -1.08
C ASN T 96 101.44 -7.53 0.19
N ALA T 97 100.91 -8.14 1.26
CA ALA T 97 101.64 -8.19 2.52
C ALA T 97 102.90 -9.00 2.41
N GLU T 98 102.84 -10.16 1.74
CA GLU T 98 104.04 -10.97 1.64
C GLU T 98 105.09 -10.32 0.74
N SER T 99 104.65 -9.59 -0.29
CA SER T 99 105.62 -8.83 -1.09
C SER T 99 106.26 -7.73 -0.24
N ASN T 100 105.48 -7.09 0.62
CA ASN T 100 106.04 -6.11 1.55
C ASN T 100 107.04 -6.77 2.50
N ALA T 101 106.73 -7.99 2.95
CA ALA T 101 107.61 -8.67 3.88
C ALA T 101 108.94 -9.02 3.23
N GLU T 102 108.91 -9.56 2.01
CA GLU T 102 110.16 -9.86 1.33
C GLU T 102 110.87 -8.59 0.88
N LEU T 103 110.15 -7.47 0.80
CA LEU T 103 110.80 -6.19 0.56
C LEU T 103 111.68 -5.80 1.73
N LYS T 104 111.24 -6.06 2.96
CA LYS T 104 112.00 -5.67 4.13
C LYS T 104 113.02 -6.71 4.58
N GLY T 105 113.28 -7.72 3.75
CA GLY T 105 114.33 -8.69 4.05
C GLY T 105 114.07 -9.59 5.23
N LEU T 106 112.86 -10.12 5.36
CA LEU T 106 112.54 -11.10 6.39
C LEU T 106 111.86 -12.30 5.74
N ASP T 107 112.17 -13.49 6.24
CA ASP T 107 111.71 -14.71 5.61
C ASP T 107 110.18 -14.82 5.66
N VAL T 108 109.60 -15.26 4.55
CA VAL T 108 108.15 -15.28 4.39
C VAL T 108 107.57 -16.67 4.62
N ASP T 109 108.31 -17.54 5.31
CA ASP T 109 107.79 -18.84 5.71
C ASP T 109 107.37 -18.87 7.17
N SER T 110 107.45 -17.73 7.86
CA SER T 110 107.14 -17.68 9.29
C SER T 110 106.33 -16.45 9.64
N LEU T 111 105.36 -16.08 8.82
CA LEU T 111 104.51 -14.93 9.11
C LEU T 111 103.14 -15.39 9.59
N VAL T 112 102.61 -14.67 10.58
CA VAL T 112 101.27 -14.90 11.08
C VAL T 112 100.55 -13.57 11.12
N ILE T 113 99.27 -13.57 10.76
CA ILE T 113 98.44 -12.38 10.80
C ILE T 113 98.01 -12.17 12.25
N GLU T 114 98.63 -11.20 12.91
CA GLU T 114 98.38 -10.95 14.32
C GLU T 114 97.41 -9.82 14.58
N HIS T 115 97.29 -8.87 13.65
CA HIS T 115 96.31 -7.80 13.74
C HIS T 115 95.54 -7.73 12.43
N ILE T 116 94.22 -7.79 12.51
CA ILE T 116 93.34 -7.60 11.36
C ILE T 116 92.19 -6.72 11.82
N GLN T 117 91.73 -5.85 10.93
CA GLN T 117 90.66 -4.93 11.28
C GLN T 117 89.94 -4.49 10.02
N VAL T 118 88.62 -4.42 10.11
CA VAL T 118 87.78 -4.00 9.00
C VAL T 118 86.93 -2.83 9.48
N ASN T 119 87.06 -1.69 8.81
CA ASN T 119 86.34 -0.49 9.17
C ASN T 119 85.23 -0.26 8.15
N LYS T 120 84.32 0.66 8.47
CA LYS T 120 83.28 1.03 7.52
C LYS T 120 83.72 2.25 6.69
N ALA T 121 83.91 2.02 5.42
CA ALA T 121 84.13 3.08 4.46
C ALA T 121 82.84 3.83 4.20
N PRO T 122 82.92 5.09 3.77
CA PRO T 122 81.68 5.85 3.53
C PRO T 122 80.81 5.20 2.46
N LYS T 123 79.51 5.20 2.72
CA LYS T 123 78.58 4.50 1.85
C LYS T 123 78.36 5.28 0.56
N MET T 124 78.54 4.60 -0.57
CA MET T 124 78.17 5.19 -1.84
C MET T 124 76.68 5.01 -2.06
N ARG T 125 76.08 5.98 -2.76
CA ARG T 125 74.64 6.04 -2.89
C ARG T 125 74.16 5.42 -4.20
N ARG T 126 72.99 4.81 -4.15
CA ARG T 126 72.24 4.39 -5.32
C ARG T 126 70.77 4.55 -5.01
N ARG T 127 69.91 4.14 -5.95
CA ARG T 127 68.51 4.56 -5.89
C ARG T 127 67.63 3.44 -6.41
N THR T 128 66.46 3.27 -5.79
CA THR T 128 65.59 2.16 -6.10
C THR T 128 64.13 2.58 -6.01
N TYR T 129 63.34 2.13 -6.98
CA TYR T 129 61.99 2.61 -7.19
C TYR T 129 60.98 1.62 -6.64
N ARG T 130 60.05 2.13 -5.83
CA ARG T 130 59.12 1.32 -5.07
C ARG T 130 57.70 1.49 -5.61
N ALA T 131 56.73 0.92 -4.88
CA ALA T 131 55.42 0.66 -5.45
C ALA T 131 54.64 1.92 -5.77
N HIS T 132 54.54 2.85 -4.83
CA HIS T 132 53.60 3.96 -4.98
C HIS T 132 54.30 5.23 -5.41
N GLY T 133 55.30 5.12 -6.28
CA GLY T 133 56.06 6.29 -6.65
C GLY T 133 57.02 6.74 -5.58
N ARG T 134 57.20 5.94 -4.53
CA ARG T 134 58.14 6.26 -3.47
C ARG T 134 59.52 5.81 -3.87
N ILE T 135 60.53 6.48 -3.33
CA ILE T 135 61.92 6.19 -3.60
C ILE T 135 62.55 5.69 -2.32
N ASN T 136 63.56 4.83 -2.44
CA ASN T 136 64.25 4.35 -1.26
C ASN T 136 65.72 4.14 -1.56
N PRO T 137 66.58 4.32 -0.56
CA PRO T 137 68.02 4.19 -0.77
C PRO T 137 68.42 2.80 -1.20
N TYR T 138 69.54 2.74 -1.93
CA TYR T 138 70.17 1.51 -2.38
C TYR T 138 71.67 1.58 -2.08
N MET T 139 71.99 1.97 -0.86
CA MET T 139 73.36 2.27 -0.49
C MET T 139 74.26 1.06 -0.60
N SER T 140 75.52 1.29 -0.90
CA SER T 140 76.55 0.27 -0.80
C SER T 140 77.26 0.39 0.54
N SER T 141 77.90 -0.68 0.96
CA SER T 141 78.57 -0.75 2.25
C SER T 141 80.01 -1.19 2.04
N PRO T 142 80.87 -0.28 1.59
CA PRO T 142 82.28 -0.64 1.40
C PRO T 142 83.01 -0.76 2.73
N CYS T 143 84.31 -0.98 2.71
CA CYS T 143 85.03 -1.23 3.94
C CYS T 143 86.50 -0.92 3.77
N HIS T 144 87.11 -0.40 4.84
CA HIS T 144 88.56 -0.28 4.93
C HIS T 144 89.15 -1.56 5.49
N ILE T 145 90.25 -2.00 4.90
CA ILE T 145 90.94 -3.21 5.34
C ILE T 145 92.33 -2.84 5.80
N GLU T 146 92.83 -3.53 6.81
CA GLU T 146 94.05 -3.18 7.50
C GLU T 146 94.56 -4.40 8.23
N MET T 147 95.85 -4.71 8.07
CA MET T 147 96.40 -5.84 8.81
C MET T 147 97.90 -5.69 8.96
N ILE T 148 98.42 -6.37 9.97
CA ILE T 148 99.84 -6.38 10.31
C ILE T 148 100.27 -7.82 10.47
N LEU T 149 101.41 -8.17 9.89
CA LEU T 149 101.98 -9.51 9.97
C LEU T 149 103.19 -9.47 10.88
N THR T 150 103.47 -10.59 11.53
CA THR T 150 104.64 -10.70 12.40
C THR T 150 105.41 -11.98 12.10
N GLU T 151 106.72 -11.89 12.28
CA GLU T 151 107.61 -13.04 12.06
C GLU T 151 107.67 -13.86 13.34
N LYS T 152 107.07 -15.04 13.31
CA LYS T 152 107.10 -15.97 14.43
C LYS T 152 107.12 -17.38 13.88
N GLU T 153 107.86 -18.26 14.54
CA GLU T 153 107.94 -19.66 14.12
C GLU T 153 108.03 -20.58 15.33
N GLY U 1 55.77 15.89 64.01
CA GLY U 1 55.25 17.09 63.37
C GLY U 1 54.70 18.09 64.37
N VAL U 2 54.87 19.37 64.07
CA VAL U 2 54.45 20.44 64.95
C VAL U 2 53.25 21.15 64.32
N ASP U 3 52.35 21.64 65.18
CA ASP U 3 51.11 22.26 64.73
C ASP U 3 51.22 23.78 64.72
N ILE U 4 52.07 24.30 63.83
CA ILE U 4 52.21 25.73 63.63
C ILE U 4 51.93 26.06 62.17
N ARG U 5 51.83 27.37 61.90
CA ARG U 5 51.61 27.90 60.57
C ARG U 5 52.75 28.83 60.22
N HIS U 6 53.30 28.69 59.02
CA HIS U 6 54.49 29.44 58.62
C HIS U 6 54.19 30.57 57.65
N ASN U 7 52.91 30.87 57.41
CA ASN U 7 52.57 31.90 56.46
C ASN U 7 52.89 33.31 56.98
N LYS U 8 53.04 33.48 58.30
CA LYS U 8 53.33 34.79 58.88
C LYS U 8 54.63 34.79 59.67
N ASP U 9 55.47 33.76 59.53
CA ASP U 9 56.75 33.75 60.22
C ASP U 9 57.66 34.86 59.72
N ARG U 10 57.67 35.10 58.42
CA ARG U 10 58.49 36.16 57.83
C ARG U 10 57.85 37.51 58.14
N LYS U 11 58.58 38.35 58.87
CA LYS U 11 58.10 39.68 59.21
C LYS U 11 58.58 40.66 58.15
N VAL U 12 57.65 41.17 57.35
CA VAL U 12 57.98 42.06 56.24
C VAL U 12 58.27 43.43 56.80
N ARG U 13 59.54 43.85 56.77
CA ARG U 13 59.92 45.16 57.30
C ARG U 13 61.24 45.56 56.67
N ARG U 14 61.52 46.85 56.73
CA ARG U 14 62.76 47.40 56.20
C ARG U 14 63.86 47.24 57.24
N LYS U 15 64.79 46.33 56.96
CA LYS U 15 65.95 46.13 57.82
C LYS U 15 67.11 47.04 57.47
N GLU U 16 67.20 47.47 56.21
CA GLU U 16 68.32 48.24 55.69
C GLU U 16 67.76 49.12 54.58
N PRO U 17 68.18 50.38 54.47
CA PRO U 17 67.63 51.24 53.42
C PRO U 17 68.05 50.73 52.06
N LYS U 18 67.07 50.33 51.26
CA LYS U 18 67.38 49.74 49.97
C LYS U 18 67.99 50.74 49.00
N SER U 19 67.96 52.03 49.32
CA SER U 19 68.73 53.02 48.59
C SER U 19 70.21 52.75 48.76
N GLN U 20 70.97 53.01 47.69
CA GLN U 20 72.42 52.85 47.71
C GLN U 20 73.13 54.16 48.00
N ASP U 21 72.38 55.21 48.33
CA ASP U 21 72.94 56.51 48.66
C ASP U 21 73.93 56.40 49.80
N ILE U 22 75.23 56.57 49.51
CA ILE U 22 76.24 56.24 50.51
C ILE U 22 76.14 57.15 51.72
N TYR U 23 75.80 58.43 51.52
CA TYR U 23 75.68 59.33 52.66
C TYR U 23 74.58 58.87 53.60
N LEU U 24 73.43 58.49 53.06
CA LEU U 24 72.36 57.95 53.88
C LEU U 24 72.79 56.66 54.57
N ARG U 25 73.71 55.91 53.97
CA ARG U 25 74.22 54.73 54.66
C ARG U 25 75.15 55.10 55.80
N LEU U 26 75.91 56.19 55.68
CA LEU U 26 76.62 56.69 56.86
C LEU U 26 75.64 57.08 57.94
N LEU U 27 74.53 57.72 57.55
CA LEU U 27 73.54 58.13 58.54
C LEU U 27 72.94 56.91 59.25
N VAL U 28 72.56 55.89 58.48
CA VAL U 28 71.93 54.73 59.11
C VAL U 28 72.95 53.97 59.95
N LYS U 29 74.22 53.97 59.53
CA LYS U 29 75.27 53.37 60.34
C LYS U 29 75.41 54.08 61.68
N LEU U 30 75.49 55.41 61.63
CA LEU U 30 75.65 56.21 62.84
C LEU U 30 74.46 56.02 63.78
N TYR U 31 73.25 56.12 63.24
CA TYR U 31 72.09 56.04 64.12
C TYR U 31 71.80 54.62 64.56
N ARG U 32 72.20 53.62 63.78
CA ARG U 32 72.13 52.25 64.24
C ARG U 32 73.01 52.08 65.47
N PHE U 33 74.23 52.62 65.41
CA PHE U 33 75.11 52.57 66.58
C PHE U 33 74.49 53.34 67.76
N LEU U 34 73.92 54.51 67.47
CA LEU U 34 73.36 55.33 68.53
C LEU U 34 72.23 54.63 69.25
N ALA U 35 71.23 54.13 68.52
CA ALA U 35 70.11 53.48 69.17
C ALA U 35 70.52 52.14 69.78
N ARG U 36 71.50 51.45 69.20
CA ARG U 36 71.97 50.22 69.81
C ARG U 36 72.62 50.48 71.15
N ARG U 37 73.38 51.58 71.28
CA ARG U 37 74.12 51.83 72.49
C ARG U 37 73.47 52.87 73.39
N THR U 38 72.23 53.29 73.11
CA THR U 38 71.50 54.18 73.99
C THR U 38 70.09 53.62 74.19
N ASN U 39 69.42 54.16 75.20
CA ASN U 39 68.05 53.77 75.52
C ASN U 39 67.01 54.65 74.85
N SER U 40 67.43 55.61 74.01
CA SER U 40 66.50 56.58 73.44
C SER U 40 65.64 55.92 72.38
N THR U 41 64.33 55.87 72.64
CA THR U 41 63.39 55.40 71.63
C THR U 41 63.40 56.31 70.41
N PHE U 42 63.69 57.59 70.61
CA PHE U 42 63.78 58.54 69.50
C PHE U 42 64.78 58.09 68.45
N ASN U 43 65.92 57.55 68.89
CA ASN U 43 66.93 57.13 67.94
C ASN U 43 66.45 55.93 67.12
N GLN U 44 65.75 54.99 67.76
CA GLN U 44 65.18 53.88 67.01
C GLN U 44 64.16 54.37 65.99
N VAL U 45 63.31 55.32 66.39
CA VAL U 45 62.32 55.86 65.46
C VAL U 45 63.02 56.56 64.30
N VAL U 46 64.13 57.25 64.59
CA VAL U 46 64.85 57.96 63.53
C VAL U 46 65.45 56.97 62.54
N LEU U 47 66.15 55.94 63.03
CA LEU U 47 66.82 55.03 62.10
C LEU U 47 65.81 54.21 61.33
N LYS U 48 64.70 53.85 61.97
CA LYS U 48 63.63 53.20 61.24
C LYS U 48 63.07 54.13 60.17
N ARG U 49 62.97 55.42 60.49
CA ARG U 49 62.49 56.39 59.52
C ARG U 49 63.52 56.68 58.44
N LEU U 50 64.77 56.31 58.65
CA LEU U 50 65.75 56.36 57.58
C LEU U 50 65.62 55.17 56.64
N PHE U 51 64.92 54.12 57.07
CA PHE U 51 64.72 52.95 56.23
C PHE U 51 63.50 53.07 55.33
N MET U 52 62.71 54.14 55.49
CA MET U 52 61.49 54.30 54.72
C MET U 52 61.79 54.42 53.24
N SER U 53 60.73 54.34 52.44
CA SER U 53 60.83 54.71 51.04
C SER U 53 60.65 56.21 50.91
N ARG U 54 60.69 56.71 49.67
CA ARG U 54 60.40 58.12 49.47
C ARG U 54 58.93 58.42 49.68
N THR U 55 58.05 57.51 49.22
CA THR U 55 56.62 57.68 49.46
C THR U 55 56.27 57.58 50.93
N ASN U 56 57.11 56.92 51.72
CA ASN U 56 56.93 56.81 53.16
C ASN U 56 57.66 57.91 53.90
N ARG U 57 58.31 58.83 53.18
CA ARG U 57 58.95 60.01 53.77
C ARG U 57 58.39 61.22 53.05
N PRO U 58 57.16 61.63 53.37
CA PRO U 58 56.54 62.72 52.64
C PRO U 58 57.22 64.04 52.93
N PRO U 59 57.19 64.98 51.99
CA PRO U 59 57.80 66.30 52.23
C PRO U 59 56.99 67.09 53.25
N LEU U 60 57.70 67.64 54.23
CA LEU U 60 57.09 68.45 55.27
C LEU U 60 57.08 69.91 54.83
N SER U 61 55.89 70.46 54.62
CA SER U 61 55.76 71.85 54.21
C SER U 61 56.18 72.77 55.35
N LEU U 62 56.73 73.92 54.97
CA LEU U 62 57.19 74.89 55.97
C LEU U 62 56.02 75.43 56.78
N SER U 63 54.85 75.59 56.15
CA SER U 63 53.68 76.07 56.87
C SER U 63 53.25 75.06 57.93
N ARG U 64 53.22 73.77 57.59
CA ARG U 64 52.88 72.75 58.57
C ARG U 64 53.92 72.71 59.69
N MET U 65 55.19 72.88 59.35
CA MET U 65 56.24 72.84 60.35
C MET U 65 56.12 74.01 61.33
N ILE U 66 55.89 75.22 60.82
CA ILE U 66 55.75 76.36 61.72
C ILE U 66 54.43 76.29 62.47
N ARG U 67 53.43 75.62 61.91
CA ARG U 67 52.18 75.42 62.63
C ARG U 67 52.36 74.46 63.78
N LYS U 68 53.21 73.44 63.59
CA LYS U 68 53.42 72.45 64.65
C LYS U 68 54.37 72.96 65.72
N MET U 69 55.37 73.76 65.34
CA MET U 69 56.25 74.31 66.37
C MET U 69 55.56 75.39 67.19
N LYS U 70 54.56 76.04 66.61
CA LYS U 70 53.85 77.12 67.28
C LYS U 70 53.03 76.63 68.46
N LEU U 71 52.81 75.32 68.56
CA LEU U 71 52.06 74.75 69.67
C LEU U 71 52.78 75.05 70.99
N PRO U 72 52.03 75.31 72.06
CA PRO U 72 52.64 75.78 73.31
C PRO U 72 53.60 74.76 73.90
N GLY U 73 54.66 75.28 74.51
CA GLY U 73 55.67 74.45 75.14
C GLY U 73 56.75 73.94 74.22
N ARG U 74 56.73 74.32 72.94
CA ARG U 74 57.72 73.84 71.98
C ARG U 74 58.74 74.91 71.63
N GLU U 75 58.77 76.02 72.37
CA GLU U 75 59.76 77.05 72.13
C GLU U 75 61.14 76.52 72.49
N ASN U 76 62.14 76.93 71.70
CA ASN U 76 63.53 76.53 71.88
C ASN U 76 63.71 75.01 71.83
N LYS U 77 62.89 74.35 71.03
CA LYS U 77 63.04 72.92 70.78
C LYS U 77 63.49 72.69 69.35
N THR U 78 64.24 71.61 69.15
CA THR U 78 64.79 71.29 67.84
C THR U 78 63.76 70.50 67.05
N ALA U 79 63.01 71.17 66.20
CA ALA U 79 62.08 70.47 65.32
C ALA U 79 62.87 69.67 64.30
N VAL U 80 62.59 68.38 64.21
CA VAL U 80 63.38 67.46 63.39
C VAL U 80 62.44 66.63 62.54
N VAL U 81 62.77 66.50 61.25
CA VAL U 81 62.00 65.69 60.32
C VAL U 81 62.97 64.99 59.38
N VAL U 82 62.74 63.71 59.14
CA VAL U 82 63.47 62.98 58.11
C VAL U 82 62.72 63.16 56.79
N GLY U 83 63.46 63.48 55.73
CA GLY U 83 62.87 63.84 54.47
C GLY U 83 63.17 65.28 54.11
N THR U 84 62.34 65.83 53.24
CA THR U 84 62.59 67.16 52.67
C THR U 84 61.64 68.17 53.29
N ILE U 85 62.21 69.27 53.78
CA ILE U 85 61.42 70.44 54.14
C ILE U 85 61.22 71.25 52.87
N THR U 86 59.97 71.53 52.54
CA THR U 86 59.64 72.24 51.31
C THR U 86 59.02 73.58 51.65
N ASP U 87 59.26 74.57 50.79
CA ASP U 87 58.86 75.94 51.06
C ASP U 87 57.38 76.14 50.75
N ASP U 88 56.68 76.78 51.67
CA ASP U 88 55.28 77.13 51.49
C ASP U 88 55.17 78.64 51.30
N VAL U 89 54.76 79.05 50.09
CA VAL U 89 54.65 80.48 49.79
C VAL U 89 53.36 81.09 50.28
N ARG U 90 52.44 80.27 50.81
CA ARG U 90 51.17 80.80 51.31
C ARG U 90 51.34 81.53 52.64
N VAL U 91 52.41 81.25 53.38
CA VAL U 91 52.67 81.89 54.66
C VAL U 91 53.57 83.09 54.41
N GLN U 92 53.41 84.14 55.22
CA GLN U 92 54.18 85.37 55.04
C GLN U 92 55.36 85.46 55.99
N GLU U 93 55.11 85.41 57.29
CA GLU U 93 56.14 85.65 58.29
C GLU U 93 56.67 84.33 58.83
N VAL U 94 58.00 84.19 58.81
CA VAL U 94 58.67 82.97 59.26
C VAL U 94 59.31 83.24 60.61
N PRO U 95 58.95 82.51 61.65
CA PRO U 95 59.57 82.72 62.97
C PRO U 95 60.94 82.05 63.03
N LYS U 96 61.57 82.17 64.20
CA LYS U 96 62.90 81.64 64.39
C LYS U 96 62.82 80.15 64.68
N LEU U 97 63.41 79.34 63.81
CA LEU U 97 63.36 77.88 63.90
C LEU U 97 64.75 77.29 63.93
N LYS U 98 64.97 76.37 64.86
CA LYS U 98 66.15 75.50 64.88
C LYS U 98 65.69 74.16 64.34
N VAL U 99 65.74 73.99 63.03
CA VAL U 99 65.14 72.83 62.39
C VAL U 99 66.24 71.94 61.81
N CYS U 100 65.95 70.65 61.74
CA CYS U 100 66.89 69.67 61.23
C CYS U 100 66.17 68.73 60.29
N ALA U 101 66.81 68.44 59.15
CA ALA U 101 66.15 67.63 58.14
C ALA U 101 67.17 66.89 57.30
N LEU U 102 66.69 65.84 56.65
CA LEU U 102 67.50 65.11 55.68
C LEU U 102 67.84 66.00 54.49
N ARG U 103 66.84 66.68 53.95
CA ARG U 103 67.03 67.64 52.88
C ARG U 103 66.19 68.88 53.16
N VAL U 104 66.65 70.02 52.64
CA VAL U 104 65.93 71.27 52.70
C VAL U 104 65.91 71.86 51.30
N THR U 105 64.74 72.32 50.86
CA THR U 105 64.64 73.01 49.59
C THR U 105 65.41 74.33 49.67
N SER U 106 65.97 74.76 48.54
CA SER U 106 66.81 75.96 48.53
C SER U 106 66.04 77.20 48.99
N ARG U 107 64.82 77.40 48.49
CA ARG U 107 64.08 78.60 48.87
C ARG U 107 63.67 78.55 50.33
N ALA U 108 63.23 77.37 50.80
CA ALA U 108 62.90 77.22 52.21
C ALA U 108 64.12 77.48 53.08
N ARG U 109 65.29 76.99 52.65
CA ARG U 109 66.52 77.19 53.41
C ARG U 109 66.88 78.67 53.48
N SER U 110 66.83 79.36 52.35
CA SER U 110 67.15 80.79 52.37
C SER U 110 66.16 81.56 53.22
N ARG U 111 64.87 81.20 53.15
CA ARG U 111 63.87 81.88 53.95
C ARG U 111 64.09 81.65 55.43
N ILE U 112 64.44 80.42 55.82
CA ILE U 112 64.57 80.14 57.24
C ILE U 112 65.87 80.69 57.80
N LEU U 113 66.93 80.77 57.01
CA LEU U 113 68.13 81.44 57.51
C LEU U 113 67.95 82.94 57.57
N ARG U 114 67.16 83.50 56.65
CA ARG U 114 66.85 84.93 56.70
C ARG U 114 66.01 85.26 57.94
N ALA U 115 65.25 84.30 58.44
CA ALA U 115 64.41 84.52 59.62
C ALA U 115 65.17 84.35 60.93
N GLY U 116 66.50 84.40 60.90
CA GLY U 116 67.25 84.19 62.12
C GLY U 116 67.25 82.76 62.60
N GLY U 117 66.97 81.82 61.72
CA GLY U 117 66.90 80.42 62.10
C GLY U 117 68.21 79.69 61.93
N LYS U 118 68.13 78.37 62.04
CA LYS U 118 69.27 77.49 61.98
C LYS U 118 68.86 76.20 61.28
N ILE U 119 69.64 75.80 60.28
CA ILE U 119 69.42 74.56 59.56
C ILE U 119 70.48 73.57 60.02
N LEU U 120 70.04 72.38 60.38
CA LEU U 120 70.88 71.39 61.03
C LEU U 120 70.79 70.08 60.27
N THR U 121 71.90 69.37 60.16
CA THR U 121 71.89 68.05 59.57
C THR U 121 71.75 66.99 60.66
N PHE U 122 71.49 65.76 60.22
CA PHE U 122 71.31 64.67 61.18
C PHE U 122 72.58 64.37 61.97
N ASP U 123 73.75 64.41 61.32
CA ASP U 123 74.99 64.23 62.07
C ASP U 123 75.19 65.38 63.05
N GLN U 124 74.88 66.61 62.63
CA GLN U 124 74.98 67.75 63.52
C GLN U 124 74.01 67.62 64.68
N LEU U 125 72.82 67.08 64.43
CA LEU U 125 71.85 66.90 65.50
C LEU U 125 72.30 65.81 66.46
N ALA U 126 72.91 64.75 65.94
CA ALA U 126 73.47 63.73 66.82
C ALA U 126 74.57 64.33 67.68
N LEU U 127 75.38 65.22 67.11
CA LEU U 127 76.41 65.91 67.88
C LEU U 127 75.79 66.77 68.98
N ASP U 128 74.71 67.48 68.64
CA ASP U 128 74.09 68.38 69.61
C ASP U 128 73.42 67.60 70.73
N SER U 129 72.63 66.60 70.39
CA SER U 129 71.87 65.83 71.38
C SER U 129 71.75 64.39 70.89
N PRO U 130 72.63 63.52 71.33
CA PRO U 130 72.56 62.11 70.89
C PRO U 130 71.27 61.42 71.28
N LYS U 131 70.69 61.77 72.42
CA LYS U 131 69.52 61.08 72.96
C LYS U 131 68.21 61.70 72.50
N GLY U 132 68.24 62.72 71.65
CA GLY U 132 67.02 63.38 71.23
C GLY U 132 66.40 64.26 72.27
N CYS U 133 67.19 64.73 73.23
CA CYS U 133 66.69 65.67 74.23
C CYS U 133 66.20 66.96 73.57
N GLY U 134 65.00 67.38 73.94
CA GLY U 134 64.46 68.64 73.47
C GLY U 134 64.20 68.70 71.98
N THR U 135 63.68 67.63 71.41
CA THR U 135 63.34 67.58 69.99
C THR U 135 61.83 67.40 69.84
N VAL U 136 61.32 67.84 68.70
CA VAL U 136 59.96 67.53 68.28
C VAL U 136 60.06 66.85 66.94
N LEU U 137 59.71 65.57 66.89
CA LEU U 137 59.85 64.77 65.68
C LEU U 137 58.57 64.86 64.86
N LEU U 138 58.67 65.47 63.68
CA LEU U 138 57.52 65.73 62.83
C LEU U 138 57.63 64.93 61.56
N SER U 139 56.52 64.86 60.83
CA SER U 139 56.47 64.18 59.54
C SER U 139 55.54 64.93 58.62
N GLY U 140 55.75 64.76 57.33
CA GLY U 140 54.86 65.33 56.34
C GLY U 140 53.55 64.57 56.33
N PRO U 141 52.55 65.09 55.64
CA PRO U 141 51.26 64.39 55.57
C PRO U 141 51.39 63.13 54.75
N ARG U 142 51.42 61.98 55.42
CA ARG U 142 51.65 60.71 54.74
C ARG U 142 50.57 60.39 53.75
N LYS U 143 49.35 60.89 53.95
CA LYS U 143 48.24 60.59 53.06
C LYS U 143 47.87 61.77 52.17
N GLY U 144 48.76 62.74 52.04
CA GLY U 144 48.51 63.85 51.14
C GLY U 144 49.05 63.63 49.75
N ARG U 145 48.53 62.62 49.06
CA ARG U 145 48.98 62.32 47.70
C ARG U 145 47.81 61.85 46.87
N GLU U 146 48.07 61.62 45.59
CA GLU U 146 46.99 61.36 44.65
C GLU U 146 46.51 59.92 44.72
N VAL U 147 47.43 58.97 44.92
CA VAL U 147 47.04 57.56 44.83
C VAL U 147 46.08 57.18 45.93
N TYR U 148 46.09 57.91 47.05
CA TYR U 148 45.17 57.58 48.14
C TYR U 148 43.75 58.02 47.83
N ARG U 149 43.58 59.00 46.94
CA ARG U 149 42.24 59.35 46.50
C ARG U 149 41.61 58.20 45.74
N HIS U 150 42.40 57.46 44.98
CA HIS U 150 41.87 56.31 44.24
C HIS U 150 41.58 55.13 45.15
N PHE U 151 42.34 55.00 46.24
CA PHE U 151 42.24 53.82 47.07
C PHE U 151 40.99 53.89 47.96
N GLY U 152 40.63 52.74 48.51
CA GLY U 152 39.44 52.64 49.31
C GLY U 152 38.40 51.74 48.67
N LYS U 153 37.13 52.00 48.93
CA LYS U 153 36.06 51.21 48.32
C LYS U 153 36.03 51.45 46.81
N ALA U 154 35.47 50.47 46.10
CA ALA U 154 35.38 50.58 44.65
C ALA U 154 34.49 51.76 44.27
N PRO U 155 34.80 52.44 43.17
CA PRO U 155 33.99 53.60 42.77
C PRO U 155 32.54 53.26 42.51
N GLY U 156 32.25 52.07 41.97
CA GLY U 156 30.90 51.72 41.60
C GLY U 156 30.13 51.00 42.69
N THR U 157 30.30 51.44 43.93
CA THR U 157 29.56 50.89 45.06
C THR U 157 28.94 52.03 45.84
N PRO U 158 27.81 51.78 46.50
CA PRO U 158 27.18 52.84 47.31
C PRO U 158 28.09 53.27 48.46
N HIS U 159 27.96 54.54 48.82
CA HIS U 159 28.70 55.13 49.95
C HIS U 159 30.20 55.06 49.73
N SER U 160 30.63 55.23 48.48
CA SER U 160 32.03 55.30 48.12
C SER U 160 32.30 56.63 47.44
N HIS U 161 33.43 57.24 47.75
CA HIS U 161 33.81 58.51 47.16
C HIS U 161 35.27 58.48 46.74
N THR U 162 35.69 57.39 46.14
CA THR U 162 37.05 57.26 45.65
C THR U 162 37.12 57.66 44.18
N LYS U 163 38.21 58.32 43.83
CA LYS U 163 38.37 58.84 42.48
C LYS U 163 38.57 57.68 41.50
N PRO U 164 37.77 57.59 40.45
CA PRO U 164 37.99 56.56 39.44
C PRO U 164 39.07 56.99 38.46
N TYR U 165 39.55 56.02 37.69
CA TYR U 165 40.62 56.25 36.73
C TYR U 165 40.03 56.65 35.39
N VAL U 166 40.31 57.87 34.94
CA VAL U 166 39.83 58.37 33.65
C VAL U 166 40.96 59.08 32.94
N ARG U 167 40.98 58.95 31.61
CA ARG U 167 41.96 59.65 30.79
C ARG U 167 41.68 61.13 30.69
N SER U 168 40.43 61.54 30.81
CA SER U 168 40.07 62.94 30.73
C SER U 168 38.88 63.18 31.65
N LYS U 169 38.70 64.43 32.02
CA LYS U 169 37.56 64.85 32.83
C LYS U 169 36.60 65.61 31.94
N GLY U 170 35.34 65.17 31.91
CA GLY U 170 34.35 65.82 31.08
C GLY U 170 32.99 65.21 31.32
N ARG U 171 31.97 65.87 30.76
CA ARG U 171 30.60 65.41 30.98
C ARG U 171 30.37 64.06 30.33
N LYS U 172 30.96 63.81 29.17
CA LYS U 172 30.73 62.55 28.47
C LYS U 172 31.49 61.39 29.09
N PHE U 173 32.66 61.65 29.65
CA PHE U 173 33.51 60.57 30.18
C PHE U 173 33.02 60.21 31.58
N GLU U 174 32.56 58.97 31.74
CA GLU U 174 32.42 58.36 33.06
C GLU U 174 31.31 59.02 33.88
N ARG U 175 30.20 59.37 33.25
CA ARG U 175 29.16 60.09 33.99
C ARG U 175 27.73 59.63 33.76
N ALA U 176 27.44 58.70 32.84
CA ALA U 176 26.05 58.52 32.45
C ALA U 176 25.32 57.41 33.22
N ARG U 177 25.70 56.15 33.03
CA ARG U 177 24.93 55.04 33.61
C ARG U 177 25.62 54.58 34.89
N GLY U 178 25.17 55.13 36.01
CA GLY U 178 25.72 54.76 37.30
C GLY U 178 26.10 55.92 38.18
N ARG U 179 26.15 57.14 37.64
CA ARG U 179 26.43 58.32 38.44
C ARG U 179 25.20 59.19 38.64
N ARG U 180 24.05 58.79 38.10
CA ARG U 180 22.82 59.57 38.22
C ARG U 180 21.63 58.63 38.12
N ALA U 181 20.59 58.94 38.89
CA ALA U 181 19.39 58.12 38.85
C ALA U 181 18.64 58.24 37.53
N SER U 182 18.94 59.28 36.74
CA SER U 182 18.25 59.46 35.47
C SER U 182 18.69 58.45 34.43
N ARG U 183 19.79 57.73 34.66
CA ARG U 183 20.27 56.69 33.75
C ARG U 183 20.51 55.42 34.57
N GLY U 184 19.47 54.61 34.72
CA GLY U 184 19.59 53.32 35.37
C GLY U 184 19.58 53.39 36.89
N TYR U 185 20.70 53.83 37.46
CA TYR U 185 20.84 53.93 38.90
C TYR U 185 21.95 54.92 39.21
N LYS U 186 22.00 55.36 40.46
CA LYS U 186 23.04 56.29 40.87
C LYS U 186 23.97 55.74 41.94
N ASN U 187 23.41 55.10 42.97
CA ASN U 187 24.08 54.75 44.24
C ASN U 187 25.41 55.44 44.54
N SER V 1 88.78 -9.35 -32.48
CA SER V 1 88.21 -9.79 -31.21
C SER V 1 86.74 -9.42 -31.10
N MET V 2 86.38 -8.28 -31.69
CA MET V 2 85.01 -7.80 -31.70
C MET V 2 84.62 -7.52 -33.14
N LEU V 3 83.48 -8.06 -33.58
CA LEU V 3 83.15 -8.11 -35.00
C LEU V 3 81.73 -7.68 -35.31
N ARG V 4 81.17 -6.73 -34.56
CA ARG V 4 79.80 -6.32 -34.85
C ARG V 4 79.74 -5.32 -36.01
N LEU V 5 80.69 -4.38 -36.07
CA LEU V 5 80.70 -3.42 -37.17
C LEU V 5 80.98 -4.12 -38.50
N GLN V 6 81.92 -5.06 -38.50
CA GLN V 6 82.22 -5.81 -39.72
C GLN V 6 81.02 -6.63 -40.16
N LYS V 7 80.31 -7.24 -39.21
CA LYS V 7 79.11 -8.01 -39.56
C LYS V 7 78.03 -7.10 -40.12
N ARG V 8 77.84 -5.91 -39.54
CA ARG V 8 76.86 -4.97 -40.08
C ARG V 8 77.22 -4.55 -41.50
N LEU V 9 78.50 -4.25 -41.73
CA LEU V 9 78.92 -3.85 -43.07
C LEU V 9 78.73 -4.99 -44.06
N ALA V 10 79.02 -6.22 -43.64
CA ALA V 10 78.87 -7.35 -44.53
C ALA V 10 77.40 -7.61 -44.86
N SER V 11 76.51 -7.39 -43.88
CA SER V 11 75.09 -7.57 -44.15
C SER V 11 74.56 -6.50 -45.08
N SER V 12 75.05 -5.26 -44.94
CA SER V 12 74.62 -4.21 -45.85
C SER V 12 75.19 -4.44 -47.25
N VAL V 13 76.42 -4.95 -47.35
CA VAL V 13 77.04 -5.15 -48.64
C VAL V 13 76.36 -6.27 -49.42
N LEU V 14 76.12 -7.41 -48.78
CA LEU V 14 75.63 -8.59 -49.46
C LEU V 14 74.13 -8.57 -49.71
N ARG V 15 73.43 -7.52 -49.27
CA ARG V 15 71.99 -7.41 -49.40
C ARG V 15 71.26 -8.55 -48.71
N CYS V 16 71.86 -9.13 -47.68
CA CYS V 16 71.23 -10.14 -46.83
C CYS V 16 71.38 -9.74 -45.38
N GLY V 17 70.43 -10.18 -44.56
CA GLY V 17 70.45 -9.84 -43.15
C GLY V 17 71.62 -10.48 -42.43
N LYS V 18 71.80 -10.05 -41.17
CA LYS V 18 72.92 -10.56 -40.39
C LYS V 18 72.80 -12.05 -40.12
N LYS V 19 71.61 -12.62 -40.28
CA LYS V 19 71.45 -14.07 -40.19
C LYS V 19 72.28 -14.77 -41.26
N LYS V 20 72.27 -14.26 -42.47
CA LYS V 20 72.92 -14.91 -43.60
C LYS V 20 74.34 -14.44 -43.82
N VAL V 21 75.00 -13.91 -42.80
CA VAL V 21 76.36 -13.42 -42.93
C VAL V 21 77.27 -14.34 -42.11
N TRP V 22 78.26 -14.95 -42.78
CA TRP V 22 79.14 -15.92 -42.16
C TRP V 22 80.56 -15.39 -42.15
N LEU V 23 81.10 -15.16 -40.95
CA LEU V 23 82.48 -14.76 -40.77
C LEU V 23 83.30 -15.96 -40.33
N ASP V 24 84.45 -16.14 -40.95
CA ASP V 24 85.26 -17.32 -40.67
C ASP V 24 85.78 -17.27 -39.25
N PRO V 25 85.51 -18.29 -38.42
CA PRO V 25 85.90 -18.19 -37.01
C PRO V 25 87.38 -18.33 -36.76
N ASN V 26 88.06 -19.23 -37.47
CA ASN V 26 89.49 -19.43 -37.26
C ASN V 26 90.27 -18.19 -37.64
N GLU V 27 89.93 -17.58 -38.76
CA GLU V 27 90.63 -16.41 -39.27
C GLU V 27 89.82 -15.19 -38.84
N THR V 28 90.29 -14.51 -37.81
CA THR V 28 89.54 -13.41 -37.21
C THR V 28 90.23 -12.06 -37.39
N ASN V 29 91.55 -12.02 -37.21
CA ASN V 29 92.23 -10.73 -37.15
C ASN V 29 92.23 -10.01 -38.50
N GLU V 30 92.14 -10.74 -39.62
CA GLU V 30 91.97 -10.06 -40.90
C GLU V 30 90.57 -9.48 -41.05
N ILE V 31 89.57 -10.16 -40.48
CA ILE V 31 88.22 -9.60 -40.48
C ILE V 31 88.16 -8.35 -39.62
N ALA V 32 88.81 -8.39 -38.45
CA ALA V 32 88.88 -7.20 -37.62
C ALA V 32 89.68 -6.09 -38.29
N ASN V 33 90.66 -6.45 -39.12
CA ASN V 33 91.38 -5.46 -39.91
C ASN V 33 90.47 -4.74 -40.89
N ALA V 34 89.37 -5.38 -41.29
CA ALA V 34 88.40 -4.72 -42.16
C ALA V 34 87.63 -3.68 -41.37
N ASN V 35 87.62 -2.45 -41.87
CA ASN V 35 86.86 -1.37 -41.28
C ASN V 35 85.99 -0.62 -42.28
N SER V 36 86.17 -0.86 -43.58
CA SER V 36 85.41 -0.16 -44.61
C SER V 36 84.79 -1.19 -45.53
N ARG V 37 83.75 -0.75 -46.25
CA ARG V 37 83.05 -1.64 -47.18
C ARG V 37 83.95 -2.09 -48.32
N GLN V 38 85.00 -1.32 -48.64
CA GLN V 38 85.91 -1.73 -49.69
C GLN V 38 86.73 -2.95 -49.26
N GLN V 39 87.26 -2.92 -48.03
CA GLN V 39 87.95 -4.09 -47.51
C GLN V 39 86.99 -5.25 -47.33
N ILE V 40 85.74 -4.95 -46.97
CA ILE V 40 84.72 -5.98 -46.87
C ILE V 40 84.51 -6.65 -48.22
N ARG V 41 84.47 -5.87 -49.29
CA ARG V 41 84.31 -6.45 -50.62
C ARG V 41 85.55 -7.23 -51.03
N LYS V 42 86.73 -6.77 -50.63
CA LYS V 42 87.93 -7.56 -50.89
C LYS V 42 87.84 -8.91 -50.19
N LEU V 43 87.34 -8.93 -48.96
CA LEU V 43 87.21 -10.18 -48.22
C LEU V 43 86.12 -11.08 -48.81
N ILE V 44 85.02 -10.48 -49.28
CA ILE V 44 83.97 -11.29 -49.89
C ILE V 44 84.45 -11.88 -51.21
N LYS V 45 85.37 -11.18 -51.90
CA LYS V 45 86.03 -11.79 -53.04
C LYS V 45 86.96 -12.90 -52.59
N ASP V 46 87.66 -12.70 -51.47
CA ASP V 46 88.62 -13.67 -50.97
C ASP V 46 87.97 -14.88 -50.32
N GLY V 47 86.67 -14.87 -50.11
CA GLY V 47 85.96 -15.99 -49.56
C GLY V 47 85.93 -16.07 -48.05
N LEU V 48 86.57 -15.14 -47.35
CA LEU V 48 86.54 -15.17 -45.90
C LEU V 48 85.16 -14.86 -45.34
N ILE V 49 84.31 -14.22 -46.12
CA ILE V 49 82.92 -14.02 -45.77
C ILE V 49 82.07 -14.77 -46.80
N ILE V 50 81.06 -15.47 -46.32
CA ILE V 50 80.19 -16.28 -47.17
C ILE V 50 78.75 -15.92 -46.82
N ARG V 51 77.94 -15.66 -47.85
CA ARG V 51 76.52 -15.52 -47.61
C ARG V 51 75.93 -16.91 -47.43
N LYS V 52 75.23 -17.12 -46.33
CA LYS V 52 74.70 -18.45 -46.11
C LYS V 52 73.43 -18.67 -46.90
N PRO V 53 73.20 -19.89 -47.37
CA PRO V 53 71.98 -20.16 -48.13
C PRO V 53 70.74 -20.10 -47.25
N VAL V 54 69.60 -19.89 -47.89
CA VAL V 54 68.33 -19.74 -47.18
C VAL V 54 67.94 -21.06 -46.53
N THR V 55 67.37 -20.97 -45.34
CA THR V 55 66.75 -22.14 -44.73
C THR V 55 65.64 -22.65 -45.63
N VAL V 56 65.67 -23.96 -45.91
CA VAL V 56 64.72 -24.53 -46.87
C VAL V 56 63.32 -24.54 -46.29
N HIS V 57 62.35 -24.17 -47.11
CA HIS V 57 60.93 -24.26 -46.76
C HIS V 57 60.30 -25.04 -47.91
N SER V 58 60.36 -26.36 -47.81
CA SER V 58 59.94 -27.23 -48.89
C SER V 58 58.42 -27.25 -49.02
N ARG V 59 57.94 -27.28 -50.26
CA ARG V 59 56.52 -27.37 -50.55
C ARG V 59 56.14 -28.72 -51.15
N ALA V 60 57.02 -29.72 -51.07
CA ALA V 60 56.67 -31.05 -51.59
C ALA V 60 55.56 -31.66 -50.77
N ARG V 61 55.57 -31.44 -49.46
CA ARG V 61 54.49 -31.92 -48.59
C ARG V 61 53.15 -31.35 -49.03
N CYS V 62 53.09 -30.02 -49.19
CA CYS V 62 51.86 -29.38 -49.62
C CYS V 62 51.47 -29.79 -51.03
N ARG V 63 52.45 -29.93 -51.93
CA ARG V 63 52.14 -30.33 -53.30
C ARG V 63 51.52 -31.71 -53.32
N LYS V 64 52.06 -32.64 -52.54
CA LYS V 64 51.50 -33.99 -52.52
C LYS V 64 50.13 -34.01 -51.85
N ASN V 65 49.93 -33.18 -50.82
CA ASN V 65 48.61 -33.11 -50.21
C ASN V 65 47.58 -32.51 -51.16
N THR V 66 47.98 -31.51 -51.96
CA THR V 66 47.05 -30.92 -52.90
C THR V 66 46.81 -31.85 -54.08
N LEU V 67 47.79 -32.70 -54.41
CA LEU V 67 47.51 -33.74 -55.40
C LEU V 67 46.51 -34.75 -54.86
N ALA V 68 46.59 -35.05 -53.56
CA ALA V 68 45.60 -35.93 -52.95
C ALA V 68 44.22 -35.27 -52.94
N ARG V 69 44.15 -33.98 -52.60
CA ARG V 69 42.88 -33.28 -52.58
C ARG V 69 42.33 -33.09 -53.98
N ARG V 70 43.21 -32.96 -54.97
CA ARG V 70 42.79 -32.96 -56.36
C ARG V 70 42.12 -34.28 -56.72
N LYS V 71 42.63 -35.38 -56.17
CA LYS V 71 41.99 -36.68 -56.33
C LYS V 71 40.74 -36.82 -55.48
N GLY V 72 40.47 -35.87 -54.59
CA GLY V 72 39.30 -35.92 -53.73
C GLY V 72 39.58 -36.27 -52.29
N ARG V 73 40.78 -36.76 -51.98
CA ARG V 73 41.11 -37.15 -50.62
C ARG V 73 41.24 -35.93 -49.72
N HIS V 74 41.27 -36.19 -48.41
CA HIS V 74 41.35 -35.17 -47.36
C HIS V 74 40.22 -34.16 -47.43
N MET V 75 39.13 -34.47 -48.14
CA MET V 75 37.98 -33.58 -48.22
C MET V 75 36.92 -33.96 -47.19
N GLY V 76 36.35 -35.16 -47.32
CA GLY V 76 35.43 -35.72 -46.34
C GLY V 76 34.32 -34.82 -45.86
N ILE V 77 33.88 -35.03 -44.63
CA ILE V 77 32.92 -34.16 -43.97
C ILE V 77 33.50 -33.54 -42.71
N GLY V 78 34.22 -34.33 -41.92
CA GLY V 78 34.84 -33.84 -40.70
C GLY V 78 36.07 -32.99 -40.94
N LYS V 79 36.25 -32.50 -42.15
CA LYS V 79 37.31 -31.54 -42.43
C LYS V 79 36.78 -30.31 -43.15
N ARG V 80 35.48 -30.06 -43.04
CA ARG V 80 34.85 -28.85 -43.54
C ARG V 80 34.55 -27.97 -42.34
N LYS V 81 35.43 -27.02 -42.06
CA LYS V 81 35.27 -26.14 -40.92
C LYS V 81 34.46 -24.89 -41.24
N GLY V 82 34.05 -24.72 -42.48
CA GLY V 82 33.27 -23.56 -42.86
C GLY V 82 31.92 -23.92 -43.41
N THR V 83 31.01 -22.95 -43.35
CA THR V 83 29.67 -23.11 -43.89
C THR V 83 29.77 -23.34 -45.40
N ALA V 84 28.78 -24.05 -45.94
CA ALA V 84 28.76 -24.36 -47.37
C ALA V 84 28.84 -23.09 -48.20
N ASN V 85 28.17 -22.03 -47.76
CA ASN V 85 28.28 -20.74 -48.43
C ASN V 85 29.70 -20.19 -48.34
N ALA V 86 30.33 -20.30 -47.17
CA ALA V 86 31.68 -19.78 -47.02
C ALA V 86 32.67 -20.53 -47.91
N ARG V 87 32.56 -21.85 -47.96
CA ARG V 87 33.48 -22.63 -48.79
C ARG V 87 33.24 -22.38 -50.28
N MET V 88 31.97 -22.31 -50.68
CA MET V 88 31.64 -22.01 -52.08
C MET V 88 30.32 -21.24 -52.08
N PRO V 89 30.38 -19.93 -52.32
CA PRO V 89 29.17 -19.11 -52.23
C PRO V 89 28.12 -19.52 -53.25
N GLU V 90 26.86 -19.41 -52.84
CA GLU V 90 25.77 -19.63 -53.79
C GLU V 90 25.70 -18.51 -54.81
N LYS V 91 26.10 -17.30 -54.41
CA LYS V 91 26.10 -16.18 -55.35
C LYS V 91 27.05 -16.44 -56.51
N VAL V 92 28.25 -16.94 -56.22
CA VAL V 92 29.23 -17.12 -57.29
C VAL V 92 28.85 -18.30 -58.17
N THR V 93 28.22 -19.33 -57.60
CA THR V 93 27.77 -20.44 -58.43
C THR V 93 26.63 -20.00 -59.35
N TRP V 94 25.68 -19.24 -58.82
CA TRP V 94 24.62 -18.69 -59.66
C TRP V 94 25.20 -17.77 -60.73
N MET V 95 26.20 -16.98 -60.37
CA MET V 95 26.82 -16.05 -61.32
C MET V 95 27.50 -16.81 -62.45
N ARG V 96 28.27 -17.84 -62.11
CA ARG V 96 28.89 -18.68 -63.13
C ARG V 96 27.82 -19.36 -63.99
N ARG V 97 26.76 -19.86 -63.36
CA ARG V 97 25.71 -20.54 -64.09
C ARG V 97 25.06 -19.63 -65.12
N MET V 98 24.68 -18.43 -64.69
CA MET V 98 24.02 -17.51 -65.62
C MET V 98 24.98 -17.02 -66.70
N ARG V 99 26.24 -16.79 -66.36
CA ARG V 99 27.20 -16.40 -67.38
C ARG V 99 27.33 -17.46 -68.45
N ILE V 100 27.50 -18.72 -68.04
CA ILE V 100 27.68 -19.80 -68.99
C ILE V 100 26.42 -19.99 -69.84
N LEU V 101 25.25 -19.95 -69.19
CA LEU V 101 24.01 -20.21 -69.90
C LEU V 101 23.68 -19.10 -70.89
N ARG V 102 23.85 -17.84 -70.48
CA ARG V 102 23.61 -16.73 -71.38
C ARG V 102 24.61 -16.72 -72.53
N ARG V 103 25.86 -17.10 -72.25
CA ARG V 103 26.83 -17.20 -73.32
C ARG V 103 26.42 -18.26 -74.33
N LEU V 104 25.91 -19.40 -73.84
CA LEU V 104 25.44 -20.44 -74.74
C LEU V 104 24.27 -19.95 -75.59
N LEU V 105 23.33 -19.25 -74.96
CA LEU V 105 22.17 -18.74 -75.70
C LEU V 105 22.60 -17.77 -76.78
N ARG V 106 23.54 -16.87 -76.47
CA ARG V 106 24.05 -15.96 -77.48
C ARG V 106 24.75 -16.72 -78.60
N ARG V 107 25.58 -17.70 -78.24
CA ARG V 107 26.33 -18.44 -79.25
C ARG V 107 25.40 -19.22 -80.18
N TYR V 108 24.28 -19.71 -79.65
CA TYR V 108 23.28 -20.30 -80.53
C TYR V 108 22.53 -19.26 -81.35
N ARG V 109 22.32 -18.07 -80.80
CA ARG V 109 21.55 -17.06 -81.53
C ARG V 109 22.32 -16.55 -82.73
N GLU V 110 23.59 -16.18 -82.55
CA GLU V 110 24.34 -15.73 -83.72
C GLU V 110 24.79 -16.86 -84.63
N SER V 111 24.58 -18.12 -84.24
CA SER V 111 24.79 -19.25 -85.13
C SER V 111 23.49 -19.74 -85.74
N LYS V 112 22.45 -18.91 -85.73
CA LYS V 112 21.12 -19.09 -86.30
C LYS V 112 20.44 -20.38 -85.85
N LYS V 113 20.92 -21.01 -84.78
CA LYS V 113 20.21 -22.18 -84.26
C LYS V 113 18.93 -21.76 -83.56
N ILE V 114 18.92 -20.57 -82.98
CA ILE V 114 17.71 -19.97 -82.40
C ILE V 114 17.60 -18.54 -82.92
N ASP V 115 16.37 -18.07 -83.03
CA ASP V 115 16.09 -16.70 -83.46
C ASP V 115 15.86 -15.82 -82.23
N ARG V 116 15.57 -14.54 -82.48
CA ARG V 116 15.49 -13.56 -81.40
C ARG V 116 14.39 -13.90 -80.41
N HIS V 117 13.25 -14.39 -80.90
CA HIS V 117 12.06 -14.48 -80.06
C HIS V 117 12.22 -15.54 -78.98
N MET V 118 12.45 -16.79 -79.40
CA MET V 118 12.66 -17.80 -78.38
C MET V 118 13.98 -17.63 -77.65
N TYR V 119 14.92 -16.87 -78.21
CA TYR V 119 16.08 -16.46 -77.44
C TYR V 119 15.65 -15.64 -76.23
N HIS V 120 14.80 -14.65 -76.44
CA HIS V 120 14.31 -13.83 -75.34
C HIS V 120 13.50 -14.68 -74.35
N SER V 121 12.68 -15.59 -74.89
CA SER V 121 11.91 -16.48 -74.02
C SER V 121 12.83 -17.28 -73.11
N LEU V 122 13.82 -17.96 -73.70
CA LEU V 122 14.73 -18.79 -72.91
C LEU V 122 15.63 -17.93 -72.02
N TYR V 123 15.88 -16.68 -72.41
CA TYR V 123 16.63 -15.78 -71.54
C TYR V 123 15.86 -15.50 -70.26
N LEU V 124 14.56 -15.23 -70.39
CA LEU V 124 13.76 -15.04 -69.19
C LEU V 124 13.62 -16.35 -68.41
N LYS V 125 13.59 -17.48 -69.12
CA LYS V 125 13.51 -18.78 -68.45
C LYS V 125 14.75 -19.03 -67.60
N VAL V 126 15.93 -18.82 -68.19
CA VAL V 126 17.17 -19.08 -67.45
C VAL V 126 17.36 -18.06 -66.35
N LYS V 127 16.90 -16.82 -66.55
CA LYS V 127 16.91 -15.86 -65.45
C LYS V 127 15.99 -16.32 -64.32
N GLY V 128 14.99 -17.13 -64.64
CA GLY V 128 14.05 -17.66 -63.67
C GLY V 128 14.43 -18.99 -63.07
N ASN V 129 15.65 -19.49 -63.31
CA ASN V 129 16.18 -20.69 -62.68
C ASN V 129 15.33 -21.92 -63.00
N VAL V 130 15.35 -22.29 -64.29
CA VAL V 130 14.63 -23.49 -64.70
C VAL V 130 15.58 -24.52 -65.29
N PHE V 131 16.75 -24.08 -65.75
CA PHE V 131 17.76 -24.99 -66.29
C PHE V 131 18.93 -25.10 -65.34
N LYS V 132 19.29 -26.34 -64.98
CA LYS V 132 20.37 -26.55 -64.03
C LYS V 132 21.75 -26.32 -64.61
N ASN V 133 21.94 -26.51 -65.91
CA ASN V 133 23.29 -26.50 -66.47
C ASN V 133 23.21 -26.35 -67.98
N LYS V 134 24.37 -26.49 -68.63
CA LYS V 134 24.45 -26.31 -70.08
C LYS V 134 23.73 -27.41 -70.83
N ARG V 135 23.94 -28.67 -70.42
CA ARG V 135 23.42 -29.82 -71.16
C ARG V 135 21.90 -29.85 -71.14
N ILE V 136 21.30 -29.52 -69.98
CA ILE V 136 19.84 -29.59 -69.88
C ILE V 136 19.20 -28.55 -70.79
N LEU V 137 19.82 -27.36 -70.90
CA LEU V 137 19.37 -26.38 -71.88
C LEU V 137 19.54 -26.90 -73.29
N MET V 138 20.65 -27.62 -73.55
CA MET V 138 20.88 -28.13 -74.90
C MET V 138 19.78 -29.08 -75.34
N GLU V 139 19.49 -30.12 -74.54
CA GLU V 139 18.42 -31.01 -74.99
C GLU V 139 17.05 -30.37 -74.89
N HIS V 140 16.84 -29.41 -73.97
CA HIS V 140 15.56 -28.70 -73.95
C HIS V 140 15.33 -27.95 -75.27
N ILE V 141 16.34 -27.24 -75.75
CA ILE V 141 16.11 -26.50 -76.99
C ILE V 141 16.08 -27.45 -78.17
N HIS V 142 16.76 -28.60 -78.10
CA HIS V 142 16.61 -29.58 -79.17
C HIS V 142 15.18 -30.09 -79.25
N LYS V 143 14.58 -30.38 -78.09
CA LYS V 143 13.21 -30.87 -78.06
C LYS V 143 12.25 -29.83 -78.61
N LEU V 144 12.40 -28.57 -78.20
CA LEU V 144 11.48 -27.57 -78.71
C LEU V 144 11.76 -27.25 -80.19
N LYS V 145 13.00 -27.42 -80.66
CA LYS V 145 13.28 -27.25 -82.08
C LYS V 145 12.58 -28.31 -82.91
N ALA V 146 12.61 -29.56 -82.44
CA ALA V 146 11.89 -30.63 -83.15
C ALA V 146 10.39 -30.36 -83.12
N ASP V 147 9.86 -29.92 -81.98
CA ASP V 147 8.46 -29.56 -81.88
C ASP V 147 8.09 -28.47 -82.88
N LYS V 148 8.88 -27.41 -82.95
CA LYS V 148 8.61 -26.33 -83.89
C LYS V 148 8.73 -26.79 -85.34
N ALA V 149 9.67 -27.68 -85.64
CA ALA V 149 9.79 -28.19 -87.01
C ALA V 149 8.54 -28.96 -87.42
N ARG V 150 8.04 -29.83 -86.53
CA ARG V 150 6.82 -30.56 -86.85
C ARG V 150 5.65 -29.60 -87.04
N LYS V 151 5.53 -28.62 -86.14
CA LYS V 151 4.44 -27.64 -86.26
C LYS V 151 4.53 -26.85 -87.56
N LYS V 152 5.73 -26.42 -87.94
CA LYS V 152 5.88 -25.62 -89.15
C LYS V 152 5.63 -26.44 -90.39
N LEU V 153 5.94 -27.75 -90.36
CA LEU V 153 5.62 -28.58 -91.52
C LEU V 153 4.12 -28.77 -91.67
N LEU V 154 3.42 -29.00 -90.55
CA LEU V 154 1.96 -29.03 -90.62
C LEU V 154 1.41 -27.72 -91.16
N ALA V 155 1.92 -26.60 -90.63
CA ALA V 155 1.39 -25.29 -91.01
C ALA V 155 1.62 -25.01 -92.48
N ASP V 156 2.81 -25.31 -93.01
CA ASP V 156 3.06 -24.92 -94.38
C ASP V 156 2.45 -25.89 -95.39
N GLN V 157 2.21 -27.16 -95.03
CA GLN V 157 1.43 -27.98 -95.95
C GLN V 157 -0.03 -27.53 -95.97
N ALA V 158 -0.56 -27.12 -94.82
CA ALA V 158 -1.92 -26.58 -94.80
C ALA V 158 -2.02 -25.30 -95.62
N GLU V 159 -1.01 -24.43 -95.50
CA GLU V 159 -0.97 -23.21 -96.30
C GLU V 159 -0.84 -23.52 -97.80
N ALA V 160 -0.08 -24.55 -98.16
CA ALA V 160 0.02 -24.93 -99.56
C ALA V 160 -1.34 -25.34 -100.11
N ARG V 161 -2.07 -26.18 -99.37
CA ARG V 161 -3.39 -26.59 -99.85
C ARG V 161 -4.36 -25.41 -99.90
N ARG V 162 -4.33 -24.54 -98.88
CA ARG V 162 -5.21 -23.37 -98.89
C ARG V 162 -4.91 -22.46 -100.08
N SER V 163 -3.62 -22.22 -100.35
CA SER V 163 -3.27 -21.36 -101.47
C SER V 163 -3.66 -22.01 -102.79
N LYS V 164 -3.52 -23.33 -102.89
CA LYS V 164 -3.96 -24.03 -104.09
C LYS V 164 -5.45 -23.82 -104.34
N THR V 165 -6.28 -24.03 -103.31
CA THR V 165 -7.71 -23.86 -103.49
C THR V 165 -8.07 -22.43 -103.82
N LYS V 166 -7.39 -21.46 -103.18
CA LYS V 166 -7.65 -20.06 -103.47
C LYS V 166 -7.33 -19.70 -104.91
N GLU V 167 -6.13 -20.08 -105.38
CA GLU V 167 -5.74 -19.74 -106.75
C GLU V 167 -6.59 -20.48 -107.77
N ALA V 168 -7.04 -21.70 -107.44
CA ALA V 168 -7.92 -22.41 -108.36
C ALA V 168 -9.30 -21.77 -108.45
N ARG V 169 -9.85 -21.33 -107.32
CA ARG V 169 -11.15 -20.68 -107.35
C ARG V 169 -11.08 -19.31 -108.01
N LYS V 170 -9.96 -18.59 -107.83
CA LYS V 170 -9.81 -17.28 -108.49
C LYS V 170 -9.60 -17.37 -109.99
N ARG V 171 -9.49 -18.56 -110.58
CA ARG V 171 -9.37 -18.67 -112.03
C ARG V 171 -10.58 -19.40 -112.58
N ARG V 172 -11.18 -20.28 -111.77
CA ARG V 172 -12.43 -20.94 -112.17
C ARG V 172 -13.51 -19.90 -112.46
N GLU V 173 -13.74 -18.99 -111.52
CA GLU V 173 -14.71 -17.93 -111.74
C GLU V 173 -14.29 -17.03 -112.89
N GLU V 174 -12.98 -16.85 -113.08
CA GLU V 174 -12.49 -15.99 -114.15
C GLU V 174 -12.91 -16.53 -115.52
N ARG V 175 -12.61 -17.81 -115.80
CA ARG V 175 -13.01 -18.30 -117.11
C ARG V 175 -14.49 -18.66 -117.16
N LEU V 176 -15.14 -18.84 -116.01
CA LEU V 176 -16.60 -18.94 -116.02
C LEU V 176 -17.23 -17.67 -116.55
N GLN V 177 -16.87 -16.53 -115.97
CA GLN V 177 -17.44 -15.26 -116.45
C GLN V 177 -16.89 -14.89 -117.82
N ALA V 178 -15.70 -15.36 -118.18
CA ALA V 178 -15.22 -15.17 -119.54
C ALA V 178 -16.10 -15.92 -120.54
N LYS V 179 -16.56 -17.12 -120.17
CA LYS V 179 -17.55 -17.82 -120.99
C LYS V 179 -18.92 -17.15 -120.91
N LYS V 180 -19.18 -16.39 -119.84
CA LYS V 180 -20.49 -15.75 -119.69
C LYS V 180 -20.61 -14.52 -120.59
N GLU V 181 -19.65 -13.61 -120.51
CA GLU V 181 -19.74 -12.32 -121.19
C GLU V 181 -19.12 -12.31 -122.58
N GLU V 182 -18.75 -13.48 -123.12
CA GLU V 182 -18.33 -13.56 -124.51
C GLU V 182 -19.49 -13.43 -125.48
N ILE V 183 -20.73 -13.58 -125.01
CA ILE V 183 -21.90 -13.41 -125.84
C ILE V 183 -22.41 -11.97 -125.80
N ILE V 184 -22.41 -11.36 -124.62
CA ILE V 184 -22.92 -9.99 -124.49
C ILE V 184 -22.01 -9.01 -125.22
N LYS V 185 -20.70 -9.31 -125.29
CA LYS V 185 -19.76 -8.44 -125.97
C LYS V 185 -19.97 -8.41 -127.49
N THR V 186 -20.69 -9.39 -128.05
CA THR V 186 -20.87 -9.47 -129.49
C THR V 186 -22.32 -9.44 -129.93
N LEU V 187 -23.27 -9.74 -129.04
CA LEU V 187 -24.70 -9.86 -129.35
C LEU V 187 -24.93 -10.83 -130.51
N LYS W 1 35.76 -3.03 77.45
CA LYS W 1 36.43 -3.24 78.72
C LYS W 1 37.53 -4.30 78.58
N ALA W 2 38.67 -4.07 79.22
CA ALA W 2 39.81 -4.95 79.11
C ALA W 2 39.79 -5.98 80.24
N SER W 3 40.88 -6.72 80.38
CA SER W 3 41.03 -7.73 81.42
C SER W 3 42.51 -7.83 81.78
N GLY W 4 42.87 -8.93 82.42
CA GLY W 4 44.17 -9.10 83.04
C GLY W 4 44.01 -10.18 84.08
N THR W 5 44.36 -9.89 85.33
CA THR W 5 43.77 -10.60 86.44
C THR W 5 42.88 -9.61 87.18
N LEU W 6 41.69 -10.05 87.53
CA LEU W 6 40.70 -9.15 88.11
C LEU W 6 40.89 -9.06 89.61
N ARG W 7 40.32 -8.01 90.19
CA ARG W 7 40.22 -7.85 91.63
C ARG W 7 38.88 -7.20 91.92
N GLU W 8 38.24 -7.61 93.01
CA GLU W 8 36.93 -7.07 93.36
C GLU W 8 37.08 -5.96 94.38
N TYR W 9 36.40 -4.84 94.13
CA TYR W 9 36.55 -3.65 94.94
C TYR W 9 35.20 -3.29 95.55
N LYS W 10 35.23 -2.83 96.80
CA LYS W 10 34.06 -2.21 97.41
C LYS W 10 34.05 -0.74 97.04
N VAL W 11 33.12 -0.36 96.17
CA VAL W 11 32.93 1.02 95.77
C VAL W 11 31.61 1.49 96.36
N VAL W 12 31.64 2.63 97.05
CA VAL W 12 30.47 3.21 97.67
C VAL W 12 30.35 4.63 97.17
N GLY W 13 29.12 5.07 96.87
CA GLY W 13 28.90 6.40 96.34
C GLY W 13 27.54 6.93 96.74
N ARG W 14 27.31 8.19 96.38
CA ARG W 14 26.06 8.86 96.73
C ARG W 14 25.91 10.09 95.85
N CYS W 15 24.72 10.67 95.88
CA CYS W 15 24.48 11.93 95.20
C CYS W 15 25.19 13.07 95.92
N LEU W 16 25.20 14.22 95.28
CA LEU W 16 25.62 15.39 96.02
C LEU W 16 24.54 15.81 97.01
N PRO W 17 24.90 16.50 98.08
CA PRO W 17 23.88 17.11 98.94
C PRO W 17 23.21 18.26 98.21
N THR W 18 21.91 18.12 98.01
CA THR W 18 21.10 19.11 97.32
C THR W 18 20.15 19.74 98.33
N PRO W 19 19.56 20.90 98.01
CA PRO W 19 18.52 21.42 98.89
C PRO W 19 17.18 20.73 98.68
N LYS W 20 17.22 19.41 98.51
CA LYS W 20 16.10 18.49 98.46
C LYS W 20 16.32 17.28 99.36
N CYS W 21 17.58 16.88 99.56
CA CYS W 21 17.91 15.79 100.46
C CYS W 21 19.36 15.97 100.91
N HIS W 22 19.55 16.45 102.13
CA HIS W 22 20.88 16.79 102.60
C HIS W 22 21.72 15.56 102.90
N THR W 23 21.10 14.40 103.11
CA THR W 23 21.81 13.17 103.44
C THR W 23 21.34 12.05 102.51
N PRO W 24 21.75 12.09 101.25
CA PRO W 24 21.31 11.07 100.30
C PRO W 24 21.87 9.72 100.69
N PRO W 25 21.19 8.64 100.30
CA PRO W 25 21.62 7.31 100.74
C PRO W 25 22.97 6.93 100.18
N LEU W 26 23.68 6.10 100.93
CA LEU W 26 24.95 5.55 100.48
C LEU W 26 24.70 4.22 99.80
N TYR W 27 25.26 4.07 98.61
CA TYR W 27 25.03 2.92 97.76
C TYR W 27 26.35 2.21 97.52
N ARG W 28 26.36 0.90 97.74
CA ARG W 28 27.58 0.10 97.73
C ARG W 28 27.36 -1.12 96.82
N MET W 29 28.39 -1.52 96.09
CA MET W 29 28.26 -2.67 95.20
C MET W 29 29.62 -3.25 94.90
N ARG W 30 29.61 -4.47 94.36
CA ARG W 30 30.83 -5.21 94.02
C ARG W 30 31.16 -4.96 92.56
N ILE W 31 32.36 -4.44 92.31
CA ILE W 31 32.85 -4.22 90.95
C ILE W 31 34.17 -4.96 90.79
N PHE W 32 34.22 -5.83 89.79
CA PHE W 32 35.40 -6.64 89.50
C PHE W 32 36.16 -5.94 88.37
N ALA W 33 37.27 -5.29 88.70
CA ALA W 33 37.97 -4.47 87.73
C ALA W 33 39.48 -4.63 87.85
N PRO W 34 40.21 -4.44 86.75
CA PRO W 34 41.68 -4.50 86.83
C PRO W 34 42.29 -3.45 87.72
N ASN W 35 41.69 -2.27 87.84
CA ASN W 35 42.23 -1.21 88.68
C ASN W 35 41.09 -0.35 89.21
N HIS W 36 41.44 0.62 90.05
CA HIS W 36 40.42 1.45 90.68
C HIS W 36 39.74 2.40 89.69
N VAL W 37 40.44 2.82 88.64
CA VAL W 37 39.84 3.76 87.69
C VAL W 37 38.69 3.08 86.95
N VAL W 38 38.96 1.91 86.38
CA VAL W 38 37.91 1.18 85.68
C VAL W 38 36.84 0.72 86.66
N ALA W 39 37.21 0.46 87.91
CA ALA W 39 36.20 0.13 88.92
C ALA W 39 35.26 1.29 89.13
N LYS W 40 35.79 2.51 89.22
CA LYS W 40 34.95 3.68 89.35
C LYS W 40 34.07 3.86 88.13
N SER W 41 34.61 3.62 86.95
CA SER W 41 33.82 3.74 85.73
C SER W 41 32.66 2.75 85.72
N ARG W 42 32.94 1.49 86.08
CA ARG W 42 31.88 0.48 86.09
C ARG W 42 30.88 0.76 87.20
N PHE W 43 31.35 1.31 88.33
CA PHE W 43 30.42 1.71 89.38
C PHE W 43 29.46 2.76 88.87
N TRP W 44 29.98 3.78 88.19
CA TRP W 44 29.11 4.83 87.69
C TRP W 44 28.15 4.29 86.64
N TYR W 45 28.61 3.41 85.76
CA TYR W 45 27.71 2.82 84.78
C TYR W 45 26.60 2.00 85.45
N PHE W 46 26.97 1.11 86.36
CA PHE W 46 25.96 0.25 86.99
C PHE W 46 24.94 1.07 87.77
N VAL W 47 25.41 2.04 88.54
CA VAL W 47 24.48 2.86 89.31
C VAL W 47 23.67 3.78 88.42
N SER W 48 24.21 4.21 87.28
CA SER W 48 23.42 4.98 86.33
C SER W 48 22.30 4.15 85.75
N GLN W 49 22.54 2.86 85.52
CA GLN W 49 21.45 2.01 85.05
C GLN W 49 20.44 1.72 86.15
N LEU W 50 20.92 1.40 87.35
CA LEU W 50 20.02 0.98 88.42
C LEU W 50 19.22 2.15 88.97
N LYS W 51 19.90 3.22 89.38
CA LYS W 51 19.25 4.43 89.88
C LYS W 51 19.43 5.57 88.88
N LYS W 52 18.57 6.58 89.01
CA LYS W 52 18.75 7.80 88.24
C LYS W 52 19.96 8.52 88.85
N MET W 53 21.11 8.28 88.25
CA MET W 53 22.39 8.67 88.83
C MET W 53 23.33 9.13 87.74
N LYS W 54 24.25 10.02 88.09
CA LYS W 54 25.30 10.46 87.18
C LYS W 54 26.57 10.69 87.97
N LYS W 55 27.71 10.52 87.28
CA LYS W 55 28.99 10.85 87.90
C LYS W 55 29.10 12.35 88.15
N SER W 56 28.64 13.16 87.19
CA SER W 56 28.65 14.61 87.37
C SER W 56 27.73 15.03 88.52
N SER W 57 26.69 14.24 88.79
CA SER W 57 25.73 14.54 89.84
C SER W 57 26.04 13.81 91.14
N GLY W 58 27.12 13.05 91.20
CA GLY W 58 27.39 12.23 92.37
C GLY W 58 28.85 12.24 92.73
N GLU W 59 29.17 11.54 93.82
CA GLU W 59 30.54 11.34 94.26
C GLU W 59 30.71 9.88 94.64
N ILE W 60 31.95 9.41 94.57
CA ILE W 60 32.31 8.10 95.08
C ILE W 60 32.92 8.31 96.45
N VAL W 61 32.12 8.01 97.49
CA VAL W 61 32.55 8.27 98.86
C VAL W 61 33.68 7.35 99.30
N TYR W 62 33.83 6.19 98.66
CA TYR W 62 34.89 5.25 99.02
C TYR W 62 35.16 4.34 97.84
N CYS W 63 36.44 4.02 97.63
CA CYS W 63 36.82 3.11 96.54
C CYS W 63 38.06 2.35 97.03
N GLY W 64 37.82 1.16 97.58
CA GLY W 64 38.90 0.34 98.07
C GLY W 64 38.79 -1.07 97.52
N GLN W 65 39.92 -1.76 97.51
CA GLN W 65 40.00 -3.11 96.97
C GLN W 65 39.91 -4.12 98.11
N VAL W 66 38.95 -5.03 98.01
CA VAL W 66 38.68 -5.96 99.10
C VAL W 66 39.34 -7.30 98.80
N PHE W 67 40.16 -7.78 99.73
CA PHE W 67 40.87 -9.03 99.57
C PHE W 67 39.96 -10.19 99.93
N GLU W 68 40.21 -11.33 99.30
CA GLU W 68 39.45 -12.53 99.64
C GLU W 68 39.94 -13.07 100.97
N LYS W 69 39.02 -13.60 101.77
CA LYS W 69 39.30 -13.85 103.17
C LYS W 69 39.86 -15.24 103.45
N SER W 70 40.08 -16.06 102.44
CA SER W 70 40.65 -17.39 102.63
C SER W 70 41.30 -17.88 101.34
N PRO W 71 42.41 -17.25 100.94
CA PRO W 71 43.08 -17.66 99.69
C PRO W 71 43.86 -18.96 99.81
N LEU W 72 43.71 -19.70 100.91
CA LEU W 72 44.31 -21.00 101.06
C LEU W 72 43.28 -22.12 101.09
N ARG W 73 42.02 -21.81 100.78
CA ARG W 73 40.95 -22.79 100.83
C ARG W 73 40.30 -22.89 99.46
N VAL W 74 40.13 -24.11 98.99
CA VAL W 74 39.40 -24.36 97.74
C VAL W 74 37.91 -24.24 98.03
N LYS W 75 37.19 -23.63 97.09
CA LYS W 75 35.75 -23.46 97.26
C LYS W 75 35.13 -23.19 95.90
N ASN W 76 33.83 -23.42 95.81
CA ASN W 76 33.08 -23.32 94.57
C ASN W 76 32.33 -21.99 94.55
N PHE W 77 32.56 -21.20 93.51
CA PHE W 77 31.85 -19.95 93.32
C PHE W 77 30.84 -20.13 92.20
N GLY W 78 29.56 -19.97 92.54
CA GLY W 78 28.48 -19.98 91.57
C GLY W 78 28.05 -18.56 91.29
N ILE W 79 28.18 -18.17 90.03
CA ILE W 79 28.05 -16.78 89.63
C ILE W 79 26.96 -16.65 88.59
N TRP W 80 26.02 -15.75 88.83
CA TRP W 80 24.95 -15.44 87.90
C TRP W 80 25.36 -14.24 87.06
N LEU W 81 24.84 -14.19 85.84
CA LEU W 81 25.19 -13.09 84.95
C LEU W 81 24.20 -13.09 83.78
N ARG W 82 24.10 -11.95 83.13
CA ARG W 82 23.41 -11.83 81.86
C ARG W 82 24.38 -11.28 80.84
N TYR W 83 24.25 -11.71 79.59
CA TYR W 83 25.19 -11.25 78.58
C TYR W 83 24.43 -10.95 77.30
N ASP W 84 24.98 -10.00 76.54
CA ASP W 84 24.41 -9.58 75.27
C ASP W 84 25.08 -10.40 74.17
N SER W 85 24.34 -11.35 73.61
CA SER W 85 24.86 -12.19 72.53
C SER W 85 24.66 -11.48 71.21
N ARG W 86 24.86 -12.20 70.11
CA ARG W 86 24.61 -11.63 68.79
C ARG W 86 23.13 -11.35 68.55
N SER W 87 22.23 -12.16 69.10
CA SER W 87 20.83 -12.05 68.75
C SER W 87 19.91 -12.18 69.97
N GLY W 88 20.38 -11.78 71.14
CA GLY W 88 19.53 -11.79 72.31
C GLY W 88 20.33 -11.66 73.58
N THR W 89 19.61 -11.38 74.67
CA THR W 89 20.22 -11.22 75.98
C THR W 89 19.76 -12.39 76.85
N HIS W 90 20.71 -13.05 77.50
CA HIS W 90 20.45 -14.32 78.16
C HIS W 90 21.01 -14.32 79.57
N ASN W 91 20.17 -14.70 80.54
CA ASN W 91 20.63 -14.96 81.89
C ASN W 91 21.40 -16.28 81.91
N MET W 92 22.20 -16.48 82.94
CA MET W 92 23.16 -17.57 82.95
C MET W 92 23.69 -17.80 84.35
N TYR W 93 23.84 -19.07 84.72
CA TYR W 93 24.46 -19.45 85.97
C TYR W 93 25.59 -20.43 85.69
N ARG W 94 26.78 -20.11 86.18
CA ARG W 94 27.97 -20.93 85.98
C ARG W 94 28.62 -21.17 87.34
N GLU W 95 29.43 -22.23 87.41
CA GLU W 95 30.14 -22.54 88.65
C GLU W 95 31.60 -22.77 88.34
N TYR W 96 32.47 -22.25 89.18
CA TYR W 96 33.91 -22.35 88.97
C TYR W 96 34.58 -22.74 90.28
N ARG W 97 35.74 -23.37 90.16
CA ARG W 97 36.56 -23.72 91.31
C ARG W 97 37.82 -22.89 91.30
N ASP W 98 38.03 -22.15 92.38
CA ASP W 98 39.23 -21.34 92.51
C ASP W 98 39.40 -21.00 93.98
N LEU W 99 40.44 -20.23 94.28
CA LEU W 99 40.75 -19.86 95.65
C LEU W 99 40.22 -18.48 96.01
N THR W 100 40.05 -17.60 95.03
CA THR W 100 39.56 -16.25 95.26
C THR W 100 38.40 -15.96 94.33
N THR W 101 37.53 -15.05 94.76
CA THR W 101 36.39 -14.66 93.94
C THR W 101 36.86 -14.00 92.64
N ALA W 102 37.88 -13.16 92.73
CA ALA W 102 38.40 -12.48 91.54
C ALA W 102 38.95 -13.48 90.54
N GLY W 103 39.65 -14.51 91.03
CA GLY W 103 40.10 -15.56 90.13
C GLY W 103 38.95 -16.33 89.51
N ALA W 104 37.88 -16.55 90.27
CA ALA W 104 36.69 -17.17 89.69
C ALA W 104 36.13 -16.31 88.56
N VAL W 105 36.11 -14.99 88.76
CA VAL W 105 35.60 -14.11 87.72
C VAL W 105 36.52 -14.08 86.51
N THR W 106 37.84 -14.13 86.70
CA THR W 106 38.72 -14.21 85.54
C THR W 106 38.49 -15.49 84.76
N GLN W 107 38.37 -16.63 85.47
CA GLN W 107 38.04 -17.87 84.79
C GLN W 107 36.74 -17.76 84.04
N CYS W 108 35.75 -17.09 84.64
CA CYS W 108 34.46 -16.92 83.99
C CYS W 108 34.59 -16.11 82.72
N TYR W 109 35.35 -15.01 82.78
CA TYR W 109 35.51 -14.17 81.60
C TYR W 109 36.21 -14.93 80.48
N ARG W 110 37.27 -15.67 80.81
CA ARG W 110 37.98 -16.43 79.80
C ARG W 110 37.09 -17.51 79.21
N ASP W 111 36.33 -18.21 80.05
CA ASP W 111 35.48 -19.28 79.55
C ASP W 111 34.32 -18.72 78.75
N MET W 112 33.82 -17.54 79.13
CA MET W 112 32.77 -16.90 78.37
C MET W 112 33.26 -16.53 76.97
N GLY W 113 34.47 -15.95 76.90
CA GLY W 113 35.04 -15.66 75.60
C GLY W 113 35.33 -16.91 74.79
N ALA W 114 35.73 -17.98 75.46
CA ALA W 114 36.08 -19.21 74.75
C ALA W 114 34.84 -19.91 74.20
N ARG W 115 33.80 -20.04 75.02
CA ARG W 115 32.64 -20.84 74.67
C ARG W 115 31.55 -20.05 73.97
N HIS W 116 31.44 -18.74 74.21
CA HIS W 116 30.31 -17.97 73.72
C HIS W 116 30.72 -16.75 72.92
N ARG W 117 32.03 -16.49 72.78
CA ARG W 117 32.54 -15.37 72.00
C ARG W 117 32.00 -14.03 72.51
N ALA W 118 31.73 -13.94 73.82
CA ALA W 118 31.17 -12.72 74.39
C ALA W 118 32.29 -11.86 74.95
N ARG W 119 32.40 -10.64 74.43
CA ARG W 119 33.45 -9.74 74.89
C ARG W 119 33.11 -9.22 76.28
N ALA W 120 34.12 -8.59 76.92
CA ALA W 120 33.98 -8.20 78.31
C ALA W 120 32.90 -7.13 78.50
N HIS W 121 32.78 -6.21 77.54
CA HIS W 121 31.77 -5.17 77.66
C HIS W 121 30.36 -5.70 77.50
N SER W 122 30.20 -6.93 77.02
CA SER W 122 28.89 -7.55 76.92
C SER W 122 28.52 -8.35 78.16
N ILE W 123 29.38 -8.41 79.17
CA ILE W 123 29.16 -9.22 80.35
C ILE W 123 28.56 -8.35 81.44
N GLN W 124 27.51 -8.84 82.09
CA GLN W 124 26.81 -8.13 83.15
C GLN W 124 26.76 -9.08 84.35
N ILE W 125 27.85 -9.05 85.14
CA ILE W 125 27.92 -9.87 86.34
C ILE W 125 26.98 -9.31 87.40
N MET W 126 26.28 -10.20 88.11
CA MET W 126 25.27 -9.71 89.02
C MET W 126 25.36 -10.31 90.42
N LYS W 127 25.92 -11.51 90.56
CA LYS W 127 25.94 -12.14 91.88
C LYS W 127 27.05 -13.18 91.92
N VAL W 128 28.05 -12.94 92.77
CA VAL W 128 29.10 -13.90 93.05
C VAL W 128 28.89 -14.40 94.47
N GLU W 129 28.90 -15.72 94.65
CA GLU W 129 28.54 -16.27 95.96
C GLU W 129 29.27 -17.58 96.14
N GLU W 130 29.45 -17.99 97.41
CA GLU W 130 30.16 -19.23 97.70
C GLU W 130 29.16 -20.35 97.94
N ILE W 131 29.24 -21.40 97.12
CA ILE W 131 28.33 -22.53 97.18
C ILE W 131 29.08 -23.77 97.63
N ALA W 132 28.56 -24.42 98.66
CA ALA W 132 29.14 -25.67 99.15
C ALA W 132 28.85 -26.79 98.16
N ALA W 133 29.65 -27.86 98.27
CA ALA W 133 29.63 -28.92 97.26
C ALA W 133 28.29 -29.61 97.14
N SER W 134 27.52 -29.68 98.23
CA SER W 134 26.23 -30.36 98.19
C SER W 134 25.25 -29.65 97.25
N LYS W 135 25.20 -28.33 97.31
CA LYS W 135 24.30 -27.56 96.46
C LYS W 135 24.86 -27.36 95.06
N CYS W 136 26.16 -27.59 94.88
CA CYS W 136 26.81 -27.39 93.59
C CYS W 136 26.20 -28.30 92.52
N ARG W 137 26.09 -27.77 91.30
CA ARG W 137 25.23 -28.38 90.29
C ARG W 137 25.94 -28.91 89.05
N ARG W 138 26.86 -28.15 88.48
CA ARG W 138 27.42 -28.53 87.19
C ARG W 138 28.24 -29.82 87.32
N PRO W 139 28.31 -30.63 86.26
CA PRO W 139 29.04 -31.89 86.38
C PRO W 139 30.55 -31.73 86.48
N ALA W 140 31.11 -30.77 85.75
CA ALA W 140 32.57 -30.63 85.70
C ALA W 140 33.13 -30.18 87.04
N VAL W 141 32.30 -29.61 87.91
CA VAL W 141 32.75 -29.08 89.17
C VAL W 141 32.40 -30.04 90.30
N LYS W 142 31.30 -30.79 90.14
CA LYS W 142 30.94 -31.77 91.16
C LYS W 142 31.91 -32.94 91.18
N GLN W 143 32.52 -33.25 90.04
CA GLN W 143 33.37 -34.44 89.97
C GLN W 143 34.69 -34.28 90.71
N PHE W 144 35.03 -33.07 91.13
CA PHE W 144 36.20 -32.86 91.96
C PHE W 144 35.89 -32.97 93.45
N HIS W 145 34.64 -33.19 93.80
CA HIS W 145 34.21 -33.31 95.20
C HIS W 145 34.33 -34.78 95.62
N ASP W 146 35.58 -35.22 95.72
CA ASP W 146 35.90 -36.60 96.04
C ASP W 146 37.09 -36.62 96.99
N SER W 147 36.88 -37.17 98.18
CA SER W 147 37.93 -37.15 99.20
C SER W 147 39.14 -37.99 98.84
N LYS W 148 39.00 -38.94 97.92
CA LYS W 148 40.09 -39.84 97.54
C LYS W 148 40.39 -39.73 96.06
N ILE W 149 40.46 -38.50 95.55
CA ILE W 149 40.70 -38.29 94.13
C ILE W 149 42.06 -38.84 93.74
N LYS W 150 42.14 -39.38 92.53
CA LYS W 150 43.34 -40.08 92.08
C LYS W 150 43.35 -40.15 90.56
N PHE W 151 44.45 -39.70 89.96
CA PHE W 151 44.67 -39.79 88.52
C PHE W 151 46.11 -39.42 88.25
N PRO W 152 46.69 -39.94 87.17
CA PRO W 152 48.02 -39.48 86.75
C PRO W 152 47.94 -38.34 85.75
N LEU W 153 49.09 -37.88 85.26
CA LEU W 153 49.13 -37.00 84.11
C LEU W 153 49.43 -37.85 82.89
N PRO W 154 48.41 -38.26 82.11
CA PRO W 154 48.56 -39.40 81.20
C PRO W 154 49.58 -39.22 80.08
N HIS W 155 49.39 -38.20 79.25
CA HIS W 155 50.17 -38.03 78.02
C HIS W 155 50.89 -36.69 78.15
N ARG W 156 52.06 -36.72 78.78
CA ARG W 156 52.78 -35.50 79.11
C ARG W 156 53.59 -35.06 77.91
N VAL W 157 53.04 -34.13 77.13
CA VAL W 157 53.76 -33.61 75.98
C VAL W 157 54.90 -32.71 76.45
N LEU W 158 56.01 -32.76 75.73
CA LEU W 158 57.15 -31.92 76.06
C LEU W 158 56.86 -30.47 75.72
N ARG W 159 57.19 -29.57 76.64
CA ARG W 159 57.03 -28.14 76.39
C ARG W 159 58.35 -27.43 76.14
N ARG W 160 59.43 -27.86 76.80
CA ARG W 160 60.78 -27.36 76.54
C ARG W 160 61.32 -28.05 75.29
N GLN W 161 60.87 -27.56 74.15
CA GLN W 161 61.10 -28.22 72.87
C GLN W 161 62.34 -27.71 72.14
N HIS W 162 62.75 -26.47 72.39
CA HIS W 162 63.87 -25.90 71.66
C HIS W 162 65.16 -25.88 72.46
N LYS W 163 65.17 -26.46 73.66
CA LYS W 163 66.37 -26.56 74.49
C LYS W 163 66.56 -28.02 74.86
N PRO W 164 67.24 -28.79 74.01
CA PRO W 164 67.89 -28.43 72.75
C PRO W 164 66.94 -28.45 71.56
N ARG W 165 67.28 -27.73 70.50
CA ARG W 165 66.50 -27.84 69.27
C ARG W 165 66.79 -29.13 68.53
N PHE W 166 68.01 -29.67 68.68
CA PHE W 166 68.40 -30.90 68.01
C PHE W 166 68.93 -31.87 69.05
N THR W 167 68.41 -33.10 69.03
CA THR W 167 68.86 -34.13 69.95
C THR W 167 68.60 -35.50 69.34
N THR W 168 69.43 -36.47 69.69
CA THR W 168 69.36 -37.78 69.07
C THR W 168 68.26 -38.65 69.66
N LYS W 169 67.67 -38.26 70.79
CA LYS W 169 66.72 -39.10 71.49
C LYS W 169 65.32 -38.54 71.38
N ARG W 170 64.38 -39.39 70.97
CA ARG W 170 62.98 -38.99 70.88
C ARG W 170 62.39 -38.89 72.28
N PRO W 171 61.57 -37.87 72.53
CA PRO W 171 61.03 -37.67 73.88
C PRO W 171 60.11 -38.79 74.31
N ASN W 172 60.11 -39.02 75.62
CA ASN W 172 59.25 -39.99 76.27
C ASN W 172 58.14 -39.25 77.01
N THR W 173 56.90 -39.70 76.82
CA THR W 173 55.74 -39.03 77.41
C THR W 173 55.12 -39.83 78.53
N PHE W 174 55.79 -40.85 79.05
CA PHE W 174 55.31 -41.60 80.19
C PHE W 174 56.20 -41.33 81.38
N PHE W 175 55.59 -41.16 82.55
CA PHE W 175 56.35 -40.81 83.74
C PHE W 175 55.79 -41.47 85.00
N THR X 1 18.23 26.35 43.66
CA THR X 1 16.94 25.65 43.59
C THR X 1 15.96 26.26 44.57
N ASN X 2 16.44 26.59 45.76
CA ASN X 2 15.63 27.31 46.72
C ASN X 2 15.27 28.68 46.17
N THR X 3 14.03 29.10 46.40
CA THR X 3 13.64 30.45 46.06
C THR X 3 14.35 31.45 46.97
N LYS X 4 14.14 32.73 46.68
CA LYS X 4 14.73 33.81 47.47
C LYS X 4 13.65 34.63 48.17
N GLY X 5 12.55 34.00 48.53
CA GLY X 5 11.48 34.72 49.20
C GLY X 5 11.91 35.21 50.57
N LYS X 6 11.32 36.32 50.98
CA LYS X 6 11.72 36.95 52.23
C LYS X 6 11.34 36.11 53.45
N ARG X 7 10.24 35.38 53.38
CA ARG X 7 9.77 34.58 54.50
C ARG X 7 9.76 33.09 54.17
N ARG X 8 10.68 32.65 53.33
CA ARG X 8 10.76 31.23 53.00
C ARG X 8 11.28 30.43 54.19
N GLY X 9 10.61 29.33 54.48
CA GLY X 9 11.04 28.46 55.57
C GLY X 9 10.69 28.94 56.95
N THR X 10 9.85 29.96 57.07
CA THR X 10 9.45 30.51 58.36
C THR X 10 8.04 30.06 58.74
N ARG X 11 7.68 28.83 58.38
CA ARG X 11 6.36 28.31 58.69
C ARG X 11 6.15 28.19 60.20
N TYR X 12 7.18 27.72 60.91
CA TYR X 12 7.14 27.62 62.36
C TYR X 12 7.88 28.76 63.05
N MET X 13 8.71 29.49 62.31
CA MET X 13 9.47 30.59 62.90
C MET X 13 8.54 31.67 63.43
N PHE X 14 7.79 32.30 62.54
CA PHE X 14 6.94 33.43 62.87
C PHE X 14 5.58 33.01 63.39
N SER X 15 5.30 31.71 63.42
CA SER X 15 4.02 31.24 63.94
C SER X 15 3.95 31.45 65.45
N ARG X 16 2.76 31.80 65.92
CA ARG X 16 2.54 32.01 67.34
C ARG X 16 2.64 30.69 68.10
N PRO X 17 2.97 30.71 69.38
CA PRO X 17 3.02 29.48 70.17
C PRO X 17 1.62 29.01 70.52
N PHE X 18 1.55 27.86 71.18
CA PHE X 18 0.28 27.23 71.48
C PHE X 18 -0.53 28.11 72.43
N ARG X 19 -1.73 28.50 71.99
CA ARG X 19 -2.69 29.25 72.78
C ARG X 19 -2.16 30.60 73.23
N LYS X 20 -1.16 31.15 72.53
CA LYS X 20 -0.69 32.51 72.74
C LYS X 20 -1.10 33.43 71.61
N HIS X 21 -2.15 33.08 70.88
CA HIS X 21 -2.60 33.86 69.75
C HIS X 21 -3.42 35.06 70.23
N GLY X 22 -4.08 35.71 69.28
CA GLY X 22 -5.04 36.74 69.60
C GLY X 22 -4.38 38.10 69.81
N VAL X 23 -4.90 38.85 70.79
CA VAL X 23 -4.50 40.25 70.98
C VAL X 23 -3.06 40.30 71.49
N VAL X 24 -2.31 41.28 71.03
CA VAL X 24 -0.95 41.48 71.54
C VAL X 24 -1.02 42.18 72.89
N PRO X 25 -0.34 41.68 73.92
CA PRO X 25 -0.32 42.38 75.20
C PRO X 25 0.41 43.71 75.09
N LEU X 26 0.04 44.64 75.96
CA LEU X 26 0.49 46.02 75.82
C LEU X 26 1.78 46.34 76.55
N ALA X 27 2.30 45.44 77.39
CA ALA X 27 3.59 45.71 78.01
C ALA X 27 4.70 45.79 76.98
N THR X 28 4.52 45.17 75.81
CA THR X 28 5.51 45.27 74.75
C THR X 28 5.58 46.69 74.20
N TYR X 29 4.42 47.34 74.06
CA TYR X 29 4.43 48.73 73.59
C TYR X 29 4.76 49.68 74.72
N MET X 30 4.67 49.22 75.96
CA MET X 30 5.05 50.05 77.10
C MET X 30 6.52 49.90 77.47
N ARG X 31 7.27 49.07 76.75
CA ARG X 31 8.69 48.92 77.02
C ARG X 31 9.48 50.09 76.47
N ILE X 32 10.33 50.67 77.31
CA ILE X 32 11.09 51.86 76.95
C ILE X 32 12.48 51.41 76.49
N TYR X 33 12.85 51.81 75.27
CA TYR X 33 14.14 51.47 74.69
C TYR X 33 14.98 52.73 74.54
N LYS X 34 16.22 52.69 75.03
CA LYS X 34 17.13 53.81 75.00
C LYS X 34 18.23 53.58 73.98
N LYS X 35 19.05 54.60 73.79
CA LYS X 35 20.22 54.48 72.92
C LYS X 35 21.28 53.62 73.58
N GLY X 36 21.89 52.74 72.80
CA GLY X 36 23.03 51.98 73.24
C GLY X 36 22.71 50.81 74.15
N ASP X 37 21.45 50.43 74.28
CA ASP X 37 21.11 49.27 75.09
C ASP X 37 21.02 48.01 74.21
N ILE X 38 21.12 46.86 74.86
CA ILE X 38 21.23 45.58 74.19
C ILE X 38 19.85 44.94 74.14
N VAL X 39 19.41 44.59 72.94
CA VAL X 39 18.02 44.16 72.72
C VAL X 39 18.01 42.92 71.83
N ASP X 40 17.28 41.89 72.24
CA ASP X 40 17.11 40.70 71.43
C ASP X 40 16.05 40.94 70.35
N ILE X 41 16.06 40.09 69.34
CA ILE X 41 15.07 40.09 68.27
C ILE X 41 14.37 38.75 68.25
N LYS X 42 13.03 38.76 68.21
CA LYS X 42 12.27 37.53 68.18
C LYS X 42 11.23 37.50 67.06
N GLY X 43 10.72 38.66 66.64
CA GLY X 43 9.87 38.69 65.46
C GLY X 43 8.51 38.04 65.60
N MET X 44 7.61 38.68 66.34
CA MET X 44 6.22 38.22 66.39
C MET X 44 5.61 38.21 64.99
N GLY X 45 4.80 37.19 64.72
CA GLY X 45 4.08 37.10 63.47
C GLY X 45 2.67 37.61 63.50
N THR X 46 2.18 38.08 64.66
CA THR X 46 0.83 38.64 64.74
C THR X 46 0.75 39.92 63.91
N VAL X 47 1.76 40.75 63.98
CA VAL X 47 1.86 41.97 63.20
C VAL X 47 2.80 41.72 62.04
N GLN X 48 2.52 42.35 60.90
CA GLN X 48 3.32 42.15 59.71
C GLN X 48 4.19 43.35 59.36
N LYS X 49 3.97 44.49 59.99
CA LYS X 49 4.77 45.67 59.73
C LYS X 49 6.03 45.63 60.58
N GLY X 50 7.14 46.08 60.00
CA GLY X 50 8.42 46.03 60.69
C GLY X 50 8.89 44.62 60.98
N MET X 51 8.63 43.70 60.08
CA MET X 51 9.06 42.32 60.25
C MET X 51 10.58 42.23 60.12
N PRO X 52 11.27 41.72 61.13
CA PRO X 52 12.70 41.42 60.95
C PRO X 52 12.87 40.24 60.01
N HIS X 53 13.99 40.24 59.29
CA HIS X 53 14.25 39.16 58.36
C HIS X 53 14.63 37.90 59.12
N LYS X 54 14.48 36.76 58.46
CA LYS X 54 14.70 35.47 59.12
C LYS X 54 16.15 35.29 59.52
N CYS X 55 17.07 36.00 58.89
CA CYS X 55 18.46 35.88 59.28
C CYS X 55 18.79 36.69 60.53
N TYR X 56 17.84 37.48 61.03
CA TYR X 56 18.03 38.25 62.25
C TYR X 56 17.19 37.73 63.41
N HIS X 57 16.33 36.74 63.19
CA HIS X 57 15.58 36.15 64.28
C HIS X 57 16.52 35.51 65.29
N GLY X 58 16.29 35.79 66.57
CA GLY X 58 17.08 35.21 67.62
C GLY X 58 18.42 35.85 67.85
N LYS X 59 18.80 36.84 67.06
CA LYS X 59 20.06 37.53 67.28
C LYS X 59 19.90 38.55 68.40
N THR X 60 21.02 39.14 68.79
CA THR X 60 21.07 40.11 69.87
C THR X 60 21.94 41.28 69.43
N GLY X 61 21.38 42.49 69.50
CA GLY X 61 22.02 43.66 68.93
C GLY X 61 22.03 44.85 69.87
N ARG X 62 22.32 46.00 69.30
CA ARG X 62 22.54 47.25 70.02
C ARG X 62 21.75 48.35 69.34
N VAL X 63 20.89 49.03 70.10
CA VAL X 63 20.02 50.06 69.54
C VAL X 63 20.84 51.31 69.26
N TYR X 64 20.77 51.81 68.04
CA TYR X 64 21.44 53.04 67.66
C TYR X 64 20.48 54.16 67.26
N ASN X 65 19.18 53.90 67.23
CA ASN X 65 18.21 54.87 66.78
C ASN X 65 16.83 54.49 67.30
N VAL X 66 16.05 55.50 67.68
CA VAL X 66 14.71 55.30 68.21
C VAL X 66 13.74 56.22 67.47
N THR X 67 12.62 55.65 67.03
CA THR X 67 11.57 56.41 66.37
C THR X 67 10.23 56.11 67.02
N GLN X 68 9.12 56.55 66.42
CA GLN X 68 7.83 56.51 67.09
C GLN X 68 7.41 55.09 67.46
N HIS X 69 7.49 54.16 66.52
CA HIS X 69 7.03 52.80 66.76
C HIS X 69 8.09 51.75 66.54
N ALA X 70 9.25 52.09 66.00
CA ALA X 70 10.32 51.14 65.76
C ALA X 70 11.61 51.67 66.37
N VAL X 71 12.66 50.87 66.26
CA VAL X 71 14.01 51.29 66.60
C VAL X 71 14.96 50.70 65.56
N GLY X 72 16.18 51.23 65.54
CA GLY X 72 17.23 50.70 64.68
C GLY X 72 18.27 50.00 65.53
N ILE X 73 18.75 48.87 65.02
CA ILE X 73 19.71 48.03 65.74
C ILE X 73 20.91 47.75 64.86
N VAL X 74 22.10 47.95 65.40
CA VAL X 74 23.34 47.51 64.78
C VAL X 74 23.63 46.10 65.28
N VAL X 75 23.29 45.10 64.47
CA VAL X 75 23.38 43.70 64.85
C VAL X 75 24.30 42.99 63.88
N ASN X 76 25.18 42.14 64.41
CA ASN X 76 26.12 41.41 63.58
C ASN X 76 25.43 40.35 62.75
N LYS X 77 25.93 40.15 61.53
CA LYS X 77 25.43 39.09 60.67
C LYS X 77 26.62 38.39 60.03
N GLN X 78 26.61 37.06 60.09
CA GLN X 78 27.69 36.26 59.53
C GLN X 78 27.44 36.04 58.05
N VAL X 79 28.33 36.55 57.21
CA VAL X 79 28.24 36.38 55.77
C VAL X 79 29.57 35.83 55.29
N LYS X 80 29.53 34.61 54.75
CA LYS X 80 30.73 33.93 54.26
C LYS X 80 31.81 33.88 55.33
N GLY X 81 32.91 34.58 55.10
CA GLY X 81 33.99 34.64 56.06
C GLY X 81 34.19 36.02 56.63
N LYS X 82 33.09 36.71 56.94
CA LYS X 82 33.16 38.06 57.48
C LYS X 82 31.92 38.37 58.30
N ILE X 83 32.14 38.86 59.50
CA ILE X 83 31.08 39.41 60.34
C ILE X 83 30.97 40.89 60.05
N LEU X 84 29.77 41.33 59.67
CA LEU X 84 29.52 42.75 59.44
C LEU X 84 28.29 43.17 60.20
N ALA X 85 28.36 44.34 60.82
CA ALA X 85 27.32 44.82 61.73
C ALA X 85 26.27 45.57 60.92
N LYS X 86 25.24 44.84 60.50
CA LYS X 86 24.15 45.41 59.74
C LYS X 86 23.30 46.32 60.60
N ARG X 87 22.57 47.23 59.96
CA ARG X 87 21.60 48.08 60.64
C ARG X 87 20.21 47.71 60.15
N ILE X 88 19.32 47.35 61.07
CA ILE X 88 17.99 46.87 60.74
C ILE X 88 16.96 47.71 61.50
N ASN X 89 15.91 48.12 60.79
CA ASN X 89 14.80 48.87 61.36
C ASN X 89 13.65 47.90 61.61
N VAL X 90 13.30 47.69 62.87
CA VAL X 90 12.31 46.69 63.26
C VAL X 90 11.38 47.31 64.30
N ARG X 91 10.09 47.02 64.19
CA ARG X 91 9.11 47.58 65.11
C ARG X 91 9.27 46.98 66.50
N ILE X 92 8.83 47.74 67.51
CA ILE X 92 9.10 47.44 68.91
C ILE X 92 8.49 46.12 69.36
N GLU X 93 7.41 45.67 68.74
CA GLU X 93 6.74 44.47 69.21
C GLU X 93 7.43 43.19 68.76
N HIS X 94 8.46 43.29 67.93
CA HIS X 94 9.27 42.13 67.56
C HIS X 94 10.47 41.93 68.45
N ILE X 95 10.73 42.83 69.39
CA ILE X 95 11.97 42.83 70.15
C ILE X 95 11.67 42.89 71.64
N LYS X 96 12.68 42.56 72.44
CA LYS X 96 12.57 42.67 73.87
C LYS X 96 13.96 42.84 74.47
N HIS X 97 14.00 43.33 75.70
CA HIS X 97 15.25 43.59 76.39
C HIS X 97 15.99 42.29 76.70
N SER X 98 17.31 42.37 76.73
CA SER X 98 18.16 41.21 77.01
C SER X 98 18.60 41.26 78.46
N LYS X 99 18.42 40.16 79.18
CA LYS X 99 18.79 40.11 80.59
C LYS X 99 20.28 39.94 80.80
N SER X 100 21.06 39.64 79.75
CA SER X 100 22.50 39.50 79.91
C SER X 100 23.12 40.80 80.38
N ARG X 101 22.85 41.89 79.67
CA ARG X 101 23.35 43.20 80.06
C ARG X 101 22.75 43.63 81.40
N ASP X 102 21.50 43.25 81.67
CA ASP X 102 20.88 43.60 82.94
C ASP X 102 21.65 43.00 84.11
N SER X 103 21.94 41.70 84.04
CA SER X 103 22.68 41.05 85.11
C SER X 103 24.11 41.57 85.17
N PHE X 104 24.69 41.91 84.02
CA PHE X 104 26.02 42.51 84.03
C PHE X 104 26.02 43.85 84.77
N LEU X 105 25.05 44.72 84.48
CA LEU X 105 24.97 46.00 85.15
C LEU X 105 24.72 45.83 86.64
N LYS X 106 23.83 44.90 87.00
CA LYS X 106 23.58 44.63 88.41
C LYS X 106 24.85 44.18 89.11
N ARG X 107 25.62 43.29 88.48
CA ARG X 107 26.87 42.82 89.07
C ARG X 107 27.87 43.95 89.19
N VAL X 108 27.94 44.83 88.19
CA VAL X 108 28.88 45.95 88.24
C VAL X 108 28.53 46.90 89.38
N LYS X 109 27.25 47.23 89.52
CA LYS X 109 26.83 48.12 90.60
C LYS X 109 27.10 47.49 91.96
N GLU X 110 26.78 46.20 92.12
CA GLU X 110 27.03 45.52 93.37
C GLU X 110 28.52 45.45 93.66
N ASN X 111 29.34 45.23 92.64
CA ASN X 111 30.78 45.15 92.84
C ASN X 111 31.38 46.50 93.21
N ASP X 112 30.87 47.58 92.63
CA ASP X 112 31.36 48.91 92.99
C ASP X 112 30.97 49.26 94.43
N GLN X 113 29.74 48.93 94.82
CA GLN X 113 29.35 49.11 96.21
C GLN X 113 30.21 48.27 97.14
N LYS X 114 30.50 47.03 96.75
CA LYS X 114 31.37 46.17 97.55
C LYS X 114 32.77 46.75 97.66
N LYS X 115 33.28 47.30 96.56
CA LYS X 115 34.60 47.93 96.59
C LYS X 115 34.63 49.08 97.57
N LYS X 116 33.60 49.94 97.54
CA LYS X 116 33.59 51.09 98.44
C LYS X 116 33.50 50.65 99.90
N GLU X 117 32.61 49.70 100.19
CA GLU X 117 32.45 49.28 101.57
C GLU X 117 33.71 48.55 102.06
N ALA X 118 34.36 47.76 101.20
CA ALA X 118 35.55 47.05 101.62
C ALA X 118 36.74 47.98 101.76
N LYS X 119 36.75 49.09 101.01
CA LYS X 119 37.78 50.10 101.22
C LYS X 119 37.57 50.79 102.55
N GLU X 120 36.32 51.09 102.92
CA GLU X 120 36.13 51.78 104.19
C GLU X 120 36.28 50.85 105.40
N LYS X 121 36.02 49.54 105.26
CA LYS X 121 36.24 48.61 106.36
C LYS X 121 37.59 47.90 106.28
N GLY X 122 38.38 48.18 105.25
CA GLY X 122 39.76 47.72 105.20
C GLY X 122 39.99 46.31 104.72
N THR X 123 39.17 45.36 105.18
CA THR X 123 39.42 43.95 104.90
C THR X 123 39.15 43.64 103.44
N TRP X 124 40.10 42.96 102.79
CA TRP X 124 39.98 42.67 101.37
C TRP X 124 38.94 41.57 101.12
N VAL X 125 38.27 41.69 99.98
CA VAL X 125 37.31 40.70 99.52
C VAL X 125 37.56 40.47 98.04
N GLN X 126 37.12 39.31 97.54
CA GLN X 126 37.26 38.98 96.13
C GLN X 126 36.01 39.40 95.37
N LEU X 127 36.21 39.78 94.10
CA LEU X 127 35.12 40.26 93.27
C LEU X 127 35.03 39.49 91.96
N LYS X 128 36.19 39.14 91.40
CA LYS X 128 36.22 38.39 90.15
C LYS X 128 35.67 36.99 90.39
N ARG X 129 34.54 36.68 89.77
CA ARG X 129 33.94 35.37 89.95
C ARG X 129 34.78 34.30 89.26
N GLN X 130 35.01 33.20 89.96
CA GLN X 130 35.90 32.12 89.55
C GLN X 130 35.10 30.97 88.95
N PRO X 131 35.73 30.13 88.12
CA PRO X 131 35.09 28.88 87.72
C PRO X 131 34.95 27.95 88.91
N ALA X 132 34.09 26.95 88.74
CA ALA X 132 33.76 26.02 89.81
C ALA X 132 35.02 25.30 90.31
N PRO X 133 35.47 25.62 91.52
CA PRO X 133 36.67 24.98 92.03
C PRO X 133 36.40 23.52 92.37
N PRO X 134 37.41 22.67 92.36
CA PRO X 134 37.21 21.28 92.78
C PRO X 134 36.85 21.21 94.25
N ARG X 135 36.00 20.23 94.57
CA ARG X 135 35.38 20.16 95.88
C ARG X 135 36.41 19.82 96.95
N GLU X 136 36.34 20.51 98.08
CA GLU X 136 37.31 20.31 99.14
C GLU X 136 36.96 19.07 99.95
N ALA X 137 37.87 18.70 100.85
CA ALA X 137 37.71 17.50 101.64
C ALA X 137 36.50 17.61 102.56
N HIS X 138 35.86 16.48 102.81
CA HIS X 138 34.69 16.45 103.67
C HIS X 138 34.50 15.03 104.17
N PHE X 139 33.90 14.92 105.35
CA PHE X 139 33.63 13.64 105.97
C PHE X 139 32.15 13.32 105.82
N VAL X 140 31.85 12.14 105.27
CA VAL X 140 30.49 11.69 105.07
C VAL X 140 30.20 10.61 106.11
N ARG X 141 29.27 10.91 107.00
CA ARG X 141 28.91 9.97 108.05
C ARG X 141 28.13 8.79 107.48
N THR X 142 28.15 7.67 108.20
CA THR X 142 27.23 6.58 107.92
C THR X 142 26.06 6.54 108.90
N ASN X 143 26.22 7.18 110.07
CA ASN X 143 25.22 7.18 111.14
C ASN X 143 24.88 5.77 111.60
N GLY X 144 25.80 4.83 111.42
CA GLY X 144 25.57 3.45 111.76
C GLY X 144 24.73 2.68 110.77
N LYS X 145 24.22 3.32 109.73
CA LYS X 145 23.38 2.69 108.74
C LYS X 145 24.25 2.09 107.65
N GLU X 146 24.16 0.79 107.47
CA GLU X 146 24.99 0.11 106.48
C GLU X 146 24.50 0.44 105.08
N PRO X 147 25.36 0.90 104.18
CA PRO X 147 24.90 1.31 102.84
C PRO X 147 24.27 0.15 102.08
N GLU X 148 23.22 0.46 101.32
CA GLU X 148 22.44 -0.55 100.63
C GLU X 148 23.25 -1.17 99.49
N LEU X 149 23.14 -2.48 99.35
CA LEU X 149 23.88 -3.21 98.31
C LEU X 149 23.07 -3.20 97.03
N LEU X 150 23.66 -2.67 95.96
CA LEU X 150 23.03 -2.60 94.66
C LEU X 150 23.51 -3.73 93.77
N GLU X 151 22.59 -4.30 93.01
CA GLU X 151 22.87 -5.38 92.09
C GLU X 151 22.14 -5.15 90.78
N PRO X 152 22.75 -5.51 89.64
CA PRO X 152 22.03 -5.42 88.37
C PRO X 152 20.89 -6.42 88.32
N ILE X 153 19.85 -6.06 87.59
CA ILE X 153 18.63 -6.86 87.50
C ILE X 153 18.79 -7.90 86.40
N PRO X 154 18.38 -9.15 86.62
CA PRO X 154 18.38 -10.13 85.53
C PRO X 154 17.50 -9.68 84.37
N TYR X 155 17.98 -9.92 83.16
CA TYR X 155 17.27 -9.48 81.98
C TYR X 155 15.98 -10.25 81.79
N GLU X 156 14.93 -9.55 81.39
CA GLU X 156 13.71 -10.21 80.96
C GLU X 156 13.01 -9.28 79.98
N PHE X 157 12.21 -9.87 79.10
CA PHE X 157 11.51 -9.12 78.07
C PHE X 157 10.19 -8.59 78.60
N MET X 158 9.86 -7.35 78.26
CA MET X 158 8.60 -6.74 78.66
C MET X 158 7.70 -6.46 77.47
N ALA X 159 8.19 -5.71 76.48
CA ALA X 159 7.35 -5.24 75.39
C ALA X 159 8.17 -4.80 74.19
N GLN Y 1 67.68 -31.13 -83.32
CA GLN Y 1 67.08 -31.89 -82.24
C GLN Y 1 68.10 -32.85 -81.64
N VAL Y 2 69.37 -32.48 -81.74
CA VAL Y 2 70.47 -33.25 -81.17
C VAL Y 2 71.05 -32.44 -80.01
N LEU Y 3 70.90 -32.95 -78.80
CA LEU Y 3 71.22 -32.18 -77.60
C LEU Y 3 72.71 -32.18 -77.30
N LYS Y 4 73.31 -33.36 -77.13
CA LYS Y 4 74.77 -33.51 -77.05
C LYS Y 4 75.36 -32.71 -75.89
N PHE Y 5 75.02 -33.17 -74.68
CA PHE Y 5 75.67 -32.68 -73.47
C PHE Y 5 77.01 -33.39 -73.27
N THR Y 6 77.80 -32.86 -72.32
CA THR Y 6 79.16 -33.34 -72.09
C THR Y 6 79.47 -33.27 -70.61
N LEU Y 7 80.26 -34.23 -70.13
CA LEU Y 7 80.89 -34.17 -68.83
C LEU Y 7 82.40 -34.20 -69.02
N ASP Y 8 83.13 -33.49 -68.16
CA ASP Y 8 84.58 -33.41 -68.25
C ASP Y 8 85.18 -33.84 -66.92
N CYS Y 9 85.32 -35.14 -66.73
CA CYS Y 9 85.99 -35.71 -65.58
C CYS Y 9 87.46 -35.89 -65.96
N THR Y 10 88.26 -34.85 -65.71
CA THR Y 10 89.64 -34.81 -66.16
C THR Y 10 90.64 -34.83 -65.01
N HIS Y 11 90.54 -33.89 -64.09
CA HIS Y 11 91.46 -33.87 -62.96
C HIS Y 11 91.34 -35.08 -62.05
N PRO Y 12 90.15 -35.56 -61.66
CA PRO Y 12 90.11 -36.78 -60.83
C PRO Y 12 90.58 -38.03 -61.56
N VAL Y 13 90.57 -38.05 -62.89
CA VAL Y 13 91.02 -39.26 -63.56
C VAL Y 13 92.53 -39.21 -63.82
N GLU Y 14 93.10 -38.02 -63.96
CA GLU Y 14 94.55 -37.93 -64.02
C GLU Y 14 95.17 -38.05 -62.63
N ASP Y 15 94.42 -37.70 -61.58
CA ASP Y 15 94.85 -37.97 -60.23
C ASP Y 15 94.58 -39.41 -59.81
N GLY Y 16 93.78 -40.14 -60.58
CA GLY Y 16 93.54 -41.55 -60.31
C GLY Y 16 92.59 -41.83 -59.16
N ILE Y 17 91.77 -40.85 -58.76
CA ILE Y 17 90.85 -41.06 -57.65
C ILE Y 17 89.44 -41.44 -58.11
N MET Y 18 89.16 -41.38 -59.41
CA MET Y 18 87.83 -41.68 -59.90
C MET Y 18 87.95 -42.22 -61.32
N ASP Y 19 87.24 -43.31 -61.58
CA ASP Y 19 87.28 -43.99 -62.87
C ASP Y 19 86.15 -43.48 -63.75
N ALA Y 20 86.51 -42.87 -64.89
CA ALA Y 20 85.50 -42.49 -65.86
C ALA Y 20 84.82 -43.71 -66.46
N ALA Y 21 85.52 -44.85 -66.51
CA ALA Y 21 84.92 -46.06 -67.04
C ALA Y 21 83.78 -46.54 -66.15
N ASN Y 22 84.03 -46.60 -64.84
CA ASN Y 22 82.98 -46.97 -63.90
C ASN Y 22 81.89 -45.93 -63.87
N PHE Y 23 82.24 -44.66 -64.05
CA PHE Y 23 81.26 -43.59 -64.18
C PHE Y 23 80.32 -43.85 -65.33
N GLU Y 24 80.86 -44.12 -66.52
CA GLU Y 24 80.02 -44.41 -67.68
C GLU Y 24 79.18 -45.65 -67.43
N GLN Y 25 79.77 -46.68 -66.83
CA GLN Y 25 79.03 -47.90 -66.55
C GLN Y 25 77.87 -47.61 -65.60
N PHE Y 26 78.06 -46.67 -64.68
CA PHE Y 26 77.00 -46.26 -63.77
C PHE Y 26 75.91 -45.48 -64.50
N LEU Y 27 76.28 -44.70 -65.52
CA LEU Y 27 75.31 -43.86 -66.22
C LEU Y 27 74.14 -44.65 -66.80
N GLN Y 28 74.42 -45.73 -67.53
CA GLN Y 28 73.39 -46.27 -68.43
C GLN Y 28 72.18 -46.81 -67.69
N GLU Y 29 72.35 -47.35 -66.49
CA GLU Y 29 71.21 -47.87 -65.74
C GLU Y 29 70.54 -46.82 -64.87
N ARG Y 30 71.13 -45.64 -64.73
CA ARG Y 30 70.54 -44.59 -63.91
C ARG Y 30 69.92 -43.46 -64.70
N ILE Y 31 70.07 -43.42 -66.02
CA ILE Y 31 69.37 -42.43 -66.81
C ILE Y 31 67.95 -42.90 -67.04
N LYS Y 32 66.98 -42.08 -66.66
CA LYS Y 32 65.57 -42.40 -66.82
C LYS Y 32 65.04 -41.74 -68.07
N VAL Y 33 64.63 -42.53 -69.04
CA VAL Y 33 63.95 -42.04 -70.23
C VAL Y 33 62.49 -42.40 -70.09
N ASN Y 34 61.62 -41.39 -70.05
CA ASN Y 34 60.20 -41.55 -69.81
C ASN Y 34 59.95 -42.27 -68.48
N GLY Y 35 60.79 -41.97 -67.49
CA GLY Y 35 60.64 -42.50 -66.16
C GLY Y 35 61.25 -43.86 -65.92
N LYS Y 36 61.84 -44.50 -66.93
CA LYS Y 36 62.38 -45.84 -66.81
C LYS Y 36 63.90 -45.77 -66.77
N ALA Y 37 64.48 -46.26 -65.68
CA ALA Y 37 65.93 -46.33 -65.56
C ALA Y 37 66.46 -47.63 -66.15
N GLY Y 38 67.58 -47.53 -66.85
CA GLY Y 38 68.15 -48.66 -67.55
C GLY Y 38 67.67 -48.75 -68.99
N ASN Y 39 68.40 -49.56 -69.77
CA ASN Y 39 68.15 -49.87 -71.18
C ASN Y 39 68.13 -48.63 -72.08
N LEU Y 40 68.57 -47.48 -71.56
CA LEU Y 40 68.73 -46.25 -72.34
C LEU Y 40 67.44 -45.83 -73.04
N GLY Y 41 66.30 -46.18 -72.47
CA GLY Y 41 65.01 -45.87 -73.06
C GLY Y 41 64.84 -46.43 -74.46
N GLY Y 42 65.27 -47.68 -74.66
CA GLY Y 42 65.27 -48.25 -75.98
C GLY Y 42 66.38 -47.76 -76.88
N GLY Y 43 67.51 -47.37 -76.31
CA GLY Y 43 68.63 -46.89 -77.11
C GLY Y 43 68.46 -45.50 -77.67
N VAL Y 44 67.44 -44.75 -77.24
CA VAL Y 44 67.26 -43.40 -77.73
C VAL Y 44 68.41 -42.51 -77.29
N VAL Y 45 68.95 -42.73 -76.09
CA VAL Y 45 70.11 -42.01 -75.60
C VAL Y 45 71.35 -42.86 -75.86
N THR Y 46 72.37 -42.22 -76.43
CA THR Y 46 73.64 -42.87 -76.70
C THR Y 46 74.72 -42.25 -75.82
N ILE Y 47 75.64 -43.09 -75.36
CA ILE Y 47 76.71 -42.67 -74.47
C ILE Y 47 78.03 -43.06 -75.11
N GLU Y 48 79.00 -42.15 -75.08
CA GLU Y 48 80.32 -42.44 -75.63
C GLU Y 48 81.36 -41.68 -74.84
N ARG Y 49 82.57 -42.25 -74.77
CA ARG Y 49 83.67 -41.69 -74.01
C ARG Y 49 84.88 -41.46 -74.90
N SER Y 50 85.58 -40.34 -74.63
CA SER Y 50 86.89 -40.08 -75.20
C SER Y 50 88.00 -40.51 -74.25
N LYS Y 51 87.70 -41.48 -73.38
CA LYS Y 51 88.60 -42.05 -72.37
C LYS Y 51 88.88 -41.08 -71.23
N SER Y 52 88.44 -39.83 -71.38
CA SER Y 52 88.38 -38.89 -70.25
C SER Y 52 87.12 -38.04 -70.24
N LYS Y 53 86.43 -37.86 -71.36
CA LYS Y 53 85.25 -37.01 -71.47
C LYS Y 53 84.09 -37.86 -71.95
N ILE Y 54 83.04 -37.98 -71.15
CA ILE Y 54 81.83 -38.67 -71.57
C ILE Y 54 80.92 -37.67 -72.25
N THR Y 55 80.11 -38.13 -73.19
CA THR Y 55 79.12 -37.31 -73.87
C THR Y 55 77.79 -38.05 -73.91
N VAL Y 56 76.71 -37.27 -73.82
CA VAL Y 56 75.36 -37.81 -73.81
C VAL Y 56 74.56 -37.12 -74.89
N THR Y 57 74.07 -37.88 -75.86
CA THR Y 57 73.31 -37.33 -76.98
C THR Y 57 71.95 -37.99 -77.02
N SER Y 58 70.90 -37.18 -76.98
CA SER Y 58 69.53 -37.66 -77.02
C SER Y 58 68.75 -36.89 -78.06
N GLU Y 59 67.80 -37.57 -78.70
CA GLU Y 59 66.87 -36.95 -79.63
C GLU Y 59 65.54 -36.63 -78.97
N VAL Y 60 65.45 -36.80 -77.65
CA VAL Y 60 64.26 -36.50 -76.87
C VAL Y 60 64.64 -35.39 -75.90
N PRO Y 61 63.77 -34.43 -75.62
CA PRO Y 61 64.13 -33.34 -74.69
C PRO Y 61 64.66 -33.88 -73.37
N PHE Y 62 65.82 -33.38 -72.97
CA PHE Y 62 66.62 -33.96 -71.92
C PHE Y 62 67.33 -32.85 -71.17
N SER Y 63 67.49 -33.03 -69.87
CA SER Y 63 67.96 -31.97 -68.99
C SER Y 63 69.42 -32.19 -68.62
N LYS Y 64 70.25 -31.17 -68.86
CA LYS Y 64 71.62 -31.18 -68.34
C LYS Y 64 71.64 -31.24 -66.83
N ARG Y 65 70.62 -30.67 -66.18
CA ARG Y 65 70.50 -30.74 -64.74
C ARG Y 65 70.25 -32.16 -64.25
N TYR Y 66 69.59 -32.99 -65.06
CA TYR Y 66 69.49 -34.40 -64.72
C TYR Y 66 70.88 -35.03 -64.65
N LEU Y 67 71.75 -34.66 -65.58
CA LEU Y 67 73.12 -35.16 -65.56
C LEU Y 67 73.86 -34.63 -64.33
N LYS Y 68 73.63 -33.37 -63.96
CA LYS Y 68 74.24 -32.86 -62.73
C LYS Y 68 73.75 -33.62 -61.51
N TYR Y 69 72.45 -33.92 -61.47
CA TYR Y 69 71.87 -34.70 -60.38
C TYR Y 69 72.53 -36.06 -60.26
N LEU Y 70 72.64 -36.78 -61.38
CA LEU Y 70 73.16 -38.14 -61.30
C LEU Y 70 74.67 -38.14 -61.08
N THR Y 71 75.38 -37.12 -61.54
CA THR Y 71 76.81 -37.09 -61.23
C THR Y 71 77.05 -36.71 -59.78
N LYS Y 72 76.19 -35.87 -59.19
CA LYS Y 72 76.27 -35.65 -57.76
C LYS Y 72 75.95 -36.93 -57.00
N LYS Y 73 75.01 -37.73 -57.53
CA LYS Y 73 74.75 -39.03 -56.96
C LYS Y 73 75.99 -39.92 -56.98
N TYR Y 74 76.67 -39.97 -58.13
CA TYR Y 74 77.87 -40.79 -58.26
C TYR Y 74 78.96 -40.31 -57.31
N LEU Y 75 79.13 -39.00 -57.21
CA LEU Y 75 80.13 -38.42 -56.33
C LEU Y 75 79.84 -38.76 -54.87
N LYS Y 76 78.57 -38.70 -54.47
CA LYS Y 76 78.21 -39.10 -53.10
C LYS Y 76 78.43 -40.58 -52.89
N LYS Y 77 78.11 -41.41 -53.89
CA LYS Y 77 78.25 -42.86 -53.77
C LYS Y 77 79.71 -43.25 -53.54
N ASN Y 78 80.64 -42.49 -54.09
CA ASN Y 78 82.06 -42.76 -53.93
C ASN Y 78 82.76 -41.69 -53.11
N ASN Y 79 81.99 -41.03 -52.24
CA ASN Y 79 82.40 -40.04 -51.23
C ASN Y 79 83.51 -39.09 -51.68
N LEU Y 80 83.44 -38.63 -52.93
CA LEU Y 80 84.29 -37.54 -53.41
C LEU Y 80 83.53 -36.21 -53.43
N ARG Y 81 82.34 -36.18 -52.83
CA ARG Y 81 81.57 -34.94 -52.74
C ARG Y 81 82.31 -33.89 -51.93
N ASP Y 82 82.98 -34.31 -50.85
CA ASP Y 82 83.76 -33.44 -49.99
C ASP Y 82 84.99 -32.88 -50.68
N TRP Y 83 85.37 -33.40 -51.83
CA TRP Y 83 86.61 -33.03 -52.52
C TRP Y 83 86.37 -32.39 -53.88
N LEU Y 84 85.26 -32.70 -54.53
CA LEU Y 84 84.98 -32.27 -55.89
C LEU Y 84 83.82 -31.28 -55.89
N ARG Y 85 83.52 -30.79 -57.09
CA ARG Y 85 82.35 -29.95 -57.32
C ARG Y 85 82.09 -29.90 -58.81
N VAL Y 86 80.83 -29.88 -59.19
CA VAL Y 86 80.43 -29.86 -60.60
C VAL Y 86 80.12 -28.42 -61.00
N VAL Y 87 80.76 -27.97 -62.06
CA VAL Y 87 80.65 -26.59 -62.54
C VAL Y 87 80.49 -26.62 -64.05
N ALA Y 88 79.52 -25.90 -64.57
CA ALA Y 88 79.35 -25.78 -66.01
C ALA Y 88 80.43 -24.84 -66.54
N ASN Y 89 81.49 -25.41 -67.11
CA ASN Y 89 82.54 -24.58 -67.70
C ASN Y 89 82.02 -23.83 -68.92
N SER Y 90 80.91 -24.30 -69.49
CA SER Y 90 80.21 -23.62 -70.57
C SER Y 90 78.81 -24.20 -70.62
N LYS Y 91 78.06 -23.85 -71.66
CA LYS Y 91 76.84 -24.57 -71.94
C LYS Y 91 77.17 -25.97 -72.42
N GLU Y 92 76.17 -26.86 -72.35
CA GLU Y 92 76.23 -28.27 -72.79
C GLU Y 92 77.49 -29.00 -72.31
N SER Y 93 78.09 -28.56 -71.20
CA SER Y 93 79.35 -29.14 -70.77
C SER Y 93 79.55 -28.88 -69.29
N TYR Y 94 79.54 -29.96 -68.52
CA TYR Y 94 79.91 -29.94 -67.11
C TYR Y 94 81.36 -30.42 -66.99
N GLU Y 95 81.86 -30.42 -65.76
CA GLU Y 95 83.20 -30.88 -65.49
C GLU Y 95 83.33 -31.14 -63.99
N LEU Y 96 84.45 -31.74 -63.61
CA LEU Y 96 84.77 -32.02 -62.21
C LEU Y 96 86.03 -31.27 -61.83
N ARG Y 97 85.91 -30.24 -61.00
CA ARG Y 97 87.06 -29.55 -60.47
C ARG Y 97 87.06 -29.66 -58.94
N TYR Y 98 88.15 -29.22 -58.34
CA TYR Y 98 88.36 -29.41 -56.91
C TYR Y 98 87.94 -28.18 -56.12
N PHE Y 99 87.64 -28.40 -54.85
CA PHE Y 99 87.48 -27.30 -53.91
C PHE Y 99 88.79 -26.55 -53.77
N GLN Y 100 88.86 -25.36 -54.33
CA GLN Y 100 90.06 -24.55 -54.35
C GLN Y 100 90.12 -23.76 -53.06
N ILE Y 101 91.14 -24.01 -52.25
CA ILE Y 101 91.30 -23.27 -51.00
C ILE Y 101 91.65 -21.83 -51.33
N SER Z 1 25.95 -65.67 15.33
CA SER Z 1 25.04 -65.51 14.20
C SER Z 1 25.79 -65.04 12.97
N GLY Z 2 26.68 -64.07 13.16
CA GLY Z 2 27.45 -63.51 12.06
C GLY Z 2 26.70 -62.36 11.42
N ALA Z 3 27.33 -61.18 11.41
CA ALA Z 3 26.68 -59.96 10.96
C ALA Z 3 27.41 -59.37 9.76
N LYS Z 4 26.88 -58.27 9.27
CA LYS Z 4 27.43 -57.59 8.12
C LYS Z 4 28.78 -56.95 8.47
N PHE Z 5 29.79 -57.23 7.66
CA PHE Z 5 31.10 -56.63 7.84
C PHE Z 5 31.11 -55.20 7.31
N ARG Z 6 32.32 -54.64 7.21
CA ARG Z 6 32.47 -53.27 6.74
C ARG Z 6 32.92 -53.27 5.29
N ILE Z 7 32.16 -52.59 4.42
CA ILE Z 7 32.44 -52.51 3.00
C ILE Z 7 32.43 -51.04 2.59
N SER Z 8 33.00 -50.78 1.42
CA SER Z 8 33.03 -49.43 0.88
C SER Z 8 31.61 -48.94 0.61
N LEU Z 9 31.31 -47.72 1.07
CA LEU Z 9 29.93 -47.25 1.05
C LEU Z 9 29.56 -46.68 -0.32
N GLY Z 10 30.19 -45.58 -0.71
CA GLY Z 10 30.06 -45.04 -2.05
C GLY Z 10 28.74 -44.39 -2.40
N LEU Z 11 27.74 -44.42 -1.53
CA LEU Z 11 26.40 -43.90 -1.85
C LEU Z 11 25.97 -42.91 -0.77
N PRO Z 12 26.42 -41.66 -0.86
CA PRO Z 12 26.06 -40.67 0.15
C PRO Z 12 24.61 -40.23 0.02
N VAL Z 13 24.19 -39.35 0.93
CA VAL Z 13 22.86 -38.77 0.86
C VAL Z 13 22.76 -37.89 -0.39
N GLY Z 14 21.64 -38.03 -1.10
CA GLY Z 14 21.44 -37.34 -2.35
C GLY Z 14 21.62 -38.21 -3.57
N ALA Z 15 22.12 -39.42 -3.40
CA ALA Z 15 22.34 -40.31 -4.53
C ALA Z 15 21.04 -40.88 -5.03
N VAL Z 16 20.83 -40.80 -6.35
CA VAL Z 16 19.67 -41.37 -7.00
C VAL Z 16 20.09 -42.72 -7.56
N ILE Z 17 19.41 -43.77 -7.12
CA ILE Z 17 19.71 -45.13 -7.55
C ILE Z 17 18.49 -45.69 -8.28
N ASN Z 18 18.73 -46.66 -9.16
CA ASN Z 18 17.64 -47.32 -9.85
C ASN Z 18 16.82 -48.14 -8.88
N CYS Z 19 15.50 -48.13 -9.06
CA CYS Z 19 14.61 -48.96 -8.27
C CYS Z 19 14.39 -50.26 -9.04
N ALA Z 20 14.82 -51.38 -8.46
CA ALA Z 20 14.94 -52.63 -9.19
C ALA Z 20 13.80 -53.61 -8.94
N ASP Z 21 12.62 -53.13 -8.58
CA ASP Z 21 11.48 -54.01 -8.39
C ASP Z 21 10.31 -53.57 -9.29
N ASN Z 22 9.17 -54.23 -9.11
CA ASN Z 22 8.00 -53.97 -9.94
C ASN Z 22 6.95 -53.11 -9.23
N THR Z 23 7.40 -52.21 -8.36
CA THR Z 23 6.48 -51.32 -7.67
C THR Z 23 5.91 -50.23 -8.56
N GLY Z 24 6.44 -50.07 -9.77
CA GLY Z 24 6.12 -48.92 -10.59
C GLY Z 24 6.98 -47.72 -10.29
N ALA Z 25 7.72 -47.74 -9.19
CA ALA Z 25 8.68 -46.68 -8.88
C ALA Z 25 9.95 -46.91 -9.70
N LYS Z 26 10.38 -45.87 -10.41
CA LYS Z 26 11.52 -46.02 -11.31
C LYS Z 26 12.86 -45.88 -10.59
N ASN Z 27 12.95 -45.01 -9.60
CA ASN Z 27 14.23 -44.72 -8.95
C ASN Z 27 14.01 -44.46 -7.47
N LEU Z 28 15.11 -44.32 -6.74
CA LEU Z 28 15.09 -44.00 -5.32
C LEU Z 28 16.09 -42.88 -5.06
N TYR Z 29 15.69 -41.90 -4.27
CA TYR Z 29 16.52 -40.74 -3.93
C TYR Z 29 16.86 -40.83 -2.46
N ILE Z 30 18.09 -41.23 -2.16
CA ILE Z 30 18.52 -41.41 -0.78
C ILE Z 30 18.49 -40.08 -0.05
N ILE Z 31 17.84 -40.05 1.11
CA ILE Z 31 17.84 -38.86 1.95
C ILE Z 31 18.57 -39.09 3.26
N SER Z 32 18.85 -40.33 3.63
CA SER Z 32 19.59 -40.67 4.84
C SER Z 32 19.84 -42.16 4.81
N VAL Z 33 20.60 -42.63 5.81
CA VAL Z 33 20.90 -44.04 5.97
C VAL Z 33 20.65 -44.42 7.42
N LYS Z 34 19.93 -45.51 7.64
CA LYS Z 34 19.64 -45.95 9.01
C LYS Z 34 20.92 -46.35 9.73
N GLY Z 35 20.91 -46.17 11.04
CA GLY Z 35 22.00 -46.64 11.87
C GLY Z 35 23.26 -45.81 11.81
N ILE Z 36 23.21 -44.63 11.22
CA ILE Z 36 24.38 -43.77 11.07
C ILE Z 36 24.35 -42.76 12.20
N LYS Z 37 25.37 -42.79 13.05
CA LYS Z 37 25.47 -41.80 14.12
C LYS Z 37 25.79 -40.42 13.55
N GLY Z 38 26.92 -40.28 12.88
CA GLY Z 38 27.24 -39.10 12.12
C GLY Z 38 28.43 -38.37 12.68
N ARG Z 39 28.84 -37.32 11.97
CA ARG Z 39 29.96 -36.47 12.33
C ARG Z 39 29.79 -35.16 11.60
N LEU Z 40 30.44 -34.10 12.09
CA LEU Z 40 30.41 -32.82 11.38
C LEU Z 40 30.93 -32.96 9.97
N ASN Z 41 30.15 -32.44 9.02
CA ASN Z 41 30.46 -32.31 7.61
C ASN Z 41 30.43 -33.65 6.88
N ARG Z 42 30.30 -34.77 7.57
CA ARG Z 42 30.35 -36.07 6.93
C ARG Z 42 28.97 -36.47 6.44
N LEU Z 43 28.88 -36.84 5.18
CA LEU Z 43 27.62 -37.30 4.60
C LEU Z 43 27.33 -38.73 5.04
N PRO Z 44 26.14 -39.02 5.56
CA PRO Z 44 25.74 -40.41 5.73
C PRO Z 44 25.71 -41.12 4.39
N ALA Z 45 26.21 -42.35 4.36
CA ALA Z 45 26.29 -43.13 3.14
C ALA Z 45 25.97 -44.59 3.43
N ALA Z 46 25.73 -45.35 2.37
CA ALA Z 46 25.34 -46.74 2.51
C ALA Z 46 25.99 -47.58 1.42
N GLY Z 47 26.29 -48.83 1.76
CA GLY Z 47 26.62 -49.86 0.80
C GLY Z 47 25.45 -50.78 0.54
N VAL Z 48 25.77 -51.95 0.00
CA VAL Z 48 24.72 -52.95 -0.21
C VAL Z 48 24.38 -53.61 1.12
N GLY Z 49 23.08 -53.75 1.38
CA GLY Z 49 22.60 -54.35 2.61
C GLY Z 49 22.12 -53.39 3.67
N ASP Z 50 22.21 -52.09 3.43
CA ASP Z 50 21.86 -51.10 4.44
C ASP Z 50 20.43 -50.63 4.28
N MET Z 51 19.73 -50.51 5.41
CA MET Z 51 18.47 -49.76 5.42
C MET Z 51 18.76 -48.32 5.02
N VAL Z 52 17.94 -47.79 4.13
CA VAL Z 52 18.10 -46.44 3.62
C VAL Z 52 16.73 -45.77 3.60
N MET Z 53 16.64 -44.59 4.20
CA MET Z 53 15.45 -43.77 4.05
C MET Z 53 15.57 -43.01 2.74
N ALA Z 54 14.62 -43.22 1.83
CA ALA Z 54 14.71 -42.65 0.50
C ALA Z 54 13.31 -42.42 -0.06
N THR Z 55 13.20 -41.44 -0.94
CA THR Z 55 11.94 -41.08 -1.56
C THR Z 55 12.04 -41.27 -3.08
N VAL Z 56 10.96 -41.72 -3.68
CA VAL Z 56 10.93 -41.94 -5.12
C VAL Z 56 10.73 -40.60 -5.84
N LYS Z 57 11.50 -40.39 -6.90
CA LYS Z 57 11.38 -39.20 -7.73
C LYS Z 57 10.51 -39.41 -8.95
N LYS Z 58 10.85 -40.39 -9.80
CA LYS Z 58 10.07 -40.73 -10.97
C LYS Z 58 9.51 -42.12 -10.77
N GLY Z 59 8.25 -42.32 -11.12
CA GLY Z 59 7.65 -43.64 -10.97
C GLY Z 59 6.14 -43.63 -11.05
N LYS Z 60 5.49 -44.23 -10.07
CA LYS Z 60 4.04 -44.18 -9.96
C LYS Z 60 3.65 -42.98 -9.10
N PRO Z 61 2.71 -42.14 -9.53
CA PRO Z 61 2.48 -40.86 -8.85
C PRO Z 61 2.04 -40.97 -7.40
N GLU Z 62 1.39 -42.05 -7.00
CA GLU Z 62 0.95 -42.15 -5.60
C GLU Z 62 2.06 -42.57 -4.65
N LEU Z 63 3.31 -42.60 -5.11
CA LEU Z 63 4.43 -42.95 -4.26
C LEU Z 63 5.35 -41.78 -3.96
N ARG Z 64 5.24 -40.67 -4.69
CA ARG Z 64 6.25 -39.62 -4.72
C ARG Z 64 6.60 -39.00 -3.37
N LYS Z 65 5.66 -38.31 -2.76
CA LYS Z 65 5.98 -37.33 -1.73
C LYS Z 65 5.89 -37.91 -0.31
N LYS Z 66 6.54 -39.04 -0.08
CA LYS Z 66 6.64 -39.58 1.26
C LYS Z 66 7.87 -40.49 1.33
N VAL Z 67 8.49 -40.49 2.50
CA VAL Z 67 9.74 -41.21 2.72
C VAL Z 67 9.44 -42.70 2.72
N HIS Z 68 10.42 -43.49 2.28
CA HIS Z 68 10.28 -44.93 2.21
C HIS Z 68 11.50 -45.61 2.80
N PRO Z 69 11.34 -46.75 3.44
CA PRO Z 69 12.49 -47.58 3.80
C PRO Z 69 12.88 -48.46 2.62
N ALA Z 70 14.17 -48.48 2.31
CA ALA Z 70 14.67 -49.25 1.17
C ALA Z 70 15.94 -49.96 1.59
N VAL Z 71 16.35 -50.92 0.77
CA VAL Z 71 17.60 -51.66 0.97
C VAL Z 71 18.36 -51.66 -0.34
N VAL Z 72 19.64 -51.30 -0.28
CA VAL Z 72 20.49 -51.26 -1.46
C VAL Z 72 20.93 -52.67 -1.81
N ILE Z 73 20.71 -53.07 -3.06
CA ILE Z 73 21.06 -54.40 -3.51
C ILE Z 73 22.25 -54.41 -4.46
N ARG Z 74 22.49 -53.33 -5.18
CA ARG Z 74 23.61 -53.26 -6.11
C ARG Z 74 24.28 -51.91 -5.96
N GLN Z 75 25.60 -51.89 -6.16
CA GLN Z 75 26.32 -50.63 -6.13
C GLN Z 75 27.48 -50.68 -7.10
N ARG Z 76 27.78 -49.52 -7.69
CA ARG Z 76 28.84 -49.40 -8.66
C ARG Z 76 30.23 -49.36 -8.04
N LYS Z 77 30.34 -48.99 -6.77
CA LYS Z 77 31.65 -48.89 -6.12
C LYS Z 77 32.11 -50.27 -5.69
N SER Z 78 33.40 -50.56 -5.93
CA SER Z 78 33.96 -51.85 -5.59
C SER Z 78 33.99 -52.05 -4.08
N TYR Z 79 33.95 -53.31 -3.66
CA TYR Z 79 34.10 -53.64 -2.26
C TYR Z 79 34.71 -55.03 -2.13
N ARG Z 80 35.46 -55.21 -1.05
CA ARG Z 80 36.23 -56.43 -0.83
C ARG Z 80 35.38 -57.39 -0.02
N ARG Z 81 35.37 -58.66 -0.43
CA ARG Z 81 34.50 -59.67 0.18
C ARG Z 81 35.27 -60.65 1.05
N LYS Z 82 36.26 -60.15 1.79
CA LYS Z 82 37.00 -60.92 2.80
C LYS Z 82 37.77 -62.09 2.19
N ASP Z 83 37.86 -62.15 0.87
CA ASP Z 83 38.62 -63.17 0.17
C ASP Z 83 39.39 -62.57 -0.99
N GLY Z 84 39.85 -61.33 -0.81
CA GLY Z 84 40.65 -60.67 -1.82
C GLY Z 84 39.94 -60.40 -3.13
N VAL Z 85 38.62 -60.34 -3.11
CA VAL Z 85 37.83 -60.16 -4.33
C VAL Z 85 37.13 -58.82 -4.26
N PHE Z 86 37.38 -57.97 -5.25
CA PHE Z 86 36.78 -56.64 -5.32
C PHE Z 86 35.70 -56.70 -6.39
N LEU Z 87 34.46 -56.88 -5.98
CA LEU Z 87 33.34 -56.92 -6.90
C LEU Z 87 32.64 -55.56 -6.94
N TYR Z 88 32.15 -55.20 -8.11
CA TYR Z 88 31.37 -53.99 -8.28
C TYR Z 88 30.32 -54.22 -9.36
N PHE Z 89 29.12 -53.76 -9.11
CA PHE Z 89 28.00 -54.01 -9.99
C PHE Z 89 27.97 -53.03 -11.15
N GLU Z 90 26.98 -53.21 -12.02
CA GLU Z 90 26.83 -52.35 -13.18
C GLU Z 90 26.25 -51.00 -12.82
N ASP Z 91 25.46 -50.93 -11.74
CA ASP Z 91 24.79 -49.70 -11.37
C ASP Z 91 24.36 -49.77 -9.91
N ASN Z 92 24.06 -48.61 -9.35
CA ASN Z 92 23.54 -48.51 -7.99
C ASN Z 92 22.03 -48.72 -8.03
N ALA Z 93 21.56 -49.75 -7.33
CA ALA Z 93 20.14 -50.09 -7.34
C ALA Z 93 19.70 -50.53 -5.96
N GLY Z 94 18.43 -50.27 -5.65
CA GLY Z 94 17.86 -50.65 -4.38
C GLY Z 94 16.40 -51.02 -4.54
N VAL Z 95 15.88 -51.68 -3.51
CA VAL Z 95 14.51 -52.18 -3.51
C VAL Z 95 13.80 -51.70 -2.24
N ILE Z 96 12.57 -51.23 -2.40
CA ILE Z 96 11.80 -50.69 -1.29
C ILE Z 96 11.25 -51.81 -0.43
N VAL Z 97 11.32 -51.64 0.89
CA VAL Z 97 10.78 -52.56 1.87
C VAL Z 97 10.02 -51.74 2.91
N ASN Z 98 9.53 -52.41 3.94
CA ASN Z 98 8.98 -51.76 5.11
C ASN Z 98 10.02 -51.79 6.24
N ASN Z 99 9.60 -51.34 7.42
CA ASN Z 99 10.53 -51.32 8.55
C ASN Z 99 10.89 -52.70 9.06
N LYS Z 100 10.12 -53.73 8.69
CA LYS Z 100 10.42 -55.08 9.14
C LYS Z 100 11.18 -55.91 8.12
N GLY Z 101 11.43 -55.37 6.93
CA GLY Z 101 12.27 -56.02 5.94
C GLY Z 101 11.52 -56.61 4.77
N GLU Z 102 10.23 -56.91 4.91
CA GLU Z 102 9.47 -57.44 3.79
C GLU Z 102 9.22 -56.34 2.77
N MET Z 103 9.14 -56.74 1.51
CA MET Z 103 9.11 -55.77 0.42
C MET Z 103 7.69 -55.30 0.13
N LYS Z 104 7.58 -54.02 -0.20
CA LYS Z 104 6.35 -53.52 -0.82
C LYS Z 104 6.20 -54.09 -2.22
N GLY Z 105 7.31 -54.38 -2.90
CA GLY Z 105 7.27 -55.05 -4.18
C GLY Z 105 7.10 -56.55 -4.02
N SER Z 106 7.17 -57.24 -5.16
CA SER Z 106 6.95 -58.68 -5.18
C SER Z 106 8.00 -59.46 -5.96
N ALA Z 107 8.89 -58.80 -6.69
CA ALA Z 107 9.94 -59.48 -7.42
C ALA Z 107 11.09 -58.50 -7.67
N ILE Z 108 12.24 -59.04 -8.03
CA ILE Z 108 13.44 -58.25 -8.27
C ILE Z 108 13.87 -58.47 -9.71
N THR Z 109 14.34 -57.41 -10.36
CA THR Z 109 14.91 -57.49 -11.69
C THR Z 109 16.41 -57.32 -11.60
N GLY Z 110 17.14 -58.32 -12.08
CA GLY Z 110 18.59 -58.28 -12.05
C GLY Z 110 19.18 -58.96 -10.83
N PRO Z 111 20.50 -58.94 -10.72
CA PRO Z 111 21.17 -59.62 -9.62
C PRO Z 111 20.98 -58.88 -8.31
N VAL Z 112 21.24 -59.60 -7.22
CA VAL Z 112 21.20 -59.05 -5.87
C VAL Z 112 22.42 -59.58 -5.12
N ALA Z 113 23.15 -58.69 -4.45
CA ALA Z 113 24.36 -59.08 -3.75
C ALA Z 113 24.04 -60.10 -2.65
N LYS Z 114 24.99 -61.00 -2.41
CA LYS Z 114 24.79 -62.01 -1.37
C LYS Z 114 24.83 -61.43 0.03
N GLU Z 115 25.44 -60.27 0.22
CA GLU Z 115 25.43 -59.62 1.53
C GLU Z 115 24.02 -59.16 1.92
N CYS Z 116 23.36 -58.42 1.02
CA CYS Z 116 21.98 -58.08 1.30
C CYS Z 116 21.07 -59.28 1.20
N ALA Z 117 21.49 -60.33 0.49
CA ALA Z 117 20.69 -61.54 0.44
C ALA Z 117 20.66 -62.23 1.80
N ASP Z 118 21.82 -62.47 2.39
CA ASP Z 118 21.85 -63.17 3.67
C ASP Z 118 21.68 -62.23 4.85
N LEU Z 119 21.53 -60.93 4.59
CA LEU Z 119 21.10 -60.01 5.64
C LEU Z 119 19.60 -59.72 5.57
N TRP Z 120 18.96 -59.99 4.43
CA TRP Z 120 17.52 -59.80 4.27
C TRP Z 120 16.95 -61.04 3.57
N PRO Z 121 16.34 -61.96 4.31
CA PRO Z 121 15.91 -63.23 3.70
C PRO Z 121 14.81 -63.07 2.66
N ARG Z 122 13.94 -62.08 2.82
CA ARG Z 122 12.81 -61.94 1.91
C ARG Z 122 13.27 -61.53 0.51
N ILE Z 123 14.12 -60.50 0.44
CA ILE Z 123 14.64 -60.08 -0.86
C ILE Z 123 15.51 -61.18 -1.45
N ALA Z 124 16.14 -62.00 -0.61
CA ALA Z 124 16.91 -63.13 -1.11
C ALA Z 124 16.02 -64.17 -1.75
N SER Z 125 14.89 -64.49 -1.12
CA SER Z 125 13.98 -65.47 -1.70
C SER Z 125 13.35 -64.95 -2.98
N ASN Z 126 13.13 -63.64 -3.06
CA ASN Z 126 12.56 -63.06 -4.26
C ASN Z 126 13.59 -62.74 -5.34
N ALA Z 127 14.88 -62.89 -5.05
CA ALA Z 127 15.90 -62.49 -6.00
C ALA Z 127 16.03 -63.52 -7.13
N GLY Z 128 16.12 -63.03 -8.37
CA GLY Z 128 16.33 -63.93 -9.49
C GLY Z 128 17.70 -64.59 -9.46
N SER Z 129 18.73 -63.83 -9.11
CA SER Z 129 20.09 -64.36 -9.09
C SER Z 129 20.89 -63.66 -8.01
N ILE Z 130 21.62 -64.47 -7.24
CA ILE Z 130 22.43 -63.97 -6.13
C ILE Z 130 23.86 -63.81 -6.62
N ALA Z 131 24.29 -62.56 -6.76
CA ALA Z 131 25.62 -62.27 -7.26
C ALA Z 131 26.58 -61.96 -6.12
N MET AA 1 44.74 -71.32 -4.06
CA MET AA 1 44.24 -72.66 -3.82
C MET AA 1 42.72 -72.70 -3.86
N LYS AA 2 42.10 -71.55 -4.08
CA LYS AA 2 40.66 -71.48 -4.22
C LYS AA 2 40.25 -71.83 -5.66
N VAL AA 3 38.97 -71.61 -5.96
CA VAL AA 3 38.47 -71.81 -7.31
C VAL AA 3 39.13 -70.81 -8.24
N GLU AA 4 39.68 -71.31 -9.34
CA GLU AA 4 40.46 -70.49 -10.25
C GLU AA 4 39.58 -69.90 -11.35
N LEU AA 5 39.86 -68.66 -11.71
CA LEU AA 5 39.09 -67.91 -12.68
C LEU AA 5 39.95 -67.57 -13.89
N CYS AA 6 39.29 -67.28 -15.01
CA CYS AA 6 39.96 -66.85 -16.23
C CYS AA 6 39.42 -65.48 -16.65
N SER AA 7 40.32 -64.59 -17.02
CA SER AA 7 40.02 -63.18 -17.20
C SER AA 7 39.35 -62.94 -18.56
N PHE AA 8 39.11 -61.67 -18.88
CA PHE AA 8 38.79 -61.25 -20.24
C PHE AA 8 39.84 -61.75 -21.24
N SER AA 9 41.11 -61.73 -20.84
CA SER AA 9 42.19 -62.24 -21.66
C SER AA 9 42.38 -63.75 -21.51
N GLY AA 10 41.58 -64.40 -20.67
CA GLY AA 10 41.78 -65.82 -20.43
C GLY AA 10 42.96 -66.15 -19.55
N TYR AA 11 43.50 -65.17 -18.82
CA TYR AA 11 44.68 -65.39 -18.01
C TYR AA 11 44.34 -66.08 -16.70
N LYS AA 12 45.30 -66.07 -15.77
CA LYS AA 12 45.28 -66.91 -14.59
C LYS AA 12 45.17 -65.98 -13.38
N ILE AA 13 43.94 -65.70 -12.96
CA ILE AA 13 43.67 -64.75 -11.88
C ILE AA 13 43.90 -65.49 -10.57
N TYR AA 14 45.06 -65.28 -9.96
CA TYR AA 14 45.34 -65.88 -8.67
C TYR AA 14 44.57 -65.15 -7.58
N PRO AA 15 44.19 -65.86 -6.51
CA PRO AA 15 43.32 -65.25 -5.50
C PRO AA 15 43.94 -64.02 -4.87
N GLY AA 16 43.10 -63.01 -4.66
CA GLY AA 16 43.59 -61.74 -4.18
C GLY AA 16 44.09 -60.80 -5.26
N HIS AA 17 43.65 -60.97 -6.49
CA HIS AA 17 44.08 -60.13 -7.61
C HIS AA 17 42.88 -59.69 -8.42
N GLY AA 18 42.97 -58.49 -8.98
CA GLY AA 18 41.99 -58.02 -9.93
C GLY AA 18 40.64 -57.69 -9.30
N ARG AA 19 39.61 -57.81 -10.13
CA ARG AA 19 38.26 -57.43 -9.75
C ARG AA 19 37.27 -58.34 -10.46
N ARG AA 20 36.06 -58.39 -9.94
CA ARG AA 20 34.94 -58.99 -10.65
C ARG AA 20 33.87 -57.92 -10.88
N TYR AA 21 33.02 -58.18 -11.87
CA TYR AA 21 32.04 -57.21 -12.33
C TYR AA 21 30.72 -57.92 -12.62
N ALA AA 22 29.63 -57.25 -12.28
CA ALA AA 22 28.29 -57.80 -12.44
C ALA AA 22 27.47 -56.92 -13.38
N ARG AA 23 26.53 -57.53 -14.09
CA ARG AA 23 25.69 -56.83 -15.04
C ARG AA 23 24.22 -57.10 -14.71
N THR AA 24 23.35 -56.25 -15.26
CA THR AA 24 21.92 -56.37 -14.96
C THR AA 24 21.36 -57.68 -15.47
N ASP AA 25 21.81 -58.13 -16.64
CA ASP AA 25 21.32 -59.38 -17.22
C ASP AA 25 21.69 -60.60 -16.39
N GLY AA 26 22.61 -60.47 -15.45
CA GLY AA 26 23.01 -61.55 -14.57
C GLY AA 26 24.39 -62.10 -14.84
N LYS AA 27 25.03 -61.68 -15.93
CA LYS AA 27 26.35 -62.18 -16.28
C LYS AA 27 27.39 -61.68 -15.29
N VAL AA 28 28.33 -62.55 -14.96
CA VAL AA 28 29.41 -62.26 -14.04
C VAL AA 28 30.73 -62.41 -14.78
N PHE AA 29 31.56 -61.38 -14.72
CA PHE AA 29 32.83 -61.33 -15.43
C PHE AA 29 33.95 -61.04 -14.44
N GLN AA 30 35.10 -61.66 -14.67
CA GLN AA 30 36.27 -61.41 -13.84
C GLN AA 30 37.42 -60.92 -14.71
N PHE AA 31 38.23 -60.03 -14.14
CA PHE AA 31 39.31 -59.40 -14.87
C PHE AA 31 40.58 -59.45 -14.04
N LEU AA 32 41.71 -59.59 -14.74
CA LEU AA 32 42.99 -59.75 -14.07
C LEU AA 32 43.56 -58.44 -13.58
N ASN AA 33 43.62 -57.43 -14.45
CA ASN AA 33 44.10 -56.11 -14.07
C ASN AA 33 43.34 -55.07 -14.88
N ALA AA 34 43.51 -53.81 -14.49
CA ALA AA 34 42.69 -52.72 -15.03
C ALA AA 34 42.83 -52.56 -16.54
N LYS AA 35 43.91 -53.07 -17.13
CA LYS AA 35 44.00 -53.08 -18.59
C LYS AA 35 42.90 -53.94 -19.20
N CYS AA 36 42.64 -55.11 -18.62
CA CYS AA 36 41.54 -55.95 -19.09
C CYS AA 36 40.18 -55.28 -18.88
N GLU AA 37 39.98 -54.62 -17.74
CA GLU AA 37 38.73 -53.90 -17.54
C GLU AA 37 38.54 -52.82 -18.59
N SER AA 38 39.57 -52.01 -18.82
CA SER AA 38 39.44 -50.91 -19.78
C SER AA 38 39.22 -51.44 -21.19
N ALA AA 39 39.89 -52.53 -21.54
CA ALA AA 39 39.67 -53.15 -22.84
C ALA AA 39 38.24 -53.67 -22.98
N PHE AA 40 37.72 -54.26 -21.91
CA PHE AA 40 36.38 -54.85 -22.00
C PHE AA 40 35.31 -53.77 -22.08
N LEU AA 41 35.41 -52.74 -21.23
CA LEU AA 41 34.35 -51.73 -21.18
C LEU AA 41 34.29 -50.90 -22.45
N SER AA 42 35.39 -50.80 -23.19
CA SER AA 42 35.40 -50.10 -24.46
C SER AA 42 34.83 -50.95 -25.59
N LYS AA 43 34.35 -52.15 -25.28
CA LYS AA 43 33.83 -53.09 -26.27
C LYS AA 43 34.88 -53.38 -27.34
N ARG AA 44 36.02 -53.86 -26.88
CA ARG AA 44 37.11 -54.27 -27.75
C ARG AA 44 37.09 -55.78 -27.85
N ASN AA 45 37.16 -56.29 -29.07
CA ASN AA 45 37.10 -57.73 -29.30
C ASN AA 45 38.37 -58.36 -28.76
N PRO AA 46 38.28 -59.29 -27.80
CA PRO AA 46 39.49 -59.98 -27.34
C PRO AA 46 40.20 -60.76 -28.42
N ARG AA 47 39.46 -61.34 -29.37
CA ARG AA 47 40.09 -62.12 -30.43
C ARG AA 47 40.91 -61.27 -31.38
N GLN AA 48 40.81 -59.94 -31.30
CA GLN AA 48 41.60 -59.06 -32.14
C GLN AA 48 42.79 -58.46 -31.41
N ILE AA 49 42.70 -58.30 -30.09
CA ILE AA 49 43.81 -57.80 -29.30
C ILE AA 49 44.95 -58.81 -29.38
N ASN AA 50 46.17 -58.32 -29.63
CA ASN AA 50 47.28 -59.19 -30.00
C ASN AA 50 47.65 -60.18 -28.89
N TRP AA 51 47.68 -59.72 -27.64
CA TRP AA 51 48.34 -60.44 -26.57
C TRP AA 51 47.42 -61.33 -25.75
N THR AA 52 46.14 -61.43 -26.08
CA THR AA 52 45.22 -62.27 -25.32
C THR AA 52 45.31 -63.71 -25.79
N VAL AA 53 44.80 -64.61 -24.95
CA VAL AA 53 44.84 -66.04 -25.24
C VAL AA 53 43.99 -66.37 -26.46
N LEU AA 54 42.83 -65.71 -26.59
CA LEU AA 54 41.92 -66.01 -27.68
C LEU AA 54 42.56 -65.69 -29.03
N TYR AA 55 43.29 -64.58 -29.12
CA TYR AA 55 44.03 -64.25 -30.33
C TYR AA 55 45.05 -65.34 -30.65
N ARG AA 56 45.76 -65.79 -29.62
CA ARG AA 56 46.79 -66.80 -29.83
C ARG AA 56 46.18 -68.09 -30.38
N ARG AA 57 45.00 -68.46 -29.88
CA ARG AA 57 44.35 -69.66 -30.40
C ARG AA 57 43.75 -69.45 -31.77
N LYS AA 58 43.27 -68.24 -32.08
CA LYS AA 58 42.70 -67.98 -33.39
C LYS AA 58 43.79 -67.99 -34.47
N HIS AA 59 45.01 -67.64 -34.10
CA HIS AA 59 46.14 -67.61 -35.02
C HIS AA 59 47.08 -68.80 -34.87
N LYS AA 60 46.71 -69.80 -34.08
CA LYS AA 60 47.41 -71.07 -33.93
C LYS AA 60 48.79 -70.87 -33.27
N LYS AA 61 49.09 -69.67 -32.79
CA LYS AA 61 50.45 -69.32 -32.35
C LYS AA 61 50.94 -70.24 -31.25
N GLY AA 62 52.22 -70.54 -31.30
CA GLY AA 62 52.86 -71.40 -30.31
C GLY AA 62 52.75 -72.88 -30.62
N GLN AA 63 51.54 -73.34 -30.91
CA GLN AA 63 51.30 -74.75 -31.19
C GLN AA 63 50.46 -74.93 -32.44
N THR AA 72 45.26 -91.32 -40.50
CA THR AA 72 45.40 -92.25 -41.63
C THR AA 72 44.06 -92.86 -42.00
N ARG AA 73 44.09 -94.00 -42.68
CA ARG AA 73 42.88 -94.69 -43.11
C ARG AA 73 42.75 -95.99 -42.30
N ARG AA 74 41.63 -96.15 -41.61
CA ARG AA 74 41.38 -97.32 -40.77
C ARG AA 74 40.02 -97.90 -41.11
N ALA AA 75 39.97 -99.21 -41.33
CA ALA AA 75 38.72 -99.89 -41.67
C ALA AA 75 38.82 -101.34 -41.22
N VAL AA 76 38.14 -101.68 -40.12
CA VAL AA 76 38.20 -103.02 -39.55
C VAL AA 76 36.78 -103.52 -39.30
N LYS AA 77 36.52 -104.76 -39.69
CA LYS AA 77 35.25 -105.43 -39.41
C LYS AA 77 35.54 -106.85 -38.95
N PHE AA 78 35.29 -107.11 -37.68
CA PHE AA 78 35.54 -108.42 -37.09
C PHE AA 78 34.43 -109.39 -37.47
N GLN AA 79 34.69 -110.67 -37.24
CA GLN AA 79 33.74 -111.74 -37.54
C GLN AA 79 33.23 -112.33 -36.24
N ARG AA 80 31.91 -112.35 -36.08
CA ARG AA 80 31.27 -112.85 -34.87
C ARG AA 80 30.26 -113.93 -35.23
N ALA AA 81 30.01 -114.84 -34.29
CA ALA AA 81 29.02 -115.89 -34.49
C ALA AA 81 27.63 -115.29 -34.64
N ILE AA 82 26.78 -116.01 -35.34
CA ILE AA 82 25.39 -115.63 -35.53
C ILE AA 82 24.53 -116.49 -34.60
N THR AA 83 23.35 -115.97 -34.25
CA THR AA 83 22.42 -116.74 -33.43
C THR AA 83 21.84 -117.87 -34.27
N GLY AA 84 22.33 -119.09 -34.03
CA GLY AA 84 21.98 -120.24 -34.83
C GLY AA 84 23.17 -120.97 -35.42
N ALA AA 85 24.35 -120.35 -35.43
CA ALA AA 85 25.55 -120.99 -35.97
C ALA AA 85 26.75 -120.29 -35.35
N SER AA 86 27.58 -121.05 -34.64
CA SER AA 86 28.78 -120.49 -34.04
C SER AA 86 29.83 -120.23 -35.11
N LEU AA 87 31.01 -119.80 -34.67
CA LEU AA 87 32.08 -119.49 -35.61
C LEU AA 87 32.54 -120.73 -36.36
N ALA AA 88 32.60 -121.87 -35.68
CA ALA AA 88 33.01 -123.12 -36.33
C ALA AA 88 32.05 -123.49 -37.45
N ASP AA 89 30.74 -123.34 -37.22
CA ASP AA 89 29.74 -123.70 -38.21
C ASP AA 89 29.90 -122.86 -39.47
N ILE AA 90 29.97 -121.53 -39.31
CA ILE AA 90 30.04 -120.66 -40.47
C ILE AA 90 31.39 -120.79 -41.18
N MET AA 91 32.48 -121.03 -40.44
CA MET AA 91 33.76 -121.27 -41.10
C MET AA 91 33.74 -122.56 -41.91
N ALA AA 92 33.16 -123.63 -41.35
CA ALA AA 92 33.06 -124.89 -42.09
C ALA AA 92 32.18 -124.75 -43.31
N LYS AA 93 31.10 -123.95 -43.20
CA LYS AA 93 30.25 -123.69 -44.35
C LYS AA 93 30.99 -122.88 -45.41
N ARG AA 94 31.89 -121.99 -44.99
CA ARG AA 94 32.57 -121.13 -45.96
C ARG AA 94 33.82 -121.78 -46.55
N ASN AA 95 34.39 -122.78 -45.88
CA ASN AA 95 35.64 -123.39 -46.32
C ASN AA 95 35.43 -124.52 -47.32
N GLN AA 96 34.20 -124.76 -47.75
CA GLN AA 96 33.89 -125.76 -48.78
C GLN AA 96 34.14 -125.24 -50.19
N LYS AA 97 34.95 -124.20 -50.32
CA LYS AA 97 35.29 -123.68 -51.64
C LYS AA 97 36.02 -124.65 -52.57
N PRO AA 98 36.81 -125.67 -52.09
CA PRO AA 98 37.40 -126.60 -53.07
C PRO AA 98 36.39 -127.55 -53.71
N GLU AA 99 35.64 -127.07 -54.69
CA GLU AA 99 34.77 -127.82 -55.60
C GLU AA 99 33.62 -128.51 -54.91
N VAL AA 100 33.43 -128.33 -53.60
CA VAL AA 100 32.24 -128.87 -52.95
C VAL AA 100 31.01 -128.09 -53.39
N ARG AA 101 31.14 -126.76 -53.49
CA ARG AA 101 30.03 -125.95 -53.97
C ARG AA 101 29.66 -126.33 -55.39
N LYS AA 102 30.64 -126.75 -56.19
CA LYS AA 102 30.34 -127.32 -57.50
C LYS AA 102 29.49 -128.57 -57.37
N ALA AA 103 29.77 -129.40 -56.36
CA ALA AA 103 28.97 -130.61 -56.16
C ALA AA 103 27.53 -130.28 -55.81
N GLN AA 104 27.31 -129.37 -54.84
CA GLN AA 104 25.94 -128.98 -54.53
C GLN AA 104 25.26 -128.29 -55.71
N ARG AA 105 26.00 -127.48 -56.49
CA ARG AA 105 25.40 -126.86 -57.65
C ARG AA 105 24.93 -127.92 -58.65
N GLU AA 106 25.77 -128.93 -58.89
CA GLU AA 106 25.40 -129.99 -59.82
C GLU AA 106 24.20 -130.77 -59.32
N GLN AA 107 24.17 -131.11 -58.03
CA GLN AA 107 23.05 -131.90 -57.54
C GLN AA 107 21.75 -131.10 -57.52
N ALA AA 108 21.83 -129.80 -57.19
CA ALA AA 108 20.65 -128.95 -57.23
C ALA AA 108 20.15 -128.75 -58.66
N ILE AA 109 21.07 -128.55 -59.61
CA ILE AA 109 20.64 -128.32 -60.99
C ILE AA 109 20.05 -129.59 -61.60
N ARG AA 110 20.56 -130.77 -61.23
CA ARG AA 110 19.93 -131.98 -61.75
C ARG AA 110 18.61 -132.27 -61.07
N ALA AA 111 18.48 -132.00 -59.76
CA ALA AA 111 17.19 -132.15 -59.10
C ALA AA 111 16.16 -131.20 -59.70
N ALA AA 112 16.56 -129.96 -59.96
CA ALA AA 112 15.70 -129.02 -60.68
C ALA AA 112 15.40 -129.50 -62.10
N LYS AA 113 16.33 -130.25 -62.70
CA LYS AA 113 16.09 -130.77 -64.04
C LYS AA 113 15.00 -131.83 -64.06
N GLU AA 114 15.07 -132.81 -63.15
CA GLU AA 114 13.98 -133.78 -63.13
C GLU AA 114 12.68 -133.18 -62.60
N ALA AA 115 12.76 -132.14 -61.77
CA ALA AA 115 11.55 -131.38 -61.42
C ALA AA 115 10.94 -130.73 -62.64
N LYS AA 116 11.78 -130.16 -63.52
CA LYS AA 116 11.32 -129.62 -64.79
C LYS AA 116 10.68 -130.71 -65.64
N LYS AA 117 11.28 -131.90 -65.66
CA LYS AA 117 10.72 -133.00 -66.43
C LYS AA 117 9.35 -133.43 -65.88
N ALA AA 118 9.22 -133.50 -64.55
CA ALA AA 118 7.93 -133.84 -63.95
C ALA AA 118 6.88 -132.77 -64.25
N LYS AA 119 7.29 -131.50 -64.23
CA LYS AA 119 6.38 -130.42 -64.58
C LYS AA 119 5.98 -130.47 -66.05
N GLN AA 120 6.90 -130.87 -66.92
CA GLN AA 120 6.55 -131.07 -68.34
C GLN AA 120 5.56 -132.22 -68.50
N ALA AA 121 5.76 -133.30 -67.74
CA ALA AA 121 4.84 -134.44 -67.80
C ALA AA 121 3.45 -134.06 -67.29
N SER AA 122 3.38 -133.28 -66.21
CA SER AA 122 2.10 -132.91 -65.61
C SER AA 122 1.52 -131.61 -66.18
N LYS AA 123 2.20 -131.00 -67.16
CA LYS AA 123 1.71 -129.77 -67.79
C LYS AA 123 1.07 -130.04 -69.14
N LYS AA 124 1.75 -130.82 -69.98
CA LYS AA 124 1.18 -131.23 -71.26
C LYS AA 124 0.45 -132.56 -71.13
N LYS BA 1 28.17 71.42 -67.15
CA LYS BA 1 27.15 70.60 -67.79
C LYS BA 1 27.69 69.20 -68.09
N LYS BA 2 29.01 69.05 -67.98
CA LYS BA 2 29.70 67.82 -68.37
C LYS BA 2 30.14 66.98 -67.18
N LYS BA 3 30.12 67.52 -65.97
CA LYS BA 3 30.46 66.74 -64.79
C LYS BA 3 29.23 65.98 -64.32
N ILE BA 4 29.28 64.65 -64.44
CA ILE BA 4 28.13 63.79 -64.18
C ILE BA 4 28.57 62.68 -63.24
N ARG BA 5 27.61 62.11 -62.52
CA ARG BA 5 27.86 60.98 -61.62
C ARG BA 5 27.12 59.77 -62.17
N THR BA 6 27.85 58.90 -62.85
CA THR BA 6 27.28 57.69 -63.41
C THR BA 6 27.36 56.51 -62.45
N SER BA 7 27.78 56.74 -61.22
CA SER BA 7 27.90 55.69 -60.22
C SER BA 7 27.43 56.20 -58.87
N PRO BA 8 26.64 55.42 -58.14
CA PRO BA 8 26.09 55.88 -56.87
C PRO BA 8 27.06 55.83 -55.70
N THR BA 9 28.34 55.58 -55.95
CA THR BA 9 29.34 55.49 -54.89
C THR BA 9 30.27 56.70 -54.96
N PHE BA 10 30.52 57.31 -53.81
CA PHE BA 10 31.54 58.34 -53.69
C PHE BA 10 32.85 57.66 -53.31
N ARG BA 11 33.84 57.75 -54.17
CA ARG BA 11 35.16 57.20 -53.91
C ARG BA 11 36.15 58.33 -53.66
N ARG BA 12 37.05 58.13 -52.71
CA ARG BA 12 38.00 59.16 -52.32
C ARG BA 12 38.87 59.55 -53.50
N PRO BA 13 39.00 60.85 -53.80
CA PRO BA 13 39.72 61.26 -55.00
C PRO BA 13 41.20 60.93 -54.93
N LYS BA 14 41.80 60.72 -56.10
CA LYS BA 14 43.21 60.38 -56.18
C LYS BA 14 44.06 61.65 -56.17
N THR BA 15 44.68 61.93 -55.04
CA THR BA 15 45.50 63.13 -54.86
C THR BA 15 46.96 62.73 -54.83
N LEU BA 16 47.77 63.41 -55.65
CA LEU BA 16 49.16 63.03 -55.81
C LEU BA 16 49.94 63.21 -54.50
N ARG BA 17 50.88 62.31 -54.27
CA ARG BA 17 51.64 62.24 -53.03
C ARG BA 17 53.10 62.48 -53.35
N LEU BA 18 53.72 63.41 -52.63
CA LEU BA 18 55.08 63.84 -52.97
C LEU BA 18 56.11 62.80 -52.57
N ARG BA 19 57.12 62.64 -53.41
CA ARG BA 19 58.27 61.81 -53.08
C ARG BA 19 59.10 62.48 -52.00
N ARG BA 20 59.68 61.67 -51.12
CA ARG BA 20 60.45 62.22 -50.00
C ARG BA 20 61.68 62.95 -50.49
N GLN BA 21 61.84 64.20 -50.05
CA GLN BA 21 63.03 65.00 -50.31
C GLN BA 21 63.52 65.56 -48.99
N PRO BA 22 64.15 64.71 -48.16
CA PRO BA 22 64.56 65.18 -46.83
C PRO BA 22 65.62 66.25 -46.94
N LYS BA 23 65.49 67.27 -46.09
CA LYS BA 23 66.48 68.35 -46.07
C LYS BA 23 67.83 67.83 -45.64
N TYR BA 24 67.86 66.92 -44.68
CA TYR BA 24 69.08 66.31 -44.20
C TYR BA 24 68.95 64.79 -44.25
N PRO BA 25 69.96 64.07 -44.72
CA PRO BA 25 69.98 62.62 -44.52
C PRO BA 25 70.02 62.30 -43.04
N ARG BA 26 69.15 61.37 -42.62
CA ARG BA 26 69.04 61.06 -41.20
C ARG BA 26 70.34 60.47 -40.66
N LYS BA 27 70.94 59.54 -41.40
CA LYS BA 27 72.23 58.97 -41.06
C LYS BA 27 73.30 59.65 -41.88
N SER BA 28 74.39 60.05 -41.21
CA SER BA 28 75.43 60.81 -41.89
C SER BA 28 76.12 59.96 -42.95
N ALA BA 29 76.55 58.75 -42.58
CA ALA BA 29 77.25 57.89 -43.51
C ALA BA 29 76.54 56.53 -43.58
N PRO BA 30 76.34 56.01 -44.78
CA PRO BA 30 75.78 54.66 -44.90
C PRO BA 30 76.71 53.63 -44.29
N ARG BA 31 76.10 52.64 -43.63
CA ARG BA 31 76.89 51.63 -42.94
C ARG BA 31 77.54 50.69 -43.96
N ARG BA 32 78.84 50.46 -43.79
CA ARG BA 32 79.55 49.55 -44.68
C ARG BA 32 79.05 48.11 -44.47
N ASN BA 33 79.33 47.27 -45.46
CA ASN BA 33 78.86 45.90 -45.41
C ASN BA 33 79.70 45.10 -44.43
N LYS BA 34 79.11 44.77 -43.27
CA LYS BA 34 79.80 43.92 -42.31
C LYS BA 34 79.99 42.51 -42.84
N LEU BA 35 79.09 42.05 -43.71
CA LEU BA 35 79.15 40.71 -44.26
C LEU BA 35 80.00 40.72 -45.52
N ASP BA 36 81.30 40.89 -45.31
CA ASP BA 36 82.24 41.00 -46.40
C ASP BA 36 82.51 39.63 -47.03
N HIS BA 37 83.28 39.64 -48.11
CA HIS BA 37 83.71 38.41 -48.75
C HIS BA 37 84.60 37.58 -47.85
N TYR BA 38 85.48 38.23 -47.09
CA TYR BA 38 86.33 37.54 -46.13
C TYR BA 38 85.53 37.10 -44.90
N ALA BA 39 84.60 37.93 -44.45
CA ALA BA 39 83.77 37.58 -43.31
C ALA BA 39 82.74 36.52 -43.64
N ILE BA 40 82.58 36.18 -44.92
CA ILE BA 40 81.61 35.15 -45.28
C ILE BA 40 82.26 33.78 -45.40
N ILE BA 41 83.58 33.71 -45.49
CA ILE BA 41 84.31 32.44 -45.50
C ILE BA 41 85.11 32.38 -44.21
N LYS BA 42 84.61 31.64 -43.23
CA LYS BA 42 85.31 31.55 -41.95
C LYS BA 42 86.56 30.70 -42.09
N PHE BA 43 86.41 29.41 -42.37
CA PHE BA 43 87.58 28.57 -42.52
C PHE BA 43 87.27 27.28 -43.26
N PRO BA 44 88.18 26.80 -44.11
CA PRO BA 44 87.96 25.53 -44.80
C PRO BA 44 88.06 24.35 -43.84
N LEU BA 45 87.44 23.25 -44.26
CA LEU BA 45 87.38 22.04 -43.46
C LEU BA 45 88.41 21.03 -43.96
N THR BA 46 89.06 20.34 -43.02
CA THR BA 46 90.13 19.41 -43.35
C THR BA 46 89.90 18.01 -42.76
N THR BA 47 88.66 17.63 -42.52
CA THR BA 47 88.38 16.32 -41.95
C THR BA 47 88.51 15.25 -43.04
N GLU BA 48 88.27 14.00 -42.66
CA GLU BA 48 88.39 12.90 -43.61
C GLU BA 48 87.27 12.96 -44.65
N SER BA 49 86.06 13.35 -44.26
CA SER BA 49 85.01 13.54 -45.24
C SER BA 49 85.33 14.70 -46.16
N ALA BA 50 85.92 15.76 -45.61
CA ALA BA 50 86.31 16.91 -46.42
C ALA BA 50 87.37 16.52 -47.44
N MET BA 51 88.36 15.74 -47.03
CA MET BA 51 89.41 15.37 -47.97
C MET BA 51 88.91 14.37 -48.99
N LYS BA 52 88.00 13.47 -48.60
CA LYS BA 52 87.39 12.58 -49.57
C LYS BA 52 86.58 13.36 -50.59
N LYS BA 53 85.84 14.37 -50.14
CA LYS BA 53 85.07 15.19 -51.05
C LYS BA 53 85.96 16.02 -51.96
N ILE BA 54 87.08 16.55 -51.46
CA ILE BA 54 87.96 17.34 -52.32
C ILE BA 54 88.69 16.45 -53.32
N GLU BA 55 89.03 15.22 -52.96
CA GLU BA 55 89.73 14.36 -53.90
C GLU BA 55 88.81 13.72 -54.91
N ASP BA 56 87.56 13.43 -54.54
CA ASP BA 56 86.67 12.68 -55.42
C ASP BA 56 85.69 13.56 -56.18
N ASN BA 57 85.03 14.49 -55.48
CA ASN BA 57 83.93 15.25 -56.04
C ASN BA 57 84.35 16.58 -56.63
N ASN BA 58 85.65 16.90 -56.63
CA ASN BA 58 86.15 18.21 -57.08
C ASN BA 58 85.46 19.34 -56.33
N THR BA 59 85.28 19.13 -55.03
CA THR BA 59 84.42 19.98 -54.20
C THR BA 59 85.19 20.48 -52.99
N LEU BA 60 85.55 21.76 -53.00
CA LEU BA 60 86.00 22.42 -51.78
C LEU BA 60 84.87 22.49 -50.78
N VAL BA 61 85.22 22.57 -49.51
CA VAL BA 61 84.25 22.70 -48.43
C VAL BA 61 84.73 23.76 -47.45
N PHE BA 62 83.83 24.69 -47.12
CA PHE BA 62 84.16 25.77 -46.21
C PHE BA 62 83.08 25.89 -45.16
N ILE BA 63 83.49 26.22 -43.95
CA ILE BA 63 82.58 26.69 -42.92
C ILE BA 63 82.40 28.19 -43.15
N VAL BA 64 81.18 28.59 -43.44
CA VAL BA 64 80.88 29.95 -43.84
C VAL BA 64 80.03 30.60 -42.74
N ASP BA 65 79.80 31.90 -42.89
CA ASP BA 65 78.93 32.58 -41.95
C ASP BA 65 77.50 32.13 -42.16
N VAL BA 66 76.80 31.88 -41.04
CA VAL BA 66 75.45 31.34 -41.10
C VAL BA 66 74.49 32.30 -41.77
N LYS BA 67 74.83 33.58 -41.86
CA LYS BA 67 73.96 34.59 -42.44
C LYS BA 67 74.14 34.74 -43.95
N ALA BA 68 74.64 33.71 -44.62
CA ALA BA 68 74.94 33.77 -46.04
C ALA BA 68 73.84 33.13 -46.87
N ASN BA 69 74.04 33.16 -48.19
CA ASN BA 69 73.20 32.44 -49.14
C ASN BA 69 74.09 32.00 -50.30
N LYS BA 70 73.58 31.04 -51.08
CA LYS BA 70 74.41 30.31 -52.04
C LYS BA 70 75.13 31.23 -53.01
N HIS BA 71 74.43 32.22 -53.56
CA HIS BA 71 75.06 33.12 -54.52
C HIS BA 71 76.18 33.91 -53.87
N GLN BA 72 76.02 34.25 -52.60
CA GLN BA 72 77.06 34.99 -51.90
C GLN BA 72 78.34 34.16 -51.76
N ILE BA 73 78.21 32.89 -51.39
CA ILE BA 73 79.40 32.02 -51.32
C ILE BA 73 80.01 31.87 -52.70
N LYS BA 74 79.18 31.73 -53.73
CA LYS BA 74 79.70 31.58 -55.09
C LYS BA 74 80.54 32.78 -55.50
N GLN BA 75 79.98 33.99 -55.35
CA GLN BA 75 80.70 35.21 -55.68
C GLN BA 75 81.94 35.36 -54.80
N ALA BA 76 81.83 34.99 -53.53
CA ALA BA 76 82.93 35.17 -52.60
C ALA BA 76 84.11 34.32 -52.99
N VAL BA 77 83.89 33.04 -53.29
CA VAL BA 77 85.02 32.20 -53.68
C VAL BA 77 85.55 32.63 -55.03
N LYS BA 78 84.67 33.05 -55.94
CA LYS BA 78 85.12 33.50 -57.25
C LYS BA 78 86.02 34.72 -57.14
N LYS BA 79 85.80 35.57 -56.13
CA LYS BA 79 86.63 36.77 -56.05
C LYS BA 79 87.84 36.55 -55.15
N LEU BA 80 87.71 35.71 -54.12
CA LEU BA 80 88.80 35.55 -53.16
C LEU BA 80 89.80 34.50 -53.57
N TYR BA 81 89.46 33.62 -54.52
CA TYR BA 81 90.40 32.61 -54.98
C TYR BA 81 90.54 32.58 -56.49
N ASP BA 82 89.77 33.39 -57.22
CA ASP BA 82 89.83 33.47 -58.67
C ASP BA 82 89.51 32.12 -59.31
N ILE BA 83 88.55 31.42 -58.71
CA ILE BA 83 88.14 30.10 -59.17
C ILE BA 83 86.67 30.16 -59.59
N ASP BA 84 86.39 29.75 -60.81
CA ASP BA 84 85.02 29.65 -61.26
C ASP BA 84 84.37 28.40 -60.68
N VAL BA 85 83.13 28.55 -60.24
CA VAL BA 85 82.43 27.56 -59.43
C VAL BA 85 81.19 27.07 -60.17
N ALA BA 86 80.98 25.76 -60.15
CA ALA BA 86 79.80 25.19 -60.79
C ALA BA 86 78.56 25.35 -59.93
N LYS BA 87 78.56 24.77 -58.74
CA LYS BA 87 77.37 24.76 -57.89
C LYS BA 87 77.79 24.52 -56.45
N VAL BA 88 77.02 25.09 -55.53
CA VAL BA 88 77.27 24.96 -54.10
C VAL BA 88 76.08 24.29 -53.44
N ASN BA 89 76.33 23.59 -52.34
CA ASN BA 89 75.30 22.95 -51.54
C ASN BA 89 75.54 23.26 -50.08
N THR BA 90 74.50 23.72 -49.40
CA THR BA 90 74.64 24.32 -48.08
C THR BA 90 73.82 23.55 -47.06
N LEU BA 91 74.45 23.26 -45.92
CA LEU BA 91 73.74 22.68 -44.78
C LEU BA 91 74.16 23.41 -43.53
N ILE BA 92 73.29 23.36 -42.51
CA ILE BA 92 73.58 23.91 -41.20
C ILE BA 92 74.18 22.80 -40.34
N ARG BA 93 75.40 23.00 -39.88
CA ARG BA 93 76.00 22.04 -38.98
C ARG BA 93 75.25 22.03 -37.65
N PRO BA 94 75.16 20.86 -37.00
CA PRO BA 94 74.36 20.77 -35.77
C PRO BA 94 74.92 21.60 -34.62
N ASP BA 95 76.16 22.08 -34.71
CA ASP BA 95 76.71 22.95 -33.69
C ASP BA 95 76.60 24.43 -34.05
N GLY BA 96 75.68 24.79 -34.94
CA GLY BA 96 75.36 26.17 -35.22
C GLY BA 96 76.04 26.76 -36.43
N GLU BA 97 77.16 26.17 -36.87
CA GLU BA 97 77.87 26.70 -38.02
C GLU BA 97 77.11 26.39 -39.31
N LYS BA 98 77.61 26.93 -40.41
CA LYS BA 98 77.08 26.64 -41.73
C LYS BA 98 78.19 26.07 -42.60
N LYS BA 99 77.91 24.97 -43.27
CA LYS BA 99 78.90 24.28 -44.09
C LYS BA 99 78.42 24.25 -45.53
N ALA BA 100 79.29 24.67 -46.45
CA ALA BA 100 78.95 24.77 -47.86
C ALA BA 100 79.94 23.95 -48.67
N TYR BA 101 79.43 22.95 -49.38
CA TYR BA 101 80.24 22.16 -50.31
C TYR BA 101 80.22 22.87 -51.66
N VAL BA 102 81.25 23.67 -51.91
CA VAL BA 102 81.41 24.41 -53.14
C VAL BA 102 82.13 23.52 -54.16
N ARG BA 103 81.47 23.26 -55.29
CA ARG BA 103 82.04 22.40 -56.31
C ARG BA 103 82.65 23.26 -57.41
N LEU BA 104 83.86 22.92 -57.81
CA LEU BA 104 84.60 23.73 -58.76
C LEU BA 104 84.21 23.40 -60.19
N ALA BA 105 84.54 24.32 -61.09
CA ALA BA 105 84.35 24.08 -62.51
C ALA BA 105 85.35 23.03 -62.98
N PRO BA 106 85.01 22.28 -64.04
CA PRO BA 106 85.89 21.19 -64.49
C PRO BA 106 87.28 21.65 -64.90
N ASP BA 107 87.42 22.87 -65.39
CA ASP BA 107 88.73 23.38 -65.79
C ASP BA 107 89.62 23.71 -64.60
N TYR BA 108 89.08 23.72 -63.39
CA TYR BA 108 89.83 24.02 -62.19
C TYR BA 108 90.12 22.75 -61.42
N ASP BA 109 91.37 22.57 -61.01
CA ASP BA 109 91.78 21.39 -60.27
C ASP BA 109 91.56 21.63 -58.78
N ALA BA 110 90.74 20.80 -58.16
CA ALA BA 110 90.47 20.95 -56.74
C ALA BA 110 91.70 20.62 -55.90
N LEU BA 111 92.49 19.64 -56.33
CA LEU BA 111 93.68 19.29 -55.59
C LEU BA 111 94.71 20.41 -55.63
N ASP BA 112 94.86 21.06 -56.79
CA ASP BA 112 95.81 22.16 -56.89
C ASP BA 112 95.39 23.34 -56.01
N VAL BA 113 94.10 23.69 -56.00
CA VAL BA 113 93.69 24.81 -55.16
C VAL BA 113 93.81 24.43 -53.69
N ALA BA 114 93.56 23.17 -53.35
CA ALA BA 114 93.77 22.73 -51.97
C ALA BA 114 95.24 22.86 -51.58
N ASN BA 115 96.15 22.55 -52.51
CA ASN BA 115 97.57 22.77 -52.26
C ASN BA 115 97.86 24.24 -52.03
N LYS BA 116 97.31 25.11 -52.90
CA LYS BA 116 97.75 26.50 -52.89
C LYS BA 116 97.05 27.35 -51.84
N ILE BA 117 95.99 26.85 -51.22
CA ILE BA 117 95.40 27.59 -50.11
C ILE BA 117 95.84 27.03 -48.76
N GLY BA 118 96.50 25.89 -48.74
CA GLY BA 118 97.11 25.38 -47.53
C GLY BA 118 96.24 24.49 -46.69
N ILE BA 119 95.45 23.63 -47.32
CA ILE BA 119 94.62 22.66 -46.62
C ILE BA 119 94.98 21.24 -47.02
N ILE BA 120 96.12 21.04 -47.65
CA ILE BA 120 96.51 19.71 -48.09
C ILE BA 120 96.86 18.87 -46.87
N MET CA 1 94.78 60.49 14.90
CA MET CA 1 94.47 59.36 14.03
C MET CA 1 93.82 59.85 12.73
N LYS CA 2 93.19 58.93 12.02
CA LYS CA 2 92.52 59.25 10.77
C LYS CA 2 91.32 60.15 11.01
N PHE CA 3 91.30 61.32 10.37
CA PHE CA 3 90.21 62.27 10.51
C PHE CA 3 89.38 62.46 9.24
N ASN CA 4 89.83 61.94 8.11
CA ASN CA 4 89.11 62.16 6.86
C ASN CA 4 87.85 61.31 6.85
N PRO CA 5 86.67 61.92 6.74
CA PRO CA 5 85.43 61.13 6.81
C PRO CA 5 85.18 60.28 5.57
N PHE CA 6 86.00 60.39 4.53
CA PHE CA 6 85.75 59.66 3.31
C PHE CA 6 86.60 58.41 3.15
N VAL CA 7 87.78 58.35 3.75
CA VAL CA 7 88.60 57.15 3.76
C VAL CA 7 88.04 56.22 4.81
N THR CA 8 88.33 54.93 4.68
CA THR CA 8 87.71 53.91 5.51
C THR CA 8 88.74 53.23 6.41
N SER CA 9 88.36 53.00 7.65
CA SER CA 9 89.12 52.20 8.59
C SER CA 9 88.53 50.81 8.78
N ASP CA 10 87.54 50.45 7.97
CA ASP CA 10 86.90 49.15 8.06
C ASP CA 10 87.89 48.06 7.68
N ARG CA 11 87.99 47.02 8.52
CA ARG CA 11 88.91 45.93 8.23
C ARG CA 11 88.49 45.18 6.98
N SER CA 12 87.21 44.85 6.86
CA SER CA 12 86.75 44.12 5.68
C SER CA 12 86.91 44.95 4.42
N LYS CA 13 86.60 46.24 4.48
CA LYS CA 13 86.72 47.10 3.32
C LYS CA 13 88.17 47.25 2.89
N ASN CA 14 89.09 47.45 3.83
CA ASN CA 14 90.49 47.55 3.50
C ASN CA 14 91.02 46.23 2.95
N ARG CA 15 90.58 45.10 3.52
CA ARG CA 15 91.00 43.81 2.99
C ARG CA 15 90.51 43.61 1.57
N LYS CA 16 89.26 43.99 1.29
CA LYS CA 16 88.73 43.87 -0.06
C LYS CA 16 89.50 44.75 -1.03
N ARG CA 17 89.82 45.97 -0.60
CA ARG CA 17 90.59 46.87 -1.46
C ARG CA 17 91.97 46.31 -1.74
N HIS CA 18 92.59 45.70 -0.74
CA HIS CA 18 93.93 45.14 -0.93
C HIS CA 18 93.91 43.89 -1.79
N PHE CA 19 92.86 43.08 -1.69
CA PHE CA 19 92.80 41.81 -2.39
C PHE CA 19 92.15 41.89 -3.75
N ASN CA 20 91.77 43.08 -4.22
CA ASN CA 20 91.16 43.22 -5.54
C ASN CA 20 91.74 44.40 -6.29
N ALA CA 21 93.01 44.67 -6.09
CA ALA CA 21 93.65 45.80 -6.73
C ALA CA 21 93.90 45.53 -8.21
N PRO CA 22 93.65 46.50 -9.09
CA PRO CA 22 94.12 46.38 -10.46
C PRO CA 22 95.63 46.53 -10.50
N SER CA 23 96.23 46.04 -11.59
CA SER CA 23 97.68 45.85 -11.63
C SER CA 23 98.44 47.16 -11.47
N HIS CA 24 97.88 48.26 -12.00
CA HIS CA 24 98.58 49.55 -11.93
C HIS CA 24 98.77 50.02 -10.51
N ILE CA 25 97.87 49.63 -9.59
CA ILE CA 25 98.04 49.97 -8.19
C ILE CA 25 98.60 48.80 -7.39
N ARG CA 26 98.50 47.57 -7.92
CA ARG CA 26 99.31 46.48 -7.42
C ARG CA 26 100.79 46.85 -7.45
N ARG CA 27 101.19 47.61 -8.47
CA ARG CA 27 102.57 48.10 -8.53
C ARG CA 27 102.89 48.97 -7.33
N LYS CA 28 101.97 49.85 -6.95
CA LYS CA 28 102.21 50.73 -5.82
C LYS CA 28 102.21 49.97 -4.50
N ILE CA 29 101.39 48.92 -4.39
CA ILE CA 29 101.38 48.13 -3.15
C ILE CA 29 102.69 47.36 -3.01
N MET CA 30 103.21 46.82 -4.10
CA MET CA 30 104.46 46.09 -4.09
C MET CA 30 105.65 47.04 -4.01
N SER CA 31 105.92 47.62 -2.84
CA SER CA 31 107.03 48.53 -2.67
C SER CA 31 108.02 47.98 -1.65
N SER CA 32 109.30 48.27 -1.90
CA SER CA 32 110.42 47.78 -1.12
C SER CA 32 111.25 48.96 -0.64
N PRO CA 33 111.79 48.89 0.58
CA PRO CA 33 112.65 49.96 1.06
C PRO CA 33 114.01 49.94 0.38
N LEU CA 34 114.69 51.07 0.46
CA LEU CA 34 116.02 51.21 -0.10
C LEU CA 34 117.08 51.02 0.98
N SER CA 35 118.28 50.66 0.55
CA SER CA 35 119.38 50.46 1.48
C SER CA 35 119.80 51.80 2.08
N LYS CA 36 120.75 51.73 3.01
CA LYS CA 36 121.20 52.94 3.70
C LYS CA 36 121.84 53.92 2.71
N GLU CA 37 122.78 53.44 1.90
CA GLU CA 37 123.49 54.33 0.99
C GLU CA 37 122.55 54.88 -0.08
N LEU CA 38 121.67 54.04 -0.61
CA LEU CA 38 120.63 54.50 -1.52
C LEU CA 38 119.78 55.57 -0.86
N ARG CA 39 119.58 55.46 0.46
CA ARG CA 39 118.76 56.44 1.17
C ARG CA 39 119.48 57.75 1.37
N GLN CA 40 120.78 57.73 1.65
CA GLN CA 40 121.43 59.04 1.82
C GLN CA 40 121.70 59.73 0.48
N LYS CA 41 122.01 58.99 -0.58
CA LYS CA 41 122.27 59.68 -1.84
C LYS CA 41 120.97 60.02 -2.56
N TYR CA 42 119.97 59.16 -2.48
CA TYR CA 42 118.64 59.44 -3.01
C TYR CA 42 117.71 59.62 -1.81
N ASN CA 43 117.17 60.82 -1.65
CA ASN CA 43 116.39 61.16 -0.46
C ASN CA 43 114.95 60.67 -0.61
N VAL CA 44 114.82 59.34 -0.67
CA VAL CA 44 113.55 58.65 -0.70
C VAL CA 44 113.61 57.51 0.30
N ARG CA 45 112.47 56.87 0.51
CA ARG CA 45 112.39 55.78 1.47
C ARG CA 45 111.96 54.46 0.84
N SER CA 46 111.03 54.50 -0.11
CA SER CA 46 110.47 53.29 -0.69
C SER CA 46 110.41 53.43 -2.19
N MET CA 47 110.76 52.36 -2.89
CA MET CA 47 110.60 52.26 -4.32
C MET CA 47 109.57 51.18 -4.63
N PRO CA 48 108.64 51.42 -5.56
CA PRO CA 48 107.89 50.31 -6.13
C PRO CA 48 108.83 49.35 -6.83
N ILE CA 49 108.53 48.05 -6.69
CA ILE CA 49 109.46 47.03 -7.14
C ILE CA 49 109.52 47.00 -8.67
N ARG CA 50 110.62 46.46 -9.19
CA ARG CA 50 110.91 46.50 -10.61
C ARG CA 50 111.34 45.11 -11.07
N LYS CA 51 111.27 44.90 -12.38
CA LYS CA 51 111.51 43.57 -12.95
C LYS CA 51 112.93 43.09 -12.66
N ASP CA 52 113.93 43.90 -12.98
CA ASP CA 52 115.32 43.44 -12.94
C ASP CA 52 116.21 44.42 -12.18
N ASP CA 53 115.80 44.80 -10.98
CA ASP CA 53 116.69 45.45 -10.04
C ASP CA 53 116.95 44.55 -8.84
N GLU CA 54 118.23 44.46 -8.46
CA GLU CA 54 118.67 43.45 -7.51
C GLU CA 54 118.41 43.89 -6.09
N VAL CA 55 118.08 42.91 -5.24
CA VAL CA 55 117.68 43.13 -3.86
C VAL CA 55 118.48 42.19 -2.97
N GLN CA 56 118.30 42.34 -1.67
CA GLN CA 56 118.69 41.32 -0.70
C GLN CA 56 117.54 41.13 0.27
N VAL CA 57 117.49 39.95 0.86
CA VAL CA 57 116.36 39.54 1.69
C VAL CA 57 116.76 39.68 3.16
N VAL CA 58 115.92 40.34 3.95
CA VAL CA 58 116.21 40.59 5.35
C VAL CA 58 115.39 39.71 6.29
N ARG CA 59 114.39 38.99 5.79
CA ARG CA 59 113.53 38.20 6.66
C ARG CA 59 113.33 36.82 6.05
N GLY CA 60 112.62 35.98 6.77
CA GLY CA 60 112.32 34.66 6.28
C GLY CA 60 113.51 33.72 6.39
N HIS CA 61 113.37 32.60 5.67
CA HIS CA 61 114.35 31.53 5.74
C HIS CA 61 115.64 31.89 5.00
N TYR CA 62 115.60 32.91 4.16
CA TYR CA 62 116.72 33.30 3.31
C TYR CA 62 117.35 34.61 3.75
N LYS CA 63 117.43 34.85 5.06
CA LYS CA 63 118.10 36.04 5.56
C LYS CA 63 119.58 35.99 5.21
N GLY CA 64 120.12 37.13 4.80
CA GLY CA 64 121.53 37.19 4.50
C GLY CA 64 121.95 38.47 3.81
N GLN CA 65 123.25 38.62 3.61
CA GLN CA 65 123.81 39.80 2.95
C GLN CA 65 123.96 39.62 1.45
N GLN CA 66 123.75 38.41 0.94
CA GLN CA 66 123.95 38.15 -0.49
C GLN CA 66 122.93 38.94 -1.31
N ILE CA 67 123.34 39.32 -2.52
CA ILE CA 67 122.51 40.13 -3.40
C ILE CA 67 122.07 39.27 -4.57
N GLY CA 68 120.81 39.42 -4.96
CA GLY CA 68 120.28 38.66 -6.09
C GLY CA 68 119.38 39.53 -6.96
N LYS CA 69 119.49 39.33 -8.27
CA LYS CA 69 118.64 40.04 -9.21
C LYS CA 69 117.22 39.54 -9.12
N VAL CA 70 116.26 40.46 -9.12
CA VAL CA 70 114.86 40.08 -9.26
C VAL CA 70 114.65 39.56 -10.68
N VAL CA 71 113.97 38.42 -10.80
CA VAL CA 71 113.72 37.81 -12.10
C VAL CA 71 112.24 37.71 -12.42
N GLN CA 72 111.35 38.04 -11.50
CA GLN CA 72 109.91 38.01 -11.76
C GLN CA 72 109.21 38.82 -10.68
N VAL CA 73 108.19 39.55 -11.08
CA VAL CA 73 107.31 40.26 -10.16
C VAL CA 73 105.91 39.76 -10.44
N TYR CA 74 105.44 38.87 -9.58
CA TYR CA 74 104.18 38.19 -9.85
C TYR CA 74 103.11 38.89 -9.01
N ARG CA 75 102.47 39.88 -9.63
CA ARG CA 75 101.64 40.82 -8.87
C ARG CA 75 100.36 40.19 -8.34
N LYS CA 76 99.92 39.08 -8.90
CA LYS CA 76 98.68 38.47 -8.41
C LYS CA 76 98.86 37.95 -6.99
N LYS CA 77 99.96 37.26 -6.73
CA LYS CA 77 100.19 36.66 -5.43
C LYS CA 77 101.03 37.55 -4.52
N TYR CA 78 101.33 38.77 -4.94
CA TYR CA 78 102.09 39.73 -4.14
C TYR CA 78 103.47 39.21 -3.76
N VAL CA 79 104.12 38.49 -4.66
CA VAL CA 79 105.42 37.91 -4.41
C VAL CA 79 106.35 38.22 -5.57
N ILE CA 80 107.65 38.13 -5.31
CA ILE CA 80 108.67 38.29 -6.32
C ILE CA 80 109.60 37.10 -6.25
N TYR CA 81 110.31 36.86 -7.34
CA TYR CA 81 111.27 35.77 -7.44
C TYR CA 81 112.65 36.38 -7.59
N ILE CA 82 113.62 35.86 -6.84
CA ILE CA 82 114.99 36.31 -6.95
C ILE CA 82 115.80 35.18 -7.57
N GLU CA 83 116.98 35.54 -8.09
CA GLU CA 83 117.77 34.59 -8.87
C GLU CA 83 118.31 33.45 -8.02
N ARG CA 84 118.30 33.60 -6.69
CA ARG CA 84 118.88 32.59 -5.83
C ARG CA 84 117.90 31.96 -4.86
N VAL CA 85 116.88 32.69 -4.39
CA VAL CA 85 115.90 32.06 -3.51
C VAL CA 85 115.13 31.03 -4.33
N GLN CA 86 115.33 29.76 -4.01
CA GLN CA 86 114.89 28.68 -4.87
C GLN CA 86 115.08 27.39 -4.10
N ARG CA 87 114.16 26.46 -4.29
CA ARG CA 87 114.19 25.20 -3.59
C ARG CA 87 113.96 24.05 -4.55
N GLU CA 88 114.58 22.91 -4.25
CA GLU CA 88 114.33 21.69 -4.98
C GLU CA 88 112.89 21.26 -4.76
N LYS CA 89 112.25 20.79 -5.82
CA LYS CA 89 110.98 20.09 -5.68
C LYS CA 89 111.25 18.59 -5.79
N ALA CA 90 110.20 17.79 -5.88
CA ALA CA 90 110.35 16.34 -5.79
C ALA CA 90 111.23 15.80 -6.91
N ASN CA 91 110.96 16.19 -8.15
CA ASN CA 91 111.62 15.58 -9.29
C ASN CA 91 113.00 16.16 -9.57
N GLY CA 92 113.63 16.79 -8.58
CA GLY CA 92 114.97 17.33 -8.75
C GLY CA 92 115.07 18.58 -9.56
N THR CA 93 114.00 19.36 -9.67
CA THR CA 93 114.00 20.60 -10.41
C THR CA 93 113.87 21.76 -9.43
N THR CA 94 114.70 22.79 -9.62
CA THR CA 94 114.66 23.95 -8.73
C THR CA 94 113.57 24.92 -9.17
N VAL CA 95 112.66 25.22 -8.24
CA VAL CA 95 111.54 26.10 -8.49
C VAL CA 95 111.67 27.31 -7.58
N HIS CA 96 111.37 28.49 -8.11
CA HIS CA 96 111.54 29.73 -7.35
C HIS CA 96 110.56 29.77 -6.18
N VAL CA 97 111.00 30.42 -5.11
CA VAL CA 97 110.19 30.59 -3.91
C VAL CA 97 109.81 32.05 -3.82
N GLY CA 98 108.50 32.31 -3.71
CA GLY CA 98 108.00 33.67 -3.71
C GLY CA 98 108.15 34.32 -2.36
N ILE CA 99 108.57 35.58 -2.36
CA ILE CA 99 108.73 36.37 -1.14
C ILE CA 99 108.08 37.72 -1.36
N HIS CA 100 107.42 38.22 -0.32
CA HIS CA 100 106.80 39.52 -0.39
C HIS CA 100 107.88 40.60 -0.50
N PRO CA 101 107.68 41.62 -1.35
CA PRO CA 101 108.70 42.65 -1.51
C PRO CA 101 108.90 43.52 -0.28
N SER CA 102 107.96 43.53 0.67
CA SER CA 102 108.20 44.31 1.88
C SER CA 102 109.28 43.70 2.76
N LYS CA 103 109.64 42.43 2.52
CA LYS CA 103 110.67 41.75 3.29
C LYS CA 103 112.03 41.79 2.63
N VAL CA 104 112.17 42.50 1.51
CA VAL CA 104 113.47 42.66 0.86
C VAL CA 104 113.79 44.14 0.77
N VAL CA 105 115.07 44.43 0.69
CA VAL CA 105 115.56 45.79 0.54
C VAL CA 105 116.42 45.85 -0.72
N ILE CA 106 116.15 46.84 -1.57
CA ILE CA 106 116.85 46.96 -2.83
C ILE CA 106 118.20 47.63 -2.59
N THR CA 107 119.22 47.16 -3.30
CA THR CA 107 120.55 47.74 -3.20
C THR CA 107 120.96 48.52 -4.44
N ARG CA 108 120.47 48.13 -5.61
CA ARG CA 108 120.65 48.93 -6.82
C ARG CA 108 119.35 48.93 -7.59
N LEU CA 109 119.04 50.06 -8.21
CA LEU CA 109 117.81 50.20 -8.97
C LEU CA 109 118.04 49.92 -10.45
N LYS CA 110 116.94 49.76 -11.17
CA LYS CA 110 116.96 49.85 -12.62
C LYS CA 110 116.49 51.23 -13.02
N LEU CA 111 117.35 51.96 -13.74
CA LEU CA 111 117.16 53.37 -13.98
C LEU CA 111 116.87 53.61 -15.46
N ASP CA 112 115.74 54.26 -15.72
CA ASP CA 112 115.44 54.88 -17.01
C ASP CA 112 114.86 56.25 -16.73
N LYS CA 113 114.26 56.89 -17.73
CA LYS CA 113 113.74 58.23 -17.49
C LYS CA 113 112.57 58.21 -16.52
N ASP CA 114 111.75 57.14 -16.56
CA ASP CA 114 110.57 57.10 -15.70
C ASP CA 114 110.94 56.83 -14.25
N ARG CA 115 111.83 55.85 -14.02
CA ARG CA 115 112.25 55.55 -12.65
C ARG CA 115 113.01 56.72 -12.03
N LYS CA 116 113.94 57.31 -12.79
CA LYS CA 116 114.66 58.48 -12.29
C LYS CA 116 113.71 59.63 -12.03
N LYS CA 117 112.74 59.82 -12.92
CA LYS CA 117 111.74 60.87 -12.76
C LYS CA 117 110.97 60.70 -11.46
N ILE CA 118 110.42 59.52 -11.22
CA ILE CA 118 109.67 59.30 -9.99
C ILE CA 118 110.60 59.39 -8.78
N LEU CA 119 111.88 59.10 -8.97
CA LEU CA 119 112.85 59.27 -7.90
C LEU CA 119 112.97 60.73 -7.49
N GLU CA 120 113.20 61.63 -8.46
CA GLU CA 120 113.30 63.02 -8.01
C GLU CA 120 111.95 63.55 -7.59
N ARG CA 121 110.86 62.99 -8.10
CA ARG CA 121 109.54 63.44 -7.65
C ARG CA 121 109.35 63.16 -6.16
N LYS CA 122 109.65 61.92 -5.75
CA LYS CA 122 109.55 61.59 -4.32
C LYS CA 122 110.52 62.43 -3.49
N ALA CA 123 111.76 62.56 -3.96
CA ALA CA 123 112.74 63.34 -3.21
C ALA CA 123 112.31 64.79 -3.08
N LYS CA 124 111.79 65.40 -4.16
CA LYS CA 124 111.38 66.80 -4.12
C LYS CA 124 110.22 67.00 -3.18
N SER CA 125 109.23 66.10 -3.20
CA SER CA 125 108.16 66.20 -2.23
C SER CA 125 108.71 66.09 -0.82
N ARG CA 126 109.74 65.25 -0.62
CA ARG CA 126 110.34 65.11 0.69
C ARG CA 126 111.03 66.39 1.17
N GLN CA 127 111.84 67.03 0.32
CA GLN CA 127 112.48 68.27 0.77
C GLN CA 127 111.46 69.40 0.94
N VAL CA 128 110.41 69.41 0.11
CA VAL CA 128 109.37 70.41 0.30
C VAL CA 128 108.72 70.24 1.67
N GLY CA 129 108.44 68.98 2.05
CA GLY CA 129 107.91 68.73 3.37
C GLY CA 129 108.87 69.12 4.47
N LYS CA 130 110.17 68.86 4.26
CA LYS CA 130 111.16 69.19 5.28
C LYS CA 130 111.30 70.70 5.44
N GLU CA 131 111.20 71.45 4.35
CA GLU CA 131 111.24 72.90 4.45
C GLU CA 131 109.93 73.45 5.01
N LYS CA 132 108.83 72.70 4.88
CA LYS CA 132 107.58 73.08 5.52
C LYS CA 132 107.68 72.87 7.03
N GLY CA 133 108.21 71.74 7.46
CA GLY CA 133 108.33 71.37 8.85
C GLY CA 133 109.66 71.70 9.48
N LYS CA 134 110.43 72.60 8.88
CA LYS CA 134 111.74 72.97 9.42
C LYS CA 134 111.62 73.78 10.72
N GLY DA 1 4.87 20.05 -99.28
CA GLY DA 1 5.71 19.94 -100.45
C GLY DA 1 7.19 20.17 -100.14
N LYS DA 2 8.05 19.78 -101.08
CA LYS DA 2 9.48 19.97 -100.91
C LYS DA 2 9.80 21.46 -100.79
N PHE DA 3 10.69 21.80 -99.87
CA PHE DA 3 11.08 23.18 -99.66
C PHE DA 3 12.58 23.41 -99.70
N MET DA 4 13.39 22.38 -99.55
CA MET DA 4 14.84 22.51 -99.69
C MET DA 4 15.15 22.79 -101.14
N LYS DA 5 15.56 24.02 -101.44
CA LYS DA 5 15.80 24.45 -102.80
C LYS DA 5 17.10 25.22 -102.86
N PRO DA 6 17.73 25.30 -104.04
CA PRO DA 6 18.86 26.22 -104.21
C PRO DA 6 18.43 27.65 -103.92
N GLY DA 7 19.32 28.39 -103.27
CA GLY DA 7 19.04 29.74 -102.88
C GLY DA 7 18.42 29.89 -101.51
N LYS DA 8 17.90 28.81 -100.96
CA LYS DA 8 17.20 28.86 -99.68
C LYS DA 8 18.22 29.00 -98.55
N VAL DA 9 17.95 29.91 -97.63
CA VAL DA 9 18.87 30.22 -96.55
C VAL DA 9 18.67 29.23 -95.41
N VAL DA 10 19.77 28.64 -94.94
CA VAL DA 10 19.73 27.64 -93.89
C VAL DA 10 20.81 27.96 -92.86
N LEU DA 11 20.68 27.33 -91.69
CA LEU DA 11 21.61 27.48 -90.59
C LEU DA 11 22.41 26.21 -90.44
N VAL DA 12 23.71 26.35 -90.20
CA VAL DA 12 24.56 25.19 -89.97
C VAL DA 12 24.48 24.80 -88.50
N LEU DA 13 24.00 23.59 -88.23
CA LEU DA 13 23.80 23.15 -86.86
C LEU DA 13 25.03 22.46 -86.28
N ALA DA 14 25.74 21.67 -87.07
CA ALA DA 14 26.84 20.87 -86.57
C ALA DA 14 28.07 21.10 -87.42
N GLY DA 15 29.20 20.62 -86.93
CA GLY DA 15 30.47 20.83 -87.59
C GLY DA 15 31.17 22.08 -87.11
N ARG DA 16 32.29 22.38 -87.76
CA ARG DA 16 33.10 23.52 -87.37
C ARG DA 16 32.35 24.84 -87.54
N TYR DA 17 31.51 24.94 -88.57
CA TYR DA 17 30.84 26.18 -88.92
C TYR DA 17 29.49 26.32 -88.24
N SER DA 18 29.33 25.75 -87.05
CA SER DA 18 28.05 25.82 -86.35
C SER DA 18 27.68 27.26 -86.03
N GLY DA 19 26.44 27.61 -86.32
CA GLY DA 19 25.95 28.95 -86.11
C GLY DA 19 26.08 29.87 -87.31
N ARG DA 20 26.90 29.51 -88.29
CA ARG DA 20 27.07 30.34 -89.47
C ARG DA 20 25.85 30.21 -90.37
N LYS DA 21 25.53 31.30 -91.07
CA LYS DA 21 24.43 31.27 -92.03
C LYS DA 21 24.96 30.84 -93.39
N ALA DA 22 24.07 30.34 -94.24
CA ALA DA 22 24.52 29.72 -95.47
C ALA DA 22 23.39 29.68 -96.50
N VAL DA 23 23.78 29.46 -97.75
CA VAL DA 23 22.86 29.40 -98.88
C VAL DA 23 23.00 28.04 -99.54
N ILE DA 24 21.88 27.36 -99.75
CA ILE DA 24 21.89 26.09 -100.48
C ILE DA 24 22.30 26.33 -101.92
N VAL DA 25 23.23 25.52 -102.41
CA VAL DA 25 23.70 25.64 -103.78
C VAL DA 25 22.93 24.68 -104.67
N LYS DA 26 22.94 23.39 -104.32
CA LYS DA 26 22.18 22.38 -105.05
C LYS DA 26 21.77 21.28 -104.09
N ASN DA 27 20.47 21.04 -103.98
CA ASN DA 27 19.97 19.95 -103.16
C ASN DA 27 20.22 18.61 -103.82
N ILE DA 28 20.30 17.56 -103.01
CA ILE DA 28 20.39 16.19 -103.47
C ILE DA 28 19.21 15.36 -102.99
N ASP DA 29 18.98 15.35 -101.68
CA ASP DA 29 17.77 14.88 -100.99
C ASP DA 29 17.35 13.45 -101.35
N ASP DA 30 18.27 12.65 -101.88
CA ASP DA 30 17.99 11.24 -102.13
C ASP DA 30 19.12 10.29 -101.79
N GLY DA 31 20.34 10.76 -101.59
CA GLY DA 31 21.47 9.85 -101.55
C GLY DA 31 21.98 9.52 -102.94
N THR DA 32 23.30 9.36 -103.05
CA THR DA 32 23.95 9.15 -104.33
C THR DA 32 25.00 8.06 -104.28
N SER DA 33 24.74 6.99 -103.52
CA SER DA 33 25.56 5.78 -103.36
C SER DA 33 26.94 6.08 -102.78
N ASP DA 34 27.23 7.32 -102.42
CA ASP DA 34 28.42 7.70 -101.67
C ASP DA 34 28.09 8.62 -100.50
N ARG DA 35 26.95 9.29 -100.54
CA ARG DA 35 26.36 9.96 -99.39
C ARG DA 35 24.89 9.55 -99.38
N PRO DA 36 24.59 8.33 -98.91
CA PRO DA 36 23.20 7.85 -98.95
C PRO DA 36 22.22 8.72 -98.18
N TYR DA 37 22.68 9.43 -97.16
CA TYR DA 37 21.83 10.39 -96.47
C TYR DA 37 21.51 11.57 -97.39
N SER DA 38 20.41 12.24 -97.10
CA SER DA 38 20.01 13.42 -97.86
C SER DA 38 20.97 14.55 -97.55
N HIS DA 39 21.64 15.07 -98.58
CA HIS DA 39 22.64 16.11 -98.39
C HIS DA 39 22.45 17.19 -99.44
N ALA DA 40 23.25 18.26 -99.32
CA ALA DA 40 23.21 19.36 -100.27
C ALA DA 40 24.50 20.16 -100.14
N LEU DA 41 25.08 20.52 -101.27
CA LEU DA 41 26.20 21.45 -101.26
C LEU DA 41 25.72 22.82 -100.82
N VAL DA 42 26.42 23.41 -99.86
CA VAL DA 42 26.00 24.67 -99.27
C VAL DA 42 27.20 25.61 -99.26
N ALA DA 43 26.92 26.91 -99.26
CA ALA DA 43 27.96 27.93 -99.24
C ALA DA 43 27.63 28.95 -98.16
N GLY DA 44 28.43 28.97 -97.10
CA GLY DA 44 28.17 29.86 -95.99
C GLY DA 44 29.24 30.91 -95.82
N ILE DA 45 29.23 31.59 -94.67
CA ILE DA 45 30.21 32.62 -94.37
C ILE DA 45 30.89 32.30 -93.05
N ASP DA 46 32.22 32.32 -93.06
CA ASP DA 46 33.00 32.07 -91.85
C ASP DA 46 33.15 33.33 -91.02
N ARG DA 47 33.73 34.37 -91.61
CA ARG DA 47 33.94 35.64 -90.90
C ARG DA 47 32.88 36.64 -91.36
N TYR DA 48 31.99 37.00 -90.45
CA TYR DA 48 30.96 37.97 -90.74
C TYR DA 48 31.57 39.35 -90.93
N PRO DA 49 30.97 40.19 -91.77
CA PRO DA 49 31.45 41.57 -91.89
C PRO DA 49 31.24 42.33 -90.61
N ARG DA 50 32.19 43.19 -90.28
CA ARG DA 50 32.11 43.98 -89.06
C ARG DA 50 31.12 45.13 -89.24
N LYS DA 51 30.57 45.58 -88.12
CA LYS DA 51 29.63 46.69 -88.15
C LYS DA 51 30.32 47.97 -88.57
N VAL DA 52 29.71 48.69 -89.51
CA VAL DA 52 30.25 49.94 -90.01
C VAL DA 52 29.38 51.09 -89.53
N THR DA 53 30.01 52.08 -88.93
CA THR DA 53 29.33 53.31 -88.51
C THR DA 53 29.70 54.41 -89.50
N ALA DA 54 28.98 55.53 -89.38
CA ALA DA 54 29.21 56.64 -90.31
C ALA DA 54 30.60 57.25 -90.11
N ALA DA 55 31.04 57.35 -88.86
CA ALA DA 55 32.28 58.06 -88.55
C ALA DA 55 33.43 57.07 -88.31
N MET DA 56 33.82 56.37 -89.38
CA MET DA 56 35.03 55.56 -89.28
C MET DA 56 35.92 55.65 -90.52
N GLY DA 57 35.41 56.22 -91.61
CA GLY DA 57 36.21 56.45 -92.79
C GLY DA 57 36.05 55.35 -93.83
N LYS DA 58 36.48 55.66 -95.04
CA LYS DA 58 36.27 54.76 -96.17
C LYS DA 58 37.17 53.54 -96.10
N LYS DA 59 38.45 53.72 -95.79
CA LYS DA 59 39.36 52.59 -95.75
C LYS DA 59 39.02 51.62 -94.62
N LYS DA 60 38.66 52.15 -93.45
CA LYS DA 60 38.26 51.29 -92.35
C LYS DA 60 36.97 50.54 -92.68
N ILE DA 61 36.04 51.19 -93.36
CA ILE DA 61 34.81 50.51 -93.79
C ILE DA 61 35.15 49.40 -94.78
N ALA DA 62 36.02 49.68 -95.73
CA ALA DA 62 36.39 48.67 -96.73
C ALA DA 62 37.07 47.48 -96.08
N LYS DA 63 37.96 47.74 -95.11
CA LYS DA 63 38.60 46.64 -94.39
C LYS DA 63 37.58 45.84 -93.58
N ARG DA 64 36.65 46.52 -92.93
CA ARG DA 64 35.67 45.85 -92.09
C ARG DA 64 34.60 45.13 -92.89
N SER DA 65 34.48 45.41 -94.19
CA SER DA 65 33.46 44.76 -94.99
C SER DA 65 33.91 43.42 -95.56
N LYS DA 66 35.14 43.01 -95.30
CA LYS DA 66 35.65 41.78 -95.87
C LYS DA 66 34.94 40.57 -95.27
N ILE DA 67 34.74 39.56 -96.11
CA ILE DA 67 34.00 38.36 -95.74
C ILE DA 67 34.83 37.14 -96.10
N LYS DA 68 34.93 36.20 -95.18
CA LYS DA 68 35.45 34.87 -95.45
C LYS DA 68 34.25 33.95 -95.64
N SER DA 69 34.36 33.04 -96.60
CA SER DA 69 33.28 32.11 -96.93
C SER DA 69 33.78 30.67 -96.83
N PHE DA 70 32.86 29.74 -97.06
CA PHE DA 70 33.21 28.32 -97.05
C PHE DA 70 32.17 27.55 -97.84
N VAL DA 71 32.55 26.33 -98.24
CA VAL DA 71 31.64 25.41 -98.92
C VAL DA 71 31.80 24.03 -98.31
N LYS DA 72 30.67 23.41 -97.97
CA LYS DA 72 30.64 22.05 -97.44
C LYS DA 72 29.37 21.38 -97.96
N VAL DA 73 29.36 20.05 -97.87
CA VAL DA 73 28.18 19.26 -98.17
C VAL DA 73 27.67 18.68 -96.86
N TYR DA 74 26.44 19.03 -96.50
CA TYR DA 74 25.88 18.75 -95.18
C TYR DA 74 24.64 17.89 -95.28
N ASN DA 75 24.59 16.87 -94.42
CA ASN DA 75 23.38 16.09 -94.24
C ASN DA 75 22.28 16.99 -93.68
N TYR DA 76 21.06 16.83 -94.22
CA TYR DA 76 19.96 17.74 -93.89
C TYR DA 76 19.67 17.79 -92.40
N ASN DA 77 19.90 16.70 -91.68
CA ASN DA 77 19.62 16.69 -90.25
C ASN DA 77 20.51 17.64 -89.47
N HIS DA 78 21.58 18.13 -90.09
CA HIS DA 78 22.45 19.13 -89.49
C HIS DA 78 22.13 20.53 -89.99
N LEU DA 79 20.93 20.75 -90.50
CA LEU DA 79 20.51 22.05 -91.02
C LEU DA 79 19.25 22.51 -90.32
N MET DA 80 19.17 23.81 -90.05
CA MET DA 80 17.93 24.44 -89.61
C MET DA 80 17.51 25.46 -90.63
N PRO DA 81 16.55 25.16 -91.51
CA PRO DA 81 16.18 26.09 -92.57
C PRO DA 81 15.43 27.30 -92.02
N THR DA 82 15.41 28.35 -92.84
CA THR DA 82 14.74 29.59 -92.51
C THR DA 82 13.60 29.81 -93.47
N ARG DA 83 12.88 30.92 -93.29
CA ARG DA 83 11.85 31.33 -94.22
C ARG DA 83 12.40 32.24 -95.32
N TYR DA 84 13.68 32.57 -95.28
CA TYR DA 84 14.29 33.51 -96.19
C TYR DA 84 15.08 32.79 -97.28
N SER DA 85 15.31 33.50 -98.38
CA SER DA 85 16.10 33.00 -99.48
C SER DA 85 16.77 34.17 -100.17
N VAL DA 86 17.97 33.94 -100.69
CA VAL DA 86 18.75 34.97 -101.37
C VAL DA 86 19.15 34.48 -102.75
N ASP DA 87 18.95 35.35 -103.74
CA ASP DA 87 19.25 35.02 -105.13
C ASP DA 87 20.61 35.60 -105.51
N ILE DA 88 21.65 35.01 -104.95
CA ILE DA 88 23.04 35.42 -105.21
C ILE DA 88 23.52 34.67 -106.44
N PRO DA 89 24.01 35.36 -107.47
CA PRO DA 89 24.39 34.68 -108.72
C PRO DA 89 25.73 33.97 -108.62
N LEU DA 90 25.76 32.79 -108.00
CA LEU DA 90 26.98 32.02 -107.89
C LEU DA 90 27.06 31.00 -109.01
N ASP DA 91 28.23 30.95 -109.66
CA ASP DA 91 28.40 30.11 -110.85
C ASP DA 91 28.40 28.64 -110.44
N LYS DA 92 27.47 27.88 -111.03
CA LYS DA 92 27.33 26.47 -110.69
C LYS DA 92 28.60 25.69 -111.03
N THR DA 93 29.21 25.99 -112.17
CA THR DA 93 30.39 25.26 -112.60
C THR DA 93 31.59 25.49 -111.68
N VAL DA 94 31.54 26.53 -110.85
CA VAL DA 94 32.64 26.79 -109.91
C VAL DA 94 32.36 26.13 -108.56
N VAL DA 95 31.23 26.45 -107.95
CA VAL DA 95 30.80 25.79 -106.72
C VAL DA 95 29.98 24.57 -107.13
N ASN DA 96 30.68 23.49 -107.41
CA ASN DA 96 30.08 22.21 -107.78
C ASN DA 96 30.59 21.14 -106.82
N LYS DA 97 29.92 19.99 -106.82
CA LYS DA 97 30.16 18.99 -105.78
C LYS DA 97 31.56 18.41 -105.85
N ASP DA 98 32.10 18.21 -107.05
CA ASP DA 98 33.37 17.53 -107.25
C ASP DA 98 34.58 18.40 -106.90
N VAL DA 99 34.35 19.52 -106.22
CA VAL DA 99 35.44 20.43 -105.87
C VAL DA 99 36.25 19.94 -104.69
N PHE DA 100 35.73 18.95 -103.95
CA PHE DA 100 36.34 18.55 -102.69
C PHE DA 100 37.63 17.78 -102.86
N ARG DA 101 37.88 17.20 -104.04
CA ARG DA 101 39.06 16.39 -104.24
C ARG DA 101 40.26 17.17 -104.75
N ASP DA 102 40.14 18.49 -104.90
CA ASP DA 102 41.29 19.30 -105.27
C ASP DA 102 41.31 20.57 -104.43
N PRO DA 103 42.29 20.74 -103.56
CA PRO DA 103 42.32 21.94 -102.71
C PRO DA 103 42.38 23.25 -103.48
N ALA DA 104 43.09 23.29 -104.61
CA ALA DA 104 43.12 24.50 -105.43
C ALA DA 104 41.73 24.84 -105.95
N LEU DA 105 40.98 23.82 -106.38
CA LEU DA 105 39.60 24.04 -106.81
C LEU DA 105 38.74 24.54 -105.67
N LYS DA 106 38.94 24.00 -104.46
CA LYS DA 106 38.16 24.46 -103.32
C LYS DA 106 38.46 25.91 -103.00
N ARG DA 107 39.74 26.30 -103.09
CA ARG DA 107 40.08 27.70 -102.88
C ARG DA 107 39.44 28.59 -103.94
N LYS DA 108 39.44 28.13 -105.19
CA LYS DA 108 38.82 28.91 -106.27
C LYS DA 108 37.32 29.08 -106.03
N ALA DA 109 36.63 28.01 -105.65
CA ALA DA 109 35.21 28.09 -105.38
C ALA DA 109 34.92 28.98 -104.18
N ARG DA 110 35.75 28.89 -103.15
CA ARG DA 110 35.60 29.73 -101.97
C ARG DA 110 35.81 31.19 -102.31
N ARG DA 111 36.77 31.48 -103.19
CA ARG DA 111 36.99 32.85 -103.64
C ARG DA 111 35.79 33.37 -104.43
N GLU DA 112 35.20 32.52 -105.28
CA GLU DA 112 34.01 32.92 -106.02
C GLU DA 112 32.86 33.23 -105.07
N ALA DA 113 32.67 32.37 -104.06
CA ALA DA 113 31.65 32.63 -103.05
C ALA DA 113 31.92 33.92 -102.32
N LYS DA 114 33.19 34.18 -101.99
CA LYS DA 114 33.57 35.39 -101.27
C LYS DA 114 33.25 36.64 -102.08
N VAL DA 115 33.60 36.63 -103.37
CA VAL DA 115 33.38 37.84 -104.17
C VAL DA 115 31.90 38.06 -104.43
N LYS DA 116 31.13 36.99 -104.66
CA LYS DA 116 29.69 37.17 -104.85
C LYS DA 116 29.02 37.65 -103.57
N PHE DA 117 29.42 37.09 -102.43
CA PHE DA 117 28.89 37.53 -101.16
C PHE DA 117 29.26 38.97 -100.86
N GLU DA 118 30.48 39.38 -101.24
CA GLU DA 118 30.87 40.77 -101.08
C GLU DA 118 29.99 41.67 -101.94
N GLU DA 119 29.71 41.25 -103.17
CA GLU DA 119 28.88 42.05 -104.06
C GLU DA 119 27.47 42.19 -103.50
N ARG DA 120 26.92 41.11 -102.94
CA ARG DA 120 25.57 41.18 -102.39
C ARG DA 120 25.54 41.92 -101.06
N TYR DA 121 26.63 41.88 -100.30
CA TYR DA 121 26.65 42.56 -99.01
C TYR DA 121 26.56 44.07 -99.18
N LYS DA 122 27.20 44.60 -100.21
CA LYS DA 122 27.05 46.01 -100.53
C LYS DA 122 25.62 46.34 -100.89
N THR DA 123 25.34 47.65 -101.01
CA THR DA 123 24.05 48.21 -101.38
C THR DA 123 22.92 47.79 -100.44
N GLY DA 124 23.27 47.27 -99.27
CA GLY DA 124 22.32 47.08 -98.18
C GLY DA 124 21.13 46.19 -98.48
N LYS DA 125 21.33 45.08 -99.17
CA LYS DA 125 20.26 44.16 -99.48
C LYS DA 125 20.48 42.85 -98.74
N ASN DA 126 19.37 42.20 -98.36
CA ASN DA 126 19.40 40.93 -97.64
C ASN DA 126 20.19 41.06 -96.35
N LYS DA 127 19.87 42.09 -95.57
CA LYS DA 127 20.67 42.42 -94.39
C LYS DA 127 20.64 41.34 -93.33
N TRP DA 128 19.62 40.48 -93.32
CA TRP DA 128 19.57 39.44 -92.29
C TRP DA 128 20.65 38.39 -92.50
N PHE DA 129 20.97 38.08 -93.76
CA PHE DA 129 21.94 37.04 -94.04
C PHE DA 129 23.36 37.41 -93.65
N PHE DA 130 23.65 38.70 -93.48
CA PHE DA 130 25.03 39.15 -93.40
C PHE DA 130 25.49 39.53 -92.00
N GLN DA 131 24.59 39.61 -91.01
CA GLN DA 131 25.03 39.94 -89.65
C GLN DA 131 24.86 38.70 -88.77
N LYS DA 132 25.75 38.57 -87.79
CA LYS DA 132 25.88 37.32 -87.05
C LYS DA 132 24.67 37.07 -86.17
N LEU DA 133 24.14 35.86 -86.25
CA LEU DA 133 23.10 35.45 -85.32
C LEU DA 133 23.68 35.31 -83.92
N ARG DA 134 22.95 35.81 -82.93
CA ARG DA 134 23.39 35.78 -81.54
C ARG DA 134 22.76 34.60 -80.84
N PHE DA 135 23.59 33.71 -80.32
CA PHE DA 135 23.12 32.51 -79.63
C PHE DA 135 24.10 32.13 -78.53
N PRO EA 1 67.14 46.07 30.70
CA PRO EA 1 67.76 45.03 31.52
C PRO EA 1 66.94 43.74 31.52
N SER EA 2 67.14 42.91 30.51
CA SER EA 2 66.38 41.67 30.40
C SER EA 2 66.75 40.66 31.49
N ARG EA 3 67.95 40.76 32.05
CA ARG EA 3 68.39 39.80 33.05
C ARG EA 3 67.67 39.96 34.38
N LEU EA 4 66.95 41.05 34.58
CA LEU EA 4 66.27 41.32 35.84
C LEU EA 4 64.85 40.77 35.88
N ARG EA 5 64.40 40.13 34.82
CA ARG EA 5 62.98 39.82 34.67
C ARG EA 5 62.66 38.39 35.09
N LYS EA 6 61.35 38.14 35.25
CA LYS EA 6 60.87 36.83 35.66
C LYS EA 6 61.16 35.73 34.65
N THR EA 7 61.30 36.08 33.37
CA THR EA 7 61.50 35.07 32.35
C THR EA 7 62.84 34.37 32.53
N ARG EA 8 63.84 35.09 33.04
CA ARG EA 8 65.11 34.44 33.36
C ARG EA 8 64.98 33.53 34.57
N LYS EA 9 64.01 33.78 35.43
CA LYS EA 9 63.76 32.93 36.60
C LYS EA 9 62.71 31.86 36.34
N LEU EA 10 62.07 31.85 35.17
CA LEU EA 10 61.05 30.88 34.84
C LEU EA 10 61.55 29.81 33.88
N ARG EA 11 62.84 29.75 33.61
CA ARG EA 11 63.37 28.69 32.76
C ARG EA 11 63.31 27.35 33.48
N GLY EA 12 62.79 26.35 32.79
CA GLY EA 12 62.64 25.03 33.36
C GLY EA 12 61.27 24.74 33.94
N HIS EA 13 60.50 25.77 34.26
CA HIS EA 13 59.12 25.60 34.71
C HIS EA 13 58.24 25.56 33.47
N VAL EA 14 57.54 24.44 33.28
CA VAL EA 14 56.97 24.12 31.98
C VAL EA 14 55.88 25.11 31.59
N SER EA 15 55.09 25.57 32.56
CA SER EA 15 53.96 26.44 32.25
C SER EA 15 54.37 27.89 32.08
N HIS EA 16 55.60 28.25 32.43
CA HIS EA 16 56.12 29.61 32.32
C HIS EA 16 55.26 30.62 33.09
N GLY EA 17 54.82 30.23 34.28
CA GLY EA 17 54.10 31.14 35.14
C GLY EA 17 52.67 31.43 34.75
N HIS EA 18 52.05 30.54 33.96
CA HIS EA 18 50.67 30.75 33.53
C HIS EA 18 49.79 29.53 33.77
N GLY EA 19 50.24 28.57 34.56
CA GLY EA 19 49.38 27.49 35.00
C GLY EA 19 49.30 26.34 34.01
N ARG EA 20 48.90 25.19 34.53
CA ARG EA 20 48.77 23.99 33.71
C ARG EA 20 47.37 23.77 33.21
N ILE EA 21 46.35 24.14 33.99
CA ILE EA 21 44.96 23.85 33.65
C ILE EA 21 44.47 24.83 32.60
N GLY EA 22 44.46 26.11 32.94
CA GLY EA 22 43.95 27.11 32.02
C GLY EA 22 44.92 27.48 30.91
N LYS EA 23 46.22 27.28 31.14
CA LYS EA 23 47.27 27.63 30.17
C LYS EA 23 47.24 29.10 29.84
N HIS EA 24 47.97 29.50 28.80
CA HIS EA 24 48.00 30.89 28.33
C HIS EA 24 47.50 30.88 26.89
N ARG EA 25 46.20 31.10 26.71
CA ARG EA 25 45.61 31.07 25.39
C ARG EA 25 45.59 32.47 24.79
N LYS EA 26 45.11 32.56 23.55
CA LYS EA 26 45.23 33.80 22.77
C LYS EA 26 44.48 34.96 23.41
N HIS EA 27 43.15 34.87 23.47
CA HIS EA 27 42.32 35.95 24.00
C HIS EA 27 41.04 35.37 24.55
N PRO EA 28 41.10 34.79 25.75
CA PRO EA 28 39.86 34.33 26.39
C PRO EA 28 39.08 35.52 26.94
N GLY EA 29 37.82 35.62 26.52
CA GLY EA 29 36.98 36.74 26.89
C GLY EA 29 36.86 37.82 25.84
N GLY EA 30 37.78 37.89 24.90
CA GLY EA 30 37.69 38.85 23.82
C GLY EA 30 38.93 39.72 23.74
N ARG EA 31 38.79 40.80 22.98
CA ARG EA 31 39.89 41.72 22.72
C ARG EA 31 39.52 43.13 23.18
N GLY EA 32 40.46 43.79 23.83
CA GLY EA 32 40.23 45.13 24.30
C GLY EA 32 39.11 45.17 25.32
N ASN EA 33 38.16 46.07 25.11
CA ASN EA 33 37.01 46.20 26.01
C ASN EA 33 35.84 45.38 25.52
N ALA EA 34 36.09 44.10 25.26
CA ALA EA 34 35.06 43.22 24.74
C ALA EA 34 34.09 42.82 25.85
N GLY EA 35 32.82 42.72 25.50
CA GLY EA 35 31.82 42.27 26.44
C GLY EA 35 31.68 43.15 27.66
N GLY EA 36 31.83 44.46 27.48
CA GLY EA 36 31.75 45.37 28.61
C GLY EA 36 30.40 45.40 29.29
N LEU EA 37 29.34 45.01 28.58
CA LEU EA 37 28.03 44.95 29.19
C LEU EA 37 27.56 43.52 29.45
N HIS EA 38 28.32 42.51 29.06
CA HIS EA 38 27.82 41.15 29.12
C HIS EA 38 28.56 40.27 30.12
N HIS EA 39 29.86 40.08 29.95
CA HIS EA 39 30.61 39.21 30.86
C HIS EA 39 31.73 39.94 31.58
N HIS EA 40 32.10 41.14 31.15
CA HIS EA 40 32.87 42.05 31.98
C HIS EA 40 31.98 43.14 32.55
N ARG EA 41 30.67 42.91 32.56
CA ARG EA 41 29.71 43.88 33.08
C ARG EA 41 30.01 44.23 34.53
N ILE EA 42 30.32 43.21 35.34
CA ILE EA 42 30.50 43.43 36.77
C ILE EA 42 31.72 44.28 37.03
N ASN EA 43 32.80 44.06 36.27
CA ASN EA 43 33.99 44.92 36.40
C ASN EA 43 33.66 46.36 36.03
N PHE EA 44 32.95 46.54 34.91
CA PHE EA 44 32.65 47.88 34.44
C PHE EA 44 31.71 48.61 35.40
N ASP EA 45 30.84 47.86 36.09
CA ASP EA 45 29.97 48.50 37.07
C ASP EA 45 30.72 48.80 38.37
N LYS EA 46 31.58 47.89 38.81
CA LYS EA 46 32.23 48.07 40.11
C LYS EA 46 33.33 49.10 40.04
N TYR EA 47 33.94 49.29 38.88
CA TYR EA 47 35.09 50.17 38.76
C TYR EA 47 34.87 51.36 37.84
N HIS EA 48 33.94 51.27 36.91
CA HIS EA 48 33.69 52.35 35.95
C HIS EA 48 32.21 52.69 35.87
N PRO EA 49 31.63 53.20 36.94
CA PRO EA 49 30.22 53.60 36.86
C PRO EA 49 30.06 54.84 36.00
N GLY EA 50 29.01 54.86 35.20
CA GLY EA 50 28.78 55.95 34.28
C GLY EA 50 29.51 55.84 32.97
N TYR EA 51 30.15 54.72 32.68
CA TYR EA 51 30.91 54.60 31.44
C TYR EA 51 29.99 54.58 30.23
N PHE EA 52 28.84 53.93 30.33
CA PHE EA 52 27.92 53.79 29.20
C PHE EA 52 26.86 54.88 29.23
N GLY EA 53 26.42 55.31 28.04
CA GLY EA 53 25.42 56.34 27.90
C GLY EA 53 25.98 57.65 27.40
N LYS EA 54 25.11 58.67 27.37
CA LYS EA 54 25.52 60.04 27.14
C LYS EA 54 24.60 61.01 27.86
N VAL EA 55 25.17 62.14 28.26
CA VAL EA 55 24.50 63.14 29.10
C VAL EA 55 24.80 64.52 28.55
N GLY EA 56 23.76 65.36 28.45
CA GLY EA 56 23.96 66.78 28.22
C GLY EA 56 24.00 67.16 26.75
N MET EA 57 24.01 68.48 26.53
CA MET EA 57 24.06 69.02 25.18
C MET EA 57 25.42 68.76 24.56
N LYS EA 58 25.42 68.41 23.28
CA LYS EA 58 26.68 68.28 22.55
C LYS EA 58 26.94 69.57 21.77
N HIS EA 59 28.16 70.08 21.89
CA HIS EA 59 28.54 71.36 21.30
C HIS EA 59 29.59 71.13 20.23
N TYR EA 60 29.32 71.62 19.03
CA TYR EA 60 30.15 71.37 17.87
C TYR EA 60 31.23 72.44 17.76
N HIS EA 61 32.45 72.01 17.41
CA HIS EA 61 33.58 72.91 17.20
C HIS EA 61 33.85 73.75 18.46
N LEU EA 62 34.03 73.06 19.58
CA LEU EA 62 34.42 73.76 20.80
C LEU EA 62 35.82 74.30 20.64
N LYS EA 63 35.97 75.60 20.89
CA LYS EA 63 37.26 76.26 20.85
C LYS EA 63 37.73 76.48 22.27
N ARG EA 64 38.72 75.68 22.68
CA ARG EA 64 39.23 75.74 24.05
C ARG EA 64 39.80 77.11 24.40
N ASN EA 65 40.23 77.88 23.41
CA ASN EA 65 40.82 79.17 23.69
C ASN EA 65 39.78 80.20 24.13
N GLN EA 66 38.50 80.02 23.77
CA GLN EA 66 37.48 80.97 24.21
C GLN EA 66 37.28 80.91 25.71
N SER EA 67 37.22 79.71 26.27
CA SER EA 67 37.00 79.53 27.70
C SER EA 67 38.28 79.60 28.51
N PHE EA 68 39.34 80.16 27.95
CA PHE EA 68 40.62 80.25 28.65
C PHE EA 68 40.49 81.26 29.79
N CYS EA 69 40.40 80.77 31.01
CA CYS EA 69 40.29 81.63 32.19
C CYS EA 69 41.06 80.98 33.33
N PRO EA 70 42.38 81.01 33.28
CA PRO EA 70 43.17 80.50 34.41
C PRO EA 70 42.96 81.37 35.63
N THR EA 71 43.06 80.76 36.80
CA THR EA 71 42.66 81.43 38.03
C THR EA 71 43.78 81.39 39.07
N VAL EA 72 43.74 82.38 39.96
CA VAL EA 72 44.72 82.54 41.01
C VAL EA 72 43.96 82.81 42.31
N ASN EA 73 44.59 82.51 43.43
CA ASN EA 73 43.95 82.59 44.73
C ASN EA 73 44.53 83.74 45.55
N LEU EA 74 43.82 84.11 46.62
CA LEU EA 74 44.23 85.25 47.42
C LEU EA 74 45.51 84.97 48.19
N ASP EA 75 45.74 83.72 48.57
CA ASP EA 75 46.97 83.41 49.29
C ASP EA 75 48.20 83.59 48.41
N LYS EA 76 48.04 83.41 47.10
CA LYS EA 76 49.14 83.51 46.16
C LYS EA 76 49.20 84.84 45.45
N LEU EA 77 48.40 85.84 45.85
CA LEU EA 77 48.47 87.13 45.18
C LEU EA 77 49.82 87.79 45.39
N TRP EA 78 50.34 87.74 46.61
CA TRP EA 78 51.58 88.43 46.91
C TRP EA 78 52.80 87.76 46.29
N THR EA 79 52.65 86.55 45.76
CA THR EA 79 53.77 85.91 45.10
C THR EA 79 53.86 86.27 43.61
N LEU EA 80 52.94 87.09 43.11
CA LEU EA 80 53.07 87.56 41.73
C LEU EA 80 54.06 88.72 41.60
N VAL EA 81 54.47 89.33 42.71
CA VAL EA 81 55.37 90.46 42.70
C VAL EA 81 56.55 90.17 43.61
N SER EA 82 57.53 91.08 43.58
CA SER EA 82 58.76 90.88 44.32
C SER EA 82 58.51 91.02 45.82
N GLU EA 83 59.53 90.63 46.60
CA GLU EA 83 59.47 90.81 48.04
C GLU EA 83 59.54 92.29 48.42
N GLN EA 84 60.22 93.08 47.59
CA GLN EA 84 60.41 94.49 47.92
C GLN EA 84 59.10 95.25 47.94
N THR EA 85 58.19 94.94 47.02
CA THR EA 85 56.89 95.61 47.01
C THR EA 85 56.18 95.41 48.34
N ARG EA 86 56.11 94.17 48.82
CA ARG EA 86 55.38 93.90 50.05
C ARG EA 86 56.10 94.48 51.26
N VAL EA 87 57.42 94.38 51.30
CA VAL EA 87 58.13 94.87 52.47
C VAL EA 87 58.07 96.39 52.55
N ASN EA 88 58.13 97.08 51.41
CA ASN EA 88 58.08 98.54 51.44
C ASN EA 88 56.65 99.04 51.64
N ALA EA 89 55.65 98.31 51.14
CA ALA EA 89 54.27 98.71 51.38
C ALA EA 89 53.87 98.46 52.83
N ALA EA 90 54.40 97.39 53.42
CA ALA EA 90 54.12 97.12 54.83
C ALA EA 90 54.70 98.20 55.73
N LYS EA 91 55.87 98.71 55.38
CA LYS EA 91 56.49 99.79 56.13
C LYS EA 91 56.08 101.17 55.61
N ASN EA 92 55.18 101.24 54.64
CA ASN EA 92 54.86 102.51 54.02
C ASN EA 92 54.07 103.41 54.97
N LYS EA 93 54.53 104.65 55.11
CA LYS EA 93 53.87 105.62 55.96
C LYS EA 93 52.59 106.16 55.34
N THR EA 94 52.54 106.26 54.02
CA THR EA 94 51.39 106.80 53.30
C THR EA 94 50.50 105.65 52.83
N GLY EA 95 49.38 106.02 52.21
CA GLY EA 95 48.41 105.07 51.74
C GLY EA 95 48.70 104.45 50.39
N ALA EA 96 49.92 104.64 49.87
CA ALA EA 96 50.26 104.03 48.59
C ALA EA 96 50.31 102.51 48.74
N ALA EA 97 49.55 101.82 47.91
CA ALA EA 97 49.46 100.38 47.94
C ALA EA 97 49.87 99.79 46.60
N PRO EA 98 50.55 98.65 46.60
CA PRO EA 98 51.02 98.07 45.34
C PRO EA 98 49.85 97.55 44.51
N ILE EA 99 50.06 97.55 43.21
CA ILE EA 99 49.06 97.09 42.25
C ILE EA 99 49.53 95.76 41.67
N ILE EA 100 48.70 94.74 41.78
CA ILE EA 100 49.03 93.41 41.28
C ILE EA 100 48.20 93.15 40.04
N ASP EA 101 48.83 93.18 38.88
CA ASP EA 101 48.16 92.86 37.62
C ASP EA 101 48.25 91.35 37.45
N VAL EA 102 47.17 90.65 37.80
CA VAL EA 102 47.19 89.19 37.64
C VAL EA 102 47.21 88.84 36.16
N VAL EA 103 46.66 89.69 35.30
CA VAL EA 103 46.66 89.41 33.87
C VAL EA 103 48.08 89.44 33.33
N ARG EA 104 48.90 90.36 33.84
CA ARG EA 104 50.32 90.33 33.52
C ARG EA 104 50.96 89.03 33.99
N SER EA 105 50.52 88.52 35.14
CA SER EA 105 50.98 87.22 35.61
C SER EA 105 50.37 86.07 34.84
N GLY EA 106 49.37 86.32 33.99
CA GLY EA 106 48.75 85.26 33.22
C GLY EA 106 47.46 84.71 33.78
N TYR EA 107 46.85 85.40 34.75
CA TYR EA 107 45.64 84.96 35.41
C TYR EA 107 44.49 85.91 35.09
N TYR EA 108 43.29 85.38 34.99
CA TYR EA 108 42.13 86.19 34.65
C TYR EA 108 41.14 86.33 35.78
N LYS EA 109 40.89 85.27 36.54
CA LYS EA 109 39.93 85.29 37.63
C LYS EA 109 40.65 85.13 38.95
N VAL EA 110 40.24 85.89 39.95
CA VAL EA 110 40.82 85.85 41.28
C VAL EA 110 39.83 85.18 42.22
N LEU EA 111 40.15 83.96 42.63
CA LEU EA 111 39.33 83.24 43.60
C LEU EA 111 39.75 83.62 45.02
N GLY EA 112 39.12 83.01 46.01
CA GLY EA 112 39.24 83.52 47.35
C GLY EA 112 39.63 82.56 48.46
N LYS EA 113 40.45 81.55 48.19
CA LYS EA 113 40.85 80.71 49.30
C LYS EA 113 42.01 81.36 50.06
N GLY EA 114 42.09 81.04 51.34
CA GLY EA 114 43.12 81.60 52.20
C GLY EA 114 42.74 82.98 52.72
N LYS EA 115 43.73 83.64 53.32
CA LYS EA 115 43.56 84.96 53.88
C LYS EA 115 44.74 85.83 53.48
N LEU EA 116 44.52 87.14 53.54
CA LEU EA 116 45.48 88.13 53.10
C LEU EA 116 46.20 88.78 54.28
N PRO EA 117 47.45 89.17 54.11
CA PRO EA 117 48.11 90.00 55.13
C PRO EA 117 47.47 91.37 55.20
N LYS EA 118 47.54 91.97 56.39
CA LYS EA 118 46.75 93.16 56.72
C LYS EA 118 47.43 94.41 56.16
N GLN EA 119 47.20 94.66 54.87
CA GLN EA 119 47.60 95.90 54.23
C GLN EA 119 46.80 96.04 52.94
N PRO EA 120 46.48 97.26 52.50
CA PRO EA 120 45.70 97.42 51.27
C PRO EA 120 46.50 97.03 50.05
N VAL EA 121 45.77 96.76 48.96
CA VAL EA 121 46.37 96.36 47.70
C VAL EA 121 45.35 96.57 46.60
N ILE EA 122 45.81 97.03 45.44
CA ILE EA 122 44.96 97.19 44.27
C ILE EA 122 45.16 96.00 43.35
N VAL EA 123 44.07 95.40 42.90
CA VAL EA 123 44.13 94.16 42.13
C VAL EA 123 43.58 94.44 40.73
N LYS EA 124 44.45 94.35 39.73
CA LYS EA 124 43.99 94.32 38.34
C LYS EA 124 43.57 92.90 38.00
N ALA EA 125 42.32 92.72 37.59
CA ALA EA 125 41.83 91.42 37.19
C ALA EA 125 40.56 91.62 36.37
N LYS EA 126 40.29 90.70 35.46
CA LYS EA 126 39.12 90.86 34.62
C LYS EA 126 37.92 90.07 35.11
N PHE EA 127 38.14 89.08 35.97
CA PHE EA 127 37.08 88.38 36.67
C PHE EA 127 37.40 88.34 38.16
N PHE EA 128 36.36 88.53 38.97
CA PHE EA 128 36.48 88.44 40.42
C PHE EA 128 35.38 87.54 40.96
N SER EA 129 35.67 86.88 42.07
CA SER EA 129 34.65 86.17 42.81
C SER EA 129 34.20 87.03 43.99
N ARG EA 130 32.99 86.75 44.48
CA ARG EA 130 32.40 87.60 45.52
C ARG EA 130 33.22 87.56 46.80
N ARG EA 131 33.60 86.36 47.24
CA ARG EA 131 34.36 86.24 48.48
C ARG EA 131 35.73 86.88 48.34
N ALA EA 132 36.37 86.70 47.19
CA ALA EA 132 37.66 87.37 46.96
C ALA EA 132 37.50 88.88 46.97
N GLU EA 133 36.41 89.38 46.39
CA GLU EA 133 36.16 90.82 46.42
C GLU EA 133 36.05 91.32 47.85
N GLU EA 134 35.20 90.68 48.66
CA GLU EA 134 35.00 91.20 50.01
C GLU EA 134 36.23 91.01 50.87
N LYS EA 135 37.07 90.01 50.58
CA LYS EA 135 38.32 89.88 51.32
C LYS EA 135 39.33 90.95 50.91
N ILE EA 136 39.38 91.32 49.63
CA ILE EA 136 40.21 92.46 49.23
C ILE EA 136 39.73 93.73 49.91
N LYS EA 137 38.41 93.92 49.95
CA LYS EA 137 37.85 95.10 50.59
C LYS EA 137 38.12 95.14 52.09
N SER EA 138 38.10 93.99 52.76
CA SER EA 138 38.18 93.96 54.22
C SER EA 138 39.56 94.36 54.72
N VAL EA 139 40.60 94.19 53.91
CA VAL EA 139 41.94 94.58 54.32
C VAL EA 139 42.19 96.00 53.87
N GLY EA 140 41.13 96.69 53.44
CA GLY EA 140 41.23 98.05 52.99
C GLY EA 140 41.60 98.23 51.53
N GLY EA 141 41.88 97.15 50.82
CA GLY EA 141 42.24 97.27 49.43
C GLY EA 141 41.04 97.45 48.53
N ALA EA 142 41.32 97.64 47.23
CA ALA EA 142 40.29 97.85 46.23
C ALA EA 142 40.53 96.91 45.07
N CYS EA 143 39.45 96.32 44.56
CA CYS EA 143 39.51 95.43 43.41
C CYS EA 143 39.12 96.20 42.16
N VAL EA 144 39.88 96.00 41.09
CA VAL EA 144 39.75 96.79 39.87
C VAL EA 144 39.55 95.86 38.68
N LEU EA 145 38.62 96.22 37.81
CA LEU EA 145 38.33 95.45 36.61
C LEU EA 145 39.13 95.99 35.43
N VAL EA 146 39.69 95.08 34.65
CA VAL EA 146 40.53 95.44 33.50
C VAL EA 146 40.10 94.62 32.30
N ALA EA 147 39.99 95.28 31.15
CA ALA EA 147 39.67 94.56 29.92
C ALA EA 147 40.89 94.56 29.00
N ALA FA 1 29.28 16.02 30.03
CA ALA FA 1 27.99 16.66 29.90
C ALA FA 1 27.60 17.36 31.18
N LYS FA 2 26.87 16.66 32.05
CA LYS FA 2 26.45 17.24 33.31
C LYS FA 2 27.64 17.55 34.20
N SER FA 3 27.48 18.55 35.05
CA SER FA 3 28.55 19.03 35.89
C SER FA 3 28.07 19.14 37.33
N LYS FA 4 29.03 19.15 38.24
CA LYS FA 4 28.79 19.19 39.67
C LYS FA 4 28.25 20.57 40.06
N ASN FA 5 27.13 20.57 40.78
CA ASN FA 5 26.31 21.78 40.87
C ASN FA 5 26.83 22.79 41.89
N HIS FA 6 26.83 22.44 43.17
CA HIS FA 6 27.00 23.45 44.20
C HIS FA 6 27.56 22.82 45.47
N THR FA 7 28.51 23.50 46.10
CA THR FA 7 29.02 23.13 47.41
C THR FA 7 29.26 24.35 48.27
N THR FA 8 29.05 24.16 49.57
CA THR FA 8 29.66 24.98 50.61
C THR FA 8 30.74 24.17 51.32
N HIS FA 9 31.22 23.12 50.66
CA HIS FA 9 32.33 22.33 51.16
C HIS FA 9 33.64 23.11 51.05
N ASN FA 10 34.51 22.89 52.03
CA ASN FA 10 35.87 23.43 52.10
C ASN FA 10 35.85 24.92 52.44
N GLN FA 11 34.68 25.54 52.45
CA GLN FA 11 34.63 26.99 52.63
C GLN FA 11 34.89 27.38 54.07
N SER FA 12 34.60 26.48 55.02
CA SER FA 12 34.94 26.75 56.40
C SER FA 12 36.45 26.92 56.56
N ARG FA 13 37.22 26.03 55.92
CA ARG FA 13 38.67 26.13 55.97
C ARG FA 13 39.16 27.41 55.31
N LYS FA 14 38.60 27.77 54.15
CA LYS FA 14 39.02 28.98 53.46
C LYS FA 14 38.72 30.22 54.29
N TRP FA 15 37.52 30.29 54.86
CA TRP FA 15 37.15 31.44 55.68
C TRP FA 15 38.01 31.54 56.93
N HIS FA 16 38.27 30.41 57.58
CA HIS FA 16 39.02 30.42 58.82
C HIS FA 16 40.53 30.48 58.61
N ARG FA 17 41.01 30.41 57.36
CA ARG FA 17 42.44 30.53 57.14
C ARG FA 17 42.93 31.91 57.56
N ASN FA 18 42.22 32.97 57.17
CA ASN FA 18 42.55 34.32 57.61
C ASN FA 18 41.70 34.77 58.78
N GLY FA 19 40.80 33.91 59.27
CA GLY FA 19 39.99 34.25 60.42
C GLY FA 19 38.78 35.09 60.08
N ILE FA 20 37.64 34.77 60.68
CA ILE FA 20 36.43 35.56 60.57
C ILE FA 20 36.48 36.60 61.69
N LYS FA 21 36.87 37.83 61.33
CA LYS FA 21 37.11 38.87 62.32
C LYS FA 21 35.89 39.76 62.47
N LYS FA 22 35.52 40.02 63.72
CA LYS FA 22 34.41 40.90 64.02
C LYS FA 22 34.75 42.33 63.59
N PRO FA 23 33.75 43.12 63.22
CA PRO FA 23 34.01 44.51 62.83
C PRO FA 23 34.57 45.31 63.99
N ARG FA 24 35.48 46.22 63.67
CA ARG FA 24 36.19 46.98 64.69
C ARG FA 24 35.24 47.82 65.56
N SER FA 25 35.10 47.43 66.82
CA SER FA 25 34.30 48.19 67.77
C SER FA 25 35.14 49.34 68.30
N GLN FA 26 34.83 50.55 67.87
CA GLN FA 26 35.60 51.72 68.22
C GLN FA 26 34.66 52.85 68.63
N ARG FA 27 35.16 53.76 69.47
CA ARG FA 27 34.38 54.84 70.02
C ARG FA 27 33.83 55.73 68.92
N TYR FA 28 32.75 56.46 69.24
CA TYR FA 28 32.17 57.46 68.36
C TYR FA 28 31.69 56.83 67.04
N GLU FA 29 30.63 56.03 67.17
CA GLU FA 29 29.92 55.52 66.00
C GLU FA 29 29.46 56.65 65.09
N SER FA 30 29.19 56.32 63.83
CA SER FA 30 28.66 57.29 62.89
C SER FA 30 27.21 57.62 63.22
N LEU FA 31 26.77 58.79 62.76
CA LEU FA 31 25.38 59.22 62.90
C LEU FA 31 24.60 59.11 61.60
N LYS FA 32 24.86 58.08 60.81
CA LYS FA 32 24.14 57.89 59.56
C LYS FA 32 22.85 57.13 59.80
N GLY FA 33 21.75 57.62 59.24
CA GLY FA 33 20.47 56.95 59.30
C GLY FA 33 19.64 57.26 60.53
N VAL FA 34 20.20 57.99 61.49
CA VAL FA 34 19.43 58.38 62.67
C VAL FA 34 18.46 59.48 62.29
N ASP FA 35 17.34 59.56 63.05
CA ASP FA 35 16.19 60.43 62.81
C ASP FA 35 16.59 61.86 62.45
N PRO FA 36 16.28 62.32 61.24
CA PRO FA 36 16.79 63.63 60.78
C PRO FA 36 16.33 64.81 61.62
N LYS FA 37 15.11 64.79 62.16
CA LYS FA 37 14.69 65.89 63.03
C LYS FA 37 15.52 65.91 64.31
N PHE FA 38 15.72 64.73 64.90
CA PHE FA 38 16.58 64.64 66.08
C PHE FA 38 18.01 65.05 65.75
N LEU FA 39 18.45 64.75 64.53
CA LEU FA 39 19.81 65.13 64.13
C LEU FA 39 19.94 66.64 63.97
N ARG FA 40 18.96 67.30 63.36
CA ARG FA 40 19.06 68.75 63.22
C ARG FA 40 18.94 69.43 64.57
N ASN FA 41 18.10 68.89 65.45
CA ASN FA 41 18.03 69.39 66.81
C ASN FA 41 19.34 69.20 67.54
N MET FA 42 19.98 68.05 67.35
CA MET FA 42 21.26 67.78 67.96
C MET FA 42 22.32 68.76 67.46
N ARG FA 43 22.29 69.05 66.16
CA ARG FA 43 23.21 70.03 65.60
C ARG FA 43 22.98 71.41 66.20
N PHE FA 44 21.72 71.80 66.41
CA PHE FA 44 21.47 73.09 67.06
C PHE FA 44 21.90 73.07 68.53
N ALA FA 45 21.76 71.93 69.20
CA ALA FA 45 22.20 71.83 70.58
C ALA FA 45 23.71 72.00 70.70
N LYS FA 46 24.47 71.37 69.80
CA LYS FA 46 25.92 71.56 69.81
C LYS FA 46 26.30 72.97 69.40
N LYS FA 47 25.52 73.57 68.49
CA LYS FA 47 25.89 74.88 67.95
C LYS FA 47 25.86 75.94 69.03
N HIS FA 48 24.86 75.89 69.91
CA HIS FA 48 24.67 76.89 70.94
C HIS FA 48 25.35 76.54 72.24
N ASN FA 49 26.30 75.59 72.23
CA ASN FA 49 27.09 75.34 73.43
C ASN FA 49 28.00 76.52 73.77
N LYS FA 50 28.29 77.39 72.79
CA LYS FA 50 29.19 78.51 73.03
C LYS FA 50 28.62 79.53 74.00
N LYS FA 51 27.31 79.63 74.12
CA LYS FA 51 26.72 80.51 75.12
C LYS FA 51 26.67 79.81 76.46
N GLY FA 52 26.79 80.59 77.52
CA GLY FA 52 26.83 80.05 78.86
C GLY FA 52 28.17 79.51 79.29
N LEU FA 53 29.23 79.75 78.51
CA LEU FA 53 30.56 79.26 78.89
C LEU FA 53 31.03 79.90 80.19
N LYS FA 54 30.68 81.17 80.40
CA LYS FA 54 31.04 81.81 81.66
C LYS FA 54 30.39 81.12 82.85
N LYS FA 55 29.17 80.60 82.65
CA LYS FA 55 28.54 79.80 83.70
C LYS FA 55 29.29 78.49 83.90
N MET FA 56 29.82 77.91 82.81
CA MET FA 56 30.68 76.73 82.95
C MET FA 56 31.89 77.03 83.81
N GLN FA 57 32.56 78.15 83.54
CA GLN FA 57 33.73 78.52 84.35
C GLN FA 57 33.34 78.77 85.80
N ALA FA 58 32.20 79.44 86.02
CA ALA FA 58 31.78 79.72 87.39
C ALA FA 58 31.49 78.45 88.16
N ASN FA 59 30.69 77.55 87.57
CA ASN FA 59 30.33 76.31 88.24
C ASN FA 59 31.56 75.43 88.47
N ASN FA 60 32.42 75.31 87.47
CA ASN FA 60 33.62 74.49 87.64
C ASN FA 60 34.56 75.09 88.68
N ALA FA 61 34.74 76.40 88.67
CA ALA FA 61 35.62 77.05 89.63
C ALA FA 61 35.10 76.86 91.05
N LYS FA 62 33.79 77.04 91.25
CA LYS FA 62 33.25 76.87 92.60
C LYS FA 62 33.30 75.42 93.03
N ALA FA 63 33.10 74.49 92.09
CA ALA FA 63 33.24 73.06 92.42
C ALA FA 63 34.67 72.73 92.82
N MET FA 64 35.64 73.27 92.09
CA MET FA 64 37.04 73.02 92.41
C MET FA 64 37.40 73.61 93.77
N SER FA 65 36.94 74.83 94.05
CA SER FA 65 37.21 75.45 95.34
C SER FA 65 36.58 74.64 96.47
N ALA FA 66 35.35 74.16 96.26
CA ALA FA 66 34.67 73.36 97.28
C ALA FA 66 35.43 72.06 97.56
N ARG FA 67 35.77 71.32 96.50
CA ARG FA 67 36.46 70.05 96.71
C ARG FA 67 37.86 70.27 97.27
N ALA FA 68 38.51 71.38 96.92
CA ALA FA 68 39.85 71.66 97.42
C ALA FA 68 39.82 72.00 98.91
N GLU FA 69 38.91 72.88 99.32
CA GLU FA 69 38.83 73.21 100.74
C GLU FA 69 38.25 72.07 101.56
N ALA FA 70 37.54 71.13 100.93
CA ALA FA 70 37.09 69.95 101.66
C ALA FA 70 38.19 68.92 101.81
N ILE FA 71 39.00 68.73 100.77
CA ILE FA 71 40.09 67.76 100.80
C ILE FA 71 41.20 68.21 101.74
N LYS FA 72 41.58 69.48 101.67
CA LYS FA 72 42.62 70.03 102.52
C LYS FA 72 42.15 70.25 103.96
N ALA FA 73 40.89 69.97 104.26
CA ALA FA 73 40.35 70.16 105.60
C ALA FA 73 40.84 69.05 106.53
N LEU FA 74 41.95 69.30 107.22
CA LEU FA 74 42.51 68.36 108.18
C LEU FA 74 42.36 68.94 109.58
N VAL FA 75 41.79 68.13 110.48
CA VAL FA 75 41.44 68.50 111.87
C VAL FA 75 41.00 69.96 112.04
N VAL FA 88 56.96 38.41 115.88
CA VAL FA 88 57.99 37.73 116.64
C VAL FA 88 59.29 37.67 115.83
N SER FA 89 60.01 36.57 115.97
CA SER FA 89 61.29 36.42 115.27
C SER FA 89 61.07 36.12 113.78
N ARG FA 90 60.30 35.07 113.47
CA ARG FA 90 59.90 34.73 112.11
C ARG FA 90 61.12 34.57 111.20
N LYS FA 91 61.86 33.48 111.46
CA LYS FA 91 63.16 33.23 110.84
C LYS FA 91 63.15 33.51 109.34
N LEU FA 92 62.24 32.84 108.61
CA LEU FA 92 62.21 32.95 107.16
C LEU FA 92 61.81 34.36 106.72
N ASP FA 93 60.86 34.98 107.42
CA ASP FA 93 60.51 36.36 107.12
C ASP FA 93 61.71 37.28 107.33
N ARG FA 94 62.50 37.02 108.37
CA ARG FA 94 63.71 37.79 108.59
C ARG FA 94 64.67 37.64 107.42
N LEU FA 95 64.88 36.41 106.96
CA LEU FA 95 65.78 36.21 105.82
C LEU FA 95 65.25 36.87 104.56
N ALA FA 96 63.93 36.90 104.39
CA ALA FA 96 63.33 37.65 103.29
C ALA FA 96 63.67 39.12 103.39
N TYR FA 97 63.62 39.67 104.61
CA TYR FA 97 64.05 41.04 104.82
C TYR FA 97 65.54 41.21 104.51
N ILE FA 98 66.36 40.22 104.86
CA ILE FA 98 67.80 40.32 104.67
C ILE FA 98 68.14 40.39 103.20
N ALA FA 99 67.58 39.47 102.41
CA ALA FA 99 67.97 39.35 101.01
C ALA FA 99 67.49 40.51 100.15
N HIS FA 100 66.72 41.42 100.70
CA HIS FA 100 66.33 42.62 99.96
C HIS FA 100 67.59 43.46 99.70
N PRO FA 101 67.83 43.86 98.45
CA PRO FA 101 69.10 44.56 98.15
C PRO FA 101 69.23 45.89 98.86
N LYS FA 102 68.13 46.51 99.25
CA LYS FA 102 68.15 47.82 99.89
C LYS FA 102 67.74 47.78 101.35
N LEU FA 103 66.74 46.98 101.70
CA LEU FA 103 66.26 46.98 103.08
C LEU FA 103 67.27 46.37 104.04
N GLY FA 104 67.97 45.33 103.62
CA GLY FA 104 68.81 44.57 104.53
C GLY FA 104 70.30 44.82 104.43
N LYS FA 105 70.69 45.93 103.80
CA LYS FA 105 72.12 46.20 103.64
C LYS FA 105 72.82 46.41 104.97
N ARG FA 106 72.19 47.16 105.89
CA ARG FA 106 72.74 47.32 107.23
C ARG FA 106 72.78 45.98 107.97
N ALA FA 107 71.74 45.17 107.79
CA ALA FA 107 71.68 43.89 108.49
C ALA FA 107 72.78 42.94 108.04
N ARG FA 108 73.00 42.83 106.72
CA ARG FA 108 74.06 41.95 106.25
C ARG FA 108 75.44 42.53 106.53
N ALA FA 109 75.56 43.86 106.59
CA ALA FA 109 76.80 44.44 107.09
C ALA FA 109 77.06 44.03 108.53
N ARG FA 110 76.01 44.02 109.36
CA ARG FA 110 76.14 43.57 110.74
C ARG FA 110 76.54 42.10 110.80
N ILE FA 111 75.95 41.28 109.94
CA ILE FA 111 76.30 39.86 109.91
C ILE FA 111 77.76 39.68 109.53
N ALA FA 112 78.22 40.43 108.53
CA ALA FA 112 79.61 40.35 108.11
C ALA FA 112 80.56 40.77 109.23
N LYS FA 113 80.25 41.88 109.92
CA LYS FA 113 81.14 42.34 110.97
C LYS FA 113 81.11 41.40 112.18
N GLY FA 114 79.99 40.73 112.42
CA GLY FA 114 79.97 39.70 113.45
C GLY FA 114 80.83 38.52 113.06
N LEU FA 115 80.81 38.14 111.79
CA LEU FA 115 81.64 37.02 111.34
C LEU FA 115 83.11 37.38 111.28
N ARG FA 116 83.45 38.66 111.17
CA ARG FA 116 84.85 39.05 110.97
C ARG FA 116 85.58 39.29 112.29
N LEU FA 117 85.09 40.22 113.10
CA LEU FA 117 85.78 40.63 114.32
C LEU FA 117 85.29 39.85 115.52
N CYS FA 118 86.23 39.33 116.31
CA CYS FA 118 85.94 38.62 117.54
C CYS FA 118 86.45 39.45 118.72
N ARG FA 119 85.63 39.61 119.74
CA ARG FA 119 85.93 40.48 120.85
C ARG FA 119 85.81 39.72 122.17
N PRO FA 120 86.52 40.15 123.20
CA PRO FA 120 86.30 39.58 124.53
C PRO FA 120 84.95 39.98 125.09
N LYS FA 121 84.45 39.18 126.01
CA LYS FA 121 83.18 39.40 126.70
C LYS FA 121 82.01 39.55 125.72
N LYS GA 1 -16.29 15.86 -77.14
CA LYS GA 1 -16.57 15.04 -78.31
C LYS GA 1 -15.40 15.02 -79.29
N SER GA 2 -14.71 16.15 -79.41
CA SER GA 2 -13.63 16.27 -80.39
C SER GA 2 -12.48 15.33 -80.05
N LEU GA 3 -12.19 15.13 -78.76
CA LEU GA 3 -11.09 14.25 -78.38
C LEU GA 3 -11.33 12.83 -78.84
N GLU GA 4 -12.50 12.26 -78.52
CA GLU GA 4 -12.76 10.87 -78.89
C GLU GA 4 -12.97 10.71 -80.38
N SER GA 5 -13.56 11.69 -81.05
CA SER GA 5 -13.73 11.59 -82.50
C SER GA 5 -12.39 11.65 -83.21
N ILE GA 6 -11.50 12.53 -82.77
CA ILE GA 6 -10.15 12.59 -83.32
C ILE GA 6 -9.41 11.30 -83.04
N ASN GA 7 -9.57 10.74 -81.84
CA ASN GA 7 -8.90 9.50 -81.51
C ASN GA 7 -9.40 8.34 -82.36
N SER GA 8 -10.70 8.33 -82.67
CA SER GA 8 -11.23 7.28 -83.53
C SER GA 8 -10.74 7.45 -84.96
N ARG GA 9 -10.71 8.68 -85.46
CA ARG GA 9 -10.13 8.91 -86.78
C ARG GA 9 -8.66 8.52 -86.78
N LEU GA 10 -7.99 8.68 -85.64
CA LEU GA 10 -6.60 8.29 -85.52
C LEU GA 10 -6.43 6.78 -85.60
N GLN GA 11 -7.25 6.03 -84.87
CA GLN GA 11 -7.15 4.58 -84.94
C GLN GA 11 -7.51 4.08 -86.34
N LEU GA 12 -8.38 4.82 -87.03
CA LEU GA 12 -8.64 4.51 -88.43
C LEU GA 12 -7.44 4.83 -89.31
N VAL GA 13 -6.65 5.82 -88.93
CA VAL GA 13 -5.43 6.13 -89.68
C VAL GA 13 -4.47 4.94 -89.65
N MET GA 14 -4.27 4.36 -88.47
CA MET GA 14 -3.55 3.09 -88.41
C MET GA 14 -4.41 2.00 -89.05
N LYS GA 15 -3.72 0.99 -89.60
CA LYS GA 15 -4.29 -0.23 -90.15
C LYS GA 15 -4.97 0.07 -91.49
N SER GA 16 -5.09 1.35 -91.85
CA SER GA 16 -5.71 1.70 -93.13
C SER GA 16 -4.88 2.70 -93.94
N GLY GA 17 -4.01 3.48 -93.31
CA GLY GA 17 -3.22 4.45 -94.02
C GLY GA 17 -1.75 4.35 -93.64
N LYS GA 18 -0.99 5.36 -94.04
CA LYS GA 18 0.44 5.42 -93.79
C LYS GA 18 0.74 6.50 -92.78
N TYR GA 19 1.82 6.33 -92.03
CA TYR GA 19 2.23 7.25 -90.99
C TYR GA 19 3.69 6.96 -90.66
N VAL GA 20 4.19 7.60 -89.59
CA VAL GA 20 5.53 7.30 -89.11
C VAL GA 20 5.62 7.79 -87.66
N LEU GA 21 6.36 7.05 -86.85
CA LEU GA 21 6.42 7.30 -85.41
C LEU GA 21 7.77 7.90 -85.05
N GLY GA 22 7.73 8.97 -84.27
CA GLY GA 22 8.94 9.51 -83.67
C GLY GA 22 9.43 10.77 -84.37
N TYR GA 23 10.36 11.44 -83.69
CA TYR GA 23 10.80 12.78 -84.06
C TYR GA 23 11.63 12.82 -85.34
N LYS GA 24 12.72 12.06 -85.39
CA LYS GA 24 13.63 12.13 -86.53
C LYS GA 24 12.92 11.72 -87.81
N GLN GA 25 12.12 10.66 -87.75
CA GLN GA 25 11.38 10.23 -88.92
C GLN GA 25 10.34 11.27 -89.32
N THR GA 26 9.74 11.95 -88.35
CA THR GA 26 8.79 13.01 -88.68
C THR GA 26 9.49 14.14 -89.42
N LEU GA 27 10.68 14.55 -88.97
CA LEU GA 27 11.40 15.60 -89.69
C LEU GA 27 11.78 15.15 -91.10
N LYS GA 28 12.26 13.91 -91.25
CA LYS GA 28 12.65 13.45 -92.57
C LYS GA 28 11.43 13.35 -93.49
N MET GA 29 10.26 13.00 -92.93
CA MET GA 29 9.05 12.99 -93.73
C MET GA 29 8.62 14.39 -94.11
N ILE GA 30 8.76 15.35 -93.20
CA ILE GA 30 8.29 16.70 -93.46
C ILE GA 30 9.23 17.45 -94.38
N ARG GA 31 10.48 17.01 -94.53
CA ARG GA 31 11.42 17.79 -95.32
C ARG GA 31 11.54 17.30 -96.76
N GLN GA 32 10.83 16.25 -97.16
CA GLN GA 32 10.54 16.06 -98.57
C GLN GA 32 9.07 16.31 -98.91
N GLY GA 33 8.28 16.81 -97.95
CA GLY GA 33 6.93 17.24 -98.27
C GLY GA 33 5.91 16.15 -98.49
N LYS GA 34 6.12 14.95 -97.95
CA LYS GA 34 5.10 13.91 -97.98
C LYS GA 34 4.28 13.90 -96.69
N ALA GA 35 4.50 14.85 -95.80
CA ALA GA 35 3.75 14.94 -94.57
C ALA GA 35 2.56 15.87 -94.78
N LYS GA 36 1.36 15.39 -94.42
CA LYS GA 36 0.14 16.17 -94.59
C LYS GA 36 -0.54 16.52 -93.27
N LEU GA 37 -0.10 15.93 -92.15
CA LEU GA 37 -0.55 16.31 -90.82
C LEU GA 37 0.42 15.76 -89.78
N VAL GA 38 0.84 16.60 -88.83
CA VAL GA 38 1.78 16.21 -87.80
C VAL GA 38 1.12 16.46 -86.45
N ILE GA 39 1.04 15.44 -85.62
CA ILE GA 39 0.48 15.56 -84.28
C ILE GA 39 1.62 15.66 -83.28
N LEU GA 40 1.44 16.49 -82.27
CA LEU GA 40 2.43 16.70 -81.22
C LEU GA 40 1.74 16.50 -79.88
N ALA GA 41 2.28 15.59 -79.07
CA ALA GA 41 1.83 15.48 -77.69
C ALA GA 41 2.22 16.75 -76.94
N ASN GA 42 1.34 17.22 -76.06
CA ASN GA 42 1.62 18.46 -75.36
C ASN GA 42 2.77 18.31 -74.36
N ASN GA 43 3.15 17.08 -74.04
CA ASN GA 43 4.33 16.84 -73.21
C ASN GA 43 5.62 17.10 -73.96
N CYS GA 44 5.54 17.56 -75.21
CA CYS GA 44 6.73 17.85 -75.99
C CYS GA 44 7.53 18.97 -75.32
N PRO GA 45 8.85 18.93 -75.38
CA PRO GA 45 9.62 20.13 -75.06
C PRO GA 45 9.24 21.26 -76.00
N ALA GA 46 9.17 22.47 -75.45
CA ALA GA 46 8.66 23.58 -76.23
C ALA GA 46 9.59 23.96 -77.38
N LEU GA 47 10.89 23.72 -77.23
CA LEU GA 47 11.83 23.97 -78.32
C LEU GA 47 11.54 23.06 -79.51
N ARG GA 48 11.39 21.76 -79.25
CA ARG GA 48 11.08 20.80 -80.30
C ARG GA 48 9.73 21.11 -80.94
N LYS GA 49 8.75 21.47 -80.10
CA LYS GA 49 7.44 21.93 -80.59
C LYS GA 49 7.61 23.08 -81.57
N SER GA 50 8.37 24.10 -81.18
CA SER GA 50 8.48 25.30 -82.00
C SER GA 50 9.20 25.01 -83.32
N GLU GA 51 10.27 24.22 -83.28
CA GLU GA 51 10.97 23.96 -84.53
C GLU GA 51 10.16 23.05 -85.45
N ILE GA 52 9.37 22.12 -84.90
CA ILE GA 52 8.50 21.32 -85.75
C ILE GA 52 7.39 22.19 -86.34
N GLU GA 53 6.87 23.14 -85.56
CA GLU GA 53 5.86 24.04 -86.09
C GLU GA 53 6.44 24.92 -87.20
N TYR GA 54 7.70 25.32 -87.05
CA TYR GA 54 8.38 26.08 -88.09
C TYR GA 54 8.55 25.24 -89.35
N TYR GA 55 8.93 23.97 -89.20
CA TYR GA 55 9.02 23.09 -90.35
C TYR GA 55 7.67 22.94 -91.04
N ALA GA 56 6.61 22.82 -90.24
CA ALA GA 56 5.27 22.73 -90.80
C ALA GA 56 4.90 23.98 -91.58
N MET GA 57 5.26 25.14 -91.04
CA MET GA 57 5.00 26.40 -91.75
C MET GA 57 5.75 26.44 -93.07
N LEU GA 58 7.00 25.96 -93.07
CA LEU GA 58 7.78 25.95 -94.30
C LEU GA 58 7.18 24.99 -95.33
N ALA GA 59 6.76 23.80 -94.90
CA ALA GA 59 6.33 22.76 -95.80
C ALA GA 59 4.84 22.82 -96.16
N LYS GA 60 4.08 23.71 -95.55
CA LYS GA 60 2.62 23.79 -95.70
C LYS GA 60 1.98 22.43 -95.42
N THR GA 61 2.11 22.03 -94.17
CA THR GA 61 1.44 20.84 -93.66
C THR GA 61 0.72 21.18 -92.36
N GLY GA 62 -0.40 20.51 -92.14
CA GLY GA 62 -1.16 20.75 -90.93
C GLY GA 62 -0.45 20.24 -89.71
N VAL GA 63 -0.68 20.91 -88.59
CA VAL GA 63 -0.16 20.50 -87.29
C VAL GA 63 -1.27 20.65 -86.25
N HIS GA 64 -1.43 19.63 -85.42
CA HIS GA 64 -2.44 19.65 -84.37
C HIS GA 64 -1.77 19.34 -83.04
N HIS GA 65 -2.22 20.02 -81.99
CA HIS GA 65 -1.68 19.80 -80.66
C HIS GA 65 -2.59 18.82 -79.92
N TYR GA 66 -2.11 17.60 -79.74
CA TYR GA 66 -2.88 16.60 -79.01
C TYR GA 66 -2.98 17.00 -77.55
N SER GA 67 -4.19 16.93 -76.99
CA SER GA 67 -4.38 17.27 -75.59
C SER GA 67 -4.15 16.06 -74.70
N GLY GA 68 -3.00 15.40 -74.87
CA GLY GA 68 -2.69 14.21 -74.09
C GLY GA 68 -1.35 14.32 -73.39
N ASN GA 69 -0.47 13.37 -73.70
CA ASN GA 69 0.96 13.46 -73.43
C ASN GA 69 1.62 12.40 -74.30
N ASN GA 70 2.89 12.11 -74.05
CA ASN GA 70 3.60 11.14 -74.89
C ASN GA 70 2.99 9.75 -74.76
N ILE GA 71 2.76 9.29 -73.52
CA ILE GA 71 2.36 7.91 -73.32
C ILE GA 71 0.93 7.67 -73.81
N GLU GA 72 0.01 8.60 -73.55
CA GLU GA 72 -1.34 8.34 -74.03
C GLU GA 72 -1.52 8.71 -75.50
N LEU GA 73 -0.64 9.52 -76.08
CA LEU GA 73 -0.62 9.56 -77.54
C LEU GA 73 -0.13 8.22 -78.10
N GLY GA 74 0.79 7.57 -77.39
CA GLY GA 74 1.18 6.23 -77.78
C GLY GA 74 0.03 5.24 -77.71
N THR GA 75 -0.74 5.30 -76.63
CA THR GA 75 -1.88 4.39 -76.49
C THR GA 75 -2.98 4.72 -77.51
N ALA GA 76 -3.17 6.01 -77.81
CA ALA GA 76 -4.07 6.38 -78.89
C ALA GA 76 -3.57 5.86 -80.22
N CYS GA 77 -2.26 5.82 -80.40
CA CYS GA 77 -1.67 5.22 -81.58
C CYS GA 77 -1.81 3.71 -81.58
N GLY GA 78 -2.20 3.11 -80.46
CA GLY GA 78 -2.27 1.68 -80.38
C GLY GA 78 -0.94 1.01 -80.14
N LYS GA 79 0.08 1.76 -79.76
CA LYS GA 79 1.42 1.24 -79.54
C LYS GA 79 1.78 1.31 -78.06
N TYR GA 80 2.68 0.42 -77.65
CA TYR GA 80 3.05 0.26 -76.25
C TYR GA 80 4.34 1.01 -75.90
N TYR GA 81 4.54 2.18 -76.50
CA TYR GA 81 5.69 3.01 -76.17
C TYR GA 81 5.28 4.47 -76.32
N ARG GA 82 5.92 5.33 -75.54
CA ARG GA 82 5.66 6.75 -75.64
C ARG GA 82 6.05 7.26 -77.02
N VAL GA 83 5.18 8.05 -77.63
CA VAL GA 83 5.49 8.74 -78.85
C VAL GA 83 5.12 10.21 -78.69
N CYS GA 84 6.02 11.09 -79.11
CA CYS GA 84 5.81 12.51 -79.01
C CYS GA 84 5.31 13.14 -80.30
N THR GA 85 5.74 12.61 -81.44
CA THR GA 85 5.36 13.14 -82.75
C THR GA 85 4.96 11.99 -83.66
N LEU GA 86 3.78 12.11 -84.28
CA LEU GA 86 3.33 11.18 -85.30
C LEU GA 86 2.97 11.96 -86.55
N ALA GA 87 3.69 11.71 -87.63
CA ALA GA 87 3.47 12.39 -88.89
C ALA GA 87 2.78 11.45 -89.87
N ILE GA 88 1.78 11.95 -90.56
CA ILE GA 88 0.94 11.14 -91.42
C ILE GA 88 1.39 11.29 -92.86
N ILE GA 89 1.08 10.28 -93.67
CA ILE GA 89 1.35 10.31 -95.09
C ILE GA 89 0.06 10.28 -95.90
N ASP GA 90 -0.86 9.38 -95.55
CA ASP GA 90 -2.20 9.33 -96.14
C ASP GA 90 -3.14 8.66 -95.17
N PRO GA 91 -4.13 9.38 -94.62
CA PRO GA 91 -5.06 8.76 -93.68
C PRO GA 91 -5.97 7.72 -94.31
N GLY GA 92 -6.69 8.10 -95.36
CA GLY GA 92 -7.70 7.24 -95.94
C GLY GA 92 -8.99 7.15 -95.16
N ASP GA 93 -9.24 8.06 -94.21
CA ASP GA 93 -10.47 8.03 -93.43
C ASP GA 93 -11.08 9.41 -93.20
N SER GA 94 -10.85 10.36 -94.10
CA SER GA 94 -11.36 11.74 -94.00
C SER GA 94 -10.94 12.43 -92.69
N ASP GA 95 -9.76 12.07 -92.17
CA ASP GA 95 -9.17 12.88 -91.11
C ASP GA 95 -8.82 14.26 -91.64
N ILE GA 96 -8.16 14.31 -92.78
CA ILE GA 96 -7.83 15.56 -93.44
C ILE GA 96 -8.73 15.69 -94.66
N ILE GA 97 -9.05 16.93 -95.04
CA ILE GA 97 -10.01 17.21 -96.10
C ILE GA 97 -9.25 17.54 -97.38
N ARG GA 98 -9.67 16.91 -98.48
CA ARG GA 98 -9.05 17.07 -99.78
C ARG GA 98 -9.18 18.51 -100.29
N ASN HA 1 99.00 -45.93 -18.28
CA ASN HA 1 99.71 -44.79 -18.84
C ASN HA 1 98.94 -43.51 -18.56
N GLU HA 2 99.35 -42.39 -19.17
CA GLU HA 2 98.74 -41.09 -18.89
C GLU HA 2 98.29 -40.36 -20.14
N VAL HA 3 98.36 -40.98 -21.31
CA VAL HA 3 97.76 -40.45 -22.53
C VAL HA 3 96.75 -41.46 -23.10
N VAL HA 4 96.09 -42.19 -22.20
CA VAL HA 4 95.21 -43.28 -22.62
C VAL HA 4 93.92 -42.70 -23.17
N THR HA 5 93.30 -43.45 -24.10
CA THR HA 5 91.99 -43.13 -24.64
C THR HA 5 91.11 -44.38 -24.55
N ARG HA 6 89.85 -44.18 -24.16
CA ARG HA 6 88.95 -45.29 -23.92
C ARG HA 6 87.61 -45.00 -24.56
N GLU HA 7 86.79 -46.04 -24.66
CA GLU HA 7 85.48 -45.96 -25.29
C GLU HA 7 84.41 -46.31 -24.27
N TYR HA 8 83.43 -45.44 -24.13
CA TYR HA 8 82.37 -45.60 -23.13
C TYR HA 8 81.01 -45.47 -23.78
N THR HA 9 80.02 -46.05 -23.12
CA THR HA 9 78.62 -45.76 -23.39
C THR HA 9 77.97 -45.26 -22.12
N ILE HA 10 77.15 -44.23 -22.26
CA ILE HA 10 76.66 -43.44 -21.13
C ILE HA 10 75.16 -43.60 -21.04
N ASN HA 11 74.69 -44.01 -19.87
CA ASN HA 11 73.25 -44.12 -19.63
C ASN HA 11 72.75 -42.74 -19.23
N ILE HA 12 72.58 -41.89 -20.25
CA ILE HA 12 72.05 -40.55 -20.03
C ILE HA 12 70.66 -40.62 -19.40
N HIS HA 13 69.85 -41.58 -19.83
CA HIS HA 13 68.53 -41.76 -19.22
C HIS HA 13 68.64 -41.99 -17.72
N LYS HA 14 69.68 -42.72 -17.29
CA LYS HA 14 69.89 -42.98 -15.87
C LYS HA 14 70.22 -41.69 -15.11
N ARG HA 15 71.05 -40.83 -15.69
CA ARG HA 15 71.53 -39.64 -14.99
C ARG HA 15 70.62 -38.44 -15.17
N ILE HA 16 69.66 -38.51 -16.07
CA ILE HA 16 68.74 -37.40 -16.33
C ILE HA 16 67.42 -37.56 -15.59
N HIS HA 17 67.01 -38.79 -15.28
CA HIS HA 17 65.69 -39.10 -14.74
C HIS HA 17 65.32 -38.23 -13.55
N GLY HA 18 64.27 -37.43 -13.70
CA GLY HA 18 63.77 -36.58 -12.65
C GLY HA 18 63.87 -35.10 -12.92
N VAL HA 19 64.78 -34.68 -13.78
CA VAL HA 19 64.99 -33.26 -14.04
C VAL HA 19 63.89 -32.76 -14.98
N GLY HA 20 63.63 -31.45 -14.92
CA GLY HA 20 62.57 -30.87 -15.70
C GLY HA 20 62.86 -30.87 -17.19
N PHE HA 21 61.83 -30.54 -17.97
CA PHE HA 21 61.93 -30.59 -19.42
C PHE HA 21 63.05 -29.70 -19.94
N LYS HA 22 63.03 -28.43 -19.57
CA LYS HA 22 63.93 -27.46 -20.18
C LYS HA 22 65.31 -27.46 -19.53
N LYS HA 23 65.60 -28.43 -18.70
CA LYS HA 23 66.92 -28.63 -18.15
C LYS HA 23 67.53 -29.97 -18.54
N ARG HA 24 66.83 -30.78 -19.32
CA ARG HA 24 67.29 -32.15 -19.58
C ARG HA 24 68.60 -32.17 -20.35
N ALA HA 25 68.69 -31.37 -21.43
CA ALA HA 25 69.92 -31.38 -22.22
C ALA HA 25 71.07 -30.65 -21.54
N PRO HA 26 70.90 -29.44 -20.99
CA PRO HA 26 72.02 -28.84 -20.25
C PRO HA 26 72.49 -29.67 -19.07
N ARG HA 27 71.57 -30.27 -18.32
CA ARG HA 27 71.98 -31.18 -17.26
C ARG HA 27 72.68 -32.39 -17.83
N ALA HA 28 72.30 -32.84 -19.03
CA ALA HA 28 73.02 -33.92 -19.68
C ALA HA 28 74.47 -33.52 -19.95
N LEU HA 29 74.68 -32.29 -20.38
CA LEU HA 29 76.05 -31.79 -20.56
C LEU HA 29 76.80 -31.78 -19.23
N LYS HA 30 76.16 -31.30 -18.17
CA LYS HA 30 76.83 -31.28 -16.87
C LYS HA 30 77.17 -32.69 -16.41
N GLU HA 31 76.26 -33.64 -16.61
CA GLU HA 31 76.51 -34.99 -16.13
C GLU HA 31 77.57 -35.71 -16.97
N ILE HA 32 77.66 -35.42 -18.27
CA ILE HA 32 78.76 -36.02 -19.01
C ILE HA 32 80.09 -35.39 -18.60
N ARG HA 33 80.08 -34.09 -18.27
CA ARG HA 33 81.28 -33.46 -17.73
C ARG HA 33 81.71 -34.13 -16.44
N LYS HA 34 80.77 -34.36 -15.52
CA LYS HA 34 81.10 -35.03 -14.26
C LYS HA 34 81.47 -36.49 -14.45
N PHE HA 35 80.91 -37.15 -15.47
CA PHE HA 35 81.35 -38.51 -15.80
C PHE HA 35 82.82 -38.52 -16.15
N ALA HA 36 83.24 -37.65 -17.07
CA ALA HA 36 84.65 -37.60 -17.44
C ALA HA 36 85.51 -37.17 -16.26
N MET HA 37 84.98 -36.26 -15.44
CA MET HA 37 85.66 -35.83 -14.22
C MET HA 37 86.00 -37.02 -13.34
N LYS HA 38 85.02 -37.87 -13.06
CA LYS HA 38 85.28 -38.99 -12.17
C LYS HA 38 85.97 -40.14 -12.89
N GLU HA 39 85.98 -40.16 -14.22
CA GLU HA 39 86.70 -41.21 -14.92
C GLU HA 39 88.19 -40.92 -14.99
N MET HA 40 88.57 -39.82 -15.65
CA MET HA 40 89.98 -39.56 -15.88
C MET HA 40 90.62 -38.75 -14.76
N GLY HA 41 89.83 -38.24 -13.82
CA GLY HA 41 90.37 -37.40 -12.76
C GLY HA 41 90.94 -36.09 -13.25
N THR HA 42 90.62 -35.68 -14.47
CA THR HA 42 91.20 -34.48 -15.05
C THR HA 42 90.30 -33.29 -14.77
N PRO HA 43 90.76 -32.29 -14.01
CA PRO HA 43 89.93 -31.10 -13.79
C PRO HA 43 89.52 -30.39 -15.06
N ASP HA 44 90.35 -30.41 -16.11
CA ASP HA 44 90.01 -29.82 -17.39
C ASP HA 44 89.35 -30.89 -18.24
N VAL HA 45 88.09 -30.66 -18.60
CA VAL HA 45 87.35 -31.56 -19.46
C VAL HA 45 86.74 -30.75 -20.59
N ARG HA 46 87.02 -31.14 -21.82
CA ARG HA 46 86.51 -30.44 -23.00
C ARG HA 46 85.58 -31.36 -23.78
N ILE HA 47 84.43 -30.83 -24.14
CA ILE HA 47 83.39 -31.58 -24.85
C ILE HA 47 83.40 -31.15 -26.30
N ASP HA 48 83.52 -32.12 -27.21
CA ASP HA 48 83.53 -31.81 -28.63
C ASP HA 48 82.21 -31.22 -29.06
N THR HA 49 82.25 -30.27 -29.99
CA THR HA 49 81.03 -29.63 -30.46
C THR HA 49 80.12 -30.63 -31.16
N ARG HA 50 80.71 -31.60 -31.88
CA ARG HA 50 79.88 -32.63 -32.51
C ARG HA 50 79.18 -33.47 -31.45
N LEU HA 51 79.79 -33.64 -30.28
CA LEU HA 51 79.11 -34.36 -29.20
C LEU HA 51 77.95 -33.54 -28.65
N ASN HA 52 78.14 -32.23 -28.48
CA ASN HA 52 77.05 -31.38 -28.05
C ASN HA 52 75.90 -31.43 -29.03
N LYS HA 53 76.21 -31.35 -30.32
CA LYS HA 53 75.19 -31.44 -31.35
C LYS HA 53 74.47 -32.78 -31.28
N ALA HA 54 75.21 -33.86 -31.04
CA ALA HA 54 74.59 -35.17 -30.92
C ALA HA 54 73.68 -35.25 -29.70
N VAL HA 55 74.00 -34.50 -28.65
CA VAL HA 55 73.13 -34.44 -27.48
C VAL HA 55 71.82 -33.75 -27.82
N TRP HA 56 71.91 -32.59 -28.47
CA TRP HA 56 70.75 -31.76 -28.74
C TRP HA 56 70.03 -32.13 -30.02
N ALA HA 57 70.30 -33.32 -30.58
CA ALA HA 57 69.71 -33.67 -31.87
C ALA HA 57 68.19 -33.81 -31.78
N LYS HA 58 67.65 -34.09 -30.61
CA LYS HA 58 66.21 -34.24 -30.42
C LYS HA 58 65.66 -33.19 -29.48
N GLY HA 59 66.10 -31.95 -29.63
CA GLY HA 59 65.57 -30.87 -28.85
C GLY HA 59 66.11 -30.86 -27.43
N ILE HA 60 65.46 -30.04 -26.60
CA ILE HA 60 65.95 -29.82 -25.25
C ILE HA 60 65.47 -30.90 -24.28
N ARG HA 61 64.34 -31.54 -24.55
CA ARG HA 61 63.75 -32.45 -23.60
C ARG HA 61 63.72 -33.91 -24.04
N ASN HA 62 63.84 -34.19 -25.33
CA ASN HA 62 63.87 -35.57 -25.79
C ASN HA 62 65.30 -36.07 -25.94
N VAL HA 63 66.07 -35.92 -24.87
CA VAL HA 63 67.49 -36.28 -24.92
C VAL HA 63 67.63 -37.79 -25.07
N PRO HA 64 68.57 -38.27 -25.90
CA PRO HA 64 68.71 -39.72 -26.08
C PRO HA 64 69.10 -40.44 -24.80
N TYR HA 65 68.65 -41.69 -24.70
CA TYR HA 65 68.87 -42.47 -23.48
C TYR HA 65 70.32 -42.90 -23.35
N ARG HA 66 70.97 -43.22 -24.46
CA ARG HA 66 72.30 -43.83 -24.44
C ARG HA 66 73.18 -43.16 -25.48
N ILE HA 67 74.39 -42.79 -25.08
CA ILE HA 67 75.34 -42.11 -25.95
C ILE HA 67 76.68 -42.81 -25.87
N ARG HA 68 77.24 -43.17 -27.03
CA ARG HA 68 78.55 -43.80 -27.09
C ARG HA 68 79.62 -42.74 -27.29
N VAL HA 69 80.37 -42.45 -26.23
CA VAL HA 69 81.39 -41.40 -26.26
C VAL HA 69 82.76 -42.06 -26.25
N ARG HA 70 83.79 -41.23 -26.40
CA ARG HA 70 85.18 -41.67 -26.38
C ARG HA 70 86.01 -40.62 -25.67
N LEU HA 71 86.63 -41.01 -24.55
CA LEU HA 71 87.44 -40.09 -23.76
C LEU HA 71 88.90 -40.23 -24.17
N SER HA 72 89.63 -39.11 -24.12
CA SER HA 72 91.03 -39.10 -24.52
C SER HA 72 91.77 -38.11 -23.63
N ARG HA 73 92.70 -38.61 -22.82
CA ARG HA 73 93.51 -37.77 -21.96
C ARG HA 73 94.74 -37.33 -22.75
N LYS HA 74 94.91 -36.02 -22.88
CA LYS HA 74 96.03 -35.44 -23.61
C LYS HA 74 96.86 -34.55 -22.69
N ARG HA 75 98.09 -34.30 -23.11
CA ARG HA 75 99.01 -33.47 -22.35
C ARG HA 75 98.66 -32.00 -22.51
N ASN HA 76 98.57 -31.31 -21.36
CA ASN HA 76 98.35 -29.86 -21.33
C ASN HA 76 99.65 -29.10 -21.19
N GLU HA 77 100.77 -29.68 -21.59
CA GLU HA 77 102.03 -28.96 -21.54
C GLU HA 77 102.20 -28.12 -22.80
N ASP HA 78 101.18 -27.34 -23.11
CA ASP HA 78 101.21 -26.39 -24.21
C ASP HA 78 101.23 -24.94 -23.73
N GLU HA 79 100.96 -24.72 -22.45
CA GLU HA 79 100.94 -23.40 -21.86
C GLU HA 79 101.02 -23.56 -20.35
N ASP HA 80 101.19 -22.45 -19.66
CA ASP HA 80 101.28 -22.48 -18.20
C ASP HA 80 99.87 -22.46 -17.61
N SER HA 81 99.38 -23.63 -17.24
CA SER HA 81 98.09 -23.81 -16.60
C SER HA 81 98.25 -24.71 -15.37
N PRO HA 82 97.38 -24.55 -14.37
CA PRO HA 82 97.51 -25.39 -13.16
C PRO HA 82 97.30 -26.87 -13.39
N ASN HA 83 96.68 -27.27 -14.50
CA ASN HA 83 96.38 -28.67 -14.77
C ASN HA 83 97.14 -29.12 -16.00
N LYS HA 84 97.85 -30.24 -15.87
CA LYS HA 84 98.73 -30.72 -16.93
C LYS HA 84 98.12 -31.81 -17.79
N LEU HA 85 96.89 -32.24 -17.51
CA LEU HA 85 96.22 -33.26 -18.31
C LEU HA 85 94.75 -32.89 -18.47
N TYR HA 86 94.21 -33.04 -19.67
CA TYR HA 86 92.80 -32.78 -19.91
C TYR HA 86 92.19 -33.91 -20.73
N THR HA 87 90.86 -33.96 -20.72
CA THR HA 87 90.12 -35.04 -21.37
C THR HA 87 89.21 -34.46 -22.45
N LEU HA 88 89.48 -34.82 -23.70
CA LEU HA 88 88.53 -34.61 -24.78
C LEU HA 88 87.52 -35.73 -24.79
N VAL HA 89 86.24 -35.38 -24.93
CA VAL HA 89 85.18 -36.35 -25.06
C VAL HA 89 84.61 -36.19 -26.46
N THR HA 90 84.72 -37.24 -27.27
CA THR HA 90 84.34 -37.19 -28.68
C THR HA 90 83.20 -38.16 -28.94
N TYR HA 91 82.23 -37.70 -29.72
CA TYR HA 91 81.04 -38.49 -30.01
C TYR HA 91 81.37 -39.61 -30.98
N VAL HA 92 80.94 -40.82 -30.65
CA VAL HA 92 81.15 -41.98 -31.50
C VAL HA 92 79.80 -42.53 -31.92
N PRO HA 93 79.39 -42.32 -33.17
CA PRO HA 93 78.09 -42.86 -33.61
C PRO HA 93 78.11 -44.38 -33.64
N VAL HA 94 77.02 -44.98 -33.18
CA VAL HA 94 76.84 -46.42 -33.23
C VAL HA 94 75.43 -46.71 -33.73
N THR HA 95 75.25 -47.92 -34.26
CA THR HA 95 73.94 -48.38 -34.70
C THR HA 95 73.15 -49.08 -33.60
N THR HA 96 73.82 -49.55 -32.55
CA THR HA 96 73.15 -50.23 -31.45
C THR HA 96 74.04 -50.14 -30.22
N PHE HA 97 73.44 -50.36 -29.07
CA PHE HA 97 74.16 -50.34 -27.80
C PHE HA 97 74.21 -51.69 -27.11
N LYS HA 98 73.61 -52.72 -27.70
CA LYS HA 98 73.63 -54.05 -27.09
C LYS HA 98 75.04 -54.62 -27.10
N ASN HA 99 75.42 -55.27 -26.00
CA ASN HA 99 76.72 -55.94 -25.87
C ASN HA 99 77.88 -55.00 -26.16
N LEU HA 100 77.88 -53.83 -25.53
CA LEU HA 100 78.99 -52.90 -25.63
C LEU HA 100 79.66 -52.78 -24.27
N GLN HA 101 80.95 -53.06 -24.23
CA GLN HA 101 81.75 -52.91 -23.02
C GLN HA 101 82.44 -51.56 -23.01
N THR HA 102 83.30 -51.36 -22.03
CA THR HA 102 84.26 -50.28 -22.06
C THR HA 102 85.58 -50.82 -22.60
N VAL HA 103 85.95 -50.40 -23.80
CA VAL HA 103 87.07 -51.01 -24.50
C VAL HA 103 88.21 -50.01 -24.61
N ASN HA 104 89.43 -50.51 -24.40
CA ASN HA 104 90.64 -49.70 -24.44
C ASN HA 104 91.13 -49.58 -25.88
N VAL HA 105 90.78 -48.49 -26.52
CA VAL HA 105 91.23 -48.22 -27.89
C VAL HA 105 92.65 -47.71 -27.84
N ASP HA 106 93.42 -47.95 -28.90
CA ASP HA 106 94.77 -47.45 -29.00
C ASP HA 106 94.73 -45.99 -29.44
N GLU HA 107 95.89 -45.41 -29.71
CA GLU HA 107 95.98 -44.00 -30.06
C GLU HA 107 95.37 -43.73 -31.43
N ALA IA 1 108.65 18.26 55.35
CA ALA IA 1 108.19 17.93 54.00
C ALA IA 1 107.31 19.05 53.46
N ALA IA 2 106.14 18.68 52.92
CA ALA IA 2 105.19 19.67 52.43
C ALA IA 2 104.70 20.53 53.58
N LEU IA 3 104.55 21.83 53.30
CA LEU IA 3 104.20 22.79 54.33
C LEU IA 3 102.79 22.53 54.85
N ARG IA 4 102.61 22.70 56.16
CA ARG IA 4 101.37 22.30 56.80
C ARG IA 4 100.46 23.49 57.05
N PRO IA 5 99.15 23.27 57.07
CA PRO IA 5 98.23 24.34 57.43
C PRO IA 5 98.31 24.65 58.91
N LEU IA 6 97.64 25.73 59.30
CA LEU IA 6 97.60 26.12 60.70
C LEU IA 6 96.91 25.05 61.54
N VAL IA 7 95.79 24.52 61.05
CA VAL IA 7 95.08 23.44 61.70
C VAL IA 7 94.62 22.45 60.63
N LYS IA 8 94.34 21.24 61.07
CA LYS IA 8 93.77 20.19 60.23
C LYS IA 8 92.52 19.68 60.91
N PRO IA 9 91.42 20.41 60.82
CA PRO IA 9 90.16 19.92 61.40
C PRO IA 9 89.68 18.68 60.68
N LYS IA 10 88.97 17.84 61.42
CA LYS IA 10 88.48 16.58 60.89
C LYS IA 10 87.43 16.87 59.84
N ILE IA 11 87.80 16.75 58.57
CA ILE IA 11 86.91 17.14 57.48
C ILE IA 11 85.85 16.07 57.30
N VAL IA 12 84.59 16.44 57.49
CA VAL IA 12 83.46 15.53 57.36
C VAL IA 12 82.56 16.02 56.24
N LYS IA 13 82.15 15.08 55.38
CA LYS IA 13 81.28 15.37 54.26
C LYS IA 13 80.00 14.56 54.41
N LYS IA 14 78.86 15.23 54.21
CA LYS IA 14 77.58 14.53 54.31
C LYS IA 14 77.40 13.56 53.15
N ARG IA 15 78.04 13.82 52.02
CA ARG IA 15 77.97 12.94 50.86
C ARG IA 15 79.26 13.02 50.07
N THR IA 16 79.82 11.86 49.75
CA THR IA 16 81.00 11.78 48.89
C THR IA 16 80.65 11.53 47.43
N LYS IA 17 79.39 11.33 47.11
CA LYS IA 17 78.98 11.04 45.75
C LYS IA 17 78.28 12.24 45.12
N LYS IA 18 78.21 12.23 43.80
CA LYS IA 18 77.65 13.34 43.06
C LYS IA 18 76.16 13.10 42.81
N PHE IA 19 75.42 14.19 42.62
CA PHE IA 19 73.99 14.15 42.40
C PHE IA 19 73.74 14.09 40.89
N ILE IA 20 73.47 12.90 40.38
CA ILE IA 20 73.23 12.74 38.95
C ILE IA 20 71.83 13.22 38.60
N ARG IA 21 71.56 13.37 37.31
CA ARG IA 21 70.23 13.74 36.86
C ARG IA 21 69.35 12.51 36.70
N HIS IA 22 68.04 12.73 36.80
CA HIS IA 22 67.07 11.68 36.58
C HIS IA 22 67.25 11.08 35.20
N GLN IA 23 67.41 9.75 35.16
CA GLN IA 23 67.60 8.92 33.97
C GLN IA 23 68.57 9.53 32.96
N SER IA 24 69.59 10.23 33.46
CA SER IA 24 70.71 10.60 32.60
C SER IA 24 71.59 9.40 32.30
N ASP IA 25 71.47 8.35 33.11
CA ASP IA 25 72.14 7.08 32.81
C ASP IA 25 71.55 6.44 31.56
N ARG IA 26 70.25 6.59 31.34
CA ARG IA 26 69.62 5.94 30.19
C ARG IA 26 70.04 6.61 28.89
N TYR IA 27 70.17 7.94 28.88
CA TYR IA 27 70.27 8.71 27.66
C TYR IA 27 71.58 9.49 27.63
N VAL IA 28 72.24 9.48 26.47
CA VAL IA 28 73.41 10.31 26.27
C VAL IA 28 73.02 11.79 26.21
N LYS IA 29 71.86 12.08 25.62
CA LYS IA 29 71.38 13.46 25.49
C LYS IA 29 71.20 14.12 26.84
N ILE IA 30 70.93 13.35 27.89
CA ILE IA 30 70.66 13.87 29.22
C ILE IA 30 71.97 13.86 29.99
N LYS IA 31 72.47 15.05 30.29
CA LYS IA 31 73.76 15.17 30.95
C LYS IA 31 73.61 14.87 32.44
N ARG IA 32 74.70 14.45 33.06
CA ARG IA 32 74.68 14.13 34.49
C ARG IA 32 74.54 15.37 35.37
N ASN IA 33 74.64 16.56 34.80
CA ASN IA 33 74.43 17.78 35.57
C ASN IA 33 73.02 17.84 36.10
N TRP IA 34 72.88 18.27 37.34
CA TRP IA 34 71.60 18.16 38.04
C TRP IA 34 70.58 19.16 37.51
N ARG IA 35 69.35 18.69 37.33
CA ARG IA 35 68.21 19.56 37.07
C ARG IA 35 67.05 19.09 37.93
N LYS IA 36 66.27 20.04 38.42
CA LYS IA 36 65.19 19.71 39.33
C LYS IA 36 64.06 19.02 38.58
N PRO IA 37 63.67 17.81 38.96
CA PRO IA 37 62.52 17.16 38.32
C PRO IA 37 61.24 17.93 38.60
N ARG IA 38 60.44 18.12 37.55
CA ARG IA 38 59.27 18.98 37.66
C ARG IA 38 58.04 18.40 36.97
N GLY IA 39 58.01 17.09 36.74
CA GLY IA 39 56.86 16.48 36.11
C GLY IA 39 55.77 16.13 37.10
N ILE IA 40 54.54 16.05 36.60
CA ILE IA 40 53.40 15.77 37.47
C ILE IA 40 53.43 14.33 37.98
N ASP IA 41 53.90 13.40 37.16
CA ASP IA 41 53.96 12.00 37.56
C ASP IA 41 55.37 11.54 37.90
N ASN IA 42 56.33 12.45 38.00
CA ASN IA 42 57.70 12.05 38.30
C ASN IA 42 57.79 11.53 39.72
N ARG IA 43 58.56 10.46 39.91
CA ARG IA 43 58.68 9.84 41.22
C ARG IA 43 59.94 10.25 41.98
N VAL IA 44 60.97 10.71 41.28
CA VAL IA 44 62.12 11.28 41.97
C VAL IA 44 61.75 12.63 42.58
N ARG IA 45 60.94 13.41 41.89
CA ARG IA 45 60.50 14.69 42.43
C ARG IA 45 59.66 14.48 43.69
N ARG IA 46 58.79 13.46 43.68
CA ARG IA 46 58.08 13.11 44.90
C ARG IA 46 58.93 12.30 45.85
N ARG IA 47 60.19 12.03 45.48
CA ARG IA 47 61.18 11.35 46.33
C ARG IA 47 60.65 10.04 46.91
N PHE IA 48 60.16 9.18 46.02
CA PHE IA 48 59.77 7.84 46.41
C PHE IA 48 60.98 7.07 46.93
N LYS IA 49 60.71 6.11 47.81
CA LYS IA 49 61.76 5.41 48.52
C LYS IA 49 62.57 4.53 47.59
N GLY IA 50 63.89 4.54 47.79
CA GLY IA 50 64.79 3.71 47.01
C GLY IA 50 65.15 4.27 45.65
N GLN IA 51 65.32 5.58 45.53
CA GLN IA 51 65.55 6.19 44.22
C GLN IA 51 66.57 7.31 44.26
N ILE IA 52 66.61 8.12 43.20
CA ILE IA 52 67.57 9.20 43.10
C ILE IA 52 67.28 10.23 44.18
N LEU IA 53 68.34 10.75 44.79
CA LEU IA 53 68.19 11.67 45.92
C LEU IA 53 68.33 13.11 45.45
N MET IA 54 67.32 13.91 45.73
CA MET IA 54 67.44 15.29 45.24
C MET IA 54 68.32 16.10 46.18
N PRO IA 55 69.26 16.88 45.62
CA PRO IA 55 70.07 17.77 46.45
C PRO IA 55 69.22 18.83 47.13
N ASN IA 56 69.60 19.16 48.36
CA ASN IA 56 68.96 20.23 49.10
C ASN IA 56 69.94 20.77 50.13
N ILE IA 57 69.57 21.87 50.79
CA ILE IA 57 70.49 22.56 51.67
C ILE IA 57 70.84 21.74 52.90
N GLY IA 58 70.05 20.72 53.24
CA GLY IA 58 70.39 19.88 54.37
C GLY IA 58 71.67 19.09 54.17
N TYR IA 59 72.17 19.05 52.95
CA TYR IA 59 73.42 18.40 52.59
C TYR IA 59 74.63 19.31 52.78
N GLY IA 60 74.42 20.56 53.17
CA GLY IA 60 75.49 21.54 53.25
C GLY IA 60 76.61 21.16 54.19
N SER IA 61 77.85 21.39 53.77
CA SER IA 61 79.00 21.03 54.57
C SER IA 61 79.23 22.04 55.69
N ASN IA 62 79.96 21.61 56.71
CA ASN IA 62 80.29 22.46 57.84
C ASN IA 62 81.06 23.69 57.39
N LYS IA 63 80.73 24.85 57.97
CA LYS IA 63 81.33 26.11 57.54
C LYS IA 63 82.84 26.11 57.72
N LYS IA 64 83.31 25.69 58.90
CA LYS IA 64 84.73 25.83 59.18
C LYS IA 64 85.57 24.82 58.42
N THR IA 65 84.94 23.88 57.73
CA THR IA 65 85.64 22.96 56.84
C THR IA 65 85.21 23.12 55.39
N LYS IA 66 84.35 24.09 55.09
CA LYS IA 66 83.89 24.30 53.73
C LYS IA 66 85.03 24.75 52.84
N HIS IA 67 85.01 24.31 51.59
CA HIS IA 67 85.97 24.66 50.55
C HIS IA 67 87.39 24.20 50.87
N MET IA 68 87.57 23.37 51.90
CA MET IA 68 88.89 22.98 52.35
C MET IA 68 89.42 21.83 51.51
N LEU IA 69 90.65 21.98 51.05
CA LEU IA 69 91.35 20.96 50.28
C LEU IA 69 91.63 19.75 51.16
N PRO IA 70 91.86 18.58 50.56
CA PRO IA 70 92.20 17.40 51.37
C PRO IA 70 93.46 17.57 52.21
N SER IA 71 94.42 18.36 51.74
CA SER IA 71 95.64 18.59 52.50
C SER IA 71 95.41 19.44 53.73
N GLY IA 72 94.25 20.06 53.87
CA GLY IA 72 93.95 20.93 54.98
C GLY IA 72 94.00 22.41 54.64
N PHE IA 73 94.59 22.76 53.50
CA PHE IA 73 94.63 24.14 53.06
C PHE IA 73 93.31 24.53 52.40
N ARG IA 74 93.26 25.74 51.86
CA ARG IA 74 92.16 26.17 51.01
C ARG IA 74 92.75 26.78 49.75
N LYS IA 75 91.92 26.92 48.73
CA LYS IA 75 92.39 27.23 47.39
C LYS IA 75 92.34 28.72 47.10
N PHE IA 76 93.39 29.22 46.45
CA PHE IA 76 93.32 30.50 45.74
C PHE IA 76 94.00 30.33 44.40
N LEU IA 77 93.51 31.06 43.40
CA LEU IA 77 94.02 30.94 42.04
C LEU IA 77 94.82 32.17 41.69
N VAL IA 78 95.99 31.97 41.07
CA VAL IA 78 96.93 33.03 40.77
C VAL IA 78 97.37 32.92 39.32
N HIS IA 79 97.55 34.05 38.67
CA HIS IA 79 98.01 34.11 37.29
C HIS IA 79 99.49 34.43 37.17
N ASN IA 80 99.95 35.49 37.81
CA ASN IA 80 101.33 35.94 37.68
C ASN IA 80 101.92 36.11 39.07
N VAL IA 81 103.22 36.40 39.13
CA VAL IA 81 103.90 36.53 40.41
C VAL IA 81 103.36 37.72 41.19
N LYS IA 82 102.86 38.75 40.49
CA LYS IA 82 102.36 39.93 41.17
C LYS IA 82 101.14 39.63 42.03
N GLU IA 83 100.35 38.62 41.66
CA GLU IA 83 99.19 38.23 42.44
C GLU IA 83 99.51 37.23 43.53
N LEU IA 84 100.76 36.80 43.64
CA LEU IA 84 101.12 35.82 44.64
C LEU IA 84 101.36 36.42 46.02
N GLU IA 85 101.75 37.70 46.08
CA GLU IA 85 102.12 38.29 47.36
C GLU IA 85 100.94 38.52 48.29
N VAL IA 86 99.70 38.42 47.80
CA VAL IA 86 98.56 38.55 48.70
C VAL IA 86 98.46 37.36 49.64
N LEU IA 87 98.99 36.21 49.26
CA LEU IA 87 98.96 35.03 50.11
C LEU IA 87 100.09 35.01 51.14
N LEU IA 88 100.81 36.12 51.30
CA LEU IA 88 101.85 36.18 52.32
C LEU IA 88 101.25 35.99 53.72
N MET IA 89 100.17 36.72 54.00
CA MET IA 89 99.47 36.54 55.27
C MET IA 89 98.52 35.36 55.24
N CYS IA 90 98.18 34.86 54.06
CA CYS IA 90 97.46 33.60 53.93
C CYS IA 90 98.41 32.43 53.69
N ASN IA 91 99.62 32.52 54.25
CA ASN IA 91 100.63 31.48 54.06
C ASN IA 91 100.15 30.13 54.56
N LYS IA 92 99.70 30.07 55.80
CA LYS IA 92 99.43 28.81 56.47
C LYS IA 92 97.96 28.42 56.43
N SER IA 93 97.13 29.18 55.75
CA SER IA 93 95.72 28.85 55.65
C SER IA 93 95.22 28.68 54.22
N TYR IA 94 95.96 29.17 53.22
CA TYR IA 94 95.55 29.07 51.83
C TYR IA 94 96.76 28.73 50.96
N CYS IA 95 96.48 28.13 49.80
CA CYS IA 95 97.51 27.77 48.84
C CYS IA 95 97.22 28.46 47.51
N ALA IA 96 97.99 28.12 46.49
CA ALA IA 96 97.85 28.73 45.17
C ALA IA 96 97.92 27.67 44.08
N GLU IA 97 96.97 27.72 43.17
CA GLU IA 97 97.13 27.08 41.88
C GLU IA 97 97.41 28.12 40.82
N ILE IA 98 98.44 27.88 40.04
CA ILE IA 98 98.74 28.76 38.92
C ILE IA 98 97.78 28.42 37.80
N ALA IA 99 97.36 29.42 37.03
CA ALA IA 99 96.35 29.22 36.00
C ALA IA 99 96.84 28.25 34.93
N HIS IA 100 95.88 27.55 34.32
CA HIS IA 100 96.23 26.47 33.41
C HIS IA 100 96.95 26.98 32.17
N ASN IA 101 96.62 28.18 31.73
CA ASN IA 101 97.09 28.70 30.45
C ASN IA 101 98.45 29.37 30.54
N VAL IA 102 98.99 29.56 31.74
CA VAL IA 102 100.24 30.29 31.87
C VAL IA 102 101.39 29.49 31.26
N SER IA 103 102.43 30.20 30.88
CA SER IA 103 103.56 29.58 30.19
C SER IA 103 104.39 28.76 31.17
N SER IA 104 105.50 28.23 30.66
CA SER IA 104 106.37 27.41 31.50
C SER IA 104 107.34 28.27 32.29
N LYS IA 105 108.03 29.21 31.62
CA LYS IA 105 108.99 30.06 32.32
C LYS IA 105 108.29 30.89 33.40
N ASN IA 106 107.10 31.39 33.09
CA ASN IA 106 106.38 32.20 34.07
C ASN IA 106 105.96 31.36 35.27
N ARG IA 107 105.48 30.13 35.07
CA ARG IA 107 105.11 29.34 36.24
C ARG IA 107 106.34 28.89 37.01
N LYS IA 108 107.48 28.75 36.34
CA LYS IA 108 108.71 28.44 37.06
C LYS IA 108 109.11 29.59 37.98
N ALA IA 109 108.99 30.82 37.47
CA ALA IA 109 109.22 31.98 38.32
C ALA IA 109 108.23 32.01 39.47
N ILE IA 110 106.96 31.71 39.20
CA ILE IA 110 105.94 31.74 40.23
C ILE IA 110 106.22 30.70 41.31
N VAL IA 111 106.62 29.49 40.91
CA VAL IA 111 106.83 28.44 41.91
C VAL IA 111 108.09 28.72 42.72
N GLU IA 112 109.13 29.29 42.12
CA GLU IA 112 110.29 29.63 42.95
C GLU IA 112 109.98 30.80 43.90
N ARG IA 113 109.24 31.80 43.44
CA ARG IA 113 108.83 32.86 44.36
C ARG IA 113 107.98 32.32 45.48
N ALA IA 114 107.06 31.40 45.16
CA ALA IA 114 106.29 30.71 46.19
C ALA IA 114 107.20 29.92 47.12
N ALA IA 115 108.32 29.41 46.61
CA ALA IA 115 109.26 28.72 47.48
C ALA IA 115 109.85 29.65 48.52
N GLN IA 116 110.30 30.85 48.11
CA GLN IA 116 110.80 31.78 49.14
C GLN IA 116 109.70 32.23 50.09
N LEU IA 117 108.51 32.49 49.58
CA LEU IA 117 107.42 32.96 50.43
C LEU IA 117 106.76 31.84 51.22
N ALA IA 118 107.21 30.59 51.05
CA ALA IA 118 106.66 29.43 51.76
C ALA IA 118 105.19 29.20 51.45
N ILE IA 119 104.69 29.79 50.37
CA ILE IA 119 103.31 29.63 49.97
C ILE IA 119 103.17 28.27 49.30
N ARG IA 120 102.20 27.48 49.74
CA ARG IA 120 102.02 26.15 49.17
C ARG IA 120 101.42 26.23 47.77
N VAL IA 121 101.91 25.37 46.89
CA VAL IA 121 101.41 25.25 45.53
C VAL IA 121 101.03 23.80 45.31
N THR IA 122 99.79 23.57 44.88
CA THR IA 122 99.32 22.21 44.65
C THR IA 122 99.72 21.67 43.28
N ASN IA 123 100.22 22.52 42.39
CA ASN IA 123 100.76 22.08 41.11
C ASN IA 123 102.12 22.76 40.89
N PRO IA 124 103.13 22.39 41.69
CA PRO IA 124 104.45 23.00 41.50
C PRO IA 124 105.16 22.51 40.25
N ASN IA 125 104.85 21.31 39.78
CA ASN IA 125 105.45 20.71 38.59
C ASN IA 125 104.33 20.49 37.58
N ALA IA 126 104.07 21.50 36.76
CA ALA IA 126 102.92 21.49 35.89
C ALA IA 126 103.21 21.65 34.41
N ARG IA 127 104.38 22.17 34.04
CA ARG IA 127 104.74 22.31 32.63
C ARG IA 127 106.26 22.18 32.51
N LEU IA 128 106.73 20.95 32.28
CA LEU IA 128 108.15 20.67 32.16
C LEU IA 128 108.40 19.27 31.61
N SER JA 1 97.29 -22.15 70.81
CA SER JA 1 97.16 -23.60 70.77
C SER JA 1 95.71 -24.01 70.97
N GLY JA 2 94.80 -23.08 70.71
CA GLY JA 2 93.38 -23.35 70.87
C GLY JA 2 92.58 -22.36 70.07
N ARG JA 3 91.26 -22.56 70.08
CA ARG JA 3 90.38 -21.72 69.27
C ARG JA 3 90.37 -20.28 69.78
N LEU JA 4 90.27 -20.09 71.10
CA LEU JA 4 90.34 -18.80 71.78
C LEU JA 4 89.26 -17.81 71.37
N TRP JA 5 88.23 -18.24 70.64
CA TRP JA 5 87.09 -17.38 70.36
C TRP JA 5 85.87 -18.23 70.12
N SER JA 6 84.70 -17.69 70.41
CA SER JA 6 83.46 -18.40 70.20
C SER JA 6 82.93 -18.14 68.79
N LYS JA 7 82.32 -19.17 68.22
CA LYS JA 7 81.85 -19.09 66.84
C LYS JA 7 80.50 -18.39 66.76
N ALA JA 8 80.34 -17.54 65.75
CA ALA JA 8 79.09 -16.83 65.51
C ALA JA 8 78.81 -16.79 64.02
N ILE JA 9 77.58 -16.46 63.67
CA ILE JA 9 77.12 -16.46 62.29
C ILE JA 9 76.51 -15.10 61.96
N PHE JA 10 76.96 -14.49 60.87
CA PHE JA 10 76.41 -13.23 60.41
C PHE JA 10 75.04 -13.50 59.78
N ALA JA 11 73.98 -13.30 60.56
CA ALA JA 11 72.64 -13.55 60.05
C ALA JA 11 72.23 -12.52 59.02
N GLY JA 12 72.43 -11.25 59.32
CA GLY JA 12 72.01 -10.20 58.41
C GLY JA 12 72.10 -8.84 59.07
N TYR JA 13 71.48 -7.86 58.42
CA TYR JA 13 71.48 -6.49 58.92
C TYR JA 13 70.26 -6.22 59.78
N LYS JA 14 70.37 -5.18 60.61
CA LYS JA 14 69.18 -4.63 61.25
C LYS JA 14 68.23 -4.14 60.18
N ARG JA 15 66.96 -4.48 60.32
CA ARG JA 15 66.03 -4.20 59.25
C ARG JA 15 64.61 -4.12 59.79
N GLY JA 16 63.76 -3.45 59.02
CA GLY JA 16 62.34 -3.55 59.18
C GLY JA 16 61.82 -4.72 58.39
N LEU JA 17 60.86 -4.46 57.51
CA LEU JA 17 60.50 -5.47 56.52
C LEU JA 17 60.97 -5.09 55.12
N ARG JA 18 60.67 -3.87 54.69
CA ARG JA 18 61.13 -3.35 53.41
C ARG JA 18 62.21 -2.29 53.60
N ASN JA 19 62.87 -2.28 54.75
CA ASN JA 19 63.97 -1.38 55.02
C ASN JA 19 65.13 -2.20 55.55
N GLN JA 20 66.33 -1.63 55.48
CA GLN JA 20 67.53 -2.33 55.90
C GLN JA 20 68.61 -1.32 56.28
N ARG JA 21 68.85 -1.19 57.58
CA ARG JA 21 69.86 -0.28 58.11
C ARG JA 21 71.17 -1.06 58.18
N GLU JA 22 72.07 -0.78 57.24
CA GLU JA 22 73.30 -1.54 57.07
C GLU JA 22 74.36 -1.22 58.10
N HIS JA 23 74.15 -0.22 58.95
CA HIS JA 23 75.21 0.21 59.85
C HIS JA 23 75.44 -0.77 60.99
N THR JA 24 74.47 -1.63 61.29
CA THR JA 24 74.64 -2.60 62.37
C THR JA 24 74.14 -3.96 61.93
N ALA JA 25 74.78 -5.00 62.49
CA ALA JA 25 74.64 -6.36 62.01
C ALA JA 25 74.15 -7.26 63.13
N LEU JA 26 73.61 -8.41 62.75
CA LEU JA 26 73.03 -9.37 63.67
C LEU JA 26 73.85 -10.65 63.65
N LEU JA 27 74.23 -11.11 64.84
CA LEU JA 27 75.13 -12.25 64.96
C LEU JA 27 74.49 -13.36 65.78
N LYS JA 28 74.23 -14.49 65.14
CA LYS JA 28 73.81 -15.71 65.83
C LYS JA 28 75.03 -16.31 66.51
N ILE JA 29 75.20 -16.03 67.79
CA ILE JA 29 76.31 -16.59 68.54
C ILE JA 29 75.97 -18.02 68.91
N GLU JA 30 76.87 -18.95 68.60
CA GLU JA 30 76.64 -20.35 68.88
C GLU JA 30 76.64 -20.60 70.39
N GLY JA 31 75.62 -21.30 70.87
CA GLY JA 31 75.54 -21.69 72.26
C GLY JA 31 74.61 -20.88 73.12
N VAL JA 32 74.14 -19.72 72.64
CA VAL JA 32 73.23 -18.87 73.39
C VAL JA 32 71.92 -18.78 72.61
N TYR JA 33 70.80 -19.10 73.28
CA TYR JA 33 69.52 -19.12 72.60
C TYR JA 33 68.42 -18.43 73.39
N ALA JA 34 68.78 -17.60 74.37
CA ALA JA 34 67.82 -16.74 75.05
C ALA JA 34 68.46 -15.37 75.21
N ARG JA 35 67.60 -14.35 75.33
CA ARG JA 35 68.12 -12.99 75.44
C ARG JA 35 68.94 -12.79 76.70
N ASP JA 36 68.55 -13.41 77.81
CA ASP JA 36 69.22 -13.18 79.08
C ASP JA 36 70.65 -13.71 79.11
N GLU JA 37 71.04 -14.58 78.19
CA GLU JA 37 72.39 -15.11 78.20
C GLU JA 37 73.35 -14.32 77.33
N THR JA 38 72.87 -13.29 76.63
CA THR JA 38 73.75 -12.43 75.87
C THR JA 38 74.50 -11.44 76.74
N GLU JA 39 74.18 -11.38 78.04
CA GLU JA 39 74.84 -10.44 78.94
C GLU JA 39 76.35 -10.66 78.99
N PHE JA 40 76.79 -11.90 78.77
CA PHE JA 40 78.22 -12.18 78.73
C PHE JA 40 78.90 -11.49 77.56
N TYR JA 41 78.23 -11.44 76.41
CA TYR JA 41 78.88 -11.07 75.16
C TYR JA 41 78.73 -9.60 74.81
N LEU JA 42 78.10 -8.79 75.65
CA LEU JA 42 77.93 -7.38 75.34
C LEU JA 42 79.26 -6.65 75.43
N GLY JA 43 79.58 -5.86 74.41
CA GLY JA 43 80.80 -5.11 74.38
C GLY JA 43 82.01 -5.89 73.91
N LYS JA 44 81.86 -7.18 73.68
CA LYS JA 44 82.99 -8.01 73.26
C LYS JA 44 83.41 -7.67 71.84
N ARG JA 45 84.73 -7.63 71.63
CA ARG JA 45 85.28 -7.43 70.31
C ARG JA 45 84.88 -8.57 69.39
N CYS JA 46 84.42 -8.25 68.18
CA CYS JA 46 84.08 -9.26 67.20
C CYS JA 46 84.68 -8.88 65.85
N ALA JA 47 85.26 -9.86 65.16
CA ALA JA 47 86.00 -9.58 63.94
C ALA JA 47 85.55 -10.53 62.84
N TYR JA 48 85.55 -10.02 61.62
CA TYR JA 48 85.24 -10.82 60.44
C TYR JA 48 86.54 -11.09 59.69
N VAL JA 49 86.92 -12.36 59.59
CA VAL JA 49 88.18 -12.76 58.98
C VAL JA 49 87.90 -13.32 57.61
N TYR JA 50 88.59 -12.79 56.59
CA TYR JA 50 88.39 -13.24 55.23
C TYR JA 50 89.71 -13.15 54.49
N LYS JA 51 89.72 -13.65 53.26
CA LYS JA 51 90.89 -13.63 52.40
C LYS JA 51 90.61 -12.83 51.15
N ALA JA 52 91.68 -12.30 50.56
CA ALA JA 52 91.57 -11.53 49.33
C ALA JA 52 92.60 -12.06 48.34
N LYS JA 53 92.61 -11.47 47.15
CA LYS JA 53 93.63 -11.84 46.16
C LYS JA 53 95.00 -11.37 46.60
N ASN JA 54 95.17 -10.06 46.73
CA ASN JA 54 96.48 -9.45 46.96
C ASN JA 54 96.94 -9.66 48.39
N ASN JA 55 98.25 -9.56 48.56
CA ASN JA 55 98.85 -9.66 49.89
C ASN JA 55 98.66 -8.35 50.65
N THR JA 56 98.35 -8.47 51.93
CA THR JA 56 98.16 -7.31 52.80
C THR JA 56 99.04 -7.45 54.03
N VAL JA 57 99.34 -6.30 54.64
CA VAL JA 57 100.21 -6.29 55.80
C VAL JA 57 99.49 -6.91 56.98
N THR JA 58 100.24 -7.58 57.85
CA THR JA 58 99.70 -8.27 59.00
C THR JA 58 100.45 -7.80 60.25
N PRO JA 59 99.77 -7.39 61.31
CA PRO JA 59 100.48 -6.90 62.50
C PRO JA 59 101.21 -8.03 63.21
N GLY JA 60 102.49 -7.81 63.49
CA GLY JA 60 103.28 -8.79 64.20
C GLY JA 60 103.45 -10.09 63.43
N GLY JA 61 103.66 -10.01 62.13
CA GLY JA 61 103.82 -11.21 61.33
C GLY JA 61 104.04 -10.86 59.88
N LYS JA 62 104.40 -11.87 59.11
CA LYS JA 62 104.63 -11.69 57.69
C LYS JA 62 103.29 -11.42 56.98
N PRO JA 63 103.30 -10.62 55.91
CA PRO JA 63 102.06 -10.33 55.20
C PRO JA 63 101.44 -11.60 54.63
N ASN JA 64 100.11 -11.69 54.74
CA ASN JA 64 99.38 -12.85 54.25
C ASN JA 64 98.11 -12.37 53.56
N LYS JA 65 97.32 -13.34 53.09
CA LYS JA 65 96.08 -13.05 52.37
C LYS JA 65 94.98 -12.56 53.29
N THR JA 66 95.18 -12.64 54.61
CA THR JA 66 94.10 -12.45 55.57
C THR JA 66 93.82 -10.97 55.77
N ARG JA 67 92.60 -10.56 55.46
CA ARG JA 67 92.10 -9.22 55.75
C ARG JA 67 91.00 -9.35 56.78
N VAL JA 68 90.92 -8.37 57.68
CA VAL JA 68 89.93 -8.36 58.75
C VAL JA 68 89.32 -6.97 58.84
N ILE JA 69 88.00 -6.91 59.03
CA ILE JA 69 87.32 -5.69 59.43
C ILE JA 69 86.78 -5.90 60.83
N TRP JA 70 87.06 -4.95 61.72
CA TRP JA 70 86.81 -5.13 63.14
C TRP JA 70 85.47 -4.55 63.54
N GLY JA 71 85.00 -4.99 64.69
CA GLY JA 71 83.75 -4.49 65.23
C GLY JA 71 83.59 -5.01 66.63
N LYS JA 72 82.41 -4.79 67.20
CA LYS JA 72 82.19 -5.22 68.57
C LYS JA 72 80.72 -5.17 68.93
N VAL JA 73 80.28 -6.20 69.66
CA VAL JA 73 78.87 -6.37 70.01
C VAL JA 73 78.40 -5.18 70.83
N THR JA 74 77.17 -4.75 70.59
CA THR JA 74 76.61 -3.58 71.24
C THR JA 74 75.46 -3.90 72.20
N ARG JA 75 74.46 -4.65 71.74
CA ARG JA 75 73.31 -4.91 72.59
C ARG JA 75 72.68 -6.24 72.20
N ALA JA 76 71.74 -6.68 73.04
CA ALA JA 76 70.98 -7.88 72.73
C ALA JA 76 69.89 -7.56 71.72
N HIS JA 77 69.37 -8.61 71.08
CA HIS JA 77 68.31 -8.50 70.11
C HIS JA 77 67.33 -9.64 70.29
N GLY JA 78 66.05 -9.30 70.31
CA GLY JA 78 65.02 -10.33 70.36
C GLY JA 78 65.08 -11.13 71.63
N ASN JA 79 64.62 -12.38 71.54
CA ASN JA 79 64.60 -13.28 72.68
C ASN JA 79 65.27 -14.62 72.39
N SER JA 80 65.94 -14.76 71.26
CA SER JA 80 66.60 -16.01 70.89
C SER JA 80 68.11 -15.94 71.01
N GLY JA 81 68.64 -14.94 71.71
CA GLY JA 81 70.06 -14.79 71.85
C GLY JA 81 70.76 -14.05 70.73
N MET JA 82 70.02 -13.33 69.90
CA MET JA 82 70.63 -12.48 68.90
C MET JA 82 71.43 -11.37 69.57
N VAL JA 83 72.45 -10.89 68.88
CA VAL JA 83 73.18 -9.71 69.32
C VAL JA 83 73.36 -8.78 68.13
N ARG JA 84 73.52 -7.50 68.44
CA ARG JA 84 73.84 -6.48 67.45
C ARG JA 84 75.33 -6.20 67.49
N ALA JA 85 75.88 -5.75 66.37
CA ALA JA 85 77.30 -5.47 66.27
C ALA JA 85 77.52 -4.23 65.42
N LYS JA 86 78.46 -3.41 65.84
CA LYS JA 86 78.85 -2.21 65.12
C LYS JA 86 80.28 -2.39 64.65
N PHE JA 87 80.48 -2.39 63.34
CA PHE JA 87 81.81 -2.57 62.77
C PHE JA 87 82.38 -1.24 62.31
N ARG JA 88 83.71 -1.22 62.10
CA ARG JA 88 84.37 0.00 61.66
C ARG JA 88 83.92 0.40 60.27
N SER JA 89 83.79 -0.56 59.36
CA SER JA 89 83.11 -0.37 58.09
C SER JA 89 81.98 -1.39 58.03
N ASN JA 90 80.92 -1.03 57.31
CA ASN JA 90 79.75 -1.91 57.23
C ASN JA 90 80.15 -3.23 56.58
N LEU JA 91 79.55 -4.31 57.06
CA LEU JA 91 79.86 -5.63 56.54
C LEU JA 91 79.42 -5.75 55.08
N PRO JA 92 80.15 -6.48 54.26
CA PRO JA 92 79.66 -6.77 52.91
C PRO JA 92 78.49 -7.72 52.96
N ALA JA 93 77.66 -7.68 51.91
CA ALA JA 93 76.49 -8.54 51.87
C ALA JA 93 76.81 -9.97 51.48
N LYS JA 94 78.00 -10.23 50.93
CA LYS JA 94 78.37 -11.61 50.66
C LYS JA 94 78.79 -12.35 51.92
N ALA JA 95 78.87 -11.65 53.05
CA ALA JA 95 79.27 -12.26 54.30
C ALA JA 95 78.12 -12.92 55.05
N ILE JA 96 76.90 -12.88 54.50
CA ILE JA 96 75.77 -13.52 55.16
C ILE JA 96 76.03 -15.02 55.27
N GLY JA 97 75.78 -15.57 56.44
CA GLY JA 97 76.03 -16.98 56.65
C GLY JA 97 77.48 -17.37 56.72
N HIS JA 98 78.34 -16.52 57.23
CA HIS JA 98 79.76 -16.80 57.35
C HIS JA 98 80.23 -16.58 58.78
N ARG JA 99 81.40 -17.13 59.08
CA ARG JA 99 81.90 -17.15 60.44
C ARG JA 99 82.27 -15.75 60.93
N ILE JA 100 81.79 -15.41 62.12
CA ILE JA 100 82.19 -14.20 62.82
C ILE JA 100 82.78 -14.62 64.15
N ARG JA 101 83.95 -14.09 64.48
CA ARG JA 101 84.73 -14.51 65.63
C ARG JA 101 84.58 -13.49 66.74
N VAL JA 102 83.96 -13.90 67.86
CA VAL JA 102 83.82 -13.05 69.03
C VAL JA 102 84.95 -13.38 70.00
N MET JA 103 85.68 -12.34 70.41
CA MET JA 103 87.06 -12.44 70.85
C MET JA 103 87.24 -12.71 72.34
N LEU JA 104 86.27 -12.35 73.17
CA LEU JA 104 86.39 -12.29 74.63
C LEU JA 104 87.39 -11.24 75.10
N TYR JA 105 87.85 -10.35 74.21
CA TYR JA 105 88.90 -9.40 74.56
C TYR JA 105 88.49 -8.48 75.69
N PRO JA 106 87.34 -7.80 75.66
CA PRO JA 106 87.01 -6.95 76.82
C PRO JA 106 86.32 -7.77 77.90
N SER JA 107 87.09 -8.62 78.56
CA SER JA 107 86.54 -9.52 79.56
C SER JA 107 86.23 -8.73 80.83
N ARG JA 108 84.98 -8.80 81.28
CA ARG JA 108 84.55 -8.15 82.50
C ARG JA 108 84.52 -9.11 83.68
N ILE JA 109 85.04 -10.31 83.51
CA ILE JA 109 85.20 -11.23 84.61
C ILE JA 109 86.68 -11.60 84.72
N VAL KA 1 58.26 -12.22 -48.57
CA VAL KA 1 58.52 -11.36 -49.70
C VAL KA 1 59.13 -10.06 -49.21
N GLN KA 2 59.68 -9.29 -50.14
CA GLN KA 2 60.25 -7.98 -49.82
C GLN KA 2 59.13 -6.97 -49.63
N ARG KA 3 59.02 -6.44 -48.42
CA ARG KA 3 57.94 -5.51 -48.07
C ARG KA 3 58.40 -4.08 -48.28
N LEU KA 4 57.45 -3.20 -48.54
CA LEU KA 4 57.72 -1.85 -49.02
C LEU KA 4 57.62 -0.83 -47.90
N THR KA 5 58.20 0.34 -48.15
CA THR KA 5 58.19 1.46 -47.22
C THR KA 5 57.87 2.74 -47.98
N TYR KA 6 57.40 3.74 -47.25
CA TYR KA 6 57.29 5.07 -47.84
C TYR KA 6 58.65 5.64 -48.19
N ARG KA 7 58.65 6.60 -49.11
CA ARG KA 7 59.85 7.31 -49.52
C ARG KA 7 59.82 8.77 -49.14
N ARG KA 8 58.66 9.29 -48.73
CA ARG KA 8 58.53 10.67 -48.29
C ARG KA 8 58.06 10.68 -46.84
N ARG KA 9 58.19 11.83 -46.20
CA ARG KA 9 57.97 11.91 -44.76
C ARG KA 9 56.50 11.97 -44.37
N LEU KA 10 55.58 11.92 -45.31
CA LEU KA 10 54.15 11.88 -45.01
C LEU KA 10 53.79 10.43 -44.78
N SER KA 11 53.54 10.06 -43.52
CA SER KA 11 53.39 8.67 -43.12
C SER KA 11 51.93 8.23 -43.05
N TYR KA 12 51.04 8.87 -43.80
CA TYR KA 12 49.63 8.52 -43.80
C TYR KA 12 49.16 8.36 -45.24
N ASN KA 13 48.13 7.55 -45.43
CA ASN KA 13 47.61 7.32 -46.77
C ASN KA 13 46.49 8.30 -47.13
N THR KA 14 46.77 9.59 -46.99
CA THR KA 14 45.81 10.61 -47.32
C THR KA 14 45.59 10.67 -48.83
N ALA KA 15 44.72 11.59 -49.25
CA ALA KA 15 44.38 11.69 -50.67
C ALA KA 15 45.58 12.11 -51.50
N SER KA 16 46.45 12.96 -50.97
CA SER KA 16 47.63 13.39 -51.70
C SER KA 16 48.71 12.31 -51.77
N ASN KA 17 48.58 11.24 -51.02
CA ASN KA 17 49.70 10.31 -50.87
C ASN KA 17 49.35 8.92 -51.39
N LYS KA 18 48.70 8.85 -52.55
CA LYS KA 18 48.48 7.56 -53.20
C LYS KA 18 49.76 7.15 -53.93
N THR KA 19 49.89 5.86 -54.17
CA THR KA 19 51.13 5.34 -54.72
C THR KA 19 50.83 4.08 -55.52
N ARG KA 20 51.78 3.72 -56.38
CA ARG KA 20 51.70 2.48 -57.15
C ARG KA 20 53.07 1.82 -57.16
N LEU KA 21 53.10 0.58 -57.60
CA LEU KA 21 54.31 -0.22 -57.55
C LEU KA 21 55.01 -0.21 -58.90
N SER KA 22 56.30 -0.51 -58.87
CA SER KA 22 57.13 -0.58 -60.07
C SER KA 22 58.27 -1.55 -59.84
N ARG KA 23 58.83 -2.05 -60.93
CA ARG KA 23 59.98 -2.95 -60.89
C ARG KA 23 61.14 -2.24 -61.55
N THR KA 24 62.10 -1.80 -60.75
CA THR KA 24 63.23 -1.03 -61.24
C THR KA 24 64.18 -1.92 -62.04
N PRO KA 25 65.06 -1.32 -62.84
CA PRO KA 25 66.11 -2.12 -63.51
C PRO KA 25 67.03 -2.83 -62.55
N GLY KA 26 67.11 -2.38 -61.30
CA GLY KA 26 67.93 -3.04 -60.30
C GLY KA 26 67.25 -4.18 -59.58
N ASN KA 27 66.13 -4.70 -60.11
CA ASN KA 27 65.44 -5.86 -59.57
C ASN KA 27 64.97 -5.64 -58.14
N ARG KA 28 64.15 -4.60 -57.96
CA ARG KA 28 63.49 -4.36 -56.69
C ARG KA 28 62.21 -3.59 -56.93
N ILE KA 29 61.32 -3.61 -55.96
CA ILE KA 29 60.05 -2.91 -56.04
C ILE KA 29 60.13 -1.62 -55.24
N VAL KA 30 59.70 -0.52 -55.85
CA VAL KA 30 59.80 0.81 -55.27
C VAL KA 30 58.51 1.57 -55.59
N TYR KA 31 57.99 2.28 -54.59
CA TYR KA 31 56.83 3.13 -54.80
C TYR KA 31 57.11 4.20 -55.84
N LEU KA 32 56.10 4.48 -56.66
CA LEU KA 32 56.01 5.71 -57.45
C LEU KA 32 54.76 6.44 -57.00
N TYR KA 33 54.93 7.73 -56.68
CA TYR KA 33 53.85 8.53 -56.13
C TYR KA 33 53.01 9.09 -57.27
N THR KA 34 51.75 8.67 -57.34
CA THR KA 34 50.92 8.95 -58.50
C THR KA 34 50.27 10.32 -58.42
N LYS KA 35 50.20 10.98 -59.57
CA LYS KA 35 49.47 12.21 -59.72
C LYS KA 35 47.97 11.93 -59.73
N LYS KA 36 47.20 12.91 -59.29
CA LYS KA 36 45.75 12.76 -59.24
C LYS KA 36 45.17 12.67 -60.65
N VAL KA 37 44.17 11.82 -60.81
CA VAL KA 37 43.52 11.65 -62.10
C VAL KA 37 42.66 12.86 -62.40
N GLY KA 38 42.93 13.53 -63.52
CA GLY KA 38 42.17 14.71 -63.87
C GLY KA 38 40.77 14.37 -64.34
N LYS KA 39 39.91 15.39 -64.31
CA LYS KA 39 38.52 15.25 -64.71
C LYS KA 39 38.27 16.08 -65.96
N ALA KA 40 37.55 15.49 -66.91
CA ALA KA 40 37.17 16.23 -68.11
C ALA KA 40 36.21 17.36 -67.75
N PRO KA 41 36.28 18.48 -68.47
CA PRO KA 41 35.39 19.60 -68.16
C PRO KA 41 33.92 19.22 -68.30
N LYS KA 42 33.12 19.69 -67.35
CA LYS KA 42 31.68 19.61 -67.46
C LYS KA 42 31.20 20.65 -68.45
N SER KA 43 29.97 20.49 -68.92
CA SER KA 43 29.43 21.46 -69.86
C SER KA 43 28.84 22.65 -69.13
N ALA KA 44 28.94 23.82 -69.76
CA ALA KA 44 28.45 25.05 -69.13
C ALA KA 44 26.95 25.06 -68.97
N CYS KA 45 26.23 24.20 -69.70
CA CYS KA 45 24.78 24.15 -69.58
C CYS KA 45 24.35 23.48 -68.29
N GLY KA 46 25.16 22.55 -67.78
CA GLY KA 46 24.80 21.82 -66.58
C GLY KA 46 23.62 20.89 -66.75
N VAL KA 47 23.17 20.66 -67.98
CA VAL KA 47 22.00 19.82 -68.21
C VAL KA 47 22.47 18.39 -68.38
N CYS KA 48 23.18 18.13 -69.46
CA CYS KA 48 23.65 16.77 -69.75
C CYS KA 48 24.76 16.38 -68.78
N PRO KA 49 24.65 15.24 -68.11
CA PRO KA 49 25.60 14.94 -67.02
C PRO KA 49 26.94 14.44 -67.51
N GLY KA 50 27.04 14.02 -68.77
CA GLY KA 50 28.31 13.54 -69.27
C GLY KA 50 29.35 14.64 -69.35
N ARG KA 51 30.60 14.24 -69.17
CA ARG KA 51 31.69 15.18 -69.27
C ARG KA 51 32.18 15.28 -70.72
N LEU KA 52 32.77 16.42 -71.04
CA LEU KA 52 33.10 16.74 -72.42
C LEU KA 52 34.15 15.80 -72.99
N ARG KA 53 34.07 15.62 -74.30
CA ARG KA 53 35.00 14.84 -75.08
C ARG KA 53 35.72 15.74 -76.07
N GLY KA 54 36.85 15.26 -76.58
CA GLY KA 54 37.70 16.11 -77.38
C GLY KA 54 38.66 16.98 -76.59
N VAL KA 55 38.63 16.89 -75.27
CA VAL KA 55 39.52 17.63 -74.39
C VAL KA 55 40.32 16.64 -73.56
N ARG KA 56 41.54 17.03 -73.21
CA ARG KA 56 42.41 16.19 -72.41
C ARG KA 56 42.13 16.42 -70.93
N ALA KA 57 41.91 15.35 -70.19
CA ALA KA 57 41.57 15.44 -68.77
C ALA KA 57 42.84 15.33 -67.95
N VAL KA 58 43.20 16.41 -67.26
CA VAL KA 58 44.41 16.48 -66.44
C VAL KA 58 44.17 17.49 -65.32
N ARG KA 59 45.08 17.55 -64.37
CA ARG KA 59 44.97 18.46 -63.24
C ARG KA 59 45.04 19.91 -63.71
N PRO KA 60 44.40 20.85 -62.99
CA PRO KA 60 44.22 22.21 -63.52
C PRO KA 60 45.50 22.95 -63.88
N LYS KA 61 46.54 22.82 -63.07
CA LYS KA 61 47.78 23.55 -63.35
C LYS KA 61 48.56 22.93 -64.50
N VAL KA 62 48.14 21.78 -65.01
CA VAL KA 62 48.79 21.20 -66.17
C VAL KA 62 48.25 21.82 -67.45
N LEU KA 63 47.08 22.45 -67.39
CA LEU KA 63 46.46 23.00 -68.59
C LEU KA 63 47.27 24.13 -69.21
N MET KA 64 48.13 24.78 -68.44
CA MET KA 64 48.87 25.92 -68.99
C MET KA 64 50.06 25.48 -69.81
N ARG KA 65 50.47 24.21 -69.71
CA ARG KA 65 51.57 23.69 -70.52
C ARG KA 65 51.09 22.73 -71.60
N LEU KA 66 49.80 22.76 -71.92
CA LEU KA 66 49.26 22.03 -73.05
C LEU KA 66 48.91 23.00 -74.16
N SER KA 67 48.95 22.50 -75.40
CA SER KA 67 48.64 23.32 -76.55
C SER KA 67 47.17 23.71 -76.53
N LYS KA 68 46.87 24.81 -77.24
CA LYS KA 68 45.49 25.28 -77.34
C LYS KA 68 44.59 24.22 -77.94
N THR KA 69 45.10 23.45 -78.90
CA THR KA 69 44.30 22.46 -79.60
C THR KA 69 43.77 21.41 -78.65
N LYS KA 70 44.61 20.93 -77.73
CA LYS KA 70 44.20 19.87 -76.84
C LYS KA 70 43.23 20.33 -75.75
N LYS KA 71 43.00 21.63 -75.63
CA LYS KA 71 42.11 22.16 -74.60
C LYS KA 71 40.77 22.61 -75.12
N HIS KA 72 40.45 22.38 -76.40
CA HIS KA 72 39.16 22.77 -76.91
C HIS KA 72 38.80 21.90 -78.12
N VAL KA 73 37.57 22.09 -78.60
CA VAL KA 73 37.06 21.46 -79.81
C VAL KA 73 36.86 22.57 -80.83
N SER KA 74 37.27 22.31 -82.07
CA SER KA 74 37.21 23.32 -83.13
C SER KA 74 35.75 23.48 -83.58
N ARG KA 75 35.03 24.31 -82.82
CA ARG KA 75 33.62 24.60 -83.05
C ARG KA 75 33.25 25.74 -82.12
N ALA KA 76 32.14 26.41 -82.44
CA ALA KA 76 31.59 27.40 -81.53
C ALA KA 76 31.30 26.76 -80.19
N TYR KA 77 31.59 27.50 -79.11
CA TYR KA 77 31.50 27.00 -77.74
C TYR KA 77 32.34 25.76 -77.52
N GLY KA 78 33.36 25.54 -78.34
CA GLY KA 78 34.14 24.32 -78.25
C GLY KA 78 34.99 24.30 -77.01
N GLY KA 79 34.97 23.17 -76.30
CA GLY KA 79 35.76 23.02 -75.10
C GLY KA 79 35.11 23.56 -73.85
N SER KA 80 33.95 24.19 -73.96
CA SER KA 80 33.18 24.61 -72.80
C SER KA 80 31.74 24.15 -72.83
N MET KA 81 31.15 23.98 -74.01
CA MET KA 81 29.77 23.58 -74.15
C MET KA 81 29.70 22.37 -75.07
N CYS KA 82 28.85 21.42 -74.70
CA CYS KA 82 28.61 20.23 -75.52
C CYS KA 82 27.93 20.62 -76.83
N ALA KA 83 28.08 19.74 -77.83
CA ALA KA 83 27.55 20.05 -79.16
C ALA KA 83 26.04 19.98 -79.21
N LYS KA 84 25.44 19.03 -78.50
CA LYS KA 84 23.99 18.86 -78.54
C LYS KA 84 23.30 20.11 -78.02
N CYS KA 85 23.76 20.64 -76.90
CA CYS KA 85 23.17 21.86 -76.36
C CYS KA 85 23.52 23.08 -77.18
N VAL KA 86 24.64 23.06 -77.92
CA VAL KA 86 24.90 24.12 -78.89
C VAL KA 86 23.83 24.11 -79.98
N ARG KA 87 23.51 22.93 -80.51
CA ARG KA 87 22.48 22.83 -81.53
C ARG KA 87 21.15 23.31 -81.00
N ASP KA 88 20.82 22.91 -79.77
CA ASP KA 88 19.57 23.35 -79.16
C ASP KA 88 19.54 24.86 -78.97
N ARG KA 89 20.67 25.46 -78.57
CA ARG KA 89 20.71 26.90 -78.40
C ARG KA 89 20.56 27.63 -79.74
N ILE KA 90 21.17 27.09 -80.79
CA ILE KA 90 21.03 27.68 -82.12
C ILE KA 90 19.58 27.67 -82.55
N LYS KA 91 18.94 26.51 -82.44
CA LYS KA 91 17.53 26.39 -82.80
C LYS KA 91 16.66 27.31 -81.96
N ARG KA 92 16.94 27.36 -80.66
CA ARG KA 92 16.15 28.18 -79.75
C ARG KA 92 16.25 29.65 -80.10
N ALA KA 93 17.47 30.14 -80.32
CA ALA KA 93 17.66 31.55 -80.63
C ALA KA 93 16.97 31.91 -81.94
N PHE KA 94 17.18 31.09 -82.98
CA PHE KA 94 16.56 31.41 -84.26
C PHE KA 94 15.05 31.42 -84.16
N LEU KA 95 14.48 30.41 -83.48
CA LEU KA 95 13.03 30.30 -83.39
C LEU KA 95 12.44 31.45 -82.57
N ILE KA 96 13.09 31.84 -81.47
CA ILE KA 96 12.51 32.89 -80.65
C ILE KA 96 12.60 34.24 -81.36
N GLU KA 97 13.68 34.49 -82.10
CA GLU KA 97 13.72 35.74 -82.86
C GLU KA 97 12.69 35.74 -83.97
N GLU KA 98 12.46 34.59 -84.59
CA GLU KA 98 11.41 34.52 -85.60
C GLU KA 98 10.03 34.76 -84.98
N GLN KA 99 9.81 34.23 -83.77
CA GLN KA 99 8.54 34.49 -83.08
C GLN KA 99 8.40 35.96 -82.72
N LYS KA 100 9.50 36.62 -82.37
CA LYS KA 100 9.47 38.06 -82.14
C LYS KA 100 9.05 38.79 -83.41
N ILE KA 101 9.59 38.38 -84.56
CA ILE KA 101 9.18 38.99 -85.82
C ILE KA 101 7.70 38.77 -86.06
N VAL KA 102 7.22 37.55 -85.79
CA VAL KA 102 5.83 37.22 -86.05
C VAL KA 102 4.91 38.06 -85.18
N VAL KA 103 5.23 38.20 -83.89
CA VAL KA 103 4.35 38.98 -83.03
C VAL KA 103 4.45 40.47 -83.36
N LYS KA 104 5.62 40.92 -83.82
CA LYS KA 104 5.75 42.32 -84.26
C LYS KA 104 4.83 42.60 -85.44
N VAL KA 105 4.86 41.74 -86.46
CA VAL KA 105 4.03 41.99 -87.64
C VAL KA 105 2.55 41.77 -87.31
N LEU KA 106 2.24 40.88 -86.37
CA LEU KA 106 0.85 40.67 -86.00
C LEU KA 106 0.29 41.87 -85.24
N LYS KA 107 1.09 42.48 -84.36
CA LYS KA 107 0.68 43.73 -83.74
C LYS KA 107 0.58 44.84 -84.77
N ALA KA 108 1.47 44.84 -85.76
CA ALA KA 108 1.43 45.86 -86.81
C ALA KA 108 0.14 45.78 -87.61
N GLN KA 109 -0.29 44.56 -87.96
CA GLN KA 109 -1.57 44.39 -88.63
C GLN KA 109 -2.75 44.48 -87.66
N ALA KA 110 -2.50 44.52 -86.36
CA ALA KA 110 -3.58 44.68 -85.39
C ALA KA 110 -3.92 46.15 -85.15
N GLN KA 111 -2.91 47.02 -85.08
CA GLN KA 111 -3.12 48.42 -84.75
C GLN KA 111 -3.71 49.24 -85.88
N SER KA 112 -3.81 48.69 -87.09
CA SER KA 112 -4.29 49.46 -88.23
C SER KA 112 -5.74 49.87 -88.08
N GLN KA 113 -6.51 49.19 -87.24
CA GLN KA 113 -7.89 49.56 -86.95
C GLN KA 113 -7.93 50.30 -85.61
N LYS KA 114 -8.65 51.42 -85.58
CA LYS KA 114 -8.73 52.27 -84.40
C LYS KA 114 -9.38 51.54 -83.22
N ALA LA 1 105.15 42.01 -35.47
CA ALA LA 1 105.30 43.36 -36.00
C ALA LA 1 103.95 44.05 -36.07
N LYS LA 2 103.68 44.93 -35.10
CA LYS LA 2 102.39 45.60 -35.01
C LYS LA 2 102.37 46.86 -35.88
N ILE LA 3 101.18 47.45 -35.97
CA ILE LA 3 101.00 48.80 -36.53
C ILE LA 3 100.45 49.68 -35.43
N LYS LA 4 100.59 50.99 -35.60
CA LYS LA 4 100.21 51.95 -34.58
C LYS LA 4 99.13 52.88 -35.10
N ALA LA 5 98.31 53.40 -34.19
CA ALA LA 5 97.24 54.30 -34.59
C ALA LA 5 97.76 55.70 -34.90
N ARG LA 6 98.85 56.12 -34.27
CA ARG LA 6 99.32 57.49 -34.42
C ARG LA 6 99.82 57.75 -35.83
N ASP LA 7 100.43 56.75 -36.47
CA ASP LA 7 101.02 56.92 -37.78
C ASP LA 7 100.13 56.43 -38.91
N LEU LA 8 98.87 56.12 -38.62
CA LEU LA 8 97.87 55.84 -39.64
C LEU LA 8 97.01 57.06 -39.98
N ARG LA 9 97.08 58.12 -39.17
CA ARG LA 9 96.10 59.18 -39.27
C ARG LA 9 96.32 60.06 -40.49
N GLY LA 10 97.58 60.26 -40.91
CA GLY LA 10 97.84 61.05 -42.10
C GLY LA 10 97.63 60.32 -43.40
N LYS LA 11 97.50 59.00 -43.35
CA LYS LA 11 97.38 58.20 -44.55
C LYS LA 11 96.01 58.40 -45.19
N LYS LA 12 95.99 58.38 -46.52
CA LYS LA 12 94.77 58.61 -47.27
C LYS LA 12 93.95 57.33 -47.33
N LYS LA 13 92.83 57.38 -48.05
CA LYS LA 13 91.87 56.28 -48.02
C LYS LA 13 92.43 55.03 -48.69
N GLU LA 14 93.06 55.18 -49.86
CA GLU LA 14 93.40 54.01 -50.64
C GLU LA 14 94.46 53.15 -49.94
N GLU LA 15 95.47 53.76 -49.33
CA GLU LA 15 96.49 52.97 -48.67
C GLU LA 15 95.96 52.38 -47.37
N LEU LA 16 95.08 53.10 -46.68
CA LEU LA 16 94.44 52.54 -45.50
C LEU LA 16 93.63 51.29 -45.85
N LEU LA 17 92.83 51.35 -46.92
CA LEU LA 17 92.03 50.18 -47.27
C LEU LA 17 92.88 49.08 -47.86
N LYS LA 18 93.99 49.42 -48.52
CA LYS LA 18 94.91 48.39 -48.98
C LYS LA 18 95.52 47.65 -47.81
N GLN LA 19 95.92 48.38 -46.77
CA GLN LA 19 96.42 47.74 -45.55
C GLN LA 19 95.33 46.92 -44.87
N LEU LA 20 94.09 47.41 -44.95
CA LEU LA 20 92.95 46.69 -44.38
C LEU LA 20 92.77 45.35 -45.06
N ASP LA 21 92.75 45.35 -46.41
CA ASP LA 21 92.59 44.11 -47.14
C ASP LA 21 93.78 43.19 -46.93
N ASP LA 22 94.97 43.77 -46.80
CA ASP LA 22 96.16 43.01 -46.43
C ASP LA 22 95.94 42.25 -45.13
N LEU LA 23 95.60 42.96 -44.06
CA LEU LA 23 95.41 42.31 -42.76
C LEU LA 23 94.31 41.27 -42.84
N LYS LA 24 93.29 41.54 -43.66
CA LYS LA 24 92.24 40.54 -43.87
C LYS LA 24 92.80 39.26 -44.48
N VAL LA 25 93.66 39.37 -45.48
CA VAL LA 25 94.16 38.14 -46.10
C VAL LA 25 95.09 37.41 -45.13
N GLU LA 26 95.91 38.13 -44.35
CA GLU LA 26 96.75 37.40 -43.40
C GLU LA 26 95.92 36.75 -42.28
N LEU LA 27 94.82 37.36 -41.84
CA LEU LA 27 94.00 36.67 -40.86
C LEU LA 27 93.31 35.45 -41.49
N SER LA 28 92.97 35.53 -42.78
CA SER LA 28 92.39 34.36 -43.43
C SER LA 28 93.40 33.22 -43.51
N GLN LA 29 94.64 33.51 -43.89
CA GLN LA 29 95.65 32.46 -43.84
C GLN LA 29 95.92 31.98 -42.41
N LEU LA 30 95.78 32.86 -41.42
CA LEU LA 30 95.98 32.44 -40.04
C LEU LA 30 94.93 31.44 -39.60
N ARG LA 31 93.66 31.68 -39.91
CA ARG LA 31 92.63 30.72 -39.53
C ARG LA 31 92.71 29.45 -40.38
N VAL LA 32 93.19 29.57 -41.63
CA VAL LA 32 93.45 28.38 -42.43
C VAL LA 32 94.52 27.51 -41.78
N ALA LA 33 95.62 28.13 -41.35
CA ALA LA 33 96.65 27.37 -40.65
C ALA LA 33 96.14 26.86 -39.30
N LYS LA 34 95.16 27.56 -38.72
CA LYS LA 34 94.56 27.12 -37.47
C LYS LA 34 93.83 25.80 -37.66
N VAL LA 35 93.00 25.69 -38.69
CA VAL LA 35 92.27 24.44 -38.87
C VAL LA 35 93.18 23.33 -39.38
N THR LA 36 94.34 23.67 -39.93
CA THR LA 36 95.33 22.67 -40.34
C THR LA 36 96.44 22.51 -39.30
N GLY LA 37 96.13 22.77 -38.03
CA GLY LA 37 97.10 22.61 -36.97
C GLY LA 37 98.02 23.82 -36.82
N GLY LA 38 98.98 23.94 -37.74
CA GLY LA 38 99.93 25.04 -37.64
C GLY LA 38 100.83 24.89 -36.42
N ALA LA 39 101.26 26.04 -35.91
CA ALA LA 39 102.09 26.10 -34.72
C ALA LA 39 101.60 27.23 -33.82
N ALA LA 40 102.02 27.19 -32.56
CA ALA LA 40 101.58 28.19 -31.60
C ALA LA 40 102.04 29.58 -31.98
N SER LA 41 103.15 29.69 -32.72
CA SER LA 41 103.60 30.99 -33.19
C SER LA 41 102.58 31.60 -34.14
N LYS LA 42 101.96 30.78 -34.98
CA LYS LA 42 100.93 31.28 -35.89
C LYS LA 42 99.63 31.59 -35.17
N LEU LA 43 99.23 30.75 -34.21
CA LEU LA 43 97.96 30.97 -33.53
C LEU LA 43 98.02 32.18 -32.60
N SER LA 44 99.19 32.45 -32.02
CA SER LA 44 99.34 33.63 -31.19
C SER LA 44 99.18 34.91 -32.00
N LYS LA 45 99.52 34.87 -33.28
CA LYS LA 45 99.43 36.05 -34.14
C LYS LA 45 98.00 36.38 -34.54
N ILE LA 46 97.05 35.49 -34.26
CA ILE LA 46 95.66 35.77 -34.61
C ILE LA 46 95.13 36.97 -33.85
N ARG LA 47 95.44 37.07 -32.56
CA ARG LA 47 95.00 38.22 -31.78
C ARG LA 47 95.65 39.50 -32.29
N VAL LA 48 96.92 39.43 -32.68
CA VAL LA 48 97.62 40.61 -33.17
C VAL LA 48 96.96 41.14 -34.43
N VAL LA 49 96.63 40.26 -35.37
CA VAL LA 49 96.04 40.70 -36.63
C VAL LA 49 94.65 41.26 -36.39
N ARG LA 50 93.89 40.65 -35.48
CA ARG LA 50 92.56 41.17 -35.18
C ARG LA 50 92.64 42.55 -34.53
N LYS LA 51 93.59 42.76 -33.63
CA LYS LA 51 93.75 44.09 -33.05
C LYS LA 51 94.22 45.09 -34.09
N SER LA 52 95.06 44.65 -35.02
CA SER LA 52 95.51 45.54 -36.09
C SER LA 52 94.34 45.96 -36.98
N ILE LA 53 93.48 45.02 -37.33
CA ILE LA 53 92.34 45.37 -38.18
C ILE LA 53 91.36 46.25 -37.42
N ALA LA 54 91.20 46.02 -36.11
CA ALA LA 54 90.38 46.92 -35.32
C ALA LA 54 90.96 48.32 -35.30
N ARG LA 55 92.28 48.43 -35.20
CA ARG LA 55 92.95 49.73 -35.20
C ARG LA 55 92.72 50.48 -36.51
N VAL LA 56 92.97 49.81 -37.63
CA VAL LA 56 92.82 50.49 -38.91
C VAL LA 56 91.35 50.82 -39.17
N LEU LA 57 90.43 49.94 -38.75
CA LEU LA 57 89.01 50.21 -38.96
C LEU LA 57 88.54 51.40 -38.11
N THR LA 58 89.00 51.49 -36.86
CA THR LA 58 88.56 52.61 -36.04
C THR LA 58 89.19 53.91 -36.54
N VAL LA 59 90.40 53.87 -37.09
CA VAL LA 59 90.96 55.09 -37.67
C VAL LA 59 90.15 55.52 -38.88
N ILE LA 60 89.76 54.56 -39.73
CA ILE LA 60 88.94 54.89 -40.90
C ILE LA 60 87.61 55.48 -40.47
N ASN LA 61 86.96 54.85 -39.49
CA ASN LA 61 85.66 55.33 -39.03
C ASN LA 61 85.76 56.72 -38.43
N GLN LA 62 86.79 56.96 -37.61
CA GLN LA 62 86.98 58.28 -37.02
C GLN LA 62 87.23 59.33 -38.09
N THR LA 63 88.10 59.02 -39.06
CA THR LA 63 88.39 60.02 -40.09
C THR LA 63 87.15 60.37 -40.89
N GLN LA 64 86.37 59.36 -41.26
CA GLN LA 64 85.11 59.61 -41.94
C GLN LA 64 84.19 60.46 -41.08
N LYS LA 65 84.15 60.18 -39.78
CA LYS LA 65 83.22 60.87 -38.90
C LYS LA 65 83.59 62.34 -38.75
N GLU LA 66 84.85 62.64 -38.44
CA GLU LA 66 85.18 64.07 -38.30
C GLU LA 66 85.21 64.79 -39.65
N ASN LA 67 85.43 64.09 -40.77
CA ASN LA 67 85.20 64.74 -42.05
C ASN LA 67 83.73 65.12 -42.21
N LEU LA 68 82.83 64.23 -41.77
CA LEU LA 68 81.41 64.56 -41.79
C LEU LA 68 81.09 65.74 -40.89
N ARG LA 69 81.71 65.80 -39.71
CA ARG LA 69 81.42 66.90 -38.79
C ARG LA 69 81.95 68.22 -39.32
N LYS LA 70 83.08 68.19 -40.02
CA LYS LA 70 83.55 69.39 -40.71
C LYS LA 70 82.58 69.77 -41.81
N PHE LA 71 82.05 68.78 -42.53
CA PHE LA 71 81.15 69.06 -43.65
C PHE LA 71 79.84 69.67 -43.18
N TYR LA 72 79.29 69.19 -42.08
CA TYR LA 72 77.99 69.63 -41.60
C TYR LA 72 78.09 70.76 -40.58
N LYS LA 73 79.27 71.36 -40.43
CA LYS LA 73 79.42 72.42 -39.45
C LYS LA 73 78.58 73.64 -39.82
N GLY LA 74 77.84 74.15 -38.84
CA GLY LA 74 77.11 75.39 -39.00
C GLY LA 74 75.85 75.29 -39.84
N LYS LA 75 75.47 74.08 -40.28
CA LYS LA 75 74.28 73.90 -41.09
C LYS LA 75 73.07 73.75 -40.19
N LYS LA 76 71.91 74.19 -40.69
CA LYS LA 76 70.72 74.25 -39.85
C LYS LA 76 70.30 72.88 -39.36
N TYR LA 77 70.33 71.88 -40.23
CA TYR LA 77 69.99 70.52 -39.86
C TYR LA 77 71.20 69.62 -40.00
N LYS LA 78 71.30 68.64 -39.11
CA LYS LA 78 72.39 67.68 -39.14
C LYS LA 78 71.83 66.28 -38.98
N PRO LA 79 72.56 65.26 -39.42
CA PRO LA 79 72.12 63.88 -39.18
C PRO LA 79 72.03 63.59 -37.69
N LEU LA 80 71.15 62.65 -37.35
CA LEU LA 80 70.88 62.35 -35.94
C LEU LA 80 72.14 61.88 -35.22
N ASP LA 81 73.05 61.21 -35.93
CA ASP LA 81 74.26 60.73 -35.27
C ASP LA 81 75.32 61.82 -35.18
N LEU LA 82 75.15 62.93 -35.91
CA LEU LA 82 76.00 64.08 -35.71
C LEU LA 82 75.44 65.07 -34.69
N ARG LA 83 74.24 64.85 -34.22
CA ARG LA 83 73.68 65.71 -33.20
C ARG LA 83 74.19 65.28 -31.82
N PRO LA 84 74.19 66.20 -30.86
CA PRO LA 84 74.57 65.83 -29.49
C PRO LA 84 73.60 64.80 -28.91
N LYS LA 85 74.16 63.94 -28.06
CA LYS LA 85 73.40 62.84 -27.46
C LYS LA 85 73.53 62.87 -25.95
N LYS LA 86 73.23 64.02 -25.36
CA LYS LA 86 73.29 64.16 -23.91
C LYS LA 86 72.40 63.15 -23.20
N THR LA 87 71.09 63.29 -23.38
CA THR LA 87 70.04 62.53 -22.72
C THR LA 87 68.75 62.91 -23.42
N ARG LA 88 67.80 61.98 -23.51
CA ARG LA 88 66.52 62.30 -24.14
C ARG LA 88 65.86 63.47 -23.43
N ALA LA 89 65.76 63.40 -22.11
CA ALA LA 89 65.15 64.48 -21.36
C ALA LA 89 65.95 65.77 -21.48
N MET LA 90 67.28 65.66 -21.47
CA MET LA 90 68.11 66.85 -21.61
C MET LA 90 68.03 67.44 -23.00
N ARG LA 91 67.59 66.67 -23.99
CA ARG LA 91 67.35 67.24 -25.31
C ARG LA 91 65.96 67.84 -25.42
N ARG LA 92 64.99 67.27 -24.69
CA ARG LA 92 63.63 67.79 -24.75
C ARG LA 92 63.50 69.15 -24.08
N ARG LA 93 64.48 69.55 -23.29
CA ARG LA 93 64.33 70.77 -22.51
C ARG LA 93 64.86 71.98 -23.28
N LEU LA 94 64.60 73.16 -22.71
CA LEU LA 94 64.85 74.43 -23.37
C LEU LA 94 66.34 74.67 -23.54
N ASN LA 95 66.68 75.52 -24.51
CA ASN LA 95 68.06 75.96 -24.66
C ASN LA 95 68.27 77.26 -23.87
N LYS LA 96 69.54 77.69 -23.81
CA LYS LA 96 69.90 78.82 -22.95
C LYS LA 96 69.14 80.08 -23.32
N HIS LA 97 69.04 80.37 -24.62
CA HIS LA 97 68.30 81.53 -25.07
C HIS LA 97 66.83 81.42 -24.68
N GLU LA 98 66.26 80.22 -24.80
CA GLU LA 98 64.85 80.03 -24.47
C GLU LA 98 64.59 80.22 -22.99
N GLU LA 99 65.48 79.75 -22.11
CA GLU LA 99 65.25 80.02 -20.69
C GLU LA 99 65.45 81.49 -20.36
N ASN LA 100 66.57 82.07 -20.76
CA ASN LA 100 66.98 83.34 -20.18
C ASN LA 100 66.26 84.54 -20.79
N LEU LA 101 65.32 84.32 -21.71
CA LEU LA 101 64.51 85.42 -22.22
C LEU LA 101 63.26 85.61 -21.37
N LYS LA 102 62.89 86.88 -21.18
CA LYS LA 102 61.82 87.25 -20.27
C LYS LA 102 60.88 88.25 -20.94
N THR LA 103 59.71 88.43 -20.36
CA THR LA 103 58.75 89.39 -20.86
C THR LA 103 59.19 90.81 -20.53
N LYS LA 104 58.52 91.77 -21.17
CA LYS LA 104 58.83 93.18 -20.91
C LYS LA 104 58.47 93.58 -19.49
N LYS LA 105 57.41 92.98 -18.94
CA LYS LA 105 56.97 93.31 -17.58
C LYS LA 105 58.03 92.97 -16.55
N GLN LA 106 58.59 91.76 -16.65
CA GLN LA 106 59.54 91.33 -15.63
C GLN LA 106 60.80 92.18 -15.66
N GLN LA 107 61.32 92.46 -16.85
CA GLN LA 107 62.49 93.33 -16.92
C GLN LA 107 62.15 94.75 -16.53
N ARG LA 108 60.89 95.18 -16.68
CA ARG LA 108 60.51 96.50 -16.22
C ARG LA 108 60.48 96.58 -14.70
N LYS LA 109 59.93 95.56 -14.03
CA LYS LA 109 60.03 95.50 -12.57
C LYS LA 109 61.48 95.45 -12.11
N GLU LA 110 62.31 94.67 -12.80
CA GLU LA 110 63.71 94.58 -12.38
C GLU LA 110 64.41 95.92 -12.55
N ARG LA 111 64.12 96.64 -13.63
CA ARG LA 111 64.72 97.95 -13.81
C ARG LA 111 64.24 98.92 -12.74
N LEU LA 112 62.94 98.89 -12.43
CA LEU LA 112 62.40 99.87 -11.49
C LEU LA 112 62.83 99.60 -10.06
N TYR LA 113 62.77 98.35 -9.63
CA TYR LA 113 63.02 97.98 -8.23
C TYR LA 113 64.05 96.87 -8.18
N PRO LA 114 65.32 97.19 -8.37
CA PRO LA 114 66.36 96.17 -8.21
C PRO LA 114 66.68 95.94 -6.74
N LEU LA 115 66.98 94.68 -6.43
CA LEU LA 115 67.32 94.30 -5.07
C LEU LA 115 68.58 95.02 -4.63
N ARG LA 116 68.54 95.63 -3.45
CA ARG LA 116 69.63 96.46 -2.97
C ARG LA 116 70.54 95.68 -2.05
N LYS LA 117 71.81 96.07 -2.05
CA LYS LA 117 72.78 95.54 -1.10
C LYS LA 117 72.72 96.40 0.15
N TYR LA 118 72.31 95.80 1.27
CA TYR LA 118 72.01 96.60 2.45
C TYR LA 118 72.52 95.89 3.70
N ALA LA 119 72.83 96.70 4.71
CA ALA LA 119 73.20 96.21 6.02
C ALA LA 119 72.34 96.91 7.06
N VAL LA 120 72.46 96.48 8.31
CA VAL LA 120 71.71 97.08 9.40
C VAL LA 120 72.65 97.29 10.59
N LYS LA 121 72.23 98.19 11.47
CA LYS LA 121 72.98 98.46 12.69
C LYS LA 121 72.34 97.74 13.86
N ALA LA 122 73.11 97.59 14.94
CA ALA LA 122 72.61 96.94 16.15
C ALA LA 122 71.49 97.77 16.77
N ALA MA 1 36.03 103.15 40.76
CA ALA MA 1 35.61 104.26 39.92
C ALA MA 1 34.16 104.09 39.50
N LEU MA 2 33.75 104.81 38.47
CA LEU MA 2 32.35 104.79 38.06
C LEU MA 2 32.08 103.64 37.08
N ARG MA 3 32.88 103.54 36.02
CA ARG MA 3 32.77 102.44 35.08
C ARG MA 3 34.17 102.02 34.62
N TYR MA 4 34.36 100.72 34.49
CA TYR MA 4 35.61 100.10 34.07
C TYR MA 4 35.45 99.39 32.75
N PRO MA 5 36.51 99.30 31.95
CA PRO MA 5 36.50 98.37 30.82
C PRO MA 5 36.48 96.95 31.36
N MET MA 6 35.40 96.23 31.06
CA MET MA 6 35.17 94.92 31.64
C MET MA 6 35.13 93.87 30.56
N ALA MA 7 35.47 92.64 30.95
CA ALA MA 7 35.58 91.54 29.99
C ALA MA 7 34.23 91.14 29.40
N VAL MA 8 33.13 91.37 30.10
CA VAL MA 8 31.81 90.95 29.65
C VAL MA 8 30.85 92.12 29.78
N GLY MA 9 30.03 92.31 28.77
CA GLY MA 9 28.98 93.31 28.80
C GLY MA 9 28.54 93.67 27.40
N LEU MA 10 27.61 94.62 27.33
CA LEU MA 10 27.23 95.18 26.04
C LEU MA 10 28.34 96.06 25.48
N ASN MA 11 29.16 96.63 26.35
CA ASN MA 11 30.21 97.57 25.98
C ASN MA 11 31.60 97.03 26.32
N LYS MA 12 31.78 95.72 26.20
CA LYS MA 12 32.99 95.06 26.67
C LYS MA 12 34.11 95.16 25.64
N GLY MA 13 35.20 94.43 25.89
CA GLY MA 13 36.37 94.49 25.06
C GLY MA 13 37.34 95.57 25.50
N HIS MA 14 38.60 95.40 25.12
CA HIS MA 14 39.62 96.39 25.43
C HIS MA 14 39.42 97.63 24.59
N LYS MA 15 39.54 98.80 25.21
CA LYS MA 15 39.19 100.04 24.54
C LYS MA 15 40.37 100.56 23.73
N VAL MA 16 40.22 100.58 22.41
CA VAL MA 16 41.19 101.17 21.50
C VAL MA 16 40.44 102.11 20.58
N THR MA 17 41.17 103.09 20.05
CA THR MA 17 40.57 104.04 19.12
C THR MA 17 40.47 103.42 17.73
N LYS MA 18 39.24 103.35 17.21
CA LYS MA 18 39.00 102.70 15.94
C LYS MA 18 39.60 103.51 14.80
N ASN MA 19 40.35 102.83 13.92
CA ASN MA 19 40.99 103.48 12.78
C ASN MA 19 40.08 103.36 11.57
N VAL MA 20 39.41 104.45 11.23
CA VAL MA 20 38.57 104.47 10.05
C VAL MA 20 39.44 104.55 8.81
N SER MA 21 39.11 103.74 7.80
CA SER MA 21 39.91 103.67 6.59
C SER MA 21 39.01 103.42 5.40
N LYS MA 22 39.51 103.76 4.22
CA LYS MA 22 38.79 103.47 2.99
C LYS MA 22 38.70 101.97 2.80
N PRO MA 23 37.53 101.43 2.47
CA PRO MA 23 37.40 99.97 2.37
C PRO MA 23 38.24 99.41 1.22
N ARG MA 24 38.67 98.17 1.39
CA ARG MA 24 39.48 97.51 0.38
C ARG MA 24 38.71 97.36 -0.92
N HIS MA 25 39.44 97.45 -2.03
CA HIS MA 25 38.80 97.43 -3.35
C HIS MA 25 38.12 96.12 -3.64
N SER MA 26 38.49 95.04 -2.95
CA SER MA 26 37.82 93.76 -3.16
C SER MA 26 36.44 93.72 -2.53
N ARG MA 27 36.17 94.56 -1.54
CA ARG MA 27 34.82 94.70 -1.03
C ARG MA 27 33.89 95.31 -2.05
N ARG MA 28 34.43 96.09 -2.98
CA ARG MA 28 33.64 96.68 -4.05
C ARG MA 28 33.09 95.64 -5.02
N ARG MA 29 33.66 94.43 -5.01
CA ARG MA 29 33.30 93.40 -5.98
C ARG MA 29 31.80 93.10 -5.95
N GLY MA 30 31.22 92.95 -7.13
CA GLY MA 30 29.81 92.67 -7.28
C GLY MA 30 28.95 93.88 -7.57
N ARG MA 31 29.48 95.08 -7.39
CA ARG MA 31 28.68 96.28 -7.63
C ARG MA 31 28.33 96.41 -9.10
N LEU MA 32 27.19 97.04 -9.37
CA LEU MA 32 26.68 97.18 -10.72
C LEU MA 32 27.09 98.51 -11.31
N THR MA 33 27.68 98.46 -12.50
CA THR MA 33 28.12 99.66 -13.19
C THR MA 33 27.17 99.99 -14.33
N LYS MA 34 27.34 101.21 -14.87
CA LYS MA 34 26.46 101.66 -15.94
C LYS MA 34 26.62 100.82 -17.19
N HIS MA 35 27.87 100.51 -17.57
CA HIS MA 35 28.07 99.74 -18.79
C HIS MA 35 27.64 98.30 -18.63
N THR MA 36 27.94 97.69 -17.49
CA THR MA 36 27.51 96.31 -17.26
C THR MA 36 25.99 96.21 -17.21
N LYS MA 37 25.32 97.16 -16.56
CA LYS MA 37 23.87 97.14 -16.55
C LYS MA 37 23.31 97.41 -17.95
N PHE MA 38 23.99 98.22 -18.75
CA PHE MA 38 23.57 98.41 -20.14
C PHE MA 38 23.67 97.11 -20.91
N VAL MA 39 24.75 96.36 -20.71
CA VAL MA 39 24.91 95.08 -21.39
C VAL MA 39 23.85 94.09 -20.92
N ARG MA 40 23.54 94.11 -19.62
CA ARG MA 40 22.52 93.20 -19.10
C ARG MA 40 21.14 93.53 -19.66
N ASP MA 41 20.79 94.82 -19.73
CA ASP MA 41 19.53 95.21 -20.35
C ASP MA 41 19.51 94.87 -21.83
N MET MA 42 20.65 95.03 -22.50
CA MET MA 42 20.78 94.62 -23.89
C MET MA 42 20.44 93.15 -24.07
N ILE MA 43 21.07 92.30 -23.26
CA ILE MA 43 20.88 90.87 -23.45
C ILE MA 43 19.48 90.46 -23.05
N ARG MA 44 18.89 91.12 -22.06
CA ARG MA 44 17.52 90.81 -21.68
C ARG MA 44 16.55 91.20 -22.78
N GLU MA 45 16.80 92.34 -23.43
CA GLU MA 45 15.95 92.75 -24.54
C GLU MA 45 16.09 91.81 -25.72
N VAL MA 46 17.33 91.39 -26.03
CA VAL MA 46 17.55 90.64 -27.26
C VAL MA 46 17.16 89.18 -27.09
N CYS MA 47 17.23 88.66 -25.87
CA CYS MA 47 16.99 87.23 -25.67
C CYS MA 47 15.54 86.95 -25.26
N GLY MA 48 15.12 87.47 -24.11
CA GLY MA 48 13.78 87.20 -23.64
C GLY MA 48 13.72 86.69 -22.21
N PHE MA 49 12.96 85.62 -21.98
CA PHE MA 49 12.81 85.07 -20.64
C PHE MA 49 12.86 83.55 -20.70
N ALA MA 50 13.39 82.94 -19.65
CA ALA MA 50 13.30 81.50 -19.50
C ALA MA 50 11.85 81.13 -19.19
N PRO MA 51 11.45 79.89 -19.48
CA PRO MA 51 10.04 79.51 -19.29
C PRO MA 51 9.54 79.69 -17.87
N TYR MA 52 10.39 79.52 -16.86
CA TYR MA 52 9.91 79.67 -15.49
C TYR MA 52 9.63 81.12 -15.15
N GLU MA 53 10.41 82.07 -15.69
CA GLU MA 53 10.02 83.45 -15.58
C GLU MA 53 8.68 83.70 -16.25
N ARG MA 54 8.40 83.00 -17.34
CA ARG MA 54 7.11 83.19 -18.00
C ARG MA 54 5.96 82.69 -17.13
N ARG MA 55 6.14 81.54 -16.49
CA ARG MA 55 5.17 81.08 -15.51
C ARG MA 55 5.02 82.11 -14.39
N ALA MA 56 6.12 82.72 -13.96
CA ALA MA 56 6.04 83.73 -12.90
C ALA MA 56 5.31 84.98 -13.36
N MET MA 57 5.46 85.37 -14.64
CA MET MA 57 4.62 86.43 -15.18
C MET MA 57 3.15 86.05 -15.12
N GLU MA 58 2.80 84.84 -15.52
CA GLU MA 58 1.38 84.48 -15.47
C GLU MA 58 0.87 84.42 -14.03
N LEU MA 59 1.75 84.12 -13.07
CA LEU MA 59 1.30 84.12 -11.68
C LEU MA 59 1.18 85.54 -11.11
N LEU MA 60 2.07 86.46 -11.51
CA LEU MA 60 1.98 87.83 -11.04
C LEU MA 60 0.86 88.60 -11.69
N LYS MA 61 0.53 88.29 -12.95
CA LYS MA 61 -0.58 88.96 -13.61
C LYS MA 61 -1.90 88.68 -12.91
N VAL MA 62 -2.11 87.44 -12.47
CA VAL MA 62 -3.28 87.10 -11.67
C VAL MA 62 -3.07 87.45 -10.20
N SER MA 63 -1.94 88.10 -9.87
CA SER MA 63 -1.62 88.58 -8.52
C SER MA 63 -1.66 87.45 -7.50
N LYS MA 64 -1.20 86.27 -7.90
CA LYS MA 64 -1.07 85.12 -7.01
C LYS MA 64 0.38 85.11 -6.51
N ASP MA 65 0.66 86.04 -5.61
CA ASP MA 65 2.04 86.34 -5.23
C ASP MA 65 2.68 85.18 -4.49
N LYS MA 66 1.98 84.60 -3.52
CA LYS MA 66 2.56 83.56 -2.69
C LYS MA 66 2.89 82.32 -3.51
N ARG MA 67 2.00 81.94 -4.43
CA ARG MA 67 2.27 80.80 -5.28
C ARG MA 67 3.43 81.08 -6.23
N ALA MA 68 3.55 82.32 -6.69
CA ALA MA 68 4.68 82.68 -7.53
C ALA MA 68 5.98 82.55 -6.76
N LEU MA 69 6.00 83.01 -5.51
CA LEU MA 69 7.19 82.87 -4.68
C LEU MA 69 7.50 81.40 -4.43
N LYS MA 70 6.46 80.57 -4.24
CA LYS MA 70 6.69 79.14 -4.08
C LYS MA 70 7.30 78.54 -5.34
N PHE MA 71 6.78 78.92 -6.50
CA PHE MA 71 7.30 78.38 -7.76
C PHE MA 71 8.75 78.76 -7.96
N ILE MA 72 9.08 80.02 -7.72
CA ILE MA 72 10.47 80.46 -7.89
C ILE MA 72 11.36 79.86 -6.80
N LYS MA 73 10.80 79.62 -5.61
CA LYS MA 73 11.52 78.89 -4.57
C LYS MA 73 11.91 77.51 -5.07
N LYS MA 74 10.97 76.81 -5.70
CA LYS MA 74 11.26 75.51 -6.27
C LYS MA 74 12.30 75.62 -7.39
N ARG MA 75 12.20 76.66 -8.22
CA ARG MA 75 13.06 76.74 -9.39
C ARG MA 75 14.48 77.18 -9.02
N VAL MA 76 14.62 78.38 -8.48
CA VAL MA 76 15.95 78.92 -8.23
C VAL MA 76 16.60 78.23 -7.03
N GLY MA 77 15.88 78.09 -5.94
CA GLY MA 77 16.36 77.23 -4.87
C GLY MA 77 16.37 77.76 -3.45
N THR MA 78 16.57 79.07 -3.28
CA THR MA 78 16.76 79.64 -1.96
C THR MA 78 15.74 80.76 -1.76
N HIS MA 79 15.40 81.02 -0.49
CA HIS MA 79 14.39 82.02 -0.17
C HIS MA 79 14.80 83.41 -0.65
N ILE MA 80 16.03 83.81 -0.35
CA ILE MA 80 16.50 85.14 -0.74
C ILE MA 80 16.52 85.27 -2.25
N ARG MA 81 17.03 84.25 -2.93
CA ARG MA 81 17.11 84.26 -4.37
C ARG MA 81 15.72 84.32 -5.00
N ALA MA 82 14.79 83.53 -4.45
CA ALA MA 82 13.43 83.53 -4.96
C ALA MA 82 12.78 84.89 -4.81
N LYS MA 83 12.93 85.51 -3.63
CA LYS MA 83 12.35 86.83 -3.40
C LYS MA 83 12.93 87.85 -4.36
N ARG MA 84 14.26 87.84 -4.53
CA ARG MA 84 14.90 88.81 -5.41
C ARG MA 84 14.46 88.65 -6.85
N LYS MA 85 14.43 87.41 -7.35
CA LYS MA 85 13.90 87.17 -8.68
C LYS MA 85 12.47 87.66 -8.80
N ARG MA 86 11.70 87.51 -7.73
CA ARG MA 86 10.29 87.93 -7.74
C ARG MA 86 10.17 89.45 -7.86
N GLU MA 87 10.96 90.21 -7.09
CA GLU MA 87 10.87 91.66 -7.24
C GLU MA 87 11.37 92.11 -8.60
N GLU MA 88 12.44 91.47 -9.12
CA GLU MA 88 12.92 91.84 -10.45
C GLU MA 88 11.83 91.61 -11.51
N LEU MA 89 11.15 90.47 -11.43
CA LEU MA 89 10.11 90.16 -12.39
C LEU MA 89 8.90 91.08 -12.25
N SER MA 90 8.53 91.43 -11.02
CA SER MA 90 7.44 92.37 -10.84
C SER MA 90 7.81 93.75 -11.36
N ASN MA 91 9.08 94.15 -11.20
CA ASN MA 91 9.52 95.42 -11.75
C ASN MA 91 9.40 95.44 -13.27
N VAL MA 92 9.84 94.37 -13.94
CA VAL MA 92 9.75 94.40 -15.39
C VAL MA 92 8.30 94.30 -15.85
N LEU MA 93 7.45 93.59 -15.11
CA LEU MA 93 6.03 93.56 -15.45
C LEU MA 93 5.39 94.93 -15.31
N ALA MA 94 5.71 95.65 -14.23
CA ALA MA 94 5.19 97.00 -14.07
C ALA MA 94 5.71 97.92 -15.18
N ALA MA 95 6.98 97.75 -15.56
CA ALA MA 95 7.53 98.56 -16.63
C ALA MA 95 6.81 98.33 -17.95
N MET MA 96 6.55 97.06 -18.29
CA MET MA 96 5.88 96.78 -19.55
C MET MA 96 4.41 97.19 -19.51
N ARG MA 97 3.78 97.11 -18.34
CA ARG MA 97 2.41 97.61 -18.20
C ARG MA 97 2.38 99.11 -18.42
N LYS MA 98 3.35 99.83 -17.86
CA LYS MA 98 3.44 101.28 -18.10
C LYS MA 98 3.68 101.57 -19.57
N ALA MA 99 4.54 100.78 -20.22
CA ALA MA 99 4.84 101.00 -21.64
C ALA MA 99 3.60 100.80 -22.50
N ALA MA 100 2.83 99.73 -22.23
CA ALA MA 100 1.61 99.49 -22.98
C ALA MA 100 0.49 100.44 -22.59
N ALA MA 101 0.62 101.12 -21.44
CA ALA MA 101 -0.39 102.10 -21.04
C ALA MA 101 -0.42 103.28 -22.00
N LYS MA 102 0.75 103.84 -22.31
CA LYS MA 102 0.81 104.97 -23.22
C LYS MA 102 0.81 104.49 -24.68
N THR NA 1 41.88 5.66 -16.99
CA THR NA 1 42.89 5.89 -15.96
C THR NA 1 43.48 7.28 -16.05
N LYS NA 2 43.39 8.02 -14.95
CA LYS NA 2 43.88 9.39 -14.89
C LYS NA 2 45.29 9.49 -14.33
N GLY NA 3 45.93 8.36 -14.03
CA GLY NA 3 47.25 8.42 -13.44
C GLY NA 3 48.38 8.28 -14.44
N THR NA 4 49.10 7.16 -14.36
CA THR NA 4 50.23 6.94 -15.25
C THR NA 4 49.79 6.78 -16.70
N SER NA 5 48.64 6.13 -16.91
CA SER NA 5 48.18 5.86 -18.27
C SER NA 5 47.89 7.16 -19.02
N SER NA 6 47.24 8.11 -18.35
CA SER NA 6 46.91 9.37 -19.01
C SER NA 6 48.15 10.20 -19.30
N PHE NA 7 49.22 10.02 -18.53
CA PHE NA 7 50.47 10.74 -18.79
C PHE NA 7 51.15 10.28 -20.07
N GLY NA 8 50.70 9.18 -20.66
CA GLY NA 8 51.31 8.73 -21.88
C GLY NA 8 50.81 9.41 -23.14
N LYS NA 9 49.84 10.31 -23.01
CA LYS NA 9 49.21 10.92 -24.18
C LYS NA 9 49.64 12.36 -24.41
N ARG NA 10 50.48 12.92 -23.54
CA ARG NA 10 50.84 14.34 -23.64
C ARG NA 10 52.02 14.50 -24.60
N ARG NA 11 51.75 15.05 -25.79
CA ARG NA 11 52.80 15.23 -26.79
C ARG NA 11 52.66 16.55 -27.53
N ASN NA 12 51.89 17.50 -27.01
CA ASN NA 12 51.57 18.73 -27.73
C ASN NA 12 51.94 19.92 -26.87
N LYS NA 13 52.81 20.77 -27.37
CA LYS NA 13 53.27 21.93 -26.60
C LYS NA 13 52.20 23.00 -26.64
N THR NA 14 51.84 23.52 -25.46
CA THR NA 14 50.97 24.69 -25.40
C THR NA 14 51.76 25.97 -25.27
N HIS NA 15 53.04 25.88 -24.91
CA HIS NA 15 53.89 27.05 -24.76
C HIS NA 15 55.19 26.83 -25.53
N THR NA 16 55.84 27.94 -25.87
CA THR NA 16 57.12 27.92 -26.57
C THR NA 16 57.89 29.17 -26.20
N LEU NA 17 59.09 29.31 -26.75
CA LEU NA 17 59.98 30.40 -26.38
C LEU NA 17 59.44 31.73 -26.90
N CYS NA 18 58.96 32.56 -25.98
CA CYS NA 18 58.57 33.92 -26.29
C CYS NA 18 59.75 34.70 -26.83
N ARG NA 19 59.55 35.41 -27.94
CA ARG NA 19 60.67 36.12 -28.56
C ARG NA 19 61.14 37.28 -27.70
N ARG NA 20 60.21 37.97 -27.06
CA ARG NA 20 60.57 38.83 -25.94
C ARG NA 20 60.78 37.96 -24.72
N CYS NA 21 61.72 38.35 -23.87
CA CYS NA 21 62.05 37.78 -22.56
C CYS NA 21 62.58 36.34 -22.63
N GLY NA 22 62.56 35.73 -23.81
CA GLY NA 22 63.17 34.43 -24.01
C GLY NA 22 62.74 33.34 -23.05
N SER NA 23 61.47 33.34 -22.68
CA SER NA 23 60.98 32.39 -21.70
C SER NA 23 59.98 31.45 -22.36
N LYS NA 24 60.00 30.20 -21.91
CA LYS NA 24 59.09 29.16 -22.39
C LYS NA 24 57.73 29.42 -21.74
N ALA NA 25 57.04 30.44 -22.24
CA ALA NA 25 55.72 30.77 -21.74
C ALA NA 25 54.78 31.27 -22.82
N TYR NA 26 55.20 31.31 -24.09
CA TYR NA 26 54.37 31.89 -25.14
C TYR NA 26 53.30 30.88 -25.52
N HIS NA 27 52.09 31.10 -25.05
CA HIS NA 27 50.97 30.23 -25.40
C HIS NA 27 50.75 30.26 -26.91
N LEU NA 28 50.80 29.09 -27.54
CA LEU NA 28 50.68 29.05 -28.99
C LEU NA 28 49.24 29.33 -29.41
N GLN NA 29 48.29 28.71 -28.72
CA GLN NA 29 46.89 28.76 -29.12
C GLN NA 29 46.25 30.09 -28.74
N LYS NA 30 46.90 30.88 -27.89
CA LYS NA 30 46.44 32.21 -27.52
C LYS NA 30 47.34 33.32 -28.04
N SER NA 31 48.55 32.99 -28.50
CA SER NA 31 49.54 33.97 -28.97
C SER NA 31 49.84 35.02 -27.91
N THR NA 32 50.06 34.58 -26.67
CA THR NA 32 50.36 35.49 -25.58
C THR NA 32 51.33 34.83 -24.61
N CYS NA 33 52.41 35.52 -24.27
CA CYS NA 33 53.34 35.01 -23.28
C CYS NA 33 52.72 35.00 -21.90
N GLY NA 34 53.04 33.98 -21.12
CA GLY NA 34 52.42 33.81 -19.83
C GLY NA 34 52.93 34.71 -18.72
N LYS NA 35 54.04 35.42 -18.95
CA LYS NA 35 54.55 36.30 -17.92
C LYS NA 35 54.80 37.73 -18.37
N CYS NA 36 54.98 37.99 -19.67
CA CYS NA 36 55.16 39.34 -20.14
C CYS NA 36 54.00 39.87 -20.98
N GLY NA 37 53.15 38.99 -21.50
CA GLY NA 37 52.11 39.41 -22.40
C GLY NA 37 52.69 40.00 -23.67
N TYR NA 38 53.30 39.14 -24.50
CA TYR NA 38 54.11 39.64 -25.61
C TYR NA 38 53.35 40.51 -26.61
N PRO NA 39 52.17 40.14 -27.11
CA PRO NA 39 51.48 41.06 -28.02
C PRO NA 39 51.13 42.39 -27.38
N ALA NA 40 50.92 42.41 -26.07
CA ALA NA 40 50.67 43.67 -25.38
C ALA NA 40 51.93 44.51 -25.32
N LYS NA 41 51.75 45.83 -25.31
CA LYS NA 41 52.90 46.74 -25.32
C LYS NA 41 53.54 46.82 -23.95
N ARG NA 42 52.75 46.65 -22.89
CA ARG NA 42 53.27 46.79 -21.55
C ARG NA 42 53.75 45.45 -21.00
N LYS NA 43 54.95 45.46 -20.43
CA LYS NA 43 55.47 44.30 -19.74
C LYS NA 43 54.60 44.00 -18.52
N ARG NA 44 54.06 42.78 -18.46
CA ARG NA 44 53.15 42.41 -17.40
C ARG NA 44 53.92 42.28 -16.09
N LYS NA 45 53.51 43.07 -15.09
CA LYS NA 45 54.13 43.04 -13.78
C LYS NA 45 53.06 43.26 -12.73
N TYR NA 46 53.09 42.46 -11.68
CA TYR NA 46 52.10 42.57 -10.62
C TYR NA 46 52.82 42.66 -9.28
N ASN NA 47 52.23 43.46 -8.38
CA ASN NA 47 52.83 43.70 -7.08
C ASN NA 47 52.55 42.60 -6.06
N TRP NA 48 51.73 41.62 -6.39
CA TRP NA 48 51.58 40.52 -5.44
C TRP NA 48 52.76 39.57 -5.45
N SER NA 49 53.64 39.64 -6.45
CA SER NA 49 54.86 38.85 -6.49
C SER NA 49 56.04 39.79 -6.73
N ALA NA 50 56.60 40.32 -5.65
CA ALA NA 50 57.82 41.11 -5.77
C ALA NA 50 58.99 40.23 -6.20
N LYS NA 51 58.92 38.93 -5.90
CA LYS NA 51 59.96 38.00 -6.35
C LYS NA 51 60.00 37.91 -7.87
N ALA NA 52 58.83 37.83 -8.50
CA ALA NA 52 58.78 37.86 -9.95
C ALA NA 52 59.25 39.20 -10.49
N LYS NA 53 59.09 40.27 -9.70
CA LYS NA 53 59.63 41.56 -10.12
C LYS NA 53 61.15 41.54 -10.12
N ARG NA 54 61.77 41.09 -9.03
CA ARG NA 54 63.22 41.09 -8.99
C ARG NA 54 63.84 40.02 -9.88
N ARG NA 55 63.05 39.07 -10.36
CA ARG NA 55 63.61 38.15 -11.35
C ARG NA 55 63.81 38.83 -12.70
N ASN NA 56 63.01 39.86 -13.01
CA ASN NA 56 63.14 40.54 -14.30
C ASN NA 56 63.17 42.05 -14.18
N THR NA 57 63.75 42.58 -13.11
CA THR NA 57 63.83 44.02 -12.94
C THR NA 57 65.10 44.54 -13.61
N THR NA 58 65.33 45.85 -13.52
CA THR NA 58 66.58 46.42 -13.98
C THR NA 58 67.73 45.93 -13.12
N GLY NA 59 68.89 45.76 -13.76
CA GLY NA 59 70.08 45.35 -13.07
C GLY NA 59 70.31 43.86 -13.01
N THR NA 60 69.28 43.06 -13.28
CA THR NA 60 69.45 41.62 -13.41
C THR NA 60 69.91 41.21 -14.79
N GLY NA 61 70.01 42.15 -15.71
CA GLY NA 61 70.45 41.86 -17.06
C GLY NA 61 71.86 42.34 -17.32
N ARG NA 62 72.06 42.96 -18.47
CA ARG NA 62 73.39 43.45 -18.83
C ARG NA 62 73.53 44.95 -18.68
N MET NA 63 72.44 45.70 -18.85
CA MET NA 63 72.44 47.16 -18.79
C MET NA 63 73.45 47.75 -19.77
N ARG NA 64 73.29 47.42 -21.05
CA ARG NA 64 74.22 47.87 -22.08
C ARG NA 64 74.29 49.39 -22.15
N HIS NA 65 73.17 50.07 -21.90
CA HIS NA 65 73.13 51.52 -21.99
C HIS NA 65 73.05 52.19 -20.63
N LEU NA 66 72.51 51.53 -19.61
CA LEU NA 66 72.44 52.17 -18.30
C LEU NA 66 73.81 52.29 -17.66
N LYS NA 67 74.70 51.31 -17.89
CA LYS NA 67 76.04 51.41 -17.34
C LYS NA 67 76.77 52.63 -17.88
N ILE NA 68 76.69 52.86 -19.19
CA ILE NA 68 77.43 53.95 -19.78
C ILE NA 68 76.83 55.30 -19.41
N VAL NA 69 75.50 55.36 -19.24
CA VAL NA 69 74.90 56.64 -18.86
C VAL NA 69 75.14 56.91 -17.39
N TYR NA 70 75.33 55.86 -16.59
CA TYR NA 70 75.78 56.07 -15.22
C TYR NA 70 77.21 56.56 -15.17
N ARG NA 71 78.07 56.00 -16.03
CA ARG NA 71 79.47 56.40 -16.07
C ARG NA 71 79.62 57.83 -16.59
N ARG NA 72 78.88 58.18 -17.64
CA ARG NA 72 78.91 59.54 -18.17
C ARG NA 72 78.29 60.54 -17.23
N PHE NA 73 77.50 60.10 -16.24
CA PHE NA 73 76.82 61.03 -15.35
C PHE NA 73 77.80 61.77 -14.45
N ARG NA 74 78.87 61.10 -14.01
CA ARG NA 74 79.82 61.73 -13.09
C ARG NA 74 80.76 62.70 -13.78
N HIS NA 75 80.50 63.07 -15.03
CA HIS NA 75 81.24 64.11 -15.72
C HIS NA 75 80.32 65.02 -16.53
N GLY NA 76 79.04 65.03 -16.17
CA GLY NA 76 78.11 65.98 -16.77
C GLY NA 76 77.64 65.64 -18.16
N PHE NA 77 77.78 64.38 -18.57
CA PHE NA 77 77.34 63.93 -19.89
C PHE NA 77 78.01 64.74 -21.00
N ARG NA 78 79.32 64.94 -20.87
CA ARG NA 78 80.06 65.70 -21.86
C ARG NA 78 80.12 64.94 -23.18
N GLU NA 79 80.30 65.68 -24.26
CA GLU NA 79 80.53 65.11 -25.58
C GLU NA 79 81.16 66.15 -26.47
N GLY NA 80 81.67 65.71 -27.62
CA GLY NA 80 82.29 66.61 -28.57
C GLY NA 80 83.56 67.21 -28.03
N THR NA 81 84.31 66.44 -27.24
CA THR NA 81 85.56 66.91 -26.67
C THR NA 81 86.48 65.73 -26.39
N THR NA 82 87.77 66.01 -26.31
CA THR NA 82 88.80 65.02 -26.07
C THR NA 82 89.81 65.55 -25.06
N PRO NA 83 90.49 64.65 -24.34
CA PRO NA 83 91.58 65.10 -23.46
C PRO NA 83 92.68 65.79 -24.23
N LYS NA 84 93.37 66.73 -23.60
CA LYS NA 84 94.44 67.46 -24.26
C LYS NA 84 95.55 66.49 -24.64
N PRO NA 85 95.90 66.36 -25.92
CA PRO NA 85 96.88 65.34 -26.32
C PRO NA 85 98.25 65.62 -25.74
N LYS NA 86 98.96 64.54 -25.42
CA LYS NA 86 100.29 64.63 -24.83
C LYS NA 86 101.28 65.29 -25.78
N PRO OA 1 64.44 10.72 -73.64
CA PRO OA 1 65.16 10.44 -74.88
C PRO OA 1 64.26 10.45 -76.10
N ARG OA 2 64.84 10.42 -77.29
CA ARG OA 2 64.08 10.40 -78.52
C ARG OA 2 64.69 9.37 -79.47
N LYS OA 3 63.86 8.90 -80.39
CA LYS OA 3 64.27 7.92 -81.38
C LYS OA 3 64.22 8.58 -82.75
N ILE OA 4 65.36 8.58 -83.44
CA ILE OA 4 65.42 9.07 -84.81
C ILE OA 4 65.14 7.90 -85.75
N GLU OA 5 64.21 8.10 -86.67
CA GLU OA 5 63.73 7.01 -87.51
C GLU OA 5 64.49 6.88 -88.82
N GLU OA 6 65.17 7.94 -89.26
CA GLU OA 6 65.74 7.94 -90.60
C GLU OA 6 67.10 8.61 -90.58
N ILE OA 7 67.97 8.17 -91.50
CA ILE OA 7 69.39 8.51 -91.45
C ILE OA 7 69.62 10.00 -91.67
N LYS OA 8 68.89 10.60 -92.61
CA LYS OA 8 69.11 12.00 -92.94
C LYS OA 8 68.80 12.91 -91.76
N ASP OA 9 67.74 12.61 -91.01
CA ASP OA 9 67.45 13.38 -89.82
C ASP OA 9 68.57 13.26 -88.80
N PHE OA 10 69.15 12.06 -88.66
CA PHE OA 10 70.29 11.89 -87.77
C PHE OA 10 71.47 12.74 -88.22
N LEU OA 11 71.75 12.75 -89.53
CA LEU OA 11 72.87 13.54 -90.03
C LEU OA 11 72.65 15.03 -89.78
N LEU OA 12 71.42 15.50 -89.99
CA LEU OA 12 71.15 16.92 -89.80
C LEU OA 12 71.20 17.31 -88.33
N THR OA 13 70.64 16.48 -87.45
CA THR OA 13 70.68 16.82 -86.02
C THR OA 13 72.06 16.62 -85.43
N ALA OA 14 72.91 15.84 -86.11
CA ALA OA 14 74.27 15.65 -85.62
C ALA OA 14 75.11 16.91 -85.76
N ARG OA 15 74.90 17.69 -86.82
CA ARG OA 15 75.65 18.91 -87.04
C ARG OA 15 75.08 20.09 -86.26
N ARG OA 16 74.21 19.83 -85.28
CA ARG OA 16 73.73 20.89 -84.42
C ARG OA 16 74.85 21.40 -83.52
N LYS OA 17 74.74 22.66 -83.12
CA LYS OA 17 75.79 23.25 -82.29
C LYS OA 17 75.73 22.76 -80.84
N ASP OA 18 74.60 22.21 -80.41
CA ASP OA 18 74.48 21.68 -79.06
C ASP OA 18 74.69 20.18 -79.00
N ALA OA 19 75.04 19.54 -80.12
CA ALA OA 19 75.36 18.11 -80.13
C ALA OA 19 76.69 17.92 -79.43
N LYS OA 20 76.65 17.53 -78.16
CA LYS OA 20 77.87 17.44 -77.38
C LYS OA 20 78.71 16.22 -77.78
N SER OA 21 78.06 15.11 -78.10
CA SER OA 21 78.77 13.88 -78.40
C SER OA 21 77.83 12.91 -79.11
N VAL OA 22 78.38 11.82 -79.62
CA VAL OA 22 77.61 10.73 -80.17
C VAL OA 22 78.25 9.41 -79.75
N LYS OA 23 77.43 8.47 -79.32
CA LYS OA 23 77.88 7.15 -78.89
C LYS OA 23 77.71 6.18 -80.03
N ILE OA 24 78.48 5.09 -80.00
CA ILE OA 24 78.33 3.99 -80.94
C ILE OA 24 78.28 2.70 -80.13
N LYS OA 25 77.13 2.03 -80.18
CA LYS OA 25 76.93 0.78 -79.46
C LYS OA 25 76.72 -0.34 -80.47
N LYS OA 26 77.69 -1.25 -80.55
CA LYS OA 26 77.61 -2.39 -81.45
C LYS OA 26 76.92 -3.52 -80.69
N ASN OA 27 75.61 -3.62 -80.86
CA ASN OA 27 74.84 -4.69 -80.28
C ASN OA 27 74.86 -5.92 -81.17
N LYS OA 28 74.14 -6.96 -80.74
CA LYS OA 28 74.14 -8.20 -81.50
C LYS OA 28 73.26 -8.09 -82.74
N ASP OA 29 72.13 -7.38 -82.64
CA ASP OA 29 71.19 -7.30 -83.74
C ASP OA 29 71.13 -5.94 -84.41
N ASN OA 30 71.80 -4.92 -83.86
CA ASN OA 30 71.70 -3.58 -84.39
C ASN OA 30 72.84 -2.74 -83.86
N VAL OA 31 72.94 -1.51 -84.36
CA VAL OA 31 73.89 -0.52 -83.89
C VAL OA 31 73.11 0.74 -83.52
N LYS OA 32 73.32 1.25 -82.32
CA LYS OA 32 72.61 2.42 -81.82
C LYS OA 32 73.55 3.61 -81.82
N PHE OA 33 73.16 4.66 -82.53
CA PHE OA 33 73.94 5.88 -82.61
C PHE OA 33 73.29 6.92 -81.70
N LYS OA 34 73.92 7.20 -80.57
CA LYS OA 34 73.29 7.96 -79.49
C LYS OA 34 73.90 9.35 -79.43
N VAL OA 35 73.33 10.29 -80.17
CA VAL OA 35 73.80 11.67 -80.13
C VAL OA 35 73.18 12.36 -78.92
N ARG OA 36 74.00 13.10 -78.19
CA ARG OA 36 73.63 13.74 -76.93
C ARG OA 36 73.44 15.22 -77.19
N CYS OA 37 72.21 15.62 -77.44
CA CYS OA 37 71.87 17.01 -77.63
C CYS OA 37 71.67 17.66 -76.27
N SER OA 38 71.14 18.89 -76.25
CA SER OA 38 71.02 19.60 -74.99
C SER OA 38 70.01 18.94 -74.07
N ARG OA 39 68.80 18.65 -74.56
CA ARG OA 39 67.77 18.05 -73.73
C ARG OA 39 67.42 16.62 -74.14
N TYR OA 40 67.74 16.22 -75.37
CA TYR OA 40 67.26 14.95 -75.89
C TYR OA 40 68.42 14.12 -76.41
N LEU OA 41 68.48 12.88 -75.94
CA LEU OA 41 69.39 11.87 -76.46
C LEU OA 41 68.69 11.13 -77.59
N TYR OA 42 69.12 11.39 -78.82
CA TYR OA 42 68.53 10.78 -80.00
C TYR OA 42 69.30 9.50 -80.34
N THR OA 43 68.56 8.41 -80.52
CA THR OA 43 69.15 7.11 -80.85
C THR OA 43 68.66 6.68 -82.23
N LEU OA 44 69.60 6.42 -83.12
CA LEU OA 44 69.30 5.93 -84.46
C LEU OA 44 69.71 4.47 -84.53
N VAL OA 45 68.74 3.58 -84.41
CA VAL OA 45 68.99 2.15 -84.43
C VAL OA 45 69.03 1.70 -85.89
N ILE OA 46 70.23 1.42 -86.39
CA ILE OA 46 70.41 0.91 -87.74
C ILE OA 46 70.39 -0.61 -87.67
N THR OA 47 69.73 -1.23 -88.64
CA THR OA 47 69.49 -2.66 -88.57
C THR OA 47 70.61 -3.46 -89.22
N ASP OA 48 70.97 -3.12 -90.46
CA ASP OA 48 72.00 -3.84 -91.18
C ASP OA 48 73.38 -3.40 -90.70
N LYS OA 49 74.42 -3.82 -91.42
CA LYS OA 49 75.80 -3.63 -90.96
C LYS OA 49 76.58 -2.61 -91.76
N GLU OA 50 76.55 -2.67 -93.10
CA GLU OA 50 77.37 -1.77 -93.89
C GLU OA 50 76.93 -0.32 -93.71
N LYS OA 51 75.63 -0.09 -93.55
CA LYS OA 51 75.14 1.27 -93.36
C LYS OA 51 75.67 1.89 -92.09
N ALA OA 52 75.91 1.07 -91.05
CA ALA OA 52 76.48 1.60 -89.82
C ALA OA 52 77.86 2.21 -90.07
N GLU OA 53 78.73 1.51 -90.78
CA GLU OA 53 80.06 2.07 -91.00
C GLU OA 53 80.06 3.17 -92.06
N LYS OA 54 79.18 3.12 -93.06
CA LYS OA 54 79.15 4.24 -94.00
C LYS OA 54 78.60 5.49 -93.33
N LEU OA 55 77.74 5.32 -92.33
CA LEU OA 55 77.39 6.43 -91.45
C LEU OA 55 78.61 6.84 -90.62
N LYS OA 56 79.41 5.87 -90.20
CA LYS OA 56 80.53 6.14 -89.29
C LYS OA 56 81.57 7.06 -89.92
N GLN OA 57 82.01 6.76 -91.15
CA GLN OA 57 82.96 7.68 -91.75
C GLN OA 57 82.31 8.92 -92.35
N SER OA 58 80.98 9.00 -92.38
CA SER OA 58 80.30 10.20 -92.84
C SER OA 58 79.88 11.11 -91.70
N LEU OA 59 80.32 10.81 -90.47
CA LEU OA 59 80.04 11.67 -89.35
C LEU OA 59 80.88 12.94 -89.44
N PRO OA 60 80.31 14.10 -89.10
CA PRO OA 60 81.09 15.33 -89.19
C PRO OA 60 82.15 15.39 -88.12
N PRO OA 61 83.35 15.86 -88.44
CA PRO OA 61 84.41 16.00 -87.45
C PRO OA 61 84.11 17.17 -86.51
N GLY OA 62 84.96 17.31 -85.50
CA GLY OA 62 84.72 18.29 -84.46
C GLY OA 62 83.71 17.84 -83.42
N LEU OA 63 83.34 16.57 -83.46
CA LEU OA 63 82.35 16.00 -82.56
C LEU OA 63 82.95 14.79 -81.87
N ALA OA 64 82.56 14.58 -80.62
CA ALA OA 64 83.02 13.39 -79.91
C ALA OA 64 82.30 12.16 -80.46
N VAL OA 65 83.08 11.18 -80.91
CA VAL OA 65 82.52 10.01 -81.58
C VAL OA 65 82.88 8.78 -80.75
N LYS OA 66 82.88 8.93 -79.43
CA LYS OA 66 83.31 7.86 -78.53
C LYS OA 66 82.49 6.60 -78.77
N GLU OA 67 83.19 5.47 -78.89
CA GLU OA 67 82.57 4.17 -79.08
C GLU OA 67 82.47 3.47 -77.74
N LEU OA 68 81.32 2.84 -77.48
CA LEU OA 68 81.06 2.22 -76.18
C LEU OA 68 81.90 0.98 -75.93
N LYS OA 69 82.80 0.62 -76.84
CA LYS OA 69 83.78 -0.42 -76.55
C LYS OA 69 85.18 0.12 -76.80
N SER PA 1 61.62 15.37 -33.19
CA SER PA 1 61.07 15.77 -34.47
C SER PA 1 62.17 16.08 -35.44
N SER PA 2 62.20 15.34 -36.56
CA SER PA 2 63.15 15.68 -37.62
C SER PA 2 62.90 17.08 -38.14
N HIS PA 3 61.63 17.44 -38.33
CA HIS PA 3 61.28 18.82 -38.66
C HIS PA 3 61.57 19.71 -37.46
N LYS PA 4 62.23 20.84 -37.73
CA LYS PA 4 62.46 21.84 -36.70
C LYS PA 4 62.78 23.16 -37.38
N THR PA 5 62.25 24.25 -36.84
CA THR PA 5 62.53 25.54 -37.43
C THR PA 5 63.91 26.02 -36.98
N PHE PA 6 64.33 27.17 -37.49
CA PHE PA 6 65.70 27.62 -37.28
C PHE PA 6 65.98 27.95 -35.82
N ARG PA 7 64.96 28.45 -35.10
CA ARG PA 7 65.16 28.86 -33.72
C ARG PA 7 65.46 27.68 -32.82
N ILE PA 8 64.70 26.59 -32.93
CA ILE PA 8 65.00 25.40 -32.15
C ILE PA 8 66.39 24.88 -32.51
N LYS PA 9 66.76 24.93 -33.78
CA LYS PA 9 68.06 24.40 -34.15
C LYS PA 9 69.20 25.23 -33.56
N ARG PA 10 69.10 26.56 -33.60
CA ARG PA 10 70.19 27.35 -33.02
C ARG PA 10 70.23 27.23 -31.50
N PHE PA 11 69.07 27.11 -30.85
CA PHE PA 11 69.06 26.94 -29.40
C PHE PA 11 69.67 25.60 -29.01
N LEU PA 12 69.32 24.54 -29.74
CA LEU PA 12 69.89 23.22 -29.46
C LEU PA 12 71.37 23.18 -29.79
N ALA PA 13 71.81 23.91 -30.81
CA ALA PA 13 73.23 24.02 -31.09
C ALA PA 13 73.96 24.70 -29.93
N LYS PA 14 73.35 25.76 -29.38
CA LYS PA 14 73.94 26.42 -28.23
C LYS PA 14 74.04 25.46 -27.04
N LYS PA 15 72.99 24.69 -26.78
CA LYS PA 15 73.03 23.75 -25.67
C LYS PA 15 74.07 22.66 -25.90
N GLN PA 16 74.20 22.19 -27.15
CA GLN PA 16 75.19 21.19 -27.48
C GLN PA 16 76.61 21.71 -27.26
N LYS PA 17 76.87 22.96 -27.69
CA LYS PA 17 78.19 23.55 -27.51
C LYS PA 17 78.47 23.81 -26.03
N GLN PA 18 77.42 24.08 -25.27
CA GLN PA 18 77.53 24.44 -23.86
C GLN PA 18 77.67 23.24 -22.93
N ASN PA 19 77.44 22.02 -23.42
CA ASN PA 19 77.52 20.81 -22.61
C ASN PA 19 78.87 20.13 -22.89
N ARG PA 20 79.90 20.60 -22.19
CA ARG PA 20 81.25 20.12 -22.45
C ARG PA 20 82.06 20.18 -21.17
N PRO PA 21 82.91 19.19 -20.90
CA PRO PA 21 83.75 19.24 -19.71
C PRO PA 21 84.70 20.42 -19.73
N ILE PA 22 85.04 20.90 -18.54
CA ILE PA 22 85.95 22.02 -18.38
C ILE PA 22 87.33 21.62 -18.87
N PRO PA 23 88.15 22.56 -19.34
CA PRO PA 23 89.53 22.22 -19.69
C PRO PA 23 90.31 21.81 -18.45
N GLN PA 24 91.29 20.93 -18.65
CA GLN PA 24 92.10 20.50 -17.53
C GLN PA 24 93.01 21.61 -17.04
N TRP PA 25 93.47 22.48 -17.94
CA TRP PA 25 94.37 23.55 -17.54
C TRP PA 25 93.70 24.63 -16.70
N ILE PA 26 92.37 24.61 -16.60
CA ILE PA 26 91.71 25.59 -15.75
C ILE PA 26 91.96 25.30 -14.27
N ARG PA 27 92.32 24.05 -13.94
CA ARG PA 27 92.58 23.69 -12.56
C ARG PA 27 93.82 24.40 -12.02
N MET PA 28 94.87 24.49 -12.83
CA MET PA 28 96.15 25.00 -12.36
C MET PA 28 96.15 26.51 -12.16
N LYS PA 29 95.06 27.20 -12.46
CA LYS PA 29 95.02 28.66 -12.30
C LYS PA 29 95.10 29.05 -10.83
N THR PA 30 95.07 30.36 -10.61
CA THR PA 30 95.21 30.92 -9.26
C THR PA 30 93.85 31.35 -8.72
N GLY PA 31 93.42 30.72 -7.64
CA GLY PA 31 92.14 31.06 -7.03
C GLY PA 31 90.95 30.63 -7.85
N ASN PA 32 90.72 29.32 -7.94
CA ASN PA 32 89.69 28.80 -8.84
C ASN PA 32 88.43 28.35 -8.13
N LYS PA 33 88.57 27.48 -7.12
CA LYS PA 33 87.43 26.92 -6.39
C LYS PA 33 86.50 26.12 -7.30
N ILE PA 34 86.98 25.72 -8.47
CA ILE PA 34 86.16 25.01 -9.44
C ILE PA 34 86.79 23.63 -9.68
N ARG PA 35 85.96 22.60 -9.57
CA ARG PA 35 86.42 21.22 -9.74
C ARG PA 35 86.01 20.64 -11.08
N TYR PA 36 84.76 20.86 -11.49
CA TYR PA 36 84.22 20.28 -12.71
C TYR PA 36 83.05 21.12 -13.17
N ASN PA 37 82.58 20.86 -14.38
CA ASN PA 37 81.40 21.55 -14.90
C ASN PA 37 80.19 21.06 -14.13
N SER PA 38 79.68 21.91 -13.23
CA SER PA 38 78.51 21.56 -12.44
C SER PA 38 77.21 21.71 -13.23
N LYS PA 39 77.27 22.26 -14.44
CA LYS PA 39 76.08 22.47 -15.25
C LYS PA 39 75.90 21.38 -16.31
N ARG PA 40 76.62 20.27 -16.19
CA ARG PA 40 76.56 19.22 -17.20
C ARG PA 40 75.15 18.65 -17.29
N ARG PA 41 74.75 18.30 -18.51
CA ARG PA 41 73.39 17.88 -18.77
C ARG PA 41 73.39 16.64 -19.65
N HIS PA 42 72.78 15.57 -19.14
CA HIS PA 42 72.61 14.33 -19.89
C HIS PA 42 71.18 14.26 -20.39
N TRP PA 43 71.02 13.88 -21.66
CA TRP PA 43 69.72 13.97 -22.32
C TRP PA 43 68.66 13.09 -21.66
N ARG PA 44 69.05 11.98 -21.02
CA ARG PA 44 68.06 11.15 -20.36
C ARG PA 44 67.61 11.75 -19.03
N ARG PA 45 68.53 12.33 -18.26
CA ARG PA 45 68.21 12.68 -16.88
C ARG PA 45 67.39 13.96 -16.80
N THR PA 46 67.95 15.07 -17.25
CA THR PA 46 67.26 16.36 -17.18
C THR PA 46 66.90 16.80 -18.60
N LYS PA 47 65.61 16.98 -18.83
CA LYS PA 47 65.13 17.38 -20.14
C LYS PA 47 65.22 18.90 -20.29
N LEU PA 48 65.40 19.34 -21.52
CA LEU PA 48 65.50 20.76 -21.82
C LEU PA 48 64.18 21.46 -21.49
N GLY PA 49 64.29 22.76 -21.25
CA GLY PA 49 63.12 23.52 -20.80
C GLY PA 49 61.99 23.53 -21.81
N LEU PA 50 62.32 23.72 -23.09
CA LEU PA 50 61.28 23.81 -24.11
C LEU PA 50 60.69 22.43 -24.37
N ILE QA 1 7.44 -69.06 43.59
CA ILE QA 1 6.67 -68.70 44.78
C ILE QA 1 7.57 -68.72 46.00
N ILE QA 2 7.21 -67.91 47.00
CA ILE QA 2 7.97 -67.77 48.24
C ILE QA 2 7.01 -67.92 49.40
N GLU QA 3 7.42 -68.70 50.40
CA GLU QA 3 6.64 -68.84 51.61
C GLU QA 3 6.85 -67.60 52.49
N PRO QA 4 5.86 -67.24 53.32
CA PRO QA 4 5.90 -65.91 53.96
C PRO QA 4 7.15 -65.62 54.78
N SER QA 5 7.67 -66.59 55.54
CA SER QA 5 8.74 -66.29 56.48
C SER QA 5 9.99 -65.82 55.77
N LEU QA 6 10.36 -66.49 54.69
CA LEU QA 6 11.49 -66.03 53.90
C LEU QA 6 11.20 -64.68 53.26
N ARG QA 7 9.94 -64.38 53.00
CA ARG QA 7 9.60 -63.07 52.44
C ARG QA 7 9.82 -61.96 53.46
N GLN QA 8 9.42 -62.16 54.72
CA GLN QA 8 9.78 -61.17 55.73
C GLN QA 8 11.28 -61.11 55.94
N LEU QA 9 11.97 -62.25 55.82
CA LEU QA 9 13.43 -62.24 55.90
C LEU QA 9 14.04 -61.37 54.82
N ALA QA 10 13.53 -61.48 53.59
CA ALA QA 10 14.08 -60.67 52.51
C ALA QA 10 13.70 -59.20 52.65
N GLN QA 11 12.44 -58.93 52.98
CA GLN QA 11 12.01 -57.54 53.08
C GLN QA 11 12.61 -56.85 54.29
N LYS QA 12 13.07 -57.60 55.28
CA LYS QA 12 13.86 -57.00 56.36
C LYS QA 12 15.15 -56.40 55.83
N TYR QA 13 15.69 -56.97 54.76
CA TYR QA 13 16.91 -56.48 54.14
C TYR QA 13 16.66 -55.54 52.97
N ASN QA 14 15.46 -55.51 52.43
CA ASN QA 14 15.19 -54.74 51.23
C ASN QA 14 14.16 -53.64 51.39
N CYS QA 15 13.06 -53.90 52.10
CA CYS QA 15 11.87 -53.08 52.00
C CYS QA 15 11.57 -52.24 53.23
N ASP QA 16 11.76 -52.79 54.42
CA ASP QA 16 11.34 -52.09 55.63
C ASP QA 16 12.40 -51.09 56.09
N LYS QA 17 12.55 -49.99 55.37
CA LYS QA 17 13.62 -49.06 55.64
C LYS QA 17 13.09 -47.64 55.55
N MET QA 18 13.74 -46.74 56.29
CA MET QA 18 13.49 -45.32 56.14
C MET QA 18 14.26 -44.79 54.94
N ILE QA 19 13.70 -43.76 54.31
CA ILE QA 19 14.32 -43.10 53.16
C ILE QA 19 14.34 -41.61 53.44
N CYS QA 20 15.51 -41.01 53.33
CA CYS QA 20 15.64 -39.58 53.55
C CYS QA 20 14.91 -38.83 52.45
N ARG QA 21 14.17 -37.77 52.81
CA ARG QA 21 13.49 -37.00 51.79
C ARG QA 21 14.43 -36.10 51.01
N LYS QA 22 15.55 -35.69 51.62
CA LYS QA 22 16.47 -34.76 50.98
C LYS QA 22 17.43 -35.46 50.03
N CYS QA 23 18.00 -36.59 50.45
CA CYS QA 23 19.04 -37.26 49.68
C CYS QA 23 18.70 -38.70 49.33
N TYR QA 24 17.49 -39.15 49.63
CA TYR QA 24 16.96 -40.45 49.20
C TYR QA 24 17.74 -41.63 49.77
N ALA QA 25 18.60 -41.41 50.76
CA ALA QA 25 19.45 -42.47 51.26
C ALA QA 25 18.62 -43.55 51.94
N ARG QA 26 19.17 -44.76 51.95
CA ARG QA 26 18.53 -45.92 52.55
C ARG QA 26 18.97 -46.04 54.00
N LEU QA 27 18.02 -46.00 54.92
CA LEU QA 27 18.28 -45.98 56.35
C LEU QA 27 17.51 -47.08 57.05
N HIS QA 28 18.04 -47.54 58.17
CA HIS QA 28 17.34 -48.55 58.96
C HIS QA 28 16.02 -47.97 59.48
N PRO QA 29 14.99 -48.80 59.61
CA PRO QA 29 13.62 -48.27 59.82
C PRO QA 29 13.44 -47.50 61.10
N ARG QA 30 14.31 -47.69 62.09
CA ARG QA 30 14.23 -47.01 63.37
C ARG QA 30 15.25 -45.87 63.45
N ALA QA 31 15.57 -45.24 62.33
CA ALA QA 31 16.43 -44.07 62.33
C ALA QA 31 15.60 -42.79 62.40
N VAL QA 32 16.20 -41.75 62.99
CA VAL QA 32 15.55 -40.46 63.09
C VAL QA 32 16.25 -39.38 62.25
N ASN QA 33 17.57 -39.42 62.15
CA ASN QA 33 18.33 -38.44 61.39
C ASN QA 33 19.17 -39.16 60.35
N CYS QA 34 19.21 -38.60 59.15
CA CYS QA 34 19.98 -39.23 58.08
C CYS QA 34 21.46 -39.22 58.42
N ARG QA 35 22.12 -40.33 58.10
CA ARG QA 35 23.49 -40.56 58.53
C ARG QA 35 24.52 -39.88 57.65
N LYS QA 36 24.09 -39.16 56.61
CA LYS QA 36 24.99 -38.71 55.56
C LYS QA 36 24.96 -37.19 55.47
N LYS QA 37 26.15 -36.61 55.31
CA LYS QA 37 26.36 -35.18 55.54
C LYS QA 37 25.80 -34.32 54.41
N LYS QA 38 25.59 -34.88 53.23
CA LYS QA 38 25.15 -34.06 52.10
C LYS QA 38 23.71 -33.59 52.24
N CYS QA 39 22.90 -34.29 53.03
CA CYS QA 39 21.55 -33.85 53.35
C CYS QA 39 21.51 -33.02 54.62
N GLY QA 40 22.66 -32.74 55.21
CA GLY QA 40 22.71 -31.97 56.44
C GLY QA 40 22.28 -32.73 57.67
N HIS QA 41 22.36 -34.06 57.64
CA HIS QA 41 21.92 -34.91 58.75
C HIS QA 41 20.48 -34.59 59.14
N THR QA 42 19.63 -34.40 58.14
CA THR QA 42 18.28 -33.92 58.40
C THR QA 42 17.46 -34.95 59.15
N ASN QA 43 16.59 -34.47 60.03
CA ASN QA 43 15.65 -35.30 60.75
C ASN QA 43 14.37 -35.54 59.98
N ASN QA 44 14.38 -35.34 58.67
CA ASN QA 44 13.18 -35.37 57.85
C ASN QA 44 13.22 -36.65 57.01
N LEU QA 45 12.58 -37.70 57.53
CA LEU QA 45 12.60 -39.03 56.93
C LEU QA 45 11.19 -39.40 56.49
N ARG QA 46 11.09 -40.42 55.67
CA ARG QA 46 9.81 -41.01 55.28
C ARG QA 46 9.98 -42.51 55.13
N PRO QA 47 8.93 -43.28 55.36
CA PRO QA 47 9.03 -44.73 55.15
C PRO QA 47 9.16 -45.07 53.67
N LYS QA 48 9.87 -46.16 53.40
CA LYS QA 48 9.97 -46.66 52.04
C LYS QA 48 8.62 -47.14 51.56
N LYS QA 49 8.22 -46.70 50.37
CA LYS QA 49 6.92 -47.07 49.84
C LYS QA 49 6.91 -48.54 49.43
N LYS QA 50 5.75 -49.17 49.55
CA LYS QA 50 5.59 -50.59 49.28
C LYS QA 50 4.89 -50.80 47.94
N VAL QA 51 4.96 -52.04 47.46
CA VAL QA 51 4.31 -52.40 46.20
C VAL QA 51 2.81 -52.56 46.35
N LYS QA 52 2.28 -52.39 47.56
CA LYS QA 52 0.85 -52.53 47.80
C LYS QA 52 0.11 -51.27 47.36
N MET RA 1 -35.71 -9.44 -18.65
CA MET RA 1 -35.07 -8.17 -18.95
C MET RA 1 -34.75 -8.04 -20.43
N ARG RA 2 -34.38 -6.83 -20.84
CA ARG RA 2 -34.17 -6.53 -22.25
C ARG RA 2 -32.96 -7.29 -22.78
N ALA RA 3 -33.10 -7.84 -23.99
CA ALA RA 3 -32.07 -8.72 -24.52
C ALA RA 3 -30.80 -7.96 -24.89
N LYS RA 4 -30.94 -6.70 -25.31
CA LYS RA 4 -29.76 -5.91 -25.64
C LYS RA 4 -28.85 -5.75 -24.43
N TRP RA 5 -29.43 -5.47 -23.26
CA TRP RA 5 -28.62 -5.39 -22.05
C TRP RA 5 -28.09 -6.75 -21.63
N ARG RA 6 -28.86 -7.83 -21.88
CA ARG RA 6 -28.34 -9.17 -21.65
C ARG RA 6 -27.07 -9.41 -22.43
N LYS RA 7 -27.08 -9.09 -23.72
CA LYS RA 7 -25.89 -9.34 -24.52
C LYS RA 7 -24.78 -8.34 -24.24
N LYS RA 8 -25.11 -7.13 -23.78
CA LYS RA 8 -24.06 -6.23 -23.35
C LYS RA 8 -23.37 -6.77 -22.12
N ARG RA 9 -24.14 -7.34 -21.19
CA ARG RA 9 -23.58 -7.99 -20.02
C ARG RA 9 -22.73 -9.20 -20.43
N MET RA 10 -23.21 -9.94 -21.43
CA MET RA 10 -22.46 -11.07 -21.96
C MET RA 10 -21.12 -10.60 -22.53
N ARG RA 11 -21.12 -9.49 -23.27
CA ARG RA 11 -19.88 -8.96 -23.81
C ARG RA 11 -18.94 -8.50 -22.71
N ARG RA 12 -19.48 -7.87 -21.67
CA ARG RA 12 -18.65 -7.43 -20.55
C ARG RA 12 -17.99 -8.63 -19.86
N LEU RA 13 -18.78 -9.65 -19.52
CA LEU RA 13 -18.21 -10.80 -18.83
C LEU RA 13 -17.31 -11.61 -19.76
N LYS RA 14 -17.57 -11.56 -21.07
CA LYS RA 14 -16.71 -12.24 -22.02
C LYS RA 14 -15.37 -11.55 -22.14
N ARG RA 15 -15.36 -10.21 -22.07
CA ARG RA 15 -14.09 -9.48 -22.00
C ARG RA 15 -13.35 -9.79 -20.70
N LYS RA 16 -14.09 -9.89 -19.60
CA LYS RA 16 -13.47 -10.25 -18.33
C LYS RA 16 -12.80 -11.62 -18.40
N ARG RA 17 -13.49 -12.60 -18.96
CA ARG RA 17 -12.89 -13.93 -19.04
C ARG RA 17 -11.82 -14.02 -20.11
N ARG RA 18 -11.88 -13.19 -21.16
CA ARG RA 18 -10.76 -13.13 -22.10
C ARG RA 18 -9.52 -12.57 -21.42
N LYS RA 19 -9.70 -11.54 -20.59
CA LYS RA 19 -8.56 -10.99 -19.84
C LYS RA 19 -7.99 -12.03 -18.90
N MET RA 20 -8.85 -12.76 -18.18
CA MET RA 20 -8.35 -13.79 -17.26
C MET RA 20 -7.68 -14.92 -18.03
N ARG RA 21 -8.21 -15.27 -19.20
CA ARG RA 21 -7.61 -16.33 -20.00
C ARG RA 21 -6.23 -15.95 -20.52
N GLN RA 22 -6.10 -14.72 -21.01
CA GLN RA 22 -4.79 -14.25 -21.45
C GLN RA 22 -3.84 -14.13 -20.27
N ARG RA 23 -4.36 -13.87 -19.08
CA ARG RA 23 -3.51 -13.74 -17.89
C ARG RA 23 -2.71 -15.01 -17.62
N SER RA 24 -3.31 -16.18 -17.88
CA SER RA 24 -2.60 -17.44 -17.67
C SER RA 24 -1.77 -17.80 -18.91
N VAL SA 1 -9.39 47.20 35.23
CA VAL SA 1 -9.54 48.14 36.34
C VAL SA 1 -10.37 49.34 35.89
N ASN SA 2 -10.92 50.06 36.87
CA ASN SA 2 -11.75 51.22 36.60
C ASN SA 2 -11.30 52.37 37.48
N VAL SA 3 -11.19 53.56 36.88
CA VAL SA 3 -10.83 54.76 37.64
C VAL SA 3 -11.77 55.89 37.24
N PRO SA 4 -12.23 56.70 38.18
CA PRO SA 4 -13.21 57.73 37.85
C PRO SA 4 -12.60 58.87 37.06
N LYS SA 5 -13.47 59.61 36.37
CA LYS SA 5 -13.05 60.70 35.50
C LYS SA 5 -12.49 61.89 36.27
N THR SA 6 -12.68 61.94 37.59
CA THR SA 6 -12.17 63.04 38.39
C THR SA 6 -11.46 62.47 39.60
N ARG SA 7 -10.48 63.22 40.10
CA ARG SA 7 -9.66 62.78 41.23
C ARG SA 7 -9.06 63.99 41.91
N ARG SA 8 -9.51 64.28 43.13
CA ARG SA 8 -8.93 65.38 43.90
C ARG SA 8 -7.59 64.92 44.44
N THR SA 9 -6.51 65.33 43.79
CA THR SA 9 -5.17 64.88 44.14
C THR SA 9 -4.24 66.08 44.20
N PHE SA 10 -3.06 65.87 44.77
CA PHE SA 10 -2.10 66.95 44.94
C PHE SA 10 -1.62 67.48 43.61
N CYS SA 11 -1.50 68.80 43.50
CA CYS SA 11 -1.05 69.47 42.29
C CYS SA 11 0.33 70.06 42.53
N LYS SA 12 1.24 69.84 41.58
CA LYS SA 12 2.60 70.33 41.74
C LYS SA 12 2.66 71.85 41.69
N LYS SA 13 2.05 72.46 40.68
CA LYS SA 13 2.16 73.90 40.53
C LYS SA 13 1.36 74.63 41.60
N CYS SA 14 0.16 74.13 41.92
CA CYS SA 14 -0.63 74.75 42.97
C CYS SA 14 -0.04 74.49 44.35
N GLY SA 15 0.74 73.44 44.50
CA GLY SA 15 1.27 73.09 45.81
C GLY SA 15 0.22 72.62 46.78
N LYS SA 16 -0.89 72.10 46.30
CA LYS SA 16 -2.02 71.71 47.13
C LYS SA 16 -2.91 70.78 46.34
N HIS SA 17 -3.76 70.04 47.04
CA HIS SA 17 -4.79 69.23 46.39
C HIS SA 17 -5.78 70.13 45.65
N GLN SA 18 -6.03 69.79 44.40
CA GLN SA 18 -7.01 70.38 43.52
C GLN SA 18 -7.68 69.22 42.79
N PRO SA 19 -8.88 69.42 42.25
CA PRO SA 19 -9.45 68.37 41.41
C PRO SA 19 -8.62 68.19 40.14
N HIS SA 20 -8.63 66.97 39.62
CA HIS SA 20 -7.82 66.62 38.46
C HIS SA 20 -8.65 65.73 37.54
N LYS SA 21 -8.92 66.21 36.33
CA LYS SA 21 -9.55 65.36 35.33
C LYS SA 21 -8.58 64.28 34.88
N VAL SA 22 -9.10 63.07 34.68
CA VAL SA 22 -8.27 61.91 34.35
C VAL SA 22 -8.63 61.42 32.97
N THR SA 23 -7.67 61.47 32.05
CA THR SA 23 -7.79 60.87 30.72
C THR SA 23 -6.72 59.79 30.59
N GLN SA 24 -6.73 59.09 29.47
CA GLN SA 24 -5.73 58.06 29.20
C GLN SA 24 -4.62 58.66 28.34
N TYR SA 25 -3.38 58.50 28.79
CA TYR SA 25 -2.23 58.95 28.00
C TYR SA 25 -2.09 58.16 26.71
N LYS SA 26 -1.87 58.89 25.62
CA LYS SA 26 -1.62 58.31 24.31
C LYS SA 26 -0.24 58.74 23.86
N LYS SA 27 0.58 57.77 23.44
CA LYS SA 27 1.87 58.08 22.89
C LYS SA 27 1.72 58.87 21.59
N GLY SA 28 2.43 59.98 21.48
CA GLY SA 28 2.29 60.85 20.34
C GLY SA 28 2.97 60.34 19.09
N LYS SA 29 2.64 60.99 17.98
CA LYS SA 29 3.23 60.64 16.70
C LYS SA 29 4.71 60.98 16.69
N ASP SA 30 5.50 60.15 16.00
CA ASP SA 30 6.93 60.39 15.88
C ASP SA 30 7.19 61.69 15.13
N SER SA 31 8.08 62.51 15.67
CA SER SA 31 8.29 63.86 15.14
C SER SA 31 9.08 63.87 13.85
N LEU SA 32 9.82 62.81 13.55
CA LEU SA 32 10.62 62.62 12.34
C LEU SA 32 11.81 63.57 12.28
N TYR SA 33 11.95 64.48 13.25
CA TYR SA 33 13.06 65.42 13.29
C TYR SA 33 13.80 65.39 14.61
N ALA SA 34 13.44 64.50 15.52
CA ALA SA 34 14.24 64.29 16.71
C ALA SA 34 15.58 63.65 16.32
N GLN SA 35 16.60 63.90 17.13
CA GLN SA 35 17.97 63.60 16.70
C GLN SA 35 18.18 62.12 16.44
N GLY SA 36 17.53 61.26 17.22
CA GLY SA 36 17.66 59.83 17.00
C GLY SA 36 17.06 59.38 15.69
N LYS SA 37 15.89 59.92 15.34
CA LYS SA 37 15.27 59.56 14.06
C LYS SA 37 16.07 60.13 12.90
N ARG SA 38 16.65 61.32 13.05
CA ARG SA 38 17.53 61.87 12.01
C ARG SA 38 18.75 61.00 11.81
N ARG SA 39 19.36 60.53 12.91
CA ARG SA 39 20.52 59.65 12.79
C ARG SA 39 20.13 58.33 12.13
N TYR SA 40 18.97 57.78 12.50
CA TYR SA 40 18.51 56.55 11.89
C TYR SA 40 18.26 56.71 10.39
N ASP SA 41 17.65 57.84 10.00
CA ASP SA 41 17.41 58.09 8.58
C ASP SA 41 18.71 58.25 7.81
N ARG SA 42 19.69 58.94 8.39
CA ARG SA 42 20.99 59.06 7.73
C ARG SA 42 21.68 57.71 7.61
N LYS SA 43 21.55 56.87 8.64
CA LYS SA 43 22.20 55.57 8.63
C LYS SA 43 21.58 54.63 7.62
N GLN SA 44 20.25 54.66 7.49
CA GLN SA 44 19.57 53.72 6.59
C GLN SA 44 19.76 54.07 5.13
N SER SA 45 20.26 55.25 4.81
CA SER SA 45 20.47 55.63 3.42
C SER SA 45 21.62 54.84 2.81
N GLY SA 46 21.60 54.72 1.50
CA GLY SA 46 22.63 53.99 0.80
C GLY SA 46 22.47 52.49 1.00
N TYR SA 47 23.58 51.79 0.81
CA TYR SA 47 23.60 50.34 0.92
C TYR SA 47 24.03 49.93 2.32
N GLY SA 48 23.73 48.69 2.67
CA GLY SA 48 24.04 48.20 4.00
C GLY SA 48 22.87 47.48 4.63
N GLY SA 49 21.68 47.69 4.08
CA GLY SA 49 20.51 47.04 4.62
C GLY SA 49 20.14 47.59 5.99
N GLN SA 50 19.53 46.73 6.79
CA GLN SA 50 19.14 47.11 8.14
C GLN SA 50 20.38 47.26 9.01
N THR SA 51 20.47 48.39 9.72
CA THR SA 51 21.63 48.69 10.54
C THR SA 51 21.33 48.69 12.03
N LYS SA 52 20.10 48.93 12.44
CA LYS SA 52 19.69 48.94 13.83
C LYS SA 52 18.83 47.71 14.12
N PRO SA 53 18.85 47.20 15.35
CA PRO SA 53 18.08 45.98 15.66
C PRO SA 53 16.58 46.18 15.51
N ILE SA 54 15.91 45.11 15.09
CA ILE SA 54 14.47 45.04 15.05
C ILE SA 54 14.03 43.99 16.06
N PHE SA 55 13.17 44.38 16.99
CA PHE SA 55 12.93 43.60 18.20
C PHE SA 55 12.35 42.22 17.93
N ARG SA 56 11.11 42.16 17.43
CA ARG SA 56 10.38 40.94 17.09
C ARG SA 56 10.61 39.74 18.00
N LYS SA 57 10.59 39.96 19.32
CA LYS SA 57 10.62 38.90 20.32
C LYS SA 57 9.62 39.20 21.43
N LYS SA 58 8.42 39.63 21.05
CA LYS SA 58 7.49 40.18 22.03
C LYS SA 58 6.98 39.10 22.98
N ALA SA 59 6.94 39.41 24.27
CA ALA SA 59 6.47 38.50 25.29
C ALA SA 59 5.40 39.10 26.20
N LYS SA 60 5.47 40.40 26.48
CA LYS SA 60 4.46 41.04 27.31
C LYS SA 60 3.11 41.07 26.60
N THR SA 61 2.04 41.02 27.38
CA THR SA 61 0.70 41.10 26.84
C THR SA 61 -0.03 42.39 27.20
N THR SA 62 0.50 43.16 28.14
CA THR SA 62 -0.11 44.41 28.56
C THR SA 62 0.93 45.52 28.56
N LYS SA 63 0.47 46.75 28.76
CA LYS SA 63 1.32 47.89 28.98
C LYS SA 63 0.85 48.61 30.24
N LYS SA 64 1.76 49.33 30.88
CA LYS SA 64 1.42 50.09 32.07
C LYS SA 64 0.52 51.26 31.67
N ILE SA 65 -0.63 51.37 32.32
CA ILE SA 65 -1.57 52.44 31.99
C ILE SA 65 -1.12 53.73 32.65
N VAL SA 66 -1.08 54.80 31.86
CA VAL SA 66 -0.68 56.12 32.33
C VAL SA 66 -1.92 57.00 32.42
N LEU SA 67 -2.16 57.57 33.60
CA LEU SA 67 -3.28 58.48 33.81
C LEU SA 67 -2.78 59.90 33.60
N ARG SA 68 -3.55 60.69 32.86
CA ARG SA 68 -3.15 62.06 32.51
C ARG SA 68 -3.97 63.03 33.36
N LEU SA 69 -3.47 63.30 34.56
CA LEU SA 69 -4.15 64.21 35.47
C LEU SA 69 -3.87 65.65 35.09
N GLU SA 70 -4.92 66.47 35.12
CA GLU SA 70 -4.79 67.89 34.81
C GLU SA 70 -5.52 68.70 35.87
N CYS SA 71 -4.80 69.58 36.55
CA CYS SA 71 -5.41 70.43 37.55
C CYS SA 71 -6.51 71.28 36.93
N VAL SA 72 -7.69 71.28 37.57
CA VAL SA 72 -8.85 71.95 37.00
C VAL SA 72 -8.88 73.44 37.29
N GLU SA 73 -7.88 73.96 38.00
CA GLU SA 73 -7.83 75.39 38.24
C GLU SA 73 -7.60 76.12 36.92
N PRO SA 74 -8.44 77.11 36.58
CA PRO SA 74 -8.18 77.90 35.38
C PRO SA 74 -6.85 78.63 35.43
N ASN SA 75 -6.38 79.00 36.62
CA ASN SA 75 -5.10 79.65 36.80
C ASN SA 75 -3.92 78.68 36.72
N CYS SA 76 -4.18 77.37 36.75
CA CYS SA 76 -3.13 76.35 36.70
C CYS SA 76 -3.66 75.15 35.93
N ARG SA 77 -3.33 75.09 34.63
CA ARG SA 77 -3.72 73.97 33.78
C ARG SA 77 -2.62 72.92 33.69
N SER SA 78 -1.81 72.78 34.74
CA SER SA 78 -0.66 71.89 34.71
C SER SA 78 -1.08 70.44 34.56
N LYS SA 79 -0.39 69.72 33.68
CA LYS SA 79 -0.64 68.30 33.45
C LYS SA 79 0.41 67.48 34.17
N ARG SA 80 0.01 66.28 34.57
CA ARG SA 80 0.86 65.35 35.30
C ARG SA 80 0.46 63.94 34.91
N MET SA 81 1.31 62.98 35.23
CA MET SA 81 1.05 61.59 34.88
C MET SA 81 1.35 60.67 36.05
N LEU SA 82 0.47 59.67 36.23
CA LEU SA 82 0.65 58.59 37.19
C LEU SA 82 0.69 57.26 36.45
N ALA SA 83 1.50 56.34 36.96
CA ALA SA 83 1.57 55.00 36.41
C ALA SA 83 0.94 54.02 37.38
N ILE SA 84 -0.05 53.27 36.89
CA ILE SA 84 -0.68 52.24 37.67
C ILE SA 84 -0.21 50.88 37.15
N LYS SA 85 -0.58 49.81 37.87
CA LYS SA 85 -0.10 48.49 37.53
C LYS SA 85 -0.70 48.01 36.21
N ARG SA 86 -0.06 47.00 35.63
CA ARG SA 86 -0.48 46.49 34.33
C ARG SA 86 -1.86 45.85 34.43
N CYS SA 87 -2.70 46.09 33.42
CA CYS SA 87 -4.04 45.54 33.38
C CYS SA 87 -4.48 45.39 31.93
N LYS SA 88 -5.18 44.28 31.65
CA LYS SA 88 -5.67 44.06 30.29
C LYS SA 88 -6.80 45.03 29.96
N HIS SA 89 -7.85 45.05 30.77
CA HIS SA 89 -8.99 45.92 30.57
C HIS SA 89 -8.78 47.20 31.36
N PHE SA 90 -9.11 48.34 30.74
CA PHE SA 90 -9.03 49.63 31.40
C PHE SA 90 -10.10 50.54 30.82
N GLU SA 91 -10.95 51.09 31.68
CA GLU SA 91 -11.99 52.01 31.25
C GLU SA 91 -12.07 53.18 32.22
N LEU SA 92 -12.47 54.33 31.68
CA LEU SA 92 -12.51 55.58 32.42
C LEU SA 92 -13.96 55.93 32.75
N GLY SA 93 -14.23 56.19 34.01
CA GLY SA 93 -15.54 56.65 34.44
C GLY SA 93 -16.67 55.68 34.16
N GLY SA 94 -16.43 54.39 34.42
CA GLY SA 94 -17.44 53.39 34.21
C GLY SA 94 -18.54 53.43 35.25
N ASP SA 95 -19.54 52.59 35.06
CA ASP SA 95 -20.66 52.53 35.99
C ASP SA 95 -20.23 51.76 37.24
N LYS SA 96 -20.32 52.43 38.40
CA LYS SA 96 -19.76 51.89 39.62
C LYS SA 96 -20.52 50.67 40.11
N LYS SA 97 -19.81 49.75 40.73
CA LYS SA 97 -20.38 48.50 41.22
C LYS SA 97 -21.26 48.74 42.44
N ARG SA 98 -22.18 47.80 42.67
CA ARG SA 98 -23.01 47.76 43.87
C ARG SA 98 -23.02 46.35 44.42
N LYS SA 99 -23.33 46.22 45.71
CA LYS SA 99 -23.10 44.98 46.45
C LYS SA 99 -24.35 44.13 46.59
N GLY SA 100 -25.42 44.66 47.18
CA GLY SA 100 -26.60 43.87 47.46
C GLY SA 100 -27.63 43.87 46.35
N GLN SA 101 -27.21 43.60 45.12
CA GLN SA 101 -28.10 43.58 43.97
C GLN SA 101 -28.10 42.18 43.37
N VAL SA 102 -29.05 41.95 42.47
CA VAL SA 102 -29.21 40.67 41.80
C VAL SA 102 -28.36 40.65 40.53
N ILE SA 103 -27.56 39.60 40.38
CA ILE SA 103 -26.77 39.41 39.18
C ILE SA 103 -27.64 38.69 38.14
N GLN SA 104 -27.50 39.08 36.88
CA GLN SA 104 -28.35 38.57 35.81
C GLN SA 104 -28.26 37.06 35.69
N PHE SA 105 -29.42 36.41 35.59
CA PHE SA 105 -29.49 34.98 35.39
C PHE SA 105 -28.94 34.62 34.03
N ALA TA 1 7.52 -16.05 -54.58
CA ALA TA 1 7.21 -16.49 -53.22
C ALA TA 1 7.26 -15.31 -52.27
N LYS TA 2 6.14 -15.03 -51.60
CA LYS TA 2 6.13 -13.98 -50.60
C LYS TA 2 7.01 -14.37 -49.43
N ARG TA 3 8.03 -13.56 -49.16
CA ARG TA 3 8.94 -13.83 -48.07
C ARG TA 3 8.44 -13.28 -46.75
N THR TA 4 7.30 -12.59 -46.76
CA THR TA 4 6.68 -12.07 -45.55
C THR TA 4 5.19 -11.90 -45.82
N LYS TA 5 4.42 -11.78 -44.75
CA LYS TA 5 2.97 -11.64 -44.90
C LYS TA 5 2.44 -10.25 -44.62
N LYS TA 6 2.97 -9.52 -43.63
CA LYS TA 6 2.40 -8.19 -43.39
C LYS TA 6 3.41 -7.06 -43.31
N VAL TA 7 4.65 -7.27 -42.87
CA VAL TA 7 5.53 -6.14 -42.63
C VAL TA 7 5.96 -5.50 -43.95
N GLY TA 8 6.24 -6.31 -44.97
CA GLY TA 8 6.67 -5.75 -46.23
C GLY TA 8 8.03 -5.08 -46.11
N ILE TA 9 8.09 -3.81 -46.50
CA ILE TA 9 9.37 -3.11 -46.59
C ILE TA 9 10.00 -2.89 -45.21
N VAL TA 10 9.19 -2.79 -44.16
CA VAL TA 10 9.71 -2.46 -42.84
C VAL TA 10 10.19 -3.73 -42.15
N GLY TA 11 10.27 -4.83 -42.90
CA GLY TA 11 10.87 -6.03 -42.35
C GLY TA 11 12.35 -5.87 -42.06
N LYS TA 12 12.99 -4.87 -42.65
CA LYS TA 12 14.38 -4.57 -42.32
C LYS TA 12 14.54 -4.02 -40.92
N TYR TA 13 13.45 -3.62 -40.28
CA TYR TA 13 13.49 -3.04 -38.94
C TYR TA 13 13.43 -4.07 -37.84
N GLY TA 14 13.28 -5.35 -38.18
CA GLY TA 14 13.27 -6.38 -37.16
C GLY TA 14 12.03 -6.32 -36.28
N THR TA 15 12.20 -6.73 -35.03
CA THR TA 15 11.14 -6.72 -34.04
C THR TA 15 11.10 -5.41 -33.26
N ARG TA 16 11.49 -4.32 -33.89
CA ARG TA 16 11.89 -3.11 -33.18
C ARG TA 16 10.96 -1.95 -33.49
N TYR TA 17 10.91 -1.00 -32.56
CA TYR TA 17 10.25 0.30 -32.65
C TYR TA 17 8.73 0.26 -32.55
N GLY TA 18 8.11 -0.90 -32.39
CA GLY TA 18 6.67 -0.93 -32.23
C GLY TA 18 5.90 -1.03 -33.52
N ALA TA 19 4.84 -1.83 -33.54
CA ALA TA 19 4.15 -2.17 -34.77
C ALA TA 19 3.45 -0.97 -35.39
N SER TA 20 2.88 -0.09 -34.56
CA SER TA 20 2.17 1.06 -35.10
C SER TA 20 3.12 2.02 -35.81
N LEU TA 21 4.29 2.27 -35.23
CA LEU TA 21 5.27 3.12 -35.90
C LEU TA 21 5.77 2.48 -37.19
N ARG TA 22 5.94 1.15 -37.19
CA ARG TA 22 6.36 0.49 -38.41
C ARG TA 22 5.30 0.60 -39.49
N LYS TA 23 4.02 0.44 -39.14
CA LYS TA 23 3.00 0.55 -40.17
C LYS TA 23 2.78 1.98 -40.60
N MET TA 24 3.13 2.95 -39.76
CA MET TA 24 3.10 4.34 -40.21
C MET TA 24 4.23 4.64 -41.17
N VAL TA 25 5.43 4.15 -40.86
CA VAL TA 25 6.58 4.35 -41.74
C VAL TA 25 6.44 3.55 -43.03
N LYS TA 26 5.66 2.48 -43.02
CA LYS TA 26 5.48 1.63 -44.19
C LYS TA 26 5.06 2.40 -45.42
N LYS TA 27 3.88 3.04 -45.36
CA LYS TA 27 3.39 3.76 -46.53
C LYS TA 27 4.28 4.93 -46.88
N ILE TA 28 4.93 5.54 -45.89
CA ILE TA 28 5.66 6.75 -46.18
C ILE TA 28 7.01 6.43 -46.81
N GLU TA 29 7.61 5.27 -46.48
CA GLU TA 29 8.78 4.84 -47.23
C GLU TA 29 8.40 4.31 -48.60
N ILE TA 30 7.22 3.69 -48.73
CA ILE TA 30 6.78 3.26 -50.05
C ILE TA 30 6.64 4.46 -50.97
N SER TA 31 6.03 5.54 -50.47
CA SER TA 31 5.93 6.76 -51.26
C SER TA 31 7.29 7.41 -51.47
N GLN TA 32 8.16 7.38 -50.46
CA GLN TA 32 9.47 8.02 -50.56
C GLN TA 32 10.34 7.37 -51.61
N HIS TA 33 10.35 6.04 -51.65
CA HIS TA 33 11.24 5.32 -52.55
C HIS TA 33 10.59 4.96 -53.87
N ALA TA 34 9.33 5.32 -54.09
CA ALA TA 34 8.66 4.98 -55.33
C ALA TA 34 9.22 5.80 -56.48
N LYS TA 35 9.20 5.20 -57.67
CA LYS TA 35 9.55 5.88 -58.91
C LYS TA 35 8.28 6.41 -59.54
N TYR TA 36 8.22 7.72 -59.75
CA TYR TA 36 7.04 8.34 -60.33
C TYR TA 36 7.27 8.64 -61.80
N THR TA 37 6.16 8.74 -62.53
CA THR TA 37 6.21 9.11 -63.93
C THR TA 37 6.60 10.58 -64.04
N CYS TA 38 7.59 10.86 -64.88
CA CYS TA 38 7.95 12.25 -65.11
C CYS TA 38 6.88 12.93 -65.93
N SER TA 39 6.35 14.03 -65.40
CA SER TA 39 5.35 14.83 -66.11
C SER TA 39 5.96 15.70 -67.20
N PHE TA 40 7.24 15.54 -67.48
CA PHE TA 40 7.93 16.30 -68.51
C PHE TA 40 8.41 15.44 -69.66
N CYS TA 41 8.98 14.27 -69.37
CA CYS TA 41 9.45 13.38 -70.43
C CYS TA 41 8.59 12.14 -70.58
N GLY TA 42 7.91 11.69 -69.52
CA GLY TA 42 7.09 10.51 -69.56
C GLY TA 42 7.73 9.26 -68.99
N LYS TA 43 9.06 9.21 -68.91
CA LYS TA 43 9.73 8.06 -68.31
C LYS TA 43 9.49 8.05 -66.80
N THR TA 44 9.29 6.86 -66.27
CA THR TA 44 9.02 6.69 -64.83
C THR TA 44 10.32 6.63 -64.05
N LYS TA 45 10.98 7.77 -63.92
CA LYS TA 45 12.25 7.86 -63.21
C LYS TA 45 12.32 9.11 -62.34
N MET TA 46 11.20 9.47 -61.73
CA MET TA 46 11.22 10.54 -60.73
C MET TA 46 11.57 9.94 -59.38
N LYS TA 47 12.84 10.04 -58.99
CA LYS TA 47 13.30 9.51 -57.72
C LYS TA 47 13.87 10.64 -56.88
N ARG TA 48 13.64 10.53 -55.58
CA ARG TA 48 14.00 11.57 -54.64
C ARG TA 48 15.50 11.66 -54.48
N ARG TA 49 16.02 12.90 -54.48
CA ARG TA 49 17.40 13.16 -54.12
C ARG TA 49 17.57 13.46 -52.64
N ALA TA 50 16.90 14.50 -52.15
CA ALA TA 50 16.91 14.83 -50.74
C ALA TA 50 15.48 15.21 -50.36
N VAL TA 51 15.31 15.70 -49.14
CA VAL TA 51 13.98 16.04 -48.67
C VAL TA 51 13.39 17.16 -49.53
N GLY TA 52 12.22 16.89 -50.10
CA GLY TA 52 11.57 17.83 -50.98
C GLY TA 52 12.12 17.88 -52.39
N ILE TA 53 13.11 17.07 -52.72
CA ILE TA 53 13.75 17.10 -54.03
C ILE TA 53 13.33 15.88 -54.81
N TRP TA 54 12.99 16.07 -56.06
CA TRP TA 54 12.73 14.97 -56.98
C TRP TA 54 13.50 15.23 -58.26
N HIS TA 55 14.00 14.17 -58.87
CA HIS TA 55 14.88 14.29 -60.02
C HIS TA 55 14.52 13.21 -61.03
N CYS TA 56 14.78 13.50 -62.30
CA CYS TA 56 14.44 12.59 -63.38
C CYS TA 56 15.71 12.04 -64.01
N GLY TA 57 15.69 10.74 -64.35
CA GLY TA 57 16.82 10.18 -65.06
C GLY TA 57 16.95 10.69 -66.47
N SER TA 58 15.82 10.85 -67.18
CA SER TA 58 15.85 11.13 -68.62
C SER TA 58 16.19 12.58 -68.92
N CYS TA 59 15.35 13.51 -68.49
CA CYS TA 59 15.51 14.91 -68.82
C CYS TA 59 16.18 15.70 -67.71
N MET TA 60 16.72 14.99 -66.71
CA MET TA 60 17.44 15.51 -65.54
C MET TA 60 16.75 16.70 -64.88
N LYS TA 61 15.43 16.78 -65.02
CA LYS TA 61 14.68 17.89 -64.44
C LYS TA 61 14.55 17.66 -62.94
N THR TA 62 14.84 18.69 -62.15
CA THR TA 62 14.61 18.63 -60.71
C THR TA 62 13.36 19.44 -60.39
N VAL TA 63 12.44 18.83 -59.67
CA VAL TA 63 11.16 19.43 -59.35
C VAL TA 63 11.02 19.45 -57.83
N ALA TA 64 10.63 20.60 -57.29
CA ALA TA 64 10.35 20.71 -55.87
C ALA TA 64 9.05 19.98 -55.56
N GLY TA 65 9.12 19.03 -54.62
CA GLY TA 65 7.93 18.30 -54.24
C GLY TA 65 7.86 18.08 -52.74
N GLY TA 66 7.06 17.13 -52.30
CA GLY TA 66 6.96 16.84 -50.89
C GLY TA 66 8.18 16.10 -50.38
N ALA TA 67 8.24 15.95 -49.06
CA ALA TA 67 9.32 15.20 -48.44
C ALA TA 67 9.22 13.72 -48.79
N TRP TA 68 8.02 13.21 -48.97
CA TRP TA 68 7.77 11.79 -49.14
C TRP TA 68 7.05 11.48 -50.43
N THR TA 69 6.02 12.23 -50.77
CA THR TA 69 5.32 12.09 -52.03
C THR TA 69 5.85 13.12 -53.01
N TYR TA 70 5.70 12.81 -54.30
CA TYR TA 70 6.17 13.72 -55.33
C TYR TA 70 5.39 15.02 -55.29
N ASN TA 71 4.10 14.95 -54.99
CA ASN TA 71 3.27 16.14 -54.89
C ASN TA 71 2.28 15.98 -53.74
N THR TA 72 2.30 16.93 -52.82
CA THR TA 72 1.35 16.94 -51.72
C THR TA 72 -0.02 17.39 -52.23
N THR TA 73 -1.07 16.77 -51.68
CA THR TA 73 -2.43 17.19 -52.03
C THR TA 73 -2.65 18.65 -51.70
N SER TA 74 -2.01 19.14 -50.64
CA SER TA 74 -2.05 20.56 -50.32
C SER TA 74 -1.58 21.38 -51.51
N ALA TA 75 -0.47 21.01 -52.12
CA ALA TA 75 0.03 21.76 -53.27
C ALA TA 75 -0.89 21.64 -54.48
N VAL TA 76 -1.55 20.50 -54.64
CA VAL TA 76 -2.49 20.35 -55.76
C VAL TA 76 -3.66 21.31 -55.59
N THR TA 77 -4.24 21.34 -54.38
CA THR TA 77 -5.32 22.28 -54.14
C THR TA 77 -4.83 23.72 -54.25
N VAL TA 78 -3.58 23.98 -53.86
CA VAL TA 78 -3.02 25.32 -53.98
C VAL TA 78 -2.97 25.74 -55.44
N LYS TA 79 -2.45 24.88 -56.31
CA LYS TA 79 -2.32 25.28 -57.71
C LYS TA 79 -3.69 25.39 -58.38
N SER TA 80 -4.65 24.56 -57.99
CA SER TA 80 -6.00 24.70 -58.55
C SER TA 80 -6.63 26.02 -58.13
N ALA TA 81 -6.51 26.37 -56.85
CA ALA TA 81 -7.04 27.64 -56.39
C ALA TA 81 -6.32 28.81 -57.03
N ILE TA 82 -5.01 28.66 -57.27
CA ILE TA 82 -4.23 29.74 -57.88
C ILE TA 82 -4.66 29.97 -59.32
N ARG TA 83 -4.84 28.90 -60.10
CA ARG TA 83 -5.27 29.10 -61.47
C ARG TA 83 -6.69 29.65 -61.52
N ARG TA 84 -7.55 29.19 -60.61
CA ARG TA 84 -8.91 29.75 -60.56
C ARG TA 84 -8.87 31.25 -60.22
N LEU TA 85 -8.05 31.63 -59.25
CA LEU TA 85 -7.95 33.04 -58.87
C LEU TA 85 -7.32 33.88 -59.96
N LYS TA 86 -6.33 33.35 -60.68
CA LYS TA 86 -5.71 34.13 -61.74
C LYS TA 86 -6.64 34.24 -62.95
N GLU TA 87 -7.52 33.27 -63.15
CA GLU TA 87 -8.49 33.39 -64.23
C GLU TA 87 -9.62 34.34 -63.84
N LEU TA 88 -10.00 34.36 -62.57
CA LEU TA 88 -11.03 35.29 -62.13
C LEU TA 88 -10.50 36.72 -62.07
N LYS TA 89 -9.20 36.87 -61.74
CA LYS TA 89 -8.59 38.19 -61.67
C LYS TA 89 -8.59 38.89 -63.02
N ASP TA 90 -7.86 38.33 -63.98
CA ASP TA 90 -7.88 38.87 -65.33
C ASP TA 90 -9.23 38.59 -65.98
N GLN TA 91 -9.51 39.31 -67.06
CA GLN TA 91 -10.87 39.30 -67.59
C GLN TA 91 -10.88 39.20 -69.11
N SER UA 1 87.31 62.19 53.91
CA SER UA 1 87.17 61.38 55.11
C SER UA 1 87.37 59.90 54.79
N ALA UA 2 87.76 59.13 55.80
CA ALA UA 2 88.06 57.72 55.58
C ALA UA 2 86.82 56.95 55.16
N HIS UA 3 85.70 57.15 55.85
CA HIS UA 3 84.53 56.31 55.63
C HIS UA 3 83.91 56.56 54.25
N LEU UA 4 83.89 57.82 53.82
CA LEU UA 4 83.28 58.14 52.54
C LEU UA 4 84.06 57.52 51.39
N GLN UA 5 85.38 57.70 51.39
CA GLN UA 5 86.22 57.06 50.39
C GLN UA 5 86.11 55.54 50.48
N TRP UA 6 85.99 55.01 51.69
CA TRP UA 6 85.90 53.57 51.86
C TRP UA 6 84.65 53.02 51.18
N MET UA 7 83.50 53.61 51.47
CA MET UA 7 82.26 53.17 50.84
C MET UA 7 82.17 53.54 49.36
N VAL UA 8 83.00 54.46 48.89
CA VAL UA 8 83.14 54.62 47.44
C VAL UA 8 83.88 53.43 46.85
N VAL UA 9 84.95 52.98 47.50
CA VAL UA 9 85.86 52.02 46.90
C VAL UA 9 85.68 50.61 47.46
N ARG UA 10 84.61 50.35 48.21
CA ARG UA 10 84.51 49.07 48.90
C ARG UA 10 84.19 47.92 47.95
N ASN UA 11 83.75 48.21 46.73
CA ASN UA 11 83.40 47.14 45.80
C ASN UA 11 84.01 47.39 44.43
N CYS UA 12 84.37 48.63 44.15
CA CYS UA 12 84.89 49.02 42.85
C CYS UA 12 86.29 49.59 43.04
N SER UA 13 87.30 48.74 42.88
CA SER UA 13 88.69 49.17 42.99
C SER UA 13 89.56 48.28 42.12
N SER UA 14 90.60 48.87 41.54
CA SER UA 14 91.54 48.09 40.74
C SER UA 14 92.37 47.18 41.62
N PHE UA 15 92.63 47.59 42.85
CA PHE UA 15 93.32 46.72 43.80
C PHE UA 15 92.44 45.61 44.32
N LEU UA 16 91.12 45.72 44.14
CA LEU UA 16 90.20 44.73 44.66
C LEU UA 16 90.09 43.57 43.70
N ILE UA 17 90.69 42.44 44.05
CA ILE UA 17 90.56 41.20 43.30
C ILE UA 17 89.89 40.18 44.19
N LYS UA 18 88.75 39.64 43.74
CA LYS UA 18 88.08 38.61 44.50
C LYS UA 18 87.87 37.38 43.63
N ARG UA 19 88.22 36.22 44.19
CA ARG UA 19 88.17 34.94 43.50
C ARG UA 19 88.14 33.84 44.55
N ASN UA 20 87.51 32.72 44.19
CA ASN UA 20 87.46 31.53 45.03
C ASN UA 20 86.85 31.86 46.40
N LYS UA 21 85.77 32.63 46.39
CA LYS UA 21 85.04 33.09 47.57
C LYS UA 21 85.86 34.02 48.45
N GLN UA 22 87.05 34.41 48.02
CA GLN UA 22 87.93 35.23 48.80
C GLN UA 22 87.85 36.66 48.28
N THR UA 23 88.55 37.58 48.94
CA THR UA 23 88.65 38.93 48.43
C THR UA 23 89.89 39.59 49.04
N TYR UA 24 90.61 40.33 48.19
CA TYR UA 24 91.89 40.91 48.56
C TYR UA 24 91.97 42.33 48.03
N SER UA 25 92.83 43.12 48.64
CA SER UA 25 93.19 44.44 48.15
C SER UA 25 94.71 44.50 47.97
N THR UA 26 95.15 44.86 46.77
CA THR UA 26 96.57 44.84 46.42
C THR UA 26 97.19 46.23 46.45
N GLU UA 27 96.51 47.21 47.02
CA GLU UA 27 97.07 48.54 47.12
C GLU UA 27 98.28 48.52 48.06
N PRO UA 28 99.28 49.37 47.80
CA PRO UA 28 100.63 49.12 48.36
C PRO UA 28 100.72 49.06 49.87
N ASN UA 29 99.92 49.82 50.59
CA ASN UA 29 100.06 49.93 52.04
C ASN UA 29 98.99 49.15 52.78
N ASN UA 30 98.64 47.97 52.27
CA ASN UA 30 97.66 47.10 52.91
C ASN UA 30 98.39 46.07 53.76
N LEU UA 31 98.26 46.22 55.07
CA LEU UA 31 98.67 45.14 55.95
C LEU UA 31 97.64 44.02 55.88
N LYS UA 32 98.13 42.78 55.77
CA LYS UA 32 97.35 41.55 55.63
C LYS UA 32 96.61 41.45 54.30
N ALA UA 33 96.74 42.45 53.42
CA ALA UA 33 96.30 42.37 52.02
C ALA UA 33 94.82 42.08 51.89
N ARG UA 34 94.00 42.50 52.86
CA ARG UA 34 92.57 42.31 52.81
C ARG UA 34 91.88 43.66 52.70
N ASN UA 35 90.83 43.71 51.90
CA ASN UA 35 90.04 44.93 51.77
C ASN UA 35 89.15 45.06 52.99
N SER UA 36 89.43 46.05 53.81
CA SER UA 36 88.69 46.28 55.03
C SER UA 36 88.95 47.72 55.44
N PHE UA 37 88.01 48.28 56.19
CA PHE UA 37 88.14 49.68 56.57
C PHE UA 37 89.36 49.89 57.45
N ARG UA 38 89.71 48.92 58.29
CA ARG UA 38 90.84 49.09 59.17
C ARG UA 38 92.16 48.95 58.43
N TYR UA 39 92.26 47.96 57.54
CA TYR UA 39 93.54 47.63 56.94
C TYR UA 39 93.78 48.28 55.59
N ASN UA 40 92.81 49.02 55.05
CA ASN UA 40 93.04 49.74 53.81
C ASN UA 40 94.12 50.79 54.03
N GLY UA 41 94.93 51.01 53.00
CA GLY UA 41 96.09 51.87 53.12
C GLY UA 41 96.08 53.07 52.20
N LEU UA 42 94.91 53.47 51.77
CA LEU UA 42 94.78 54.67 50.95
C LEU UA 42 93.78 55.66 51.49
N ILE UA 43 92.69 55.18 52.09
CA ILE UA 43 91.63 56.07 52.55
C ILE UA 43 92.08 56.86 53.77
N HIS UA 44 92.89 56.28 54.64
CA HIS UA 44 93.17 56.87 55.93
C HIS UA 44 94.01 58.13 55.81
N ARG UA 45 93.83 59.02 56.78
CA ARG UA 45 94.73 60.14 56.97
C ARG UA 45 96.07 59.70 57.53
N LYS UA 46 96.16 58.45 57.98
CA LYS UA 46 97.34 57.98 58.70
C LYS UA 46 97.49 56.50 58.43
N THR UA 47 98.50 56.11 57.66
CA THR UA 47 98.69 54.73 57.25
C THR UA 47 100.11 54.29 57.54
N VAL UA 48 100.27 52.98 57.73
CA VAL UA 48 101.58 52.35 57.88
C VAL UA 48 101.66 51.24 56.84
N GLY UA 49 102.89 50.88 56.47
CA GLY UA 49 103.10 49.81 55.53
C GLY UA 49 104.52 49.33 55.51
N VAL UA 50 104.73 48.02 55.48
CA VAL UA 50 106.07 47.44 55.46
C VAL UA 50 106.25 46.68 54.15
N GLU UA 51 107.38 46.91 53.51
CA GLU UA 51 107.69 46.36 52.20
C GLU UA 51 109.09 45.80 52.24
N PRO UA 52 109.40 44.82 51.39
CA PRO UA 52 110.78 44.37 51.26
C PRO UA 52 111.64 45.48 50.68
N ALA UA 53 112.94 45.44 51.01
CA ALA UA 53 113.85 46.48 50.55
C ALA UA 53 114.08 46.36 49.05
N ALA UA 54 114.71 47.39 48.49
CA ALA UA 54 115.05 47.38 47.08
C ALA UA 54 115.99 46.22 46.77
N ASP UA 55 117.02 46.05 47.59
CA ASP UA 55 117.81 44.83 47.56
C ASP UA 55 117.11 43.75 48.38
N GLY UA 56 117.62 42.52 48.26
CA GLY UA 56 117.02 41.41 48.97
C GLY UA 56 117.48 41.28 50.41
N LYS UA 57 117.69 42.40 51.10
CA LYS UA 57 118.12 42.35 52.48
C LYS UA 57 117.57 43.56 53.22
N GLY UA 58 117.05 43.31 54.42
CA GLY UA 58 116.41 44.35 55.19
C GLY UA 58 115.00 44.63 54.69
N VAL UA 59 114.24 45.34 55.52
CA VAL UA 59 112.90 45.75 55.17
C VAL UA 59 112.84 47.27 55.22
N VAL UA 60 111.81 47.82 54.58
CA VAL UA 60 111.57 49.26 54.57
C VAL UA 60 110.14 49.49 55.02
N VAL UA 61 109.96 50.43 55.94
CA VAL UA 61 108.65 50.77 56.49
C VAL UA 61 108.32 52.19 56.09
N VAL UA 62 107.07 52.40 55.66
CA VAL UA 62 106.60 53.69 55.18
C VAL UA 62 105.38 54.10 55.99
N ILE UA 63 105.37 55.35 56.43
CA ILE UA 63 104.23 55.91 57.15
C ILE UA 63 103.87 57.24 56.49
N LYS UA 64 102.57 57.52 56.44
CA LYS UA 64 102.07 58.72 55.78
C LYS UA 64 102.16 59.92 56.71
N ARG UA 65 102.90 60.94 56.29
CA ARG UA 65 102.98 62.15 57.09
C ARG UA 65 101.62 62.86 57.12
N ARG UA 66 101.36 63.50 58.26
CA ARG UA 66 100.07 64.14 58.49
C ARG UA 66 99.85 65.35 57.58
N SER UA 67 100.92 65.92 57.04
CA SER UA 67 100.79 67.21 56.36
C SER UA 67 100.28 67.06 54.92
N GLY UA 68 101.01 66.35 54.07
CA GLY UA 68 100.72 66.35 52.66
C GLY UA 68 99.70 65.33 52.21
N GLN UA 69 98.46 65.47 52.67
CA GLN UA 69 97.43 64.48 52.39
C GLN UA 69 97.02 64.48 50.92
N ARG UA 70 97.03 65.63 50.27
CA ARG UA 70 96.70 65.72 48.86
C ARG UA 70 97.94 65.79 47.97
N LYS UA 71 99.12 65.59 48.55
CA LYS UA 71 100.39 65.70 47.83
C LYS UA 71 101.05 64.33 47.80
N PRO UA 72 100.60 63.44 46.91
CA PRO UA 72 101.09 62.05 46.95
C PRO UA 72 102.58 61.92 46.67
N ALA UA 73 103.19 62.88 45.98
CA ALA UA 73 104.63 62.83 45.75
C ALA UA 73 105.39 62.93 47.06
N THR UA 74 104.91 63.75 47.99
CA THR UA 74 105.54 63.95 49.28
C THR UA 74 104.62 63.59 50.43
N SER UA 75 103.78 62.57 50.27
CA SER UA 75 102.87 62.18 51.33
C SER UA 75 103.43 61.08 52.21
N TYR UA 76 104.51 60.43 51.78
CA TYR UA 76 105.03 59.24 52.45
C TYR UA 76 106.48 59.43 52.82
N VAL UA 77 106.85 58.99 54.01
CA VAL UA 77 108.24 58.94 54.45
C VAL UA 77 108.65 57.49 54.59
N ARG UA 78 109.77 57.13 53.97
CA ARG UA 78 110.24 55.76 53.91
C ARG UA 78 111.55 55.64 54.68
N THR UA 79 111.63 54.65 55.55
CA THR UA 79 112.81 54.40 56.35
C THR UA 79 113.21 52.94 56.21
N THR UA 80 114.48 52.70 55.93
CA THR UA 80 115.00 51.35 55.73
C THR UA 80 115.67 50.87 57.00
N ILE UA 81 115.34 49.65 57.41
CA ILE UA 81 115.94 49.00 58.57
C ILE UA 81 116.60 47.71 58.11
N ASN UA 82 117.86 47.54 58.49
CA ASN UA 82 118.66 46.37 58.11
C ASN UA 82 119.33 45.78 59.34
N LYS UA 83 118.57 45.59 60.40
CA LYS UA 83 119.08 45.04 61.65
C LYS UA 83 118.74 43.56 61.73
N ASN UA 84 119.01 42.96 62.89
CA ASN UA 84 118.59 41.58 63.11
C ASN UA 84 117.09 41.53 63.34
N ALA UA 85 116.56 40.31 63.50
CA ALA UA 85 115.12 40.13 63.61
C ALA UA 85 114.56 40.82 64.85
N ARG UA 86 115.15 40.55 66.01
CA ARG UA 86 114.65 41.12 67.26
C ARG UA 86 114.72 42.64 67.24
N ALA UA 87 115.84 43.19 66.79
CA ALA UA 87 116.01 44.63 66.74
C ALA UA 87 115.01 45.27 65.78
N THR UA 88 114.81 44.67 64.60
CA THR UA 88 113.88 45.24 63.63
C THR UA 88 112.46 45.23 64.15
N LEU UA 89 112.04 44.11 64.77
CA LEU UA 89 110.68 44.06 65.30
C LEU UA 89 110.50 45.05 66.45
N SER UA 90 111.54 45.22 67.28
CA SER UA 90 111.46 46.21 68.33
C SER UA 90 111.38 47.63 67.77
N SER UA 91 112.13 47.90 66.70
CA SER UA 91 112.07 49.22 66.07
C SER UA 91 110.70 49.51 65.52
N ILE UA 92 110.07 48.52 64.89
CA ILE UA 92 108.73 48.71 64.36
C ILE UA 92 107.73 48.89 65.50
N ARG UA 93 107.90 48.15 66.59
CA ARG UA 93 107.02 48.31 67.75
C ARG UA 93 107.13 49.72 68.31
N HIS UA 94 108.35 50.23 68.46
CA HIS UA 94 108.53 51.58 68.95
C HIS UA 94 107.96 52.61 67.99
N MET UA 95 108.17 52.42 66.69
CA MET UA 95 107.64 53.34 65.69
C MET UA 95 106.13 53.41 65.76
N ILE UA 96 105.48 52.27 65.99
CA ILE UA 96 104.02 52.24 65.90
C ILE UA 96 103.33 52.52 67.24
N ARG UA 97 104.05 52.44 68.36
CA ARG UA 97 103.43 52.68 69.66
C ARG UA 97 103.88 53.99 70.30
N LYS UA 98 105.18 54.26 70.30
CA LYS UA 98 105.66 55.47 70.96
C LYS UA 98 105.17 56.73 70.26
N ASN UA 99 104.85 56.62 68.98
CA ASN UA 99 104.22 57.70 68.24
C ASN UA 99 102.71 57.64 68.32
N LYS UA 100 102.15 56.56 68.87
CA LYS UA 100 100.71 56.27 68.83
C LYS UA 100 100.23 56.33 67.39
N TYR UA 101 101.08 55.85 66.48
CA TYR UA 101 100.81 55.86 65.04
C TYR UA 101 100.03 54.60 64.71
N ARG UA 102 98.71 54.66 64.98
CA ARG UA 102 97.80 53.56 64.70
C ARG UA 102 98.24 52.28 65.40
N PRO UA 103 98.10 52.19 66.72
CA PRO UA 103 98.50 50.97 67.42
C PRO UA 103 97.69 49.75 67.03
N ASP UA 104 96.54 49.95 66.38
CA ASP UA 104 95.76 48.82 65.88
C ASP UA 104 96.49 48.04 64.79
N LEU UA 105 97.45 48.67 64.11
CA LEU UA 105 98.22 48.02 63.05
C LEU UA 105 99.57 47.53 63.53
N ARG UA 106 99.74 47.35 64.84
CA ARG UA 106 101.04 46.95 65.37
C ARG UA 106 101.35 45.50 65.02
N MET UA 107 100.47 44.58 65.44
CA MET UA 107 100.77 43.16 65.30
C MET UA 107 100.80 42.73 63.84
N ALA UA 108 99.90 43.26 63.01
CA ALA UA 108 99.91 42.90 61.59
C ALA UA 108 101.19 43.36 60.93
N ALA UA 109 101.65 44.57 61.24
CA ALA UA 109 102.90 45.06 60.67
C ALA UA 109 104.08 44.22 61.14
N ILE UA 110 104.09 43.86 62.42
CA ILE UA 110 105.20 43.08 62.95
C ILE UA 110 105.23 41.69 62.32
N ARG UA 111 104.07 41.08 62.15
CA ARG UA 111 104.00 39.76 61.51
C ARG UA 111 104.42 39.84 60.04
N ARG UA 112 104.02 40.91 59.34
CA ARG UA 112 104.44 41.05 57.94
C ARG UA 112 105.94 41.23 57.84
N ALA UA 113 106.52 42.03 58.73
CA ALA UA 113 107.97 42.20 58.74
C ALA UA 113 108.65 40.87 59.02
N SER UA 114 108.13 40.10 59.98
CA SER UA 114 108.72 38.81 60.30
C SER UA 114 108.65 37.87 59.10
N ALA UA 115 107.51 37.82 58.42
CA ALA UA 115 107.36 36.95 57.25
C ALA UA 115 108.32 37.35 56.15
N ILE UA 116 108.45 38.66 55.90
CA ILE UA 116 109.34 39.13 54.84
C ILE UA 116 110.78 38.79 55.16
N LEU UA 117 111.22 39.02 56.41
CA LEU UA 117 112.61 38.75 56.72
C LEU UA 117 112.89 37.25 56.77
N ARG UA 118 111.88 36.43 57.09
CA ARG UA 118 112.05 34.99 56.97
C ARG UA 118 112.23 34.59 55.51
N SER UA 119 111.42 35.18 54.62
CA SER UA 119 111.56 34.89 53.20
C SER UA 119 112.89 35.41 52.66
N GLN UA 120 113.50 36.37 53.35
CA GLN UA 120 114.77 36.91 52.88
C GLN UA 120 115.96 36.04 53.25
N LYS UA 121 115.78 35.05 54.12
CA LYS UA 121 116.83 34.07 54.31
C LYS UA 121 116.86 33.08 53.14
N PRO UA 122 118.04 32.62 52.75
CA PRO UA 122 118.12 31.60 51.69
C PRO UA 122 117.53 30.27 52.15
N VAL UA 123 117.03 29.51 51.18
CA VAL UA 123 116.37 28.25 51.45
C VAL UA 123 117.39 27.23 51.94
N MET UA 124 117.00 26.46 52.96
CA MET UA 124 117.84 25.41 53.51
C MET UA 124 117.58 24.10 52.78
N VAL UA 125 118.65 23.42 52.40
CA VAL UA 125 118.55 22.15 51.72
C VAL UA 125 118.32 21.03 52.73
N ASP VA 1 -2.96 -35.94 88.81
CA ASP VA 1 -3.83 -37.12 88.73
C ASP VA 1 -3.09 -38.37 89.16
N ARG VA 2 -1.78 -38.40 88.93
CA ARG VA 2 -0.98 -39.53 89.34
C ARG VA 2 -0.87 -39.61 90.85
N ALA VA 3 -0.64 -38.46 91.49
CA ALA VA 3 -0.50 -38.44 92.96
C ALA VA 3 -1.79 -38.85 93.63
N THR VA 4 -2.92 -38.33 93.16
CA THR VA 4 -4.21 -38.75 93.69
C THR VA 4 -4.45 -40.24 93.45
N TRP VA 5 -4.06 -40.73 92.27
CA TRP VA 5 -4.28 -42.13 91.95
C TRP VA 5 -3.49 -43.03 92.90
N LYS VA 6 -2.22 -42.70 93.15
CA LYS VA 6 -1.41 -43.53 94.04
C LYS VA 6 -1.82 -43.39 95.51
N SER VA 7 -2.25 -42.20 95.93
CA SER VA 7 -2.72 -42.04 97.30
C SER VA 7 -4.02 -42.82 97.52
N ASN VA 8 -4.97 -42.69 96.59
CA ASN VA 8 -6.19 -43.49 96.65
C ASN VA 8 -5.89 -44.97 96.59
N TYR VA 9 -4.87 -45.35 95.83
CA TYR VA 9 -4.48 -46.75 95.74
C TYR VA 9 -4.02 -47.27 97.10
N PHE VA 10 -3.13 -46.53 97.78
CA PHE VA 10 -2.72 -46.96 99.12
C PHE VA 10 -3.91 -47.02 100.07
N LEU VA 11 -4.81 -46.03 100.00
CA LEU VA 11 -5.97 -46.02 100.88
C LEU VA 11 -6.83 -47.27 100.69
N LYS VA 12 -7.14 -47.60 99.45
CA LYS VA 12 -7.99 -48.76 99.22
C LYS VA 12 -7.26 -50.07 99.49
N ILE VA 13 -5.94 -50.13 99.27
CA ILE VA 13 -5.19 -51.33 99.65
C ILE VA 13 -5.28 -51.57 101.14
N ILE VA 14 -4.99 -50.54 101.96
CA ILE VA 14 -4.98 -50.78 103.39
C ILE VA 14 -6.40 -51.06 103.89
N GLN VA 15 -7.40 -50.37 103.33
CA GLN VA 15 -8.78 -50.61 103.75
C GLN VA 15 -9.22 -52.04 103.41
N LEU VA 16 -8.95 -52.50 102.19
CA LEU VA 16 -9.36 -53.83 101.78
C LEU VA 16 -8.54 -54.92 102.47
N LEU VA 17 -7.28 -54.62 102.81
CA LEU VA 17 -6.47 -55.60 103.52
C LEU VA 17 -6.94 -55.77 104.95
N ASP VA 18 -7.21 -54.66 105.65
CA ASP VA 18 -7.71 -54.74 107.01
C ASP VA 18 -9.10 -55.37 107.04
N ASP VA 19 -9.97 -54.98 106.10
CA ASP VA 19 -11.35 -55.47 106.10
C ASP VA 19 -11.41 -56.96 105.80
N TYR VA 20 -10.59 -57.43 104.86
CA TYR VA 20 -10.63 -58.82 104.44
C TYR VA 20 -9.47 -59.57 105.07
N PRO VA 21 -9.70 -60.36 106.12
CA PRO VA 21 -8.58 -61.02 106.82
C PRO VA 21 -8.12 -62.31 106.17
N LYS VA 22 -8.76 -62.75 105.10
CA LYS VA 22 -8.31 -63.88 104.31
C LYS VA 22 -8.10 -63.43 102.87
N CYS VA 23 -6.96 -63.79 102.31
CA CYS VA 23 -6.59 -63.35 100.97
C CYS VA 23 -5.61 -64.35 100.36
N PHE VA 24 -5.78 -64.60 99.06
CA PHE VA 24 -4.94 -65.51 98.31
C PHE VA 24 -4.23 -64.74 97.22
N ILE VA 25 -2.95 -65.00 97.02
CA ILE VA 25 -2.17 -64.32 95.99
C ILE VA 25 -2.24 -65.12 94.70
N VAL VA 26 -2.63 -64.45 93.62
CA VAL VA 26 -2.96 -65.09 92.36
C VAL VA 26 -2.04 -64.56 91.28
N GLY VA 27 -1.46 -65.47 90.50
CA GLY VA 27 -0.62 -65.09 89.37
C GLY VA 27 -1.47 -64.88 88.13
N ALA VA 28 -1.35 -63.69 87.56
CA ALA VA 28 -2.12 -63.29 86.38
C ALA VA 28 -1.24 -63.50 85.15
N ASP VA 29 -1.59 -64.48 84.33
CA ASP VA 29 -0.88 -64.75 83.10
C ASP VA 29 -1.40 -63.84 81.99
N ASN VA 30 -1.06 -64.16 80.74
CA ASN VA 30 -1.42 -63.35 79.58
C ASN VA 30 -2.89 -63.58 79.24
N VAL VA 31 -3.76 -62.86 79.95
CA VAL VA 31 -5.19 -62.95 79.75
C VAL VA 31 -5.67 -61.67 79.07
N GLY VA 32 -6.94 -61.66 78.67
CA GLY VA 32 -7.53 -60.50 78.06
C GLY VA 32 -8.35 -59.67 79.02
N SER VA 33 -8.61 -58.42 78.63
CA SER VA 33 -9.45 -57.56 79.45
C SER VA 33 -10.90 -58.01 79.43
N LYS VA 34 -11.33 -58.65 78.35
CA LYS VA 34 -12.65 -59.29 78.33
C LYS VA 34 -12.72 -60.43 79.35
N GLN VA 35 -11.66 -61.23 79.44
CA GLN VA 35 -11.59 -62.24 80.48
C GLN VA 35 -11.57 -61.58 81.86
N MET VA 36 -10.96 -60.39 81.96
CA MET VA 36 -11.00 -59.65 83.21
C MET VA 36 -12.42 -59.26 83.58
N GLN VA 37 -13.20 -58.80 82.60
CA GLN VA 37 -14.60 -58.49 82.82
C GLN VA 37 -15.38 -59.72 83.24
N GLN VA 38 -15.12 -60.86 82.59
CA GLN VA 38 -15.91 -62.04 82.89
C GLN VA 38 -15.56 -62.58 84.27
N ILE VA 39 -14.30 -62.46 84.68
CA ILE VA 39 -13.92 -62.81 86.04
C ILE VA 39 -14.59 -61.85 87.03
N ARG VA 40 -14.64 -60.56 86.69
CA ARG VA 40 -15.25 -59.58 87.58
C ARG VA 40 -16.74 -59.83 87.77
N MET VA 41 -17.47 -60.13 86.70
CA MET VA 41 -18.89 -60.43 86.86
C MET VA 41 -19.12 -61.82 87.47
N SER VA 42 -18.21 -62.77 87.25
CA SER VA 42 -18.37 -64.08 87.86
C SER VA 42 -17.92 -64.13 89.31
N LEU VA 43 -17.24 -63.08 89.80
CA LEU VA 43 -16.78 -63.05 91.17
C LEU VA 43 -17.46 -62.00 92.03
N ARG VA 44 -18.09 -60.98 91.42
CA ARG VA 44 -18.72 -59.90 92.17
C ARG VA 44 -19.84 -60.36 93.08
N GLY VA 45 -20.38 -61.57 92.86
CA GLY VA 45 -21.41 -62.07 93.75
C GLY VA 45 -20.90 -62.41 95.13
N LYS VA 46 -19.68 -62.97 95.22
CA LYS VA 46 -19.22 -63.55 96.47
C LYS VA 46 -17.82 -63.11 96.91
N ALA VA 47 -17.04 -62.45 96.06
CA ALA VA 47 -15.70 -62.01 96.43
C ALA VA 47 -15.28 -60.88 95.51
N VAL VA 48 -13.98 -60.56 95.52
CA VAL VA 48 -13.41 -59.55 94.64
C VAL VA 48 -11.96 -59.93 94.36
N VAL VA 49 -11.52 -59.68 93.14
CA VAL VA 49 -10.16 -59.95 92.71
C VAL VA 49 -9.48 -58.64 92.39
N LEU VA 50 -8.22 -58.50 92.80
CA LEU VA 50 -7.48 -57.25 92.71
C LEU VA 50 -6.12 -57.52 92.09
N MET VA 51 -5.67 -56.63 91.21
CA MET VA 51 -4.40 -56.82 90.52
C MET VA 51 -3.94 -55.47 89.97
N GLY VA 52 -2.77 -55.02 90.40
CA GLY VA 52 -2.21 -53.78 89.91
C GLY VA 52 -0.70 -53.79 89.82
N LYS VA 53 -0.09 -52.62 89.99
CA LYS VA 53 1.36 -52.51 89.97
C LYS VA 53 1.94 -53.17 91.21
N ASN VA 54 2.97 -54.00 91.00
CA ASN VA 54 3.62 -54.67 92.13
C ASN VA 54 4.15 -53.66 93.15
N THR VA 55 4.80 -52.60 92.68
CA THR VA 55 5.38 -51.62 93.57
C THR VA 55 4.35 -51.05 94.53
N MET VA 56 3.15 -50.75 94.02
CA MET VA 56 2.10 -50.19 94.85
C MET VA 56 1.72 -51.14 95.97
N MET VA 57 1.43 -52.41 95.64
CA MET VA 57 1.02 -53.36 96.67
C MET VA 57 2.13 -53.63 97.67
N ARG VA 58 3.36 -53.82 97.20
CA ARG VA 58 4.47 -54.08 98.12
C ARG VA 58 4.67 -52.92 99.07
N LYS VA 59 4.69 -51.69 98.55
CA LYS VA 59 4.94 -50.54 99.43
C LYS VA 59 3.78 -50.31 100.39
N ALA VA 60 2.55 -50.59 99.95
CA ALA VA 60 1.41 -50.46 100.86
C ALA VA 60 1.46 -51.50 101.97
N ILE VA 61 1.67 -52.77 101.62
CA ILE VA 61 1.66 -53.82 102.64
C ILE VA 61 2.93 -53.83 103.48
N ARG VA 62 3.95 -53.06 103.09
CA ARG VA 62 5.12 -52.87 103.94
C ARG VA 62 4.98 -51.67 104.87
N GLY VA 63 4.55 -50.52 104.34
CA GLY VA 63 4.47 -49.34 105.17
C GLY VA 63 3.24 -49.31 106.07
N HIS VA 64 2.22 -50.09 105.72
CA HIS VA 64 0.96 -50.13 106.45
C HIS VA 64 0.72 -51.49 107.09
N LEU VA 65 1.77 -52.08 107.65
CA LEU VA 65 1.68 -53.38 108.30
C LEU VA 65 1.62 -53.28 109.82
N GLU VA 66 1.88 -52.11 110.38
CA GLU VA 66 1.89 -51.96 111.83
C GLU VA 66 0.55 -52.27 112.47
N ASN VA 67 -0.54 -52.23 111.70
CA ASN VA 67 -1.84 -52.59 112.26
C ASN VA 67 -1.93 -54.09 112.54
N ASN VA 68 -1.25 -54.92 111.76
CA ASN VA 68 -1.22 -56.35 112.03
C ASN VA 68 0.13 -56.95 111.68
N PRO VA 69 0.89 -57.45 112.67
CA PRO VA 69 2.11 -58.19 112.38
C PRO VA 69 1.81 -59.59 111.85
N ALA VA 70 2.84 -60.42 111.71
CA ALA VA 70 2.73 -61.74 111.07
C ALA VA 70 2.22 -61.62 109.63
N LEU VA 71 2.67 -60.57 108.95
CA LEU VA 71 2.31 -60.31 107.56
C LEU VA 71 3.52 -60.00 106.68
N GLU VA 72 4.68 -59.69 107.28
CA GLU VA 72 5.83 -59.22 106.53
C GLU VA 72 6.55 -60.31 105.76
N LYS VA 73 6.17 -61.58 105.96
CA LYS VA 73 6.78 -62.67 105.21
C LYS VA 73 6.12 -62.89 103.85
N LEU VA 74 5.41 -61.89 103.34
CA LEU VA 74 4.91 -61.89 101.97
C LEU VA 74 5.68 -60.95 101.06
N LEU VA 75 6.28 -59.90 101.61
CA LEU VA 75 7.07 -58.96 100.81
C LEU VA 75 8.18 -59.64 100.01
N PRO VA 76 9.00 -60.54 100.56
CA PRO VA 76 9.98 -61.24 99.73
C PRO VA 76 9.41 -62.36 98.88
N HIS VA 77 8.08 -62.43 98.74
CA HIS VA 77 7.43 -63.46 97.96
C HIS VA 77 6.61 -62.94 96.80
N ILE VA 78 5.98 -61.76 96.93
CA ILE VA 78 5.19 -61.20 95.85
C ILE VA 78 6.12 -60.79 94.72
N ARG VA 79 5.94 -61.39 93.54
CA ARG VA 79 6.89 -61.23 92.45
C ARG VA 79 6.24 -61.74 91.16
N GLY VA 80 6.39 -60.98 90.08
CA GLY VA 80 5.85 -61.34 88.78
C GLY VA 80 4.62 -60.54 88.43
N ASN VA 81 3.85 -61.08 87.50
CA ASN VA 81 2.57 -60.47 87.16
C ASN VA 81 1.50 -60.97 88.11
N VAL VA 82 1.70 -60.73 89.42
CA VAL VA 82 0.91 -61.37 90.46
C VAL VA 82 0.21 -60.30 91.30
N GLY VA 83 -0.89 -60.71 91.93
CA GLY VA 83 -1.68 -59.81 92.74
C GLY VA 83 -2.38 -60.51 93.90
N PHE VA 84 -3.48 -59.91 94.38
CA PHE VA 84 -4.21 -60.42 95.54
C PHE VA 84 -5.69 -60.53 95.21
N VAL VA 85 -6.26 -61.72 95.37
CA VAL VA 85 -7.70 -61.91 95.31
C VAL VA 85 -8.20 -62.12 96.74
N PHE VA 86 -9.23 -61.36 97.11
CA PHE VA 86 -9.71 -61.29 98.48
C PHE VA 86 -11.02 -62.05 98.60
N THR VA 87 -11.19 -62.76 99.71
CA THR VA 87 -12.38 -63.57 99.91
C THR VA 87 -12.59 -63.83 101.38
N LYS VA 88 -13.83 -64.15 101.73
CA LYS VA 88 -14.18 -64.61 103.07
C LYS VA 88 -14.47 -66.11 103.09
N GLU VA 89 -14.64 -66.73 101.93
CA GLU VA 89 -14.87 -68.16 101.86
C GLU VA 89 -13.58 -68.91 102.19
N ASP VA 90 -13.69 -70.22 102.37
CA ASP VA 90 -12.52 -71.03 102.65
C ASP VA 90 -11.73 -71.28 101.37
N LEU VA 91 -10.62 -72.01 101.53
CA LEU VA 91 -9.68 -72.23 100.43
C LEU VA 91 -10.32 -73.02 99.29
N THR VA 92 -11.07 -74.08 99.61
CA THR VA 92 -11.54 -75.00 98.56
C THR VA 92 -12.61 -74.36 97.68
N GLU VA 93 -13.53 -73.61 98.28
CA GLU VA 93 -14.56 -72.94 97.50
C GLU VA 93 -13.96 -71.92 96.55
N ILE VA 94 -12.80 -71.36 96.88
CA ILE VA 94 -12.12 -70.46 95.96
C ILE VA 94 -11.40 -71.25 94.87
N ARG VA 95 -10.65 -72.29 95.27
CA ARG VA 95 -9.83 -73.00 94.29
C ARG VA 95 -10.68 -73.69 93.23
N ASP VA 96 -11.81 -74.28 93.64
CA ASP VA 96 -12.58 -75.05 92.66
C ASP VA 96 -13.32 -74.14 91.69
N MET VA 97 -13.82 -72.99 92.17
CA MET VA 97 -14.47 -72.06 91.25
C MET VA 97 -13.44 -71.39 90.35
N LEU VA 98 -12.22 -71.15 90.86
CA LEU VA 98 -11.23 -70.48 90.03
C LEU VA 98 -10.67 -71.43 88.98
N LEU VA 99 -10.59 -72.73 89.29
CA LEU VA 99 -10.22 -73.70 88.27
C LEU VA 99 -11.38 -74.01 87.33
N ALA VA 100 -12.62 -73.81 87.77
CA ALA VA 100 -13.77 -74.11 86.92
C ALA VA 100 -13.98 -73.05 85.85
N ASN VA 101 -13.75 -71.78 86.17
CA ASN VA 101 -14.05 -70.69 85.25
C ASN VA 101 -12.85 -70.32 84.37
N LYS VA 102 -12.28 -71.31 83.69
CA LYS VA 102 -11.16 -71.07 82.78
C LYS VA 102 -11.71 -70.98 81.36
N VAL VA 103 -11.70 -69.77 80.79
CA VAL VA 103 -12.15 -69.57 79.41
C VAL VA 103 -11.14 -70.21 78.46
N PRO VA 104 -11.58 -70.95 77.44
CA PRO VA 104 -10.62 -71.55 76.50
C PRO VA 104 -10.02 -70.53 75.54
N ALA VA 105 -8.99 -69.83 76.00
CA ALA VA 105 -8.37 -68.79 75.18
C ALA VA 105 -7.69 -69.38 73.96
N ALA VA 106 -7.85 -68.71 72.83
CA ALA VA 106 -7.22 -69.14 71.59
C ALA VA 106 -5.73 -68.86 71.63
N ALA VA 107 -5.00 -69.46 70.70
CA ALA VA 107 -3.55 -69.28 70.60
C ALA VA 107 -3.29 -68.10 69.68
N ARG VA 108 -3.09 -66.93 70.28
CA ARG VA 108 -2.66 -65.77 69.52
C ARG VA 108 -1.28 -66.03 68.92
N ALA VA 109 -1.07 -65.55 67.69
CA ALA VA 109 0.20 -65.78 67.00
C ALA VA 109 1.34 -65.13 67.76
N GLY VA 110 2.50 -65.77 67.75
CA GLY VA 110 3.66 -65.27 68.45
C GLY VA 110 3.67 -65.54 69.93
N ALA VA 111 2.87 -66.48 70.42
CA ALA VA 111 2.86 -66.86 71.82
C ALA VA 111 3.38 -68.27 71.97
N ILE VA 112 4.19 -68.51 73.00
CA ILE VA 112 4.73 -69.85 73.23
C ILE VA 112 3.61 -70.77 73.69
N ALA VA 113 3.75 -72.05 73.38
CA ALA VA 113 2.72 -73.06 73.68
C ALA VA 113 3.36 -74.22 74.44
N PRO VA 114 3.42 -74.12 75.77
CA PRO VA 114 4.00 -75.23 76.55
C PRO VA 114 3.29 -76.55 76.38
N CYS VA 115 1.96 -76.55 76.26
CA CYS VA 115 1.22 -77.79 76.07
C CYS VA 115 1.18 -78.18 74.60
N GLU VA 116 0.88 -79.45 74.36
CA GLU VA 116 0.91 -80.04 73.04
C GLU VA 116 -0.50 -80.46 72.64
N VAL VA 117 -0.91 -80.09 71.42
CA VAL VA 117 -2.17 -80.53 70.85
C VAL VA 117 -1.92 -80.98 69.41
N THR VA 118 -2.58 -82.07 69.03
CA THR VA 118 -2.44 -82.62 67.69
C THR VA 118 -3.83 -82.85 67.12
N VAL VA 119 -4.07 -82.27 65.94
CA VAL VA 119 -5.40 -82.36 65.33
C VAL VA 119 -5.61 -83.75 64.72
N PRO VA 120 -6.76 -84.39 64.96
CA PRO VA 120 -7.03 -85.67 64.29
C PRO VA 120 -7.62 -85.47 62.90
N ALA VA 121 -8.04 -86.56 62.28
CA ALA VA 121 -8.63 -86.51 60.94
C ALA VA 121 -10.15 -86.46 61.08
N GLN VA 122 -10.75 -85.36 60.63
CA GLN VA 122 -12.20 -85.21 60.71
C GLN VA 122 -12.64 -84.23 59.65
N ASN VA 123 -13.95 -84.25 59.36
CA ASN VA 123 -14.52 -83.36 58.37
C ASN VA 123 -14.81 -81.99 59.00
N THR VA 124 -14.33 -80.93 58.35
CA THR VA 124 -14.42 -79.60 58.92
C THR VA 124 -15.84 -79.09 58.99
N GLY VA 125 -16.60 -79.20 57.89
CA GLY VA 125 -17.93 -78.63 57.83
C GLY VA 125 -18.02 -77.28 57.15
N LEU VA 126 -16.93 -76.79 56.57
CA LEU VA 126 -16.90 -75.54 55.83
C LEU VA 126 -16.71 -75.81 54.35
N GLY VA 127 -16.94 -74.78 53.54
CA GLY VA 127 -16.78 -74.88 52.11
C GLY VA 127 -15.33 -75.05 51.71
N PRO VA 128 -15.10 -75.52 50.47
CA PRO VA 128 -13.74 -75.75 49.97
C PRO VA 128 -13.08 -74.49 49.39
N GLU VA 129 -13.18 -73.38 50.13
CA GLU VA 129 -12.54 -72.14 49.73
C GLU VA 129 -11.37 -71.78 50.64
N LYS VA 130 -10.86 -72.74 51.43
CA LYS VA 130 -9.80 -72.49 52.39
C LYS VA 130 -8.68 -73.51 52.26
N THR VA 131 -8.36 -73.93 51.02
CA THR VA 131 -7.30 -74.90 50.79
C THR VA 131 -5.90 -74.29 50.69
N SER VA 132 -5.81 -72.96 50.55
CA SER VA 132 -4.52 -72.31 50.39
C SER VA 132 -3.65 -72.50 51.64
N PHE VA 133 -4.25 -72.36 52.82
CA PHE VA 133 -3.49 -72.55 54.06
C PHE VA 133 -2.96 -73.96 54.18
N PHE VA 134 -3.80 -74.95 53.87
CA PHE VA 134 -3.38 -76.35 53.98
C PHE VA 134 -2.28 -76.67 52.98
N GLN VA 135 -2.40 -76.17 51.75
CA GLN VA 135 -1.37 -76.44 50.75
C GLN VA 135 -0.06 -75.72 51.06
N ALA VA 136 -0.14 -74.52 51.64
CA ALA VA 136 1.09 -73.82 52.02
C ALA VA 136 1.77 -74.50 53.19
N LEU VA 137 1.00 -74.97 54.17
CA LEU VA 137 1.58 -75.64 55.32
C LEU VA 137 2.19 -76.99 54.96
N GLY VA 138 1.54 -77.74 54.07
CA GLY VA 138 1.99 -79.08 53.75
C GLY VA 138 1.06 -80.16 54.28
N ILE VA 139 -0.24 -79.92 54.18
CA ILE VA 139 -1.27 -80.84 54.64
C ILE VA 139 -2.00 -81.38 53.42
N THR VA 140 -2.28 -82.68 53.41
CA THR VA 140 -2.98 -83.32 52.30
C THR VA 140 -4.48 -83.16 52.51
N THR VA 141 -5.15 -82.50 51.57
CA THR VA 141 -6.58 -82.26 51.65
C THR VA 141 -7.19 -82.25 50.26
N LYS VA 142 -8.21 -83.07 50.05
CA LYS VA 142 -8.94 -83.14 48.79
C LYS VA 142 -10.40 -82.87 49.06
N ILE VA 143 -11.17 -82.73 47.99
CA ILE VA 143 -12.59 -82.39 48.11
C ILE VA 143 -13.38 -83.65 48.46
N SER VA 144 -14.34 -83.50 49.38
CA SER VA 144 -15.19 -84.61 49.78
C SER VA 144 -16.53 -84.04 50.25
N ARG VA 145 -17.57 -84.24 49.44
CA ARG VA 145 -18.93 -83.79 49.75
C ARG VA 145 -19.00 -82.28 49.99
N GLY VA 146 -18.20 -81.52 49.25
CA GLY VA 146 -18.23 -80.07 49.35
C GLY VA 146 -17.56 -79.48 50.56
N THR VA 147 -16.79 -80.25 51.32
CA THR VA 147 -16.19 -79.80 52.55
C THR VA 147 -14.71 -80.18 52.60
N ILE VA 148 -14.00 -79.54 53.53
CA ILE VA 148 -12.58 -79.78 53.74
C ILE VA 148 -12.40 -80.97 54.67
N GLU VA 149 -11.57 -81.93 54.27
CA GLU VA 149 -11.33 -83.12 55.07
C GLU VA 149 -9.83 -83.36 55.21
N ILE VA 150 -9.44 -83.85 56.38
CA ILE VA 150 -8.05 -84.18 56.68
C ILE VA 150 -7.90 -85.68 56.44
N LEU VA 151 -7.22 -86.04 55.35
CA LEU VA 151 -7.09 -87.44 54.97
C LEU VA 151 -6.30 -88.24 56.00
N SER VA 152 -5.20 -87.71 56.50
CA SER VA 152 -4.32 -88.41 57.42
C SER VA 152 -3.99 -87.53 58.61
N ASP VA 153 -3.67 -88.17 59.73
CA ASP VA 153 -3.28 -87.43 60.93
C ASP VA 153 -1.92 -86.77 60.72
N VAL VA 154 -1.81 -85.50 61.09
CA VAL VA 154 -0.55 -84.78 61.01
C VAL VA 154 -0.30 -84.07 62.34
N GLN VA 155 0.97 -83.91 62.67
CA GLN VA 155 1.35 -83.28 63.92
C GLN VA 155 1.25 -81.76 63.78
N LEU VA 156 0.41 -81.14 64.60
CA LEU VA 156 0.17 -79.71 64.48
C LEU VA 156 1.18 -78.89 65.29
N ILE VA 157 1.36 -79.22 66.57
CA ILE VA 157 2.25 -78.43 67.42
C ILE VA 157 2.90 -79.33 68.45
N LYS VA 158 4.16 -79.04 68.76
CA LYS VA 158 4.93 -79.76 69.76
C LYS VA 158 4.96 -78.96 71.06
N THR VA 159 5.55 -79.55 72.09
CA THR VA 159 5.70 -78.87 73.37
C THR VA 159 6.73 -77.76 73.28
N GLY VA 160 6.36 -76.58 73.78
CA GLY VA 160 7.29 -75.46 73.91
C GLY VA 160 7.92 -74.95 72.63
N ASP VA 161 7.10 -74.61 71.64
CA ASP VA 161 7.60 -74.09 70.38
C ASP VA 161 6.78 -72.88 69.95
N LYS VA 162 7.40 -72.03 69.14
CA LYS VA 162 6.75 -70.81 68.65
C LYS VA 162 5.55 -71.14 67.78
N VAL VA 163 4.51 -70.32 67.92
CA VAL VA 163 3.30 -70.40 67.11
C VAL VA 163 3.39 -69.33 66.02
N GLY VA 164 3.34 -69.78 64.76
CA GLY VA 164 3.37 -68.85 63.65
C GLY VA 164 2.02 -68.20 63.38
N ALA VA 165 2.01 -67.23 62.47
CA ALA VA 165 0.76 -66.59 62.10
C ALA VA 165 -0.17 -67.55 61.38
N SER VA 166 0.39 -68.34 60.45
CA SER VA 166 -0.43 -69.30 59.69
C SER VA 166 -1.01 -70.35 60.60
N GLU VA 167 -0.23 -70.85 61.57
CA GLU VA 167 -0.74 -71.83 62.52
C GLU VA 167 -1.86 -71.24 63.37
N ALA VA 168 -1.70 -69.99 63.82
CA ALA VA 168 -2.72 -69.37 64.68
C ALA VA 168 -4.02 -69.14 63.90
N THR VA 169 -3.92 -68.67 62.66
CA THR VA 169 -5.13 -68.44 61.89
C THR VA 169 -5.78 -69.75 61.47
N LEU VA 170 -4.99 -70.80 61.20
CA LEU VA 170 -5.54 -72.11 60.91
C LEU VA 170 -6.27 -72.67 62.13
N LEU VA 171 -5.71 -72.44 63.32
CA LEU VA 171 -6.34 -72.88 64.55
C LEU VA 171 -7.63 -72.13 64.82
N ASN VA 172 -7.65 -70.82 64.56
CA ASN VA 172 -8.86 -70.02 64.81
C ASN VA 172 -9.96 -70.38 63.81
N MET VA 173 -9.62 -70.45 62.52
CA MET VA 173 -10.60 -70.85 61.51
C MET VA 173 -11.05 -72.29 61.66
N LEU VA 174 -10.18 -73.14 62.23
CA LEU VA 174 -10.50 -74.55 62.38
C LEU VA 174 -11.59 -74.79 63.43
N ASN VA 175 -11.71 -73.92 64.42
CA ASN VA 175 -12.72 -74.02 65.48
C ASN VA 175 -12.58 -75.33 66.27
N ILE VA 176 -11.42 -75.52 66.88
CA ILE VA 176 -11.17 -76.63 67.80
C ILE VA 176 -10.59 -76.05 69.09
N SER VA 177 -10.34 -76.95 70.04
CA SER VA 177 -9.87 -76.54 71.36
C SER VA 177 -8.38 -76.26 71.33
N PRO VA 178 -7.94 -75.03 71.59
CA PRO VA 178 -6.50 -74.73 71.56
C PRO VA 178 -5.86 -74.88 72.92
N PHE VA 179 -4.56 -74.59 73.00
CA PHE VA 179 -3.91 -74.43 74.29
C PHE VA 179 -4.47 -73.21 75.01
N SER VA 180 -4.98 -73.43 76.21
CA SER VA 180 -5.73 -72.41 76.93
C SER VA 180 -5.19 -72.26 78.34
N PHE VA 181 -5.28 -71.04 78.85
CA PHE VA 181 -4.80 -70.73 80.19
C PHE VA 181 -5.50 -69.46 80.67
N GLY VA 182 -5.42 -69.23 81.96
CA GLY VA 182 -6.07 -68.08 82.56
C GLY VA 182 -5.47 -67.75 83.90
N LEU VA 183 -6.30 -67.16 84.76
CA LEU VA 183 -5.85 -66.76 86.09
C LEU VA 183 -5.54 -68.00 86.93
N VAL VA 184 -4.30 -68.13 87.37
CA VAL VA 184 -3.85 -69.29 88.13
C VAL VA 184 -3.49 -68.84 89.55
N ILE VA 185 -3.98 -69.58 90.54
CA ILE VA 185 -3.62 -69.30 91.92
C ILE VA 185 -2.14 -69.61 92.15
N GLN VA 186 -1.47 -68.76 92.91
CA GLN VA 186 -0.05 -68.94 93.19
C GLN VA 186 0.17 -69.65 94.53
N GLN VA 187 -0.30 -69.06 95.62
CA GLN VA 187 -0.38 -69.75 96.90
C GLN VA 187 -1.40 -69.01 97.75
N VAL VA 188 -1.68 -69.56 98.93
CA VAL VA 188 -2.73 -69.01 99.78
C VAL VA 188 -2.07 -68.37 101.01
N PHE VA 189 -2.83 -67.47 101.65
CA PHE VA 189 -2.36 -66.79 102.86
C PHE VA 189 -3.55 -66.66 103.81
N ASP VA 190 -3.66 -67.63 104.73
CA ASP VA 190 -4.70 -67.66 105.76
C ASP VA 190 -4.04 -67.27 107.07
N ASN VA 191 -4.38 -66.05 107.57
CA ASN VA 191 -3.94 -65.43 108.83
C ASN VA 191 -2.48 -65.73 109.17
N GLY VA 192 -1.61 -65.75 108.17
CA GLY VA 192 -0.20 -66.04 108.38
C GLY VA 192 0.17 -67.49 108.18
N SER VA 193 -0.31 -68.10 107.10
CA SER VA 193 0.08 -69.46 106.74
C SER VA 193 0.35 -69.51 105.24
N ILE VA 194 1.40 -70.23 104.86
CA ILE VA 194 1.79 -70.37 103.46
C ILE VA 194 1.51 -71.81 103.05
N TYR VA 195 0.39 -72.02 102.39
CA TYR VA 195 0.02 -73.30 101.77
C TYR VA 195 -0.13 -73.06 100.27
N ASN VA 196 -0.58 -74.08 99.54
CA ASN VA 196 -0.72 -73.95 98.09
C ASN VA 196 -1.83 -72.94 97.72
N PRO WA 1 -26.27 -76.61 63.73
CA PRO WA 1 -27.17 -75.46 63.78
C PRO WA 1 -27.98 -75.27 62.50
N ASN WA 2 -28.77 -76.28 62.14
CA ASN WA 2 -29.67 -76.25 60.97
C ASN WA 2 -28.89 -76.04 59.67
N GLU WA 3 -27.59 -76.36 59.70
CA GLU WA 3 -26.65 -76.25 58.57
C GLU WA 3 -26.46 -74.81 58.11
N ILE WA 4 -27.13 -73.86 58.77
CA ILE WA 4 -26.99 -72.43 58.46
C ILE WA 4 -27.57 -71.67 59.65
N LYS WA 5 -26.94 -70.55 59.99
CA LYS WA 5 -27.32 -69.83 61.20
C LYS WA 5 -27.56 -68.36 60.86
N VAL WA 6 -28.11 -67.65 61.84
CA VAL WA 6 -28.69 -66.34 61.63
C VAL WA 6 -28.16 -65.34 62.66
N VAL WA 7 -26.98 -65.64 63.22
CA VAL WA 7 -26.39 -64.78 64.24
C VAL WA 7 -26.00 -63.42 63.67
N TYR WA 8 -25.98 -63.29 62.35
CA TYR WA 8 -25.57 -62.04 61.71
C TYR WA 8 -26.49 -60.90 62.09
N LEU WA 9 -25.91 -59.71 62.21
CA LEU WA 9 -26.66 -58.51 62.57
C LEU WA 9 -27.19 -57.86 61.28
N ARG WA 10 -27.75 -56.65 61.42
CA ARG WA 10 -28.24 -55.88 60.29
C ARG WA 10 -28.29 -54.42 60.69
N CYS WA 11 -27.84 -53.54 59.81
CA CYS WA 11 -27.58 -52.15 60.15
C CYS WA 11 -28.32 -51.20 59.23
N THR WA 12 -29.62 -51.44 59.03
CA THR WA 12 -30.45 -50.48 58.32
C THR WA 12 -31.85 -50.52 58.93
N GLY WA 13 -32.60 -49.45 58.71
CA GLY WA 13 -33.92 -49.33 59.29
C GLY WA 13 -34.56 -48.03 58.86
N GLY WA 14 -35.72 -47.76 59.44
CA GLY WA 14 -36.45 -46.56 59.08
C GLY WA 14 -37.13 -46.70 57.74
N GLU WA 15 -36.58 -46.04 56.73
CA GLU WA 15 -37.05 -46.20 55.37
C GLU WA 15 -36.87 -47.63 54.91
N VAL WA 16 -37.78 -48.10 54.06
CA VAL WA 16 -37.77 -49.51 53.65
C VAL WA 16 -36.52 -49.83 52.85
N GLY WA 17 -36.36 -49.18 51.70
CA GLY WA 17 -35.18 -49.38 50.89
C GLY WA 17 -35.24 -50.61 49.98
N ALA WA 18 -35.26 -51.79 50.61
CA ALA WA 18 -35.32 -53.09 49.93
C ALA WA 18 -34.15 -53.28 48.98
N THR WA 19 -34.38 -53.08 47.68
CA THR WA 19 -33.31 -53.23 46.70
C THR WA 19 -32.22 -52.18 46.92
N SER WA 20 -32.61 -50.99 47.35
CA SER WA 20 -31.62 -49.95 47.66
C SER WA 20 -30.90 -50.23 48.96
N ALA WA 21 -31.50 -51.01 49.86
CA ALA WA 21 -30.84 -51.40 51.09
C ALA WA 21 -29.75 -52.43 50.81
N LEU WA 22 -28.84 -52.61 51.77
CA LEU WA 22 -27.78 -53.60 51.64
C LEU WA 22 -28.27 -55.02 51.92
N ALA WA 23 -29.56 -55.19 52.18
CA ALA WA 23 -30.11 -56.49 52.53
C ALA WA 23 -29.84 -57.60 51.50
N PRO WA 24 -29.90 -57.38 50.19
CA PRO WA 24 -29.56 -58.48 49.26
C PRO WA 24 -28.14 -59.00 49.42
N LYS WA 25 -27.22 -58.21 49.97
CA LYS WA 25 -25.86 -58.71 50.20
C LYS WA 25 -25.85 -59.79 51.28
N ILE WA 26 -26.76 -59.69 52.26
CA ILE WA 26 -26.91 -60.74 53.24
C ILE WA 26 -27.41 -62.03 52.60
N GLY WA 27 -28.11 -61.92 51.46
CA GLY WA 27 -28.66 -63.04 50.74
C GLY WA 27 -27.75 -64.24 50.53
N PRO WA 28 -26.59 -64.04 49.90
CA PRO WA 28 -25.69 -65.18 49.62
C PRO WA 28 -25.02 -65.78 50.85
N LEU WA 29 -25.34 -65.33 52.07
CA LEU WA 29 -24.73 -65.93 53.25
C LEU WA 29 -25.64 -66.99 53.89
N GLY WA 30 -26.94 -66.78 53.87
CA GLY WA 30 -27.86 -67.77 54.39
C GLY WA 30 -28.60 -68.50 53.30
N LEU WA 31 -28.78 -67.82 52.17
CA LEU WA 31 -29.48 -68.26 50.95
C LEU WA 31 -30.97 -68.43 51.17
N SER WA 32 -31.46 -68.35 52.39
CA SER WA 32 -32.89 -68.46 52.67
C SER WA 32 -33.66 -67.18 52.34
N PRO WA 33 -33.28 -65.98 52.90
CA PRO WA 33 -34.20 -64.84 52.80
C PRO WA 33 -34.51 -64.38 51.38
N LYS WA 34 -33.49 -63.94 50.66
CA LYS WA 34 -33.62 -63.25 49.37
C LYS WA 34 -34.56 -62.06 49.54
N LYS WA 35 -35.22 -61.64 48.45
CA LYS WA 35 -36.15 -60.53 48.53
C LYS WA 35 -37.36 -60.88 49.38
N VAL WA 36 -37.88 -62.10 49.24
CA VAL WA 36 -39.01 -62.55 50.04
C VAL WA 36 -38.67 -62.70 51.52
N GLY WA 37 -37.39 -62.54 51.88
CA GLY WA 37 -36.99 -62.55 53.26
C GLY WA 37 -36.68 -61.16 53.78
N ASP WA 38 -36.03 -60.33 52.96
CA ASP WA 38 -35.73 -58.99 53.47
C ASP WA 38 -36.97 -58.11 53.48
N ASP WA 39 -37.96 -58.38 52.61
CA ASP WA 39 -39.22 -57.64 52.68
C ASP WA 39 -39.98 -57.97 53.96
N ILE WA 40 -40.11 -59.26 54.27
CA ILE WA 40 -40.83 -59.67 55.46
C ILE WA 40 -40.05 -59.33 56.73
N ALA WA 41 -38.73 -59.20 56.64
CA ALA WA 41 -37.96 -58.70 57.78
C ALA WA 41 -38.18 -57.21 57.98
N LYS WA 42 -38.18 -56.43 56.89
CA LYS WA 42 -38.34 -54.99 57.01
C LYS WA 42 -39.77 -54.61 57.40
N ALA WA 43 -40.74 -55.48 57.11
CA ALA WA 43 -42.13 -55.14 57.39
C ALA WA 43 -42.36 -54.88 58.87
N THR WA 44 -41.80 -55.71 59.75
CA THR WA 44 -41.91 -55.49 61.19
C THR WA 44 -40.75 -54.68 61.75
N GLY WA 45 -39.71 -54.43 60.97
CA GLY WA 45 -38.59 -53.63 61.42
C GLY WA 45 -38.73 -52.16 61.04
N ASP WA 46 -39.88 -51.79 60.48
CA ASP WA 46 -40.12 -50.41 60.09
C ASP WA 46 -40.03 -49.48 61.29
N TRP WA 47 -40.65 -49.87 62.40
CA TRP WA 47 -40.53 -49.16 63.66
C TRP WA 47 -39.62 -49.97 64.57
N LYS WA 48 -39.18 -49.33 65.66
CA LYS WA 48 -38.22 -49.88 66.62
C LYS WA 48 -36.95 -50.37 65.90
N GLY WA 49 -36.21 -49.42 65.32
CA GLY WA 49 -36.48 -48.00 65.35
C GLY WA 49 -36.70 -47.45 63.96
N LEU WA 50 -36.78 -46.11 63.85
CA LEU WA 50 -36.88 -45.44 62.57
C LEU WA 50 -35.51 -44.88 62.13
N ARG WA 51 -34.44 -45.41 62.71
CA ARG WA 51 -33.06 -45.01 62.47
C ARG WA 51 -32.31 -46.21 61.90
N ILE WA 52 -30.97 -46.11 61.86
CA ILE WA 52 -30.14 -47.21 61.38
C ILE WA 52 -30.47 -48.51 62.10
N THR WA 53 -30.57 -48.46 63.44
CA THR WA 53 -31.12 -49.54 64.25
C THR WA 53 -30.42 -50.87 63.99
N VAL WA 54 -29.16 -50.92 64.41
CA VAL WA 54 -28.42 -52.17 64.31
C VAL WA 54 -29.12 -53.22 65.16
N LYS WA 55 -29.73 -54.20 64.50
CA LYS WA 55 -30.56 -55.20 65.18
C LYS WA 55 -30.37 -56.55 64.53
N LEU WA 56 -30.63 -57.59 65.32
CA LEU WA 56 -30.38 -58.98 64.96
C LEU WA 56 -31.68 -59.64 64.51
N THR WA 57 -31.56 -60.63 63.63
CA THR WA 57 -32.71 -61.37 63.12
C THR WA 57 -32.56 -62.85 63.41
N ILE WA 58 -33.71 -63.54 63.48
CA ILE WA 58 -33.77 -64.98 63.73
C ILE WA 58 -34.55 -65.63 62.59
N GLN WA 59 -33.97 -66.65 61.99
CA GLN WA 59 -34.54 -67.32 60.82
C GLN WA 59 -35.12 -68.68 61.22
N ASN WA 60 -36.39 -68.89 60.88
CA ASN WA 60 -37.04 -70.19 61.04
C ASN WA 60 -37.26 -70.90 59.71
N ARG WA 61 -36.39 -70.62 58.74
CA ARG WA 61 -36.28 -71.30 57.44
C ARG WA 61 -37.40 -70.95 56.47
N GLN WA 62 -38.41 -70.24 56.93
CA GLN WA 62 -39.41 -69.66 56.03
C GLN WA 62 -39.67 -68.19 56.30
N ALA WA 63 -39.71 -67.79 57.57
CA ALA WA 63 -39.98 -66.41 57.95
C ALA WA 63 -38.96 -65.98 59.00
N GLN WA 64 -38.66 -64.69 59.01
CA GLN WA 64 -37.64 -64.15 59.88
C GLN WA 64 -38.24 -63.15 60.86
N ILE WA 65 -38.07 -63.44 62.15
CA ILE WA 65 -38.43 -62.52 63.22
C ILE WA 65 -37.22 -61.68 63.56
N GLU WA 66 -37.45 -60.55 64.22
CA GLU WA 66 -36.38 -59.59 64.50
C GLU WA 66 -36.34 -59.27 65.99
N VAL WA 67 -35.14 -59.33 66.56
CA VAL WA 67 -34.88 -58.92 67.93
C VAL WA 67 -34.01 -57.67 67.89
N VAL WA 68 -34.44 -56.62 68.57
CA VAL WA 68 -33.77 -55.33 68.54
C VAL WA 68 -33.02 -55.15 69.86
N PRO WA 69 -31.69 -55.15 69.83
CA PRO WA 69 -30.93 -54.76 71.03
C PRO WA 69 -31.28 -53.34 71.44
N SER WA 70 -31.39 -53.13 72.75
CA SER WA 70 -31.86 -51.85 73.29
C SER WA 70 -30.67 -50.90 73.49
N ALA WA 71 -30.13 -50.45 72.37
CA ALA WA 71 -29.06 -49.46 72.43
C ALA WA 71 -29.59 -48.15 72.97
N SER WA 72 -28.77 -47.48 73.79
CA SER WA 72 -29.22 -46.28 74.48
C SER WA 72 -29.48 -45.14 73.50
N ALA WA 73 -28.52 -44.87 72.60
CA ALA WA 73 -28.70 -43.83 71.61
C ALA WA 73 -29.85 -44.15 70.67
N LEU WA 74 -29.99 -45.43 70.30
CA LEU WA 74 -31.05 -45.85 69.39
C LEU WA 74 -32.42 -45.59 69.98
N ILE WA 75 -32.65 -46.06 71.21
CA ILE WA 75 -33.96 -45.88 71.82
C ILE WA 75 -34.20 -44.43 72.19
N ILE WA 76 -33.16 -43.68 72.55
CA ILE WA 76 -33.39 -42.29 72.94
C ILE WA 76 -33.65 -41.42 71.70
N LYS WA 77 -33.14 -41.81 70.53
CA LYS WA 77 -33.58 -41.17 69.31
C LYS WA 77 -34.97 -41.60 68.91
N ALA WA 78 -35.33 -42.87 69.15
CA ALA WA 78 -36.68 -43.33 68.87
C ALA WA 78 -37.71 -42.57 69.70
N LEU WA 79 -37.36 -42.27 70.95
CA LEU WA 79 -38.26 -41.49 71.80
C LEU WA 79 -38.22 -40.01 71.44
N LYS WA 80 -37.08 -39.52 70.93
CA LYS WA 80 -37.01 -38.15 70.45
C LYS WA 80 -37.75 -38.00 69.12
N GLU WA 81 -38.17 -36.77 68.85
CA GLU WA 81 -38.93 -36.48 67.63
C GLU WA 81 -38.35 -35.27 66.91
N ILE WA 98 -35.04 -29.57 79.50
CA ILE WA 98 -35.82 -30.77 79.80
C ILE WA 98 -34.90 -31.88 80.31
N THR WA 99 -35.42 -32.71 81.21
CA THR WA 99 -34.68 -33.81 81.80
C THR WA 99 -35.17 -35.17 81.32
N PHE WA 100 -36.48 -35.31 81.13
CA PHE WA 100 -37.15 -36.57 80.76
C PHE WA 100 -36.55 -37.77 81.49
N ASP WA 101 -36.47 -37.66 82.81
CA ASP WA 101 -35.83 -38.69 83.60
C ASP WA 101 -36.69 -39.95 83.67
N GLU WA 102 -38.01 -39.81 83.52
CA GLU WA 102 -38.89 -40.96 83.66
C GLU WA 102 -38.76 -41.92 82.48
N ILE WA 103 -38.73 -41.38 81.25
CA ILE WA 103 -38.62 -42.25 80.09
C ILE WA 103 -37.28 -42.97 80.07
N VAL WA 104 -36.22 -42.31 80.54
CA VAL WA 104 -34.91 -42.94 80.54
C VAL WA 104 -34.72 -43.87 81.74
N ASN WA 105 -35.48 -43.67 82.82
CA ASN WA 105 -35.43 -44.60 83.94
C ASN WA 105 -36.30 -45.82 83.70
N ILE WA 106 -37.27 -45.73 82.79
CA ILE WA 106 -38.06 -46.90 82.45
C ILE WA 106 -37.54 -47.64 81.22
N ALA WA 107 -36.84 -46.95 80.31
CA ALA WA 107 -36.37 -47.61 79.10
C ALA WA 107 -35.15 -48.48 79.36
N ARG WA 108 -34.42 -48.22 80.45
CA ARG WA 108 -33.20 -48.95 80.78
C ARG WA 108 -33.46 -50.24 81.53
N GLN WA 109 -34.67 -50.43 82.06
CA GLN WA 109 -34.95 -51.58 82.90
C GLN WA 109 -34.97 -52.88 82.10
N MET WA 110 -35.43 -52.84 80.87
CA MET WA 110 -35.55 -54.04 80.03
C MET WA 110 -34.30 -54.32 79.21
N ARG WA 111 -33.23 -53.57 79.45
CA ARG WA 111 -32.03 -53.67 78.62
C ARG WA 111 -31.19 -54.86 79.09
N HIS WA 112 -30.05 -55.11 78.44
CA HIS WA 112 -29.08 -56.10 78.89
C HIS WA 112 -28.58 -55.79 80.30
N ARG WA 113 -28.47 -54.51 80.63
CA ARG WA 113 -28.17 -54.05 81.99
C ARG WA 113 -26.78 -54.44 82.47
N SER WA 114 -25.88 -54.85 81.57
CA SER WA 114 -24.58 -55.35 82.00
C SER WA 114 -23.66 -54.18 82.33
N LEU WA 115 -23.24 -53.42 81.31
CA LEU WA 115 -22.42 -52.22 81.45
C LEU WA 115 -21.24 -52.37 82.42
N ALA WA 116 -20.69 -53.58 82.53
CA ALA WA 116 -19.57 -53.88 83.43
C ALA WA 116 -19.86 -53.45 84.87
N ARG WA 117 -21.12 -53.52 85.26
CA ARG WA 117 -21.61 -52.82 86.44
C ARG WA 117 -21.07 -53.42 87.74
N GLU WA 118 -21.08 -52.59 88.78
CA GLU WA 118 -21.07 -53.03 90.16
C GLU WA 118 -22.25 -52.48 90.93
N LEU WA 119 -23.01 -51.55 90.36
CA LEU WA 119 -24.14 -50.93 91.02
C LEU WA 119 -25.10 -50.40 89.96
N SER WA 120 -26.34 -50.16 90.38
CA SER WA 120 -27.39 -49.84 89.41
C SER WA 120 -27.22 -48.46 88.81
N GLY WA 121 -26.65 -47.52 89.56
CA GLY WA 121 -26.52 -46.15 89.10
C GLY WA 121 -25.56 -45.96 87.94
N THR WA 122 -24.77 -46.98 87.60
CA THR WA 122 -23.83 -46.84 86.50
C THR WA 122 -24.56 -46.66 85.18
N ILE WA 123 -25.69 -47.34 85.00
CA ILE WA 123 -26.38 -47.33 83.71
C ILE WA 123 -26.97 -45.95 83.43
N LYS WA 124 -27.64 -45.36 84.42
CA LYS WA 124 -28.23 -44.03 84.22
C LYS WA 124 -27.18 -42.96 83.99
N GLU WA 125 -26.01 -43.09 84.64
CA GLU WA 125 -24.92 -42.16 84.39
C GLU WA 125 -24.47 -42.24 82.94
N ILE WA 126 -24.42 -43.45 82.38
CA ILE WA 126 -24.04 -43.62 80.98
C ILE WA 126 -25.11 -43.05 80.07
N LEU WA 127 -26.38 -43.32 80.35
CA LEU WA 127 -27.47 -42.89 79.49
C LEU WA 127 -27.69 -41.39 79.51
N GLY WA 128 -27.39 -40.71 80.62
CA GLY WA 128 -27.64 -39.29 80.70
C GLY WA 128 -26.75 -38.47 79.77
N THR WA 129 -25.47 -38.84 79.67
CA THR WA 129 -24.52 -38.13 78.82
C THR WA 129 -24.32 -38.80 77.46
N ALA WA 130 -24.97 -39.94 77.21
CA ALA WA 130 -25.10 -40.40 75.83
C ALA WA 130 -26.09 -39.55 75.06
N GLN WA 131 -26.85 -38.69 75.74
CA GLN WA 131 -27.77 -37.74 75.14
C GLN WA 131 -27.11 -36.39 74.88
N SER WA 132 -25.79 -36.30 75.07
CA SER WA 132 -25.06 -35.07 74.75
C SER WA 132 -25.05 -34.80 73.25
N VAL WA 133 -25.46 -35.77 72.45
CA VAL WA 133 -25.66 -35.58 71.02
C VAL WA 133 -27.15 -35.38 70.73
N HIS WA 141 -28.04 -28.43 79.86
CA HIS WA 141 -27.53 -29.63 79.21
C HIS WA 141 -27.47 -30.78 80.21
N PRO WA 142 -27.66 -32.02 79.73
CA PRO WA 142 -27.68 -33.18 80.64
C PRO WA 142 -26.29 -33.64 81.08
N HIS WA 143 -25.45 -32.71 81.52
CA HIS WA 143 -24.23 -33.06 82.24
C HIS WA 143 -24.26 -32.63 83.70
N ASP WA 144 -25.13 -31.69 84.09
CA ASP WA 144 -25.32 -31.39 85.50
C ASP WA 144 -25.94 -32.58 86.22
N ILE WA 145 -26.79 -33.34 85.52
CA ILE WA 145 -27.35 -34.56 86.11
C ILE WA 145 -26.25 -35.57 86.34
N ILE WA 146 -25.34 -35.72 85.39
CA ILE WA 146 -24.24 -36.68 85.52
C ILE WA 146 -23.27 -36.22 86.59
N ASP WA 147 -23.00 -34.90 86.67
CA ASP WA 147 -22.01 -34.38 87.60
C ASP WA 147 -22.38 -34.69 89.04
N ASP WA 148 -23.49 -34.15 89.51
CA ASP WA 148 -24.03 -34.47 90.84
C ASP WA 148 -25.43 -35.03 90.65
N ILE WA 149 -25.62 -36.27 91.10
CA ILE WA 149 -26.91 -36.95 90.99
C ILE WA 149 -27.31 -37.45 92.37
N ASN WA 150 -28.56 -37.18 92.75
CA ASN WA 150 -29.03 -37.51 94.09
C ASN WA 150 -30.43 -38.09 94.09
N SER WA 151 -30.89 -38.63 92.96
CA SER WA 151 -32.21 -39.23 92.84
C SER WA 151 -32.10 -40.57 92.14
N GLY WA 152 -33.01 -41.48 92.50
CA GLY WA 152 -33.09 -42.77 91.83
C GLY WA 152 -31.86 -43.64 91.98
N ALA WA 153 -31.18 -43.54 93.12
CA ALA WA 153 -30.01 -44.38 93.35
C ALA WA 153 -30.39 -45.85 93.42
N VAL WA 154 -31.50 -46.16 94.08
CA VAL WA 154 -31.95 -47.54 94.22
C VAL WA 154 -33.34 -47.70 93.60
N GLU WA 155 -33.64 -46.91 92.57
CA GLU WA 155 -34.90 -47.05 91.86
C GLU WA 155 -35.01 -48.41 91.17
N CYS WA 156 -34.00 -48.75 90.38
CA CYS WA 156 -34.03 -50.02 89.64
C CYS WA 156 -34.02 -51.24 90.55
N PRO WA 157 -33.13 -51.35 91.56
CA PRO WA 157 -33.27 -52.54 92.39
C PRO WA 157 -34.42 -52.43 93.39
N MET XA 1 -115.67 -6.01 24.89
CA MET XA 1 -115.79 -6.22 26.34
C MET XA 1 -114.57 -6.93 26.90
N ALA XA 2 -114.65 -7.33 28.17
CA ALA XA 2 -113.51 -7.97 28.82
C ALA XA 2 -113.28 -9.38 28.30
N VAL XA 3 -114.35 -10.18 28.19
CA VAL XA 3 -114.20 -11.59 27.84
C VAL XA 3 -113.72 -11.74 26.40
N GLN XA 4 -114.37 -11.04 25.47
CA GLN XA 4 -113.91 -11.02 24.09
C GLN XA 4 -112.64 -10.18 23.98
N ILE XA 5 -111.63 -10.73 23.32
CA ILE XA 5 -110.36 -10.02 23.16
C ILE XA 5 -110.56 -8.90 22.14
N SER XA 6 -109.63 -7.96 22.10
CA SER XA 6 -109.73 -6.82 21.18
C SER XA 6 -109.73 -7.31 19.74
N LYS XA 7 -110.23 -6.46 18.84
CA LYS XA 7 -110.34 -6.83 17.43
C LYS XA 7 -108.97 -7.01 16.79
N LYS XA 8 -107.99 -6.18 17.17
CA LYS XA 8 -106.64 -6.33 16.65
C LYS XA 8 -106.04 -7.68 17.04
N ARG XA 9 -106.13 -8.02 18.34
CA ARG XA 9 -105.65 -9.31 18.80
C ARG XA 9 -106.49 -10.45 18.22
N LYS XA 10 -107.78 -10.20 17.97
CA LYS XA 10 -108.63 -11.20 17.32
C LYS XA 10 -108.14 -11.50 15.92
N PHE XA 11 -107.84 -10.46 15.13
CA PHE XA 11 -107.36 -10.66 13.78
C PHE XA 11 -105.98 -11.31 13.77
N VAL XA 12 -105.10 -10.92 14.69
CA VAL XA 12 -103.78 -11.51 14.76
C VAL XA 12 -103.89 -12.99 15.14
N ALA XA 13 -104.78 -13.31 16.09
CA ALA XA 13 -104.99 -14.69 16.47
C ALA XA 13 -105.58 -15.51 15.32
N ASP XA 14 -106.50 -14.93 14.57
CA ASP XA 14 -107.02 -15.62 13.38
C ASP XA 14 -105.91 -15.88 12.38
N GLY XA 15 -105.04 -14.91 12.16
CA GLY XA 15 -103.96 -15.10 11.21
C GLY XA 15 -102.96 -16.16 11.66
N ILE XA 16 -102.60 -16.15 12.95
CA ILE XA 16 -101.65 -17.14 13.43
C ILE XA 16 -102.30 -18.53 13.46
N PHE XA 17 -103.62 -18.59 13.70
CA PHE XA 17 -104.33 -19.86 13.58
C PHE XA 17 -104.31 -20.37 12.14
N LYS XA 18 -104.50 -19.45 11.18
CA LYS XA 18 -104.43 -19.83 9.77
C LYS XA 18 -103.05 -20.35 9.41
N ALA XA 19 -101.99 -19.68 9.90
CA ALA XA 19 -100.63 -20.15 9.64
C ALA XA 19 -100.38 -21.52 10.26
N GLU XA 20 -100.84 -21.70 11.50
CA GLU XA 20 -100.72 -23.00 12.17
C GLU XA 20 -101.44 -24.08 11.39
N LEU XA 21 -102.65 -23.81 10.92
CA LEU XA 21 -103.42 -24.82 10.22
C LEU XA 21 -102.79 -25.14 8.88
N ASN XA 22 -102.33 -24.11 8.15
CA ASN XA 22 -101.68 -24.36 6.87
C ASN XA 22 -100.39 -25.15 7.04
N GLU XA 23 -99.56 -24.80 8.02
CA GLU XA 23 -98.32 -25.52 8.21
C GLU XA 23 -98.55 -26.95 8.69
N PHE XA 24 -99.57 -27.15 9.53
CA PHE XA 24 -99.91 -28.49 9.97
C PHE XA 24 -100.40 -29.34 8.82
N LEU XA 25 -101.27 -28.79 7.96
CA LEU XA 25 -101.72 -29.51 6.78
C LEU XA 25 -100.57 -29.75 5.80
N THR XA 26 -99.56 -28.89 5.80
CA THR XA 26 -98.39 -29.12 4.95
C THR XA 26 -97.57 -30.30 5.46
N ARG XA 27 -97.16 -30.23 6.74
CA ARG XA 27 -96.31 -31.29 7.29
C ARG XA 27 -97.04 -32.63 7.32
N GLU XA 28 -98.31 -32.64 7.71
CA GLU XA 28 -99.06 -33.87 7.83
C GLU XA 28 -99.33 -34.51 6.47
N LEU XA 29 -99.68 -33.70 5.48
CA LEU XA 29 -100.22 -34.19 4.21
C LEU XA 29 -99.39 -33.72 3.03
N ALA XA 30 -98.06 -33.67 3.19
CA ALA XA 30 -97.19 -33.30 2.09
C ALA XA 30 -97.22 -34.34 0.97
N GLU XA 31 -97.22 -35.62 1.34
CA GLU XA 31 -97.17 -36.70 0.36
C GLU XA 31 -98.46 -36.83 -0.45
N ASP XA 32 -99.58 -36.33 0.06
CA ASP XA 32 -100.88 -36.50 -0.59
C ASP XA 32 -101.24 -35.31 -1.46
N GLY XA 33 -100.25 -34.57 -1.95
CA GLY XA 33 -100.49 -33.45 -2.84
C GLY XA 33 -101.28 -32.31 -2.23
N TYR XA 34 -100.90 -31.90 -1.02
CA TYR XA 34 -101.53 -30.76 -0.37
C TYR XA 34 -101.38 -29.51 -1.24
N SER XA 35 -102.44 -28.70 -1.26
CA SER XA 35 -102.43 -27.45 -2.01
C SER XA 35 -102.64 -26.22 -1.14
N GLY XA 36 -103.61 -26.26 -0.24
CA GLY XA 36 -103.88 -25.12 0.62
C GLY XA 36 -105.08 -25.39 1.50
N VAL XA 37 -105.33 -24.44 2.39
CA VAL XA 37 -106.47 -24.50 3.31
C VAL XA 37 -107.25 -23.20 3.22
N GLU XA 38 -108.57 -23.32 3.09
CA GLU XA 38 -109.46 -22.18 3.09
C GLU XA 38 -110.41 -22.33 4.26
N VAL XA 39 -110.56 -21.28 5.05
CA VAL XA 39 -111.30 -21.34 6.31
C VAL XA 39 -112.43 -20.32 6.27
N ARG XA 40 -113.61 -20.73 6.72
CA ARG XA 40 -114.79 -19.89 6.81
C ARG XA 40 -115.24 -19.88 8.26
N VAL XA 41 -114.84 -18.84 9.00
CA VAL XA 41 -115.15 -18.73 10.41
C VAL XA 41 -116.41 -17.90 10.59
N THR XA 42 -117.42 -18.49 11.22
CA THR XA 42 -118.61 -17.80 11.68
C THR XA 42 -118.84 -18.22 13.12
N PRO XA 43 -119.51 -17.38 13.92
CA PRO XA 43 -119.71 -17.74 15.34
C PRO XA 43 -120.47 -19.05 15.55
N THR XA 44 -121.38 -19.41 14.64
CA THR XA 44 -122.10 -20.67 14.79
C THR XA 44 -121.18 -21.87 14.61
N ARG XA 45 -120.36 -21.88 13.57
CA ARG XA 45 -119.41 -22.95 13.34
C ARG XA 45 -118.32 -22.45 12.40
N THR XA 46 -117.17 -23.12 12.45
CA THR XA 46 -116.05 -22.84 11.56
C THR XA 46 -115.92 -23.98 10.57
N GLU XA 47 -115.69 -23.62 9.30
CA GLU XA 47 -115.59 -24.60 8.22
C GLU XA 47 -114.17 -24.58 7.66
N ILE XA 48 -113.57 -25.75 7.58
CA ILE XA 48 -112.22 -25.93 7.05
C ILE XA 48 -112.32 -26.80 5.81
N ILE XA 49 -111.86 -26.28 4.68
CA ILE XA 49 -111.81 -27.03 3.43
C ILE XA 49 -110.37 -27.07 2.94
N ILE XA 50 -109.94 -28.26 2.52
CA ILE XA 50 -108.58 -28.53 2.07
C ILE XA 50 -108.59 -28.73 0.56
N LEU XA 51 -107.64 -28.08 -0.12
CA LEU XA 51 -107.38 -28.34 -1.52
C LEU XA 51 -106.29 -29.39 -1.58
N ALA XA 52 -106.54 -30.50 -2.27
CA ALA XA 52 -105.57 -31.59 -2.30
C ALA XA 52 -105.75 -32.38 -3.58
N THR XA 53 -104.72 -33.16 -3.92
CA THR XA 53 -104.72 -33.90 -5.19
C THR XA 53 -105.62 -35.12 -5.13
N ARG XA 54 -105.30 -36.06 -4.25
CA ARG XA 54 -105.99 -37.35 -4.17
C ARG XA 54 -107.05 -37.25 -3.08
N THR XA 55 -108.27 -36.90 -3.48
CA THR XA 55 -109.37 -36.77 -2.53
C THR XA 55 -109.68 -38.09 -1.85
N GLN XA 56 -109.68 -39.19 -2.61
CA GLN XA 56 -109.96 -40.49 -2.04
C GLN XA 56 -108.81 -41.03 -1.19
N ASN XA 57 -107.62 -40.45 -1.29
CA ASN XA 57 -106.50 -40.90 -0.48
C ASN XA 57 -106.36 -40.11 0.82
N VAL XA 58 -106.63 -38.79 0.77
CA VAL XA 58 -106.67 -38.03 2.02
C VAL XA 58 -107.85 -38.47 2.86
N LEU XA 59 -108.91 -38.97 2.23
CA LEU XA 59 -110.03 -39.58 2.94
C LEU XA 59 -109.63 -41.01 3.28
N GLY XA 60 -109.80 -41.39 4.53
CA GLY XA 60 -109.41 -42.72 4.96
C GLY XA 60 -110.43 -43.76 4.53
N GLU XA 61 -110.26 -44.95 5.10
CA GLU XA 61 -111.17 -46.06 4.86
C GLU XA 61 -112.53 -45.71 5.44
N LYS XA 62 -113.50 -45.44 4.55
CA LYS XA 62 -114.80 -44.90 4.95
C LYS XA 62 -114.65 -43.61 5.75
N GLY XA 63 -113.77 -42.73 5.28
CA GLY XA 63 -113.57 -41.44 5.94
C GLY XA 63 -112.79 -41.50 7.24
N ARG XA 64 -111.86 -42.45 7.36
CA ARG XA 64 -111.11 -42.61 8.61
C ARG XA 64 -110.17 -41.44 8.84
N ARG XA 65 -109.33 -41.12 7.85
CA ARG XA 65 -108.28 -40.13 8.05
C ARG XA 65 -108.86 -38.73 8.19
N ILE XA 66 -109.92 -38.43 7.45
CA ILE XA 66 -110.54 -37.11 7.58
C ILE XA 66 -111.13 -36.94 8.98
N ARG XA 67 -111.69 -38.01 9.56
CA ARG XA 67 -112.19 -37.91 10.92
C ARG XA 67 -111.06 -37.78 11.92
N GLU XA 68 -109.93 -38.45 11.66
CA GLU XA 68 -108.75 -38.25 12.49
C GLU XA 68 -108.30 -36.79 12.48
N LEU XA 69 -108.26 -36.19 11.29
CA LEU XA 69 -107.88 -34.79 11.16
C LEU XA 69 -108.86 -33.88 11.88
N THR XA 70 -110.16 -34.16 11.73
CA THR XA 70 -111.18 -33.32 12.36
C THR XA 70 -111.11 -33.41 13.87
N ALA XA 71 -110.86 -34.60 14.40
CA ALA XA 71 -110.71 -34.74 15.85
C ALA XA 71 -109.45 -34.04 16.35
N VAL XA 72 -108.37 -34.09 15.57
CA VAL XA 72 -107.15 -33.38 15.96
C VAL XA 72 -107.41 -31.88 16.04
N VAL XA 73 -108.05 -31.32 15.01
CA VAL XA 73 -108.29 -29.88 15.03
C VAL XA 73 -109.37 -29.53 16.04
N GLN XA 74 -110.23 -30.50 16.39
CA GLN XA 74 -111.21 -30.30 17.44
C GLN XA 74 -110.54 -30.16 18.80
N LYS XA 75 -109.51 -30.96 19.06
CA LYS XA 75 -108.91 -31.01 20.38
C LYS XA 75 -107.76 -30.03 20.57
N ARG XA 76 -106.94 -29.78 19.56
CA ARG XA 76 -105.77 -28.92 19.75
C ARG XA 76 -106.17 -27.50 20.09
N PHE XA 77 -107.02 -26.89 19.28
CA PHE XA 77 -107.42 -25.50 19.48
C PHE XA 77 -108.53 -25.36 20.53
N GLY XA 78 -108.93 -26.45 21.16
CA GLY XA 78 -109.98 -26.39 22.17
C GLY XA 78 -111.30 -25.95 21.61
N PHE XA 79 -111.61 -26.34 20.37
CA PHE XA 79 -112.88 -25.99 19.77
C PHE XA 79 -114.02 -26.66 20.51
N PRO XA 80 -115.17 -25.99 20.63
CA PRO XA 80 -116.36 -26.66 21.16
C PRO XA 80 -116.78 -27.77 20.23
N GLU XA 81 -117.22 -28.88 20.82
CA GLU XA 81 -117.45 -30.11 20.08
C GLU XA 81 -118.52 -29.92 19.02
N GLY XA 82 -118.21 -30.35 17.80
CA GLY XA 82 -119.13 -30.18 16.69
C GLY XA 82 -119.21 -28.79 16.13
N SER XA 83 -118.23 -27.94 16.39
CA SER XA 83 -118.19 -26.60 15.82
C SER XA 83 -117.19 -26.46 14.69
N VAL XA 84 -116.55 -27.55 14.25
CA VAL XA 84 -115.62 -27.52 13.14
C VAL XA 84 -115.91 -28.69 12.23
N GLU XA 85 -115.94 -28.43 10.92
CA GLU XA 85 -116.16 -29.46 9.91
C GLU XA 85 -115.03 -29.40 8.88
N LEU XA 86 -114.57 -30.56 8.45
CA LEU XA 86 -113.48 -30.68 7.49
C LEU XA 86 -113.99 -31.32 6.21
N TYR XA 87 -113.77 -30.65 5.08
CA TYR XA 87 -114.18 -31.14 3.78
C TYR XA 87 -113.02 -31.03 2.79
N ALA XA 88 -112.94 -32.00 1.90
CA ALA XA 88 -111.86 -32.07 0.91
C ALA XA 88 -112.44 -31.94 -0.49
N GLU XA 89 -111.75 -31.19 -1.35
CA GLU XA 89 -112.24 -30.93 -2.69
C GLU XA 89 -111.10 -31.06 -3.71
N LYS XA 90 -111.49 -31.41 -4.94
CA LYS XA 90 -110.56 -31.53 -6.05
C LYS XA 90 -110.40 -30.18 -6.75
N VAL XA 91 -109.16 -29.78 -7.01
CA VAL XA 91 -108.88 -28.47 -7.58
C VAL XA 91 -109.21 -28.50 -9.06
N ALA XA 92 -109.19 -27.33 -9.70
CA ALA XA 92 -109.22 -27.23 -11.15
C ALA XA 92 -107.83 -26.79 -11.64
N THR XA 93 -107.40 -27.37 -12.77
CA THR XA 93 -106.13 -27.04 -13.42
C THR XA 93 -104.95 -27.30 -12.47
N ARG XA 94 -104.72 -28.58 -12.22
CA ARG XA 94 -103.69 -29.04 -11.29
C ARG XA 94 -102.28 -28.55 -11.64
N GLY XA 95 -102.01 -28.28 -12.92
CA GLY XA 95 -100.68 -27.84 -13.29
C GLY XA 95 -100.34 -26.46 -12.79
N LEU XA 96 -101.34 -25.67 -12.41
CA LEU XA 96 -101.15 -24.31 -11.92
C LEU XA 96 -100.98 -24.25 -10.41
N CYS XA 97 -100.95 -25.39 -9.71
CA CYS XA 97 -100.70 -25.41 -8.28
C CYS XA 97 -99.22 -25.69 -8.06
N ALA XA 98 -98.45 -24.62 -7.82
CA ALA XA 98 -97.01 -24.77 -7.67
C ALA XA 98 -96.64 -25.59 -6.44
N ILE XA 99 -97.50 -25.57 -5.42
CA ILE XA 99 -97.25 -26.38 -4.23
C ILE XA 99 -97.31 -27.86 -4.58
N ALA XA 100 -98.35 -28.27 -5.29
CA ALA XA 100 -98.50 -29.67 -5.67
C ALA XA 100 -97.38 -30.12 -6.61
N GLN XA 101 -97.04 -29.29 -7.58
CA GLN XA 101 -95.96 -29.67 -8.50
C GLN XA 101 -94.61 -29.71 -7.80
N ALA XA 102 -94.39 -28.80 -6.84
CA ALA XA 102 -93.16 -28.81 -6.08
C ALA XA 102 -93.02 -30.06 -5.23
N GLU XA 103 -94.09 -30.42 -4.51
CA GLU XA 103 -94.02 -31.63 -3.68
C GLU XA 103 -93.94 -32.88 -4.54
N SER XA 104 -94.58 -32.89 -5.72
CA SER XA 104 -94.47 -34.06 -6.59
C SER XA 104 -93.08 -34.19 -7.17
N LEU XA 105 -92.43 -33.07 -7.50
CA LEU XA 105 -91.04 -33.13 -7.93
C LEU XA 105 -90.13 -33.59 -6.80
N ARG XA 106 -90.39 -33.14 -5.57
CA ARG XA 106 -89.63 -33.65 -4.42
C ARG XA 106 -89.82 -35.16 -4.27
N TYR XA 107 -91.05 -35.64 -4.48
CA TYR XA 107 -91.33 -37.07 -4.45
C TYR XA 107 -90.55 -37.80 -5.53
N LYS XA 108 -90.50 -37.24 -6.74
CA LYS XA 108 -89.77 -37.86 -7.83
C LYS XA 108 -88.28 -37.91 -7.53
N LEU XA 109 -87.73 -36.85 -6.94
CA LEU XA 109 -86.33 -36.84 -6.59
C LEU XA 109 -86.01 -37.85 -5.50
N LEU XA 110 -86.88 -37.95 -4.49
CA LEU XA 110 -86.66 -38.91 -3.42
C LEU XA 110 -86.85 -40.34 -3.87
N GLY XA 111 -87.69 -40.58 -4.88
CA GLY XA 111 -87.79 -41.92 -5.45
C GLY XA 111 -86.50 -42.38 -6.09
N GLY XA 112 -85.74 -41.46 -6.67
CA GLY XA 112 -84.46 -41.79 -7.26
C GLY XA 112 -84.33 -41.35 -8.69
N LEU XA 113 -85.30 -40.57 -9.16
CA LEU XA 113 -85.31 -40.10 -10.54
C LEU XA 113 -84.23 -39.05 -10.76
N ALA XA 114 -83.71 -39.00 -11.98
CA ALA XA 114 -82.73 -37.98 -12.34
C ALA XA 114 -83.38 -36.61 -12.34
N VAL XA 115 -82.74 -35.66 -11.65
CA VAL XA 115 -83.32 -34.32 -11.49
C VAL XA 115 -83.46 -33.63 -12.84
N ARG XA 116 -82.57 -33.96 -13.79
CA ARG XA 116 -82.63 -33.37 -15.12
C ARG XA 116 -83.95 -33.68 -15.81
N ARG XA 117 -84.18 -34.96 -16.10
CA ARG XA 117 -85.38 -35.36 -16.83
C ARG XA 117 -86.64 -35.13 -16.01
N ALA XA 118 -86.54 -35.28 -14.69
CA ALA XA 118 -87.70 -35.02 -13.84
C ALA XA 118 -88.11 -33.54 -13.88
N CYS XA 119 -87.12 -32.63 -13.89
CA CYS XA 119 -87.44 -31.22 -13.97
C CYS XA 119 -87.98 -30.85 -15.35
N TYR XA 120 -87.41 -31.44 -16.42
CA TYR XA 120 -88.02 -31.25 -17.73
C TYR XA 120 -89.47 -31.72 -17.72
N GLY XA 121 -89.74 -32.87 -17.09
CA GLY XA 121 -91.09 -33.40 -17.07
C GLY XA 121 -92.04 -32.52 -16.29
N VAL XA 122 -91.59 -31.99 -15.15
CA VAL XA 122 -92.46 -31.13 -14.34
C VAL XA 122 -92.77 -29.84 -15.09
N LEU XA 123 -91.75 -29.22 -15.68
CA LEU XA 123 -91.97 -27.99 -16.42
C LEU XA 123 -92.88 -28.23 -17.64
N ARG XA 124 -92.67 -29.35 -18.33
CA ARG XA 124 -93.50 -29.67 -19.50
C ARG XA 124 -94.93 -29.99 -19.09
N PHE XA 125 -95.12 -30.65 -17.95
CA PHE XA 125 -96.46 -30.89 -17.44
C PHE XA 125 -97.17 -29.58 -17.11
N ILE XA 126 -96.43 -28.65 -16.50
CA ILE XA 126 -97.03 -27.36 -16.16
C ILE XA 126 -97.37 -26.58 -17.44
N MET XA 127 -96.53 -26.69 -18.46
CA MET XA 127 -96.84 -26.05 -19.73
C MET XA 127 -98.04 -26.69 -20.42
N GLU XA 128 -98.14 -28.03 -20.36
CA GLU XA 128 -99.22 -28.73 -21.05
C GLU XA 128 -100.53 -28.62 -20.29
N SER XA 129 -100.51 -28.25 -19.01
CA SER XA 129 -101.74 -27.88 -18.33
C SER XA 129 -102.20 -26.50 -18.79
N GLY XA 130 -101.27 -25.66 -19.24
CA GLY XA 130 -101.60 -24.35 -19.77
C GLY XA 130 -101.17 -23.21 -18.88
N ALA XA 131 -100.11 -22.51 -19.27
CA ALA XA 131 -99.62 -21.37 -18.49
C ALA XA 131 -98.76 -20.48 -19.38
N LYS XA 132 -98.64 -19.22 -18.95
CA LYS XA 132 -97.87 -18.25 -19.73
C LYS XA 132 -96.37 -18.46 -19.57
N GLY XA 133 -95.93 -19.02 -18.45
CA GLY XA 133 -94.51 -19.22 -18.22
C GLY XA 133 -94.22 -19.73 -16.83
N CYS XA 134 -93.20 -20.58 -16.71
CA CYS XA 134 -92.86 -21.21 -15.44
C CYS XA 134 -91.35 -21.13 -15.22
N GLU XA 135 -90.96 -21.18 -13.95
CA GLU XA 135 -89.54 -21.17 -13.58
C GLU XA 135 -89.35 -22.07 -12.38
N VAL XA 136 -88.59 -23.15 -12.56
CA VAL XA 136 -88.30 -24.10 -11.49
C VAL XA 136 -86.83 -24.01 -11.15
N VAL XA 137 -86.52 -23.86 -9.86
CA VAL XA 137 -85.17 -23.63 -9.38
C VAL XA 137 -84.77 -24.79 -8.47
N VAL XA 138 -83.62 -25.39 -8.76
CA VAL XA 138 -83.08 -26.47 -7.96
C VAL XA 138 -81.68 -26.07 -7.51
N SER XA 139 -81.44 -26.05 -6.21
CA SER XA 139 -80.16 -25.69 -5.64
C SER XA 139 -79.76 -26.69 -4.58
N GLY XA 140 -78.46 -26.84 -4.37
CA GLY XA 140 -77.96 -27.77 -3.40
C GLY XA 140 -76.75 -28.49 -3.94
N LYS XA 141 -76.44 -29.63 -3.32
CA LYS XA 141 -75.22 -30.38 -3.63
C LYS XA 141 -75.42 -31.20 -4.91
N LEU XA 142 -75.05 -30.58 -6.03
CA LEU XA 142 -75.06 -31.28 -7.31
C LEU XA 142 -73.67 -31.80 -7.65
N ARG XA 143 -73.63 -32.94 -8.34
CA ARG XA 143 -72.41 -33.62 -8.75
C ARG XA 143 -71.48 -33.87 -7.57
N GLY XA 144 -70.44 -33.06 -7.43
CA GLY XA 144 -69.48 -33.22 -6.36
C GLY XA 144 -69.90 -32.52 -5.08
N GLN XA 145 -68.93 -32.30 -4.21
CA GLN XA 145 -69.20 -31.61 -2.95
C GLN XA 145 -69.63 -30.17 -3.19
N ARG XA 146 -69.12 -29.54 -4.24
CA ARG XA 146 -69.41 -28.13 -4.50
C ARG XA 146 -70.84 -27.99 -5.02
N ALA XA 147 -71.63 -27.18 -4.34
CA ALA XA 147 -73.02 -26.97 -4.73
C ALA XA 147 -73.11 -26.13 -6.00
N LYS XA 148 -74.10 -26.45 -6.83
CA LYS XA 148 -74.37 -25.70 -8.05
C LYS XA 148 -75.85 -25.39 -8.13
N SER XA 149 -76.18 -24.37 -8.92
CA SER XA 149 -77.54 -23.90 -9.08
C SER XA 149 -78.04 -24.22 -10.48
N MET XA 150 -79.28 -24.69 -10.56
CA MET XA 150 -79.92 -24.98 -11.84
C MET XA 150 -81.29 -24.32 -11.83
N LYS XA 151 -81.72 -23.83 -12.98
CA LYS XA 151 -82.98 -23.10 -13.10
C LYS XA 151 -83.52 -23.30 -14.51
N PHE XA 152 -84.64 -24.00 -14.62
CA PHE XA 152 -85.32 -24.21 -15.90
C PHE XA 152 -86.48 -23.24 -16.00
N VAL XA 153 -86.34 -22.23 -16.86
CA VAL XA 153 -87.34 -21.20 -17.05
C VAL XA 153 -87.68 -21.09 -18.52
N ASP XA 154 -88.98 -21.00 -18.82
CA ASP XA 154 -89.45 -20.78 -20.18
C ASP XA 154 -90.76 -20.00 -20.13
N GLY XA 155 -90.98 -19.21 -21.17
CA GLY XA 155 -92.15 -18.36 -21.20
C GLY XA 155 -91.97 -17.10 -20.38
N LEU XA 156 -93.06 -16.34 -20.26
CA LEU XA 156 -93.04 -15.07 -19.55
C LEU XA 156 -92.90 -15.30 -18.05
N MET XA 157 -92.04 -14.51 -17.43
CA MET XA 157 -91.86 -14.50 -15.98
C MET XA 157 -91.63 -13.06 -15.54
N ILE XA 158 -92.64 -12.48 -14.91
CA ILE XA 158 -92.49 -11.16 -14.29
C ILE XA 158 -91.90 -11.34 -12.90
N HIS XA 159 -91.25 -10.29 -12.41
CA HIS XA 159 -90.58 -10.41 -11.12
C HIS XA 159 -90.86 -9.22 -10.22
N SER XA 160 -91.27 -8.10 -10.80
CA SER XA 160 -91.38 -6.84 -10.06
C SER XA 160 -92.81 -6.32 -10.06
N GLY XA 161 -93.06 -5.39 -9.15
CA GLY XA 161 -94.31 -4.66 -9.12
C GLY XA 161 -95.40 -5.38 -8.35
N ASP XA 162 -96.51 -4.67 -8.20
CA ASP XA 162 -97.73 -5.30 -7.69
C ASP XA 162 -98.23 -6.49 -8.52
N PRO XA 163 -98.23 -6.46 -9.86
CA PRO XA 163 -98.88 -7.56 -10.60
C PRO XA 163 -98.28 -8.94 -10.34
N VAL XA 164 -97.01 -9.03 -9.98
CA VAL XA 164 -96.41 -10.35 -9.74
C VAL XA 164 -97.01 -11.00 -8.50
N ASN XA 165 -97.64 -10.21 -7.61
CA ASN XA 165 -98.22 -10.77 -6.40
C ASN XA 165 -99.38 -11.71 -6.71
N TYR XA 166 -100.30 -11.28 -7.55
CA TYR XA 166 -101.49 -12.06 -7.87
C TYR XA 166 -101.45 -12.66 -9.26
N TYR XA 167 -100.28 -12.75 -9.88
CA TYR XA 167 -100.09 -13.53 -11.10
C TYR XA 167 -99.24 -14.76 -10.88
N VAL XA 168 -98.23 -14.68 -10.03
CA VAL XA 168 -97.23 -15.72 -9.90
C VAL XA 168 -97.42 -16.43 -8.56
N ASP XA 169 -97.56 -17.76 -8.62
CA ASP XA 169 -97.60 -18.61 -7.45
C ASP XA 169 -96.19 -19.09 -7.14
N THR XA 170 -95.77 -18.92 -5.89
CA THR XA 170 -94.44 -19.31 -5.45
C THR XA 170 -94.56 -20.37 -4.38
N ALA XA 171 -93.85 -21.48 -4.57
CA ALA XA 171 -93.78 -22.54 -3.58
C ALA XA 171 -92.33 -22.93 -3.38
N VAL XA 172 -91.91 -23.00 -2.11
CA VAL XA 172 -90.56 -23.42 -1.76
C VAL XA 172 -90.65 -24.57 -0.78
N ARG XA 173 -89.89 -25.62 -1.03
CA ARG XA 173 -89.80 -26.76 -0.13
C ARG XA 173 -88.33 -27.12 0.07
N HIS XA 174 -88.09 -28.20 0.80
CA HIS XA 174 -86.76 -28.74 1.01
C HIS XA 174 -86.80 -30.23 0.74
N VAL XA 175 -85.82 -30.71 -0.03
CA VAL XA 175 -85.69 -32.14 -0.32
C VAL XA 175 -84.59 -32.69 0.58
N LEU XA 176 -84.92 -33.70 1.38
CA LEU XA 176 -84.01 -34.21 2.40
C LEU XA 176 -83.26 -35.41 1.82
N LEU XA 177 -82.17 -35.11 1.15
CA LEU XA 177 -81.40 -36.14 0.46
C LEU XA 177 -80.17 -36.55 1.29
N ARG XA 178 -79.45 -37.54 0.78
CA ARG XA 178 -78.35 -38.14 1.52
C ARG XA 178 -77.22 -37.14 1.75
N GLN XA 179 -76.88 -36.34 0.75
CA GLN XA 179 -75.76 -35.42 0.87
C GLN XA 179 -76.11 -34.15 1.66
N GLY XA 180 -77.39 -33.80 1.75
CA GLY XA 180 -77.78 -32.57 2.41
C GLY XA 180 -79.21 -32.16 2.08
N VAL XA 181 -79.43 -30.89 1.80
CA VAL XA 181 -80.76 -30.36 1.52
C VAL XA 181 -80.76 -29.75 0.12
N LEU XA 182 -81.74 -30.14 -0.69
CA LEU XA 182 -81.90 -29.64 -2.05
C LEU XA 182 -83.11 -28.69 -2.08
N GLY XA 183 -82.84 -27.40 -2.23
CA GLY XA 183 -83.88 -26.40 -2.22
C GLY XA 183 -84.58 -26.30 -3.56
N ILE XA 184 -85.91 -26.31 -3.52
CA ILE XA 184 -86.75 -26.23 -4.71
C ILE XA 184 -87.59 -24.96 -4.63
N LYS XA 185 -87.61 -24.21 -5.74
CA LYS XA 185 -88.29 -22.92 -5.81
C LYS XA 185 -89.10 -22.90 -7.11
N VAL XA 186 -90.40 -23.16 -6.99
CA VAL XA 186 -91.29 -23.26 -8.15
C VAL XA 186 -92.11 -21.99 -8.24
N LYS XA 187 -91.91 -21.25 -9.33
CA LYS XA 187 -92.69 -20.05 -9.62
C LYS XA 187 -93.46 -20.30 -10.92
N ILE XA 188 -94.73 -19.93 -10.94
CA ILE XA 188 -95.58 -20.17 -12.11
C ILE XA 188 -96.47 -18.96 -12.36
N MET XA 189 -96.57 -18.55 -13.62
CA MET XA 189 -97.41 -17.44 -14.03
C MET XA 189 -98.81 -17.96 -14.37
N LEU XA 190 -99.80 -17.53 -13.61
CA LEU XA 190 -101.18 -17.89 -13.89
C LEU XA 190 -101.72 -17.02 -15.01
N PRO XA 191 -102.13 -17.59 -16.14
CA PRO XA 191 -102.73 -16.78 -17.20
C PRO XA 191 -104.07 -16.22 -16.77
N TRP XA 192 -104.36 -15.02 -17.26
CA TRP XA 192 -105.61 -14.35 -16.92
C TRP XA 192 -106.79 -15.05 -17.58
N ASP XA 193 -107.91 -15.11 -16.85
CA ASP XA 193 -109.15 -15.64 -17.39
C ASP XA 193 -110.29 -14.82 -16.82
N PRO XA 194 -111.31 -14.50 -17.63
CA PRO XA 194 -112.43 -13.71 -17.12
C PRO XA 194 -113.20 -14.40 -16.00
N THR XA 195 -113.25 -15.73 -16.01
CA THR XA 195 -113.95 -16.45 -14.95
C THR XA 195 -113.22 -16.34 -13.63
N GLY XA 196 -111.88 -16.31 -13.67
CA GLY XA 196 -111.08 -16.26 -12.47
C GLY XA 196 -110.92 -17.57 -11.76
N LYS XA 197 -111.47 -18.66 -12.29
CA LYS XA 197 -111.42 -19.95 -11.61
C LYS XA 197 -110.11 -20.71 -11.86
N ILE XA 198 -109.31 -20.29 -12.83
CA ILE XA 198 -107.97 -20.84 -12.99
C ILE XA 198 -106.89 -19.82 -12.63
N GLY XA 199 -107.18 -18.53 -12.65
CA GLY XA 199 -106.19 -17.52 -12.40
C GLY XA 199 -106.80 -16.16 -12.15
N PRO XA 200 -106.04 -15.11 -12.45
CA PRO XA 200 -106.48 -13.75 -12.13
C PRO XA 200 -107.67 -13.31 -12.96
N LYS XA 201 -108.45 -12.39 -12.39
CA LYS XA 201 -109.53 -11.76 -13.14
C LYS XA 201 -109.09 -10.46 -13.80
N LYS XA 202 -107.99 -9.88 -13.32
CA LYS XA 202 -107.54 -8.61 -13.90
C LYS XA 202 -106.44 -8.85 -14.93
N PRO XA 203 -106.54 -8.25 -16.10
CA PRO XA 203 -105.50 -8.41 -17.11
C PRO XA 203 -104.23 -7.67 -16.74
N LEU XA 204 -103.17 -7.94 -17.49
CA LEU XA 204 -101.86 -7.35 -17.23
C LEU XA 204 -101.95 -5.83 -17.24
N PRO XA 205 -101.37 -5.15 -16.25
CA PRO XA 205 -101.48 -3.69 -16.21
C PRO XA 205 -100.89 -3.01 -17.43
N ASP XA 206 -99.85 -3.57 -18.02
CA ASP XA 206 -99.22 -2.99 -19.20
C ASP XA 206 -99.65 -3.66 -20.50
N HIS XA 207 -100.71 -4.47 -20.47
CA HIS XA 207 -101.30 -5.02 -21.69
C HIS XA 207 -102.50 -4.17 -22.10
N VAL XA 208 -102.61 -3.89 -23.40
CA VAL XA 208 -103.69 -3.06 -23.94
C VAL XA 208 -104.42 -3.87 -25.00
N SER XA 209 -105.74 -3.95 -24.87
CA SER XA 209 -106.61 -4.62 -25.83
C SER XA 209 -107.53 -3.59 -26.48
N ILE XA 210 -107.79 -3.76 -27.76
CA ILE XA 210 -108.62 -2.85 -28.54
C ILE XA 210 -109.72 -3.65 -29.22
N VAL XA 211 -110.96 -3.20 -29.07
CA VAL XA 211 -112.09 -3.90 -29.67
C VAL XA 211 -112.10 -3.67 -31.17
N GLU XA 212 -112.54 -4.67 -31.92
CA GLU XA 212 -112.52 -4.59 -33.37
C GLU XA 212 -113.66 -3.72 -33.88
N PRO XA 213 -113.40 -2.72 -34.70
CA PRO XA 213 -114.48 -1.88 -35.23
C PRO XA 213 -115.22 -2.57 -36.37
N LYS XA 214 -116.35 -1.98 -36.74
CA LYS XA 214 -117.18 -2.44 -37.84
C LYS XA 214 -117.11 -1.42 -38.98
N ASP XA 215 -117.75 -1.74 -40.10
CA ASP XA 215 -117.66 -0.89 -41.29
C ASP XA 215 -118.27 0.50 -41.05
N GLU XA 216 -119.58 0.54 -40.78
CA GLU XA 216 -120.32 1.80 -40.60
C GLU XA 216 -120.09 2.76 -41.76
N ILE XA 217 -120.16 2.21 -42.98
CA ILE XA 217 -119.77 2.96 -44.17
C ILE XA 217 -120.76 4.07 -44.46
N LEU XA 218 -122.02 3.72 -44.67
CA LEU XA 218 -123.09 4.62 -45.11
C LEU XA 218 -122.64 5.34 -46.39
N PRO XA 219 -122.59 4.65 -47.53
CA PRO XA 219 -122.14 5.29 -48.78
C PRO XA 219 -123.24 5.79 -49.70
N THR XA 220 -124.51 5.60 -49.35
CA THR XA 220 -125.62 5.86 -50.25
C THR XA 220 -126.21 7.25 -50.01
N THR XA 221 -127.25 7.56 -50.78
CA THR XA 221 -127.94 8.82 -50.63
C THR XA 221 -128.71 8.86 -49.31
N PRO XA 222 -128.83 10.04 -48.70
CA PRO XA 222 -129.62 10.16 -47.46
C PRO XA 222 -131.08 9.78 -47.70
N ILE XA 223 -131.64 9.03 -46.75
CA ILE XA 223 -133.03 8.60 -46.79
C ILE XA 223 -133.68 8.93 -45.45
N SER XA 224 -134.94 8.52 -45.29
CA SER XA 224 -135.67 8.73 -44.05
C SER XA 224 -136.58 7.52 -43.85
N GLU XA 225 -136.15 6.59 -43.02
CA GLU XA 225 -136.87 5.34 -42.80
C GLU XA 225 -137.88 5.53 -41.67
N GLN XA 226 -139.17 5.45 -42.01
CA GLN XA 226 -140.24 5.64 -41.04
C GLN XA 226 -140.33 4.41 -40.15
N LYS XA 227 -140.16 4.63 -38.84
CA LYS XA 227 -140.21 3.55 -37.87
C LYS XA 227 -141.28 3.80 -36.81
N ASP YA 1 -96.68 53.05 2.75
CA ASP YA 1 -97.98 52.47 3.07
C ASP YA 1 -97.83 51.05 3.62
N ILE YA 2 -96.77 50.36 3.20
CA ILE YA 2 -96.56 48.99 3.64
C ILE YA 2 -96.21 48.95 5.12
N LYS YA 3 -95.30 49.80 5.55
CA LYS YA 3 -94.93 49.96 6.96
C LYS YA 3 -94.42 48.64 7.54
N LEU YA 4 -93.25 48.23 7.06
CA LEU YA 4 -92.53 47.11 7.66
C LEU YA 4 -92.37 47.33 9.15
N PHE YA 5 -92.82 46.35 9.94
CA PHE YA 5 -92.83 46.41 11.41
C PHE YA 5 -93.68 47.59 11.92
N GLY YA 6 -94.59 48.10 11.09
CA GLY YA 6 -95.39 49.24 11.47
C GLY YA 6 -94.72 50.59 11.29
N LYS YA 7 -93.64 50.67 10.53
CA LYS YA 7 -92.90 51.92 10.36
C LYS YA 7 -92.11 51.80 9.05
N TRP YA 8 -91.36 52.85 8.71
CA TRP YA 8 -90.33 52.80 7.68
C TRP YA 8 -90.87 52.45 6.31
N SER YA 9 -91.65 53.35 5.73
CA SER YA 9 -92.20 53.14 4.39
C SER YA 9 -91.09 52.88 3.37
N THR YA 10 -91.40 52.04 2.38
CA THR YA 10 -90.39 51.51 1.48
C THR YA 10 -90.28 52.28 0.16
N ASP YA 11 -91.07 53.32 -0.03
CA ASP YA 11 -91.06 54.02 -1.32
C ASP YA 11 -89.79 54.85 -1.51
N ASP YA 12 -89.26 55.43 -0.44
CA ASP YA 12 -88.16 56.39 -0.56
C ASP YA 12 -86.79 55.73 -0.69
N VAL YA 13 -86.68 54.44 -0.40
CA VAL YA 13 -85.39 53.77 -0.45
C VAL YA 13 -84.97 53.59 -1.90
N GLN YA 14 -83.86 54.21 -2.27
CA GLN YA 14 -83.34 54.14 -3.62
C GLN YA 14 -82.01 53.41 -3.63
N ILE YA 15 -81.82 52.57 -4.64
CA ILE YA 15 -80.60 51.80 -4.82
C ILE YA 15 -79.71 52.57 -5.80
N ASN YA 16 -78.47 52.84 -5.38
CA ASN YA 16 -77.60 53.69 -6.19
C ASN YA 16 -77.18 53.00 -7.48
N ASP YA 17 -76.46 51.88 -7.37
CA ASP YA 17 -75.99 51.15 -8.53
C ASP YA 17 -77.08 50.20 -9.03
N ILE YA 18 -77.25 50.16 -10.35
CA ILE YA 18 -78.27 49.28 -10.93
C ILE YA 18 -77.76 47.87 -11.19
N SER YA 19 -76.57 47.53 -10.68
CA SER YA 19 -76.07 46.17 -10.83
C SER YA 19 -76.94 45.17 -10.09
N LEU YA 20 -77.53 45.58 -8.96
CA LEU YA 20 -78.34 44.66 -8.16
C LEU YA 20 -79.77 45.17 -7.97
N GLN YA 21 -80.22 46.11 -8.81
CA GLN YA 21 -81.58 46.62 -8.69
C GLN YA 21 -82.60 45.50 -8.94
N ASP YA 22 -82.42 44.75 -10.01
CA ASP YA 22 -83.34 43.68 -10.36
C ASP YA 22 -83.23 42.46 -9.45
N TYR YA 23 -82.22 42.42 -8.58
CA TYR YA 23 -82.11 41.35 -7.60
C TYR YA 23 -82.49 41.76 -6.19
N ILE YA 24 -82.68 43.05 -5.94
CA ILE YA 24 -83.17 43.52 -4.65
C ILE YA 24 -84.68 43.71 -4.75
N ALA YA 25 -85.37 43.49 -3.63
CA ALA YA 25 -86.83 43.41 -3.61
C ALA YA 25 -87.39 44.24 -2.46
N VAL YA 26 -86.94 45.49 -2.35
CA VAL YA 26 -87.36 46.36 -1.25
C VAL YA 26 -88.46 47.33 -1.65
N LYS YA 27 -88.75 47.47 -2.94
CA LYS YA 27 -89.78 48.42 -3.35
C LYS YA 27 -91.17 47.89 -2.99
N GLU YA 28 -92.19 48.67 -3.34
CA GLU YA 28 -93.52 48.47 -2.78
C GLU YA 28 -94.12 47.11 -3.17
N LYS YA 29 -93.86 46.67 -4.40
CA LYS YA 29 -94.47 45.43 -4.87
C LYS YA 29 -94.01 44.23 -4.06
N TYR YA 30 -92.75 44.21 -3.65
CA TYR YA 30 -92.21 43.15 -2.80
C TYR YA 30 -92.07 43.59 -1.35
N ALA YA 31 -92.60 44.77 -0.99
CA ALA YA 31 -92.57 45.21 0.39
C ALA YA 31 -93.64 44.48 1.17
N LYS YA 32 -93.23 43.82 2.26
CA LYS YA 32 -94.08 42.87 2.96
C LYS YA 32 -94.28 43.34 4.39
N TYR YA 33 -95.51 43.16 4.89
CA TYR YA 33 -95.87 43.70 6.19
C TYR YA 33 -95.00 43.12 7.31
N LEU YA 34 -94.79 41.81 7.29
CA LEU YA 34 -94.01 41.18 8.33
C LEU YA 34 -93.08 40.23 7.59
N PRO YA 35 -91.79 40.19 7.91
CA PRO YA 35 -90.85 39.38 7.13
C PRO YA 35 -90.91 37.90 7.45
N HIS YA 36 -92.02 37.23 7.10
CA HIS YA 36 -92.16 35.82 7.39
C HIS YA 36 -93.19 35.24 6.41
N SER YA 37 -92.72 34.44 5.46
CA SER YA 37 -93.61 33.85 4.47
C SER YA 37 -93.01 32.55 3.96
N ALA YA 38 -93.81 31.48 4.03
CA ALA YA 38 -93.40 30.16 3.52
C ALA YA 38 -93.73 30.10 2.02
N GLY YA 39 -93.11 31.01 1.28
CA GLY YA 39 -93.38 31.21 -0.13
C GLY YA 39 -92.65 30.31 -1.08
N ARG YA 40 -91.86 29.35 -0.58
CA ARG YA 40 -91.14 28.40 -1.42
C ARG YA 40 -90.21 29.11 -2.39
N TYR YA 41 -89.35 29.96 -1.83
CA TYR YA 41 -88.50 30.82 -2.65
C TYR YA 41 -87.19 30.16 -3.06
N ALA YA 42 -86.92 28.94 -2.57
CA ALA YA 42 -85.77 28.16 -3.01
C ALA YA 42 -86.19 26.90 -3.77
N ALA YA 43 -87.45 26.83 -4.20
CA ALA YA 43 -87.92 25.65 -4.91
C ALA YA 43 -87.21 25.48 -6.25
N LYS YA 44 -87.03 26.58 -6.98
CA LYS YA 44 -86.42 26.55 -8.30
C LYS YA 44 -85.33 27.60 -8.37
N ARG YA 45 -84.57 27.58 -9.46
CA ARG YA 45 -83.49 28.53 -9.66
C ARG YA 45 -84.03 29.95 -9.79
N PHE YA 46 -83.27 30.92 -9.27
CA PHE YA 46 -83.56 32.35 -9.32
C PHE YA 46 -84.85 32.73 -8.60
N ARG YA 47 -85.46 31.81 -7.87
CA ARG YA 47 -86.74 32.09 -7.21
C ARG YA 47 -86.56 32.94 -5.95
N LYS YA 48 -85.33 33.11 -5.48
CA LYS YA 48 -85.08 33.91 -4.29
C LYS YA 48 -84.78 35.37 -4.59
N ALA YA 49 -84.77 35.78 -5.86
CA ALA YA 49 -84.41 37.15 -6.20
C ALA YA 49 -85.56 38.12 -5.92
N GLN YA 50 -86.79 37.69 -6.18
CA GLN YA 50 -87.95 38.56 -5.99
C GLN YA 50 -88.40 38.63 -4.54
N CYS YA 51 -87.91 37.73 -3.70
CA CYS YA 51 -88.26 37.78 -2.29
C CYS YA 51 -87.52 38.94 -1.62
N PRO YA 52 -88.15 39.63 -0.67
CA PRO YA 52 -87.49 40.76 0.00
C PRO YA 52 -86.23 40.33 0.72
N ILE YA 53 -85.22 41.21 0.69
CA ILE YA 53 -83.93 40.90 1.29
C ILE YA 53 -84.01 40.84 2.81
N VAL YA 54 -85.03 41.44 3.40
CA VAL YA 54 -85.24 41.30 4.84
C VAL YA 54 -85.55 39.84 5.18
N GLU YA 55 -86.32 39.17 4.32
CA GLU YA 55 -86.52 37.74 4.47
C GLU YA 55 -85.22 36.97 4.32
N ARG YA 56 -84.38 37.38 3.37
CA ARG YA 56 -83.11 36.68 3.16
C ARG YA 56 -82.21 36.80 4.38
N LEU YA 57 -82.16 37.98 4.99
CA LEU YA 57 -81.31 38.13 6.17
C LEU YA 57 -81.91 37.45 7.39
N THR YA 58 -83.24 37.43 7.51
CA THR YA 58 -83.81 36.75 8.65
C THR YA 58 -83.72 35.23 8.49
N ASN YA 59 -83.55 34.74 7.26
CA ASN YA 59 -83.26 33.34 7.05
C ASN YA 59 -81.77 33.02 7.15
N SER YA 60 -80.92 34.02 6.95
CA SER YA 60 -79.48 33.81 7.06
C SER YA 60 -78.95 33.99 8.47
N MET YA 61 -79.67 34.73 9.33
CA MET YA 61 -79.25 34.94 10.70
C MET YA 61 -79.46 33.73 11.59
N MET YA 62 -80.30 32.79 11.18
CA MET YA 62 -80.58 31.60 11.98
C MET YA 62 -79.54 30.54 11.62
N MET YA 63 -78.43 30.56 12.34
CA MET YA 63 -77.36 29.58 12.16
C MET YA 63 -76.75 29.25 13.51
N HIS YA 64 -75.56 28.64 13.47
CA HIS YA 64 -74.76 28.29 14.65
C HIS YA 64 -75.43 27.16 15.46
N GLY YA 65 -76.25 26.36 14.77
CA GLY YA 65 -76.81 25.16 15.37
C GLY YA 65 -78.01 25.39 16.26
N ARG YA 66 -77.83 26.17 17.33
CA ARG YA 66 -78.91 26.43 18.28
C ARG YA 66 -80.05 27.22 17.67
N ASN YA 67 -79.84 27.79 16.48
CA ASN YA 67 -80.86 28.56 15.79
C ASN YA 67 -80.92 28.00 14.37
N ASN YA 68 -81.83 27.06 14.15
CA ASN YA 68 -82.09 26.54 12.81
C ASN YA 68 -83.57 26.46 12.47
N GLY YA 69 -84.46 26.46 13.46
CA GLY YA 69 -85.87 26.57 13.19
C GLY YA 69 -86.40 27.87 13.74
N LYS YA 70 -85.65 28.48 14.66
CA LYS YA 70 -86.09 29.65 15.41
C LYS YA 70 -86.11 30.88 14.50
N LYS YA 71 -87.29 31.11 13.91
CA LYS YA 71 -87.45 32.24 13.00
C LYS YA 71 -88.02 33.45 13.71
N LEU YA 72 -88.98 33.24 14.62
CA LEU YA 72 -89.58 34.35 15.34
C LEU YA 72 -88.55 35.05 16.22
N MET YA 73 -87.65 34.29 16.83
CA MET YA 73 -86.59 34.88 17.63
C MET YA 73 -85.68 35.74 16.75
N THR YA 74 -85.40 35.27 15.53
CA THR YA 74 -84.60 36.06 14.60
C THR YA 74 -85.33 37.34 14.20
N VAL YA 75 -86.65 37.25 13.98
CA VAL YA 75 -87.42 38.44 13.60
C VAL YA 75 -87.44 39.46 14.73
N ARG YA 76 -87.56 38.97 15.97
CA ARG YA 76 -87.48 39.86 17.13
C ARG YA 76 -86.12 40.53 17.21
N ILE YA 77 -85.05 39.75 17.01
CA ILE YA 77 -83.71 40.30 16.97
C ILE YA 77 -83.62 41.41 15.94
N VAL YA 78 -84.12 41.14 14.73
CA VAL YA 78 -83.88 42.05 13.64
C VAL YA 78 -84.78 43.29 13.75
N LYS YA 79 -85.96 43.17 14.34
CA LYS YA 79 -86.77 44.37 14.53
C LYS YA 79 -86.18 45.26 15.62
N HIS YA 80 -85.58 44.65 16.65
CA HIS YA 80 -84.85 45.47 17.61
C HIS YA 80 -83.62 46.11 16.97
N ALA YA 81 -82.96 45.38 16.06
CA ALA YA 81 -81.81 45.96 15.36
C ALA YA 81 -82.23 47.11 14.46
N PHE YA 82 -83.40 47.00 13.82
CA PHE YA 82 -83.92 48.09 13.02
C PHE YA 82 -84.24 49.29 13.89
N GLU YA 83 -84.81 49.06 15.07
CA GLU YA 83 -85.01 50.15 16.02
C GLU YA 83 -83.69 50.81 16.40
N ILE YA 84 -82.66 49.99 16.64
CA ILE YA 84 -81.36 50.52 17.04
C ILE YA 84 -80.75 51.36 15.93
N ILE YA 85 -80.79 50.88 14.68
CA ILE YA 85 -80.20 51.66 13.60
C ILE YA 85 -81.02 52.90 13.29
N HIS YA 86 -82.35 52.83 13.47
CA HIS YA 86 -83.17 54.02 13.30
C HIS YA 86 -82.82 55.09 14.33
N LEU YA 87 -82.55 54.65 15.57
CA LEU YA 87 -82.11 55.62 16.58
C LEU YA 87 -80.71 56.15 16.29
N LEU YA 88 -79.79 55.28 15.82
CA LEU YA 88 -78.40 55.71 15.63
C LEU YA 88 -78.24 56.65 14.44
N THR YA 89 -78.82 56.31 13.28
CA THR YA 89 -78.61 57.11 12.09
C THR YA 89 -79.74 58.09 11.82
N GLY YA 90 -80.99 57.71 12.08
CA GLY YA 90 -82.13 58.58 11.94
C GLY YA 90 -82.84 58.49 10.60
N GLU YA 91 -82.19 57.94 9.58
CA GLU YA 91 -82.82 57.78 8.28
C GLU YA 91 -83.57 56.45 8.24
N ASN YA 92 -83.98 56.03 7.05
CA ASN YA 92 -84.66 54.75 6.91
C ASN YA 92 -83.70 53.63 7.26
N PRO YA 93 -84.07 52.75 8.19
CA PRO YA 93 -83.24 51.56 8.46
C PRO YA 93 -83.04 50.70 7.23
N LEU YA 94 -84.07 50.60 6.38
CA LEU YA 94 -83.93 49.84 5.14
C LEU YA 94 -82.96 50.50 4.18
N GLN YA 95 -82.85 51.83 4.20
CA GLN YA 95 -81.85 52.50 3.37
C GLN YA 95 -80.44 52.18 3.86
N VAL YA 96 -80.24 52.12 5.17
CA VAL YA 96 -78.94 51.70 5.72
C VAL YA 96 -78.65 50.26 5.33
N LEU YA 97 -79.67 49.40 5.39
CA LEU YA 97 -79.51 48.02 4.95
C LEU YA 97 -79.13 47.94 3.47
N VAL YA 98 -79.78 48.76 2.63
CA VAL YA 98 -79.49 48.78 1.21
C VAL YA 98 -78.05 49.23 0.96
N ASN YA 99 -77.61 50.25 1.68
CA ASN YA 99 -76.23 50.71 1.54
C ASN YA 99 -75.25 49.62 1.97
N ALA YA 100 -75.57 48.91 3.06
CA ALA YA 100 -74.70 47.83 3.51
C ALA YA 100 -74.63 46.71 2.49
N ILE YA 101 -75.77 46.32 1.91
CA ILE YA 101 -75.77 45.22 0.94
C ILE YA 101 -75.11 45.66 -0.36
N ILE YA 102 -75.14 46.96 -0.68
CA ILE YA 102 -74.42 47.44 -1.85
C ILE YA 102 -72.92 47.40 -1.61
N ASN YA 103 -72.48 47.89 -0.45
CA ASN YA 103 -71.05 48.06 -0.21
C ASN YA 103 -70.36 46.80 0.31
N SER YA 104 -71.11 45.76 0.68
CA SER YA 104 -70.48 44.54 1.15
C SER YA 104 -70.33 43.48 0.07
N GLY YA 105 -70.96 43.65 -1.08
CA GLY YA 105 -70.87 42.69 -2.16
C GLY YA 105 -69.53 42.77 -2.88
N PRO YA 106 -68.88 41.62 -3.06
CA PRO YA 106 -67.56 41.61 -3.72
C PRO YA 106 -67.73 41.67 -5.23
N ARG YA 107 -67.14 42.70 -5.84
CA ARG YA 107 -67.27 42.88 -7.28
C ARG YA 107 -66.53 41.82 -8.08
N GLU YA 108 -65.54 41.16 -7.49
CA GLU YA 108 -64.82 40.08 -8.16
C GLU YA 108 -64.28 39.10 -7.13
N ASP YA 109 -64.03 37.88 -7.58
CA ASP YA 109 -63.56 36.79 -6.72
C ASP YA 109 -62.45 36.06 -7.47
N SER YA 110 -62.06 34.90 -6.93
CA SER YA 110 -61.07 34.02 -7.55
C SER YA 110 -61.44 32.58 -7.23
N THR YA 111 -61.40 31.73 -8.25
CA THR YA 111 -61.74 30.31 -8.06
C THR YA 111 -61.14 29.46 -9.17
N ARG YA 112 -60.50 28.37 -8.78
CA ARG YA 112 -59.92 27.37 -9.68
C ARG YA 112 -59.54 26.16 -8.83
N ILE YA 113 -58.88 25.17 -9.44
CA ILE YA 113 -58.57 23.90 -8.81
C ILE YA 113 -57.07 23.63 -8.79
N GLY YA 114 -56.39 23.86 -9.92
CA GLY YA 114 -55.02 23.43 -10.11
C GLY YA 114 -53.95 24.18 -9.32
N ARG YA 115 -52.74 24.22 -9.86
CA ARG YA 115 -51.61 24.85 -9.18
C ARG YA 115 -51.81 26.36 -9.13
N ALA YA 116 -52.29 26.86 -7.99
CA ALA YA 116 -52.72 28.25 -7.91
C ALA YA 116 -51.53 29.20 -7.85
N GLY YA 117 -51.78 30.47 -8.18
CA GLY YA 117 -50.78 31.50 -8.07
C GLY YA 117 -50.58 31.92 -6.62
N THR YA 118 -51.61 32.49 -6.01
CA THR YA 118 -51.60 32.81 -4.59
C THR YA 118 -52.65 32.03 -3.81
N VAL YA 119 -53.91 32.08 -4.25
CA VAL YA 119 -54.97 31.30 -3.63
C VAL YA 119 -55.69 30.49 -4.71
N ARG YA 120 -56.02 31.15 -5.82
CA ARG YA 120 -56.66 30.51 -6.96
C ARG YA 120 -55.93 30.91 -8.24
N ARG YA 121 -56.05 30.04 -9.26
CA ARG YA 121 -55.32 30.28 -10.51
C ARG YA 121 -55.85 31.52 -11.23
N GLN YA 122 -57.16 31.70 -11.27
CA GLN YA 122 -57.77 32.72 -12.10
C GLN YA 122 -58.68 33.62 -11.26
N ALA YA 123 -58.83 34.87 -11.72
CA ALA YA 123 -59.71 35.84 -11.08
C ALA YA 123 -61.03 35.89 -11.85
N VAL YA 124 -62.10 35.47 -11.19
CA VAL YA 124 -63.42 35.36 -11.81
C VAL YA 124 -64.40 36.22 -11.04
N ASP YA 125 -65.07 37.13 -11.74
CA ASP YA 125 -66.06 37.99 -11.10
C ASP YA 125 -67.38 37.24 -10.91
N VAL YA 126 -68.30 37.90 -10.21
CA VAL YA 126 -69.56 37.28 -9.79
C VAL YA 126 -70.73 38.02 -10.42
N SER YA 127 -71.92 37.39 -10.34
CA SER YA 127 -73.23 37.90 -10.71
C SER YA 127 -73.88 38.59 -9.50
N PRO YA 128 -74.85 39.49 -9.74
CA PRO YA 128 -75.47 40.20 -8.61
C PRO YA 128 -76.15 39.30 -7.60
N LEU YA 129 -76.67 38.15 -8.02
CA LEU YA 129 -77.23 37.21 -7.06
C LEU YA 129 -76.16 36.74 -6.07
N ARG YA 130 -74.98 36.39 -6.60
CA ARG YA 130 -73.87 36.04 -5.72
C ARG YA 130 -73.44 37.24 -4.89
N ARG YA 131 -73.53 38.45 -5.45
CA ARG YA 131 -73.19 39.65 -4.69
C ARG YA 131 -74.05 39.78 -3.44
N VAL YA 132 -75.37 39.73 -3.62
CA VAL YA 132 -76.26 39.93 -2.47
C VAL YA 132 -76.15 38.75 -1.51
N ASN YA 133 -75.99 37.53 -2.04
CA ASN YA 133 -75.84 36.37 -1.17
C ASN YA 133 -74.61 36.49 -0.29
N GLN YA 134 -73.45 36.77 -0.90
CA GLN YA 134 -72.21 36.87 -0.15
C GLN YA 134 -72.24 38.04 0.83
N ALA YA 135 -72.80 39.18 0.42
CA ALA YA 135 -72.84 40.33 1.30
C ALA YA 135 -73.73 40.07 2.52
N ILE YA 136 -74.91 39.49 2.31
CA ILE YA 136 -75.81 39.26 3.43
C ILE YA 136 -75.27 38.15 4.33
N TRP YA 137 -74.61 37.15 3.73
CA TRP YA 137 -73.97 36.10 4.54
C TRP YA 137 -72.89 36.70 5.42
N LEU YA 138 -72.08 37.61 4.86
CA LEU YA 138 -71.02 38.23 5.64
C LEU YA 138 -71.58 39.13 6.73
N LEU YA 139 -72.67 39.84 6.45
CA LEU YA 139 -73.28 40.67 7.49
C LEU YA 139 -73.78 39.82 8.65
N CYS YA 140 -74.46 38.71 8.34
CA CYS YA 140 -74.96 37.84 9.41
C CYS YA 140 -73.81 37.20 10.18
N THR YA 141 -72.74 36.81 9.48
CA THR YA 141 -71.57 36.22 10.12
C THR YA 141 -70.87 37.22 11.03
N GLY YA 142 -70.75 38.48 10.59
CA GLY YA 142 -70.17 39.50 11.44
C GLY YA 142 -71.00 39.74 12.69
N ALA YA 143 -72.33 39.76 12.52
CA ALA YA 143 -73.20 39.85 13.69
C ALA YA 143 -72.99 38.65 14.61
N ARG YA 144 -72.76 37.47 14.04
CA ARG YA 144 -72.63 36.26 14.85
C ARG YA 144 -71.37 36.29 15.70
N GLU YA 145 -70.21 36.47 15.09
CA GLU YA 145 -69.01 36.50 15.95
C GLU YA 145 -68.83 37.82 16.70
N ALA YA 146 -69.61 38.85 16.40
CA ALA YA 146 -69.48 40.07 17.19
C ALA YA 146 -70.17 39.95 18.55
N ALA YA 147 -71.00 38.93 18.74
CA ALA YA 147 -71.79 38.76 19.95
C ALA YA 147 -71.60 37.40 20.60
N PHE YA 148 -70.52 36.69 20.25
CA PHE YA 148 -70.35 35.32 20.74
C PHE YA 148 -69.94 35.28 22.20
N ARG YA 149 -69.05 36.18 22.62
CA ARG YA 149 -68.57 36.12 24.00
C ARG YA 149 -68.43 37.49 24.64
N ASN YA 150 -69.43 38.34 24.48
CA ASN YA 150 -69.36 39.67 25.07
C ASN YA 150 -70.76 40.13 25.49
N ILE YA 151 -70.78 41.14 26.36
CA ILE YA 151 -72.02 41.53 27.02
C ILE YA 151 -73.01 42.14 26.04
N LYS YA 152 -72.52 42.82 24.99
CA LYS YA 152 -73.43 43.37 24.00
C LYS YA 152 -74.18 42.25 23.29
N THR YA 153 -75.48 42.43 23.13
CA THR YA 153 -76.28 41.35 22.59
C THR YA 153 -76.17 41.32 21.07
N ILE YA 154 -76.83 40.32 20.48
CA ILE YA 154 -76.79 40.11 19.04
C ILE YA 154 -77.45 41.26 18.29
N ALA YA 155 -78.44 41.92 18.90
CA ALA YA 155 -79.14 43.00 18.21
C ALA YA 155 -78.22 44.18 17.95
N GLU YA 156 -77.45 44.59 18.95
CA GLU YA 156 -76.51 45.70 18.76
C GLU YA 156 -75.44 45.33 17.74
N CYS YA 157 -74.97 44.08 17.78
CA CYS YA 157 -73.91 43.66 16.87
C CYS YA 157 -74.40 43.65 15.43
N LEU YA 158 -75.59 43.11 15.20
CA LEU YA 158 -76.17 43.16 13.86
C LEU YA 158 -76.41 44.59 13.41
N ALA YA 159 -76.89 45.44 14.33
CA ALA YA 159 -77.24 46.81 13.98
C ALA YA 159 -76.00 47.62 13.59
N ASP YA 160 -74.96 47.61 14.43
CA ASP YA 160 -73.78 48.38 14.08
C ASP YA 160 -72.97 47.71 12.97
N GLU YA 161 -73.12 46.40 12.77
CA GLU YA 161 -72.54 45.76 11.59
C GLU YA 161 -73.19 46.30 10.33
N LEU YA 162 -74.52 46.43 10.33
CA LEU YA 162 -75.22 47.01 9.18
C LEU YA 162 -74.83 48.46 8.96
N ILE YA 163 -74.74 49.24 10.05
CA ILE YA 163 -74.37 50.65 9.91
C ILE YA 163 -72.96 50.77 9.34
N ASN YA 164 -72.02 49.98 9.88
CA ASN YA 164 -70.64 50.06 9.43
C ASN YA 164 -70.49 49.58 7.98
N ALA YA 165 -71.27 48.57 7.58
CA ALA YA 165 -71.22 48.14 6.19
C ALA YA 165 -71.92 49.12 5.26
N ALA YA 166 -72.84 49.93 5.79
CA ALA YA 166 -73.48 50.95 4.97
C ALA YA 166 -72.50 52.02 4.49
N LYS YA 167 -71.51 52.38 5.32
CA LYS YA 167 -70.54 53.40 4.95
C LYS YA 167 -69.17 52.81 4.63
N GLY YA 168 -68.61 52.05 5.55
CA GLY YA 168 -67.28 51.48 5.39
C GLY YA 168 -66.24 52.17 6.25
N SER YA 169 -65.89 51.56 7.39
CA SER YA 169 -64.94 52.18 8.31
C SER YA 169 -63.93 51.20 8.88
N SER YA 170 -63.74 50.03 8.26
CA SER YA 170 -62.72 49.05 8.61
C SER YA 170 -62.92 48.44 10.00
N ASN YA 171 -64.14 48.55 10.55
CA ASN YA 171 -64.47 47.94 11.83
C ASN YA 171 -65.40 46.74 11.71
N SER YA 172 -66.10 46.59 10.60
CA SER YA 172 -67.07 45.53 10.42
C SER YA 172 -66.47 44.36 9.64
N TYR YA 173 -66.94 43.16 9.96
CA TYR YA 173 -66.35 41.94 9.39
C TYR YA 173 -66.63 41.82 7.90
N ALA YA 174 -67.80 42.28 7.45
CA ALA YA 174 -68.21 42.08 6.06
C ALA YA 174 -67.29 42.80 5.09
N ILE YA 175 -67.06 44.10 5.33
CA ILE YA 175 -66.21 44.86 4.41
C ILE YA 175 -64.76 44.41 4.51
N LYS YA 176 -64.31 43.95 5.68
CA LYS YA 176 -62.96 43.42 5.81
C LYS YA 176 -62.78 42.19 4.95
N LYS YA 177 -63.73 41.26 5.01
CA LYS YA 177 -63.64 40.07 4.15
C LYS YA 177 -63.81 40.43 2.68
N LYS YA 178 -64.60 41.46 2.36
CA LYS YA 178 -64.73 41.87 0.97
C LYS YA 178 -63.41 42.43 0.43
N ASP YA 179 -62.72 43.25 1.23
CA ASP YA 179 -61.41 43.74 0.82
C ASP YA 179 -60.40 42.60 0.72
N GLU YA 180 -60.48 41.62 1.61
CA GLU YA 180 -59.62 40.46 1.51
C GLU YA 180 -59.85 39.70 0.21
N LEU YA 181 -61.11 39.47 -0.15
CA LEU YA 181 -61.44 38.79 -1.40
C LEU YA 181 -60.99 39.60 -2.61
N GLU YA 182 -61.18 40.92 -2.57
CA GLU YA 182 -60.77 41.77 -3.67
C GLU YA 182 -59.25 41.75 -3.86
N ARG YA 183 -58.50 41.81 -2.76
CA ARG YA 183 -57.04 41.77 -2.87
C ARG YA 183 -56.56 40.41 -3.36
N VAL YA 184 -57.20 39.33 -2.90
CA VAL YA 184 -56.85 37.99 -3.38
C VAL YA 184 -57.12 37.87 -4.87
N ALA YA 185 -58.26 38.38 -5.33
CA ALA YA 185 -58.59 38.33 -6.74
C ALA YA 185 -57.63 39.19 -7.57
N LYS YA 186 -57.24 40.36 -7.04
CA LYS YA 186 -56.28 41.20 -7.74
C LYS YA 186 -54.93 40.52 -7.87
N SER YA 187 -54.49 39.82 -6.83
CA SER YA 187 -53.20 39.14 -6.88
C SER YA 187 -53.24 37.91 -7.80
N ASN YA 188 -54.42 37.53 -8.28
CA ASN YA 188 -54.57 36.36 -9.13
C ASN YA 188 -55.07 36.69 -10.54
N ARG YA 189 -55.03 37.96 -10.94
CA ARG YA 189 -55.50 38.35 -12.27
C ARG YA 189 -54.74 37.65 -13.38
N MET ZA 1 -90.40 -45.98 32.07
CA MET ZA 1 -90.68 -44.73 32.77
C MET ZA 1 -91.09 -45.01 34.20
N LEU ZA 2 -91.19 -43.95 35.00
CA LEU ZA 2 -91.72 -44.05 36.35
C LEU ZA 2 -93.21 -43.76 36.41
N MET ZA 3 -93.86 -43.60 35.26
CA MET ZA 3 -95.28 -43.31 35.22
C MET ZA 3 -96.08 -44.47 35.78
N PRO ZA 4 -97.06 -44.24 36.64
CA PRO ZA 4 -97.75 -45.33 37.33
C PRO ZA 4 -98.88 -45.91 36.48
N LYS ZA 5 -99.49 -46.98 37.00
CA LYS ZA 5 -100.59 -47.65 36.32
C LYS ZA 5 -101.87 -46.82 36.38
N LYS ZA 6 -102.07 -46.10 37.49
CA LYS ZA 6 -103.33 -45.40 37.75
C LYS ZA 6 -103.64 -44.35 36.69
N ASN ZA 7 -102.63 -43.75 36.09
CA ASN ZA 7 -102.84 -42.90 34.93
C ASN ZA 7 -102.44 -43.57 33.62
N ARG ZA 8 -101.76 -44.71 33.67
CA ARG ZA 8 -101.52 -45.49 32.46
C ARG ZA 8 -102.84 -45.97 31.86
N ILE ZA 9 -103.71 -46.52 32.70
CA ILE ZA 9 -105.04 -46.91 32.20
C ILE ZA 9 -105.76 -45.70 31.63
N ALA ZA 10 -105.63 -44.54 32.27
CA ALA ZA 10 -106.34 -43.35 31.84
C ALA ZA 10 -105.85 -42.88 30.48
N ILE ZA 11 -104.53 -42.84 30.28
CA ILE ZA 11 -104.00 -42.37 29.00
C ILE ZA 11 -104.32 -43.36 27.89
N TYR ZA 12 -104.28 -44.68 28.20
CA TYR ZA 12 -104.63 -45.65 27.17
C TYR ZA 12 -106.11 -45.56 26.78
N GLU ZA 13 -107.01 -45.39 27.75
CA GLU ZA 13 -108.42 -45.24 27.38
C GLU ZA 13 -108.67 -43.91 26.70
N LEU ZA 14 -107.91 -42.87 27.03
CA LEU ZA 14 -108.01 -41.62 26.29
C LEU ZA 14 -107.63 -41.80 24.83
N LEU ZA 15 -106.56 -42.55 24.58
CA LEU ZA 15 -106.17 -42.82 23.20
C LEU ZA 15 -107.07 -43.84 22.52
N PHE ZA 16 -107.88 -44.57 23.29
CA PHE ZA 16 -108.78 -45.54 22.68
C PHE ZA 16 -110.17 -44.98 22.37
N LYS ZA 17 -110.71 -44.11 23.22
CA LYS ZA 17 -112.06 -43.60 22.98
C LYS ZA 17 -112.12 -42.80 21.69
N GLU ZA 18 -111.13 -41.96 21.45
CA GLU ZA 18 -110.97 -41.27 20.18
C GLU ZA 18 -109.59 -41.59 19.63
N GLY ZA 19 -109.50 -41.61 18.30
CA GLY ZA 19 -108.29 -42.07 17.66
C GLY ZA 19 -107.14 -41.10 17.68
N VAL ZA 20 -107.31 -39.93 18.29
CA VAL ZA 20 -106.32 -38.87 18.28
C VAL ZA 20 -106.02 -38.46 19.72
N MET ZA 21 -104.93 -37.72 19.89
CA MET ZA 21 -104.66 -37.01 21.13
C MET ZA 21 -103.56 -35.99 20.85
N VAL ZA 22 -103.76 -34.76 21.31
CA VAL ZA 22 -102.84 -33.67 21.06
C VAL ZA 22 -102.24 -33.25 22.39
N ALA ZA 23 -100.91 -33.32 22.49
CA ALA ZA 23 -100.20 -32.92 23.69
C ALA ZA 23 -99.10 -31.93 23.32
N LYS ZA 24 -99.14 -30.75 23.93
CA LYS ZA 24 -98.14 -29.73 23.67
C LYS ZA 24 -96.79 -30.13 24.26
N LYS ZA 25 -95.73 -29.89 23.49
CA LYS ZA 25 -94.38 -30.27 23.89
C LYS ZA 25 -93.91 -29.34 25.00
N ASP ZA 26 -94.07 -29.79 26.24
CA ASP ZA 26 -93.54 -29.06 27.40
C ASP ZA 26 -93.38 -30.09 28.53
N VAL ZA 27 -92.15 -30.57 28.73
CA VAL ZA 27 -91.88 -31.49 29.83
C VAL ZA 27 -91.94 -30.78 31.18
N HIS ZA 28 -91.86 -29.46 31.19
CA HIS ZA 28 -91.92 -28.68 32.43
C HIS ZA 28 -93.32 -28.23 32.78
N MET ZA 29 -94.27 -28.33 31.85
CA MET ZA 29 -95.65 -28.04 32.18
C MET ZA 29 -96.15 -29.10 33.17
N PRO ZA 30 -96.73 -28.70 34.30
CA PRO ZA 30 -97.01 -29.69 35.36
C PRO ZA 30 -98.11 -30.68 35.01
N LYS ZA 31 -99.18 -30.24 34.35
CA LYS ZA 31 -100.36 -31.07 34.21
C LYS ZA 31 -100.83 -31.10 32.76
N HIS ZA 32 -101.15 -32.28 32.28
CA HIS ZA 32 -101.73 -32.45 30.96
C HIS ZA 32 -103.10 -31.78 30.90
N PRO ZA 33 -103.38 -30.98 29.85
CA PRO ZA 33 -104.60 -30.16 29.85
C PRO ZA 33 -105.90 -30.97 29.88
N GLU ZA 34 -106.12 -31.82 28.89
CA GLU ZA 34 -107.30 -32.69 28.96
C GLU ZA 34 -107.03 -33.83 29.93
N LEU ZA 35 -108.11 -34.45 30.39
CA LEU ZA 35 -108.07 -35.42 31.49
C LEU ZA 35 -107.41 -34.78 32.71
N ALA ZA 36 -107.91 -33.59 33.04
CA ALA ZA 36 -107.28 -32.73 34.04
C ALA ZA 36 -107.45 -33.26 35.47
N ASP ZA 37 -108.28 -34.27 35.66
CA ASP ZA 37 -108.60 -34.76 37.00
C ASP ZA 37 -107.68 -35.88 37.46
N LYS ZA 38 -106.83 -36.42 36.59
CA LYS ZA 38 -106.01 -37.57 36.95
C LYS ZA 38 -104.59 -37.20 37.38
N ASN ZA 39 -104.23 -35.91 37.34
CA ASN ZA 39 -102.97 -35.40 37.89
C ASN ZA 39 -101.77 -36.09 37.23
N VAL ZA 40 -101.63 -35.86 35.93
CA VAL ZA 40 -100.66 -36.55 35.09
C VAL ZA 40 -99.68 -35.51 34.55
N PRO ZA 41 -98.38 -35.72 34.69
CA PRO ZA 41 -97.42 -34.79 34.09
C PRO ZA 41 -97.38 -34.94 32.58
N ASN ZA 42 -96.94 -33.88 31.92
CA ASN ZA 42 -96.77 -33.95 30.46
C ASN ZA 42 -95.57 -34.80 30.08
N LEU ZA 43 -94.53 -34.81 30.92
CA LEU ZA 43 -93.34 -35.61 30.62
C LEU ZA 43 -93.67 -37.09 30.50
N HIS ZA 44 -94.47 -37.60 31.43
CA HIS ZA 44 -94.79 -39.02 31.45
C HIS ZA 44 -95.54 -39.44 30.20
N VAL ZA 45 -96.56 -38.65 29.81
CA VAL ZA 45 -97.32 -39.00 28.62
C VAL ZA 45 -96.48 -38.82 27.37
N MET ZA 46 -95.59 -37.82 27.36
CA MET ZA 46 -94.69 -37.65 26.22
C MET ZA 46 -93.83 -38.89 26.01
N LYS ZA 47 -93.17 -39.36 27.07
CA LYS ZA 47 -92.29 -40.50 26.90
C LYS ZA 47 -93.08 -41.79 26.67
N ALA ZA 48 -94.26 -41.91 27.26
CA ALA ZA 48 -95.09 -43.09 27.00
C ALA ZA 48 -95.53 -43.17 25.55
N MET ZA 49 -95.98 -42.05 24.98
CA MET ZA 49 -96.37 -42.06 23.59
C MET ZA 49 -95.17 -42.12 22.65
N GLN ZA 50 -94.00 -41.65 23.09
CA GLN ZA 50 -92.78 -41.90 22.34
C GLN ZA 50 -92.49 -43.40 22.26
N SER ZA 51 -92.66 -44.10 23.37
CA SER ZA 51 -92.49 -45.56 23.36
C SER ZA 51 -93.53 -46.22 22.48
N LEU ZA 52 -94.76 -45.72 22.51
CA LEU ZA 52 -95.81 -46.26 21.64
C LEU ZA 52 -95.48 -46.05 20.18
N LYS ZA 53 -94.89 -44.90 19.83
CA LYS ZA 53 -94.45 -44.66 18.46
C LYS ZA 53 -93.29 -45.58 18.09
N SER ZA 54 -92.32 -45.75 18.99
CA SER ZA 54 -91.16 -46.57 18.68
C SER ZA 54 -91.55 -48.03 18.47
N ARG ZA 55 -92.54 -48.51 19.22
CA ARG ZA 55 -93.07 -49.84 18.96
C ARG ZA 55 -94.07 -49.85 17.82
N GLY ZA 56 -94.55 -48.68 17.39
CA GLY ZA 56 -95.34 -48.57 16.19
C GLY ZA 56 -96.84 -48.40 16.36
N TYR ZA 57 -97.37 -48.57 17.56
CA TYR ZA 57 -98.82 -48.53 17.73
C TYR ZA 57 -99.43 -47.16 17.45
N VAL ZA 58 -98.61 -46.11 17.37
CA VAL ZA 58 -99.07 -44.78 17.01
C VAL ZA 58 -98.07 -44.20 16.01
N LYS ZA 59 -98.53 -43.23 15.23
CA LYS ZA 59 -97.67 -42.53 14.28
C LYS ZA 59 -97.72 -41.03 14.55
N GLU ZA 60 -96.57 -40.38 14.35
CA GLU ZA 60 -96.32 -39.03 14.82
C GLU ZA 60 -96.15 -38.07 13.65
N GLN ZA 61 -96.72 -36.88 13.82
CA GLN ZA 61 -96.45 -35.75 12.93
C GLN ZA 61 -96.34 -34.50 13.80
N PHE ZA 62 -95.14 -33.97 13.91
CA PHE ZA 62 -94.82 -32.89 14.85
C PHE ZA 62 -95.07 -31.55 14.19
N ALA ZA 63 -95.91 -30.74 14.80
CA ALA ZA 63 -96.21 -29.39 14.34
C ALA ZA 63 -95.24 -28.42 15.01
N TRP ZA 64 -95.57 -27.13 15.01
CA TRP ZA 64 -94.77 -26.08 15.64
C TRP ZA 64 -94.27 -26.45 17.02
N ARG ZA 65 -95.18 -26.70 17.96
CA ARG ZA 65 -94.83 -27.06 19.33
C ARG ZA 65 -95.74 -28.15 19.85
N HIS ZA 66 -96.30 -28.96 18.96
CA HIS ZA 66 -97.35 -29.89 19.36
C HIS ZA 66 -97.13 -31.25 18.73
N PHE ZA 67 -97.67 -32.28 19.38
CA PHE ZA 67 -97.69 -33.64 18.87
C PHE ZA 67 -99.10 -34.00 18.45
N TYR ZA 68 -99.22 -34.78 17.38
CA TYR ZA 68 -100.48 -35.07 16.72
C TYR ZA 68 -100.68 -36.57 16.54
N TRP ZA 69 -100.57 -37.31 17.66
CA TRP ZA 69 -100.60 -38.77 17.64
C TRP ZA 69 -101.83 -39.31 16.91
N TYR ZA 70 -101.58 -40.25 15.99
CA TYR ZA 70 -102.60 -40.86 15.16
C TYR ZA 70 -102.61 -42.36 15.41
N LEU ZA 71 -103.71 -42.88 15.92
CA LEU ZA 71 -103.81 -44.29 16.23
C LEU ZA 71 -103.77 -45.13 14.95
N THR ZA 72 -103.04 -46.23 14.99
CA THR ZA 72 -102.82 -47.08 13.84
C THR ZA 72 -103.58 -48.40 14.01
N ASN ZA 73 -103.70 -49.14 12.91
CA ASN ZA 73 -104.42 -50.41 12.95
C ASN ZA 73 -103.65 -51.50 13.68
N GLU ZA 74 -102.35 -51.32 13.88
CA GLU ZA 74 -101.59 -52.20 14.76
C GLU ZA 74 -101.67 -51.78 16.21
N GLY ZA 75 -102.21 -50.60 16.49
CA GLY ZA 75 -102.44 -50.18 17.85
C GLY ZA 75 -103.82 -50.53 18.35
N ILE ZA 76 -104.74 -50.85 17.43
CA ILE ZA 76 -106.12 -51.13 17.81
C ILE ZA 76 -106.17 -52.37 18.70
N GLN ZA 77 -105.56 -53.47 18.24
CA GLN ZA 77 -105.61 -54.70 19.01
C GLN ZA 77 -104.77 -54.60 20.28
N TYR ZA 78 -103.70 -53.79 20.27
CA TYR ZA 78 -102.88 -53.64 21.46
C TYR ZA 78 -103.62 -52.86 22.54
N LEU ZA 79 -104.32 -51.80 22.14
CA LEU ZA 79 -105.18 -51.08 23.08
C LEU ZA 79 -106.32 -51.98 23.57
N ARG ZA 80 -106.84 -52.84 22.69
CA ARG ZA 80 -107.92 -53.73 23.10
C ARG ZA 80 -107.46 -54.74 24.14
N ASP ZA 81 -106.35 -55.43 23.87
CA ASP ZA 81 -105.89 -56.49 24.78
C ASP ZA 81 -105.02 -55.97 25.91
N TYR ZA 82 -104.77 -54.66 25.97
CA TYR ZA 82 -104.22 -54.07 27.19
C TYR ZA 82 -105.32 -53.71 28.17
N LEU ZA 83 -106.41 -53.12 27.68
CA LEU ZA 83 -107.54 -52.73 28.52
C LEU ZA 83 -108.51 -53.88 28.78
N HIS ZA 84 -108.26 -55.05 28.18
CA HIS ZA 84 -109.11 -56.23 28.31
C HIS ZA 84 -110.55 -55.91 27.91
N LEU ZA 85 -110.70 -55.53 26.64
CA LEU ZA 85 -111.98 -55.12 26.10
C LEU ZA 85 -112.33 -55.99 24.90
N PRO ZA 86 -113.59 -56.41 24.75
CA PRO ZA 86 -113.96 -57.19 23.58
C PRO ZA 86 -113.86 -56.37 22.33
N PRO ZA 87 -113.70 -57.01 21.16
CA PRO ZA 87 -113.61 -56.24 19.91
C PRO ZA 87 -114.96 -55.79 19.38
N GLU ZA 88 -115.70 -55.03 20.18
CA GLU ZA 88 -116.93 -54.39 19.73
C GLU ZA 88 -116.96 -52.90 20.02
N ILE ZA 89 -116.40 -52.47 21.15
CA ILE ZA 89 -116.30 -51.05 21.44
C ILE ZA 89 -115.10 -50.48 20.70
N VAL ZA 90 -115.34 -49.42 19.93
CA VAL ZA 90 -114.37 -48.95 18.95
C VAL ZA 90 -114.09 -47.48 19.23
N PRO ZA 91 -112.95 -46.96 18.75
CA PRO ZA 91 -112.79 -45.52 18.66
C PRO ZA 91 -113.87 -44.92 17.77
N ALA ZA 92 -114.39 -43.76 18.19
CA ALA ZA 92 -115.43 -43.11 17.42
C ALA ZA 92 -114.93 -42.66 16.06
N THR ZA 93 -113.61 -42.45 15.93
CA THR ZA 93 -113.03 -42.15 14.64
C THR ZA 93 -113.16 -43.30 13.66
N LEU ZA 94 -113.21 -44.54 14.16
CA LEU ZA 94 -113.39 -45.69 13.28
C LEU ZA 94 -114.83 -45.81 12.82
N ARG ZA 95 -115.75 -46.00 13.77
CA ARG ZA 95 -117.15 -46.27 13.46
C ARG ZA 95 -118.02 -45.18 14.07
N ARG ZA 96 -118.97 -44.68 13.27
CA ARG ZA 96 -119.96 -43.71 13.72
C ARG ZA 96 -121.28 -43.99 13.02
N SER ZA 97 -122.35 -44.12 13.81
CA SER ZA 97 -123.73 -44.24 13.35
C SER ZA 97 -124.00 -45.51 12.54
N ARG ZA 98 -123.02 -46.40 12.41
CA ARG ZA 98 -123.21 -47.64 11.65
C ARG ZA 98 -122.80 -48.85 12.48
N VAL AB 1 -113.44 -81.68 41.30
CA VAL AB 1 -112.49 -80.67 41.75
C VAL AB 1 -112.15 -79.75 40.58
N MET AB 2 -112.50 -80.18 39.37
CA MET AB 2 -112.23 -79.38 38.19
C MET AB 2 -113.13 -78.16 38.11
N ASP AB 3 -114.37 -78.26 38.59
CA ASP AB 3 -115.30 -77.14 38.53
C ASP AB 3 -114.83 -75.99 39.40
N VAL AB 4 -114.45 -76.28 40.65
CA VAL AB 4 -113.93 -75.23 41.52
C VAL AB 4 -112.58 -74.73 41.00
N ASN AB 5 -111.82 -75.61 40.34
CA ASN AB 5 -110.56 -75.18 39.73
C ASN AB 5 -110.81 -74.11 38.66
N THR AB 6 -111.73 -74.37 37.74
CA THR AB 6 -112.04 -73.38 36.72
C THR AB 6 -112.70 -72.15 37.32
N ALA AB 7 -113.47 -72.32 38.40
CA ALA AB 7 -114.08 -71.17 39.06
C ALA AB 7 -113.01 -70.24 39.63
N LEU AB 8 -112.01 -70.81 40.32
CA LEU AB 8 -110.93 -69.97 40.82
C LEU AB 8 -110.06 -69.45 39.69
N GLN AB 9 -109.97 -70.19 38.58
CA GLN AB 9 -109.26 -69.68 37.41
C GLN AB 9 -109.91 -68.42 36.86
N GLU AB 10 -111.24 -68.45 36.68
CA GLU AB 10 -111.91 -67.26 36.15
C GLU AB 10 -111.94 -66.14 37.18
N VAL AB 11 -112.00 -66.48 38.48
CA VAL AB 11 -111.86 -65.45 39.51
C VAL AB 11 -110.50 -64.77 39.40
N LEU AB 12 -109.45 -65.55 39.22
CA LEU AB 12 -108.11 -64.98 39.07
C LEU AB 12 -108.00 -64.15 37.80
N LYS AB 13 -108.60 -64.62 36.70
CA LYS AB 13 -108.59 -63.84 35.46
C LYS AB 13 -109.28 -62.50 35.65
N THR AB 14 -110.51 -62.51 36.18
CA THR AB 14 -111.22 -61.26 36.41
C THR AB 14 -110.50 -60.37 37.41
N ALA AB 15 -109.74 -60.96 38.33
CA ALA AB 15 -108.88 -60.17 39.21
C ALA AB 15 -107.79 -59.47 38.41
N LEU AB 16 -107.12 -60.21 37.52
CA LEU AB 16 -106.09 -59.62 36.67
C LEU AB 16 -106.66 -58.53 35.76
N ILE AB 17 -107.95 -58.60 35.43
CA ILE AB 17 -108.57 -57.51 34.67
C ILE AB 17 -108.54 -56.23 35.49
N HIS AB 18 -108.97 -56.30 36.73
CA HIS AB 18 -109.04 -55.18 37.65
C HIS AB 18 -107.76 -55.13 38.49
N ASP AB 19 -107.79 -54.36 39.58
CA ASP AB 19 -106.61 -54.10 40.40
C ASP AB 19 -106.47 -55.05 41.58
N GLY AB 20 -107.37 -56.02 41.74
CA GLY AB 20 -107.40 -56.84 42.94
C GLY AB 20 -106.49 -58.05 42.92
N LEU AB 21 -105.18 -57.84 43.07
CA LEU AB 21 -104.23 -58.95 43.03
C LEU AB 21 -103.48 -59.13 44.35
N ALA AB 22 -102.84 -58.08 44.86
CA ALA AB 22 -101.92 -58.15 45.99
C ALA AB 22 -100.88 -59.25 45.79
N ARG AB 23 -100.08 -59.10 44.74
CA ARG AB 23 -99.05 -60.08 44.42
C ARG AB 23 -97.85 -59.85 45.33
N GLY AB 24 -97.78 -60.63 46.41
CA GLY AB 24 -96.73 -60.51 47.40
C GLY AB 24 -97.33 -60.50 48.78
N ILE AB 25 -96.53 -60.92 49.77
CA ILE AB 25 -97.04 -61.05 51.13
C ILE AB 25 -97.12 -59.71 51.86
N ARG AB 26 -96.37 -58.69 51.42
CA ARG AB 26 -96.55 -57.36 51.97
C ARG AB 26 -97.92 -56.82 51.60
N GLU AB 27 -98.27 -56.89 50.32
CA GLU AB 27 -99.60 -56.51 49.87
C GLU AB 27 -100.67 -57.41 50.49
N ALA AB 28 -100.36 -58.70 50.66
CA ALA AB 28 -101.31 -59.61 51.28
C ALA AB 28 -101.58 -59.21 52.73
N ALA AB 29 -100.53 -58.84 53.48
CA ALA AB 29 -100.72 -58.39 54.85
C ALA AB 29 -101.52 -57.10 54.91
N LYS AB 30 -101.22 -56.16 54.00
CA LYS AB 30 -101.99 -54.92 53.94
C LYS AB 30 -103.45 -55.18 53.63
N ALA AB 31 -103.73 -56.18 52.78
CA ALA AB 31 -105.10 -56.54 52.47
C ALA AB 31 -105.79 -57.18 53.68
N LEU AB 32 -105.07 -58.07 54.37
CA LEU AB 32 -105.67 -58.81 55.48
C LEU AB 32 -106.00 -57.90 56.66
N ASP AB 33 -105.00 -57.14 57.15
CA ASP AB 33 -105.21 -56.41 58.41
C ASP AB 33 -106.17 -55.23 58.26
N LYS AB 34 -106.41 -54.76 57.05
CA LYS AB 34 -107.32 -53.65 56.80
C LYS AB 34 -108.67 -54.15 56.29
N ARG AB 35 -109.03 -55.39 56.69
CA ARG AB 35 -110.27 -56.12 56.37
C ARG AB 35 -110.61 -56.10 54.87
N GLN AB 36 -109.65 -55.78 54.02
CA GLN AB 36 -109.85 -55.76 52.57
C GLN AB 36 -109.23 -57.01 51.96
N ALA AB 37 -109.85 -58.16 52.24
CA ALA AB 37 -109.37 -59.43 51.71
C ALA AB 37 -110.54 -60.40 51.64
N HIS AB 38 -110.58 -61.17 50.56
CA HIS AB 38 -111.68 -62.10 50.31
C HIS AB 38 -111.22 -63.52 50.03
N LEU AB 39 -110.15 -63.69 49.26
CA LEU AB 39 -109.66 -65.00 48.85
C LEU AB 39 -108.17 -65.09 49.14
N CYS AB 40 -107.68 -66.31 49.33
CA CYS AB 40 -106.27 -66.55 49.63
C CYS AB 40 -105.85 -67.89 49.01
N VAL AB 41 -105.09 -67.82 47.92
CA VAL AB 41 -104.47 -69.01 47.34
C VAL AB 41 -103.05 -69.10 47.87
N LEU AB 42 -102.68 -70.28 48.37
CA LEU AB 42 -101.40 -70.50 49.01
C LEU AB 42 -100.76 -71.77 48.47
N ALA AB 43 -99.43 -71.76 48.36
CA ALA AB 43 -98.71 -72.90 47.82
C ALA AB 43 -98.53 -73.97 48.89
N SER AB 44 -98.69 -75.24 48.49
CA SER AB 44 -98.40 -76.34 49.38
C SER AB 44 -96.90 -76.57 49.50
N ASN AB 45 -96.14 -76.24 48.46
CA ASN AB 45 -94.71 -76.56 48.37
C ASN AB 45 -93.90 -75.28 48.50
N CYS AB 46 -93.55 -74.95 49.75
CA CYS AB 46 -92.63 -73.87 50.06
C CYS AB 46 -91.52 -74.42 50.95
N ASP AB 47 -90.27 -74.13 50.59
CA ASP AB 47 -89.15 -74.73 51.32
C ASP AB 47 -88.90 -74.06 52.67
N GLU AB 48 -89.15 -72.77 52.78
CA GLU AB 48 -88.84 -72.07 54.02
C GLU AB 48 -89.95 -72.34 55.04
N PRO AB 49 -89.63 -72.67 56.29
CA PRO AB 49 -90.69 -73.11 57.21
C PRO AB 49 -91.66 -72.02 57.65
N MET AB 50 -91.18 -70.83 57.99
CA MET AB 50 -92.03 -69.81 58.57
C MET AB 50 -93.00 -69.19 57.57
N TYR AB 51 -92.81 -69.43 56.28
CA TYR AB 51 -93.63 -68.80 55.26
C TYR AB 51 -95.04 -69.38 55.23
N VAL AB 52 -95.20 -70.66 55.60
CA VAL AB 52 -96.45 -71.36 55.40
C VAL AB 52 -97.25 -71.46 56.69
N LYS AB 53 -97.03 -70.53 57.61
CA LYS AB 53 -97.81 -70.51 58.84
C LYS AB 53 -98.38 -69.13 59.11
N LEU AB 54 -97.64 -68.10 58.71
CA LEU AB 54 -98.05 -66.72 59.00
C LEU AB 54 -99.32 -66.36 58.25
N VAL AB 55 -99.37 -66.64 56.95
CA VAL AB 55 -100.53 -66.23 56.16
C VAL AB 55 -101.77 -67.03 56.55
N GLU AB 56 -101.61 -68.31 56.88
CA GLU AB 56 -102.73 -69.09 57.36
C GLU AB 56 -103.24 -68.56 58.70
N ALA AB 57 -102.33 -68.19 59.60
CA ALA AB 57 -102.75 -67.62 60.88
C ALA AB 57 -103.46 -66.29 60.69
N LEU AB 58 -102.95 -65.44 59.80
CA LEU AB 58 -103.57 -64.13 59.59
C LEU AB 58 -104.90 -64.25 58.84
N CYS AB 59 -105.09 -65.32 58.07
CA CYS AB 59 -106.38 -65.54 57.44
C CYS AB 59 -107.37 -66.21 58.38
N ALA AB 60 -106.87 -66.96 59.37
CA ALA AB 60 -107.75 -67.53 60.38
C ALA AB 60 -108.18 -66.49 61.40
N GLU AB 61 -107.30 -65.53 61.73
CA GLU AB 61 -107.70 -64.48 62.66
C GLU AB 61 -108.77 -63.58 62.09
N HIS AB 62 -108.90 -63.54 60.77
CA HIS AB 62 -110.03 -62.90 60.10
C HIS AB 62 -110.98 -63.97 59.60
N GLN AB 63 -112.04 -63.55 58.93
CA GLN AB 63 -113.02 -64.47 58.34
C GLN AB 63 -112.89 -64.35 56.83
N ILE AB 64 -111.94 -65.09 56.26
CA ILE AB 64 -111.56 -64.99 54.86
C ILE AB 64 -111.20 -66.38 54.37
N ASN AB 65 -111.47 -66.64 53.09
CA ASN AB 65 -111.27 -67.96 52.49
C ASN AB 65 -109.82 -68.41 52.59
N LEU AB 66 -109.63 -69.70 52.86
CA LEU AB 66 -108.32 -70.33 52.90
C LEU AB 66 -108.33 -71.53 51.96
N ILE AB 67 -107.61 -71.43 50.85
CA ILE AB 67 -107.57 -72.49 49.86
C ILE AB 67 -106.12 -72.75 49.47
N LYS AB 68 -105.84 -73.95 48.98
CA LYS AB 68 -104.50 -74.41 48.70
C LYS AB 68 -104.34 -74.66 47.21
N VAL AB 69 -103.16 -74.34 46.68
CA VAL AB 69 -102.77 -74.64 45.31
C VAL AB 69 -101.59 -75.61 45.37
N ASP AB 70 -101.40 -76.37 44.29
CA ASP AB 70 -100.41 -77.44 44.30
C ASP AB 70 -98.98 -76.90 44.18
N ASP AB 71 -98.78 -75.84 43.40
CA ASP AB 71 -97.45 -75.38 43.07
C ASP AB 71 -97.39 -73.85 43.10
N ASN AB 72 -96.19 -73.32 43.37
CA ASN AB 72 -96.02 -71.87 43.42
C ASN AB 72 -95.58 -71.30 42.07
N LYS AB 73 -94.76 -72.03 41.32
CA LYS AB 73 -94.44 -71.61 39.96
C LYS AB 73 -95.70 -71.64 39.09
N LYS AB 74 -96.52 -72.68 39.25
CA LYS AB 74 -97.76 -72.77 38.50
C LYS AB 74 -98.75 -71.72 38.96
N LEU AB 75 -98.68 -71.32 40.24
CA LEU AB 75 -99.56 -70.24 40.70
C LEU AB 75 -99.10 -68.90 40.16
N GLY AB 76 -97.79 -68.69 40.03
CA GLY AB 76 -97.29 -67.51 39.36
C GLY AB 76 -97.69 -67.48 37.90
N GLU AB 77 -97.65 -68.63 37.23
CA GLU AB 77 -98.16 -68.72 35.87
C GLU AB 77 -99.65 -68.42 35.81
N TRP AB 78 -100.40 -68.89 36.80
CA TRP AB 78 -101.84 -68.66 36.84
C TRP AB 78 -102.15 -67.17 37.00
N VAL AB 79 -101.40 -66.48 37.88
CA VAL AB 79 -101.56 -65.04 38.03
C VAL AB 79 -100.86 -64.27 36.92
N GLY AB 80 -100.23 -64.98 35.98
CA GLY AB 80 -99.60 -64.35 34.83
C GLY AB 80 -98.40 -63.49 35.17
N LEU AB 81 -97.59 -63.92 36.13
CA LEU AB 81 -96.36 -63.19 36.48
C LEU AB 81 -95.20 -63.61 35.60
N CYS AB 82 -95.43 -63.59 34.29
CA CYS AB 82 -94.44 -64.00 33.31
C CYS AB 82 -94.56 -63.07 32.11
N LYS AB 83 -93.89 -63.43 31.02
CA LYS AB 83 -93.95 -62.60 29.81
C LYS AB 83 -95.27 -62.78 29.07
N ILE AB 84 -96.06 -63.80 29.42
CA ILE AB 84 -97.30 -64.14 28.74
C ILE AB 84 -97.03 -64.32 27.25
N ASP AB 85 -96.30 -65.37 26.91
CA ASP AB 85 -95.94 -65.71 25.54
C ASP AB 85 -96.34 -67.14 25.23
N ARG AB 86 -97.60 -67.47 25.51
CA ARG AB 86 -98.05 -68.87 25.42
C ARG AB 86 -97.90 -69.44 24.02
N GLU AB 87 -97.93 -68.60 22.99
CA GLU AB 87 -97.80 -69.11 21.63
C GLU AB 87 -96.35 -69.42 21.27
N GLY AB 88 -95.38 -68.68 21.82
CA GLY AB 88 -94.02 -68.83 21.35
C GLY AB 88 -92.95 -69.24 22.35
N LYS AB 89 -93.09 -68.85 23.62
CA LYS AB 89 -92.02 -69.05 24.58
C LYS AB 89 -92.57 -69.59 25.89
N PRO AB 90 -91.83 -70.45 26.58
CA PRO AB 90 -92.28 -70.94 27.90
C PRO AB 90 -92.48 -69.85 28.95
N ARG AB 91 -91.86 -68.68 28.79
CA ARG AB 91 -92.13 -67.50 29.63
C ARG AB 91 -91.88 -67.81 31.11
N LYS AB 92 -90.60 -68.02 31.42
CA LYS AB 92 -90.14 -68.30 32.78
C LYS AB 92 -90.75 -67.35 33.79
N VAL AB 93 -91.34 -67.92 34.84
CA VAL AB 93 -92.17 -67.20 35.79
C VAL AB 93 -91.47 -67.17 37.14
N VAL AB 94 -91.83 -66.18 37.96
CA VAL AB 94 -91.38 -66.15 39.35
C VAL AB 94 -92.26 -67.08 40.15
N GLY AB 95 -91.78 -67.53 41.30
CA GLY AB 95 -92.58 -68.41 42.14
C GLY AB 95 -93.45 -67.62 43.09
N CYS AB 96 -94.72 -67.43 42.72
CA CYS AB 96 -95.67 -66.65 43.50
C CYS AB 96 -96.60 -67.59 44.23
N SER AB 97 -96.79 -67.34 45.52
CA SER AB 97 -97.55 -68.26 46.38
C SER AB 97 -98.63 -67.55 47.19
N CYS AB 98 -99.06 -66.37 46.77
CA CYS AB 98 -100.12 -65.66 47.48
C CYS AB 98 -100.77 -64.66 46.55
N VAL AB 99 -102.08 -64.78 46.37
CA VAL AB 99 -102.88 -63.78 45.64
C VAL AB 99 -104.17 -63.56 46.43
N VAL AB 100 -104.49 -62.30 46.69
CA VAL AB 100 -105.68 -61.92 47.44
C VAL AB 100 -106.61 -61.15 46.51
N VAL AB 101 -107.86 -61.60 46.42
CA VAL AB 101 -108.83 -61.02 45.49
C VAL AB 101 -109.69 -60.02 46.24
N LYS AB 102 -109.83 -58.81 45.68
CA LYS AB 102 -110.72 -57.82 46.26
C LYS AB 102 -111.70 -57.27 45.23
N ASP AB 103 -111.34 -57.35 43.94
CA ASP AB 103 -112.04 -56.59 42.92
C ASP AB 103 -113.49 -57.05 42.78
N TYR AB 104 -113.71 -58.36 42.59
CA TYR AB 104 -115.03 -58.91 42.27
C TYR AB 104 -115.69 -58.13 41.13
N GLY AB 105 -114.94 -57.92 40.05
CA GLY AB 105 -115.44 -57.13 38.94
C GLY AB 105 -116.65 -57.74 38.27
N LYS AB 106 -116.63 -59.04 38.06
CA LYS AB 106 -117.73 -59.75 37.44
C LYS AB 106 -117.99 -61.06 38.19
N GLU AB 107 -119.26 -61.39 38.35
CA GLU AB 107 -119.69 -62.59 39.07
C GLU AB 107 -120.36 -63.52 38.07
N SER AB 108 -119.58 -64.47 37.54
CA SER AB 108 -120.07 -65.43 36.56
C SER AB 108 -119.96 -66.87 37.04
N GLN AB 109 -118.83 -67.22 37.65
CA GLN AB 109 -118.60 -68.57 38.17
C GLN AB 109 -118.09 -68.55 39.60
N ALA AB 110 -118.01 -67.37 40.23
CA ALA AB 110 -117.57 -67.28 41.62
C ALA AB 110 -118.62 -67.78 42.60
N LYS AB 111 -119.86 -68.00 42.14
CA LYS AB 111 -120.84 -68.68 42.98
C LYS AB 111 -120.37 -70.08 43.34
N ASP AB 112 -119.67 -70.74 42.41
CA ASP AB 112 -119.05 -72.03 42.72
C ASP AB 112 -117.99 -71.89 43.80
N VAL AB 113 -117.21 -70.80 43.76
CA VAL AB 113 -116.21 -70.54 44.79
C VAL AB 113 -116.88 -70.34 46.14
N ILE AB 114 -117.99 -69.59 46.16
CA ILE AB 114 -118.71 -69.35 47.41
C ILE AB 114 -119.33 -70.64 47.93
N GLU AB 115 -119.82 -71.48 47.03
CA GLU AB 115 -120.37 -72.77 47.43
C GLU AB 115 -119.29 -73.68 48.02
N GLU AB 116 -118.10 -73.68 47.41
CA GLU AB 116 -116.99 -74.46 47.96
C GLU AB 116 -116.57 -73.91 49.33
N TYR AB 117 -116.61 -72.60 49.49
CA TYR AB 117 -116.31 -71.99 50.79
C TYR AB 117 -117.36 -72.40 51.83
N PHE AB 118 -118.63 -72.45 51.42
CA PHE AB 118 -119.69 -72.95 52.29
C PHE AB 118 -119.44 -74.39 52.69
N LYS AB 119 -119.03 -75.23 51.73
CA LYS AB 119 -118.74 -76.63 52.03
C LYS AB 119 -117.55 -76.75 52.98
N CYS AB 120 -116.53 -75.91 52.79
CA CYS AB 120 -115.38 -75.93 53.67
C CYS AB 120 -115.75 -75.52 55.09
N LYS AB 121 -116.60 -74.49 55.23
CA LYS AB 121 -116.97 -74.05 56.57
C LYS AB 121 -117.92 -75.04 57.24
N LYS AB 122 -118.50 -75.96 56.48
CA LYS AB 122 -119.37 -76.98 57.07
C LYS AB 122 -118.59 -78.26 57.34
N THR BB 1 -71.87 1.50 67.48
CA THR BB 1 -73.14 2.22 67.42
C THR BB 1 -73.54 2.49 65.97
N TYR BB 2 -74.57 1.77 65.52
CA TYR BB 2 -74.99 1.88 64.12
C TYR BB 2 -75.73 3.19 63.87
N ARG BB 3 -76.65 3.55 64.77
CA ARG BB 3 -77.48 4.74 64.60
C ARG BB 3 -77.57 5.51 65.90
N GLY BB 4 -76.45 5.61 66.62
CA GLY BB 4 -76.45 6.19 67.94
C GLY BB 4 -76.86 5.26 69.05
N VAL BB 5 -77.07 3.98 68.76
CA VAL BB 5 -77.43 2.98 69.75
C VAL BB 5 -76.43 1.84 69.68
N ASP BB 6 -76.00 1.35 70.83
CA ASP BB 6 -74.92 0.38 70.91
C ASP BB 6 -75.42 -1.03 70.58
N LEU BB 7 -74.52 -2.01 70.67
CA LEU BB 7 -74.77 -3.32 70.08
C LEU BB 7 -75.51 -4.26 71.04
N ASP BB 8 -75.32 -4.09 72.35
CA ASP BB 8 -75.96 -5.03 73.28
C ASP BB 8 -77.48 -4.89 73.25
N GLN BB 9 -77.99 -3.68 73.00
CA GLN BB 9 -79.42 -3.52 72.81
C GLN BB 9 -79.84 -3.93 71.41
N LEU BB 10 -78.93 -3.83 70.44
CA LEU BB 10 -79.21 -4.29 69.08
C LEU BB 10 -79.46 -5.79 69.06
N LEU BB 11 -78.71 -6.54 69.87
CA LEU BB 11 -78.88 -7.99 69.94
C LEU BB 11 -80.28 -8.37 70.41
N ASP BB 12 -80.95 -7.47 71.13
CA ASP BB 12 -82.33 -7.66 71.54
C ASP BB 12 -83.25 -6.60 70.93
N MET BB 13 -82.90 -6.10 69.75
CA MET BB 13 -83.71 -5.13 69.02
C MET BB 13 -84.38 -5.93 67.90
N SER BB 14 -85.67 -6.19 68.05
CA SER BB 14 -86.35 -7.14 67.17
C SER BB 14 -86.51 -6.56 65.77
N TYR BB 15 -86.96 -7.40 64.85
CA TYR BB 15 -86.95 -7.07 63.43
C TYR BB 15 -87.85 -5.87 63.11
N GLU BB 16 -89.00 -5.79 63.77
CA GLU BB 16 -89.99 -4.77 63.42
C GLU BB 16 -89.70 -3.41 64.04
N GLN BB 17 -88.83 -3.32 65.05
CA GLN BB 17 -88.39 -2.04 65.57
C GLN BB 17 -86.98 -1.67 65.14
N LEU BB 18 -86.16 -2.64 64.77
CA LEU BB 18 -84.96 -2.40 63.98
C LEU BB 18 -85.29 -2.12 62.53
N MET BB 19 -86.57 -2.30 62.15
CA MET BB 19 -87.03 -2.07 60.79
C MET BB 19 -86.64 -0.69 60.30
N GLN BB 20 -86.78 0.33 61.15
CA GLN BB 20 -86.44 1.69 60.77
C GLN BB 20 -84.95 1.92 60.64
N LEU BB 21 -84.13 1.25 61.47
CA LEU BB 21 -82.70 1.56 61.52
C LEU BB 21 -81.98 1.21 60.23
N TYR BB 22 -82.48 0.25 59.45
CA TYR BB 22 -81.85 -0.07 58.19
C TYR BB 22 -82.20 0.97 57.13
N SER BB 23 -81.39 1.01 56.08
CA SER BB 23 -81.58 1.96 54.99
C SER BB 23 -82.84 1.62 54.20
N ALA BB 24 -83.10 2.40 53.15
CA ALA BB 24 -84.33 2.21 52.37
C ALA BB 24 -84.38 0.83 51.73
N ARG BB 25 -83.27 0.41 51.11
CA ARG BB 25 -83.23 -0.89 50.46
C ARG BB 25 -83.42 -2.01 51.47
N GLN BB 26 -82.72 -1.94 52.60
CA GLN BB 26 -82.81 -3.01 53.58
C GLN BB 26 -84.16 -3.01 54.29
N ARG BB 27 -84.73 -1.82 54.50
CA ARG BB 27 -86.06 -1.74 55.10
C ARG BB 27 -87.11 -2.34 54.17
N ARG BB 28 -87.02 -2.04 52.88
CA ARG BB 28 -87.94 -2.66 51.93
C ARG BB 28 -87.74 -4.17 51.88
N ARG BB 29 -86.48 -4.62 51.94
CA ARG BB 29 -86.19 -6.05 51.92
C ARG BB 29 -86.80 -6.75 53.14
N LEU BB 30 -86.64 -6.14 54.32
CA LEU BB 30 -87.26 -6.70 55.52
C LEU BB 30 -88.78 -6.63 55.45
N ASN BB 31 -89.32 -5.65 54.73
CA ASN BB 31 -90.77 -5.54 54.57
C ASN BB 31 -91.32 -6.77 53.86
N ARG BB 32 -90.72 -7.14 52.73
CA ARG BB 32 -91.05 -8.41 52.10
C ARG BB 32 -90.54 -9.55 52.96
N GLY BB 33 -91.22 -10.70 52.87
CA GLY BB 33 -90.90 -11.83 53.72
C GLY BB 33 -89.52 -12.39 53.44
N LEU BB 34 -88.75 -12.66 54.49
CA LEU BB 34 -87.49 -13.38 54.33
C LEU BB 34 -87.77 -14.85 54.02
N ARG BB 35 -86.95 -15.42 53.15
CA ARG BB 35 -87.23 -16.74 52.60
C ARG BB 35 -86.75 -17.85 53.55
N ARG BB 36 -86.97 -19.10 53.13
CA ARG BB 36 -86.60 -20.26 53.93
C ARG BB 36 -85.09 -20.42 54.04
N LYS BB 37 -84.36 -20.09 52.97
CA LYS BB 37 -82.90 -20.19 53.02
C LYS BB 37 -82.33 -19.26 54.08
N GLN BB 38 -82.90 -18.06 54.20
CA GLN BB 38 -82.56 -17.15 55.29
C GLN BB 38 -82.70 -17.82 56.65
N HIS BB 39 -83.86 -18.44 56.88
CA HIS BB 39 -84.13 -19.03 58.19
C HIS BB 39 -83.19 -20.19 58.47
N SER BB 40 -82.97 -21.05 57.48
CA SER BB 40 -82.05 -22.17 57.66
C SER BB 40 -80.63 -21.70 57.94
N LEU BB 41 -80.16 -20.69 57.21
CA LEU BB 41 -78.81 -20.18 57.43
C LEU BB 41 -78.69 -19.52 58.79
N LEU BB 42 -79.70 -18.75 59.20
CA LEU BB 42 -79.68 -18.13 60.52
C LEU BB 42 -79.66 -19.17 61.63
N LYS BB 43 -80.44 -20.24 61.46
CA LYS BB 43 -80.42 -21.33 62.42
C LYS BB 43 -79.04 -21.97 62.49
N ARG BB 44 -78.40 -22.20 61.33
CA ARG BB 44 -77.09 -22.83 61.34
C ARG BB 44 -76.03 -21.93 61.98
N LEU BB 45 -76.04 -20.63 61.68
CA LEU BB 45 -75.08 -19.73 62.33
C LEU BB 45 -75.33 -19.61 63.83
N ARG BB 46 -76.59 -19.57 64.26
CA ARG BB 46 -76.87 -19.54 65.68
C ARG BB 46 -76.41 -20.83 66.36
N LYS BB 47 -76.60 -21.97 65.70
CA LYS BB 47 -76.09 -23.24 66.20
C LYS BB 47 -74.57 -23.22 66.31
N ALA BB 48 -73.89 -22.68 65.29
CA ALA BB 48 -72.44 -22.63 65.30
C ALA BB 48 -71.91 -21.72 66.42
N LYS BB 49 -72.55 -20.55 66.60
CA LYS BB 49 -72.15 -19.65 67.66
C LYS BB 49 -72.37 -20.27 69.03
N LYS BB 50 -73.51 -20.94 69.23
CA LYS BB 50 -73.82 -21.49 70.55
C LYS BB 50 -72.99 -22.72 70.85
N GLU BB 51 -72.66 -23.51 69.84
CA GLU BB 51 -71.82 -24.69 70.03
C GLU BB 51 -70.34 -24.35 70.00
N ALA BB 52 -69.98 -23.09 69.78
CA ALA BB 52 -68.60 -22.68 69.89
C ALA BB 52 -68.18 -22.62 71.36
N PRO BB 53 -66.96 -23.02 71.67
CA PRO BB 53 -66.46 -22.88 73.05
C PRO BB 53 -66.29 -21.43 73.42
N PRO BB 54 -66.25 -21.11 74.71
CA PRO BB 54 -66.02 -19.73 75.12
C PRO BB 54 -64.62 -19.26 74.72
N MET BB 55 -64.46 -17.93 74.69
CA MET BB 55 -63.23 -17.20 74.35
C MET BB 55 -62.54 -17.71 73.09
N GLU BB 56 -63.28 -18.32 72.17
CA GLU BB 56 -62.71 -18.80 70.93
C GLU BB 56 -63.64 -18.48 69.76
N LYS BB 57 -63.03 -18.11 68.63
CA LYS BB 57 -63.81 -17.83 67.43
C LYS BB 57 -64.48 -19.10 66.93
N PRO BB 58 -65.75 -19.06 66.57
CA PRO BB 58 -66.47 -20.28 66.17
C PRO BB 58 -65.95 -20.85 64.86
N GLU BB 59 -66.53 -21.99 64.49
CA GLU BB 59 -66.14 -22.68 63.28
C GLU BB 59 -66.69 -21.95 62.04
N VAL BB 60 -66.17 -22.32 60.88
CA VAL BB 60 -66.57 -21.71 59.63
C VAL BB 60 -67.89 -22.32 59.15
N VAL BB 61 -68.81 -21.46 58.75
CA VAL BB 61 -70.01 -21.86 58.03
C VAL BB 61 -69.83 -21.43 56.59
N LYS BB 62 -70.44 -22.16 55.67
CA LYS BB 62 -70.25 -21.94 54.24
C LYS BB 62 -71.60 -21.68 53.59
N THR BB 63 -71.59 -20.89 52.51
CA THR BB 63 -72.82 -20.53 51.83
C THR BB 63 -72.51 -20.05 50.42
N HIS BB 64 -73.44 -20.32 49.51
CA HIS BB 64 -73.38 -19.74 48.17
C HIS BB 64 -74.12 -18.41 48.07
N LEU BB 65 -75.17 -18.21 48.86
CA LEU BB 65 -75.95 -16.98 48.77
C LEU BB 65 -75.16 -15.83 49.39
N ARG BB 66 -74.95 -14.78 48.61
CA ARG BB 66 -74.22 -13.60 49.05
C ARG BB 66 -75.13 -12.39 49.23
N ASP BB 67 -76.41 -12.52 48.95
CA ASP BB 67 -77.44 -11.51 49.13
C ASP BB 67 -77.76 -11.24 50.58
N MET BB 68 -77.21 -12.05 51.47
CA MET BB 68 -77.55 -11.98 52.88
C MET BB 68 -77.16 -10.63 53.45
N ILE BB 69 -78.15 -9.87 53.92
CA ILE BB 69 -77.85 -8.65 54.66
C ILE BB 69 -77.38 -9.03 56.05
N ILE BB 70 -76.51 -8.22 56.62
CA ILE BB 70 -75.88 -8.54 57.89
C ILE BB 70 -76.77 -8.05 59.03
N LEU BB 71 -77.16 -8.96 59.90
CA LEU BB 71 -77.97 -8.71 61.08
C LEU BB 71 -77.09 -8.46 62.29
N PRO BB 72 -77.55 -7.65 63.25
CA PRO BB 72 -76.76 -7.46 64.48
C PRO BB 72 -76.60 -8.73 65.29
N GLU BB 73 -77.49 -9.71 65.11
CA GLU BB 73 -77.35 -10.98 65.80
C GLU BB 73 -76.18 -11.80 65.27
N MET BB 74 -75.69 -11.50 64.07
CA MET BB 74 -74.63 -12.27 63.44
C MET BB 74 -73.26 -11.61 63.56
N VAL BB 75 -73.13 -10.59 64.41
CA VAL BB 75 -71.85 -9.94 64.59
C VAL BB 75 -70.87 -10.89 65.26
N GLY BB 76 -69.67 -10.99 64.71
CA GLY BB 76 -68.67 -11.91 65.22
C GLY BB 76 -68.73 -13.29 64.63
N SER BB 77 -69.22 -13.43 63.40
CA SER BB 77 -69.37 -14.74 62.78
C SER BB 77 -68.33 -14.96 61.71
N MET BB 78 -67.98 -16.23 61.50
CA MET BB 78 -67.01 -16.65 60.50
C MET BB 78 -67.76 -17.40 59.40
N VAL BB 79 -67.76 -16.84 58.20
CA VAL BB 79 -68.55 -17.37 57.09
C VAL BB 79 -67.75 -17.29 55.81
N GLY BB 80 -67.83 -18.35 55.00
CA GLY BB 80 -67.21 -18.38 53.68
C GLY BB 80 -68.22 -18.10 52.58
N VAL BB 81 -68.15 -16.90 52.02
CA VAL BB 81 -69.12 -16.42 51.04
C VAL BB 81 -68.57 -16.70 49.65
N TYR BB 82 -69.39 -17.32 48.81
CA TYR BB 82 -68.96 -17.68 47.46
C TYR BB 82 -68.62 -16.44 46.66
N ASN BB 83 -67.48 -16.49 45.97
CA ASN BB 83 -67.05 -15.43 45.07
C ASN BB 83 -67.19 -15.84 43.60
N GLY BB 84 -67.74 -17.02 43.34
CA GLY BB 84 -67.82 -17.56 42.00
C GLY BB 84 -66.96 -18.79 41.79
N LYS BB 85 -65.89 -18.93 42.57
CA LYS BB 85 -64.99 -20.07 42.46
C LYS BB 85 -64.84 -20.81 43.78
N THR BB 86 -64.76 -20.10 44.90
CA THR BB 86 -64.55 -20.70 46.20
C THR BB 86 -65.11 -19.78 47.29
N PHE BB 87 -65.23 -20.34 48.49
CA PHE BB 87 -65.80 -19.61 49.62
C PHE BB 87 -64.74 -18.70 50.24
N ASN BB 88 -65.14 -17.49 50.60
CA ASN BB 88 -64.22 -16.50 51.19
C ASN BB 88 -64.57 -16.30 52.66
N GLN BB 89 -63.70 -16.76 53.54
CA GLN BB 89 -63.86 -16.53 54.97
C GLN BB 89 -63.78 -15.05 55.28
N VAL BB 90 -64.54 -14.61 56.28
CA VAL BB 90 -64.62 -13.19 56.60
C VAL BB 90 -65.14 -13.03 58.03
N GLU BB 91 -64.60 -12.03 58.72
CA GLU BB 91 -65.14 -11.58 60.00
C GLU BB 91 -66.41 -10.76 59.77
N ILE BB 92 -67.29 -10.77 60.76
CA ILE BB 92 -68.48 -9.93 60.75
C ILE BB 92 -68.27 -8.85 61.80
N LYS BB 93 -67.74 -7.71 61.38
CA LYS BB 93 -67.53 -6.48 62.15
C LYS BB 93 -68.88 -5.91 62.58
N PRO BB 94 -68.97 -5.30 63.75
CA PRO BB 94 -70.21 -4.59 64.11
C PRO BB 94 -70.37 -3.26 63.40
N GLU BB 95 -69.61 -3.04 62.34
CA GLU BB 95 -69.72 -1.83 61.52
C GLU BB 95 -70.07 -2.13 60.07
N MET BB 96 -70.78 -3.23 59.81
CA MET BB 96 -71.15 -3.62 58.45
C MET BB 96 -72.58 -4.16 58.39
N ILE BB 97 -73.46 -3.63 59.25
CA ILE BB 97 -74.83 -4.14 59.32
C ILE BB 97 -75.57 -3.87 58.02
N GLY BB 98 -75.46 -2.65 57.51
CA GLY BB 98 -76.17 -2.29 56.29
C GLY BB 98 -75.47 -2.70 55.01
N HIS BB 99 -74.70 -3.78 55.07
CA HIS BB 99 -73.87 -4.23 53.95
C HIS BB 99 -74.17 -5.67 53.60
N TYR BB 100 -74.02 -6.00 52.32
CA TYR BB 100 -74.23 -7.35 51.83
C TYR BB 100 -73.00 -8.22 52.03
N LEU BB 101 -73.22 -9.53 52.01
CA LEU BB 101 -72.12 -10.47 52.03
C LEU BB 101 -71.33 -10.44 50.72
N GLY BB 102 -71.99 -10.17 49.60
CA GLY BB 102 -71.30 -10.09 48.33
C GLY BB 102 -70.39 -8.90 48.19
N GLU BB 103 -70.64 -7.84 48.96
CA GLU BB 103 -69.75 -6.69 48.95
C GLU BB 103 -68.37 -7.03 49.52
N PHE BB 104 -68.27 -8.07 50.33
CA PHE BB 104 -67.04 -8.39 51.04
C PHE BB 104 -66.24 -9.52 50.41
N SER BB 105 -66.86 -10.36 49.61
CA SER BB 105 -66.16 -11.40 48.84
C SER BB 105 -66.14 -10.92 47.39
N ILE BB 106 -64.93 -10.64 46.88
CA ILE BB 106 -64.81 -10.07 45.55
C ILE BB 106 -64.74 -11.19 44.51
N THR BB 107 -65.46 -11.00 43.41
CA THR BB 107 -65.61 -12.03 42.39
C THR BB 107 -64.51 -12.01 41.34
N TYR BB 108 -63.67 -10.98 41.32
CA TYR BB 108 -62.62 -10.86 40.33
C TYR BB 108 -61.36 -10.32 40.96
N LYS BB 109 -60.22 -10.76 40.46
CA LYS BB 109 -59.10 -9.97 40.94
C LYS BB 109 -58.85 -8.78 40.00
N PRO BB 110 -58.32 -7.68 40.53
CA PRO BB 110 -58.06 -6.52 39.68
C PRO BB 110 -57.04 -6.83 38.60
N VAL BB 111 -57.18 -6.18 37.45
CA VAL BB 111 -56.33 -6.47 36.30
C VAL BB 111 -54.98 -5.78 36.49
N LYS BB 112 -53.91 -6.53 36.24
CA LYS BB 112 -52.55 -6.02 36.28
C LYS BB 112 -52.09 -5.85 34.83
N HIS BB 113 -52.25 -4.63 34.32
CA HIS BB 113 -51.94 -4.36 32.93
C HIS BB 113 -50.44 -4.47 32.68
N GLY BB 114 -50.07 -5.27 31.69
CA GLY BB 114 -48.71 -5.37 31.21
C GLY BB 114 -48.51 -4.61 29.92
N ARG BB 115 -47.73 -5.20 29.03
CA ARG BB 115 -47.57 -4.63 27.71
C ARG BB 115 -48.82 -4.89 26.88
N PRO BB 116 -49.46 -3.87 26.32
CA PRO BB 116 -50.55 -4.11 25.37
C PRO BB 116 -50.06 -4.87 24.15
N GLY BB 117 -50.90 -5.80 23.69
CA GLY BB 117 -50.50 -6.72 22.63
C GLY BB 117 -50.62 -6.16 21.23
N ILE BB 118 -51.14 -6.98 20.31
CA ILE BB 118 -51.29 -6.56 18.93
C ILE BB 118 -52.30 -5.43 18.77
N GLY BB 119 -53.18 -5.24 19.75
CA GLY BB 119 -54.15 -4.17 19.67
C GLY BB 119 -53.51 -2.80 19.78
N ALA BB 120 -54.26 -1.79 19.33
CA ALA BB 120 -53.83 -0.40 19.28
C ALA BB 120 -52.55 -0.25 18.46
N THR BB 121 -52.67 -0.58 17.17
CA THR BB 121 -51.54 -0.48 16.25
C THR BB 121 -51.21 0.98 15.94
N SER CB 1 -133.79 44.07 6.47
CA SER CB 1 -133.48 44.75 7.72
C SER CB 1 -133.12 43.74 8.81
N LYS CB 2 -133.71 42.55 8.72
CA LYS CB 2 -133.49 41.48 9.68
C LYS CB 2 -133.34 40.15 8.95
N GLY CB 3 -132.55 40.14 7.89
CA GLY CB 3 -132.44 38.99 7.02
C GLY CB 3 -131.70 37.82 7.62
N PRO CB 4 -132.37 36.66 7.66
CA PRO CB 4 -131.68 35.43 8.06
C PRO CB 4 -131.05 34.70 6.89
N LEU CB 5 -130.45 33.54 7.15
CA LEU CB 5 -129.85 32.68 6.15
C LEU CB 5 -128.77 33.45 5.37
N GLN CB 6 -127.80 33.96 6.13
CA GLN CB 6 -126.67 34.72 5.56
C GLN CB 6 -125.41 34.29 6.31
N SER CB 7 -124.74 33.26 5.79
CA SER CB 7 -123.49 32.78 6.37
C SER CB 7 -122.81 31.83 5.39
N VAL CB 8 -121.48 31.79 5.46
CA VAL CB 8 -120.67 30.80 4.77
C VAL CB 8 -119.70 30.21 5.77
N GLN CB 9 -119.18 29.03 5.46
CA GLN CB 9 -118.21 28.35 6.30
C GLN CB 9 -117.09 27.83 5.40
N VAL CB 10 -115.85 28.17 5.76
CA VAL CB 10 -114.67 27.85 4.96
C VAL CB 10 -113.54 27.42 5.88
N PHE CB 11 -112.84 26.37 5.49
CA PHE CB 11 -111.67 25.90 6.23
C PHE CB 11 -110.38 26.50 5.65
N GLY CB 12 -109.29 26.24 6.35
CA GLY CB 12 -107.96 26.61 5.88
C GLY CB 12 -106.91 25.64 6.41
N ARG CB 13 -106.10 25.07 5.53
CA ARG CB 13 -105.20 23.98 5.88
C ARG CB 13 -103.75 24.38 5.66
N LYS CB 14 -102.95 24.28 6.71
CA LYS CB 14 -101.52 24.58 6.62
C LYS CB 14 -100.83 23.78 7.73
N LYS CB 15 -100.12 22.72 7.34
CA LYS CB 15 -99.42 21.81 8.26
C LYS CB 15 -100.39 21.22 9.29
N THR CB 16 -101.33 20.44 8.74
CA THR CB 16 -102.38 19.70 9.46
C THR CB 16 -103.15 20.57 10.46
N ALA CB 17 -103.16 21.88 10.23
CA ALA CB 17 -103.86 22.82 11.09
C ALA CB 17 -105.13 23.27 10.37
N THR CB 18 -106.24 22.62 10.69
CA THR CB 18 -107.54 23.03 10.17
C THR CB 18 -108.05 24.25 10.91
N ALA CB 19 -108.72 25.14 10.17
CA ALA CB 19 -109.24 26.37 10.76
C ALA CB 19 -110.54 26.69 10.03
N VAL CB 20 -111.66 26.46 10.71
CA VAL CB 20 -112.98 26.64 10.08
C VAL CB 20 -113.58 27.94 10.57
N ALA CB 21 -113.97 28.78 9.62
CA ALA CB 21 -114.41 30.15 9.89
C ALA CB 21 -115.92 30.26 9.73
N HIS CB 22 -116.58 30.85 10.72
CA HIS CB 22 -118.02 31.09 10.67
C HIS CB 22 -118.26 32.54 10.29
N CYS CB 23 -118.07 32.84 9.01
CA CYS CB 23 -118.44 34.16 8.51
C CYS CB 23 -119.95 34.25 8.38
N LYS CB 24 -120.52 35.33 8.91
CA LYS CB 24 -121.97 35.47 9.01
C LYS CB 24 -122.33 36.94 8.95
N ARG CB 25 -123.49 37.24 8.38
CA ARG CB 25 -123.96 38.62 8.37
C ARG CB 25 -124.23 39.11 9.77
N GLY CB 26 -123.85 40.35 10.04
CA GLY CB 26 -124.06 40.94 11.35
C GLY CB 26 -123.14 42.13 11.54
N ASN CB 27 -122.82 42.38 12.81
CA ASN CB 27 -121.88 43.44 13.14
C ASN CB 27 -120.48 43.06 12.68
N GLY CB 28 -119.66 44.08 12.44
CA GLY CB 28 -118.31 43.84 11.98
C GLY CB 28 -117.33 43.59 13.10
N LEU CB 29 -117.01 42.32 13.34
CA LEU CB 29 -116.08 41.95 14.39
C LEU CB 29 -115.53 40.56 14.08
N ILE CB 30 -114.28 40.33 14.45
CA ILE CB 30 -113.55 39.13 14.09
C ILE CB 30 -113.12 38.44 15.38
N LYS CB 31 -113.44 37.15 15.49
CA LYS CB 31 -113.13 36.38 16.68
C LYS CB 31 -112.57 35.02 16.27
N VAL CB 32 -111.68 34.49 17.12
CA VAL CB 32 -111.13 33.14 16.96
C VAL CB 32 -111.24 32.43 18.29
N ASN CB 33 -112.03 31.35 18.33
CA ASN CB 33 -112.24 30.55 19.54
C ASN CB 33 -112.72 31.41 20.71
N GLY CB 34 -113.53 32.42 20.40
CA GLY CB 34 -114.05 33.32 21.41
C GLY CB 34 -113.11 34.40 21.87
N ARG CB 35 -112.06 34.70 21.12
CA ARG CB 35 -111.12 35.72 21.54
C ARG CB 35 -111.06 36.86 20.52
N PRO CB 36 -110.71 38.06 20.95
CA PRO CB 36 -110.53 39.16 19.99
C PRO CB 36 -109.35 38.92 19.08
N LEU CB 37 -109.42 39.53 17.89
CA LEU CB 37 -108.42 39.29 16.86
C LEU CB 37 -107.04 39.78 17.30
N GLU CB 38 -106.98 40.94 17.96
CA GLU CB 38 -105.74 41.69 18.08
C GLU CB 38 -104.75 41.09 19.07
N MET CB 39 -105.11 40.03 19.79
CA MET CB 39 -104.18 39.37 20.69
C MET CB 39 -104.14 37.88 20.36
N ILE CB 40 -102.94 37.30 20.44
CA ILE CB 40 -102.71 35.90 20.16
C ILE CB 40 -101.39 35.49 20.80
N GLU CB 41 -101.21 34.18 20.99
CA GLU CB 41 -99.98 33.67 21.59
C GLU CB 41 -98.73 34.01 20.79
N PRO CB 42 -98.65 33.75 19.47
CA PRO CB 42 -97.47 34.28 18.74
C PRO CB 42 -97.73 35.71 18.28
N ARG CB 43 -97.59 36.64 19.22
CA ARG CB 43 -97.92 38.03 18.96
C ARG CB 43 -96.85 38.73 18.13
N THR CB 44 -95.68 38.10 17.97
CA THR CB 44 -94.70 38.58 17.00
C THR CB 44 -95.18 38.36 15.57
N LEU CB 45 -96.18 37.50 15.36
CA LEU CB 45 -96.83 37.30 14.08
C LEU CB 45 -98.17 38.03 13.99
N GLN CB 46 -98.32 39.11 14.75
CA GLN CB 46 -99.60 39.81 14.82
C GLN CB 46 -99.98 40.41 13.46
N TYR CB 47 -98.99 40.95 12.73
CA TYR CB 47 -99.29 41.55 11.43
C TYR CB 47 -99.81 40.53 10.43
N LYS CB 48 -99.52 39.24 10.65
CA LYS CB 48 -100.06 38.22 9.76
C LYS CB 48 -101.58 38.13 9.87
N LEU CB 49 -102.12 38.18 11.10
CA LEU CB 49 -103.57 38.14 11.25
C LEU CB 49 -104.21 39.50 10.96
N LEU CB 50 -103.43 40.57 11.06
CA LEU CB 50 -103.90 41.88 10.61
C LEU CB 50 -103.74 42.11 9.12
N GLU CB 51 -103.13 41.19 8.38
CA GLU CB 51 -102.85 41.46 6.97
C GLU CB 51 -104.12 41.68 6.15
N PRO CB 52 -105.13 40.81 6.16
CA PRO CB 52 -106.34 41.11 5.38
C PRO CB 52 -107.04 42.37 5.83
N VAL CB 53 -107.03 42.66 7.13
CA VAL CB 53 -107.70 43.85 7.65
C VAL CB 53 -107.03 45.10 7.11
N LEU CB 54 -105.69 45.12 7.11
CA LEU CB 54 -104.97 46.30 6.64
C LEU CB 54 -105.07 46.43 5.12
N LEU CB 55 -104.97 45.31 4.39
CA LEU CB 55 -104.93 45.38 2.94
C LEU CB 55 -106.30 45.70 2.35
N LEU CB 56 -107.35 45.11 2.90
CA LEU CB 56 -108.70 45.28 2.36
C LEU CB 56 -109.49 46.37 3.06
N GLY CB 57 -109.13 46.72 4.28
CA GLY CB 57 -109.84 47.75 4.99
C GLY CB 57 -110.95 47.18 5.85
N LYS CB 58 -111.23 47.87 6.96
CA LYS CB 58 -112.30 47.44 7.86
C LYS CB 58 -113.67 47.66 7.24
N GLU CB 59 -113.75 48.52 6.22
CA GLU CB 59 -115.05 48.93 5.66
C GLU CB 59 -115.80 47.73 5.10
N ARG CB 60 -115.11 46.84 4.38
CA ARG CB 60 -115.75 45.65 3.85
C ARG CB 60 -116.13 44.66 4.94
N PHE CB 61 -115.46 44.70 6.09
CA PHE CB 61 -115.67 43.75 7.16
C PHE CB 61 -116.78 44.16 8.11
N ALA CB 62 -117.34 45.37 7.95
CA ALA CB 62 -118.30 45.91 8.91
C ALA CB 62 -119.62 45.16 8.92
N GLY CB 63 -119.89 44.35 7.89
CA GLY CB 63 -121.11 43.58 7.82
C GLY CB 63 -120.98 42.12 8.17
N VAL CB 64 -119.81 41.66 8.61
CA VAL CB 64 -119.59 40.24 8.87
C VAL CB 64 -119.01 40.04 10.26
N ASP CB 65 -119.53 39.03 10.95
CA ASP CB 65 -118.98 38.53 12.21
C ASP CB 65 -118.44 37.13 11.95
N ILE CB 66 -117.29 36.80 12.54
CA ILE CB 66 -116.66 35.52 12.27
C ILE CB 66 -116.31 34.85 13.59
N ARG CB 67 -116.22 33.52 13.56
CA ARG CB 67 -115.73 32.74 14.69
C ARG CB 67 -114.96 31.56 14.12
N VAL CB 68 -113.65 31.53 14.33
CA VAL CB 68 -112.76 30.59 13.68
C VAL CB 68 -112.24 29.60 14.73
N ARG CB 69 -112.35 28.30 14.41
CA ARG CB 69 -111.92 27.24 15.30
C ARG CB 69 -110.75 26.49 14.68
N VAL CB 70 -109.65 26.40 15.42
CA VAL CB 70 -108.43 25.74 14.95
C VAL CB 70 -108.19 24.50 15.79
N LYS CB 71 -108.09 23.34 15.14
CA LYS CB 71 -107.96 22.07 15.84
C LYS CB 71 -106.89 21.20 15.18
N GLY CB 72 -105.72 21.77 14.94
CA GLY CB 72 -104.60 20.98 14.47
C GLY CB 72 -103.34 21.81 14.37
N GLY CB 73 -102.24 21.12 14.08
CA GLY CB 73 -100.97 21.76 13.78
C GLY CB 73 -100.29 22.40 14.99
N GLY CB 74 -99.50 23.42 14.69
CA GLY CB 74 -98.75 24.15 15.71
C GLY CB 74 -99.13 25.61 15.79
N HIS CB 75 -98.17 26.48 16.15
CA HIS CB 75 -98.46 27.89 16.40
C HIS CB 75 -98.51 28.71 15.11
N VAL CB 76 -97.40 28.76 14.36
CA VAL CB 76 -97.39 29.57 13.15
C VAL CB 76 -98.27 28.95 12.07
N ALA CB 77 -98.35 27.62 12.02
CA ALA CB 77 -99.28 26.98 11.11
C ALA CB 77 -100.72 27.37 11.44
N GLN CB 78 -101.01 27.54 12.73
CA GLN CB 78 -102.32 28.01 13.15
C GLN CB 78 -102.63 29.39 12.59
N ILE CB 79 -101.66 30.32 12.66
CA ILE CB 79 -101.93 31.67 12.21
C ILE CB 79 -102.01 31.72 10.68
N TYR CB 80 -101.22 30.89 9.99
CA TYR CB 80 -101.33 30.79 8.54
C TYR CB 80 -102.70 30.26 8.15
N ALA CB 81 -103.16 29.21 8.83
CA ALA CB 81 -104.48 28.66 8.55
C ALA CB 81 -105.56 29.69 8.85
N ILE CB 82 -105.40 30.47 9.92
CA ILE CB 82 -106.39 31.48 10.26
C ILE CB 82 -106.50 32.54 9.17
N ARG CB 83 -105.35 33.05 8.72
CA ARG CB 83 -105.40 34.13 7.72
C ARG CB 83 -105.93 33.62 6.38
N GLN CB 84 -105.48 32.44 5.95
CA GLN CB 84 -105.99 31.93 4.69
C GLN CB 84 -107.47 31.55 4.79
N SER CB 85 -107.91 31.06 5.95
CA SER CB 85 -109.31 30.69 6.11
C SER CB 85 -110.20 31.93 6.11
N ILE CB 86 -109.78 33.01 6.79
CA ILE CB 86 -110.62 34.20 6.80
C ILE CB 86 -110.63 34.84 5.41
N SER CB 87 -109.51 34.80 4.68
CA SER CB 87 -109.52 35.37 3.33
C SER CB 87 -110.43 34.56 2.40
N LYS CB 88 -110.32 33.22 2.44
CA LYS CB 88 -111.19 32.39 1.62
C LYS CB 88 -112.65 32.53 2.05
N ALA CB 89 -112.90 32.70 3.35
CA ALA CB 89 -114.25 32.92 3.83
C ALA CB 89 -114.83 34.22 3.28
N LEU CB 90 -114.02 35.28 3.25
CA LEU CB 90 -114.47 36.55 2.70
C LEU CB 90 -114.78 36.42 1.22
N VAL CB 91 -113.90 35.75 0.46
CA VAL CB 91 -114.14 35.65 -0.98
C VAL CB 91 -115.34 34.76 -1.27
N ALA CB 92 -115.57 33.71 -0.45
CA ALA CB 92 -116.73 32.86 -0.66
C ALA CB 92 -118.02 33.59 -0.27
N TYR CB 93 -117.97 34.36 0.81
CA TYR CB 93 -119.11 35.16 1.24
C TYR CB 93 -119.51 36.16 0.17
N TYR CB 94 -118.52 36.83 -0.44
CA TYR CB 94 -118.84 37.75 -1.52
C TYR CB 94 -119.26 37.01 -2.79
N GLN CB 95 -118.69 35.83 -3.04
CA GLN CB 95 -119.08 35.07 -4.21
C GLN CB 95 -120.53 34.60 -4.13
N LYS CB 96 -121.03 34.37 -2.92
CA LYS CB 96 -122.41 33.93 -2.78
C LYS CB 96 -123.39 35.09 -2.62
N TYR CB 97 -123.12 35.99 -1.68
CA TYR CB 97 -124.14 36.94 -1.25
C TYR CB 97 -124.09 38.27 -2.00
N VAL CB 98 -123.12 38.48 -2.88
CA VAL CB 98 -123.06 39.73 -3.63
C VAL CB 98 -122.46 39.43 -5.01
N ASP CB 99 -122.40 40.44 -5.88
CA ASP CB 99 -122.00 40.22 -7.26
C ASP CB 99 -120.51 39.89 -7.37
N GLU CB 100 -120.15 39.30 -8.51
CA GLU CB 100 -118.79 38.83 -8.76
C GLU CB 100 -117.80 39.97 -8.89
N ALA CB 101 -118.27 41.19 -9.16
CA ALA CB 101 -117.36 42.31 -9.34
C ALA CB 101 -116.57 42.59 -8.07
N SER CB 102 -117.26 42.72 -6.93
CA SER CB 102 -116.58 42.96 -5.67
C SER CB 102 -115.70 41.79 -5.27
N LYS CB 103 -116.17 40.57 -5.51
CA LYS CB 103 -115.37 39.39 -5.20
C LYS CB 103 -114.06 39.41 -5.98
N LYS CB 104 -114.12 39.70 -7.28
CA LYS CB 104 -112.90 39.72 -8.08
C LYS CB 104 -112.00 40.88 -7.70
N GLU CB 105 -112.57 42.03 -7.35
CA GLU CB 105 -111.72 43.16 -6.99
C GLU CB 105 -111.16 43.07 -5.58
N ILE CB 106 -111.59 42.10 -4.77
CA ILE CB 106 -110.81 41.79 -3.57
C ILE CB 106 -109.80 40.71 -3.91
N LYS CB 107 -110.18 39.78 -4.80
CA LYS CB 107 -109.32 38.66 -5.18
C LYS CB 107 -108.00 39.16 -5.78
N ASP CB 108 -108.08 40.11 -6.72
CA ASP CB 108 -106.89 40.54 -7.43
C ASP CB 108 -105.87 41.21 -6.49
N ILE CB 109 -106.30 42.18 -5.69
CA ILE CB 109 -105.38 42.80 -4.73
C ILE CB 109 -104.85 41.76 -3.76
N LEU CB 110 -105.67 40.79 -3.36
CA LEU CB 110 -105.18 39.77 -2.45
C LEU CB 110 -104.09 38.91 -3.08
N ILE CB 111 -104.23 38.58 -4.37
CA ILE CB 111 -103.39 37.56 -4.97
C ILE CB 111 -101.95 38.04 -5.13
N GLN CB 112 -101.76 39.22 -5.75
CA GLN CB 112 -100.40 39.67 -6.01
C GLN CB 112 -99.74 40.29 -4.78
N TYR CB 113 -100.28 40.06 -3.59
CA TYR CB 113 -99.54 40.22 -2.35
C TYR CB 113 -98.90 38.90 -1.92
N ASP CB 114 -99.70 37.85 -1.77
CA ASP CB 114 -99.21 36.52 -1.45
C ASP CB 114 -100.24 35.51 -1.93
N ARG CB 115 -99.77 34.52 -2.69
CA ARG CB 115 -100.66 33.53 -3.27
C ARG CB 115 -101.17 32.53 -2.24
N THR CB 116 -100.48 32.41 -1.10
CA THR CB 116 -100.81 31.39 -0.11
C THR CB 116 -102.15 31.63 0.56
N LEU CB 117 -102.66 32.87 0.53
CA LEU CB 117 -103.90 33.18 1.23
C LEU CB 117 -105.10 32.47 0.61
N LEU CB 118 -105.06 32.18 -0.68
CA LEU CB 118 -106.14 31.46 -1.34
C LEU CB 118 -105.72 30.10 -1.89
N VAL CB 119 -104.43 29.77 -1.85
CA VAL CB 119 -103.93 28.48 -2.29
C VAL CB 119 -103.05 27.93 -1.17
N ALA CB 120 -103.46 26.80 -0.60
CA ALA CB 120 -102.75 26.24 0.54
C ALA CB 120 -101.44 25.59 0.10
N ASP CB 121 -100.47 25.59 1.01
CA ASP CB 121 -99.18 24.99 0.73
C ASP CB 121 -99.30 23.47 0.73
N PRO CB 122 -98.96 22.79 -0.36
CA PRO CB 122 -99.14 21.34 -0.40
C PRO CB 122 -98.06 20.56 0.32
N ARG CB 123 -97.01 21.21 0.81
CA ARG CB 123 -95.92 20.49 1.46
C ARG CB 123 -96.31 20.15 2.89
N ARG CB 124 -96.41 18.85 3.20
CA ARG CB 124 -96.91 18.39 4.48
C ARG CB 124 -95.86 17.65 5.30
N CYS CB 125 -95.27 16.59 4.77
CA CYS CB 125 -94.30 15.78 5.51
C CYS CB 125 -93.60 14.84 4.54
N GLU CB 126 -92.49 14.28 4.99
CA GLU CB 126 -91.79 13.24 4.25
C GLU CB 126 -91.32 12.20 5.26
N SER CB 127 -91.62 10.94 4.98
CA SER CB 127 -91.47 9.89 5.97
C SER CB 127 -90.00 9.59 6.25
N LYS CB 128 -89.72 9.24 7.51
CA LYS CB 128 -88.39 8.82 7.92
C LYS CB 128 -88.10 7.42 7.40
N LYS CB 129 -86.86 7.21 6.96
CA LYS CB 129 -86.42 5.91 6.47
C LYS CB 129 -85.47 5.26 7.46
N PHE CB 130 -85.30 3.94 7.32
CA PHE CB 130 -84.58 3.13 8.30
C PHE CB 130 -83.07 3.20 8.11
N GLY CB 131 -82.56 4.19 7.41
CA GLY CB 131 -81.12 4.30 7.24
C GLY CB 131 -80.53 5.51 7.93
N GLY CB 132 -81.38 6.39 8.45
CA GLY CB 132 -80.91 7.63 9.01
C GLY CB 132 -81.86 8.24 10.01
N PRO CB 133 -81.50 9.41 10.54
CA PRO CB 133 -82.35 10.05 11.55
C PRO CB 133 -83.64 10.60 10.99
N GLY CB 134 -83.59 11.29 9.85
CA GLY CB 134 -84.77 11.93 9.31
C GLY CB 134 -85.19 11.40 7.97
N ALA CB 135 -85.98 12.21 7.24
CA ALA CB 135 -86.50 11.78 5.95
C ALA CB 135 -85.38 11.55 4.94
N ARG CB 136 -84.39 12.42 4.91
CA ARG CB 136 -83.30 12.32 3.94
C ARG CB 136 -81.93 12.19 4.57
N ALA CB 137 -81.74 12.63 5.80
CA ALA CB 137 -80.46 12.48 6.46
C ALA CB 137 -80.18 11.02 6.76
N ARG CB 138 -78.93 10.62 6.61
CA ARG CB 138 -78.49 9.26 6.87
C ARG CB 138 -77.53 9.25 8.06
N TYR CB 139 -77.61 8.19 8.86
CA TYR CB 139 -76.70 8.04 9.99
C TYR CB 139 -75.27 8.00 9.49
N GLN CB 140 -74.39 8.70 10.21
CA GLN CB 140 -73.01 8.86 9.75
C GLN CB 140 -72.31 7.51 9.73
N LYS CB 141 -71.68 7.20 8.59
CA LYS CB 141 -71.04 5.91 8.38
C LYS CB 141 -69.55 6.01 8.61
N SER CB 142 -68.97 4.90 9.06
CA SER CB 142 -67.55 4.84 9.41
C SER CB 142 -66.89 3.70 8.66
N TYR CB 143 -65.70 3.96 8.14
CA TYR CB 143 -64.92 2.94 7.46
C TYR CB 143 -63.79 2.37 8.31
N ARG CB 144 -63.41 3.06 9.38
CA ARG CB 144 -62.35 2.58 10.26
C ARG CB 144 -62.74 2.74 11.72
N MET DB 1 -88.16 17.38 -19.25
CA MET DB 1 -87.35 16.17 -19.33
C MET DB 1 -88.05 15.00 -18.64
N GLY DB 2 -87.86 13.80 -19.20
CA GLY DB 2 -88.40 12.59 -18.58
C GLY DB 2 -89.83 12.27 -18.92
N ARG DB 3 -90.46 13.04 -19.80
CA ARG DB 3 -91.82 12.78 -20.25
C ARG DB 3 -91.86 11.78 -21.40
N VAL DB 4 -90.82 10.98 -21.58
CA VAL DB 4 -90.70 10.12 -22.74
C VAL DB 4 -91.78 9.05 -22.71
N ARG DB 5 -92.41 8.83 -23.87
CA ARG DB 5 -93.41 7.78 -23.99
C ARG DB 5 -92.80 6.51 -24.56
N THR DB 6 -93.16 5.38 -23.97
CA THR DB 6 -92.57 4.10 -24.31
C THR DB 6 -93.27 3.47 -25.52
N LYS DB 7 -92.96 2.20 -25.80
CA LYS DB 7 -93.60 1.51 -26.91
C LYS DB 7 -95.02 1.09 -26.57
N THR DB 8 -95.30 0.80 -25.30
CA THR DB 8 -96.63 0.30 -24.93
C THR DB 8 -97.71 1.31 -25.24
N VAL DB 9 -97.44 2.59 -24.99
CA VAL DB 9 -98.39 3.63 -25.37
C VAL DB 9 -98.43 3.81 -26.89
N LYS DB 10 -97.28 3.77 -27.55
CA LYS DB 10 -97.21 4.20 -28.95
C LYS DB 10 -97.86 3.18 -29.89
N LYS DB 11 -97.58 1.88 -29.66
CA LYS DB 11 -98.19 0.85 -30.50
C LYS DB 11 -99.71 0.90 -30.40
N ALA DB 12 -100.24 0.89 -29.19
CA ALA DB 12 -101.68 0.88 -28.99
C ALA DB 12 -102.32 2.17 -29.50
N ALA DB 13 -101.62 3.30 -29.34
CA ALA DB 13 -102.15 4.56 -29.82
C ALA DB 13 -102.26 4.59 -31.33
N ARG DB 14 -101.21 4.15 -32.03
CA ARG DB 14 -101.29 4.08 -33.49
C ARG DB 14 -102.36 3.09 -33.93
N VAL DB 15 -102.54 2.00 -33.18
CA VAL DB 15 -103.58 1.03 -33.51
C VAL DB 15 -104.95 1.67 -33.40
N ILE DB 16 -105.23 2.37 -32.30
CA ILE DB 16 -106.57 2.95 -32.13
C ILE DB 16 -106.76 4.13 -33.07
N ILE DB 17 -105.68 4.77 -33.51
CA ILE DB 17 -105.81 5.82 -34.51
C ILE DB 17 -106.19 5.23 -35.86
N GLU DB 18 -105.53 4.14 -36.25
CA GLU DB 18 -105.87 3.51 -37.51
C GLU DB 18 -107.20 2.77 -37.47
N LYS DB 19 -107.71 2.48 -36.27
CA LYS DB 19 -108.99 1.79 -36.15
C LYS DB 19 -110.16 2.75 -35.94
N TYR DB 20 -109.90 3.92 -35.35
CA TYR DB 20 -110.93 4.88 -34.98
C TYR DB 20 -110.51 6.29 -35.36
N TYR DB 21 -110.04 6.46 -36.60
CA TYR DB 21 -109.59 7.77 -37.05
C TYR DB 21 -110.72 8.79 -37.02
N THR DB 22 -111.91 8.39 -37.48
CA THR DB 22 -113.06 9.28 -37.42
C THR DB 22 -113.53 9.47 -35.98
N ARG DB 23 -113.49 8.40 -35.17
CA ARG DB 23 -114.01 8.46 -33.81
C ARG DB 23 -113.16 9.39 -32.94
N LEU DB 24 -111.87 9.54 -33.27
CA LEU DB 24 -111.00 10.41 -32.51
C LEU DB 24 -111.12 11.86 -33.01
N GLY DB 25 -110.48 12.76 -32.27
CA GLY DB 25 -110.53 14.17 -32.59
C GLY DB 25 -109.29 14.88 -32.09
N ASN DB 26 -109.42 16.19 -31.94
CA ASN DB 26 -108.30 17.01 -31.47
C ASN DB 26 -108.38 17.26 -29.96
N ASP DB 27 -109.57 17.27 -29.39
CA ASP DB 27 -109.71 17.47 -27.95
C ASP DB 27 -109.14 16.28 -27.20
N PHE DB 28 -108.28 16.56 -26.22
CA PHE DB 28 -107.74 15.50 -25.37
C PHE DB 28 -108.84 14.81 -24.60
N HIS DB 29 -109.81 15.58 -24.10
CA HIS DB 29 -110.88 15.00 -23.29
C HIS DB 29 -111.77 14.07 -24.11
N THR DB 30 -112.02 14.41 -25.39
CA THR DB 30 -112.85 13.54 -26.21
C THR DB 30 -112.21 12.18 -26.42
N ASN DB 31 -110.91 12.17 -26.74
CA ASN DB 31 -110.22 10.90 -26.93
C ASN DB 31 -110.11 10.13 -25.63
N LYS DB 32 -109.85 10.83 -24.51
CA LYS DB 32 -109.80 10.16 -23.23
C LYS DB 32 -111.16 9.63 -22.80
N ARG DB 33 -112.24 10.18 -23.33
CA ARG DB 33 -113.58 9.67 -23.08
C ARG DB 33 -113.99 8.55 -24.04
N VAL DB 34 -113.37 8.46 -25.21
CA VAL DB 34 -113.64 7.30 -26.07
C VAL DB 34 -112.74 6.11 -25.73
N CYS DB 35 -111.60 6.34 -25.08
CA CYS DB 35 -110.61 5.28 -24.90
C CYS DB 35 -111.14 4.11 -24.08
N GLU DB 36 -112.09 4.35 -23.17
CA GLU DB 36 -112.54 3.27 -22.29
C GLU DB 36 -113.43 2.29 -23.02
N GLU DB 37 -114.10 2.71 -24.09
CA GLU DB 37 -114.97 1.81 -24.84
C GLU DB 37 -114.39 1.37 -26.17
N ILE DB 38 -113.52 2.17 -26.80
CA ILE DB 38 -112.83 1.70 -27.99
C ILE DB 38 -111.67 0.79 -27.64
N ALA DB 39 -111.31 0.71 -26.36
CA ALA DB 39 -110.23 -0.15 -25.91
C ALA DB 39 -110.42 -0.41 -24.42
N ILE DB 40 -109.70 -1.40 -23.91
CA ILE DB 40 -109.73 -1.76 -22.51
C ILE DB 40 -108.35 -1.48 -21.92
N ILE DB 41 -108.30 -0.62 -20.92
CA ILE DB 41 -107.05 -0.19 -20.30
C ILE DB 41 -107.11 -0.56 -18.82
N PRO DB 42 -106.01 -1.05 -18.23
CA PRO DB 42 -106.03 -1.36 -16.79
C PRO DB 42 -105.59 -0.20 -15.91
N SER DB 43 -105.41 0.99 -16.46
CA SER DB 43 -105.03 2.16 -15.67
C SER DB 43 -105.61 3.42 -16.27
N LYS DB 44 -106.14 4.28 -15.42
CA LYS DB 44 -106.60 5.59 -15.85
C LYS DB 44 -105.45 6.45 -16.36
N LYS DB 45 -104.30 6.39 -15.67
CA LYS DB 45 -103.14 7.14 -16.10
C LYS DB 45 -102.64 6.67 -17.46
N LEU DB 46 -102.62 5.36 -17.68
CA LEU DB 46 -102.27 4.85 -19.00
C LEU DB 46 -103.28 5.30 -20.04
N ARG DB 47 -104.56 5.33 -19.66
CA ARG DB 47 -105.61 5.77 -20.59
C ARG DB 47 -105.36 7.20 -21.05
N ASN DB 48 -105.13 8.12 -20.11
CA ASN DB 48 -104.99 9.51 -20.51
C ASN DB 48 -103.63 9.78 -21.14
N LYS DB 49 -102.60 9.01 -20.79
CA LYS DB 49 -101.33 9.11 -21.50
C LYS DB 49 -101.48 8.68 -22.95
N ILE DB 50 -102.19 7.57 -23.18
CA ILE DB 50 -102.46 7.13 -24.54
C ILE DB 50 -103.27 8.19 -25.29
N ALA DB 51 -104.27 8.75 -24.63
CA ALA DB 51 -105.11 9.77 -25.27
C ALA DB 51 -104.30 11.00 -25.63
N GLY DB 52 -103.39 11.43 -24.74
CA GLY DB 52 -102.56 12.59 -25.04
C GLY DB 52 -101.62 12.35 -26.19
N TYR DB 53 -100.98 11.18 -26.23
CA TYR DB 53 -100.11 10.91 -27.37
C TYR DB 53 -100.92 10.74 -28.65
N VAL DB 54 -102.16 10.23 -28.53
CA VAL DB 54 -103.05 10.17 -29.68
C VAL DB 54 -103.34 11.55 -30.22
N THR DB 55 -103.69 12.50 -29.33
CA THR DB 55 -104.00 13.85 -29.80
C THR DB 55 -102.78 14.53 -30.41
N HIS DB 56 -101.60 14.26 -29.84
CA HIS DB 56 -100.37 14.71 -30.48
C HIS DB 56 -100.24 14.14 -31.89
N LEU DB 57 -100.56 12.86 -32.04
CA LEU DB 57 -100.52 12.26 -33.38
C LEU DB 57 -101.61 12.82 -34.29
N MET DB 58 -102.75 13.24 -33.74
CA MET DB 58 -103.78 13.86 -34.56
C MET DB 58 -103.31 15.20 -35.10
N LYS DB 59 -102.63 15.98 -34.26
CA LYS DB 59 -101.98 17.19 -34.76
C LYS DB 59 -100.95 16.85 -35.83
N ARG DB 60 -100.16 15.80 -35.59
CA ARG DB 60 -99.12 15.41 -36.54
C ARG DB 60 -99.73 14.92 -37.85
N ILE DB 61 -100.94 14.36 -37.82
CA ILE DB 61 -101.55 13.82 -39.03
C ILE DB 61 -102.35 14.88 -39.78
N GLN DB 62 -102.88 15.88 -39.06
CA GLN DB 62 -103.50 17.00 -39.76
C GLN DB 62 -102.45 17.93 -40.36
N ARG DB 63 -101.25 17.99 -39.79
CA ARG DB 63 -100.20 18.79 -40.39
C ARG DB 63 -99.31 18.02 -41.36
N GLY DB 64 -99.25 16.70 -41.26
CA GLY DB 64 -98.34 15.93 -42.08
C GLY DB 64 -98.68 14.47 -42.21
N PRO DB 65 -98.07 13.80 -43.19
CA PRO DB 65 -98.34 12.37 -43.41
C PRO DB 65 -97.60 11.46 -42.44
N VAL DB 66 -98.18 11.22 -41.26
CA VAL DB 66 -97.58 10.27 -40.33
C VAL DB 66 -97.67 8.86 -40.91
N ARG DB 67 -96.73 8.01 -40.53
CA ARG DB 67 -96.72 6.63 -40.98
C ARG DB 67 -97.94 5.85 -40.53
N GLY DB 68 -98.64 6.32 -39.50
CA GLY DB 68 -99.89 5.70 -39.10
C GLY DB 68 -100.90 5.74 -40.23
N ILE DB 69 -101.54 4.60 -40.48
CA ILE DB 69 -102.35 4.43 -41.68
C ILE DB 69 -103.68 5.14 -41.49
N SER DB 70 -104.00 6.02 -42.43
CA SER DB 70 -105.30 6.68 -42.51
C SER DB 70 -105.87 6.40 -43.89
N ILE DB 71 -107.14 5.98 -43.93
CA ILE DB 71 -107.75 5.62 -45.21
C ILE DB 71 -107.81 6.81 -46.14
N LYS DB 72 -108.07 8.00 -45.58
CA LYS DB 72 -108.04 9.22 -46.38
C LYS DB 72 -106.66 9.51 -46.93
N LEU DB 73 -105.63 9.37 -46.09
CA LEU DB 73 -104.26 9.61 -46.55
C LEU DB 73 -103.87 8.64 -47.65
N GLN DB 74 -104.19 7.35 -47.49
CA GLN DB 74 -103.75 6.36 -48.47
C GLN DB 74 -104.53 6.47 -49.77
N GLU DB 75 -105.82 6.81 -49.70
CA GLU DB 75 -106.55 7.05 -50.93
C GLU DB 75 -106.07 8.32 -51.62
N GLU DB 76 -105.71 9.35 -50.84
CA GLU DB 76 -105.13 10.55 -51.43
C GLU DB 76 -103.84 10.23 -52.16
N GLU DB 77 -102.97 9.43 -51.54
CA GLU DB 77 -101.78 8.98 -52.23
C GLU DB 77 -102.13 8.11 -53.44
N ARG DB 78 -103.24 7.38 -53.37
CA ARG DB 78 -103.65 6.54 -54.49
C ARG DB 78 -103.97 7.39 -55.72
N GLU DB 79 -104.87 8.38 -55.57
CA GLU DB 79 -105.11 9.22 -56.75
C GLU DB 79 -103.95 10.16 -57.05
N ARG DB 80 -103.03 10.35 -56.10
CA ARG DB 80 -101.83 11.10 -56.42
C ARG DB 80 -100.79 10.27 -57.16
N ARG DB 81 -100.96 8.95 -57.21
CA ARG DB 81 -100.06 8.09 -57.96
C ARG DB 81 -100.70 7.49 -59.21
N ASP DB 82 -101.81 6.77 -59.07
CA ASP DB 82 -102.42 6.06 -60.18
C ASP DB 82 -103.23 6.97 -61.10
N ASN DB 83 -103.13 8.28 -60.93
CA ASN DB 83 -103.88 9.23 -61.73
C ASN DB 83 -102.93 10.34 -62.17
N TYR DB 84 -103.50 11.41 -62.71
CA TYR DB 84 -102.75 12.56 -63.21
C TYR DB 84 -101.71 12.15 -64.26
N VAL DB 85 -102.13 11.32 -65.21
CA VAL DB 85 -101.37 11.19 -66.44
C VAL DB 85 -101.72 12.40 -67.29
N PRO DB 86 -100.75 13.22 -67.68
CA PRO DB 86 -101.06 14.46 -68.39
C PRO DB 86 -101.64 14.20 -69.77
N GLU DB 87 -102.39 15.20 -70.25
CA GLU DB 87 -103.03 15.07 -71.56
C GLU DB 87 -102.01 14.95 -72.68
N VAL DB 88 -100.88 15.64 -72.56
CA VAL DB 88 -99.74 15.45 -73.44
C VAL DB 88 -98.67 14.67 -72.68
N SER DB 89 -98.11 13.66 -73.32
CA SER DB 89 -97.07 12.87 -72.69
C SER DB 89 -95.77 13.65 -72.61
N ALA DB 90 -94.88 13.21 -71.72
CA ALA DB 90 -93.54 13.79 -71.66
C ALA DB 90 -92.60 13.19 -72.69
N LEU DB 91 -93.05 12.19 -73.45
CA LEU DB 91 -92.19 11.49 -74.40
C LEU DB 91 -92.62 11.68 -75.85
N ASP DB 92 -93.50 12.63 -76.13
CA ASP DB 92 -93.95 12.90 -77.49
C ASP DB 92 -93.54 14.30 -77.94
N GLN DB 93 -92.31 14.70 -77.60
CA GLN DB 93 -91.85 16.04 -77.92
C GLN DB 93 -91.69 16.20 -79.43
N GLU DB 94 -92.13 17.36 -79.93
CA GLU DB 94 -92.18 17.60 -81.37
C GLU DB 94 -90.80 17.71 -82.00
N ILE DB 95 -89.75 17.96 -81.21
CA ILE DB 95 -88.38 17.96 -81.68
C ILE DB 95 -87.52 17.33 -80.60
N ILE DB 96 -86.49 16.59 -81.01
CA ILE DB 96 -85.54 15.98 -80.07
C ILE DB 96 -84.13 16.33 -80.51
N GLU DB 97 -83.40 17.00 -79.62
CA GLU DB 97 -81.99 17.31 -79.84
C GLU DB 97 -81.17 16.04 -79.73
N VAL DB 98 -80.68 15.53 -80.85
CA VAL DB 98 -79.97 14.25 -80.88
C VAL DB 98 -78.49 14.51 -81.11
N ASP DB 99 -77.65 13.72 -80.45
CA ASP DB 99 -76.21 13.85 -80.61
C ASP DB 99 -75.80 13.35 -82.00
N PRO DB 100 -74.71 13.89 -82.57
CA PRO DB 100 -74.22 13.33 -83.84
C PRO DB 100 -73.83 11.86 -83.74
N ASP DB 101 -73.19 11.46 -82.65
CA ASP DB 101 -72.80 10.06 -82.48
C ASP DB 101 -74.04 9.17 -82.45
N THR DB 102 -75.05 9.56 -81.68
CA THR DB 102 -76.31 8.85 -81.72
C THR DB 102 -76.99 8.98 -83.08
N LYS DB 103 -76.69 10.02 -83.85
CA LYS DB 103 -77.28 10.13 -85.18
C LYS DB 103 -76.73 9.05 -86.11
N GLU DB 104 -75.41 8.84 -86.10
CA GLU DB 104 -74.94 7.71 -86.89
C GLU DB 104 -75.29 6.37 -86.26
N MET DB 105 -75.50 6.32 -84.94
CA MET DB 105 -76.04 5.11 -84.32
C MET DB 105 -77.42 4.77 -84.87
N LEU DB 106 -78.28 5.79 -84.98
CA LEU DB 106 -79.59 5.60 -85.58
C LEU DB 106 -79.47 5.22 -87.05
N LYS DB 107 -78.49 5.80 -87.75
CA LYS DB 107 -78.25 5.42 -89.14
C LYS DB 107 -77.90 3.94 -89.25
N LEU DB 108 -77.07 3.43 -88.33
CA LEU DB 108 -76.76 2.01 -88.31
C LEU DB 108 -77.98 1.19 -87.90
N LEU DB 109 -78.85 1.76 -87.07
CA LEU DB 109 -80.08 1.10 -86.66
C LEU DB 109 -81.12 1.02 -87.77
N ASP DB 110 -80.79 1.49 -88.98
CA ASP DB 110 -81.70 1.67 -90.11
C ASP DB 110 -82.76 2.72 -89.83
N PHE DB 111 -82.68 3.41 -88.69
CA PHE DB 111 -83.62 4.44 -88.32
C PHE DB 111 -83.05 5.84 -88.51
N GLY DB 112 -82.12 6.00 -89.45
CA GLY DB 112 -81.63 7.33 -89.78
C GLY DB 112 -82.66 8.10 -90.57
N SER DB 113 -82.36 9.39 -90.75
CA SER DB 113 -83.18 10.33 -91.51
C SER DB 113 -84.64 10.34 -91.03
N LEU DB 114 -84.80 10.76 -89.78
CA LEU DB 114 -86.12 10.88 -89.17
C LEU DB 114 -86.48 12.35 -89.00
N SER DB 115 -87.72 12.69 -89.37
CA SER DB 115 -88.16 14.08 -89.32
C SER DB 115 -88.22 14.62 -87.90
N ASN DB 116 -88.31 13.76 -86.90
CA ASN DB 116 -88.42 14.21 -85.52
C ASN DB 116 -87.06 14.47 -84.88
N LEU DB 117 -85.96 14.16 -85.56
CA LEU DB 117 -84.63 14.25 -84.98
C LEU DB 117 -83.82 15.30 -85.71
N GLN DB 118 -83.07 16.10 -84.94
CA GLN DB 118 -82.21 17.14 -85.49
C GLN DB 118 -80.82 17.01 -84.86
N VAL DB 119 -79.79 17.14 -85.70
CA VAL DB 119 -78.42 16.91 -85.25
C VAL DB 119 -77.96 18.11 -84.43
N THR DB 120 -77.75 17.89 -83.14
CA THR DB 120 -77.24 18.91 -82.24
C THR DB 120 -75.75 19.11 -82.45
N GLN DB 121 -75.32 20.36 -82.40
CA GLN DB 121 -73.91 20.66 -82.51
C GLN DB 121 -73.18 20.15 -81.27
N PRO DB 122 -72.17 19.29 -81.41
CA PRO DB 122 -71.39 18.89 -80.24
C PRO DB 122 -70.57 20.05 -79.70
N THR DB 123 -70.34 20.02 -78.39
CA THR DB 123 -69.46 21.02 -77.78
C THR DB 123 -68.01 20.73 -78.17
N VAL DB 124 -67.17 21.77 -78.06
CA VAL DB 124 -65.76 21.67 -78.37
C VAL DB 124 -64.97 22.11 -77.15
N GLY DB 125 -63.93 21.36 -76.82
CA GLY DB 125 -63.13 21.62 -75.63
C GLY DB 125 -63.08 20.40 -74.75
N MET DB 126 -64.20 19.67 -74.69
CA MET DB 126 -64.39 18.45 -73.88
C MET DB 126 -63.70 18.54 -72.52
N ASN DB 127 -63.95 19.66 -71.83
CA ASN DB 127 -63.36 19.93 -70.52
C ASN DB 127 -64.25 19.37 -69.40
N PHE DB 128 -64.43 18.06 -69.43
CA PHE DB 128 -65.25 17.39 -68.42
C PHE DB 128 -64.34 16.95 -67.28
N LYS DB 129 -64.89 16.11 -66.39
CA LYS DB 129 -64.21 15.58 -65.20
C LYS DB 129 -63.97 16.65 -64.13
N THR DB 130 -64.05 16.26 -62.87
CA THR DB 130 -63.70 17.10 -61.74
C THR DB 130 -62.18 17.20 -61.62
N PRO DB 131 -61.68 18.31 -61.05
CA PRO DB 131 -60.25 18.36 -60.71
C PRO DB 131 -59.88 17.29 -59.71
N ARG DB 132 -58.70 16.70 -59.91
CA ARG DB 132 -58.27 15.61 -59.04
C ARG DB 132 -57.85 16.16 -57.68
N GLY DB 133 -58.50 15.66 -56.63
CA GLY DB 133 -58.06 15.88 -55.27
C GLY DB 133 -58.33 17.27 -54.75
N PRO DB 134 -57.65 17.63 -53.65
CA PRO DB 134 -57.90 18.92 -53.00
C PRO DB 134 -57.32 20.10 -53.76
N VAL DB 135 -57.37 21.28 -53.14
CA VAL DB 135 -56.89 22.54 -53.71
C VAL DB 135 -57.64 22.87 -54.99
N MET EB 1 -81.00 51.32 46.65
CA MET EB 1 -81.37 50.84 45.33
C MET EB 1 -80.50 51.50 44.27
N SER EB 2 -79.38 50.83 43.95
CA SER EB 2 -78.37 51.34 43.01
C SER EB 2 -77.85 52.72 43.42
N LEU EB 3 -77.66 52.90 44.72
CA LEU EB 3 -77.05 54.13 45.23
C LEU EB 3 -75.52 54.00 45.18
N VAL EB 4 -74.84 54.94 45.81
CA VAL EB 4 -73.42 54.80 46.04
C VAL EB 4 -73.16 53.60 46.95
N ILE EB 5 -72.06 52.91 46.69
CA ILE EB 5 -71.72 51.69 47.43
C ILE EB 5 -71.53 52.03 48.91
N PRO EB 6 -72.10 51.26 49.83
CA PRO EB 6 -71.95 51.59 51.25
C PRO EB 6 -70.51 51.43 51.72
N GLU EB 7 -70.16 52.24 52.71
CA GLU EB 7 -68.77 52.41 53.09
C GLU EB 7 -68.17 51.12 53.64
N LYS EB 8 -68.93 50.38 54.45
CA LYS EB 8 -68.44 49.11 54.98
C LYS EB 8 -68.82 47.94 54.07
N PHE EB 9 -68.48 48.08 52.78
CA PHE EB 9 -68.76 47.04 51.80
C PHE EB 9 -67.64 46.02 51.86
N GLN EB 10 -67.89 44.92 52.54
CA GLN EB 10 -66.91 43.84 52.61
C GLN EB 10 -66.86 43.12 51.28
N HIS EB 11 -65.75 43.27 50.55
CA HIS EB 11 -65.66 42.74 49.20
C HIS EB 11 -65.77 41.21 49.19
N ILE EB 12 -65.07 40.54 50.11
CA ILE EB 12 -65.26 39.11 50.34
C ILE EB 12 -65.33 38.87 51.84
N LEU EB 13 -66.33 38.12 52.27
CA LEU EB 13 -66.52 37.81 53.68
C LEU EB 13 -65.64 36.64 54.07
N ARG EB 14 -65.48 36.45 55.38
CA ARG EB 14 -64.83 35.26 55.94
C ARG EB 14 -65.91 34.47 56.66
N VAL EB 15 -66.41 33.42 56.03
CA VAL EB 15 -67.48 32.60 56.58
C VAL EB 15 -66.86 31.30 57.08
N LEU EB 16 -66.85 31.12 58.40
CA LEU EB 16 -66.31 29.96 59.09
C LEU EB 16 -64.82 29.80 58.80
N ASN EB 17 -64.47 29.12 57.71
CA ASN EB 17 -63.07 29.01 57.32
C ASN EB 17 -62.85 29.33 55.85
N THR EB 18 -63.91 29.57 55.08
CA THR EB 18 -63.80 29.83 53.65
C THR EB 18 -64.42 31.19 53.34
N ASN EB 19 -63.92 31.81 52.28
CA ASN EB 19 -64.33 33.15 51.87
C ASN EB 19 -65.34 33.08 50.73
N ILE EB 20 -66.28 34.02 50.74
CA ILE EB 20 -67.34 34.09 49.74
C ILE EB 20 -67.23 35.43 49.02
N ASP EB 21 -67.66 35.45 47.77
CA ASP EB 21 -67.60 36.66 46.97
C ASP EB 21 -68.81 37.56 47.30
N GLY EB 22 -68.53 38.72 47.89
CA GLY EB 22 -69.56 39.71 48.10
C GLY EB 22 -69.93 40.51 46.88
N ARG EB 23 -69.22 40.30 45.77
CA ARG EB 23 -69.57 40.97 44.52
C ARG EB 23 -70.78 40.30 43.86
N ARG EB 24 -71.14 39.10 44.28
CA ARG EB 24 -72.25 38.37 43.69
C ARG EB 24 -73.44 38.30 44.64
N LYS EB 25 -74.56 37.77 44.13
CA LYS EB 25 -75.80 37.72 44.89
C LYS EB 25 -75.67 36.78 46.08
N ILE EB 26 -76.39 37.12 47.15
CA ILE EB 26 -76.33 36.34 48.39
C ILE EB 26 -76.93 34.95 48.18
N ALA EB 27 -77.90 34.82 47.27
CA ALA EB 27 -78.49 33.52 46.97
C ALA EB 27 -77.50 32.55 46.34
N PHE EB 28 -76.35 33.04 45.88
CA PHE EB 28 -75.37 32.20 45.23
C PHE EB 28 -73.97 32.35 45.81
N ALA EB 29 -73.74 33.34 46.68
CA ALA EB 29 -72.41 33.56 47.23
C ALA EB 29 -72.02 32.47 48.21
N ILE EB 30 -72.89 32.16 49.17
CA ILE EB 30 -72.60 31.13 50.15
C ILE EB 30 -72.64 29.74 49.54
N THR EB 31 -73.13 29.62 48.31
CA THR EB 31 -73.11 28.34 47.61
C THR EB 31 -71.68 27.84 47.39
N ALA EB 32 -70.72 28.77 47.26
CA ALA EB 32 -69.32 28.38 47.11
C ALA EB 32 -68.77 27.69 48.35
N ILE EB 33 -69.44 27.81 49.49
CA ILE EB 33 -69.03 27.08 50.68
C ILE EB 33 -69.32 25.60 50.49
N LYS EB 34 -68.38 24.75 50.90
CA LYS EB 34 -68.57 23.31 50.83
C LYS EB 34 -69.73 22.90 51.74
N GLY EB 35 -70.57 22.01 51.24
CA GLY EB 35 -71.79 21.66 51.93
C GLY EB 35 -72.96 22.56 51.66
N VAL EB 36 -72.83 23.51 50.74
CA VAL EB 36 -73.90 24.43 50.38
C VAL EB 36 -74.10 24.37 48.88
N GLY EB 37 -75.36 24.27 48.46
CA GLY EB 37 -75.69 24.41 47.05
C GLY EB 37 -76.65 25.57 46.84
N ARG EB 38 -77.19 25.68 45.63
CA ARG EB 38 -78.09 26.78 45.32
C ARG EB 38 -79.36 26.71 46.16
N ARG EB 39 -79.94 25.52 46.28
CA ARG EB 39 -81.24 25.37 46.92
C ARG EB 39 -81.16 25.64 48.42
N TYR EB 40 -80.08 25.17 49.06
CA TYR EB 40 -79.92 25.42 50.50
C TYR EB 40 -79.74 26.91 50.77
N ALA EB 41 -78.96 27.59 49.94
CA ALA EB 41 -78.81 29.04 50.07
C ALA EB 41 -80.14 29.75 49.89
N HIS EB 42 -80.92 29.33 48.89
CA HIS EB 42 -82.23 29.94 48.65
C HIS EB 42 -83.15 29.75 49.84
N VAL EB 43 -83.22 28.52 50.38
CA VAL EB 43 -84.17 28.25 51.45
C VAL EB 43 -83.75 28.96 52.73
N VAL EB 44 -82.45 29.06 53.00
CA VAL EB 44 -82.04 29.75 54.22
C VAL EB 44 -82.19 31.26 54.09
N LEU EB 45 -82.01 31.83 52.90
CA LEU EB 45 -82.25 33.25 52.77
C LEU EB 45 -83.74 33.58 52.84
N ARG EB 46 -84.59 32.74 52.25
CA ARG EB 46 -86.03 32.95 52.37
C ARG EB 46 -86.47 32.82 53.83
N LYS EB 47 -85.94 31.82 54.55
CA LYS EB 47 -86.32 31.61 55.94
C LYS EB 47 -85.76 32.69 56.86
N ALA EB 48 -84.65 33.33 56.49
CA ALA EB 48 -84.08 34.37 57.32
C ALA EB 48 -84.78 35.72 57.15
N ASP EB 49 -85.75 35.80 56.23
CA ASP EB 49 -86.44 37.04 55.90
C ASP EB 49 -85.44 38.12 55.48
N ILE EB 50 -84.44 37.70 54.71
CA ILE EB 50 -83.41 38.58 54.20
C ILE EB 50 -83.65 38.77 52.72
N ASP EB 51 -83.69 40.02 52.28
CA ASP EB 51 -84.03 40.33 50.89
C ASP EB 51 -83.02 39.71 49.93
N LEU EB 52 -83.53 38.94 48.96
CA LEU EB 52 -82.68 38.25 48.01
C LEU EB 52 -82.07 39.19 46.97
N THR EB 53 -82.55 40.42 46.89
CA THR EB 53 -82.15 41.35 45.85
C THR EB 53 -80.96 42.21 46.24
N LYS EB 54 -80.16 41.78 47.22
CA LYS EB 54 -78.97 42.52 47.62
C LYS EB 54 -77.78 41.57 47.67
N ARG EB 55 -76.62 42.11 47.36
CA ARG EB 55 -75.39 41.33 47.31
C ARG EB 55 -74.92 40.97 48.72
N ALA EB 56 -74.00 40.02 48.79
CA ALA EB 56 -73.40 39.64 50.06
C ALA EB 56 -72.34 40.63 50.53
N GLY EB 57 -71.94 41.57 49.67
CA GLY EB 57 -70.92 42.52 50.07
C GLY EB 57 -71.38 43.49 51.14
N GLU EB 58 -72.64 43.91 51.10
CA GLU EB 58 -73.14 44.99 51.94
C GLU EB 58 -73.95 44.50 53.13
N LEU EB 59 -73.95 43.20 53.43
CA LEU EB 59 -74.65 42.70 54.60
C LEU EB 59 -73.88 43.07 55.86
N THR EB 60 -74.62 43.42 56.91
CA THR EB 60 -74.05 43.83 58.19
C THR EB 60 -73.97 42.64 59.15
N GLU EB 61 -73.54 42.93 60.38
CA GLU EB 61 -73.16 41.88 61.31
C GLU EB 61 -74.35 41.03 61.76
N ASP EB 62 -75.50 41.66 62.02
CA ASP EB 62 -76.58 40.93 62.68
C ASP EB 62 -77.24 39.92 61.74
N GLU EB 63 -77.51 40.28 60.48
CA GLU EB 63 -78.11 39.29 59.61
C GLU EB 63 -77.10 38.23 59.17
N VAL EB 64 -75.81 38.57 59.09
CA VAL EB 64 -74.86 37.50 58.75
C VAL EB 64 -74.70 36.53 59.92
N GLU EB 65 -74.75 37.02 61.17
CA GLU EB 65 -74.70 36.05 62.26
C GLU EB 65 -76.01 35.27 62.36
N ARG EB 66 -77.13 35.88 61.97
CA ARG EB 66 -78.37 35.10 61.84
C ARG EB 66 -78.21 34.00 60.80
N VAL EB 67 -77.56 34.32 59.68
CA VAL EB 67 -77.28 33.31 58.66
C VAL EB 67 -76.39 32.21 59.22
N ILE EB 68 -75.38 32.59 60.01
CA ILE EB 68 -74.47 31.59 60.59
C ILE EB 68 -75.22 30.66 61.53
N THR EB 69 -76.08 31.21 62.38
CA THR EB 69 -76.85 30.38 63.31
C THR EB 69 -77.82 29.48 62.55
N ILE EB 70 -78.37 29.97 61.43
CA ILE EB 70 -79.19 29.11 60.59
C ILE EB 70 -78.36 27.98 60.00
N MET EB 71 -77.11 28.28 59.62
CA MET EB 71 -76.23 27.26 59.07
C MET EB 71 -75.99 26.15 60.10
N GLN EB 72 -75.41 26.49 61.24
CA GLN EB 72 -74.93 25.47 62.15
C GLN EB 72 -76.04 24.74 62.90
N ASN EB 73 -77.30 25.17 62.76
CA ASN EB 73 -78.44 24.35 63.18
C ASN EB 73 -79.67 24.67 62.33
N PRO EB 74 -80.11 23.74 61.49
CA PRO EB 74 -81.31 23.99 60.69
C PRO EB 74 -82.60 23.46 61.28
N ARG EB 75 -82.50 22.57 62.29
CA ARG EB 75 -83.66 21.81 62.72
C ARG EB 75 -84.72 22.70 63.36
N GLN EB 76 -84.29 23.68 64.14
CA GLN EB 76 -85.20 24.57 64.85
C GLN EB 76 -85.50 25.85 64.10
N TYR EB 77 -85.13 25.93 62.82
CA TYR EB 77 -85.55 27.02 61.94
C TYR EB 77 -86.43 26.50 60.81
N LYS EB 78 -87.14 25.41 61.09
CA LYS EB 78 -88.13 24.82 60.20
C LYS EB 78 -87.57 24.36 58.86
N ILE EB 79 -86.26 24.11 58.78
CA ILE EB 79 -85.74 23.38 57.63
C ILE EB 79 -86.25 21.94 57.69
N PRO EB 80 -86.93 21.45 56.66
CA PRO EB 80 -87.49 20.10 56.72
C PRO EB 80 -86.39 19.05 56.71
N ASP EB 81 -86.74 17.87 57.23
CA ASP EB 81 -85.76 16.83 57.50
C ASP EB 81 -85.07 16.35 56.23
N TRP EB 82 -85.81 16.30 55.13
CA TRP EB 82 -85.32 15.72 53.88
C TRP EB 82 -84.39 16.63 53.10
N PHE EB 83 -84.09 17.82 53.61
CA PHE EB 83 -83.25 18.78 52.90
C PHE EB 83 -81.77 18.64 53.27
N LEU EB 84 -81.43 17.71 54.15
CA LEU EB 84 -80.11 17.66 54.77
C LEU EB 84 -79.19 16.68 54.04
N ASN EB 85 -77.89 16.78 54.36
CA ASN EB 85 -76.88 15.93 53.73
C ASN EB 85 -76.60 14.69 54.56
N ARG EB 86 -76.14 14.86 55.79
CA ARG EB 86 -75.82 13.73 56.66
C ARG EB 86 -77.07 13.35 57.45
N GLN EB 87 -78.03 12.81 56.73
CA GLN EB 87 -79.28 12.32 57.31
C GLN EB 87 -79.08 10.90 57.82
N LYS EB 88 -79.54 10.64 59.03
CA LYS EB 88 -79.51 9.30 59.62
C LYS EB 88 -78.08 8.77 59.66
N ASP EB 89 -77.27 9.46 60.47
CA ASP EB 89 -75.83 9.24 60.51
C ASP EB 89 -75.50 7.79 60.86
N VAL EB 90 -74.49 7.24 60.18
CA VAL EB 90 -74.02 5.90 60.49
C VAL EB 90 -73.24 5.85 61.79
N LYS EB 91 -72.92 7.00 62.39
CA LYS EB 91 -72.14 7.04 63.61
C LYS EB 91 -73.01 7.30 64.84
N ASP EB 92 -73.87 8.31 64.78
CA ASP EB 92 -74.73 8.66 65.90
C ASP EB 92 -76.20 8.84 65.52
N GLY EB 93 -76.55 8.70 64.25
CA GLY EB 93 -77.95 8.57 63.86
C GLY EB 93 -78.74 9.86 63.80
N LYS EB 94 -78.13 10.99 64.09
CA LYS EB 94 -78.87 12.25 64.10
C LYS EB 94 -78.98 12.81 62.69
N TYR EB 95 -80.04 13.60 62.48
CA TYR EB 95 -80.30 14.25 61.20
C TYR EB 95 -79.55 15.58 61.20
N SER EB 96 -78.34 15.58 60.64
CA SER EB 96 -77.47 16.74 60.71
C SER EB 96 -77.09 17.20 59.32
N GLN EB 97 -77.05 18.52 59.13
CA GLN EB 97 -76.59 19.12 57.90
C GLN EB 97 -75.23 19.78 58.13
N VAL EB 98 -74.28 19.47 57.26
CA VAL EB 98 -72.91 19.93 57.41
C VAL EB 98 -72.68 21.10 56.47
N LEU EB 99 -71.87 22.07 56.92
CA LEU EB 99 -71.74 23.34 56.24
C LEU EB 99 -70.28 23.71 55.96
N ALA EB 100 -69.33 22.85 56.31
CA ALA EB 100 -67.93 23.24 56.39
C ALA EB 100 -67.07 22.09 55.87
N ASN EB 101 -65.79 22.14 56.20
CA ASN EB 101 -64.87 21.04 55.95
C ASN EB 101 -65.18 19.84 56.83
N GLY EB 102 -66.16 20.01 57.75
CA GLY EB 102 -66.74 18.84 58.39
C GLY EB 102 -67.31 17.87 57.38
N LEU EB 103 -67.77 18.38 56.24
CA LEU EB 103 -68.16 17.51 55.14
C LEU EB 103 -66.98 16.65 54.70
N ASP EB 104 -65.80 17.25 54.62
CA ASP EB 104 -64.61 16.49 54.25
C ASP EB 104 -64.24 15.47 55.32
N ASN EB 105 -64.43 15.80 56.61
CA ASN EB 105 -63.98 14.86 57.63
C ASN EB 105 -64.95 13.69 57.75
N LYS EB 106 -66.25 13.92 57.56
CA LYS EB 106 -67.15 12.79 57.49
C LYS EB 106 -66.95 12.00 56.20
N LEU EB 107 -66.51 12.68 55.14
CA LEU EB 107 -66.23 12.00 53.88
C LEU EB 107 -65.09 11.01 54.04
N ARG EB 108 -63.96 11.44 54.60
CA ARG EB 108 -62.90 10.45 54.74
C ARG EB 108 -63.13 9.54 55.94
N GLU EB 109 -63.98 9.90 56.91
CA GLU EB 109 -64.29 8.89 57.92
C GLU EB 109 -65.10 7.75 57.31
N ASP EB 110 -66.00 8.07 56.38
CA ASP EB 110 -66.66 7.03 55.61
C ASP EB 110 -65.66 6.28 54.74
N LEU EB 111 -64.65 6.98 54.23
CA LEU EB 111 -63.66 6.31 53.37
C LEU EB 111 -62.86 5.27 54.13
N GLU EB 112 -62.28 5.62 55.28
CA GLU EB 112 -61.58 4.57 56.01
C GLU EB 112 -62.51 3.60 56.72
N ARG EB 113 -63.78 3.95 56.95
CA ARG EB 113 -64.71 2.93 57.42
C ARG EB 113 -64.93 1.87 56.35
N LEU EB 114 -65.11 2.30 55.10
CA LEU EB 114 -65.17 1.38 53.98
C LEU EB 114 -63.89 0.58 53.84
N LYS EB 115 -62.74 1.24 54.02
CA LYS EB 115 -61.46 0.54 53.92
C LYS EB 115 -61.33 -0.54 54.99
N LYS EB 116 -61.73 -0.22 56.23
CA LYS EB 116 -61.57 -1.17 57.32
C LYS EB 116 -62.55 -2.33 57.20
N ILE EB 117 -63.79 -2.06 56.81
CA ILE EB 117 -64.73 -3.17 56.58
C ILE EB 117 -64.43 -3.93 55.31
N ARG EB 118 -63.53 -3.42 54.46
CA ARG EB 118 -63.12 -4.06 53.20
C ARG EB 118 -64.32 -4.31 52.28
N ALA EB 119 -65.21 -3.32 52.18
CA ALA EB 119 -66.33 -3.42 51.26
C ALA EB 119 -65.86 -3.17 49.83
N HIS EB 120 -66.67 -3.64 48.88
CA HIS EB 120 -66.31 -3.52 47.46
C HIS EB 120 -66.24 -2.06 47.05
N ARG EB 121 -67.16 -1.24 47.56
CA ARG EB 121 -67.10 0.19 47.29
C ARG EB 121 -65.82 0.80 47.85
N GLY EB 122 -65.42 0.38 49.05
CA GLY EB 122 -64.18 0.86 49.62
C GLY EB 122 -62.95 0.40 48.85
N LEU EB 123 -62.99 -0.84 48.33
CA LEU EB 123 -61.86 -1.33 47.54
C LEU EB 123 -61.76 -0.60 46.21
N ARG EB 124 -62.90 -0.31 45.57
CA ARG EB 124 -62.87 0.42 44.31
C ARG EB 124 -62.45 1.88 44.54
N HIS EB 125 -62.80 2.44 45.70
CA HIS EB 125 -62.23 3.73 46.09
C HIS EB 125 -60.72 3.61 46.29
N PHE EB 126 -60.27 2.50 46.87
CA PHE EB 126 -58.87 2.34 47.21
C PHE EB 126 -57.99 2.31 45.97
N TRP EB 127 -58.43 1.64 44.93
CA TRP EB 127 -57.69 1.58 43.68
C TRP EB 127 -57.89 2.84 42.83
N GLY EB 128 -58.76 3.75 43.24
CA GLY EB 128 -59.04 4.93 42.47
C GLY EB 128 -60.05 4.76 41.37
N LEU EB 129 -60.59 3.55 41.20
CA LEU EB 129 -61.54 3.25 40.14
C LEU EB 129 -62.94 3.65 40.57
N ARG EB 130 -63.87 3.54 39.62
CA ARG EB 130 -65.27 3.87 39.88
C ARG EB 130 -65.87 2.90 40.89
N VAL EB 131 -66.78 3.42 41.71
CA VAL EB 131 -67.42 2.62 42.74
C VAL EB 131 -68.90 2.40 42.47
N ARG EB 132 -69.51 3.10 41.53
CA ARG EB 132 -70.92 2.95 41.21
C ARG EB 132 -71.18 1.88 40.17
N GLY EB 133 -70.19 1.05 39.86
CA GLY EB 133 -70.36 -0.02 38.90
C GLY EB 133 -70.35 0.40 37.45
N GLN EB 134 -69.82 1.57 37.13
CA GLN EB 134 -69.79 2.03 35.75
C GLN EB 134 -68.82 1.19 34.92
N HIS EB 135 -68.71 1.55 33.66
CA HIS EB 135 -67.86 0.83 32.71
C HIS EB 135 -66.55 1.59 32.54
N THR EB 136 -65.47 1.05 33.08
CA THR EB 136 -64.16 1.68 33.03
C THR EB 136 -63.36 1.26 31.81
N LYS EB 137 -63.97 0.51 30.90
CA LYS EB 137 -63.24 0.00 29.74
C LYS EB 137 -62.76 1.11 28.84
N THR EB 138 -63.61 2.10 28.56
CA THR EB 138 -63.30 3.15 27.60
C THR EB 138 -63.25 4.54 28.19
N THR EB 139 -63.77 4.74 29.40
CA THR EB 139 -63.84 6.06 30.01
C THR EB 139 -62.95 6.12 31.25
N GLY EB 140 -62.80 7.33 31.78
CA GLY EB 140 -61.87 7.57 32.86
C GLY EB 140 -60.43 7.61 32.44
N ARG EB 141 -60.14 7.71 31.14
CA ARG EB 141 -58.78 7.60 30.66
C ARG EB 141 -57.95 8.84 30.98
N ARG EB 142 -58.59 10.01 31.05
CA ARG EB 142 -57.83 11.24 31.29
C ARG EB 142 -57.18 11.24 32.67
N GLY EB 143 -57.90 10.77 33.68
CA GLY EB 143 -57.36 10.76 35.03
C GLY EB 143 -56.17 9.85 35.22
N ARG EB 144 -55.88 9.00 34.24
CA ARG EB 144 -54.74 8.08 34.29
C ARG EB 144 -53.62 8.46 33.35
N THR EB 145 -53.94 8.85 32.11
CA THR EB 145 -52.94 9.31 31.16
C THR EB 145 -53.37 10.63 30.53
N PRO FB 1 -120.95 47.82 26.60
CA PRO FB 1 -120.02 46.77 26.17
C PRO FB 1 -119.53 45.90 27.32
N GLY FB 2 -119.97 44.65 27.37
CA GLY FB 2 -119.50 43.74 28.39
C GLY FB 2 -118.07 43.28 28.11
N VAL FB 3 -117.43 42.77 29.15
CA VAL FB 3 -116.05 42.29 29.07
C VAL FB 3 -115.98 40.89 29.68
N THR FB 4 -115.45 39.95 28.91
CA THR FB 4 -115.19 38.60 29.40
C THR FB 4 -113.70 38.40 29.62
N VAL FB 5 -113.36 37.33 30.35
CA VAL FB 5 -111.94 37.04 30.60
C VAL FB 5 -111.23 36.65 29.31
N LYS FB 6 -111.97 36.26 28.28
CA LYS FB 6 -111.39 35.93 27.00
C LYS FB 6 -111.15 37.16 26.14
N ASP FB 7 -111.61 38.34 26.56
CA ASP FB 7 -111.34 39.59 25.85
C ASP FB 7 -110.06 40.27 26.31
N VAL FB 8 -109.48 39.82 27.42
CA VAL FB 8 -108.27 40.42 27.96
C VAL FB 8 -107.12 39.44 27.78
N ASN FB 9 -105.93 39.99 27.55
CA ASN FB 9 -104.75 39.16 27.39
C ASN FB 9 -104.44 38.46 28.70
N GLN FB 10 -104.16 37.16 28.62
CA GLN FB 10 -104.16 36.32 29.82
C GLN FB 10 -102.99 36.62 30.76
N GLN FB 11 -101.90 37.20 30.26
CA GLN FB 11 -100.72 37.43 31.09
C GLN FB 11 -101.00 38.47 32.17
N GLU FB 12 -101.32 39.70 31.75
CA GLU FB 12 -101.64 40.72 32.73
C GLU FB 12 -102.94 40.40 33.45
N PHE FB 13 -103.81 39.59 32.85
CA PHE FB 13 -105.04 39.20 33.54
C PHE FB 13 -104.74 38.29 34.73
N VAL FB 14 -103.89 37.28 34.52
CA VAL FB 14 -103.55 36.40 35.63
C VAL FB 14 -102.68 37.15 36.63
N ARG FB 15 -101.89 38.11 36.17
CA ARG FB 15 -101.13 38.94 37.11
C ARG FB 15 -102.07 39.76 37.99
N ALA FB 16 -103.11 40.35 37.40
CA ALA FB 16 -104.08 41.13 38.16
C ALA FB 16 -104.88 40.25 39.10
N LEU FB 17 -105.23 39.03 38.67
CA LEU FB 17 -105.92 38.10 39.57
C LEU FB 17 -105.02 37.69 40.72
N ALA FB 18 -103.72 37.50 40.46
CA ALA FB 18 -102.78 37.20 41.52
C ALA FB 18 -102.70 38.33 42.53
N ALA FB 19 -102.66 39.58 42.04
CA ALA FB 19 -102.68 40.72 42.95
C ALA FB 19 -103.99 40.78 43.73
N PHE FB 20 -105.11 40.48 43.05
CA PHE FB 20 -106.41 40.44 43.70
C PHE FB 20 -106.42 39.44 44.84
N LEU FB 21 -105.84 38.26 44.61
CA LEU FB 21 -105.80 37.24 45.64
C LEU FB 21 -104.81 37.58 46.73
N LYS FB 22 -103.76 38.33 46.39
CA LYS FB 22 -102.82 38.83 47.40
C LYS FB 22 -103.51 39.79 48.37
N LYS FB 23 -104.30 40.73 47.82
CA LYS FB 23 -104.95 41.69 48.71
C LYS FB 23 -106.11 41.04 49.46
N SER FB 24 -106.78 40.08 48.83
CA SER FB 24 -107.85 39.34 49.49
C SER FB 24 -107.32 38.02 50.06
N GLY FB 25 -106.45 38.15 51.05
CA GLY FB 25 -105.80 36.98 51.60
C GLY FB 25 -106.66 36.22 52.58
N LYS FB 26 -107.25 35.13 52.11
CA LYS FB 26 -108.07 34.23 52.92
C LYS FB 26 -107.73 32.79 52.60
N LEU FB 27 -106.44 32.49 52.45
CA LEU FB 27 -106.02 31.26 51.78
C LEU FB 27 -105.29 30.32 52.72
N LYS FB 28 -105.62 29.03 52.60
CA LYS FB 28 -104.93 27.96 53.32
C LYS FB 28 -103.61 27.70 52.61
N VAL FB 29 -102.57 28.40 53.04
CA VAL FB 29 -101.26 28.30 52.40
C VAL FB 29 -100.40 27.34 53.20
N PRO FB 30 -99.92 26.25 52.60
CA PRO FB 30 -99.13 25.27 53.34
C PRO FB 30 -97.77 25.82 53.74
N GLU FB 31 -97.20 25.18 54.77
CA GLU FB 31 -95.92 25.59 55.34
C GLU FB 31 -94.75 25.33 54.41
N TRP FB 32 -94.89 24.44 53.42
CA TRP FB 32 -93.78 24.08 52.54
C TRP FB 32 -93.78 24.90 51.26
N VAL FB 33 -94.36 26.10 51.29
CA VAL FB 33 -94.28 26.98 50.14
C VAL FB 33 -92.92 27.67 50.04
N ASP FB 34 -92.20 27.78 51.15
CA ASP FB 34 -90.91 28.46 51.20
C ASP FB 34 -89.72 27.54 50.98
N THR FB 35 -89.95 26.23 50.84
CA THR FB 35 -88.85 25.28 50.83
C THR FB 35 -88.82 24.36 49.63
N VAL FB 36 -89.92 24.12 48.94
CA VAL FB 36 -89.94 23.12 47.88
C VAL FB 36 -89.72 23.77 46.53
N LYS FB 37 -89.25 22.96 45.59
CA LYS FB 37 -89.32 23.31 44.18
C LYS FB 37 -90.76 23.12 43.69
N LEU FB 38 -91.11 23.83 42.63
CA LEU FB 38 -92.46 23.71 42.14
C LEU FB 38 -92.68 22.48 41.28
N ALA FB 39 -91.61 21.75 40.94
CA ALA FB 39 -91.76 20.49 40.24
C ALA FB 39 -90.47 19.68 40.39
N LYS FB 40 -90.58 18.38 40.13
CA LYS FB 40 -89.43 17.50 40.17
C LYS FB 40 -88.38 17.91 39.14
N HIS FB 41 -88.83 18.23 37.93
CA HIS FB 41 -87.91 18.65 36.87
C HIS FB 41 -87.30 20.02 37.13
N LYS FB 42 -87.99 20.90 37.87
CA LYS FB 42 -87.40 22.18 38.21
C LYS FB 42 -86.20 21.99 39.12
N GLU FB 43 -85.27 22.94 39.06
CA GLU FB 43 -84.05 22.89 39.84
C GLU FB 43 -83.98 23.94 40.93
N LEU FB 44 -84.72 25.03 40.81
CA LEU FB 44 -84.72 26.11 41.79
C LEU FB 44 -86.16 26.47 42.15
N ALA FB 45 -86.32 26.94 43.39
CA ALA FB 45 -87.62 27.40 43.83
C ALA FB 45 -88.04 28.64 43.03
N PRO FB 46 -89.34 28.87 42.86
CA PRO FB 46 -89.77 30.07 42.14
C PRO FB 46 -89.29 31.34 42.83
N TYR FB 47 -88.90 32.32 42.01
CA TYR FB 47 -88.32 33.55 42.54
C TYR FB 47 -89.35 34.35 43.32
N ASP FB 48 -90.61 34.28 42.90
CA ASP FB 48 -91.68 35.00 43.57
C ASP FB 48 -91.86 34.48 45.00
N GLU FB 49 -92.12 35.41 45.92
CA GLU FB 49 -92.40 35.01 47.30
C GLU FB 49 -93.78 34.36 47.40
N ASN FB 50 -94.82 35.10 47.05
CA ASN FB 50 -96.19 34.57 47.08
C ASN FB 50 -96.57 34.01 45.70
N TRP FB 51 -95.78 33.03 45.27
CA TRP FB 51 -96.10 32.32 44.03
C TRP FB 51 -97.34 31.46 44.16
N PHE FB 52 -97.76 31.17 45.40
CA PHE FB 52 -98.96 30.35 45.60
C PHE FB 52 -100.20 31.05 45.05
N TYR FB 53 -100.32 32.35 45.28
CA TYR FB 53 -101.46 33.10 44.77
C TYR FB 53 -101.44 33.20 43.25
N THR FB 54 -100.27 33.41 42.64
CA THR FB 54 -100.19 33.42 41.18
C THR FB 54 -100.54 32.04 40.62
N ARG FB 55 -100.12 30.98 41.31
CA ARG FB 55 -100.46 29.63 40.88
C ARG FB 55 -101.96 29.39 40.96
N ALA FB 56 -102.59 29.85 42.04
CA ALA FB 56 -104.03 29.72 42.17
C ALA FB 56 -104.74 30.52 41.08
N ALA FB 57 -104.21 31.69 40.74
CA ALA FB 57 -104.80 32.50 39.67
C ALA FB 57 -104.73 31.78 38.33
N SER FB 58 -103.55 31.24 38.00
CA SER FB 58 -103.38 30.55 36.72
C SER FB 58 -104.26 29.31 36.64
N THR FB 59 -104.33 28.53 37.72
CA THR FB 59 -105.18 27.34 37.66
C THR FB 59 -106.66 27.71 37.69
N ALA FB 60 -107.01 28.87 38.26
CA ALA FB 60 -108.40 29.32 38.19
C ALA FB 60 -108.78 29.68 36.76
N ARG FB 61 -107.88 30.37 36.05
CA ARG FB 61 -108.13 30.66 34.65
C ARG FB 61 -108.19 29.38 33.83
N HIS FB 62 -107.35 28.40 34.18
CA HIS FB 62 -107.40 27.10 33.49
C HIS FB 62 -108.72 26.39 33.75
N LEU FB 63 -109.21 26.44 34.98
CA LEU FB 63 -110.51 25.84 35.28
C LEU FB 63 -111.63 26.56 34.53
N TYR FB 64 -111.49 27.87 34.34
CA TYR FB 64 -112.42 28.58 33.47
C TYR FB 64 -112.34 28.04 32.04
N LEU FB 65 -111.12 27.75 31.58
CA LEU FB 65 -110.94 27.27 30.21
C LEU FB 65 -111.68 25.95 29.98
N ARG FB 66 -111.64 25.05 30.95
CA ARG FB 66 -112.35 23.78 30.83
C ARG FB 66 -112.59 23.20 32.21
N GLY FB 67 -113.76 22.58 32.40
CA GLY FB 67 -114.08 21.93 33.64
C GLY FB 67 -113.80 20.44 33.59
N GLY FB 68 -114.04 19.78 34.73
CA GLY FB 68 -113.74 18.37 34.83
C GLY FB 68 -112.28 18.04 35.01
N ALA FB 69 -111.45 19.04 35.32
CA ALA FB 69 -110.01 18.87 35.42
C ALA FB 69 -109.61 18.69 36.88
N GLY FB 70 -108.94 17.58 37.18
CA GLY FB 70 -108.43 17.32 38.51
C GLY FB 70 -106.99 17.75 38.68
N VAL FB 71 -106.35 17.19 39.70
CA VAL FB 71 -104.95 17.53 39.97
C VAL FB 71 -104.04 16.95 38.88
N GLY FB 72 -104.38 15.79 38.34
CA GLY FB 72 -103.56 15.21 37.28
C GLY FB 72 -103.54 16.07 36.03
N SER FB 73 -104.68 16.69 35.71
CA SER FB 73 -104.70 17.66 34.62
C SER FB 73 -103.78 18.83 34.91
N MET FB 74 -103.76 19.30 36.17
CA MET FB 74 -102.89 20.41 36.52
C MET FB 74 -101.42 20.04 36.41
N THR FB 75 -101.06 18.80 36.76
CA THR FB 75 -99.69 18.36 36.55
C THR FB 75 -99.40 18.13 35.07
N LYS FB 76 -100.44 17.90 34.26
CA LYS FB 76 -100.24 17.84 32.82
C LYS FB 76 -99.89 19.22 32.26
N ILE FB 77 -100.66 20.25 32.62
CA ILE FB 77 -100.30 21.61 32.20
C ILE FB 77 -98.95 22.01 32.76
N TYR FB 78 -98.78 21.87 34.08
CA TYR FB 78 -97.65 22.45 34.78
C TYR FB 78 -96.37 21.65 34.62
N GLY FB 79 -96.45 20.48 34.01
CA GLY FB 79 -95.24 19.76 33.66
C GLY FB 79 -94.48 20.48 32.58
N GLY FB 80 -93.17 20.24 32.57
CA GLY FB 80 -92.32 20.95 31.63
C GLY FB 80 -91.12 20.12 31.23
N ARG FB 81 -90.20 20.77 30.55
CA ARG FB 81 -89.00 20.12 30.04
C ARG FB 81 -88.03 19.86 31.20
N GLN FB 82 -87.51 18.63 31.27
CA GLN FB 82 -86.45 18.28 32.20
C GLN FB 82 -85.16 18.11 31.41
N ARG FB 83 -84.06 18.63 31.95
CA ARG FB 83 -82.78 18.51 31.25
C ARG FB 83 -82.22 17.10 31.36
N ASN FB 84 -82.50 16.40 32.46
CA ASN FB 84 -82.02 15.04 32.72
C ASN FB 84 -80.50 14.94 32.72
N GLY FB 85 -79.81 16.05 32.96
CA GLY FB 85 -78.36 16.03 33.01
C GLY FB 85 -77.76 15.66 31.66
N VAL FB 86 -76.82 14.72 31.68
CA VAL FB 86 -76.17 14.28 30.46
C VAL FB 86 -77.14 13.50 29.57
N MET FB 87 -78.20 12.94 30.14
CA MET FB 87 -79.20 12.25 29.36
C MET FB 87 -79.93 13.25 28.45
N PRO FB 88 -80.37 12.81 27.27
CA PRO FB 88 -81.16 13.70 26.42
C PRO FB 88 -82.45 14.11 27.12
N SER FB 89 -82.91 15.33 26.80
CA SER FB 89 -84.02 15.93 27.50
C SER FB 89 -85.31 15.13 27.31
N HIS FB 90 -86.12 15.12 28.37
CA HIS FB 90 -87.41 14.45 28.38
C HIS FB 90 -88.46 15.39 28.93
N PHE FB 91 -89.65 14.85 29.16
CA PHE FB 91 -90.78 15.60 29.71
C PHE FB 91 -91.29 14.89 30.96
N SER FB 92 -91.57 15.66 31.99
CA SER FB 92 -92.18 15.15 33.21
C SER FB 92 -93.37 16.02 33.58
N ARG FB 93 -94.05 15.64 34.65
CA ARG FB 93 -95.23 16.35 35.13
C ARG FB 93 -94.84 17.31 36.25
N GLY FB 94 -95.86 17.96 36.81
CA GLY FB 94 -95.64 18.86 37.93
C GLY FB 94 -95.95 18.22 39.27
N SER FB 95 -95.80 19.02 40.32
CA SER FB 95 -96.07 18.55 41.67
C SER FB 95 -97.56 18.24 41.84
N LYS FB 96 -97.85 17.14 42.54
CA LYS FB 96 -99.24 16.77 42.78
C LYS FB 96 -99.78 17.45 44.03
N SER FB 97 -98.99 17.47 45.10
CA SER FB 97 -99.44 18.10 46.34
C SER FB 97 -99.62 19.59 46.17
N VAL FB 98 -98.76 20.24 45.38
CA VAL FB 98 -98.88 21.68 45.16
C VAL FB 98 -100.22 22.01 44.52
N ALA FB 99 -100.54 21.31 43.42
CA ALA FB 99 -101.81 21.54 42.74
C ALA FB 99 -102.99 21.16 43.62
N ARG FB 100 -102.85 20.09 44.39
CA ARG FB 100 -103.93 19.64 45.25
C ARG FB 100 -104.24 20.68 46.32
N ARG FB 101 -103.21 21.22 46.96
CA ARG FB 101 -103.42 22.24 47.99
C ARG FB 101 -103.92 23.54 47.37
N VAL FB 102 -103.47 23.87 46.16
CA VAL FB 102 -103.98 25.07 45.48
C VAL FB 102 -105.48 24.94 45.22
N LEU FB 103 -105.90 23.80 44.69
CA LEU FB 103 -107.31 23.57 44.39
C LEU FB 103 -108.14 23.51 45.67
N GLN FB 104 -107.60 22.91 46.72
CA GLN FB 104 -108.30 22.87 48.00
C GLN FB 104 -108.45 24.26 48.59
N ALA FB 105 -107.43 25.11 48.44
CA ALA FB 105 -107.58 26.52 48.81
C ALA FB 105 -108.59 27.23 47.92
N LEU FB 106 -108.75 26.77 46.67
CA LEU FB 106 -109.78 27.35 45.80
C LEU FB 106 -111.18 27.01 46.29
N GLU FB 107 -111.46 25.73 46.55
CA GLU FB 107 -112.80 25.46 47.09
C GLU FB 107 -112.97 25.92 48.53
N GLY FB 108 -111.87 26.22 49.24
CA GLY FB 108 -112.00 26.88 50.52
C GLY FB 108 -112.49 28.30 50.39
N LEU FB 109 -112.26 28.91 49.22
CA LEU FB 109 -112.75 30.26 48.93
C LEU FB 109 -114.15 30.27 48.33
N LYS FB 110 -114.77 29.10 48.16
CA LYS FB 110 -116.03 28.96 47.44
C LYS FB 110 -115.94 29.53 46.03
N MET FB 111 -114.83 29.24 45.36
CA MET FB 111 -114.66 29.56 43.95
C MET FB 111 -114.76 28.34 43.06
N VAL FB 112 -114.51 27.15 43.61
CA VAL FB 112 -114.43 25.91 42.84
C VAL FB 112 -115.25 24.85 43.57
N GLU FB 113 -115.96 24.01 42.82
CA GLU FB 113 -116.67 22.88 43.40
C GLU FB 113 -116.37 21.62 42.59
N LYS FB 114 -116.33 20.49 43.29
CA LYS FB 114 -116.11 19.21 42.63
C LYS FB 114 -117.32 18.81 41.80
N ASP FB 115 -117.05 18.24 40.65
CA ASP FB 115 -118.10 17.95 39.68
C ASP FB 115 -118.82 16.64 40.03
N GLN FB 116 -119.84 16.31 39.25
CA GLN FB 116 -120.51 15.03 39.42
C GLN FB 116 -119.56 13.88 39.12
N ASP FB 117 -118.74 14.02 38.09
CA ASP FB 117 -117.66 13.10 37.83
C ASP FB 117 -116.42 13.59 38.57
N GLY FB 118 -115.26 13.03 38.23
CA GLY FB 118 -114.02 13.52 38.81
C GLY FB 118 -113.68 14.91 38.33
N GLY FB 119 -112.74 15.53 39.03
CA GLY FB 119 -112.36 16.90 38.73
C GLY FB 119 -113.29 17.91 39.37
N ARG FB 120 -113.12 19.16 38.96
CA ARG FB 120 -113.85 20.26 39.56
C ARG FB 120 -114.02 21.38 38.54
N LYS FB 121 -114.98 22.25 38.79
CA LYS FB 121 -115.26 23.39 37.90
C LYS FB 121 -115.56 24.62 38.75
N LEU FB 122 -115.82 25.74 38.07
CA LEU FB 122 -116.02 27.02 38.72
C LEU FB 122 -117.49 27.25 39.06
N THR FB 123 -117.73 27.73 40.28
CA THR FB 123 -119.06 28.15 40.69
C THR FB 123 -119.44 29.44 39.96
N PRO FB 124 -120.74 29.73 39.83
CA PRO FB 124 -121.15 30.97 39.16
C PRO FB 124 -120.55 32.25 39.74
N GLN FB 125 -120.45 32.37 41.06
CA GLN FB 125 -119.80 33.54 41.64
C GLN FB 125 -118.31 33.56 41.35
N GLY FB 126 -117.70 32.40 41.15
CA GLY FB 126 -116.31 32.33 40.71
C GLY FB 126 -116.08 33.11 39.44
N GLN FB 127 -116.77 32.74 38.36
CA GLN FB 127 -116.59 33.50 37.14
C GLN FB 127 -117.27 34.86 37.20
N ARG FB 128 -118.16 35.09 38.16
CA ARG FB 128 -118.60 36.46 38.41
C ARG FB 128 -117.43 37.35 38.78
N ASP FB 129 -116.64 36.90 39.76
CA ASP FB 129 -115.43 37.61 40.14
C ASP FB 129 -114.43 37.65 38.98
N LEU FB 130 -114.32 36.55 38.24
CA LEU FB 130 -113.38 36.49 37.13
C LEU FB 130 -113.73 37.51 36.05
N ASP FB 131 -115.02 37.65 35.74
CA ASP FB 131 -115.43 38.64 34.75
C ASP FB 131 -115.34 40.05 35.30
N ARG FB 132 -115.57 40.25 36.59
CA ARG FB 132 -115.39 41.57 37.18
C ARG FB 132 -113.93 42.00 37.10
N ILE FB 133 -113.00 41.11 37.44
CA ILE FB 133 -111.59 41.47 37.35
C ILE FB 133 -111.15 41.57 35.89
N ALA FB 134 -111.79 40.81 34.99
CA ALA FB 134 -111.52 41.00 33.57
C ALA FB 134 -111.93 42.39 33.11
N GLY FB 135 -113.08 42.86 33.57
CA GLY FB 135 -113.51 44.21 33.23
C GLY FB 135 -112.60 45.26 33.82
N GLN FB 136 -112.16 45.07 35.07
CA GLN FB 136 -111.28 46.06 35.70
C GLN FB 136 -109.92 46.08 35.03
N VAL FB 137 -109.40 44.93 34.60
CA VAL FB 137 -108.11 44.93 33.93
C VAL FB 137 -108.24 45.43 32.50
N ALA FB 138 -109.42 45.26 31.88
CA ALA FB 138 -109.67 45.87 30.58
C ALA FB 138 -109.70 47.38 30.69
N ALA FB 139 -110.35 47.90 31.75
CA ALA FB 139 -110.34 49.35 31.97
C ALA FB 139 -108.94 49.85 32.28
N ALA FB 140 -108.14 49.05 32.99
CA ALA FB 140 -106.77 49.44 33.28
C ALA FB 140 -105.91 49.46 32.02
N ASN FB 141 -106.09 48.46 31.14
CA ASN FB 141 -105.25 48.37 29.94
C ASN FB 141 -105.67 49.38 28.88
N LYS FB 142 -106.97 49.62 28.75
CA LYS FB 142 -107.45 50.57 27.75
C LYS FB 142 -107.14 52.01 28.17
N LYS FB 143 -107.66 52.43 29.32
CA LYS FB 143 -107.44 53.78 29.79
C LYS FB 143 -106.50 53.79 30.98
CA ALA GB 1 -141.58 -6.11 19.29
C ALA GB 1 -140.70 -4.93 18.91
N ILE GB 2 -140.35 -4.12 19.90
CA ILE GB 2 -139.50 -2.94 19.67
C ILE GB 2 -138.06 -3.38 19.88
N HIS GB 3 -137.32 -3.51 18.78
CA HIS GB 3 -135.90 -3.83 18.81
C HIS GB 3 -135.13 -2.78 18.03
N ARG GB 4 -133.97 -2.40 18.57
CA ARG GB 4 -133.06 -1.45 17.93
C ARG GB 4 -131.66 -2.05 17.95
N ILE GB 5 -131.29 -2.71 16.86
CA ILE GB 5 -130.05 -3.47 16.81
C ILE GB 5 -128.97 -2.63 16.16
N ARG GB 6 -127.71 -2.99 16.43
CA ARG GB 6 -126.55 -2.38 15.79
C ARG GB 6 -125.65 -3.48 15.26
N ILE GB 7 -125.28 -3.38 13.99
CA ILE GB 7 -124.51 -4.40 13.29
C ILE GB 7 -123.13 -3.85 13.00
N THR GB 8 -122.10 -4.62 13.33
CA THR GB 8 -120.73 -4.25 13.01
C THR GB 8 -120.07 -5.34 12.18
N LEU GB 9 -119.28 -4.92 11.19
CA LEU GB 9 -118.58 -5.81 10.29
C LEU GB 9 -117.10 -5.45 10.32
N THR GB 10 -116.24 -6.45 10.56
CA THR GB 10 -114.81 -6.23 10.63
C THR GB 10 -114.11 -7.22 9.71
N SER GB 11 -113.24 -6.74 8.83
CA SER GB 11 -112.57 -7.63 7.89
C SER GB 11 -111.19 -7.06 7.55
N ARG GB 12 -110.58 -7.62 6.51
CA ARG GB 12 -109.25 -7.23 6.06
C ARG GB 12 -109.25 -6.43 4.77
N ASN GB 13 -110.21 -6.67 3.88
CA ASN GB 13 -110.25 -6.01 2.58
C ASN GB 13 -111.47 -5.11 2.46
N VAL GB 14 -111.29 -4.03 1.70
CA VAL GB 14 -112.34 -3.04 1.51
C VAL GB 14 -113.47 -3.56 0.64
N LYS GB 15 -113.13 -4.33 -0.40
CA LYS GB 15 -114.12 -4.71 -1.40
C LYS GB 15 -115.21 -5.59 -0.81
N SER GB 16 -114.85 -6.51 0.09
CA SER GB 16 -115.85 -7.35 0.72
C SER GB 16 -116.77 -6.53 1.62
N LEU GB 17 -116.21 -5.54 2.31
CA LEU GB 17 -117.02 -4.66 3.14
C LEU GB 17 -117.99 -3.86 2.29
N GLU GB 18 -117.52 -3.35 1.14
CA GLU GB 18 -118.40 -2.63 0.24
C GLU GB 18 -119.53 -3.53 -0.26
N LYS GB 19 -119.20 -4.77 -0.64
CA LYS GB 19 -120.22 -5.67 -1.14
C LYS GB 19 -121.25 -6.02 -0.06
N VAL GB 20 -120.79 -6.28 1.17
CA VAL GB 20 -121.74 -6.68 2.21
C VAL GB 20 -122.60 -5.48 2.63
N CYS GB 21 -121.99 -4.32 2.83
CA CYS GB 21 -122.75 -3.12 3.19
C CYS GB 21 -123.67 -2.68 2.06
N ALA GB 22 -123.39 -3.09 0.83
CA ALA GB 22 -124.31 -2.83 -0.26
C ALA GB 22 -125.49 -3.80 -0.21
N ASP GB 23 -125.21 -5.10 -0.27
CA ASP GB 23 -126.28 -6.06 -0.54
C ASP GB 23 -127.17 -6.29 0.68
N LEU GB 24 -126.60 -6.32 1.88
CA LEU GB 24 -127.43 -6.49 3.07
C LEU GB 24 -128.36 -5.30 3.26
N ILE GB 25 -127.85 -4.08 3.11
CA ILE GB 25 -128.70 -2.91 3.30
C ILE GB 25 -129.71 -2.77 2.16
N ARG GB 26 -129.33 -3.15 0.93
CA ARG GB 26 -130.30 -3.12 -0.17
C ARG GB 26 -131.43 -4.12 0.05
N GLY GB 27 -131.09 -5.33 0.52
CA GLY GB 27 -132.14 -6.28 0.86
C GLY GB 27 -132.96 -5.83 2.04
N ALA GB 28 -132.38 -4.99 2.91
CA ALA GB 28 -133.13 -4.42 4.02
C ALA GB 28 -134.15 -3.39 3.52
N LYS GB 29 -133.75 -2.52 2.58
CA LYS GB 29 -134.73 -1.61 1.99
C LYS GB 29 -135.82 -2.38 1.28
N GLU GB 30 -135.43 -3.41 0.50
CA GLU GB 30 -136.42 -4.21 -0.20
C GLU GB 30 -137.28 -5.03 0.76
N LYS GB 31 -136.86 -5.12 2.02
CA LYS GB 31 -137.65 -5.75 3.07
C LYS GB 31 -138.44 -4.74 3.88
N ASN GB 32 -138.44 -3.47 3.48
CA ASN GB 32 -139.10 -2.36 4.18
C ASN GB 32 -138.56 -2.22 5.60
N LEU GB 33 -137.26 -1.90 5.66
CA LEU GB 33 -136.60 -1.52 6.91
C LEU GB 33 -135.90 -0.20 6.68
N LYS GB 34 -136.31 0.82 7.42
CA LYS GB 34 -135.59 2.09 7.40
C LYS GB 34 -134.23 1.88 8.06
N VAL GB 35 -133.19 2.34 7.38
CA VAL GB 35 -131.83 2.04 7.80
C VAL GB 35 -131.08 3.34 8.07
N LYS GB 36 -130.10 3.25 8.98
CA LYS GB 36 -129.13 4.30 9.18
C LYS GB 36 -127.88 3.94 8.40
N GLY GB 37 -127.38 4.89 7.60
CA GLY GB 37 -126.34 4.64 6.64
C GLY GB 37 -125.10 4.04 7.24
N PRO GB 38 -124.42 3.17 6.49
CA PRO GB 38 -123.23 2.50 7.03
C PRO GB 38 -122.09 3.47 7.27
N VAL GB 39 -121.84 3.76 8.54
CA VAL GB 39 -120.82 4.71 8.94
C VAL GB 39 -119.48 3.98 8.98
N ARG GB 40 -118.50 4.51 8.27
CA ARG GB 40 -117.18 3.91 8.21
C ARG GB 40 -116.32 4.48 9.32
N MET GB 41 -115.95 3.63 10.27
CA MET GB 41 -115.03 4.03 11.32
C MET GB 41 -113.66 4.31 10.71
N PRO GB 42 -112.85 5.15 11.36
CA PRO GB 42 -111.48 5.38 10.87
C PRO GB 42 -110.68 4.09 10.84
N THR GB 43 -109.79 3.99 9.86
CA THR GB 43 -109.03 2.77 9.65
C THR GB 43 -108.06 2.53 10.79
N LYS GB 44 -107.98 1.27 11.24
CA LYS GB 44 -106.98 0.85 12.21
C LYS GB 44 -105.86 0.14 11.46
N THR GB 45 -104.68 0.77 11.43
CA THR GB 45 -103.53 0.28 10.70
C THR GB 45 -102.57 -0.39 11.67
N LEU GB 46 -102.07 -1.56 11.29
CA LEU GB 46 -101.13 -2.32 12.11
C LEU GB 46 -99.79 -2.38 11.38
N ARG GB 47 -98.79 -1.70 11.90
CA ARG GB 47 -97.48 -1.60 11.29
C ARG GB 47 -96.45 -2.27 12.19
N ILE GB 48 -95.64 -3.16 11.61
CA ILE GB 48 -94.52 -3.79 12.30
C ILE GB 48 -93.30 -3.74 11.38
N THR GB 49 -92.17 -3.38 11.96
CA THR GB 49 -90.93 -3.22 11.21
C THR GB 49 -89.82 -4.01 11.87
N THR GB 50 -89.25 -4.97 11.15
CA THR GB 50 -88.15 -5.78 11.64
C THR GB 50 -87.00 -5.69 10.65
N ARG GB 51 -85.98 -6.52 10.88
CA ARG GB 51 -84.82 -6.58 10.01
C ARG GB 51 -85.03 -7.68 8.97
N LYS GB 52 -84.71 -7.38 7.72
CA LYS GB 52 -84.82 -8.39 6.66
C LYS GB 52 -83.86 -9.55 6.89
N THR GB 53 -82.63 -9.25 7.27
CA THR GB 53 -81.63 -10.31 7.43
C THR GB 53 -81.94 -11.15 8.67
N PRO GB 54 -81.74 -12.46 8.60
CA PRO GB 54 -81.90 -13.32 9.77
C PRO GB 54 -80.64 -13.48 10.62
N CYS GB 55 -79.63 -12.64 10.42
CA CYS GB 55 -78.37 -12.75 11.16
C CYS GB 55 -77.89 -11.42 11.73
N GLY GB 56 -78.29 -10.28 11.18
CA GLY GB 56 -77.74 -9.00 11.56
C GLY GB 56 -76.57 -8.56 10.72
N GLU GB 57 -76.04 -9.42 9.87
CA GLU GB 57 -75.05 -9.02 8.88
C GLU GB 57 -75.77 -8.53 7.64
N GLY GB 58 -75.44 -7.32 7.21
CA GLY GB 58 -76.06 -6.72 6.05
C GLY GB 58 -76.04 -5.21 6.16
N SER GB 59 -76.84 -4.57 5.30
CA SER GB 59 -76.90 -3.11 5.24
C SER GB 59 -78.07 -2.55 6.03
N LYS GB 60 -78.57 -3.30 7.02
CA LYS GB 60 -79.68 -2.88 7.88
C LYS GB 60 -80.91 -2.55 7.05
N THR GB 61 -81.28 -3.45 6.15
CA THR GB 61 -82.50 -3.31 5.38
C THR GB 61 -83.68 -3.75 6.24
N TRP GB 62 -84.53 -2.80 6.61
CA TRP GB 62 -85.69 -3.06 7.43
C TRP GB 62 -86.91 -3.25 6.55
N ASP GB 63 -87.65 -4.33 6.79
CA ASP GB 63 -88.92 -4.55 6.11
C ASP GB 63 -90.06 -4.12 7.02
N ARG GB 64 -91.07 -3.51 6.41
CA ARG GB 64 -92.22 -2.98 7.14
C ARG GB 64 -93.47 -3.67 6.63
N PHE GB 65 -94.33 -4.08 7.55
CA PHE GB 65 -95.53 -4.86 7.22
C PHE GB 65 -96.77 -4.09 7.66
N GLN GB 66 -97.74 -3.98 6.76
CA GLN GB 66 -98.92 -3.18 6.96
C GLN GB 66 -100.14 -4.06 6.91
N MET GB 67 -101.15 -3.72 7.71
CA MET GB 67 -102.41 -4.44 7.75
C MET GB 67 -103.52 -3.47 8.09
N ARG GB 68 -104.38 -3.18 7.11
CA ARG GB 68 -105.40 -2.13 7.23
C ARG GB 68 -106.73 -2.79 7.59
N ILE GB 69 -107.14 -2.63 8.85
CA ILE GB 69 -108.41 -3.14 9.34
C ILE GB 69 -109.45 -2.04 9.17
N HIS GB 70 -110.54 -2.38 8.48
CA HIS GB 70 -111.63 -1.45 8.23
C HIS GB 70 -112.89 -2.04 8.85
N LYS GB 71 -113.79 -1.18 9.32
CA LYS GB 71 -115.03 -1.65 9.90
C LYS GB 71 -116.13 -0.61 9.74
N ARG GB 72 -117.37 -1.09 9.62
CA ARG GB 72 -118.52 -0.24 9.39
C ARG GB 72 -119.59 -0.53 10.42
N LEU GB 73 -120.19 0.54 10.95
CA LEU GB 73 -121.27 0.45 11.93
C LEU GB 73 -122.57 0.78 11.23
N ILE GB 74 -123.51 -0.16 11.27
CA ILE GB 74 -124.79 -0.04 10.58
C ILE GB 74 -125.89 -0.21 11.62
N ASP GB 75 -126.88 0.68 11.57
CA ASP GB 75 -127.96 0.67 12.55
C ASP GB 75 -129.26 0.27 11.86
N LEU GB 76 -129.68 -0.98 12.08
CA LEU GB 76 -130.96 -1.48 11.60
C LEU GB 76 -132.03 -1.24 12.66
N HIS GB 77 -133.00 -0.39 12.34
CA HIS GB 77 -134.11 -0.09 13.23
C HIS GB 77 -135.40 -0.26 12.46
N SER GB 78 -136.40 -0.86 13.09
CA SER GB 78 -137.73 -0.96 12.50
C SER GB 78 -138.78 -0.84 13.59
N PRO GB 79 -139.96 -0.28 13.26
CA PRO GB 79 -141.05 -0.23 14.26
C PRO GB 79 -141.49 -1.61 14.72
N SER GB 80 -141.48 -2.60 13.83
CA SER GB 80 -141.76 -3.97 14.21
C SER GB 80 -140.48 -4.63 14.71
N GLU GB 81 -140.50 -5.95 14.86
CA GLU GB 81 -139.32 -6.66 15.30
C GLU GB 81 -138.30 -6.75 14.16
N ILE GB 82 -137.08 -7.12 14.51
CA ILE GB 82 -135.98 -7.18 13.54
C ILE GB 82 -135.38 -8.59 13.49
N VAL GB 83 -135.09 -9.16 14.65
CA VAL GB 83 -134.28 -10.38 14.71
C VAL GB 83 -135.04 -11.58 14.12
N LYS GB 84 -136.35 -11.67 14.36
CA LYS GB 84 -137.13 -12.72 13.71
C LYS GB 84 -137.35 -12.40 12.24
N GLN GB 85 -137.34 -11.12 11.88
CA GLN GB 85 -137.60 -10.71 10.50
C GLN GB 85 -136.43 -11.03 9.59
N ILE GB 86 -135.27 -10.43 9.84
CA ILE GB 86 -134.06 -10.68 9.06
C ILE GB 86 -133.25 -11.76 9.75
N THR GB 87 -132.90 -12.79 9.00
CA THR GB 87 -132.13 -13.91 9.51
C THR GB 87 -131.00 -14.31 8.58
N SER GB 88 -131.10 -14.00 7.29
CA SER GB 88 -130.08 -14.39 6.33
C SER GB 88 -128.78 -13.64 6.60
N ILE GB 89 -127.66 -14.35 6.46
CA ILE GB 89 -126.34 -13.77 6.65
C ILE GB 89 -125.53 -13.79 5.35
N SER GB 90 -125.43 -14.95 4.70
CA SER GB 90 -124.69 -15.15 3.45
C SER GB 90 -123.28 -14.56 3.54
N ILE GB 91 -122.65 -14.81 4.68
CA ILE GB 91 -121.38 -14.18 5.03
C ILE GB 91 -120.26 -14.98 4.40
N GLU GB 92 -119.44 -14.33 3.58
CA GLU GB 92 -118.27 -14.95 3.00
C GLU GB 92 -117.16 -15.06 4.03
N PRO GB 93 -116.24 -16.00 3.85
CA PRO GB 93 -115.06 -16.06 4.72
C PRO GB 93 -114.22 -14.79 4.57
N GLY GB 94 -113.55 -14.41 5.67
CA GLY GB 94 -112.67 -13.26 5.70
C GLY GB 94 -113.30 -12.03 6.34
N VAL GB 95 -114.62 -12.05 6.56
CA VAL GB 95 -115.34 -10.94 7.16
C VAL GB 95 -116.12 -11.46 8.36
N GLU GB 96 -116.09 -10.70 9.46
CA GLU GB 96 -116.74 -11.08 10.70
C GLU GB 96 -117.88 -10.11 11.01
N VAL GB 97 -118.95 -10.64 11.62
CA VAL GB 97 -120.14 -9.86 11.94
C VAL GB 97 -120.49 -10.07 13.41
N GLU GB 98 -120.88 -8.99 14.08
CA GLU GB 98 -121.35 -9.03 15.46
C GLU GB 98 -122.56 -8.12 15.58
N VAL GB 99 -123.71 -8.70 15.91
CA VAL GB 99 -124.96 -7.96 16.04
C VAL GB 99 -125.26 -7.74 17.51
N THR GB 100 -125.61 -6.52 17.86
CA THR GB 100 -125.86 -6.10 19.23
C THR GB 100 -127.30 -5.60 19.35
N ILE GB 101 -127.66 -5.20 20.57
CA ILE GB 101 -128.99 -4.68 20.88
C ILE GB 101 -128.80 -3.32 21.55
N ALA GB 102 -129.83 -2.47 21.49
CA ALA GB 102 -129.74 -1.12 22.05
C ALA GB 102 -129.43 -1.11 23.54
N ASP GB 103 -129.78 -2.17 24.27
CA ASP GB 103 -129.45 -2.22 25.69
C ASP GB 103 -127.96 -2.46 25.90
N ALA GB 104 -127.37 -3.39 25.14
CA ALA GB 104 -125.96 -3.72 25.29
C ALA GB 104 -125.07 -2.60 24.79
N ARG HB 1 -57.93 42.43 26.49
CA ARG HB 1 -58.99 41.42 26.54
C ARG HB 1 -58.54 40.22 27.37
N ASP HB 2 -58.49 40.39 28.69
CA ASP HB 2 -58.15 39.32 29.62
C ASP HB 2 -59.24 39.08 30.65
N LYS HB 3 -59.76 40.14 31.27
CA LYS HB 3 -60.90 40.04 32.17
C LYS HB 3 -61.56 41.42 32.23
N LEU HB 4 -62.68 41.49 32.95
CA LEU HB 4 -63.48 42.71 32.98
C LEU HB 4 -63.69 43.30 34.36
N ASN HB 5 -63.60 42.49 35.42
CA ASN HB 5 -63.68 42.87 36.84
C ASN HB 5 -64.64 44.03 37.11
N ASN HB 6 -65.87 43.89 36.61
CA ASN HB 6 -66.79 45.02 36.56
C ASN HB 6 -67.28 45.41 37.94
N LEU HB 7 -67.69 46.67 38.08
CA LEU HB 7 -68.20 47.17 39.34
C LEU HB 7 -69.66 46.77 39.52
N VAL HB 8 -69.92 45.91 40.50
CA VAL HB 8 -71.28 45.44 40.73
C VAL HB 8 -72.20 46.56 41.21
N LEU HB 9 -71.67 47.55 41.89
CA LEU HB 9 -72.47 48.65 42.41
C LEU HB 9 -71.74 49.96 42.16
N PHE HB 10 -72.52 51.02 41.92
CA PHE HB 10 -71.95 52.32 41.65
C PHE HB 10 -71.20 52.85 42.87
N ASP HB 11 -70.26 53.74 42.62
CA ASP HB 11 -69.61 54.55 43.65
C ASP HB 11 -69.72 56.02 43.26
N LYS HB 12 -68.99 56.88 43.97
CA LYS HB 12 -68.99 58.30 43.64
C LYS HB 12 -68.40 58.54 42.25
N ALA HB 13 -67.34 57.80 41.89
CA ALA HB 13 -66.66 58.04 40.63
C ALA HB 13 -67.47 57.60 39.43
N THR HB 14 -68.54 56.83 39.64
CA THR HB 14 -69.37 56.35 38.55
C THR HB 14 -70.81 56.85 38.58
N TYR HB 15 -71.32 57.26 39.75
CA TYR HB 15 -72.70 57.73 39.83
C TYR HB 15 -72.91 58.98 38.99
N ASP HB 16 -72.06 60.00 39.20
CA ASP HB 16 -72.17 61.22 38.40
C ASP HB 16 -71.80 60.98 36.94
N LYS HB 17 -70.92 60.01 36.68
CA LYS HB 17 -70.59 59.66 35.31
C LYS HB 17 -71.80 59.11 34.57
N LEU HB 18 -72.57 58.26 35.24
CA LEU HB 18 -73.84 57.80 34.69
C LEU HB 18 -74.83 58.96 34.55
N CYS HB 19 -74.85 59.86 35.54
CA CYS HB 19 -75.84 60.93 35.52
C CYS HB 19 -75.65 61.89 34.37
N LYS HB 20 -74.42 62.36 34.13
CA LYS HB 20 -74.23 63.58 33.35
C LYS HB 20 -73.99 63.38 31.85
N GLU HB 21 -73.74 62.17 31.37
CA GLU HB 21 -73.70 62.01 29.91
C GLU HB 21 -74.48 60.82 29.35
N VAL HB 22 -74.94 59.88 30.17
CA VAL HB 22 -75.64 58.70 29.63
C VAL HB 22 -76.94 59.08 28.91
N PRO HB 23 -77.84 59.95 29.47
CA PRO HB 23 -78.97 60.46 28.68
C PRO HB 23 -78.62 61.63 27.77
N ASN HB 24 -77.53 61.48 27.01
CA ASN HB 24 -77.11 62.50 26.06
C ASN HB 24 -76.94 61.99 24.63
N TYR HB 25 -76.69 60.70 24.43
CA TYR HB 25 -76.54 60.14 23.09
C TYR HB 25 -77.77 59.30 22.73
N LYS HB 26 -77.77 58.78 21.51
CA LYS HB 26 -79.01 58.28 20.92
C LYS HB 26 -79.39 56.88 21.43
N LEU HB 27 -78.49 55.91 21.31
CA LEU HB 27 -78.77 54.53 21.69
C LEU HB 27 -78.26 54.28 23.09
N ILE HB 28 -79.19 54.07 24.04
CA ILE HB 28 -78.84 53.70 25.40
C ILE HB 28 -79.43 52.33 25.66
N THR HB 29 -78.57 51.36 25.95
CA THR HB 29 -78.95 50.03 26.38
C THR HB 29 -78.11 49.66 27.59
N PRO HB 30 -78.55 48.70 28.40
CA PRO HB 30 -77.70 48.24 29.51
C PRO HB 30 -76.34 47.72 29.05
N ALA HB 31 -76.25 47.22 27.83
CA ALA HB 31 -74.97 46.71 27.33
C ALA HB 31 -73.95 47.83 27.17
N VAL HB 32 -74.33 48.91 26.49
CA VAL HB 32 -73.38 50.00 26.25
C VAL HB 32 -73.04 50.71 27.55
N VAL HB 33 -74.02 50.88 28.44
CA VAL HB 33 -73.74 51.48 29.75
C VAL HB 33 -72.79 50.60 30.54
N SER HB 34 -72.98 49.28 30.48
CA SER HB 34 -72.08 48.36 31.17
C SER HB 34 -70.67 48.44 30.60
N GLU HB 35 -70.53 48.52 29.28
CA GLU HB 35 -69.21 48.53 28.67
C GLU HB 35 -68.49 49.86 28.76
N ARG HB 36 -69.21 50.98 28.89
CA ARG HB 36 -68.58 52.30 28.96
C ARG HB 36 -68.53 52.87 30.38
N LEU HB 37 -69.22 52.27 31.34
CA LEU HB 37 -69.10 52.67 32.73
C LEU HB 37 -68.37 51.64 33.58
N LYS HB 38 -67.92 50.55 32.98
CA LYS HB 38 -67.14 49.51 33.66
C LYS HB 38 -67.93 48.89 34.81
N ILE HB 39 -69.23 48.77 34.61
CA ILE HB 39 -70.13 48.22 35.62
C ILE HB 39 -70.60 46.84 35.17
N ARG HB 40 -71.33 46.16 36.06
CA ARG HB 40 -71.64 44.75 35.85
C ARG HB 40 -72.55 44.55 34.65
N GLY HB 41 -73.76 45.08 34.71
CA GLY HB 41 -74.73 44.87 33.64
C GLY HB 41 -76.14 44.66 34.16
N SER HB 42 -76.26 44.02 35.32
CA SER HB 42 -77.51 44.11 36.06
C SER HB 42 -77.64 45.48 36.71
N LEU HB 43 -76.51 46.02 37.17
CA LEU HB 43 -76.46 47.39 37.65
C LEU HB 43 -76.90 48.36 36.57
N ALA HB 44 -76.52 48.10 35.32
CA ALA HB 44 -76.94 48.95 34.21
C ALA HB 44 -78.46 48.93 34.05
N ARG HB 45 -79.07 47.74 34.13
CA ARG HB 45 -80.52 47.65 34.01
C ARG HB 45 -81.21 48.39 35.15
N ALA HB 46 -80.72 48.22 36.38
CA ALA HB 46 -81.33 48.91 37.52
C ALA HB 46 -81.17 50.42 37.39
N ALA HB 47 -79.99 50.88 36.97
CA ALA HB 47 -79.75 52.30 36.81
C ALA HB 47 -80.65 52.89 35.73
N LEU HB 48 -80.76 52.21 34.59
CA LEU HB 48 -81.61 52.73 33.52
C LEU HB 48 -83.08 52.73 33.91
N GLN HB 49 -83.55 51.71 34.62
CA GLN HB 49 -84.96 51.72 34.99
C GLN HB 49 -85.25 52.77 36.07
N GLU HB 50 -84.31 53.02 36.98
CA GLU HB 50 -84.56 54.11 37.93
C GLU HB 50 -84.42 55.47 37.27
N LEU HB 51 -83.58 55.59 36.23
CA LEU HB 51 -83.56 56.81 35.44
C LEU HB 51 -84.90 57.04 34.75
N LEU HB 52 -85.48 55.99 34.20
CA LEU HB 52 -86.82 56.12 33.61
C LEU HB 52 -87.84 56.49 34.67
N SER HB 53 -87.68 55.95 35.88
CA SER HB 53 -88.55 56.35 36.98
C SER HB 53 -88.39 57.84 37.28
N LYS HB 54 -87.16 58.36 37.20
CA LYS HB 54 -86.94 59.79 37.37
C LYS HB 54 -87.58 60.58 36.23
N GLY HB 55 -87.55 60.05 35.02
CA GLY HB 55 -88.20 60.67 33.89
C GLY HB 55 -87.32 61.44 32.94
N LEU HB 56 -86.00 61.39 33.11
CA LEU HB 56 -85.08 62.09 32.23
C LEU HB 56 -84.72 61.28 30.98
N ILE HB 57 -85.26 60.07 30.84
CA ILE HB 57 -85.07 59.25 29.66
C ILE HB 57 -86.42 58.73 29.21
N LYS HB 58 -86.46 58.27 27.96
CA LYS HB 58 -87.69 57.77 27.33
C LYS HB 58 -87.46 56.33 26.90
N LEU HB 59 -88.53 55.52 26.97
CA LEU HB 59 -88.47 54.12 26.60
C LEU HB 59 -89.14 53.90 25.25
N VAL HB 60 -88.62 52.95 24.47
CA VAL HB 60 -89.15 52.65 23.15
C VAL HB 60 -89.58 51.19 23.01
N SER HB 61 -88.73 50.23 23.40
CA SER HB 61 -89.00 48.82 23.09
C SER HB 61 -89.57 48.06 24.29
N LYS HB 62 -88.84 48.01 25.40
CA LYS HB 62 -89.24 47.28 26.61
C LYS HB 62 -89.53 45.81 26.31
N HIS HB 63 -88.46 45.08 25.97
CA HIS HB 63 -88.55 43.67 25.69
C HIS HB 63 -87.81 42.87 26.75
N ARG HB 64 -88.19 41.60 26.89
CA ARG HB 64 -87.62 40.75 27.94
C ARG HB 64 -86.14 40.49 27.76
N ALA HB 65 -85.63 40.55 26.53
CA ALA HB 65 -84.22 40.27 26.27
C ALA HB 65 -83.50 41.41 25.57
N GLN HB 66 -84.19 42.47 25.15
CA GLN HB 66 -83.52 43.61 24.54
C GLN HB 66 -84.37 44.85 24.76
N VAL HB 67 -84.02 45.63 25.78
CA VAL HB 67 -84.69 46.90 26.07
C VAL HB 67 -83.85 48.02 25.47
N ILE HB 68 -84.51 49.04 24.94
CA ILE HB 68 -83.87 50.15 24.26
C ILE HB 68 -84.43 51.44 24.84
N TYR HB 69 -83.56 52.43 25.04
CA TYR HB 69 -83.93 53.73 25.59
C TYR HB 69 -83.45 54.82 24.65
N THR HB 70 -83.98 56.02 24.85
CA THR HB 70 -83.60 57.17 24.03
C THR HB 70 -83.77 58.44 24.86
N ARG HB 71 -83.03 59.47 24.48
CA ARG HB 71 -83.08 60.74 25.18
C ARG HB 71 -84.28 61.56 24.69
N ASN HB 72 -84.73 62.48 25.54
CA ASN HB 72 -85.89 63.29 25.22
C ASN HB 72 -85.55 64.30 24.13
N THR HB 73 -86.57 64.71 23.38
CA THR HB 73 -86.37 65.59 22.26
C THR HB 73 -85.97 66.99 22.71
N LYS HB 74 -85.00 67.57 22.01
CA LYS HB 74 -84.60 68.95 22.22
C LYS HB 74 -85.15 69.79 21.08
N GLY HB 75 -86.01 70.74 21.42
CA GLY HB 75 -86.68 71.56 20.42
C GLY HB 75 -88.16 71.30 20.36
N ARG IB 1 -54.59 57.00 -12.92
CA ARG IB 1 -54.08 55.94 -13.78
C ARG IB 1 -55.06 54.78 -13.85
N VAL IB 2 -55.72 54.50 -12.72
CA VAL IB 2 -56.54 53.31 -12.61
C VAL IB 2 -57.77 53.43 -13.50
N GLN IB 3 -58.19 52.29 -14.05
CA GLN IB 3 -59.37 52.20 -14.89
C GLN IB 3 -60.63 52.31 -14.02
N PRO IB 4 -61.59 53.16 -14.39
CA PRO IB 4 -62.79 53.30 -13.57
C PRO IB 4 -63.68 52.07 -13.66
N ILE IB 5 -64.47 51.87 -12.61
CA ILE IB 5 -65.45 50.79 -12.60
C ILE IB 5 -66.50 51.08 -13.65
N LYS IB 6 -66.89 50.05 -14.40
CA LYS IB 6 -67.82 50.20 -15.51
C LYS IB 6 -68.73 48.98 -15.57
N LEU IB 7 -69.93 49.17 -16.10
CA LEU IB 7 -70.97 48.16 -16.09
C LEU IB 7 -71.09 47.51 -17.46
N ALA IB 8 -71.71 46.33 -17.49
CA ALA IB 8 -71.95 45.59 -18.71
C ALA IB 8 -73.13 44.66 -18.52
N ARG IB 9 -73.90 44.47 -19.60
CA ARG IB 9 -75.07 43.61 -19.60
C ARG IB 9 -74.80 42.36 -20.42
N VAL IB 10 -75.22 41.21 -19.90
CA VAL IB 10 -75.03 39.94 -20.60
C VAL IB 10 -75.89 39.93 -21.86
N THR IB 11 -75.36 39.30 -22.91
CA THR IB 11 -76.09 39.13 -24.17
C THR IB 11 -76.50 37.69 -24.44
N LYS IB 12 -75.63 36.73 -24.15
CA LYS IB 12 -75.98 35.32 -24.29
C LYS IB 12 -75.04 34.50 -23.42
N VAL IB 13 -75.49 33.32 -23.04
CA VAL IB 13 -74.73 32.41 -22.20
C VAL IB 13 -74.14 31.31 -23.08
N LEU IB 14 -72.86 31.03 -22.90
CA LEU IB 14 -72.16 30.08 -23.75
C LEU IB 14 -72.21 28.66 -23.19
N GLY IB 15 -71.78 28.47 -21.95
CA GLY IB 15 -71.80 27.16 -21.34
C GLY IB 15 -70.95 27.13 -20.10
N ARG IB 16 -71.24 26.15 -19.25
CA ARG IB 16 -70.49 25.99 -18.01
C ARG IB 16 -69.05 25.58 -18.30
N THR IB 17 -68.13 26.12 -17.49
CA THR IB 17 -66.71 25.87 -17.65
C THR IB 17 -66.08 25.83 -16.26
N GLY IB 18 -64.79 25.51 -16.22
CA GLY IB 18 -64.07 25.43 -14.95
C GLY IB 18 -64.00 24.06 -14.33
N SER IB 19 -64.44 23.02 -15.04
CA SER IB 19 -64.38 21.60 -14.67
C SER IB 19 -65.08 21.28 -13.35
N GLN IB 20 -65.82 22.22 -12.76
CA GLN IB 20 -66.67 21.95 -11.62
C GLN IB 20 -68.02 22.65 -11.72
N GLY IB 21 -68.25 23.44 -12.76
CA GLY IB 21 -69.52 24.09 -12.95
C GLY IB 21 -69.72 25.36 -12.15
N GLN IB 22 -68.73 25.80 -11.38
CA GLN IB 22 -68.92 27.04 -10.64
C GLN IB 22 -68.80 28.24 -11.55
N CYS IB 23 -68.20 28.07 -12.73
CA CYS IB 23 -67.96 29.17 -13.65
C CYS IB 23 -68.90 29.06 -14.84
N THR IB 24 -69.59 30.15 -15.13
CA THR IB 24 -70.43 30.27 -16.32
C THR IB 24 -69.82 31.31 -17.24
N GLN IB 25 -69.52 30.92 -18.46
CA GLN IB 25 -68.91 31.82 -19.43
C GLN IB 25 -70.01 32.54 -20.21
N VAL IB 26 -70.11 33.85 -20.02
CA VAL IB 26 -71.20 34.62 -20.61
C VAL IB 26 -70.62 35.79 -21.41
N ARG IB 27 -71.26 36.07 -22.54
CA ARG IB 27 -70.92 37.22 -23.37
C ARG IB 27 -71.51 38.48 -22.73
N VAL IB 28 -70.76 39.56 -22.74
CA VAL IB 28 -71.22 40.81 -22.16
C VAL IB 28 -71.02 41.92 -23.18
N GLU IB 29 -71.93 42.90 -23.15
CA GLU IB 29 -71.84 44.10 -23.98
C GLU IB 29 -71.63 45.32 -23.09
N PHE IB 30 -70.88 46.28 -23.60
CA PHE IB 30 -70.45 47.42 -22.80
C PHE IB 30 -71.56 48.47 -22.74
N MET IB 31 -71.69 49.11 -21.58
CA MET IB 31 -72.77 50.06 -21.36
C MET IB 31 -72.65 51.27 -22.28
N ASP IB 32 -71.57 52.05 -22.14
CA ASP IB 32 -71.45 53.30 -22.89
C ASP IB 32 -71.43 53.08 -24.38
N ASP IB 33 -70.71 52.06 -24.84
CA ASP IB 33 -70.67 51.68 -26.26
C ASP IB 33 -71.40 50.35 -26.35
N THR IB 34 -72.70 50.41 -26.66
CA THR IB 34 -73.51 49.20 -26.73
C THR IB 34 -73.06 48.28 -27.86
N SER IB 35 -72.43 48.84 -28.89
CA SER IB 35 -71.94 48.04 -30.01
C SER IB 35 -70.83 47.07 -29.62
N ARG IB 36 -70.08 47.38 -28.56
CA ARG IB 36 -68.99 46.51 -28.12
C ARG IB 36 -69.57 45.29 -27.41
N SER IB 37 -69.04 44.12 -27.75
CA SER IB 37 -69.45 42.87 -27.13
C SER IB 37 -68.22 41.97 -26.99
N ILE IB 38 -67.84 41.69 -25.75
CA ILE IB 38 -66.67 40.87 -25.45
C ILE IB 38 -67.11 39.74 -24.53
N ILE IB 39 -66.37 38.64 -24.58
CA ILE IB 39 -66.69 37.43 -23.85
C ILE IB 39 -65.88 37.40 -22.55
N ARG IB 40 -66.57 37.15 -21.44
CA ARG IB 40 -65.93 37.06 -20.14
C ARG IB 40 -66.36 35.78 -19.44
N ASN IB 41 -65.66 35.44 -18.37
CA ASN IB 41 -65.97 34.26 -17.58
C ASN IB 41 -66.35 34.68 -16.17
N VAL IB 42 -67.58 34.34 -15.76
CA VAL IB 42 -68.13 34.79 -14.49
C VAL IB 42 -68.50 33.57 -13.66
N LYS IB 43 -69.05 33.82 -12.47
CA LYS IB 43 -69.42 32.78 -11.54
C LYS IB 43 -70.74 33.13 -10.86
N GLY IB 44 -71.38 32.10 -10.31
CA GLY IB 44 -72.66 32.27 -9.65
C GLY IB 44 -73.82 32.10 -10.62
N PRO IB 45 -75.05 32.18 -10.11
CA PRO IB 45 -76.22 32.03 -10.98
C PRO IB 45 -76.39 33.28 -11.83
N VAL IB 46 -76.29 33.11 -13.15
CA VAL IB 46 -76.37 34.21 -14.10
C VAL IB 46 -77.49 33.90 -15.09
N ARG IB 47 -78.31 34.89 -15.37
CA ARG IB 47 -79.36 34.78 -16.38
C ARG IB 47 -79.22 35.90 -17.39
N GLU IB 48 -80.06 35.84 -18.42
CA GLU IB 48 -80.06 36.88 -19.45
C GLU IB 48 -80.57 38.19 -18.89
N GLY IB 49 -80.09 39.29 -19.47
CA GLY IB 49 -80.58 40.61 -19.15
C GLY IB 49 -80.01 41.23 -17.89
N ASP IB 50 -79.25 40.49 -17.10
CA ASP IB 50 -78.72 41.08 -15.88
C ASP IB 50 -77.38 41.77 -16.14
N VAL IB 51 -77.08 42.76 -15.33
CA VAL IB 51 -75.85 43.51 -15.45
C VAL IB 51 -74.91 43.13 -14.32
N LEU IB 52 -73.62 43.38 -14.54
CA LEU IB 52 -72.61 43.10 -13.53
C LEU IB 52 -71.44 44.04 -13.76
N THR IB 53 -70.73 44.34 -12.67
CA THR IB 53 -69.60 45.25 -12.73
C THR IB 53 -68.35 44.54 -13.25
N LEU IB 54 -67.53 45.29 -13.96
CA LEU IB 54 -66.25 44.80 -14.46
C LEU IB 54 -65.18 45.79 -14.02
N LEU IB 55 -64.35 45.37 -13.05
CA LEU IB 55 -63.31 46.26 -12.52
C LEU IB 55 -62.28 46.57 -13.60
N GLU IB 56 -61.93 45.58 -14.42
CA GLU IB 56 -61.01 45.75 -15.54
C GLU IB 56 -61.69 45.25 -16.81
N SER IB 57 -61.31 45.83 -17.95
CA SER IB 57 -62.05 45.62 -19.18
C SER IB 57 -61.84 44.21 -19.74
N GLU IB 58 -60.61 43.87 -20.12
CA GLU IB 58 -60.33 42.62 -20.82
C GLU IB 58 -59.34 41.77 -20.03
N ARG IB 59 -59.72 40.54 -19.75
CA ARG IB 59 -58.85 39.60 -19.05
C ARG IB 59 -58.54 38.36 -19.87
N GLU IB 60 -59.57 37.66 -20.36
CA GLU IB 60 -59.35 36.36 -20.98
C GLU IB 60 -60.55 36.02 -21.86
N ALA IB 61 -60.28 35.38 -23.00
CA ALA IB 61 -61.30 35.07 -23.98
C ALA IB 61 -60.93 33.78 -24.69
N ARG IB 62 -61.47 32.65 -24.21
CA ARG IB 62 -61.27 31.36 -24.88
C ARG IB 62 -62.60 30.65 -24.96
N ARG IB 63 -63.03 30.34 -26.17
CA ARG IB 63 -64.31 29.71 -26.41
C ARG IB 63 -64.26 28.23 -26.05
N LEU IB 64 -65.41 27.69 -25.68
CA LEU IB 64 -65.53 26.28 -25.33
C LEU IB 64 -65.39 25.39 -26.56
N GLY JB 1 -82.98 -33.29 41.01
CA GLY JB 1 -83.51 -34.35 41.85
C GLY JB 1 -85.02 -34.39 41.90
N HIS JB 2 -85.57 -34.28 43.10
CA HIS JB 2 -87.02 -34.34 43.27
C HIS JB 2 -87.64 -33.01 42.84
N GLN JB 3 -88.96 -32.90 42.98
CA GLN JB 3 -89.69 -31.73 42.50
C GLN JB 3 -89.32 -30.46 43.25
N GLN JB 4 -88.68 -30.57 44.41
CA GLN JB 4 -88.34 -29.40 45.20
C GLN JB 4 -87.18 -28.59 44.62
N LEU JB 5 -86.49 -29.10 43.61
CA LEU JB 5 -85.40 -28.35 42.99
C LEU JB 5 -85.38 -28.37 41.47
N TYR JB 6 -86.24 -29.14 40.80
CA TYR JB 6 -86.13 -29.25 39.35
C TYR JB 6 -86.67 -27.99 38.66
N TRP JB 7 -87.72 -27.39 39.21
CA TRP JB 7 -88.36 -26.27 38.51
C TRP JB 7 -88.68 -25.15 39.48
N SER JB 8 -88.04 -25.14 40.65
CA SER JB 8 -88.29 -24.13 41.67
C SER JB 8 -87.81 -22.75 41.27
N HIS JB 9 -86.82 -22.66 40.41
CA HIS JB 9 -86.30 -21.37 39.97
C HIS JB 9 -87.35 -20.66 39.13
N PRO JB 10 -87.72 -19.42 39.47
CA PRO JB 10 -88.86 -18.77 38.80
C PRO JB 10 -88.62 -18.49 37.33
N ARG JB 11 -89.69 -18.63 36.55
CA ARG JB 11 -89.78 -18.12 35.18
C ARG JB 11 -91.12 -17.42 34.99
N LYS JB 12 -91.58 -16.75 36.04
CA LYS JB 12 -92.82 -15.98 35.96
C LYS JB 12 -92.67 -14.72 35.12
N PHE JB 13 -91.43 -14.28 34.90
CA PHE JB 13 -91.17 -13.03 34.19
C PHE JB 13 -89.81 -13.14 33.52
N GLY JB 14 -89.30 -11.99 33.07
CA GLY JB 14 -88.07 -11.97 32.32
C GLY JB 14 -88.25 -12.51 30.92
N GLN JB 15 -87.13 -12.65 30.21
CA GLN JB 15 -87.17 -13.23 28.88
C GLN JB 15 -87.50 -14.73 28.95
N GLY JB 16 -87.03 -15.42 29.99
CA GLY JB 16 -87.22 -16.84 30.10
C GLY JB 16 -88.66 -17.26 30.29
N SER JB 17 -89.54 -16.31 30.61
CA SER JB 17 -90.97 -16.58 30.66
C SER JB 17 -91.60 -16.68 29.28
N ARG JB 18 -90.98 -16.10 28.26
CA ARG JB 18 -91.55 -16.01 26.93
C ARG JB 18 -90.68 -16.78 25.94
N SER JB 19 -91.32 -17.64 25.15
CA SER JB 19 -90.65 -18.41 24.12
C SER JB 19 -91.42 -18.29 22.82
N CYS JB 20 -90.74 -18.59 21.72
CA CYS JB 20 -91.39 -18.60 20.42
C CYS JB 20 -92.50 -19.63 20.39
N ARG JB 21 -93.63 -19.24 19.80
CA ARG JB 21 -94.75 -20.15 19.62
C ARG JB 21 -94.61 -21.02 18.38
N VAL JB 22 -93.53 -20.84 17.62
CA VAL JB 22 -93.25 -21.63 16.42
C VAL JB 22 -92.11 -22.59 16.71
N CYS JB 23 -90.93 -22.04 16.99
CA CYS JB 23 -89.70 -22.82 17.07
C CYS JB 23 -89.04 -22.75 18.45
N SER JB 24 -89.72 -22.16 19.43
CA SER JB 24 -89.26 -22.09 20.82
C SER JB 24 -87.94 -21.35 20.98
N ASN JB 25 -87.61 -20.47 20.04
CA ASN JB 25 -86.43 -19.63 20.18
C ASN JB 25 -86.59 -18.68 21.35
N ARG JB 26 -85.46 -18.30 21.94
CA ARG JB 26 -85.44 -17.41 23.09
C ARG JB 26 -84.86 -16.03 22.75
N HIS JB 27 -84.89 -15.62 21.49
CA HIS JB 27 -84.39 -14.32 21.08
C HIS JB 27 -85.20 -13.80 19.91
N GLY JB 28 -85.26 -12.48 19.79
CA GLY JB 28 -86.01 -11.87 18.70
C GLY JB 28 -87.51 -12.02 18.85
N LEU JB 29 -88.00 -12.25 20.06
CA LEU JB 29 -89.42 -12.43 20.27
C LEU JB 29 -90.15 -11.09 20.13
N ILE JB 30 -91.08 -11.04 19.17
CA ILE JB 30 -91.94 -9.90 18.97
C ILE JB 30 -93.23 -10.16 19.74
N ARG JB 31 -93.58 -9.23 20.63
CA ARG JB 31 -94.70 -9.44 21.55
C ARG JB 31 -95.87 -8.50 21.30
N LYS JB 32 -95.81 -7.68 20.24
CA LYS JB 32 -96.94 -6.83 19.90
C LYS JB 32 -98.13 -7.70 19.49
N TYR JB 33 -99.33 -7.29 19.93
CA TYR JB 33 -100.58 -7.98 19.66
C TYR JB 33 -100.54 -9.46 20.02
N GLY JB 34 -99.71 -9.83 21.00
CA GLY JB 34 -99.61 -11.22 21.43
C GLY JB 34 -99.08 -12.15 20.37
N LEU JB 35 -98.14 -11.70 19.54
CA LEU JB 35 -97.54 -12.59 18.55
C LEU JB 35 -96.74 -13.69 19.23
N ASN JB 36 -95.85 -13.31 20.14
CA ASN JB 36 -95.07 -14.23 20.97
C ASN JB 36 -94.39 -15.30 20.12
N MET JB 37 -93.74 -14.84 19.05
CA MET JB 37 -93.14 -15.75 18.09
C MET JB 37 -91.92 -15.06 17.49
N CYS JB 38 -91.03 -15.88 16.93
CA CYS JB 38 -89.71 -15.42 16.53
C CYS JB 38 -89.81 -14.43 15.38
N ARG JB 39 -88.79 -13.56 15.30
CA ARG JB 39 -88.71 -12.61 14.20
C ARG JB 39 -88.55 -13.32 12.87
N GLN JB 40 -87.67 -14.33 12.81
CA GLN JB 40 -87.45 -15.07 11.58
C GLN JB 40 -88.66 -15.94 11.23
N CYS JB 41 -89.29 -16.54 12.23
CA CYS JB 41 -90.55 -17.25 11.98
C CYS JB 41 -91.62 -16.30 11.49
N PHE JB 42 -91.61 -15.05 11.97
CA PHE JB 42 -92.53 -14.06 11.44
C PHE JB 42 -92.24 -13.77 9.98
N ARG JB 43 -90.97 -13.65 9.62
CA ARG JB 43 -90.63 -13.48 8.21
C ARG JB 43 -91.05 -14.68 7.39
N GLN JB 44 -91.07 -15.87 8.01
CA GLN JB 44 -91.48 -17.08 7.31
C GLN JB 44 -92.98 -17.11 7.06
N TYR JB 45 -93.78 -16.74 8.07
CA TYR JB 45 -95.22 -16.96 8.03
C TYR JB 45 -96.05 -15.70 7.81
N ALA JB 46 -95.41 -14.54 7.62
CA ALA JB 46 -96.15 -13.27 7.61
C ALA JB 46 -97.22 -13.21 6.52
N LYS JB 47 -96.98 -13.86 5.38
CA LYS JB 47 -98.01 -13.88 4.35
C LYS JB 47 -99.24 -14.65 4.82
N ASP JB 48 -99.03 -15.76 5.53
CA ASP JB 48 -100.16 -16.56 5.99
C ASP JB 48 -100.88 -15.91 7.16
N ILE JB 49 -100.16 -15.15 8.00
CA ILE JB 49 -100.86 -14.25 8.92
C ILE JB 49 -101.70 -13.24 8.14
N GLY JB 50 -101.14 -12.71 7.05
CA GLY JB 50 -101.81 -11.71 6.26
C GLY JB 50 -101.13 -10.36 6.26
N PHE JB 51 -99.98 -10.22 6.89
CA PHE JB 51 -99.24 -8.96 6.89
C PHE JB 51 -98.50 -8.82 5.57
N ILE JB 52 -99.06 -8.04 4.65
CA ILE JB 52 -98.51 -7.89 3.31
C ILE JB 52 -97.78 -6.56 3.22
N LYS JB 53 -97.03 -6.41 2.14
CA LYS JB 53 -96.16 -5.26 1.96
C LYS JB 53 -96.91 -4.17 1.20
N LEU JB 54 -97.00 -2.99 1.80
CA LEU JB 54 -97.59 -1.82 1.16
C LEU JB 54 -96.56 -0.79 0.74
N ASP JB 55 -95.57 -0.53 1.59
CA ASP JB 55 -94.46 0.35 1.24
C ASP JB 55 -93.18 -0.18 1.86
N TYR KB 1 -61.52 -32.44 31.92
CA TYR KB 1 -62.30 -32.80 33.11
C TYR KB 1 -61.45 -32.68 34.36
N THR KB 2 -60.85 -33.80 34.75
CA THR KB 2 -60.02 -33.92 35.95
C THR KB 2 -60.77 -33.39 37.18
N THR KB 3 -61.86 -34.09 37.47
CA THR KB 3 -62.77 -33.65 38.53
C THR KB 3 -62.07 -33.78 39.87
N PRO KB 4 -62.04 -32.72 40.69
CA PRO KB 4 -61.34 -32.81 41.99
C PRO KB 4 -61.88 -33.88 42.91
N LYS KB 5 -63.19 -34.11 42.90
CA LYS KB 5 -63.76 -35.23 43.62
C LYS KB 5 -63.73 -36.48 42.75
N LYS KB 6 -63.87 -37.63 43.38
CA LYS KB 6 -63.92 -38.88 42.65
C LYS KB 6 -65.37 -39.27 42.39
N ASN KB 7 -65.57 -40.17 41.41
CA ASN KB 7 -66.89 -40.55 40.95
C ASN KB 7 -67.80 -40.92 42.10
N LYS KB 8 -68.85 -40.12 42.27
CA LYS KB 8 -69.74 -40.25 43.43
C LYS KB 8 -70.49 -41.56 43.36
N HIS KB 9 -70.24 -42.43 44.34
CA HIS KB 9 -70.94 -43.70 44.39
C HIS KB 9 -72.43 -43.47 44.65
N LYS KB 10 -73.26 -44.21 43.93
CA LYS KB 10 -74.69 -44.10 44.12
C LYS KB 10 -75.12 -44.98 45.28
N ARG KB 11 -76.30 -44.67 45.83
CA ARG KB 11 -76.85 -45.47 46.90
C ARG KB 11 -77.22 -46.85 46.39
N LYS KB 12 -76.97 -47.86 47.22
CA LYS KB 12 -77.36 -49.23 46.92
C LYS KB 12 -78.28 -49.71 48.02
N LYS KB 13 -79.37 -50.36 47.64
CA LYS KB 13 -80.30 -50.90 48.62
C LYS KB 13 -79.62 -52.02 49.40
N VAL KB 14 -80.09 -52.23 50.63
CA VAL KB 14 -79.52 -53.25 51.50
C VAL KB 14 -79.80 -54.66 51.00
N LYS KB 15 -80.66 -54.81 49.98
CA LYS KB 15 -81.10 -56.10 49.46
C LYS KB 15 -81.76 -56.93 50.55
N LEU KB 16 -82.86 -56.39 51.04
CA LEU KB 16 -83.59 -56.98 52.16
C LEU KB 16 -84.28 -58.28 51.76
N ALA KB 17 -84.25 -59.25 52.66
CA ALA KB 17 -84.97 -60.51 52.48
C ALA KB 17 -86.44 -60.34 52.83
N VAL KB 18 -87.14 -61.47 53.03
CA VAL KB 18 -88.54 -61.45 53.43
C VAL KB 18 -88.73 -60.56 54.66
N LEU KB 19 -89.88 -59.89 54.73
CA LEU KB 19 -90.10 -58.88 55.75
C LEU KB 19 -90.21 -59.50 57.14
N LYS KB 20 -91.23 -60.34 57.35
CA LYS KB 20 -91.43 -61.22 58.52
C LYS KB 20 -91.20 -60.53 59.88
N TYR KB 21 -91.38 -59.22 59.98
CA TYR KB 21 -91.16 -58.56 61.28
C TYR KB 21 -92.45 -58.41 62.08
N TYR KB 22 -93.20 -59.50 62.20
CA TYR KB 22 -94.37 -59.55 63.07
C TYR KB 22 -94.70 -61.01 63.33
N LYS KB 23 -95.18 -61.29 64.54
CA LYS KB 23 -95.21 -62.64 65.07
C LYS KB 23 -96.58 -62.95 65.66
N VAL KB 24 -96.93 -64.23 65.68
CA VAL KB 24 -98.02 -64.75 66.49
C VAL KB 24 -97.45 -65.86 67.35
N ASP KB 25 -98.19 -66.23 68.39
CA ASP KB 25 -97.74 -67.25 69.33
C ASP KB 25 -98.91 -68.12 69.76
N GLU KB 26 -98.57 -69.23 70.44
CA GLU KB 26 -99.48 -70.28 70.92
C GLU KB 26 -100.60 -70.62 69.94
N ASN KB 27 -100.21 -71.13 68.76
CA ASN KB 27 -101.12 -71.55 67.70
C ASN KB 27 -102.04 -70.42 67.25
N GLY KB 28 -101.47 -69.23 67.05
CA GLY KB 28 -102.18 -68.13 66.46
C GLY KB 28 -102.67 -67.10 67.45
N LYS KB 29 -101.92 -66.01 67.59
CA LYS KB 29 -102.34 -64.86 68.38
C LYS KB 29 -101.45 -63.68 67.99
N ILE KB 30 -102.03 -62.71 67.28
CA ILE KB 30 -101.22 -61.66 66.66
C ILE KB 30 -100.56 -60.80 67.73
N SER KB 31 -99.24 -60.68 67.64
CA SER KB 31 -98.45 -59.80 68.51
C SER KB 31 -97.80 -58.76 67.61
N ARG KB 32 -98.05 -57.49 67.90
CA ARG KB 32 -97.63 -56.40 67.04
C ARG KB 32 -96.30 -55.85 67.54
N LEU KB 33 -95.23 -56.15 66.82
CA LEU KB 33 -93.90 -55.67 67.17
C LEU KB 33 -93.56 -54.34 66.53
N ARG KB 34 -94.45 -53.79 65.70
CA ARG KB 34 -94.22 -52.55 64.99
C ARG KB 34 -95.35 -51.57 65.28
N ARG KB 35 -95.05 -50.28 65.18
CA ARG KB 35 -96.07 -49.26 65.31
C ARG KB 35 -96.97 -49.27 64.09
N GLU KB 36 -98.22 -48.85 64.28
CA GLU KB 36 -99.17 -48.66 63.19
C GLU KB 36 -99.31 -47.18 62.88
N CYS KB 37 -99.40 -46.86 61.60
CA CYS KB 37 -99.64 -45.47 61.19
C CYS KB 37 -101.15 -45.24 61.20
N PRO KB 38 -101.64 -44.43 62.14
CA PRO KB 38 -103.09 -44.30 62.34
C PRO KB 38 -103.77 -43.30 61.42
N SER KB 39 -103.01 -42.60 60.58
CA SER KB 39 -103.60 -41.63 59.67
C SER KB 39 -104.46 -42.33 58.62
N ASP KB 40 -105.41 -41.59 58.07
CA ASP KB 40 -106.27 -42.14 57.03
C ASP KB 40 -105.48 -42.42 55.76
N GLU KB 41 -104.47 -41.59 55.47
CA GLU KB 41 -103.67 -41.81 54.27
C GLU KB 41 -102.80 -43.07 54.38
N CYS KB 42 -102.29 -43.36 55.58
CA CYS KB 42 -101.53 -44.59 55.77
C CYS KB 42 -102.46 -45.79 55.80
N GLY KB 43 -103.56 -45.70 56.55
CA GLY KB 43 -104.44 -46.81 56.76
C GLY KB 43 -103.92 -47.75 57.82
N ALA KB 44 -104.75 -48.74 58.16
CA ALA KB 44 -104.35 -49.77 59.10
C ALA KB 44 -103.45 -50.82 58.48
N GLY KB 45 -103.29 -50.80 57.16
CA GLY KB 45 -102.53 -51.84 56.47
C GLY KB 45 -101.03 -51.70 56.59
N VAL KB 46 -100.51 -50.51 56.31
CA VAL KB 46 -99.07 -50.28 56.33
C VAL KB 46 -98.58 -50.28 57.76
N PHE KB 47 -97.28 -50.53 57.93
CA PHE KB 47 -96.65 -50.59 59.25
C PHE KB 47 -95.67 -49.44 59.39
N MET KB 48 -95.72 -48.74 60.51
CA MET KB 48 -94.74 -47.70 60.78
C MET KB 48 -93.36 -48.32 60.99
N ALA KB 49 -92.33 -47.57 60.61
CA ALA KB 49 -90.96 -48.01 60.82
C ALA KB 49 -90.62 -48.05 62.31
N SER KB 50 -89.46 -48.62 62.61
CA SER KB 50 -89.02 -48.81 63.99
C SER KB 50 -87.65 -48.20 64.19
N HIS KB 51 -87.51 -46.93 63.78
CA HIS KB 51 -86.33 -46.16 64.13
C HIS KB 51 -86.22 -46.03 65.64
N PHE KB 52 -84.99 -45.78 66.11
CA PHE KB 52 -84.71 -45.89 67.54
C PHE KB 52 -85.45 -44.84 68.37
N ASP KB 53 -85.47 -43.59 67.92
CA ASP KB 53 -86.10 -42.53 68.69
C ASP KB 53 -87.29 -41.90 67.99
N ARG KB 54 -87.76 -42.47 66.88
CA ARG KB 54 -88.98 -42.01 66.24
C ARG KB 54 -89.59 -43.19 65.48
N HIS KB 55 -90.78 -42.97 64.92
CA HIS KB 55 -91.44 -43.98 64.12
C HIS KB 55 -92.02 -43.30 62.88
N TYR KB 56 -91.56 -43.72 61.71
CA TYR KB 56 -91.84 -43.04 60.45
C TYR KB 56 -92.77 -43.87 59.60
N CYS KB 57 -93.87 -43.25 59.16
CA CYS KB 57 -94.85 -43.90 58.31
C CYS KB 57 -94.36 -43.77 56.87
N GLY KB 58 -94.13 -44.92 56.23
CA GLY KB 58 -93.64 -44.90 54.85
C GLY KB 58 -94.59 -44.22 53.88
N LYS KB 59 -95.85 -44.07 54.26
CA LYS KB 59 -96.86 -43.35 53.49
C LYS KB 59 -97.14 -41.97 54.06
N CYS KB 60 -97.25 -41.85 55.39
CA CYS KB 60 -97.87 -40.68 55.98
C CYS KB 60 -96.87 -39.67 56.51
N CYS KB 61 -95.59 -40.06 56.62
CA CYS KB 61 -94.47 -39.17 56.99
C CYS KB 61 -94.67 -38.50 58.35
N LEU KB 62 -95.62 -38.99 59.15
CA LEU KB 62 -95.74 -38.55 60.52
C LEU KB 62 -94.66 -39.21 61.36
N THR KB 63 -93.97 -38.39 62.14
CA THR KB 63 -92.79 -38.82 62.89
C THR KB 63 -93.10 -38.72 64.37
N TYR KB 64 -93.35 -39.87 65.00
CA TYR KB 64 -93.73 -39.93 66.40
C TYR KB 64 -92.49 -40.27 67.23
N CYS KB 65 -91.91 -39.25 67.84
CA CYS KB 65 -90.71 -39.40 68.65
C CYS KB 65 -91.07 -39.42 70.12
N PHE KB 66 -90.64 -40.46 70.83
CA PHE KB 66 -90.91 -40.63 72.25
C PHE KB 66 -89.66 -40.29 73.03
N ASN KB 67 -89.82 -39.54 74.12
CA ASN KB 67 -88.69 -39.09 74.92
C ASN KB 67 -88.27 -40.14 75.93
N THR LB 1 -127.55 45.73 -46.74
CA THR LB 1 -127.18 46.83 -45.86
C THR LB 1 -126.91 46.34 -44.44
N GLU LB 2 -127.28 45.09 -44.18
CA GLU LB 2 -127.10 44.48 -42.88
C GLU LB 2 -125.97 43.45 -42.94
N GLN LB 3 -125.10 43.49 -41.94
CA GLN LB 3 -124.01 42.53 -41.83
C GLN LB 3 -123.78 42.21 -40.36
N MET LB 4 -123.27 41.01 -40.11
CA MET LB 4 -123.04 40.51 -38.76
C MET LB 4 -121.59 40.80 -38.40
N THR LB 5 -121.40 41.77 -37.51
CA THR LB 5 -120.06 42.21 -37.13
C THR LB 5 -119.86 41.99 -35.64
N LEU LB 6 -118.71 42.45 -35.14
CA LEU LB 6 -118.41 42.35 -33.73
C LEU LB 6 -119.20 43.38 -32.93
N ARG LB 7 -119.28 43.15 -31.62
CA ARG LB 7 -119.71 44.19 -30.69
C ARG LB 7 -118.73 44.25 -29.52
N GLY LB 8 -118.11 43.12 -29.21
CA GLY LB 8 -117.20 43.05 -28.08
C GLY LB 8 -117.07 41.61 -27.61
N THR LB 9 -116.57 41.47 -26.38
CA THR LB 9 -116.34 40.15 -25.80
C THR LB 9 -116.81 40.17 -24.35
N LEU LB 10 -117.05 38.97 -23.82
CA LEU LB 10 -117.38 38.77 -22.42
C LEU LB 10 -116.26 37.94 -21.80
N LYS LB 11 -115.77 38.38 -20.64
CA LYS LB 11 -114.57 37.81 -20.04
C LYS LB 11 -114.84 37.38 -18.60
N GLY LB 12 -114.17 36.30 -18.18
CA GLY LB 12 -114.31 35.79 -16.84
C GLY LB 12 -114.30 34.28 -16.70
N HIS LB 13 -114.18 33.57 -17.83
CA HIS LB 13 -114.25 32.11 -17.83
C HIS LB 13 -112.86 31.50 -17.72
N ASN LB 14 -112.81 30.28 -17.17
CA ASN LB 14 -111.58 29.51 -17.04
C ASN LB 14 -111.66 28.18 -17.78
N GLY LB 15 -112.46 28.15 -18.84
CA GLY LB 15 -112.61 26.96 -19.67
C GLY LB 15 -113.39 27.32 -20.91
N TRP LB 16 -113.46 26.35 -21.82
CA TRP LB 16 -114.21 26.57 -23.05
C TRP LB 16 -115.68 26.74 -22.74
N VAL LB 17 -116.27 27.83 -23.23
CA VAL LB 17 -117.67 28.17 -22.94
C VAL LB 17 -118.54 27.21 -23.74
N THR LB 18 -119.13 26.23 -23.06
CA THR LB 18 -119.77 25.12 -23.75
C THR LB 18 -121.11 25.50 -24.38
N GLN LB 19 -121.94 26.25 -23.66
CA GLN LB 19 -123.30 26.51 -24.12
C GLN LB 19 -123.80 27.85 -23.63
N ILE LB 20 -124.53 28.56 -24.49
CA ILE LB 20 -125.16 29.83 -24.19
C ILE LB 20 -126.67 29.61 -24.09
N ALA LB 21 -127.27 30.12 -23.02
CA ALA LB 21 -128.73 30.11 -22.87
C ALA LB 21 -129.21 31.51 -22.57
N THR LB 22 -130.15 32.00 -23.38
CA THR LB 22 -130.72 33.32 -23.20
C THR LB 22 -132.21 33.19 -22.95
N THR LB 23 -132.78 34.18 -22.28
CA THR LB 23 -134.20 34.16 -21.97
C THR LB 23 -134.92 35.31 -22.65
N PRO LB 24 -136.16 35.09 -23.11
CA PRO LB 24 -136.94 36.21 -23.67
C PRO LB 24 -137.29 37.26 -22.64
N GLN LB 25 -137.50 36.88 -21.38
CA GLN LB 25 -138.00 37.82 -20.38
C GLN LB 25 -136.92 38.82 -19.97
N PHE LB 26 -135.66 38.40 -19.97
CA PHE LB 26 -134.53 39.26 -19.61
C PHE LB 26 -133.57 39.33 -20.81
N PRO LB 27 -133.75 40.29 -21.72
CA PRO LB 27 -132.75 40.49 -22.78
C PRO LB 27 -131.40 40.93 -22.23
N ASP LB 28 -131.37 41.49 -21.02
CA ASP LB 28 -130.15 41.96 -20.38
C ASP LB 28 -129.44 40.88 -19.56
N MET LB 29 -130.06 39.72 -19.39
CA MET LB 29 -129.51 38.66 -18.56
C MET LB 29 -129.33 37.41 -19.40
N ILE LB 30 -128.11 36.85 -19.37
CA ILE LB 30 -127.79 35.57 -19.98
C ILE LB 30 -127.03 34.75 -18.95
N LEU LB 31 -126.84 33.47 -19.27
CA LEU LB 31 -125.96 32.61 -18.50
C LEU LB 31 -125.22 31.69 -19.46
N SER LB 32 -124.04 31.24 -19.06
CA SER LB 32 -123.18 30.45 -19.92
C SER LB 32 -122.43 29.40 -19.11
N ALA LB 33 -122.52 28.14 -19.53
CA ALA LB 33 -121.73 27.09 -18.91
C ALA LB 33 -120.36 27.04 -19.56
N SER LB 34 -119.45 26.31 -18.92
CA SER LB 34 -118.06 26.25 -19.36
C SER LB 34 -117.42 24.99 -18.78
N ARG LB 35 -116.20 24.71 -19.24
CA ARG LB 35 -115.41 23.58 -18.74
C ARG LB 35 -114.59 23.95 -17.51
N ASP LB 36 -115.06 24.93 -16.75
CA ASP LB 36 -114.39 25.36 -15.52
C ASP LB 36 -115.22 25.05 -14.28
N LYS LB 37 -116.19 24.13 -14.40
CA LYS LB 37 -117.06 23.67 -13.32
C LYS LB 37 -117.96 24.78 -12.78
N THR LB 38 -118.09 25.89 -13.50
CA THR LB 38 -118.97 26.98 -13.12
C THR LB 38 -119.79 27.44 -14.30
N ILE LB 39 -121.01 27.89 -14.02
CA ILE LB 39 -121.86 28.56 -15.01
C ILE LB 39 -121.92 30.03 -14.63
N ILE LB 40 -121.34 30.87 -15.48
CA ILE LB 40 -121.21 32.29 -15.21
C ILE LB 40 -122.30 33.04 -15.97
N MET LB 41 -123.12 33.79 -15.25
CA MET LB 41 -124.21 34.55 -15.83
C MET LB 41 -123.85 36.03 -15.88
N TRP LB 42 -124.34 36.72 -16.90
CA TRP LB 42 -123.87 38.05 -17.25
C TRP LB 42 -124.99 39.07 -17.18
N LYS LB 43 -124.74 40.16 -16.45
CA LYS LB 43 -125.56 41.36 -16.53
C LYS LB 43 -125.02 42.24 -17.64
N LEU LB 44 -125.80 42.42 -18.71
CA LEU LB 44 -125.32 43.06 -19.92
C LEU LB 44 -125.39 44.57 -19.75
N THR LB 45 -124.25 45.19 -19.43
CA THR LB 45 -124.13 46.64 -19.33
C THR LB 45 -123.72 47.18 -20.70
N ARG LB 46 -124.63 47.90 -21.34
CA ARG LB 46 -124.45 48.38 -22.71
C ARG LB 46 -123.62 49.67 -22.69
N ASP LB 47 -122.30 49.51 -22.63
CA ASP LB 47 -121.38 50.63 -22.65
C ASP LB 47 -120.13 50.23 -23.43
N GLU LB 48 -119.23 51.21 -23.62
CA GLU LB 48 -118.07 51.04 -24.48
C GLU LB 48 -116.95 50.22 -23.84
N THR LB 49 -116.89 50.16 -22.50
CA THR LB 49 -115.80 49.45 -21.83
C THR LB 49 -115.89 47.95 -22.08
N ASN LB 50 -117.09 47.40 -22.01
CA ASN LB 50 -117.34 45.98 -22.28
C ASN LB 50 -118.83 45.81 -22.46
N TYR LB 51 -119.26 44.55 -22.66
CA TYR LB 51 -120.67 44.31 -22.88
C TYR LB 51 -121.32 43.63 -21.68
N GLY LB 52 -120.77 42.50 -21.24
CA GLY LB 52 -121.36 41.75 -20.16
C GLY LB 52 -120.40 41.59 -19.00
N ILE LB 53 -120.97 41.65 -17.80
CA ILE LB 53 -120.20 41.53 -16.57
C ILE LB 53 -120.80 40.40 -15.74
N PRO LB 54 -119.98 39.50 -15.18
CA PRO LB 54 -120.52 38.43 -14.36
C PRO LB 54 -121.17 38.98 -13.08
N GLN LB 55 -122.25 38.31 -12.68
CA GLN LB 55 -122.91 38.63 -11.42
C GLN LB 55 -123.04 37.42 -10.49
N ARG LB 56 -123.22 36.23 -11.05
CA ARG LB 56 -123.35 35.01 -10.25
C ARG LB 56 -122.63 33.87 -10.95
N ALA LB 57 -122.19 32.90 -10.16
CA ALA LB 57 -121.53 31.70 -10.66
C ALA LB 57 -122.19 30.49 -10.04
N LEU LB 58 -122.34 29.43 -10.84
CA LEU LB 58 -123.05 28.23 -10.41
C LEU LB 58 -122.03 27.11 -10.21
N ARG LB 59 -121.79 26.75 -8.94
CA ARG LB 59 -120.75 25.80 -8.58
C ARG LB 59 -121.37 24.56 -7.97
N GLY LB 60 -120.78 23.41 -8.27
CA GLY LB 60 -121.30 22.17 -7.72
C GLY LB 60 -121.17 20.95 -8.62
N HIS LB 61 -120.86 21.15 -9.90
CA HIS LB 61 -120.58 20.02 -10.76
C HIS LB 61 -119.12 19.60 -10.62
N SER LB 62 -118.90 18.29 -10.56
CA SER LB 62 -117.55 17.76 -10.38
C SER LB 62 -116.69 17.88 -11.63
N HIS LB 63 -117.29 18.09 -12.80
CA HIS LB 63 -116.54 18.09 -14.04
C HIS LB 63 -117.13 19.14 -14.98
N PHE LB 64 -116.77 19.06 -16.26
CA PHE LB 64 -117.14 20.08 -17.23
C PHE LB 64 -118.64 20.05 -17.49
N VAL LB 65 -119.28 21.22 -17.36
CA VAL LB 65 -120.71 21.35 -17.59
C VAL LB 65 -120.96 21.52 -19.08
N SER LB 66 -121.81 20.67 -19.65
CA SER LB 66 -121.99 20.63 -21.10
C SER LB 66 -123.12 21.54 -21.59
N ASP LB 67 -124.35 21.28 -21.13
CA ASP LB 67 -125.52 21.93 -21.69
C ASP LB 67 -126.35 22.55 -20.59
N VAL LB 68 -126.85 23.76 -20.86
CA VAL LB 68 -127.72 24.49 -19.94
C VAL LB 68 -128.92 24.99 -20.73
N VAL LB 69 -130.10 24.94 -20.10
CA VAL LB 69 -131.33 25.43 -20.72
C VAL LB 69 -132.14 26.18 -19.66
N ILE LB 70 -132.72 27.30 -20.08
CA ILE LB 70 -133.57 28.13 -19.23
C ILE LB 70 -134.95 27.50 -19.10
N SER LB 71 -135.75 28.02 -18.18
CA SER LB 71 -137.17 27.71 -18.09
C SER LB 71 -137.98 28.87 -18.68
N SER LB 72 -139.31 28.74 -18.60
CA SER LB 72 -140.19 29.74 -19.17
C SER LB 72 -140.02 31.08 -18.48
N ASP LB 73 -139.97 31.09 -17.15
CA ASP LB 73 -139.89 32.33 -16.39
C ASP LB 73 -138.47 32.84 -16.24
N GLY LB 74 -137.47 32.12 -16.72
CA GLY LB 74 -136.08 32.52 -16.55
C GLY LB 74 -135.54 32.39 -15.15
N GLN LB 75 -136.38 32.11 -14.16
CA GLN LB 75 -135.94 31.96 -12.78
C GLN LB 75 -135.24 30.63 -12.55
N PHE LB 76 -135.58 29.60 -13.31
CA PHE LB 76 -134.96 28.28 -13.17
C PHE LB 76 -134.04 27.98 -14.35
N ALA LB 77 -132.88 27.41 -14.04
CA ALA LB 77 -131.93 26.97 -15.05
C ALA LB 77 -131.47 25.55 -14.74
N LEU LB 78 -131.56 24.67 -15.73
CA LEU LB 78 -131.18 23.27 -15.58
C LEU LB 78 -129.95 22.98 -16.44
N SER LB 79 -128.98 22.29 -15.87
CA SER LB 79 -127.74 21.99 -16.57
C SER LB 79 -127.22 20.62 -16.18
N GLY LB 80 -126.70 19.89 -17.17
CA GLY LB 80 -126.07 18.60 -16.94
C GLY LB 80 -124.59 18.71 -17.21
N SER LB 81 -123.81 17.86 -16.57
CA SER LB 81 -122.36 17.95 -16.61
C SER LB 81 -121.73 16.58 -16.73
N TRP LB 82 -120.42 16.57 -16.98
CA TRP LB 82 -119.64 15.35 -17.05
C TRP LB 82 -119.53 14.64 -15.71
N ASP LB 83 -120.01 15.25 -14.63
CA ASP LB 83 -120.07 14.56 -13.34
C ASP LB 83 -121.12 13.46 -13.31
N GLY LB 84 -121.93 13.31 -14.36
CA GLY LB 84 -122.95 12.30 -14.42
C GLY LB 84 -124.29 12.71 -13.85
N THR LB 85 -124.41 13.93 -13.34
CA THR LB 85 -125.64 14.41 -12.71
C THR LB 85 -126.07 15.70 -13.39
N LEU LB 86 -127.35 16.02 -13.21
CA LEU LB 86 -127.97 17.24 -13.72
C LEU LB 86 -128.47 18.04 -12.53
N ARG LB 87 -128.08 19.31 -12.46
CA ARG LB 87 -128.44 20.16 -11.33
C ARG LB 87 -129.45 21.21 -11.78
N LEU LB 88 -130.56 21.30 -11.06
CA LEU LB 88 -131.57 22.33 -11.29
C LEU LB 88 -131.33 23.47 -10.31
N TRP LB 89 -131.22 24.68 -10.84
CA TRP LB 89 -130.80 25.86 -10.10
C TRP LB 89 -131.92 26.88 -10.06
N ASP LB 90 -131.86 27.76 -9.05
CA ASP LB 90 -132.68 28.96 -9.02
C ASP LB 90 -131.77 30.18 -9.05
N LEU LB 91 -132.17 31.21 -9.79
CA LEU LB 91 -131.32 32.38 -9.96
C LEU LB 91 -131.45 33.40 -8.83
N THR LB 92 -132.46 33.29 -7.98
CA THR LB 92 -132.57 34.23 -6.87
C THR LB 92 -131.44 34.04 -5.86
N THR LB 93 -131.11 32.80 -5.53
CA THR LB 93 -130.07 32.53 -4.54
C THR LB 93 -128.92 31.68 -5.05
N GLY LB 94 -128.96 31.22 -6.30
CA GLY LB 94 -127.89 30.41 -6.85
C GLY LB 94 -127.69 29.12 -6.07
N THR LB 95 -128.79 28.48 -5.68
CA THR LB 95 -128.74 27.28 -4.86
C THR LB 95 -129.36 26.10 -5.59
N THR LB 96 -128.73 24.94 -5.43
CA THR LB 96 -129.22 23.71 -6.04
C THR LB 96 -130.52 23.29 -5.34
N THR LB 97 -131.63 23.40 -6.05
CA THR LB 97 -132.92 22.97 -5.52
C THR LB 97 -133.28 21.54 -5.89
N ARG LB 98 -132.69 21.01 -6.97
CA ARG LB 98 -132.97 19.65 -7.42
C ARG LB 98 -131.70 19.04 -8.00
N ARG LB 99 -131.57 17.73 -7.85
CA ARG LB 99 -130.48 16.97 -8.44
C ARG LB 99 -131.05 15.74 -9.14
N PHE LB 100 -130.64 15.53 -10.37
CA PHE LB 100 -131.08 14.41 -11.19
C PHE LB 100 -129.95 13.39 -11.27
N VAL LB 101 -130.24 12.16 -10.85
CA VAL LB 101 -129.21 11.13 -10.72
C VAL LB 101 -129.69 9.87 -11.43
N GLY LB 102 -128.73 9.14 -12.01
CA GLY LB 102 -129.06 7.93 -12.74
C GLY LB 102 -128.21 7.66 -13.96
N HIS LB 103 -127.65 8.70 -14.57
CA HIS LB 103 -126.74 8.49 -15.70
C HIS LB 103 -125.36 8.08 -15.19
N THR LB 104 -124.72 7.17 -15.91
CA THR LB 104 -123.47 6.55 -15.43
C THR LB 104 -122.22 7.21 -15.96
N LYS LB 105 -122.32 8.20 -16.85
CA LYS LB 105 -121.13 8.78 -17.45
C LYS LB 105 -121.44 10.25 -17.74
N ASP LB 106 -120.62 10.90 -18.56
CA ASP LB 106 -120.77 12.32 -18.83
C ASP LB 106 -122.13 12.62 -19.47
N VAL LB 107 -122.97 13.34 -18.74
CA VAL LB 107 -124.23 13.84 -19.27
C VAL LB 107 -123.93 15.08 -20.11
N LEU LB 108 -124.24 15.00 -21.39
CA LEU LB 108 -123.90 16.08 -22.32
C LEU LB 108 -125.10 16.92 -22.73
N SER LB 109 -126.23 16.31 -23.05
CA SER LB 109 -127.36 17.01 -23.64
C SER LB 109 -128.48 17.11 -22.62
N VAL LB 110 -128.99 18.34 -22.44
CA VAL LB 110 -130.12 18.59 -21.56
C VAL LB 110 -131.16 19.39 -22.34
N ALA LB 111 -132.40 19.33 -21.87
CA ALA LB 111 -133.48 20.11 -22.45
C ALA LB 111 -134.62 20.19 -21.46
N PHE LB 112 -135.33 21.31 -21.46
CA PHE LB 112 -136.51 21.50 -20.63
C PHE LB 112 -137.72 21.58 -21.55
N SER LB 113 -138.78 20.86 -21.19
CA SER LB 113 -139.96 20.76 -22.04
C SER LB 113 -140.67 22.10 -22.16
N SER LB 114 -141.41 22.25 -23.27
CA SER LB 114 -142.17 23.47 -23.50
C SER LB 114 -143.23 23.68 -22.44
N ASP LB 115 -143.87 22.60 -21.98
CA ASP LB 115 -144.88 22.69 -20.94
C ASP LB 115 -144.28 22.71 -19.54
N ASN LB 116 -142.95 22.67 -19.43
CA ASN LB 116 -142.24 22.81 -18.16
C ASN LB 116 -142.62 21.72 -17.17
N ARG LB 117 -142.70 20.48 -17.65
CA ARG LB 117 -142.95 19.33 -16.80
C ARG LB 117 -142.04 18.14 -17.07
N GLN LB 118 -141.43 18.05 -18.26
CA GLN LB 118 -140.64 16.90 -18.66
C GLN LB 118 -139.21 17.34 -18.94
N ILE LB 119 -138.27 16.43 -18.69
CA ILE LB 119 -136.86 16.68 -18.94
C ILE LB 119 -136.26 15.48 -19.68
N VAL LB 120 -135.63 15.76 -20.82
CA VAL LB 120 -134.93 14.73 -21.58
C VAL LB 120 -133.43 14.99 -21.46
N SER LB 121 -132.66 13.90 -21.39
CA SER LB 121 -131.21 14.00 -21.30
C SER LB 121 -130.58 12.81 -22.00
N GLY LB 122 -129.47 13.06 -22.69
CA GLY LB 122 -128.71 12.01 -23.35
C GLY LB 122 -127.25 12.06 -22.99
N SER LB 123 -126.76 11.02 -22.33
CA SER LB 123 -125.41 10.96 -21.79
C SER LB 123 -124.56 10.03 -22.64
N ARG LB 124 -123.25 10.03 -22.37
CA ARG LB 124 -122.31 9.16 -23.06
C ARG LB 124 -122.55 7.69 -22.78
N ASP LB 125 -123.36 7.35 -21.78
CA ASP LB 125 -123.76 5.98 -21.51
C ASP LB 125 -124.73 5.42 -22.57
N LYS LB 126 -125.00 6.20 -23.62
CA LYS LB 126 -125.89 5.82 -24.72
C LYS LB 126 -127.30 5.51 -24.21
N THR LB 127 -127.71 6.19 -23.14
CA THR LB 127 -129.03 6.03 -22.55
C THR LB 127 -129.73 7.38 -22.56
N ILE LB 128 -130.99 7.38 -22.97
CA ILE LB 128 -131.86 8.55 -22.88
C ILE LB 128 -132.75 8.36 -21.66
N LYS LB 129 -132.89 9.41 -20.86
CA LYS LB 129 -133.67 9.34 -19.63
C LYS LB 129 -134.69 10.47 -19.61
N LEU LB 130 -135.90 10.15 -19.15
CA LEU LB 130 -136.98 11.11 -19.04
C LEU LB 130 -137.23 11.38 -17.56
N TRP LB 131 -137.40 12.65 -17.21
CA TRP LB 131 -137.49 13.09 -15.83
C TRP LB 131 -138.70 13.99 -15.64
N ASN LB 132 -138.80 14.58 -14.45
CA ASN LB 132 -139.87 15.49 -14.09
C ASN LB 132 -139.34 16.61 -13.21
N THR LB 133 -140.26 17.40 -12.67
CA THR LB 133 -139.89 18.48 -11.77
C THR LB 133 -139.28 17.97 -10.47
N LEU LB 134 -139.79 16.85 -9.96
CA LEU LB 134 -139.36 16.33 -8.67
C LEU LB 134 -138.00 15.64 -8.72
N GLY LB 135 -137.48 15.35 -9.91
CA GLY LB 135 -136.14 14.79 -10.04
C GLY LB 135 -136.05 13.30 -10.26
N VAL LB 136 -137.17 12.60 -10.37
CA VAL LB 136 -137.19 11.15 -10.52
C VAL LB 136 -137.23 10.81 -12.00
N CYS LB 137 -136.36 9.88 -12.41
CA CYS LB 137 -136.33 9.41 -13.79
C CYS LB 137 -137.53 8.50 -14.03
N LYS LB 138 -138.58 9.06 -14.64
CA LYS LB 138 -139.79 8.29 -14.90
C LYS LB 138 -139.52 7.17 -15.91
N TYR LB 139 -139.09 7.54 -17.11
CA TYR LB 139 -138.97 6.61 -18.23
C TYR LB 139 -137.52 6.55 -18.68
N THR LB 140 -137.09 5.37 -19.11
CA THR LB 140 -135.76 5.18 -19.66
C THR LB 140 -135.88 4.64 -21.08
N VAL LB 141 -135.14 5.25 -22.00
CA VAL LB 141 -135.15 4.87 -23.41
C VAL LB 141 -133.78 4.29 -23.73
N GLN LB 142 -133.69 2.97 -23.79
CA GLN LB 142 -132.49 2.28 -24.26
C GLN LB 142 -132.77 1.21 -25.30
N ASP LB 143 -134.00 0.72 -25.40
CA ASP LB 143 -134.35 -0.15 -26.52
C ASP LB 143 -134.42 0.67 -27.80
N GLU LB 144 -133.95 0.07 -28.91
CA GLU LB 144 -133.95 0.65 -30.26
C GLU LB 144 -133.33 2.06 -30.28
N SER LB 145 -132.45 2.35 -29.34
CA SER LB 145 -131.84 3.66 -29.21
C SER LB 145 -130.57 3.72 -30.07
N HIS LB 146 -129.77 4.77 -29.86
CA HIS LB 146 -128.52 4.91 -30.58
C HIS LB 146 -127.54 3.82 -30.18
N SER LB 147 -126.84 3.27 -31.18
CA SER LB 147 -125.76 2.33 -30.89
C SER LB 147 -124.52 3.03 -30.37
N GLU LB 148 -124.43 4.34 -30.54
CA GLU LB 148 -123.33 5.16 -30.05
C GLU LB 148 -123.88 6.17 -29.04
N TRP LB 149 -123.04 7.13 -28.67
CA TRP LB 149 -123.41 8.17 -27.71
C TRP LB 149 -124.68 8.93 -28.12
N VAL LB 150 -125.30 9.60 -27.16
CA VAL LB 150 -126.37 10.56 -27.43
C VAL LB 150 -125.78 11.94 -27.20
N SER LB 151 -125.63 12.71 -28.27
CA SER LB 151 -124.92 13.98 -28.19
C SER LB 151 -125.83 15.19 -28.08
N CYS LB 152 -127.08 15.10 -28.54
CA CYS LB 152 -127.98 16.25 -28.44
C CYS LB 152 -129.42 15.76 -28.39
N VAL LB 153 -130.20 16.32 -27.46
CA VAL LB 153 -131.64 16.08 -27.40
C VAL LB 153 -132.34 17.43 -27.18
N ARG LB 154 -133.39 17.69 -27.96
CA ARG LB 154 -134.11 18.95 -27.90
C ARG LB 154 -135.60 18.69 -27.98
N PHE LB 155 -136.39 19.56 -27.36
CA PHE LB 155 -137.84 19.46 -27.40
C PHE LB 155 -138.40 20.22 -28.60
N SER LB 156 -139.55 19.77 -29.07
CA SER LB 156 -140.25 20.45 -30.16
C SER LB 156 -140.90 21.72 -29.62
N PRO LB 157 -140.66 22.88 -30.24
CA PRO LB 157 -141.32 24.11 -29.76
C PRO LB 157 -142.82 24.08 -29.86
N ASN LB 158 -143.37 23.28 -30.77
CA ASN LB 158 -144.82 23.15 -30.90
C ASN LB 158 -145.40 22.44 -29.69
N SER LB 159 -146.44 23.02 -29.10
CA SER LB 159 -147.11 22.39 -27.97
C SER LB 159 -147.83 21.11 -28.41
N SER LB 160 -148.38 21.11 -29.62
CA SER LB 160 -148.95 19.90 -30.19
C SER LB 160 -147.83 18.95 -30.61
N ASN LB 161 -148.24 17.71 -30.96
CA ASN LB 161 -147.44 16.54 -31.38
C ASN LB 161 -146.05 16.53 -30.76
N PRO LB 162 -145.95 16.44 -29.42
CA PRO LB 162 -144.66 16.60 -28.75
C PRO LB 162 -143.66 15.52 -29.09
N ILE LB 163 -142.60 15.90 -29.80
CA ILE LB 163 -141.55 14.98 -30.20
C ILE LB 163 -140.21 15.56 -29.77
N ILE LB 164 -139.24 14.68 -29.62
CA ILE LB 164 -137.88 15.04 -29.22
C ILE LB 164 -136.93 14.54 -30.30
N VAL LB 165 -136.06 15.42 -30.76
CA VAL LB 165 -135.02 15.05 -31.69
C VAL LB 165 -133.82 14.53 -30.90
N SER LB 166 -133.03 13.67 -31.53
CA SER LB 166 -131.88 13.08 -30.85
C SER LB 166 -130.84 12.68 -31.88
N CYS LB 167 -129.69 13.34 -31.83
CA CYS LB 167 -128.56 12.99 -32.69
C CYS LB 167 -127.44 12.36 -31.86
N GLY LB 168 -126.71 11.46 -32.49
CA GLY LB 168 -125.65 10.75 -31.80
C GLY LB 168 -124.48 10.36 -32.68
N TRP LB 169 -123.47 9.74 -32.09
CA TRP LB 169 -122.26 9.38 -32.79
C TRP LB 169 -122.44 8.17 -33.72
N ASP LB 170 -123.68 7.73 -33.91
CA ASP LB 170 -123.98 6.61 -34.79
C ASP LB 170 -124.51 7.06 -36.15
N LYS LB 171 -124.42 8.36 -36.46
CA LYS LB 171 -124.86 8.94 -37.72
C LYS LB 171 -126.36 8.76 -37.95
N LEU LB 172 -127.13 8.58 -36.89
CA LEU LB 172 -128.58 8.41 -36.98
C LEU LB 172 -129.26 9.45 -36.11
N VAL LB 173 -130.20 10.19 -36.70
CA VAL LB 173 -131.05 11.12 -35.96
C VAL LB 173 -132.44 10.49 -35.81
N LYS LB 174 -132.95 10.49 -34.59
CA LYS LB 174 -134.21 9.84 -34.27
C LYS LB 174 -135.16 10.84 -33.63
N VAL LB 175 -136.44 10.72 -33.93
CA VAL LB 175 -137.49 11.52 -33.30
C VAL LB 175 -138.40 10.59 -32.53
N TRP LB 176 -138.70 10.95 -31.28
CA TRP LB 176 -139.46 10.11 -30.37
C TRP LB 176 -140.70 10.85 -29.91
N ASN LB 177 -141.87 10.25 -30.13
CA ASN LB 177 -143.11 10.81 -29.63
C ASN LB 177 -143.19 10.59 -28.12
N LEU LB 178 -143.40 11.68 -27.38
CA LEU LB 178 -143.55 11.57 -25.94
C LEU LB 178 -144.87 10.94 -25.53
N ALA LB 179 -145.85 10.87 -26.44
CA ALA LB 179 -147.16 10.32 -26.08
C ALA LB 179 -147.07 8.85 -25.69
N ASN LB 180 -146.33 8.06 -26.46
CA ASN LB 180 -146.15 6.64 -26.17
C ASN LB 180 -144.68 6.27 -25.93
N CYS LB 181 -143.79 7.26 -25.92
CA CYS LB 181 -142.35 7.04 -25.73
C CYS LB 181 -141.80 6.07 -26.78
N LYS LB 182 -142.27 6.23 -28.01
CA LYS LB 182 -141.92 5.35 -29.11
C LYS LB 182 -141.23 6.15 -30.22
N LEU LB 183 -140.53 5.41 -31.07
CA LEU LB 183 -139.87 6.01 -32.23
C LEU LB 183 -140.89 6.40 -33.30
N LYS LB 184 -140.53 7.40 -34.09
CA LYS LB 184 -141.35 7.84 -35.21
C LYS LB 184 -140.68 7.56 -36.55
N THR LB 185 -139.46 8.04 -36.74
CA THR LB 185 -138.69 7.79 -37.95
C THR LB 185 -137.22 8.00 -37.62
N ASN LB 186 -136.36 7.44 -38.47
CA ASN LB 186 -134.93 7.65 -38.37
C ASN LB 186 -134.41 8.16 -39.71
N HIS LB 187 -133.79 9.33 -39.69
CA HIS LB 187 -133.22 9.94 -40.88
C HIS LB 187 -131.76 9.53 -40.97
N ILE LB 188 -131.37 9.04 -42.14
CA ILE LB 188 -130.05 8.49 -42.37
C ILE LB 188 -129.39 9.30 -43.49
N GLY LB 189 -128.07 9.39 -43.46
CA GLY LB 189 -127.35 10.11 -44.49
C GLY LB 189 -126.10 10.84 -44.04
N HIS LB 190 -125.87 10.92 -42.73
CA HIS LB 190 -124.67 11.57 -42.23
C HIS LB 190 -123.46 10.69 -42.47
N THR LB 191 -122.35 11.30 -42.86
CA THR LB 191 -121.12 10.56 -43.15
C THR LB 191 -120.18 10.50 -41.96
N GLY LB 192 -120.59 11.02 -40.79
CA GLY LB 192 -119.76 10.99 -39.61
C GLY LB 192 -120.60 11.17 -38.37
N TYR LB 193 -119.93 11.07 -37.22
CA TYR LB 193 -120.62 11.21 -35.94
C TYR LB 193 -121.27 12.57 -35.82
N LEU LB 194 -122.31 12.66 -35.00
CA LEU LB 194 -123.10 13.88 -34.86
C LEU LB 194 -122.78 14.58 -33.55
N ASN LB 195 -122.71 15.90 -33.59
CA ASN LB 195 -122.49 16.74 -32.43
C ASN LB 195 -123.76 17.44 -31.96
N THR LB 196 -124.49 18.08 -32.87
CA THR LB 196 -125.65 18.88 -32.49
C THR LB 196 -126.80 18.62 -33.43
N VAL LB 197 -128.02 18.71 -32.89
CA VAL LB 197 -129.25 18.72 -33.67
C VAL LB 197 -130.13 19.84 -33.13
N THR LB 198 -130.66 20.67 -34.03
CA THR LB 198 -131.43 21.85 -33.64
C THR LB 198 -132.72 21.92 -34.42
N VAL LB 199 -133.78 22.34 -33.74
CA VAL LB 199 -135.11 22.46 -34.34
C VAL LB 199 -135.38 23.92 -34.63
N SER LB 200 -135.89 24.20 -35.83
CA SER LB 200 -136.30 25.55 -36.18
C SER LB 200 -137.50 25.96 -35.32
N PRO LB 201 -137.69 27.27 -35.11
CA PRO LB 201 -138.78 27.71 -34.22
C PRO LB 201 -140.17 27.26 -34.64
N ASP LB 202 -140.43 27.11 -35.94
CA ASP LB 202 -141.77 26.71 -36.38
C ASP LB 202 -142.01 25.21 -36.26
N GLY LB 203 -141.02 24.44 -35.82
CA GLY LB 203 -141.18 23.01 -35.66
C GLY LB 203 -141.35 22.23 -36.95
N SER LB 204 -140.58 22.58 -37.97
CA SER LB 204 -140.61 21.87 -39.24
C SER LB 204 -139.23 21.44 -39.73
N LEU LB 205 -138.16 21.93 -39.13
CA LEU LB 205 -136.80 21.62 -39.55
C LEU LB 205 -136.03 21.09 -38.35
N CYS LB 206 -135.24 20.04 -38.57
CA CYS LB 206 -134.43 19.43 -37.51
C CYS LB 206 -132.98 19.29 -37.96
N ALA LB 207 -132.40 20.39 -38.43
CA ALA LB 207 -131.04 20.38 -38.96
C ALA LB 207 -130.04 19.88 -37.93
N SER LB 208 -129.16 18.99 -38.36
CA SER LB 208 -128.15 18.40 -37.49
C SER LB 208 -126.81 18.40 -38.20
N GLY LB 209 -125.73 18.55 -37.43
CA GLY LB 209 -124.39 18.59 -38.01
C GLY LB 209 -123.38 17.95 -37.07
N GLY LB 210 -122.24 17.61 -37.65
CA GLY LB 210 -121.19 16.95 -36.91
C GLY LB 210 -119.91 16.76 -37.69
N LYS LB 211 -119.32 15.56 -37.59
CA LYS LB 211 -118.05 15.28 -38.26
C LYS LB 211 -118.20 15.28 -39.77
N ASP LB 212 -119.42 15.05 -40.27
CA ASP LB 212 -119.64 14.93 -41.71
C ASP LB 212 -119.24 16.16 -42.50
N GLY LB 213 -119.15 17.32 -41.85
CA GLY LB 213 -118.83 18.55 -42.53
C GLY LB 213 -120.00 19.24 -43.20
N GLN LB 214 -121.14 18.56 -43.31
CA GLN LB 214 -122.30 19.09 -44.00
C GLN LB 214 -123.52 19.04 -43.08
N ALA LB 215 -124.31 20.09 -43.11
CA ALA LB 215 -125.54 20.15 -42.32
C ALA LB 215 -126.71 19.59 -43.11
N MET LB 216 -127.44 18.68 -42.48
CA MET LB 216 -128.53 17.98 -43.15
C MET LB 216 -129.87 18.55 -42.70
N LEU LB 217 -130.73 18.85 -43.67
CA LEU LB 217 -132.04 19.41 -43.41
C LEU LB 217 -133.10 18.37 -43.70
N TRP LB 218 -134.01 18.17 -42.76
CA TRP LB 218 -135.08 17.19 -42.89
C TRP LB 218 -136.44 17.86 -42.76
N ASP LB 219 -137.48 17.05 -42.71
CA ASP LB 219 -138.85 17.50 -42.50
C ASP LB 219 -139.43 16.87 -41.25
N LEU LB 220 -140.36 17.56 -40.62
CA LEU LB 220 -140.97 17.10 -39.38
C LEU LB 220 -142.45 16.79 -39.49
N ASN LB 221 -143.19 17.55 -40.30
CA ASN LB 221 -144.65 17.37 -40.36
C ASN LB 221 -145.02 15.99 -40.88
N GLU LB 222 -144.35 15.53 -41.93
CA GLU LB 222 -144.55 14.18 -42.43
C GLU LB 222 -143.27 13.35 -42.43
N GLY LB 223 -142.11 13.97 -42.60
CA GLY LB 223 -140.84 13.27 -42.45
C GLY LB 223 -140.26 12.73 -43.73
N LYS LB 224 -139.21 13.39 -44.24
CA LYS LB 224 -138.50 12.95 -45.44
C LYS LB 224 -137.23 13.79 -45.55
N HIS LB 225 -136.39 13.42 -46.51
CA HIS LB 225 -135.26 14.27 -46.88
C HIS LB 225 -135.78 15.55 -47.53
N LEU LB 226 -135.28 16.70 -47.06
CA LEU LB 226 -135.78 17.98 -47.52
C LEU LB 226 -134.72 18.80 -48.25
N TYR LB 227 -133.63 19.16 -47.56
CA TYR LB 227 -132.54 19.93 -48.16
C TYR LB 227 -131.20 19.29 -47.79
N THR LB 228 -130.18 19.62 -48.59
CA THR LB 228 -128.80 19.23 -48.31
C THR LB 228 -127.95 20.48 -48.33
N LEU LB 229 -127.18 20.70 -47.25
CA LEU LB 229 -126.28 21.83 -47.14
C LEU LB 229 -124.91 21.35 -46.71
N ASP LB 230 -123.87 21.98 -47.23
CA ASP LB 230 -122.49 21.63 -46.91
C ASP LB 230 -121.79 22.82 -46.26
N GLY LB 231 -120.84 22.51 -45.37
CA GLY LB 231 -120.07 23.52 -44.68
C GLY LB 231 -118.57 23.38 -44.95
N GLY LB 232 -117.81 24.31 -44.40
CA GLY LB 232 -116.37 24.28 -44.59
C GLY LB 232 -115.70 23.09 -43.93
N ASP LB 233 -116.11 22.78 -42.70
CA ASP LB 233 -115.54 21.67 -41.96
C ASP LB 233 -116.64 21.11 -41.06
N ILE LB 234 -116.24 20.38 -40.01
CA ILE LB 234 -117.20 19.83 -39.07
C ILE LB 234 -118.02 20.96 -38.45
N ILE LB 235 -119.30 20.69 -38.26
CA ILE LB 235 -120.24 21.66 -37.70
C ILE LB 235 -120.39 21.33 -36.22
N ASN LB 236 -119.64 22.05 -35.39
CA ASN LB 236 -119.63 21.80 -33.96
C ASN LB 236 -120.68 22.61 -33.20
N ALA LB 237 -121.50 23.39 -33.89
CA ALA LB 237 -122.60 24.12 -33.28
C ALA LB 237 -123.62 24.48 -34.35
N LEU LB 238 -124.90 24.41 -33.98
CA LEU LB 238 -125.99 24.74 -34.87
C LEU LB 238 -127.05 25.53 -34.11
N CYS LB 239 -127.82 26.33 -34.83
CA CYS LB 239 -128.87 27.13 -34.23
C CYS LB 239 -129.77 27.69 -35.32
N PHE LB 240 -130.88 28.29 -34.89
CA PHE LB 240 -131.81 28.97 -35.77
C PHE LB 240 -132.12 30.37 -35.24
N SER LB 241 -132.59 31.22 -36.14
CA SER LB 241 -133.05 32.55 -35.77
C SER LB 241 -134.49 32.48 -35.31
N PRO LB 242 -134.82 32.96 -34.10
CA PRO LB 242 -136.22 32.90 -33.66
C PRO LB 242 -137.11 33.92 -34.36
N ASN LB 243 -136.56 35.05 -34.82
CA ASN LB 243 -137.35 36.06 -35.50
C ASN LB 243 -137.26 35.95 -37.01
N ARG LB 244 -136.32 35.17 -37.53
CA ARG LB 244 -136.15 34.97 -38.97
C ARG LB 244 -136.16 33.48 -39.29
N TYR LB 245 -135.80 33.15 -40.53
CA TYR LB 245 -135.58 31.77 -40.96
C TYR LB 245 -134.10 31.47 -41.14
N TRP LB 246 -133.21 32.29 -40.59
CA TRP LB 246 -131.78 32.13 -40.79
C TRP LB 246 -131.24 30.94 -40.00
N LEU LB 247 -130.35 30.19 -40.62
CA LEU LB 247 -129.65 29.08 -40.00
C LEU LB 247 -128.18 29.43 -39.86
N CYS LB 248 -127.67 29.40 -38.63
CA CYS LB 248 -126.28 29.71 -38.37
C CYS LB 248 -125.57 28.48 -37.84
N ALA LB 249 -124.38 28.21 -38.37
CA ALA LB 249 -123.56 27.09 -37.94
C ALA LB 249 -122.14 27.58 -37.66
N ALA LB 250 -121.49 26.94 -36.71
CA ALA LB 250 -120.10 27.25 -36.37
C ALA LB 250 -119.22 26.27 -37.15
N THR LB 251 -118.63 26.78 -38.23
CA THR LB 251 -117.69 25.99 -39.05
C THR LB 251 -116.32 26.02 -38.38
N GLY LB 252 -116.21 25.26 -37.29
CA GLY LB 252 -114.98 25.20 -36.54
C GLY LB 252 -114.64 26.53 -35.92
N PRO LB 253 -113.51 27.13 -36.33
CA PRO LB 253 -113.17 28.48 -35.87
C PRO LB 253 -113.91 29.58 -36.60
N SER LB 254 -114.46 29.30 -37.78
CA SER LB 254 -115.22 30.26 -38.55
C SER LB 254 -116.71 30.07 -38.25
N ILE LB 255 -117.50 31.07 -38.63
CA ILE LB 255 -118.95 31.05 -38.46
C ILE LB 255 -119.59 31.38 -39.80
N LYS LB 256 -120.58 30.60 -40.19
CA LYS LB 256 -121.32 30.82 -41.42
C LYS LB 256 -122.81 30.95 -41.11
N ILE LB 257 -123.47 31.86 -41.81
CA ILE LB 257 -124.90 32.10 -41.65
C ILE LB 257 -125.58 31.98 -43.01
N TRP LB 258 -126.71 31.27 -43.03
CA TRP LB 258 -127.44 30.95 -44.25
C TRP LB 258 -128.85 31.50 -44.18
N ASP LB 259 -129.42 31.79 -45.35
CA ASP LB 259 -130.84 32.02 -45.48
C ASP LB 259 -131.47 30.79 -46.12
N LEU LB 260 -132.51 30.24 -45.49
CA LEU LB 260 -133.10 29.00 -46.01
C LEU LB 260 -133.82 29.23 -47.34
N GLU LB 261 -134.32 30.44 -47.58
CA GLU LB 261 -135.01 30.69 -48.84
C GLU LB 261 -134.02 30.83 -50.01
N GLY LB 262 -132.85 31.40 -49.75
CA GLY LB 262 -131.91 31.65 -50.82
C GLY LB 262 -130.80 30.62 -50.96
N LYS LB 263 -130.55 29.86 -49.89
CA LYS LB 263 -129.45 28.89 -49.80
C LYS LB 263 -128.10 29.53 -50.06
N ILE LB 264 -127.92 30.79 -49.67
CA ILE LB 264 -126.74 31.57 -50.00
C ILE LB 264 -126.15 32.15 -48.72
N ILE LB 265 -124.83 32.04 -48.59
CA ILE LB 265 -124.13 32.65 -47.46
C ILE LB 265 -124.33 34.15 -47.50
N VAL LB 266 -124.89 34.70 -46.41
CA VAL LB 266 -125.05 36.13 -46.28
C VAL LB 266 -123.91 36.79 -45.53
N ASP LB 267 -123.20 36.05 -44.68
CA ASP LB 267 -122.04 36.59 -43.98
C ASP LB 267 -121.17 35.44 -43.49
N GLU LB 268 -119.90 35.76 -43.24
CA GLU LB 268 -118.96 34.83 -42.63
C GLU LB 268 -118.17 35.57 -41.56
N LEU LB 269 -117.92 34.88 -40.45
CA LEU LB 269 -117.11 35.41 -39.35
C LEU LB 269 -115.84 34.58 -39.24
N LYS LB 270 -114.71 35.26 -39.04
CA LYS LB 270 -113.42 34.59 -38.95
C LYS LB 270 -112.67 34.96 -37.66
N GLN LB 271 -113.36 35.55 -36.69
CA GLN LB 271 -112.82 35.99 -35.40
C GLN LB 271 -111.82 37.14 -35.54
N GLU LB 272 -111.55 37.56 -36.78
CA GLU LB 272 -110.67 38.69 -37.08
C GLU LB 272 -109.29 38.52 -36.44
N VAL LB 273 -108.74 37.31 -36.55
CA VAL LB 273 -107.42 36.99 -36.01
C VAL LB 273 -106.36 37.34 -37.05
N ILE LB 274 -105.38 38.15 -36.66
CA ILE LB 274 -104.34 38.59 -37.58
C ILE LB 274 -102.97 38.16 -37.05
N SER LB 275 -102.95 37.19 -36.14
CA SER LB 275 -101.68 36.68 -35.63
C SER LB 275 -100.91 35.95 -36.72
N THR LB 276 -101.59 35.06 -37.46
CA THR LB 276 -101.10 34.26 -38.59
C THR LB 276 -99.70 33.69 -38.34
N SER LB 277 -99.43 33.30 -37.10
CA SER LB 277 -98.13 32.71 -36.75
C SER LB 277 -97.97 31.30 -37.28
N SER LB 278 -99.06 30.68 -37.78
CA SER LB 278 -99.03 29.41 -38.50
C SER LB 278 -98.56 28.24 -37.64
N LYS LB 279 -98.68 28.36 -36.32
CA LYS LB 279 -98.35 27.26 -35.42
C LYS LB 279 -99.57 26.73 -34.68
N ALA LB 280 -100.30 27.60 -33.98
CA ALA LB 280 -101.52 27.21 -33.30
C ALA LB 280 -102.70 27.54 -34.19
N GLU LB 281 -103.58 26.56 -34.38
CA GLU LB 281 -104.78 26.79 -35.16
C GLU LB 281 -105.71 27.76 -34.41
N PRO LB 282 -106.51 28.55 -35.13
CA PRO LB 282 -107.33 29.55 -34.46
C PRO LB 282 -108.35 28.90 -33.55
N PRO LB 283 -108.76 29.59 -32.48
CA PRO LB 283 -109.66 28.98 -31.49
C PRO LB 283 -110.98 28.54 -32.10
N GLN LB 284 -111.49 27.42 -31.58
CA GLN LB 284 -112.74 26.85 -32.08
C GLN LB 284 -113.95 27.57 -31.47
N CYS LB 285 -115.09 27.38 -32.13
CA CYS LB 285 -116.36 27.94 -31.69
C CYS LB 285 -117.27 26.80 -31.26
N THR LB 286 -117.39 26.60 -29.94
CA THR LB 286 -118.12 25.46 -29.40
C THR LB 286 -119.58 25.76 -29.08
N SER LB 287 -119.92 27.01 -28.84
CA SER LB 287 -121.27 27.37 -28.45
C SER LB 287 -121.90 28.32 -29.47
N LEU LB 288 -123.23 28.32 -29.50
CA LEU LB 288 -123.99 29.17 -30.41
C LEU LB 288 -125.42 29.27 -29.92
N ALA LB 289 -125.91 30.49 -29.74
CA ALA LB 289 -127.30 30.70 -29.35
C ALA LB 289 -127.71 32.12 -29.69
N TRP LB 290 -128.88 32.27 -30.31
CA TRP LB 290 -129.43 33.59 -30.59
C TRP LB 290 -130.14 34.14 -29.36
N SER LB 291 -130.41 35.43 -29.39
CA SER LB 291 -131.30 36.04 -28.41
C SER LB 291 -132.73 35.95 -28.93
N ALA LB 292 -133.69 36.12 -28.01
CA ALA LB 292 -135.09 36.01 -28.38
C ALA LB 292 -135.50 37.08 -29.38
N ASP LB 293 -135.03 38.31 -29.17
CA ASP LB 293 -135.30 39.38 -30.14
C ASP LB 293 -134.48 39.23 -31.41
N GLY LB 294 -133.44 38.39 -31.39
CA GLY LB 294 -132.86 37.85 -32.61
C GLY LB 294 -131.94 38.75 -33.40
N GLN LB 295 -131.48 39.86 -32.83
CA GLN LB 295 -130.53 40.71 -33.55
C GLN LB 295 -129.10 40.52 -33.09
N THR LB 296 -128.87 39.81 -31.99
CA THR LB 296 -127.53 39.58 -31.47
C THR LB 296 -127.31 38.09 -31.25
N LEU LB 297 -126.14 37.62 -31.65
CA LEU LB 297 -125.79 36.20 -31.58
C LEU LB 297 -124.57 36.03 -30.69
N PHE LB 298 -124.63 35.03 -29.82
CA PHE LB 298 -123.60 34.77 -28.82
C PHE LB 298 -122.95 33.43 -29.09
N ALA LB 299 -121.62 33.39 -29.00
CA ALA LB 299 -120.86 32.19 -29.30
C ALA LB 299 -119.72 32.06 -28.29
N GLY LB 300 -119.66 30.92 -27.60
CA GLY LB 300 -118.58 30.65 -26.66
C GLY LB 300 -117.47 29.86 -27.32
N TYR LB 301 -116.24 30.31 -27.11
CA TYR LB 301 -115.07 29.80 -27.81
C TYR LB 301 -114.17 29.01 -26.86
N THR LB 302 -113.00 28.61 -27.38
CA THR LB 302 -112.05 27.80 -26.65
C THR LB 302 -110.95 28.63 -25.98
N ASP LB 303 -111.01 29.96 -26.10
CA ASP LB 303 -110.07 30.85 -25.45
C ASP LB 303 -110.52 31.27 -24.04
N ASN LB 304 -111.34 30.43 -23.39
CA ASN LB 304 -111.96 30.75 -22.10
C ASN LB 304 -112.75 32.05 -22.17
N LEU LB 305 -113.40 32.28 -23.32
CA LEU LB 305 -114.06 33.55 -23.59
C LEU LB 305 -115.24 33.30 -24.51
N VAL LB 306 -116.23 34.17 -24.41
CA VAL LB 306 -117.42 34.14 -25.26
C VAL LB 306 -117.58 35.50 -25.90
N ARG LB 307 -117.85 35.51 -27.21
CA ARG LB 307 -117.93 36.74 -27.99
C ARG LB 307 -119.38 37.09 -28.29
N VAL LB 308 -119.62 38.37 -28.55
CA VAL LB 308 -120.95 38.87 -28.90
C VAL LB 308 -120.88 39.50 -30.29
N TRP LB 309 -121.91 39.24 -31.10
CA TRP LB 309 -121.99 39.75 -32.46
C TRP LB 309 -123.33 40.45 -32.62
N GLN LB 310 -123.32 41.62 -33.24
CA GLN LB 310 -124.54 42.37 -33.52
C GLN LB 310 -124.63 42.63 -35.02
N VAL LB 311 -125.85 42.61 -35.53
CA VAL LB 311 -126.12 42.86 -36.94
C VAL LB 311 -126.44 44.34 -37.12
N THR LB 312 -125.84 44.95 -38.14
CA THR LB 312 -126.06 46.37 -38.39
C THR LB 312 -127.45 46.61 -38.99
N ILE LB 313 -127.85 47.87 -39.02
CA ILE LB 313 -129.13 48.24 -39.63
C ILE LB 313 -128.96 48.42 -41.13
N GLY MB 1 -85.73 -11.24 -79.62
CA GLY MB 1 -86.72 -10.86 -80.61
C GLY MB 1 -86.22 -10.98 -82.03
N ALA MB 2 -85.83 -12.19 -82.42
CA ALA MB 2 -85.21 -12.45 -83.72
C ALA MB 2 -86.21 -12.49 -84.87
N LEU MB 3 -87.46 -12.13 -84.64
CA LEU MB 3 -88.46 -12.17 -85.69
C LEU MB 3 -88.78 -10.76 -86.18
N ASP MB 4 -89.48 -10.72 -87.32
CA ASP MB 4 -89.84 -9.44 -87.93
C ASP MB 4 -90.85 -8.69 -87.07
N VAL MB 5 -91.83 -9.40 -86.51
CA VAL MB 5 -92.82 -8.73 -85.66
C VAL MB 5 -92.18 -8.21 -84.39
N LEU MB 6 -91.11 -8.86 -83.93
CA LEU MB 6 -90.38 -8.43 -82.73
C LEU MB 6 -89.24 -7.48 -83.08
N GLN MB 7 -89.54 -6.43 -83.83
CA GLN MB 7 -88.53 -5.46 -84.24
C GLN MB 7 -88.93 -4.07 -83.78
N MET MB 8 -87.96 -3.16 -83.81
CA MET MB 8 -88.18 -1.79 -83.39
C MET MB 8 -89.21 -1.12 -84.29
N LYS MB 9 -90.03 -0.26 -83.67
CA LYS MB 9 -90.82 0.71 -84.40
C LYS MB 9 -90.22 2.09 -84.20
N GLU MB 10 -90.41 2.96 -85.20
CA GLU MB 10 -89.92 4.32 -85.09
C GLU MB 10 -90.50 5.03 -83.88
N GLU MB 11 -91.74 4.69 -83.51
CA GLU MB 11 -92.33 5.27 -82.32
C GLU MB 11 -91.58 4.86 -81.05
N ASP MB 12 -91.17 3.58 -80.98
CA ASP MB 12 -90.41 3.12 -79.83
C ASP MB 12 -89.05 3.79 -79.75
N VAL MB 13 -88.39 3.99 -80.90
CA VAL MB 13 -87.12 4.70 -80.90
C VAL MB 13 -87.31 6.15 -80.49
N LEU MB 14 -88.43 6.75 -80.91
CA LEU MB 14 -88.76 8.10 -80.48
C LEU MB 14 -88.93 8.16 -78.96
N LYS MB 15 -89.63 7.17 -78.39
CA LYS MB 15 -89.80 7.13 -76.95
C LYS MB 15 -88.47 6.96 -76.24
N PHE MB 16 -87.62 6.08 -76.76
CA PHE MB 16 -86.28 5.90 -76.19
C PHE MB 16 -85.52 7.22 -76.18
N LEU MB 17 -85.46 7.89 -77.33
CA LEU MB 17 -84.71 9.14 -77.44
C LEU MB 17 -85.30 10.23 -76.57
N ALA MB 18 -86.63 10.31 -76.49
CA ALA MB 18 -87.27 11.34 -75.67
C ALA MB 18 -86.98 11.11 -74.19
N ALA MB 19 -87.00 9.85 -73.74
CA ALA MB 19 -86.70 9.56 -72.35
C ALA MB 19 -85.22 9.33 -72.09
N GLY MB 20 -84.38 9.51 -73.10
CA GLY MB 20 -82.96 9.27 -72.92
C GLY MB 20 -82.60 7.80 -73.10
N THR MB 21 -82.36 7.12 -71.97
CA THR MB 21 -81.99 5.69 -71.87
C THR MB 21 -80.91 5.29 -72.87
N HIS MB 22 -80.12 6.26 -73.34
CA HIS MB 22 -79.01 6.02 -74.25
C HIS MB 22 -77.74 6.73 -73.83
N LEU MB 23 -77.82 7.83 -73.08
CA LEU MB 23 -76.67 8.41 -72.43
C LEU MB 23 -76.37 7.58 -71.19
N GLY MB 24 -75.10 7.25 -70.99
CA GLY MB 24 -74.69 6.43 -69.88
C GLY MB 24 -73.88 7.21 -68.85
N GLY MB 25 -73.45 6.50 -67.83
CA GLY MB 25 -72.58 7.09 -66.84
C GLY MB 25 -71.19 7.33 -67.39
N THR MB 26 -70.42 8.13 -66.65
CA THR MB 26 -69.05 8.43 -67.03
C THR MB 26 -68.13 7.23 -66.87
N ASN MB 27 -68.57 6.17 -66.20
CA ASN MB 27 -67.74 5.02 -65.89
C ASN MB 27 -68.29 3.77 -66.55
N LEU MB 28 -67.41 3.02 -67.19
CA LEU MB 28 -67.78 1.79 -67.89
C LEU MB 28 -67.10 0.60 -67.24
N ASP MB 29 -67.88 -0.45 -66.99
CA ASP MB 29 -67.39 -1.64 -66.30
C ASP MB 29 -66.86 -2.68 -67.29
N PHE MB 30 -66.23 -3.71 -66.73
CA PHE MB 30 -65.63 -4.78 -67.51
C PHE MB 30 -66.63 -5.86 -67.91
N GLN MB 31 -67.82 -5.85 -67.33
CA GLN MB 31 -68.85 -6.83 -67.63
C GLN MB 31 -69.90 -6.30 -68.60
N MET MB 32 -69.68 -5.11 -69.18
CA MET MB 32 -70.71 -4.42 -69.93
C MET MB 32 -70.24 -3.86 -71.27
N GLU MB 33 -68.92 -3.77 -71.48
CA GLU MB 33 -68.38 -2.90 -72.53
C GLU MB 33 -68.81 -3.33 -73.94
N GLN MB 34 -69.20 -4.57 -74.14
CA GLN MB 34 -69.58 -4.98 -75.49
C GLN MB 34 -70.94 -4.44 -75.89
N TYR MB 35 -71.76 -4.02 -74.93
CA TYR MB 35 -73.05 -3.38 -75.23
C TYR MB 35 -72.89 -1.93 -75.68
N ILE MB 36 -71.96 -1.20 -75.09
CA ILE MB 36 -71.79 0.22 -75.35
C ILE MB 36 -71.25 0.42 -76.76
N TYR MB 37 -71.32 1.66 -77.25
CA TYR MB 37 -70.71 1.98 -78.54
C TYR MB 37 -69.53 2.95 -78.42
N LYS MB 38 -69.76 4.14 -77.86
CA LYS MB 38 -68.70 5.14 -77.93
C LYS MB 38 -68.89 6.22 -76.88
N ARG MB 39 -67.79 6.56 -76.21
CA ARG MB 39 -67.74 7.64 -75.25
C ARG MB 39 -67.64 8.97 -75.99
N LYS MB 40 -68.55 9.89 -75.71
CA LYS MB 40 -68.60 11.15 -76.43
C LYS MB 40 -67.56 12.10 -75.85
N SER MB 41 -67.63 13.38 -76.26
CA SER MB 41 -66.62 14.35 -75.84
C SER MB 41 -66.64 14.58 -74.34
N ASP MB 42 -67.82 14.73 -73.75
CA ASP MB 42 -67.92 15.04 -72.33
C ASP MB 42 -67.85 13.81 -71.44
N GLY MB 43 -67.41 12.67 -71.95
CA GLY MB 43 -67.21 11.48 -71.16
C GLY MB 43 -68.41 10.55 -71.09
N ILE MB 44 -69.57 10.98 -71.56
CA ILE MB 44 -70.78 10.16 -71.47
C ILE MB 44 -70.75 9.11 -72.56
N TYR MB 45 -70.90 7.85 -72.18
CA TYR MB 45 -70.95 6.76 -73.14
C TYR MB 45 -72.30 6.75 -73.85
N ILE MB 46 -72.33 6.16 -75.04
CA ILE MB 46 -73.55 6.04 -75.83
C ILE MB 46 -73.90 4.57 -75.96
N ILE MB 47 -75.12 4.22 -75.58
CA ILE MB 47 -75.55 2.83 -75.54
C ILE MB 47 -76.10 2.42 -76.90
N ASN MB 48 -75.66 1.27 -77.40
CA ASN MB 48 -76.31 0.64 -78.52
C ASN MB 48 -77.76 0.34 -78.15
N LEU MB 49 -78.68 0.68 -79.04
CA LEU MB 49 -80.09 0.49 -78.75
C LEU MB 49 -80.63 -0.82 -79.31
N LYS MB 50 -80.10 -1.31 -80.42
CA LYS MB 50 -80.53 -2.60 -80.94
C LYS MB 50 -80.22 -3.72 -79.96
N ARG MB 51 -79.03 -3.66 -79.35
CA ARG MB 51 -78.68 -4.62 -78.31
C ARG MB 51 -79.68 -4.55 -77.16
N THR MB 52 -80.02 -3.34 -76.72
CA THR MB 52 -80.96 -3.20 -75.61
C THR MB 52 -82.33 -3.74 -75.97
N TRP MB 53 -82.78 -3.50 -77.21
CA TRP MB 53 -84.10 -3.97 -77.62
C TRP MB 53 -84.14 -5.49 -77.68
N GLU MB 54 -83.16 -6.10 -78.35
CA GLU MB 54 -83.12 -7.56 -78.43
C GLU MB 54 -83.01 -8.17 -77.05
N LYS MB 55 -82.20 -7.55 -76.20
CA LYS MB 55 -81.93 -8.09 -74.88
C LYS MB 55 -83.15 -7.95 -73.97
N LEU MB 56 -83.91 -6.86 -74.12
CA LEU MB 56 -85.15 -6.72 -73.36
C LEU MB 56 -86.21 -7.68 -73.86
N LEU MB 57 -86.24 -7.96 -75.16
CA LEU MB 57 -87.12 -9.02 -75.67
C LEU MB 57 -86.75 -10.36 -75.04
N LEU MB 58 -85.46 -10.64 -74.92
CA LEU MB 58 -85.01 -11.86 -74.24
C LEU MB 58 -85.47 -11.89 -72.79
N ALA MB 59 -85.36 -10.77 -72.09
CA ALA MB 59 -85.81 -10.70 -70.70
C ALA MB 59 -87.31 -10.94 -70.59
N ALA MB 60 -88.08 -10.38 -71.53
CA ALA MB 60 -89.52 -10.60 -71.54
C ALA MB 60 -89.85 -12.06 -71.80
N ARG MB 61 -89.09 -12.71 -72.69
CA ARG MB 61 -89.24 -14.15 -72.88
C ARG MB 61 -88.96 -14.92 -71.59
N ALA MB 62 -87.94 -14.49 -70.85
CA ALA MB 62 -87.66 -15.13 -69.56
C ALA MB 62 -88.81 -14.95 -68.59
N ILE MB 63 -89.42 -13.76 -68.58
CA ILE MB 63 -90.52 -13.51 -67.65
C ILE MB 63 -91.75 -14.33 -68.01
N VAL MB 64 -92.13 -14.33 -69.29
CA VAL MB 64 -93.39 -14.95 -69.67
C VAL MB 64 -93.37 -16.47 -69.57
N ALA MB 65 -92.19 -17.07 -69.45
CA ALA MB 65 -92.10 -18.52 -69.27
C ALA MB 65 -92.70 -18.99 -67.96
N ILE MB 66 -92.82 -18.10 -66.97
CA ILE MB 66 -93.38 -18.45 -65.67
C ILE MB 66 -94.89 -18.42 -65.76
N GLU MB 67 -95.53 -19.50 -65.27
CA GLU MB 67 -96.98 -19.58 -65.33
C GLU MB 67 -97.65 -18.58 -64.40
N ASN MB 68 -97.20 -18.52 -63.14
CA ASN MB 68 -97.85 -17.68 -62.15
C ASN MB 68 -97.44 -16.23 -62.33
N PRO MB 69 -98.37 -15.30 -62.55
CA PRO MB 69 -98.00 -13.88 -62.54
C PRO MB 69 -97.42 -13.41 -61.22
N ALA MB 70 -97.84 -13.99 -60.10
CA ALA MB 70 -97.32 -13.61 -58.80
C ALA MB 70 -95.97 -14.25 -58.49
N ASP MB 71 -95.56 -15.27 -59.24
CA ASP MB 71 -94.25 -15.86 -59.02
C ASP MB 71 -93.10 -14.96 -59.44
N VAL MB 72 -93.35 -13.97 -60.29
CA VAL MB 72 -92.33 -13.00 -60.67
C VAL MB 72 -92.53 -11.74 -59.83
N SER MB 73 -91.43 -11.16 -59.37
CA SER MB 73 -91.48 -10.02 -58.48
C SER MB 73 -90.50 -8.95 -58.95
N VAL MB 74 -90.77 -7.70 -58.57
CA VAL MB 74 -89.95 -6.56 -58.96
C VAL MB 74 -89.54 -5.82 -57.70
N ILE MB 75 -88.46 -5.06 -57.80
CA ILE MB 75 -87.97 -4.27 -56.68
C ILE MB 75 -87.42 -2.95 -57.19
N SER MB 76 -87.64 -1.90 -56.40
CA SER MB 76 -87.03 -0.59 -56.63
C SER MB 76 -86.97 0.12 -55.28
N SER MB 77 -85.79 0.08 -54.66
CA SER MB 77 -85.66 0.72 -53.35
C SER MB 77 -85.60 2.24 -53.49
N ARG MB 78 -85.07 2.74 -54.59
CA ARG MB 78 -85.00 4.18 -54.81
C ARG MB 78 -86.38 4.76 -55.10
N ASN MB 79 -86.53 6.04 -54.77
CA ASN MB 79 -87.81 6.71 -54.97
C ASN MB 79 -88.18 6.75 -56.45
N THR MB 80 -87.21 7.04 -57.31
CA THR MB 80 -87.47 7.03 -58.74
C THR MB 80 -87.51 5.60 -59.28
N GLY MB 81 -88.71 5.02 -59.31
CA GLY MB 81 -88.89 3.67 -59.80
C GLY MB 81 -89.92 2.89 -59.02
N GLN MB 82 -90.28 3.38 -57.82
CA GLN MB 82 -91.29 2.70 -57.01
C GLN MB 82 -92.66 2.74 -57.68
N ARG MB 83 -93.05 3.91 -58.20
CA ARG MB 83 -94.30 3.99 -58.93
C ARG MB 83 -94.28 3.09 -60.16
N ALA MB 84 -93.13 3.04 -60.84
CA ALA MB 84 -93.02 2.22 -62.04
C ALA MB 84 -93.22 0.75 -61.72
N VAL MB 85 -92.53 0.24 -60.69
CA VAL MB 85 -92.66 -1.18 -60.36
C VAL MB 85 -94.05 -1.48 -59.82
N LEU MB 86 -94.66 -0.54 -59.09
CA LEU MB 86 -96.02 -0.76 -58.61
C LEU MB 86 -97.01 -0.87 -59.75
N LYS MB 87 -96.93 0.05 -60.73
CA LYS MB 87 -97.83 -0.03 -61.88
C LYS MB 87 -97.55 -1.28 -62.70
N PHE MB 88 -96.28 -1.67 -62.82
CA PHE MB 88 -95.94 -2.89 -63.54
C PHE MB 88 -96.55 -4.11 -62.88
N ALA MB 89 -96.44 -4.20 -61.55
CA ALA MB 89 -97.00 -5.34 -60.83
C ALA MB 89 -98.51 -5.36 -60.93
N ALA MB 90 -99.14 -4.18 -60.91
CA ALA MB 90 -100.58 -4.13 -61.12
C ALA MB 90 -100.94 -4.62 -62.51
N ALA MB 91 -100.15 -4.24 -63.52
CA ALA MB 91 -100.46 -4.63 -64.89
C ALA MB 91 -100.27 -6.12 -65.13
N THR MB 92 -99.14 -6.67 -64.70
CA THR MB 92 -98.79 -8.04 -65.02
C THR MB 92 -99.12 -9.03 -63.90
N GLY MB 93 -99.76 -8.58 -62.83
CA GLY MB 93 -100.00 -9.46 -61.71
C GLY MB 93 -98.76 -9.84 -60.93
N ALA MB 94 -97.69 -9.07 -61.06
CA ALA MB 94 -96.44 -9.38 -60.38
C ALA MB 94 -96.52 -8.98 -58.91
N THR MB 95 -95.46 -9.31 -58.18
CA THR MB 95 -95.39 -9.00 -56.76
C THR MB 95 -94.46 -7.81 -56.55
N PRO MB 96 -94.96 -6.66 -56.14
CA PRO MB 96 -94.11 -5.48 -55.99
C PRO MB 96 -93.42 -5.40 -54.65
N ILE MB 97 -92.23 -4.81 -54.68
CA ILE MB 97 -91.48 -4.49 -53.47
C ILE MB 97 -91.04 -3.04 -53.57
N ALA MB 98 -91.42 -2.24 -52.57
CA ALA MB 98 -91.21 -0.80 -52.61
C ALA MB 98 -90.53 -0.33 -51.33
N GLY MB 99 -89.87 0.82 -51.43
CA GLY MB 99 -89.20 1.40 -50.28
C GLY MB 99 -88.05 0.53 -49.82
N ARG MB 100 -87.90 0.43 -48.50
CA ARG MB 100 -86.87 -0.43 -47.92
C ARG MB 100 -87.18 -1.89 -48.19
N PHE MB 101 -86.15 -2.65 -48.54
CA PHE MB 101 -86.24 -4.10 -48.65
C PHE MB 101 -85.64 -4.69 -47.39
N THR MB 102 -86.46 -5.34 -46.58
CA THR MB 102 -85.98 -5.89 -45.32
C THR MB 102 -85.10 -7.12 -45.59
N PRO MB 103 -84.09 -7.35 -44.76
CA PRO MB 103 -83.31 -8.58 -44.90
C PRO MB 103 -84.12 -9.80 -44.53
N GLY MB 104 -83.73 -10.94 -45.09
CA GLY MB 104 -84.36 -12.20 -44.78
C GLY MB 104 -85.68 -12.45 -45.46
N THR MB 105 -86.05 -11.63 -46.45
CA THR MB 105 -87.31 -11.86 -47.17
C THR MB 105 -87.28 -13.16 -47.95
N PHE MB 106 -86.08 -13.64 -48.30
CA PHE MB 106 -85.95 -14.87 -49.08
C PHE MB 106 -85.29 -16.00 -48.30
N THR MB 107 -84.62 -15.72 -47.19
CA THR MB 107 -83.93 -16.75 -46.43
C THR MB 107 -84.46 -16.96 -45.01
N ASN MB 108 -85.19 -16.00 -44.46
CA ASN MB 108 -85.75 -16.12 -43.12
C ASN MB 108 -87.22 -16.50 -43.24
N GLN MB 109 -87.54 -17.76 -42.97
CA GLN MB 109 -88.88 -18.29 -43.19
C GLN MB 109 -89.86 -17.96 -42.08
N ILE MB 110 -89.38 -17.44 -40.94
CA ILE MB 110 -90.25 -17.28 -39.78
C ILE MB 110 -91.31 -16.22 -40.04
N GLN MB 111 -90.90 -15.06 -40.54
CA GLN MB 111 -91.84 -13.97 -40.75
C GLN MB 111 -92.84 -14.32 -41.85
N ALA MB 112 -94.04 -13.72 -41.74
CA ALA MB 112 -95.04 -13.88 -42.79
C ALA MB 112 -94.73 -12.99 -44.00
N ALA MB 113 -93.87 -11.99 -43.82
CA ALA MB 113 -93.37 -11.22 -44.96
C ALA MB 113 -92.39 -12.03 -45.80
N PHE MB 114 -91.95 -13.18 -45.32
CA PHE MB 114 -91.10 -14.06 -46.11
C PHE MB 114 -91.81 -14.50 -47.37
N ARG MB 115 -91.08 -14.50 -48.48
CA ARG MB 115 -91.62 -14.89 -49.77
C ARG MB 115 -90.51 -15.58 -50.55
N GLU MB 116 -90.91 -16.34 -51.57
CA GLU MB 116 -89.99 -17.16 -52.34
C GLU MB 116 -90.45 -17.25 -53.79
N PRO MB 117 -90.04 -16.29 -54.61
CA PRO MB 117 -90.52 -16.22 -56.00
C PRO MB 117 -89.68 -17.09 -56.92
N ARG MB 118 -90.02 -17.05 -58.20
CA ARG MB 118 -89.33 -17.79 -59.24
C ARG MB 118 -88.50 -16.89 -60.15
N LEU MB 119 -88.62 -15.57 -59.99
CA LEU MB 119 -87.82 -14.62 -60.75
C LEU MB 119 -87.78 -13.26 -60.08
N LEU MB 120 -86.59 -12.75 -59.81
CA LEU MB 120 -86.39 -11.44 -59.21
C LEU MB 120 -86.05 -10.44 -60.30
N VAL MB 121 -86.65 -9.25 -60.25
CA VAL MB 121 -86.39 -8.18 -61.20
C VAL MB 121 -85.94 -6.96 -60.41
N VAL MB 122 -84.89 -6.30 -60.90
CA VAL MB 122 -84.17 -5.27 -60.14
C VAL MB 122 -84.13 -4.00 -60.97
N THR MB 123 -84.37 -2.86 -60.32
CA THR MB 123 -84.25 -1.58 -61.01
C THR MB 123 -82.79 -1.13 -61.10
N ASP MB 124 -82.01 -1.33 -60.04
CA ASP MB 124 -80.62 -0.91 -60.07
C ASP MB 124 -79.78 -1.78 -59.15
N PRO MB 125 -78.66 -2.32 -59.65
CA PRO MB 125 -77.82 -3.20 -58.79
C PRO MB 125 -77.25 -2.51 -57.57
N ARG MB 126 -76.85 -1.24 -57.71
CA ARG MB 126 -76.30 -0.52 -56.57
C ARG MB 126 -77.35 -0.29 -55.51
N ALA MB 127 -78.60 -0.05 -55.93
CA ALA MB 127 -79.67 0.17 -54.98
C ALA MB 127 -80.22 -1.13 -54.42
N ASP MB 128 -79.91 -2.26 -55.05
CA ASP MB 128 -80.52 -3.54 -54.70
C ASP MB 128 -79.47 -4.64 -54.59
N HIS MB 129 -78.30 -4.31 -54.04
CA HIS MB 129 -77.27 -5.34 -53.89
C HIS MB 129 -77.63 -6.35 -52.82
N GLN MB 130 -78.30 -5.91 -51.75
CA GLN MB 130 -78.70 -6.86 -50.70
C GLN MB 130 -79.73 -7.87 -51.19
N PRO MB 131 -80.83 -7.49 -51.87
CA PRO MB 131 -81.69 -8.54 -52.45
C PRO MB 131 -81.00 -9.33 -53.53
N LEU MB 132 -80.01 -8.73 -54.20
CA LEU MB 132 -79.22 -9.48 -55.17
C LEU MB 132 -78.47 -10.62 -54.49
N THR MB 133 -77.89 -10.34 -53.32
CA THR MB 133 -77.24 -11.41 -52.56
C THR MB 133 -78.26 -12.41 -52.03
N GLU MB 134 -79.45 -11.94 -51.67
CA GLU MB 134 -80.47 -12.82 -51.13
C GLU MB 134 -80.99 -13.81 -52.16
N ALA MB 135 -80.90 -13.47 -53.45
CA ALA MB 135 -81.35 -14.39 -54.49
C ALA MB 135 -80.51 -15.66 -54.52
N SER MB 136 -79.20 -15.54 -54.37
CA SER MB 136 -78.29 -16.67 -54.47
C SER MB 136 -78.44 -17.65 -53.31
N TYR MB 137 -79.13 -17.28 -52.24
CA TYR MB 137 -79.38 -18.21 -51.15
C TYR MB 137 -80.72 -18.93 -51.28
N VAL MB 138 -81.49 -18.65 -52.32
CA VAL MB 138 -82.83 -19.23 -52.44
C VAL MB 138 -83.02 -19.76 -53.86
N ASN MB 139 -81.95 -19.72 -54.66
CA ASN MB 139 -81.99 -20.12 -56.08
C ASN MB 139 -83.02 -19.30 -56.84
N LEU MB 140 -82.73 -18.00 -56.93
CA LEU MB 140 -83.61 -17.05 -57.60
C LEU MB 140 -82.88 -16.40 -58.78
N PRO MB 141 -83.33 -16.60 -60.01
CA PRO MB 141 -82.71 -15.90 -61.15
C PRO MB 141 -82.99 -14.42 -61.09
N THR MB 142 -82.13 -13.64 -61.72
CA THR MB 142 -82.21 -12.18 -61.62
C THR MB 142 -82.26 -11.54 -63.00
N ILE MB 143 -83.26 -10.70 -63.20
CA ILE MB 143 -83.25 -9.68 -64.24
C ILE MB 143 -82.98 -8.36 -63.53
N ALA MB 144 -82.30 -7.44 -64.21
CA ALA MB 144 -82.03 -6.13 -63.63
C ALA MB 144 -82.01 -5.08 -64.71
N LEU MB 145 -81.82 -3.84 -64.29
CA LEU MB 145 -81.72 -2.69 -65.18
C LEU MB 145 -80.43 -1.97 -64.83
N CYS MB 146 -79.54 -1.85 -65.80
CA CYS MB 146 -78.17 -1.45 -65.56
C CYS MB 146 -77.71 -0.42 -66.57
N ASN MB 147 -76.97 0.58 -66.09
CA ASN MB 147 -76.32 1.56 -66.93
C ASN MB 147 -74.90 1.07 -67.24
N THR MB 148 -74.07 1.98 -67.76
CA THR MB 148 -72.69 1.64 -68.06
C THR MB 148 -71.85 1.41 -66.81
N ASP MB 149 -72.35 1.79 -65.63
CA ASP MB 149 -71.55 1.76 -64.41
C ASP MB 149 -72.14 0.83 -63.35
N SER MB 150 -73.11 0.01 -63.69
CA SER MB 150 -73.71 -0.90 -62.73
C SER MB 150 -72.88 -2.17 -62.61
N PRO MB 151 -72.41 -2.53 -61.43
CA PRO MB 151 -71.76 -3.83 -61.26
C PRO MB 151 -72.74 -4.96 -61.52
N LEU MB 152 -72.22 -6.08 -62.01
CA LEU MB 152 -73.05 -7.17 -62.50
C LEU MB 152 -72.77 -8.49 -61.79
N ARG MB 153 -72.58 -8.46 -60.48
CA ARG MB 153 -72.11 -9.63 -59.75
C ARG MB 153 -73.05 -10.82 -59.84
N TYR MB 154 -74.23 -10.71 -59.23
CA TYR MB 154 -75.17 -11.82 -59.14
C TYR MB 154 -76.26 -11.75 -60.20
N VAL MB 155 -76.20 -10.75 -61.06
CA VAL MB 155 -77.24 -10.58 -62.06
C VAL MB 155 -76.97 -11.55 -63.20
N ASP MB 156 -78.04 -11.92 -63.89
CA ASP MB 156 -77.98 -12.84 -65.02
C ASP MB 156 -78.60 -12.26 -66.27
N ILE MB 157 -79.62 -11.41 -66.12
CA ILE MB 157 -80.43 -10.86 -67.20
C ILE MB 157 -80.36 -9.33 -67.08
N ALA MB 158 -79.18 -8.81 -66.79
CA ALA MB 158 -78.98 -7.36 -66.69
C ALA MB 158 -79.32 -6.67 -68.01
N ILE MB 159 -80.39 -5.87 -68.01
CA ILE MB 159 -80.70 -5.02 -69.15
C ILE MB 159 -79.69 -3.88 -69.21
N PRO MB 160 -79.11 -3.56 -70.35
CA PRO MB 160 -78.28 -2.36 -70.45
C PRO MB 160 -79.02 -1.11 -70.92
N CYS MB 161 -79.88 -0.51 -70.07
CA CYS MB 161 -80.67 0.63 -70.53
C CYS MB 161 -80.35 1.93 -69.83
N ASN MB 162 -80.54 2.02 -68.51
CA ASN MB 162 -80.35 3.23 -67.71
C ASN MB 162 -80.74 2.91 -66.28
N ASN MB 163 -80.32 3.76 -65.35
CA ASN MB 163 -80.74 3.62 -63.96
C ASN MB 163 -80.98 4.95 -63.26
N LYS MB 164 -80.88 6.08 -63.96
CA LYS MB 164 -80.82 7.39 -63.31
C LYS MB 164 -82.05 8.26 -63.56
N GLY MB 165 -82.40 8.49 -64.83
CA GLY MB 165 -83.47 9.43 -65.14
C GLY MB 165 -84.83 8.88 -64.78
N ALA MB 166 -85.71 9.77 -64.30
CA ALA MB 166 -87.08 9.36 -64.01
C ALA MB 166 -87.81 8.98 -65.29
N HIS MB 167 -87.62 9.76 -66.35
CA HIS MB 167 -88.23 9.45 -67.64
C HIS MB 167 -87.74 8.11 -68.17
N SER MB 168 -86.43 7.87 -68.08
CA SER MB 168 -85.87 6.62 -68.61
C SER MB 168 -86.37 5.41 -67.83
N VAL MB 169 -86.41 5.50 -66.50
CA VAL MB 169 -86.86 4.37 -65.69
C VAL MB 169 -88.33 4.10 -65.92
N GLY MB 170 -89.14 5.15 -65.94
CA GLY MB 170 -90.55 4.98 -66.24
C GLY MB 170 -90.77 4.36 -67.60
N LEU MB 171 -90.02 4.82 -68.61
CA LEU MB 171 -90.16 4.28 -69.96
C LEU MB 171 -89.74 2.82 -70.02
N MET MB 172 -88.63 2.46 -69.37
CA MET MB 172 -88.18 1.08 -69.46
C MET MB 172 -89.16 0.13 -68.77
N TRP MB 173 -89.71 0.53 -67.62
CA TRP MB 173 -90.69 -0.32 -66.96
C TRP MB 173 -91.98 -0.41 -67.77
N TRP MB 174 -92.43 0.71 -68.32
CA TRP MB 174 -93.64 0.72 -69.13
C TRP MB 174 -93.46 -0.13 -70.39
N MET MB 175 -92.30 -0.03 -71.03
CA MET MB 175 -92.01 -0.80 -72.24
C MET MB 175 -91.92 -2.29 -71.94
N LEU MB 176 -91.27 -2.66 -70.83
CA LEU MB 176 -91.18 -4.06 -70.48
C LEU MB 176 -92.57 -4.62 -70.18
N ALA MB 177 -93.40 -3.85 -69.48
CA ALA MB 177 -94.78 -4.25 -69.26
C ALA MB 177 -95.53 -4.41 -70.58
N ARG MB 178 -95.34 -3.46 -71.51
CA ARG MB 178 -96.00 -3.53 -72.80
C ARG MB 178 -95.64 -4.80 -73.53
N GLU MB 179 -94.35 -5.13 -73.56
CA GLU MB 179 -93.90 -6.32 -74.28
C GLU MB 179 -94.44 -7.58 -73.63
N VAL MB 180 -94.34 -7.69 -72.30
CA VAL MB 180 -94.76 -8.92 -71.64
C VAL MB 180 -96.27 -9.10 -71.74
N LEU MB 181 -97.03 -8.01 -71.89
CA LEU MB 181 -98.46 -8.18 -72.14
C LEU MB 181 -98.74 -8.48 -73.61
N ARG MB 182 -97.89 -8.01 -74.52
CA ARG MB 182 -98.12 -8.26 -75.94
C ARG MB 182 -97.86 -9.72 -76.30
N MET MB 183 -96.79 -10.32 -75.76
CA MET MB 183 -96.45 -11.68 -76.19
C MET MB 183 -97.46 -12.69 -75.67
N ARG MB 184 -98.00 -12.49 -74.48
CA ARG MB 184 -99.12 -13.31 -74.05
C ARG MB 184 -100.39 -12.86 -74.77
N GLY MB 185 -101.48 -13.56 -74.50
CA GLY MB 185 -102.73 -13.26 -75.18
C GLY MB 185 -103.50 -12.10 -74.58
N THR MB 186 -102.89 -10.91 -74.52
CA THR MB 186 -103.56 -9.73 -74.01
C THR MB 186 -103.67 -8.63 -75.07
N ILE MB 187 -102.57 -8.24 -75.70
CA ILE MB 187 -102.56 -7.14 -76.66
C ILE MB 187 -102.38 -7.72 -78.05
N SER MB 188 -103.14 -7.19 -79.01
CA SER MB 188 -103.21 -7.73 -80.36
C SER MB 188 -102.03 -7.32 -81.24
N ARG MB 189 -100.95 -6.79 -80.67
CA ARG MB 189 -99.69 -6.48 -81.34
C ARG MB 189 -99.81 -5.42 -82.43
N GLU MB 190 -100.96 -4.74 -82.56
CA GLU MB 190 -101.15 -3.78 -83.63
C GLU MB 190 -101.29 -2.35 -83.12
N HIS MB 191 -102.26 -2.11 -82.25
CA HIS MB 191 -102.56 -0.78 -81.75
C HIS MB 191 -101.56 -0.37 -80.67
N PRO MB 192 -101.40 0.93 -80.45
CA PRO MB 192 -100.55 1.38 -79.33
C PRO MB 192 -101.17 0.98 -78.01
N TRP MB 193 -100.31 0.78 -77.01
CA TRP MB 193 -100.79 0.46 -75.68
C TRP MB 193 -101.51 1.66 -75.09
N GLU MB 194 -102.72 1.42 -74.56
CA GLU MB 194 -103.56 2.51 -74.10
C GLU MB 194 -103.07 3.15 -72.81
N VAL MB 195 -102.12 2.51 -72.13
CA VAL MB 195 -101.53 3.09 -70.92
C VAL MB 195 -100.46 4.09 -71.33
N MET MB 196 -100.56 5.30 -70.81
CA MET MB 196 -99.54 6.29 -71.05
C MET MB 196 -98.31 6.00 -70.19
N PRO MB 197 -97.10 6.07 -70.76
CA PRO MB 197 -95.89 5.79 -69.96
C PRO MB 197 -95.66 6.77 -68.82
N ASP MB 198 -96.34 7.91 -68.82
CA ASP MB 198 -96.22 8.84 -67.69
C ASP MB 198 -96.77 8.22 -66.41
N LEU MB 199 -97.67 7.25 -66.54
CA LEU MB 199 -98.15 6.51 -65.38
C LEU MB 199 -97.01 5.78 -64.67
N TYR MB 200 -96.01 5.33 -65.44
CA TYR MB 200 -94.83 4.70 -64.87
C TYR MB 200 -93.75 5.69 -64.47
N PHE MB 201 -93.90 6.96 -64.83
CA PHE MB 201 -92.91 7.96 -64.49
C PHE MB 201 -92.92 8.24 -62.99
N TYR MB 202 -91.73 8.39 -62.40
CA TYR MB 202 -91.67 8.89 -61.04
C TYR MB 202 -91.92 10.39 -61.03
N ARG MB 203 -92.78 10.82 -60.11
CA ARG MB 203 -93.11 12.24 -59.98
C ARG MB 203 -92.64 12.73 -58.62
N ASP MB 204 -91.79 13.76 -58.64
CA ASP MB 204 -91.24 14.30 -57.41
C ASP MB 204 -92.36 14.96 -56.59
N PRO MB 205 -92.29 14.86 -55.25
CA PRO MB 205 -93.33 15.48 -54.42
C PRO MB 205 -93.48 16.98 -54.64
N GLU MB 206 -92.42 17.67 -55.05
CA GLU MB 206 -92.50 19.11 -55.29
C GLU MB 206 -93.46 19.46 -56.42
N GLU MB 207 -93.63 18.56 -57.38
CA GLU MB 207 -94.68 18.74 -58.38
C GLU MB 207 -95.96 18.02 -58.00
N ILE MB 208 -95.88 17.03 -57.12
CA ILE MB 208 -97.08 16.39 -56.58
C ILE MB 208 -97.91 17.40 -55.80
N GLU MB 209 -97.27 18.41 -55.22
CA GLU MB 209 -97.98 19.42 -54.44
C GLU MB 209 -98.40 20.65 -55.23
N LYS MB 210 -98.06 20.75 -56.52
CA LYS MB 210 -98.39 21.94 -57.29
C LYS MB 210 -99.04 21.67 -58.64
N GLU MB 211 -98.78 20.52 -59.26
CA GLU MB 211 -99.39 20.26 -60.57
C GLU MB 211 -100.88 20.04 -60.44
N GLU MB 212 -101.33 19.48 -59.32
CA GLU MB 212 -102.77 19.30 -59.12
C GLU MB 212 -103.49 20.64 -59.02
N GLN MB 213 -102.90 21.62 -58.33
CA GLN MB 213 -103.55 22.93 -58.26
C GLN MB 213 -103.41 23.70 -59.56
N ALA MB 214 -102.32 23.46 -60.31
CA ALA MB 214 -102.24 24.01 -61.66
C ALA MB 214 -103.35 23.45 -62.54
N ALA MB 215 -103.61 22.15 -62.46
CA ALA MB 215 -104.69 21.55 -63.25
C ALA MB 215 -106.05 22.08 -62.80
N ALA MB 216 -106.24 22.25 -61.49
CA ALA MB 216 -107.50 22.78 -60.98
C ALA MB 216 -107.73 24.22 -61.45
N GLU MB 217 -106.68 25.05 -61.43
CA GLU MB 217 -106.84 26.42 -61.88
C GLU MB 217 -107.03 26.50 -63.39
N LYS MB 218 -106.48 25.53 -64.13
CA LYS MB 218 -106.77 25.47 -65.56
C LYS MB 218 -108.21 25.05 -65.82
N ALA MB 219 -108.75 24.15 -65.00
CA ALA MB 219 -110.10 23.64 -65.22
C ALA MB 219 -111.15 24.67 -64.81
N VAL MB 220 -110.91 25.40 -63.72
CA VAL MB 220 -111.91 26.34 -63.22
C VAL MB 220 -111.97 27.59 -64.08
N THR MB 221 -110.92 27.89 -64.86
CA THR MB 221 -110.94 29.04 -65.75
C THR MB 221 -111.24 28.63 -67.19
N VAL NB 1 -29.95 60.58 -13.31
CA VAL NB 1 -31.19 61.18 -12.84
C VAL NB 1 -32.04 61.63 -14.01
N VAL NB 2 -31.57 62.66 -14.73
CA VAL NB 2 -32.32 63.20 -15.85
C VAL NB 2 -32.36 62.18 -16.99
N ASP NB 3 -33.50 62.09 -17.65
CA ASP NB 3 -33.67 61.08 -18.68
C ASP NB 3 -32.79 61.39 -19.89
N PRO NB 4 -32.27 60.37 -20.58
CA PRO NB 4 -31.38 60.60 -21.72
C PRO NB 4 -32.06 61.22 -22.92
N PHE NB 5 -33.39 61.31 -22.93
CA PHE NB 5 -34.10 61.90 -24.06
C PHE NB 5 -34.18 63.42 -23.99
N SER NB 6 -33.74 64.02 -22.89
CA SER NB 6 -33.67 65.47 -22.81
C SER NB 6 -32.52 66.02 -23.65
N LYS NB 7 -31.55 65.19 -24.01
CA LYS NB 7 -30.42 65.60 -24.83
C LYS NB 7 -30.50 65.04 -26.25
N LYS NB 8 -31.67 64.56 -26.67
CA LYS NB 8 -31.84 64.02 -28.01
C LYS NB 8 -32.53 65.03 -28.90
N ASP NB 9 -32.04 65.15 -30.13
CA ASP NB 9 -32.62 66.05 -31.12
C ASP NB 9 -33.24 65.25 -32.24
N TRP NB 10 -34.39 65.71 -32.72
CA TRP NB 10 -35.13 65.02 -33.76
C TRP NB 10 -34.72 65.52 -35.15
N TYR NB 11 -34.68 64.59 -36.10
CA TYR NB 11 -34.31 64.90 -37.48
C TYR NB 11 -35.40 64.38 -38.41
N ASP NB 12 -35.78 65.21 -39.38
CA ASP NB 12 -36.64 64.78 -40.47
C ASP NB 12 -35.80 63.99 -41.46
N VAL NB 13 -36.35 62.91 -41.99
CA VAL NB 13 -35.63 62.03 -42.89
C VAL NB 13 -36.35 62.03 -44.23
N LYS NB 14 -35.56 62.02 -45.31
CA LYS NB 14 -36.09 62.23 -46.65
C LYS NB 14 -35.68 61.09 -47.57
N ALA NB 15 -36.45 60.94 -48.62
CA ALA NB 15 -36.30 59.97 -49.69
C ALA NB 15 -35.73 60.62 -50.93
N PRO NB 16 -35.13 59.85 -51.84
CA PRO NB 16 -34.68 60.44 -53.11
C PRO NB 16 -35.84 60.79 -54.03
N ALA NB 17 -35.52 61.32 -55.21
CA ALA NB 17 -36.56 61.68 -56.17
C ALA NB 17 -37.28 60.45 -56.72
N MET NB 18 -36.75 59.25 -56.46
CA MET NB 18 -37.42 58.03 -56.88
C MET NB 18 -38.75 57.87 -56.16
N PHE NB 19 -38.83 58.32 -54.92
CA PHE NB 19 -40.01 58.13 -54.08
C PHE NB 19 -40.74 59.46 -53.98
N ASN NB 20 -41.89 59.56 -54.66
CA ASN NB 20 -42.59 60.84 -54.79
C ASN NB 20 -43.08 61.38 -53.46
N ILE NB 21 -43.24 60.54 -52.44
CA ILE NB 21 -43.37 61.01 -51.06
C ILE NB 21 -41.99 61.01 -50.44
N ARG NB 22 -41.55 62.18 -49.94
CA ARG NB 22 -40.20 62.34 -49.44
C ARG NB 22 -40.06 62.03 -47.96
N ASN NB 23 -41.00 62.47 -47.14
CA ASN NB 23 -40.89 62.32 -45.68
C ASN NB 23 -41.08 60.85 -45.32
N ILE NB 24 -39.97 60.17 -45.01
CA ILE NB 24 -40.05 58.81 -44.50
C ILE NB 24 -40.59 58.81 -43.08
N GLY NB 25 -40.16 59.76 -42.28
CA GLY NB 25 -40.58 59.85 -40.89
C GLY NB 25 -39.68 60.82 -40.14
N LYS NB 26 -39.43 60.49 -38.87
CA LYS NB 26 -38.50 61.25 -38.06
C LYS NB 26 -37.68 60.32 -37.19
N THR NB 27 -36.39 60.58 -37.12
CA THR NB 27 -35.47 59.86 -36.25
C THR NB 27 -34.97 60.81 -35.17
N LEU NB 28 -34.18 60.28 -34.24
CA LEU NB 28 -33.61 61.09 -33.18
C LEU NB 28 -32.23 60.55 -32.83
N VAL NB 29 -31.35 61.46 -32.40
CA VAL NB 29 -29.98 61.12 -32.07
C VAL NB 29 -29.55 62.03 -30.93
N THR NB 30 -28.57 61.59 -30.15
CA THR NB 30 -28.02 62.43 -29.11
C THR NB 30 -27.36 63.66 -29.71
N ARG NB 31 -27.52 64.80 -29.05
CA ARG NB 31 -26.85 66.01 -29.48
C ARG NB 31 -25.33 65.84 -29.35
N THR NB 32 -24.60 66.58 -30.18
CA THR NB 32 -23.15 66.44 -30.24
C THR NB 32 -22.52 66.73 -28.88
N GLN NB 33 -21.65 65.84 -28.44
CA GLN NB 33 -21.02 65.95 -27.13
C GLN NB 33 -19.55 65.57 -27.26
N GLY NB 34 -18.68 66.56 -27.13
CA GLY NB 34 -17.24 66.30 -27.21
C GLY NB 34 -16.83 65.83 -28.60
N THR NB 35 -16.12 64.71 -28.64
CA THR NB 35 -15.66 64.15 -29.90
C THR NB 35 -16.79 63.51 -30.69
N LYS NB 36 -17.77 62.92 -30.01
CA LYS NB 36 -18.86 62.23 -30.67
C LYS NB 36 -19.75 63.22 -31.39
N ILE NB 37 -19.91 63.04 -32.69
CA ILE NB 37 -20.69 63.96 -33.51
C ILE NB 37 -22.03 63.28 -33.79
N ALA NB 38 -23.09 64.08 -33.89
CA ALA NB 38 -24.41 63.50 -34.12
C ALA NB 38 -24.54 62.92 -35.52
N SER NB 39 -23.83 63.51 -36.49
CA SER NB 39 -24.01 63.12 -37.89
C SER NB 39 -23.57 61.68 -38.13
N ASP NB 40 -22.41 61.29 -37.58
CA ASP NB 40 -21.93 59.92 -37.80
C ASP NB 40 -22.84 58.90 -37.12
N GLY NB 41 -23.34 59.24 -35.92
CA GLY NB 41 -24.30 58.37 -35.26
C GLY NB 41 -25.57 58.19 -36.09
N LEU NB 42 -26.03 59.27 -36.73
CA LEU NB 42 -27.13 59.15 -37.66
C LEU NB 42 -26.75 58.26 -38.84
N LYS NB 43 -25.53 58.40 -39.35
CA LYS NB 43 -25.09 57.65 -40.51
C LYS NB 43 -25.04 56.16 -40.21
N GLY NB 44 -25.31 55.36 -41.23
CA GLY NB 44 -25.34 53.91 -41.09
C GLY NB 44 -26.65 53.33 -40.66
N ARG NB 45 -27.65 54.15 -40.37
CA ARG NB 45 -28.97 53.67 -40.01
C ARG NB 45 -29.75 53.32 -41.27
N VAL NB 46 -30.57 52.27 -41.17
CA VAL NB 46 -31.33 51.74 -42.28
C VAL NB 46 -32.81 51.87 -41.98
N PHE NB 47 -33.58 52.45 -42.90
CA PHE NB 47 -34.99 52.75 -42.71
C PHE NB 47 -35.82 51.71 -43.45
N GLU NB 48 -36.02 50.55 -42.81
CA GLU NB 48 -36.84 49.52 -43.41
C GLU NB 48 -38.31 49.93 -43.40
N VAL NB 49 -38.83 50.35 -44.56
CA VAL NB 49 -40.21 50.79 -44.67
C VAL NB 49 -40.86 50.08 -45.84
N SER NB 50 -42.20 50.14 -45.86
CA SER NB 50 -42.99 49.50 -46.90
C SER NB 50 -42.80 50.25 -48.23
N LEU NB 51 -43.45 49.74 -49.27
CA LEU NB 51 -43.41 50.39 -50.57
C LEU NB 51 -44.65 51.23 -50.85
N ALA NB 52 -45.82 50.77 -50.40
CA ALA NB 52 -47.06 51.51 -50.66
C ALA NB 52 -47.06 52.89 -50.01
N ASP NB 53 -46.36 53.05 -48.88
CA ASP NB 53 -46.22 54.34 -48.23
C ASP NB 53 -45.09 55.17 -48.82
N LEU NB 54 -44.40 54.63 -49.82
CA LEU NB 54 -43.38 55.37 -50.56
C LEU NB 54 -43.93 56.04 -51.81
N GLN NB 55 -44.56 55.28 -52.70
CA GLN NB 55 -45.25 55.82 -53.86
C GLN NB 55 -46.73 55.99 -53.52
N ASN NB 56 -47.55 56.24 -54.54
CA ASN NB 56 -48.92 56.66 -54.30
C ASN NB 56 -49.87 55.47 -54.17
N ASP NB 57 -49.98 54.66 -55.23
CA ASP NB 57 -50.98 53.58 -55.27
C ASP NB 57 -50.38 52.38 -55.99
N GLU NB 58 -49.97 51.37 -55.22
CA GLU NB 58 -49.36 50.16 -55.75
C GLU NB 58 -49.48 49.07 -54.68
N VAL NB 59 -48.74 47.98 -54.87
CA VAL NB 59 -48.71 46.92 -53.87
C VAL NB 59 -48.05 47.41 -52.59
N ALA NB 60 -48.28 46.66 -51.51
CA ALA NB 60 -47.79 47.03 -50.19
C ALA NB 60 -46.82 46.03 -49.58
N PHE NB 61 -46.60 44.88 -50.21
CA PHE NB 61 -45.81 43.83 -49.60
C PHE NB 61 -44.31 43.98 -49.82
N ARG NB 62 -43.88 44.93 -50.64
CA ARG NB 62 -42.46 45.12 -50.92
C ARG NB 62 -41.87 46.09 -49.91
N LYS NB 63 -40.62 45.84 -49.50
CA LYS NB 63 -39.95 46.63 -48.49
C LYS NB 63 -38.59 47.07 -49.03
N PHE NB 64 -38.12 48.24 -48.58
CA PHE NB 64 -36.89 48.82 -49.05
C PHE NB 64 -36.04 49.31 -47.87
N LYS NB 65 -34.72 49.10 -47.99
CA LYS NB 65 -33.81 49.34 -46.89
C LYS NB 65 -33.50 50.83 -46.72
N LEU NB 66 -32.92 51.46 -47.74
CA LEU NB 66 -32.70 52.90 -47.79
C LEU NB 66 -31.83 53.39 -46.62
N ILE NB 67 -30.58 52.95 -46.65
CA ILE NB 67 -29.62 53.40 -45.64
C ILE NB 67 -29.34 54.89 -45.85
N THR NB 68 -29.10 55.59 -44.74
CA THR NB 68 -28.77 57.01 -44.78
C THR NB 68 -27.28 57.21 -44.96
N GLU NB 69 -26.92 58.37 -45.48
CA GLU NB 69 -25.52 58.64 -45.80
C GLU NB 69 -24.98 59.93 -45.20
N ASP NB 70 -25.79 60.99 -45.16
CA ASP NB 70 -25.38 62.24 -44.53
C ASP NB 70 -26.60 63.09 -44.24
N VAL NB 71 -26.38 64.16 -43.49
CA VAL NB 71 -27.42 65.10 -43.10
C VAL NB 71 -26.88 66.52 -43.20
N GLN NB 72 -27.68 67.41 -43.77
CA GLN NB 72 -27.43 68.85 -43.67
C GLN NB 72 -28.56 69.47 -42.85
N GLY NB 73 -28.17 70.10 -41.74
CA GLY NB 73 -29.17 70.67 -40.85
C GLY NB 73 -30.07 69.60 -40.28
N LYS NB 74 -31.36 69.74 -40.57
CA LYS NB 74 -32.40 68.90 -40.01
C LYS NB 74 -32.71 67.69 -40.88
N ASN NB 75 -32.55 67.78 -42.19
CA ASN NB 75 -32.99 66.77 -43.14
C ASN NB 75 -31.88 65.74 -43.36
N CYS NB 76 -32.14 64.50 -42.92
CA CYS NB 76 -31.29 63.37 -43.24
C CYS NB 76 -31.68 62.81 -44.60
N LEU NB 77 -30.72 62.20 -45.29
CA LEU NB 77 -30.90 61.78 -46.67
C LEU NB 77 -30.49 60.32 -46.82
N THR NB 78 -31.27 59.57 -47.59
CA THR NB 78 -31.09 58.13 -47.75
C THR NB 78 -30.92 57.74 -49.21
N ASN NB 79 -30.17 56.66 -49.41
CA ASN NB 79 -29.94 56.08 -50.73
C ASN NB 79 -30.28 54.60 -50.65
N PHE NB 80 -30.58 54.02 -51.81
CA PHE NB 80 -30.98 52.62 -51.90
C PHE NB 80 -29.94 51.70 -51.28
N HIS NB 81 -30.41 50.76 -50.48
CA HIS NB 81 -29.57 49.76 -49.83
C HIS NB 81 -30.01 48.33 -50.10
N GLY NB 82 -31.31 48.08 -50.19
CA GLY NB 82 -31.78 46.74 -50.47
C GLY NB 82 -33.29 46.73 -50.61
N MET NB 83 -33.79 45.60 -51.11
CA MET NB 83 -35.23 45.39 -51.25
C MET NB 83 -35.55 43.96 -50.88
N ASP NB 84 -36.65 43.78 -50.17
CA ASP NB 84 -37.14 42.45 -49.82
C ASP NB 84 -38.64 42.44 -50.01
N LEU NB 85 -39.23 41.28 -49.78
CA LEU NB 85 -40.68 41.12 -49.72
C LEU NB 85 -41.07 40.68 -48.32
N THR NB 86 -42.32 40.96 -47.96
CA THR NB 86 -42.79 40.65 -46.61
C THR NB 86 -42.78 39.15 -46.36
N ARG NB 87 -42.60 38.79 -45.09
CA ARG NB 87 -42.67 37.38 -44.71
C ARG NB 87 -44.02 36.78 -45.09
N ASP NB 88 -45.09 37.57 -44.93
CA ASP NB 88 -46.42 37.14 -45.32
C ASP NB 88 -46.46 36.73 -46.79
N LYS NB 89 -45.93 37.58 -47.66
CA LYS NB 89 -46.02 37.30 -49.09
C LYS NB 89 -45.14 36.13 -49.49
N MET NB 90 -43.91 36.10 -48.99
CA MET NB 90 -42.99 35.03 -49.37
C MET NB 90 -43.48 33.68 -48.85
N CYS NB 91 -44.17 33.67 -47.71
CA CYS NB 91 -44.75 32.42 -47.23
C CYS NB 91 -46.02 32.07 -48.00
N SER NB 92 -46.82 33.07 -48.38
CA SER NB 92 -48.09 32.79 -49.04
C SER NB 92 -47.87 32.33 -50.47
N MET NB 93 -46.73 32.67 -51.07
CA MET NB 93 -46.48 32.20 -52.42
C MET NB 93 -45.95 30.77 -52.45
N VAL NB 94 -45.50 30.26 -51.30
CA VAL NB 94 -45.02 28.88 -51.23
C VAL NB 94 -46.20 27.95 -51.05
N LYS NB 95 -46.43 27.09 -52.03
CA LYS NB 95 -47.57 26.18 -51.98
C LYS NB 95 -47.15 24.81 -52.50
N LYS NB 96 -47.95 23.80 -52.14
CA LYS NB 96 -47.67 22.43 -52.53
C LYS NB 96 -48.26 22.14 -53.90
N TRP NB 97 -47.97 20.93 -54.39
CA TRP NB 97 -48.37 20.47 -55.73
C TRP NB 97 -47.91 21.42 -56.81
N GLN NB 98 -46.71 21.97 -56.64
CA GLN NB 98 -46.13 22.90 -57.60
C GLN NB 98 -44.62 22.93 -57.36
N THR NB 99 -43.92 23.55 -58.29
CA THR NB 99 -42.47 23.69 -58.23
C THR NB 99 -42.12 25.17 -58.17
N MET NB 100 -41.19 25.52 -57.29
CA MET NB 100 -40.61 26.84 -57.28
C MET NB 100 -39.21 26.80 -57.87
N ILE NB 101 -38.83 27.87 -58.55
CA ILE NB 101 -37.52 27.97 -59.18
C ILE NB 101 -36.83 29.19 -58.59
N GLU NB 102 -35.66 28.97 -57.98
CA GLU NB 102 -34.90 30.00 -57.31
C GLU NB 102 -33.61 30.25 -58.06
N ALA NB 103 -33.25 31.52 -58.22
CA ALA NB 103 -32.06 31.88 -58.97
C ALA NB 103 -31.41 33.11 -58.34
N HIS NB 104 -30.11 33.23 -58.53
CA HIS NB 104 -29.35 34.35 -57.99
C HIS NB 104 -28.18 34.66 -58.90
N VAL NB 105 -27.85 35.95 -59.01
CA VAL NB 105 -26.69 36.37 -59.78
C VAL NB 105 -26.23 37.73 -59.27
N ASP NB 106 -24.91 37.88 -59.15
CA ASP NB 106 -24.32 39.19 -58.91
C ASP NB 106 -24.20 39.95 -60.23
N VAL NB 107 -24.45 41.25 -60.18
CA VAL NB 107 -24.45 42.09 -61.37
C VAL NB 107 -24.00 43.48 -60.97
N LYS NB 108 -23.15 44.08 -61.81
CA LYS NB 108 -22.52 45.35 -61.52
C LYS NB 108 -23.13 46.42 -62.41
N THR NB 109 -23.59 47.51 -61.80
CA THR NB 109 -24.26 48.57 -62.54
C THR NB 109 -23.21 49.46 -63.21
N THR NB 110 -23.68 50.45 -63.99
CA THR NB 110 -22.74 51.30 -64.72
C THR NB 110 -21.96 52.21 -63.77
N ASP NB 111 -22.61 52.77 -62.76
CA ASP NB 111 -21.99 53.76 -61.89
C ASP NB 111 -21.21 53.16 -60.73
N GLY NB 112 -21.06 51.83 -60.67
CA GLY NB 112 -20.21 51.20 -59.70
C GLY NB 112 -20.90 50.52 -58.54
N TYR NB 113 -22.22 50.34 -58.60
CA TYR NB 113 -22.94 49.70 -57.51
C TYR NB 113 -23.14 48.23 -57.83
N LEU NB 114 -22.72 47.36 -56.92
CA LEU NB 114 -22.84 45.92 -57.13
C LEU NB 114 -24.07 45.37 -56.42
N LEU NB 115 -24.91 44.67 -57.16
CA LEU NB 115 -26.17 44.16 -56.66
C LEU NB 115 -26.24 42.66 -56.81
N ARG NB 116 -26.67 41.97 -55.75
CA ARG NB 116 -26.94 40.55 -55.77
C ARG NB 116 -28.44 40.39 -55.94
N LEU NB 117 -28.87 39.95 -57.13
CA LEU NB 117 -30.28 39.87 -57.49
C LEU NB 117 -30.79 38.45 -57.23
N PHE NB 118 -31.86 38.36 -56.45
CA PHE NB 118 -32.56 37.11 -56.19
C PHE NB 118 -33.90 37.17 -56.87
N CYS NB 119 -34.26 36.11 -57.60
CA CYS NB 119 -35.54 36.06 -58.28
C CYS NB 119 -36.18 34.70 -58.03
N VAL NB 120 -37.51 34.68 -58.06
CA VAL NB 120 -38.27 33.46 -57.81
C VAL NB 120 -39.36 33.32 -58.85
N GLY NB 121 -39.84 32.09 -59.00
CA GLY NB 121 -40.95 31.81 -59.89
C GLY NB 121 -41.67 30.56 -59.44
N PHE NB 122 -42.95 30.48 -59.75
CA PHE NB 122 -43.77 29.36 -59.33
C PHE NB 122 -44.60 28.85 -60.51
N THR NB 123 -44.85 27.55 -60.51
CA THR NB 123 -45.54 26.92 -61.62
C THR NB 123 -47.05 27.17 -61.53
N LYS NB 124 -47.64 27.61 -62.64
CA LYS NB 124 -49.05 27.96 -62.71
C LYS NB 124 -49.83 26.84 -63.38
N LYS NB 125 -50.83 26.31 -62.69
CA LYS NB 125 -51.68 25.31 -63.29
C LYS NB 125 -52.71 25.97 -64.20
N ARG NB 126 -53.02 25.28 -65.30
CA ARG NB 126 -53.97 25.82 -66.26
C ARG NB 126 -55.39 25.71 -65.74
N ASN NB 127 -56.28 26.54 -66.30
CA ASN NB 127 -57.65 26.59 -65.82
C ASN NB 127 -58.39 25.28 -66.10
N ASN NB 128 -57.94 24.53 -67.09
CA ASN NB 128 -58.55 23.25 -67.44
C ASN NB 128 -57.78 22.05 -66.92
N GLN NB 129 -56.79 22.27 -66.06
CA GLN NB 129 -55.96 21.17 -65.59
C GLN NB 129 -56.75 20.24 -64.69
N ILE NB 130 -56.69 18.95 -64.99
CA ILE NB 130 -57.34 17.92 -64.18
C ILE NB 130 -56.40 17.39 -63.11
N ARG NB 131 -55.11 17.27 -63.43
CA ARG NB 131 -54.14 16.78 -62.47
C ARG NB 131 -54.06 17.71 -61.28
N LYS NB 132 -53.83 17.14 -60.10
CA LYS NB 132 -53.69 17.94 -58.89
C LYS NB 132 -52.43 18.79 -58.95
N THR NB 133 -51.30 18.19 -59.31
CA THR NB 133 -50.01 18.85 -59.21
C THR NB 133 -49.59 19.45 -60.54
N SER NB 134 -48.68 20.42 -60.46
CA SER NB 134 -48.06 21.04 -61.62
C SER NB 134 -46.56 21.01 -61.38
N TYR NB 135 -45.92 19.91 -61.76
CA TYR NB 135 -44.50 19.72 -61.57
C TYR NB 135 -43.79 19.87 -62.91
N ALA NB 136 -42.77 20.72 -62.92
CA ALA NB 136 -41.94 20.91 -64.10
C ALA NB 136 -40.73 19.99 -64.01
N GLN NB 137 -40.24 19.55 -65.16
CA GLN NB 137 -39.03 18.76 -65.18
C GLN NB 137 -37.84 19.62 -64.77
N HIS NB 138 -36.77 18.95 -64.34
CA HIS NB 138 -35.57 19.66 -63.94
C HIS NB 138 -34.97 20.48 -65.08
N GLN NB 139 -35.13 20.00 -66.33
CA GLN NB 139 -34.66 20.75 -67.48
C GLN NB 139 -35.48 22.02 -67.68
N GLN NB 140 -36.80 21.94 -67.53
CA GLN NB 140 -37.63 23.14 -67.59
C GLN NB 140 -37.22 24.12 -66.51
N VAL NB 141 -36.96 23.62 -65.31
CA VAL NB 141 -36.50 24.47 -64.21
C VAL NB 141 -35.18 25.13 -64.58
N ARG NB 142 -34.26 24.39 -65.20
CA ARG NB 142 -32.93 24.94 -65.44
C ARG NB 142 -32.91 25.93 -66.61
N GLN NB 143 -33.70 25.70 -67.67
CA GLN NB 143 -33.73 26.74 -68.71
C GLN NB 143 -34.54 27.95 -68.25
N ILE NB 144 -35.54 27.76 -67.39
CA ILE NB 144 -36.20 28.93 -66.80
C ILE NB 144 -35.20 29.71 -65.97
N ARG NB 145 -34.38 29.00 -65.20
CA ARG NB 145 -33.35 29.64 -64.37
C ARG NB 145 -32.37 30.40 -65.24
N LYS NB 146 -31.91 29.79 -66.34
CA LYS NB 146 -30.96 30.46 -67.22
C LYS NB 146 -31.60 31.68 -67.89
N LYS NB 147 -32.85 31.54 -68.34
CA LYS NB 147 -33.55 32.65 -68.96
C LYS NB 147 -33.63 33.84 -68.03
N MET NB 148 -34.11 33.62 -66.81
CA MET NB 148 -34.20 34.72 -65.86
C MET NB 148 -32.87 35.05 -65.21
N MET NB 149 -31.81 34.30 -65.51
CA MET NB 149 -30.46 34.79 -65.28
C MET NB 149 -30.15 35.92 -66.24
N GLU NB 150 -30.23 35.64 -67.55
CA GLU NB 150 -29.81 36.66 -68.50
C GLU NB 150 -30.77 37.86 -68.50
N ILE NB 151 -32.07 37.63 -68.31
CA ILE NB 151 -33.02 38.71 -68.51
C ILE NB 151 -33.26 39.44 -67.19
N MET NB 152 -32.34 39.25 -66.24
CA MET NB 152 -32.17 40.23 -65.18
C MET NB 152 -30.71 40.61 -64.99
N THR NB 153 -29.78 40.04 -65.76
CA THR NB 153 -28.43 40.59 -65.79
C THR NB 153 -28.32 41.71 -66.80
N ARG NB 154 -28.93 41.56 -67.98
CA ARG NB 154 -28.70 42.52 -69.05
C ARG NB 154 -29.22 43.91 -68.70
N GLU NB 155 -30.46 44.03 -68.26
CA GLU NB 155 -31.03 45.35 -68.03
C GLU NB 155 -30.55 45.98 -66.73
N VAL NB 156 -29.62 45.33 -66.02
CA VAL NB 156 -28.96 45.93 -64.87
C VAL NB 156 -27.53 46.31 -65.20
N GLN NB 157 -26.84 45.49 -66.00
CA GLN NB 157 -25.46 45.80 -66.37
C GLN NB 157 -25.37 47.06 -67.23
N THR NB 158 -26.43 47.39 -67.96
CA THR NB 158 -26.37 48.39 -69.01
C THR NB 158 -26.83 49.78 -68.58
N ASN NB 159 -27.15 49.98 -67.31
CA ASN NB 159 -27.78 51.24 -66.92
C ASN NB 159 -27.47 51.57 -65.46
N ASP NB 160 -27.73 52.82 -65.10
CA ASP NB 160 -27.46 53.37 -63.79
C ASP NB 160 -28.43 52.82 -62.76
N LEU NB 161 -28.03 52.89 -61.49
CA LEU NB 161 -28.89 52.49 -60.38
C LEU NB 161 -30.18 53.28 -60.34
N LYS NB 162 -30.18 54.52 -60.84
CA LYS NB 162 -31.39 55.34 -60.85
C LYS NB 162 -32.51 54.68 -61.66
N GLU NB 163 -32.22 54.37 -62.92
CA GLU NB 163 -33.20 53.78 -63.80
C GLU NB 163 -33.36 52.29 -63.59
N VAL NB 164 -32.62 51.71 -62.66
CA VAL NB 164 -32.92 50.37 -62.16
C VAL NB 164 -33.94 50.43 -61.03
N VAL NB 165 -33.72 51.36 -60.09
CA VAL NB 165 -34.64 51.52 -58.98
C VAL NB 165 -36.01 51.96 -59.48
N ASN NB 166 -36.06 52.90 -60.43
CA ASN NB 166 -37.37 53.39 -60.87
C ASN NB 166 -38.16 52.32 -61.61
N LYS NB 167 -37.49 51.25 -62.08
CA LYS NB 167 -38.19 50.20 -62.80
C LYS NB 167 -38.48 48.98 -61.94
N LEU NB 168 -37.71 48.74 -60.88
CA LEU NB 168 -38.08 47.68 -59.96
C LEU NB 168 -39.09 48.13 -58.92
N ILE NB 169 -39.44 49.42 -58.91
CA ILE NB 169 -40.52 49.89 -58.03
C ILE NB 169 -41.85 49.23 -58.39
N PRO NB 170 -42.27 49.12 -59.65
CA PRO NB 170 -43.35 48.19 -59.98
C PRO NB 170 -42.87 46.81 -60.37
N ASP NB 171 -41.56 46.59 -60.32
CA ASP NB 171 -40.94 45.30 -60.65
C ASP NB 171 -41.29 44.86 -62.07
N SER NB 172 -40.97 45.73 -63.04
CA SER NB 172 -41.14 45.37 -64.43
C SER NB 172 -40.23 44.21 -64.82
N ILE NB 173 -39.16 43.98 -64.06
CA ILE NB 173 -38.25 42.88 -64.33
C ILE NB 173 -38.99 41.55 -64.22
N GLY NB 174 -39.77 41.38 -63.16
CA GLY NB 174 -40.54 40.15 -63.00
C GLY NB 174 -41.57 39.96 -64.09
N LYS NB 175 -42.19 41.07 -64.52
CA LYS NB 175 -43.19 40.99 -65.58
C LYS NB 175 -42.57 40.53 -66.89
N ASP NB 176 -41.43 41.11 -67.27
CA ASP NB 176 -40.81 40.64 -68.51
C ASP NB 176 -40.19 39.26 -68.35
N ILE NB 177 -39.86 38.85 -67.13
CA ILE NB 177 -39.38 37.49 -66.91
C ILE NB 177 -40.52 36.49 -67.16
N GLU NB 178 -41.69 36.74 -66.58
CA GLU NB 178 -42.79 35.81 -66.78
C GLU NB 178 -43.34 35.91 -68.19
N LYS NB 179 -43.08 37.02 -68.89
CA LYS NB 179 -43.45 37.08 -70.30
C LYS NB 179 -42.65 36.07 -71.12
N ALA NB 180 -41.35 35.97 -70.86
CA ALA NB 180 -40.49 35.11 -71.67
C ALA NB 180 -40.66 33.64 -71.33
N CYS NB 181 -40.90 33.31 -70.06
CA CYS NB 181 -40.88 31.93 -69.63
C CYS NB 181 -42.05 31.10 -70.12
N GLN NB 182 -43.09 31.73 -70.69
CA GLN NB 182 -44.29 30.98 -71.06
C GLN NB 182 -44.03 29.97 -72.17
N SER NB 183 -42.94 30.12 -72.92
CA SER NB 183 -42.56 29.08 -73.87
C SER NB 183 -42.20 27.78 -73.15
N ILE NB 184 -41.45 27.87 -72.07
CA ILE NB 184 -41.07 26.69 -71.29
C ILE NB 184 -42.22 26.23 -70.40
N TYR NB 185 -42.68 27.09 -69.49
CA TYR NB 185 -43.75 26.70 -68.59
C TYR NB 185 -44.48 27.97 -68.19
N PRO NB 186 -45.79 27.92 -67.95
CA PRO NB 186 -46.47 29.10 -67.42
C PRO NB 186 -45.99 29.47 -66.04
N LEU NB 187 -45.62 30.74 -65.88
CA LEU NB 187 -45.13 31.29 -64.62
C LEU NB 187 -46.09 32.38 -64.15
N HIS NB 188 -46.48 32.31 -62.88
CA HIS NB 188 -47.45 33.28 -62.36
C HIS NB 188 -46.91 34.12 -61.21
N ASP NB 189 -46.37 33.50 -60.16
CA ASP NB 189 -45.94 34.24 -58.97
C ASP NB 189 -44.48 34.66 -59.12
N VAL NB 190 -44.25 35.56 -60.07
CA VAL NB 190 -42.91 36.00 -60.42
C VAL NB 190 -42.68 37.38 -59.81
N PHE NB 191 -41.73 37.45 -58.89
CA PHE NB 191 -41.25 38.72 -58.36
C PHE NB 191 -39.76 38.61 -58.13
N VAL NB 192 -39.08 39.74 -58.24
CA VAL NB 192 -37.69 39.83 -57.81
C VAL NB 192 -37.71 39.74 -56.28
N ARG NB 193 -37.25 38.61 -55.76
CA ARG NB 193 -37.41 38.33 -54.33
C ARG NB 193 -36.63 39.30 -53.47
N LYS NB 194 -35.36 39.52 -53.79
CA LYS NB 194 -34.49 40.30 -52.92
C LYS NB 194 -33.34 40.86 -53.74
N VAL NB 195 -32.91 42.07 -53.41
CA VAL NB 195 -31.66 42.63 -53.90
C VAL NB 195 -30.89 43.17 -52.70
N LYS NB 196 -29.59 42.91 -52.68
CA LYS NB 196 -28.75 43.36 -51.58
C LYS NB 196 -27.56 44.13 -52.13
N MET NB 197 -26.98 44.96 -51.28
CA MET NB 197 -25.90 45.85 -51.67
C MET NB 197 -24.55 45.23 -51.30
N LEU NB 198 -23.64 45.21 -52.27
CA LEU NB 198 -22.36 44.54 -52.11
C LEU NB 198 -21.20 45.51 -51.99
N LYS NB 199 -21.04 46.42 -52.94
CA LYS NB 199 -20.00 47.45 -52.84
C LYS NB 199 -20.53 48.75 -53.42
N LYS NB 200 -20.26 49.85 -52.71
CA LYS NB 200 -20.71 51.17 -53.14
C LYS NB 200 -19.50 52.03 -53.50
N PRO NB 201 -19.56 52.76 -54.62
CA PRO NB 201 -18.35 53.41 -55.13
C PRO NB 201 -18.05 54.79 -54.54
N LYS NB 202 -17.44 54.80 -53.35
CA LYS NB 202 -16.74 55.95 -52.79
C LYS NB 202 -17.69 57.05 -52.31
N PHE NB 203 -18.99 56.91 -52.59
CA PHE NB 203 -20.01 57.83 -52.09
C PHE NB 203 -19.72 59.26 -52.54
N GLU NB 204 -19.83 59.46 -53.86
CA GLU NB 204 -19.65 60.78 -54.43
C GLU NB 204 -20.87 61.64 -54.14
N LEU NB 205 -20.63 62.84 -53.59
CA LEU NB 205 -21.70 63.65 -53.04
C LEU NB 205 -22.64 64.19 -54.12
N GLY NB 206 -22.10 64.48 -55.31
CA GLY NB 206 -22.94 65.03 -56.37
C GLY NB 206 -24.01 64.05 -56.84
N LYS NB 207 -23.68 62.75 -56.84
CA LYS NB 207 -24.66 61.74 -57.24
C LYS NB 207 -25.83 61.71 -56.27
N LEU NB 208 -25.56 61.73 -54.97
CA LEU NB 208 -26.64 61.75 -53.99
C LEU NB 208 -27.41 63.07 -54.05
N MET NB 209 -26.71 64.17 -54.34
CA MET NB 209 -27.37 65.46 -54.48
C MET NB 209 -28.37 65.45 -55.63
N GLU NB 210 -27.95 64.97 -56.80
CA GLU NB 210 -28.87 64.91 -57.93
C GLU NB 210 -29.91 63.82 -57.76
N LEU NB 211 -29.60 62.78 -56.96
CA LEU NB 211 -30.57 61.76 -56.65
C LEU NB 211 -31.73 62.31 -55.83
N HIS NB 212 -31.42 63.03 -54.75
CA HIS NB 212 -32.47 63.65 -53.94
C HIS NB 212 -33.07 64.85 -54.64
N GLY NB 213 -32.24 65.84 -54.96
CA GLY NB 213 -32.68 67.04 -55.63
C GLY NB 213 -32.70 66.90 -57.14
N GLU NB 214 -32.37 67.98 -57.84
CA GLU NB 214 -32.46 67.99 -59.30
C GLU NB 214 -31.15 68.42 -59.95
N GLU OB 1 -98.89 -33.79 -37.89
CA GLU OB 1 -98.65 -32.75 -36.89
C GLU OB 1 -97.74 -31.66 -37.45
N TRP OB 2 -97.32 -31.84 -38.69
CA TRP OB 2 -96.39 -30.91 -39.34
C TRP OB 2 -97.16 -30.01 -40.30
N MET OB 3 -97.09 -28.70 -40.05
CA MET OB 3 -97.64 -27.70 -40.95
C MET OB 3 -96.51 -26.96 -41.62
N PRO OB 4 -96.25 -27.17 -42.91
CA PRO OB 4 -95.13 -26.51 -43.57
C PRO OB 4 -95.47 -25.09 -44.00
N VAL OB 5 -94.49 -24.20 -43.88
CA VAL OB 5 -94.58 -22.92 -44.57
C VAL OB 5 -93.40 -22.82 -45.53
N THR OB 6 -93.57 -23.43 -46.70
CA THR OB 6 -92.56 -23.58 -47.75
C THR OB 6 -93.25 -24.18 -48.96
N LYS OB 7 -92.90 -23.75 -50.17
CA LYS OB 7 -93.36 -24.47 -51.35
C LYS OB 7 -92.84 -25.90 -51.35
N LEU OB 8 -91.56 -26.07 -51.03
CA LEU OB 8 -90.95 -27.39 -50.97
C LEU OB 8 -91.63 -28.25 -49.91
N GLY OB 9 -91.88 -27.68 -48.74
CA GLY OB 9 -92.52 -28.44 -47.67
C GLY OB 9 -93.93 -28.86 -48.03
N ARG OB 10 -94.67 -27.98 -48.70
CA ARG OB 10 -96.03 -28.33 -49.12
C ARG OB 10 -96.01 -29.41 -50.20
N LEU OB 11 -95.08 -29.32 -51.14
CA LEU OB 11 -94.96 -30.36 -52.16
C LEU OB 11 -94.52 -31.69 -51.55
N VAL OB 12 -93.74 -31.64 -50.47
CA VAL OB 12 -93.36 -32.87 -49.77
C VAL OB 12 -94.56 -33.46 -49.05
N LYS OB 13 -95.38 -32.61 -48.43
CA LYS OB 13 -96.49 -33.11 -47.62
C LYS OB 13 -97.55 -33.78 -48.49
N ASP OB 14 -97.82 -33.24 -49.67
CA ASP OB 14 -98.90 -33.74 -50.52
C ASP OB 14 -98.40 -34.75 -51.55
N MET OB 15 -97.38 -35.54 -51.17
CA MET OB 15 -96.81 -36.64 -51.96
C MET OB 15 -96.55 -36.29 -53.42
N LYS OB 16 -96.26 -35.02 -53.71
CA LYS OB 16 -95.87 -34.65 -55.06
C LYS OB 16 -94.41 -35.03 -55.35
N ILE OB 17 -93.53 -34.88 -54.37
CA ILE OB 17 -92.11 -35.20 -54.51
C ILE OB 17 -91.91 -36.62 -54.00
N LYS OB 18 -91.47 -37.51 -54.88
CA LYS OB 18 -91.35 -38.92 -54.56
C LYS OB 18 -90.02 -39.29 -53.91
N SER OB 19 -88.98 -38.50 -54.09
CA SER OB 19 -87.67 -38.89 -53.59
C SER OB 19 -86.81 -37.66 -53.35
N LEU OB 20 -85.81 -37.83 -52.49
CA LEU OB 20 -84.75 -36.85 -52.28
C LEU OB 20 -83.89 -36.67 -53.51
N GLU OB 21 -83.97 -37.63 -54.45
CA GLU OB 21 -83.22 -37.58 -55.69
C GLU OB 21 -83.45 -36.29 -56.46
N GLU OB 22 -84.71 -35.93 -56.68
CA GLU OB 22 -84.97 -34.76 -57.50
C GLU OB 22 -84.68 -33.46 -56.76
N ILE OB 23 -84.82 -33.44 -55.44
CA ILE OB 23 -84.49 -32.20 -54.73
C ILE OB 23 -82.99 -32.00 -54.69
N TYR OB 24 -82.20 -33.08 -54.70
CA TYR OB 24 -80.77 -32.90 -54.88
C TYR OB 24 -80.44 -32.59 -56.32
N LEU OB 25 -81.27 -33.04 -57.26
CA LEU OB 25 -81.00 -32.81 -58.67
C LEU OB 25 -81.10 -31.33 -59.02
N PHE OB 26 -82.12 -30.65 -58.50
CA PHE OB 26 -82.24 -29.20 -58.67
C PHE OB 26 -81.48 -28.41 -57.62
N SER OB 27 -80.93 -29.10 -56.60
CA SER OB 27 -80.04 -28.49 -55.62
C SER OB 27 -80.69 -27.34 -54.87
N LEU OB 28 -81.97 -27.50 -54.53
CA LEU OB 28 -82.68 -26.52 -53.73
C LEU OB 28 -82.40 -26.77 -52.24
N PRO OB 29 -82.46 -25.71 -51.43
CA PRO OB 29 -82.15 -25.88 -50.00
C PRO OB 29 -83.24 -26.63 -49.25
N ILE OB 30 -82.83 -27.52 -48.34
CA ILE OB 30 -83.75 -28.15 -47.41
C ILE OB 30 -83.73 -27.33 -46.12
N LYS OB 31 -84.87 -26.78 -45.74
CA LYS OB 31 -84.92 -25.76 -44.70
C LYS OB 31 -85.71 -26.14 -43.47
N GLU OB 32 -86.56 -27.16 -43.53
CA GLU OB 32 -87.20 -27.68 -42.34
C GLU OB 32 -86.88 -29.17 -42.23
N SER OB 33 -86.45 -29.58 -41.03
CA SER OB 33 -85.90 -30.92 -40.84
C SER OB 33 -86.95 -32.00 -41.07
N GLU OB 34 -88.23 -31.69 -40.88
CA GLU OB 34 -89.29 -32.67 -41.04
C GLU OB 34 -89.59 -33.01 -42.49
N ILE OB 35 -88.79 -32.52 -43.44
CA ILE OB 35 -88.98 -32.92 -44.83
C ILE OB 35 -88.30 -34.25 -45.10
N ILE OB 36 -87.07 -34.44 -44.62
CA ILE OB 36 -86.28 -35.59 -45.05
C ILE OB 36 -86.71 -36.87 -44.34
N ASP OB 37 -87.30 -36.78 -43.15
CA ASP OB 37 -87.76 -38.00 -42.49
C ASP OB 37 -89.02 -38.56 -43.14
N PHE OB 38 -89.67 -37.77 -44.00
CA PHE OB 38 -90.74 -38.30 -44.83
C PHE OB 38 -90.18 -39.23 -45.89
N PHE OB 39 -88.90 -39.10 -46.22
CA PHE OB 39 -88.24 -39.97 -47.18
C PHE OB 39 -87.41 -41.05 -46.50
N LEU OB 40 -86.39 -40.65 -45.74
CA LEU OB 40 -85.53 -41.61 -45.04
C LEU OB 40 -86.02 -41.82 -43.61
N GLY OB 41 -87.27 -42.28 -43.50
CA GLY OB 41 -87.87 -42.53 -42.21
C GLY OB 41 -87.33 -43.80 -41.60
N ALA OB 42 -86.95 -43.73 -40.32
CA ALA OB 42 -86.50 -44.84 -39.49
C ALA OB 42 -85.20 -45.48 -39.97
N SER OB 43 -84.60 -44.97 -41.06
CA SER OB 43 -83.32 -45.46 -41.53
C SER OB 43 -82.20 -44.46 -41.32
N LEU OB 44 -82.51 -43.23 -40.91
CA LEU OB 44 -81.51 -42.21 -40.61
C LEU OB 44 -80.91 -42.54 -39.25
N LYS OB 45 -79.83 -43.31 -39.26
CA LYS OB 45 -79.16 -43.66 -38.02
C LYS OB 45 -78.57 -42.41 -37.37
N ASP OB 46 -78.53 -42.41 -36.05
CA ASP OB 46 -78.17 -41.22 -35.30
C ASP OB 46 -77.26 -41.57 -34.12
N GLU OB 47 -76.26 -40.74 -33.89
CA GLU OB 47 -75.44 -40.84 -32.70
C GLU OB 47 -74.76 -39.50 -32.47
N VAL OB 48 -74.22 -39.33 -31.26
CA VAL OB 48 -73.53 -38.11 -30.86
C VAL OB 48 -72.03 -38.33 -30.98
N LEU OB 49 -71.34 -37.33 -31.51
CA LEU OB 49 -69.89 -37.43 -31.71
C LEU OB 49 -69.13 -36.93 -30.48
N LYS OB 50 -69.32 -35.67 -30.12
CA LYS OB 50 -68.61 -35.10 -28.98
C LYS OB 50 -69.33 -33.85 -28.52
N ILE OB 51 -69.13 -33.50 -27.25
CA ILE OB 51 -69.70 -32.30 -26.64
C ILE OB 51 -68.53 -31.53 -26.04
N MET OB 52 -68.59 -30.20 -26.10
CA MET OB 52 -67.55 -29.40 -25.47
C MET OB 52 -68.17 -28.32 -24.61
N PRO OB 53 -67.67 -28.11 -23.41
CA PRO OB 53 -68.13 -26.97 -22.59
C PRO OB 53 -67.52 -25.65 -23.03
N VAL OB 54 -68.03 -25.09 -24.13
CA VAL OB 54 -67.62 -23.78 -24.59
C VAL OB 54 -67.94 -22.74 -23.52
N GLN OB 55 -67.02 -21.80 -23.32
CA GLN OB 55 -67.13 -20.90 -22.17
C GLN OB 55 -66.85 -19.47 -22.61
N LYS OB 56 -67.73 -18.55 -22.23
CA LYS OB 56 -67.55 -17.12 -22.45
C LYS OB 56 -67.35 -16.41 -21.11
N GLN OB 57 -66.33 -15.57 -21.06
CA GLN OB 57 -65.97 -14.86 -19.83
C GLN OB 57 -66.72 -13.54 -19.77
N THR OB 58 -67.31 -13.24 -18.62
CA THR OB 58 -68.15 -12.06 -18.44
C THR OB 58 -67.75 -11.36 -17.15
N ARG OB 59 -68.51 -10.31 -16.80
CA ARG OB 59 -68.29 -9.60 -15.54
C ARG OB 59 -68.41 -10.56 -14.35
N ALA OB 60 -69.51 -11.33 -14.30
CA ALA OB 60 -69.75 -12.25 -13.20
C ALA OB 60 -69.41 -13.66 -13.68
N GLY OB 61 -68.17 -14.05 -13.43
CA GLY OB 61 -67.76 -15.40 -13.76
C GLY OB 61 -67.70 -15.63 -15.26
N GLN OB 62 -67.79 -16.91 -15.62
CA GLN OB 62 -67.71 -17.34 -17.00
C GLN OB 62 -68.85 -18.30 -17.28
N ARG OB 63 -69.86 -17.85 -18.01
CA ARG OB 63 -70.97 -18.71 -18.37
C ARG OB 63 -70.48 -19.79 -19.35
N THR OB 64 -71.14 -20.94 -19.32
CA THR OB 64 -70.75 -22.07 -20.14
C THR OB 64 -71.94 -22.54 -20.96
N ARG OB 65 -71.76 -22.62 -22.27
CA ARG OB 65 -72.74 -23.18 -23.19
C ARG OB 65 -72.19 -24.46 -23.79
N PHE OB 66 -73.07 -25.43 -24.02
CA PHE OB 66 -72.67 -26.75 -24.50
C PHE OB 66 -72.79 -26.79 -26.01
N LYS OB 67 -71.70 -27.11 -26.69
CA LYS OB 67 -71.68 -27.30 -28.14
C LYS OB 67 -71.77 -28.78 -28.45
N ALA OB 68 -72.68 -29.15 -29.32
CA ALA OB 68 -72.99 -30.55 -29.60
C ALA OB 68 -72.59 -30.90 -31.02
N PHE OB 69 -72.07 -32.12 -31.18
CA PHE OB 69 -71.75 -32.70 -32.48
C PHE OB 69 -72.64 -33.90 -32.71
N VAL OB 70 -73.41 -33.87 -33.79
CA VAL OB 70 -74.33 -34.95 -34.12
C VAL OB 70 -74.25 -35.21 -35.61
N ALA OB 71 -74.11 -36.48 -35.98
CA ALA OB 71 -74.15 -36.91 -37.37
C ALA OB 71 -75.33 -37.86 -37.57
N ILE OB 72 -76.02 -37.69 -38.69
CA ILE OB 72 -77.15 -38.53 -39.07
C ILE OB 72 -76.97 -38.95 -40.52
N GLY OB 73 -77.59 -40.07 -40.88
CA GLY OB 73 -77.53 -40.54 -42.25
C GLY OB 73 -77.69 -42.04 -42.40
N ASP OB 74 -78.45 -42.46 -43.41
CA ASP OB 74 -78.61 -43.88 -43.67
C ASP OB 74 -77.32 -44.47 -44.24
N TYR OB 75 -77.22 -45.78 -44.17
CA TYR OB 75 -76.06 -46.48 -44.72
C TYR OB 75 -76.27 -46.79 -46.21
N ASN OB 76 -76.67 -45.78 -46.98
CA ASN OB 76 -77.02 -45.97 -48.37
C ASN OB 76 -76.53 -44.86 -49.29
N GLY OB 77 -75.79 -43.88 -48.79
CA GLY OB 77 -75.34 -42.80 -49.63
C GLY OB 77 -75.90 -41.44 -49.26
N HIS OB 78 -76.31 -41.29 -48.00
CA HIS OB 78 -76.77 -40.01 -47.48
C HIS OB 78 -76.26 -39.84 -46.06
N VAL OB 79 -75.76 -38.65 -45.76
CA VAL OB 79 -75.10 -38.39 -44.48
C VAL OB 79 -75.09 -36.88 -44.27
N GLY OB 80 -74.95 -36.47 -43.02
CA GLY OB 80 -74.84 -35.06 -42.69
C GLY OB 80 -74.59 -34.88 -41.22
N LEU OB 81 -73.90 -33.78 -40.90
CA LEU OB 81 -73.58 -33.46 -39.52
C LEU OB 81 -74.09 -32.06 -39.19
N GLY OB 82 -74.42 -31.86 -37.92
CA GLY OB 82 -74.93 -30.59 -37.44
C GLY OB 82 -74.30 -30.17 -36.13
N VAL OB 83 -74.21 -28.87 -35.89
CA VAL OB 83 -73.64 -28.31 -34.67
C VAL OB 83 -74.57 -27.23 -34.14
N LYS OB 84 -74.76 -27.20 -32.83
CA LYS OB 84 -75.65 -26.22 -32.21
C LYS OB 84 -75.19 -26.00 -30.78
N CYS OB 85 -74.96 -24.74 -30.41
CA CYS OB 85 -74.49 -24.39 -29.08
C CYS OB 85 -75.67 -23.92 -28.24
N SER OB 86 -76.05 -24.71 -27.25
CA SER OB 86 -77.17 -24.39 -26.38
C SER OB 86 -76.77 -24.67 -24.94
N LYS OB 87 -77.47 -24.01 -24.01
CA LYS OB 87 -77.10 -24.05 -22.60
C LYS OB 87 -77.18 -25.46 -22.04
N GLU OB 88 -78.24 -26.18 -22.34
CA GLU OB 88 -78.42 -27.53 -21.83
C GLU OB 88 -78.07 -28.55 -22.90
N VAL OB 89 -77.73 -29.76 -22.43
CA VAL OB 89 -77.13 -30.76 -23.30
C VAL OB 89 -78.12 -31.24 -24.35
N ALA OB 90 -79.32 -31.63 -23.92
CA ALA OB 90 -80.27 -32.27 -24.83
C ALA OB 90 -80.80 -31.30 -25.87
N THR OB 91 -80.97 -30.03 -25.51
CA THR OB 91 -81.41 -29.03 -26.48
C THR OB 91 -80.36 -28.86 -27.57
N ALA OB 92 -79.08 -28.81 -27.20
CA ALA OB 92 -78.02 -28.74 -28.20
C ALA OB 92 -77.97 -30.00 -29.05
N ILE OB 93 -78.22 -31.16 -28.44
CA ILE OB 93 -78.27 -32.42 -29.18
C ILE OB 93 -79.36 -32.36 -30.24
N ARG OB 94 -80.57 -31.96 -29.84
CA ARG OB 94 -81.68 -31.92 -30.77
C ARG OB 94 -81.47 -30.86 -31.85
N GLY OB 95 -80.87 -29.71 -31.49
CA GLY OB 95 -80.58 -28.70 -32.49
C GLY OB 95 -79.57 -29.17 -33.51
N ALA OB 96 -78.51 -29.87 -33.05
CA ALA OB 96 -77.55 -30.44 -33.98
C ALA OB 96 -78.19 -31.51 -34.84
N ILE OB 97 -79.14 -32.26 -34.28
CA ILE OB 97 -79.90 -33.23 -35.06
C ILE OB 97 -80.66 -32.51 -36.18
N ILE OB 98 -81.31 -31.40 -35.84
CA ILE OB 98 -82.09 -30.65 -36.83
C ILE OB 98 -81.18 -30.13 -37.93
N LEU OB 99 -80.03 -29.56 -37.56
CA LEU OB 99 -79.15 -28.98 -38.56
C LEU OB 99 -78.48 -30.05 -39.40
N ALA OB 100 -78.21 -31.24 -38.83
CA ALA OB 100 -77.68 -32.34 -39.62
C ALA OB 100 -78.73 -32.85 -40.59
N LYS OB 101 -79.99 -32.92 -40.16
CA LYS OB 101 -81.07 -33.30 -41.05
C LYS OB 101 -81.22 -32.31 -42.19
N LEU OB 102 -81.04 -31.02 -41.90
CA LEU OB 102 -81.04 -30.02 -42.96
C LEU OB 102 -79.87 -30.22 -43.91
N SER OB 103 -78.69 -30.48 -43.37
CA SER OB 103 -77.46 -30.56 -44.17
C SER OB 103 -77.11 -32.01 -44.49
N ILE OB 104 -78.06 -32.70 -45.13
CA ILE OB 104 -77.81 -34.04 -45.64
C ILE OB 104 -77.33 -33.89 -47.08
N VAL OB 105 -76.25 -34.60 -47.43
CA VAL OB 105 -75.67 -34.51 -48.76
C VAL OB 105 -75.61 -35.91 -49.37
N PRO OB 106 -75.75 -36.05 -50.68
CA PRO OB 106 -75.63 -37.37 -51.30
C PRO OB 106 -74.18 -37.78 -51.43
N VAL OB 107 -73.99 -39.09 -51.58
CA VAL OB 107 -72.68 -39.70 -51.65
C VAL OB 107 -72.57 -40.46 -52.97
N ARG OB 108 -71.54 -40.16 -53.74
CA ARG OB 108 -71.25 -40.86 -54.98
C ARG OB 108 -70.34 -42.03 -54.65
N ARG OB 109 -70.81 -43.24 -54.89
CA ARG OB 109 -70.06 -44.44 -54.57
C ARG OB 109 -69.49 -45.03 -55.85
N GLY OB 110 -68.18 -45.26 -55.86
CA GLY OB 110 -67.50 -45.78 -57.03
C GLY OB 110 -66.80 -47.10 -56.77
N TYR OB 111 -65.87 -47.45 -57.65
CA TYR OB 111 -65.20 -48.74 -57.63
C TYR OB 111 -63.69 -48.52 -57.72
N TRP OB 112 -62.94 -49.30 -56.94
CA TRP OB 112 -61.49 -49.28 -57.05
C TRP OB 112 -61.02 -49.79 -58.40
N GLY OB 113 -61.81 -50.64 -59.03
CA GLY OB 113 -61.47 -51.19 -60.33
C GLY OB 113 -62.50 -52.23 -60.72
N ASN OB 114 -62.30 -52.79 -61.91
CA ASN OB 114 -62.97 -53.96 -62.47
C ASN OB 114 -64.45 -54.05 -62.06
N LYS OB 115 -65.22 -53.03 -62.43
CA LYS OB 115 -66.61 -52.83 -62.04
C LYS OB 115 -67.44 -54.09 -62.20
N ILE OB 116 -67.92 -54.66 -61.09
CA ILE OB 116 -68.60 -55.96 -61.09
C ILE OB 116 -69.98 -55.87 -60.44
N GLY OB 117 -70.05 -55.44 -59.18
CA GLY OB 117 -71.31 -55.44 -58.46
C GLY OB 117 -71.76 -54.07 -58.02
N LYS OB 118 -72.18 -53.95 -56.78
CA LYS OB 118 -72.56 -52.68 -56.19
C LYS OB 118 -71.32 -51.90 -55.77
N PRO OB 119 -71.36 -50.58 -55.81
CA PRO OB 119 -70.15 -49.79 -55.51
C PRO OB 119 -69.75 -49.91 -54.04
N HIS OB 120 -68.45 -49.80 -53.81
CA HIS OB 120 -67.86 -50.13 -52.52
C HIS OB 120 -66.86 -49.11 -51.98
N THR OB 121 -66.69 -47.97 -52.63
CA THR OB 121 -65.65 -47.03 -52.25
C THR OB 121 -65.99 -45.66 -52.84
N VAL OB 122 -65.04 -44.74 -52.74
CA VAL OB 122 -65.18 -43.47 -53.45
C VAL OB 122 -64.74 -43.64 -54.90
N PRO OB 123 -65.33 -42.92 -55.86
CA PRO OB 123 -64.95 -43.14 -57.26
C PRO OB 123 -63.61 -42.54 -57.64
N CYS OB 124 -63.07 -41.64 -56.84
CA CYS OB 124 -61.82 -40.97 -57.17
C CYS OB 124 -61.20 -40.45 -55.88
N LYS OB 125 -59.99 -39.91 -55.99
CA LYS OB 125 -59.30 -39.35 -54.85
C LYS OB 125 -59.73 -37.89 -54.65
N VAL OB 126 -60.43 -37.64 -53.55
CA VAL OB 126 -60.98 -36.32 -53.25
C VAL OB 126 -60.44 -35.89 -51.90
N THR OB 127 -60.67 -34.63 -51.54
CA THR OB 127 -60.12 -34.05 -50.33
C THR OB 127 -61.04 -32.97 -49.79
N GLY OB 128 -61.16 -32.90 -48.46
CA GLY OB 128 -61.95 -31.88 -47.80
C GLY OB 128 -61.06 -30.97 -46.97
N ARG OB 129 -61.55 -29.77 -46.69
CA ARG OB 129 -60.76 -28.75 -46.02
C ARG OB 129 -61.59 -28.08 -44.93
N CYS OB 130 -61.06 -28.07 -43.71
CA CYS OB 130 -61.64 -27.25 -42.64
C CYS OB 130 -60.49 -26.81 -41.75
N GLY OB 131 -60.20 -25.51 -41.74
CA GLY OB 131 -59.05 -25.02 -41.00
C GLY OB 131 -57.77 -25.61 -41.58
N SER OB 132 -56.99 -26.24 -40.72
CA SER OB 132 -55.76 -26.88 -41.13
C SER OB 132 -55.92 -28.38 -41.35
N VAL OB 133 -57.14 -28.90 -41.21
CA VAL OB 133 -57.37 -30.34 -41.33
C VAL OB 133 -57.63 -30.68 -42.78
N LEU OB 134 -56.71 -31.44 -43.37
CA LEU OB 134 -56.80 -31.89 -44.76
C LEU OB 134 -57.00 -33.40 -44.75
N VAL OB 135 -58.16 -33.86 -45.21
CA VAL OB 135 -58.51 -35.27 -45.21
C VAL OB 135 -58.70 -35.71 -46.66
N ARG OB 136 -57.89 -36.67 -47.09
CA ARG OB 136 -57.96 -37.20 -48.44
C ARG OB 136 -58.63 -38.56 -48.42
N LEU OB 137 -59.58 -38.76 -49.32
CA LEU OB 137 -60.26 -40.05 -49.50
C LEU OB 137 -59.71 -40.71 -50.75
N ILE OB 138 -59.30 -41.97 -50.62
CA ILE OB 138 -58.67 -42.73 -51.69
C ILE OB 138 -59.50 -43.99 -51.90
N PRO OB 139 -59.80 -44.36 -53.15
CA PRO OB 139 -60.55 -45.60 -53.39
C PRO OB 139 -59.79 -46.83 -52.92
N ALA OB 140 -60.54 -47.79 -52.39
CA ALA OB 140 -59.99 -49.05 -51.89
C ALA OB 140 -60.78 -50.21 -52.46
N PRO OB 141 -60.12 -51.34 -52.71
CA PRO OB 141 -60.83 -52.50 -53.28
C PRO OB 141 -61.79 -53.12 -52.27
N ARG OB 142 -62.56 -54.08 -52.79
CA ARG OB 142 -63.61 -54.73 -51.99
C ARG OB 142 -63.02 -55.42 -50.78
N GLY OB 143 -63.66 -55.23 -49.62
CA GLY OB 143 -63.33 -55.97 -48.43
C GLY OB 143 -62.12 -55.48 -47.66
N THR OB 144 -61.55 -54.32 -48.01
CA THR OB 144 -60.45 -53.79 -47.22
C THR OB 144 -60.90 -53.31 -45.85
N GLY OB 145 -62.07 -52.69 -45.76
CA GLY OB 145 -62.51 -52.08 -44.53
C GLY OB 145 -62.16 -50.61 -44.49
N ILE OB 146 -62.98 -49.85 -43.77
CA ILE OB 146 -62.80 -48.42 -43.64
C ILE OB 146 -61.64 -48.19 -42.68
N VAL OB 147 -60.51 -47.75 -43.21
CA VAL OB 147 -59.34 -47.44 -42.40
C VAL OB 147 -59.20 -45.91 -42.32
N SER OB 148 -59.27 -45.39 -41.11
CA SER OB 148 -59.16 -43.96 -40.83
C SER OB 148 -59.12 -43.81 -39.31
N ALA OB 149 -59.14 -42.56 -38.85
CA ALA OB 149 -59.38 -42.28 -37.45
C ALA OB 149 -60.82 -42.64 -37.08
N PRO OB 150 -61.11 -42.83 -35.79
CA PRO OB 150 -62.48 -43.26 -35.41
C PRO OB 150 -63.60 -42.36 -35.91
N VAL OB 151 -63.51 -41.05 -35.67
CA VAL OB 151 -64.60 -40.15 -36.08
C VAL OB 151 -64.81 -40.14 -37.59
N PRO OB 152 -63.79 -39.97 -38.44
CA PRO OB 152 -64.05 -40.07 -39.88
C PRO OB 152 -64.44 -41.46 -40.33
N LYS OB 153 -64.00 -42.52 -39.64
CA LYS OB 153 -64.32 -43.86 -40.12
C LYS OB 153 -65.77 -44.21 -39.84
N LYS OB 154 -66.32 -43.78 -38.69
CA LYS OB 154 -67.74 -44.02 -38.46
C LYS OB 154 -68.60 -43.17 -39.38
N LEU OB 155 -68.11 -41.98 -39.72
CA LEU OB 155 -68.82 -41.15 -40.70
C LEU OB 155 -68.82 -41.79 -42.08
N LEU OB 156 -67.68 -42.36 -42.49
CA LEU OB 156 -67.59 -42.98 -43.81
C LEU OB 156 -68.44 -44.23 -43.90
N MET OB 157 -68.31 -45.13 -42.91
CA MET OB 157 -69.14 -46.33 -42.91
C MET OB 157 -70.60 -45.98 -42.66
N MET OB 158 -70.86 -44.77 -42.16
CA MET OB 158 -72.22 -44.31 -41.92
C MET OB 158 -72.91 -43.86 -43.19
N ALA OB 159 -72.15 -43.57 -44.24
CA ALA OB 159 -72.73 -43.15 -45.51
C ALA OB 159 -72.80 -44.28 -46.54
N GLY OB 160 -72.57 -45.52 -46.12
CA GLY OB 160 -72.60 -46.65 -47.02
C GLY OB 160 -71.27 -46.96 -47.68
N ILE OB 161 -70.24 -46.15 -47.45
CA ILE OB 161 -68.93 -46.41 -48.00
C ILE OB 161 -68.35 -47.66 -47.36
N ASP OB 162 -68.14 -48.69 -48.18
CA ASP OB 162 -67.62 -49.96 -47.69
C ASP OB 162 -66.14 -49.87 -47.37
N ASP OB 163 -65.36 -49.23 -48.23
CA ASP OB 163 -63.91 -49.28 -48.22
C ASP OB 163 -63.37 -47.91 -48.60
N CYS OB 164 -62.32 -47.46 -47.90
CA CYS OB 164 -61.67 -46.21 -48.27
C CYS OB 164 -60.34 -46.10 -47.54
N TYR OB 165 -59.29 -45.77 -48.30
CA TYR OB 165 -58.03 -45.34 -47.70
C TYR OB 165 -58.10 -43.85 -47.42
N THR OB 166 -57.49 -43.42 -46.32
CA THR OB 166 -57.56 -42.03 -45.90
C THR OB 166 -56.21 -41.54 -45.43
N SER OB 167 -56.00 -40.23 -45.57
CA SER OB 167 -54.87 -39.55 -44.97
C SER OB 167 -55.35 -38.26 -44.34
N ALA OB 168 -54.79 -37.94 -43.18
CA ALA OB 168 -55.18 -36.74 -42.44
C ALA OB 168 -53.94 -35.96 -42.04
N ARG OB 169 -54.01 -34.64 -42.20
CA ARG OB 169 -52.91 -33.75 -41.87
C ARG OB 169 -53.44 -32.51 -41.17
N GLY OB 170 -52.68 -32.04 -40.18
CA GLY OB 170 -53.08 -30.86 -39.44
C GLY OB 170 -53.28 -31.14 -37.97
N CYS OB 171 -54.02 -30.26 -37.28
CA CYS OB 171 -54.32 -30.45 -35.86
C CYS OB 171 -55.48 -31.43 -35.76
N THR OB 172 -55.14 -32.71 -35.87
CA THR OB 172 -56.14 -33.77 -35.91
C THR OB 172 -56.87 -33.94 -34.58
N ALA OB 173 -56.33 -33.39 -33.49
CA ALA OB 173 -57.02 -33.47 -32.21
C ALA OB 173 -58.28 -32.64 -32.18
N THR OB 174 -58.34 -31.54 -32.94
CA THR OB 174 -59.56 -30.76 -33.06
C THR OB 174 -60.59 -31.53 -33.87
N LEU OB 175 -61.50 -32.21 -33.20
CA LEU OB 175 -62.39 -33.12 -33.90
C LEU OB 175 -63.49 -32.40 -34.65
N GLY OB 176 -63.81 -31.16 -34.26
CA GLY OB 176 -64.78 -30.39 -35.01
C GLY OB 176 -64.30 -30.12 -36.43
N ASN OB 177 -63.08 -29.62 -36.56
CA ASN OB 177 -62.50 -29.42 -37.88
C ASN OB 177 -62.21 -30.75 -38.55
N PHE OB 178 -61.78 -31.74 -37.76
CA PHE OB 178 -61.46 -33.07 -38.26
C PHE OB 178 -62.69 -33.78 -38.83
N ALA OB 179 -63.89 -33.37 -38.45
CA ALA OB 179 -65.12 -33.91 -39.01
C ALA OB 179 -65.71 -33.02 -40.08
N LYS OB 180 -65.54 -31.70 -39.95
CA LYS OB 180 -66.03 -30.79 -40.98
C LYS OB 180 -65.26 -30.98 -42.28
N ALA OB 181 -63.95 -31.23 -42.18
CA ALA OB 181 -63.16 -31.48 -43.38
C ALA OB 181 -63.59 -32.78 -44.07
N THR OB 182 -63.85 -33.83 -43.29
CA THR OB 182 -64.32 -35.08 -43.89
C THR OB 182 -65.69 -34.90 -44.51
N PHE OB 183 -66.57 -34.14 -43.85
CA PHE OB 183 -67.87 -33.85 -44.43
C PHE OB 183 -67.75 -33.10 -45.75
N ASP OB 184 -66.88 -32.08 -45.78
CA ASP OB 184 -66.72 -31.31 -47.01
C ASP OB 184 -66.11 -32.15 -48.11
N ALA OB 185 -65.24 -33.11 -47.75
CA ALA OB 185 -64.77 -34.08 -48.72
C ALA OB 185 -65.92 -34.92 -49.24
N ILE OB 186 -66.82 -35.33 -48.36
CA ILE OB 186 -67.97 -36.14 -48.76
C ILE OB 186 -68.89 -35.36 -49.70
N SER OB 187 -69.14 -34.09 -49.38
CA SER OB 187 -70.01 -33.29 -50.22
C SER OB 187 -69.37 -32.94 -51.55
N LYS OB 188 -68.06 -33.14 -51.68
CA LYS OB 188 -67.33 -32.78 -52.88
C LYS OB 188 -67.35 -33.87 -53.95
N THR OB 189 -67.86 -35.06 -53.63
CA THR OB 189 -67.80 -36.16 -54.60
C THR OB 189 -68.71 -35.92 -55.79
N TYR OB 190 -69.85 -35.23 -55.60
CA TYR OB 190 -70.66 -34.82 -56.73
C TYR OB 190 -70.21 -33.48 -57.30
N SER OB 191 -69.26 -32.82 -56.64
CA SER OB 191 -68.60 -31.66 -57.21
C SER OB 191 -67.50 -32.05 -58.18
N TYR OB 192 -67.25 -33.35 -58.35
CA TYR OB 192 -66.20 -33.84 -59.23
C TYR OB 192 -66.81 -34.33 -60.54
N LEU OB 193 -66.21 -33.93 -61.65
CA LEU OB 193 -66.67 -34.30 -62.98
C LEU OB 193 -65.77 -35.38 -63.57
N THR OB 194 -66.39 -36.40 -64.15
CA THR OB 194 -65.70 -37.58 -64.66
C THR OB 194 -66.11 -37.84 -66.10
N PRO OB 195 -65.32 -38.62 -66.84
CA PRO OB 195 -65.76 -39.02 -68.19
C PRO OB 195 -67.07 -39.79 -68.20
N ASP OB 196 -67.41 -40.47 -67.10
CA ASP OB 196 -68.70 -41.15 -67.02
C ASP OB 196 -69.85 -40.18 -66.88
N LEU OB 197 -69.56 -38.90 -66.67
CA LEU OB 197 -70.58 -37.85 -66.55
C LEU OB 197 -70.59 -36.90 -67.74
N TRP OB 198 -69.80 -37.17 -68.78
CA TRP OB 198 -69.65 -36.22 -69.87
C TRP OB 198 -70.90 -36.09 -70.73
N LYS OB 199 -71.87 -36.99 -70.57
CA LYS OB 199 -73.08 -36.94 -71.37
C LYS OB 199 -73.83 -35.63 -71.13
N GLU OB 200 -74.33 -35.04 -72.21
CA GLU OB 200 -75.06 -33.78 -72.09
C GLU OB 200 -76.32 -33.99 -71.27
N THR OB 201 -76.56 -33.09 -70.33
CA THR OB 201 -77.71 -33.23 -69.43
C THR OB 201 -78.96 -32.65 -70.09
N VAL OB 202 -79.97 -33.50 -70.29
CA VAL OB 202 -81.29 -33.01 -70.64
C VAL OB 202 -81.97 -32.48 -69.40
N PHE OB 203 -82.51 -31.27 -69.49
CA PHE OB 203 -83.07 -30.58 -68.34
C PHE OB 203 -84.52 -31.02 -68.14
N THR OB 204 -84.94 -31.08 -66.88
CA THR OB 204 -86.28 -31.51 -66.50
C THR OB 204 -87.01 -30.34 -65.86
N LYS OB 205 -88.33 -30.31 -66.04
CA LYS OB 205 -89.14 -29.20 -65.53
C LYS OB 205 -88.96 -29.04 -64.02
N SER OB 206 -88.77 -27.79 -63.61
CA SER OB 206 -88.51 -27.50 -62.20
C SER OB 206 -89.69 -27.88 -61.32
N PRO OB 207 -89.43 -28.36 -60.10
CA PRO OB 207 -90.53 -28.82 -59.24
C PRO OB 207 -91.55 -27.75 -58.92
N TYR OB 208 -91.14 -26.48 -58.85
CA TYR OB 208 -92.10 -25.42 -58.57
C TYR OB 208 -93.11 -25.29 -59.69
N GLN OB 209 -92.64 -25.15 -60.93
CA GLN OB 209 -93.54 -24.98 -62.06
C GLN OB 209 -94.21 -26.29 -62.49
N GLU OB 210 -93.65 -27.43 -62.09
CA GLU OB 210 -94.27 -28.71 -62.42
C GLU OB 210 -95.58 -28.89 -61.68
N PHE OB 211 -95.75 -28.21 -60.55
CA PHE OB 211 -96.95 -28.27 -59.73
C PHE OB 211 -97.38 -26.87 -59.31
N THR OB 212 -97.16 -25.88 -60.20
CA THR OB 212 -97.36 -24.49 -59.83
C THR OB 212 -98.83 -24.18 -59.56
N ASP OB 213 -99.74 -24.77 -60.33
CA ASP OB 213 -101.17 -24.57 -60.08
C ASP OB 213 -101.55 -25.16 -58.72
N HIS OB 214 -100.99 -26.31 -58.38
CA HIS OB 214 -101.27 -26.91 -57.08
C HIS OB 214 -100.76 -26.03 -55.95
N LEU OB 215 -99.57 -25.45 -56.11
CA LEU OB 215 -99.04 -24.55 -55.10
C LEU OB 215 -99.88 -23.27 -55.00
N VAL OB 216 -100.41 -22.80 -56.12
CA VAL OB 216 -101.29 -21.64 -56.09
C VAL OB 216 -102.56 -21.97 -55.30
N LYS OB 217 -103.13 -23.15 -55.56
CA LYS OB 217 -104.36 -23.54 -54.87
C LYS OB 217 -104.12 -23.75 -53.38
N THR OB 218 -102.99 -24.38 -53.01
CA THR OB 218 -102.78 -24.82 -51.64
C THR OB 218 -102.04 -23.78 -50.80
N HIS OB 219 -100.82 -23.41 -51.22
CA HIS OB 219 -99.93 -22.60 -50.39
C HIS OB 219 -100.15 -21.13 -50.72
N THR OB 220 -101.08 -20.51 -50.00
CA THR OB 220 -101.39 -19.10 -50.18
C THR OB 220 -100.23 -18.22 -49.71
N ALA PB 1 -8.34 -69.55 -45.96
CA ALA PB 1 -7.84 -70.91 -46.07
C ALA PB 1 -6.39 -70.91 -46.53
N ARG PB 2 -5.69 -72.02 -46.27
CA ARG PB 2 -4.27 -72.13 -46.54
C ARG PB 2 -3.95 -73.19 -47.58
N GLY PB 3 -4.91 -73.52 -48.45
CA GLY PB 3 -4.69 -74.49 -49.48
C GLY PB 3 -5.97 -75.05 -50.05
N PRO PB 4 -5.93 -76.29 -50.50
CA PRO PB 4 -7.13 -76.91 -51.09
C PRO PB 4 -8.25 -77.08 -50.08
N LYS PB 5 -9.47 -76.87 -50.56
CA LYS PB 5 -10.68 -77.12 -49.79
C LYS PB 5 -11.24 -78.47 -50.23
N LYS PB 6 -11.25 -79.43 -49.33
CA LYS PB 6 -11.64 -80.80 -49.64
C LYS PB 6 -12.98 -81.15 -49.01
N HIS PB 7 -13.78 -80.14 -48.70
CA HIS PB 7 -15.10 -80.33 -48.12
C HIS PB 7 -16.12 -79.60 -48.98
N LEU PB 8 -17.39 -79.95 -48.78
CA LEU PB 8 -18.49 -79.25 -49.42
C LEU PB 8 -19.70 -79.30 -48.50
N LYS PB 9 -20.29 -78.14 -48.26
CA LYS PB 9 -21.48 -78.09 -47.42
C LYS PB 9 -22.70 -78.57 -48.20
N ARG PB 10 -23.70 -79.05 -47.46
CA ARG PB 10 -24.90 -79.58 -48.10
C ARG PB 10 -25.64 -78.50 -48.87
N VAL PB 11 -25.79 -77.30 -48.27
CA VAL PB 11 -26.53 -76.25 -48.94
C VAL PB 11 -25.72 -75.60 -50.05
N ALA PB 12 -24.39 -75.66 -49.98
CA ALA PB 12 -23.54 -75.13 -51.05
C ALA PB 12 -23.37 -76.11 -52.20
N ALA PB 13 -23.93 -77.32 -52.09
CA ALA PB 13 -23.86 -78.28 -53.16
C ALA PB 13 -24.70 -77.81 -54.35
N PRO PB 14 -24.43 -78.32 -55.55
CA PRO PB 14 -25.22 -77.92 -56.71
C PRO PB 14 -26.70 -78.22 -56.53
N LYS PB 15 -27.53 -77.31 -57.02
CA LYS PB 15 -28.97 -77.41 -56.81
C LYS PB 15 -29.56 -78.64 -57.47
N HIS PB 16 -29.10 -78.97 -58.68
CA HIS PB 16 -29.68 -80.09 -59.42
C HIS PB 16 -29.36 -81.44 -58.81
N TRP PB 17 -28.48 -81.49 -57.82
CA TRP PB 17 -28.21 -82.74 -57.11
C TRP PB 17 -29.43 -83.26 -56.37
N MET PB 18 -30.44 -82.42 -56.17
CA MET PB 18 -31.74 -82.76 -55.58
C MET PB 18 -31.62 -83.14 -54.11
N LEU PB 19 -30.45 -82.93 -53.50
CA LEU PB 19 -30.30 -83.25 -52.09
C LEU PB 19 -31.15 -82.33 -51.22
N ASP PB 20 -31.71 -82.91 -50.15
CA ASP PB 20 -32.48 -82.16 -49.19
C ASP PB 20 -31.54 -81.49 -48.19
N LYS PB 21 -32.08 -80.95 -47.11
CA LYS PB 21 -31.28 -80.23 -46.13
C LYS PB 21 -31.34 -80.83 -44.73
N LEU PB 22 -32.04 -81.95 -44.54
CA LEU PB 22 -32.14 -82.57 -43.22
C LEU PB 22 -31.23 -83.77 -43.04
N THR PB 23 -30.90 -84.48 -44.11
CA THR PB 23 -30.17 -85.74 -43.98
C THR PB 23 -28.80 -85.54 -43.36
N GLY PB 24 -28.07 -84.51 -43.81
CA GLY PB 24 -26.74 -84.30 -43.30
C GLY PB 24 -26.33 -82.86 -43.38
N VAL PB 25 -25.20 -82.58 -42.73
CA VAL PB 25 -24.60 -81.24 -42.71
C VAL PB 25 -23.82 -81.04 -44.00
N PHE PB 26 -23.22 -82.11 -44.50
CA PHE PB 26 -22.26 -82.03 -45.59
C PHE PB 26 -22.87 -82.54 -46.89
N ALA PB 27 -22.08 -82.45 -47.94
CA ALA PB 27 -22.37 -82.87 -49.28
C ALA PB 27 -21.33 -83.88 -49.75
N PRO PB 28 -21.60 -84.63 -50.82
CA PRO PB 28 -20.62 -85.64 -51.27
C PRO PB 28 -19.21 -85.15 -51.46
N ARG PB 29 -19.01 -83.92 -51.95
CA ARG PB 29 -17.70 -83.37 -52.29
C ARG PB 29 -16.97 -84.34 -53.21
N PRO PB 30 -17.36 -84.42 -54.48
CA PRO PB 30 -16.72 -85.36 -55.38
C PRO PB 30 -15.26 -85.01 -55.62
N SER PB 31 -14.45 -86.03 -55.84
CA SER PB 31 -13.04 -85.82 -56.13
C SER PB 31 -12.89 -85.19 -57.51
N THR PB 32 -11.67 -84.74 -57.80
CA THR PB 32 -11.38 -84.18 -59.10
C THR PB 32 -11.46 -85.27 -60.17
N GLY PB 33 -11.88 -84.88 -61.37
CA GLY PB 33 -12.04 -85.83 -62.44
C GLY PB 33 -12.37 -85.18 -63.77
N PRO PB 34 -13.03 -85.94 -64.64
CA PRO PB 34 -13.32 -85.42 -66.00
C PRO PB 34 -14.24 -84.22 -66.02
N HIS PB 35 -15.07 -84.03 -65.00
CA HIS PB 35 -16.10 -83.00 -65.02
C HIS PB 35 -16.02 -82.12 -63.79
N LYS PB 36 -16.51 -80.90 -63.91
CA LYS PB 36 -16.58 -79.99 -62.78
C LYS PB 36 -17.62 -80.48 -61.79
N LEU PB 37 -17.41 -80.13 -60.51
CA LEU PB 37 -18.35 -80.55 -59.47
C LEU PB 37 -19.69 -79.85 -59.58
N ARG PB 38 -19.74 -78.71 -60.28
CA ARG PB 38 -20.99 -77.97 -60.41
C ARG PB 38 -22.01 -78.75 -61.25
N GLU PB 39 -21.55 -79.41 -62.32
CA GLU PB 39 -22.46 -80.02 -63.28
C GLU PB 39 -22.35 -81.53 -63.33
N CYS PB 40 -21.63 -82.15 -62.39
CA CYS PB 40 -21.49 -83.60 -62.39
C CYS PB 40 -22.46 -84.22 -61.38
N LEU PB 41 -22.43 -85.55 -61.33
CA LEU PB 41 -23.25 -86.32 -60.39
C LEU PB 41 -22.38 -87.35 -59.70
N PRO PB 42 -21.99 -87.14 -58.44
CA PRO PB 42 -21.20 -88.14 -57.73
C PRO PB 42 -21.94 -89.45 -57.59
N LEU PB 43 -21.17 -90.54 -57.60
CA LEU PB 43 -21.76 -91.88 -57.71
C LEU PB 43 -22.58 -92.25 -56.48
N ILE PB 44 -22.19 -91.76 -55.30
CA ILE PB 44 -22.90 -92.12 -54.08
C ILE PB 44 -24.36 -91.67 -54.15
N ILE PB 45 -24.59 -90.39 -54.45
CA ILE PB 45 -25.97 -89.92 -54.56
C ILE PB 45 -26.63 -90.49 -55.81
N PHE PB 46 -25.84 -90.75 -56.85
CA PHE PB 46 -26.41 -91.29 -58.08
C PHE PB 46 -27.02 -92.66 -57.86
N LEU PB 47 -26.40 -93.49 -57.04
CA LEU PB 47 -26.98 -94.79 -56.71
C LEU PB 47 -27.93 -94.71 -55.52
N ARG PB 48 -27.86 -93.65 -54.71
CA ARG PB 48 -28.60 -93.60 -53.46
C ARG PB 48 -29.95 -92.88 -53.56
N ASN PB 49 -30.05 -91.85 -54.40
CA ASN PB 49 -31.24 -91.02 -54.42
C ASN PB 49 -31.90 -90.91 -55.78
N ARG PB 50 -31.25 -91.37 -56.85
CA ARG PB 50 -31.86 -91.47 -58.17
C ARG PB 50 -32.39 -92.87 -58.43
N LEU PB 51 -31.66 -93.90 -58.01
CA LEU PB 51 -32.10 -95.28 -58.17
C LEU PB 51 -32.61 -95.89 -56.87
N LYS PB 52 -32.25 -95.31 -55.72
CA LYS PB 52 -32.55 -95.84 -54.40
C LYS PB 52 -31.99 -97.24 -54.17
N TYR PB 53 -31.08 -97.70 -55.05
CA TYR PB 53 -30.41 -98.96 -54.82
C TYR PB 53 -29.45 -98.90 -53.64
N ALA PB 54 -29.10 -97.69 -53.20
CA ALA PB 54 -28.24 -97.49 -52.06
C ALA PB 54 -28.99 -96.74 -50.97
N LEU PB 55 -28.65 -97.03 -49.72
CA LEU PB 55 -29.28 -96.38 -48.59
C LEU PB 55 -28.33 -95.53 -47.76
N THR PB 56 -27.07 -95.92 -47.63
CA THR PB 56 -26.12 -95.18 -46.81
C THR PB 56 -24.78 -95.10 -47.53
N GLY PB 57 -23.88 -94.29 -46.97
CA GLY PB 57 -22.56 -94.13 -47.56
C GLY PB 57 -21.72 -95.40 -47.48
N ASP PB 58 -21.72 -96.05 -46.32
CA ASP PB 58 -20.97 -97.29 -46.17
C ASP PB 58 -21.51 -98.37 -47.10
N GLU PB 59 -22.83 -98.46 -47.21
CA GLU PB 59 -23.46 -99.48 -48.05
C GLU PB 59 -23.14 -99.23 -49.53
N VAL PB 60 -23.20 -97.98 -49.98
CA VAL PB 60 -22.89 -97.72 -51.38
C VAL PB 60 -21.39 -97.90 -51.64
N LYS PB 61 -20.56 -97.65 -50.62
CA LYS PB 61 -19.15 -98.02 -50.73
C LYS PB 61 -18.99 -99.51 -50.92
N LYS PB 62 -19.81 -100.30 -50.22
CA LYS PB 62 -19.81 -101.75 -50.42
C LYS PB 62 -20.23 -102.10 -51.84
N ILE PB 63 -21.23 -101.39 -52.38
CA ILE PB 63 -21.64 -101.63 -53.77
C ILE PB 63 -20.48 -101.40 -54.72
N CYS PB 64 -19.80 -100.27 -54.57
CA CYS PB 64 -18.74 -99.92 -55.51
C CYS PB 64 -17.50 -100.80 -55.32
N MET PB 65 -17.29 -101.34 -54.13
CA MET PB 65 -16.07 -102.10 -53.90
C MET PB 65 -16.20 -103.54 -54.37
N GLN PB 66 -17.42 -104.01 -54.63
CA GLN PB 66 -17.58 -105.38 -55.11
C GLN PB 66 -17.36 -105.53 -56.60
N ARG PB 67 -16.75 -104.54 -57.26
CA ARG PB 67 -16.36 -104.61 -58.68
C ARG PB 67 -17.57 -104.83 -59.58
N PHE PB 68 -18.65 -104.11 -59.32
CA PHE PB 68 -19.81 -104.11 -60.20
C PHE PB 68 -20.05 -102.78 -60.89
N ILE PB 69 -19.62 -101.67 -60.29
CA ILE PB 69 -19.91 -100.35 -60.83
C ILE PB 69 -18.88 -100.01 -61.91
N LYS PB 70 -19.36 -99.78 -63.12
CA LYS PB 70 -18.53 -99.54 -64.29
C LYS PB 70 -18.99 -98.25 -64.97
N ILE PB 71 -18.03 -97.44 -65.42
CA ILE PB 71 -18.33 -96.25 -66.20
C ILE PB 71 -17.31 -96.16 -67.33
N ASP PB 72 -17.79 -95.77 -68.52
CA ASP PB 72 -16.99 -95.73 -69.75
C ASP PB 72 -16.37 -97.09 -70.04
N GLY PB 73 -17.04 -98.16 -69.63
CA GLY PB 73 -16.54 -99.49 -69.84
C GLY PB 73 -15.46 -99.93 -68.87
N LYS PB 74 -15.09 -99.09 -67.92
CA LYS PB 74 -14.01 -99.39 -66.98
C LYS PB 74 -14.52 -99.30 -65.55
N VAL PB 75 -13.96 -100.14 -64.69
CA VAL PB 75 -14.42 -100.28 -63.32
C VAL PB 75 -13.79 -99.20 -62.46
N ARG PB 76 -14.60 -98.50 -61.67
CA ARG PB 76 -14.14 -97.45 -60.79
C ARG PB 76 -14.35 -97.83 -59.33
N THR PB 77 -13.58 -97.18 -58.45
CA THR PB 77 -13.61 -97.46 -57.02
C THR PB 77 -14.17 -96.30 -56.20
N ASP PB 78 -13.93 -95.06 -56.61
CA ASP PB 78 -14.33 -93.89 -55.82
C ASP PB 78 -15.84 -93.85 -55.64
N ILE PB 79 -16.27 -93.62 -54.40
CA ILE PB 79 -17.68 -93.42 -54.12
C ILE PB 79 -18.11 -92.01 -54.51
N THR PB 80 -17.16 -91.10 -54.66
CA THR PB 80 -17.43 -89.72 -55.07
C THR PB 80 -16.73 -89.41 -56.38
N TYR PB 81 -16.65 -90.39 -57.26
CA TYR PB 81 -16.09 -90.14 -58.59
C TYR PB 81 -17.05 -89.25 -59.36
N PRO PB 82 -16.58 -88.14 -59.92
CA PRO PB 82 -17.47 -87.25 -60.67
C PRO PB 82 -17.89 -87.86 -62.00
N ALA PB 83 -19.13 -88.33 -62.08
CA ALA PB 83 -19.63 -88.90 -63.33
C ALA PB 83 -19.67 -87.85 -64.44
N GLY PB 84 -20.46 -86.80 -64.24
CA GLY PB 84 -20.59 -85.79 -65.26
C GLY PB 84 -21.72 -86.08 -66.22
N PHE PB 85 -21.60 -85.51 -67.42
CA PHE PB 85 -22.67 -85.58 -68.41
C PHE PB 85 -22.37 -86.67 -69.44
N MET PB 86 -23.38 -87.50 -69.72
CA MET PB 86 -23.48 -88.41 -70.86
C MET PB 86 -22.45 -89.54 -70.78
N ASP PB 87 -21.73 -89.66 -69.67
CA ASP PB 87 -20.90 -90.84 -69.47
C ASP PB 87 -21.78 -92.08 -69.31
N VAL PB 88 -21.30 -93.19 -69.84
CA VAL PB 88 -22.07 -94.43 -69.86
C VAL PB 88 -21.74 -95.23 -68.61
N ILE PB 89 -22.76 -95.53 -67.81
CA ILE PB 89 -22.59 -96.34 -66.61
C ILE PB 89 -23.17 -97.72 -66.87
N SER PB 90 -22.31 -98.73 -66.84
CA SER PB 90 -22.72 -100.12 -67.04
C SER PB 90 -22.68 -100.85 -65.71
N ILE PB 91 -23.69 -101.68 -65.46
CA ILE PB 91 -23.71 -102.56 -64.30
C ILE PB 91 -23.90 -103.97 -64.85
N ASP PB 92 -22.81 -104.73 -64.93
CA ASP PB 92 -22.85 -106.03 -65.58
C ASP PB 92 -23.66 -107.03 -64.78
N LYS PB 93 -23.74 -106.86 -63.46
CA LYS PB 93 -24.43 -107.85 -62.63
C LYS PB 93 -25.93 -107.80 -62.84
N THR PB 94 -26.53 -106.61 -62.77
CA THR PB 94 -27.98 -106.47 -62.90
C THR PB 94 -28.41 -106.22 -64.34
N GLY PB 95 -27.47 -106.05 -65.27
CA GLY PB 95 -27.79 -105.96 -66.68
C GLY PB 95 -28.58 -104.74 -67.10
N GLU PB 96 -28.20 -103.56 -66.61
CA GLU PB 96 -28.76 -102.32 -67.13
C GLU PB 96 -27.64 -101.31 -67.29
N ASN PB 97 -27.90 -100.29 -68.11
CA ASN PB 97 -26.94 -99.24 -68.40
C ASN PB 97 -27.64 -97.90 -68.31
N PHE PB 98 -26.84 -96.85 -68.11
CA PHE PB 98 -27.38 -95.51 -67.91
C PHE PB 98 -26.58 -94.48 -68.70
N ARG PB 99 -27.30 -93.62 -69.40
CA ARG PB 99 -26.73 -92.49 -70.13
C ARG PB 99 -27.24 -91.22 -69.48
N LEU PB 100 -26.36 -90.52 -68.76
CA LEU PB 100 -26.76 -89.38 -67.94
C LEU PB 100 -27.03 -88.18 -68.84
N ILE PB 101 -28.29 -88.01 -69.22
CA ILE PB 101 -28.72 -86.93 -70.10
C ILE PB 101 -29.52 -85.93 -69.29
N TYR PB 102 -29.20 -84.65 -69.44
CA TYR PB 102 -30.03 -83.60 -68.87
C TYR PB 102 -31.44 -83.69 -69.43
N ASP PB 103 -32.42 -83.62 -68.53
CA ASP PB 103 -33.81 -83.72 -68.94
C ASP PB 103 -34.26 -82.38 -69.51
N THR PB 104 -35.57 -82.22 -69.67
CA THR PB 104 -36.11 -80.96 -70.18
C THR PB 104 -35.76 -79.79 -69.26
N LYS PB 105 -35.60 -80.05 -67.97
CA LYS PB 105 -35.33 -79.00 -66.99
C LYS PB 105 -33.85 -78.78 -66.74
N GLY PB 106 -32.99 -79.63 -67.31
CA GLY PB 106 -31.55 -79.47 -67.14
C GLY PB 106 -30.98 -80.16 -65.92
N ARG PB 107 -31.58 -81.26 -65.48
CA ARG PB 107 -31.08 -82.04 -64.37
C ARG PB 107 -30.87 -83.48 -64.83
N PHE PB 108 -29.95 -84.17 -64.16
CA PHE PB 108 -29.66 -85.55 -64.52
C PHE PB 108 -30.81 -86.47 -64.11
N ALA PB 109 -31.50 -87.02 -65.09
CA ALA PB 109 -32.57 -87.97 -64.85
C ALA PB 109 -32.11 -89.38 -65.21
N VAL PB 110 -32.70 -90.35 -64.53
CA VAL PB 110 -32.36 -91.75 -64.77
C VAL PB 110 -32.80 -92.16 -66.17
N HIS PB 111 -31.83 -92.41 -67.04
CA HIS PB 111 -32.11 -92.78 -68.42
C HIS PB 111 -31.52 -94.16 -68.69
N ARG PB 112 -32.37 -95.09 -69.15
CA ARG PB 112 -31.95 -96.45 -69.44
C ARG PB 112 -31.67 -96.59 -70.93
N ILE PB 113 -30.61 -97.34 -71.25
CA ILE PB 113 -30.15 -97.48 -72.62
C ILE PB 113 -29.86 -98.94 -72.93
N THR PB 114 -29.92 -99.28 -74.22
CA THR PB 114 -29.51 -100.59 -74.69
C THR PB 114 -27.98 -100.68 -74.72
N PRO PB 115 -27.43 -101.87 -74.45
CA PRO PB 115 -25.95 -101.99 -74.40
C PRO PB 115 -25.26 -101.65 -75.72
N GLU PB 116 -25.87 -101.95 -76.86
CA GLU PB 116 -25.25 -101.61 -78.13
C GLU PB 116 -25.18 -100.09 -78.30
N GLU PB 117 -26.18 -99.37 -77.80
CA GLU PB 117 -26.09 -97.92 -77.72
C GLU PB 117 -25.00 -97.49 -76.75
N ALA PB 118 -24.86 -98.25 -75.65
CA ALA PB 118 -23.87 -97.92 -74.63
C ALA PB 118 -22.44 -98.18 -75.09
N LYS PB 119 -22.24 -98.90 -76.19
CA LYS PB 119 -20.88 -99.21 -76.63
C LYS PB 119 -20.16 -97.97 -77.13
N TYR PB 120 -20.88 -97.05 -77.76
CA TYR PB 120 -20.30 -95.80 -78.20
C TYR PB 120 -20.63 -94.68 -77.22
N LYS PB 121 -19.98 -93.53 -77.42
CA LYS PB 121 -20.14 -92.39 -76.52
C LYS PB 121 -19.58 -91.16 -77.19
N LEU PB 122 -20.37 -90.09 -77.22
CA LEU PB 122 -19.99 -88.86 -77.90
C LEU PB 122 -19.02 -88.05 -77.05
N CYS PB 123 -18.55 -86.95 -77.64
CA CYS PB 123 -17.61 -86.04 -77.01
C CYS PB 123 -17.77 -84.66 -77.63
N LYS PB 124 -17.19 -83.65 -76.98
CA LYS PB 124 -17.17 -82.29 -77.50
C LYS PB 124 -15.74 -81.77 -77.43
N VAL PB 125 -15.10 -81.62 -78.58
CA VAL PB 125 -13.70 -81.17 -78.61
C VAL PB 125 -13.63 -79.71 -78.20
N ARG PB 126 -12.73 -79.40 -77.27
CA ARG PB 126 -12.58 -78.05 -76.76
C ARG PB 126 -11.32 -77.35 -77.26
N LYS PB 127 -10.28 -78.09 -77.61
CA LYS PB 127 -9.09 -77.50 -78.20
C LYS PB 127 -8.38 -78.54 -79.04
N ILE PB 128 -7.65 -78.06 -80.05
CA ILE PB 128 -6.83 -78.91 -80.91
C ILE PB 128 -5.43 -78.28 -80.97
N PHE PB 129 -4.45 -79.00 -80.46
CA PHE PB 129 -3.08 -78.49 -80.39
C PHE PB 129 -2.12 -79.56 -80.89
N VAL PB 130 -1.17 -79.15 -81.71
CA VAL PB 130 -0.14 -80.05 -82.20
C VAL PB 130 1.02 -80.08 -81.21
N GLY PB 131 1.36 -81.29 -80.75
CA GLY PB 131 2.40 -81.47 -79.76
C GLY PB 131 3.74 -81.75 -80.38
N THR PB 132 4.61 -82.38 -79.58
CA THR PB 132 5.97 -82.66 -80.02
C THR PB 132 5.96 -83.66 -81.17
N LYS PB 133 7.00 -83.56 -82.00
CA LYS PB 133 7.15 -84.35 -83.23
C LYS PB 133 6.00 -84.15 -84.20
N GLY PB 134 5.36 -82.99 -84.14
CA GLY PB 134 4.26 -82.70 -85.05
C GLY PB 134 3.08 -83.64 -84.92
N ILE PB 135 2.64 -83.92 -83.70
CA ILE PB 135 1.57 -84.87 -83.44
C ILE PB 135 0.35 -84.08 -82.96
N PRO PB 136 -0.67 -83.89 -83.79
CA PRO PB 136 -1.86 -83.18 -83.33
C PRO PB 136 -2.63 -83.97 -82.28
N HIS PB 137 -3.31 -83.23 -81.40
CA HIS PB 137 -4.06 -83.82 -80.30
C HIS PB 137 -5.49 -83.29 -80.32
N LEU PB 138 -6.29 -83.76 -79.35
CA LEU PB 138 -7.70 -83.41 -79.30
C LEU PB 138 -8.21 -83.65 -77.89
N VAL PB 139 -8.70 -82.60 -77.24
CA VAL PB 139 -9.23 -82.67 -75.88
C VAL PB 139 -10.75 -82.68 -75.97
N THR PB 140 -11.38 -83.69 -75.37
CA THR PB 140 -12.83 -83.83 -75.41
C THR PB 140 -13.47 -83.06 -74.26
N HIS PB 141 -14.79 -83.17 -74.15
CA HIS PB 141 -15.51 -82.49 -73.07
C HIS PB 141 -15.22 -83.12 -71.73
N ASP PB 142 -14.78 -84.37 -71.71
CA ASP PB 142 -14.25 -84.98 -70.51
C ASP PB 142 -12.79 -84.54 -70.36
N ALA PB 143 -12.06 -85.21 -69.48
CA ALA PB 143 -10.63 -85.02 -69.37
C ALA PB 143 -9.86 -85.80 -70.43
N ARG PB 144 -10.54 -86.35 -71.43
CA ARG PB 144 -9.90 -87.22 -72.40
C ARG PB 144 -9.08 -86.43 -73.40
N THR PB 145 -7.98 -87.04 -73.85
CA THR PB 145 -7.16 -86.52 -74.93
C THR PB 145 -6.78 -87.66 -75.86
N ILE PB 146 -6.78 -87.38 -77.17
CA ILE PB 146 -6.48 -88.38 -78.19
C ILE PB 146 -5.52 -87.76 -79.19
N ARG PB 147 -4.87 -88.63 -79.96
CA ARG PB 147 -3.87 -88.23 -80.93
C ARG PB 147 -4.40 -88.50 -82.34
N TYR PB 148 -3.71 -87.96 -83.33
CA TYR PB 148 -3.96 -88.22 -84.74
C TYR PB 148 -5.44 -88.03 -85.14
N PRO PB 149 -5.98 -86.84 -84.95
CA PRO PB 149 -7.39 -86.61 -85.31
C PRO PB 149 -7.55 -86.35 -86.80
N ASP PB 150 -8.78 -86.47 -87.26
CA ASP PB 150 -9.09 -86.11 -88.63
C ASP PB 150 -8.92 -84.61 -88.81
N PRO PB 151 -8.14 -84.16 -89.79
CA PRO PB 151 -7.92 -82.71 -89.94
C PRO PB 151 -9.18 -81.92 -90.23
N LEU PB 152 -10.24 -82.57 -90.72
CA LEU PB 152 -11.50 -81.88 -90.93
C LEU PB 152 -12.13 -81.41 -89.62
N ILE PB 153 -11.82 -82.08 -88.51
CA ILE PB 153 -12.39 -81.74 -87.21
C ILE PB 153 -11.75 -80.45 -86.71
N LYS PB 154 -12.59 -79.47 -86.38
CA LYS PB 154 -12.17 -78.19 -85.85
C LYS PB 154 -12.69 -78.04 -84.42
N VAL PB 155 -12.49 -76.84 -83.86
CA VAL PB 155 -12.83 -76.58 -82.46
C VAL PB 155 -14.34 -76.64 -82.28
N ASN PB 156 -14.76 -77.08 -81.09
CA ASN PB 156 -16.15 -77.08 -80.65
C ASN PB 156 -17.03 -77.92 -81.59
N ASP PB 157 -16.48 -79.02 -82.07
CA ASP PB 157 -17.21 -80.01 -82.84
C ASP PB 157 -17.61 -81.15 -81.91
N THR PB 158 -18.15 -82.22 -82.49
CA THR PB 158 -18.62 -83.37 -81.75
C THR PB 158 -17.97 -84.64 -82.29
N ILE PB 159 -17.42 -85.45 -81.38
CA ILE PB 159 -16.61 -86.60 -81.75
C ILE PB 159 -17.24 -87.87 -81.20
N GLN PB 160 -17.49 -88.82 -82.09
CA GLN PB 160 -18.02 -90.12 -81.72
C GLN PB 160 -16.86 -91.00 -81.27
N ILE PB 161 -16.78 -91.27 -79.96
CA ILE PB 161 -15.70 -92.04 -79.35
C ILE PB 161 -16.24 -93.41 -79.01
N ASP PB 162 -15.58 -94.45 -79.46
CA ASP PB 162 -16.02 -95.80 -79.15
C ASP PB 162 -15.31 -96.31 -77.91
N LEU PB 163 -16.10 -96.85 -76.98
CA LEU PB 163 -15.54 -97.33 -75.72
C LEU PB 163 -14.75 -98.62 -75.95
N GLU PB 164 -13.91 -98.95 -74.96
CA GLU PB 164 -12.96 -100.06 -74.93
C GLU PB 164 -11.81 -99.86 -75.90
N THR PB 165 -11.82 -98.81 -76.70
CA THR PB 165 -10.72 -98.48 -77.60
C THR PB 165 -10.24 -97.05 -77.43
N GLY PB 166 -11.12 -96.13 -77.08
CA GLY PB 166 -10.75 -94.73 -77.02
C GLY PB 166 -10.48 -94.11 -78.37
N LYS PB 167 -10.92 -94.74 -79.45
CA LYS PB 167 -10.64 -94.29 -80.80
C LYS PB 167 -11.77 -93.40 -81.31
N ILE PB 168 -11.52 -92.78 -82.45
CA ILE PB 168 -12.51 -91.94 -83.12
C ILE PB 168 -13.12 -92.75 -84.26
N THR PB 169 -14.44 -92.92 -84.23
CA THR PB 169 -15.13 -93.61 -85.31
C THR PB 169 -15.89 -92.68 -86.24
N ASP PB 170 -16.43 -91.58 -85.71
CA ASP PB 170 -17.19 -90.64 -86.54
C ASP PB 170 -17.17 -89.29 -85.84
N PHE PB 171 -17.74 -88.30 -86.52
CA PHE PB 171 -17.82 -86.95 -85.99
C PHE PB 171 -18.87 -86.17 -86.77
N ILE PB 172 -19.22 -85.00 -86.23
CA ILE PB 172 -20.16 -84.09 -86.87
C ILE PB 172 -19.55 -82.70 -86.83
N LYS PB 173 -19.56 -82.01 -87.97
CA LYS PB 173 -19.09 -80.64 -88.04
C LYS PB 173 -20.01 -79.71 -87.27
N PHE PB 174 -19.43 -78.80 -86.50
CA PHE PB 174 -20.23 -77.77 -85.85
C PHE PB 174 -20.74 -76.80 -86.89
N ASP PB 175 -21.99 -76.98 -87.30
CA ASP PB 175 -22.55 -76.28 -88.45
C ASP PB 175 -23.94 -75.76 -88.12
N THR PB 176 -24.35 -74.73 -88.84
CA THR PB 176 -25.72 -74.24 -88.71
C THR PB 176 -26.70 -75.24 -89.29
N GLY PB 177 -27.70 -75.60 -88.49
CA GLY PB 177 -28.73 -76.52 -88.92
C GLY PB 177 -28.67 -77.90 -88.30
N ASN PB 178 -27.78 -78.13 -87.33
CA ASN PB 178 -27.66 -79.43 -86.69
C ASN PB 178 -28.31 -79.42 -85.31
N LEU PB 179 -28.78 -80.59 -84.90
CA LEU PB 179 -29.36 -80.75 -83.58
C LEU PB 179 -28.28 -80.65 -82.50
N CYS PB 180 -28.63 -80.04 -81.38
CA CYS PB 180 -27.65 -79.75 -80.33
C CYS PB 180 -28.31 -79.85 -78.96
N MET PB 181 -27.60 -79.35 -77.95
CA MET PB 181 -28.01 -79.41 -76.56
C MET PB 181 -27.46 -78.20 -75.81
N VAL PB 182 -28.01 -77.95 -74.64
CA VAL PB 182 -27.58 -76.87 -73.77
C VAL PB 182 -26.87 -77.48 -72.58
N THR PB 183 -25.68 -76.99 -72.27
CA THR PB 183 -24.89 -77.48 -71.16
C THR PB 183 -24.54 -76.39 -70.15
N GLY PB 184 -25.50 -75.52 -69.84
CA GLY PB 184 -25.30 -74.54 -68.78
C GLY PB 184 -26.41 -73.53 -68.76
N GLY PB 185 -26.41 -72.72 -67.70
CA GLY PB 185 -27.30 -71.58 -67.60
C GLY PB 185 -28.76 -71.95 -67.38
N ALA PB 186 -29.63 -70.97 -67.63
CA ALA PB 186 -31.05 -71.17 -67.39
C ALA PB 186 -31.69 -72.06 -68.45
N ASN PB 187 -31.15 -72.05 -69.67
CA ASN PB 187 -31.64 -72.87 -70.76
C ASN PB 187 -31.19 -74.32 -70.65
N LEU PB 188 -30.64 -74.71 -69.50
CA LEU PB 188 -30.00 -76.02 -69.35
C LEU PB 188 -30.99 -77.15 -69.65
N GLY PB 189 -30.54 -78.11 -70.44
CA GLY PB 189 -31.37 -79.24 -70.81
C GLY PB 189 -32.42 -78.95 -71.86
N ARG PB 190 -32.02 -78.42 -73.01
CA ARG PB 190 -32.95 -78.09 -74.08
C ARG PB 190 -32.42 -78.58 -75.41
N ILE PB 191 -33.21 -79.41 -76.09
CA ILE PB 191 -32.94 -79.81 -77.46
C ILE PB 191 -33.17 -78.63 -78.39
N GLY PB 192 -32.34 -78.49 -79.42
CA GLY PB 192 -32.55 -77.42 -80.38
C GLY PB 192 -31.74 -77.65 -81.63
N VAL PB 193 -31.97 -76.77 -82.61
CA VAL PB 193 -31.27 -76.79 -83.89
C VAL PB 193 -30.65 -75.41 -84.09
N ILE PB 194 -29.38 -75.40 -84.52
CA ILE PB 194 -28.68 -74.14 -84.74
C ILE PB 194 -29.32 -73.40 -85.92
N THR PB 195 -29.59 -72.12 -85.74
CA THR PB 195 -30.20 -71.30 -86.77
C THR PB 195 -29.35 -70.12 -87.19
N ASN PB 196 -28.81 -69.35 -86.25
CA ASN PB 196 -27.95 -68.22 -86.56
C ASN PB 196 -26.92 -68.03 -85.46
N ARG PB 197 -25.65 -68.20 -85.81
CA ARG PB 197 -24.57 -68.12 -84.85
C ARG PB 197 -23.82 -66.81 -85.04
N GLU PB 198 -23.73 -66.03 -83.96
CA GLU PB 198 -23.10 -64.71 -83.98
C GLU PB 198 -21.87 -64.71 -83.11
N ARG PB 199 -20.87 -63.95 -83.53
CA ARG PB 199 -19.54 -63.98 -82.95
C ARG PB 199 -19.22 -62.62 -82.33
N HIS PB 200 -18.83 -62.62 -81.06
CA HIS PB 200 -18.34 -61.41 -80.40
C HIS PB 200 -16.84 -61.55 -80.21
N PRO PB 201 -16.01 -60.89 -81.02
CA PRO PB 201 -14.56 -61.07 -80.91
C PRO PB 201 -14.04 -60.61 -79.55
N GLY PB 202 -13.13 -61.39 -78.98
CA GLY PB 202 -12.66 -61.13 -77.64
C GLY PB 202 -13.69 -61.34 -76.57
N SER PB 203 -14.82 -61.98 -76.90
CA SER PB 203 -15.94 -62.12 -76.00
C SER PB 203 -16.61 -63.47 -76.31
N PHE PB 204 -17.58 -63.84 -75.49
CA PHE PB 204 -18.27 -65.12 -75.64
C PHE PB 204 -19.22 -65.06 -76.82
N ASP PB 205 -18.99 -65.94 -77.79
CA ASP PB 205 -19.87 -66.03 -78.95
C ASP PB 205 -21.24 -66.54 -78.50
N VAL PB 206 -22.29 -65.93 -79.05
CA VAL PB 206 -23.66 -66.25 -78.69
C VAL PB 206 -24.34 -66.88 -79.89
N VAL PB 207 -24.99 -68.02 -79.67
CA VAL PB 207 -25.62 -68.79 -80.73
C VAL PB 207 -27.13 -68.79 -80.52
N HIS PB 208 -27.86 -68.64 -81.62
CA HIS PB 208 -29.32 -68.62 -81.60
C HIS PB 208 -29.82 -70.00 -82.01
N VAL PB 209 -30.59 -70.64 -81.13
CA VAL PB 209 -31.00 -72.03 -81.29
C VAL PB 209 -32.51 -72.10 -81.22
N LYS PB 210 -33.11 -72.85 -82.15
CA LYS PB 210 -34.56 -73.03 -82.19
C LYS PB 210 -34.89 -74.51 -82.06
N ASP PB 211 -35.76 -74.84 -81.10
CA ASP PB 211 -36.12 -76.22 -80.85
C ASP PB 211 -37.16 -76.69 -81.87
N ALA PB 212 -37.74 -77.88 -81.63
CA ALA PB 212 -38.70 -78.44 -82.58
C ALA PB 212 -39.99 -77.64 -82.61
N ASN PB 213 -40.43 -77.13 -81.46
CA ASN PB 213 -41.72 -76.47 -81.37
C ASN PB 213 -41.67 -74.99 -81.74
N GLY PB 214 -40.53 -74.49 -82.21
CA GLY PB 214 -40.41 -73.11 -82.64
C GLY PB 214 -40.15 -72.12 -81.54
N ASN PB 215 -40.10 -72.57 -80.29
CA ASN PB 215 -39.75 -71.70 -79.16
C ASN PB 215 -38.25 -71.48 -79.17
N SER PB 216 -37.80 -70.47 -79.90
CA SER PB 216 -36.38 -70.22 -80.08
C SER PB 216 -35.81 -69.51 -78.87
N PHE PB 217 -34.50 -69.59 -78.71
CA PHE PB 217 -33.79 -69.01 -77.58
C PHE PB 217 -32.33 -68.86 -77.99
N ALA PB 218 -31.48 -68.55 -77.01
CA ALA PB 218 -30.06 -68.36 -77.28
C ALA PB 218 -29.27 -68.69 -76.02
N THR PB 219 -27.99 -68.95 -76.21
CA THR PB 219 -27.11 -69.26 -75.09
C THR PB 219 -25.67 -69.02 -75.54
N ARG PB 220 -24.75 -69.11 -74.58
CA ARG PB 220 -23.34 -68.97 -74.90
C ARG PB 220 -22.85 -70.17 -75.68
N LEU PB 221 -21.77 -69.95 -76.45
CA LEU PB 221 -21.25 -71.02 -77.31
C LEU PB 221 -20.59 -72.11 -76.49
N SER PB 222 -20.06 -71.76 -75.31
CA SER PB 222 -19.48 -72.74 -74.41
C SER PB 222 -20.52 -73.69 -73.83
N ASN PB 223 -21.80 -73.37 -73.95
CA ASN PB 223 -22.88 -74.19 -73.41
C ASN PB 223 -23.66 -74.91 -74.49
N ILE PB 224 -22.98 -75.40 -75.52
CA ILE PB 224 -23.61 -76.03 -76.67
C ILE PB 224 -22.97 -77.39 -76.89
N PHE PB 225 -23.81 -78.41 -77.11
CA PHE PB 225 -23.35 -79.77 -77.35
C PHE PB 225 -24.12 -80.35 -78.52
N VAL PB 226 -23.52 -80.33 -79.71
CA VAL PB 226 -24.16 -80.90 -80.88
C VAL PB 226 -24.33 -82.40 -80.70
N ILE PB 227 -25.54 -82.90 -80.93
CA ILE PB 227 -25.83 -84.31 -80.73
C ILE PB 227 -26.39 -84.93 -82.00
N GLY PB 228 -26.84 -84.10 -82.93
CA GLY PB 228 -27.51 -84.62 -84.10
C GLY PB 228 -27.07 -84.01 -85.41
N LYS PB 229 -26.86 -84.86 -86.42
CA LYS PB 229 -26.50 -84.40 -87.76
C LYS PB 229 -27.76 -83.89 -88.42
N GLY PB 230 -27.97 -82.59 -88.34
CA GLY PB 230 -29.12 -81.93 -88.91
C GLY PB 230 -30.35 -82.00 -88.02
N ASN PB 231 -31.04 -83.14 -88.03
CA ASN PB 231 -32.16 -83.34 -87.11
C ASN PB 231 -32.24 -84.73 -86.50
N LYS PB 232 -31.51 -85.73 -86.99
CA LYS PB 232 -31.53 -87.04 -86.35
C LYS PB 232 -30.57 -87.04 -85.17
N PRO PB 233 -31.05 -87.23 -83.94
CA PRO PB 233 -30.13 -87.34 -82.81
C PRO PB 233 -29.33 -88.63 -82.88
N TRP PB 234 -28.08 -88.55 -82.43
CA TRP PB 234 -27.19 -89.69 -82.42
C TRP PB 234 -27.30 -90.52 -81.15
N ILE PB 235 -28.14 -90.11 -80.20
CA ILE PB 235 -28.31 -90.80 -78.93
C ILE PB 235 -29.79 -90.97 -78.66
N SER PB 236 -30.09 -91.88 -77.73
CA SER PB 236 -31.46 -92.13 -77.30
C SER PB 236 -31.90 -90.98 -76.40
N LEU PB 237 -32.77 -90.12 -76.91
CA LEU PB 237 -33.19 -88.96 -76.16
C LEU PB 237 -34.11 -89.37 -75.01
N PRO PB 238 -34.11 -88.62 -73.92
CA PRO PB 238 -34.94 -88.98 -72.76
C PRO PB 238 -36.41 -88.70 -72.97
N ARG PB 239 -37.21 -88.90 -71.92
CA ARG PB 239 -38.63 -88.57 -71.97
C ARG PB 239 -38.84 -87.08 -72.16
N GLY PB 240 -39.84 -86.73 -72.98
CA GLY PB 240 -40.17 -85.34 -73.23
C GLY PB 240 -39.29 -84.67 -74.26
N LYS PB 241 -38.17 -85.27 -74.63
CA LYS PB 241 -37.32 -84.83 -75.74
C LYS PB 241 -36.80 -83.41 -75.53
N GLY PB 242 -36.61 -83.03 -74.26
CA GLY PB 242 -36.00 -81.75 -73.93
C GLY PB 242 -36.74 -80.54 -74.42
N ILE PB 243 -38.04 -80.66 -74.68
CA ILE PB 243 -38.86 -79.57 -75.20
C ILE PB 243 -39.39 -78.78 -74.00
N ARG PB 244 -38.78 -77.64 -73.73
CA ARG PB 244 -39.16 -76.85 -72.56
C ARG PB 244 -40.56 -76.27 -72.75
N LEU PB 245 -41.45 -76.57 -71.81
CA LEU PB 245 -42.81 -76.07 -71.83
C LEU PB 245 -43.10 -75.38 -70.50
N THR PB 246 -43.84 -74.29 -70.56
CA THR PB 246 -44.10 -73.49 -69.38
C THR PB 246 -45.09 -74.19 -68.45
N ILE PB 247 -45.20 -73.67 -67.24
CA ILE PB 247 -46.09 -74.24 -66.24
C ILE PB 247 -47.54 -74.09 -66.65
N ALA PB 248 -47.84 -73.23 -67.63
CA ALA PB 248 -49.19 -73.13 -68.16
C ALA PB 248 -49.63 -74.44 -68.79
N GLU PB 249 -48.73 -75.10 -69.53
CA GLU PB 249 -49.04 -76.38 -70.16
C GLU PB 249 -48.36 -77.55 -69.47
N GLU PB 250 -47.86 -77.34 -68.26
CA GLU PB 250 -47.46 -78.45 -67.39
C GLU PB 250 -48.52 -78.80 -66.36
N ARG PB 251 -49.25 -77.80 -65.86
CA ARG PB 251 -50.31 -78.05 -64.91
C ARG PB 251 -51.42 -78.90 -65.52
N ASP PB 252 -51.77 -78.66 -66.77
CA ASP PB 252 -52.78 -79.48 -67.41
C ASP PB 252 -52.26 -80.88 -67.70
N LYS PB 253 -50.96 -81.04 -67.92
CA LYS PB 253 -50.39 -82.37 -68.05
C LYS PB 253 -50.49 -83.14 -66.74
N ARG PB 254 -50.17 -82.50 -65.62
CA ARG PB 254 -50.31 -83.18 -64.34
C ARG PB 254 -51.77 -83.44 -64.00
N LEU PB 255 -52.68 -82.54 -64.40
CA LEU PB 255 -54.09 -82.77 -64.14
C LEU PB 255 -54.61 -83.94 -64.98
N ALA PB 256 -54.19 -84.03 -66.25
CA ALA PB 256 -54.58 -85.15 -67.08
C ALA PB 256 -54.04 -86.46 -66.53
N ALA PB 257 -52.79 -86.45 -66.06
CA ALA PB 257 -52.23 -87.66 -65.45
C ALA PB 257 -52.99 -88.05 -64.20
N LYS PB 258 -53.32 -87.08 -63.35
CA LYS PB 258 -54.09 -87.36 -62.14
C LYS PB 258 -55.48 -87.91 -62.47
N GLN PB 259 -56.15 -87.30 -63.45
CA GLN PB 259 -57.50 -87.73 -63.80
C GLN PB 259 -57.50 -89.11 -64.43
N SER PB 260 -56.53 -89.39 -65.31
CA SER PB 260 -56.42 -90.73 -65.88
C SER PB 260 -56.02 -91.75 -64.82
N SER PB 261 -55.34 -91.30 -63.76
CA SER PB 261 -54.96 -92.19 -62.68
C SER PB 261 -55.96 -92.20 -61.53
N GLY PB 262 -57.06 -91.47 -61.65
CA GLY PB 262 -58.02 -91.38 -60.56
C GLY PB 262 -59.47 -91.32 -61.01
N MET QB 1 30.99 -90.75 -11.07
CA MET QB 1 31.85 -90.91 -12.24
C MET QB 1 31.75 -92.31 -12.82
N LYS QB 2 30.57 -92.66 -13.32
CA LYS QB 2 30.39 -93.97 -13.93
C LYS QB 2 31.08 -94.04 -15.28
N LEU QB 3 31.55 -95.24 -15.63
CA LEU QB 3 32.22 -95.49 -16.90
C LEU QB 3 31.53 -96.67 -17.58
N ASN QB 4 30.76 -96.38 -18.62
CA ASN QB 4 30.16 -97.43 -19.44
C ASN QB 4 31.22 -98.00 -20.37
N ILE QB 5 31.46 -99.30 -20.25
CA ILE QB 5 32.54 -99.98 -20.96
C ILE QB 5 31.92 -100.97 -21.94
N SER QB 6 32.19 -100.78 -23.22
CA SER QB 6 31.63 -101.63 -24.27
C SER QB 6 32.74 -102.06 -25.22
N PHE QB 7 32.88 -103.36 -25.40
CA PHE QB 7 33.88 -103.90 -26.30
C PHE QB 7 33.24 -104.15 -27.66
N PRO QB 8 33.89 -103.78 -28.77
CA PRO QB 8 33.26 -104.02 -30.08
C PRO QB 8 33.18 -105.49 -30.45
N ALA QB 9 34.28 -106.24 -30.29
CA ALA QB 9 34.36 -107.59 -30.83
C ALA QB 9 33.44 -108.58 -30.10
N THR QB 10 33.10 -108.30 -28.84
CA THR QB 10 32.34 -109.25 -28.05
C THR QB 10 31.07 -108.67 -27.42
N GLY QB 11 30.88 -107.36 -27.47
CA GLY QB 11 29.77 -106.77 -26.74
C GLY QB 11 30.02 -106.86 -25.25
N CYS QB 12 29.06 -107.43 -24.52
CA CYS QB 12 29.17 -107.68 -23.08
C CYS QB 12 29.45 -106.39 -22.31
N GLN QB 13 28.70 -105.36 -22.63
CA GLN QB 13 28.89 -104.06 -22.00
C GLN QB 13 28.53 -104.12 -20.52
N LYS QB 14 29.29 -103.36 -19.72
CA LYS QB 14 29.03 -103.29 -18.29
C LYS QB 14 29.39 -101.89 -17.80
N LEU QB 15 28.89 -101.57 -16.62
CA LEU QB 15 29.09 -100.26 -16.01
C LEU QB 15 30.10 -100.37 -14.87
N ILE QB 16 31.05 -99.46 -14.83
CA ILE QB 16 32.15 -99.47 -13.87
C ILE QB 16 32.07 -98.21 -13.02
N GLU QB 17 32.26 -98.36 -11.72
CA GLU QB 17 32.21 -97.25 -10.78
C GLU QB 17 33.62 -96.99 -10.25
N VAL QB 18 34.09 -95.76 -10.42
CA VAL QB 18 35.40 -95.33 -9.93
C VAL QB 18 35.23 -93.99 -9.24
N ASP QB 19 36.14 -93.67 -8.31
CA ASP QB 19 36.02 -92.46 -7.52
C ASP QB 19 37.36 -91.78 -7.29
N ASP QB 20 38.37 -92.10 -8.09
CA ASP QB 20 39.71 -91.56 -7.89
C ASP QB 20 40.02 -90.55 -8.98
N GLU QB 21 40.31 -89.32 -8.57
CA GLU QB 21 40.67 -88.26 -9.50
C GLU QB 21 41.99 -88.57 -10.21
N ARG QB 22 42.91 -89.26 -9.53
CA ARG QB 22 44.25 -89.47 -10.06
C ARG QB 22 44.23 -90.34 -11.32
N LYS QB 23 43.57 -91.51 -11.25
CA LYS QB 23 43.59 -92.38 -12.40
C LYS QB 23 42.60 -91.96 -13.48
N LEU QB 24 41.67 -91.07 -13.16
CA LEU QB 24 40.80 -90.49 -14.17
C LEU QB 24 41.34 -89.19 -14.74
N ARG QB 25 42.46 -88.69 -14.22
CA ARG QB 25 43.05 -87.47 -14.76
C ARG QB 25 43.56 -87.69 -16.18
N THR QB 26 43.93 -88.93 -16.52
CA THR QB 26 44.38 -89.24 -17.86
C THR QB 26 43.28 -89.09 -18.91
N PHE QB 27 42.02 -89.04 -18.50
CA PHE QB 27 40.92 -88.73 -19.40
C PHE QB 27 40.55 -87.26 -19.43
N TYR QB 28 40.96 -86.48 -18.44
CA TYR QB 28 40.48 -85.11 -18.32
C TYR QB 28 41.01 -84.23 -19.44
N GLU QB 29 40.15 -83.30 -19.90
CA GLU QB 29 40.49 -82.32 -20.94
C GLU QB 29 40.89 -83.01 -22.25
N LYS QB 30 40.06 -83.95 -22.69
CA LYS QB 30 40.18 -84.56 -24.00
C LYS QB 30 38.86 -84.40 -24.74
N ARG QB 31 38.91 -84.61 -26.05
CA ARG QB 31 37.72 -84.56 -26.90
C ARG QB 31 37.28 -85.98 -27.22
N MET QB 32 36.05 -86.12 -27.70
CA MET QB 32 35.62 -87.42 -28.19
C MET QB 32 36.37 -87.79 -29.46
N ALA QB 33 36.16 -89.03 -29.90
CA ALA QB 33 36.84 -89.61 -31.06
C ALA QB 33 38.35 -89.56 -30.91
N THR QB 34 38.85 -89.70 -29.68
CA THR QB 34 40.27 -89.83 -29.41
C THR QB 34 40.53 -91.17 -28.74
N GLU QB 35 41.72 -91.70 -28.96
CA GLU QB 35 42.13 -92.99 -28.42
C GLU QB 35 43.16 -92.77 -27.33
N VAL QB 36 42.77 -93.09 -26.09
CA VAL QB 36 43.59 -92.90 -24.92
C VAL QB 36 44.04 -94.27 -24.40
N ALA QB 37 45.35 -94.42 -24.20
CA ALA QB 37 45.89 -95.64 -23.61
C ALA QB 37 45.51 -95.66 -22.14
N ALA QB 38 44.46 -96.41 -21.80
CA ALA QB 38 43.93 -96.46 -20.45
C ALA QB 38 44.70 -97.47 -19.60
N ASP QB 39 45.97 -97.14 -19.37
CA ASP QB 39 46.86 -97.98 -18.58
C ASP QB 39 47.19 -97.39 -17.22
N ALA QB 40 46.88 -96.11 -17.00
CA ALA QB 40 47.03 -95.51 -15.68
C ALA QB 40 45.83 -95.78 -14.80
N LEU QB 41 44.84 -96.53 -15.30
CA LEU QB 41 43.65 -96.90 -14.54
C LEU QB 41 43.81 -98.23 -13.81
N GLY QB 42 45.04 -98.57 -13.45
CA GLY QB 42 45.31 -99.79 -12.73
C GLY QB 42 46.01 -100.83 -13.57
N GLU QB 43 46.55 -101.84 -12.88
CA GLU QB 43 47.24 -102.94 -13.56
C GLU QB 43 46.28 -103.75 -14.41
N GLU QB 44 45.03 -103.88 -13.95
CA GLU QB 44 44.07 -104.74 -14.65
C GLU QB 44 43.75 -104.22 -16.05
N TRP QB 45 43.82 -102.92 -16.26
CA TRP QB 45 43.45 -102.32 -17.54
C TRP QB 45 44.66 -101.91 -18.37
N LYS QB 46 45.86 -102.31 -17.96
CA LYS QB 46 47.05 -102.03 -18.74
C LYS QB 46 47.01 -102.81 -20.05
N GLY QB 47 47.64 -102.23 -21.08
CA GLY QB 47 47.65 -102.84 -22.40
C GLY QB 47 46.39 -102.62 -23.19
N TYR QB 48 45.45 -101.85 -22.67
CA TYR QB 48 44.17 -101.59 -23.33
C TYR QB 48 44.14 -100.14 -23.78
N VAL QB 49 43.98 -99.93 -25.07
CA VAL QB 49 43.75 -98.60 -25.64
C VAL QB 49 42.25 -98.48 -25.86
N VAL QB 50 41.66 -97.39 -25.38
CA VAL QB 50 40.22 -97.22 -25.40
C VAL QB 50 39.91 -95.89 -26.10
N ARG QB 51 38.69 -95.77 -26.60
CA ARG QB 51 38.24 -94.57 -27.29
C ARG QB 51 37.03 -93.98 -26.57
N ILE QB 52 37.10 -92.69 -26.25
CA ILE QB 52 35.95 -91.99 -25.72
C ILE QB 52 34.92 -91.79 -26.82
N SER QB 53 33.66 -92.12 -26.52
CA SER QB 53 32.60 -92.09 -27.52
C SER QB 53 31.41 -91.23 -27.15
N GLY QB 54 31.21 -90.93 -25.87
CA GLY QB 54 30.07 -90.15 -25.46
C GLY QB 54 30.05 -89.97 -23.96
N GLY QB 55 28.99 -89.34 -23.49
CA GLY QB 55 28.81 -89.15 -22.06
C GLY QB 55 27.75 -88.12 -21.78
N ASN QB 56 27.25 -88.17 -20.56
CA ASN QB 56 26.19 -87.29 -20.10
C ASN QB 56 26.72 -86.37 -19.02
N ASP QB 57 26.22 -85.15 -18.99
CA ASP QB 57 26.63 -84.18 -17.99
C ASP QB 57 26.06 -84.57 -16.63
N LYS QB 58 26.34 -83.75 -15.61
CA LYS QB 58 25.78 -84.00 -14.29
C LYS QB 58 24.26 -83.98 -14.31
N GLN QB 59 23.67 -83.11 -15.12
CA GLN QB 59 22.22 -83.06 -15.28
C GLN QB 59 21.71 -84.05 -16.32
N GLY QB 60 22.53 -85.02 -16.69
CA GLY QB 60 22.11 -86.04 -17.63
C GLY QB 60 21.99 -85.57 -19.06
N PHE QB 61 22.56 -84.42 -19.39
CA PHE QB 61 22.45 -83.90 -20.75
C PHE QB 61 23.54 -84.50 -21.62
N PRO QB 62 23.19 -85.22 -22.68
CA PRO QB 62 24.22 -85.87 -23.50
C PRO QB 62 25.07 -84.87 -24.26
N MET QB 63 26.25 -85.30 -24.71
CA MET QB 63 27.17 -84.44 -25.43
C MET QB 63 27.11 -84.73 -26.92
N LYS QB 64 27.57 -83.77 -27.70
CA LYS QB 64 27.58 -83.86 -29.15
C LYS QB 64 28.98 -83.58 -29.66
N GLN QB 65 29.38 -84.29 -30.72
CA GLN QB 65 30.71 -84.13 -31.27
C GLN QB 65 30.80 -82.86 -32.10
N GLY QB 66 31.83 -82.06 -31.83
CA GLY QB 66 32.07 -80.85 -32.59
C GLY QB 66 31.61 -79.56 -31.95
N VAL QB 67 30.99 -79.63 -30.77
CA VAL QB 67 30.57 -78.40 -30.08
C VAL QB 67 31.80 -77.58 -29.70
N LEU QB 68 32.89 -78.27 -29.31
CA LEU QB 68 34.21 -77.67 -29.10
C LEU QB 68 34.21 -76.66 -27.96
N THR QB 69 33.55 -77.03 -26.86
CA THR QB 69 33.57 -76.22 -25.66
C THR QB 69 33.25 -77.10 -24.47
N HIS QB 70 33.55 -76.58 -23.28
CA HIS QB 70 33.18 -77.24 -22.03
C HIS QB 70 31.91 -76.60 -21.50
N GLY QB 71 31.04 -77.42 -20.91
CA GLY QB 71 29.81 -76.93 -20.32
C GLY QB 71 28.62 -77.17 -21.23
N ARG QB 72 27.63 -76.29 -21.09
CA ARG QB 72 26.34 -76.46 -21.75
C ARG QB 72 26.12 -75.35 -22.76
N VAL QB 73 25.57 -75.73 -23.91
CA VAL QB 73 25.19 -74.79 -24.96
C VAL QB 73 23.86 -75.24 -25.54
N ARG QB 74 23.09 -74.29 -26.06
CA ARG QB 74 21.82 -74.58 -26.69
C ARG QB 74 21.96 -74.44 -28.20
N LEU QB 75 21.59 -75.49 -28.92
CA LEU QB 75 21.71 -75.55 -30.36
C LEU QB 75 20.36 -75.86 -30.98
N LEU QB 76 20.12 -75.32 -32.16
CA LEU QB 76 18.89 -75.57 -32.89
C LEU QB 76 19.06 -76.88 -33.63
N LEU QB 77 18.76 -77.99 -32.95
CA LEU QB 77 18.97 -79.30 -33.51
C LEU QB 77 17.99 -79.57 -34.64
N SER QB 78 18.49 -80.19 -35.71
CA SER QB 78 17.68 -80.62 -36.84
C SER QB 78 17.68 -82.15 -36.87
N LYS QB 79 17.10 -82.72 -37.92
CA LYS QB 79 16.96 -84.17 -38.01
C LYS QB 79 18.32 -84.83 -38.22
N GLY QB 80 18.57 -85.87 -37.42
CA GLY QB 80 19.74 -86.70 -37.62
C GLY QB 80 21.06 -86.05 -37.24
N HIS QB 81 21.04 -84.96 -36.48
CA HIS QB 81 22.31 -84.35 -36.08
C HIS QB 81 22.98 -85.19 -34.99
N SER QB 82 22.39 -85.18 -33.80
CA SER QB 82 22.69 -85.99 -32.63
C SER QB 82 21.75 -85.53 -31.53
N CYS QB 83 21.59 -86.36 -30.51
CA CYS QB 83 20.90 -86.00 -29.27
C CYS QB 83 19.46 -85.54 -29.51
N TYR QB 84 18.85 -85.92 -30.64
CA TYR QB 84 17.53 -85.43 -30.98
C TYR QB 84 16.89 -86.39 -31.98
N ARG QB 85 15.56 -86.48 -31.93
CA ARG QB 85 14.76 -87.16 -32.94
C ARG QB 85 13.59 -86.26 -33.31
N PRO QB 86 13.21 -86.23 -34.58
CA PRO QB 86 12.13 -85.32 -35.00
C PRO QB 86 10.76 -85.91 -34.72
N ARG QB 87 9.89 -85.10 -34.10
CA ARG QB 87 8.51 -85.51 -33.90
C ARG QB 87 7.75 -85.52 -35.22
N ARG QB 88 7.84 -84.44 -35.98
CA ARG QB 88 7.19 -84.33 -37.28
C ARG QB 88 8.19 -83.78 -38.28
N THR QB 89 7.91 -84.03 -39.57
CA THR QB 89 8.85 -83.64 -40.61
C THR QB 89 8.96 -82.12 -40.71
N GLY QB 90 10.18 -81.64 -40.79
CA GLY QB 90 10.47 -80.22 -40.83
C GLY QB 90 10.68 -79.58 -39.48
N GLU QB 91 10.39 -80.29 -38.38
CA GLU QB 91 10.48 -79.69 -37.06
C GLU QB 91 11.92 -79.70 -36.57
N ARG QB 92 12.34 -78.56 -36.04
CA ARG QB 92 13.64 -78.38 -35.42
C ARG QB 92 13.41 -77.79 -34.03
N LYS QB 93 14.31 -78.07 -33.09
CA LYS QB 93 14.11 -77.61 -31.72
C LYS QB 93 15.43 -77.27 -31.06
N ARG QB 94 15.46 -76.13 -30.37
CA ARG QB 94 16.62 -75.77 -29.57
C ARG QB 94 16.65 -76.61 -28.30
N LYS QB 95 17.82 -77.19 -28.01
CA LYS QB 95 17.99 -78.05 -26.85
C LYS QB 95 19.37 -77.84 -26.25
N SER QB 96 19.47 -78.05 -24.94
CA SER QB 96 20.73 -77.92 -24.23
C SER QB 96 21.55 -79.20 -24.38
N VAL QB 97 22.79 -79.06 -24.83
CA VAL QB 97 23.66 -80.18 -25.13
C VAL QB 97 25.03 -79.93 -24.50
N ARG QB 98 25.61 -80.98 -23.94
CA ARG QB 98 26.95 -80.91 -23.39
C ARG QB 98 27.97 -80.77 -24.53
N GLY QB 99 29.04 -80.03 -24.26
CA GLY QB 99 30.12 -79.93 -25.22
C GLY QB 99 30.88 -81.22 -25.36
N CYS QB 100 31.63 -81.33 -26.46
CA CYS QB 100 32.30 -82.59 -26.78
C CYS QB 100 33.50 -82.85 -25.87
N ILE QB 101 34.17 -81.81 -25.38
CA ILE QB 101 35.35 -82.01 -24.54
C ILE QB 101 34.91 -82.38 -23.14
N VAL QB 102 35.77 -83.12 -22.43
CA VAL QB 102 35.39 -83.79 -21.19
C VAL QB 102 36.10 -83.16 -20.00
N ASP QB 103 35.42 -83.11 -18.86
CA ASP QB 103 35.99 -82.62 -17.61
C ASP QB 103 35.31 -83.37 -16.48
N ALA QB 104 35.43 -82.82 -15.26
CA ALA QB 104 34.97 -83.54 -14.07
C ALA QB 104 33.46 -83.56 -13.96
N ASN QB 105 32.77 -82.64 -14.63
CA ASN QB 105 31.32 -82.51 -14.49
C ASN QB 105 30.60 -83.45 -15.47
N LEU QB 106 30.76 -84.74 -15.24
CA LEU QB 106 30.06 -85.77 -16.00
C LEU QB 106 29.48 -86.80 -15.05
N SER QB 107 28.38 -87.42 -15.49
CA SER QB 107 27.82 -88.54 -14.75
C SER QB 107 28.30 -89.87 -15.29
N VAL QB 108 28.33 -90.01 -16.63
CA VAL QB 108 28.81 -91.20 -17.30
C VAL QB 108 29.76 -90.78 -18.41
N LEU QB 109 30.53 -91.76 -18.90
CA LEU QB 109 31.50 -91.51 -19.97
C LEU QB 109 31.62 -92.79 -20.79
N ASN QB 110 30.90 -92.85 -21.90
CA ASN QB 110 30.86 -94.04 -22.73
C ASN QB 110 32.22 -94.28 -23.38
N LEU QB 111 32.61 -95.54 -23.49
CA LEU QB 111 33.89 -95.91 -24.06
C LEU QB 111 33.73 -97.10 -25.01
N VAL QB 112 34.59 -97.13 -26.02
CA VAL QB 112 34.68 -98.22 -26.99
C VAL QB 112 36.16 -98.58 -27.12
N ILE QB 113 36.51 -99.80 -26.68
CA ILE QB 113 37.91 -100.19 -26.61
C ILE QB 113 38.47 -100.36 -28.01
N VAL QB 114 39.63 -99.74 -28.26
CA VAL QB 114 40.29 -99.82 -29.56
C VAL QB 114 40.93 -101.17 -29.78
N LYS QB 115 41.80 -101.61 -28.87
CA LYS QB 115 42.63 -102.78 -29.10
C LYS QB 115 42.74 -103.59 -27.81
N LYS QB 116 42.79 -104.91 -27.97
CA LYS QB 116 42.77 -105.84 -26.83
C LYS QB 116 44.03 -105.72 -25.98
N GLY QB 117 43.88 -106.01 -24.69
CA GLY QB 117 44.99 -106.03 -23.77
C GLY QB 117 45.60 -107.41 -23.65
N GLU QB 118 46.57 -107.51 -22.74
CA GLU QB 118 47.30 -108.75 -22.56
C GLU QB 118 46.50 -109.83 -21.83
N LYS QB 119 45.48 -109.44 -21.07
CA LYS QB 119 44.69 -110.38 -20.29
C LYS QB 119 43.21 -110.11 -20.48
N ASP QB 120 42.39 -110.98 -19.92
CA ASP QB 120 40.94 -110.92 -20.07
C ASP QB 120 40.31 -110.12 -18.94
N ILE QB 121 39.49 -109.15 -19.30
CA ILE QB 121 38.80 -108.31 -18.32
C ILE QB 121 37.63 -109.09 -17.75
N PRO QB 122 37.48 -109.13 -16.42
CA PRO QB 122 36.35 -109.85 -15.82
C PRO QB 122 35.02 -109.22 -16.23
N GLY QB 123 34.15 -110.03 -16.83
CA GLY QB 123 32.83 -109.61 -17.20
C GLY QB 123 32.72 -108.82 -18.49
N LEU QB 124 33.83 -108.58 -19.19
CA LEU QB 124 33.80 -107.79 -20.41
C LEU QB 124 34.21 -108.56 -21.65
N THR QB 125 35.38 -109.21 -21.63
CA THR QB 125 35.95 -109.81 -22.82
C THR QB 125 35.48 -111.24 -23.05
N ASP QB 126 34.81 -111.86 -22.10
CA ASP QB 126 34.42 -113.25 -22.19
C ASP QB 126 33.01 -113.37 -22.75
N THR QB 127 32.58 -114.62 -22.92
CA THR QB 127 31.21 -115.00 -23.26
C THR QB 127 30.68 -114.17 -24.44
N THR QB 128 31.28 -114.41 -25.60
CA THR QB 128 30.95 -113.63 -26.79
C THR QB 128 29.50 -113.83 -27.20
N VAL QB 129 28.67 -112.83 -26.95
CA VAL QB 129 27.26 -112.91 -27.32
C VAL QB 129 27.12 -112.72 -28.82
N PRO QB 130 26.49 -113.65 -29.53
CA PRO QB 130 26.45 -113.55 -30.99
C PRO QB 130 25.55 -112.44 -31.48
N ARG QB 131 25.85 -111.95 -32.68
CA ARG QB 131 24.91 -111.09 -33.39
C ARG QB 131 23.67 -111.90 -33.72
N ARG QB 132 22.50 -111.26 -33.63
CA ARG QB 132 21.25 -112.02 -33.57
C ARG QB 132 20.84 -112.51 -34.96
N LEU QB 133 20.54 -111.59 -35.87
CA LEU QB 133 19.94 -111.93 -37.16
C LEU QB 133 20.98 -111.83 -38.27
N GLY QB 134 20.98 -112.83 -39.15
CA GLY QB 134 21.95 -112.93 -40.21
C GLY QB 134 21.68 -111.96 -41.33
N PRO QB 135 22.55 -111.95 -42.34
CA PRO QB 135 22.33 -111.09 -43.50
C PRO QB 135 21.04 -111.42 -44.21
N LYS QB 136 20.37 -110.40 -44.71
CA LYS QB 136 19.06 -110.52 -45.35
C LYS QB 136 19.09 -110.22 -46.83
N ARG QB 137 19.79 -109.16 -47.24
CA ARG QB 137 20.04 -108.93 -48.66
C ARG QB 137 20.97 -110.01 -49.19
N ALA QB 138 20.62 -110.57 -50.35
CA ALA QB 138 21.27 -111.80 -50.81
C ALA QB 138 22.77 -111.61 -51.02
N SER QB 139 23.17 -110.44 -51.51
CA SER QB 139 24.58 -110.19 -51.72
C SER QB 139 25.37 -110.25 -50.42
N ARG QB 140 24.75 -109.89 -49.30
CA ARG QB 140 25.46 -109.95 -48.03
C ARG QB 140 25.67 -111.38 -47.55
N ILE QB 141 24.69 -112.27 -47.77
CA ILE QB 141 24.93 -113.68 -47.52
C ILE QB 141 26.03 -114.19 -48.44
N ARG QB 142 26.03 -113.74 -49.69
CA ARG QB 142 27.08 -114.12 -50.64
C ARG QB 142 28.45 -113.68 -50.15
N LYS QB 143 28.54 -112.50 -49.55
CA LYS QB 143 29.82 -112.02 -49.03
C LYS QB 143 30.23 -112.81 -47.79
N LEU QB 144 29.30 -113.00 -46.86
CA LEU QB 144 29.66 -113.56 -45.56
C LEU QB 144 29.80 -115.07 -45.58
N PHE QB 145 29.37 -115.75 -46.64
CA PHE QB 145 29.71 -117.14 -46.86
C PHE QB 145 30.60 -117.34 -48.09
N ASN QB 146 31.04 -116.24 -48.71
CA ASN QB 146 31.95 -116.26 -49.86
C ASN QB 146 31.45 -117.16 -50.98
N LEU QB 147 30.15 -117.06 -51.25
CA LEU QB 147 29.56 -117.72 -52.41
C LEU QB 147 30.08 -117.10 -53.69
N SER QB 148 30.24 -117.93 -54.73
CA SER QB 148 30.65 -117.41 -56.03
C SER QB 148 29.46 -116.91 -56.84
N LYS QB 149 28.58 -117.83 -57.25
CA LYS QB 149 27.40 -117.49 -58.06
C LYS QB 149 26.31 -118.51 -57.77
N GLU QB 150 25.31 -118.10 -56.99
CA GLU QB 150 24.05 -118.82 -56.74
C GLU QB 150 24.26 -120.33 -56.57
N ASP QB 151 25.16 -120.69 -55.66
CA ASP QB 151 25.39 -122.09 -55.31
C ASP QB 151 24.54 -122.41 -54.08
N ASP QB 152 23.26 -122.69 -54.32
CA ASP QB 152 22.30 -123.05 -53.28
C ASP QB 152 22.19 -121.97 -52.21
N VAL QB 153 21.70 -120.81 -52.65
CA VAL QB 153 21.49 -119.69 -51.72
C VAL QB 153 20.37 -120.02 -50.75
N ARG QB 154 19.41 -120.85 -51.17
CA ARG QB 154 18.25 -121.13 -50.33
C ARG QB 154 18.66 -121.83 -49.03
N GLN QB 155 19.49 -122.86 -49.12
CA GLN QB 155 19.87 -123.64 -47.95
C GLN QB 155 21.07 -123.07 -47.20
N TYR QB 156 21.65 -121.97 -47.69
CA TYR QB 156 22.76 -121.33 -46.98
C TYR QB 156 22.29 -120.22 -46.05
N VAL QB 157 20.99 -120.02 -45.90
CA VAL QB 157 20.48 -118.95 -45.06
C VAL QB 157 20.53 -119.39 -43.59
N VAL QB 158 20.58 -118.40 -42.70
CA VAL QB 158 20.62 -118.66 -41.26
C VAL QB 158 19.22 -118.94 -40.75
N ARG QB 159 19.03 -120.07 -40.09
CA ARG QB 159 17.78 -120.43 -39.46
C ARG QB 159 17.96 -120.31 -37.95
N LYS QB 160 17.41 -119.26 -37.36
CA LYS QB 160 17.54 -119.10 -35.92
C LYS QB 160 16.66 -120.13 -35.21
N PRO QB 161 17.23 -120.97 -34.35
CA PRO QB 161 16.41 -121.92 -33.61
C PRO QB 161 15.81 -121.30 -32.37
N LEU QB 162 14.49 -121.33 -32.26
CA LEU QB 162 13.78 -120.77 -31.14
C LEU QB 162 12.96 -121.87 -30.47
N ASN QB 163 12.84 -121.79 -29.15
CA ASN QB 163 12.18 -122.84 -28.38
C ASN QB 163 11.70 -122.26 -27.05
N LYS QB 164 10.47 -122.58 -26.68
CA LYS QB 164 9.91 -122.24 -25.39
C LYS QB 164 9.37 -123.50 -24.73
N GLU QB 165 8.95 -123.37 -23.48
CA GLU QB 165 8.46 -124.53 -22.73
C GLU QB 165 7.23 -125.14 -23.38
N GLY QB 166 6.15 -124.38 -23.47
CA GLY QB 166 4.95 -124.86 -24.13
C GLY QB 166 5.04 -124.86 -25.64
N LYS QB 167 6.09 -124.25 -26.19
CA LYS QB 167 6.21 -124.17 -27.64
C LYS QB 167 6.69 -125.49 -28.23
N LYS QB 168 5.96 -126.00 -29.20
CA LYS QB 168 6.43 -127.12 -29.99
C LYS QB 168 7.61 -126.65 -30.85
N PRO QB 169 8.70 -127.41 -30.93
CA PRO QB 169 9.91 -126.91 -31.57
C PRO QB 169 9.69 -126.51 -33.02
N ARG QB 170 10.35 -125.42 -33.42
CA ARG QB 170 10.16 -124.82 -34.73
C ARG QB 170 11.39 -123.98 -35.04
N THR QB 171 11.69 -123.86 -36.34
CA THR QB 171 12.81 -123.07 -36.80
C THR QB 171 12.32 -121.89 -37.64
N LYS QB 172 13.08 -120.80 -37.59
CA LYS QB 172 12.67 -119.52 -38.17
C LYS QB 172 13.74 -119.03 -39.13
N ALA QB 173 13.32 -118.62 -40.33
CA ALA QB 173 14.22 -118.19 -41.38
C ALA QB 173 13.73 -116.88 -41.98
N PRO QB 174 14.65 -116.06 -42.51
CA PRO QB 174 14.25 -114.77 -43.09
C PRO QB 174 13.95 -114.84 -44.57
N LYS QB 175 13.00 -114.01 -44.99
CA LYS QB 175 12.68 -113.83 -46.40
C LYS QB 175 13.80 -113.00 -47.02
N ILE QB 176 14.70 -113.66 -47.75
CA ILE QB 176 15.82 -112.97 -48.38
C ILE QB 176 15.31 -112.08 -49.50
N GLN QB 177 15.84 -110.86 -49.56
CA GLN QB 177 15.39 -109.83 -50.48
C GLN QB 177 16.40 -109.64 -51.61
N ARG QB 178 15.92 -108.99 -52.68
CA ARG QB 178 16.73 -108.65 -53.86
C ARG QB 178 17.36 -109.90 -54.48
N LEU QB 179 16.49 -110.78 -54.97
CA LEU QB 179 16.87 -112.02 -55.62
C LEU QB 179 16.54 -111.98 -57.11
N VAL QB 180 16.99 -113.01 -57.82
CA VAL QB 180 16.56 -113.28 -59.18
C VAL QB 180 15.51 -114.39 -59.10
N THR QB 181 14.28 -114.05 -59.47
CA THR QB 181 13.11 -114.84 -59.15
C THR QB 181 12.30 -115.08 -60.41
N PRO QB 182 11.57 -116.19 -60.50
CA PRO QB 182 10.57 -116.32 -61.57
C PRO QB 182 9.58 -115.18 -61.61
N ARG QB 183 9.24 -114.59 -60.47
CA ARG QB 183 8.39 -113.41 -60.47
C ARG QB 183 9.12 -112.18 -61.02
N VAL QB 184 10.41 -112.05 -60.69
CA VAL QB 184 11.19 -110.95 -61.24
C VAL QB 184 11.29 -111.06 -62.75
N LEU QB 185 11.57 -112.27 -63.25
CA LEU QB 185 11.61 -112.48 -64.70
C LEU QB 185 10.24 -112.31 -65.33
N GLN QB 186 9.18 -112.71 -64.63
CA GLN QB 186 7.82 -112.43 -65.10
C GLN QB 186 7.61 -110.93 -65.30
N HIS QB 187 7.98 -110.13 -64.29
CA HIS QB 187 7.81 -108.69 -64.39
C HIS QB 187 8.67 -108.10 -65.51
N LYS QB 188 9.89 -108.60 -65.67
CA LYS QB 188 10.77 -108.08 -66.71
C LYS QB 188 10.24 -108.41 -68.10
N ARG QB 189 9.79 -109.65 -68.30
CA ARG QB 189 9.18 -110.01 -69.58
C ARG QB 189 7.91 -109.21 -69.83
N ARG QB 190 7.16 -108.95 -68.76
CA ARG QB 190 5.95 -108.14 -68.86
C ARG QB 190 6.28 -106.73 -69.36
N ARG QB 191 7.27 -106.08 -68.75
CA ARG QB 191 7.59 -104.72 -69.17
C ARG QB 191 8.27 -104.68 -70.53
N ILE QB 192 9.04 -105.70 -70.90
CA ILE QB 192 9.57 -105.78 -72.26
C ILE QB 192 8.44 -105.85 -73.26
N ALA QB 193 7.43 -106.69 -72.97
CA ALA QB 193 6.25 -106.81 -73.83
C ALA QB 193 5.48 -105.51 -73.90
N LEU QB 194 5.37 -104.78 -72.78
CA LEU QB 194 4.74 -103.47 -72.84
C LEU QB 194 5.50 -102.52 -73.76
N LYS QB 195 6.83 -102.52 -73.67
CA LYS QB 195 7.62 -101.75 -74.63
C LYS QB 195 7.30 -102.18 -76.06
N LYS QB 196 7.12 -103.50 -76.26
CA LYS QB 196 6.85 -104.04 -77.59
C LYS QB 196 5.52 -103.52 -78.15
N GLN QB 197 4.42 -103.73 -77.42
CA GLN QB 197 3.17 -103.24 -77.99
C GLN QB 197 3.06 -101.73 -77.96
N ARG QB 198 3.79 -101.05 -77.08
CA ARG QB 198 3.81 -99.60 -77.14
C ARG QB 198 4.44 -99.12 -78.44
N THR QB 199 5.58 -99.70 -78.82
CA THR QB 199 6.21 -99.37 -80.09
C THR QB 199 5.29 -99.72 -81.26
N LYS QB 200 4.65 -100.89 -81.19
CA LYS QB 200 3.79 -101.31 -82.30
C LYS QB 200 2.57 -100.40 -82.44
N LYS QB 201 1.97 -100.01 -81.31
CA LYS QB 201 0.84 -99.10 -81.33
C LYS QB 201 1.25 -97.76 -81.92
N ASN QB 202 2.42 -97.25 -81.52
CA ASN QB 202 2.90 -95.99 -82.08
C ASN QB 202 3.07 -96.08 -83.60
N LYS QB 203 3.73 -97.13 -84.08
CA LYS QB 203 4.03 -97.21 -85.51
C LYS QB 203 2.76 -97.43 -86.33
N GLU QB 204 1.83 -98.25 -85.85
CA GLU QB 204 0.63 -98.49 -86.63
C GLU QB 204 -0.31 -97.29 -86.59
N GLU QB 205 -0.34 -96.58 -85.46
CA GLU QB 205 -1.07 -95.32 -85.41
C GLU QB 205 -0.49 -94.29 -86.37
N ALA QB 206 0.84 -94.24 -86.46
CA ALA QB 206 1.48 -93.33 -87.41
C ALA QB 206 1.12 -93.71 -88.85
N ALA QB 207 1.08 -95.02 -89.14
CA ALA QB 207 0.74 -95.46 -90.48
C ALA QB 207 -0.69 -95.05 -90.86
N GLU QB 208 -1.66 -95.37 -89.99
CA GLU QB 208 -3.04 -95.03 -90.32
C GLU QB 208 -3.26 -93.53 -90.35
N TYR QB 209 -2.57 -92.79 -89.49
CA TYR QB 209 -2.67 -91.33 -89.52
C TYR QB 209 -2.09 -90.76 -90.81
N ALA QB 210 -0.98 -91.33 -91.28
CA ALA QB 210 -0.41 -90.89 -92.55
C ALA QB 210 -1.38 -91.18 -93.70
N LYS QB 211 -2.03 -92.34 -93.68
CA LYS QB 211 -3.02 -92.66 -94.70
C LYS QB 211 -4.18 -91.67 -94.69
N LEU QB 212 -4.71 -91.39 -93.49
CA LEU QB 212 -5.84 -90.47 -93.39
C LEU QB 212 -5.46 -89.06 -93.83
N LEU QB 213 -4.27 -88.60 -93.44
CA LEU QB 213 -3.81 -87.28 -93.85
C LEU QB 213 -3.60 -87.22 -95.36
N ALA QB 214 -3.09 -88.29 -95.96
CA ALA QB 214 -2.96 -88.33 -97.41
C ALA QB 214 -4.32 -88.22 -98.08
N LYS QB 215 -5.31 -88.93 -97.55
CA LYS QB 215 -6.65 -88.86 -98.12
C LYS QB 215 -7.22 -87.45 -98.04
N ARG QB 216 -7.06 -86.80 -96.89
CA ARG QB 216 -7.60 -85.43 -96.74
C ARG QB 216 -6.85 -84.43 -97.62
N MET QB 217 -5.53 -84.58 -97.72
CA MET QB 217 -4.77 -83.67 -98.58
C MET QB 217 -5.13 -83.86 -100.04
N LYS QB 218 -5.38 -85.11 -100.45
CA LYS QB 218 -5.83 -85.32 -101.83
C LYS QB 218 -7.26 -84.82 -102.04
N GLU QB 219 -8.09 -84.82 -101.00
CA GLU QB 219 -9.39 -84.17 -101.11
C GLU QB 219 -9.23 -82.68 -101.34
N ALA QB 220 -8.32 -82.04 -100.60
CA ALA QB 220 -8.06 -80.61 -100.80
C ALA QB 220 -7.52 -80.33 -102.20
N LYS QB 221 -6.56 -81.13 -102.66
CA LYS QB 221 -6.01 -80.95 -104.00
C LYS QB 221 -7.07 -81.21 -105.08
N GLU QB 222 -7.95 -82.19 -104.86
CA GLU QB 222 -9.04 -82.43 -105.81
C GLU QB 222 -9.99 -81.25 -105.86
N LYS QB 223 -10.27 -80.63 -104.72
CA LYS QB 223 -11.13 -79.44 -104.73
C LYS QB 223 -10.46 -78.29 -105.47
N ARG QB 224 -9.14 -78.10 -105.26
CA ARG QB 224 -8.42 -77.06 -106.00
C ARG QB 224 -8.45 -77.34 -107.50
N GLN QB 225 -8.27 -78.61 -107.89
CA GLN QB 225 -8.34 -78.96 -109.31
C GLN QB 225 -9.76 -78.85 -109.85
N GLU QB 226 -10.77 -79.00 -108.99
CA GLU QB 226 -12.15 -78.74 -109.40
C GLU QB 226 -12.35 -77.26 -109.70
N GLN QB 227 -11.75 -76.39 -108.89
CA GLN QB 227 -11.77 -74.96 -109.20
C GLN QB 227 -11.01 -74.68 -110.50
N ILE QB 228 -9.90 -75.39 -110.72
CA ILE QB 228 -9.18 -75.29 -111.99
C ILE QB 228 -10.08 -75.69 -113.14
N ALA QB 229 -10.86 -76.75 -112.97
CA ALA QB 229 -11.79 -77.20 -114.00
C ALA QB 229 -12.86 -76.15 -114.27
N LYS QB 230 -13.36 -75.51 -113.21
CA LYS QB 230 -14.35 -74.45 -113.39
C LYS QB 230 -13.77 -73.27 -114.16
N ARG QB 231 -12.56 -72.85 -113.83
CA ARG QB 231 -11.96 -71.70 -114.51
C ARG QB 231 -11.43 -72.02 -115.89
N ARG QB 232 -11.24 -73.30 -116.21
CA ARG QB 232 -10.77 -73.69 -117.54
C ARG QB 232 -11.90 -74.02 -118.49
N ARG QB 233 -12.97 -74.64 -118.01
CA ARG QB 233 -14.07 -75.04 -118.89
C ARG QB 233 -14.93 -73.85 -119.31
N LEU QB 234 -14.84 -72.72 -118.62
CA LEU QB 234 -15.70 -71.56 -118.88
C LEU QB 234 -14.84 -70.31 -118.85
N SER QB 235 -14.42 -69.85 -120.03
CA SER QB 235 -13.59 -68.66 -120.16
C SER QB 235 -14.16 -67.62 -121.12
N SER QB 236 -14.79 -68.05 -122.22
CA SER QB 236 -15.34 -67.11 -123.19
C SER QB 236 -16.81 -67.41 -123.46
N LEU QB 237 -17.24 -68.63 -123.17
CA LEU QB 237 -18.62 -69.04 -123.42
C LEU QB 237 -19.60 -68.33 -122.49
N SER RB 1 -41.17 -34.58 -133.68
CA SER RB 1 -40.97 -34.32 -132.27
C SER RB 1 -39.76 -33.40 -132.05
N ALA RB 2 -40.00 -32.28 -131.38
CA ALA RB 2 -38.96 -31.28 -131.11
C ALA RB 2 -38.90 -31.03 -129.61
N LYS RB 3 -37.85 -31.54 -128.98
CA LYS RB 3 -37.64 -31.42 -127.53
C LYS RB 3 -36.22 -30.91 -127.31
N ILE RB 4 -36.09 -29.59 -127.14
CA ILE RB 4 -34.79 -28.95 -127.02
C ILE RB 4 -34.56 -28.35 -125.63
N VAL RB 5 -35.60 -28.10 -124.86
CA VAL RB 5 -35.48 -27.49 -123.53
C VAL RB 5 -36.02 -28.48 -122.51
N LYS RB 6 -35.14 -29.37 -122.04
CA LYS RB 6 -35.50 -30.39 -121.06
C LYS RB 6 -34.26 -31.04 -120.46
N PRO RB 7 -33.58 -30.41 -119.50
CA PRO RB 7 -32.53 -31.12 -118.77
C PRO RB 7 -33.02 -31.70 -117.45
N ASN RB 8 -32.58 -32.90 -117.12
CA ASN RB 8 -32.88 -33.56 -115.84
C ASN RB 8 -32.02 -34.82 -115.76
N GLY RB 9 -32.15 -35.53 -114.64
CA GLY RB 9 -31.34 -36.73 -114.43
C GLY RB 9 -31.69 -37.86 -115.38
N GLU RB 10 -32.98 -38.11 -115.58
CA GLU RB 10 -33.41 -39.14 -116.51
C GLU RB 10 -33.73 -38.52 -117.87
N LYS RB 11 -33.35 -39.23 -118.92
CA LYS RB 11 -33.44 -38.70 -120.27
C LYS RB 11 -34.83 -38.77 -120.91
N PRO RB 12 -35.56 -39.89 -120.87
CA PRO RB 12 -36.85 -39.96 -121.58
C PRO RB 12 -37.90 -39.09 -120.88
N ASP RB 13 -38.99 -38.85 -121.59
CA ASP RB 13 -40.05 -37.99 -121.08
C ASP RB 13 -41.38 -38.41 -121.71
N GLU RB 14 -42.47 -38.15 -120.97
CA GLU RB 14 -43.82 -38.36 -121.47
C GLU RB 14 -44.60 -37.07 -121.23
N PHE RB 15 -45.12 -36.50 -122.32
CA PHE RB 15 -45.94 -35.28 -122.33
C PHE RB 15 -45.14 -34.05 -121.94
N GLU RB 16 -43.88 -34.23 -121.53
CA GLU RB 16 -43.03 -33.07 -121.29
C GLU RB 16 -42.44 -32.56 -122.59
N SER RB 17 -42.31 -33.44 -123.59
CA SER RB 17 -41.97 -32.98 -124.92
C SER RB 17 -43.03 -32.03 -125.45
N GLY RB 18 -44.30 -32.25 -125.05
CA GLY RB 18 -45.37 -31.33 -125.45
C GLY RB 18 -45.15 -29.93 -124.92
N ILE RB 19 -44.80 -29.81 -123.64
CA ILE RB 19 -44.54 -28.49 -123.08
C ILE RB 19 -43.26 -27.91 -123.67
N SER RB 20 -42.32 -28.76 -124.10
CA SER RB 20 -41.12 -28.23 -124.72
C SER RB 20 -41.41 -27.64 -126.10
N GLN RB 21 -42.26 -28.31 -126.92
CA GLN RB 21 -42.69 -27.67 -128.17
C GLN RB 21 -43.46 -26.40 -127.89
N ALA RB 22 -44.42 -26.45 -126.95
CA ALA RB 22 -45.21 -25.27 -126.63
C ALA RB 22 -44.32 -24.11 -126.18
N LEU RB 23 -43.16 -24.42 -125.59
CA LEU RB 23 -42.18 -23.38 -125.29
C LEU RB 23 -41.49 -22.89 -126.55
N LEU RB 24 -41.08 -23.80 -127.44
CA LEU RB 24 -40.22 -23.39 -128.54
C LEU RB 24 -40.97 -22.54 -129.58
N GLU RB 25 -42.22 -22.89 -129.91
CA GLU RB 25 -42.96 -22.05 -130.84
C GLU RB 25 -43.66 -20.88 -130.16
N LEU RB 26 -43.22 -20.51 -128.96
CA LEU RB 26 -43.48 -19.18 -128.43
C LEU RB 26 -42.57 -18.13 -129.03
N GLU RB 27 -41.85 -18.49 -130.09
CA GLU RB 27 -40.98 -17.59 -130.81
C GLU RB 27 -41.75 -16.36 -131.30
N MET RB 28 -41.00 -15.31 -131.64
CA MET RB 28 -41.51 -14.02 -132.11
C MET RB 28 -42.71 -13.53 -131.27
N ASN RB 29 -42.55 -13.63 -129.96
CA ASN RB 29 -43.54 -13.10 -129.02
C ASN RB 29 -43.20 -11.65 -128.69
N SER RB 30 -43.83 -11.12 -127.64
CA SER RB 30 -43.66 -9.71 -127.24
C SER RB 30 -42.43 -9.57 -126.34
N ASP RB 31 -41.26 -9.70 -126.98
CA ASP RB 31 -39.96 -9.50 -126.34
C ASP RB 31 -39.76 -10.41 -125.13
N LEU RB 32 -40.26 -11.64 -125.23
CA LEU RB 32 -40.06 -12.62 -124.17
C LEU RB 32 -38.99 -13.66 -124.52
N LYS RB 33 -38.84 -13.99 -125.81
CA LYS RB 33 -37.83 -14.96 -126.22
C LYS RB 33 -36.41 -14.43 -126.05
N ALA RB 34 -36.25 -13.13 -125.79
CA ALA RB 34 -34.92 -12.60 -125.55
C ALA RB 34 -34.29 -13.19 -124.29
N GLN RB 35 -35.08 -13.34 -123.22
CA GLN RB 35 -34.58 -13.83 -121.95
C GLN RB 35 -35.04 -15.25 -121.65
N LEU RB 36 -35.32 -16.05 -122.67
CA LEU RB 36 -35.84 -17.40 -122.47
C LEU RB 36 -34.90 -18.51 -122.93
N ARG RB 37 -34.11 -18.27 -123.99
CA ARG RB 37 -33.25 -19.31 -124.54
C ARG RB 37 -32.22 -19.79 -123.51
N GLU RB 38 -31.77 -18.90 -122.62
CA GLU RB 38 -30.81 -19.25 -121.60
C GLU RB 38 -31.43 -19.97 -120.41
N LEU RB 39 -32.68 -20.40 -120.51
CA LEU RB 39 -33.40 -20.99 -119.39
C LEU RB 39 -33.93 -22.36 -119.78
N ASN RB 40 -34.34 -23.14 -118.78
CA ASN RB 40 -34.61 -24.55 -118.98
C ASN RB 40 -35.87 -24.99 -118.24
N ILE RB 41 -36.37 -26.16 -118.59
CA ILE RB 41 -37.48 -26.79 -117.91
C ILE RB 41 -37.08 -28.21 -117.53
N THR RB 42 -37.18 -28.54 -116.24
CA THR RB 42 -36.80 -29.87 -115.78
C THR RB 42 -37.79 -30.92 -116.25
N ALA RB 43 -39.06 -30.78 -115.89
CA ALA RB 43 -40.08 -31.75 -116.24
C ALA RB 43 -41.44 -31.08 -116.11
N ALA RB 44 -42.49 -31.88 -116.28
CA ALA RB 44 -43.86 -31.41 -116.15
C ALA RB 44 -44.80 -32.61 -116.00
N LYS RB 45 -45.85 -32.43 -115.20
CA LYS RB 45 -46.88 -33.45 -115.04
C LYS RB 45 -48.26 -32.81 -115.14
N GLU RB 46 -49.23 -33.62 -115.54
CA GLU RB 46 -50.62 -33.21 -115.67
C GLU RB 46 -51.48 -33.98 -114.69
N ILE RB 47 -52.24 -33.25 -113.86
CA ILE RB 47 -53.13 -33.86 -112.88
C ILE RB 47 -54.49 -33.20 -112.97
N GLU RB 48 -55.42 -33.74 -112.18
CA GLU RB 48 -56.81 -33.29 -112.16
C GLU RB 48 -57.07 -32.50 -110.88
N VAL RB 49 -57.71 -31.34 -111.01
CA VAL RB 49 -58.06 -30.49 -109.89
C VAL RB 49 -59.49 -30.00 -110.06
N GLY RB 50 -60.08 -29.54 -108.96
CA GLY RB 50 -61.42 -28.96 -109.00
C GLY RB 50 -62.49 -29.93 -109.44
N GLY RB 51 -63.10 -29.65 -110.60
CA GLY RB 51 -64.11 -30.54 -111.16
C GLY RB 51 -63.53 -31.40 -112.25
N GLY RB 52 -63.76 -31.02 -113.50
CA GLY RB 52 -63.11 -31.68 -114.62
C GLY RB 52 -62.02 -30.81 -115.19
N ARG RB 53 -61.44 -29.95 -114.35
CA ARG RB 53 -60.46 -28.96 -114.79
C ARG RB 53 -59.06 -29.52 -114.64
N LYS RB 54 -58.29 -29.47 -115.72
CA LYS RB 54 -56.93 -29.95 -115.73
C LYS RB 54 -55.96 -28.86 -115.32
N ALA RB 55 -54.84 -29.27 -114.73
CA ALA RB 55 -53.78 -28.35 -114.34
C ALA RB 55 -52.42 -28.94 -114.70
N ILE RB 56 -51.56 -28.11 -115.29
CA ILE RB 56 -50.19 -28.49 -115.62
C ILE RB 56 -49.24 -27.95 -114.56
N ILE RB 57 -48.36 -28.82 -114.06
CA ILE RB 57 -47.40 -28.46 -113.04
C ILE RB 57 -46.02 -28.59 -113.67
N ILE RB 58 -45.31 -27.46 -113.77
CA ILE RB 58 -44.03 -27.41 -114.49
C ILE RB 58 -42.92 -27.28 -113.47
N PHE RB 59 -41.94 -28.19 -113.54
CA PHE RB 59 -40.84 -28.26 -112.60
C PHE RB 59 -39.59 -27.64 -113.21
N VAL RB 60 -38.86 -26.90 -112.39
CA VAL RB 60 -37.68 -26.14 -112.84
C VAL RB 60 -36.57 -26.33 -111.82
N PRO RB 61 -35.32 -26.14 -112.24
CA PRO RB 61 -34.21 -26.25 -111.28
C PRO RB 61 -34.16 -25.07 -110.32
N VAL RB 62 -33.53 -25.32 -109.17
CA VAL RB 62 -33.40 -24.29 -108.15
C VAL RB 62 -32.55 -23.10 -108.59
N PRO RB 63 -31.31 -23.27 -109.08
CA PRO RB 63 -30.37 -22.13 -109.12
C PRO RB 63 -30.86 -20.93 -109.91
N GLN RB 64 -31.64 -21.14 -110.98
CA GLN RB 64 -32.09 -20.04 -111.82
C GLN RB 64 -33.61 -19.86 -111.74
N LEU RB 65 -34.23 -20.23 -110.61
CA LEU RB 65 -35.65 -19.96 -110.45
C LEU RB 65 -35.91 -18.47 -110.29
N LYS RB 66 -34.88 -17.67 -110.02
CA LYS RB 66 -35.07 -16.22 -109.86
C LYS RB 66 -35.49 -15.57 -111.17
N SER RB 67 -34.90 -15.98 -112.29
CA SER RB 67 -35.31 -15.46 -113.58
C SER RB 67 -36.73 -15.90 -113.91
N PHE RB 68 -37.07 -17.15 -113.57
CA PHE RB 68 -38.43 -17.64 -113.78
C PHE RB 68 -39.42 -16.84 -112.95
N GLN RB 69 -39.05 -16.55 -111.70
CA GLN RB 69 -39.88 -15.73 -110.83
C GLN RB 69 -39.99 -14.30 -111.33
N LYS RB 70 -38.95 -13.81 -112.00
CA LYS RB 70 -38.96 -12.44 -112.50
C LYS RB 70 -39.97 -12.24 -113.63
N ILE RB 71 -40.11 -13.22 -114.52
CA ILE RB 71 -40.98 -13.12 -115.68
C ILE RB 71 -42.11 -14.14 -115.65
N GLN RB 72 -42.44 -14.66 -114.46
CA GLN RB 72 -43.34 -15.80 -114.38
C GLN RB 72 -44.77 -15.45 -114.79
N VAL RB 73 -45.31 -14.35 -114.25
CA VAL RB 73 -46.69 -14.01 -114.54
C VAL RB 73 -46.88 -13.61 -115.99
N ARG RB 74 -45.81 -13.29 -116.70
CA ARG RB 74 -45.93 -12.90 -118.10
C ARG RB 74 -46.32 -14.09 -118.98
N LEU RB 75 -45.54 -15.17 -118.92
CA LEU RB 75 -45.78 -16.28 -119.84
C LEU RB 75 -46.91 -17.20 -119.40
N VAL RB 76 -47.43 -17.03 -118.18
CA VAL RB 76 -48.49 -17.92 -117.71
C VAL RB 76 -49.75 -17.75 -118.55
N ARG RB 77 -50.07 -16.52 -118.92
CA ARG RB 77 -51.25 -16.29 -119.75
C ARG RB 77 -51.08 -16.89 -121.13
N GLU RB 78 -49.87 -16.82 -121.70
CA GLU RB 78 -49.64 -17.49 -122.98
C GLU RB 78 -49.68 -19.00 -122.85
N LEU RB 79 -49.23 -19.52 -121.70
CA LEU RB 79 -49.38 -20.95 -121.42
C LEU RB 79 -50.84 -21.36 -121.38
N GLU RB 80 -51.70 -20.52 -120.81
CA GLU RB 80 -53.13 -20.79 -120.81
C GLU RB 80 -53.71 -20.64 -122.21
N LYS RB 81 -53.15 -19.73 -123.01
CA LYS RB 81 -53.56 -19.61 -124.40
C LYS RB 81 -53.26 -20.88 -125.18
N LYS RB 82 -52.09 -21.47 -124.96
CA LYS RB 82 -51.73 -22.70 -125.64
C LYS RB 82 -52.53 -23.88 -125.12
N PHE RB 83 -52.77 -23.92 -123.81
CA PHE RB 83 -53.49 -25.00 -123.15
C PHE RB 83 -54.76 -24.41 -122.54
N SER RB 84 -55.87 -24.56 -123.27
CA SER RB 84 -57.12 -23.89 -122.88
C SER RB 84 -57.64 -24.43 -121.55
N GLY RB 85 -57.87 -23.50 -120.62
CA GLY RB 85 -58.42 -23.83 -119.33
C GLY RB 85 -57.45 -24.43 -118.33
N LYS RB 86 -56.38 -25.08 -118.79
CA LYS RB 86 -55.40 -25.67 -117.90
C LYS RB 86 -54.69 -24.57 -117.12
N HIS RB 87 -54.61 -24.75 -115.80
CA HIS RB 87 -53.97 -23.77 -114.94
C HIS RB 87 -52.53 -24.15 -114.68
N VAL RB 88 -51.62 -23.21 -114.90
CA VAL RB 88 -50.18 -23.47 -114.94
C VAL RB 88 -49.56 -22.97 -113.64
N VAL RB 89 -48.88 -23.87 -112.94
CA VAL RB 89 -48.15 -23.52 -111.74
C VAL RB 89 -46.70 -23.96 -111.90
N PHE RB 90 -45.81 -23.25 -111.23
CA PHE RB 90 -44.38 -23.45 -111.37
C PHE RB 90 -43.79 -23.82 -110.03
N ILE RB 91 -43.08 -24.95 -109.98
CA ILE RB 91 -42.49 -25.48 -108.76
C ILE RB 91 -41.05 -25.84 -109.04
N ALA RB 92 -40.17 -25.53 -108.08
CA ALA RB 92 -38.76 -25.88 -108.23
C ALA RB 92 -38.49 -27.26 -107.62
N GLN RB 93 -37.44 -27.91 -108.13
CA GLN RB 93 -37.06 -29.25 -107.72
C GLN RB 93 -36.03 -29.15 -106.60
N ARG RB 94 -36.46 -29.39 -105.36
CA ARG RB 94 -35.60 -29.15 -104.21
C ARG RB 94 -34.86 -30.39 -103.72
N ARG RB 95 -35.10 -31.56 -104.33
CA ARG RB 95 -34.32 -32.78 -104.09
C ARG RB 95 -34.30 -33.13 -102.60
N ILE RB 96 -35.47 -33.53 -102.11
CA ILE RB 96 -35.66 -33.81 -100.68
C ILE RB 96 -34.65 -34.84 -100.21
N LEU RB 97 -34.19 -34.68 -98.98
CA LEU RB 97 -33.22 -35.59 -98.39
C LEU RB 97 -33.80 -36.24 -97.14
N PRO RB 98 -33.67 -37.56 -97.00
CA PRO RB 98 -34.22 -38.23 -95.82
C PRO RB 98 -33.46 -37.86 -94.55
N LYS RB 99 -34.14 -38.02 -93.41
CA LYS RB 99 -33.48 -37.81 -92.13
C LYS RB 99 -32.45 -38.90 -91.90
N PRO RB 100 -31.19 -38.55 -91.65
CA PRO RB 100 -30.17 -39.58 -91.43
C PRO RB 100 -30.40 -40.37 -90.16
N THR RB 101 -30.67 -41.67 -90.31
CA THR RB 101 -30.92 -42.54 -89.17
C THR RB 101 -29.63 -43.26 -88.78
N ARG RB 102 -29.68 -43.92 -87.62
CA ARG RB 102 -28.51 -44.59 -87.05
C ARG RB 102 -28.00 -45.74 -87.90
N LYS RB 103 -28.83 -46.31 -88.77
CA LYS RB 103 -28.45 -47.47 -89.56
C LYS RB 103 -27.35 -47.12 -90.57
N LYS RB 107 -17.95 -44.47 -97.94
CA LYS RB 107 -18.72 -44.26 -96.71
C LYS RB 107 -18.42 -42.90 -96.11
N ASN RB 108 -18.93 -41.85 -96.75
CA ASN RB 108 -18.70 -40.48 -96.28
C ASN RB 108 -19.79 -39.59 -96.84
N LYS RB 109 -20.65 -39.07 -95.97
CA LYS RB 109 -21.72 -38.17 -96.37
C LYS RB 109 -21.71 -36.93 -95.51
N GLN RB 110 -21.97 -35.79 -96.13
CA GLN RB 110 -21.91 -34.49 -95.47
C GLN RB 110 -23.20 -34.22 -94.69
N LYS RB 111 -23.15 -33.15 -93.88
CA LYS RB 111 -24.31 -32.75 -93.10
C LYS RB 111 -25.42 -32.27 -94.03
N ARG RB 112 -26.65 -32.62 -93.68
CA ARG RB 112 -27.80 -32.32 -94.54
C ARG RB 112 -28.15 -30.85 -94.45
N PRO RB 113 -28.12 -30.10 -95.56
CA PRO RB 113 -28.48 -28.68 -95.51
C PRO RB 113 -29.93 -28.48 -95.13
N ARG RB 114 -30.19 -27.37 -94.44
CA ARG RB 114 -31.56 -27.08 -94.00
C ARG RB 114 -32.42 -26.61 -95.17
N SER RB 115 -31.80 -26.22 -96.29
CA SER RB 115 -32.57 -25.99 -97.51
C SER RB 115 -33.13 -27.31 -98.05
N ARG RB 116 -32.39 -28.40 -97.87
CA ARG RB 116 -32.83 -29.70 -98.36
C ARG RB 116 -33.79 -30.41 -97.42
N THR RB 117 -33.89 -29.97 -96.16
CA THR RB 117 -34.76 -30.65 -95.21
C THR RB 117 -36.21 -30.50 -95.62
N LEU RB 118 -37.03 -31.44 -95.15
CA LEU RB 118 -38.32 -31.67 -95.79
C LEU RB 118 -39.33 -30.57 -95.45
N THR RB 119 -39.36 -30.11 -94.21
CA THR RB 119 -40.33 -29.08 -93.82
C THR RB 119 -40.05 -27.77 -94.56
N ALA RB 120 -38.78 -27.39 -94.66
CA ALA RB 120 -38.42 -26.21 -95.43
C ALA RB 120 -38.75 -26.40 -96.90
N VAL RB 121 -38.59 -27.62 -97.42
CA VAL RB 121 -38.92 -27.89 -98.82
C VAL RB 121 -40.43 -27.71 -99.06
N HIS RB 122 -41.25 -28.22 -98.14
CA HIS RB 122 -42.70 -28.05 -98.30
C HIS RB 122 -43.09 -26.58 -98.21
N ASP RB 123 -42.47 -25.84 -97.28
CA ASP RB 123 -42.76 -24.41 -97.19
C ASP RB 123 -42.32 -23.69 -98.46
N ALA RB 124 -41.20 -24.11 -99.05
CA ALA RB 124 -40.69 -23.45 -100.25
C ALA RB 124 -41.57 -23.75 -101.46
N ILE RB 125 -42.01 -25.00 -101.61
CA ILE RB 125 -42.88 -25.31 -102.74
C ILE RB 125 -44.23 -24.66 -102.58
N LEU RB 126 -44.67 -24.44 -101.33
CA LEU RB 126 -45.86 -23.62 -101.13
C LEU RB 126 -45.58 -22.16 -101.45
N GLU RB 127 -44.34 -21.71 -101.25
CA GLU RB 127 -44.01 -20.30 -101.44
C GLU RB 127 -44.18 -19.87 -102.90
N ASP RB 128 -43.43 -20.51 -103.81
CA ASP RB 128 -43.52 -20.15 -105.21
C ASP RB 128 -44.82 -20.58 -105.87
N LEU RB 129 -45.64 -21.36 -105.17
CA LEU RB 129 -46.87 -21.89 -105.77
C LEU RB 129 -47.81 -20.77 -106.16
N VAL RB 130 -47.92 -19.74 -105.34
CA VAL RB 130 -48.89 -18.66 -105.55
C VAL RB 130 -48.16 -17.32 -105.70
N PHE RB 131 -46.97 -17.35 -106.31
CA PHE RB 131 -46.05 -16.21 -106.45
C PHE RB 131 -46.69 -14.84 -106.69
N PRO RB 132 -47.70 -14.68 -107.55
CA PRO RB 132 -48.30 -13.35 -107.72
C PRO RB 132 -48.74 -12.70 -106.43
N SER RB 133 -49.05 -13.49 -105.40
CA SER RB 133 -49.22 -12.99 -104.04
C SER RB 133 -48.17 -13.64 -103.14
N GLU RB 134 -48.28 -13.37 -101.85
CA GLU RB 134 -47.29 -13.83 -100.88
C GLU RB 134 -48.00 -14.35 -99.64
N ILE RB 135 -47.32 -15.23 -98.91
CA ILE RB 135 -47.84 -15.77 -97.66
C ILE RB 135 -47.60 -14.74 -96.57
N VAL RB 136 -48.68 -14.09 -96.12
CA VAL RB 136 -48.59 -13.11 -95.05
C VAL RB 136 -49.00 -13.69 -93.70
N GLY RB 137 -49.72 -14.80 -93.69
CA GLY RB 137 -50.12 -15.43 -92.46
C GLY RB 137 -50.23 -16.93 -92.62
N LYS RB 138 -49.93 -17.67 -91.56
CA LYS RB 138 -49.90 -19.12 -91.59
C LYS RB 138 -50.68 -19.65 -90.40
N ARG RB 139 -51.61 -20.56 -90.66
CA ARG RB 139 -52.49 -21.12 -89.65
C ARG RB 139 -52.62 -22.62 -89.89
N ILE RB 140 -52.65 -23.40 -88.81
CA ILE RB 140 -52.84 -24.84 -88.89
C ILE RB 140 -54.00 -25.22 -87.99
N ARG RB 141 -54.98 -25.92 -88.56
CA ARG RB 141 -56.15 -26.38 -87.82
C ARG RB 141 -56.12 -27.90 -87.70
N VAL RB 142 -56.38 -28.40 -86.50
CA VAL RB 142 -56.41 -29.83 -86.21
C VAL RB 142 -57.85 -30.25 -86.03
N LYS RB 143 -58.31 -31.19 -86.87
CA LYS RB 143 -59.73 -31.55 -86.90
C LYS RB 143 -60.00 -32.75 -85.96
N LEU RB 144 -59.54 -32.58 -84.71
CA LEU RB 144 -59.90 -33.37 -83.54
C LEU RB 144 -59.56 -34.86 -83.65
N ASP RB 145 -58.92 -35.29 -84.73
CA ASP RB 145 -58.57 -36.70 -84.89
C ASP RB 145 -57.21 -36.90 -85.55
N GLY RB 146 -56.36 -35.88 -85.58
CA GLY RB 146 -55.04 -36.00 -86.16
C GLY RB 146 -54.93 -35.65 -87.62
N SER RB 147 -56.05 -35.36 -88.30
CA SER RB 147 -55.99 -34.88 -89.67
C SER RB 147 -55.80 -33.37 -89.65
N ARG RB 148 -54.65 -32.92 -90.14
CA ARG RB 148 -54.31 -31.50 -90.11
C ARG RB 148 -54.70 -30.85 -91.43
N LEU RB 149 -55.31 -29.69 -91.35
CA LEU RB 149 -55.62 -28.86 -92.51
C LEU RB 149 -54.98 -27.50 -92.30
N ILE RB 150 -54.20 -27.06 -93.29
CA ILE RB 150 -53.40 -25.84 -93.16
C ILE RB 150 -54.09 -24.72 -93.91
N LYS RB 151 -54.34 -23.61 -93.22
CA LYS RB 151 -54.97 -22.43 -93.81
C LYS RB 151 -53.90 -21.39 -94.08
N VAL RB 152 -53.97 -20.73 -95.23
CA VAL RB 152 -52.92 -19.83 -95.70
C VAL RB 152 -53.53 -18.48 -96.04
N HIS RB 153 -52.92 -17.41 -95.55
CA HIS RB 153 -53.28 -16.05 -95.88
C HIS RB 153 -52.46 -15.54 -97.06
N LEU RB 154 -53.04 -14.64 -97.84
CA LEU RB 154 -52.38 -14.07 -99.00
C LEU RB 154 -52.33 -12.55 -98.88
N ASP RB 155 -51.72 -11.89 -99.87
CA ASP RB 155 -51.42 -10.47 -99.75
C ASP RB 155 -52.69 -9.62 -99.66
N LYS RB 156 -53.72 -9.97 -100.44
CA LYS RB 156 -54.94 -9.16 -100.60
C LYS RB 156 -54.62 -7.88 -101.36
N ALA RB 157 -53.36 -7.68 -101.74
CA ALA RB 157 -52.99 -6.49 -102.51
C ALA RB 157 -53.52 -6.57 -103.93
N GLN RB 158 -53.60 -7.77 -104.48
CA GLN RB 158 -54.19 -7.99 -105.80
C GLN RB 158 -55.17 -9.15 -105.73
N GLN RB 159 -56.24 -9.06 -106.51
CA GLN RB 159 -57.32 -10.04 -106.45
C GLN RB 159 -57.83 -10.46 -107.81
N ASN RB 160 -57.08 -10.23 -108.89
CA ASN RB 160 -57.60 -10.43 -110.23
C ASN RB 160 -56.97 -11.60 -110.97
N ASN RB 161 -55.99 -12.30 -110.38
CA ASN RB 161 -55.36 -13.43 -111.06
C ASN RB 161 -55.08 -14.61 -110.15
N VAL RB 162 -55.63 -14.64 -108.94
CA VAL RB 162 -55.41 -15.78 -108.04
C VAL RB 162 -56.70 -16.39 -107.50
N GLU RB 163 -57.81 -15.67 -107.45
CA GLU RB 163 -59.01 -16.18 -106.80
C GLU RB 163 -59.64 -17.34 -107.57
N HIS RB 164 -59.33 -17.47 -108.86
CA HIS RB 164 -59.88 -18.55 -109.67
C HIS RB 164 -58.95 -19.76 -109.75
N LYS RB 165 -57.86 -19.76 -109.00
CA LYS RB 165 -56.92 -20.88 -109.02
C LYS RB 165 -56.68 -21.49 -107.66
N VAL RB 166 -57.38 -21.05 -106.61
CA VAL RB 166 -57.16 -21.61 -105.28
C VAL RB 166 -57.47 -23.10 -105.26
N GLU RB 167 -58.49 -23.53 -106.01
CA GLU RB 167 -58.80 -24.94 -106.11
C GLU RB 167 -57.66 -25.71 -106.74
N THR RB 168 -57.02 -25.13 -107.77
CA THR RB 168 -55.92 -25.83 -108.42
C THR RB 168 -54.69 -25.83 -107.55
N PHE RB 169 -54.44 -24.73 -106.82
CA PHE RB 169 -53.33 -24.71 -105.87
C PHE RB 169 -53.51 -25.81 -104.83
N SER RB 170 -54.71 -25.93 -104.27
CA SER RB 170 -54.95 -26.95 -103.26
C SER RB 170 -54.82 -28.35 -103.85
N GLY RB 171 -55.33 -28.56 -105.06
CA GLY RB 171 -55.23 -29.87 -105.68
C GLY RB 171 -53.80 -30.28 -105.96
N VAL RB 172 -53.02 -29.38 -106.55
CA VAL RB 172 -51.63 -29.72 -106.85
C VAL RB 172 -50.82 -29.85 -105.58
N TYR RB 173 -51.17 -29.10 -104.54
CA TYR RB 173 -50.45 -29.23 -103.28
C TYR RB 173 -50.75 -30.57 -102.62
N LYS RB 174 -52.01 -31.02 -102.66
CA LYS RB 174 -52.29 -32.38 -102.20
C LYS RB 174 -51.59 -33.41 -103.07
N LYS RB 175 -51.40 -33.10 -104.36
CA LYS RB 175 -50.75 -34.05 -105.26
C LYS RB 175 -49.27 -34.23 -104.91
N LEU RB 176 -48.53 -33.13 -104.78
CA LEU RB 176 -47.09 -33.20 -104.64
C LEU RB 176 -46.60 -32.94 -103.22
N THR RB 177 -47.50 -32.84 -102.26
CA THR RB 177 -47.11 -32.74 -100.85
C THR RB 177 -47.84 -33.76 -99.99
N GLY RB 178 -49.11 -34.03 -100.26
CA GLY RB 178 -49.85 -35.04 -99.54
C GLY RB 178 -50.74 -34.52 -98.43
N LYS RB 179 -50.85 -33.22 -98.25
CA LYS RB 179 -51.67 -32.62 -97.21
C LYS RB 179 -52.56 -31.54 -97.81
N ASP RB 180 -53.78 -31.46 -97.31
CA ASP RB 180 -54.76 -30.53 -97.85
C ASP RB 180 -54.61 -29.15 -97.23
N VAL RB 181 -54.81 -28.12 -98.05
CA VAL RB 181 -54.61 -26.73 -97.65
C VAL RB 181 -55.73 -25.88 -98.21
N ASN RB 182 -56.28 -25.00 -97.38
CA ASN RB 182 -57.29 -24.04 -97.80
C ASN RB 182 -56.69 -22.64 -97.79
N PHE RB 183 -57.25 -21.78 -98.63
CA PHE RB 183 -56.73 -20.44 -98.84
C PHE RB 183 -57.73 -19.38 -98.40
N GLU RB 184 -57.21 -18.24 -97.97
CA GLU RB 184 -58.05 -17.11 -97.61
C GLU RB 184 -57.28 -15.82 -97.82
N PHE RB 185 -58.03 -14.76 -98.10
CA PHE RB 185 -57.48 -13.42 -98.28
C PHE RB 185 -57.94 -12.55 -97.12
N PRO RB 186 -57.07 -12.18 -96.20
CA PRO RB 186 -57.49 -11.47 -95.00
C PRO RB 186 -57.75 -10.00 -95.30
N GLU RB 187 -58.16 -9.27 -94.27
CA GLU RB 187 -58.40 -7.83 -94.38
C GLU RB 187 -57.07 -7.10 -94.33
N PHE RB 188 -57.11 -5.77 -94.23
CA PHE RB 188 -55.88 -5.00 -94.08
C PHE RB 188 -55.24 -5.28 -92.73
N GLN RB 189 -53.92 -5.39 -92.71
CA GLN RB 189 -53.18 -5.61 -91.48
C GLN RB 189 -52.54 -4.31 -91.00
N GLY SB 1 10.46 -61.76 -43.80
CA GLY SB 1 11.53 -61.71 -44.78
C GLY SB 1 11.42 -60.53 -45.72
N ILE SB 2 11.99 -60.68 -46.91
CA ILE SB 2 11.89 -59.64 -47.93
C ILE SB 2 10.47 -59.65 -48.51
N SER SB 3 9.96 -58.46 -48.78
CA SER SB 3 8.59 -58.25 -49.19
C SER SB 3 8.53 -57.87 -50.66
N ARG SB 4 7.48 -58.30 -51.35
CA ARG SB 4 7.27 -57.97 -52.75
C ARG SB 4 5.84 -57.54 -53.03
N ASP SB 5 5.11 -57.15 -51.98
CA ASP SB 5 3.69 -56.86 -52.10
C ASP SB 5 3.46 -55.42 -52.56
N ASN SB 6 2.19 -55.03 -52.57
CA ASN SB 6 1.79 -53.68 -52.90
C ASN SB 6 1.13 -52.96 -51.73
N TRP SB 7 0.80 -53.66 -50.65
CA TRP SB 7 0.10 -53.03 -49.54
C TRP SB 7 1.05 -52.30 -48.58
N HIS SB 8 2.36 -52.47 -48.75
CA HIS SB 8 3.30 -51.67 -47.99
C HIS SB 8 3.56 -50.31 -48.63
N LYS SB 9 3.09 -50.10 -49.84
CA LYS SB 9 3.30 -48.86 -50.58
C LYS SB 9 2.22 -47.85 -50.26
N ARG SB 10 2.43 -46.62 -50.70
CA ARG SB 10 1.40 -45.60 -50.60
C ARG SB 10 0.53 -45.61 -51.85
N ARG SB 11 -0.68 -45.09 -51.70
CA ARG SB 11 -1.67 -45.13 -52.77
C ARG SB 11 -1.25 -44.24 -53.94
N LYS SB 12 -1.97 -44.39 -55.05
CA LYS SB 12 -1.78 -43.48 -56.17
C LYS SB 12 -2.13 -42.05 -55.78
N THR SB 13 -3.19 -41.90 -54.97
CA THR SB 13 -3.54 -40.60 -54.40
C THR SB 13 -2.50 -40.09 -53.43
N GLY SB 14 -1.65 -40.95 -52.90
CA GLY SB 14 -0.65 -40.55 -51.92
C GLY SB 14 -1.00 -40.88 -50.49
N GLY SB 15 -2.19 -41.42 -50.22
CA GLY SB 15 -2.57 -41.76 -48.86
C GLY SB 15 -1.87 -42.99 -48.36
N LYS SB 16 -2.17 -43.34 -47.12
CA LYS SB 16 -1.51 -44.45 -46.44
C LYS SB 16 -2.47 -45.64 -46.34
N ARG SB 17 -1.97 -46.82 -46.65
CA ARG SB 17 -2.77 -48.04 -46.68
C ARG SB 17 -2.55 -48.83 -45.39
N LYS SB 18 -3.65 -49.24 -44.78
CA LYS SB 18 -3.58 -50.05 -43.56
C LYS SB 18 -3.75 -51.52 -43.91
N PRO SB 19 -2.74 -52.35 -43.75
CA PRO SB 19 -2.85 -53.76 -44.14
C PRO SB 19 -3.88 -54.49 -43.30
N TYR SB 20 -4.53 -55.48 -43.91
CA TYR SB 20 -5.53 -56.28 -43.23
C TYR SB 20 -5.04 -57.69 -42.92
N HIS SB 21 -3.77 -57.98 -43.16
CA HIS SB 21 -3.20 -59.28 -42.79
C HIS SB 21 -1.69 -59.13 -42.68
N LYS SB 22 -1.07 -60.11 -42.02
CA LYS SB 22 0.37 -60.13 -41.89
C LYS SB 22 1.00 -60.68 -43.16
N LYS SB 23 2.32 -60.88 -43.14
CA LYS SB 23 3.04 -61.34 -44.33
C LYS SB 23 2.61 -62.75 -44.71
N ARG SB 24 2.65 -63.02 -46.01
CA ARG SB 24 2.29 -64.32 -46.56
C ARG SB 24 3.49 -64.94 -47.27
N LYS SB 25 3.51 -66.27 -47.32
CA LYS SB 25 4.68 -66.93 -47.91
C LYS SB 25 4.68 -66.80 -49.43
N TYR SB 26 3.52 -66.91 -50.08
CA TYR SB 26 3.48 -66.83 -51.54
C TYR SB 26 3.89 -65.44 -52.02
N GLU SB 27 3.86 -64.46 -51.13
CA GLU SB 27 4.41 -63.13 -51.35
C GLU SB 27 5.73 -63.04 -50.59
N LEU SB 28 6.83 -63.42 -51.26
CA LEU SB 28 8.14 -63.41 -50.63
C LEU SB 28 9.15 -62.77 -51.56
N GLY SB 29 10.28 -62.38 -50.98
CA GLY SB 29 11.43 -61.99 -51.75
C GLY SB 29 12.67 -62.69 -51.21
N ARG SB 30 13.68 -62.79 -52.06
CA ARG SB 30 14.89 -63.50 -51.71
C ARG SB 30 16.11 -62.66 -52.06
N PRO SB 31 17.23 -62.85 -51.36
CA PRO SB 31 18.41 -62.00 -51.58
C PRO SB 31 18.97 -62.16 -52.98
N ALA SB 32 19.66 -61.12 -53.43
CA ALA SB 32 20.19 -61.07 -54.79
C ALA SB 32 21.27 -62.13 -54.99
N ALA SB 33 21.45 -62.53 -56.26
CA ALA SB 33 22.45 -63.55 -56.57
C ALA SB 33 23.85 -62.99 -56.48
N ASN SB 34 24.09 -61.80 -57.03
CA ASN SB 34 25.42 -61.19 -57.12
C ASN SB 34 26.40 -62.14 -57.82
N THR SB 35 26.11 -62.40 -59.09
CA THR SB 35 26.81 -63.44 -59.84
C THR SB 35 28.17 -62.93 -60.30
N LYS SB 36 29.19 -63.12 -59.45
CA LYS SB 36 30.54 -62.75 -59.80
C LYS SB 36 31.12 -63.76 -60.79
N ILE SB 37 32.39 -63.56 -61.17
CA ILE SB 37 33.11 -64.48 -62.03
C ILE SB 37 33.98 -65.36 -61.17
N GLY SB 38 33.95 -66.66 -61.43
CA GLY SB 38 34.79 -67.60 -60.72
C GLY SB 38 34.48 -69.02 -61.13
N PRO SB 39 35.10 -69.99 -60.46
CA PRO SB 39 34.78 -71.39 -60.72
C PRO SB 39 33.32 -71.68 -60.39
N ARG SB 40 32.75 -72.63 -61.13
CA ARG SB 40 31.31 -72.88 -61.11
C ARG SB 40 30.82 -73.16 -59.70
N ARG SB 41 29.85 -72.38 -59.24
CA ARG SB 41 29.26 -72.54 -57.92
C ARG SB 41 27.77 -72.24 -58.03
N ILE SB 42 26.95 -73.28 -58.04
CA ILE SB 42 25.51 -73.16 -58.18
C ILE SB 42 24.84 -73.71 -56.93
N HIS SB 43 23.92 -72.94 -56.38
CA HIS SB 43 23.17 -73.33 -55.19
C HIS SB 43 21.70 -73.48 -55.55
N THR SB 44 21.24 -74.72 -55.67
CA THR SB 44 19.87 -74.99 -56.08
C THR SB 44 18.92 -74.74 -54.91
N VAL SB 45 17.93 -73.89 -55.14
CA VAL SB 45 16.98 -73.48 -54.12
C VAL SB 45 15.60 -74.02 -54.47
N ARG SB 46 14.74 -74.10 -53.46
CA ARG SB 46 13.37 -74.56 -53.65
C ARG SB 46 12.43 -73.37 -53.77
N VAL SB 47 11.58 -73.40 -54.79
CA VAL SB 47 10.67 -72.27 -55.03
C VAL SB 47 9.23 -72.76 -54.97
N ARG SB 48 8.30 -71.84 -55.21
CA ARG SB 48 6.88 -72.18 -55.22
C ARG SB 48 6.60 -73.24 -56.28
N GLY SB 49 5.85 -74.26 -55.88
CA GLY SB 49 5.55 -75.39 -56.74
C GLY SB 49 6.55 -76.52 -56.65
N GLY SB 50 7.56 -76.40 -55.79
CA GLY SB 50 8.58 -77.42 -55.68
C GLY SB 50 9.62 -77.40 -56.78
N ASN SB 51 9.55 -76.44 -57.70
CA ASN SB 51 10.53 -76.36 -58.75
C ASN SB 51 11.88 -75.94 -58.19
N LYS SB 52 12.91 -76.09 -59.02
CA LYS SB 52 14.28 -75.79 -58.64
C LYS SB 52 14.76 -74.57 -59.41
N LYS SB 53 15.19 -73.54 -58.66
CA LYS SB 53 15.84 -72.38 -59.23
C LYS SB 53 17.33 -72.47 -58.94
N TYR SB 54 18.15 -72.17 -59.94
CA TYR SB 54 19.59 -72.34 -59.84
C TYR SB 54 20.24 -70.99 -59.61
N ARG SB 55 20.76 -70.79 -58.40
CA ARG SB 55 21.48 -69.57 -58.06
C ARG SB 55 22.89 -69.67 -58.62
N ALA SB 56 23.24 -68.74 -59.51
CA ALA SB 56 24.59 -68.66 -60.07
C ALA SB 56 25.40 -67.70 -59.21
N LEU SB 57 26.40 -68.23 -58.51
CA LEU SB 57 27.26 -67.42 -57.66
C LEU SB 57 28.53 -66.99 -58.38
N ARG SB 58 29.32 -67.95 -58.87
CA ARG SB 58 30.55 -67.67 -59.60
C ARG SB 58 30.56 -68.50 -60.86
N LEU SB 59 30.64 -67.84 -62.02
CA LEU SB 59 30.65 -68.51 -63.31
C LEU SB 59 31.87 -68.07 -64.11
N ASP SB 60 32.38 -68.98 -64.93
CA ASP SB 60 33.59 -68.71 -65.70
C ASP SB 60 33.37 -69.03 -67.17
N VAL SB 61 32.32 -69.79 -67.48
CA VAL SB 61 32.04 -70.19 -68.85
C VAL SB 61 30.59 -69.86 -69.16
N GLY SB 62 30.32 -69.64 -70.45
CA GLY SB 62 28.99 -69.30 -70.90
C GLY SB 62 28.87 -69.48 -72.40
N ASN SB 63 27.66 -69.83 -72.83
CA ASN SB 63 27.40 -70.15 -74.22
C ASN SB 63 26.89 -68.91 -74.94
N PHE SB 64 27.62 -68.47 -75.97
CA PHE SB 64 27.29 -67.25 -76.68
C PHE SB 64 27.18 -67.53 -78.18
N SER SB 65 26.22 -66.86 -78.82
CA SER SB 65 25.90 -67.11 -80.22
C SER SB 65 26.40 -65.96 -81.08
N TRP SB 66 27.07 -66.29 -82.18
CA TRP SB 66 27.50 -65.25 -83.13
C TRP SB 66 26.30 -64.56 -83.76
N GLY SB 67 25.32 -65.34 -84.22
CA GLY SB 67 24.16 -64.77 -84.86
C GLY SB 67 24.34 -64.55 -86.34
N SER SB 68 25.23 -63.62 -86.73
CA SER SB 68 25.45 -63.35 -88.14
C SER SB 68 26.02 -64.57 -88.86
N GLU SB 69 26.97 -65.25 -88.23
CA GLU SB 69 27.48 -66.51 -88.75
C GLU SB 69 26.70 -67.72 -88.26
N CYS SB 70 25.77 -67.51 -87.32
CA CYS SB 70 25.01 -68.61 -86.70
C CYS SB 70 25.95 -69.65 -86.10
N CYS SB 71 27.03 -69.19 -85.50
CA CYS SB 71 28.01 -70.06 -84.86
C CYS SB 71 27.94 -69.85 -83.36
N THR SB 72 27.37 -70.84 -82.66
CA THR SB 72 27.17 -70.78 -81.21
C THR SB 72 28.17 -71.71 -80.54
N ARG SB 73 29.00 -71.15 -79.67
CA ARG SB 73 30.02 -71.91 -78.97
C ARG SB 73 30.00 -71.57 -77.50
N LYS SB 74 30.53 -72.48 -76.69
CA LYS SB 74 30.72 -72.26 -75.26
C LYS SB 74 32.11 -71.68 -75.07
N THR SB 75 32.19 -70.52 -74.42
CA THR SB 75 33.42 -69.76 -74.27
C THR SB 75 33.64 -69.42 -72.80
N ARG SB 76 34.79 -68.80 -72.52
CA ARG SB 76 35.16 -68.36 -71.19
C ARG SB 76 35.00 -66.85 -71.12
N ILE SB 77 34.36 -66.37 -70.06
CA ILE SB 77 34.14 -64.94 -69.87
C ILE SB 77 35.25 -64.38 -68.99
N ILE SB 78 35.92 -63.34 -69.47
CA ILE SB 78 37.03 -62.74 -68.75
C ILE SB 78 36.49 -61.74 -67.73
N ASP SB 79 35.82 -60.69 -68.19
CA ASP SB 79 35.43 -59.62 -67.28
C ASP SB 79 34.34 -58.79 -67.93
N VAL SB 80 33.56 -58.09 -67.10
CA VAL SB 80 32.49 -57.22 -67.58
C VAL SB 80 33.05 -55.82 -67.78
N VAL SB 81 32.46 -55.07 -68.71
CA VAL SB 81 32.97 -53.73 -69.01
C VAL SB 81 31.92 -52.64 -68.94
N TYR SB 82 30.63 -52.93 -69.11
CA TYR SB 82 29.63 -51.89 -69.09
C TYR SB 82 28.28 -52.49 -68.70
N ASN SB 83 27.47 -51.69 -68.02
CA ASN SB 83 26.15 -52.12 -67.59
C ASN SB 83 25.26 -50.91 -67.47
N ALA SB 84 24.15 -50.90 -68.21
CA ALA SB 84 23.26 -49.74 -68.23
C ALA SB 84 22.57 -49.52 -66.90
N SER SB 85 22.35 -50.58 -66.11
CA SER SB 85 21.65 -50.41 -64.85
C SER SB 85 22.50 -49.65 -63.84
N ASN SB 86 23.76 -50.04 -63.68
CA ASN SB 86 24.61 -49.39 -62.70
C ASN SB 86 26.07 -49.62 -63.08
N ASN SB 87 26.93 -48.70 -62.65
CA ASN SB 87 28.37 -48.84 -62.89
C ASN SB 87 29.04 -49.65 -61.78
N GLU SB 88 28.46 -49.68 -60.59
CA GLU SB 88 29.06 -50.44 -59.50
C GLU SB 88 29.01 -51.94 -59.79
N LEU SB 89 28.03 -52.38 -60.58
CA LEU SB 89 28.03 -53.77 -61.03
C LEU SB 89 29.21 -54.05 -61.94
N VAL SB 90 29.59 -53.09 -62.78
CA VAL SB 90 30.79 -53.23 -63.59
C VAL SB 90 32.03 -53.28 -62.69
N ARG SB 91 32.10 -52.39 -61.70
CA ARG SB 91 33.31 -52.30 -60.88
C ARG SB 91 33.53 -53.58 -60.08
N THR SB 92 32.47 -54.18 -59.57
CA THR SB 92 32.58 -55.39 -58.78
C THR SB 92 32.56 -56.65 -59.63
N LYS SB 93 32.59 -56.51 -60.95
CA LYS SB 93 32.64 -57.63 -61.90
C LYS SB 93 31.43 -58.54 -61.72
N THR SB 94 30.25 -57.97 -61.96
CA THR SB 94 28.99 -58.66 -61.71
C THR SB 94 28.33 -59.03 -63.04
N LEU SB 95 28.05 -60.32 -63.19
CA LEU SB 95 27.32 -60.83 -64.34
C LEU SB 95 25.83 -60.74 -64.03
N VAL SB 96 25.08 -60.08 -64.91
CA VAL SB 96 23.65 -59.88 -64.74
C VAL SB 96 23.00 -60.06 -66.11
N LYS SB 97 21.68 -59.85 -66.20
CA LYS SB 97 20.95 -60.23 -67.40
C LYS SB 97 21.42 -59.46 -68.63
N ASN SB 98 21.58 -58.15 -68.51
CA ASN SB 98 21.88 -57.33 -69.68
C ASN SB 98 23.27 -56.71 -69.67
N CYS SB 99 24.11 -57.02 -68.69
CA CYS SB 99 25.46 -56.48 -68.71
C CYS SB 99 26.26 -57.07 -69.87
N ILE SB 100 27.09 -56.22 -70.48
CA ILE SB 100 27.95 -56.67 -71.57
C ILE SB 100 29.25 -57.17 -70.97
N VAL SB 101 29.75 -58.27 -71.52
CA VAL SB 101 30.89 -58.98 -70.98
C VAL SB 101 31.91 -59.18 -72.09
N LEU SB 102 33.14 -59.44 -71.69
CA LEU SB 102 34.21 -59.81 -72.61
C LEU SB 102 34.33 -61.33 -72.59
N ILE SB 103 34.31 -61.94 -73.77
CA ILE SB 103 34.46 -63.38 -73.87
C ILE SB 103 35.70 -63.69 -74.70
N ASP SB 104 35.97 -64.97 -74.87
CA ASP SB 104 37.14 -65.41 -75.61
C ASP SB 104 36.74 -65.78 -77.03
N SER SB 105 37.57 -65.36 -77.99
CA SER SB 105 37.23 -65.50 -79.41
C SER SB 105 37.81 -66.75 -80.06
N THR SB 106 38.49 -67.60 -79.30
CA THR SB 106 39.16 -68.75 -79.91
C THR SB 106 38.22 -69.76 -80.58
N PRO SB 107 37.11 -70.22 -79.98
CA PRO SB 107 36.27 -71.19 -80.69
C PRO SB 107 35.64 -70.63 -81.96
N TYR SB 108 35.17 -69.39 -81.90
CA TYR SB 108 34.61 -68.76 -83.10
C TYR SB 108 35.68 -68.57 -84.17
N ARG SB 109 36.90 -68.20 -83.76
CA ARG SB 109 38.00 -68.04 -84.70
C ARG SB 109 38.33 -69.37 -85.38
N GLN SB 110 38.45 -70.43 -84.59
CA GLN SB 110 38.78 -71.74 -85.16
C GLN SB 110 37.65 -72.23 -86.06
N TRP SB 111 36.39 -71.93 -85.72
CA TRP SB 111 35.32 -72.24 -86.63
C TRP SB 111 35.46 -71.46 -87.93
N TYR SB 112 35.87 -70.19 -87.85
CA TYR SB 112 36.01 -69.38 -89.05
C TYR SB 112 37.09 -69.96 -89.96
N GLU SB 113 38.20 -70.41 -89.38
CA GLU SB 113 39.23 -71.03 -90.22
C GLU SB 113 38.81 -72.43 -90.68
N SER SB 114 37.89 -73.08 -89.96
CA SER SB 114 37.46 -74.41 -90.38
C SER SB 114 36.32 -74.37 -91.38
N HIS SB 115 35.68 -73.22 -91.58
CA HIS SB 115 34.57 -73.10 -92.51
C HIS SB 115 34.88 -72.25 -93.72
N TYR SB 116 35.50 -71.09 -93.55
CA TYR SB 116 35.83 -70.21 -94.67
C TYR SB 116 37.29 -70.30 -95.09
N ALA SB 117 38.16 -70.81 -94.21
CA ALA SB 117 39.59 -70.93 -94.49
C ALA SB 117 40.23 -69.58 -94.82
N LEU SB 118 39.91 -68.56 -94.02
CA LEU SB 118 40.61 -67.29 -94.08
C LEU SB 118 41.40 -67.08 -92.80
N PRO SB 119 42.61 -66.51 -92.88
CA PRO SB 119 43.36 -66.23 -91.66
C PRO SB 119 42.67 -65.14 -90.85
N LEU SB 120 42.44 -65.43 -89.57
CA LEU SB 120 41.69 -64.53 -88.70
C LEU SB 120 42.38 -64.45 -87.35
N GLY SB 121 42.56 -63.24 -86.84
CA GLY SB 121 43.22 -63.04 -85.57
C GLY SB 121 44.72 -63.08 -85.69
N ARG SB 122 45.21 -63.32 -86.89
CA ARG SB 122 46.65 -63.44 -87.11
C ARG SB 122 47.25 -62.12 -87.55
N LYS SB 123 48.50 -61.90 -87.15
CA LYS SB 123 49.26 -60.71 -87.53
C LYS SB 123 50.19 -60.99 -88.70
N LYS SB 124 51.09 -61.98 -88.57
CA LYS SB 124 51.95 -62.40 -89.66
C LYS SB 124 51.85 -63.87 -89.98
N GLY SB 125 51.09 -64.65 -89.22
CA GLY SB 125 50.96 -66.07 -89.46
C GLY SB 125 52.22 -66.82 -89.07
N ALA SB 126 52.25 -68.10 -89.48
CA ALA SB 126 53.38 -69.00 -89.27
C ALA SB 126 53.77 -69.09 -87.79
N LYS SB 127 52.77 -69.12 -86.92
CA LYS SB 127 52.99 -69.28 -85.48
C LYS SB 127 52.67 -70.68 -84.99
N LEU SB 128 51.61 -71.30 -85.49
CA LEU SB 128 51.20 -72.64 -85.10
C LEU SB 128 51.21 -73.54 -86.33
N THR SB 129 52.33 -73.54 -87.05
CA THR SB 129 52.42 -74.16 -88.37
C THR SB 129 51.87 -75.58 -88.48
N PRO SB 130 52.17 -76.54 -87.58
CA PRO SB 130 51.75 -77.93 -87.84
C PRO SB 130 50.25 -78.17 -87.92
N GLU SB 131 49.41 -77.19 -87.57
CA GLU SB 131 47.98 -77.28 -87.80
C GLU SB 131 47.47 -76.29 -88.82
N GLU SB 132 47.98 -75.06 -88.81
CA GLU SB 132 47.50 -74.07 -89.77
C GLU SB 132 47.92 -74.43 -91.19
N GLU SB 133 49.09 -75.04 -91.38
CA GLU SB 133 49.46 -75.49 -92.71
C GLU SB 133 48.51 -76.57 -93.21
N GLU SB 134 48.09 -77.47 -92.30
CA GLU SB 134 47.17 -78.54 -92.69
C GLU SB 134 45.80 -77.98 -93.04
N ILE SB 135 45.37 -76.94 -92.32
CA ILE SB 135 44.02 -76.42 -92.56
C ILE SB 135 43.95 -75.38 -93.68
N LEU SB 136 45.08 -74.78 -94.06
CA LEU SB 136 45.00 -73.72 -95.07
C LEU SB 136 44.77 -74.28 -96.48
N ASN SB 137 45.46 -75.35 -96.84
CA ASN SB 137 45.35 -75.89 -98.19
C ASN SB 137 44.53 -77.17 -98.28
N LYS SB 138 44.80 -78.15 -97.41
CA LYS SB 138 44.07 -79.40 -97.25
C LYS SB 138 44.11 -80.30 -98.48
N LYS SB 139 44.83 -79.91 -99.55
CA LYS SB 139 45.04 -80.66 -100.79
C LYS SB 139 43.80 -81.36 -101.31
N ARG SB 140 42.63 -80.73 -101.13
CA ARG SB 140 41.36 -81.40 -101.35
C ARG SB 140 41.07 -81.54 -102.84
N SER SB 141 40.08 -82.38 -103.16
CA SER SB 141 39.69 -82.56 -104.54
C SER SB 141 39.02 -81.30 -105.07
N LYS SB 142 38.84 -81.26 -106.39
CA LYS SB 142 38.44 -80.03 -107.07
C LYS SB 142 37.08 -79.54 -106.61
N LYS SB 143 36.14 -80.46 -106.37
CA LYS SB 143 34.82 -80.06 -105.89
C LYS SB 143 34.89 -79.41 -104.51
N ILE SB 144 35.81 -79.85 -103.66
CA ILE SB 144 35.91 -79.31 -102.32
C ILE SB 144 36.37 -77.86 -102.36
N GLN SB 145 37.39 -77.56 -103.16
CA GLN SB 145 37.75 -76.16 -103.32
C GLN SB 145 36.76 -75.37 -104.16
N LYS SB 146 35.94 -76.03 -104.98
CA LYS SB 146 34.83 -75.34 -105.61
C LYS SB 146 33.84 -74.83 -104.56
N LYS SB 147 33.51 -75.65 -103.58
CA LYS SB 147 32.61 -75.17 -102.54
C LYS SB 147 33.33 -74.18 -101.63
N TYR SB 148 34.65 -74.34 -101.45
CA TYR SB 148 35.41 -73.38 -100.65
C TYR SB 148 35.37 -71.99 -101.27
N ASP SB 149 35.71 -71.88 -102.55
CA ASP SB 149 35.69 -70.55 -103.16
C ASP SB 149 34.29 -70.10 -103.54
N GLU SB 150 33.29 -70.98 -103.46
CA GLU SB 150 31.92 -70.51 -103.41
C GLU SB 150 31.62 -69.86 -102.06
N ARG SB 151 32.27 -70.32 -101.00
CA ARG SB 151 32.16 -69.70 -99.69
C ARG SB 151 33.21 -68.64 -99.42
N LYS SB 152 34.10 -68.37 -100.37
CA LYS SB 152 35.09 -67.30 -100.17
C LYS SB 152 34.48 -65.93 -100.38
N LYS SB 153 33.50 -65.82 -101.29
CA LYS SB 153 32.95 -64.51 -101.66
C LYS SB 153 32.21 -63.88 -100.48
N ASN SB 154 31.56 -64.69 -99.65
CA ASN SB 154 30.84 -64.18 -98.49
C ASN SB 154 31.65 -64.29 -97.21
N ALA SB 155 32.97 -64.45 -97.32
CA ALA SB 155 33.85 -64.41 -96.15
C ALA SB 155 34.30 -62.98 -95.86
N LYS SB 156 33.35 -62.11 -95.54
CA LYS SB 156 33.60 -60.71 -95.24
C LYS SB 156 33.19 -60.44 -93.79
N ILE SB 157 34.05 -59.72 -93.07
CA ILE SB 157 33.82 -59.40 -91.67
C ILE SB 157 34.02 -57.90 -91.47
N SER SB 158 33.16 -57.29 -90.66
CA SER SB 158 33.28 -55.87 -90.35
C SER SB 158 34.60 -55.59 -89.66
N SER SB 159 35.15 -54.41 -89.91
CA SER SB 159 36.49 -54.09 -89.46
C SER SB 159 36.60 -54.11 -87.94
N LEU SB 160 35.59 -53.56 -87.25
CA LEU SB 160 35.61 -53.49 -85.80
C LEU SB 160 35.71 -54.87 -85.19
N LEU SB 161 34.88 -55.79 -85.69
CA LEU SB 161 34.96 -57.19 -85.28
C LEU SB 161 36.30 -57.79 -85.66
N GLU SB 162 36.93 -57.30 -86.72
CA GLU SB 162 38.23 -57.84 -87.13
C GLU SB 162 39.31 -57.49 -86.11
N GLU SB 163 39.44 -56.21 -85.73
CA GLU SB 163 40.47 -55.92 -84.74
C GLU SB 163 40.08 -56.47 -83.38
N GLN SB 164 38.78 -56.64 -83.13
CA GLN SB 164 38.33 -57.34 -81.94
C GLN SB 164 38.85 -58.77 -81.92
N PHE SB 165 38.80 -59.44 -83.06
CA PHE SB 165 39.36 -60.78 -83.19
C PHE SB 165 40.86 -60.77 -83.00
N GLN SB 166 41.53 -59.74 -83.54
CA GLN SB 166 42.99 -59.66 -83.47
C GLN SB 166 43.48 -59.61 -82.03
N GLN SB 167 42.71 -58.98 -81.14
CA GLN SB 167 43.09 -58.89 -79.74
C GLN SB 167 42.93 -60.20 -78.99
N GLY SB 168 42.25 -61.18 -79.58
CA GLY SB 168 42.00 -62.44 -78.92
C GLY SB 168 40.82 -62.45 -77.97
N LYS SB 169 40.06 -61.36 -77.89
CA LYS SB 169 38.92 -61.26 -76.98
C LYS SB 169 37.76 -60.59 -77.68
N LEU SB 170 36.57 -61.18 -77.54
CA LEU SB 170 35.32 -60.63 -78.04
C LEU SB 170 34.58 -59.91 -76.93
N LEU SB 171 33.46 -59.29 -77.30
CA LEU SB 171 32.53 -58.70 -76.34
C LEU SB 171 31.11 -59.08 -76.76
N ALA SB 172 30.28 -59.41 -75.78
CA ALA SB 172 28.96 -59.94 -76.02
C ALA SB 172 28.00 -59.38 -74.99
N CYS SB 173 26.70 -59.56 -75.24
CA CYS SB 173 25.67 -59.21 -74.29
C CYS SB 173 25.04 -60.47 -73.73
N ILE SB 174 24.96 -60.56 -72.39
CA ILE SB 174 24.25 -61.66 -71.77
C ILE SB 174 22.77 -61.57 -72.13
N ALA SB 175 22.15 -62.74 -72.33
CA ALA SB 175 20.73 -62.81 -72.65
C ALA SB 175 19.92 -63.50 -71.57
N SER SB 176 20.52 -64.41 -70.80
CA SER SB 176 19.80 -65.10 -69.74
C SER SB 176 19.96 -64.35 -68.43
N ARG SB 177 19.36 -64.89 -67.36
CA ARG SB 177 19.44 -64.29 -66.04
C ARG SB 177 20.17 -65.24 -65.09
N PRO SB 178 21.47 -65.06 -64.88
CA PRO SB 178 22.16 -65.89 -63.87
C PRO SB 178 21.59 -65.63 -62.49
N GLY SB 179 21.54 -66.69 -61.68
CA GLY SB 179 20.81 -66.69 -60.45
C GLY SB 179 19.39 -67.19 -60.57
N GLN SB 180 18.81 -67.12 -61.77
CA GLN SB 180 17.52 -67.74 -62.05
C GLN SB 180 17.69 -69.09 -62.75
N CYS SB 181 18.36 -69.07 -63.90
CA CYS SB 181 18.61 -70.29 -64.66
C CYS SB 181 19.93 -70.94 -64.34
N GLY SB 182 20.80 -70.27 -63.57
CA GLY SB 182 22.10 -70.81 -63.29
C GLY SB 182 22.99 -70.97 -64.50
N ARG SB 183 22.92 -70.05 -65.45
CA ARG SB 183 23.80 -70.04 -66.61
C ARG SB 183 23.85 -68.63 -67.17
N ALA SB 184 24.85 -68.39 -68.02
CA ALA SB 184 25.17 -67.06 -68.50
C ALA SB 184 25.20 -67.03 -70.02
N ASP SB 185 24.15 -67.57 -70.63
CA ASP SB 185 24.06 -67.58 -72.09
C ASP SB 185 23.84 -66.16 -72.62
N GLY SB 186 24.21 -65.96 -73.89
CA GLY SB 186 24.08 -64.65 -74.50
C GLY SB 186 24.37 -64.71 -75.97
N TYR SB 187 24.61 -63.52 -76.54
CA TYR SB 187 24.91 -63.39 -77.96
C TYR SB 187 26.00 -62.35 -78.16
N VAL SB 188 26.78 -62.53 -79.22
CA VAL SB 188 27.93 -61.68 -79.47
C VAL SB 188 27.47 -60.37 -80.10
N LEU SB 189 27.99 -59.25 -79.59
CA LEU SB 189 27.58 -57.94 -80.08
C LEU SB 189 28.25 -57.62 -81.40
N GLU SB 190 27.48 -57.05 -82.32
CA GLU SB 190 28.00 -56.56 -83.59
C GLU SB 190 27.01 -55.59 -84.20
N GLY SB 191 27.48 -54.84 -85.20
CA GLY SB 191 26.62 -53.91 -85.90
C GLY SB 191 26.55 -52.55 -85.22
N LYS SB 192 25.41 -51.88 -85.42
CA LYS SB 192 25.20 -50.55 -84.84
C LYS SB 192 25.22 -50.61 -83.31
N GLU SB 193 24.75 -51.72 -82.73
CA GLU SB 193 24.82 -51.88 -81.28
C GLU SB 193 26.26 -51.91 -80.80
N LEU SB 194 27.13 -52.60 -81.54
CA LEU SB 194 28.55 -52.62 -81.18
C LEU SB 194 29.15 -51.23 -81.23
N GLU SB 195 28.84 -50.46 -82.27
CA GLU SB 195 29.34 -49.10 -82.38
C GLU SB 195 28.81 -48.24 -81.24
N PHE SB 196 27.53 -48.39 -80.90
CA PHE SB 196 26.94 -47.64 -79.80
C PHE SB 196 27.63 -47.96 -78.48
N TYR SB 197 27.87 -49.24 -78.21
CA TYR SB 197 28.49 -49.61 -76.93
C TYR SB 197 29.95 -49.21 -76.90
N LEU SB 198 30.66 -49.29 -78.03
CA LEU SB 198 32.03 -48.82 -78.07
C LEU SB 198 32.10 -47.32 -77.82
N ARG SB 199 31.16 -46.56 -78.39
CA ARG SB 199 31.10 -45.12 -78.14
C ARG SB 199 30.81 -44.84 -76.67
N LYS SB 200 29.90 -45.60 -76.07
CA LYS SB 200 29.57 -45.40 -74.66
C LYS SB 200 30.75 -45.71 -73.76
N ILE SB 201 31.47 -46.80 -74.04
CA ILE SB 201 32.59 -47.16 -73.17
C ILE SB 201 33.77 -46.22 -73.35
N LYS SB 202 34.02 -45.73 -74.57
CA LYS SB 202 35.05 -44.71 -74.72
C LYS SB 202 34.60 -43.39 -74.14
N ALA SB 203 33.29 -43.19 -73.99
CA ALA SB 203 32.81 -42.04 -73.23
C ALA SB 203 33.04 -42.21 -71.74
N ARG SB 204 33.01 -43.44 -71.25
CA ARG SB 204 33.31 -43.68 -69.84
C ARG SB 204 34.76 -43.36 -69.53
N LYS SB 205 35.69 -43.89 -70.33
CA LYS SB 205 37.11 -43.67 -70.09
C LYS SB 205 37.77 -43.29 -71.41
N GLY SB 206 38.66 -42.31 -71.34
CA GLY SB 206 39.35 -41.83 -72.53
C GLY SB 206 38.44 -41.09 -73.51
N PRO TB 1 -22.20 -76.50 -38.83
CA PRO TB 1 -22.71 -76.69 -37.47
C PRO TB 1 -23.95 -77.56 -37.43
N VAL TB 2 -24.98 -77.11 -36.70
CA VAL TB 2 -26.22 -77.87 -36.61
C VAL TB 2 -26.92 -77.85 -37.95
N ALA TB 3 -27.61 -78.95 -38.26
CA ALA TB 3 -28.37 -79.10 -39.50
C ALA TB 3 -29.87 -78.93 -39.26
N ARG TB 4 -30.24 -78.03 -38.37
CA ARG TB 4 -31.64 -77.79 -38.05
C ARG TB 4 -32.26 -76.91 -39.14
N SER TB 5 -33.47 -76.43 -38.91
CA SER TB 5 -34.18 -75.64 -39.90
C SER TB 5 -34.25 -74.15 -39.57
N TRP TB 6 -34.63 -73.81 -38.33
CA TRP TB 6 -34.87 -72.45 -37.84
C TRP TB 6 -35.59 -71.56 -38.85
N VAL TB 7 -36.53 -72.13 -39.59
CA VAL TB 7 -37.36 -71.38 -40.53
C VAL TB 7 -38.80 -71.49 -40.02
N CYS TB 8 -39.30 -70.40 -39.47
CA CYS TB 8 -40.60 -70.41 -38.82
C CYS TB 8 -41.26 -69.05 -39.02
N ARG TB 9 -42.58 -69.03 -38.92
CA ARG TB 9 -43.34 -67.81 -39.09
C ARG TB 9 -44.50 -67.79 -38.10
N LYS TB 10 -44.95 -66.59 -37.77
CA LYS TB 10 -46.15 -66.45 -36.96
C LYS TB 10 -47.39 -66.65 -37.82
N THR TB 11 -48.51 -66.96 -37.17
CA THR TB 11 -49.76 -67.22 -37.85
C THR TB 11 -50.81 -66.16 -37.59
N TYR TB 12 -50.50 -65.15 -36.77
CA TYR TB 12 -51.48 -64.18 -36.33
C TYR TB 12 -50.82 -62.81 -36.22
N VAL TB 13 -51.66 -61.78 -36.23
CA VAL TB 13 -51.23 -60.39 -36.12
C VAL TB 13 -52.06 -59.71 -35.06
N THR TB 14 -51.39 -59.16 -34.05
CA THR TB 14 -52.11 -58.42 -33.02
C THR TB 14 -52.66 -57.12 -33.59
N PRO TB 15 -53.80 -56.65 -33.09
CA PRO TB 15 -54.34 -55.38 -33.57
C PRO TB 15 -53.41 -54.22 -33.24
N ARG TB 16 -53.38 -53.23 -34.12
CA ARG TB 16 -52.52 -52.07 -33.91
C ARG TB 16 -52.97 -51.26 -32.71
N ARG TB 17 -54.27 -50.98 -32.62
CA ARG TB 17 -54.83 -50.23 -31.52
C ARG TB 17 -55.74 -51.14 -30.72
N PRO TB 18 -55.60 -51.17 -29.40
CA PRO TB 18 -56.50 -51.97 -28.57
C PRO TB 18 -57.70 -51.17 -28.09
N PHE TB 19 -58.67 -51.92 -27.58
CA PHE TB 19 -59.64 -51.40 -26.61
C PHE TB 19 -60.61 -50.44 -27.29
N GLU TB 20 -61.12 -50.87 -28.43
CA GLU TB 20 -62.24 -50.21 -29.08
C GLU TB 20 -63.39 -51.20 -29.11
N LYS TB 21 -64.60 -50.69 -28.85
CA LYS TB 21 -65.73 -51.56 -28.62
C LYS TB 21 -66.12 -52.34 -29.88
N SER TB 22 -66.00 -51.71 -31.05
CA SER TB 22 -66.44 -52.36 -32.28
C SER TB 22 -65.59 -53.59 -32.59
N ARG TB 23 -64.27 -53.43 -32.60
CA ARG TB 23 -63.39 -54.57 -32.87
C ARG TB 23 -63.53 -55.63 -31.80
N LEU TB 24 -63.58 -55.21 -30.52
CA LEU TB 24 -63.68 -56.16 -29.43
C LEU TB 24 -64.95 -56.99 -29.53
N ASP TB 25 -66.09 -56.36 -29.81
CA ASP TB 25 -67.32 -57.14 -29.79
C ASP TB 25 -67.54 -57.91 -31.08
N GLN TB 26 -66.99 -57.47 -32.22
CA GLN TB 26 -67.07 -58.33 -33.40
C GLN TB 26 -66.19 -59.56 -33.23
N GLU TB 27 -64.99 -59.38 -32.66
CA GLU TB 27 -64.15 -60.53 -32.39
C GLU TB 27 -64.79 -61.45 -31.36
N LEU TB 28 -65.41 -60.89 -30.32
CA LEU TB 28 -66.02 -61.73 -29.29
C LEU TB 28 -67.24 -62.48 -29.82
N LYS TB 29 -68.04 -61.85 -30.69
CA LYS TB 29 -69.14 -62.59 -31.28
C LYS TB 29 -68.63 -63.71 -32.18
N LEU TB 30 -67.51 -63.47 -32.88
CA LEU TB 30 -66.90 -64.55 -33.65
C LEU TB 30 -66.46 -65.70 -32.75
N ILE TB 31 -65.82 -65.36 -31.62
CA ILE TB 31 -65.37 -66.39 -30.68
C ILE TB 31 -66.56 -67.20 -30.17
N GLY TB 32 -67.63 -66.50 -29.78
CA GLY TB 32 -68.74 -67.17 -29.11
C GLY TB 32 -69.66 -67.90 -30.06
N GLU TB 33 -69.66 -67.51 -31.34
CA GLU TB 33 -70.50 -68.21 -32.29
C GLU TB 33 -69.75 -69.31 -33.02
N TYR TB 34 -68.41 -69.27 -33.03
CA TYR TB 34 -67.63 -70.32 -33.63
C TYR TB 34 -66.85 -71.16 -32.62
N GLY TB 35 -67.15 -71.01 -31.33
CA GLY TB 35 -66.57 -71.84 -30.29
C GLY TB 35 -65.06 -71.77 -30.19
N LEU TB 36 -64.51 -70.59 -30.47
CA LEU TB 36 -63.07 -70.38 -30.40
C LEU TB 36 -62.60 -70.30 -28.95
N ARG TB 37 -61.32 -70.60 -28.76
CA ARG TB 37 -60.74 -70.58 -27.42
C ARG TB 37 -60.33 -69.16 -27.01
N ASN TB 38 -59.53 -68.50 -27.85
CA ASN TB 38 -59.00 -67.18 -27.54
C ASN TB 38 -59.01 -66.33 -28.80
N LYS TB 39 -58.75 -65.03 -28.63
CA LYS TB 39 -58.71 -64.12 -29.77
C LYS TB 39 -57.53 -64.37 -30.69
N ARG TB 40 -56.55 -65.17 -30.28
CA ARG TB 40 -55.40 -65.44 -31.13
C ARG TB 40 -55.82 -66.24 -32.36
N GLU TB 41 -56.76 -67.15 -32.19
CA GLU TB 41 -57.21 -68.01 -33.29
C GLU TB 41 -58.09 -67.30 -34.30
N VAL TB 42 -58.63 -66.13 -33.95
CA VAL TB 42 -59.43 -65.39 -34.93
C VAL TB 42 -58.52 -64.38 -35.63
N TRP TB 43 -57.47 -63.92 -34.93
CA TRP TB 43 -56.44 -63.16 -35.63
C TRP TB 43 -55.72 -64.03 -36.64
N ARG TB 44 -55.63 -65.33 -36.38
CA ARG TB 44 -55.00 -66.24 -37.33
C ARG TB 44 -55.79 -66.32 -38.63
N VAL TB 45 -57.11 -66.50 -38.54
CA VAL TB 45 -57.91 -66.58 -39.75
C VAL TB 45 -58.00 -65.22 -40.43
N LYS TB 46 -58.00 -64.14 -39.63
CA LYS TB 46 -57.94 -62.80 -40.21
C LYS TB 46 -56.65 -62.61 -41.01
N PHE TB 47 -55.54 -63.09 -40.47
CA PHE TB 47 -54.25 -62.99 -41.15
C PHE TB 47 -54.26 -63.81 -42.44
N THR TB 48 -54.83 -65.01 -42.38
CA THR TB 48 -54.89 -65.85 -43.59
C THR TB 48 -55.72 -65.18 -44.67
N LEU TB 49 -56.88 -64.63 -44.29
CA LEU TB 49 -57.72 -63.91 -45.24
C LEU TB 49 -56.99 -62.70 -45.80
N ALA TB 50 -56.26 -61.98 -44.95
CA ALA TB 50 -55.52 -60.82 -45.40
C ALA TB 50 -54.45 -61.19 -46.40
N LYS TB 51 -53.74 -62.30 -46.14
CA LYS TB 51 -52.70 -62.74 -47.06
C LYS TB 51 -53.30 -63.13 -48.41
N ILE TB 52 -54.41 -63.87 -48.40
CA ILE TB 52 -55.04 -64.28 -49.65
C ILE TB 52 -55.55 -63.06 -50.41
N ARG TB 53 -56.16 -62.10 -49.70
CA ARG TB 53 -56.69 -60.92 -50.35
C ARG TB 53 -55.56 -60.05 -50.91
N LYS TB 54 -54.44 -59.96 -50.19
CA LYS TB 54 -53.30 -59.19 -50.70
C LYS TB 54 -52.72 -59.86 -51.94
N ALA TB 55 -52.65 -61.19 -51.95
CA ALA TB 55 -52.22 -61.89 -53.15
C ALA TB 55 -53.16 -61.63 -54.33
N ALA TB 56 -54.47 -61.65 -54.07
CA ALA TB 56 -55.44 -61.39 -55.13
C ALA TB 56 -55.29 -59.97 -55.65
N ARG TB 57 -55.08 -59.00 -54.76
CA ARG TB 57 -54.91 -57.61 -55.17
C ARG TB 57 -53.63 -57.44 -55.99
N GLU TB 58 -52.56 -58.12 -55.59
CA GLU TB 58 -51.32 -58.06 -56.35
C GLU TB 58 -51.51 -58.64 -57.75
N LEU TB 59 -52.23 -59.77 -57.84
CA LEU TB 59 -52.51 -60.35 -59.15
C LEU TB 59 -53.36 -59.42 -60.01
N LEU TB 60 -54.37 -58.79 -59.40
CA LEU TB 60 -55.25 -57.91 -60.14
C LEU TB 60 -54.55 -56.64 -60.60
N THR TB 61 -53.54 -56.18 -59.84
CA THR TB 61 -52.79 -55.02 -60.26
C THR TB 61 -51.98 -55.31 -61.53
N LEU TB 62 -51.50 -56.53 -61.68
CA LEU TB 62 -50.80 -56.91 -62.91
C LEU TB 62 -51.78 -56.93 -64.09
N ASP TB 63 -51.21 -56.88 -65.30
CA ASP TB 63 -52.01 -56.92 -66.51
C ASP TB 63 -52.62 -58.29 -66.70
N GLU TB 64 -53.81 -58.31 -67.31
CA GLU TB 64 -54.43 -59.56 -67.72
C GLU TB 64 -53.58 -60.25 -68.77
N LYS TB 65 -53.79 -61.58 -68.89
CA LYS TB 65 -53.12 -62.51 -69.80
C LYS TB 65 -51.60 -62.57 -69.57
N ASP TB 66 -51.11 -61.95 -68.51
CA ASP TB 66 -49.77 -62.22 -68.03
C ASP TB 66 -49.74 -63.67 -67.54
N PRO TB 67 -48.86 -64.53 -68.06
CA PRO TB 67 -48.91 -65.94 -67.67
C PRO TB 67 -48.76 -66.18 -66.18
N ARG TB 68 -47.94 -65.38 -65.49
CA ARG TB 68 -47.86 -65.50 -64.04
C ARG TB 68 -49.20 -65.21 -63.39
N ARG TB 69 -49.88 -64.16 -63.86
CA ARG TB 69 -51.19 -63.82 -63.31
C ARG TB 69 -52.21 -64.92 -63.56
N LEU TB 70 -52.22 -65.49 -64.77
CA LEU TB 70 -53.19 -66.53 -65.09
C LEU TB 70 -52.94 -67.79 -64.26
N PHE TB 71 -51.69 -68.25 -64.21
CA PHE TB 71 -51.37 -69.45 -63.45
C PHE TB 71 -51.67 -69.27 -61.97
N GLU TB 72 -51.26 -68.14 -61.40
CA GLU TB 72 -51.48 -67.90 -59.98
C GLU TB 72 -52.96 -67.75 -59.67
N GLY TB 73 -53.72 -67.08 -60.53
CA GLY TB 73 -55.15 -66.96 -60.31
C GLY TB 73 -55.86 -68.29 -60.37
N ASN TB 74 -55.49 -69.14 -61.33
CA ASN TB 74 -56.10 -70.46 -61.40
C ASN TB 74 -55.75 -71.30 -60.17
N ALA TB 75 -54.48 -71.21 -59.72
CA ALA TB 75 -54.08 -71.96 -58.54
C ALA TB 75 -54.85 -71.51 -57.30
N LEU TB 76 -54.98 -70.19 -57.12
CA LEU TB 76 -55.73 -69.66 -55.99
C LEU TB 76 -57.20 -70.08 -56.05
N LEU TB 77 -57.81 -69.99 -57.24
CA LEU TB 77 -59.20 -70.40 -57.38
C LEU TB 77 -59.37 -71.88 -57.05
N ARG TB 78 -58.47 -72.72 -57.53
CA ARG TB 78 -58.56 -74.15 -57.27
C ARG TB 78 -58.44 -74.44 -55.78
N ARG TB 79 -57.50 -73.78 -55.11
CA ARG TB 79 -57.33 -74.03 -53.67
C ARG TB 79 -58.55 -73.57 -52.89
N LEU TB 80 -59.07 -72.38 -53.19
CA LEU TB 80 -60.20 -71.88 -52.44
C LEU TB 80 -61.51 -72.60 -52.75
N VAL TB 81 -61.62 -73.26 -53.91
CA VAL TB 81 -62.80 -74.09 -54.14
C VAL TB 81 -62.62 -75.49 -53.59
N ARG TB 82 -61.37 -75.97 -53.45
CA ARG TB 82 -61.16 -77.21 -52.73
C ARG TB 82 -61.49 -77.04 -51.26
N ILE TB 83 -61.14 -75.88 -50.68
CA ILE TB 83 -61.58 -75.59 -49.33
C ILE TB 83 -63.10 -75.44 -49.28
N GLY TB 84 -63.71 -74.97 -50.36
CA GLY TB 84 -65.14 -74.90 -50.47
C GLY TB 84 -65.77 -73.59 -50.03
N VAL TB 85 -64.99 -72.66 -49.47
CA VAL TB 85 -65.53 -71.35 -49.14
C VAL TB 85 -65.97 -70.59 -50.38
N LEU TB 86 -65.37 -70.90 -51.53
CA LEU TB 86 -65.72 -70.26 -52.79
C LEU TB 86 -66.58 -71.20 -53.63
N ASP TB 87 -67.67 -70.67 -54.17
CA ASP TB 87 -68.50 -71.44 -55.08
C ASP TB 87 -67.72 -71.72 -56.36
N GLU TB 88 -67.88 -72.94 -56.87
CA GLU TB 88 -67.09 -73.40 -58.01
C GLU TB 88 -67.45 -72.64 -59.28
N GLY TB 89 -68.61 -71.99 -59.32
CA GLY TB 89 -68.99 -71.13 -60.44
C GLY TB 89 -68.55 -69.69 -60.31
N LYS TB 90 -67.86 -69.34 -59.23
CA LYS TB 90 -67.32 -67.99 -59.04
C LYS TB 90 -65.86 -67.97 -59.47
N MET TB 91 -65.67 -68.12 -60.78
CA MET TB 91 -64.33 -68.24 -61.35
C MET TB 91 -63.77 -66.86 -61.76
N LYS TB 92 -63.73 -65.96 -60.77
CA LYS TB 92 -63.11 -64.66 -60.92
C LYS TB 92 -62.31 -64.34 -59.67
N LEU TB 93 -61.17 -63.68 -59.86
CA LEU TB 93 -60.38 -63.21 -58.72
C LEU TB 93 -61.06 -62.06 -57.99
N ASP TB 94 -62.13 -61.51 -58.56
CA ASP TB 94 -62.82 -60.39 -57.92
C ASP TB 94 -63.53 -60.83 -56.65
N TYR TB 95 -64.26 -61.95 -56.72
CA TYR TB 95 -65.02 -62.42 -55.57
C TYR TB 95 -64.15 -62.95 -54.45
N ILE TB 96 -62.84 -63.12 -54.70
CA ILE TB 96 -61.92 -63.42 -53.61
C ILE TB 96 -61.92 -62.29 -52.59
N LEU TB 97 -61.88 -61.05 -53.08
CA LEU TB 97 -62.01 -59.90 -52.18
C LEU TB 97 -63.41 -59.83 -51.57
N GLY TB 98 -64.39 -60.44 -52.22
CA GLY TB 98 -65.76 -60.43 -51.76
C GLY TB 98 -66.09 -61.46 -50.69
N LEU TB 99 -65.15 -62.32 -50.32
CA LEU TB 99 -65.41 -63.27 -49.26
C LEU TB 99 -65.42 -62.58 -47.90
N LYS TB 100 -65.89 -63.31 -46.90
CA LYS TB 100 -65.96 -62.81 -45.54
C LYS TB 100 -65.20 -63.74 -44.61
N ILE TB 101 -64.81 -63.21 -43.46
CA ILE TB 101 -63.99 -63.97 -42.51
C ILE TB 101 -64.77 -65.16 -41.97
N GLU TB 102 -66.08 -65.04 -41.85
CA GLU TB 102 -66.89 -66.14 -41.33
C GLU TB 102 -66.99 -67.30 -42.29
N ASP TB 103 -66.73 -67.08 -43.58
CA ASP TB 103 -66.78 -68.16 -44.55
C ASP TB 103 -65.71 -69.21 -44.27
N PHE TB 104 -64.51 -68.77 -43.89
CA PHE TB 104 -63.44 -69.71 -43.56
C PHE TB 104 -63.80 -70.53 -42.33
N LEU TB 105 -64.42 -69.90 -41.33
CA LEU TB 105 -64.73 -70.61 -40.10
C LEU TB 105 -65.78 -71.69 -40.32
N GLU TB 106 -66.58 -71.58 -41.38
CA GLU TB 106 -67.59 -72.59 -41.64
C GLU TB 106 -66.98 -73.92 -42.04
N ARG TB 107 -65.82 -73.89 -42.68
CA ARG TB 107 -65.12 -75.11 -43.08
C ARG TB 107 -64.23 -75.67 -41.98
N ARG TB 108 -64.18 -75.03 -40.81
CA ARG TB 108 -63.44 -75.59 -39.70
C ARG TB 108 -64.08 -76.91 -39.27
N LEU TB 109 -63.25 -77.85 -38.80
CA LEU TB 109 -63.75 -79.14 -38.38
C LEU TB 109 -64.74 -79.02 -37.22
N GLN TB 110 -64.44 -78.13 -36.26
CA GLN TB 110 -65.29 -77.96 -35.10
C GLN TB 110 -66.69 -77.52 -35.49
N THR TB 111 -66.78 -76.57 -36.42
CA THR TB 111 -68.09 -76.14 -36.88
C THR TB 111 -68.73 -77.19 -37.78
N GLN TB 112 -67.93 -77.88 -38.60
CA GLN TB 112 -68.49 -78.80 -39.59
C GLN TB 112 -69.13 -80.02 -38.94
N VAL TB 113 -68.47 -80.59 -37.92
CA VAL TB 113 -69.06 -81.76 -37.26
C VAL TB 113 -70.33 -81.38 -36.53
N PHE TB 114 -70.40 -80.19 -35.96
CA PHE TB 114 -71.63 -79.71 -35.34
C PHE TB 114 -72.71 -79.45 -36.39
N LYS TB 115 -72.31 -79.00 -37.58
CA LYS TB 115 -73.25 -78.84 -38.68
C LYS TB 115 -73.85 -80.17 -39.09
N LEU TB 116 -73.02 -81.21 -39.16
CA LEU TB 116 -73.52 -82.53 -39.53
C LEU TB 116 -74.37 -83.15 -38.43
N GLY TB 117 -74.24 -82.65 -37.19
CA GLY TB 117 -75.05 -83.13 -36.10
C GLY TB 117 -74.37 -84.06 -35.12
N LEU TB 118 -73.07 -84.31 -35.28
CA LEU TB 118 -72.36 -85.18 -34.34
C LEU TB 118 -72.22 -84.54 -32.97
N ALA TB 119 -72.41 -83.23 -32.86
CA ALA TB 119 -72.28 -82.52 -31.60
C ALA TB 119 -73.57 -81.78 -31.29
N LYS TB 120 -73.92 -81.75 -29.99
CA LYS TB 120 -75.08 -80.99 -29.56
C LYS TB 120 -74.79 -79.50 -29.51
N SER TB 121 -73.56 -79.13 -29.17
CA SER TB 121 -73.16 -77.72 -29.17
C SER TB 121 -71.79 -77.59 -29.84
N ILE TB 122 -71.41 -76.35 -30.11
CA ILE TB 122 -70.11 -76.10 -30.75
C ILE TB 122 -68.97 -76.41 -29.79
N HIS TB 123 -69.11 -76.01 -28.52
CA HIS TB 123 -68.13 -76.39 -27.52
C HIS TB 123 -68.09 -77.90 -27.33
N HIS TB 124 -69.25 -78.55 -27.45
CA HIS TB 124 -69.30 -80.00 -27.45
C HIS TB 124 -68.47 -80.56 -28.60
N ALA TB 125 -68.56 -79.94 -29.77
CA ALA TB 125 -67.74 -80.38 -30.90
C ALA TB 125 -66.27 -80.23 -30.61
N ARG TB 126 -65.87 -79.10 -30.02
CA ARG TB 126 -64.45 -78.89 -29.73
C ARG TB 126 -63.94 -79.91 -28.72
N VAL TB 127 -64.70 -80.15 -27.65
CA VAL TB 127 -64.23 -81.08 -26.64
C VAL TB 127 -64.25 -82.51 -27.15
N LEU TB 128 -65.20 -82.86 -28.02
CA LEU TB 128 -65.24 -84.22 -28.55
C LEU TB 128 -64.14 -84.45 -29.58
N ILE TB 129 -63.76 -83.42 -30.33
CA ILE TB 129 -62.60 -83.54 -31.21
C ILE TB 129 -61.33 -83.68 -30.38
N ARG TB 130 -61.22 -82.91 -29.31
CA ARG TB 130 -60.03 -82.96 -28.47
C ARG TB 130 -59.84 -84.34 -27.85
N GLN TB 131 -60.93 -85.01 -27.50
CA GLN TB 131 -60.88 -86.31 -26.84
C GLN TB 131 -60.86 -87.47 -27.83
N ARG TB 132 -60.51 -87.22 -29.10
CA ARG TB 132 -60.32 -88.25 -30.11
C ARG TB 132 -61.61 -89.05 -30.35
N HIS TB 133 -62.64 -88.34 -30.80
CA HIS TB 133 -63.89 -88.99 -31.17
C HIS TB 133 -64.30 -88.77 -32.60
N ILE TB 134 -63.66 -87.86 -33.33
CA ILE TB 134 -64.04 -87.52 -34.69
C ILE TB 134 -62.86 -87.80 -35.61
N ARG TB 135 -63.11 -88.58 -36.66
CA ARG TB 135 -62.09 -88.94 -37.63
C ARG TB 135 -62.52 -88.48 -39.01
N VAL TB 136 -61.53 -88.27 -39.88
CA VAL TB 136 -61.77 -87.93 -41.28
C VAL TB 136 -61.22 -89.07 -42.13
N ARG TB 137 -62.07 -89.60 -43.01
CA ARG TB 137 -61.81 -90.82 -43.77
C ARG TB 137 -61.47 -91.96 -42.82
N LYS TB 138 -60.20 -92.29 -42.71
CA LYS TB 138 -59.75 -93.32 -41.77
C LYS TB 138 -58.85 -92.79 -40.67
N GLN TB 139 -58.08 -91.75 -40.93
CA GLN TB 139 -57.24 -91.15 -39.90
C GLN TB 139 -58.11 -90.36 -38.91
N VAL TB 140 -57.70 -90.36 -37.65
CA VAL TB 140 -58.42 -89.61 -36.63
C VAL TB 140 -57.79 -88.23 -36.47
N VAL TB 141 -58.62 -87.23 -36.21
CA VAL TB 141 -58.18 -85.85 -36.05
C VAL TB 141 -58.53 -85.38 -34.66
N ASN TB 142 -57.53 -84.91 -33.91
CA ASN TB 142 -57.73 -84.30 -32.61
C ASN TB 142 -57.57 -82.79 -32.65
N ILE TB 143 -57.41 -82.21 -33.85
CA ILE TB 143 -57.18 -80.78 -34.01
C ILE TB 143 -58.50 -80.14 -34.43
N PRO TB 144 -59.08 -79.25 -33.64
CA PRO TB 144 -60.35 -78.61 -34.04
C PRO TB 144 -60.24 -77.78 -35.30
N SER TB 145 -59.10 -77.14 -35.53
CA SER TB 145 -58.90 -76.24 -36.66
C SER TB 145 -58.60 -76.98 -37.96
N PHE TB 146 -58.86 -78.29 -38.00
CA PHE TB 146 -58.63 -79.04 -39.22
C PHE TB 146 -59.55 -78.52 -40.32
N ILE TB 147 -58.95 -77.90 -41.33
CA ILE TB 147 -59.70 -77.34 -42.44
C ILE TB 147 -60.24 -78.48 -43.28
N VAL TB 148 -61.54 -78.48 -43.51
CA VAL TB 148 -62.22 -79.57 -44.19
C VAL TB 148 -62.39 -79.17 -45.65
N ARG TB 149 -61.88 -80.01 -46.55
CA ARG TB 149 -62.07 -79.77 -47.97
C ARG TB 149 -63.37 -80.42 -48.45
N LEU TB 150 -63.76 -80.09 -49.68
CA LEU TB 150 -65.01 -80.60 -50.22
C LEU TB 150 -64.94 -82.09 -50.53
N ASP TB 151 -63.75 -82.59 -50.88
CA ASP TB 151 -63.63 -84.00 -51.28
C ASP TB 151 -63.83 -84.94 -50.08
N SER TB 152 -63.49 -84.47 -48.88
CA SER TB 152 -63.52 -85.31 -47.69
C SER TB 152 -64.57 -84.88 -46.68
N GLN TB 153 -65.43 -83.91 -47.02
CA GLN TB 153 -66.40 -83.39 -46.06
C GLN TB 153 -67.47 -84.44 -45.74
N LYS TB 154 -67.66 -85.43 -46.60
CA LYS TB 154 -68.59 -86.52 -46.34
C LYS TB 154 -67.97 -87.66 -45.56
N HIS TB 155 -66.67 -87.59 -45.28
CA HIS TB 155 -65.95 -88.63 -44.57
C HIS TB 155 -65.72 -88.31 -43.10
N ILE TB 156 -66.32 -87.25 -42.58
CA ILE TB 156 -66.26 -86.98 -41.16
C ILE TB 156 -67.22 -87.93 -40.43
N ASP TB 157 -66.68 -88.72 -39.51
CA ASP TB 157 -67.45 -89.78 -38.88
C ASP TB 157 -66.81 -90.11 -37.53
N PHE TB 158 -67.58 -90.77 -36.68
CA PHE TB 158 -67.09 -91.14 -35.36
C PHE TB 158 -65.98 -92.17 -35.48
N SER TB 159 -64.98 -92.05 -34.61
CA SER TB 159 -63.85 -92.97 -34.62
C SER TB 159 -64.29 -94.37 -34.23
N LEU TB 160 -63.57 -95.37 -34.74
CA LEU TB 160 -63.89 -96.75 -34.40
C LEU TB 160 -63.60 -97.05 -32.94
N ARG TB 161 -62.58 -96.40 -32.37
CA ARG TB 161 -62.21 -96.60 -30.98
C ARG TB 161 -63.00 -95.72 -30.02
N SER TB 162 -63.70 -94.71 -30.51
CA SER TB 162 -64.51 -93.88 -29.64
C SER TB 162 -65.75 -94.65 -29.20
N PRO TB 163 -66.28 -94.36 -28.01
CA PRO TB 163 -67.48 -95.06 -27.56
C PRO TB 163 -68.75 -94.47 -28.13
N TYR TB 164 -68.73 -94.11 -29.41
CA TYR TB 164 -69.92 -93.66 -30.12
C TYR TB 164 -70.13 -94.35 -31.45
N GLY TB 165 -69.08 -94.85 -32.09
CA GLY TB 165 -69.19 -95.66 -33.28
C GLY TB 165 -69.00 -97.11 -32.92
N GLY TB 166 -67.79 -97.63 -33.09
CA GLY TB 166 -67.44 -98.96 -32.63
C GLY TB 166 -67.50 -99.08 -31.12
N GLY TB 167 -67.05 -100.24 -30.64
CA GLY TB 167 -67.20 -100.59 -29.25
C GLY TB 167 -66.24 -99.90 -28.29
N ARG TB 168 -65.81 -100.64 -27.26
CA ARG TB 168 -64.94 -100.16 -26.20
C ARG TB 168 -65.54 -98.94 -25.52
N PRO TB 169 -66.58 -99.12 -24.69
CA PRO TB 169 -67.19 -97.99 -24.01
C PRO TB 169 -66.22 -97.34 -23.02
N GLY TB 170 -66.54 -96.09 -22.67
CA GLY TB 170 -65.64 -95.25 -21.91
C GLY TB 170 -65.44 -95.73 -20.49
N ARG TB 171 -64.55 -95.02 -19.78
CA ARG TB 171 -64.08 -95.51 -18.49
C ARG TB 171 -65.12 -95.35 -17.40
N VAL TB 172 -66.00 -94.34 -17.48
CA VAL TB 172 -67.01 -94.19 -16.45
C VAL TB 172 -68.04 -95.31 -16.52
N LYS TB 173 -68.39 -95.75 -17.73
CA LYS TB 173 -69.26 -96.93 -17.84
C LYS TB 173 -68.61 -98.15 -17.20
N ARG TB 174 -67.33 -98.37 -17.47
CA ARG TB 174 -66.67 -99.55 -16.92
C ARG TB 174 -66.59 -99.48 -15.40
N LYS TB 175 -66.26 -98.30 -14.86
CA LYS TB 175 -66.18 -98.11 -13.42
C LYS TB 175 -67.54 -98.33 -12.76
N ASN TB 176 -68.59 -97.72 -13.32
CA ASN TB 176 -69.92 -97.85 -12.76
C ASN TB 176 -70.44 -99.29 -12.88
N ALA TB 177 -70.15 -99.95 -14.01
CA ALA TB 177 -70.56 -101.33 -14.19
C ALA TB 177 -69.85 -102.26 -13.21
N LYS TB 178 -68.55 -102.02 -12.99
CA LYS TB 178 -67.82 -102.78 -11.98
C LYS TB 178 -68.42 -102.58 -10.60
N LYS TB 179 -68.73 -101.33 -10.24
CA LYS TB 179 -69.34 -101.06 -8.95
C LYS TB 179 -70.71 -101.73 -8.83
N GLY TB 180 -71.50 -101.69 -9.90
CA GLY TB 180 -72.82 -102.29 -9.86
C GLY TB 180 -72.77 -103.80 -9.75
N GLN TB 181 -71.84 -104.45 -10.45
CA GLN TB 181 -71.73 -105.90 -10.36
C GLN TB 181 -71.03 -106.36 -9.10
N GLY TB 182 -70.26 -105.49 -8.44
CA GLY TB 182 -69.64 -105.85 -7.19
C GLY TB 182 -70.50 -105.54 -5.98
N GLY TB 183 -71.48 -104.65 -6.14
CA GLY TB 183 -72.36 -104.31 -5.04
C GLY TB 183 -73.56 -105.23 -4.91
N ALA TB 184 -74.37 -105.30 -5.96
CA ALA TB 184 -75.56 -106.15 -6.00
C ALA TB 184 -75.42 -107.16 -7.13
N GLY TB 185 -75.45 -108.44 -6.77
CA GLY TB 185 -75.31 -109.50 -7.76
C GLY TB 185 -76.48 -109.59 -8.72
N ALA UB 1 13.79 -36.66 -82.50
CA ALA UB 1 15.22 -36.88 -82.34
C ALA UB 1 15.57 -38.34 -82.57
N ASP UB 2 16.83 -38.69 -82.31
CA ASP UB 2 17.28 -40.07 -82.45
C ASP UB 2 16.74 -40.92 -81.30
N ILE UB 3 16.90 -42.24 -81.44
CA ILE UB 3 16.26 -43.19 -80.56
C ILE UB 3 17.14 -43.64 -79.39
N GLN UB 4 18.46 -43.45 -79.50
CA GLN UB 4 19.37 -43.87 -78.43
C GLN UB 4 19.60 -42.70 -77.49
N THR UB 5 18.60 -42.47 -76.62
CA THR UB 5 18.64 -41.41 -75.64
C THR UB 5 18.89 -41.92 -74.23
N GLU UB 6 19.36 -43.15 -74.09
CA GLU UB 6 19.46 -43.80 -72.79
C GLU UB 6 20.71 -44.65 -72.77
N ARG UB 7 21.06 -45.15 -71.57
CA ARG UB 7 22.29 -45.92 -71.39
C ARG UB 7 22.30 -47.19 -72.23
N ALA UB 8 21.18 -47.91 -72.28
CA ALA UB 8 21.11 -49.15 -73.01
C ALA UB 8 20.75 -48.90 -74.48
N TYR UB 9 20.83 -49.97 -75.27
CA TYR UB 9 20.55 -49.92 -76.70
C TYR UB 9 19.10 -50.33 -76.92
N GLN UB 10 18.30 -49.41 -77.46
CA GLN UB 10 16.87 -49.63 -77.61
C GLN UB 10 16.58 -50.21 -78.99
N LYS UB 11 16.05 -51.43 -79.00
CA LYS UB 11 15.74 -52.14 -80.24
C LYS UB 11 14.61 -53.12 -79.98
N GLN UB 12 13.93 -53.52 -81.05
CA GLN UB 12 12.92 -54.56 -80.90
C GLN UB 12 13.60 -55.92 -80.79
N PRO UB 13 13.08 -56.80 -79.92
CA PRO UB 13 13.73 -58.11 -79.75
C PRO UB 13 13.53 -59.04 -80.92
N THR UB 14 12.60 -58.74 -81.82
CA THR UB 14 12.28 -59.68 -82.89
C THR UB 14 13.24 -59.54 -84.06
N ILE UB 15 13.38 -58.34 -84.61
CA ILE UB 15 14.15 -58.13 -85.82
C ILE UB 15 15.64 -58.27 -85.51
N PHE UB 16 16.33 -59.08 -86.31
CA PHE UB 16 17.77 -59.28 -86.18
C PHE UB 16 18.49 -58.30 -87.09
N GLN UB 17 19.24 -57.38 -86.49
CA GLN UB 17 19.75 -56.21 -87.21
C GLN UB 17 20.99 -56.53 -88.03
N ASN UB 18 21.80 -57.49 -87.57
CA ASN UB 18 23.06 -57.82 -88.23
C ASN UB 18 22.86 -59.01 -89.16
N LYS UB 19 22.10 -58.79 -90.23
CA LYS UB 19 21.66 -59.87 -91.10
C LYS UB 19 22.68 -60.16 -92.21
N LYS UB 20 23.94 -60.31 -91.76
CA LYS UB 20 25.06 -60.73 -92.61
C LYS UB 20 25.26 -59.75 -93.78
N ARG UB 21 25.67 -58.54 -93.41
CA ARG UB 21 26.03 -57.51 -94.38
C ARG UB 21 27.12 -58.00 -95.32
N VAL UB 22 26.78 -58.15 -96.60
CA VAL UB 22 27.69 -58.71 -97.59
C VAL UB 22 27.67 -57.88 -98.87
N LEU UB 23 28.40 -58.35 -99.88
CA LEU UB 23 28.49 -57.61 -101.14
C LEU UB 23 27.13 -57.54 -101.85
N LEU UB 24 26.37 -58.64 -101.84
CA LEU UB 24 25.13 -58.68 -102.58
C LEU UB 24 24.10 -57.69 -102.03
N GLY UB 25 24.23 -57.30 -100.77
CA GLY UB 25 23.42 -56.23 -100.24
C GLY UB 25 24.00 -54.87 -100.57
N GLU UB 26 23.30 -54.11 -101.40
CA GLU UB 26 23.77 -52.80 -101.84
C GLU UB 26 23.63 -51.82 -100.68
N THR UB 27 24.75 -51.53 -100.02
CA THR UB 27 24.77 -50.63 -98.87
C THR UB 27 25.45 -49.33 -99.26
N GLY UB 28 24.75 -48.21 -99.12
CA GLY UB 28 23.37 -48.21 -98.65
C GLY UB 28 22.38 -48.02 -99.79
N LYS UB 29 21.11 -47.81 -99.44
CA LYS UB 29 20.66 -47.74 -98.05
C LYS UB 29 19.62 -48.81 -97.74
N GLU UB 30 19.80 -49.50 -96.62
CA GLU UB 30 18.90 -50.56 -96.18
C GLU UB 30 18.20 -50.11 -94.90
N LYS UB 31 16.97 -49.65 -95.04
CA LYS UB 31 16.13 -49.35 -93.87
C LYS UB 31 15.87 -50.63 -93.08
N LEU UB 32 16.05 -50.54 -91.77
CA LEU UB 32 15.83 -51.69 -90.91
C LEU UB 32 14.35 -52.05 -90.92
N PRO UB 33 13.99 -53.31 -91.15
CA PRO UB 33 12.57 -53.68 -91.17
C PRO UB 33 11.90 -53.41 -89.83
N ARG UB 34 10.66 -52.91 -89.90
CA ARG UB 34 9.93 -52.49 -88.72
C ARG UB 34 8.92 -53.57 -88.34
N TYR UB 35 9.07 -54.09 -87.13
CA TYR UB 35 8.11 -55.05 -86.60
C TYR UB 35 6.87 -54.32 -86.10
N TYR UB 36 5.71 -54.92 -86.38
CA TYR UB 36 4.44 -54.45 -85.83
C TYR UB 36 3.48 -55.62 -85.87
N LYS UB 37 2.28 -55.39 -85.35
CA LYS UB 37 1.25 -56.43 -85.38
C LYS UB 37 -0.13 -55.80 -85.38
N ASN UB 38 -1.07 -56.49 -86.01
CA ASN UB 38 -2.47 -56.10 -85.95
C ASN UB 38 -3.08 -56.65 -84.67
N ILE UB 39 -3.71 -55.77 -83.88
CA ILE UB 39 -4.35 -56.17 -82.65
C ILE UB 39 -5.71 -56.81 -82.90
N GLY UB 40 -6.31 -56.59 -84.05
CA GLY UB 40 -7.63 -57.13 -84.24
C GLY UB 40 -8.66 -56.26 -83.53
N LEU UB 41 -9.84 -56.86 -83.33
CA LEU UB 41 -11.01 -56.15 -82.81
C LEU UB 41 -11.36 -54.94 -83.68
N GLY UB 42 -11.05 -55.03 -84.97
CA GLY UB 42 -11.32 -53.95 -85.90
C GLY UB 42 -10.42 -52.76 -85.78
N PHE UB 43 -9.33 -52.84 -85.01
CA PHE UB 43 -8.45 -51.71 -84.81
C PHE UB 43 -7.32 -51.74 -85.83
N LYS UB 44 -7.17 -50.66 -86.59
CA LYS UB 44 -6.11 -50.57 -87.58
C LYS UB 44 -4.90 -49.86 -86.99
N THR UB 45 -3.73 -50.29 -87.43
CA THR UB 45 -2.49 -49.67 -86.99
C THR UB 45 -2.27 -48.36 -87.75
N PRO UB 46 -1.70 -47.34 -87.11
CA PRO UB 46 -1.41 -46.11 -87.83
C PRO UB 46 -0.23 -46.27 -88.77
N LYS UB 47 -0.16 -45.38 -89.76
CA LYS UB 47 0.96 -45.41 -90.70
C LYS UB 47 2.28 -45.10 -90.00
N GLU UB 48 2.23 -44.34 -88.92
CA GLU UB 48 3.44 -44.04 -88.16
C GLU UB 48 4.06 -45.30 -87.56
N ALA UB 49 3.22 -46.20 -87.03
CA ALA UB 49 3.73 -47.42 -86.44
C ALA UB 49 4.33 -48.36 -87.47
N ILE UB 50 4.05 -48.13 -88.76
CA ILE UB 50 4.57 -49.02 -89.80
C ILE UB 50 5.93 -48.57 -90.28
N GLU UB 51 6.07 -47.28 -90.60
CA GLU UB 51 7.33 -46.76 -91.11
C GLU UB 51 7.92 -45.71 -90.18
N GLY UB 52 7.88 -45.97 -88.87
CA GLY UB 52 8.43 -45.07 -87.89
C GLY UB 52 9.80 -45.52 -87.39
N THR UB 53 10.34 -44.74 -86.46
CA THR UB 53 11.64 -45.02 -85.88
C THR UB 53 11.60 -45.27 -84.37
N TYR UB 54 10.56 -44.85 -83.68
CA TYR UB 54 10.50 -44.97 -82.24
C TYR UB 54 10.44 -46.44 -81.82
N ILE UB 55 10.89 -46.69 -80.60
CA ILE UB 55 10.91 -48.04 -80.03
C ILE UB 55 10.16 -47.99 -78.71
N ASP UB 56 9.23 -48.92 -78.51
CA ASP UB 56 8.42 -48.94 -77.30
C ASP UB 56 7.86 -50.34 -77.11
N LYS UB 57 8.30 -51.03 -76.04
CA LYS UB 57 7.80 -52.37 -75.77
C LYS UB 57 6.39 -52.36 -75.23
N LYS UB 58 5.96 -51.25 -74.63
CA LYS UB 58 4.58 -51.10 -74.18
C LYS UB 58 3.67 -50.52 -75.26
N CYS UB 59 4.21 -50.24 -76.44
CA CYS UB 59 3.38 -49.78 -77.54
C CYS UB 59 2.41 -50.88 -77.94
N PRO UB 60 1.13 -50.56 -78.16
CA PRO UB 60 0.17 -51.61 -78.51
C PRO UB 60 0.50 -52.34 -79.80
N PHE UB 61 1.19 -51.69 -80.73
CA PHE UB 61 1.39 -52.21 -82.06
C PHE UB 61 2.80 -52.72 -82.33
N THR UB 62 3.82 -52.08 -81.76
CA THR UB 62 5.20 -52.44 -82.05
C THR UB 62 5.88 -53.15 -80.88
N GLY UB 63 5.21 -53.25 -79.73
CA GLY UB 63 5.82 -53.81 -78.53
C GLY UB 63 5.21 -55.15 -78.15
N ASN UB 64 5.76 -55.74 -77.10
CA ASN UB 64 5.29 -57.02 -76.58
C ASN UB 64 4.19 -56.78 -75.55
N VAL UB 65 3.04 -56.32 -76.03
CA VAL UB 65 1.88 -56.13 -75.19
C VAL UB 65 0.65 -56.63 -75.94
N SER UB 66 -0.24 -57.31 -75.22
CA SER UB 66 -1.46 -57.85 -75.79
C SER UB 66 -2.65 -57.30 -75.02
N ILE UB 67 -3.62 -56.77 -75.74
CA ILE UB 67 -4.79 -56.15 -75.12
C ILE UB 67 -5.87 -57.20 -75.00
N ARG UB 68 -6.70 -57.08 -73.95
CA ARG UB 68 -7.73 -58.06 -73.66
C ARG UB 68 -8.65 -57.53 -72.58
N GLY UB 69 -9.94 -57.86 -72.69
CA GLY UB 69 -10.90 -57.54 -71.66
C GLY UB 69 -11.87 -56.43 -71.99
N ARG UB 70 -11.79 -55.34 -71.23
CA ARG UB 70 -12.71 -54.22 -71.38
C ARG UB 70 -12.15 -53.19 -72.36
N ILE UB 71 -13.07 -52.45 -72.99
CA ILE UB 71 -12.74 -51.31 -73.82
C ILE UB 71 -13.57 -50.13 -73.35
N LEU UB 72 -12.92 -49.08 -72.88
CA LEU UB 72 -13.57 -47.87 -72.39
C LEU UB 72 -13.08 -46.68 -73.22
N SER UB 73 -13.49 -45.49 -72.80
CA SER UB 73 -13.06 -44.27 -73.47
C SER UB 73 -12.90 -43.16 -72.43
N GLY UB 74 -12.14 -42.13 -72.79
CA GLY UB 74 -11.93 -41.04 -71.87
C GLY UB 74 -11.37 -39.82 -72.57
N VAL UB 75 -11.44 -38.69 -71.88
CA VAL UB 75 -10.93 -37.42 -72.38
C VAL UB 75 -9.52 -37.23 -71.85
N VAL UB 76 -8.70 -36.52 -72.61
CA VAL UB 76 -7.34 -36.23 -72.19
C VAL UB 76 -7.37 -35.10 -71.17
N THR UB 77 -6.73 -35.30 -70.03
CA THR UB 77 -6.70 -34.33 -68.95
C THR UB 77 -5.35 -33.65 -68.81
N LYS UB 78 -4.26 -34.42 -68.79
CA LYS UB 78 -2.93 -33.87 -68.62
C LYS UB 78 -1.93 -34.77 -69.33
N MET UB 79 -0.89 -34.17 -69.91
CA MET UB 79 0.20 -34.90 -70.55
C MET UB 79 1.53 -34.47 -69.97
N LYS UB 80 1.56 -34.24 -68.67
CA LYS UB 80 2.80 -33.85 -68.02
C LYS UB 80 3.70 -35.03 -67.71
N MET UB 81 3.46 -36.17 -68.36
CA MET UB 81 4.24 -37.38 -68.18
C MET UB 81 4.78 -37.84 -69.52
N GLN UB 82 5.84 -38.64 -69.48
CA GLN UB 82 6.45 -39.16 -70.69
C GLN UB 82 5.92 -40.57 -70.97
N ARG UB 83 5.58 -40.82 -72.23
CA ARG UB 83 5.07 -42.10 -72.72
C ARG UB 83 3.75 -42.52 -72.07
N THR UB 84 3.12 -41.64 -71.30
CA THR UB 84 1.86 -41.94 -70.66
C THR UB 84 1.12 -40.65 -70.35
N ILE UB 85 -0.20 -40.72 -70.38
CA ILE UB 85 -1.05 -39.55 -70.18
C ILE UB 85 -2.10 -39.89 -69.14
N VAL UB 86 -2.65 -38.84 -68.52
CA VAL UB 86 -3.73 -38.97 -67.56
C VAL UB 86 -5.03 -38.64 -68.27
N ILE UB 87 -6.01 -39.52 -68.16
CA ILE UB 87 -7.31 -39.32 -68.78
C ILE UB 87 -8.38 -39.37 -67.70
N ARG UB 88 -9.57 -38.90 -68.06
CA ARG UB 88 -10.69 -38.77 -67.14
C ARG UB 88 -11.93 -39.37 -67.75
N ARG UB 89 -12.59 -40.26 -67.01
CA ARG UB 89 -13.88 -40.80 -67.40
C ARG UB 89 -14.97 -40.19 -66.54
N ASP UB 90 -15.99 -39.65 -67.19
CA ASP UB 90 -17.15 -39.08 -66.51
C ASP UB 90 -18.31 -40.07 -66.64
N TYR UB 91 -19.02 -40.29 -65.55
CA TYR UB 91 -20.17 -41.19 -65.58
C TYR UB 91 -21.16 -40.77 -64.51
N LEU UB 92 -22.40 -41.23 -64.68
CA LEU UB 92 -23.51 -40.90 -63.81
C LEU UB 92 -23.79 -42.08 -62.88
N HIS UB 93 -23.80 -41.83 -61.58
CA HIS UB 93 -24.06 -42.87 -60.59
C HIS UB 93 -25.45 -42.70 -60.02
N TYR UB 94 -26.25 -43.76 -60.08
CA TYR UB 94 -27.67 -43.71 -59.76
C TYR UB 94 -27.89 -44.20 -58.33
N ILE UB 95 -28.72 -43.49 -57.59
CA ILE UB 95 -29.12 -43.92 -56.25
C ILE UB 95 -30.64 -44.03 -56.19
N ARG UB 96 -31.11 -45.06 -55.49
CA ARG UB 96 -32.51 -45.44 -55.54
C ARG UB 96 -33.42 -44.50 -54.76
N LYS UB 97 -32.95 -43.92 -53.65
CA LYS UB 97 -33.84 -43.18 -52.77
C LYS UB 97 -34.35 -41.91 -53.43
N TYR UB 98 -33.45 -41.09 -53.97
CA TYR UB 98 -33.86 -39.82 -54.57
C TYR UB 98 -34.14 -39.92 -56.05
N ASN UB 99 -33.98 -41.10 -56.65
CA ASN UB 99 -34.33 -41.36 -58.05
C ASN UB 99 -33.58 -40.42 -59.00
N ARG UB 100 -32.35 -40.08 -58.62
CA ARG UB 100 -31.53 -39.15 -59.41
C ARG UB 100 -30.09 -39.65 -59.42
N PHE UB 101 -29.24 -38.92 -60.12
CA PHE UB 101 -27.87 -39.36 -60.42
C PHE UB 101 -26.84 -38.49 -59.70
N GLU UB 102 -25.58 -38.87 -59.88
CA GLU UB 102 -24.43 -38.12 -59.43
C GLU UB 102 -23.50 -37.88 -60.61
N LYS UB 103 -22.87 -36.72 -60.65
CA LYS UB 103 -21.83 -36.46 -61.65
C LYS UB 103 -20.51 -36.92 -61.04
N ARG UB 104 -20.08 -38.13 -61.36
CA ARG UB 104 -18.86 -38.69 -60.83
C ARG UB 104 -17.77 -38.66 -61.90
N HIS UB 105 -16.54 -38.92 -61.46
CA HIS UB 105 -15.40 -38.93 -62.36
C HIS UB 105 -14.31 -39.79 -61.75
N LYS UB 106 -13.46 -40.33 -62.62
CA LYS UB 106 -12.27 -41.04 -62.19
C LYS UB 106 -11.14 -40.76 -63.15
N ASN UB 107 -9.94 -40.57 -62.60
CA ASN UB 107 -8.74 -40.28 -63.37
C ASN UB 107 -7.86 -41.52 -63.34
N MET UB 108 -7.66 -42.15 -64.49
CA MET UB 108 -6.74 -43.26 -64.63
C MET UB 108 -5.68 -42.89 -65.65
N SER UB 109 -4.43 -43.23 -65.34
CA SER UB 109 -3.30 -42.95 -66.22
C SER UB 109 -3.13 -44.11 -67.19
N VAL UB 110 -3.16 -43.79 -68.47
CA VAL UB 110 -3.09 -44.80 -69.53
C VAL UB 110 -1.84 -44.54 -70.34
N HIS UB 111 -1.31 -45.60 -70.95
CA HIS UB 111 -0.12 -45.48 -71.76
C HIS UB 111 -0.45 -44.84 -73.10
N LEU UB 112 0.48 -44.04 -73.62
CA LEU UB 112 0.37 -43.43 -74.94
C LEU UB 112 1.67 -43.70 -75.70
N SER UB 113 1.58 -44.55 -76.72
CA SER UB 113 2.73 -44.78 -77.58
C SER UB 113 3.05 -43.51 -78.38
N PRO UB 114 4.33 -43.26 -78.65
CA PRO UB 114 4.68 -42.05 -79.40
C PRO UB 114 4.21 -42.06 -80.84
N CYS UB 115 3.63 -43.16 -81.34
CA CYS UB 115 3.09 -43.18 -82.69
C CYS UB 115 1.92 -42.23 -82.85
N PHE UB 116 1.29 -41.83 -81.76
CA PHE UB 116 0.22 -40.84 -81.77
C PHE UB 116 0.82 -39.50 -81.37
N ARG UB 117 0.93 -38.59 -82.33
CA ARG UB 117 1.57 -37.30 -82.11
C ARG UB 117 0.62 -36.13 -82.08
N ASP UB 118 -0.54 -36.23 -82.73
CA ASP UB 118 -1.47 -35.12 -82.84
C ASP UB 118 -2.58 -35.30 -81.81
N VAL UB 119 -2.28 -34.90 -80.58
CA VAL UB 119 -3.22 -35.01 -79.47
C VAL UB 119 -2.97 -33.86 -78.50
N GLN UB 120 -4.05 -33.25 -78.03
CA GLN UB 120 -4.01 -32.16 -77.06
C GLN UB 120 -4.87 -32.50 -75.86
N ILE UB 121 -5.13 -31.54 -74.99
CA ILE UB 121 -5.98 -31.77 -73.83
C ILE UB 121 -7.44 -31.69 -74.27
N GLY UB 122 -8.21 -32.73 -73.99
CA GLY UB 122 -9.62 -32.72 -74.30
C GLY UB 122 -10.06 -33.78 -75.29
N ASP UB 123 -9.09 -34.42 -75.94
CA ASP UB 123 -9.41 -35.37 -77.00
C ASP UB 123 -9.95 -36.68 -76.44
N ILE UB 124 -10.88 -37.27 -77.17
CA ILE UB 124 -11.45 -38.56 -76.81
C ILE UB 124 -10.53 -39.66 -77.30
N VAL UB 125 -10.22 -40.61 -76.42
CA VAL UB 125 -9.35 -41.72 -76.76
C VAL UB 125 -10.02 -43.03 -76.37
N THR UB 126 -9.95 -44.00 -77.27
CA THR UB 126 -10.42 -45.35 -77.02
C THR UB 126 -9.29 -46.10 -76.31
N VAL UB 127 -9.64 -46.85 -75.27
CA VAL UB 127 -8.64 -47.41 -74.37
C VAL UB 127 -9.09 -48.80 -73.94
N GLY UB 128 -8.12 -49.67 -73.63
CA GLY UB 128 -8.39 -51.00 -73.13
C GLY UB 128 -7.23 -51.48 -72.27
N GLU UB 129 -7.46 -52.55 -71.52
CA GLU UB 129 -6.49 -52.98 -70.53
C GLU UB 129 -5.60 -54.11 -71.04
N CYS UB 130 -4.37 -54.12 -70.53
CA CYS UB 130 -3.39 -55.17 -70.77
C CYS UB 130 -2.79 -55.55 -69.43
N ARG UB 131 -1.68 -56.28 -69.42
CA ARG UB 131 -0.98 -56.53 -68.18
C ARG UB 131 -0.50 -55.20 -67.59
N PRO UB 132 -0.44 -55.10 -66.27
CA PRO UB 132 -0.10 -53.82 -65.63
C PRO UB 132 1.30 -53.33 -65.97
N LEU UB 133 1.38 -52.26 -66.76
CA LEU UB 133 2.68 -51.73 -67.16
C LEU UB 133 3.45 -51.16 -65.99
N SER UB 134 2.76 -50.56 -65.03
CA SER UB 134 3.42 -49.95 -63.88
C SER UB 134 2.50 -50.12 -62.69
N LYS UB 135 2.77 -49.37 -61.62
CA LYS UB 135 2.06 -49.56 -60.37
C LYS UB 135 0.57 -49.27 -60.51
N THR UB 136 0.23 -48.18 -61.18
CA THR UB 136 -1.15 -47.75 -61.32
C THR UB 136 -1.62 -47.71 -62.77
N VAL UB 137 -0.85 -48.29 -63.69
CA VAL UB 137 -1.18 -48.28 -65.11
C VAL UB 137 -1.56 -49.69 -65.51
N ARG UB 138 -2.75 -49.83 -66.10
CA ARG UB 138 -3.18 -51.09 -66.66
C ARG UB 138 -3.79 -50.96 -68.05
N PHE UB 139 -4.06 -49.75 -68.50
CA PHE UB 139 -4.71 -49.51 -69.78
C PHE UB 139 -3.67 -49.14 -70.84
N ASN UB 140 -4.14 -48.92 -72.07
CA ASN UB 140 -3.29 -48.55 -73.18
C ASN UB 140 -4.17 -48.03 -74.31
N VAL UB 141 -3.83 -46.85 -74.84
CA VAL UB 141 -4.65 -46.24 -75.88
C VAL UB 141 -4.54 -47.06 -77.16
N LEU UB 142 -5.59 -46.98 -77.99
CA LEU UB 142 -5.62 -47.74 -79.24
C LEU UB 142 -6.02 -46.87 -80.41
N LYS UB 143 -6.78 -45.80 -80.16
CA LYS UB 143 -7.29 -44.96 -81.23
C LYS UB 143 -7.61 -43.58 -80.66
N VAL UB 144 -7.19 -42.55 -81.37
CA VAL UB 144 -7.34 -41.18 -80.90
C VAL UB 144 -8.26 -40.42 -81.85
N THR UB 145 -9.14 -39.61 -81.25
CA THR UB 145 -10.06 -38.76 -81.99
C THR UB 145 -9.87 -37.32 -81.54
N LYS UB 146 -9.97 -36.39 -82.49
CA LYS UB 146 -9.81 -34.98 -82.18
C LYS UB 146 -11.11 -34.41 -81.62
N ALA UB 147 -10.96 -33.52 -80.63
CA ALA UB 147 -12.11 -32.90 -79.96
C ALA UB 147 -12.46 -31.61 -80.68
N ALA UB 148 -13.15 -31.75 -81.82
CA ALA UB 148 -13.58 -30.63 -82.65
C ALA UB 148 -12.40 -29.74 -83.04
N GLY UB 149 -11.30 -30.37 -83.41
CA GLY UB 149 -10.13 -29.64 -83.85
C GLY UB 149 -9.87 -29.78 -85.32
N THR UB 150 -8.79 -30.49 -85.69
CA THR UB 150 -8.38 -30.75 -87.06
C THR UB 150 -8.21 -29.48 -87.90
N LYS UB 151 -8.02 -28.34 -87.24
CA LYS UB 151 -7.83 -27.06 -87.93
C LYS UB 151 -7.27 -26.07 -86.93
N LYS UB 152 -6.35 -25.22 -87.41
CA LYS UB 152 -5.69 -24.22 -86.57
C LYS UB 152 -5.89 -22.85 -87.19
N GLN UB 153 -6.32 -21.88 -86.38
CA GLN UB 153 -6.55 -20.53 -86.86
C GLN UB 153 -5.46 -19.58 -86.38
N GLY VB 1 -35.42 -9.59 -67.80
CA GLY VB 1 -34.48 -8.98 -66.89
C GLY VB 1 -33.11 -8.78 -67.50
N ARG VB 2 -32.51 -7.64 -67.22
CA ARG VB 2 -31.18 -7.33 -67.72
C ARG VB 2 -30.13 -8.15 -66.96
N MET VB 3 -28.94 -8.24 -67.56
CA MET VB 3 -27.89 -9.07 -66.97
C MET VB 3 -27.42 -8.51 -65.65
N HIS VB 4 -27.10 -7.21 -65.61
CA HIS VB 4 -26.62 -6.57 -64.40
C HIS VB 4 -27.46 -5.35 -64.06
N ALA VB 5 -28.78 -5.45 -64.22
CA ALA VB 5 -29.69 -4.38 -63.86
C ALA VB 5 -31.07 -4.99 -63.63
N PRO VB 6 -31.70 -4.70 -62.51
CA PRO VB 6 -33.02 -5.24 -62.20
C PRO VB 6 -34.17 -4.54 -62.93
N GLY VB 7 -34.09 -4.48 -64.25
CA GLY VB 7 -35.18 -4.02 -65.08
C GLY VB 7 -35.49 -5.06 -66.13
N LYS VB 8 -36.75 -5.13 -66.54
CA LYS VB 8 -37.20 -6.11 -67.50
C LYS VB 8 -37.91 -5.43 -68.67
N GLY VB 9 -37.29 -4.38 -69.20
CA GLY VB 9 -37.87 -3.67 -70.31
C GLY VB 9 -37.94 -4.53 -71.57
N LEU VB 10 -38.86 -4.17 -72.44
CA LEU VB 10 -39.19 -4.93 -73.64
C LEU VB 10 -38.84 -4.19 -74.92
N SER VB 11 -38.08 -3.10 -74.83
CA SER VB 11 -37.71 -2.33 -76.02
C SER VB 11 -36.80 -3.17 -76.91
N GLN VB 12 -37.31 -3.58 -78.06
CA GLN VB 12 -36.57 -4.44 -78.98
C GLN VB 12 -37.19 -4.30 -80.37
N SER VB 13 -36.59 -4.98 -81.33
CA SER VB 13 -37.06 -4.96 -82.71
C SER VB 13 -37.97 -6.15 -82.97
N ALA VB 14 -39.11 -5.90 -83.61
CA ALA VB 14 -40.08 -6.92 -83.96
C ALA VB 14 -40.03 -7.10 -85.48
N LEU VB 15 -39.27 -8.10 -85.92
CA LEU VB 15 -39.11 -8.35 -87.33
C LEU VB 15 -40.43 -8.80 -87.95
N PRO VB 16 -40.81 -8.29 -89.11
CA PRO VB 16 -42.08 -8.69 -89.71
C PRO VB 16 -42.05 -10.12 -90.22
N TYR VB 17 -43.24 -10.71 -90.33
CA TYR VB 17 -43.38 -12.05 -90.88
C TYR VB 17 -43.03 -12.12 -92.36
N ARG VB 18 -43.06 -11.00 -93.07
CA ARG VB 18 -42.72 -10.99 -94.50
C ARG VB 18 -41.21 -11.02 -94.65
N ARG VB 19 -40.66 -12.19 -94.94
CA ARG VB 19 -39.24 -12.30 -95.22
C ARG VB 19 -38.87 -11.80 -96.61
N SER VB 20 -39.84 -11.67 -97.51
CA SER VB 20 -39.56 -11.30 -98.88
C SER VB 20 -39.19 -9.83 -98.99
N VAL VB 21 -38.38 -9.52 -100.00
CA VAL VB 21 -37.94 -8.14 -100.24
C VAL VB 21 -39.12 -7.33 -100.78
N PRO VB 22 -39.31 -6.08 -100.34
CA PRO VB 22 -40.34 -5.24 -100.94
C PRO VB 22 -40.03 -4.91 -102.39
N THR VB 23 -41.10 -4.67 -103.15
CA THR VB 23 -40.97 -4.53 -104.60
C THR VB 23 -40.26 -3.24 -105.00
N TRP VB 24 -40.46 -2.17 -104.25
CA TRP VB 24 -39.95 -0.86 -104.66
C TRP VB 24 -38.44 -0.73 -104.48
N LEU VB 25 -37.79 -1.69 -103.83
CA LEU VB 25 -36.35 -1.62 -103.62
C LEU VB 25 -35.64 -1.98 -104.92
N LYS VB 26 -34.89 -1.02 -105.47
CA LYS VB 26 -34.16 -1.23 -106.71
C LYS VB 26 -32.71 -1.63 -106.51
N LEU VB 27 -32.25 -1.77 -105.26
CA LEU VB 27 -30.93 -2.29 -104.99
C LEU VB 27 -30.89 -3.79 -105.28
N THR VB 28 -29.70 -4.32 -105.48
CA THR VB 28 -29.49 -5.76 -105.61
C THR VB 28 -28.38 -6.21 -104.68
N SER VB 29 -28.00 -7.49 -104.82
CA SER VB 29 -27.04 -8.09 -103.90
C SER VB 29 -25.66 -7.46 -104.04
N ASP VB 30 -25.16 -7.31 -105.26
CA ASP VB 30 -23.84 -6.69 -105.42
C ASP VB 30 -23.88 -5.21 -105.07
N ASP VB 31 -25.04 -4.56 -105.24
CA ASP VB 31 -25.16 -3.15 -104.86
C ASP VB 31 -24.95 -2.98 -103.37
N VAL VB 32 -25.69 -3.76 -102.55
CA VAL VB 32 -25.54 -3.65 -101.10
C VAL VB 32 -24.18 -4.19 -100.66
N LYS VB 33 -23.63 -5.16 -101.39
CA LYS VB 33 -22.29 -5.66 -101.06
C LYS VB 33 -21.25 -4.55 -101.19
N GLU VB 34 -21.21 -3.87 -102.34
CA GLU VB 34 -20.24 -2.81 -102.51
C GLU VB 34 -20.56 -1.61 -101.61
N GLN VB 35 -21.84 -1.40 -101.30
CA GLN VB 35 -22.22 -0.33 -100.37
C GLN VB 35 -21.64 -0.58 -98.98
N ILE VB 36 -21.85 -1.79 -98.45
CA ILE VB 36 -21.31 -2.08 -97.12
C ILE VB 36 -19.79 -2.18 -97.18
N TYR VB 37 -19.22 -2.51 -98.35
CA TYR VB 37 -17.77 -2.45 -98.49
C TYR VB 37 -17.28 -1.02 -98.32
N LYS VB 38 -17.93 -0.07 -98.98
CA LYS VB 38 -17.57 1.33 -98.84
C LYS VB 38 -17.75 1.80 -97.39
N LEU VB 39 -18.83 1.37 -96.74
CA LEU VB 39 -19.07 1.80 -95.36
C LEU VB 39 -18.05 1.18 -94.41
N ALA VB 40 -17.60 -0.04 -94.69
CA ALA VB 40 -16.64 -0.70 -93.81
C ALA VB 40 -15.24 -0.14 -94.01
N LYS VB 41 -14.91 0.27 -95.23
CA LYS VB 41 -13.63 0.95 -95.44
C LYS VB 41 -13.58 2.27 -94.68
N LYS VB 42 -14.73 2.91 -94.49
CA LYS VB 42 -14.80 4.16 -93.73
C LYS VB 42 -14.70 3.92 -92.23
N GLY VB 43 -14.69 2.68 -91.77
CA GLY VB 43 -14.57 2.38 -90.36
C GLY VB 43 -15.86 2.09 -89.63
N LEU VB 44 -16.97 1.90 -90.33
CA LEU VB 44 -18.25 1.65 -89.69
C LEU VB 44 -18.37 0.18 -89.29
N THR VB 45 -18.70 -0.05 -88.03
CA THR VB 45 -19.03 -1.39 -87.56
C THR VB 45 -20.46 -1.74 -87.98
N PRO VB 46 -20.81 -3.04 -87.99
CA PRO VB 46 -22.09 -3.46 -88.59
C PRO VB 46 -23.33 -2.73 -88.10
N SER VB 47 -23.39 -2.30 -86.83
CA SER VB 47 -24.59 -1.65 -86.32
C SER VB 47 -24.85 -0.33 -87.06
N GLN VB 48 -23.81 0.50 -87.19
CA GLN VB 48 -23.99 1.75 -87.93
C GLN VB 48 -24.31 1.47 -89.39
N ILE VB 49 -23.72 0.42 -89.96
CA ILE VB 49 -23.97 0.08 -91.35
C ILE VB 49 -25.45 -0.23 -91.56
N GLY VB 50 -26.01 -1.10 -90.72
CA GLY VB 50 -27.41 -1.45 -90.87
C GLY VB 50 -28.33 -0.27 -90.62
N VAL VB 51 -28.02 0.54 -89.60
CA VAL VB 51 -28.86 1.69 -89.29
C VAL VB 51 -28.88 2.66 -90.46
N ILE VB 52 -27.70 3.03 -90.98
CA ILE VB 52 -27.65 3.98 -92.08
C ILE VB 52 -28.23 3.38 -93.35
N LEU VB 53 -28.09 2.06 -93.55
CA LEU VB 53 -28.69 1.44 -94.72
C LEU VB 53 -30.20 1.56 -94.71
N ARG VB 54 -30.84 1.15 -93.62
CA ARG VB 54 -32.30 1.24 -93.57
C ARG VB 54 -32.76 2.69 -93.49
N ASP VB 55 -31.89 3.60 -93.04
CA ASP VB 55 -32.31 4.99 -92.86
C ASP VB 55 -32.24 5.75 -94.18
N SER VB 56 -31.10 5.69 -94.85
CA SER VB 56 -30.91 6.46 -96.08
C SER VB 56 -31.46 5.73 -97.30
N HIS VB 57 -31.20 4.42 -97.38
CA HIS VB 57 -31.52 3.71 -98.62
C HIS VB 57 -32.70 2.77 -98.48
N GLY VB 58 -33.23 2.61 -97.28
CA GLY VB 58 -34.49 1.90 -97.11
C GLY VB 58 -34.44 0.40 -97.24
N VAL VB 59 -33.27 -0.22 -97.17
CA VAL VB 59 -33.23 -1.68 -97.19
C VAL VB 59 -33.64 -2.21 -95.82
N ALA VB 60 -34.56 -3.16 -95.81
CA ALA VB 60 -35.13 -3.64 -94.57
C ALA VB 60 -34.15 -4.52 -93.81
N GLN VB 61 -33.79 -5.65 -94.39
CA GLN VB 61 -32.80 -6.55 -93.80
C GLN VB 61 -31.83 -6.95 -94.90
N VAL VB 62 -30.54 -6.96 -94.57
CA VAL VB 62 -29.55 -7.39 -95.55
C VAL VB 62 -29.74 -8.88 -95.85
N ARG VB 63 -30.13 -9.66 -94.84
CA ARG VB 63 -30.36 -11.08 -95.05
C ARG VB 63 -31.52 -11.31 -96.02
N PHE VB 64 -32.56 -10.47 -95.95
CA PHE VB 64 -33.71 -10.67 -96.82
C PHE VB 64 -33.38 -10.38 -98.28
N VAL VB 65 -32.39 -9.51 -98.53
CA VAL VB 65 -32.10 -9.06 -99.88
C VAL VB 65 -30.95 -9.84 -100.52
N THR VB 66 -29.89 -10.13 -99.77
CA THR VB 66 -28.73 -10.81 -100.34
C THR VB 66 -28.58 -12.23 -99.83
N GLY VB 67 -29.45 -12.68 -98.93
CA GLY VB 67 -29.33 -14.02 -98.38
C GLY VB 67 -28.13 -14.22 -97.49
N ASN VB 68 -27.59 -13.15 -96.91
CA ASN VB 68 -26.41 -13.26 -96.09
C ASN VB 68 -26.41 -12.11 -95.09
N LYS VB 69 -25.65 -12.26 -94.02
CA LYS VB 69 -25.61 -11.27 -92.96
C LYS VB 69 -24.39 -10.37 -93.10
N ILE VB 70 -24.40 -9.26 -92.34
CA ILE VB 70 -23.39 -8.23 -92.52
C ILE VB 70 -22.00 -8.75 -92.17
N LEU VB 71 -21.86 -9.35 -90.99
CA LEU VB 71 -20.54 -9.76 -90.55
C LEU VB 71 -20.04 -10.96 -91.36
N ARG VB 72 -20.95 -11.82 -91.80
CA ARG VB 72 -20.56 -12.93 -92.66
C ARG VB 72 -19.99 -12.42 -93.99
N ILE VB 73 -20.64 -11.43 -94.59
CA ILE VB 73 -20.13 -10.85 -95.83
C ILE VB 73 -18.79 -10.15 -95.59
N LEU VB 74 -18.68 -9.43 -94.47
CA LEU VB 74 -17.43 -8.74 -94.17
C LEU VB 74 -16.29 -9.72 -94.03
N LYS VB 75 -16.52 -10.84 -93.33
CA LYS VB 75 -15.47 -11.83 -93.18
C LYS VB 75 -15.22 -12.59 -94.48
N SER VB 76 -16.22 -12.68 -95.36
CA SER VB 76 -16.01 -13.31 -96.66
C SER VB 76 -15.10 -12.45 -97.53
N LYS VB 77 -15.33 -11.13 -97.56
CA LYS VB 77 -14.40 -10.24 -98.24
C LYS VB 77 -13.03 -10.26 -97.58
N GLY VB 78 -12.99 -10.26 -96.26
CA GLY VB 78 -11.73 -10.32 -95.54
C GLY VB 78 -11.40 -9.04 -94.80
N LEU VB 79 -12.43 -8.34 -94.34
CA LEU VB 79 -12.20 -7.08 -93.63
C LEU VB 79 -13.03 -6.99 -92.34
N ALA VB 80 -13.55 -8.12 -91.86
CA ALA VB 80 -14.25 -8.12 -90.59
C ALA VB 80 -13.29 -7.77 -89.46
N PRO VB 81 -13.75 -7.06 -88.43
CA PRO VB 81 -12.85 -6.61 -87.36
C PRO VB 81 -12.22 -7.77 -86.60
N ASP VB 82 -10.97 -7.57 -86.20
CA ASP VB 82 -10.26 -8.58 -85.43
C ASP VB 82 -10.92 -8.82 -84.08
N LEU VB 83 -11.33 -7.79 -83.43
CA LEU VB 83 -12.14 -8.06 -82.25
C LEU VB 83 -13.60 -7.83 -82.55
N PRO VB 84 -14.49 -8.69 -82.07
CA PRO VB 84 -15.91 -8.52 -82.35
C PRO VB 84 -16.45 -7.23 -81.76
N GLU VB 85 -17.50 -6.72 -82.41
CA GLU VB 85 -18.00 -5.38 -82.13
C GLU VB 85 -18.40 -5.21 -80.67
N ASP VB 86 -19.21 -6.14 -80.17
CA ASP VB 86 -19.75 -5.99 -78.82
C ASP VB 86 -18.67 -6.08 -77.75
N LEU VB 87 -17.73 -7.01 -77.90
CA LEU VB 87 -16.61 -7.08 -76.95
C LEU VB 87 -15.73 -5.85 -77.06
N TYR VB 88 -15.55 -5.33 -78.28
CA TYR VB 88 -14.80 -4.09 -78.47
C TYR VB 88 -15.44 -2.94 -77.72
N HIS VB 89 -16.75 -2.79 -77.82
CA HIS VB 89 -17.41 -1.69 -77.13
C HIS VB 89 -17.41 -1.89 -75.63
N LEU VB 90 -17.53 -3.14 -75.18
CA LEU VB 90 -17.43 -3.43 -73.75
C LEU VB 90 -16.07 -3.02 -73.21
N ILE VB 91 -14.99 -3.42 -73.89
CA ILE VB 91 -13.67 -3.11 -73.36
C ILE VB 91 -13.37 -1.62 -73.48
N LYS VB 92 -13.91 -0.93 -74.50
CA LYS VB 92 -13.68 0.50 -74.59
C LYS VB 92 -14.45 1.25 -73.49
N LYS VB 93 -15.64 0.78 -73.15
CA LYS VB 93 -16.37 1.37 -72.02
C LYS VB 93 -15.62 1.15 -70.72
N ALA VB 94 -15.04 -0.05 -70.56
CA ALA VB 94 -14.23 -0.32 -69.37
C ALA VB 94 -13.01 0.59 -69.33
N VAL VB 95 -12.40 0.86 -70.48
CA VAL VB 95 -11.25 1.75 -70.54
C VAL VB 95 -11.64 3.15 -70.10
N ALA VB 96 -12.78 3.65 -70.58
CA ALA VB 96 -13.24 4.97 -70.18
C ALA VB 96 -13.51 5.02 -68.68
N VAL VB 97 -14.15 3.99 -68.13
CA VAL VB 97 -14.43 3.98 -66.69
C VAL VB 97 -13.12 3.97 -65.90
N ARG VB 98 -12.17 3.13 -66.32
CA ARG VB 98 -10.91 3.02 -65.59
C ARG VB 98 -10.12 4.32 -65.63
N LYS VB 99 -10.10 4.99 -66.78
CA LYS VB 99 -9.42 6.28 -66.84
C LYS VB 99 -10.18 7.36 -66.09
N HIS VB 100 -11.47 7.15 -65.83
CA HIS VB 100 -12.18 8.08 -64.94
C HIS VB 100 -11.83 7.83 -63.48
N LEU VB 101 -11.72 6.57 -63.07
CA LEU VB 101 -11.52 6.26 -61.64
C LEU VB 101 -10.15 6.69 -61.15
N GLU VB 102 -9.14 6.70 -62.01
CA GLU VB 102 -7.80 7.07 -61.59
C GLU VB 102 -7.70 8.54 -61.18
N ARG VB 103 -8.68 9.36 -61.56
CA ARG VB 103 -8.77 10.74 -61.12
C ARG VB 103 -9.69 10.93 -59.94
N ASN VB 104 -10.78 10.19 -59.88
CA ASN VB 104 -11.76 10.26 -58.79
C ASN VB 104 -11.68 8.95 -58.02
N ARG VB 105 -11.03 8.99 -56.86
CA ARG VB 105 -10.89 7.80 -56.03
C ARG VB 105 -12.11 7.55 -55.16
N LYS VB 106 -13.09 8.45 -55.17
CA LYS VB 106 -14.24 8.33 -54.28
C LYS VB 106 -15.52 7.93 -55.01
N ASP VB 107 -15.45 7.67 -56.32
CA ASP VB 107 -16.63 7.30 -57.10
C ASP VB 107 -16.84 5.80 -56.98
N LYS VB 108 -17.45 5.40 -55.85
CA LYS VB 108 -17.62 3.98 -55.56
C LYS VB 108 -18.72 3.35 -56.40
N ASP VB 109 -19.77 4.11 -56.73
CA ASP VB 109 -20.76 3.61 -57.68
C ASP VB 109 -20.10 3.27 -59.00
N ALA VB 110 -19.15 4.10 -59.44
CA ALA VB 110 -18.41 3.81 -60.65
C ALA VB 110 -17.56 2.56 -60.50
N LYS VB 111 -17.01 2.32 -59.30
CA LYS VB 111 -16.27 1.08 -59.08
C LYS VB 111 -17.18 -0.14 -59.22
N PHE VB 112 -18.38 -0.06 -58.66
CA PHE VB 112 -19.34 -1.15 -58.81
C PHE VB 112 -19.69 -1.37 -60.28
N ARG VB 113 -19.90 -0.28 -61.02
CA ARG VB 113 -20.17 -0.39 -62.44
C ARG VB 113 -19.01 -1.03 -63.18
N LEU VB 114 -17.78 -0.67 -62.79
CA LEU VB 114 -16.60 -1.25 -63.43
C LEU VB 114 -16.51 -2.74 -63.16
N ILE VB 115 -16.84 -3.16 -61.95
CA ILE VB 115 -16.88 -4.59 -61.65
C ILE VB 115 -17.90 -5.30 -62.54
N LEU VB 116 -19.09 -4.70 -62.69
CA LEU VB 116 -20.12 -5.28 -63.55
C LEU VB 116 -19.61 -5.40 -65.00
N ILE VB 117 -19.00 -4.33 -65.49
CA ILE VB 117 -18.53 -4.30 -66.88
C ILE VB 117 -17.46 -5.36 -67.10
N GLU VB 118 -16.49 -5.46 -66.18
CA GLU VB 118 -15.42 -6.42 -66.37
C GLU VB 118 -15.92 -7.85 -66.26
N SER VB 119 -16.90 -8.10 -65.39
CA SER VB 119 -17.50 -9.43 -65.34
C SER VB 119 -18.19 -9.78 -66.64
N ARG VB 120 -18.92 -8.82 -67.22
CA ARG VB 120 -19.57 -9.07 -68.50
C ARG VB 120 -18.56 -9.30 -69.61
N ILE VB 121 -17.47 -8.53 -69.60
CA ILE VB 121 -16.40 -8.71 -70.59
C ILE VB 121 -15.82 -10.11 -70.48
N HIS VB 122 -15.55 -10.55 -69.26
CA HIS VB 122 -14.98 -11.88 -69.04
C HIS VB 122 -15.93 -12.99 -69.49
N ARG VB 123 -17.23 -12.84 -69.21
CA ARG VB 123 -18.19 -13.86 -69.63
C ARG VB 123 -18.29 -13.94 -71.15
N LEU VB 124 -18.36 -12.77 -71.81
CA LEU VB 124 -18.39 -12.76 -73.26
C LEU VB 124 -17.11 -13.32 -73.86
N ALA VB 125 -15.98 -13.04 -73.23
CA ALA VB 125 -14.70 -13.60 -73.67
C ALA VB 125 -14.70 -15.11 -73.54
N ARG VB 126 -15.27 -15.63 -72.45
CA ARG VB 126 -15.39 -17.07 -72.28
C ARG VB 126 -16.22 -17.68 -73.41
N TYR VB 127 -17.35 -17.06 -73.73
CA TYR VB 127 -18.19 -17.56 -74.82
C TYR VB 127 -17.45 -17.53 -76.15
N TYR VB 128 -16.73 -16.43 -76.42
CA TYR VB 128 -16.04 -16.31 -77.70
C TYR VB 128 -14.88 -17.29 -77.82
N LYS VB 129 -14.16 -17.55 -76.72
CA LYS VB 129 -13.11 -18.55 -76.76
C LYS VB 129 -13.69 -19.96 -76.86
N THR VB 130 -14.91 -20.17 -76.37
CA THR VB 130 -15.62 -21.41 -76.67
C THR VB 130 -15.92 -21.52 -78.16
N LYS VB 131 -16.33 -20.42 -78.78
CA LYS VB 131 -16.68 -20.41 -80.20
C LYS VB 131 -15.48 -20.41 -81.12
N ARG VB 132 -14.26 -20.31 -80.57
CA ARG VB 132 -13.00 -20.35 -81.32
C ARG VB 132 -12.84 -19.18 -82.29
N VAL VB 133 -13.59 -18.11 -82.11
CA VAL VB 133 -13.31 -16.91 -82.90
C VAL VB 133 -12.01 -16.25 -82.44
N LEU VB 134 -11.76 -16.23 -81.13
CA LEU VB 134 -10.58 -15.69 -80.47
C LEU VB 134 -9.63 -16.82 -80.10
N PRO VB 135 -8.33 -16.54 -79.96
CA PRO VB 135 -7.39 -17.57 -79.52
C PRO VB 135 -7.76 -18.09 -78.14
N PRO VB 136 -7.61 -19.39 -77.91
CA PRO VB 136 -7.99 -19.97 -76.61
C PRO VB 136 -7.18 -19.42 -75.46
N ASN VB 137 -5.97 -18.97 -75.70
CA ASN VB 137 -5.12 -18.42 -74.65
C ASN VB 137 -5.28 -16.92 -74.45
N TRP VB 138 -6.10 -16.26 -75.26
CA TRP VB 138 -6.23 -14.82 -75.16
C TRP VB 138 -6.91 -14.44 -73.87
N LYS VB 139 -6.32 -13.49 -73.14
CA LYS VB 139 -6.84 -13.07 -71.86
C LYS VB 139 -6.96 -11.55 -71.85
N TYR VB 140 -8.09 -11.07 -71.34
CA TYR VB 140 -8.30 -9.64 -71.15
C TYR VB 140 -7.52 -9.21 -69.90
N GLU VB 141 -6.83 -8.08 -70.00
CA GLU VB 141 -6.18 -7.46 -68.86
C GLU VB 141 -6.50 -5.97 -68.88
N SER VB 142 -6.74 -5.41 -67.70
CA SER VB 142 -7.11 -4.00 -67.60
C SER VB 142 -5.98 -3.08 -68.07
N SER VB 143 -4.74 -3.36 -67.67
CA SER VB 143 -3.63 -2.47 -67.97
C SER VB 143 -3.38 -2.39 -69.47
N THR VB 144 -3.39 -3.54 -70.15
CA THR VB 144 -3.13 -3.57 -71.58
C THR VB 144 -4.38 -3.26 -72.40
N ALA VB 145 -5.54 -3.10 -71.76
CA ALA VB 145 -6.77 -2.81 -72.50
C ALA VB 145 -6.75 -1.41 -73.09
N SER VB 146 -5.83 -0.56 -72.65
CA SER VB 146 -5.79 0.83 -73.11
C SER VB 146 -5.50 0.91 -74.60
N ALA VB 147 -4.54 0.12 -75.10
CA ALA VB 147 -4.10 0.26 -76.47
C ALA VB 147 -5.10 -0.32 -77.47
N LEU VB 148 -5.85 -1.33 -77.08
CA LEU VB 148 -6.68 -2.07 -78.03
C LEU VB 148 -7.85 -1.26 -78.57
N VAL VB 149 -8.27 -0.22 -77.87
CA VAL VB 149 -9.43 0.56 -78.26
C VAL VB 149 -9.07 2.04 -78.32
N ALA VB 150 -9.74 2.76 -79.22
CA ALA VB 150 -9.57 4.20 -79.41
C ALA VB 150 -8.11 4.60 -79.66
N ILE WB 4 -43.31 70.84 -22.89
CA ILE WB 4 -42.09 70.59 -23.63
C ILE WB 4 -42.13 69.20 -24.29
N SER WB 5 -42.47 68.17 -23.49
CA SER WB 5 -42.82 66.82 -23.95
C SER WB 5 -41.65 66.04 -24.55
N LEU WB 6 -40.48 66.69 -24.69
CA LEU WB 6 -39.28 66.04 -25.21
C LEU WB 6 -39.50 65.43 -26.60
N GLY WB 7 -40.36 66.05 -27.40
CA GLY WB 7 -40.75 65.48 -28.66
C GLY WB 7 -40.41 66.34 -29.85
N PRO WB 8 -40.66 65.83 -31.05
CA PRO WB 8 -40.31 66.57 -32.27
C PRO WB 8 -41.30 67.70 -32.55
N GLN WB 9 -40.95 68.53 -33.52
CA GLN WB 9 -41.77 69.66 -33.93
C GLN WB 9 -42.66 69.20 -35.08
N VAL WB 10 -43.89 68.81 -34.74
CA VAL WB 10 -44.82 68.23 -35.69
C VAL WB 10 -46.17 68.93 -35.56
N ALA WB 11 -46.99 68.78 -36.60
CA ALA WB 11 -48.35 69.27 -36.58
C ALA WB 11 -49.29 68.11 -36.26
N GLU WB 12 -50.58 68.43 -36.06
CA GLU WB 12 -51.59 67.40 -35.81
C GLU WB 12 -51.95 66.64 -37.08
N GLY WB 13 -51.92 67.32 -38.23
CA GLY WB 13 -52.33 66.71 -39.49
C GLY WB 13 -51.52 65.50 -39.88
N GLU WB 14 -50.22 65.51 -39.59
CA GLU WB 14 -49.37 64.34 -39.81
C GLU WB 14 -49.12 63.65 -38.48
N ASN WB 15 -48.85 62.35 -38.56
CA ASN WB 15 -48.70 61.51 -37.38
C ASN WB 15 -47.30 60.89 -37.37
N VAL WB 16 -46.67 60.94 -36.20
CA VAL WB 16 -45.31 60.44 -36.02
C VAL WB 16 -45.38 58.95 -35.70
N PHE WB 17 -44.49 58.18 -36.31
CA PHE WB 17 -44.53 56.73 -36.23
C PHE WB 17 -43.37 56.17 -35.41
N GLY WB 18 -43.45 54.88 -35.14
CA GLY WB 18 -42.39 54.13 -34.51
C GLY WB 18 -42.47 52.69 -34.99
N VAL WB 19 -41.78 51.82 -34.28
CA VAL WB 19 -41.89 50.38 -34.51
C VAL WB 19 -41.66 49.65 -33.20
N CYS WB 20 -42.44 48.60 -32.97
CA CYS WB 20 -42.46 47.89 -31.69
C CYS WB 20 -42.06 46.44 -31.96
N HIS WB 21 -40.82 46.10 -31.62
CA HIS WB 21 -40.34 44.73 -31.74
C HIS WB 21 -40.94 43.92 -30.61
N ILE WB 22 -42.13 43.38 -30.84
CA ILE WB 22 -42.91 42.70 -29.82
C ILE WB 22 -42.49 41.23 -29.75
N PHE WB 23 -41.40 40.96 -29.04
CA PHE WB 23 -40.81 39.64 -28.96
C PHE WB 23 -41.56 38.86 -27.87
N ALA WB 24 -42.75 38.39 -28.23
CA ALA WB 24 -43.58 37.60 -27.33
C ALA WB 24 -43.20 36.14 -27.54
N SER WB 25 -42.30 35.66 -26.72
CA SER WB 25 -41.90 34.26 -26.74
C SER WB 25 -42.59 33.55 -25.57
N PHE WB 26 -42.23 32.30 -25.34
CA PHE WB 26 -42.64 31.67 -24.10
C PHE WB 26 -41.68 32.07 -22.99
N ASN WB 27 -42.21 32.07 -21.76
CA ASN WB 27 -41.50 32.38 -20.53
C ASN WB 27 -41.12 33.85 -20.42
N ASP WB 28 -41.39 34.65 -21.44
CA ASP WB 28 -41.15 36.08 -21.42
C ASP WB 28 -41.69 36.72 -22.70
N THR WB 29 -41.99 38.01 -22.61
CA THR WB 29 -42.36 38.80 -23.77
C THR WB 29 -41.70 40.18 -23.67
N PHE WB 30 -41.34 40.72 -24.82
CA PHE WB 30 -40.71 42.02 -24.93
C PHE WB 30 -41.66 43.00 -25.61
N VAL WB 31 -41.76 44.20 -25.05
CA VAL WB 31 -42.61 45.24 -25.61
C VAL WB 31 -41.66 46.36 -26.05
N HIS WB 32 -40.50 45.95 -26.52
CA HIS WB 32 -39.49 46.89 -27.00
C HIS WB 32 -40.05 47.78 -28.10
N VAL WB 33 -39.79 49.09 -27.98
CA VAL WB 33 -40.19 50.07 -28.98
C VAL WB 33 -38.94 50.87 -29.37
N THR WB 34 -38.76 51.06 -30.68
CA THR WB 34 -37.63 51.80 -31.21
C THR WB 34 -38.15 52.81 -32.23
N ASP WB 35 -37.24 53.61 -32.77
CA ASP WB 35 -37.59 54.62 -33.76
C ASP WB 35 -37.71 53.96 -35.14
N LEU WB 36 -37.79 54.80 -36.18
CA LEU WB 36 -38.03 54.30 -37.53
C LEU WB 36 -36.91 53.39 -38.02
N SER WB 37 -35.66 53.73 -37.72
CA SER WB 37 -34.57 52.86 -38.13
C SER WB 37 -34.49 51.61 -37.26
N GLY WB 38 -34.95 51.70 -36.01
CA GLY WB 38 -34.71 50.66 -35.04
C GLY WB 38 -33.36 50.72 -34.38
N LYS WB 39 -32.45 51.54 -34.90
CA LYS WB 39 -31.12 51.69 -34.31
C LYS WB 39 -31.19 52.35 -32.94
N GLU WB 40 -32.12 53.28 -32.76
CA GLU WB 40 -32.29 53.99 -31.50
C GLU WB 40 -33.61 53.56 -30.87
N THR WB 41 -33.57 53.28 -29.57
CA THR WB 41 -34.74 52.80 -28.85
C THR WB 41 -35.39 53.90 -28.03
N ILE WB 42 -36.67 53.71 -27.75
CA ILE WB 42 -37.45 54.62 -26.90
C ILE WB 42 -37.63 54.05 -25.50
N CYS WB 43 -38.22 52.87 -25.39
CA CYS WB 43 -38.44 52.25 -24.09
C CYS WB 43 -38.57 50.74 -24.28
N ARG WB 44 -38.39 50.00 -23.19
CA ARG WB 44 -38.52 48.55 -23.24
C ARG WB 44 -38.98 48.07 -21.86
N VAL WB 45 -40.25 47.71 -21.76
CA VAL WB 45 -40.82 47.15 -20.54
C VAL WB 45 -41.21 45.72 -20.82
N THR WB 46 -40.40 44.78 -20.36
CA THR WB 46 -40.67 43.35 -20.52
C THR WB 46 -41.66 42.92 -19.45
N GLY WB 47 -42.03 41.63 -19.47
CA GLY WB 47 -42.91 41.11 -18.44
C GLY WB 47 -42.24 40.87 -17.11
N GLY WB 48 -40.91 40.98 -17.06
CA GLY WB 48 -40.20 40.73 -15.82
C GLY WB 48 -40.52 41.74 -14.74
N MET WB 49 -40.56 43.01 -15.09
CA MET WB 49 -40.85 44.07 -14.13
C MET WB 49 -42.34 44.25 -13.89
N LYS WB 50 -43.19 43.52 -14.61
CA LYS WB 50 -44.63 43.60 -14.42
C LYS WB 50 -45.18 42.56 -13.47
N VAL WB 51 -44.43 41.49 -13.18
CA VAL WB 51 -44.84 40.45 -12.25
C VAL WB 51 -43.67 40.13 -11.34
N LYS WB 52 -43.98 39.45 -10.23
CA LYS WB 52 -42.94 39.04 -9.30
C LYS WB 52 -43.19 37.62 -8.77
N ALA WB 53 -43.96 36.82 -9.49
CA ALA WB 53 -44.11 35.41 -9.18
C ALA WB 53 -43.29 34.52 -10.09
N ASP WB 54 -42.71 35.07 -11.16
CA ASP WB 54 -41.76 34.43 -12.06
C ASP WB 54 -42.42 33.35 -12.89
N ARG WB 55 -43.73 33.17 -12.74
CA ARG WB 55 -44.51 32.30 -13.61
C ARG WB 55 -45.16 33.06 -14.75
N ASP WB 56 -45.44 34.35 -14.55
CA ASP WB 56 -46.30 35.13 -15.42
C ASP WB 56 -45.53 35.97 -16.43
N GLU WB 57 -44.23 35.70 -16.60
CA GLU WB 57 -43.41 36.53 -17.47
C GLU WB 57 -43.87 36.50 -18.93
N SER WB 58 -44.61 35.48 -19.34
CA SER WB 58 -45.19 35.42 -20.67
C SER WB 58 -46.71 35.40 -20.64
N SER WB 59 -47.31 35.70 -19.50
CA SER WB 59 -48.76 35.64 -19.38
C SER WB 59 -49.42 36.79 -20.16
N PRO WB 60 -50.69 36.63 -20.54
CA PRO WB 60 -51.39 37.74 -21.19
C PRO WB 60 -51.47 39.00 -20.33
N TYR WB 61 -51.63 38.86 -19.02
CA TYR WB 61 -51.81 40.02 -18.15
C TYR WB 61 -50.54 40.86 -18.06
N ALA WB 62 -49.38 40.21 -17.96
CA ALA WB 62 -48.13 40.94 -17.91
C ALA WB 62 -47.90 41.71 -19.20
N ALA WB 63 -48.22 41.09 -20.34
CA ALA WB 63 -48.12 41.80 -21.62
C ALA WB 63 -49.08 42.97 -21.68
N MET WB 64 -50.30 42.79 -21.16
CA MET WB 64 -51.26 43.90 -21.07
C MET WB 64 -50.66 45.08 -20.33
N LEU WB 65 -50.15 44.84 -19.13
CA LEU WB 65 -49.61 45.93 -18.31
C LEU WB 65 -48.36 46.54 -18.94
N ALA WB 66 -47.48 45.71 -19.48
CA ALA WB 66 -46.26 46.22 -20.09
C ALA WB 66 -46.58 47.08 -21.32
N ALA WB 67 -47.55 46.65 -22.12
CA ALA WB 67 -47.95 47.45 -23.27
C ALA WB 67 -48.60 48.77 -22.82
N GLN WB 68 -49.37 48.74 -21.73
CA GLN WB 68 -49.89 50.00 -21.19
C GLN WB 68 -48.77 50.93 -20.78
N ASP WB 69 -47.74 50.40 -20.10
CA ASP WB 69 -46.61 51.22 -19.67
C ASP WB 69 -45.87 51.81 -20.87
N VAL WB 70 -45.58 50.98 -21.87
CA VAL WB 70 -44.83 51.44 -23.04
C VAL WB 70 -45.65 52.45 -23.84
N ALA WB 71 -46.96 52.23 -23.95
CA ALA WB 71 -47.81 53.19 -24.64
C ALA WB 71 -47.86 54.52 -23.91
N GLN WB 72 -47.91 54.49 -22.58
CA GLN WB 72 -47.87 55.73 -21.82
C GLN WB 72 -46.54 56.44 -22.00
N ARG WB 73 -45.45 55.66 -22.06
CA ARG WB 73 -44.12 56.24 -22.29
C ARG WB 73 -44.04 56.92 -23.65
N CYS WB 74 -44.56 56.28 -24.69
CA CYS WB 74 -44.44 56.85 -26.03
C CYS WB 74 -45.37 58.04 -26.22
N LYS WB 75 -46.57 58.00 -25.65
CA LYS WB 75 -47.51 59.10 -25.86
C LYS WB 75 -47.07 60.35 -25.10
N GLU WB 76 -46.27 60.19 -24.05
CA GLU WB 76 -45.72 61.35 -23.37
C GLU WB 76 -44.40 61.80 -23.96
N LEU WB 77 -43.91 61.11 -25.00
CA LEU WB 77 -42.68 61.49 -25.69
C LEU WB 77 -42.92 61.83 -27.16
N GLY WB 78 -44.13 62.26 -27.51
CA GLY WB 78 -44.42 62.62 -28.89
C GLY WB 78 -44.35 61.47 -29.87
N ILE WB 79 -44.84 60.30 -29.48
CA ILE WB 79 -44.98 59.16 -30.37
C ILE WB 79 -46.42 58.66 -30.27
N THR WB 80 -47.14 58.74 -31.39
CA THR WB 80 -48.57 58.44 -31.38
C THR WB 80 -48.99 57.37 -32.37
N ALA WB 81 -48.04 56.66 -32.99
CA ALA WB 81 -48.38 55.55 -33.87
C ALA WB 81 -47.22 54.57 -33.91
N LEU WB 82 -47.55 53.29 -34.04
CA LEU WB 82 -46.55 52.23 -34.00
C LEU WB 82 -46.72 51.25 -35.16
N HIS WB 83 -45.61 50.95 -35.81
CA HIS WB 83 -45.47 49.71 -36.56
C HIS WB 83 -45.22 48.59 -35.56
N ILE WB 84 -45.43 47.35 -36.01
CA ILE WB 84 -45.30 46.17 -35.15
C ILE WB 84 -44.43 45.14 -35.86
N LYS WB 85 -43.42 44.65 -35.14
CA LYS WB 85 -42.50 43.62 -35.64
C LYS WB 85 -42.63 42.40 -34.73
N LEU WB 86 -43.53 41.49 -35.08
CA LEU WB 86 -43.71 40.27 -34.31
C LEU WB 86 -42.48 39.38 -34.43
N ARG WB 87 -42.21 38.62 -33.38
CA ARG WB 87 -41.06 37.71 -33.39
C ARG WB 87 -41.28 36.64 -32.34
N ALA WB 88 -41.13 35.38 -32.74
CA ALA WB 88 -41.06 34.26 -31.82
C ALA WB 88 -39.59 33.93 -31.56
N THR WB 89 -39.33 32.82 -30.85
CA THR WB 89 -37.96 32.47 -30.52
C THR WB 89 -37.14 32.23 -31.78
N GLY WB 90 -37.73 31.56 -32.77
CA GLY WB 90 -37.06 31.39 -34.03
C GLY WB 90 -35.83 30.49 -33.93
N GLY WB 91 -34.98 30.61 -34.95
CA GLY WB 91 -33.83 29.74 -35.04
C GLY WB 91 -34.27 28.30 -35.19
N ASN WB 92 -33.54 27.40 -34.53
CA ASN WB 92 -33.92 25.99 -34.53
C ASN WB 92 -35.09 25.71 -33.59
N ARG WB 93 -35.48 26.66 -32.76
CA ARG WB 93 -36.55 26.46 -31.80
C ARG WB 93 -37.91 26.79 -32.45
N THR WB 94 -38.95 26.89 -31.63
CA THR WB 94 -40.31 27.03 -32.11
C THR WB 94 -40.54 28.36 -32.83
N LYS WB 95 -41.62 28.42 -33.60
CA LYS WB 95 -41.95 29.59 -34.40
C LYS WB 95 -43.28 30.25 -34.01
N THR WB 96 -44.00 29.71 -33.05
CA THR WB 96 -45.30 30.28 -32.70
C THR WB 96 -45.12 31.39 -31.68
N PRO WB 97 -45.67 32.59 -31.94
CA PRO WB 97 -45.64 33.65 -30.93
C PRO WB 97 -46.38 33.23 -29.65
N GLY WB 98 -45.86 33.69 -28.52
CA GLY WB 98 -46.37 33.31 -27.24
C GLY WB 98 -47.68 34.00 -26.91
N PRO WB 99 -48.20 33.72 -25.71
CA PRO WB 99 -49.50 34.29 -25.32
C PRO WB 99 -49.50 35.80 -25.25
N GLY WB 100 -48.35 36.42 -25.03
CA GLY WB 100 -48.28 37.86 -24.84
C GLY WB 100 -48.45 38.70 -26.08
N ALA WB 101 -48.34 38.11 -27.27
CA ALA WB 101 -48.43 38.89 -28.50
C ALA WB 101 -49.82 39.50 -28.66
N GLN WB 102 -50.87 38.67 -28.58
CA GLN WB 102 -52.22 39.16 -28.80
C GLN WB 102 -52.63 40.16 -27.73
N SER WB 103 -52.35 39.83 -26.46
CA SER WB 103 -52.76 40.72 -25.38
C SER WB 103 -51.99 42.03 -25.41
N ALA WB 104 -50.69 41.98 -25.67
CA ALA WB 104 -49.90 43.20 -25.77
C ALA WB 104 -50.38 44.07 -26.92
N LEU WB 105 -50.70 43.45 -28.07
CA LEU WB 105 -51.18 44.21 -29.21
C LEU WB 105 -52.54 44.84 -28.92
N ARG WB 106 -53.42 44.11 -28.25
CA ARG WB 106 -54.72 44.68 -27.89
C ARG WB 106 -54.57 45.82 -26.91
N ALA WB 107 -53.66 45.70 -25.94
CA ALA WB 107 -53.42 46.79 -25.01
C ALA WB 107 -52.83 48.01 -25.71
N LEU WB 108 -51.98 47.77 -26.72
CA LEU WB 108 -51.44 48.87 -27.50
C LEU WB 108 -52.55 49.59 -28.27
N ALA WB 109 -53.44 48.84 -28.89
CA ALA WB 109 -54.51 49.46 -29.67
C ALA WB 109 -55.53 50.16 -28.77
N ARG WB 110 -55.79 49.61 -27.58
CA ARG WB 110 -56.84 50.14 -26.73
C ARG WB 110 -56.44 51.42 -26.03
N SER WB 111 -55.15 51.62 -25.75
CA SER WB 111 -54.69 52.79 -25.03
C SER WB 111 -54.64 54.04 -25.90
N GLY WB 112 -55.25 54.02 -27.08
CA GLY WB 112 -55.25 55.16 -27.95
C GLY WB 112 -54.05 55.29 -28.85
N MET WB 113 -53.12 54.33 -28.81
CA MET WB 113 -51.96 54.34 -29.69
C MET WB 113 -52.40 53.92 -31.09
N LYS WB 114 -52.02 54.70 -32.09
CA LYS WB 114 -52.39 54.38 -33.46
C LYS WB 114 -51.47 53.29 -34.01
N ILE WB 115 -51.94 52.62 -35.06
CA ILE WB 115 -51.31 51.40 -35.57
C ILE WB 115 -50.99 51.59 -37.04
N GLY WB 116 -49.78 51.18 -37.43
CA GLY WB 116 -49.36 51.22 -38.82
C GLY WB 116 -49.23 49.85 -39.44
N ARG WB 117 -48.05 49.54 -39.98
CA ARG WB 117 -47.81 48.22 -40.57
C ARG WB 117 -47.50 47.19 -39.49
N ILE WB 118 -48.04 45.99 -39.67
CA ILE WB 118 -47.81 44.88 -38.74
C ILE WB 118 -47.26 43.71 -39.55
N GLU WB 119 -46.03 43.30 -39.23
CA GLU WB 119 -45.39 42.19 -39.91
C GLU WB 119 -44.50 41.46 -38.91
N ASP WB 120 -44.19 40.20 -39.23
CA ASP WB 120 -43.33 39.38 -38.38
C ASP WB 120 -41.95 39.18 -39.01
N VAL WB 121 -40.93 39.22 -38.16
CA VAL WB 121 -39.54 39.03 -38.58
C VAL WB 121 -38.90 37.96 -37.73
N THR WB 122 -39.68 36.99 -37.28
CA THR WB 122 -39.15 35.91 -36.46
C THR WB 122 -38.08 35.14 -37.25
N PRO WB 123 -37.02 34.66 -36.58
CA PRO WB 123 -35.92 34.03 -37.32
C PRO WB 123 -36.32 32.69 -37.93
N ILE WB 124 -36.47 32.66 -39.25
CA ILE WB 124 -36.78 31.44 -39.97
C ILE WB 124 -35.52 31.02 -40.72
N PRO WB 125 -34.74 30.07 -40.20
CA PRO WB 125 -33.47 29.72 -40.84
C PRO WB 125 -33.68 29.07 -42.19
N SER WB 126 -32.78 29.38 -43.13
CA SER WB 126 -32.73 28.59 -44.34
C SER WB 126 -32.36 27.15 -44.02
N ASP WB 127 -31.38 26.97 -43.14
CA ASP WB 127 -31.14 25.75 -42.36
C ASP WB 127 -30.05 26.06 -41.34
N SER WB 128 -30.23 25.52 -40.15
CA SER WB 128 -29.39 25.86 -39.01
C SER WB 128 -28.91 24.57 -38.33
N THR WB 129 -28.35 24.74 -37.13
CA THR WB 129 -27.65 23.67 -36.45
C THR WB 129 -28.65 22.71 -35.79
N ARG WB 130 -28.13 21.82 -34.95
CA ARG WB 130 -28.96 20.80 -34.32
C ARG WB 130 -29.79 21.41 -33.19
N ARG WB 131 -31.07 21.08 -33.15
CA ARG WB 131 -31.94 21.50 -32.06
C ARG WB 131 -31.68 20.66 -30.83
N LYS WB 132 -31.62 21.31 -29.67
CA LYS WB 132 -31.36 20.61 -28.43
C LYS WB 132 -32.52 19.68 -28.09
N GLY WB 133 -32.21 18.63 -27.32
CA GLY WB 133 -33.19 17.65 -26.91
C GLY WB 133 -32.86 16.23 -27.31
N GLY WB 134 -31.96 16.02 -28.26
CA GLY WB 134 -31.60 14.69 -28.68
C GLY WB 134 -32.59 14.09 -29.66
N ARG WB 135 -32.17 13.01 -30.31
CA ARG WB 135 -33.02 12.34 -31.28
C ARG WB 135 -34.21 11.66 -30.60
N ARG WB 136 -34.06 11.26 -29.35
CA ARG WB 136 -35.19 10.74 -28.60
C ARG WB 136 -36.04 11.85 -28.00
N GLY WB 137 -35.65 13.10 -28.20
CA GLY WB 137 -36.46 14.22 -27.80
C GLY WB 137 -36.47 14.45 -26.30
N ARG WB 138 -37.38 15.33 -25.89
CA ARG WB 138 -37.54 15.69 -24.48
C ARG WB 138 -38.60 14.77 -23.88
N ARG WB 139 -38.16 13.70 -23.23
CA ARG WB 139 -39.07 12.71 -22.65
C ARG WB 139 -39.73 13.32 -21.42
N LEU WB 140 -41.05 13.28 -21.39
CA LEU WB 140 -41.82 13.69 -20.22
C LEU WB 140 -42.84 12.62 -19.85
N MET XB 1 -72.00 -45.04 -62.49
CA MET XB 1 -73.13 -45.63 -63.19
C MET XB 1 -72.64 -46.47 -64.37
N GLN XB 2 -73.55 -47.26 -64.94
CA GLN XB 2 -73.26 -48.13 -66.08
C GLN XB 2 -72.15 -49.13 -65.71
N ASN XB 3 -72.51 -50.04 -64.81
CA ASN XB 3 -71.60 -51.11 -64.44
C ASN XB 3 -71.51 -52.14 -65.56
N ASP XB 4 -70.75 -53.21 -65.29
CA ASP XB 4 -70.60 -54.29 -66.27
C ASP XB 4 -71.94 -54.97 -66.54
N ALA XB 5 -72.87 -54.93 -65.58
CA ALA XB 5 -74.17 -55.52 -65.80
C ALA XB 5 -74.95 -54.76 -66.87
N GLY XB 6 -74.79 -53.44 -66.90
CA GLY XB 6 -75.49 -52.63 -67.87
C GLY XB 6 -76.30 -51.53 -67.20
N GLU XB 7 -76.84 -51.83 -66.02
CA GLU XB 7 -77.69 -50.87 -65.33
C GLU XB 7 -76.87 -49.69 -64.84
N PHE XB 8 -77.47 -48.50 -64.90
CA PHE XB 8 -76.82 -47.26 -64.46
C PHE XB 8 -76.79 -47.27 -62.94
N VAL XB 9 -75.64 -47.59 -62.37
CA VAL XB 9 -75.54 -47.69 -60.91
C VAL XB 9 -75.30 -46.31 -60.33
N ASP XB 10 -76.38 -45.58 -60.08
CA ASP XB 10 -76.37 -44.26 -59.47
C ASP XB 10 -77.79 -43.96 -59.02
N LEU XB 11 -77.91 -43.10 -58.01
CA LEU XB 11 -79.25 -42.64 -57.66
C LEU XB 11 -79.67 -41.45 -58.50
N TYR XB 12 -78.73 -40.59 -58.88
CA TYR XB 12 -79.01 -39.47 -59.75
C TYR XB 12 -77.73 -39.05 -60.47
N VAL XB 13 -77.92 -38.39 -61.61
CA VAL XB 13 -76.83 -37.74 -62.34
C VAL XB 13 -77.01 -36.24 -62.22
N PRO XB 14 -76.11 -35.53 -61.53
CA PRO XB 14 -76.29 -34.10 -61.33
C PRO XB 14 -76.12 -33.32 -62.63
N ARG XB 15 -76.75 -32.16 -62.67
CA ARG XB 15 -76.72 -31.32 -63.86
C ARG XB 15 -75.37 -30.62 -64.03
N LYS XB 16 -75.08 -30.26 -65.28
CA LYS XB 16 -73.90 -29.51 -65.64
C LYS XB 16 -74.31 -28.17 -66.24
N CYS XB 17 -73.50 -27.15 -65.97
CA CYS XB 17 -73.79 -25.81 -66.47
C CYS XB 17 -73.65 -25.76 -67.98
N SER XB 18 -74.56 -25.02 -68.62
CA SER XB 18 -74.59 -24.93 -70.07
C SER XB 18 -73.43 -24.14 -70.65
N ALA XB 19 -72.64 -23.46 -69.82
CA ALA XB 19 -71.55 -22.62 -70.29
C ALA XB 19 -70.19 -23.20 -69.96
N SER XB 20 -69.91 -23.45 -68.68
CA SER XB 20 -68.61 -23.95 -68.26
C SER XB 20 -68.56 -25.47 -68.15
N ASN XB 21 -69.69 -26.15 -68.37
CA ASN XB 21 -69.78 -27.61 -68.29
C ASN XB 21 -69.41 -28.12 -66.90
N ARG XB 22 -69.44 -27.25 -65.90
CA ARG XB 22 -69.14 -27.64 -64.53
C ARG XB 22 -70.35 -28.30 -63.91
N ILE XB 23 -70.08 -29.30 -63.09
CA ILE XB 23 -71.15 -29.99 -62.37
C ILE XB 23 -71.68 -29.06 -61.28
N ILE XB 24 -72.96 -29.24 -60.93
CA ILE XB 24 -73.59 -28.47 -59.88
C ILE XB 24 -73.85 -29.40 -58.70
N GLY XB 25 -73.26 -29.08 -57.56
CA GLY XB 25 -73.44 -29.88 -56.37
C GLY XB 25 -74.84 -29.74 -55.80
N ALA XB 26 -75.25 -30.78 -55.07
CA ALA XB 26 -76.62 -30.85 -54.56
C ALA XB 26 -76.90 -29.76 -53.54
N LYS XB 27 -75.87 -29.18 -52.93
CA LYS XB 27 -76.06 -28.10 -51.98
C LYS XB 27 -75.75 -26.73 -52.58
N ASP XB 28 -75.36 -26.66 -53.85
CA ASP XB 28 -75.11 -25.38 -54.50
C ASP XB 28 -76.45 -24.69 -54.70
N HIS XB 29 -76.64 -23.55 -54.03
CA HIS XB 29 -77.89 -22.83 -54.09
C HIS XB 29 -77.84 -21.60 -54.98
N ALA XB 30 -76.75 -21.40 -55.71
CA ALA XB 30 -76.60 -20.25 -56.59
C ALA XB 30 -76.60 -20.65 -58.07
N SER XB 31 -77.34 -21.70 -58.42
CA SER XB 31 -77.45 -22.14 -59.80
C SER XB 31 -78.93 -22.22 -60.19
N ILE XB 32 -79.25 -21.73 -61.39
CA ILE XB 32 -80.63 -21.60 -61.82
C ILE XB 32 -80.84 -22.37 -63.11
N GLN XB 33 -82.00 -23.01 -63.23
CA GLN XB 33 -82.44 -23.59 -64.50
C GLN XB 33 -83.47 -22.62 -65.09
N MET XB 34 -82.96 -21.57 -65.72
CA MET XB 34 -83.79 -20.48 -66.22
C MET XB 34 -84.56 -20.90 -67.45
N ASN XB 35 -85.79 -20.42 -67.57
CA ASN XB 35 -86.67 -20.76 -68.68
C ASN XB 35 -86.85 -19.54 -69.58
N VAL XB 36 -86.49 -19.68 -70.86
CA VAL XB 36 -86.71 -18.66 -71.87
C VAL XB 36 -87.82 -19.14 -72.80
N ALA XB 37 -88.86 -18.32 -72.93
CA ALA XB 37 -90.07 -18.69 -73.65
C ALA XB 37 -90.05 -18.06 -75.04
N GLU XB 38 -89.73 -18.86 -76.06
CA GLU XB 38 -89.73 -18.35 -77.41
C GLU XB 38 -91.16 -18.25 -77.94
N VAL XB 39 -91.33 -17.41 -78.97
CA VAL XB 39 -92.63 -17.17 -79.55
C VAL XB 39 -92.62 -17.61 -81.00
N ASP XB 40 -93.82 -17.78 -81.55
CA ASP XB 40 -93.94 -18.25 -82.92
C ASP XB 40 -93.45 -17.19 -83.91
N LYS XB 41 -93.30 -17.61 -85.17
CA LYS XB 41 -92.61 -16.79 -86.15
C LYS XB 41 -93.47 -15.61 -86.62
N VAL XB 42 -94.79 -15.74 -86.58
CA VAL XB 42 -95.69 -14.80 -87.24
C VAL XB 42 -96.30 -13.80 -86.26
N THR XB 43 -96.89 -14.27 -85.16
CA THR XB 43 -97.65 -13.40 -84.29
C THR XB 43 -96.86 -12.90 -83.09
N GLY XB 44 -95.67 -13.45 -82.84
CA GLY XB 44 -94.96 -13.11 -81.63
C GLY XB 44 -95.69 -13.49 -80.37
N ARG XB 45 -96.44 -14.59 -80.39
CA ARG XB 45 -97.19 -15.04 -79.24
C ARG XB 45 -96.56 -16.31 -78.66
N PHE XB 46 -96.62 -16.42 -77.34
CA PHE XB 46 -96.10 -17.61 -76.67
C PHE XB 46 -96.87 -18.84 -77.14
N ASN XB 47 -96.14 -19.88 -77.52
CA ASN XB 47 -96.72 -21.08 -78.10
C ASN XB 47 -96.63 -22.28 -77.17
N GLY XB 48 -96.50 -22.06 -75.86
CA GLY XB 48 -96.50 -23.15 -74.91
C GLY XB 48 -95.14 -23.78 -74.68
N GLN XB 49 -94.47 -24.15 -75.76
CA GLN XB 49 -93.21 -24.86 -75.65
C GLN XB 49 -92.03 -23.89 -75.72
N PHE XB 50 -90.98 -24.21 -74.98
CA PHE XB 50 -89.84 -23.31 -74.82
C PHE XB 50 -88.60 -24.15 -74.52
N LYS XB 51 -87.50 -23.46 -74.24
CA LYS XB 51 -86.24 -24.11 -73.94
C LYS XB 51 -85.68 -23.50 -72.66
N THR XB 52 -84.80 -24.25 -71.99
CA THR XB 52 -84.28 -23.86 -70.68
C THR XB 52 -82.76 -23.97 -70.64
N TYR XB 53 -82.16 -23.09 -69.85
CA TYR XB 53 -80.70 -23.00 -69.68
C TYR XB 53 -80.35 -23.26 -68.23
N ALA XB 54 -79.08 -23.56 -67.96
CA ALA XB 54 -78.58 -23.74 -66.61
C ALA XB 54 -77.23 -23.07 -66.48
N ILE XB 55 -77.02 -22.33 -65.38
CA ILE XB 55 -75.75 -21.67 -65.10
C ILE XB 55 -75.34 -21.99 -63.67
N CYS XB 56 -74.12 -22.48 -63.49
CA CYS XB 56 -73.62 -22.85 -62.18
C CYS XB 56 -73.27 -21.60 -61.37
N GLY XB 57 -72.97 -21.83 -60.09
CA GLY XB 57 -72.82 -20.72 -59.16
C GLY XB 57 -71.65 -19.81 -59.44
N ALA XB 58 -70.48 -20.38 -59.72
CA ALA XB 58 -69.25 -19.59 -59.76
C ALA XB 58 -69.26 -18.60 -60.93
N ILE XB 59 -69.99 -18.93 -61.99
CA ILE XB 59 -70.03 -18.03 -63.16
C ILE XB 59 -70.74 -16.74 -62.81
N ARG XB 60 -71.90 -16.82 -62.17
CA ARG XB 60 -72.58 -15.63 -61.70
C ARG XB 60 -72.09 -15.20 -60.33
N ARG XB 61 -70.95 -15.72 -59.90
CA ARG XB 61 -70.21 -15.15 -58.79
C ARG XB 61 -69.15 -14.16 -59.24
N MET XB 62 -68.69 -14.27 -60.48
CA MET XB 62 -67.76 -13.31 -61.07
C MET XB 62 -68.44 -12.32 -61.99
N GLY XB 63 -69.75 -12.44 -62.20
CA GLY XB 63 -70.47 -11.55 -63.08
C GLY XB 63 -70.51 -11.96 -64.53
N GLU XB 64 -70.26 -13.24 -64.82
CA GLU XB 64 -70.11 -13.70 -66.19
C GLU XB 64 -71.39 -14.29 -66.78
N SER XB 65 -72.37 -14.63 -65.93
CA SER XB 65 -73.53 -15.37 -66.40
C SER XB 65 -74.35 -14.58 -67.41
N ASP XB 66 -74.32 -13.25 -67.33
CA ASP XB 66 -75.07 -12.44 -68.29
C ASP XB 66 -74.56 -12.64 -69.71
N ASP XB 67 -73.25 -12.56 -69.89
CA ASP XB 67 -72.65 -12.76 -71.20
C ASP XB 67 -72.87 -14.18 -71.71
N SER XB 68 -72.72 -15.17 -70.83
CA SER XB 68 -72.90 -16.56 -71.25
C SER XB 68 -74.34 -16.82 -71.66
N ILE XB 69 -75.30 -16.29 -70.91
CA ILE XB 69 -76.70 -16.45 -71.26
C ILE XB 69 -77.00 -15.76 -72.58
N LEU XB 70 -76.44 -14.56 -72.79
CA LEU XB 70 -76.61 -13.86 -74.05
C LEU XB 70 -76.06 -14.68 -75.22
N ARG XB 71 -74.87 -15.26 -75.04
CA ARG XB 71 -74.27 -16.08 -76.09
C ARG XB 71 -75.11 -17.32 -76.35
N LEU XB 72 -75.68 -17.92 -75.29
CA LEU XB 72 -76.46 -19.12 -75.46
C LEU XB 72 -77.77 -18.84 -76.18
N ALA XB 73 -78.40 -17.71 -75.88
CA ALA XB 73 -79.59 -17.31 -76.62
C ALA XB 73 -79.24 -16.98 -78.07
N LYS XB 74 -78.06 -16.40 -78.31
CA LYS XB 74 -77.59 -16.18 -79.67
C LYS XB 74 -77.42 -17.50 -80.41
N ALA XB 75 -76.85 -18.50 -79.73
CA ALA XB 75 -76.62 -19.79 -80.34
C ALA XB 75 -77.93 -20.51 -80.66
N ASP XB 76 -78.92 -20.37 -79.78
CA ASP XB 76 -80.20 -21.04 -80.01
C ASP XB 76 -81.11 -20.26 -80.95
N GLY XB 77 -80.69 -19.09 -81.43
CA GLY XB 77 -81.46 -18.32 -82.38
C GLY XB 77 -82.48 -17.37 -81.78
N ILE XB 78 -82.50 -17.22 -80.46
CA ILE XB 78 -83.45 -16.32 -79.82
C ILE XB 78 -83.11 -14.87 -80.16
N VAL XB 79 -81.84 -14.51 -80.08
CA VAL XB 79 -81.37 -13.18 -80.41
C VAL XB 79 -80.98 -13.16 -81.89
N SER XB 80 -81.42 -12.13 -82.60
CA SER XB 80 -81.14 -12.03 -84.03
C SER XB 80 -79.66 -11.79 -84.28
N LYS XB 81 -79.22 -12.12 -85.50
CA LYS XB 81 -77.79 -12.09 -85.82
C LYS XB 81 -77.25 -10.67 -85.86
N ASN XB 82 -78.06 -9.68 -86.24
CA ASN XB 82 -77.59 -8.31 -86.33
C ASN XB 82 -77.44 -7.64 -84.97
N PHE XB 83 -77.58 -8.40 -83.89
CA PHE XB 83 -77.39 -7.92 -82.52
C PHE XB 83 -76.05 -7.22 -82.32
N VAL YB 1 -35.04 -18.35 -66.06
CA VAL YB 1 -35.47 -18.10 -67.44
C VAL YB 1 -36.53 -19.10 -67.85
N ARG YB 2 -36.84 -19.13 -69.14
CA ARG YB 2 -37.82 -20.05 -69.69
C ARG YB 2 -37.09 -21.28 -70.21
N MET YB 3 -37.33 -22.43 -69.58
CA MET YB 3 -36.64 -23.65 -69.96
C MET YB 3 -37.54 -24.86 -70.11
N ASN YB 4 -38.86 -24.72 -69.90
CA ASN YB 4 -39.79 -25.84 -70.02
C ASN YB 4 -41.06 -25.33 -70.70
N VAL YB 5 -41.15 -25.55 -72.01
CA VAL YB 5 -42.32 -25.13 -72.77
C VAL YB 5 -43.56 -25.90 -72.30
N LEU YB 6 -43.41 -27.21 -72.08
CA LEU YB 6 -44.53 -28.03 -71.66
C LEU YB 6 -45.07 -27.57 -70.31
N ALA YB 7 -44.17 -27.22 -69.38
CA ALA YB 7 -44.60 -26.85 -68.04
C ALA YB 7 -45.47 -25.60 -68.05
N ASP YB 8 -44.98 -24.52 -68.67
CA ASP YB 8 -45.76 -23.29 -68.66
C ASP YB 8 -46.99 -23.41 -69.54
N ALA YB 9 -46.92 -24.17 -70.63
CA ALA YB 9 -48.10 -24.38 -71.46
C ALA YB 9 -49.21 -25.06 -70.67
N LEU YB 10 -48.87 -26.14 -69.96
CA LEU YB 10 -49.90 -26.88 -69.23
C LEU YB 10 -50.39 -26.09 -68.02
N LYS YB 11 -49.51 -25.31 -67.38
CA LYS YB 11 -49.98 -24.46 -66.29
C LYS YB 11 -50.93 -23.39 -66.78
N SER YB 12 -50.65 -22.80 -67.96
CA SER YB 12 -51.58 -21.83 -68.53
C SER YB 12 -52.91 -22.48 -68.87
N ILE YB 13 -52.87 -23.71 -69.38
CA ILE YB 13 -54.12 -24.43 -69.66
C ILE YB 13 -54.90 -24.67 -68.39
N ASN YB 14 -54.20 -25.07 -67.31
CA ASN YB 14 -54.85 -25.28 -66.02
C ASN YB 14 -55.51 -24.00 -65.52
N ASN YB 15 -54.79 -22.88 -65.62
CA ASN YB 15 -55.33 -21.61 -65.14
C ASN YB 15 -56.54 -21.19 -65.94
N ALA YB 16 -56.48 -21.34 -67.27
CA ALA YB 16 -57.62 -20.98 -68.10
C ALA YB 16 -58.82 -21.87 -67.81
N GLU YB 17 -58.60 -23.16 -67.60
CA GLU YB 17 -59.70 -24.07 -67.29
C GLU YB 17 -60.32 -23.75 -65.93
N LYS YB 18 -59.49 -23.41 -64.95
CA LYS YB 18 -60.00 -23.03 -63.64
C LYS YB 18 -60.79 -21.72 -63.74
N ARG YB 19 -60.35 -20.79 -64.57
CA ARG YB 19 -61.05 -19.53 -64.72
C ARG YB 19 -62.28 -19.64 -65.60
N GLY YB 20 -62.41 -20.73 -66.36
CA GLY YB 20 -63.55 -20.91 -67.22
C GLY YB 20 -63.42 -20.34 -68.61
N LYS YB 21 -62.21 -19.95 -69.03
CA LYS YB 21 -62.02 -19.41 -70.36
C LYS YB 21 -62.39 -20.43 -71.43
N ARG YB 22 -63.09 -19.96 -72.46
CA ARG YB 22 -63.40 -20.84 -73.57
C ARG YB 22 -62.21 -21.04 -74.50
N GLN YB 23 -61.19 -20.19 -74.39
CA GLN YB 23 -59.99 -20.30 -75.20
C GLN YB 23 -58.78 -19.92 -74.38
N VAL YB 24 -57.62 -20.48 -74.74
CA VAL YB 24 -56.36 -20.18 -74.09
C VAL YB 24 -55.33 -19.87 -75.17
N LEU YB 25 -54.31 -19.10 -74.80
CA LEU YB 25 -53.21 -18.77 -75.70
C LEU YB 25 -51.91 -19.13 -74.99
N ILE YB 26 -51.40 -20.33 -75.24
CA ILE YB 26 -50.09 -20.74 -74.77
C ILE YB 26 -49.06 -20.26 -75.76
N ARG YB 27 -48.09 -19.48 -75.29
CA ARG YB 27 -47.24 -18.71 -76.18
C ARG YB 27 -46.14 -19.55 -76.81
N PRO YB 28 -45.33 -20.31 -76.08
CA PRO YB 28 -44.31 -21.13 -76.76
C PRO YB 28 -44.91 -22.43 -77.29
N CYS YB 29 -44.57 -22.74 -78.54
CA CYS YB 29 -44.99 -24.00 -79.13
C CYS YB 29 -43.77 -24.90 -79.36
N SER YB 30 -44.05 -26.20 -79.47
CA SER YB 30 -43.04 -27.20 -79.77
C SER YB 30 -43.77 -28.47 -80.19
N LYS YB 31 -43.00 -29.44 -80.69
CA LYS YB 31 -43.62 -30.68 -81.15
C LYS YB 31 -44.11 -31.53 -79.98
N VAL YB 32 -43.39 -31.48 -78.86
CA VAL YB 32 -43.81 -32.26 -77.70
C VAL YB 32 -45.17 -31.78 -77.19
N ILE YB 33 -45.39 -30.47 -77.15
CA ILE YB 33 -46.64 -29.98 -76.60
C ILE YB 33 -47.79 -30.21 -77.57
N VAL YB 34 -47.53 -30.13 -78.88
CA VAL YB 34 -48.63 -30.39 -79.81
C VAL YB 34 -48.97 -31.87 -79.81
N ARG YB 35 -47.98 -32.75 -79.62
CA ARG YB 35 -48.30 -34.17 -79.43
C ARG YB 35 -49.06 -34.39 -78.13
N PHE YB 36 -48.73 -33.62 -77.08
CA PHE YB 36 -49.50 -33.67 -75.84
C PHE YB 36 -50.96 -33.30 -76.09
N LEU YB 37 -51.19 -32.22 -76.84
CA LEU YB 37 -52.54 -31.79 -77.14
C LEU YB 37 -53.29 -32.82 -77.98
N THR YB 38 -52.60 -33.42 -78.94
CA THR YB 38 -53.22 -34.47 -79.75
C THR YB 38 -53.62 -35.65 -78.89
N VAL YB 39 -52.75 -36.06 -77.96
CA VAL YB 39 -53.06 -37.16 -77.07
C VAL YB 39 -54.26 -36.83 -76.20
N MET YB 40 -54.28 -35.61 -75.63
CA MET YB 40 -55.37 -35.24 -74.75
C MET YB 40 -56.70 -35.15 -75.50
N MET YB 41 -56.69 -34.60 -76.70
CA MET YB 41 -57.93 -34.49 -77.46
C MET YB 41 -58.37 -35.85 -78.01
N LYS YB 42 -57.43 -36.79 -78.16
CA LYS YB 42 -57.80 -38.14 -78.57
C LYS YB 42 -58.65 -38.84 -77.52
N HIS YB 43 -58.46 -38.50 -76.25
CA HIS YB 43 -59.33 -38.97 -75.18
C HIS YB 43 -60.51 -38.04 -74.96
N GLY YB 44 -60.67 -37.03 -75.80
CA GLY YB 44 -61.78 -36.10 -75.70
C GLY YB 44 -61.61 -35.01 -74.68
N TYR YB 45 -60.46 -34.94 -74.00
CA TYR YB 45 -60.32 -34.04 -72.87
C TYR YB 45 -60.27 -32.57 -73.30
N ILE YB 46 -59.79 -32.30 -74.52
CA ILE YB 46 -59.74 -30.93 -75.01
C ILE YB 46 -60.28 -30.89 -76.44
N GLY YB 47 -60.70 -29.70 -76.84
CA GLY YB 47 -61.23 -29.51 -78.17
C GLY YB 47 -60.13 -29.29 -79.19
N GLU YB 48 -60.55 -28.84 -80.38
CA GLU YB 48 -59.60 -28.56 -81.44
C GLU YB 48 -58.66 -27.45 -81.02
N PHE YB 49 -57.42 -27.52 -81.48
CA PHE YB 49 -56.43 -26.50 -81.20
C PHE YB 49 -55.81 -26.04 -82.50
N GLU YB 50 -55.60 -24.73 -82.61
CA GLU YB 50 -55.06 -24.11 -83.81
C GLU YB 50 -53.66 -23.61 -83.53
N ILE YB 51 -52.79 -23.73 -84.54
CA ILE YB 51 -51.38 -23.37 -84.42
C ILE YB 51 -51.17 -22.06 -85.17
N ILE YB 52 -51.03 -20.97 -84.42
CA ILE YB 52 -50.56 -19.72 -85.00
C ILE YB 52 -49.13 -19.93 -85.45
N ASP YB 53 -48.85 -19.66 -86.72
CA ASP YB 53 -47.54 -19.95 -87.30
C ASP YB 53 -46.93 -18.65 -87.80
N ASP YB 54 -46.05 -18.07 -87.00
CA ASP YB 54 -45.11 -17.07 -87.47
C ASP YB 54 -43.75 -17.73 -87.65
N HIS YB 55 -42.78 -16.96 -88.15
CA HIS YB 55 -41.49 -17.54 -88.48
C HIS YB 55 -40.70 -17.95 -87.26
N ARG YB 56 -41.11 -17.52 -86.08
CA ARG YB 56 -40.48 -17.91 -84.83
C ARG YB 56 -41.20 -19.13 -84.26
N ALA YB 57 -40.91 -19.46 -83.00
CA ALA YB 57 -41.72 -20.44 -82.29
C ALA YB 57 -43.12 -19.88 -82.12
N GLY YB 58 -44.07 -20.42 -82.87
CA GLY YB 58 -45.41 -19.87 -82.92
C GLY YB 58 -46.17 -20.04 -81.62
N LYS YB 59 -47.38 -19.48 -81.61
CA LYS YB 59 -48.28 -19.56 -80.48
C LYS YB 59 -49.39 -20.55 -80.79
N ILE YB 60 -50.02 -21.06 -79.73
CA ILE YB 60 -51.09 -22.04 -79.86
C ILE YB 60 -52.33 -21.51 -79.15
N VAL YB 61 -53.44 -21.45 -79.86
CA VAL YB 61 -54.74 -21.11 -79.30
C VAL YB 61 -55.58 -22.38 -79.28
N VAL YB 62 -56.15 -22.68 -78.11
CA VAL YB 62 -56.83 -23.95 -77.87
C VAL YB 62 -58.28 -23.68 -77.48
N ASN YB 63 -59.20 -24.40 -78.10
CA ASN YB 63 -60.59 -24.42 -77.65
C ASN YB 63 -60.69 -25.28 -76.41
N LEU YB 64 -61.34 -24.77 -75.37
CA LEU YB 64 -61.47 -25.48 -74.11
C LEU YB 64 -62.87 -26.08 -74.02
N THR YB 65 -62.94 -27.39 -73.78
CA THR YB 65 -64.20 -28.09 -73.68
C THR YB 65 -64.82 -28.03 -72.30
N GLY YB 66 -64.05 -27.63 -71.28
CA GLY YB 66 -64.58 -27.54 -69.93
C GLY YB 66 -64.74 -28.85 -69.21
N ARG YB 67 -64.24 -29.96 -69.78
CA ARG YB 67 -64.33 -31.27 -69.14
C ARG YB 67 -63.00 -31.72 -68.57
N LEU YB 68 -62.08 -30.78 -68.32
CA LEU YB 68 -60.79 -31.07 -67.76
C LEU YB 68 -60.70 -30.46 -66.36
N ASN YB 69 -59.99 -31.14 -65.46
CA ASN YB 69 -59.77 -30.64 -64.11
C ASN YB 69 -58.32 -30.27 -63.87
N LYS YB 70 -57.40 -31.19 -64.09
CA LYS YB 70 -55.97 -30.91 -63.94
C LYS YB 70 -55.23 -31.57 -65.08
N CYS YB 71 -54.29 -30.85 -65.67
CA CYS YB 71 -53.43 -31.34 -66.73
C CYS YB 71 -51.98 -31.09 -66.36
N GLY YB 72 -51.62 -31.45 -65.14
CA GLY YB 72 -50.31 -31.11 -64.61
C GLY YB 72 -49.18 -31.85 -65.30
N VAL YB 73 -47.98 -31.31 -65.10
CA VAL YB 73 -46.76 -31.79 -65.73
C VAL YB 73 -45.80 -32.22 -64.62
N ILE YB 74 -44.94 -33.19 -64.95
CA ILE YB 74 -43.85 -33.60 -64.08
C ILE YB 74 -42.57 -33.23 -64.80
N SER YB 75 -41.97 -32.10 -64.41
CA SER YB 75 -40.84 -31.54 -65.15
C SER YB 75 -39.61 -32.43 -65.15
N PRO YB 76 -39.12 -32.97 -64.01
CA PRO YB 76 -38.01 -33.93 -64.10
C PRO YB 76 -38.46 -35.21 -64.78
N ARG YB 77 -37.96 -35.46 -65.99
CA ARG YB 77 -38.42 -36.58 -66.81
C ARG YB 77 -37.71 -37.85 -66.36
N PHE YB 78 -38.29 -38.47 -65.33
CA PHE YB 78 -37.72 -39.70 -64.79
C PHE YB 78 -37.87 -40.85 -65.78
N ASP YB 79 -36.81 -41.65 -65.88
CA ASP YB 79 -36.87 -42.87 -66.68
C ASP YB 79 -37.83 -43.86 -66.05
N VAL YB 80 -38.76 -44.36 -66.84
CA VAL YB 80 -39.84 -45.20 -66.33
C VAL YB 80 -39.77 -46.57 -66.99
N GLN YB 81 -39.79 -47.61 -66.16
CA GLN YB 81 -39.88 -48.99 -66.57
C GLN YB 81 -41.36 -49.36 -66.67
N LEU YB 82 -41.63 -50.54 -67.21
CA LEU YB 82 -42.98 -51.08 -67.13
C LEU YB 82 -43.27 -51.71 -65.78
N LYS YB 83 -42.24 -51.92 -64.95
CA LYS YB 83 -42.42 -52.49 -63.63
C LYS YB 83 -42.86 -51.46 -62.60
N ASP YB 84 -42.53 -50.19 -62.80
CA ASP YB 84 -42.95 -49.12 -61.91
C ASP YB 84 -43.97 -48.19 -62.56
N LEU YB 85 -44.50 -48.58 -63.72
CA LEU YB 85 -45.57 -47.81 -64.35
C LEU YB 85 -46.80 -47.76 -63.47
N GLU YB 86 -47.10 -48.85 -62.76
CA GLU YB 86 -48.22 -48.86 -61.83
C GLU YB 86 -47.96 -47.93 -60.66
N LYS YB 87 -46.71 -47.78 -60.24
CA LYS YB 87 -46.39 -46.87 -59.14
C LYS YB 87 -46.64 -45.43 -59.54
N TRP YB 88 -46.18 -45.02 -60.72
CA TRP YB 88 -46.50 -43.68 -61.20
C TRP YB 88 -48.01 -43.52 -61.41
N GLN YB 89 -48.67 -44.59 -61.87
CA GLN YB 89 -50.10 -44.54 -62.13
C GLN YB 89 -50.89 -44.29 -60.86
N ASN YB 90 -50.62 -45.04 -59.80
CA ASN YB 90 -51.37 -44.85 -58.56
C ASN YB 90 -50.79 -43.76 -57.66
N ASN YB 91 -49.66 -43.16 -58.04
CA ASN YB 91 -49.20 -41.96 -57.35
C ASN YB 91 -49.73 -40.69 -57.99
N LEU YB 92 -50.03 -40.72 -59.28
CA LEU YB 92 -50.41 -39.51 -60.00
C LEU YB 92 -51.87 -39.46 -60.42
N LEU YB 93 -52.49 -40.60 -60.70
CA LEU YB 93 -53.83 -40.54 -61.26
C LEU YB 93 -54.89 -40.70 -60.18
N PRO YB 94 -56.00 -39.95 -60.28
CA PRO YB 94 -57.01 -39.98 -59.22
C PRO YB 94 -57.66 -41.35 -59.01
N SER YB 95 -57.84 -42.14 -60.06
CA SER YB 95 -58.48 -43.44 -59.90
C SER YB 95 -58.08 -44.34 -61.06
N ARG YB 96 -58.49 -45.60 -60.99
CA ARG YB 96 -58.18 -46.61 -61.98
C ARG YB 96 -59.13 -46.59 -63.17
N GLN YB 97 -60.23 -45.85 -63.08
CA GLN YB 97 -61.21 -45.83 -64.15
C GLN YB 97 -60.91 -44.80 -65.23
N PHE YB 98 -60.07 -43.83 -64.95
CA PHE YB 98 -59.76 -42.77 -65.91
C PHE YB 98 -58.40 -42.17 -65.54
N GLY YB 99 -58.08 -41.04 -66.15
CA GLY YB 99 -56.76 -40.46 -66.01
C GLY YB 99 -55.78 -41.09 -66.96
N PHE YB 100 -54.92 -40.29 -67.60
CA PHE YB 100 -53.98 -40.80 -68.58
C PHE YB 100 -52.62 -40.13 -68.40
N ILE YB 101 -51.64 -40.92 -67.99
CA ILE YB 101 -50.27 -40.46 -67.83
C ILE YB 101 -49.56 -40.61 -69.17
N VAL YB 102 -49.07 -39.50 -69.71
CA VAL YB 102 -48.44 -39.48 -71.02
C VAL YB 102 -46.92 -39.55 -70.83
N LEU YB 103 -46.29 -40.45 -71.57
CA LEU YB 103 -44.84 -40.64 -71.54
C LEU YB 103 -44.31 -40.76 -72.96
N THR YB 104 -43.10 -40.27 -73.16
CA THR YB 104 -42.47 -40.36 -74.48
C THR YB 104 -41.70 -41.67 -74.60
N THR YB 105 -42.27 -42.60 -75.35
CA THR YB 105 -41.61 -43.84 -75.72
C THR YB 105 -40.80 -43.60 -76.98
N SER YB 106 -40.12 -44.64 -77.44
CA SER YB 106 -39.45 -44.55 -78.73
C SER YB 106 -40.43 -44.78 -79.87
N ALA YB 107 -41.62 -45.28 -79.57
CA ALA YB 107 -42.68 -45.40 -80.55
C ALA YB 107 -43.46 -44.11 -80.74
N GLY YB 108 -43.19 -43.10 -79.92
CA GLY YB 108 -43.89 -41.84 -80.03
C GLY YB 108 -44.19 -41.23 -78.67
N ILE YB 109 -45.23 -40.41 -78.60
CA ILE YB 109 -45.67 -39.80 -77.35
C ILE YB 109 -47.15 -40.12 -77.19
N MET YB 110 -47.49 -40.82 -76.12
CA MET YB 110 -48.86 -41.26 -75.91
C MET YB 110 -49.05 -41.57 -74.43
N ASP YB 111 -50.24 -42.03 -74.08
CA ASP YB 111 -50.55 -42.33 -72.69
C ASP YB 111 -49.87 -43.63 -72.25
N HIS YB 112 -50.21 -44.07 -71.03
CA HIS YB 112 -49.53 -45.22 -70.45
C HIS YB 112 -50.24 -46.52 -70.79
N GLU YB 113 -51.53 -46.48 -71.08
CA GLU YB 113 -52.23 -47.70 -71.46
C GLU YB 113 -51.75 -48.21 -72.82
N GLU YB 114 -51.56 -47.30 -73.78
CA GLU YB 114 -50.99 -47.69 -75.06
C GLU YB 114 -49.56 -48.19 -74.90
N ALA YB 115 -48.80 -47.56 -73.99
CA ALA YB 115 -47.44 -48.01 -73.74
C ALA YB 115 -47.41 -49.42 -73.17
N ARG YB 116 -48.29 -49.72 -72.21
CA ARG YB 116 -48.38 -51.07 -71.68
C ARG YB 116 -48.86 -52.05 -72.75
N ARG YB 117 -49.77 -51.59 -73.62
CA ARG YB 117 -50.29 -52.45 -74.68
C ARG YB 117 -49.19 -52.93 -75.61
N LYS YB 118 -48.29 -52.03 -75.99
CA LYS YB 118 -47.16 -52.38 -76.85
C LYS YB 118 -45.97 -52.88 -76.08
N HIS YB 119 -46.06 -52.95 -74.74
CA HIS YB 119 -44.99 -53.40 -73.86
C HIS YB 119 -43.71 -52.59 -74.10
N THR YB 120 -43.80 -51.29 -73.80
CA THR YB 120 -42.69 -50.38 -73.98
C THR YB 120 -42.66 -49.39 -72.81
N GLY YB 121 -41.47 -48.88 -72.53
CA GLY YB 121 -41.28 -47.81 -71.57
C GLY YB 121 -40.91 -46.50 -72.24
N GLY YB 122 -40.50 -45.54 -71.42
CA GLY YB 122 -40.09 -44.26 -71.97
C GLY YB 122 -39.58 -43.28 -70.92
N LYS YB 123 -39.83 -42.00 -71.16
CA LYS YB 123 -39.52 -40.93 -70.22
C LYS YB 123 -40.81 -40.21 -69.87
N ILE YB 124 -40.96 -39.86 -68.60
CA ILE YB 124 -42.23 -39.29 -68.14
C ILE YB 124 -42.36 -37.88 -68.68
N LEU YB 125 -43.58 -37.51 -69.07
CA LEU YB 125 -43.86 -36.16 -69.52
C LEU YB 125 -44.88 -35.45 -68.65
N GLY YB 126 -46.05 -36.05 -68.44
CA GLY YB 126 -47.10 -35.36 -67.72
C GLY YB 126 -48.32 -36.24 -67.54
N PHE YB 127 -49.42 -35.61 -67.17
CA PHE YB 127 -50.63 -36.32 -66.81
C PHE YB 127 -51.81 -35.37 -66.94
N PHE YB 128 -53.01 -35.96 -67.02
CA PHE YB 128 -54.22 -35.16 -67.10
C PHE YB 128 -55.39 -36.03 -66.69
N PHE YB 129 -56.42 -35.40 -66.13
CA PHE YB 129 -57.62 -36.10 -65.68
C PHE YB 129 -58.77 -35.12 -65.45
N GLY ZB 1 -37.69 -22.89 -53.83
CA GLY ZB 1 -37.94 -24.31 -53.66
C GLY ZB 1 -36.67 -25.13 -53.63
N LYS ZB 2 -36.82 -26.45 -53.66
CA LYS ZB 2 -35.68 -27.35 -53.62
C LYS ZB 2 -35.19 -27.69 -55.02
N CYS ZB 3 -34.16 -28.52 -55.08
CA CYS ZB 3 -33.53 -28.88 -56.34
C CYS ZB 3 -34.13 -30.16 -56.88
N ARG ZB 4 -34.49 -30.15 -58.16
CA ARG ZB 4 -35.22 -31.24 -58.79
C ARG ZB 4 -34.60 -31.71 -60.10
N GLY ZB 5 -33.31 -31.47 -60.32
CA GLY ZB 5 -32.70 -31.86 -61.57
C GLY ZB 5 -32.41 -33.36 -61.63
N LEU ZB 6 -31.94 -33.78 -62.80
CA LEU ZB 6 -31.72 -35.21 -63.03
C LEU ZB 6 -30.47 -35.73 -62.30
N ARG ZB 7 -29.38 -34.99 -62.33
CA ARG ZB 7 -28.14 -35.40 -61.70
C ARG ZB 7 -27.89 -34.62 -60.40
N THR ZB 8 -28.95 -34.35 -59.66
CA THR ZB 8 -28.86 -33.54 -58.46
C THR ZB 8 -29.08 -34.34 -57.17
N ALA ZB 9 -28.88 -35.66 -57.22
CA ALA ZB 9 -29.06 -36.45 -56.02
C ALA ZB 9 -27.97 -36.19 -54.99
N ARG ZB 10 -26.77 -35.83 -55.45
CA ARG ZB 10 -25.66 -35.60 -54.53
C ARG ZB 10 -25.96 -34.43 -53.60
N LYS ZB 11 -26.43 -33.32 -54.16
CA LYS ZB 11 -26.79 -32.17 -53.34
C LYS ZB 11 -27.92 -32.50 -52.39
N LEU ZB 12 -28.89 -33.31 -52.85
CA LEU ZB 12 -30.01 -33.69 -52.00
C LEU ZB 12 -29.55 -34.49 -50.80
N ARG ZB 13 -28.73 -35.52 -51.02
CA ARG ZB 13 -28.29 -36.33 -49.89
C ARG ZB 13 -27.33 -35.57 -49.00
N SER ZB 14 -26.51 -34.69 -49.59
CA SER ZB 14 -25.64 -33.86 -48.77
C SER ZB 14 -26.44 -32.92 -47.88
N HIS ZB 15 -27.48 -32.30 -48.44
CA HIS ZB 15 -28.32 -31.41 -47.66
C HIS ZB 15 -29.08 -32.17 -46.58
N ARG ZB 16 -29.54 -33.38 -46.89
CA ARG ZB 16 -30.24 -34.17 -45.88
C ARG ZB 16 -29.30 -34.55 -44.74
N ARG ZB 17 -28.11 -35.07 -45.07
CA ARG ZB 17 -27.18 -35.48 -44.02
C ARG ZB 17 -26.63 -34.29 -43.25
N ASP ZB 18 -26.55 -33.11 -43.87
CA ASP ZB 18 -26.18 -31.92 -43.12
C ASP ZB 18 -27.28 -31.52 -42.16
N GLN ZB 19 -28.54 -31.61 -42.60
CA GLN ZB 19 -29.67 -31.17 -41.81
C GLN ZB 19 -30.14 -32.23 -40.81
N LYS ZB 20 -29.66 -33.46 -40.93
CA LYS ZB 20 -30.15 -34.54 -40.06
C LYS ZB 20 -29.78 -34.30 -38.60
N TRP ZB 21 -28.71 -33.55 -38.35
CA TRP ZB 21 -28.26 -33.32 -37.00
C TRP ZB 21 -29.15 -32.35 -36.22
N HIS ZB 22 -30.06 -31.65 -36.90
CA HIS ZB 22 -30.79 -30.57 -36.25
C HIS ZB 22 -31.95 -31.05 -35.38
N ASP ZB 23 -32.28 -32.34 -35.40
CA ASP ZB 23 -33.21 -32.88 -34.42
C ASP ZB 23 -32.43 -33.48 -33.26
N LYS ZB 24 -33.13 -33.63 -32.13
CA LYS ZB 24 -32.45 -34.07 -30.92
C LYS ZB 24 -32.16 -35.56 -30.94
N GLN ZB 25 -33.09 -36.37 -31.47
CA GLN ZB 25 -32.97 -37.81 -31.36
C GLN ZB 25 -31.79 -38.35 -32.16
N TYR ZB 26 -31.70 -37.98 -33.44
CA TYR ZB 26 -30.56 -38.43 -34.25
C TYR ZB 26 -29.26 -37.89 -33.70
N LYS ZB 27 -29.28 -36.65 -33.22
CA LYS ZB 27 -28.10 -36.04 -32.62
C LYS ZB 27 -27.58 -36.88 -31.46
N LYS ZB 28 -28.45 -37.21 -30.50
CA LYS ZB 28 -27.99 -37.98 -29.35
C LYS ZB 28 -27.63 -39.41 -29.73
N ALA ZB 29 -28.33 -39.98 -30.71
CA ALA ZB 29 -28.06 -41.37 -31.07
C ALA ZB 29 -26.83 -41.50 -31.97
N HIS ZB 30 -26.34 -40.40 -32.53
CA HIS ZB 30 -25.22 -40.46 -33.46
C HIS ZB 30 -24.06 -39.55 -33.09
N LEU ZB 31 -24.09 -38.94 -31.89
CA LEU ZB 31 -22.91 -38.24 -31.43
C LEU ZB 31 -22.09 -39.06 -30.44
N GLY ZB 32 -22.75 -39.70 -29.49
CA GLY ZB 32 -22.04 -40.42 -28.45
C GLY ZB 32 -21.74 -39.59 -27.21
N THR ZB 33 -21.99 -38.29 -27.24
CA THR ZB 33 -21.86 -37.50 -26.02
C THR ZB 33 -22.86 -37.93 -24.96
N ALA ZB 34 -24.10 -38.19 -25.37
CA ALA ZB 34 -25.08 -38.71 -24.42
C ALA ZB 34 -24.85 -40.17 -24.12
N LEU ZB 35 -24.15 -40.88 -25.00
CA LEU ZB 35 -23.81 -42.28 -24.74
C LEU ZB 35 -22.80 -42.39 -23.60
N LYS ZB 36 -21.73 -41.59 -23.65
CA LYS ZB 36 -20.79 -41.58 -22.54
C LYS ZB 36 -21.37 -40.87 -21.32
N ALA ZB 37 -22.24 -39.88 -21.53
CA ALA ZB 37 -22.91 -39.24 -20.42
C ALA ZB 37 -23.92 -40.16 -19.74
N ASN ZB 38 -24.29 -41.26 -20.40
CA ASN ZB 38 -25.27 -42.18 -19.85
C ASN ZB 38 -24.67 -42.90 -18.65
N PRO ZB 39 -25.25 -42.79 -17.46
CA PRO ZB 39 -24.72 -43.53 -16.30
C PRO ZB 39 -24.76 -45.03 -16.51
N PHE ZB 40 -25.80 -45.55 -17.17
CA PHE ZB 40 -25.83 -46.95 -17.53
C PHE ZB 40 -24.87 -47.29 -18.66
N GLY ZB 41 -24.47 -46.29 -19.45
CA GLY ZB 41 -23.58 -46.54 -20.57
C GLY ZB 41 -24.19 -47.42 -21.63
N GLY ZB 42 -25.44 -47.18 -21.99
CA GLY ZB 42 -26.12 -48.05 -22.94
C GLY ZB 42 -26.43 -49.42 -22.41
N ALA ZB 43 -26.95 -49.52 -21.19
CA ALA ZB 43 -27.37 -50.79 -20.60
C ALA ZB 43 -28.86 -50.75 -20.29
N SER ZB 44 -29.54 -51.87 -20.53
CA SER ZB 44 -30.94 -51.96 -20.14
C SER ZB 44 -31.10 -51.96 -18.62
N HIS ZB 45 -30.24 -52.70 -17.93
CA HIS ZB 45 -30.20 -52.72 -16.48
C HIS ZB 45 -28.74 -52.70 -16.05
N ALA ZB 46 -28.53 -52.35 -14.79
CA ALA ZB 46 -27.19 -52.31 -14.24
C ALA ZB 46 -27.23 -52.85 -12.83
N LYS ZB 47 -26.05 -53.07 -12.26
CA LYS ZB 47 -25.91 -53.49 -10.87
C LYS ZB 47 -25.03 -52.49 -10.14
N GLY ZB 48 -25.30 -52.31 -8.85
CA GLY ZB 48 -24.57 -51.34 -8.06
C GLY ZB 48 -24.70 -51.65 -6.60
N ILE ZB 49 -24.16 -50.76 -5.77
CA ILE ZB 49 -24.20 -50.89 -4.32
C ILE ZB 49 -24.99 -49.72 -3.75
N VAL ZB 50 -25.53 -49.92 -2.56
CA VAL ZB 50 -26.24 -48.85 -1.86
C VAL ZB 50 -25.22 -48.07 -1.05
N LEU ZB 51 -25.04 -46.80 -1.41
CA LEU ZB 51 -24.10 -45.94 -0.69
C LEU ZB 51 -24.76 -45.33 0.54
N GLU ZB 52 -25.89 -44.66 0.36
CA GLU ZB 52 -26.67 -44.08 1.43
C GLU ZB 52 -28.14 -44.29 1.13
N LYS ZB 53 -28.98 -43.65 1.94
CA LYS ZB 53 -30.42 -43.55 1.69
C LYS ZB 53 -30.81 -42.09 1.85
N VAL ZB 54 -31.56 -41.58 0.88
CA VAL ZB 54 -31.92 -40.16 0.86
C VAL ZB 54 -33.42 -40.02 0.59
N GLY ZB 55 -33.87 -38.77 0.63
CA GLY ZB 55 -35.20 -38.43 0.17
C GLY ZB 55 -35.12 -37.25 -0.76
N VAL ZB 56 -36.14 -37.04 -1.59
CA VAL ZB 56 -36.20 -35.89 -2.46
C VAL ZB 56 -37.62 -35.33 -2.46
N GLU ZB 57 -37.72 -34.02 -2.23
CA GLU ZB 57 -39.02 -33.35 -2.27
C GLU ZB 57 -39.54 -33.36 -3.71
N ALA ZB 58 -40.86 -33.40 -3.84
CA ALA ZB 58 -41.49 -33.42 -5.15
C ALA ZB 58 -41.45 -32.03 -5.78
N LYS ZB 59 -42.17 -31.87 -6.88
CA LYS ZB 59 -42.19 -30.60 -7.59
C LYS ZB 59 -43.02 -29.58 -6.82
N GLN ZB 60 -43.20 -28.41 -7.43
CA GLN ZB 60 -43.96 -27.36 -6.77
C GLN ZB 60 -45.44 -27.70 -6.53
N PRO ZB 61 -46.20 -28.32 -7.45
CA PRO ZB 61 -47.62 -28.53 -7.14
C PRO ZB 61 -47.86 -29.68 -6.18
N ASN ZB 62 -46.93 -30.63 -6.09
CA ASN ZB 62 -47.07 -31.77 -5.20
C ASN ZB 62 -46.24 -31.56 -3.94
N SER ZB 63 -46.47 -32.43 -2.96
CA SER ZB 63 -45.70 -32.37 -1.71
C SER ZB 63 -45.67 -33.78 -1.12
N ALA ZB 64 -44.56 -34.47 -1.36
CA ALA ZB 64 -44.34 -35.82 -0.85
C ALA ZB 64 -42.85 -36.13 -0.94
N ILE ZB 65 -42.34 -36.83 0.08
CA ILE ZB 65 -40.93 -37.21 0.12
C ILE ZB 65 -40.79 -38.45 -0.72
N ARG ZB 66 -40.19 -38.29 -1.90
CA ARG ZB 66 -39.93 -39.42 -2.77
C ARG ZB 66 -38.67 -40.15 -2.33
N LYS ZB 67 -38.86 -41.33 -1.75
CA LYS ZB 67 -37.77 -42.09 -1.14
C LYS ZB 67 -36.80 -42.58 -2.21
N CYS ZB 68 -35.51 -42.35 -1.98
CA CYS ZB 68 -34.49 -42.58 -2.99
C CYS ZB 68 -33.23 -43.11 -2.32
N VAL ZB 69 -32.33 -43.65 -3.13
CA VAL ZB 69 -31.08 -44.23 -2.63
C VAL ZB 69 -29.94 -43.81 -3.55
N ARG ZB 70 -28.86 -43.31 -2.94
CA ARG ZB 70 -27.61 -43.05 -3.65
C ARG ZB 70 -26.96 -44.40 -3.99
N VAL ZB 71 -26.56 -44.57 -5.25
CA VAL ZB 71 -26.11 -45.86 -5.75
C VAL ZB 71 -24.75 -45.71 -6.42
N GLN ZB 72 -23.84 -46.63 -6.14
CA GLN ZB 72 -22.55 -46.71 -6.82
C GLN ZB 72 -22.55 -47.90 -7.77
N LEU ZB 73 -22.55 -47.64 -9.07
CA LEU ZB 73 -22.55 -48.71 -10.06
C LEU ZB 73 -21.26 -49.52 -9.97
N ILE ZB 74 -21.41 -50.85 -9.96
CA ILE ZB 74 -20.24 -51.71 -9.82
C ILE ZB 74 -19.34 -51.61 -11.04
N LYS ZB 75 -19.91 -51.35 -12.21
CA LYS ZB 75 -19.11 -50.94 -13.35
C LYS ZB 75 -18.97 -49.42 -13.35
N ASN ZB 76 -17.76 -48.95 -13.61
CA ASN ZB 76 -17.35 -47.56 -13.79
C ASN ZB 76 -17.60 -46.65 -12.58
N GLY ZB 77 -18.13 -47.21 -11.49
CA GLY ZB 77 -18.10 -46.53 -10.19
C GLY ZB 77 -18.73 -45.16 -10.15
N LYS ZB 78 -19.87 -44.97 -10.82
CA LYS ZB 78 -20.51 -43.67 -10.87
C LYS ZB 78 -21.69 -43.61 -9.90
N LYS ZB 79 -22.34 -42.45 -9.87
CA LYS ZB 79 -23.40 -42.13 -8.91
C LYS ZB 79 -24.72 -42.00 -9.63
N ILE ZB 80 -25.77 -42.65 -9.12
CA ILE ZB 80 -27.13 -42.41 -9.58
C ILE ZB 80 -28.05 -42.29 -8.38
N THR ZB 81 -29.24 -41.76 -8.64
CA THR ZB 81 -30.32 -41.68 -7.66
C THR ZB 81 -31.42 -42.64 -8.09
N ALA ZB 82 -31.76 -43.58 -7.21
CA ALA ZB 82 -32.69 -44.66 -7.54
C ALA ZB 82 -33.90 -44.60 -6.61
N PHE ZB 83 -35.01 -44.08 -7.10
CA PHE ZB 83 -36.26 -44.10 -6.38
C PHE ZB 83 -36.78 -45.54 -6.28
N VAL ZB 84 -37.24 -45.91 -5.09
CA VAL ZB 84 -37.73 -47.25 -4.82
C VAL ZB 84 -39.24 -47.24 -5.06
N PRO ZB 85 -39.75 -48.06 -5.98
CA PRO ZB 85 -41.13 -47.89 -6.45
C PRO ZB 85 -42.18 -48.69 -5.70
N ASN ZB 86 -42.27 -48.53 -4.39
CA ASN ZB 86 -43.28 -49.25 -3.61
C ASN ZB 86 -43.63 -48.46 -2.35
N ASP ZB 87 -44.73 -48.85 -1.73
CA ASP ZB 87 -45.19 -48.18 -0.51
C ASP ZB 87 -44.32 -48.54 0.69
N GLY ZB 88 -43.95 -49.81 0.80
CA GLY ZB 88 -43.25 -50.28 1.99
C GLY ZB 88 -42.00 -51.09 1.70
N CYS ZB 89 -41.19 -50.66 0.75
CA CYS ZB 89 -40.00 -51.43 0.39
C CYS ZB 89 -38.70 -50.75 0.76
N LEU ZB 90 -38.71 -49.51 1.26
CA LEU ZB 90 -37.45 -48.93 1.72
C LEU ZB 90 -36.98 -49.60 3.00
N ASN ZB 91 -37.88 -50.16 3.79
CA ASN ZB 91 -37.45 -50.96 4.92
C ASN ZB 91 -36.86 -52.28 4.45
N PHE ZB 92 -37.19 -52.70 3.23
CA PHE ZB 92 -36.46 -53.81 2.61
C PHE ZB 92 -35.09 -53.36 2.12
N ILE ZB 93 -34.90 -52.07 1.93
CA ILE ZB 93 -33.61 -51.50 1.55
C ILE ZB 93 -32.79 -51.27 2.80
N GLU ZB 94 -31.49 -51.50 2.70
CA GLU ZB 94 -30.55 -51.08 3.72
C GLU ZB 94 -29.24 -50.72 3.02
N GLU ZB 95 -28.22 -50.41 3.81
CA GLU ZB 95 -26.97 -49.95 3.23
C GLU ZB 95 -26.19 -51.11 2.62
N ASN ZB 96 -25.40 -50.76 1.59
CA ASN ZB 96 -24.43 -51.68 0.97
C ASN ZB 96 -25.12 -52.91 0.38
N ASP ZB 97 -26.23 -52.69 -0.33
CA ASP ZB 97 -26.95 -53.76 -0.99
C ASP ZB 97 -26.68 -53.75 -2.48
N GLU ZB 98 -26.52 -54.95 -3.05
CA GLU ZB 98 -26.47 -55.09 -4.50
C GLU ZB 98 -27.86 -54.84 -5.05
N VAL ZB 99 -28.00 -53.79 -5.85
CA VAL ZB 99 -29.30 -53.43 -6.42
C VAL ZB 99 -29.21 -53.50 -7.94
N LEU ZB 100 -30.18 -54.18 -8.54
CA LEU ZB 100 -30.32 -54.27 -9.98
C LEU ZB 100 -31.14 -53.07 -10.44
N VAL ZB 101 -30.47 -52.00 -10.81
CA VAL ZB 101 -31.11 -50.75 -11.18
C VAL ZB 101 -31.48 -50.79 -12.66
N ALA ZB 102 -32.51 -50.03 -13.02
CA ALA ZB 102 -33.07 -50.09 -14.37
C ALA ZB 102 -33.37 -48.67 -14.85
N GLY ZB 103 -34.07 -48.59 -15.98
CA GLY ZB 103 -34.49 -47.32 -16.54
C GLY ZB 103 -35.71 -46.77 -15.82
N PHE ZB 104 -36.25 -45.68 -16.38
CA PHE ZB 104 -37.30 -44.96 -15.68
C PHE ZB 104 -38.42 -44.49 -16.61
N GLY ZB 105 -38.35 -44.78 -17.90
CA GLY ZB 105 -39.52 -44.63 -18.74
C GLY ZB 105 -39.40 -43.77 -19.98
N ARG ZB 106 -38.68 -42.66 -19.89
CA ARG ZB 106 -38.56 -41.73 -21.01
C ARG ZB 106 -37.10 -41.42 -21.31
N LYS ZB 107 -36.29 -42.48 -21.38
CA LYS ZB 107 -34.96 -42.45 -21.95
C LYS ZB 107 -34.05 -41.50 -21.15
N GLY ZB 108 -33.85 -41.85 -19.88
CA GLY ZB 108 -33.00 -41.05 -19.02
C GLY ZB 108 -33.49 -39.65 -18.76
N HIS ZB 109 -34.77 -39.50 -18.45
CA HIS ZB 109 -35.36 -38.20 -18.21
C HIS ZB 109 -36.25 -38.25 -16.98
N ALA ZB 110 -36.41 -37.11 -16.33
CA ALA ZB 110 -37.22 -37.03 -15.13
C ALA ZB 110 -38.68 -37.33 -15.44
N VAL ZB 111 -39.28 -38.20 -14.64
CA VAL ZB 111 -40.68 -38.59 -14.81
C VAL ZB 111 -41.45 -38.11 -13.60
N GLY ZB 112 -42.56 -37.42 -13.85
CA GLY ZB 112 -43.45 -37.03 -12.78
C GLY ZB 112 -42.87 -35.93 -11.90
N ASP ZB 113 -43.27 -35.97 -10.63
CA ASP ZB 113 -42.96 -34.91 -9.68
C ASP ZB 113 -41.58 -35.05 -9.06
N ILE ZB 114 -40.81 -36.08 -9.44
CA ILE ZB 114 -39.49 -36.33 -8.84
C ILE ZB 114 -38.47 -35.54 -9.64
N PRO ZB 115 -37.78 -34.57 -9.03
CA PRO ZB 115 -36.71 -33.85 -9.75
C PRO ZB 115 -35.40 -34.61 -9.68
N GLY ZB 116 -34.82 -34.87 -10.84
CA GLY ZB 116 -33.49 -35.47 -10.90
C GLY ZB 116 -33.37 -36.92 -10.48
N VAL ZB 117 -34.29 -37.77 -10.91
CA VAL ZB 117 -34.16 -39.21 -10.75
C VAL ZB 117 -34.47 -39.86 -12.10
N ARG ZB 118 -33.57 -40.71 -12.58
CA ARG ZB 118 -33.74 -41.36 -13.88
C ARG ZB 118 -33.62 -42.87 -13.82
N PHE ZB 119 -33.68 -43.46 -12.62
CA PHE ZB 119 -33.45 -44.89 -12.49
C PHE ZB 119 -34.34 -45.47 -11.39
N LYS ZB 120 -34.55 -46.78 -11.48
CA LYS ZB 120 -35.40 -47.51 -10.55
C LYS ZB 120 -34.63 -48.70 -10.00
N VAL ZB 121 -35.18 -49.31 -8.95
CA VAL ZB 121 -34.63 -50.55 -8.39
C VAL ZB 121 -35.64 -51.66 -8.62
N VAL ZB 122 -35.21 -52.75 -9.25
CA VAL ZB 122 -36.09 -53.87 -9.51
C VAL ZB 122 -35.72 -55.11 -8.71
N LYS ZB 123 -34.47 -55.24 -8.27
CA LYS ZB 123 -34.06 -56.34 -7.38
C LYS ZB 123 -33.06 -55.80 -6.36
N VAL ZB 124 -33.04 -56.43 -5.19
CA VAL ZB 124 -32.08 -56.14 -4.14
C VAL ZB 124 -31.59 -57.46 -3.58
N ALA ZB 125 -30.29 -57.74 -3.75
CA ALA ZB 125 -29.67 -58.97 -3.26
C ALA ZB 125 -30.37 -60.21 -3.82
N ASN ZB 126 -30.49 -60.24 -5.16
CA ASN ZB 126 -30.89 -61.44 -5.91
C ASN ZB 126 -32.36 -61.82 -5.66
N VAL ZB 127 -33.11 -60.91 -5.05
CA VAL ZB 127 -34.55 -61.10 -4.88
C VAL ZB 127 -35.26 -59.85 -5.36
N SER ZB 128 -36.40 -60.04 -6.02
CA SER ZB 128 -37.07 -58.95 -6.70
C SER ZB 128 -37.89 -58.11 -5.73
N LEU ZB 129 -38.06 -56.83 -6.08
CA LEU ZB 129 -38.89 -55.94 -5.29
C LEU ZB 129 -40.35 -56.39 -5.29
N LEU ZB 130 -40.85 -56.85 -6.43
CA LEU ZB 130 -42.24 -57.30 -6.50
C LEU ZB 130 -42.48 -58.48 -5.58
N ALA ZB 131 -41.58 -59.46 -5.60
CA ALA ZB 131 -41.72 -60.62 -4.74
C ALA ZB 131 -41.63 -60.24 -3.27
N LEU ZB 132 -40.73 -59.31 -2.94
CA LEU ZB 132 -40.61 -58.88 -1.55
C LEU ZB 132 -41.84 -58.10 -1.10
N TYR ZB 133 -42.44 -57.33 -2.00
CA TYR ZB 133 -43.61 -56.54 -1.62
C TYR ZB 133 -44.84 -57.42 -1.46
N LYS ZB 134 -45.01 -58.41 -2.34
CA LYS ZB 134 -46.15 -59.31 -2.18
C LYS ZB 134 -45.87 -60.43 -1.19
N GLY ZB 135 -44.65 -60.51 -0.66
CA GLY ZB 135 -44.34 -61.53 0.31
C GLY ZB 135 -44.17 -62.92 -0.26
N LYS ZB 136 -44.00 -63.04 -1.58
CA LYS ZB 136 -43.77 -64.35 -2.18
C LYS ZB 136 -42.46 -64.95 -1.69
N LYS ZB 137 -41.40 -64.15 -1.61
CA LYS ZB 137 -40.14 -64.60 -1.06
C LYS ZB 137 -39.65 -63.56 -0.07
N GLU ZB 138 -38.76 -64.00 0.83
CA GLU ZB 138 -38.31 -63.17 1.94
C GLU ZB 138 -36.91 -62.64 1.64
N ARG ZB 139 -36.52 -61.62 2.42
CA ARG ZB 139 -35.19 -61.05 2.32
C ARG ZB 139 -34.15 -62.14 2.63
N PRO ZB 140 -32.98 -62.09 1.99
CA PRO ZB 140 -31.97 -63.14 2.22
C PRO ZB 140 -31.26 -62.99 3.55
N ARG ZB 141 -31.87 -63.49 4.62
CA ARG ZB 141 -31.27 -63.44 5.95
C ARG ZB 141 -30.11 -64.42 6.04
N ASN AC 1 -53.15 -110.76 -32.95
CA ASN AC 1 -52.85 -111.54 -34.14
C ASN AC 1 -54.12 -111.81 -34.96
N ASP AC 2 -55.28 -111.62 -34.33
CA ASP AC 2 -56.55 -111.95 -34.99
C ASP AC 2 -56.83 -111.01 -36.15
N THR AC 3 -56.36 -109.75 -36.08
CA THR AC 3 -56.47 -108.80 -37.19
C THR AC 3 -55.08 -108.17 -37.38
N VAL AC 4 -54.24 -108.84 -38.16
CA VAL AC 4 -52.88 -108.41 -38.46
C VAL AC 4 -52.55 -108.88 -39.87
N THR AC 5 -52.12 -107.96 -40.73
CA THR AC 5 -51.79 -108.31 -42.10
C THR AC 5 -50.61 -107.46 -42.56
N ILE AC 6 -49.88 -107.98 -43.55
CA ILE AC 6 -48.71 -107.32 -44.10
C ILE AC 6 -48.99 -106.98 -45.55
N ARG AC 7 -48.80 -105.70 -45.91
CA ARG AC 7 -49.00 -105.24 -47.27
C ARG AC 7 -47.71 -104.56 -47.72
N THR AC 8 -47.14 -105.04 -48.82
CA THR AC 8 -45.90 -104.51 -49.34
C THR AC 8 -46.16 -103.47 -50.42
N ARG AC 9 -45.18 -102.60 -50.61
CA ARG AC 9 -45.20 -101.59 -51.67
C ARG AC 9 -43.76 -101.11 -51.89
N LYS AC 10 -43.55 -100.50 -53.06
CA LYS AC 10 -42.22 -100.07 -53.51
C LYS AC 10 -41.25 -101.25 -53.54
N PHE AC 11 -41.76 -102.42 -53.91
CA PHE AC 11 -40.96 -103.63 -53.93
C PHE AC 11 -39.99 -103.61 -55.11
N MET AC 12 -38.74 -103.98 -54.83
CA MET AC 12 -37.73 -104.08 -55.88
C MET AC 12 -36.61 -104.98 -55.38
N THR AC 13 -36.07 -105.77 -56.31
CA THR AC 13 -34.94 -106.64 -56.03
C THR AC 13 -33.70 -106.12 -56.75
N ASN AC 14 -32.54 -106.27 -56.11
CA ASN AC 14 -31.28 -105.86 -56.70
C ASN AC 14 -30.22 -106.92 -56.45
N ARG AC 15 -29.52 -107.29 -57.52
CA ARG AC 15 -28.37 -108.18 -57.41
C ARG AC 15 -27.13 -107.46 -56.93
N LEU AC 16 -27.22 -106.15 -56.73
CA LEU AC 16 -26.09 -105.40 -56.17
C LEU AC 16 -25.74 -105.91 -54.79
N LEU AC 17 -26.75 -106.21 -53.97
CA LEU AC 17 -26.52 -106.75 -52.63
C LEU AC 17 -27.23 -108.07 -52.40
N GLN AC 18 -27.75 -108.69 -53.48
CA GLN AC 18 -28.40 -110.00 -53.41
C GLN AC 18 -29.57 -109.99 -52.43
N ARG AC 19 -30.33 -108.89 -52.42
CA ARG AC 19 -31.41 -108.70 -51.47
C ARG AC 19 -32.64 -108.17 -52.19
N LYS AC 20 -33.78 -108.30 -51.53
CA LYS AC 20 -35.03 -107.71 -51.98
C LYS AC 20 -35.52 -106.75 -50.90
N GLN AC 21 -35.66 -105.48 -51.25
CA GLN AC 21 -36.05 -104.44 -50.32
C GLN AC 21 -37.42 -103.90 -50.69
N MET AC 22 -38.16 -103.46 -49.67
CA MET AC 22 -39.51 -102.97 -49.86
C MET AC 22 -39.89 -102.13 -48.66
N VAL AC 23 -41.09 -101.56 -48.73
CA VAL AC 23 -41.70 -100.85 -47.62
C VAL AC 23 -43.05 -101.49 -47.34
N ILE AC 24 -43.30 -101.85 -46.08
CA ILE AC 24 -44.52 -102.56 -45.71
C ILE AC 24 -45.22 -101.84 -44.58
N ASP AC 25 -46.52 -102.09 -44.47
CA ASP AC 25 -47.34 -101.58 -43.38
C ASP AC 25 -48.17 -102.70 -42.79
N VAL AC 26 -48.33 -102.68 -41.46
CA VAL AC 26 -49.10 -103.69 -40.75
C VAL AC 26 -50.18 -102.99 -39.94
N LEU AC 27 -51.39 -103.55 -39.98
CA LEU AC 27 -52.58 -102.88 -39.46
C LEU AC 27 -53.05 -103.61 -38.20
N HIS AC 28 -52.96 -102.92 -37.07
CA HIS AC 28 -53.51 -103.41 -35.81
C HIS AC 28 -54.59 -102.43 -35.32
N PRO AC 29 -55.86 -102.67 -35.62
CA PRO AC 29 -56.89 -101.65 -35.36
C PRO AC 29 -57.03 -101.26 -33.90
N GLY AC 30 -56.84 -102.19 -32.98
CA GLY AC 30 -57.03 -101.88 -31.57
C GLY AC 30 -55.87 -102.29 -30.70
N LYS AC 31 -54.78 -102.73 -31.32
CA LYS AC 31 -53.61 -103.20 -30.61
C LYS AC 31 -52.50 -102.15 -30.66
N ALA AC 32 -51.43 -102.44 -29.93
CA ALA AC 32 -50.22 -101.65 -30.01
C ALA AC 32 -49.49 -101.97 -31.32
N THR AC 33 -48.32 -101.39 -31.48
CA THR AC 33 -47.46 -101.73 -32.61
C THR AC 33 -47.13 -103.22 -32.54
N VAL AC 34 -47.10 -103.87 -33.70
CA VAL AC 34 -46.75 -105.28 -33.71
C VAL AC 34 -45.26 -105.43 -33.41
N PRO AC 35 -44.86 -106.31 -32.48
CA PRO AC 35 -43.43 -106.50 -32.22
C PRO AC 35 -42.71 -107.02 -33.46
N LYS AC 36 -41.48 -106.54 -33.64
CA LYS AC 36 -40.76 -106.71 -34.89
C LYS AC 36 -40.55 -108.17 -35.25
N THR AC 37 -40.43 -109.05 -34.24
CA THR AC 37 -40.23 -110.47 -34.52
C THR AC 37 -41.42 -111.04 -35.28
N GLU AC 38 -42.64 -110.63 -34.90
CA GLU AC 38 -43.82 -111.08 -35.60
C GLU AC 38 -43.81 -110.65 -37.07
N ILE AC 39 -43.42 -109.41 -37.33
CA ILE AC 39 -43.25 -108.97 -38.72
C ILE AC 39 -42.22 -109.85 -39.42
N ARG AC 40 -41.15 -110.19 -38.72
CA ARG AC 40 -40.09 -111.01 -39.32
C ARG AC 40 -40.64 -112.36 -39.77
N GLU AC 41 -41.31 -113.08 -38.85
CA GLU AC 41 -41.78 -114.41 -39.23
C GLU AC 41 -42.91 -114.33 -40.25
N LYS AC 42 -43.76 -113.31 -40.17
CA LYS AC 42 -44.88 -113.23 -41.10
C LYS AC 42 -44.39 -112.91 -42.51
N LEU AC 43 -43.43 -112.00 -42.62
CA LEU AC 43 -42.82 -111.69 -43.91
C LEU AC 43 -42.08 -112.90 -44.46
N ALA AC 44 -41.48 -113.71 -43.58
CA ALA AC 44 -40.94 -114.99 -44.02
C ALA AC 44 -42.02 -115.89 -44.57
N LYS AC 45 -43.18 -115.91 -43.92
CA LYS AC 45 -44.28 -116.77 -44.34
C LYS AC 45 -44.79 -116.39 -45.73
N MET AC 46 -45.01 -115.09 -45.96
CA MET AC 46 -45.58 -114.67 -47.23
C MET AC 46 -44.62 -114.86 -48.40
N TYR AC 47 -43.32 -114.74 -48.15
CA TYR AC 47 -42.32 -114.86 -49.22
C TYR AC 47 -41.60 -116.20 -49.20
N LYS AC 48 -42.12 -117.19 -48.46
CA LYS AC 48 -41.63 -118.56 -48.49
C LYS AC 48 -40.19 -118.68 -48.02
N THR AC 49 -39.78 -117.77 -47.14
CA THR AC 49 -38.42 -117.75 -46.62
C THR AC 49 -38.43 -118.12 -45.14
N THR AC 50 -37.27 -118.03 -44.51
CA THR AC 50 -37.11 -118.39 -43.10
C THR AC 50 -36.97 -117.15 -42.24
N PRO AC 51 -37.48 -117.18 -41.00
CA PRO AC 51 -37.49 -115.96 -40.16
C PRO AC 51 -36.18 -115.68 -39.46
N ASP AC 52 -35.06 -115.79 -40.19
CA ASP AC 52 -33.76 -115.42 -39.66
C ASP AC 52 -33.05 -114.54 -40.69
N VAL AC 53 -33.63 -114.49 -41.89
CA VAL AC 53 -33.13 -113.60 -42.93
C VAL AC 53 -33.96 -112.32 -43.00
N ILE AC 54 -35.09 -112.26 -42.30
CA ILE AC 54 -35.98 -111.11 -42.37
C ILE AC 54 -35.45 -110.00 -41.48
N PHE AC 55 -35.27 -108.82 -42.05
CA PHE AC 55 -34.81 -107.64 -41.34
C PHE AC 55 -35.82 -106.52 -41.54
N VAL AC 56 -36.22 -105.88 -40.44
CA VAL AC 56 -37.10 -104.72 -40.49
C VAL AC 56 -36.60 -103.68 -39.52
N PHE AC 57 -37.01 -102.44 -39.75
CA PHE AC 57 -36.59 -101.30 -38.94
C PHE AC 57 -37.47 -100.11 -39.26
N GLY AC 58 -37.41 -99.10 -38.40
CA GLY AC 58 -38.08 -97.83 -38.65
C GLY AC 58 -39.58 -97.94 -38.78
N PHE AC 59 -40.23 -98.64 -37.87
CA PHE AC 59 -41.69 -98.83 -37.92
C PHE AC 59 -42.35 -97.68 -37.16
N ARG AC 60 -42.74 -96.64 -37.90
CA ARG AC 60 -43.40 -95.47 -37.34
C ARG AC 60 -44.91 -95.71 -37.32
N THR AC 61 -45.52 -95.51 -36.16
CA THR AC 61 -46.95 -95.71 -36.00
C THR AC 61 -47.70 -94.46 -36.45
N HIS AC 62 -48.63 -94.65 -37.38
CA HIS AC 62 -49.49 -93.57 -37.82
C HIS AC 62 -50.41 -93.15 -36.67
N PHE AC 63 -50.73 -91.85 -36.64
CA PHE AC 63 -51.46 -91.28 -35.51
C PHE AC 63 -52.82 -91.94 -35.35
N GLY AC 64 -53.16 -92.26 -34.09
CA GLY AC 64 -54.39 -92.96 -33.80
C GLY AC 64 -54.29 -94.47 -33.85
N GLY AC 65 -53.08 -95.03 -33.79
CA GLY AC 65 -52.92 -96.46 -33.86
C GLY AC 65 -53.20 -96.99 -35.26
N GLY AC 66 -53.47 -98.29 -35.32
CA GLY AC 66 -53.80 -98.91 -36.58
C GLY AC 66 -52.59 -99.24 -37.41
N LYS AC 67 -52.34 -98.43 -38.43
CA LYS AC 67 -51.23 -98.65 -39.35
C LYS AC 67 -49.92 -98.26 -38.69
N THR AC 68 -48.88 -99.06 -38.95
CA THR AC 68 -47.50 -98.65 -38.73
C THR AC 68 -46.67 -99.16 -39.89
N THR AC 69 -45.82 -98.30 -40.43
CA THR AC 69 -45.08 -98.59 -41.64
C THR AC 69 -43.59 -98.63 -41.35
N GLY AC 70 -42.96 -99.73 -41.76
CA GLY AC 70 -41.52 -99.88 -41.64
C GLY AC 70 -40.92 -100.28 -42.97
N PHE AC 71 -39.60 -100.41 -42.98
CA PHE AC 71 -38.87 -100.80 -44.17
C PHE AC 71 -38.50 -102.28 -44.08
N GLY AC 72 -38.99 -103.07 -45.03
CA GLY AC 72 -38.65 -104.48 -45.06
C GLY AC 72 -37.37 -104.75 -45.81
N MET AC 73 -36.76 -105.90 -45.50
CA MET AC 73 -35.45 -106.25 -46.03
C MET AC 73 -35.27 -107.76 -45.92
N ILE AC 74 -35.09 -108.43 -47.06
CA ILE AC 74 -34.83 -109.87 -47.08
C ILE AC 74 -33.65 -110.13 -47.98
N TYR AC 75 -32.99 -111.27 -47.75
CA TYR AC 75 -31.82 -111.69 -48.52
C TYR AC 75 -32.02 -113.12 -48.99
N ASP AC 76 -31.13 -113.57 -49.89
CA ASP AC 76 -31.17 -114.94 -50.40
C ASP AC 76 -30.61 -115.96 -49.43
N SER AC 77 -29.79 -115.54 -48.47
CA SER AC 77 -29.25 -116.46 -47.46
C SER AC 77 -28.80 -115.62 -46.28
N LEU AC 78 -28.35 -116.31 -45.23
CA LEU AC 78 -27.83 -115.62 -44.05
C LEU AC 78 -26.42 -115.09 -44.28
N ASP AC 79 -25.62 -115.76 -45.10
CA ASP AC 79 -24.24 -115.34 -45.30
C ASP AC 79 -24.17 -113.98 -45.99
N TYR AC 80 -24.89 -113.84 -47.10
CA TYR AC 80 -24.93 -112.55 -47.79
C TYR AC 80 -25.57 -111.49 -46.90
N ALA AC 81 -26.62 -111.85 -46.16
CA ALA AC 81 -27.28 -110.88 -45.30
C ALA AC 81 -26.34 -110.36 -44.23
N LYS AC 82 -25.50 -111.23 -43.68
CA LYS AC 82 -24.62 -110.81 -42.60
C LYS AC 82 -23.34 -110.16 -43.11
N LYS AC 83 -22.96 -110.39 -44.37
CA LYS AC 83 -21.73 -109.78 -44.86
C LYS AC 83 -21.91 -108.28 -45.13
N ASN AC 84 -23.11 -107.85 -45.51
CA ASN AC 84 -23.36 -106.44 -45.80
C ASN AC 84 -24.66 -106.00 -45.13
N GLU AC 85 -24.52 -105.45 -43.93
CA GLU AC 85 -25.64 -105.02 -43.11
C GLU AC 85 -25.07 -104.15 -41.99
N PRO AC 86 -25.81 -103.17 -41.49
CA PRO AC 86 -25.34 -102.42 -40.31
C PRO AC 86 -25.16 -103.35 -39.13
N LYS AC 87 -24.11 -103.10 -38.35
CA LYS AC 87 -23.73 -104.01 -37.28
C LYS AC 87 -24.76 -104.02 -36.16
N HIS AC 88 -25.47 -102.91 -35.96
CA HIS AC 88 -26.53 -102.88 -34.95
C HIS AC 88 -27.68 -103.81 -35.31
N ARG AC 89 -28.07 -103.84 -36.58
CA ARG AC 89 -29.12 -104.76 -37.00
C ARG AC 89 -28.67 -106.21 -36.89
N LEU AC 90 -27.41 -106.49 -37.21
CA LEU AC 90 -26.89 -107.83 -37.03
C LEU AC 90 -26.92 -108.23 -35.57
N ALA AC 91 -26.55 -107.30 -34.68
CA ALA AC 91 -26.63 -107.57 -33.25
C ALA AC 91 -28.07 -107.71 -32.77
N ARG AC 92 -29.02 -107.10 -33.50
CA ARG AC 92 -30.43 -107.20 -33.11
C ARG AC 92 -30.95 -108.63 -33.26
N HIS AC 93 -30.29 -109.44 -34.08
CA HIS AC 93 -30.61 -110.85 -34.18
C HIS AC 93 -29.62 -111.72 -33.40
N GLY AC 94 -28.81 -111.12 -32.54
CA GLY AC 94 -27.81 -111.86 -31.78
C GLY AC 94 -26.60 -112.28 -32.58
N LEU AC 95 -26.40 -111.69 -33.76
CA LEU AC 95 -25.36 -112.13 -34.68
C LEU AC 95 -24.08 -111.30 -34.59
N TYR AC 96 -24.08 -110.22 -33.83
CA TYR AC 96 -22.91 -109.35 -33.73
C TYR AC 96 -22.74 -108.92 -32.29
N GLU AC 97 -21.49 -108.76 -31.86
CA GLU AC 97 -21.15 -108.49 -30.47
C GLU AC 97 -20.48 -107.13 -30.34
N LYS AC 98 -20.79 -106.43 -29.25
CA LYS AC 98 -20.18 -105.15 -28.93
C LYS AC 98 -19.85 -105.08 -27.44
N LYS AC 99 -19.22 -106.12 -26.91
CA LYS AC 99 -18.85 -106.18 -25.49
C LYS AC 99 -17.51 -105.48 -25.28
N LYS AC 100 -17.49 -104.18 -25.58
CA LYS AC 100 -16.26 -103.41 -25.57
C LYS AC 100 -16.40 -102.19 -24.66
N THR AC 101 -15.27 -101.55 -24.39
CA THR AC 101 -15.22 -100.38 -23.54
C THR AC 101 -15.77 -99.15 -24.27
N SER AC 102 -16.16 -98.16 -23.49
CA SER AC 102 -16.68 -96.92 -24.05
C SER AC 102 -15.55 -96.16 -24.76
N ARG AC 103 -15.97 -95.28 -25.67
CA ARG AC 103 -15.03 -94.58 -26.54
C ARG AC 103 -14.06 -93.70 -25.77
N LYS AC 104 -14.47 -93.18 -24.62
CA LYS AC 104 -13.63 -92.24 -23.89
C LYS AC 104 -12.40 -92.91 -23.31
N GLN AC 105 -12.57 -94.08 -22.67
CA GLN AC 105 -11.41 -94.78 -22.15
C GLN AC 105 -10.54 -95.33 -23.27
N ARG AC 106 -11.14 -95.64 -24.43
CA ARG AC 106 -10.35 -96.01 -25.59
C ARG AC 106 -9.48 -94.85 -26.05
N LYS AC 107 -10.04 -93.62 -26.01
CA LYS AC 107 -9.25 -92.43 -26.28
C LYS AC 107 -8.13 -92.26 -25.26
N GLU AC 108 -8.43 -92.53 -23.99
CA GLU AC 108 -7.41 -92.49 -22.94
C GLU AC 108 -6.27 -93.44 -23.27
N ARG AC 109 -6.61 -94.68 -23.64
CA ARG AC 109 -5.59 -95.66 -23.98
C ARG AC 109 -4.75 -95.22 -25.17
N LYS AC 110 -5.41 -94.70 -26.21
CA LYS AC 110 -4.67 -94.24 -27.38
C LYS AC 110 -3.76 -93.08 -27.03
N ASN AC 111 -4.23 -92.16 -26.19
CA ASN AC 111 -3.43 -91.00 -25.83
C ASN AC 111 -2.27 -91.37 -24.92
N ARG AC 112 -2.40 -92.44 -24.15
CA ARG AC 112 -1.39 -92.74 -23.14
C ARG AC 112 -0.13 -93.33 -23.75
N MET AC 113 -0.23 -94.20 -24.76
CA MET AC 113 1.00 -94.71 -25.34
C MET AC 113 1.59 -93.75 -26.36
N LYS AC 114 0.95 -92.60 -26.61
CA LYS AC 114 1.61 -91.56 -27.40
C LYS AC 114 2.82 -90.98 -26.68
N LYS AC 115 2.93 -91.21 -25.36
CA LYS AC 115 4.09 -90.79 -24.60
C LYS AC 115 5.28 -91.75 -24.77
N VAL AC 116 5.03 -93.04 -25.00
CA VAL AC 116 6.08 -94.03 -25.12
C VAL AC 116 6.43 -94.21 -26.60
N ARG AC 117 7.71 -94.40 -26.88
CA ARG AC 117 8.23 -94.48 -28.24
C ARG AC 117 8.86 -95.84 -28.48
N GLY AC 118 8.35 -96.54 -29.50
CA GLY AC 118 8.95 -97.79 -29.94
C GLY AC 118 8.59 -99.02 -29.14
N THR AC 119 9.11 -99.11 -27.92
CA THR AC 119 9.11 -100.33 -27.11
C THR AC 119 7.73 -100.93 -26.94
N ALA AC 120 7.54 -102.15 -27.46
CA ALA AC 120 6.22 -102.77 -27.46
C ALA AC 120 5.82 -103.22 -26.06
N LYS AC 121 6.78 -103.61 -25.22
CA LYS AC 121 6.44 -104.02 -23.85
C LYS AC 121 5.96 -102.83 -23.05
N ALA AC 122 6.48 -101.64 -23.34
CA ALA AC 122 5.99 -100.40 -22.76
C ALA AC 122 4.91 -99.74 -23.61
N ASN AC 123 4.52 -100.38 -24.71
CA ASN AC 123 3.40 -99.88 -25.50
C ASN AC 123 2.11 -100.61 -25.14
N VAL AC 124 2.13 -101.94 -25.14
CA VAL AC 124 1.00 -102.70 -24.61
C VAL AC 124 1.00 -102.67 -23.09
N GLY AC 125 2.12 -102.31 -22.47
CA GLY AC 125 2.20 -102.06 -21.05
C GLY AC 125 1.78 -100.67 -20.64
N ALA AC 126 1.46 -99.81 -21.60
CA ALA AC 126 1.05 -98.45 -21.29
C ALA AC 126 -0.29 -98.43 -20.55
N GLY AC 127 -1.23 -99.28 -20.97
CA GLY AC 127 -2.55 -99.31 -20.39
C GLY AC 127 -2.78 -100.34 -19.31
N LYS AC 128 -1.78 -101.16 -18.99
CA LYS AC 128 -1.93 -102.14 -17.92
C LYS AC 128 -2.13 -101.47 -16.57
N LYS AC 129 -1.34 -100.43 -16.28
CA LYS AC 129 -1.47 -99.75 -15.00
C LYS AC 129 -2.75 -98.92 -14.90
N PRO AC 130 -2.98 -97.91 -15.77
CA PRO AC 130 -4.20 -97.08 -15.60
C PRO AC 130 -5.42 -97.66 -16.31
N LYS AC 131 -6.06 -98.62 -15.66
CA LYS AC 131 -7.25 -99.27 -16.23
C LYS AC 131 -8.46 -98.34 -16.15
N THR BC 1 -48.34 -8.61 -34.85
CA THR BC 1 -49.25 -8.47 -35.97
C THR BC 1 -49.03 -7.15 -36.69
N LYS BC 2 -48.91 -7.22 -38.02
CA LYS BC 2 -48.76 -6.01 -38.83
C LYS BC 2 -50.02 -5.17 -38.73
N LYS BC 3 -49.94 -4.08 -37.95
CA LYS BC 3 -51.13 -3.26 -37.71
C LYS BC 3 -51.51 -2.46 -38.94
N ARG BC 4 -50.53 -1.87 -39.61
CA ARG BC 4 -50.77 -1.09 -40.82
C ARG BC 4 -49.92 -1.62 -41.97
N ARG BC 5 -50.52 -1.67 -43.16
CA ARG BC 5 -49.78 -2.08 -44.34
C ARG BC 5 -48.68 -1.09 -44.68
N ASN BC 6 -48.96 0.21 -44.57
CA ASN BC 6 -47.98 1.25 -44.84
C ASN BC 6 -47.02 1.47 -43.67
N ASN BC 7 -47.21 0.73 -42.57
CA ASN BC 7 -46.37 0.81 -41.38
C ASN BC 7 -46.43 2.19 -40.72
N GLY BC 8 -47.50 2.93 -40.98
CA GLY BC 8 -47.65 4.25 -40.40
C GLY BC 8 -46.81 5.33 -41.05
N ARG BC 9 -46.34 5.12 -42.27
CA ARG BC 9 -45.53 6.11 -42.97
C ARG BC 9 -45.72 5.94 -44.47
N ALA BC 10 -45.09 6.83 -45.22
CA ALA BC 10 -45.22 6.87 -46.67
C ALA BC 10 -44.03 6.26 -47.40
N LYS BC 11 -43.06 5.69 -46.67
CA LYS BC 11 -41.88 5.12 -47.30
C LYS BC 11 -42.28 3.89 -48.11
N LYS BC 12 -42.30 4.05 -49.44
CA LYS BC 12 -42.75 2.98 -50.32
C LYS BC 12 -41.68 2.52 -51.29
N GLY BC 13 -40.89 3.44 -51.84
CA GLY BC 13 -39.82 3.03 -52.73
C GLY BC 13 -38.50 3.65 -52.37
N ARG BC 14 -38.29 3.91 -51.08
CA ARG BC 14 -37.12 4.63 -50.60
C ARG BC 14 -36.39 3.79 -49.56
N GLY BC 15 -35.10 4.02 -49.44
CA GLY BC 15 -34.31 3.32 -48.44
C GLY BC 15 -34.18 4.11 -47.15
N HIS BC 16 -34.00 5.42 -47.27
CA HIS BC 16 -33.79 6.27 -46.11
C HIS BC 16 -34.45 7.62 -46.33
N VAL BC 17 -35.16 8.10 -45.30
CA VAL BC 17 -35.80 9.41 -45.31
C VAL BC 17 -35.22 10.22 -44.17
N GLN BC 18 -34.79 11.44 -44.47
CA GLN BC 18 -34.13 12.26 -43.47
C GLN BC 18 -35.10 12.62 -42.35
N PRO BC 19 -34.66 12.61 -41.10
CA PRO BC 19 -35.54 12.94 -39.98
C PRO BC 19 -35.74 14.44 -39.85
N ILE BC 20 -36.84 14.80 -39.19
CA ILE BC 20 -37.15 16.17 -38.82
C ILE BC 20 -37.50 16.18 -37.34
N ARG BC 21 -37.20 17.30 -36.69
CA ARG BC 21 -37.39 17.42 -35.26
C ARG BC 21 -38.84 17.79 -34.94
N CYS BC 22 -39.40 17.15 -33.93
CA CYS BC 22 -40.79 17.45 -33.54
C CYS BC 22 -40.87 18.86 -33.00
N THR BC 23 -41.97 19.55 -33.32
CA THR BC 23 -42.13 20.92 -32.87
C THR BC 23 -42.40 21.04 -31.38
N ASN BC 24 -42.76 19.93 -30.72
CA ASN BC 24 -43.03 19.96 -29.29
C ASN BC 24 -41.91 19.37 -28.44
N CYS BC 25 -41.23 18.34 -28.93
CA CYS BC 25 -40.20 17.68 -28.14
C CYS BC 25 -38.90 17.46 -28.89
N ALA BC 26 -38.84 17.78 -30.18
CA ALA BC 26 -37.63 17.63 -31.00
C ALA BC 26 -37.18 16.18 -31.08
N ARG BC 27 -38.09 15.29 -31.46
CA ARG BC 27 -37.75 13.91 -31.76
C ARG BC 27 -37.41 13.78 -33.23
N CYS BC 28 -36.36 13.03 -33.54
CA CYS BC 28 -35.95 12.81 -34.92
C CYS BC 28 -36.90 11.80 -35.56
N VAL BC 29 -38.00 12.31 -36.09
CA VAL BC 29 -39.05 11.51 -36.73
C VAL BC 29 -38.88 11.66 -38.23
N PRO BC 30 -38.87 10.57 -39.00
CA PRO BC 30 -38.69 10.69 -40.44
C PRO BC 30 -39.80 11.53 -41.07
N LYS BC 31 -39.43 12.24 -42.14
CA LYS BC 31 -40.29 13.30 -42.67
C LYS BC 31 -41.62 12.75 -43.16
N ASP BC 32 -41.61 11.60 -43.82
CA ASP BC 32 -42.85 11.05 -44.36
C ASP BC 32 -43.71 10.44 -43.25
N LYS BC 33 -43.11 10.11 -42.11
CA LYS BC 33 -43.88 9.51 -41.02
C LYS BC 33 -44.48 10.56 -40.11
N ALA BC 34 -43.83 11.72 -39.98
CA ALA BC 34 -44.31 12.75 -39.08
C ALA BC 34 -45.62 13.35 -39.59
N ILE BC 35 -46.42 13.84 -38.66
CA ILE BC 35 -47.69 14.48 -38.96
C ILE BC 35 -47.43 15.96 -39.21
N LYS BC 36 -47.91 16.46 -40.35
CA LYS BC 36 -47.73 17.86 -40.72
C LYS BC 36 -49.06 18.58 -40.60
N LYS BC 37 -49.06 19.73 -39.92
CA LYS BC 37 -50.21 20.61 -39.85
C LYS BC 37 -49.76 21.98 -40.35
N PHE BC 38 -50.24 22.36 -41.54
CA PHE BC 38 -49.90 23.66 -42.13
C PHE BC 38 -50.90 24.68 -41.64
N VAL BC 39 -50.73 25.09 -40.38
CA VAL BC 39 -51.67 26.00 -39.75
C VAL BC 39 -51.52 27.39 -40.37
N ILE BC 40 -52.63 27.97 -40.78
CA ILE BC 40 -52.67 29.28 -41.40
C ILE BC 40 -53.62 30.12 -40.53
N ARG BC 41 -53.06 30.79 -39.54
CA ARG BC 41 -53.87 31.48 -38.53
C ARG BC 41 -53.66 32.98 -38.63
N ASN BC 42 -54.73 33.73 -38.41
CA ASN BC 42 -54.65 35.18 -38.38
C ASN BC 42 -53.76 35.63 -37.24
N ILE BC 43 -52.97 36.68 -37.48
CA ILE BC 43 -52.05 37.18 -36.47
C ILE BC 43 -52.76 37.87 -35.32
N VAL BC 44 -54.07 38.04 -35.41
CA VAL BC 44 -54.89 38.67 -34.38
C VAL BC 44 -56.15 37.86 -34.18
N GLU BC 45 -56.54 37.68 -32.92
CA GLU BC 45 -57.78 36.97 -32.63
C GLU BC 45 -58.98 37.79 -33.13
N ALA BC 46 -60.04 37.07 -33.50
CA ALA BC 46 -61.15 37.68 -34.22
C ALA BC 46 -61.89 38.72 -33.39
N ALA BC 47 -61.88 38.60 -32.07
CA ALA BC 47 -62.59 39.56 -31.23
C ALA BC 47 -61.84 40.86 -31.07
N ALA BC 48 -60.62 40.95 -31.58
CA ALA BC 48 -59.82 42.16 -31.51
C ALA BC 48 -59.49 42.74 -32.88
N VAL BC 49 -60.01 42.16 -33.96
CA VAL BC 49 -59.74 42.72 -35.28
C VAL BC 49 -60.42 44.08 -35.43
N ARG BC 50 -61.58 44.27 -34.80
CA ARG BC 50 -62.22 45.57 -34.80
C ARG BC 50 -61.44 46.57 -33.97
N ASP BC 51 -60.79 46.09 -32.91
CA ASP BC 51 -59.93 46.96 -32.09
C ASP BC 51 -58.83 47.59 -32.94
N ILE BC 52 -58.08 46.77 -33.67
CA ILE BC 52 -56.96 47.27 -34.43
C ILE BC 52 -57.42 47.94 -35.73
N SER BC 53 -58.59 47.58 -36.24
CA SER BC 53 -59.10 48.27 -37.43
C SER BC 53 -59.59 49.68 -37.08
N GLU BC 54 -60.15 49.85 -35.88
CA GLU BC 54 -60.49 51.19 -35.42
C GLU BC 54 -59.25 51.99 -35.08
N ALA BC 55 -58.11 51.31 -34.90
CA ALA BC 55 -56.86 51.96 -34.56
C ALA BC 55 -55.85 51.97 -35.70
N SER BC 56 -56.26 51.66 -36.93
CA SER BC 56 -55.32 51.61 -38.04
C SER BC 56 -55.35 52.89 -38.85
N VAL BC 57 -54.21 53.20 -39.47
CA VAL BC 57 -54.11 54.41 -40.28
C VAL BC 57 -54.72 54.20 -41.65
N PHE BC 58 -54.78 52.96 -42.13
CA PHE BC 58 -55.37 52.64 -43.42
C PHE BC 58 -56.87 52.44 -43.28
N ASP BC 59 -57.55 52.39 -44.42
CA ASP BC 59 -58.98 52.07 -44.44
C ASP BC 59 -59.23 50.63 -44.84
N ALA BC 60 -58.76 50.23 -46.01
CA ALA BC 60 -58.86 48.84 -46.47
C ALA BC 60 -57.54 48.11 -46.20
N TYR BC 61 -57.21 47.98 -44.92
CA TYR BC 61 -55.98 47.30 -44.51
C TYR BC 61 -56.26 45.81 -44.38
N VAL BC 62 -55.73 45.04 -45.33
CA VAL BC 62 -55.85 43.58 -45.26
C VAL BC 62 -54.97 43.07 -44.13
N LEU BC 63 -55.59 42.48 -43.12
CA LEU BC 63 -54.86 42.07 -41.93
C LEU BC 63 -53.92 40.92 -42.27
N PRO BC 64 -52.64 41.00 -41.87
CA PRO BC 64 -51.68 39.97 -42.29
C PRO BC 64 -51.95 38.62 -41.65
N LYS BC 65 -51.37 37.60 -42.26
CA LYS BC 65 -51.61 36.21 -41.91
C LYS BC 65 -50.31 35.56 -41.42
N LEU BC 66 -50.45 34.65 -40.48
CA LEU BC 66 -49.32 33.91 -39.90
C LEU BC 66 -49.34 32.48 -40.45
N TYR BC 67 -48.20 32.04 -40.98
CA TYR BC 67 -48.05 30.70 -41.54
C TYR BC 67 -47.01 29.94 -40.73
N VAL BC 68 -47.37 28.75 -40.28
CA VAL BC 68 -46.48 27.90 -39.49
C VAL BC 68 -46.67 26.46 -39.94
N LYS BC 69 -45.56 25.75 -40.16
CA LYS BC 69 -45.59 24.31 -40.40
C LYS BC 69 -45.21 23.56 -39.14
N LEU BC 70 -46.04 22.58 -38.76
CA LEU BC 70 -45.89 21.86 -37.51
C LEU BC 70 -45.71 20.38 -37.80
N HIS BC 71 -44.59 19.83 -37.33
CA HIS BC 71 -44.30 18.41 -37.43
C HIS BC 71 -44.42 17.78 -36.06
N TYR BC 72 -45.13 16.66 -35.97
CA TYR BC 72 -45.35 15.95 -34.72
C TYR BC 72 -44.88 14.51 -34.83
N CYS BC 73 -44.24 14.03 -33.77
CA CYS BC 73 -44.22 12.60 -33.53
C CYS BC 73 -45.62 12.16 -33.10
N VAL BC 74 -45.90 10.86 -33.24
CA VAL BC 74 -47.25 10.39 -32.93
C VAL BC 74 -47.56 10.55 -31.45
N SER BC 75 -46.54 10.54 -30.59
CA SER BC 75 -46.78 10.75 -29.17
C SER BC 75 -47.27 12.16 -28.89
N CYS BC 76 -46.55 13.17 -29.41
CA CYS BC 76 -46.98 14.54 -29.20
C CYS BC 76 -48.27 14.84 -29.92
N ALA BC 77 -48.47 14.27 -31.10
CA ALA BC 77 -49.72 14.45 -31.83
C ALA BC 77 -50.89 13.90 -31.05
N ILE BC 78 -50.72 12.72 -30.45
CA ILE BC 78 -51.77 12.14 -29.62
C ILE BC 78 -52.01 12.99 -28.38
N HIS BC 79 -50.93 13.47 -27.75
CA HIS BC 79 -51.09 14.28 -26.55
C HIS BC 79 -51.80 15.59 -26.82
N SER BC 80 -51.57 16.19 -27.98
CA SER BC 80 -52.24 17.41 -28.38
C SER BC 80 -53.57 17.15 -29.06
N LYS BC 81 -53.99 15.89 -29.14
CA LYS BC 81 -55.29 15.49 -29.68
C LYS BC 81 -55.51 15.96 -31.11
N VAL BC 82 -54.45 16.12 -31.89
CA VAL BC 82 -54.63 16.38 -33.31
C VAL BC 82 -54.90 15.07 -34.05
N VAL BC 83 -54.46 13.95 -33.47
CA VAL BC 83 -54.81 12.63 -33.98
C VAL BC 83 -55.36 11.80 -32.83
N ARG BC 84 -56.19 10.81 -33.19
CA ARG BC 84 -56.81 9.94 -32.21
C ARG BC 84 -56.86 8.53 -32.78
N ASN BC 85 -57.00 7.55 -31.89
CA ASN BC 85 -57.10 6.18 -32.32
C ASN BC 85 -58.42 5.94 -33.06
N ARG BC 86 -58.42 4.93 -33.93
CA ARG BC 86 -59.59 4.58 -34.70
C ARG BC 86 -59.76 3.06 -34.68
N SER BC 87 -60.96 2.60 -34.97
CA SER BC 87 -61.23 1.18 -35.04
C SER BC 87 -60.53 0.57 -36.26
N ARG BC 88 -60.64 -0.75 -36.38
CA ARG BC 88 -59.86 -1.48 -37.38
C ARG BC 88 -60.20 -1.03 -38.79
N GLU BC 89 -61.48 -0.93 -39.12
CA GLU BC 89 -61.86 -0.43 -40.43
C GLU BC 89 -61.64 1.06 -40.55
N ALA BC 90 -61.78 1.80 -39.45
CA ALA BC 90 -61.64 3.25 -39.50
C ALA BC 90 -60.19 3.69 -39.69
N ARG BC 91 -59.23 2.80 -39.49
CA ARG BC 91 -57.84 3.16 -39.72
C ARG BC 91 -57.53 3.26 -41.21
N LYS BC 92 -58.25 2.50 -42.04
CA LYS BC 92 -57.87 2.35 -43.44
C LYS BC 92 -58.06 3.63 -44.24
N ASP BC 93 -59.16 4.35 -44.01
CA ASP BC 93 -59.48 5.49 -44.87
C ASP BC 93 -58.47 6.61 -44.66
N ARG BC 94 -58.29 7.42 -45.71
CA ARG BC 94 -57.30 8.48 -45.72
C ARG BC 94 -57.90 9.86 -45.95
N THR BC 95 -59.22 10.01 -45.88
CA THR BC 95 -59.85 11.29 -46.11
C THR BC 95 -59.75 12.16 -44.86
N PRO BC 96 -59.15 13.35 -44.95
CA PRO BC 96 -59.15 14.24 -43.80
C PRO BC 96 -60.56 14.70 -43.47
N PRO BC 97 -60.83 15.01 -42.21
CA PRO BC 97 -62.19 15.41 -41.84
C PRO BC 97 -62.55 16.74 -42.49
N PRO BC 98 -63.84 16.98 -42.72
CA PRO BC 98 -64.26 18.21 -43.40
C PRO BC 98 -63.94 19.45 -42.60
N ARG BC 99 -63.76 20.57 -43.32
CA ARG BC 99 -63.30 21.82 -42.73
C ARG BC 99 -64.39 22.57 -41.97
N PHE BC 100 -65.66 22.20 -42.13
CA PHE BC 100 -66.77 22.79 -41.39
C PHE BC 100 -66.85 24.31 -41.62
N ARG BC 101 -67.18 24.65 -42.87
CA ARG BC 101 -67.32 26.06 -43.25
C ARG BC 101 -68.40 26.82 -42.49
N PRO BC 102 -69.64 26.32 -42.30
CA PRO BC 102 -70.62 27.23 -41.69
C PRO BC 102 -70.39 27.47 -40.20
N PRO CC 1 -65.75 -11.58 -70.15
CA PRO CC 1 -65.76 -12.16 -71.49
C PRO CC 1 -64.89 -13.40 -71.61
N LEU CC 2 -65.38 -14.53 -71.07
CA LEU CC 2 -64.62 -15.77 -71.11
C LEU CC 2 -64.51 -16.36 -72.51
N ALA CC 3 -65.45 -16.05 -73.40
CA ALA CC 3 -65.49 -16.62 -74.74
C ALA CC 3 -65.04 -15.60 -75.79
N LYS CC 4 -64.08 -14.76 -75.44
CA LYS CC 4 -63.55 -13.79 -76.39
C LYS CC 4 -62.77 -14.50 -77.48
N ASP CC 5 -63.04 -14.13 -78.74
CA ASP CC 5 -62.43 -14.79 -79.88
C ASP CC 5 -60.96 -14.36 -79.97
N LEU CC 6 -60.06 -15.24 -79.55
CA LEU CC 6 -58.64 -14.95 -79.63
C LEU CC 6 -58.05 -15.30 -80.99
N LEU CC 7 -58.71 -16.17 -81.74
CA LEU CC 7 -58.18 -16.60 -83.04
C LEU CC 7 -58.08 -15.45 -84.02
N HIS CC 8 -59.14 -14.63 -84.11
CA HIS CC 8 -59.23 -13.56 -85.11
C HIS CC 8 -59.58 -12.25 -84.42
N PRO CC 9 -58.58 -11.51 -83.95
CA PRO CC 9 -58.86 -10.18 -83.40
C PRO CC 9 -59.06 -9.17 -84.51
N SER CC 10 -60.04 -8.28 -84.31
CA SER CC 10 -60.24 -7.19 -85.24
C SER CC 10 -59.05 -6.23 -85.16
N PRO CC 11 -58.72 -5.56 -86.28
CA PRO CC 11 -57.44 -4.83 -86.34
C PRO CC 11 -57.30 -3.69 -85.33
N GLU CC 12 -58.41 -3.15 -84.80
CA GLU CC 12 -58.31 -1.98 -83.94
C GLU CC 12 -57.60 -2.28 -82.62
N GLU CC 13 -57.92 -3.42 -82.00
CA GLU CC 13 -57.28 -3.72 -80.73
C GLU CC 13 -55.85 -4.21 -80.88
N GLU CC 14 -55.55 -4.94 -81.95
CA GLU CC 14 -54.16 -5.33 -82.16
C GLU CC 14 -53.30 -4.12 -82.52
N LYS CC 15 -53.86 -3.15 -83.24
CA LYS CC 15 -53.19 -1.87 -83.40
C LYS CC 15 -53.02 -1.18 -82.06
N ARG CC 16 -54.01 -1.31 -81.17
CA ARG CC 16 -53.95 -0.67 -79.86
C ARG CC 16 -52.82 -1.23 -79.02
N LYS CC 17 -52.68 -2.55 -78.96
CA LYS CC 17 -51.78 -3.14 -77.98
C LYS CC 17 -50.35 -3.20 -78.50
N HIS CC 18 -49.48 -3.76 -77.67
CA HIS CC 18 -48.05 -3.73 -77.91
C HIS CC 18 -47.68 -4.51 -79.16
N LYS CC 19 -46.60 -4.06 -79.80
CA LYS CC 19 -46.18 -4.67 -81.07
C LYS CC 19 -45.75 -6.12 -80.88
N LYS CC 20 -45.05 -6.42 -79.79
CA LYS CC 20 -44.64 -7.79 -79.53
C LYS CC 20 -45.83 -8.66 -79.14
N LYS CC 21 -46.83 -8.09 -78.49
CA LYS CC 21 -47.96 -8.85 -78.01
C LYS CC 21 -49.02 -9.08 -79.07
N ARG CC 22 -48.77 -8.72 -80.33
CA ARG CC 22 -49.65 -9.13 -81.40
C ARG CC 22 -49.49 -10.62 -81.67
N LEU CC 23 -50.57 -11.25 -82.12
CA LEU CC 23 -50.52 -12.68 -82.42
C LEU CC 23 -49.49 -12.97 -83.50
N VAL CC 24 -49.44 -12.12 -84.52
CA VAL CC 24 -48.38 -12.13 -85.52
C VAL CC 24 -47.66 -10.80 -85.39
N GLN CC 25 -46.34 -10.85 -85.16
CA GLN CC 25 -45.59 -9.63 -84.91
C GLN CC 25 -45.62 -8.71 -86.13
N SER CC 26 -45.96 -7.45 -85.88
CA SER CC 26 -46.07 -6.45 -86.95
C SER CC 26 -45.33 -5.20 -86.49
N PRO CC 27 -44.23 -4.82 -87.13
CA PRO CC 27 -43.51 -3.62 -86.70
C PRO CC 27 -44.31 -2.36 -86.99
N ASN CC 28 -44.42 -1.49 -85.99
CA ASN CC 28 -45.17 -0.26 -86.15
C ASN CC 28 -44.50 0.67 -87.15
N SER CC 29 -43.18 0.56 -87.29
CA SER CC 29 -42.45 1.42 -88.22
C SER CC 29 -42.68 0.96 -89.65
N TYR CC 30 -42.08 1.70 -90.58
CA TYR CC 30 -42.25 1.48 -92.01
C TYR CC 30 -41.22 2.30 -92.76
N PHE CC 31 -41.37 2.34 -94.08
CA PHE CC 31 -40.56 3.15 -94.97
C PHE CC 31 -41.47 4.11 -95.73
N MET CC 32 -40.95 5.28 -96.07
CA MET CC 32 -41.73 6.28 -96.78
C MET CC 32 -40.87 6.97 -97.83
N ASP CC 33 -41.53 7.53 -98.83
CA ASP CC 33 -40.86 8.36 -99.82
C ASP CC 33 -40.95 9.82 -99.39
N VAL CC 34 -39.87 10.56 -99.60
CA VAL CC 34 -39.81 11.97 -99.23
C VAL CC 34 -39.33 12.78 -100.43
N LYS CC 35 -39.90 13.97 -100.60
CA LYS CC 35 -39.52 14.89 -101.66
C LYS CC 35 -38.98 16.16 -101.03
N CYS CC 36 -37.67 16.36 -101.13
CA CYS CC 36 -37.11 17.63 -100.69
C CYS CC 36 -37.55 18.73 -101.65
N PRO CC 37 -38.11 19.84 -101.13
CA PRO CC 37 -38.54 20.92 -102.03
C PRO CC 37 -37.37 21.47 -102.83
N GLY CC 38 -37.63 21.76 -104.10
CA GLY CC 38 -36.57 22.18 -104.99
C GLY CC 38 -35.70 21.05 -105.50
N CYS CC 39 -36.02 19.80 -105.14
CA CYS CC 39 -35.26 18.65 -105.58
C CYS CC 39 -36.17 17.71 -106.33
N TYR CC 40 -35.73 17.28 -107.51
CA TYR CC 40 -36.53 16.42 -108.36
C TYR CC 40 -36.56 14.98 -107.86
N LYS CC 41 -35.50 14.52 -107.20
CA LYS CC 41 -35.35 13.11 -106.90
C LYS CC 41 -36.24 12.69 -105.74
N ILE CC 42 -36.51 11.39 -105.68
CA ILE CC 42 -37.22 10.76 -104.58
C ILE CC 42 -36.20 10.09 -103.68
N THR CC 43 -36.57 9.89 -102.43
CA THR CC 43 -35.69 9.25 -101.45
C THR CC 43 -36.54 8.47 -100.45
N THR CC 44 -36.14 7.24 -100.17
CA THR CC 44 -36.83 6.44 -99.15
C THR CC 44 -36.09 6.54 -97.83
N VAL CC 45 -36.84 6.67 -96.74
CA VAL CC 45 -36.28 6.80 -95.40
C VAL CC 45 -37.04 5.91 -94.46
N PHE CC 46 -36.43 5.63 -93.30
CA PHE CC 46 -37.10 4.86 -92.26
C PHE CC 46 -37.96 5.79 -91.42
N SER CC 47 -39.17 5.32 -91.08
CA SER CC 47 -40.11 6.17 -90.35
C SER CC 47 -39.59 6.51 -88.97
N HIS CC 48 -38.87 5.59 -88.34
CA HIS CC 48 -38.27 5.79 -87.03
C HIS CC 48 -36.78 6.03 -87.14
N ALA CC 49 -36.35 6.79 -88.15
CA ALA CC 49 -34.94 6.89 -88.49
C ALA CC 49 -34.11 7.44 -87.34
N GLN CC 50 -32.88 6.95 -87.23
CA GLN CC 50 -31.96 7.31 -86.17
C GLN CC 50 -30.86 8.24 -86.62
N THR CC 51 -30.56 8.28 -87.90
CA THR CC 51 -29.54 9.17 -88.45
C THR CC 51 -30.17 10.19 -89.38
N VAL CC 52 -29.56 11.37 -89.41
CA VAL CC 52 -30.02 12.46 -90.28
C VAL CC 52 -29.71 12.07 -91.72
N VAL CC 53 -30.74 11.91 -92.54
CA VAL CC 53 -30.55 11.65 -93.96
C VAL CC 53 -30.28 12.96 -94.68
N LEU CC 54 -29.19 12.98 -95.44
CA LEU CC 54 -28.76 14.17 -96.17
C LEU CC 54 -28.91 13.92 -97.67
N CYS CC 55 -29.47 14.89 -98.37
CA CYS CC 55 -29.59 14.79 -99.81
C CYS CC 55 -28.21 14.71 -100.44
N VAL CC 56 -28.01 13.71 -101.31
CA VAL CC 56 -26.74 13.61 -102.02
C VAL CC 56 -26.69 14.52 -103.24
N GLY CC 57 -27.80 15.20 -103.54
CA GLY CC 57 -27.86 16.22 -104.57
C GLY CC 57 -28.14 17.62 -104.07
N CYS CC 58 -28.22 17.82 -102.75
CA CYS CC 58 -28.50 19.14 -102.20
C CYS CC 58 -27.97 19.20 -100.77
N SER CC 59 -27.39 20.34 -100.40
CA SER CC 59 -26.92 20.52 -99.03
C SER CC 59 -28.09 20.89 -98.12
N THR CC 60 -28.83 19.88 -97.66
CA THR CC 60 -29.97 20.09 -96.78
C THR CC 60 -30.24 18.83 -95.99
N VAL CC 61 -30.83 19.02 -94.81
CA VAL CC 61 -31.27 17.91 -93.97
C VAL CC 61 -32.72 17.58 -94.33
N LEU CC 62 -33.13 16.36 -94.04
CA LEU CC 62 -34.47 15.90 -94.33
C LEU CC 62 -35.24 15.43 -93.12
N CYS CC 63 -34.55 14.86 -92.12
CA CYS CC 63 -35.17 14.42 -90.88
C CYS CC 63 -34.13 14.41 -89.78
N GLN CC 64 -34.58 14.63 -88.54
CA GLN CC 64 -33.68 14.64 -87.41
C GLN CC 64 -34.09 13.58 -86.40
N PRO CC 65 -33.14 13.02 -85.65
CA PRO CC 65 -33.48 11.93 -84.73
C PRO CC 65 -34.12 12.44 -83.45
N THR CC 66 -35.25 11.82 -83.10
CA THR CC 66 -35.88 12.03 -81.80
C THR CC 66 -36.07 10.67 -81.13
N GLY CC 67 -36.86 10.64 -80.06
CA GLY CC 67 -37.12 9.41 -79.35
C GLY CC 67 -37.71 8.29 -80.20
N GLY CC 68 -38.92 8.48 -80.69
CA GLY CC 68 -39.60 7.42 -81.39
C GLY CC 68 -39.64 7.52 -82.91
N LYS CC 69 -39.97 8.70 -83.44
CA LYS CC 69 -40.14 8.87 -84.88
C LYS CC 69 -39.35 10.07 -85.34
N ALA CC 70 -38.57 9.87 -86.41
CA ALA CC 70 -37.71 10.93 -86.93
C ALA CC 70 -38.56 12.06 -87.50
N ARG CC 71 -38.46 13.24 -86.91
CA ARG CC 71 -39.24 14.38 -87.35
C ARG CC 71 -38.62 14.98 -88.61
N LEU CC 72 -39.39 14.99 -89.69
CA LEU CC 72 -38.91 15.54 -90.96
C LEU CC 72 -38.96 17.07 -90.94
N THR CC 73 -38.05 17.66 -91.71
CA THR CC 73 -38.03 19.12 -91.85
C THR CC 73 -39.25 19.60 -92.63
N GLU CC 74 -39.78 20.75 -92.22
CA GLU CC 74 -41.06 21.22 -92.74
C GLU CC 74 -40.96 21.56 -94.21
N GLY CC 75 -42.08 21.36 -94.92
CA GLY CC 75 -42.13 21.55 -96.35
C GLY CC 75 -41.81 20.31 -97.15
N CYS CC 76 -41.34 19.25 -96.52
CA CYS CC 76 -41.04 18.00 -97.22
C CYS CC 76 -42.33 17.21 -97.41
N SER CC 77 -42.55 16.75 -98.64
CA SER CC 77 -43.68 15.90 -98.96
C SER CC 77 -43.35 14.45 -98.65
N PHE CC 78 -44.36 13.69 -98.27
CA PHE CC 78 -44.14 12.29 -97.92
C PHE CC 78 -45.31 11.44 -98.36
N ARG CC 79 -45.04 10.15 -98.56
CA ARG CC 79 -46.06 9.18 -98.90
C ARG CC 79 -45.64 7.81 -98.38
N ARG CC 80 -46.62 6.92 -98.23
CA ARG CC 80 -46.38 5.62 -97.67
C ARG CC 80 -45.70 4.70 -98.69
N LYS CC 81 -45.41 3.48 -98.24
CA LYS CC 81 -44.80 2.44 -99.08
C LYS CC 81 -45.57 1.15 -98.84
N GLN CC 82 -46.38 0.75 -99.82
CA GLN CC 82 -47.20 -0.46 -99.85
C GLN CC 82 -47.87 -0.79 -98.52
N HIS CC 83 -48.36 0.23 -97.83
CA HIS CC 83 -49.05 0.08 -96.54
C HIS CC 83 -48.21 -0.63 -95.49
N VAL DC 1 -29.09 -35.22 4.09
CA VAL DC 1 -30.48 -35.55 3.81
C VAL DC 1 -31.38 -34.81 4.81
N HIS DC 2 -32.63 -34.56 4.40
CA HIS DC 2 -33.61 -33.93 5.28
C HIS DC 2 -34.26 -34.91 6.25
N GLY DC 3 -33.98 -36.21 6.13
CA GLY DC 3 -34.41 -37.16 7.13
C GLY DC 3 -35.90 -37.42 7.17
N SER DC 4 -36.44 -38.04 6.11
CA SER DC 4 -37.85 -38.38 6.03
C SER DC 4 -38.01 -39.84 5.61
N LEU DC 5 -37.28 -40.73 6.26
CA LEU DC 5 -37.29 -42.15 5.93
C LEU DC 5 -37.89 -43.01 7.03
N ALA DC 6 -38.65 -42.42 7.96
CA ALA DC 6 -39.22 -43.17 9.06
C ALA DC 6 -40.66 -43.59 8.81
N ARG DC 7 -41.35 -42.97 7.85
CA ARG DC 7 -42.75 -43.25 7.59
C ARG DC 7 -42.94 -44.27 6.48
N ALA DC 8 -41.90 -45.03 6.14
CA ALA DC 8 -42.00 -45.98 5.04
C ALA DC 8 -43.03 -47.07 5.35
N GLY DC 9 -43.91 -47.32 4.39
CA GLY DC 9 -44.98 -48.28 4.59
C GLY DC 9 -45.96 -47.89 5.66
N LYS DC 10 -46.30 -46.60 5.74
CA LYS DC 10 -47.20 -46.14 6.79
C LYS DC 10 -48.62 -46.63 6.55
N VAL DC 11 -49.19 -46.29 5.39
CA VAL DC 11 -50.58 -46.62 5.11
C VAL DC 11 -50.78 -48.12 5.00
N ARG DC 12 -49.83 -48.82 4.36
CA ARG DC 12 -49.92 -50.27 4.31
C ARG DC 12 -49.81 -50.91 5.68
N GLY DC 13 -49.30 -50.17 6.68
CA GLY DC 13 -49.34 -50.66 8.04
C GLY DC 13 -50.67 -50.36 8.72
N GLN DC 14 -51.15 -49.12 8.59
CA GLN DC 14 -52.38 -48.72 9.26
C GLN DC 14 -53.62 -49.43 8.73
N THR DC 15 -53.65 -49.75 7.44
CA THR DC 15 -54.81 -50.42 6.86
C THR DC 15 -54.97 -51.82 7.47
N PRO DC 16 -56.15 -52.16 7.99
CA PRO DC 16 -56.33 -53.49 8.59
C PRO DC 16 -56.27 -54.59 7.54
N LYS DC 17 -55.81 -55.77 7.97
CA LYS DC 17 -55.58 -56.90 7.07
C LYS DC 17 -56.87 -57.72 7.01
N VAL DC 18 -57.59 -57.62 5.90
CA VAL DC 18 -58.81 -58.38 5.68
C VAL DC 18 -58.50 -59.59 4.82
N ALA DC 19 -58.96 -60.76 5.25
CA ALA DC 19 -58.67 -61.99 4.54
C ALA DC 19 -59.57 -62.14 3.32
N LYS DC 20 -58.99 -62.64 2.24
CA LYS DC 20 -59.77 -62.95 1.05
C LYS DC 20 -60.74 -64.09 1.34
N GLN DC 21 -62.01 -63.87 1.01
CA GLN DC 21 -63.02 -64.90 1.17
C GLN DC 21 -62.76 -66.06 0.22
N GLU DC 22 -63.15 -67.26 0.64
CA GLU DC 22 -63.07 -68.41 -0.26
C GLU DC 22 -64.19 -68.34 -1.29
N LYS DC 23 -63.82 -68.52 -2.55
CA LYS DC 23 -64.76 -68.37 -3.66
C LYS DC 23 -64.63 -69.56 -4.59
N LYS DC 24 -65.73 -69.91 -5.24
CA LYS DC 24 -65.70 -70.95 -6.25
C LYS DC 24 -64.83 -70.52 -7.42
N LYS DC 25 -64.04 -71.47 -7.93
CA LYS DC 25 -63.06 -71.16 -8.95
C LYS DC 25 -63.73 -70.67 -10.23
N LYS DC 26 -63.05 -69.76 -10.93
CA LYS DC 26 -63.53 -69.23 -12.19
C LYS DC 26 -63.15 -70.17 -13.32
N LYS DC 27 -64.08 -70.36 -14.25
CA LYS DC 27 -63.78 -71.14 -15.44
C LYS DC 27 -62.81 -70.38 -16.34
N THR DC 28 -61.88 -71.11 -16.94
CA THR DC 28 -60.82 -70.53 -17.74
C THR DC 28 -60.80 -71.17 -19.11
N GLY DC 29 -60.31 -70.41 -20.09
CA GLY DC 29 -60.20 -70.91 -21.45
C GLY DC 29 -61.45 -70.65 -22.24
N ARG DC 30 -61.91 -71.66 -22.99
CA ARG DC 30 -63.05 -71.48 -23.87
C ARG DC 30 -64.35 -71.30 -23.08
N ALA DC 31 -64.43 -71.89 -21.88
CA ALA DC 31 -65.62 -71.69 -21.05
C ALA DC 31 -65.75 -70.24 -20.61
N LYS DC 32 -64.63 -69.59 -20.29
CA LYS DC 32 -64.67 -68.19 -19.88
C LYS DC 32 -65.17 -67.29 -21.00
N ARG DC 33 -64.65 -67.49 -22.21
CA ARG DC 33 -65.09 -66.69 -23.35
C ARG DC 33 -66.53 -67.01 -23.73
N ARG DC 34 -66.92 -68.28 -23.63
CA ARG DC 34 -68.33 -68.64 -23.84
C ARG DC 34 -69.23 -67.90 -22.87
N MET DC 35 -68.87 -67.89 -21.59
CA MET DC 35 -69.67 -67.23 -20.56
C MET DC 35 -69.77 -65.74 -20.82
N GLN DC 36 -68.65 -65.11 -21.19
CA GLN DC 36 -68.67 -63.66 -21.41
C GLN DC 36 -69.47 -63.28 -22.65
N TYR DC 37 -69.29 -64.03 -23.74
CA TYR DC 37 -70.09 -63.82 -24.94
C TYR DC 37 -71.57 -64.02 -24.65
N ASN DC 38 -71.87 -65.02 -23.83
CA ASN DC 38 -73.24 -65.27 -23.39
C ASN DC 38 -73.78 -64.09 -22.59
N ARG DC 39 -72.95 -63.51 -21.73
CA ARG DC 39 -73.40 -62.39 -20.90
C ARG DC 39 -73.72 -61.16 -21.75
N ARG DC 40 -72.79 -60.76 -22.62
CA ARG DC 40 -72.96 -59.49 -23.32
C ARG DC 40 -73.30 -59.62 -24.80
N PHE DC 41 -73.85 -60.75 -25.24
CA PHE DC 41 -74.30 -60.78 -26.62
C PHE DC 41 -75.71 -61.32 -26.75
N VAL DC 42 -76.18 -62.06 -25.75
CA VAL DC 42 -77.54 -62.57 -25.71
C VAL DC 42 -78.11 -62.32 -24.31
N ASN DC 43 -78.96 -61.31 -24.20
CA ASN DC 43 -79.63 -60.91 -22.96
C ASN DC 43 -80.68 -59.88 -23.31
N VAL DC 44 -81.82 -59.96 -22.64
CA VAL DC 44 -82.92 -59.02 -22.85
C VAL DC 44 -83.39 -58.56 -21.47
N VAL DC 45 -83.24 -57.28 -21.20
CA VAL DC 45 -83.68 -56.66 -19.95
C VAL DC 45 -84.72 -55.60 -20.28
N PRO DC 46 -85.90 -55.63 -19.66
CA PRO DC 46 -86.89 -54.58 -19.91
C PRO DC 46 -86.69 -53.37 -19.00
N THR DC 47 -85.50 -53.29 -18.39
CA THR DC 47 -85.18 -52.25 -17.43
C THR DC 47 -84.39 -51.14 -18.11
N PHE DC 48 -84.72 -49.89 -17.78
CA PHE DC 48 -84.03 -48.74 -18.34
C PHE DC 48 -82.67 -48.57 -17.68
N GLY DC 49 -81.97 -47.51 -18.04
CA GLY DC 49 -80.65 -47.23 -17.50
C GLY DC 49 -79.69 -46.67 -18.52
N LYS DC 50 -80.16 -46.55 -19.77
CA LYS DC 50 -79.37 -46.03 -20.89
C LYS DC 50 -78.08 -46.83 -21.09
N LYS DC 51 -78.24 -48.15 -21.18
CA LYS DC 51 -77.16 -49.06 -21.54
C LYS DC 51 -75.98 -48.93 -20.58
N LYS DC 52 -76.24 -49.26 -19.32
CA LYS DC 52 -75.26 -49.06 -18.26
C LYS DC 52 -74.16 -50.10 -18.34
N GLY DC 53 -72.98 -49.73 -17.83
CA GLY DC 53 -71.80 -50.56 -17.88
C GLY DC 53 -71.89 -51.80 -17.01
N PRO DC 54 -70.98 -52.75 -17.24
CA PRO DC 54 -71.06 -54.04 -16.53
C PRO DC 54 -70.80 -53.93 -15.04
N ASN DC 55 -70.10 -52.90 -14.58
CA ASN DC 55 -69.76 -52.73 -13.17
C ASN DC 55 -70.55 -51.59 -12.55
N ALA DC 56 -71.83 -51.49 -12.90
CA ALA DC 56 -72.69 -50.44 -12.36
C ALA DC 56 -72.80 -50.58 -10.83
N ASN DC 57 -72.61 -49.45 -10.14
CA ASN DC 57 -72.74 -49.40 -8.70
C ASN DC 57 -74.11 -48.84 -8.31
N SER DC 58 -75.14 -49.56 -8.73
CA SER DC 58 -76.52 -49.15 -8.51
C SER DC 58 -76.98 -49.49 -7.09
#